data_8FWC
#
_entry.id   8FWC
#
_cell.length_a   1.00
_cell.length_b   1.00
_cell.length_c   1.00
_cell.angle_alpha   90.00
_cell.angle_beta   90.00
_cell.angle_gamma   90.00
#
_symmetry.space_group_name_H-M   'P 1'
#
_entity_poly.entity_id   1
_entity_poly.type   'polypeptide(L)'
_entity_poly.pdbx_seq_one_letter_code
;MYFFSVDPRNGASKSGDVCGSCCCESISARPGEVNGVMVSYAAWSAPLRGHGLTNKTTFEIDGVSVTPPKVSNAFGRTKV
GVVFEGTLSDLFPNPEGEQVEYEISELNGPSNGVVELGANGAFTYTPGALFTGVDRFWFSINGNIGEYVISVDPTTSELP
QPPFTTPVYVPAARRSVDPRTHVLKFVLGVSPAAIPGDVYRLTVRQVAIDCDGNEFVHISCYDISIGSCG
;
_entity_poly.pdbx_strand_id   J,K,L,M,N,O,P,Q,R,S,T,U,V,W,X,Y,Z,a,b,c,d,e,f,g,h,i,j,k,l,m,n,o,p,q,r,s,t,u,v,w,x,y,z,1,2,3,4,5,6,7,8,9,0,0A,0B,0C,0D,0E,0F,0G
#
# COMPACT_ATOMS: atom_id res chain seq x y z
N MET A 1 51.67 61.94 35.60
CA MET A 1 52.77 62.19 34.68
C MET A 1 52.52 61.52 33.35
N TYR A 2 52.53 62.30 32.28
CA TYR A 2 52.39 61.78 30.93
C TYR A 2 53.71 61.22 30.44
N PHE A 3 53.62 60.14 29.68
CA PHE A 3 54.83 59.55 29.10
C PHE A 3 54.55 59.23 27.64
N PHE A 4 55.31 59.86 26.75
CA PHE A 4 55.16 59.65 25.32
C PHE A 4 56.44 59.06 24.75
N SER A 5 56.27 58.17 23.78
CA SER A 5 57.39 57.67 22.99
C SER A 5 57.28 58.26 21.59
N VAL A 6 58.39 58.75 21.07
CA VAL A 6 58.41 59.49 19.83
C VAL A 6 58.50 58.53 18.66
N ASP A 7 58.03 58.96 17.49
CA ASP A 7 58.08 58.10 16.33
C ASP A 7 59.46 58.13 15.70
N PRO A 8 60.02 56.98 15.34
CA PRO A 8 61.48 56.90 15.16
C PRO A 8 61.99 57.27 13.78
N ARG A 9 61.14 57.71 12.85
CA ARG A 9 61.56 58.15 11.52
C ARG A 9 62.32 57.06 10.78
N ASN A 10 61.69 55.89 10.66
CA ASN A 10 62.22 54.76 9.91
C ASN A 10 61.54 54.56 8.56
N GLY A 11 60.42 55.21 8.32
CA GLY A 11 59.53 54.78 7.27
C GLY A 11 58.57 53.71 7.72
N ALA A 12 58.35 53.59 9.03
CA ALA A 12 57.51 52.54 9.60
C ALA A 12 56.77 53.06 10.82
N SER A 13 56.26 52.15 11.65
CA SER A 13 55.50 52.52 12.83
C SER A 13 56.35 53.22 13.89
N SER A 21 43.31 60.05 15.85
CA SER A 21 42.88 60.34 14.50
C SER A 21 43.70 61.48 13.90
N CYS A 22 44.07 62.45 14.72
CA CYS A 22 44.87 63.57 14.26
C CYS A 22 46.34 63.22 14.14
N CYS A 23 47.09 64.23 13.70
CA CYS A 23 48.53 64.17 13.63
C CYS A 23 49.17 64.17 15.02
N CYS A 24 48.91 65.19 15.81
CA CYS A 24 49.61 65.39 17.07
C CYS A 24 48.83 64.70 18.19
N GLU A 25 49.55 63.99 19.06
CA GLU A 25 48.93 63.22 20.12
C GLU A 25 48.33 64.15 21.17
N SER A 26 47.64 63.55 22.14
CA SER A 26 46.70 64.27 22.99
C SER A 26 47.16 64.30 24.44
N ILE A 27 46.86 65.42 25.10
CA ILE A 27 47.15 65.64 26.51
C ILE A 27 45.93 66.30 27.13
N SER A 28 45.31 65.63 28.09
CA SER A 28 44.17 66.23 28.78
C SER A 28 44.65 67.03 29.97
N ALA A 29 43.98 68.16 30.23
CA ALA A 29 44.44 69.08 31.25
C ALA A 29 43.24 69.68 31.96
N ARG A 30 43.44 70.01 33.23
CA ARG A 30 42.40 70.55 34.09
C ARG A 30 42.83 71.91 34.62
N PRO A 31 41.94 72.90 34.61
CA PRO A 31 42.33 74.25 35.00
C PRO A 31 42.85 74.34 36.42
N GLY A 32 44.07 74.86 36.58
CA GLY A 32 44.70 75.00 37.87
C GLY A 32 45.82 74.02 38.11
N GLU A 33 45.83 72.89 37.42
CA GLU A 33 46.84 71.88 37.61
C GLU A 33 48.21 72.35 37.15
N VAL A 34 49.24 71.62 37.56
CA VAL A 34 50.59 71.72 37.04
C VAL A 34 51.12 70.31 36.98
N ASN A 35 51.18 69.73 35.79
CA ASN A 35 51.50 68.32 35.64
C ASN A 35 52.94 68.17 35.11
N GLY A 36 53.35 66.95 34.84
CA GLY A 36 54.68 66.71 34.31
C GLY A 36 54.65 65.77 33.12
N VAL A 37 55.45 66.05 32.09
CA VAL A 37 55.43 65.29 30.86
C VAL A 37 56.82 64.75 30.58
N MET A 38 56.89 63.48 30.18
CA MET A 38 58.15 62.84 29.82
C MET A 38 58.05 62.30 28.40
N VAL A 39 59.07 62.60 27.59
CA VAL A 39 59.13 62.16 26.21
C VAL A 39 60.41 61.36 26.01
N SER A 40 60.28 60.15 25.47
CA SER A 40 61.41 59.23 25.34
C SER A 40 61.89 59.20 23.90
N TYR A 41 62.96 59.93 23.63
CA TYR A 41 63.53 59.98 22.29
C TYR A 41 64.40 58.77 21.96
N ALA A 42 64.36 57.72 22.78
CA ALA A 42 65.25 56.59 22.58
C ALA A 42 65.09 55.95 21.21
N ALA A 43 63.85 55.84 20.73
CA ALA A 43 63.63 55.16 19.46
C ALA A 43 64.24 55.90 18.29
N TRP A 44 64.46 57.21 18.39
CA TRP A 44 64.98 58.01 17.30
C TRP A 44 66.45 58.32 17.45
N SER A 45 66.91 58.61 18.66
CA SER A 45 68.26 59.10 18.87
C SER A 45 69.24 58.01 19.26
N ALA A 46 68.77 56.78 19.51
CA ALA A 46 69.72 55.72 19.85
C ALA A 46 70.45 55.19 18.62
N PRO A 47 69.76 54.86 17.51
CA PRO A 47 70.51 54.48 16.31
C PRO A 47 71.51 55.52 15.86
N LEU A 48 71.21 56.80 16.00
CA LEU A 48 72.18 57.85 15.70
C LEU A 48 73.26 57.85 16.77
N ARG A 49 74.10 56.81 16.74
CA ARG A 49 75.06 56.63 17.82
C ARG A 49 75.95 57.86 17.94
N GLY A 50 75.76 58.62 19.01
CA GLY A 50 76.46 59.87 19.19
C GLY A 50 76.48 60.28 20.64
N HIS A 51 76.29 61.57 20.92
CA HIS A 51 76.27 62.07 22.28
C HIS A 51 74.87 62.38 22.77
N GLY A 52 73.85 61.72 22.21
CA GLY A 52 72.51 61.83 22.74
C GLY A 52 71.90 63.20 22.57
N LEU A 53 70.97 63.53 23.45
CA LEU A 53 70.23 64.77 23.36
C LEU A 53 71.06 65.92 23.91
N THR A 54 70.61 67.14 23.62
CA THR A 54 71.20 68.33 24.21
C THR A 54 70.08 69.23 24.73
N ASN A 55 70.46 70.19 25.58
CA ASN A 55 69.49 71.11 26.18
C ASN A 55 69.23 72.30 25.27
N LYS A 56 68.80 72.00 24.04
CA LYS A 56 68.37 73.03 23.12
C LYS A 56 66.99 72.72 22.59
N THR A 57 66.06 72.44 23.50
CA THR A 57 64.66 72.25 23.15
C THR A 57 63.98 73.61 23.05
N THR A 58 63.02 73.68 22.13
CA THR A 58 62.23 74.88 21.93
C THR A 58 60.76 74.50 21.87
N PHE A 59 59.94 75.28 22.57
CA PHE A 59 58.51 75.01 22.66
C PHE A 59 57.74 76.16 22.04
N GLU A 60 56.52 75.86 21.60
CA GLU A 60 55.64 76.90 21.09
C GLU A 60 54.20 76.51 21.36
N ILE A 61 53.41 77.43 21.89
CA ILE A 61 52.01 77.21 22.17
C ILE A 61 51.18 78.02 21.20
N ASP A 62 50.18 77.38 20.59
CA ASP A 62 49.24 78.04 19.72
C ASP A 62 47.86 77.45 19.94
N GLY A 63 46.84 78.29 19.90
CA GLY A 63 45.49 77.86 20.15
C GLY A 63 44.79 77.40 18.88
N VAL A 64 44.11 76.25 18.97
CA VAL A 64 43.25 75.77 17.89
C VAL A 64 41.79 76.02 18.20
N SER A 65 41.47 76.49 19.41
CA SER A 65 40.14 76.84 19.86
C SER A 65 40.29 77.58 21.18
N VAL A 66 39.80 78.81 21.30
CA VAL A 66 40.17 79.66 22.42
C VAL A 66 38.97 80.09 23.27
N THR A 67 37.84 80.44 22.65
CA THR A 67 36.69 80.94 23.40
C THR A 67 37.07 82.17 24.19
N PRO A 68 37.16 83.33 23.54
CA PRO A 68 37.73 84.54 24.18
C PRO A 68 37.14 84.79 25.57
N PRO A 69 37.94 85.28 26.49
CA PRO A 69 37.47 85.44 27.86
C PRO A 69 36.47 86.58 27.99
N LYS A 70 35.63 86.48 29.01
CA LYS A 70 34.63 87.50 29.27
C LYS A 70 35.17 88.64 30.11
N VAL A 71 35.82 88.32 31.22
CA VAL A 71 36.27 89.31 32.19
C VAL A 71 37.71 89.65 31.89
N SER A 72 38.04 90.93 31.91
CA SER A 72 39.41 91.34 31.66
C SER A 72 40.27 91.13 32.89
N ASN A 73 41.59 91.04 32.67
CA ASN A 73 42.53 91.02 33.77
C ASN A 73 42.92 92.46 34.12
N ALA A 74 43.74 92.61 35.15
CA ALA A 74 44.05 93.95 35.63
C ALA A 74 45.41 93.95 36.30
N PHE A 75 45.99 95.14 36.42
CA PHE A 75 47.29 95.31 37.05
C PHE A 75 47.24 96.49 38.01
N GLY A 76 47.78 96.30 39.21
CA GLY A 76 47.87 97.35 40.19
C GLY A 76 49.30 97.47 40.70
N ARG A 77 49.52 98.51 41.51
CA ARG A 77 50.86 98.77 42.03
C ARG A 77 50.77 99.43 43.39
N THR A 78 51.70 99.06 44.27
CA THR A 78 51.74 99.61 45.62
C THR A 78 53.17 99.54 46.13
N LYS A 79 53.50 100.40 47.09
CA LYS A 79 54.80 100.32 47.73
C LYS A 79 54.77 99.30 48.85
N VAL A 80 55.93 99.02 49.44
CA VAL A 80 55.98 98.07 50.54
C VAL A 80 55.19 98.59 51.72
N GLY A 81 54.47 97.68 52.37
CA GLY A 81 53.79 97.94 53.62
C GLY A 81 52.50 98.73 53.51
N VAL A 82 52.29 99.50 52.46
CA VAL A 82 51.10 100.32 52.34
C VAL A 82 49.97 99.48 51.76
N VAL A 83 48.79 99.59 52.37
CA VAL A 83 47.64 98.80 51.98
C VAL A 83 47.15 99.29 50.62
N PHE A 84 46.69 98.36 49.79
CA PHE A 84 46.28 98.66 48.44
C PHE A 84 44.78 98.41 48.27
N GLU A 85 44.11 99.34 47.62
CA GLU A 85 42.71 99.21 47.26
C GLU A 85 42.58 99.11 45.74
N GLY A 86 41.42 98.66 45.31
CA GLY A 86 41.12 98.56 43.89
C GLY A 86 39.68 98.14 43.71
N THR A 87 39.23 98.21 42.47
CA THR A 87 37.87 97.86 42.14
C THR A 87 37.84 96.58 41.33
N LEU A 88 36.67 95.97 41.29
CA LEU A 88 36.53 94.70 40.59
C LEU A 88 35.26 94.72 39.74
N SER A 89 34.87 95.89 39.24
CA SER A 89 33.63 96.01 38.48
C SER A 89 33.83 96.54 37.07
N ASP A 90 34.91 97.24 36.77
CA ASP A 90 35.22 97.68 35.43
C ASP A 90 35.95 96.61 34.65
N LEU A 91 36.05 95.40 35.21
CA LEU A 91 36.74 94.29 34.59
C LEU A 91 35.76 93.29 33.99
N PHE A 92 34.48 93.62 33.99
CA PHE A 92 33.44 92.74 33.47
C PHE A 92 32.50 93.54 32.59
N PRO A 93 32.94 93.92 31.40
CA PRO A 93 32.00 94.56 30.47
C PRO A 93 30.94 93.56 30.07
N ASN A 94 29.72 93.75 30.54
CA ASN A 94 28.68 92.78 30.24
C ASN A 94 27.86 93.21 29.03
N PRO A 95 27.53 92.28 28.14
CA PRO A 95 26.62 92.63 27.03
C PRO A 95 25.20 92.84 27.52
N GLU A 96 24.73 91.89 28.32
CA GLU A 96 23.33 91.81 28.73
C GLU A 96 23.09 92.41 30.10
N GLY A 97 21.87 92.24 30.62
CA GLY A 97 21.54 92.63 31.97
C GLY A 97 21.58 91.50 32.97
N GLU A 98 22.42 91.65 34.00
CA GLU A 98 22.53 90.65 35.04
C GLU A 98 23.32 91.25 36.20
N GLN A 99 23.36 90.51 37.30
CA GLN A 99 24.08 90.90 38.50
C GLN A 99 25.43 90.20 38.58
N VAL A 100 26.29 90.76 39.43
CA VAL A 100 27.71 90.43 39.46
C VAL A 100 28.13 89.84 40.80
N GLU A 101 28.11 88.51 40.89
CA GLU A 101 28.51 87.83 42.11
C GLU A 101 30.02 87.71 42.23
N TYR A 102 30.68 88.81 42.57
CA TYR A 102 32.12 88.83 42.76
C TYR A 102 32.55 87.76 43.75
N GLU A 103 33.62 87.02 43.41
CA GLU A 103 34.06 85.91 44.25
C GLU A 103 35.57 85.76 44.17
N ILE A 104 36.20 85.48 45.30
CA ILE A 104 37.64 85.20 45.37
C ILE A 104 37.78 83.79 45.89
N SER A 105 38.14 82.86 45.00
CA SER A 105 38.28 81.46 45.37
C SER A 105 39.44 81.29 46.33
N GLU A 106 39.23 80.52 47.40
CA GLU A 106 40.29 80.26 48.36
C GLU A 106 41.37 79.34 47.81
N LEU A 107 41.10 78.59 46.76
CA LEU A 107 42.13 77.73 46.19
C LEU A 107 43.18 78.56 45.46
N ASN A 108 42.78 79.68 44.90
CA ASN A 108 43.65 80.51 44.09
C ASN A 108 43.74 81.93 44.66
N GLY A 109 43.82 82.04 45.98
CA GLY A 109 43.95 83.33 46.61
C GLY A 109 45.35 83.88 46.43
N PRO A 110 45.66 84.97 47.12
CA PRO A 110 47.00 85.55 47.02
C PRO A 110 48.03 84.68 47.72
N SER A 111 49.29 85.07 47.63
CA SER A 111 50.38 84.26 48.18
C SER A 111 51.13 84.93 49.30
N ASN A 112 51.26 86.26 49.28
CA ASN A 112 51.97 86.99 50.33
C ASN A 112 51.13 88.15 50.84
N GLY A 113 49.82 88.03 50.83
CA GLY A 113 48.93 89.07 51.31
C GLY A 113 47.63 88.50 51.80
N VAL A 114 46.61 89.35 51.87
CA VAL A 114 45.25 88.94 52.22
C VAL A 114 44.31 89.89 51.48
N VAL A 115 43.16 89.38 51.06
CA VAL A 115 42.15 90.19 50.38
C VAL A 115 40.80 90.02 51.07
N GLU A 116 40.16 91.14 51.41
CA GLU A 116 38.83 91.13 52.02
C GLU A 116 37.89 91.62 50.93
N LEU A 117 37.18 90.70 50.27
CA LEU A 117 36.24 91.14 49.26
C LEU A 117 35.08 91.89 49.91
N GLY A 118 34.80 93.08 49.39
CA GLY A 118 33.75 93.92 49.90
C GLY A 118 32.38 93.45 49.46
N ALA A 119 31.39 94.30 49.68
CA ALA A 119 30.03 93.96 49.27
C ALA A 119 29.84 94.19 47.77
N ASN A 120 30.46 95.23 47.23
CA ASN A 120 30.28 95.59 45.83
C ASN A 120 31.65 95.75 45.17
N GLY A 121 32.11 94.70 44.51
CA GLY A 121 33.28 94.74 43.65
C GLY A 121 34.49 95.47 44.18
N ALA A 122 34.63 95.54 45.50
CA ALA A 122 35.74 96.22 46.12
C ALA A 122 36.52 95.23 46.97
N PHE A 123 37.81 95.49 47.13
CA PHE A 123 38.67 94.56 47.83
C PHE A 123 39.91 95.28 48.31
N THR A 124 40.44 94.83 49.44
CA THR A 124 41.63 95.41 50.04
C THR A 124 42.70 94.35 50.12
N TYR A 125 43.84 94.61 49.50
CA TYR A 125 44.98 93.71 49.51
C TYR A 125 46.03 94.31 50.43
N THR A 126 46.08 93.81 51.66
CA THR A 126 47.10 94.23 52.61
C THR A 126 48.33 93.36 52.40
N PRO A 127 49.41 93.88 51.81
CA PRO A 127 50.57 93.04 51.53
C PRO A 127 51.22 92.56 52.82
N GLY A 128 51.75 91.33 52.77
CA GLY A 128 52.44 90.81 53.93
C GLY A 128 53.62 91.67 54.32
N ALA A 129 53.72 91.92 55.64
CA ALA A 129 54.76 92.80 56.16
C ALA A 129 56.13 92.27 55.81
N LEU A 130 57.05 93.19 55.51
CA LEU A 130 58.41 92.86 55.10
C LEU A 130 58.42 91.93 53.90
N PHE A 131 57.86 92.43 52.79
CA PHE A 131 57.82 91.68 51.55
C PHE A 131 57.69 92.65 50.38
N THR A 132 58.47 92.41 49.33
CA THR A 132 58.39 93.25 48.14
C THR A 132 58.59 92.36 46.93
N GLY A 133 57.56 92.19 46.13
CA GLY A 133 57.63 91.39 44.92
C GLY A 133 56.39 91.57 44.10
N VAL A 134 55.95 90.49 43.47
CA VAL A 134 54.71 90.47 42.71
C VAL A 134 53.78 89.45 43.34
N ASP A 135 52.48 89.72 43.26
CA ASP A 135 51.50 88.84 43.87
C ASP A 135 50.23 88.84 43.02
N ARG A 136 49.63 87.66 42.89
CA ARG A 136 48.45 87.47 42.07
C ARG A 136 47.32 86.85 42.90
N PHE A 137 46.10 87.01 42.39
CA PHE A 137 44.96 86.24 42.88
C PHE A 137 43.92 86.22 41.78
N TRP A 138 43.11 85.17 41.78
CA TRP A 138 42.18 84.89 40.70
C TRP A 138 40.76 85.08 41.20
N PHE A 139 40.08 86.09 40.68
CA PHE A 139 38.69 86.36 41.00
C PHE A 139 37.80 85.69 39.98
N SER A 140 36.51 85.59 40.33
CA SER A 140 35.52 84.96 39.45
C SER A 140 34.25 85.82 39.46
N ILE A 141 34.17 86.75 38.52
CA ILE A 141 32.99 87.61 38.39
C ILE A 141 31.93 86.82 37.65
N ASN A 142 31.02 86.21 38.40
CA ASN A 142 29.87 85.53 37.82
C ASN A 142 30.31 84.36 36.94
N GLY A 143 31.06 83.44 37.54
CA GLY A 143 31.48 82.25 36.85
C GLY A 143 32.73 82.42 36.00
N ASN A 144 32.88 83.58 35.39
CA ASN A 144 34.02 83.84 34.52
C ASN A 144 35.23 84.29 35.34
N ILE A 145 36.38 83.69 35.08
CA ILE A 145 37.56 83.85 35.92
C ILE A 145 38.59 84.71 35.19
N GLY A 146 39.25 85.57 35.94
CA GLY A 146 40.37 86.36 35.47
C GLY A 146 41.34 86.50 36.62
N GLU A 147 42.44 87.19 36.37
CA GLU A 147 43.45 87.37 37.40
C GLU A 147 43.76 88.84 37.62
N TYR A 148 44.09 89.18 38.86
CA TYR A 148 44.53 90.52 39.23
C TYR A 148 45.96 90.43 39.72
N VAL A 149 46.83 91.23 39.13
CA VAL A 149 48.26 91.18 39.43
C VAL A 149 48.65 92.47 40.15
N ILE A 150 49.25 92.33 41.32
CA ILE A 150 49.73 93.45 42.10
C ILE A 150 51.22 93.28 42.32
N SER A 151 51.97 94.38 42.19
CA SER A 151 53.41 94.41 42.38
C SER A 151 53.72 95.38 43.52
N VAL A 152 54.39 94.89 44.55
CA VAL A 152 54.72 95.69 45.73
C VAL A 152 56.19 96.08 45.64
N ASP A 153 56.45 97.37 45.74
CA ASP A 153 57.76 97.97 45.51
C ASP A 153 58.52 98.12 46.81
N PRO A 154 59.86 98.12 46.76
CA PRO A 154 60.64 98.20 48.01
C PRO A 154 60.88 99.64 48.45
N THR A 155 59.84 100.46 48.27
CA THR A 155 59.73 101.85 48.71
C THR A 155 60.62 102.81 47.93
N THR A 156 61.57 102.30 47.14
CA THR A 156 62.42 103.28 46.48
C THR A 156 61.84 103.79 45.16
N SER A 157 61.93 103.01 44.09
CA SER A 157 61.51 103.57 42.80
C SER A 157 60.12 103.18 42.32
N GLU A 158 60.04 102.00 41.68
CA GLU A 158 58.85 101.47 41.02
C GLU A 158 59.19 100.09 40.46
N LEU A 159 58.34 99.09 40.60
CA LEU A 159 58.63 97.80 39.98
C LEU A 159 58.11 97.73 38.55
N PRO A 160 58.75 96.91 37.70
CA PRO A 160 58.23 96.68 36.34
C PRO A 160 56.97 95.82 36.33
N GLN A 161 56.53 95.40 35.15
CA GLN A 161 55.18 94.88 34.96
C GLN A 161 55.21 93.49 34.35
N PRO A 162 54.74 92.48 35.10
CA PRO A 162 54.87 91.08 34.65
C PRO A 162 53.85 90.72 33.58
N PRO A 163 54.11 89.66 32.81
CA PRO A 163 53.39 89.45 31.55
C PRO A 163 52.05 88.72 31.58
N PHE A 164 51.32 88.68 32.71
CA PHE A 164 49.94 88.20 32.67
C PHE A 164 49.78 86.76 32.18
N THR A 165 50.13 85.79 33.02
CA THR A 165 50.18 84.37 32.66
C THR A 165 49.06 83.94 31.72
N THR A 166 49.43 83.14 30.73
CA THR A 166 48.54 82.66 29.69
C THR A 166 47.78 81.43 30.16
N PRO A 167 46.75 81.00 29.42
CA PRO A 167 45.98 79.81 29.83
C PRO A 167 46.83 78.56 29.98
N VAL A 168 47.57 78.19 28.95
CA VAL A 168 48.48 77.06 29.00
C VAL A 168 49.88 77.57 28.77
N TYR A 169 50.83 77.11 29.59
CA TYR A 169 52.20 77.58 29.50
C TYR A 169 53.14 76.44 29.83
N VAL A 170 54.41 76.65 29.48
CA VAL A 170 55.49 75.72 29.80
C VAL A 170 56.54 76.48 30.57
N PRO A 171 56.67 76.24 31.88
CA PRO A 171 57.57 77.06 32.71
C PRO A 171 58.93 77.32 32.10
N ALA A 172 59.39 78.56 32.29
CA ALA A 172 60.61 79.08 31.66
C ALA A 172 61.78 78.10 31.73
N ALA A 173 62.17 77.68 32.93
CA ALA A 173 63.29 76.77 33.02
C ALA A 173 63.06 75.70 34.06
N ARG A 174 62.39 74.62 33.65
CA ARG A 174 62.19 73.43 34.46
C ARG A 174 62.32 72.20 33.59
N ARG A 175 62.98 72.35 32.45
CA ARG A 175 63.10 71.33 31.43
C ARG A 175 64.46 70.67 31.57
N SER A 176 64.54 69.39 31.22
CA SER A 176 65.84 68.78 31.24
C SER A 176 65.83 67.52 30.39
N VAL A 177 67.04 67.05 30.11
CA VAL A 177 67.26 65.90 29.25
C VAL A 177 68.40 65.08 29.83
N ASP A 178 68.18 63.78 29.96
CA ASP A 178 69.24 62.88 30.41
C ASP A 178 69.83 62.20 29.19
N PRO A 179 71.02 62.60 28.72
CA PRO A 179 71.56 61.99 27.50
C PRO A 179 71.87 60.51 27.65
N ARG A 180 71.78 60.00 28.86
CA ARG A 180 72.10 58.63 29.23
C ARG A 180 70.98 57.67 28.87
N THR A 181 69.74 58.15 28.77
CA THR A 181 68.60 57.32 28.41
C THR A 181 67.67 57.99 27.43
N HIS A 182 68.02 59.16 26.91
CA HIS A 182 67.27 59.84 25.87
C HIS A 182 65.83 60.13 26.32
N VAL A 183 65.71 60.93 27.37
CA VAL A 183 64.41 61.25 27.91
C VAL A 183 64.36 62.75 28.21
N LEU A 184 63.34 63.41 27.70
CA LEU A 184 63.12 64.83 27.92
C LEU A 184 62.01 65.02 28.94
N LYS A 185 62.26 65.85 29.94
CA LYS A 185 61.28 66.17 30.97
C LYS A 185 60.92 67.64 30.88
N PHE A 186 59.63 67.94 30.96
CA PHE A 186 59.22 69.33 31.05
C PHE A 186 57.89 69.38 31.78
N VAL A 187 57.57 70.55 32.27
CA VAL A 187 56.37 70.77 33.08
C VAL A 187 55.34 71.48 32.22
N LEU A 188 54.07 71.15 32.44
CA LEU A 188 52.98 71.76 31.69
C LEU A 188 51.95 72.26 32.68
N GLY A 189 51.80 73.57 32.75
CA GLY A 189 50.90 74.20 33.72
C GLY A 189 49.71 74.83 33.03
N VAL A 190 48.55 74.73 33.67
CA VAL A 190 47.29 75.25 33.13
C VAL A 190 46.79 76.32 34.10
N SER A 191 46.53 77.52 33.58
CA SER A 191 46.06 78.60 34.43
C SER A 191 44.65 78.28 34.91
N PRO A 192 44.22 78.88 36.02
CA PRO A 192 42.84 78.67 36.46
C PRO A 192 41.81 79.33 35.57
N ALA A 193 42.21 80.17 34.64
CA ALA A 193 41.29 80.86 33.76
C ALA A 193 41.09 80.15 32.43
N ALA A 194 41.72 79.00 32.23
CA ALA A 194 41.51 78.25 31.00
C ALA A 194 40.07 77.76 30.94
N ILE A 195 39.44 77.94 29.80
CA ILE A 195 38.02 77.61 29.67
C ILE A 195 37.89 76.17 29.20
N PRO A 196 37.09 75.35 29.87
CA PRO A 196 36.97 73.94 29.46
C PRO A 196 36.44 73.80 28.05
N GLY A 197 36.96 72.83 27.33
CA GLY A 197 36.59 72.59 25.96
C GLY A 197 37.56 73.14 24.94
N ASP A 198 38.44 74.06 25.32
CA ASP A 198 39.42 74.60 24.40
C ASP A 198 40.47 73.57 24.04
N VAL A 199 41.22 73.86 22.98
CA VAL A 199 42.31 73.02 22.52
C VAL A 199 43.49 73.91 22.18
N TYR A 200 44.66 73.56 22.69
CA TYR A 200 45.90 74.24 22.34
C TYR A 200 46.86 73.23 21.73
N ARG A 201 47.88 73.74 21.06
CA ARG A 201 48.84 72.88 20.38
C ARG A 201 50.25 73.26 20.80
N LEU A 202 51.00 72.27 21.27
CA LEU A 202 52.38 72.47 21.71
C LEU A 202 53.29 71.78 20.72
N THR A 203 54.25 72.52 20.18
CA THR A 203 55.25 71.99 19.27
C THR A 203 56.61 71.99 19.94
N VAL A 204 57.28 70.84 19.86
CA VAL A 204 58.56 70.61 20.53
C VAL A 204 59.62 70.35 19.47
N ARG A 205 60.69 71.12 19.48
CA ARG A 205 61.80 70.96 18.55
C ARG A 205 63.04 70.57 19.34
N GLN A 206 63.43 69.30 19.24
CA GLN A 206 64.51 68.75 20.04
C GLN A 206 65.67 68.38 19.12
N VAL A 207 66.88 68.70 19.55
CA VAL A 207 68.09 68.44 18.77
C VAL A 207 68.87 67.33 19.45
N ALA A 208 69.24 66.32 18.68
CA ALA A 208 70.26 65.38 19.09
C ALA A 208 71.59 65.94 18.62
N ILE A 209 72.65 65.15 18.73
CA ILE A 209 73.97 65.65 18.37
C ILE A 209 74.81 64.46 17.96
N ASP A 210 75.60 64.64 16.92
CA ASP A 210 76.49 63.56 16.48
C ASP A 210 77.85 63.73 17.13
N CYS A 211 78.68 62.72 16.96
CA CYS A 211 79.79 62.55 17.89
C CYS A 211 80.87 63.60 17.64
N ASP A 212 80.80 64.31 16.52
CA ASP A 212 81.57 65.52 16.27
C ASP A 212 80.86 66.81 16.64
N GLY A 213 79.63 66.74 17.13
CA GLY A 213 78.93 67.93 17.57
C GLY A 213 77.99 68.58 16.56
N ASN A 214 77.68 67.92 15.45
CA ASN A 214 76.71 68.46 14.51
C ASN A 214 75.31 68.13 15.02
N GLU A 215 74.28 68.39 14.22
CA GLU A 215 72.94 68.48 14.78
C GLU A 215 71.98 67.57 14.04
N PHE A 216 71.02 67.03 14.79
CA PHE A 216 69.92 66.27 14.25
C PHE A 216 68.63 66.79 14.89
N VAL A 217 67.78 67.40 14.11
CA VAL A 217 66.57 68.04 14.62
C VAL A 217 65.40 67.08 14.52
N HIS A 218 64.45 67.23 15.43
CA HIS A 218 63.26 66.41 15.50
C HIS A 218 62.09 67.26 15.97
N ILE A 219 60.96 67.19 15.28
CA ILE A 219 59.81 68.04 15.58
C ILE A 219 58.58 67.16 15.77
N SER A 220 57.78 67.46 16.78
CA SER A 220 56.51 66.80 17.04
C SER A 220 55.56 67.79 17.70
N CYS A 221 54.28 67.42 17.79
CA CYS A 221 53.32 68.29 18.45
C CYS A 221 52.51 67.50 19.45
N TYR A 222 51.83 68.22 20.33
CA TYR A 222 50.85 67.63 21.24
C TYR A 222 49.65 68.55 21.32
N ASP A 223 48.47 67.95 21.40
CA ASP A 223 47.21 68.69 21.42
C ASP A 223 46.68 68.69 22.84
N ILE A 224 46.79 69.82 23.52
CA ILE A 224 46.35 69.96 24.90
C ILE A 224 44.90 70.41 24.89
N SER A 225 44.00 69.53 25.35
CA SER A 225 42.58 69.80 25.33
C SER A 225 42.12 70.10 26.75
N ILE A 226 41.80 71.36 27.01
CA ILE A 226 41.43 71.79 28.35
C ILE A 226 40.09 71.17 28.71
N GLY A 227 40.11 70.14 29.56
CA GLY A 227 38.90 69.58 30.11
C GLY A 227 38.66 70.09 31.51
N SER A 228 37.41 70.00 31.93
CA SER A 228 37.05 70.24 33.31
C SER A 228 36.72 68.89 33.94
N CYS A 229 37.03 68.78 35.23
CA CYS A 229 36.90 67.51 35.93
C CYS A 229 37.77 66.43 35.32
N GLY A 230 39.08 66.64 35.40
CA GLY A 230 40.04 65.67 34.95
C GLY A 230 40.26 65.75 33.46
N MET B 1 66.27 56.93 11.88
CA MET B 1 67.32 56.61 10.93
C MET B 1 66.83 55.59 9.91
N TYR B 2 66.92 55.95 8.63
CA TYR B 2 66.56 55.06 7.55
C TYR B 2 67.69 54.08 7.28
N PHE B 3 67.32 52.85 6.93
CA PHE B 3 68.32 51.84 6.60
C PHE B 3 67.87 51.12 5.34
N PHE B 4 68.67 51.23 4.29
CA PHE B 4 68.36 50.59 3.02
C PHE B 4 69.43 49.58 2.68
N SER B 5 69.01 48.48 2.07
CA SER B 5 69.92 47.50 1.50
C SER B 5 69.83 47.59 -0.01
N VAL B 6 70.97 47.61 -0.67
CA VAL B 6 71.05 47.87 -2.10
C VAL B 6 70.84 46.57 -2.86
N ASP B 7 70.39 46.69 -4.10
CA ASP B 7 70.15 45.49 -4.89
C ASP B 7 71.46 45.00 -5.49
N PRO B 8 71.73 43.70 -5.45
CA PRO B 8 73.12 43.24 -5.59
C PRO B 8 73.58 43.01 -7.01
N ARG B 9 72.77 43.28 -8.04
CA ARG B 9 73.18 43.14 -9.44
C ARG B 9 73.62 41.72 -9.76
N ASN B 10 72.76 40.75 -9.46
CA ASN B 10 72.96 39.35 -9.78
C ASN B 10 72.16 38.87 -10.98
N GLY B 11 71.18 39.64 -11.42
CA GLY B 11 70.14 39.08 -12.25
C GLY B 11 69.01 38.47 -11.46
N ALA B 12 68.88 38.86 -10.19
CA ALA B 12 67.89 38.28 -9.29
C ALA B 12 67.37 39.33 -8.32
N SER B 13 66.75 38.89 -7.23
CA SER B 13 66.18 39.80 -6.24
C SER B 13 67.24 40.60 -5.49
N SER B 21 56.14 50.46 -5.97
CA SER B 21 55.67 50.36 -7.35
C SER B 21 56.66 51.01 -8.30
N CYS B 22 57.29 52.10 -7.86
CA CYS B 22 58.27 52.79 -8.69
C CYS B 22 59.62 52.09 -8.69
N CYS B 23 60.53 52.71 -9.44
CA CYS B 23 61.92 52.30 -9.49
C CYS B 23 62.66 52.61 -8.20
N CYS B 24 62.68 53.88 -7.80
CA CYS B 24 63.50 54.33 -6.69
C CYS B 24 62.69 54.25 -5.41
N GLU B 25 63.31 53.72 -4.35
CA GLU B 25 62.62 53.52 -3.08
C GLU B 25 62.32 54.86 -2.41
N SER B 26 61.60 54.79 -1.30
CA SER B 26 60.90 55.94 -0.74
C SER B 26 61.48 56.36 0.60
N ILE B 27 61.47 57.67 0.84
CA ILE B 27 61.92 58.28 2.09
C ILE B 27 60.91 59.36 2.45
N SER B 28 60.25 59.22 3.58
CA SER B 28 59.32 60.25 4.02
C SER B 28 60.06 61.28 4.86
N ALA B 29 59.66 62.54 4.71
CA ALA B 29 60.39 63.63 5.35
C ALA B 29 59.40 64.68 5.82
N ARG B 30 59.76 65.37 6.90
CA ARG B 30 58.94 66.38 7.52
C ARG B 30 59.68 67.71 7.55
N PRO B 31 59.02 68.82 7.20
CA PRO B 31 59.72 70.10 7.09
C PRO B 31 60.37 70.54 8.39
N GLY B 32 61.67 70.79 8.36
CA GLY B 32 62.42 71.20 9.52
C GLY B 32 63.33 70.14 10.08
N GLU B 33 63.05 68.88 9.82
CA GLU B 33 63.83 67.78 10.34
C GLU B 33 65.22 67.75 9.74
N VAL B 34 66.10 66.99 10.39
CA VAL B 34 67.40 66.60 9.85
C VAL B 34 67.62 65.16 10.29
N ASN B 35 67.46 64.22 9.37
CA ASN B 35 67.46 62.81 9.71
C ASN B 35 68.78 62.17 9.27
N GLY B 36 68.90 60.87 9.44
CA GLY B 36 70.11 60.17 9.01
C GLY B 36 69.78 58.92 8.22
N VAL B 37 70.53 58.65 7.16
CA VAL B 37 70.26 57.55 6.26
C VAL B 37 71.48 56.64 6.19
N MET B 38 71.25 55.33 6.24
CA MET B 38 72.30 54.34 6.14
C MET B 38 71.99 53.40 4.98
N VAL B 39 72.97 53.16 4.12
CA VAL B 39 72.83 52.28 2.97
C VAL B 39 73.89 51.20 3.07
N SER B 40 73.47 49.95 2.96
CA SER B 40 74.36 48.80 3.16
C SER B 40 74.71 48.19 1.82
N TYR B 41 75.89 48.52 1.30
CA TYR B 41 76.34 47.99 0.04
C TYR B 41 76.91 46.58 0.14
N ALA B 42 76.70 45.89 1.28
CA ALA B 42 77.33 44.59 1.48
C ALA B 42 76.92 43.60 0.41
N ALA B 43 75.66 43.60 0.00
CA ALA B 43 75.19 42.61 -0.96
C ALA B 43 75.86 42.75 -2.32
N TRP B 44 76.34 43.94 -2.67
CA TRP B 44 76.93 44.18 -3.97
C TRP B 44 78.45 44.17 -3.94
N SER B 45 79.05 44.76 -2.91
CA SER B 45 80.49 44.97 -2.88
C SER B 45 81.25 43.87 -2.15
N ALA B 46 80.55 42.95 -1.48
CA ALA B 46 81.27 41.87 -0.80
C ALA B 46 81.77 40.82 -1.78
N PRO B 47 80.95 40.30 -2.70
CA PRO B 47 81.50 39.37 -3.70
C PRO B 47 82.66 39.94 -4.49
N LEU B 48 82.64 41.23 -4.79
CA LEU B 48 83.79 41.87 -5.44
C LEU B 48 84.93 41.99 -4.43
N ARG B 49 85.52 40.84 -4.11
CA ARG B 49 86.51 40.82 -3.04
C ARG B 49 87.64 41.79 -3.35
N GLY B 50 87.70 42.88 -2.61
CA GLY B 50 88.66 43.93 -2.86
C GLY B 50 88.88 44.78 -1.64
N HIS B 51 88.99 46.09 -1.83
CA HIS B 51 89.19 47.02 -0.73
C HIS B 51 87.93 47.78 -0.37
N GLY B 52 86.76 47.22 -0.68
CA GLY B 52 85.52 47.80 -0.20
C GLY B 52 85.20 49.14 -0.84
N LEU B 53 84.43 49.94 -0.11
CA LEU B 53 83.96 51.21 -0.62
C LEU B 53 85.06 52.26 -0.52
N THR B 54 84.86 53.38 -1.21
CA THR B 54 85.73 54.54 -1.07
C THR B 54 84.87 55.78 -0.88
N ASN B 55 85.51 56.86 -0.43
CA ASN B 55 84.81 58.12 -0.17
C ASN B 55 84.74 58.96 -1.44
N LYS B 56 84.15 58.38 -2.48
CA LYS B 56 83.88 59.10 -3.71
C LYS B 56 82.42 58.95 -4.08
N THR B 57 81.53 59.22 -3.13
CA THR B 57 80.10 59.25 -3.39
C THR B 57 79.71 60.60 -3.96
N THR B 58 78.72 60.58 -4.84
CA THR B 58 78.20 61.78 -5.45
C THR B 58 76.68 61.76 -5.36
N PHE B 59 76.09 62.88 -4.98
CA PHE B 59 74.65 63.00 -4.80
C PHE B 59 74.09 64.01 -5.77
N GLU B 60 72.81 63.86 -6.08
CA GLU B 60 72.13 64.85 -6.91
C GLU B 60 70.66 64.89 -6.52
N ILE B 61 70.14 66.09 -6.35
CA ILE B 61 68.74 66.30 -5.99
C ILE B 61 68.02 66.91 -7.18
N ASP B 62 66.88 66.34 -7.53
CA ASP B 62 66.03 66.87 -8.58
C ASP B 62 64.57 66.71 -8.15
N GLY B 63 63.75 67.69 -8.49
CA GLY B 63 62.37 67.69 -8.10
C GLY B 63 61.48 67.00 -9.13
N VAL B 64 60.59 66.14 -8.65
CA VAL B 64 59.57 65.53 -9.49
C VAL B 64 58.21 66.20 -9.28
N SER B 65 58.11 67.10 -8.31
CA SER B 65 56.92 67.87 -8.00
C SER B 65 57.32 68.96 -7.01
N VAL B 66 57.12 70.23 -7.33
CA VAL B 66 57.75 71.31 -6.57
C VAL B 66 56.74 72.25 -5.92
N THR B 67 55.66 72.62 -6.63
CA THR B 67 54.71 73.58 -6.08
C THR B 67 55.40 74.90 -5.77
N PRO B 68 55.68 75.72 -6.78
CA PRO B 68 56.53 76.91 -6.60
C PRO B 68 56.13 77.73 -5.39
N PRO B 69 57.09 78.31 -4.69
CA PRO B 69 56.77 79.03 -3.45
C PRO B 69 56.05 80.33 -3.72
N LYS B 70 55.29 80.78 -2.73
CA LYS B 70 54.56 82.02 -2.85
C LYS B 70 55.40 83.22 -2.45
N VAL B 71 56.05 83.16 -1.30
CA VAL B 71 56.77 84.28 -0.73
C VAL B 71 58.23 84.17 -1.13
N SER B 72 58.81 85.28 -1.56
CA SER B 72 60.22 85.26 -1.94
C SER B 72 61.11 85.28 -0.71
N ASN B 73 62.35 84.83 -0.89
CA ASN B 73 63.35 84.97 0.15
C ASN B 73 64.07 86.31 -0.02
N ALA B 74 64.98 86.62 0.89
CA ALA B 74 65.61 87.93 0.87
C ALA B 74 66.99 87.85 1.50
N PHE B 75 67.81 88.84 1.19
CA PHE B 75 69.16 88.92 1.73
C PHE B 75 69.44 90.33 2.23
N GLY B 76 70.02 90.44 3.42
CA GLY B 76 70.42 91.71 3.98
C GLY B 76 71.88 91.67 4.41
N ARG B 77 72.37 92.83 4.81
CA ARG B 77 73.77 92.94 5.20
C ARG B 77 73.94 94.03 6.25
N THR B 78 74.84 93.79 7.20
CA THR B 78 75.09 94.73 8.28
C THR B 78 76.51 94.50 8.78
N LYS B 79 77.09 95.54 9.38
CA LYS B 79 78.40 95.39 10.00
C LYS B 79 78.24 94.84 11.41
N VAL B 80 79.36 94.52 12.05
CA VAL B 80 79.30 94.00 13.41
C VAL B 80 78.73 95.05 14.35
N GLY B 81 77.89 94.60 15.27
CA GLY B 81 77.38 95.42 16.35
C GLY B 81 76.28 96.40 15.99
N VAL B 82 76.17 96.80 14.73
CA VAL B 82 75.16 97.78 14.35
C VAL B 82 73.84 97.07 14.09
N VAL B 83 72.76 97.63 14.63
CA VAL B 83 71.44 97.04 14.53
C VAL B 83 70.97 97.14 13.09
N PHE B 84 70.25 96.12 12.64
CA PHE B 84 69.81 96.03 11.26
C PHE B 84 68.28 96.08 11.20
N GLU B 85 67.76 96.87 10.27
CA GLU B 85 66.35 96.95 9.98
C GLU B 85 66.08 96.38 8.59
N GLY B 86 64.82 96.08 8.34
CA GLY B 86 64.39 95.58 7.06
C GLY B 86 62.89 95.46 7.03
N THR B 87 62.37 95.22 5.83
CA THR B 87 60.93 95.09 5.65
C THR B 87 60.57 93.65 5.34
N LEU B 88 59.30 93.33 5.51
CA LEU B 88 58.83 91.98 5.29
C LEU B 88 57.53 92.00 4.49
N SER B 89 57.36 92.98 3.62
CA SER B 89 56.13 93.12 2.86
C SER B 89 56.31 93.09 1.36
N ASP B 90 57.49 93.39 0.84
CA ASP B 90 57.77 93.27 -0.58
C ASP B 90 58.19 91.86 -0.94
N LEU B 91 58.08 90.92 0.01
CA LEU B 91 58.47 89.55 -0.19
C LEU B 91 57.26 88.65 -0.41
N PHE B 92 56.08 89.25 -0.52
CA PHE B 92 54.84 88.49 -0.70
C PHE B 92 54.02 89.14 -1.80
N PRO B 93 54.43 89.00 -3.05
CA PRO B 93 53.58 89.48 -4.14
C PRO B 93 52.30 88.66 -4.17
N ASN B 94 51.19 89.27 -3.79
CA ASN B 94 49.95 88.52 -3.73
C ASN B 94 49.14 88.69 -5.01
N PRO B 95 48.56 87.63 -5.53
CA PRO B 95 47.66 87.76 -6.69
C PRO B 95 46.36 88.45 -6.30
N GLU B 96 45.76 87.96 -5.22
CA GLU B 96 44.42 88.33 -4.81
C GLU B 96 44.42 89.40 -3.73
N GLY B 97 43.24 89.69 -3.17
CA GLY B 97 43.11 90.59 -2.04
C GLY B 97 42.98 89.87 -0.71
N GLU B 98 43.92 90.15 0.19
CA GLU B 98 43.90 89.57 1.53
C GLU B 98 44.89 90.32 2.40
N GLN B 99 44.86 90.02 3.69
CA GLN B 99 45.74 90.61 4.68
C GLN B 99 46.91 89.70 5.00
N VAL B 100 47.93 90.29 5.59
CA VAL B 100 49.25 89.68 5.73
C VAL B 100 49.64 89.51 7.19
N GLU B 101 49.35 88.32 7.74
CA GLU B 101 49.70 88.01 9.12
C GLU B 101 51.16 87.61 9.25
N TYR B 102 52.06 88.58 9.20
CA TYR B 102 53.48 88.34 9.37
C TYR B 102 53.75 87.59 10.66
N GLU B 103 54.61 86.57 10.61
CA GLU B 103 54.88 85.73 11.76
C GLU B 103 56.31 85.23 11.74
N ILE B 104 56.95 85.21 12.89
CA ILE B 104 58.29 84.65 13.06
C ILE B 104 58.17 83.49 14.03
N SER B 105 58.26 82.27 13.51
CA SER B 105 58.13 81.08 14.34
C SER B 105 59.31 80.99 15.30
N GLU B 106 59.02 80.69 16.57
CA GLU B 106 60.07 80.53 17.56
C GLU B 106 60.89 79.27 17.37
N LEU B 107 60.38 78.29 16.64
CA LEU B 107 61.17 77.08 16.39
C LEU B 107 62.30 77.36 15.43
N ASN B 108 62.10 78.28 14.51
CA ASN B 108 63.07 78.58 13.46
C ASN B 108 63.49 80.04 13.50
N GLY B 109 63.70 80.56 14.70
CA GLY B 109 64.15 81.93 14.84
C GLY B 109 65.61 82.05 14.49
N PRO B 110 66.20 83.21 14.75
CA PRO B 110 67.62 83.40 14.46
C PRO B 110 68.50 82.62 15.42
N SER B 111 69.81 82.65 15.19
CA SER B 111 70.73 81.85 15.98
C SER B 111 71.70 82.67 16.80
N ASN B 112 72.10 83.85 16.34
CA ASN B 112 73.03 84.71 17.06
C ASN B 112 72.51 86.14 17.14
N GLY B 113 71.20 86.31 17.18
CA GLY B 113 70.60 87.63 17.25
C GLY B 113 69.24 87.56 17.92
N VAL B 114 68.43 88.60 17.70
CA VAL B 114 67.05 88.65 18.17
C VAL B 114 66.28 89.49 17.16
N VAL B 115 65.01 89.14 16.94
CA VAL B 115 64.15 89.87 16.02
C VAL B 115 62.86 90.25 16.73
N GLU B 116 62.49 91.54 16.67
CA GLU B 116 61.25 92.03 17.24
C GLU B 116 60.34 92.33 16.06
N LEU B 117 59.41 91.43 15.76
CA LEU B 117 58.49 91.70 14.67
C LEU B 117 57.58 92.86 15.01
N GLY B 118 57.53 93.85 14.11
CA GLY B 118 56.72 95.03 14.31
C GLY B 118 55.25 94.74 14.05
N ALA B 119 54.48 95.83 13.97
CA ALA B 119 53.05 95.69 13.71
C ALA B 119 52.78 95.44 12.23
N ASN B 120 53.57 96.07 11.35
CA ASN B 120 53.36 95.97 9.91
C ASN B 120 54.67 95.59 9.25
N GLY B 121 54.85 94.29 8.98
CA GLY B 121 55.92 93.78 8.16
C GLY B 121 57.31 94.35 8.40
N ALA B 122 57.56 94.83 9.61
CA ALA B 122 58.84 95.40 9.96
C ALA B 122 59.46 94.60 11.09
N PHE B 123 60.78 94.61 11.15
CA PHE B 123 61.48 93.79 12.13
C PHE B 123 62.87 94.34 12.33
N THR B 124 63.39 94.18 13.54
CA THR B 124 64.72 94.65 13.90
C THR B 124 65.55 93.47 14.34
N TYR B 125 66.66 93.25 13.66
CA TYR B 125 67.58 92.16 13.98
C TYR B 125 68.80 92.78 14.64
N THR B 126 68.84 92.73 15.97
CA THR B 126 70.01 93.20 16.70
C THR B 126 71.01 92.06 16.81
N PRO B 127 72.11 92.08 16.07
CA PRO B 127 73.05 90.96 16.10
C PRO B 127 73.68 90.81 17.47
N GLY B 128 73.94 89.56 17.85
CA GLY B 128 74.58 89.31 19.12
C GLY B 128 75.95 89.96 19.19
N ALA B 129 76.21 90.61 20.32
CA ALA B 129 77.44 91.36 20.51
C ALA B 129 78.64 90.44 20.36
N LEU B 130 79.70 90.97 19.76
CA LEU B 130 80.93 90.23 19.49
C LEU B 130 80.65 88.97 18.67
N PHE B 131 80.12 89.19 17.47
CA PHE B 131 79.83 88.09 16.56
C PHE B 131 79.81 88.61 15.13
N THR B 132 80.43 87.87 14.22
CA THR B 132 80.43 88.25 12.82
C THR B 132 80.34 86.98 11.99
N GLY B 133 79.23 86.79 11.30
CA GLY B 133 79.05 85.64 10.44
C GLY B 133 77.81 85.81 9.62
N VAL B 134 77.09 84.71 9.40
CA VAL B 134 75.83 84.71 8.70
C VAL B 134 74.75 84.21 9.64
N ASP B 135 73.53 84.72 9.48
CA ASP B 135 72.45 84.34 10.36
C ASP B 135 71.14 84.33 9.56
N ARG B 136 70.30 83.36 9.85
CA ARG B 136 69.04 83.17 9.16
C ARG B 136 67.88 83.15 10.13
N PHE B 137 66.68 83.39 9.61
CA PHE B 137 65.46 83.12 10.34
C PHE B 137 64.35 82.95 9.32
N TRP B 138 63.34 82.17 9.68
CA TRP B 138 62.28 81.77 8.77
C TRP B 138 60.98 82.43 9.18
N PHE B 139 60.49 83.33 8.35
CA PHE B 139 59.22 84.01 8.55
C PHE B 139 58.12 83.25 7.84
N SER B 140 56.88 83.56 8.19
CA SER B 140 55.70 82.92 7.60
C SER B 140 54.65 83.99 7.31
N ILE B 141 54.69 84.55 6.11
CA ILE B 141 53.72 85.56 5.69
C ILE B 141 52.46 84.82 5.26
N ASN B 142 51.50 84.72 6.18
CA ASN B 142 50.19 84.16 5.88
C ASN B 142 50.30 82.70 5.45
N GLY B 143 50.89 81.90 6.33
CA GLY B 143 50.99 80.48 6.09
C GLY B 143 52.17 80.07 5.24
N ASN B 144 52.52 80.90 4.26
CA ASN B 144 53.62 80.58 3.36
C ASN B 144 54.95 80.99 3.97
N ILE B 145 55.92 80.10 3.93
CA ILE B 145 57.18 80.25 4.65
C ILE B 145 58.30 80.57 3.67
N GLY B 146 59.19 81.47 4.08
CA GLY B 146 60.40 81.76 3.36
C GLY B 146 61.48 82.06 4.38
N GLU B 147 62.68 82.36 3.91
CA GLU B 147 63.78 82.64 4.82
C GLU B 147 64.40 84.00 4.51
N TYR B 148 64.90 84.64 5.55
CA TYR B 148 65.64 85.89 5.44
C TYR B 148 67.05 85.65 5.93
N VAL B 149 68.02 85.99 5.09
CA VAL B 149 69.43 85.73 5.39
C VAL B 149 70.13 87.05 5.62
N ILE B 150 70.79 87.18 6.76
CA ILE B 150 71.56 88.37 7.11
C ILE B 150 72.99 87.94 7.36
N SER B 151 73.94 88.74 6.86
CA SER B 151 75.36 88.51 7.03
C SER B 151 75.96 89.70 7.76
N VAL B 152 76.59 89.45 8.90
CA VAL B 152 77.18 90.50 9.73
C VAL B 152 78.69 90.49 9.51
N ASP B 153 79.23 91.65 9.15
CA ASP B 153 80.61 91.83 8.72
C ASP B 153 81.48 92.22 9.89
N PRO B 154 82.79 91.91 9.84
CA PRO B 154 83.66 92.23 10.98
C PRO B 154 84.24 93.63 10.89
N THR B 155 83.38 94.55 10.45
CA THR B 155 83.60 96.00 10.38
C THR B 155 84.61 96.42 9.31
N THR B 156 85.37 95.47 8.74
CA THR B 156 86.35 95.96 7.78
C THR B 156 85.78 96.12 6.37
N SER B 157 85.62 95.02 5.63
CA SER B 157 85.22 95.20 4.24
C SER B 157 83.75 94.99 3.93
N GLU B 158 83.37 93.72 3.73
CA GLU B 158 82.04 93.28 3.29
C GLU B 158 82.04 91.75 3.25
N LEU B 159 81.01 91.08 3.73
CA LEU B 159 80.98 89.62 3.59
C LEU B 159 80.34 89.20 2.27
N PRO B 160 80.72 88.02 1.75
CA PRO B 160 80.05 87.46 0.56
C PRO B 160 78.65 86.96 0.85
N GLN B 161 78.03 86.28 -0.11
CA GLN B 161 76.59 86.04 -0.10
C GLN B 161 76.27 84.55 -0.19
N PRO B 162 75.67 83.99 0.85
CA PRO B 162 75.46 82.54 0.92
C PRO B 162 74.31 82.08 0.04
N PRO B 163 74.27 80.79 -0.32
CA PRO B 163 73.42 80.34 -1.42
C PRO B 163 71.97 79.99 -1.14
N PHE B 164 71.34 80.48 -0.06
CA PHE B 164 69.89 80.35 0.07
C PHE B 164 69.39 78.91 0.11
N THR B 165 69.60 78.22 1.23
CA THR B 165 69.32 76.80 1.38
C THR B 165 68.05 76.34 0.66
N THR B 166 68.17 75.18 -0.01
CA THR B 166 67.12 74.59 -0.81
C THR B 166 66.16 73.80 0.06
N PRO B 167 65.00 73.39 -0.49
CA PRO B 167 64.04 72.62 0.30
C PRO B 167 64.61 71.33 0.88
N VAL B 168 65.17 70.47 0.04
CA VAL B 168 65.82 69.25 0.48
C VAL B 168 67.28 69.34 0.08
N TYR B 169 68.17 68.96 1.00
CA TYR B 169 69.60 69.06 0.76
C TYR B 169 70.30 67.91 1.45
N VAL B 170 71.55 67.70 1.05
CA VAL B 170 72.43 66.72 1.67
C VAL B 170 73.68 67.44 2.12
N PRO B 171 73.87 67.64 3.43
CA PRO B 171 74.97 68.44 3.93
C PRO B 171 76.31 68.17 3.27
N ALA B 172 77.04 69.26 3.01
CA ALA B 172 78.28 69.26 2.25
C ALA B 172 79.23 68.13 2.64
N ALA B 173 79.61 68.05 3.91
CA ALA B 173 80.52 66.99 4.30
C ALA B 173 80.14 66.42 5.65
N ARG B 174 79.23 65.45 5.65
CA ARG B 174 78.85 64.69 6.81
C ARG B 174 78.64 63.23 6.43
N ARG B 175 79.23 62.84 5.30
CA ARG B 175 79.05 61.53 4.69
C ARG B 175 80.25 60.67 5.05
N SER B 176 80.02 59.37 5.16
CA SER B 176 81.17 58.52 5.39
C SER B 176 80.82 57.09 5.03
N VAL B 177 81.88 56.29 4.93
CA VAL B 177 81.78 54.89 4.52
C VAL B 177 82.77 54.09 5.34
N ASP B 178 82.29 52.98 5.91
CA ASP B 178 83.17 52.08 6.64
C ASP B 178 83.51 50.91 5.72
N PRO B 179 84.70 50.85 5.15
CA PRO B 179 85.01 49.77 4.21
C PRO B 179 85.01 48.40 4.86
N ARG B 180 84.91 48.35 6.17
CA ARG B 180 84.96 47.15 6.98
C ARG B 180 83.64 46.40 6.99
N THR B 181 82.52 47.09 6.73
CA THR B 181 81.21 46.46 6.69
C THR B 181 80.37 46.96 5.53
N HIS B 182 80.91 47.78 4.64
CA HIS B 182 80.24 48.22 3.43
C HIS B 182 78.94 48.95 3.75
N VAL B 183 79.07 50.07 4.47
CA VAL B 183 77.92 50.85 4.87
C VAL B 183 78.21 52.31 4.64
N LEU B 184 77.32 52.99 3.93
CA LEU B 184 77.42 54.41 3.64
C LEU B 184 76.46 55.16 4.54
N LYS B 185 76.96 56.21 5.19
CA LYS B 185 76.16 57.07 6.05
C LYS B 185 76.11 58.47 5.46
N PHE B 186 74.92 59.06 5.43
CA PHE B 186 74.81 60.44 5.04
C PHE B 186 73.59 61.05 5.72
N VAL B 187 73.56 62.35 5.77
CA VAL B 187 72.51 63.09 6.45
C VAL B 187 71.58 63.68 5.41
N LEU B 188 70.30 63.75 5.73
CA LEU B 188 69.30 64.29 4.82
C LEU B 188 68.49 65.32 5.58
N GLY B 189 68.62 66.58 5.20
CA GLY B 189 67.95 67.68 5.89
C GLY B 189 66.87 68.30 5.02
N VAL B 190 65.77 68.67 5.66
CA VAL B 190 64.62 69.26 4.98
C VAL B 190 64.43 70.67 5.52
N SER B 191 64.39 71.66 4.62
CA SER B 191 64.23 73.03 5.04
C SER B 191 62.83 73.22 5.60
N PRO B 192 62.62 74.24 6.45
CA PRO B 192 61.27 74.52 6.94
C PRO B 192 60.33 75.04 5.88
N ALA B 193 60.83 75.40 4.70
CA ALA B 193 60.01 75.95 3.65
C ALA B 193 59.55 74.90 2.65
N ALA B 194 59.90 73.64 2.85
CA ALA B 194 59.45 72.59 1.96
C ALA B 194 57.94 72.44 2.08
N ILE B 195 57.27 72.37 0.94
CA ILE B 195 55.80 72.35 0.93
C ILE B 195 55.33 70.90 1.00
N PRO B 196 54.43 70.55 1.91
CA PRO B 196 53.99 69.16 2.02
C PRO B 196 53.33 68.68 0.74
N GLY B 197 53.58 67.42 0.40
CA GLY B 197 53.06 66.84 -0.81
C GLY B 197 54.04 66.78 -1.95
N ASP B 198 55.11 67.54 -1.91
CA ASP B 198 56.11 67.51 -2.97
C ASP B 198 56.89 66.21 -2.95
N VAL B 199 57.59 65.96 -4.05
CA VAL B 199 58.43 64.78 -4.20
C VAL B 199 59.75 65.21 -4.82
N TYR B 200 60.86 64.81 -4.23
CA TYR B 200 62.18 65.02 -4.79
C TYR B 200 62.85 63.68 -5.02
N ARG B 201 63.90 63.69 -5.83
CA ARG B 201 64.60 62.46 -6.17
C ARG B 201 66.09 62.63 -5.91
N LEU B 202 66.65 61.71 -5.13
CA LEU B 202 68.06 61.73 -4.78
C LEU B 202 68.73 60.56 -5.49
N THR B 203 69.78 60.84 -6.25
CA THR B 203 70.57 59.83 -6.93
C THR B 203 71.94 59.73 -6.30
N VAL B 204 72.35 58.51 -5.98
CA VAL B 204 73.60 58.24 -5.28
C VAL B 204 74.49 57.40 -6.18
N ARG B 205 75.70 57.88 -6.44
CA ARG B 205 76.67 57.16 -7.25
C ARG B 205 77.86 56.79 -6.39
N GLN B 206 77.97 55.51 -6.05
CA GLN B 206 78.97 55.02 -5.11
C GLN B 206 79.94 54.12 -5.84
N VAL B 207 81.23 54.28 -5.56
CA VAL B 207 82.28 53.51 -6.20
C VAL B 207 82.87 52.54 -5.18
N ALA B 208 82.95 51.29 -5.55
CA ALA B 208 83.78 50.34 -4.85
C ALA B 208 85.15 50.38 -5.49
N ILE B 209 86.03 49.46 -5.11
CA ILE B 209 87.39 49.49 -5.62
C ILE B 209 87.93 48.08 -5.60
N ASP B 210 88.65 47.71 -6.65
CA ASP B 210 89.26 46.38 -6.69
C ASP B 210 90.67 46.46 -6.14
N CYS B 211 91.25 45.28 -5.95
CA CYS B 211 92.37 45.18 -5.03
C CYS B 211 93.62 45.81 -5.62
N ASP B 212 93.61 46.11 -6.92
CA ASP B 212 94.60 46.96 -7.58
C ASP B 212 94.21 48.43 -7.67
N GLY B 213 93.04 48.81 -7.19
CA GLY B 213 92.64 50.19 -7.19
C GLY B 213 91.78 50.66 -8.35
N ASN B 214 91.25 49.75 -9.16
CA ASN B 214 90.35 50.14 -10.22
C ASN B 214 88.95 50.34 -9.64
N GLU B 215 87.94 50.54 -10.47
CA GLU B 215 86.70 51.12 -9.97
C GLU B 215 85.51 50.25 -10.35
N PHE B 216 84.52 50.22 -9.46
CA PHE B 216 83.24 49.59 -9.70
C PHE B 216 82.16 50.57 -9.28
N VAL B 217 81.39 51.06 -10.22
CA VAL B 217 80.39 52.09 -9.95
C VAL B 217 79.03 51.44 -9.71
N HIS B 218 78.21 52.11 -8.91
CA HIS B 218 76.88 51.64 -8.55
C HIS B 218 75.97 52.85 -8.40
N ILE B 219 74.80 52.81 -9.03
CA ILE B 219 73.87 53.94 -9.03
C ILE B 219 72.51 53.48 -8.55
N SER B 220 71.88 54.28 -7.70
CA SER B 220 70.52 54.04 -7.23
C SER B 220 69.86 55.38 -6.95
N CYS B 221 68.54 55.37 -6.74
CA CYS B 221 67.83 56.60 -6.41
C CYS B 221 66.96 56.40 -5.19
N TYR B 222 66.52 57.51 -4.61
CA TYR B 222 65.52 57.49 -3.56
C TYR B 222 64.56 58.64 -3.79
N ASP B 223 63.28 58.38 -3.51
CA ASP B 223 62.21 59.34 -3.74
C ASP B 223 61.80 59.93 -2.40
N ILE B 224 62.21 61.18 -2.16
CA ILE B 224 61.92 61.86 -0.92
C ILE B 224 60.60 62.60 -1.07
N SER B 225 59.58 62.16 -0.34
CA SER B 225 58.24 62.71 -0.44
C SER B 225 57.98 63.57 0.79
N ILE B 226 57.95 64.89 0.59
CA ILE B 226 57.79 65.81 1.71
C ILE B 226 56.38 65.66 2.26
N GLY B 227 56.26 65.02 3.41
CA GLY B 227 55.01 64.94 4.12
C GLY B 227 54.99 65.94 5.27
N SER B 228 53.79 66.28 5.70
CA SER B 228 53.59 67.05 6.91
C SER B 228 53.04 66.10 7.96
N CYS B 229 53.42 66.37 9.21
CA CYS B 229 53.09 65.48 10.31
C CYS B 229 53.65 64.08 10.10
N GLY B 230 54.98 64.01 10.11
CA GLY B 230 55.67 62.74 10.02
C GLY B 230 55.79 62.27 8.59
N MET C 1 77.53 41.08 -8.69
CA MET C 1 78.40 40.22 -9.47
C MET C 1 77.63 39.07 -10.07
N TYR C 2 77.69 38.95 -11.40
CA TYR C 2 77.07 37.85 -12.11
C TYR C 2 77.94 36.61 -12.02
N PHE C 3 77.29 35.45 -11.92
CA PHE C 3 78.03 34.19 -11.89
C PHE C 3 77.33 33.21 -12.82
N PHE C 4 78.05 32.78 -13.85
CA PHE C 4 77.52 31.84 -14.82
C PHE C 4 78.32 30.55 -14.79
N SER C 5 77.62 29.44 -14.98
CA SER C 5 78.26 28.15 -15.18
C SER C 5 78.07 27.74 -16.63
N VAL C 6 79.13 27.28 -17.26
CA VAL C 6 79.15 27.02 -18.69
C VAL C 6 78.61 25.63 -18.95
N ASP C 7 78.09 25.42 -20.16
CA ASP C 7 77.55 24.11 -20.49
C ASP C 7 78.67 23.16 -20.89
N PRO C 8 78.66 21.93 -20.39
CA PRO C 8 79.90 21.15 -20.38
C PRO C 8 80.20 20.35 -21.63
N ARG C 9 79.38 20.45 -22.69
CA ARG C 9 79.63 19.75 -23.96
C ARG C 9 79.74 18.25 -23.76
N ASN C 10 78.71 17.66 -23.14
CA ASN C 10 78.59 16.22 -22.96
C ASN C 10 77.61 15.56 -23.92
N GLY C 11 76.78 16.34 -24.59
CA GLY C 11 75.59 15.78 -25.19
C GLY C 11 74.43 15.75 -24.22
N ALA C 12 74.48 16.55 -23.16
CA ALA C 12 73.47 16.55 -22.13
C ALA C 12 73.26 17.96 -21.57
N SER C 13 72.65 18.06 -20.40
CA SER C 13 72.37 19.35 -19.78
C SER C 13 73.63 20.10 -19.36
N SER C 21 64.85 31.45 -23.18
CA SER C 21 64.27 31.02 -24.44
C SER C 21 65.30 31.06 -25.57
N CYS C 22 66.17 32.06 -25.53
CA CYS C 22 67.21 32.19 -26.54
C CYS C 22 68.37 31.25 -26.30
N CYS C 23 69.32 31.35 -27.22
CA CYS C 23 70.59 30.64 -27.14
C CYS C 23 71.48 31.21 -26.03
N CYS C 24 71.80 32.49 -26.10
CA CYS C 24 72.78 33.09 -25.21
C CYS C 24 72.08 33.64 -23.97
N GLU C 25 72.66 33.36 -22.80
CA GLU C 25 72.05 33.76 -21.54
C GLU C 25 72.10 35.28 -21.38
N SER C 26 71.47 35.76 -20.30
CA SER C 26 71.08 37.16 -20.17
C SER C 26 71.83 37.85 -19.06
N ILE C 27 72.13 39.13 -19.29
CA ILE C 27 72.79 40.01 -18.33
C ILE C 27 72.07 41.34 -18.37
N SER C 28 71.47 41.75 -17.25
CA SER C 28 70.83 43.05 -17.20
C SER C 28 71.83 44.10 -16.76
N ALA C 29 71.70 45.29 -17.34
CA ALA C 29 72.68 46.34 -17.11
C ALA C 29 71.99 47.69 -17.04
N ARG C 30 72.57 48.59 -16.26
CA ARG C 30 72.03 49.92 -16.03
C ARG C 30 73.03 50.97 -16.46
N PRO C 31 72.60 52.01 -17.17
CA PRO C 31 73.55 52.99 -17.71
C PRO C 31 74.37 53.69 -16.65
N GLY C 32 75.69 53.62 -16.76
CA GLY C 32 76.60 54.21 -15.82
C GLY C 32 77.30 53.22 -14.92
N GLU C 33 76.74 52.04 -14.74
CA GLU C 33 77.32 51.04 -13.87
C GLU C 33 78.62 50.50 -14.43
N VAL C 34 79.37 49.82 -13.56
CA VAL C 34 80.51 48.99 -13.93
C VAL C 34 80.45 47.77 -13.03
N ASN C 35 80.02 46.64 -13.56
CA ASN C 35 79.76 45.47 -12.76
C ASN C 35 80.87 44.44 -12.96
N GLY C 36 80.73 43.27 -12.35
CA GLY C 36 81.72 42.22 -12.51
C GLY C 36 81.07 40.88 -12.82
N VAL C 37 81.67 40.11 -13.72
CA VAL C 37 81.10 38.86 -14.19
C VAL C 37 82.08 37.73 -13.95
N MET C 38 81.58 36.61 -13.44
CA MET C 38 82.40 35.42 -13.20
C MET C 38 81.79 34.24 -13.96
N VAL C 39 82.64 33.52 -14.69
CA VAL C 39 82.22 32.36 -15.47
C VAL C 39 83.03 31.16 -15.00
N SER C 40 82.35 30.08 -14.67
CA SER C 40 82.99 28.90 -14.09
C SER C 40 83.09 27.81 -15.13
N TYR C 41 84.27 27.67 -15.73
CA TYR C 41 84.50 26.64 -16.74
C TYR C 41 84.76 25.27 -16.15
N ALA C 42 84.51 25.07 -14.86
CA ALA C 42 84.86 23.81 -14.23
C ALA C 42 84.17 22.63 -14.88
N ALA C 43 82.90 22.79 -15.26
CA ALA C 43 82.16 21.66 -15.81
C ALA C 43 82.73 21.18 -17.14
N TRP C 44 83.43 22.04 -17.88
CA TRP C 44 83.95 21.69 -19.19
C TRP C 44 85.42 21.35 -19.17
N SER C 45 86.22 22.10 -18.41
CA SER C 45 87.67 21.97 -18.45
C SER C 45 88.23 21.05 -17.39
N ALA C 46 87.42 20.58 -16.44
CA ALA C 46 87.95 19.67 -15.43
C ALA C 46 88.13 18.26 -15.98
N PRO C 47 87.14 17.66 -16.67
CA PRO C 47 87.40 16.35 -17.28
C PRO C 47 88.59 16.35 -18.22
N LEU C 48 88.83 17.42 -18.96
CA LEU C 48 90.02 17.54 -19.78
C LEU C 48 91.24 17.73 -18.88
N ARG C 49 91.60 16.65 -18.19
CA ARG C 49 92.65 16.76 -17.18
C ARG C 49 93.93 17.29 -17.82
N GLY C 50 94.28 18.53 -17.49
CA GLY C 50 95.42 19.18 -18.10
C GLY C 50 95.90 20.32 -17.25
N HIS C 51 96.28 21.43 -17.88
CA HIS C 51 96.75 22.61 -17.16
C HIS C 51 95.71 23.71 -17.08
N GLY C 52 94.42 23.36 -17.18
CA GLY C 52 93.38 24.33 -16.92
C GLY C 52 93.30 25.40 -17.99
N LEU C 53 92.78 26.56 -17.58
CA LEU C 53 92.55 27.66 -18.49
C LEU C 53 93.85 28.41 -18.76
N THR C 54 93.83 29.24 -19.79
CA THR C 54 94.94 30.15 -20.08
C THR C 54 94.38 31.54 -20.32
N ASN C 55 95.27 32.54 -20.27
CA ASN C 55 94.87 33.94 -20.46
C ASN C 55 94.88 34.29 -21.94
N LYS C 56 94.09 33.54 -22.71
CA LYS C 56 93.89 33.86 -24.11
C LYS C 56 92.40 33.93 -24.41
N THR C 57 91.67 34.69 -23.61
CA THR C 57 90.26 34.95 -23.86
C THR C 57 90.12 36.07 -24.86
N THR C 58 89.08 35.99 -25.68
CA THR C 58 88.77 37.01 -26.66
C THR C 58 87.30 37.35 -26.56
N PHE C 59 86.99 38.65 -26.59
CA PHE C 59 85.63 39.14 -26.46
C PHE C 59 85.22 39.85 -27.72
N GLU C 60 83.92 39.91 -27.95
CA GLU C 60 83.39 40.69 -29.08
C GLU C 60 82.01 41.19 -28.72
N ILE C 61 81.76 42.48 -28.97
CA ILE C 61 80.47 43.09 -28.70
C ILE C 61 79.81 43.41 -30.04
N ASP C 62 78.54 43.04 -30.16
CA ASP C 62 77.74 43.35 -31.32
C ASP C 62 76.33 43.67 -30.86
N GLY C 63 75.71 44.65 -31.52
CA GLY C 63 74.39 45.09 -31.14
C GLY C 63 73.30 44.32 -31.87
N VAL C 64 72.29 43.89 -31.12
CA VAL C 64 71.09 43.29 -31.69
C VAL C 64 69.93 44.27 -31.73
N SER C 65 70.10 45.44 -31.13
CA SER C 65 69.12 46.53 -31.09
C SER C 65 69.83 47.75 -30.55
N VAL C 66 69.87 48.86 -31.28
CA VAL C 66 70.77 49.95 -30.95
C VAL C 66 70.04 51.26 -30.66
N THR C 67 69.01 51.61 -31.44
CA THR C 67 68.33 52.88 -31.26
C THR C 67 69.31 54.04 -31.43
N PRO C 68 69.68 54.38 -32.66
CA PRO C 68 70.77 55.35 -32.90
C PRO C 68 70.65 56.59 -32.05
N PRO C 69 71.77 57.14 -31.60
CA PRO C 69 71.70 58.28 -30.68
C PRO C 69 71.26 59.54 -31.39
N LYS C 70 70.69 60.47 -30.61
CA LYS C 70 70.23 61.73 -31.15
C LYS C 70 71.33 62.78 -31.19
N VAL C 71 72.04 62.95 -30.09
CA VAL C 71 73.03 64.00 -29.94
C VAL C 71 74.40 63.44 -30.29
N SER C 72 75.16 64.18 -31.07
CA SER C 72 76.49 63.71 -31.42
C SER C 72 77.47 63.95 -30.28
N ASN C 73 78.58 63.19 -30.30
CA ASN C 73 79.66 63.44 -29.38
C ASN C 73 80.62 64.45 -29.99
N ALA C 74 81.65 64.83 -29.25
CA ALA C 74 82.54 65.88 -29.73
C ALA C 74 83.91 65.71 -29.10
N PHE C 75 84.90 66.33 -29.74
CA PHE C 75 86.28 66.27 -29.27
C PHE C 75 86.88 67.67 -29.29
N GLY C 76 87.57 68.03 -28.21
CA GLY C 76 88.27 69.29 -28.13
C GLY C 76 89.72 69.08 -27.71
N ARG C 77 90.48 70.16 -27.74
CA ARG C 77 91.90 70.08 -27.41
C ARG C 77 92.37 71.38 -26.81
N THR C 78 93.27 71.28 -25.83
CA THR C 78 93.81 72.44 -25.14
C THR C 78 95.19 72.09 -24.60
N LYS C 79 96.02 73.10 -24.40
CA LYS C 79 97.31 72.88 -23.77
C LYS C 79 97.15 72.89 -22.26
N VAL C 80 98.23 72.56 -21.55
CA VAL C 80 98.17 72.55 -20.09
C VAL C 80 97.91 73.96 -19.57
N GLY C 81 97.07 74.05 -18.55
CA GLY C 81 96.84 75.28 -17.81
C GLY C 81 95.94 76.29 -18.49
N VAL C 82 95.81 76.26 -19.81
CA VAL C 82 95.01 77.26 -20.51
C VAL C 82 93.55 76.82 -20.49
N VAL C 83 92.66 77.76 -20.18
CA VAL C 83 91.24 77.48 -20.06
C VAL C 83 90.69 77.20 -21.45
N PHE C 84 89.73 76.28 -21.52
CA PHE C 84 89.18 75.84 -22.78
C PHE C 84 87.69 76.20 -22.86
N GLU C 85 87.28 76.73 -24.00
CA GLU C 85 85.90 77.02 -24.30
C GLU C 85 85.40 76.10 -25.39
N GLY C 86 84.09 76.02 -25.52
CA GLY C 86 83.46 75.23 -26.56
C GLY C 86 81.98 75.46 -26.55
N THR C 87 81.32 74.94 -27.57
CA THR C 87 79.88 75.09 -27.70
C THR C 87 79.20 73.75 -27.49
N LEU C 88 77.91 73.81 -27.22
CA LEU C 88 77.15 72.60 -26.95
C LEU C 88 75.82 72.64 -27.70
N SER C 89 75.80 73.29 -28.87
CA SER C 89 74.56 73.44 -29.62
C SER C 89 74.61 72.87 -31.02
N ASP C 90 75.78 72.70 -31.61
CA ASP C 90 75.92 72.05 -32.90
C ASP C 90 76.00 70.54 -32.76
N LEU C 91 75.77 70.03 -31.55
CA LEU C 91 75.84 68.61 -31.26
C LEU C 91 74.46 67.99 -31.16
N PHE C 92 73.42 68.76 -31.46
CA PHE C 92 72.04 68.30 -31.36
C PHE C 92 71.29 68.72 -32.62
N PRO C 93 71.56 68.07 -33.74
CA PRO C 93 70.74 68.33 -34.93
C PRO C 93 69.33 67.87 -34.67
N ASN C 94 68.40 68.80 -34.52
CA ASN C 94 67.04 68.42 -34.21
C ASN C 94 66.19 68.32 -35.47
N PRO C 95 65.35 67.30 -35.58
CA PRO C 95 64.41 67.25 -36.71
C PRO C 95 63.32 68.29 -36.58
N GLU C 96 62.72 68.35 -35.40
CA GLU C 96 61.53 69.13 -35.13
C GLU C 96 61.83 70.47 -34.48
N GLY C 97 60.79 71.18 -34.06
CA GLY C 97 60.95 72.42 -33.31
C GLY C 97 60.78 72.24 -31.82
N GLU C 98 61.83 72.59 -31.07
CA GLU C 98 61.79 72.50 -29.62
C GLU C 98 62.99 73.26 -29.06
N GLN C 99 62.99 73.42 -27.74
CA GLN C 99 64.06 74.10 -27.01
C GLN C 99 65.03 73.11 -26.41
N VAL C 100 66.20 73.62 -26.06
CA VAL C 100 67.37 72.81 -25.72
C VAL C 100 67.83 73.04 -24.29
N GLU C 101 67.34 72.22 -23.37
CA GLU C 101 67.72 72.32 -21.97
C GLU C 101 69.07 71.66 -21.70
N TYR C 102 70.14 72.34 -22.09
CA TYR C 102 71.49 71.85 -21.86
C TYR C 102 71.71 71.54 -20.38
N GLU C 103 72.32 70.39 -20.09
CA GLU C 103 72.50 69.95 -18.72
C GLU C 103 73.78 69.16 -18.56
N ILE C 104 74.50 69.39 -17.47
CA ILE C 104 75.70 68.63 -17.13
C ILE C 104 75.42 67.92 -15.82
N SER C 105 75.20 66.61 -15.88
CA SER C 105 74.89 65.83 -14.69
C SER C 105 76.10 65.81 -13.76
N GLU C 106 75.85 66.02 -12.46
CA GLU C 106 76.93 65.98 -11.49
C GLU C 106 77.45 64.57 -11.25
N LEU C 107 76.68 63.53 -11.58
CA LEU C 107 77.17 62.18 -11.39
C LEU C 107 78.26 61.84 -12.41
N ASN C 108 78.19 62.43 -13.58
CA ASN C 108 79.10 62.13 -14.68
C ASN C 108 79.83 63.38 -15.14
N GLY C 109 80.25 64.23 -14.20
CA GLY C 109 80.98 65.42 -14.54
C GLY C 109 82.40 65.08 -14.92
N PRO C 110 83.24 66.11 -15.07
CA PRO C 110 84.64 65.85 -15.41
C PRO C 110 85.41 65.25 -14.25
N SER C 111 86.67 64.92 -14.47
CA SER C 111 87.46 64.23 -13.46
C SER C 111 88.65 65.05 -12.97
N ASN C 112 89.25 65.88 -13.83
CA ASN C 112 90.39 66.69 -13.44
C ASN C 112 90.20 68.15 -13.86
N GLY C 113 88.96 68.62 -13.88
CA GLY C 113 88.65 69.99 -14.26
C GLY C 113 87.37 70.45 -13.61
N VAL C 114 86.79 71.52 -14.17
CA VAL C 114 85.50 72.03 -13.75
C VAL C 114 84.83 72.62 -14.98
N VAL C 115 83.51 72.51 -15.06
CA VAL C 115 82.75 73.07 -16.18
C VAL C 115 81.63 73.96 -15.64
N GLU C 116 81.54 75.19 -16.14
CA GLU C 116 80.48 76.12 -15.76
C GLU C 116 79.56 76.20 -16.97
N LEU C 117 78.43 75.48 -16.94
CA LEU C 117 77.52 75.56 -18.06
C LEU C 117 76.90 76.96 -18.14
N GLY C 118 76.98 77.56 -19.32
CA GLY C 118 76.46 78.89 -19.54
C GLY C 118 74.94 78.88 -19.68
N ALA C 119 74.41 80.02 -20.12
CA ALA C 119 72.98 80.13 -20.32
C ALA C 119 72.55 79.46 -21.62
N ASN C 120 73.37 79.56 -22.66
CA ASN C 120 73.03 79.03 -23.98
C ASN C 120 74.18 78.16 -24.48
N GLY C 121 74.05 76.85 -24.27
CA GLY C 121 74.93 75.86 -24.88
C GLY C 121 76.41 76.15 -24.85
N ALA C 122 76.86 76.94 -23.88
CA ALA C 122 78.25 77.30 -23.76
C ALA C 122 78.78 76.81 -22.41
N PHE C 123 80.07 76.54 -22.37
CA PHE C 123 80.66 75.96 -21.17
C PHE C 123 82.15 76.21 -21.18
N THR C 124 82.72 76.36 -19.99
CA THR C 124 84.14 76.61 -19.81
C THR C 124 84.73 75.48 -18.99
N TYR C 125 85.72 74.80 -19.56
CA TYR C 125 86.41 73.71 -18.89
C TYR C 125 87.78 74.22 -18.48
N THR C 126 87.92 74.60 -17.22
CA THR C 126 89.21 75.02 -16.70
C THR C 126 89.95 73.79 -16.21
N PRO C 127 90.98 73.32 -16.91
CA PRO C 127 91.65 72.09 -16.50
C PRO C 127 92.34 72.26 -15.16
N GLY C 128 92.37 71.19 -14.38
CA GLY C 128 93.04 71.23 -13.10
C GLY C 128 94.51 71.56 -13.26
N ALA C 129 95.00 72.47 -12.42
CA ALA C 129 96.37 72.94 -12.51
C ALA C 129 97.34 71.78 -12.33
N LEU C 130 98.44 71.83 -13.09
CA LEU C 130 99.45 70.78 -13.09
C LEU C 130 98.84 69.42 -13.41
N PHE C 131 98.28 69.33 -14.63
CA PHE C 131 97.69 68.09 -15.09
C PHE C 131 97.66 68.09 -16.61
N THR C 132 98.04 66.96 -17.21
CA THR C 132 98.01 66.84 -18.66
C THR C 132 97.59 65.42 -19.00
N GLY C 133 96.42 65.27 -19.58
CA GLY C 133 95.92 63.98 -19.98
C GLY C 133 94.68 64.12 -20.82
N VAL C 134 93.73 63.21 -20.64
CA VAL C 134 92.44 63.26 -21.30
C VAL C 134 91.37 63.36 -20.24
N ASP C 135 90.27 64.05 -20.56
CA ASP C 135 89.21 64.23 -19.60
C ASP C 135 87.87 64.26 -20.34
N ARG C 136 86.86 63.66 -19.73
CA ARG C 136 85.54 63.53 -20.32
C ARG C 136 84.49 64.10 -19.38
N PHE C 137 83.33 64.43 -19.96
CA PHE C 137 82.14 64.70 -19.18
C PHE C 137 80.94 64.45 -20.07
N TRP C 138 79.82 64.09 -19.46
CA TRP C 138 78.64 63.66 -20.17
C TRP C 138 77.54 64.69 -20.01
N PHE C 139 77.18 65.34 -21.11
CA PHE C 139 76.10 66.31 -21.14
C PHE C 139 74.82 65.63 -21.55
N SER C 140 73.70 66.31 -21.32
CA SER C 140 72.37 65.79 -21.66
C SER C 140 71.56 66.92 -22.29
N ILE C 141 71.61 67.02 -23.61
CA ILE C 141 70.84 68.02 -24.35
C ILE C 141 69.43 67.49 -24.49
N ASN C 142 68.55 67.92 -23.60
CA ASN C 142 67.13 67.61 -23.68
C ASN C 142 66.89 66.09 -23.58
N GLY C 143 67.37 65.53 -22.47
CA GLY C 143 67.15 64.12 -22.21
C GLY C 143 68.14 63.20 -22.88
N ASN C 144 68.58 63.55 -24.08
CA ASN C 144 69.51 62.70 -24.82
C ASN C 144 70.94 62.99 -24.39
N ILE C 145 71.70 61.93 -24.12
CA ILE C 145 73.01 62.04 -23.50
C ILE C 145 74.09 61.74 -24.53
N GLY C 146 75.18 62.49 -24.47
CA GLY C 146 76.37 62.25 -25.25
C GLY C 146 77.56 62.63 -24.39
N GLU C 147 78.76 62.47 -24.94
CA GLU C 147 79.96 62.79 -24.19
C GLU C 147 80.83 63.78 -24.95
N TYR C 148 81.53 64.61 -24.19
CA TYR C 148 82.51 65.55 -24.73
C TYR C 148 83.88 65.17 -24.20
N VAL C 149 84.83 64.99 -25.10
CA VAL C 149 86.16 64.53 -24.74
C VAL C 149 87.14 65.65 -24.98
N ILE C 150 87.90 66.00 -23.95
CA ILE C 150 88.93 67.02 -24.03
C ILE C 150 90.26 66.40 -23.66
N SER C 151 91.30 66.75 -24.40
CA SER C 151 92.66 66.28 -24.16
C SER C 151 93.55 67.48 -23.89
N VAL C 152 94.21 67.49 -22.74
CA VAL C 152 95.07 68.59 -22.33
C VAL C 152 96.52 68.17 -22.54
N ASP C 153 97.25 68.99 -23.27
CA ASP C 153 98.61 68.69 -23.75
C ASP C 153 99.63 69.26 -22.78
N PRO C 154 100.84 68.65 -22.72
CA PRO C 154 101.85 69.13 -21.77
C PRO C 154 102.70 70.26 -22.34
N THR C 155 102.03 71.15 -23.08
CA THR C 155 102.54 72.40 -23.64
C THR C 155 103.52 72.19 -24.78
N THR C 156 104.01 70.97 -24.99
CA THR C 156 105.00 70.86 -26.07
C THR C 156 104.36 70.67 -27.44
N SER C 157 103.92 69.45 -27.76
CA SER C 157 103.45 69.22 -29.12
C SER C 157 101.95 69.27 -29.34
N GLU C 158 101.29 68.12 -29.08
CA GLU C 158 99.87 67.88 -29.33
C GLU C 158 99.55 66.47 -28.86
N LEU C 159 98.43 66.24 -28.16
CA LEU C 159 98.09 64.88 -27.80
C LEU C 159 97.27 64.18 -28.89
N PRO C 160 97.35 62.85 -28.96
CA PRO C 160 96.49 62.09 -29.89
C PRO C 160 95.04 62.05 -29.44
N GLN C 161 94.22 61.24 -30.10
CA GLN C 161 92.76 61.36 -30.01
C GLN C 161 92.14 60.03 -29.58
N PRO C 162 91.51 60.00 -28.41
CA PRO C 162 91.00 58.74 -27.84
C PRO C 162 89.72 58.29 -28.51
N PRO C 163 89.38 57.00 -28.40
CA PRO C 163 88.37 56.41 -29.28
C PRO C 163 86.89 56.51 -28.88
N PHE C 164 86.48 57.46 -28.05
CA PHE C 164 85.04 57.72 -27.87
C PHE C 164 84.26 56.52 -27.34
N THR C 165 84.41 56.22 -26.05
CA THR C 165 83.84 55.03 -25.41
C THR C 165 82.46 54.65 -25.93
N THR C 166 82.27 53.36 -26.15
CA THR C 166 81.06 52.78 -26.70
C THR C 166 80.03 52.57 -25.61
N PRO C 167 78.77 52.27 -25.98
CA PRO C 167 77.73 52.04 -24.96
C PRO C 167 78.07 50.94 -23.98
N VAL C 168 78.36 49.75 -24.48
CA VAL C 168 78.78 48.62 -23.65
C VAL C 168 80.18 48.23 -24.05
N TYR C 169 81.05 48.01 -23.05
CA TYR C 169 82.43 47.69 -23.32
C TYR C 169 82.94 46.72 -22.29
N VAL C 170 84.08 46.10 -22.59
CA VAL C 170 84.77 45.20 -21.67
C VAL C 170 86.18 45.74 -21.49
N PRO C 171 86.51 46.32 -20.33
CA PRO C 171 87.79 46.98 -20.14
C PRO C 171 88.99 46.21 -20.68
N ALA C 172 89.91 46.94 -21.30
CA ALA C 172 91.06 46.40 -22.02
C ALA C 172 91.77 45.29 -21.26
N ALA C 173 92.23 45.57 -20.04
CA ALA C 173 92.92 44.52 -19.32
C ALA C 173 92.54 44.54 -17.85
N ARG C 174 91.45 43.85 -17.52
CA ARG C 174 91.01 43.63 -16.15
C ARG C 174 90.48 42.21 -16.01
N ARG C 175 90.87 41.35 -16.94
CA ARG C 175 90.37 40.00 -17.06
C ARG C 175 91.38 39.05 -16.43
N SER C 176 90.90 37.95 -15.87
CA SER C 176 91.86 36.99 -15.37
C SER C 176 91.18 35.64 -15.20
N VAL C 177 92.04 34.63 -15.03
CA VAL C 177 91.62 33.25 -14.94
C VAL C 177 92.47 32.57 -13.89
N ASP C 178 91.82 31.84 -12.97
CA ASP C 178 92.55 31.08 -11.98
C ASP C 178 92.55 29.62 -12.44
N PRO C 179 93.66 29.10 -12.96
CA PRO C 179 93.65 27.72 -13.46
C PRO C 179 93.42 26.69 -12.38
N ARG C 180 93.42 27.11 -11.13
CA ARG C 180 93.28 26.26 -9.96
C ARG C 180 91.83 25.89 -9.69
N THR C 181 90.87 26.69 -10.17
CA THR C 181 89.46 26.39 -9.99
C THR C 181 88.64 26.65 -11.24
N HIS C 182 89.28 26.97 -12.36
CA HIS C 182 88.62 27.13 -13.65
C HIS C 182 87.54 28.20 -13.60
N VAL C 183 87.96 29.42 -13.32
CA VAL C 183 87.03 30.54 -13.20
C VAL C 183 87.61 31.73 -13.93
N LEU C 184 86.82 32.31 -14.82
CA LEU C 184 87.20 33.49 -15.58
C LEU C 184 86.49 34.71 -15.00
N LYS C 185 87.25 35.76 -14.75
CA LYS C 185 86.71 37.02 -14.23
C LYS C 185 86.92 38.10 -15.27
N PHE C 186 85.89 38.91 -15.50
CA PHE C 186 86.04 40.07 -16.34
C PHE C 186 85.04 41.12 -15.92
N VAL C 187 85.29 42.34 -16.32
CA VAL C 187 84.48 43.48 -15.94
C VAL C 187 83.61 43.88 -17.11
N LEU C 188 82.40 44.34 -16.83
CA LEU C 188 81.47 44.76 -17.87
C LEU C 188 80.95 46.14 -17.51
N GLY C 189 81.32 47.14 -18.30
CA GLY C 189 80.96 48.52 -18.04
C GLY C 189 79.96 49.03 -19.05
N VAL C 190 79.02 49.85 -18.59
CA VAL C 190 77.97 50.42 -19.42
C VAL C 190 78.13 51.93 -19.40
N SER C 191 78.22 52.54 -20.58
CA SER C 191 78.39 53.97 -20.66
C SER C 191 77.11 54.66 -20.20
N PRO C 192 77.20 55.91 -19.76
CA PRO C 192 75.97 56.64 -19.38
C PRO C 192 75.08 56.98 -20.56
N ALA C 193 75.55 56.80 -21.79
CA ALA C 193 74.78 57.13 -22.96
C ALA C 193 74.04 55.94 -23.54
N ALA C 194 74.13 54.77 -22.92
CA ALA C 194 73.39 53.61 -23.38
C ALA C 194 71.90 53.86 -23.22
N ILE C 195 71.14 53.57 -24.26
CA ILE C 195 69.70 53.87 -24.26
C ILE C 195 68.95 52.67 -23.70
N PRO C 196 68.07 52.87 -22.72
CA PRO C 196 67.35 51.72 -22.13
C PRO C 196 66.51 51.01 -23.17
N GLY C 197 66.45 49.69 -23.05
CA GLY C 197 65.73 48.87 -23.98
C GLY C 197 66.57 48.20 -25.04
N ASP C 198 67.79 48.68 -25.26
CA ASP C 198 68.66 48.07 -26.25
C ASP C 198 69.15 46.71 -25.78
N VAL C 199 69.69 45.94 -26.73
CA VAL C 199 70.25 44.63 -26.46
C VAL C 199 71.58 44.52 -27.20
N TYR C 200 72.62 44.10 -26.51
CA TYR C 200 73.91 43.81 -27.12
C TYR C 200 74.26 42.35 -26.87
N ARG C 201 75.22 41.85 -27.64
CA ARG C 201 75.62 40.45 -27.54
C ARG C 201 77.12 40.36 -27.35
N LEU C 202 77.54 39.66 -26.31
CA LEU C 202 78.95 39.46 -25.99
C LEU C 202 79.29 38.01 -26.25
N THR C 203 80.31 37.78 -27.06
CA THR C 203 80.81 36.44 -27.36
C THR C 203 82.18 36.26 -26.73
N VAL C 204 82.35 35.16 -26.01
CA VAL C 204 83.57 34.86 -25.26
C VAL C 204 84.18 33.59 -25.83
N ARG C 205 85.45 33.66 -26.24
CA ARG C 205 86.17 32.52 -26.75
C ARG C 205 87.32 32.20 -25.81
N GLN C 206 87.18 31.12 -25.05
CA GLN C 206 88.13 30.76 -24.01
C GLN C 206 88.83 29.47 -24.38
N VAL C 207 90.14 29.43 -24.18
CA VAL C 207 90.96 28.27 -24.52
C VAL C 207 91.40 27.60 -23.23
N ALA C 208 91.18 26.29 -23.15
CA ALA C 208 91.85 25.48 -22.16
C ALA C 208 93.14 25.00 -22.78
N ILE C 209 93.83 24.09 -22.11
CA ILE C 209 95.12 23.63 -22.61
C ILE C 209 95.35 22.22 -22.10
N ASP C 210 95.89 21.37 -22.95
CA ASP C 210 96.20 20.01 -22.53
C ASP C 210 97.63 19.94 -22.05
N CYS C 211 97.97 18.80 -21.46
CA CYS C 211 99.11 18.77 -20.57
C CYS C 211 100.42 18.86 -21.35
N ASP C 212 100.37 18.70 -22.67
CA ASP C 212 101.46 19.02 -23.59
C ASP C 212 101.38 20.43 -24.18
N GLY C 213 100.35 21.20 -23.85
CA GLY C 213 100.26 22.56 -24.32
C GLY C 213 99.43 22.79 -25.58
N ASN C 214 98.65 21.81 -26.02
CA ASN C 214 97.77 22.02 -27.15
C ASN C 214 96.50 22.70 -26.67
N GLU C 215 95.49 22.84 -27.52
CA GLU C 215 94.44 23.82 -27.24
C GLU C 215 93.07 23.17 -27.30
N PHE C 216 92.18 23.66 -26.45
CA PHE C 216 90.77 23.29 -26.45
C PHE C 216 89.96 24.58 -26.39
N VAL C 217 89.24 24.89 -27.44
CA VAL C 217 88.50 26.15 -27.54
C VAL C 217 87.07 25.93 -27.09
N HIS C 218 86.47 27.00 -26.56
CA HIS C 218 85.11 27.00 -26.07
C HIS C 218 84.48 28.35 -26.34
N ILE C 219 83.29 28.37 -26.92
CA ILE C 219 82.62 29.61 -27.30
C ILE C 219 81.23 29.65 -26.69
N SER C 220 80.86 30.82 -26.17
CA SER C 220 79.52 31.07 -25.64
C SER C 220 79.18 32.53 -25.83
N CYS C 221 77.91 32.89 -25.62
CA CYS C 221 77.51 34.28 -25.75
C CYS C 221 76.71 34.70 -24.53
N TYR C 222 76.56 36.01 -24.37
CA TYR C 222 75.68 36.58 -23.38
C TYR C 222 74.96 37.76 -23.98
N ASP C 223 73.68 37.92 -23.63
CA ASP C 223 72.83 38.97 -24.18
C ASP C 223 72.66 40.05 -23.12
N ILE C 224 73.34 41.17 -23.32
CA ILE C 224 73.30 42.28 -22.39
C ILE C 224 72.16 43.20 -22.79
N SER C 225 71.13 43.27 -21.95
CA SER C 225 69.94 44.05 -22.23
C SER C 225 69.96 45.30 -21.37
N ILE C 226 70.20 46.45 -22.01
CA ILE C 226 70.33 47.71 -21.28
C ILE C 226 68.97 48.07 -20.71
N GLY C 227 68.80 47.88 -19.40
CA GLY C 227 67.63 48.35 -18.71
C GLY C 227 67.91 49.65 -17.98
N SER C 228 66.84 50.38 -17.69
CA SER C 228 66.91 51.52 -16.81
C SER C 228 66.26 51.15 -15.49
N CYS C 229 66.79 51.71 -14.42
CA CYS C 229 66.36 51.35 -13.08
C CYS C 229 66.61 49.88 -12.79
N GLY C 230 67.88 49.51 -12.77
CA GLY C 230 68.28 48.16 -12.42
C GLY C 230 68.18 47.24 -13.60
N MET D 1 83.49 17.14 -22.55
CA MET D 1 84.11 15.90 -22.99
C MET D 1 83.06 14.81 -23.16
N TYR D 2 82.99 14.24 -24.35
CA TYR D 2 82.09 13.13 -24.64
C TYR D 2 82.69 11.84 -24.14
N PHE D 3 81.82 10.96 -23.64
CA PHE D 3 82.27 9.65 -23.17
C PHE D 3 81.31 8.60 -23.71
N PHE D 4 81.84 7.69 -24.53
CA PHE D 4 81.04 6.63 -25.11
C PHE D 4 81.55 5.28 -24.64
N SER D 5 80.63 4.36 -24.44
CA SER D 5 80.96 2.96 -24.18
C SER D 5 80.57 2.15 -25.41
N VAL D 6 81.46 1.29 -25.84
CA VAL D 6 81.30 0.56 -27.09
C VAL D 6 80.46 -0.68 -26.85
N ASP D 7 79.81 -1.16 -27.90
CA ASP D 7 78.98 -2.34 -27.77
C ASP D 7 79.84 -3.60 -27.82
N PRO D 8 79.62 -4.57 -26.93
CA PRO D 8 80.67 -5.55 -26.64
C PRO D 8 80.68 -6.77 -27.55
N ARG D 9 79.82 -6.85 -28.57
CA ARG D 9 79.81 -7.97 -29.52
C ARG D 9 79.62 -9.31 -28.82
N ASN D 10 78.54 -9.40 -28.03
CA ASN D 10 78.14 -10.63 -27.36
C ASN D 10 76.97 -11.33 -28.03
N GLY D 11 76.27 -10.66 -28.94
CA GLY D 11 74.94 -11.09 -29.29
C GLY D 11 73.88 -10.54 -28.37
N ALA D 12 74.19 -9.46 -27.66
CA ALA D 12 73.28 -8.88 -26.67
C ALA D 12 73.42 -7.38 -26.65
N SER D 13 72.94 -6.74 -25.57
CA SER D 13 72.99 -5.29 -25.45
C SER D 13 74.41 -4.74 -25.31
N SER D 21 67.95 6.33 -32.79
CA SER D 21 67.19 5.64 -33.82
C SER D 21 68.11 5.07 -34.89
N CYS D 22 69.17 5.80 -35.20
CA CYS D 22 70.13 5.34 -36.20
C CYS D 22 71.09 4.30 -35.66
N CYS D 23 71.96 3.87 -36.57
CA CYS D 23 73.05 2.97 -36.24
C CYS D 23 74.13 3.65 -35.40
N CYS D 24 74.70 4.73 -35.91
CA CYS D 24 75.86 5.36 -35.28
C CYS D 24 75.39 6.43 -34.31
N GLU D 25 75.99 6.45 -33.12
CA GLU D 25 75.58 7.37 -32.06
C GLU D 25 75.96 8.80 -32.44
N SER D 26 75.53 9.73 -31.60
CA SER D 26 75.46 11.14 -31.96
C SER D 26 76.43 12.00 -31.15
N ILE D 27 76.97 13.02 -31.81
CA ILE D 27 77.88 13.99 -31.22
C ILE D 27 77.45 15.36 -31.72
N SER D 28 77.05 16.24 -30.80
CA SER D 28 76.70 17.59 -31.19
C SER D 28 77.93 18.48 -31.16
N ALA D 29 78.01 19.40 -32.10
CA ALA D 29 79.21 20.21 -32.26
C ALA D 29 78.82 21.63 -32.65
N ARG D 30 79.64 22.58 -32.24
CA ARG D 30 79.42 24.00 -32.48
C ARG D 30 80.58 24.59 -33.25
N PRO D 31 80.32 25.40 -34.27
CA PRO D 31 81.41 25.91 -35.12
C PRO D 31 82.44 26.71 -34.36
N GLY D 32 83.70 26.30 -34.45
CA GLY D 32 84.79 26.96 -33.78
C GLY D 32 85.34 26.20 -32.60
N GLU D 33 84.55 25.30 -32.00
CA GLU D 33 84.97 24.55 -30.85
C GLU D 33 86.09 23.57 -31.19
N VAL D 34 86.74 23.07 -30.14
CA VAL D 34 87.65 21.93 -30.21
C VAL D 34 87.40 21.14 -28.93
N ASN D 35 86.71 20.02 -29.05
CA ASN D 35 86.26 19.28 -27.89
C ASN D 35 87.12 18.02 -27.73
N GLY D 36 86.78 17.18 -26.75
CA GLY D 36 87.51 15.95 -26.54
C GLY D 36 86.57 14.77 -26.37
N VAL D 37 86.92 13.63 -26.95
CA VAL D 37 86.06 12.45 -26.95
C VAL D 37 86.80 11.28 -26.34
N MET D 38 86.12 10.54 -25.47
CA MET D 38 86.68 9.35 -24.84
C MET D 38 85.78 8.15 -25.15
N VAL D 39 86.40 7.06 -25.58
CA VAL D 39 85.68 5.83 -25.91
C VAL D 39 86.26 4.70 -25.07
N SER D 40 85.39 3.98 -24.38
CA SER D 40 85.81 2.95 -23.42
C SER D 40 85.59 1.58 -24.03
N TYR D 41 86.66 0.98 -24.54
CA TYR D 41 86.59 -0.34 -25.14
C TYR D 41 86.60 -1.46 -24.12
N ALA D 42 86.43 -1.15 -22.83
CA ALA D 42 86.55 -2.17 -21.80
C ALA D 42 85.57 -3.31 -22.00
N ALA D 43 84.34 -3.01 -22.41
CA ALA D 43 83.34 -4.05 -22.54
C ALA D 43 83.68 -5.07 -23.62
N TRP D 44 84.48 -4.69 -24.61
CA TRP D 44 84.82 -5.56 -25.73
C TRP D 44 86.18 -6.20 -25.59
N SER D 45 87.18 -5.45 -25.14
CA SER D 45 88.56 -5.91 -25.14
C SER D 45 89.00 -6.52 -23.83
N ALA D 46 88.18 -6.45 -22.78
CA ALA D 46 88.59 -7.06 -21.52
C ALA D 46 88.42 -8.57 -21.55
N PRO D 47 87.28 -9.12 -21.98
CA PRO D 47 87.21 -10.59 -22.10
C PRO D 47 88.28 -11.18 -22.98
N LEU D 48 88.68 -10.49 -24.05
CA LEU D 48 89.81 -10.94 -24.87
C LEU D 48 91.10 -10.74 -24.08
N ARG D 49 91.29 -11.57 -23.07
CA ARG D 49 92.41 -11.36 -22.16
C ARG D 49 93.71 -11.38 -22.94
N GLY D 50 94.34 -10.23 -23.07
CA GLY D 50 95.54 -10.09 -23.87
C GLY D 50 96.33 -8.87 -23.47
N HIS D 51 96.87 -8.15 -24.44
CA HIS D 51 97.64 -6.94 -24.17
C HIS D 51 96.87 -5.68 -24.48
N GLY D 52 95.53 -5.73 -24.44
CA GLY D 52 94.74 -4.52 -24.53
C GLY D 52 94.80 -3.88 -25.91
N LEU D 53 94.58 -2.57 -25.93
CA LEU D 53 94.51 -1.82 -27.16
C LEU D 53 95.91 -1.52 -27.67
N THR D 54 95.99 -1.10 -28.93
CA THR D 54 97.23 -0.61 -29.51
C THR D 54 96.97 0.71 -30.22
N ASN D 55 98.04 1.43 -30.51
CA ASN D 55 97.94 2.74 -31.18
C ASN D 55 97.90 2.56 -32.69
N LYS D 56 96.91 1.80 -33.15
CA LYS D 56 96.67 1.66 -34.58
C LYS D 56 95.21 1.96 -34.87
N THR D 57 94.72 3.08 -34.39
CA THR D 57 93.39 3.56 -34.71
C THR D 57 93.41 4.28 -36.03
N THR D 58 92.31 4.16 -36.76
CA THR D 58 92.15 4.84 -38.04
C THR D 58 90.79 5.52 -38.07
N PHE D 59 90.76 6.77 -38.53
CA PHE D 59 89.55 7.57 -38.57
C PHE D 59 89.20 7.90 -40.01
N GLU D 60 87.92 8.16 -40.24
CA GLU D 60 87.48 8.61 -41.56
C GLU D 60 86.27 9.50 -41.40
N ILE D 61 86.28 10.64 -42.07
CA ILE D 61 85.18 11.59 -42.04
C ILE D 61 84.49 11.58 -43.39
N ASP D 62 83.17 11.49 -43.37
CA ASP D 62 82.36 11.57 -44.57
C ASP D 62 81.09 12.34 -44.25
N GLY D 63 80.64 13.14 -45.20
CA GLY D 63 79.48 13.98 -45.00
C GLY D 63 78.20 13.27 -45.41
N VAL D 64 77.19 13.36 -44.56
CA VAL D 64 75.85 12.89 -44.89
C VAL D 64 74.92 14.03 -45.25
N SER D 65 75.37 15.27 -45.09
CA SER D 65 74.66 16.49 -45.44
C SER D 65 75.65 17.64 -45.35
N VAL D 66 75.86 18.40 -46.42
CA VAL D 66 77.00 19.30 -46.49
C VAL D 66 76.59 20.76 -46.67
N THR D 67 75.59 21.05 -47.52
CA THR D 67 75.22 22.43 -47.79
C THR D 67 76.39 23.20 -48.34
N PRO D 68 76.73 23.03 -49.62
CA PRO D 68 77.98 23.57 -50.19
C PRO D 68 78.19 25.03 -49.81
N PRO D 69 79.43 25.44 -49.58
CA PRO D 69 79.68 26.80 -49.12
C PRO D 69 79.46 27.82 -50.21
N LYS D 70 79.16 29.04 -49.80
CA LYS D 70 78.94 30.13 -50.74
C LYS D 70 80.23 30.82 -51.14
N VAL D 71 81.05 31.19 -50.17
CA VAL D 71 82.25 31.99 -50.40
C VAL D 71 83.43 31.04 -50.53
N SER D 72 84.27 31.28 -51.52
CA SER D 72 85.44 30.44 -51.70
C SER D 72 86.53 30.81 -50.71
N ASN D 73 87.45 29.87 -50.47
CA ASN D 73 88.63 30.16 -49.69
C ASN D 73 89.73 30.65 -50.63
N ALA D 74 90.87 31.02 -50.06
CA ALA D 74 91.92 31.62 -50.87
C ALA D 74 93.27 31.36 -50.23
N PHE D 75 94.32 31.49 -51.04
CA PHE D 75 95.69 31.29 -50.59
C PHE D 75 96.56 32.42 -51.09
N GLY D 76 97.40 32.96 -50.20
CA GLY D 76 98.36 33.98 -50.57
C GLY D 76 99.75 33.59 -50.10
N ARG D 77 100.71 34.41 -50.50
CA ARG D 77 102.11 34.12 -50.17
C ARG D 77 102.89 35.42 -50.06
N THR D 78 103.83 35.44 -49.11
CA THR D 78 104.65 36.61 -48.87
C THR D 78 105.96 36.16 -48.24
N LYS D 79 107.00 36.97 -48.40
CA LYS D 79 108.26 36.68 -47.74
C LYS D 79 108.23 37.24 -46.32
N VAL D 80 109.27 36.94 -45.55
CA VAL D 80 109.32 37.43 -44.17
C VAL D 80 109.42 38.95 -44.18
N GLY D 81 108.70 39.57 -43.23
CA GLY D 81 108.79 40.98 -42.98
C GLY D 81 108.07 41.89 -43.95
N VAL D 82 107.84 41.45 -45.19
CA VAL D 82 107.20 42.31 -46.17
C VAL D 82 105.69 42.24 -46.01
N VAL D 83 105.05 43.41 -46.04
CA VAL D 83 103.62 43.51 -45.83
C VAL D 83 102.91 42.92 -47.03
N PHE D 84 101.78 42.25 -46.78
CA PHE D 84 101.04 41.55 -47.81
C PHE D 84 99.67 42.20 -48.00
N GLU D 85 99.29 42.39 -49.26
CA GLU D 85 97.98 42.88 -49.63
C GLU D 85 97.21 41.77 -50.34
N GLY D 86 95.91 41.95 -50.43
CA GLY D 86 95.05 41.03 -51.13
C GLY D 86 93.65 41.57 -51.19
N THR D 87 92.82 40.91 -51.98
CA THR D 87 91.44 41.33 -52.14
C THR D 87 90.51 40.33 -51.49
N LEU D 88 89.28 40.76 -51.24
CA LEU D 88 88.31 39.92 -50.58
C LEU D 88 86.96 40.00 -51.28
N SER D 89 86.98 40.21 -52.60
CA SER D 89 85.75 40.38 -53.36
C SER D 89 85.56 39.36 -54.47
N ASP D 90 86.62 38.74 -54.98
CA ASP D 90 86.52 37.69 -55.97
C ASP D 90 86.29 36.35 -55.31
N LEU D 91 86.05 36.34 -53.99
CA LEU D 91 85.85 35.11 -53.24
C LEU D 91 84.38 34.89 -52.92
N PHE D 92 83.51 35.73 -53.47
CA PHE D 92 82.07 35.65 -53.21
C PHE D 92 81.32 35.78 -54.53
N PRO D 93 81.36 34.75 -55.36
CA PRO D 93 80.53 34.78 -56.57
C PRO D 93 79.07 34.76 -56.16
N ASN D 94 78.38 35.87 -56.34
CA ASN D 94 77.00 35.93 -55.91
C ASN D 94 76.05 35.62 -57.06
N PRO D 95 75.00 34.84 -56.80
CA PRO D 95 73.99 34.61 -57.85
C PRO D 95 73.16 35.87 -58.09
N GLU D 96 72.68 36.44 -56.99
CA GLU D 96 71.70 37.52 -57.01
C GLU D 96 72.33 38.90 -56.86
N GLY D 97 71.50 39.92 -56.71
CA GLY D 97 71.98 41.26 -56.44
C GLY D 97 71.90 41.64 -54.97
N GLU D 98 73.05 41.98 -54.39
CA GLU D 98 73.11 42.40 -53.00
C GLU D 98 74.48 43.01 -52.74
N GLN D 99 74.63 43.60 -51.56
CA GLN D 99 75.87 44.22 -51.12
C GLN D 99 76.65 43.29 -50.21
N VAL D 100 77.93 43.62 -50.06
CA VAL D 100 78.93 42.73 -49.47
C VAL D 100 79.54 43.33 -48.20
N GLU D 101 78.96 42.99 -47.05
CA GLU D 101 79.47 43.47 -45.77
C GLU D 101 80.67 42.64 -45.31
N TYR D 102 81.82 42.89 -45.91
CA TYR D 102 83.05 42.21 -45.52
C TYR D 102 83.31 42.38 -44.02
N GLU D 103 83.69 41.29 -43.36
CA GLU D 103 83.88 41.32 -41.92
C GLU D 103 84.98 40.34 -41.50
N ILE D 104 85.82 40.76 -40.57
CA ILE D 104 86.86 39.90 -39.99
C ILE D 104 86.53 39.77 -38.51
N SER D 105 86.04 38.60 -38.11
CA SER D 105 85.67 38.34 -36.72
C SER D 105 86.91 38.37 -35.84
N GLU D 106 86.82 39.05 -34.70
CA GLU D 106 87.94 39.10 -33.77
C GLU D 106 88.17 37.78 -33.06
N LEU D 107 87.18 36.89 -33.02
CA LEU D 107 87.38 35.60 -32.37
C LEU D 107 88.29 34.72 -33.21
N ASN D 108 88.25 34.86 -34.52
CA ASN D 108 88.99 34.03 -35.44
C ASN D 108 89.92 34.85 -36.31
N GLY D 109 90.58 35.84 -35.71
CA GLY D 109 91.52 36.65 -36.45
C GLY D 109 92.81 35.90 -36.70
N PRO D 110 93.83 36.58 -37.19
CA PRO D 110 95.11 35.93 -37.43
C PRO D 110 95.82 35.60 -36.13
N SER D 111 96.96 34.94 -36.23
CA SER D 111 97.68 34.47 -35.05
C SER D 111 99.05 35.11 -34.88
N ASN D 112 99.73 35.44 -35.96
CA ASN D 112 101.05 36.06 -35.88
C ASN D 112 101.13 37.29 -36.78
N GLY D 113 100.03 37.99 -36.96
CA GLY D 113 99.98 39.19 -37.78
C GLY D 113 98.89 40.12 -37.33
N VAL D 114 98.50 41.04 -38.23
CA VAL D 114 97.38 41.94 -38.00
C VAL D 114 96.76 42.22 -39.36
N VAL D 115 95.44 42.39 -39.40
CA VAL D 115 94.73 42.70 -40.64
C VAL D 115 93.87 43.94 -40.43
N GLU D 116 94.00 44.93 -41.33
CA GLU D 116 93.20 46.14 -41.30
C GLU D 116 92.22 46.02 -42.46
N LEU D 117 90.98 45.62 -42.18
CA LEU D 117 90.01 45.53 -43.26
C LEU D 117 89.69 46.91 -43.80
N GLY D 118 89.81 47.05 -45.13
CA GLY D 118 89.56 48.31 -45.78
C GLY D 118 88.07 48.60 -45.91
N ALA D 119 87.76 49.61 -46.72
CA ALA D 119 86.36 49.96 -46.93
C ALA D 119 85.70 49.02 -47.93
N ASN D 120 86.44 48.58 -48.94
CA ASN D 120 85.90 47.73 -50.00
C ASN D 120 86.78 46.51 -50.16
N GLY D 121 86.40 45.40 -49.52
CA GLY D 121 87.00 44.10 -49.75
C GLY D 121 88.51 44.03 -49.83
N ALA D 122 89.19 44.98 -49.19
CA ALA D 122 90.63 45.04 -49.20
C ALA D 122 91.14 44.92 -47.77
N PHE D 123 92.36 44.39 -47.64
CA PHE D 123 92.90 44.14 -46.31
C PHE D 123 94.41 44.03 -46.41
N THR D 124 95.09 44.43 -45.35
CA THR D 124 96.54 44.41 -45.27
C THR D 124 96.94 43.51 -44.11
N TYR D 125 97.71 42.48 -44.42
CA TYR D 125 98.21 41.55 -43.41
C TYR D 125 99.69 41.84 -43.21
N THR D 126 100.01 42.58 -42.17
CA THR D 126 101.39 42.84 -41.82
C THR D 126 101.89 41.71 -40.93
N PRO D 127 102.74 40.82 -41.43
CA PRO D 127 103.17 39.68 -40.63
C PRO D 127 103.99 40.14 -39.43
N GLY D 128 103.85 39.41 -38.33
CA GLY D 128 104.62 39.73 -37.14
C GLY D 128 106.10 39.63 -37.41
N ALA D 129 106.84 40.65 -36.94
CA ALA D 129 108.27 40.73 -37.19
C ALA D 129 108.98 39.51 -36.63
N LEU D 130 110.00 39.05 -37.35
CA LEU D 130 110.77 37.86 -36.99
C LEU D 130 109.86 36.65 -36.83
N PHE D 131 109.19 36.29 -37.93
CA PHE D 131 108.32 35.13 -37.94
C PHE D 131 108.17 34.64 -39.37
N THR D 132 108.25 33.31 -39.54
CA THR D 132 108.08 32.72 -40.86
C THR D 132 107.35 31.41 -40.69
N GLY D 133 106.13 31.34 -41.18
CA GLY D 133 105.33 30.13 -41.11
C GLY D 133 104.09 30.26 -41.94
N VAL D 134 102.99 29.70 -41.44
CA VAL D 134 101.69 29.82 -42.08
C VAL D 134 100.75 30.50 -41.11
N ASP D 135 99.80 31.27 -41.65
CA ASP D 135 98.88 32.01 -40.81
C ASP D 135 97.53 32.08 -41.52
N ARG D 136 96.47 31.97 -40.73
CA ARG D 136 95.11 31.96 -41.24
C ARG D 136 94.27 33.03 -40.55
N PHE D 137 93.17 33.40 -41.21
CA PHE D 137 92.12 34.17 -40.56
C PHE D 137 90.84 33.92 -41.32
N TRP D 138 89.72 34.05 -40.61
CA TRP D 138 88.42 33.67 -41.13
C TRP D 138 87.57 34.92 -41.33
N PHE D 139 87.28 35.23 -42.59
CA PHE D 139 86.43 36.35 -42.94
C PHE D 139 85.00 35.88 -43.09
N SER D 140 84.08 36.84 -43.11
CA SER D 140 82.65 36.55 -43.24
C SER D 140 82.04 37.55 -44.22
N ILE D 141 82.01 37.18 -45.50
CA ILE D 141 81.41 38.02 -46.53
C ILE D 141 79.90 37.80 -46.48
N ASN D 142 79.21 38.70 -45.78
CA ASN D 142 77.76 38.70 -45.75
C ASN D 142 77.22 37.42 -45.13
N GLY D 143 77.65 37.16 -43.90
CA GLY D 143 77.16 36.02 -43.16
C GLY D 143 77.88 34.71 -43.47
N ASN D 144 78.28 34.53 -44.73
CA ASN D 144 78.95 33.31 -45.13
C ASN D 144 80.44 33.39 -44.84
N ILE D 145 80.98 32.34 -44.22
CA ILE D 145 82.33 32.35 -43.68
C ILE D 145 83.23 31.48 -44.55
N GLY D 146 84.45 31.95 -44.74
CA GLY D 146 85.50 31.20 -45.40
C GLY D 146 86.81 31.56 -44.73
N GLU D 147 87.90 30.97 -45.19
CA GLU D 147 89.20 31.23 -44.60
C GLU D 147 90.19 31.68 -45.65
N TYR D 148 91.11 32.54 -45.23
CA TYR D 148 92.22 33.00 -46.06
C TYR D 148 93.51 32.53 -45.44
N VAL D 149 94.33 31.84 -46.22
CA VAL D 149 95.56 31.23 -45.73
C VAL D 149 96.74 31.96 -46.35
N ILE D 150 97.64 32.46 -45.51
CA ILE D 150 98.84 33.14 -45.94
C ILE D 150 100.04 32.39 -45.38
N SER D 151 101.07 32.22 -46.20
CA SER D 151 102.31 31.56 -45.82
C SER D 151 103.45 32.55 -45.98
N VAL D 152 104.19 32.80 -44.90
CA VAL D 152 105.30 33.76 -44.90
C VAL D 152 106.59 32.98 -44.95
N ASP D 153 107.43 33.30 -45.93
CA ASP D 153 108.64 32.57 -46.27
C ASP D 153 109.84 33.18 -45.56
N PRO D 154 110.90 32.38 -45.31
CA PRO D 154 112.05 32.91 -44.58
C PRO D 154 113.07 33.55 -45.50
N THR D 155 112.55 34.27 -46.50
CA THR D 155 113.26 35.11 -47.46
C THR D 155 114.09 34.31 -48.46
N THR D 156 114.29 33.01 -48.25
CA THR D 156 115.14 32.33 -49.21
C THR D 156 114.37 31.84 -50.43
N SER D 157 113.65 30.72 -50.31
CA SER D 157 113.04 30.16 -51.52
C SER D 157 111.56 30.47 -51.73
N GLU D 158 110.72 29.66 -51.10
CA GLU D 158 109.26 29.66 -51.24
C GLU D 158 108.68 28.61 -50.30
N LEU D 159 107.60 28.88 -49.57
CA LEU D 159 107.01 27.83 -48.75
C LEU D 159 105.98 27.02 -49.54
N PRO D 160 105.76 25.75 -49.15
CA PRO D 160 104.69 24.95 -49.75
C PRO D 160 103.31 25.39 -49.31
N GLN D 161 102.28 24.61 -49.65
CA GLN D 161 100.90 25.08 -49.60
C GLN D 161 100.04 24.16 -48.74
N PRO D 162 99.52 24.66 -47.63
CA PRO D 162 98.81 23.81 -46.66
C PRO D 162 97.40 23.47 -47.12
N PRO D 163 96.81 22.40 -46.57
CA PRO D 163 95.63 21.79 -47.19
C PRO D 163 94.25 22.35 -46.85
N PHE D 164 94.11 23.59 -46.40
CA PHE D 164 92.79 24.21 -46.32
C PHE D 164 91.81 23.47 -45.40
N THR D 165 92.00 23.60 -44.09
CA THR D 165 91.25 22.86 -43.08
C THR D 165 89.77 22.65 -43.43
N THR D 166 89.30 21.42 -43.19
CA THR D 166 87.96 20.98 -43.51
C THR D 166 86.99 21.40 -42.40
N PRO D 167 85.68 21.28 -42.64
CA PRO D 167 84.70 21.65 -41.61
C PRO D 167 84.87 20.89 -40.31
N VAL D 168 84.87 19.57 -40.37
CA VAL D 168 85.10 18.73 -39.20
C VAL D 168 86.35 17.92 -39.44
N TYR D 169 87.23 17.86 -38.43
CA TYR D 169 88.49 17.16 -38.58
C TYR D 169 88.86 16.50 -37.27
N VAL D 170 89.81 15.58 -37.35
CA VAL D 170 90.38 14.92 -36.17
C VAL D 170 91.88 15.15 -36.20
N PRO D 171 92.41 15.99 -35.31
CA PRO D 171 93.82 16.36 -35.37
C PRO D 171 94.78 15.21 -35.60
N ALA D 172 95.78 15.47 -36.44
CA ALA D 172 96.72 14.48 -36.93
C ALA D 172 97.25 13.55 -35.84
N ALA D 173 97.85 14.10 -34.80
CA ALA D 173 98.36 13.24 -33.75
C ALA D 173 98.11 13.82 -32.37
N ARG D 174 96.93 13.56 -31.83
CA ARG D 174 96.57 13.92 -30.47
C ARG D 174 95.76 12.79 -29.85
N ARG D 175 95.88 11.60 -30.42
CA ARG D 175 95.10 10.44 -30.06
C ARG D 175 95.94 9.56 -29.15
N SER D 176 95.29 8.85 -28.25
CA SER D 176 96.05 7.92 -27.44
C SER D 176 95.13 6.89 -26.82
N VAL D 177 95.75 5.84 -26.31
CA VAL D 177 95.06 4.69 -25.75
C VAL D 177 95.84 4.23 -24.53
N ASP D 178 95.13 4.03 -23.42
CA ASP D 178 95.75 3.49 -22.22
C ASP D 178 95.41 2.01 -22.15
N PRO D 179 96.34 1.10 -22.47
CA PRO D 179 96.00 -0.32 -22.46
C PRO D 179 95.64 -0.86 -21.09
N ARG D 180 95.83 -0.05 -20.06
CA ARG D 180 95.61 -0.39 -18.67
C ARG D 180 94.14 -0.32 -18.28
N THR D 181 93.34 0.47 -19.00
CA THR D 181 91.91 0.57 -18.73
C THR D 181 91.07 0.58 -19.99
N HIS D 182 91.67 0.34 -21.16
CA HIS D 182 90.96 0.21 -22.41
C HIS D 182 90.13 1.45 -22.74
N VAL D 183 90.82 2.57 -22.89
CA VAL D 183 90.16 3.84 -23.16
C VAL D 183 90.91 4.56 -24.26
N LEU D 184 90.20 4.97 -25.30
CA LEU D 184 90.76 5.71 -26.42
C LEU D 184 90.37 7.17 -26.29
N LYS D 185 91.36 8.04 -26.43
CA LYS D 185 91.15 9.48 -26.38
C LYS D 185 91.48 10.08 -27.72
N PHE D 186 90.63 10.97 -28.22
CA PHE D 186 90.96 11.73 -29.41
C PHE D 186 90.24 13.05 -29.37
N VAL D 187 90.70 13.97 -30.16
CA VAL D 187 90.19 15.33 -30.20
C VAL D 187 89.33 15.50 -31.44
N LEU D 188 88.27 16.29 -31.32
CA LEU D 188 87.37 16.53 -32.44
C LEU D 188 87.19 18.03 -32.59
N GLY D 189 87.69 18.60 -33.67
CA GLY D 189 87.65 20.03 -33.89
C GLY D 189 86.71 20.38 -35.03
N VAL D 190 86.00 21.49 -34.87
CA VAL D 190 85.03 21.98 -35.85
C VAL D 190 85.51 23.33 -36.35
N SER D 191 85.63 23.47 -37.67
CA SER D 191 86.09 24.72 -38.24
C SER D 191 85.03 25.78 -38.04
N PRO D 192 85.41 27.06 -38.05
CA PRO D 192 84.40 28.12 -37.95
C PRO D 192 83.51 28.24 -39.17
N ALA D 193 83.83 27.57 -40.26
CA ALA D 193 83.06 27.64 -41.48
C ALA D 193 82.04 26.52 -41.61
N ALA D 194 81.93 25.65 -40.62
CA ALA D 194 80.93 24.60 -40.66
C ALA D 194 79.54 25.22 -40.59
N ILE D 195 78.65 24.77 -41.46
CA ILE D 195 77.32 25.37 -41.55
C ILE D 195 76.38 24.64 -40.61
N PRO D 196 75.64 25.34 -39.76
CA PRO D 196 74.75 24.66 -38.82
C PRO D 196 73.69 23.85 -39.54
N GLY D 197 73.37 22.69 -38.98
CA GLY D 197 72.41 21.79 -39.55
C GLY D 197 73.01 20.63 -40.32
N ASP D 198 74.28 20.72 -40.69
CA ASP D 198 74.92 19.64 -41.42
C ASP D 198 75.15 18.43 -40.51
N VAL D 199 75.44 17.30 -41.15
CA VAL D 199 75.73 16.06 -40.44
C VAL D 199 76.93 15.41 -41.10
N TYR D 200 77.92 15.02 -40.30
CA TYR D 200 79.06 14.27 -40.77
C TYR D 200 79.12 12.93 -40.04
N ARG D 201 79.88 12.00 -40.59
CA ARG D 201 79.99 10.67 -40.02
C ARG D 201 81.45 10.31 -39.82
N LEU D 202 81.79 9.92 -38.60
CA LEU D 202 83.15 9.53 -38.23
C LEU D 202 83.16 8.04 -37.98
N THR D 203 84.04 7.32 -38.66
CA THR D 203 84.22 5.88 -38.47
C THR D 203 85.56 5.61 -37.83
N VAL D 204 85.55 4.82 -36.77
CA VAL D 204 86.73 4.52 -35.97
C VAL D 204 87.02 3.03 -36.07
N ARG D 205 88.23 2.68 -36.48
CA ARG D 205 88.65 1.29 -36.57
C ARG D 205 89.78 1.06 -35.57
N GLN D 206 89.48 0.36 -34.50
CA GLN D 206 90.41 0.16 -33.40
C GLN D 206 90.79 -1.30 -33.30
N VAL D 207 92.07 -1.57 -33.09
CA VAL D 207 92.60 -2.93 -33.02
C VAL D 207 92.99 -3.21 -31.58
N ALA D 208 92.51 -4.32 -31.05
CA ALA D 208 93.07 -4.89 -29.84
C ALA D 208 94.18 -5.83 -30.26
N ILE D 209 94.72 -6.59 -29.33
CA ILE D 209 95.83 -7.46 -29.64
C ILE D 209 95.80 -8.63 -28.67
N ASP D 210 96.08 -9.82 -29.18
CA ASP D 210 96.12 -10.99 -28.32
C ASP D 210 97.55 -11.22 -27.84
N CYS D 211 97.68 -12.15 -26.91
CA CYS D 211 98.85 -12.13 -26.05
C CYS D 211 100.09 -12.60 -26.82
N ASP D 212 99.89 -13.19 -28.00
CA ASP D 212 100.96 -13.44 -28.98
C ASP D 212 101.12 -12.33 -30.02
N GLY D 213 100.31 -11.29 -29.98
CA GLY D 213 100.48 -10.18 -30.89
C GLY D 213 99.62 -10.21 -32.14
N ASN D 214 98.62 -11.08 -32.22
CA ASN D 214 97.70 -11.07 -33.35
C ASN D 214 96.66 -9.99 -33.13
N GLU D 215 95.63 -9.92 -33.97
CA GLU D 215 94.83 -8.70 -34.04
C GLU D 215 93.36 -9.00 -33.87
N PHE D 216 92.66 -8.06 -33.24
CA PHE D 216 91.22 -8.09 -33.11
C PHE D 216 90.70 -6.70 -33.50
N VAL D 217 89.98 -6.61 -34.59
CA VAL D 217 89.52 -5.34 -35.12
C VAL D 217 88.11 -5.05 -34.62
N HIS D 218 87.80 -3.76 -34.49
CA HIS D 218 86.51 -3.29 -34.02
C HIS D 218 86.17 -2.00 -34.75
N ILE D 219 84.96 -1.91 -35.28
CA ILE D 219 84.54 -0.75 -36.07
C ILE D 219 83.25 -0.19 -35.51
N SER D 220 83.17 1.14 -35.41
CA SER D 220 81.96 1.84 -35.00
C SER D 220 81.92 3.20 -35.69
N CYS D 221 80.78 3.88 -35.62
CA CYS D 221 80.67 5.19 -36.21
C CYS D 221 80.08 6.17 -35.21
N TYR D 222 80.23 7.45 -35.52
CA TYR D 222 79.56 8.51 -34.77
C TYR D 222 79.06 9.55 -35.75
N ASP D 223 77.88 10.09 -35.47
CA ASP D 223 77.22 11.06 -36.34
C ASP D 223 77.38 12.45 -35.72
N ILE D 224 78.25 13.25 -36.31
CA ILE D 224 78.53 14.59 -35.81
C ILE D 224 77.58 15.56 -36.49
N SER D 225 76.66 16.13 -35.74
CA SER D 225 75.64 17.02 -36.26
C SER D 225 76.00 18.46 -35.89
N ILE D 226 76.42 19.23 -36.88
CA ILE D 226 76.86 20.59 -36.63
C ILE D 226 75.66 21.43 -36.22
N GLY D 227 75.57 21.73 -34.93
CA GLY D 227 74.58 22.66 -34.44
C GLY D 227 75.19 24.02 -34.21
N SER D 228 74.32 25.03 -34.17
CA SER D 228 74.70 26.36 -33.75
C SER D 228 74.10 26.60 -32.38
N CYS D 229 74.82 27.36 -31.57
CA CYS D 229 74.43 27.57 -30.19
C CYS D 229 74.38 26.27 -29.41
N GLY D 230 75.55 25.65 -29.26
CA GLY D 230 75.68 24.46 -28.47
C GLY D 230 75.29 23.22 -29.25
N MET E 1 83.14 -10.76 -27.31
CA MET E 1 83.44 -12.18 -27.29
C MET E 1 82.18 -12.99 -27.07
N TYR E 2 81.89 -13.90 -28.00
CA TYR E 2 80.76 -14.80 -27.88
C TYR E 2 81.11 -15.95 -26.96
N PHE E 3 80.11 -16.39 -26.19
CA PHE E 3 80.31 -17.54 -25.31
C PHE E 3 79.12 -18.46 -25.45
N PHE E 4 79.37 -19.69 -25.90
CA PHE E 4 78.32 -20.67 -26.07
C PHE E 4 78.58 -21.86 -25.17
N SER E 5 77.49 -22.43 -24.65
CA SER E 5 77.55 -23.69 -23.93
C SER E 5 76.90 -24.76 -24.81
N VAL E 6 77.55 -25.90 -24.91
CA VAL E 6 77.14 -26.95 -25.83
C VAL E 6 76.08 -27.81 -25.18
N ASP E 7 75.26 -28.46 -26.00
CA ASP E 7 74.22 -29.31 -25.47
C ASP E 7 74.78 -30.66 -25.08
N PRO E 8 74.43 -31.20 -23.91
CA PRO E 8 75.27 -32.23 -23.30
C PRO E 8 74.95 -33.67 -23.73
N ARG E 9 74.01 -33.89 -24.66
CA ARG E 9 73.69 -35.22 -25.17
C ARG E 9 73.28 -36.16 -24.04
N ASN E 10 72.27 -35.75 -23.27
CA ASN E 10 71.68 -36.56 -22.22
C ASN E 10 70.33 -37.15 -22.60
N GLY E 11 69.72 -36.69 -23.68
CA GLY E 11 68.30 -36.91 -23.86
C GLY E 11 67.47 -35.85 -23.19
N ALA E 12 68.05 -34.70 -22.89
CA ALA E 12 67.37 -33.63 -22.17
C ALA E 12 67.83 -32.27 -22.66
N SER E 13 67.57 -31.23 -21.87
CA SER E 13 67.94 -29.86 -22.25
C SER E 13 69.45 -29.64 -22.31
N SER E 21 64.90 -20.56 -33.15
CA SER E 21 63.92 -21.37 -33.86
C SER E 21 64.61 -22.46 -34.68
N CYS E 22 65.78 -22.14 -35.23
CA CYS E 22 66.53 -23.11 -36.01
C CYS E 22 67.29 -24.10 -35.15
N CYS E 23 67.97 -25.00 -35.84
CA CYS E 23 68.88 -25.95 -35.23
C CYS E 23 70.13 -25.29 -34.69
N CYS E 24 70.88 -24.60 -35.54
CA CYS E 24 72.19 -24.08 -35.16
C CYS E 24 72.04 -22.67 -34.62
N GLU E 25 72.72 -22.39 -33.52
CA GLU E 25 72.61 -21.09 -32.85
C GLU E 25 73.24 -20.00 -33.68
N SER E 26 73.09 -18.76 -33.22
CA SER E 26 73.29 -17.58 -34.05
C SER E 26 74.48 -16.76 -33.58
N ILE E 27 75.17 -16.17 -34.56
CA ILE E 27 76.31 -15.28 -34.34
C ILE E 27 76.15 -14.09 -35.28
N SER E 28 76.01 -12.89 -34.72
CA SER E 28 75.92 -11.71 -35.56
C SER E 28 77.31 -11.17 -35.84
N ALA E 29 77.51 -10.65 -37.04
CA ALA E 29 78.83 -10.24 -37.47
C ALA E 29 78.72 -8.99 -38.32
N ARG E 30 79.75 -8.15 -38.27
CA ARG E 30 79.81 -6.89 -38.98
C ARG E 30 81.02 -6.88 -39.92
N PRO E 31 80.85 -6.42 -41.15
CA PRO E 31 81.94 -6.49 -42.12
C PRO E 31 83.18 -5.74 -41.70
N GLY E 32 84.31 -6.42 -41.64
CA GLY E 32 85.57 -5.83 -41.24
C GLY E 32 86.04 -6.26 -39.87
N GLU E 33 85.14 -6.70 -39.01
CA GLU E 33 85.47 -7.10 -37.66
C GLU E 33 86.33 -8.36 -37.64
N VAL E 34 86.94 -8.61 -36.49
CA VAL E 34 87.58 -9.88 -36.16
C VAL E 34 87.28 -10.13 -34.69
N ASN E 35 86.35 -11.02 -34.41
CA ASN E 35 85.86 -11.22 -33.07
C ASN E 35 86.44 -12.51 -32.48
N GLY E 36 86.01 -12.87 -31.28
CA GLY E 36 86.48 -14.10 -30.65
C GLY E 36 85.33 -14.90 -30.08
N VAL E 37 85.38 -16.22 -30.24
CA VAL E 37 84.29 -17.10 -29.83
C VAL E 37 84.82 -18.13 -28.85
N MET E 38 84.07 -18.37 -27.78
CA MET E 38 84.41 -19.38 -26.78
C MET E 38 83.27 -20.36 -26.65
N VAL E 39 83.60 -21.65 -26.68
CA VAL E 39 82.62 -22.72 -26.57
C VAL E 39 83.00 -23.60 -25.38
N SER E 40 82.06 -23.83 -24.48
CA SER E 40 82.33 -24.54 -23.23
C SER E 40 81.78 -25.95 -23.33
N TYR E 41 82.66 -26.91 -23.61
CA TYR E 41 82.26 -28.31 -23.71
C TYR E 41 82.12 -28.99 -22.36
N ALA E 42 82.11 -28.24 -21.26
CA ALA E 42 82.10 -28.85 -19.94
C ALA E 42 80.89 -29.74 -19.74
N ALA E 43 79.72 -29.33 -20.22
CA ALA E 43 78.52 -30.10 -19.98
C ALA E 43 78.55 -31.47 -20.64
N TRP E 44 79.33 -31.63 -21.71
CA TRP E 44 79.38 -32.89 -22.45
C TRP E 44 80.59 -33.73 -22.11
N SER E 45 81.75 -33.11 -21.94
CA SER E 45 83.00 -33.84 -21.79
C SER E 45 83.40 -34.06 -20.35
N ALA E 46 82.71 -33.46 -19.39
CA ALA E 46 83.07 -33.68 -17.99
C ALA E 46 82.59 -35.05 -17.50
N PRO E 47 81.33 -35.44 -17.71
CA PRO E 47 80.94 -36.80 -17.33
C PRO E 47 81.80 -37.88 -17.95
N LEU E 48 82.24 -37.69 -19.18
CA LEU E 48 83.18 -38.63 -19.81
C LEU E 48 84.54 -38.49 -19.15
N ARG E 49 84.63 -38.94 -17.90
CA ARG E 49 85.84 -38.70 -17.13
C ARG E 49 87.05 -39.27 -17.85
N GLY E 50 87.89 -38.40 -18.38
CA GLY E 50 89.02 -38.81 -19.17
C GLY E 50 90.08 -37.74 -19.22
N HIS E 51 90.69 -37.54 -20.39
CA HIS E 51 91.70 -36.52 -20.55
C HIS E 51 91.20 -35.29 -21.28
N GLY E 52 89.89 -35.02 -21.22
CA GLY E 52 89.36 -33.78 -21.72
C GLY E 52 89.44 -33.66 -23.22
N LEU E 53 89.50 -32.41 -23.69
CA LEU E 53 89.49 -32.13 -25.12
C LEU E 53 90.89 -32.34 -25.71
N THR E 54 90.95 -32.40 -27.03
CA THR E 54 92.21 -32.43 -27.74
C THR E 54 92.18 -31.40 -28.87
N ASN E 55 93.36 -31.08 -29.39
CA ASN E 55 93.47 -30.09 -30.46
C ASN E 55 93.28 -30.74 -31.83
N LYS E 56 92.12 -31.38 -31.99
CA LYS E 56 91.74 -31.93 -33.29
C LYS E 56 90.35 -31.43 -33.66
N THR E 57 90.16 -30.11 -33.59
CA THR E 57 88.93 -29.49 -34.05
C THR E 57 89.00 -29.28 -35.55
N THR E 58 87.85 -29.38 -36.20
CA THR E 58 87.73 -29.16 -37.62
C THR E 58 86.55 -28.23 -37.88
N PHE E 59 86.74 -27.25 -38.74
CA PHE E 59 85.72 -26.27 -39.05
C PHE E 59 85.34 -26.37 -40.51
N GLU E 60 84.14 -25.90 -40.83
CA GLU E 60 83.69 -25.85 -42.21
C GLU E 60 82.72 -24.69 -42.37
N ILE E 61 82.92 -23.89 -43.40
CA ILE E 61 82.04 -22.76 -43.68
C ILE E 61 81.26 -23.06 -44.95
N ASP E 62 79.95 -22.84 -44.89
CA ASP E 62 79.09 -22.99 -46.05
C ASP E 62 78.04 -21.89 -46.01
N GLY E 63 77.69 -21.37 -47.18
CA GLY E 63 76.75 -20.28 -47.27
C GLY E 63 75.32 -20.78 -47.41
N VAL E 64 74.42 -20.18 -46.64
CA VAL E 64 72.99 -20.42 -46.78
C VAL E 64 72.30 -19.29 -47.51
N SER E 65 73.02 -18.20 -47.80
CA SER E 65 72.55 -17.04 -48.54
C SER E 65 73.76 -16.19 -48.85
N VAL E 66 74.05 -15.90 -50.13
CA VAL E 66 75.34 -15.35 -50.50
C VAL E 66 75.24 -13.99 -51.18
N THR E 67 74.26 -13.79 -52.07
CA THR E 67 74.16 -12.53 -52.80
C THR E 67 75.43 -12.27 -53.60
N PRO E 68 75.61 -12.94 -54.73
CA PRO E 68 76.90 -12.91 -55.45
C PRO E 68 77.45 -11.50 -55.60
N PRO E 69 78.76 -11.33 -55.53
CA PRO E 69 79.32 -9.99 -55.56
C PRO E 69 79.23 -9.37 -56.94
N LYS E 70 79.24 -8.04 -56.98
CA LYS E 70 79.18 -7.31 -58.23
C LYS E 70 80.55 -7.11 -58.85
N VAL E 71 81.50 -6.63 -58.08
CA VAL E 71 82.82 -6.25 -58.57
C VAL E 71 83.75 -7.43 -58.37
N SER E 72 84.55 -7.73 -59.38
CA SER E 72 85.49 -8.82 -59.26
C SER E 72 86.72 -8.40 -58.46
N ASN E 73 87.43 -9.38 -57.91
CA ASN E 73 88.71 -9.12 -57.29
C ASN E 73 89.81 -9.23 -58.34
N ALA E 74 91.04 -8.96 -57.94
CA ALA E 74 92.12 -8.92 -58.91
C ALA E 74 93.44 -9.25 -58.22
N PHE E 75 94.42 -9.65 -59.03
CA PHE E 75 95.74 -9.98 -58.53
C PHE E 75 96.80 -9.32 -59.40
N GLY E 76 97.80 -8.72 -58.76
CA GLY E 76 98.92 -8.11 -59.46
C GLY E 76 100.23 -8.63 -58.89
N ARG E 77 101.31 -8.24 -59.55
CA ARG E 77 102.63 -8.71 -59.15
C ARG E 77 103.68 -7.66 -59.48
N THR E 78 104.68 -7.53 -58.61
CA THR E 78 105.74 -6.56 -58.78
C THR E 78 106.97 -7.06 -58.04
N LYS E 79 108.14 -6.61 -58.48
CA LYS E 79 109.37 -6.93 -57.76
C LYS E 79 109.57 -5.94 -56.62
N VAL E 80 110.58 -6.20 -55.80
CA VAL E 80 110.85 -5.29 -54.67
C VAL E 80 111.25 -3.93 -55.20
N GLY E 81 110.76 -2.88 -54.54
CA GLY E 81 111.17 -1.52 -54.77
C GLY E 81 110.58 -0.86 -56.01
N VAL E 82 110.16 -1.63 -57.01
CA VAL E 82 109.65 -1.04 -58.23
C VAL E 82 108.18 -0.70 -58.05
N VAL E 83 107.80 0.50 -58.48
CA VAL E 83 106.44 1.00 -58.32
C VAL E 83 105.52 0.20 -59.24
N PHE E 84 104.30 -0.06 -58.77
CA PHE E 84 103.35 -0.88 -59.49
C PHE E 84 102.14 -0.04 -59.89
N GLU E 85 101.71 -0.20 -61.14
CA GLU E 85 100.50 0.42 -61.65
C GLU E 85 99.46 -0.67 -61.93
N GLY E 86 98.23 -0.23 -62.08
CA GLY E 86 97.14 -1.12 -62.41
C GLY E 86 95.88 -0.33 -62.65
N THR E 87 94.87 -1.01 -63.15
CA THR E 87 93.60 -0.37 -63.45
C THR E 87 92.54 -0.86 -62.49
N LEU E 88 91.46 -0.10 -62.41
CA LEU E 88 90.38 -0.42 -61.48
C LEU E 88 89.03 -0.28 -62.18
N SER E 89 88.99 -0.54 -63.49
CA SER E 89 87.76 -0.37 -64.26
C SER E 89 87.27 -1.62 -64.94
N ASP E 90 88.14 -2.60 -65.21
CA ASP E 90 87.73 -3.87 -65.77
C ASP E 90 87.28 -4.83 -64.69
N LEU E 91 87.15 -4.34 -63.45
CA LEU E 91 86.76 -5.16 -62.32
C LEU E 91 85.30 -4.92 -61.95
N PHE E 92 84.59 -4.13 -62.74
CA PHE E 92 83.19 -3.80 -62.48
C PHE E 92 82.39 -3.97 -63.75
N PRO E 93 82.14 -5.19 -64.17
CA PRO E 93 81.24 -5.38 -65.32
C PRO E 93 79.84 -4.93 -64.92
N ASN E 94 79.39 -3.82 -65.48
CA ASN E 94 78.09 -3.31 -65.09
C ASN E 94 77.01 -3.77 -66.06
N PRO E 95 75.84 -4.16 -65.54
CA PRO E 95 74.72 -4.48 -66.44
C PRO E 95 74.16 -3.24 -67.10
N GLU E 96 73.91 -2.23 -66.27
CA GLU E 96 73.18 -1.03 -66.65
C GLU E 96 74.10 0.13 -67.00
N GLY E 97 73.52 1.31 -67.20
CA GLY E 97 74.28 2.53 -67.40
C GLY E 97 74.41 3.39 -66.17
N GLU E 98 75.65 3.63 -65.74
CA GLU E 98 75.90 4.47 -64.57
C GLU E 98 77.39 4.80 -64.55
N GLN E 99 77.75 5.70 -63.65
CA GLN E 99 79.13 6.14 -63.45
C GLN E 99 79.77 5.42 -62.28
N VAL E 100 81.10 5.48 -62.26
CA VAL E 100 81.92 4.64 -61.39
C VAL E 100 82.75 5.46 -60.42
N GLU E 101 82.21 5.68 -59.22
CA GLU E 101 82.90 6.43 -58.18
C GLU E 101 83.93 5.57 -57.46
N TYR E 102 85.06 5.32 -58.11
CA TYR E 102 86.15 4.56 -57.51
C TYR E 102 86.56 5.16 -56.18
N GLU E 103 86.75 4.29 -55.17
CA GLU E 103 87.06 4.76 -53.83
C GLU E 103 87.96 3.77 -53.11
N ILE E 104 88.93 4.26 -52.37
CA ILE E 104 89.82 3.45 -51.54
C ILE E 104 89.59 3.88 -50.11
N SER E 105 88.90 3.06 -49.33
CA SER E 105 88.60 3.39 -47.94
C SER E 105 89.88 3.42 -47.12
N GLU E 106 90.03 4.45 -46.29
CA GLU E 106 91.20 4.55 -45.43
C GLU E 106 91.20 3.53 -44.30
N LEU E 107 90.06 2.96 -43.97
CA LEU E 107 90.03 1.95 -42.91
C LEU E 107 90.66 0.66 -43.39
N ASN E 108 90.55 0.36 -44.67
CA ASN E 108 91.02 -0.88 -45.25
C ASN E 108 92.03 -0.64 -46.35
N GLY E 109 92.93 0.32 -46.14
CA GLY E 109 93.96 0.61 -47.11
C GLY E 109 95.03 -0.46 -47.09
N PRO E 110 96.13 -0.22 -47.79
CA PRO E 110 97.22 -1.20 -47.79
C PRO E 110 97.95 -1.22 -46.46
N SER E 111 98.92 -2.12 -46.33
CA SER E 111 99.61 -2.32 -45.06
C SER E 111 101.09 -1.98 -45.13
N ASN E 112 101.74 -2.19 -46.26
CA ASN E 112 103.16 -1.90 -46.41
C ASN E 112 103.43 -1.09 -47.67
N GLY E 113 102.49 -0.26 -48.08
CA GLY E 113 102.63 0.56 -49.26
C GLY E 113 101.80 1.81 -49.16
N VAL E 114 101.54 2.45 -50.31
CA VAL E 114 100.66 3.60 -50.41
C VAL E 114 100.00 3.53 -51.78
N VAL E 115 98.75 3.98 -51.87
CA VAL E 115 98.03 4.00 -53.14
C VAL E 115 97.46 5.41 -53.37
N GLU E 116 97.73 5.97 -54.56
CA GLU E 116 97.20 7.28 -54.93
C GLU E 116 96.13 6.99 -55.98
N LEU E 117 94.86 7.01 -55.58
CA LEU E 117 93.81 6.78 -56.56
C LEU E 117 93.75 7.93 -57.55
N GLY E 118 93.78 7.59 -58.84
CA GLY E 118 93.75 8.58 -59.89
C GLY E 118 92.36 9.13 -60.10
N ALA E 119 92.20 9.86 -61.21
CA ALA E 119 90.90 10.42 -61.54
C ALA E 119 89.98 9.37 -62.14
N ASN E 120 90.52 8.47 -62.94
CA ASN E 120 89.72 7.46 -63.63
C ASN E 120 90.32 6.08 -63.38
N GLY E 121 89.77 5.37 -62.38
CA GLY E 121 90.05 3.98 -62.14
C GLY E 121 91.51 3.55 -62.20
N ALA E 122 92.42 4.47 -61.94
CA ALA E 122 93.84 4.19 -61.97
C ALA E 122 94.43 4.44 -60.59
N PHE E 123 95.51 3.74 -60.29
CA PHE E 123 96.08 3.82 -58.95
C PHE E 123 97.52 3.35 -59.01
N THR E 124 98.36 3.93 -58.15
CA THR E 124 99.78 3.60 -58.09
C THR E 124 100.07 3.08 -56.69
N TYR E 125 100.58 1.85 -56.61
CA TYR E 125 100.95 1.23 -55.36
C TYR E 125 102.47 1.22 -55.27
N THR E 126 103.02 2.19 -54.55
CA THR E 126 104.45 2.24 -54.32
C THR E 126 104.77 1.39 -53.10
N PRO E 127 105.37 0.21 -53.26
CA PRO E 127 105.61 -0.65 -52.11
C PRO E 127 106.60 -0.03 -51.15
N GLY E 128 106.40 -0.28 -49.86
CA GLY E 128 107.32 0.23 -48.86
C GLY E 128 108.72 -0.28 -49.08
N ALA E 129 109.68 0.63 -48.99
CA ALA E 129 111.08 0.31 -49.26
C ALA E 129 111.55 -0.78 -48.31
N LEU E 130 112.39 -1.68 -48.84
CA LEU E 130 112.92 -2.81 -48.08
C LEU E 130 111.79 -3.67 -47.52
N PHE E 131 110.98 -4.22 -48.42
CA PHE E 131 109.88 -5.07 -48.03
C PHE E 131 109.52 -5.98 -49.20
N THR E 132 109.31 -7.26 -48.91
CA THR E 132 108.91 -8.21 -49.94
C THR E 132 107.93 -9.19 -49.32
N GLY E 133 106.68 -9.14 -49.75
CA GLY E 133 105.66 -10.05 -49.27
C GLY E 133 104.42 -9.92 -50.09
N VAL E 134 103.26 -10.02 -49.43
CA VAL E 134 101.98 -9.83 -50.07
C VAL E 134 101.28 -8.67 -49.39
N ASP E 135 100.48 -7.92 -50.16
CA ASP E 135 99.80 -6.76 -49.63
C ASP E 135 98.44 -6.63 -50.31
N ARG E 136 97.44 -6.23 -49.52
CA ARG E 136 96.08 -6.10 -49.99
C ARG E 136 95.55 -4.71 -49.72
N PHE E 137 94.50 -4.34 -50.45
CA PHE E 137 93.69 -3.18 -50.11
C PHE E 137 92.32 -3.37 -50.73
N TRP E 138 91.32 -2.76 -50.11
CA TRP E 138 89.93 -2.99 -50.46
C TRP E 138 89.35 -1.72 -51.08
N PHE E 139 89.04 -1.79 -52.37
CA PHE E 139 88.42 -0.70 -53.09
C PHE E 139 86.91 -0.85 -53.06
N SER E 140 86.21 0.22 -53.41
CA SER E 140 84.74 0.24 -53.43
C SER E 140 84.28 0.96 -54.69
N ILE E 141 84.08 0.20 -55.76
CA ILE E 141 83.59 0.76 -57.02
C ILE E 141 82.08 0.92 -56.89
N ASN E 142 81.65 2.13 -56.54
CA ASN E 142 80.24 2.47 -56.51
C ASN E 142 79.49 1.63 -55.48
N GLY E 143 79.95 1.71 -54.24
CA GLY E 143 79.29 1.01 -53.16
C GLY E 143 79.70 -0.44 -53.00
N ASN E 144 79.95 -1.12 -54.12
CA ASN E 144 80.31 -2.53 -54.07
C ASN E 144 81.80 -2.69 -53.82
N ILE E 145 82.15 -3.56 -52.88
CA ILE E 145 83.51 -3.68 -52.38
C ILE E 145 84.14 -4.96 -52.90
N GLY E 146 85.42 -4.89 -53.25
CA GLY E 146 86.23 -6.02 -53.61
C GLY E 146 87.63 -5.76 -53.11
N GLU E 147 88.52 -6.71 -53.34
CA GLU E 147 89.89 -6.56 -52.88
C GLU E 147 90.87 -6.72 -54.03
N TYR E 148 91.99 -6.02 -53.94
CA TYR E 148 93.09 -6.11 -54.88
C TYR E 148 94.31 -6.63 -54.13
N VAL E 149 94.89 -7.72 -54.63
CA VAL E 149 96.00 -8.38 -53.96
C VAL E 149 97.26 -8.19 -54.80
N ILE E 150 98.30 -7.65 -54.18
CA ILE E 150 99.58 -7.45 -54.82
C ILE E 150 100.64 -8.21 -54.05
N SER E 151 101.54 -8.87 -54.75
CA SER E 151 102.64 -9.63 -54.18
C SER E 151 103.95 -9.04 -54.67
N VAL E 152 104.81 -8.62 -53.75
CA VAL E 152 106.09 -7.99 -54.08
C VAL E 152 107.18 -9.02 -53.86
N ASP E 153 107.98 -9.23 -54.89
CA ASP E 153 108.99 -10.29 -54.97
C ASP E 153 110.34 -9.76 -54.52
N PRO E 154 111.22 -10.65 -54.01
CA PRO E 154 112.52 -10.18 -53.50
C PRO E 154 113.57 -10.14 -54.60
N THR E 155 113.13 -9.70 -55.77
CA THR E 155 113.93 -9.42 -56.97
C THR E 155 114.48 -10.66 -57.64
N THR E 156 114.42 -11.83 -56.98
CA THR E 156 115.03 -12.97 -57.66
C THR E 156 114.07 -13.65 -58.63
N SER E 157 113.15 -14.48 -58.14
CA SER E 157 112.34 -15.25 -59.07
C SER E 157 110.95 -14.71 -59.37
N GLU E 158 110.00 -15.04 -58.49
CA GLU E 158 108.57 -14.76 -58.62
C GLU E 158 107.86 -15.28 -57.38
N LEU E 159 106.93 -14.54 -56.79
CA LEU E 159 106.19 -15.09 -55.65
C LEU E 159 104.95 -15.86 -56.10
N PRO E 160 104.51 -16.84 -55.30
CA PRO E 160 103.25 -17.54 -55.59
C PRO E 160 102.03 -16.67 -55.33
N GLN E 161 100.84 -17.27 -55.37
CA GLN E 161 99.59 -16.52 -55.49
C GLN E 161 98.64 -16.87 -54.36
N PRO E 162 98.32 -15.91 -53.48
CA PRO E 162 97.53 -16.21 -52.28
C PRO E 162 96.04 -16.37 -52.59
N PRO E 163 95.29 -17.03 -51.70
CA PRO E 163 93.96 -17.52 -52.07
C PRO E 163 92.76 -16.58 -51.94
N PHE E 164 92.92 -15.25 -51.94
CA PHE E 164 91.77 -14.37 -52.08
C PHE E 164 90.74 -14.51 -50.96
N THR E 165 91.05 -14.00 -49.77
CA THR E 165 90.25 -14.17 -48.57
C THR E 165 88.74 -14.15 -48.82
N THR E 166 88.04 -15.08 -48.17
CA THR E 166 86.62 -15.28 -48.31
C THR E 166 85.85 -14.33 -47.42
N PRO E 167 84.52 -14.21 -47.60
CA PRO E 167 83.74 -13.30 -46.76
C PRO E 167 83.84 -13.59 -45.27
N VAL E 168 83.56 -14.82 -44.87
CA VAL E 168 83.70 -15.25 -43.48
C VAL E 168 84.73 -16.36 -43.44
N TYR E 169 85.65 -16.28 -42.47
CA TYR E 169 86.72 -17.26 -42.38
C TYR E 169 87.04 -17.50 -40.91
N VAL E 170 87.77 -18.58 -40.67
CA VAL E 170 88.28 -18.91 -39.34
C VAL E 170 89.79 -19.05 -39.45
N PRO E 171 90.56 -18.10 -38.91
CA PRO E 171 92.00 -18.10 -39.09
C PRO E 171 92.67 -19.45 -38.92
N ALA E 172 93.63 -19.72 -39.80
CA ALA E 172 94.31 -21.01 -39.93
C ALA E 172 94.71 -21.61 -38.58
N ALA E 173 95.50 -20.89 -37.79
CA ALA E 173 95.90 -21.44 -36.52
C ALA E 173 95.89 -20.38 -35.42
N ARG E 174 94.73 -20.18 -34.82
CA ARG E 174 94.56 -19.31 -33.66
C ARG E 174 93.58 -19.95 -32.69
N ARG E 175 93.40 -21.26 -32.81
CA ARG E 175 92.43 -22.03 -32.08
C ARG E 175 93.13 -22.72 -30.92
N SER E 176 92.42 -22.92 -29.82
CA SER E 176 93.03 -23.66 -28.75
C SER E 176 91.97 -24.20 -27.81
N VAL E 177 92.40 -25.13 -26.97
CA VAL E 177 91.53 -25.82 -26.04
C VAL E 177 92.28 -26.01 -24.74
N ASP E 178 91.63 -25.66 -23.63
CA ASP E 178 92.22 -25.90 -22.32
C ASP E 178 91.59 -27.15 -21.74
N PRO E 179 92.28 -28.29 -21.72
CA PRO E 179 91.64 -29.52 -21.23
C PRO E 179 91.29 -29.46 -19.75
N ARG E 180 91.73 -28.43 -19.07
CA ARG E 180 91.56 -28.22 -17.64
C ARG E 180 90.17 -27.70 -17.30
N THR E 181 89.49 -27.03 -18.24
CA THR E 181 88.15 -26.52 -18.02
C THR E 181 87.23 -26.76 -19.21
N HIS E 182 87.67 -27.49 -20.22
CA HIS E 182 86.85 -27.88 -21.36
C HIS E 182 86.28 -26.66 -22.08
N VAL E 183 87.18 -25.85 -22.62
CA VAL E 183 86.78 -24.63 -23.31
C VAL E 183 87.58 -24.52 -24.59
N LEU E 184 86.88 -24.33 -25.70
CA LEU E 184 87.49 -24.16 -27.01
C LEU E 184 87.44 -22.69 -27.39
N LYS E 185 88.57 -22.14 -27.83
CA LYS E 185 88.66 -20.77 -28.27
C LYS E 185 89.02 -20.75 -29.75
N PHE E 186 88.33 -19.91 -30.52
CA PHE E 186 88.72 -19.70 -31.90
C PHE E 186 88.30 -18.30 -32.31
N VAL E 187 88.88 -17.83 -33.38
CA VAL E 187 88.67 -16.48 -33.88
C VAL E 187 87.77 -16.56 -35.10
N LEU E 188 86.90 -15.56 -35.26
CA LEU E 188 85.99 -15.51 -36.40
C LEU E 188 86.12 -14.15 -37.05
N GLY E 189 86.64 -14.11 -38.26
CA GLY E 189 86.89 -12.86 -38.96
C GLY E 189 85.96 -12.71 -40.15
N VAL E 190 85.52 -11.47 -40.38
CA VAL E 190 84.59 -11.14 -41.46
C VAL E 190 85.30 -10.19 -42.40
N SER E 191 85.34 -10.53 -43.69
CA SER E 191 86.00 -9.69 -44.65
C SER E 191 85.21 -8.40 -44.83
N PRO E 192 85.85 -7.32 -45.29
CA PRO E 192 85.10 -6.08 -45.56
C PRO E 192 84.16 -6.19 -46.74
N ALA E 193 84.24 -7.25 -47.53
CA ALA E 193 83.40 -7.41 -48.70
C ALA E 193 82.17 -8.25 -48.44
N ALA E 194 81.96 -8.69 -47.20
CA ALA E 194 80.75 -9.44 -46.87
C ALA E 194 79.54 -8.53 -47.01
N ILE E 195 78.51 -9.04 -47.67
CA ILE E 195 77.34 -8.21 -47.97
C ILE E 195 76.33 -8.36 -46.82
N PRO E 196 75.83 -7.26 -46.27
CA PRO E 196 74.90 -7.37 -45.14
C PRO E 196 73.64 -8.12 -45.54
N GLY E 197 73.12 -8.91 -44.61
CA GLY E 197 71.95 -9.71 -44.84
C GLY E 197 72.24 -11.17 -45.16
N ASP E 198 73.46 -11.50 -45.55
CA ASP E 198 73.80 -12.88 -45.86
C ASP E 198 73.84 -13.72 -44.59
N VAL E 199 73.83 -15.03 -44.79
CA VAL E 199 73.91 -16.00 -43.71
C VAL E 199 74.89 -17.09 -44.10
N TYR E 200 75.83 -17.40 -43.22
CA TYR E 200 76.75 -18.50 -43.41
C TYR E 200 76.58 -19.49 -42.26
N ARG E 201 77.09 -20.70 -42.46
CA ARG E 201 76.95 -21.75 -41.46
C ARG E 201 78.32 -22.33 -41.15
N LEU E 202 78.66 -22.36 -39.86
CA LEU E 202 79.93 -22.90 -39.40
C LEU E 202 79.64 -24.18 -38.64
N THR E 203 80.30 -25.27 -39.04
CA THR E 203 80.18 -26.56 -38.37
C THR E 203 81.50 -26.89 -37.68
N VAL E 204 81.40 -27.26 -36.40
CA VAL E 204 82.56 -27.53 -35.56
C VAL E 204 82.51 -29.00 -35.13
N ARG E 205 83.58 -29.73 -35.40
CA ARG E 205 83.69 -31.12 -35.00
C ARG E 205 84.82 -31.26 -33.99
N GLN E 206 84.47 -31.47 -32.74
CA GLN E 206 85.42 -31.49 -31.64
C GLN E 206 85.49 -32.88 -31.04
N VAL E 207 86.70 -33.35 -30.77
CA VAL E 207 86.93 -34.68 -30.23
C VAL E 207 87.37 -34.54 -28.78
N ALA E 208 86.72 -35.27 -27.90
CA ALA E 208 87.23 -35.51 -26.57
C ALA E 208 88.08 -36.76 -26.64
N ILE E 209 88.51 -37.26 -25.49
CA ILE E 209 89.40 -38.42 -25.50
C ILE E 209 89.20 -39.16 -24.19
N ASP E 210 89.18 -40.48 -24.26
CA ASP E 210 89.04 -41.27 -23.04
C ASP E 210 90.42 -41.64 -22.52
N CYS E 211 90.43 -42.20 -21.32
CA CYS E 211 91.64 -42.16 -20.53
C CYS E 211 92.69 -43.13 -21.09
N ASP E 212 92.28 -44.02 -22.00
CA ASP E 212 93.18 -44.82 -22.83
C ASP E 212 93.49 -44.20 -24.19
N GLY E 213 92.93 -43.05 -24.51
CA GLY E 213 93.24 -42.38 -25.74
C GLY E 213 92.30 -42.62 -26.91
N ASN E 214 91.14 -43.22 -26.68
CA ASN E 214 90.16 -43.38 -27.74
C ASN E 214 89.38 -42.09 -27.90
N GLU E 215 88.33 -42.08 -28.71
CA GLU E 215 87.81 -40.80 -29.20
C GLU E 215 86.32 -40.69 -28.93
N PHE E 216 85.89 -39.46 -28.66
CA PHE E 216 84.49 -39.11 -28.53
C PHE E 216 84.25 -37.86 -29.37
N VAL E 217 83.48 -37.98 -30.42
CA VAL E 217 83.25 -36.88 -31.36
C VAL E 217 81.99 -36.14 -30.99
N HIS E 218 81.96 -34.85 -31.30
CA HIS E 218 80.84 -33.97 -31.02
C HIS E 218 80.72 -32.95 -32.15
N ILE E 219 79.51 -32.78 -32.68
CA ILE E 219 79.29 -31.89 -33.82
C ILE E 219 78.20 -30.90 -33.48
N SER E 220 78.41 -29.64 -33.86
CA SER E 220 77.41 -28.58 -33.70
C SER E 220 77.61 -27.56 -34.82
N CYS E 221 76.64 -26.66 -34.98
CA CYS E 221 76.77 -25.63 -36.00
C CYS E 221 76.48 -24.27 -35.39
N TYR E 222 76.87 -23.23 -36.12
CA TYR E 222 76.50 -21.86 -35.78
C TYR E 222 76.16 -21.12 -37.06
N ASP E 223 75.14 -20.26 -36.98
CA ASP E 223 74.64 -19.52 -38.13
C ASP E 223 75.13 -18.09 -38.03
N ILE E 224 76.10 -17.75 -38.85
CA ILE E 224 76.70 -16.42 -38.85
C ILE E 224 75.93 -15.55 -39.83
N SER E 225 75.21 -14.56 -39.31
CA SER E 225 74.36 -13.69 -40.11
C SER E 225 75.04 -12.35 -40.26
N ILE E 226 75.53 -12.06 -41.46
CA ILE E 226 76.28 -10.82 -41.70
C ILE E 226 75.31 -9.65 -41.59
N GLY E 227 75.39 -8.92 -40.49
CA GLY E 227 74.66 -7.69 -40.34
C GLY E 227 75.56 -6.49 -40.60
N SER E 228 74.94 -5.38 -40.92
CA SER E 228 75.62 -4.11 -40.98
C SER E 228 75.19 -3.29 -39.78
N CYS E 229 76.12 -2.48 -39.28
CA CYS E 229 75.90 -1.73 -38.05
C CYS E 229 75.63 -2.65 -36.87
N GLY E 230 76.66 -3.43 -36.52
CA GLY E 230 76.59 -4.29 -35.36
C GLY E 230 75.90 -5.58 -35.68
N MET F 1 76.53 -37.78 -22.14
CA MET F 1 76.52 -39.14 -21.64
C MET F 1 75.14 -39.53 -21.14
N TYR F 2 74.59 -40.61 -21.70
CA TYR F 2 73.31 -41.13 -21.28
C TYR F 2 73.47 -41.96 -20.01
N PHE F 3 72.47 -41.88 -19.13
CA PHE F 3 72.50 -42.68 -17.91
C PHE F 3 71.13 -43.30 -17.72
N PHE F 4 71.08 -44.62 -17.73
CA PHE F 4 69.84 -45.35 -17.54
C PHE F 4 69.91 -46.20 -16.29
N SER F 5 68.77 -46.29 -15.60
CA SER F 5 68.62 -47.22 -14.49
C SER F 5 67.69 -48.34 -14.93
N VAL F 6 68.07 -49.56 -14.65
CA VAL F 6 67.38 -50.74 -15.15
C VAL F 6 66.22 -51.07 -14.24
N ASP F 7 65.22 -51.75 -14.78
CA ASP F 7 64.06 -52.11 -13.98
C ASP F 7 64.36 -53.35 -13.15
N PRO F 8 64.00 -53.37 -11.87
CA PRO F 8 64.64 -54.30 -10.94
C PRO F 8 64.00 -55.67 -10.85
N ARG F 9 62.97 -55.98 -11.65
CA ARG F 9 62.33 -57.30 -11.66
C ARG F 9 61.82 -57.69 -10.27
N ASN F 10 60.99 -56.83 -9.69
CA ASN F 10 60.32 -57.08 -8.42
C ASN F 10 58.85 -57.45 -8.57
N GLY F 11 58.27 -57.25 -9.74
CA GLY F 11 56.83 -57.19 -9.84
C GLY F 11 56.29 -55.81 -9.56
N ALA F 12 57.13 -54.79 -9.69
CA ALA F 12 56.74 -53.42 -9.37
C ALA F 12 57.44 -52.43 -10.31
N SER F 13 57.48 -51.16 -9.92
CA SER F 13 58.09 -50.12 -10.75
C SER F 13 59.61 -50.28 -10.89
N SER F 21 56.21 -44.59 -24.18
CA SER F 21 55.04 -45.35 -24.57
C SER F 21 55.41 -46.79 -24.96
N CYS F 22 56.57 -46.94 -25.59
CA CYS F 22 57.04 -48.25 -26.00
C CYS F 22 57.64 -49.04 -24.85
N CYS F 23 58.06 -50.24 -25.19
CA CYS F 23 58.79 -51.12 -24.30
C CYS F 23 60.19 -50.62 -24.01
N CYS F 24 61.00 -50.44 -25.05
CA CYS F 24 62.42 -50.14 -24.89
C CYS F 24 62.61 -48.62 -24.86
N GLU F 25 63.42 -48.15 -23.92
CA GLU F 25 63.64 -46.72 -23.74
C GLU F 25 64.42 -46.15 -24.91
N SER F 26 64.58 -44.82 -24.90
CA SER F 26 64.95 -44.06 -26.07
C SER F 26 66.32 -43.43 -25.94
N ILE F 27 67.03 -43.36 -27.06
CA ILE F 27 68.34 -42.74 -27.15
C ILE F 27 68.37 -41.93 -28.45
N SER F 28 68.53 -40.61 -28.34
CA SER F 28 68.63 -39.79 -29.53
C SER F 28 70.07 -39.70 -29.98
N ALA F 29 70.28 -39.69 -31.30
CA ALA F 29 71.62 -39.75 -31.84
C ALA F 29 71.70 -38.87 -33.07
N ARG F 30 72.89 -38.32 -33.31
CA ARG F 30 73.16 -37.42 -34.41
C ARG F 30 74.26 -37.99 -35.30
N PRO F 31 74.09 -37.95 -36.62
CA PRO F 31 75.07 -38.59 -37.52
C PRO F 31 76.46 -38.03 -37.37
N GLY F 32 77.43 -38.90 -37.09
CA GLY F 32 78.81 -38.51 -36.91
C GLY F 32 79.29 -38.55 -35.49
N GLU F 33 78.38 -38.46 -34.52
CA GLU F 33 78.74 -38.45 -33.12
C GLU F 33 79.30 -39.79 -32.68
N VAL F 34 79.94 -39.76 -31.51
CA VAL F 34 80.32 -40.95 -30.76
C VAL F 34 80.09 -40.62 -29.30
N ASN F 35 79.03 -41.14 -28.72
CA ASN F 35 78.61 -40.75 -27.38
C ASN F 35 78.95 -41.87 -26.40
N GLY F 36 78.56 -41.70 -25.15
CA GLY F 36 78.80 -42.72 -24.13
C GLY F 36 77.56 -43.00 -23.31
N VAL F 37 77.32 -44.27 -23.01
CA VAL F 37 76.11 -44.69 -22.31
C VAL F 37 76.48 -45.42 -21.05
N MET F 38 75.78 -45.12 -19.95
CA MET F 38 75.99 -45.77 -18.67
C MET F 38 74.67 -46.37 -18.20
N VAL F 39 74.72 -47.64 -17.78
CA VAL F 39 73.55 -48.36 -17.31
C VAL F 39 73.84 -48.84 -15.90
N SER F 40 72.94 -48.54 -14.96
CA SER F 40 73.16 -48.84 -13.55
C SER F 40 72.31 -50.04 -13.15
N TYR F 41 72.94 -51.21 -13.09
CA TYR F 41 72.25 -52.43 -12.70
C TYR F 41 72.08 -52.56 -11.20
N ALA F 42 72.32 -51.50 -10.43
CA ALA F 42 72.28 -51.62 -8.98
C ALA F 42 70.93 -52.10 -8.47
N ALA F 43 69.85 -51.61 -9.07
CA ALA F 43 68.53 -51.97 -8.57
C ALA F 43 68.22 -53.45 -8.72
N TRP F 44 68.86 -54.14 -9.66
CA TRP F 44 68.58 -55.54 -9.93
C TRP F 44 69.61 -56.47 -9.32
N SER F 45 70.89 -56.11 -9.38
CA SER F 45 71.96 -57.01 -8.99
C SER F 45 72.43 -56.81 -7.56
N ALA F 46 71.95 -55.78 -6.86
CA ALA F 46 72.37 -55.60 -5.48
C ALA F 46 71.65 -56.58 -4.54
N PRO F 47 70.32 -56.72 -4.60
CA PRO F 47 69.69 -57.75 -3.77
C PRO F 47 70.24 -59.15 -3.99
N LEU F 48 70.62 -59.48 -5.21
CA LEU F 48 71.28 -60.76 -5.47
C LEU F 48 72.70 -60.72 -4.91
N ARG F 49 72.78 -60.74 -3.58
CA ARG F 49 74.07 -60.53 -2.94
C ARG F 49 75.07 -61.57 -3.42
N GLY F 50 76.04 -61.14 -4.23
CA GLY F 50 76.99 -62.04 -4.83
C GLY F 50 78.24 -61.31 -5.25
N HIS F 51 78.78 -61.65 -6.42
CA HIS F 51 79.97 -61.00 -6.93
C HIS F 51 79.68 -60.01 -8.03
N GLY F 52 78.47 -59.46 -8.06
CA GLY F 52 78.18 -58.36 -8.96
C GLY F 52 78.16 -58.78 -10.42
N LEU F 53 78.44 -57.81 -11.29
CA LEU F 53 78.38 -58.03 -12.72
C LEU F 53 79.64 -58.73 -13.20
N THR F 54 79.59 -59.24 -14.42
CA THR F 54 80.76 -59.79 -15.09
C THR F 54 80.85 -59.22 -16.50
N ASN F 55 82.02 -59.38 -17.11
CA ASN F 55 82.26 -58.86 -18.46
C ASN F 55 81.82 -59.87 -19.51
N LYS F 56 80.55 -60.25 -19.44
CA LYS F 56 79.95 -61.10 -20.46
C LYS F 56 78.68 -60.45 -20.99
N THR F 57 78.77 -59.19 -21.37
CA THR F 57 77.67 -58.49 -22.01
C THR F 57 77.66 -58.81 -23.50
N THR F 58 76.47 -58.87 -24.06
CA THR F 58 76.28 -59.11 -25.47
C THR F 58 75.30 -58.09 -26.03
N PHE F 59 75.63 -57.53 -27.18
CA PHE F 59 74.82 -56.50 -27.81
C PHE F 59 74.31 -56.99 -29.15
N GLU F 60 73.21 -56.40 -29.59
CA GLU F 60 72.68 -56.71 -30.91
C GLU F 60 71.96 -55.49 -31.46
N ILE F 61 72.24 -55.14 -32.70
CA ILE F 61 71.61 -54.00 -33.36
C ILE F 61 70.68 -54.53 -34.44
N ASP F 62 69.46 -54.03 -34.46
CA ASP F 62 68.48 -54.34 -35.49
C ASP F 62 67.70 -53.10 -35.83
N GLY F 63 67.38 -52.94 -37.11
CA GLY F 63 66.69 -51.75 -37.57
C GLY F 63 65.18 -51.94 -37.53
N VAL F 64 64.49 -50.92 -37.00
CA VAL F 64 63.03 -50.87 -37.04
C VAL F 64 62.54 -49.91 -38.13
N SER F 65 63.45 -49.19 -38.77
CA SER F 65 63.18 -48.26 -39.87
C SER F 65 64.51 -47.87 -40.46
N VAL F 66 64.75 -48.10 -41.75
CA VAL F 66 66.10 -48.01 -42.30
C VAL F 66 66.22 -46.96 -43.40
N THR F 67 65.24 -46.86 -44.31
CA THR F 67 65.35 -45.93 -45.42
C THR F 67 66.58 -46.25 -46.26
N PRO F 68 66.53 -47.29 -47.10
CA PRO F 68 67.73 -47.79 -47.79
C PRO F 68 68.54 -46.67 -48.42
N PRO F 69 69.86 -46.80 -48.41
CA PRO F 69 70.70 -45.70 -48.91
C PRO F 69 70.63 -45.59 -50.42
N LYS F 70 70.91 -44.39 -50.91
CA LYS F 70 70.90 -44.12 -52.33
C LYS F 70 72.23 -44.46 -52.99
N VAL F 71 73.32 -43.98 -52.43
CA VAL F 71 74.65 -44.09 -53.03
C VAL F 71 75.33 -45.31 -52.44
N SER F 72 75.95 -46.11 -53.29
CA SER F 72 76.65 -47.28 -52.79
C SER F 72 78.00 -46.90 -52.20
N ASN F 73 78.53 -47.78 -51.35
CA ASN F 73 79.88 -47.61 -50.85
C ASN F 73 80.85 -48.31 -51.80
N ALA F 74 82.14 -48.21 -51.53
CA ALA F 74 83.12 -48.75 -52.45
C ALA F 74 84.38 -49.12 -51.69
N PHE F 75 85.20 -49.96 -52.33
CA PHE F 75 86.45 -50.41 -51.75
C PHE F 75 87.55 -50.33 -52.80
N GLY F 76 88.70 -49.79 -52.40
CA GLY F 76 89.86 -49.73 -53.27
C GLY F 76 91.08 -50.31 -52.56
N ARG F 77 92.17 -50.41 -53.32
CA ARG F 77 93.38 -51.01 -52.78
C ARG F 77 94.60 -50.40 -53.46
N THR F 78 95.66 -50.22 -52.68
CA THR F 78 96.90 -49.62 -53.19
C THR F 78 98.05 -50.10 -52.32
N LYS F 79 99.25 -50.12 -52.89
CA LYS F 79 100.43 -50.44 -52.11
C LYS F 79 100.93 -49.20 -51.38
N VAL F 80 101.93 -49.38 -50.52
CA VAL F 80 102.47 -48.24 -49.78
C VAL F 80 103.11 -47.26 -50.75
N GLY F 81 102.90 -45.97 -50.48
CA GLY F 81 103.57 -44.89 -51.18
C GLY F 81 103.03 -44.58 -52.56
N VAL F 82 102.39 -45.52 -53.24
CA VAL F 82 101.91 -45.27 -54.59
C VAL F 82 100.56 -44.57 -54.53
N VAL F 83 100.41 -43.53 -55.34
CA VAL F 83 99.20 -42.71 -55.36
C VAL F 83 98.07 -43.54 -55.95
N PHE F 84 96.87 -43.34 -55.42
CA PHE F 84 95.72 -44.12 -55.81
C PHE F 84 94.67 -43.21 -56.47
N GLU F 85 94.12 -43.68 -57.58
CA GLU F 85 93.03 -43.02 -58.27
C GLU F 85 91.77 -43.87 -58.16
N GLY F 86 90.64 -43.24 -58.44
CA GLY F 86 89.37 -43.93 -58.45
C GLY F 86 88.30 -42.99 -58.94
N THR F 87 87.13 -43.56 -59.18
CA THR F 87 85.99 -42.78 -59.67
C THR F 87 84.94 -42.67 -58.60
N LEU F 88 84.05 -41.70 -58.77
CA LEU F 88 83.01 -41.45 -57.80
C LEU F 88 81.66 -41.25 -58.50
N SER F 89 81.46 -41.92 -59.63
CA SER F 89 80.25 -41.73 -60.42
C SER F 89 79.45 -43.01 -60.63
N ASP F 90 80.07 -44.18 -60.55
CA ASP F 90 79.36 -45.44 -60.63
C ASP F 90 78.80 -45.85 -59.28
N LEU F 91 78.88 -44.96 -58.29
CA LEU F 91 78.42 -45.24 -56.94
C LEU F 91 77.08 -44.57 -56.67
N PHE F 92 76.48 -43.96 -57.68
CA PHE F 92 75.21 -43.25 -57.55
C PHE F 92 74.29 -43.63 -58.68
N PRO F 93 73.76 -44.85 -58.66
CA PRO F 93 72.75 -45.19 -59.66
C PRO F 93 71.51 -44.34 -59.44
N ASN F 94 71.27 -43.41 -60.34
CA ASN F 94 70.13 -42.52 -60.14
C ASN F 94 68.91 -43.02 -60.89
N PRO F 95 67.74 -42.95 -60.28
CA PRO F 95 66.50 -43.29 -61.01
C PRO F 95 66.16 -42.23 -62.05
N GLU F 96 66.19 -40.98 -61.62
CA GLU F 96 65.71 -39.85 -62.40
C GLU F 96 66.82 -39.11 -63.12
N GLY F 97 66.49 -37.97 -63.72
CA GLY F 97 67.48 -37.10 -64.33
C GLY F 97 67.87 -35.93 -63.46
N GLU F 98 69.17 -35.84 -63.15
CA GLU F 98 69.69 -34.75 -62.35
C GLU F 98 71.21 -34.76 -62.45
N GLN F 99 71.82 -33.73 -61.91
CA GLN F 99 73.27 -33.56 -61.88
C GLN F 99 73.84 -33.97 -60.53
N VAL F 100 75.15 -34.22 -60.54
CA VAL F 100 75.85 -34.88 -59.44
C VAL F 100 76.90 -33.98 -58.81
N GLU F 101 76.52 -33.26 -57.75
CA GLU F 101 77.43 -32.39 -57.05
C GLU F 101 78.32 -33.17 -56.07
N TYR F 102 79.31 -33.86 -56.60
CA TYR F 102 80.26 -34.60 -55.79
C TYR F 102 80.89 -33.70 -54.73
N GLU F 103 80.98 -34.19 -53.49
CA GLU F 103 81.48 -33.39 -52.40
C GLU F 103 82.20 -34.26 -51.37
N ILE F 104 83.32 -33.77 -50.87
CA ILE F 104 84.08 -34.44 -49.80
C ILE F 104 84.07 -33.50 -48.61
N SER F 105 83.28 -33.84 -47.60
CA SER F 105 83.16 -33.01 -46.39
C SER F 105 84.48 -33.00 -45.64
N GLU F 106 84.92 -31.81 -45.22
CA GLU F 106 86.15 -31.70 -44.45
C GLU F 106 86.03 -32.25 -43.05
N LEU F 107 84.81 -32.39 -42.52
CA LEU F 107 84.66 -32.96 -41.19
C LEU F 107 84.97 -34.45 -41.19
N ASN F 108 84.69 -35.12 -42.29
CA ASN F 108 84.84 -36.57 -42.41
C ASN F 108 85.79 -36.94 -43.54
N GLY F 109 86.89 -36.19 -43.67
CA GLY F 109 87.87 -36.48 -44.67
C GLY F 109 88.69 -37.69 -44.29
N PRO F 110 89.75 -37.97 -45.03
CA PRO F 110 90.61 -39.10 -44.70
C PRO F 110 91.42 -38.85 -43.44
N SER F 111 92.18 -39.84 -43.01
CA SER F 111 92.92 -39.74 -41.76
C SER F 111 94.43 -39.80 -41.94
N ASN F 112 94.93 -40.52 -42.94
CA ASN F 112 96.36 -40.62 -43.17
C ASN F 112 96.69 -40.36 -44.64
N GLY F 113 95.92 -39.52 -45.31
CA GLY F 113 96.14 -39.20 -46.71
C GLY F 113 95.60 -37.84 -47.04
N VAL F 114 95.38 -37.59 -48.33
CA VAL F 114 94.76 -36.37 -48.82
C VAL F 114 94.00 -36.74 -50.09
N VAL F 115 92.86 -36.08 -50.32
CA VAL F 115 92.06 -36.32 -51.52
C VAL F 115 91.79 -34.99 -52.22
N GLU F 116 92.08 -34.93 -53.53
CA GLU F 116 91.81 -33.75 -54.33
C GLU F 116 90.62 -34.12 -55.21
N LEU F 117 89.41 -33.68 -54.84
CA LEU F 117 88.26 -33.98 -55.67
C LEU F 117 88.37 -33.24 -57.01
N GLY F 118 88.23 -34.00 -58.09
CA GLY F 118 88.32 -33.44 -59.42
C GLY F 118 87.06 -32.69 -59.81
N ALA F 119 86.98 -32.37 -61.10
CA ALA F 119 85.80 -31.66 -61.60
C ALA F 119 84.63 -32.61 -61.79
N ASN F 120 84.91 -33.85 -62.23
CA ASN F 120 83.86 -34.82 -62.54
C ASN F 120 84.17 -36.12 -61.81
N GLY F 121 83.56 -36.31 -60.64
CA GLY F 121 83.56 -37.58 -59.94
C GLY F 121 84.88 -38.32 -59.85
N ALA F 122 85.99 -37.58 -59.92
CA ALA F 122 87.31 -38.17 -59.86
C ALA F 122 88.05 -37.61 -58.65
N PHE F 123 88.98 -38.40 -58.13
CA PHE F 123 89.67 -38.01 -56.91
C PHE F 123 90.96 -38.78 -56.80
N THR F 124 91.97 -38.15 -56.21
CA THR F 124 93.28 -38.75 -56.02
C THR F 124 93.57 -38.82 -54.54
N TYR F 125 93.81 -40.03 -54.04
CA TYR F 125 94.15 -40.26 -52.65
C TYR F 125 95.63 -40.58 -52.57
N THR F 126 96.43 -39.58 -52.22
CA THR F 126 97.86 -39.79 -52.03
C THR F 126 98.09 -40.22 -50.59
N PRO F 127 98.41 -41.49 -50.34
CA PRO F 127 98.55 -41.95 -48.96
C PRO F 127 99.73 -41.27 -48.28
N GLY F 128 99.57 -41.03 -46.98
CA GLY F 128 100.66 -40.44 -46.23
C GLY F 128 101.90 -41.30 -46.26
N ALA F 129 103.04 -40.64 -46.50
CA ALA F 129 104.31 -41.34 -46.63
C ALA F 129 104.62 -42.13 -45.37
N LEU F 130 105.21 -43.32 -45.56
CA LEU F 130 105.54 -44.23 -44.46
C LEU F 130 104.31 -44.56 -43.63
N PHE F 131 103.33 -45.17 -44.29
CA PHE F 131 102.10 -45.59 -43.61
C PHE F 131 101.47 -46.73 -44.40
N THR F 132 101.01 -47.75 -43.68
CA THR F 132 100.35 -48.88 -44.33
C THR F 132 99.23 -49.35 -43.41
N GLY F 133 97.99 -49.16 -43.82
CA GLY F 133 96.85 -49.59 -43.05
C GLY F 133 95.60 -49.47 -43.87
N VAL F 134 94.50 -49.09 -43.21
CA VAL F 134 93.24 -48.84 -43.87
C VAL F 134 92.86 -47.38 -43.63
N ASP F 135 92.17 -46.79 -44.61
CA ASP F 135 91.80 -45.39 -44.51
C ASP F 135 90.44 -45.18 -45.19
N ARG F 136 89.63 -44.33 -44.59
CA ARG F 136 88.29 -44.06 -45.07
C ARG F 136 88.08 -42.58 -45.29
N PHE F 137 87.08 -42.26 -46.10
CA PHE F 137 86.56 -40.90 -46.18
C PHE F 137 85.14 -40.97 -46.70
N TRP F 138 84.34 -39.98 -46.32
CA TRP F 138 82.91 -39.98 -46.57
C TRP F 138 82.57 -38.91 -47.58
N PHE F 139 82.15 -39.34 -48.78
CA PHE F 139 81.71 -38.44 -49.82
C PHE F 139 80.21 -38.23 -49.74
N SER F 140 79.73 -37.20 -50.43
CA SER F 140 78.31 -36.86 -50.45
C SER F 140 77.90 -36.53 -51.88
N ILE F 141 77.46 -37.53 -52.62
CA ILE F 141 77.00 -37.33 -54.00
C ILE F 141 75.58 -36.80 -53.93
N ASN F 142 75.44 -35.48 -54.02
CA ASN F 142 74.14 -34.84 -54.11
C ASN F 142 73.31 -35.10 -52.85
N GLY F 143 73.88 -34.72 -51.71
CA GLY F 143 73.18 -34.83 -50.45
C GLY F 143 73.28 -36.20 -49.80
N ASN F 144 73.29 -37.25 -50.62
CA ASN F 144 73.34 -38.61 -50.08
C ASN F 144 74.78 -39.01 -49.80
N ILE F 145 75.02 -39.57 -48.62
CA ILE F 145 76.36 -39.82 -48.11
C ILE F 145 76.66 -41.31 -48.16
N GLY F 146 77.90 -41.64 -48.52
CA GLY F 146 78.41 -42.99 -48.47
C GLY F 146 79.88 -42.90 -48.09
N GLU F 147 80.53 -44.04 -47.98
CA GLU F 147 81.93 -44.06 -47.60
C GLU F 147 82.76 -44.82 -48.63
N TYR F 148 84.00 -44.39 -48.79
CA TYR F 148 84.98 -45.05 -49.64
C TYR F 148 86.12 -45.54 -48.77
N VAL F 149 86.41 -46.83 -48.86
CA VAL F 149 87.41 -47.46 -48.00
C VAL F 149 88.61 -47.85 -48.86
N ILE F 150 89.79 -47.39 -48.47
CA ILE F 150 91.03 -47.71 -49.15
C ILE F 150 91.96 -48.38 -48.16
N SER F 151 92.64 -49.44 -48.60
CA SER F 151 93.60 -50.18 -47.79
C SER F 151 94.95 -50.10 -48.46
N VAL F 152 95.95 -49.60 -47.75
CA VAL F 152 97.30 -49.43 -48.27
C VAL F 152 98.18 -50.54 -47.73
N ASP F 153 98.83 -51.27 -48.62
CA ASP F 153 99.58 -52.48 -48.32
C ASP F 153 101.04 -52.16 -48.09
N PRO F 154 101.75 -53.00 -47.30
CA PRO F 154 103.16 -52.69 -47.00
C PRO F 154 104.11 -53.25 -48.05
N THR F 155 103.67 -53.15 -49.30
CA THR F 155 104.42 -53.47 -50.52
C THR F 155 104.63 -54.97 -50.72
N THR F 156 104.38 -55.79 -49.70
CA THR F 156 104.68 -57.20 -49.95
C THR F 156 103.52 -57.94 -50.62
N SER F 157 102.49 -58.32 -49.86
CA SER F 157 101.47 -59.16 -50.47
C SER F 157 100.20 -58.44 -50.93
N GLU F 158 99.27 -58.25 -49.99
CA GLU F 158 97.94 -57.70 -50.22
C GLU F 158 97.23 -57.60 -48.86
N LEU F 159 96.53 -56.51 -48.56
CA LEU F 159 95.79 -56.47 -47.31
C LEU F 159 94.38 -57.05 -47.46
N PRO F 160 93.81 -57.58 -46.37
CA PRO F 160 92.41 -58.02 -46.39
C PRO F 160 91.42 -56.87 -46.43
N GLN F 161 90.13 -57.16 -46.27
CA GLN F 161 89.07 -56.23 -46.64
C GLN F 161 88.15 -55.96 -45.45
N PRO F 162 88.12 -54.72 -44.96
CA PRO F 162 87.38 -54.41 -43.73
C PRO F 162 85.88 -54.32 -43.96
N PRO F 163 85.08 -54.45 -42.90
CA PRO F 163 83.64 -54.73 -43.07
C PRO F 163 82.69 -53.55 -43.27
N PHE F 164 83.13 -52.38 -43.73
CA PHE F 164 82.18 -51.36 -44.16
C PHE F 164 81.23 -50.88 -43.06
N THR F 165 81.74 -50.08 -42.12
CA THR F 165 81.01 -49.65 -40.92
C THR F 165 79.53 -49.37 -41.17
N THR F 166 78.71 -49.85 -40.24
CA THR F 166 77.26 -49.76 -40.30
C THR F 166 76.79 -48.41 -39.78
N PRO F 167 75.51 -48.07 -39.99
CA PRO F 167 75.00 -46.77 -39.51
C PRO F 167 75.16 -46.57 -38.02
N VAL F 168 74.66 -47.50 -37.21
CA VAL F 168 74.82 -47.45 -35.76
C VAL F 168 75.60 -48.69 -35.35
N TYR F 169 76.58 -48.50 -34.47
CA TYR F 169 77.43 -49.59 -34.04
C TYR F 169 77.81 -49.40 -32.59
N VAL F 170 78.32 -50.46 -31.99
CA VAL F 170 78.84 -50.45 -30.63
C VAL F 170 80.27 -50.95 -30.68
N PRO F 171 81.26 -50.07 -30.50
CA PRO F 171 82.66 -50.46 -30.69
C PRO F 171 83.04 -51.79 -30.07
N ALA F 172 83.85 -52.55 -30.80
CA ALA F 172 84.23 -53.92 -30.47
C ALA F 172 84.60 -54.10 -29.00
N ALA F 173 85.58 -53.35 -28.51
CA ALA F 173 85.96 -53.53 -27.12
C ALA F 173 86.26 -52.19 -26.46
N ARG F 174 85.22 -51.54 -25.96
CA ARG F 174 85.33 -50.32 -25.18
C ARG F 174 84.32 -50.36 -24.05
N ARG F 175 83.86 -51.55 -23.70
CA ARG F 175 82.81 -51.79 -22.74
C ARG F 175 83.45 -52.19 -21.42
N SER F 176 82.80 -51.85 -20.33
CA SER F 176 83.32 -52.30 -19.06
C SER F 176 82.25 -52.23 -18.00
N VAL F 177 82.54 -52.90 -16.88
CA VAL F 177 81.62 -53.04 -15.77
C VAL F 177 82.42 -52.93 -14.48
N ASP F 178 81.95 -52.10 -13.56
CA ASP F 178 82.58 -52.00 -12.26
C ASP F 178 81.74 -52.81 -11.27
N PRO F 179 82.17 -54.01 -10.87
CA PRO F 179 81.34 -54.82 -9.98
C PRO F 179 81.13 -54.20 -8.62
N ARG F 180 81.82 -53.12 -8.33
CA ARG F 180 81.81 -52.41 -7.06
C ARG F 180 80.60 -51.50 -6.92
N THR F 181 80.01 -51.06 -8.03
CA THR F 181 78.82 -50.22 -7.99
C THR F 181 77.79 -50.62 -9.03
N HIS F 182 77.98 -51.73 -9.72
CA HIS F 182 77.00 -52.28 -10.65
C HIS F 182 76.64 -51.28 -11.74
N VAL F 183 77.65 -50.92 -12.54
CA VAL F 183 77.46 -49.95 -13.60
C VAL F 183 78.16 -50.46 -14.85
N LEU F 184 77.43 -50.50 -15.95
CA LEU F 184 77.96 -50.92 -17.25
C LEU F 184 78.18 -49.70 -18.11
N LYS F 185 79.37 -49.61 -18.71
CA LYS F 185 79.72 -48.51 -19.60
C LYS F 185 79.94 -49.07 -20.99
N PHE F 186 79.40 -48.40 -22.00
CA PHE F 186 79.70 -48.76 -23.37
C PHE F 186 79.56 -47.53 -24.24
N VAL F 187 80.14 -47.59 -25.41
CA VAL F 187 80.17 -46.48 -26.34
C VAL F 187 79.18 -46.76 -27.46
N LEU F 188 78.54 -45.70 -27.96
CA LEU F 188 77.57 -45.82 -29.03
C LEU F 188 77.93 -44.83 -30.11
N GLY F 189 78.35 -45.32 -31.27
CA GLY F 189 78.79 -44.47 -32.36
C GLY F 189 77.82 -44.51 -33.52
N VAL F 190 77.63 -43.37 -34.16
CA VAL F 190 76.71 -43.22 -35.29
C VAL F 190 77.53 -42.82 -36.50
N SER F 191 77.40 -43.57 -37.59
CA SER F 191 78.15 -43.28 -38.80
C SER F 191 77.63 -41.98 -39.40
N PRO F 192 78.44 -41.29 -40.20
CA PRO F 192 77.95 -40.08 -40.87
C PRO F 192 76.92 -40.36 -41.95
N ALA F 193 76.71 -41.62 -42.33
CA ALA F 193 75.77 -41.96 -43.37
C ALA F 193 74.41 -42.37 -42.83
N ALA F 194 74.20 -42.31 -41.52
CA ALA F 194 72.90 -42.61 -40.94
C ALA F 194 71.90 -41.56 -41.39
N ILE F 195 70.74 -42.00 -41.83
CA ILE F 195 69.74 -41.09 -42.39
C ILE F 195 68.83 -40.61 -41.26
N PRO F 196 68.62 -39.31 -41.12
CA PRO F 196 67.78 -38.81 -40.03
C PRO F 196 66.36 -39.35 -40.13
N GLY F 197 65.76 -39.64 -38.98
CA GLY F 197 64.44 -40.20 -38.92
C GLY F 197 64.38 -41.69 -38.72
N ASP F 198 65.46 -42.40 -38.97
CA ASP F 198 65.48 -43.85 -38.79
C ASP F 198 65.45 -44.20 -37.31
N VAL F 199 65.15 -45.46 -37.04
CA VAL F 199 65.11 -46.00 -35.69
C VAL F 199 65.80 -47.35 -35.69
N TYR F 200 66.72 -47.55 -34.76
CA TYR F 200 67.36 -48.83 -34.55
C TYR F 200 67.09 -49.30 -33.13
N ARG F 201 67.31 -50.60 -32.90
CA ARG F 201 67.03 -51.19 -31.60
C ARG F 201 68.27 -51.93 -31.11
N LEU F 202 68.71 -51.60 -29.91
CA LEU F 202 69.86 -52.23 -29.28
C LEU F 202 69.37 -53.08 -28.12
N THR F 203 69.75 -54.36 -28.13
CA THR F 203 69.42 -55.28 -27.05
C THR F 203 70.68 -55.64 -26.29
N VAL F 204 70.61 -55.54 -24.97
CA VAL F 204 71.75 -55.77 -24.09
C VAL F 204 71.43 -56.94 -23.18
N ARG F 205 72.30 -57.95 -23.18
CA ARG F 205 72.15 -59.11 -22.33
C ARG F 205 73.30 -59.15 -21.34
N GLN F 206 73.01 -58.84 -20.09
CA GLN F 206 74.03 -58.71 -19.06
C GLN F 206 73.85 -59.80 -18.01
N VAL F 207 74.95 -60.41 -17.60
CA VAL F 207 74.93 -61.49 -16.62
C VAL F 207 75.51 -60.99 -15.32
N ALA F 208 74.79 -61.20 -14.24
CA ALA F 208 75.35 -61.09 -12.91
C ALA F 208 75.90 -62.45 -12.55
N ILE F 209 76.31 -62.63 -11.30
CA ILE F 209 76.93 -63.89 -10.90
C ILE F 209 76.68 -64.08 -9.42
N ASP F 210 76.38 -65.30 -9.03
CA ASP F 210 76.18 -65.59 -7.62
C ASP F 210 77.48 -66.06 -7.00
N CYS F 211 77.47 -66.17 -5.68
CA CYS F 211 78.72 -66.15 -4.95
C CYS F 211 79.49 -67.45 -5.15
N ASP F 212 78.84 -68.48 -5.70
CA ASP F 212 79.47 -69.69 -6.20
C ASP F 212 79.80 -69.66 -7.69
N GLY F 213 79.47 -68.57 -8.38
CA GLY F 213 79.82 -68.46 -9.78
C GLY F 213 78.76 -68.85 -10.79
N ASN F 214 77.51 -69.06 -10.36
CA ASN F 214 76.45 -69.35 -11.30
C ASN F 214 75.95 -68.04 -11.89
N GLU F 215 74.86 -68.07 -12.66
CA GLU F 215 74.58 -66.96 -13.55
C GLU F 215 73.17 -66.42 -13.33
N PHE F 216 73.04 -65.10 -13.50
CA PHE F 216 71.76 -64.42 -13.49
C PHE F 216 71.72 -63.52 -14.71
N VAL F 217 70.86 -63.79 -15.66
CA VAL F 217 70.79 -63.06 -16.91
C VAL F 217 69.75 -61.97 -16.82
N HIS F 218 69.97 -60.89 -17.56
CA HIS F 218 69.09 -59.74 -17.60
C HIS F 218 69.09 -59.17 -19.01
N ILE F 219 67.92 -58.90 -19.57
CA ILE F 219 67.79 -58.43 -20.94
C ILE F 219 66.96 -57.15 -20.97
N SER F 220 67.41 -56.18 -21.75
CA SER F 220 66.67 -54.94 -21.97
C SER F 220 66.98 -54.43 -23.37
N CYS F 221 66.22 -53.44 -23.83
CA CYS F 221 66.48 -52.86 -25.14
C CYS F 221 66.53 -51.35 -25.04
N TYR F 222 67.08 -50.73 -26.09
CA TYR F 222 67.03 -49.29 -26.24
C TYR F 222 66.75 -48.97 -27.70
N ASP F 223 65.95 -47.93 -27.91
CA ASP F 223 65.52 -47.52 -29.24
C ASP F 223 66.31 -46.28 -29.65
N ILE F 224 67.27 -46.47 -30.54
CA ILE F 224 68.12 -45.39 -31.00
C ILE F 224 67.47 -44.74 -32.21
N SER F 225 67.03 -43.51 -32.07
CA SER F 225 66.32 -42.79 -33.11
C SER F 225 67.25 -41.75 -33.72
N ILE F 226 67.70 -42.01 -34.95
CA ILE F 226 68.67 -41.13 -35.60
C ILE F 226 67.99 -39.81 -35.91
N GLY F 227 68.30 -38.78 -35.12
CA GLY F 227 67.86 -37.44 -35.41
C GLY F 227 68.98 -36.64 -36.07
N SER F 228 68.57 -35.58 -36.74
CA SER F 228 69.51 -34.60 -37.25
C SER F 228 69.35 -33.35 -36.40
N CYS F 229 70.47 -32.65 -36.21
CA CYS F 229 70.51 -31.50 -35.32
C CYS F 229 70.15 -31.90 -33.89
N GLY F 230 71.01 -32.70 -33.30
CA GLY F 230 70.87 -33.10 -31.92
C GLY F 230 69.89 -34.23 -31.76
N MET G 1 64.80 -59.26 -7.94
CA MET G 1 64.54 -60.34 -6.99
C MET G 1 63.15 -60.22 -6.39
N TYR G 2 62.34 -61.26 -6.54
CA TYR G 2 61.02 -61.31 -5.96
C TYR G 2 61.11 -61.68 -4.49
N PHE G 3 60.23 -61.09 -3.69
CA PHE G 3 60.18 -61.41 -2.27
C PHE G 3 58.73 -61.61 -1.87
N PHE G 4 58.40 -62.81 -1.42
CA PHE G 4 57.05 -63.13 -0.99
C PHE G 4 57.04 -63.49 0.48
N SER G 5 55.98 -63.10 1.16
CA SER G 5 55.71 -63.54 2.52
C SER G 5 54.54 -64.50 2.49
N VAL G 6 54.67 -65.62 3.19
CA VAL G 6 53.71 -66.70 3.12
C VAL G 6 52.58 -66.44 4.10
N ASP G 7 51.42 -67.01 3.82
CA ASP G 7 50.28 -66.82 4.71
C ASP G 7 50.38 -67.74 5.91
N PRO G 8 50.13 -67.24 7.11
CA PRO G 8 50.63 -67.93 8.31
C PRO G 8 49.72 -69.01 8.87
N ARG G 9 48.58 -69.32 8.24
CA ARG G 9 47.69 -70.39 8.68
C ARG G 9 47.22 -70.17 10.12
N ASN G 10 46.64 -69.00 10.37
CA ASN G 10 46.04 -68.65 11.65
C ASN G 10 44.52 -68.70 11.64
N GLY G 11 43.90 -68.78 10.47
CA GLY G 11 42.50 -68.43 10.37
C GLY G 11 42.29 -66.96 10.14
N ALA G 12 43.31 -66.25 9.67
CA ALA G 12 43.25 -64.81 9.50
C ALA G 12 44.06 -64.39 8.28
N SER G 13 44.40 -63.10 8.20
CA SER G 13 45.15 -62.56 7.06
C SER G 13 46.58 -63.10 6.99
N SER G 21 43.40 -61.60 -7.45
CA SER G 21 42.06 -62.16 -7.55
C SER G 21 42.10 -63.68 -7.42
N CYS G 22 43.14 -64.29 -7.96
CA CYS G 22 43.29 -65.74 -7.89
C CYS G 22 43.80 -66.20 -6.53
N CYS G 23 43.93 -67.52 -6.45
CA CYS G 23 44.52 -68.18 -5.30
C CYS G 23 46.02 -67.94 -5.22
N CYS G 24 46.76 -68.31 -6.25
CA CYS G 24 48.22 -68.30 -6.21
C CYS G 24 48.73 -66.95 -6.71
N GLU G 25 49.70 -66.39 -5.99
CA GLU G 25 50.22 -65.07 -6.31
C GLU G 25 51.01 -65.11 -7.61
N SER G 26 51.44 -63.93 -8.06
CA SER G 26 51.87 -63.72 -9.43
C SER G 26 53.35 -63.39 -9.52
N ILE G 27 53.97 -63.87 -10.60
CA ILE G 27 55.37 -63.63 -10.91
C ILE G 27 55.46 -63.33 -12.40
N SER G 28 55.90 -62.14 -12.75
CA SER G 28 56.08 -61.81 -14.15
C SER G 28 57.47 -62.21 -14.62
N ALA G 29 57.56 -62.67 -15.85
CA ALA G 29 58.82 -63.22 -16.35
C ALA G 29 58.99 -62.84 -17.81
N ARG G 30 60.24 -62.69 -18.22
CA ARG G 30 60.60 -62.30 -19.57
C ARG G 30 61.48 -63.37 -20.21
N PRO G 31 61.22 -63.73 -21.46
CA PRO G 31 61.96 -64.84 -22.08
C PRO G 31 63.46 -64.60 -22.15
N GLY G 32 64.24 -65.52 -21.59
CA GLY G 32 65.68 -65.42 -21.56
C GLY G 32 66.25 -65.07 -20.21
N GLU G 33 65.46 -64.46 -19.33
CA GLU G 33 65.92 -64.06 -18.02
C GLU G 33 66.23 -65.26 -17.14
N VAL G 34 66.95 -64.99 -16.05
CA VAL G 34 67.13 -65.92 -14.94
C VAL G 34 67.09 -65.08 -13.68
N ASN G 35 65.99 -65.11 -12.96
CA ASN G 35 65.77 -64.22 -11.84
C ASN G 35 65.95 -64.98 -10.53
N GLY G 36 65.71 -64.32 -9.41
CA GLY G 36 65.81 -64.97 -8.11
C GLY G 36 64.61 -64.67 -7.25
N VAL G 37 64.12 -65.67 -6.51
CA VAL G 37 62.92 -65.54 -5.72
C VAL G 37 63.23 -65.87 -4.27
N MET G 38 62.70 -65.07 -3.36
CA MET G 38 62.86 -65.29 -1.92
C MET G 38 61.49 -65.38 -1.27
N VAL G 39 61.30 -66.41 -0.44
CA VAL G 39 60.05 -66.65 0.26
C VAL G 39 60.34 -66.68 1.75
N SER G 40 59.61 -65.89 2.52
CA SER G 40 59.87 -65.73 3.95
C SER G 40 58.82 -66.51 4.75
N TYR G 41 59.20 -67.69 5.20
CA TYR G 41 58.30 -68.53 5.99
C TYR G 41 58.22 -68.11 7.45
N ALA G 42 58.74 -66.93 7.81
CA ALA G 42 58.80 -66.55 9.21
C ALA G 42 57.42 -66.51 9.85
N ALA G 43 56.42 -66.02 9.13
CA ALA G 43 55.10 -65.88 9.72
C ALA G 43 54.48 -67.21 10.08
N TRP G 44 54.88 -68.30 9.44
CA TRP G 44 54.29 -69.61 9.68
C TRP G 44 55.14 -70.49 10.57
N SER G 45 56.45 -70.47 10.38
CA SER G 45 57.34 -71.41 11.05
C SER G 45 57.95 -70.85 12.33
N ALA G 46 57.77 -69.57 12.62
CA ALA G 46 58.33 -69.03 13.86
C ALA G 46 57.50 -69.44 15.08
N PRO G 47 56.17 -69.29 15.08
CA PRO G 47 55.39 -69.82 16.22
C PRO G 47 55.63 -71.28 16.49
N LEU G 48 55.82 -72.10 15.46
CA LEU G 48 56.18 -73.50 15.66
C LEU G 48 57.61 -73.59 16.17
N ARG G 49 57.80 -73.19 17.42
CA ARG G 49 59.15 -73.07 17.94
C ARG G 49 59.86 -74.40 17.84
N GLY G 50 60.83 -74.50 16.94
CA GLY G 50 61.51 -75.74 16.68
C GLY G 50 62.86 -75.50 16.04
N HIS G 51 63.22 -76.33 15.05
CA HIS G 51 64.48 -76.18 14.34
C HIS G 51 64.31 -75.57 12.97
N GLY G 52 63.24 -74.80 12.75
CA GLY G 52 63.12 -74.03 11.53
C GLY G 52 62.90 -74.90 10.31
N LEU G 53 63.30 -74.37 9.16
CA LEU G 53 63.09 -75.04 7.89
C LEU G 53 64.13 -76.13 7.68
N THR G 54 63.87 -77.00 6.70
CA THR G 54 64.84 -77.98 6.27
C THR G 54 64.93 -77.96 4.75
N ASN G 55 66.00 -78.57 4.22
CA ASN G 55 66.23 -78.59 2.78
C ASN G 55 65.50 -79.78 2.15
N LYS G 56 64.19 -79.80 2.34
CA LYS G 56 63.35 -80.79 1.68
C LYS G 56 62.20 -80.09 0.97
N THR G 57 62.52 -79.09 0.17
CA THR G 57 61.55 -78.42 -0.68
C THR G 57 61.35 -79.21 -1.95
N THR G 58 60.12 -79.17 -2.45
CA THR G 58 59.78 -79.84 -3.70
C THR G 58 59.00 -78.86 -4.57
N PHE G 59 59.35 -78.81 -5.85
CA PHE G 59 58.73 -77.90 -6.80
C PHE G 59 58.02 -78.68 -7.88
N GLU G 60 57.03 -78.05 -8.50
CA GLU G 60 56.35 -78.66 -9.63
C GLU G 60 55.85 -77.56 -10.55
N ILE G 61 56.10 -77.72 -11.84
CA ILE G 61 55.67 -76.76 -12.85
C ILE G 61 54.57 -77.39 -13.68
N ASP G 62 53.49 -76.66 -13.87
CA ASP G 62 52.39 -77.08 -14.72
C ASP G 62 51.86 -75.88 -15.47
N GLY G 63 51.48 -76.08 -16.73
CA GLY G 63 51.02 -75.00 -17.57
C GLY G 63 49.51 -74.82 -17.46
N VAL G 64 49.10 -73.56 -17.31
CA VAL G 64 47.69 -73.19 -17.37
C VAL G 64 47.32 -72.57 -18.71
N SER G 65 48.31 -72.33 -19.58
CA SER G 65 48.15 -71.80 -20.92
C SER G 65 49.49 -71.93 -21.62
N VAL G 66 49.57 -72.63 -22.75
CA VAL G 66 50.85 -73.03 -23.30
C VAL G 66 51.11 -72.48 -24.69
N THR G 67 50.10 -72.46 -25.58
CA THR G 67 50.32 -72.01 -26.95
C THR G 67 51.38 -72.87 -27.63
N PRO G 68 51.04 -74.08 -28.05
CA PRO G 68 52.05 -75.04 -28.53
C PRO G 68 53.03 -74.42 -29.51
N PRO G 69 54.29 -74.83 -29.47
CA PRO G 69 55.29 -74.18 -30.31
C PRO G 69 55.13 -74.57 -31.77
N LYS G 70 55.62 -73.70 -32.64
CA LYS G 70 55.55 -73.94 -34.07
C LYS G 70 56.71 -74.77 -34.58
N VAL G 71 57.93 -74.37 -34.21
CA VAL G 71 59.14 -74.99 -34.74
C VAL G 71 59.60 -76.05 -33.77
N SER G 72 59.97 -77.21 -34.29
CA SER G 72 60.45 -78.27 -33.43
C SER G 72 61.89 -78.03 -33.01
N ASN G 73 62.28 -78.66 -31.90
CA ASN G 73 63.67 -78.66 -31.50
C ASN G 73 64.39 -79.84 -32.15
N ALA G 74 65.69 -79.95 -31.93
CA ALA G 74 66.46 -80.97 -32.62
C ALA G 74 67.68 -81.34 -31.79
N PHE G 75 68.24 -82.51 -32.08
CA PHE G 75 69.42 -83.00 -31.39
C PHE G 75 70.42 -83.53 -32.40
N GLY G 76 71.69 -83.16 -32.22
CA GLY G 76 72.76 -83.66 -33.06
C GLY G 76 73.89 -84.23 -32.20
N ARG G 77 74.86 -84.82 -32.88
CA ARG G 77 75.96 -85.45 -32.17
C ARG G 77 77.22 -85.40 -33.02
N THR G 78 78.36 -85.21 -32.36
CA THR G 78 79.64 -85.12 -33.04
C THR G 78 80.73 -85.54 -32.06
N LYS G 79 81.85 -86.00 -32.60
CA LYS G 79 83.00 -86.31 -31.76
C LYS G 79 83.80 -85.03 -31.50
N VAL G 80 84.81 -85.13 -30.63
CA VAL G 80 85.63 -83.98 -30.34
C VAL G 80 86.39 -83.54 -31.59
N GLY G 81 86.48 -82.23 -31.78
CA GLY G 81 87.30 -81.64 -32.81
C GLY G 81 86.74 -81.68 -34.22
N VAL G 82 85.85 -82.62 -34.53
CA VAL G 82 85.33 -82.74 -35.87
C VAL G 82 84.17 -81.78 -36.06
N VAL G 83 84.18 -81.06 -37.19
CA VAL G 83 83.17 -80.06 -37.48
C VAL G 83 81.85 -80.75 -37.74
N PHE G 84 80.76 -80.13 -37.30
CA PHE G 84 79.44 -80.70 -37.40
C PHE G 84 78.56 -79.86 -38.33
N GLU G 85 77.83 -80.55 -39.20
CA GLU G 85 76.86 -79.92 -40.08
C GLU G 85 75.46 -80.37 -39.68
N GLY G 86 74.48 -79.64 -40.16
CA GLY G 86 73.09 -79.97 -39.92
C GLY G 86 72.20 -79.05 -40.71
N THR G 87 70.92 -79.38 -40.73
CA THR G 87 69.94 -78.59 -41.46
C THR G 87 69.02 -77.88 -40.49
N LEU G 88 68.35 -76.85 -40.99
CA LEU G 88 67.46 -76.06 -40.15
C LEU G 88 66.14 -75.81 -40.87
N SER G 89 65.71 -76.75 -41.70
CA SER G 89 64.50 -76.57 -42.50
C SER G 89 63.44 -77.63 -42.26
N ASP G 90 63.80 -78.81 -41.78
CA ASP G 90 62.83 -79.84 -41.42
C ASP G 90 62.32 -79.63 -40.01
N LEU G 91 62.66 -78.51 -39.39
CA LEU G 91 62.26 -78.20 -38.03
C LEU G 91 61.12 -77.19 -38.00
N PHE G 92 60.59 -76.84 -39.17
CA PHE G 92 59.51 -75.85 -39.28
C PHE G 92 58.44 -76.39 -40.20
N PRO G 93 57.67 -77.38 -39.76
CA PRO G 93 56.53 -77.80 -40.58
C PRO G 93 55.53 -76.66 -40.67
N ASN G 94 55.40 -76.06 -41.83
CA ASN G 94 54.52 -74.92 -41.96
C ASN G 94 53.15 -75.35 -42.49
N PRO G 95 52.07 -74.82 -41.93
CA PRO G 95 50.74 -75.09 -42.49
C PRO G 95 50.55 -74.41 -43.83
N GLU G 96 50.88 -73.12 -43.86
CA GLU G 96 50.58 -72.24 -44.97
C GLU G 96 51.76 -72.06 -45.91
N GLY G 97 51.63 -71.14 -46.87
CA GLY G 97 52.73 -70.77 -47.75
C GLY G 97 53.43 -69.49 -47.34
N GLU G 98 54.73 -69.60 -47.08
CA GLU G 98 55.54 -68.45 -46.70
C GLU G 98 57.01 -68.85 -46.80
N GLN G 99 57.87 -67.85 -46.65
CA GLN G 99 59.32 -68.02 -46.68
C GLN G 99 59.89 -68.07 -45.28
N VAL G 100 61.11 -68.58 -45.20
CA VAL G 100 61.74 -68.99 -43.95
C VAL G 100 63.01 -68.19 -43.67
N GLU G 101 62.87 -67.09 -42.92
CA GLU G 101 64.01 -66.26 -42.56
C GLU G 101 64.78 -66.84 -41.38
N TYR G 102 65.57 -67.88 -41.65
CA TYR G 102 66.39 -68.50 -40.62
C TYR G 102 67.28 -67.47 -39.94
N GLU G 103 67.37 -67.52 -38.62
CA GLU G 103 68.12 -66.53 -37.86
C GLU G 103 68.71 -67.15 -36.61
N ILE G 104 69.95 -66.78 -36.30
CA ILE G 104 70.63 -67.21 -35.07
C ILE G 104 70.91 -65.95 -34.27
N SER G 105 70.16 -65.73 -33.20
CA SER G 105 70.31 -64.55 -32.37
C SER G 105 71.67 -64.58 -31.68
N GLU G 106 72.37 -63.45 -31.68
CA GLU G 106 73.66 -63.37 -31.01
C GLU G 106 73.54 -63.37 -29.49
N LEU G 107 72.36 -63.07 -28.95
CA LEU G 107 72.21 -63.09 -27.50
C LEU G 107 72.18 -64.52 -26.99
N ASN G 108 71.69 -65.45 -27.79
CA ASN G 108 71.52 -66.84 -27.40
C ASN G 108 72.28 -67.76 -28.34
N GLY G 109 73.49 -67.38 -28.72
CA GLY G 109 74.30 -68.21 -29.56
C GLY G 109 74.88 -69.38 -28.79
N PRO G 110 75.80 -70.11 -29.40
CA PRO G 110 76.42 -71.23 -28.69
C PRO G 110 77.37 -70.76 -27.60
N SER G 111 77.94 -71.69 -26.86
CA SER G 111 78.77 -71.35 -25.71
C SER G 111 80.21 -71.80 -25.87
N ASN G 112 80.47 -72.91 -26.55
CA ASN G 112 81.83 -73.41 -26.75
C ASN G 112 82.08 -73.74 -28.21
N GLY G 113 81.45 -73.03 -29.13
CA GLY G 113 81.62 -73.25 -30.55
C GLY G 113 81.35 -71.99 -31.33
N VAL G 114 81.10 -72.15 -32.64
CA VAL G 114 80.71 -71.05 -33.52
C VAL G 114 79.78 -71.65 -34.57
N VAL G 115 78.80 -70.87 -35.01
CA VAL G 115 77.87 -71.31 -36.05
C VAL G 115 77.83 -70.27 -37.17
N GLU G 116 78.02 -70.71 -38.42
CA GLU G 116 77.94 -69.84 -39.58
C GLU G 116 76.63 -70.20 -40.27
N LEU G 117 75.58 -69.41 -40.08
CA LEU G 117 74.33 -69.71 -40.75
C LEU G 117 74.49 -69.51 -42.26
N GLY G 118 74.10 -70.52 -43.02
CA GLY G 118 74.20 -70.49 -44.46
C GLY G 118 73.10 -69.64 -45.08
N ALA G 119 72.98 -69.76 -46.40
CA ALA G 119 71.95 -69.02 -47.11
C ALA G 119 70.59 -69.69 -46.96
N ASN G 120 70.56 -71.02 -46.95
CA ASN G 120 69.31 -71.78 -46.89
C ASN G 120 69.40 -72.80 -45.77
N GLY G 121 68.86 -72.44 -44.60
CA GLY G 121 68.65 -73.36 -43.49
C GLY G 121 69.79 -74.31 -43.17
N ALA G 122 71.01 -73.91 -43.49
CA ALA G 122 72.18 -74.72 -43.23
C ALA G 122 73.12 -73.97 -42.30
N PHE G 123 73.90 -74.72 -41.53
CA PHE G 123 74.75 -74.12 -40.52
C PHE G 123 75.85 -75.08 -40.16
N THR G 124 77.02 -74.54 -39.82
CA THR G 124 78.18 -75.31 -39.44
C THR G 124 78.58 -74.95 -38.03
N TYR G 125 78.59 -75.94 -37.15
CA TYR G 125 78.98 -75.75 -35.76
C TYR G 125 80.37 -76.36 -35.58
N THR G 126 81.38 -75.51 -35.60
CA THR G 126 82.74 -75.95 -35.35
C THR G 126 82.99 -75.92 -33.85
N PRO G 127 83.06 -77.07 -33.18
CA PRO G 127 83.21 -77.06 -31.73
C PRO G 127 84.55 -76.48 -31.33
N GLY G 128 84.57 -75.78 -30.19
CA GLY G 128 85.80 -75.23 -29.69
C GLY G 128 86.83 -76.31 -29.43
N ALA G 129 88.06 -76.05 -29.88
CA ALA G 129 89.13 -77.03 -29.77
C ALA G 129 89.38 -77.39 -28.32
N LEU G 130 89.68 -78.66 -28.08
CA LEU G 130 89.90 -79.21 -26.74
C LEU G 130 88.70 -78.96 -25.84
N PHE G 131 87.56 -79.53 -26.25
CA PHE G 131 86.34 -79.40 -25.47
C PHE G 131 85.41 -80.55 -25.81
N THR G 132 84.81 -81.15 -24.78
CA THR G 132 83.87 -82.24 -24.99
C THR G 132 82.76 -82.11 -23.97
N GLY G 133 81.56 -81.80 -24.42
CA GLY G 133 80.41 -81.68 -23.54
C GLY G 133 79.16 -81.56 -24.35
N VAL G 134 78.22 -80.74 -23.86
CA VAL G 134 76.99 -80.44 -24.56
C VAL G 134 76.95 -78.96 -24.84
N ASP G 135 76.33 -78.58 -25.96
CA ASP G 135 76.27 -77.19 -26.35
C ASP G 135 74.94 -76.93 -27.05
N ARG G 136 74.37 -75.76 -26.78
CA ARG G 136 73.07 -75.37 -27.32
C ARG G 136 73.18 -74.04 -28.04
N PHE G 137 72.20 -73.78 -28.91
CA PHE G 137 71.99 -72.45 -29.46
C PHE G 137 70.54 -72.37 -29.90
N TRP G 138 70.00 -71.17 -29.89
CA TRP G 138 68.58 -70.94 -30.12
C TRP G 138 68.40 -70.21 -31.44
N PHE G 139 67.80 -70.90 -32.41
CA PHE G 139 67.48 -70.34 -33.70
C PHE G 139 66.07 -69.78 -33.69
N SER G 140 65.77 -68.96 -34.70
CA SER G 140 64.44 -68.34 -34.83
C SER G 140 64.01 -68.42 -36.29
N ILE G 141 63.30 -69.48 -36.64
CA ILE G 141 62.79 -69.66 -37.99
C ILE G 141 61.52 -68.83 -38.11
N ASN G 142 61.65 -67.63 -38.65
CA ASN G 142 60.52 -66.77 -38.95
C ASN G 142 59.76 -66.40 -37.68
N GLY G 143 60.49 -65.79 -36.74
CA GLY G 143 59.88 -65.32 -35.51
C GLY G 143 59.74 -66.38 -34.44
N ASN G 144 59.46 -67.61 -34.83
CA ASN G 144 59.27 -68.69 -33.87
C ASN G 144 60.61 -69.29 -33.47
N ILE G 145 60.82 -69.45 -32.17
CA ILE G 145 62.11 -69.82 -31.61
C ILE G 145 62.09 -71.26 -31.14
N GLY G 146 63.19 -71.96 -31.37
CA GLY G 146 63.41 -73.30 -30.85
C GLY G 146 64.89 -73.41 -30.53
N GLU G 147 65.29 -74.57 -30.04
CA GLU G 147 66.69 -74.79 -29.69
C GLU G 147 67.25 -76.00 -30.38
N TYR G 148 68.54 -75.95 -30.69
CA TYR G 148 69.29 -77.06 -31.27
C TYR G 148 70.35 -77.47 -30.27
N VAL G 149 70.37 -78.75 -29.92
CA VAL G 149 71.28 -79.26 -28.90
C VAL G 149 72.29 -80.18 -29.57
N ILE G 150 73.56 -79.89 -29.37
CA ILE G 150 74.65 -80.70 -29.89
C ILE G 150 75.50 -81.18 -28.74
N SER G 151 75.90 -82.45 -28.79
CA SER G 151 76.74 -83.08 -27.78
C SER G 151 78.03 -83.54 -28.44
N VAL G 152 79.16 -83.06 -27.94
CA VAL G 152 80.48 -83.38 -28.50
C VAL G 152 81.13 -84.42 -27.60
N ASP G 153 81.55 -85.53 -28.20
CA ASP G 153 82.04 -86.71 -27.50
C ASP G 153 83.55 -86.66 -27.39
N PRO G 154 84.13 -87.33 -26.37
CA PRO G 154 85.59 -87.26 -26.20
C PRO G 154 86.31 -88.34 -26.98
N THR G 155 85.81 -88.57 -28.20
CA THR G 155 86.37 -89.44 -29.23
C THR G 155 86.25 -90.93 -28.91
N THR G 156 85.91 -91.29 -27.66
CA THR G 156 85.89 -92.72 -27.41
C THR G 156 84.55 -93.37 -27.78
N SER G 157 83.53 -93.22 -26.94
CA SER G 157 82.30 -93.96 -27.22
C SER G 157 81.18 -93.18 -27.90
N GLU G 158 80.40 -92.47 -27.07
CA GLU G 158 79.19 -91.74 -27.47
C GLU G 158 78.63 -91.04 -26.22
N LEU G 159 78.20 -89.79 -26.33
CA LEU G 159 77.59 -89.16 -25.16
C LEU G 159 76.09 -89.42 -25.10
N PRO G 160 75.50 -89.40 -23.89
CA PRO G 160 74.04 -89.51 -23.75
C PRO G 160 73.32 -88.25 -24.19
N GLN G 161 72.01 -88.17 -23.93
CA GLN G 161 71.15 -87.20 -24.59
C GLN G 161 70.40 -86.34 -23.56
N PRO G 162 70.67 -85.04 -23.53
CA PRO G 162 70.12 -84.17 -22.48
C PRO G 162 68.66 -83.83 -22.74
N PRO G 163 67.93 -83.41 -21.69
CA PRO G 163 66.47 -83.40 -21.75
C PRO G 163 65.76 -82.18 -22.34
N PHE G 164 66.41 -81.37 -23.18
CA PHE G 164 65.66 -80.35 -23.93
C PHE G 164 64.93 -79.34 -23.06
N THR G 165 65.67 -78.41 -22.46
CA THR G 165 65.15 -77.44 -21.49
C THR G 165 63.74 -76.94 -21.80
N THR G 166 62.92 -76.88 -20.76
CA THR G 166 61.52 -76.48 -20.84
C THR G 166 61.39 -74.97 -20.82
N PRO G 167 60.20 -74.44 -21.14
CA PRO G 167 60.01 -72.98 -21.14
C PRO G 167 60.33 -72.33 -19.80
N VAL G 168 59.71 -72.78 -18.73
CA VAL G 168 60.00 -72.30 -17.38
C VAL G 168 60.52 -73.46 -16.56
N TYR G 169 61.60 -73.22 -15.81
CA TYR G 169 62.23 -74.27 -15.04
C TYR G 169 62.75 -73.69 -13.73
N VAL G 170 63.06 -74.59 -12.81
CA VAL G 170 63.69 -74.23 -11.54
C VAL G 170 64.97 -75.03 -11.42
N PRO G 171 66.15 -74.39 -11.56
CA PRO G 171 67.41 -75.11 -11.60
C PRO G 171 67.55 -76.21 -10.56
N ALA G 172 68.11 -77.33 -10.98
CA ALA G 172 68.22 -78.55 -10.20
C ALA G 172 68.66 -78.32 -8.76
N ALA G 173 69.82 -77.69 -8.57
CA ALA G 173 70.26 -77.47 -7.21
C ALA G 173 70.89 -76.10 -7.04
N ARG G 174 70.05 -75.10 -6.80
CA ARG G 174 70.48 -73.75 -6.48
C ARG G 174 69.58 -73.17 -5.40
N ARG G 175 68.91 -74.05 -4.67
CA ARG G 175 67.91 -73.70 -3.68
C ARG G 175 68.55 -73.77 -2.30
N SER G 176 68.08 -72.94 -1.39
CA SER G 176 68.60 -73.05 -0.05
C SER G 176 67.65 -72.38 0.93
N VAL G 177 67.88 -72.68 2.20
CA VAL G 177 67.04 -72.23 3.30
C VAL G 177 67.95 -71.88 4.47
N ASP G 178 67.75 -70.70 5.04
CA ASP G 178 68.49 -70.32 6.23
C ASP G 178 67.58 -70.54 7.43
N PRO G 179 67.78 -71.60 8.23
CA PRO G 179 66.86 -71.85 9.35
C PRO G 179 66.90 -70.77 10.40
N ARG G 180 67.83 -69.84 10.30
CA ARG G 180 68.07 -68.77 11.25
C ARG G 180 67.09 -67.62 11.08
N THR G 181 66.52 -67.46 9.88
CA THR G 181 65.55 -66.40 9.63
C THR G 181 64.37 -66.89 8.79
N HIS G 182 64.27 -68.18 8.53
CA HIS G 182 63.12 -68.77 7.85
C HIS G 182 62.90 -68.16 6.48
N VAL G 183 63.89 -68.31 5.61
CA VAL G 183 63.82 -67.74 4.28
C VAL G 183 64.30 -68.77 3.28
N LEU G 184 63.49 -69.02 2.26
CA LEU G 184 63.81 -69.97 1.19
C LEU G 184 64.22 -69.18 -0.05
N LYS G 185 65.34 -69.57 -0.64
CA LYS G 185 65.84 -68.95 -1.86
C LYS G 185 65.83 -69.98 -2.97
N PHE G 186 65.36 -69.58 -4.15
CA PHE G 186 65.47 -70.44 -5.31
C PHE G 186 65.52 -69.58 -6.56
N VAL G 187 65.98 -70.15 -7.62
CA VAL G 187 66.17 -69.46 -8.89
C VAL G 187 65.06 -69.86 -9.85
N LEU G 188 64.62 -68.92 -10.67
CA LEU G 188 63.56 -69.18 -11.63
C LEU G 188 64.03 -68.71 -12.99
N GLY G 189 64.24 -69.64 -13.91
CA GLY G 189 64.77 -69.33 -15.23
C GLY G 189 63.72 -69.54 -16.29
N VAL G 190 63.72 -68.66 -17.29
CA VAL G 190 62.77 -68.70 -18.40
C VAL G 190 63.55 -68.93 -19.68
N SER G 191 63.18 -69.95 -20.44
CA SER G 191 63.87 -70.24 -21.67
C SER G 191 63.59 -69.15 -22.69
N PRO G 192 64.47 -68.99 -23.69
CA PRO G 192 64.18 -67.99 -24.73
C PRO G 192 63.04 -68.37 -25.65
N ALA G 193 62.54 -69.60 -25.56
CA ALA G 193 61.46 -70.05 -26.41
C ALA G 193 60.10 -69.93 -25.76
N ALA G 194 60.01 -69.39 -24.55
CA ALA G 194 58.74 -69.18 -23.91
C ALA G 194 57.94 -68.14 -24.69
N ILE G 195 56.68 -68.43 -24.94
CA ILE G 195 55.86 -67.55 -25.78
C ILE G 195 55.16 -66.54 -24.89
N PRO G 196 55.24 -65.25 -25.20
CA PRO G 196 54.61 -64.24 -24.35
C PRO G 196 53.11 -64.44 -24.26
N GLY G 197 52.56 -64.20 -23.08
CA GLY G 197 51.16 -64.38 -22.82
C GLY G 197 50.80 -65.66 -22.12
N ASP G 198 51.69 -66.65 -22.11
CA ASP G 198 51.42 -67.91 -21.44
C ASP G 198 51.42 -67.73 -19.93
N VAL G 199 50.88 -68.73 -19.24
CA VAL G 199 50.85 -68.75 -17.79
C VAL G 199 51.23 -70.15 -17.32
N TYR G 200 52.17 -70.22 -16.39
CA TYR G 200 52.54 -71.47 -15.75
C TYR G 200 52.29 -71.36 -14.25
N ARG G 201 52.25 -72.52 -13.59
CA ARG G 201 51.96 -72.56 -12.16
C ARG G 201 53.04 -73.35 -11.45
N LEU G 202 53.63 -72.75 -10.43
CA LEU G 202 54.68 -73.37 -9.63
C LEU G 202 54.12 -73.65 -8.25
N THR G 203 54.21 -74.91 -7.82
CA THR G 203 53.79 -75.31 -6.49
C THR G 203 54.99 -75.68 -5.65
N VAL G 204 55.05 -75.12 -4.45
CA VAL G 204 56.19 -75.29 -3.54
C VAL G 204 55.70 -75.99 -2.28
N ARG G 205 56.34 -77.10 -1.94
CA ARG G 205 56.01 -77.86 -0.73
C ARG G 205 57.20 -77.81 0.20
N GLN G 206 57.09 -77.05 1.27
CA GLN G 206 58.19 -76.81 2.19
C GLN G 206 57.87 -77.41 3.54
N VAL G 207 58.85 -78.08 4.14
CA VAL G 207 58.68 -78.74 5.42
C VAL G 207 59.46 -77.97 6.47
N ALA G 208 58.79 -77.65 7.57
CA ALA G 208 59.46 -77.22 8.78
C ALA G 208 59.75 -78.47 9.58
N ILE G 209 60.21 -78.31 10.82
CA ILE G 209 60.58 -79.45 11.62
C ILE G 209 60.42 -79.07 13.08
N ASP G 210 59.90 -79.99 13.87
CA ASP G 210 59.76 -79.73 15.30
C ASP G 210 60.97 -80.26 16.04
N CYS G 211 61.05 -79.91 17.31
CA CYS G 211 62.33 -79.93 17.99
C CYS G 211 62.78 -81.37 18.25
N ASP G 212 61.88 -82.34 18.09
CA ASP G 212 62.21 -83.76 18.04
C ASP G 212 62.42 -84.30 16.62
N GLY G 213 62.27 -83.48 15.59
CA GLY G 213 62.52 -83.91 14.24
C GLY G 213 61.32 -84.38 13.45
N ASN G 214 60.10 -84.14 13.92
CA ASN G 214 58.93 -84.47 13.14
C ASN G 214 58.67 -83.36 12.13
N GLU G 215 57.54 -83.41 11.43
CA GLU G 215 57.43 -82.62 10.20
C GLU G 215 56.19 -81.74 10.23
N PHE G 216 56.32 -80.57 9.62
CA PHE G 216 55.22 -79.65 9.39
C PHE G 216 55.28 -79.22 7.93
N VAL G 217 54.30 -79.60 7.15
CA VAL G 217 54.30 -79.34 5.71
C VAL G 217 53.51 -78.07 5.43
N HIS G 218 53.90 -77.38 4.36
CA HIS G 218 53.28 -76.14 3.93
C HIS G 218 53.29 -76.09 2.40
N ILE G 219 52.16 -75.77 1.79
CA ILE G 219 52.02 -75.77 0.34
C ILE G 219 51.48 -74.44 -0.12
N SER G 220 52.06 -73.90 -1.20
CA SER G 220 51.58 -72.67 -1.82
C SER G 220 51.89 -72.75 -3.32
N CYS G 221 51.31 -71.83 -4.09
CA CYS G 221 51.59 -71.80 -5.52
C CYS G 221 51.96 -70.40 -5.95
N TYR G 222 52.54 -70.30 -7.15
CA TYR G 222 52.79 -69.02 -7.79
C TYR G 222 52.46 -69.15 -9.26
N ASP G 223 51.89 -68.09 -9.83
CA ASP G 223 51.44 -68.07 -11.21
C ASP G 223 52.44 -67.26 -12.02
N ILE G 224 53.27 -67.94 -12.80
CA ILE G 224 54.29 -67.30 -13.61
C ILE G 224 53.70 -66.97 -14.97
N SER G 225 53.53 -65.69 -15.25
CA SER G 225 52.91 -65.22 -16.48
C SER G 225 53.99 -64.70 -17.41
N ILE G 226 54.27 -65.45 -18.48
CA ILE G 226 55.35 -65.08 -19.39
C ILE G 226 54.94 -63.82 -20.13
N GLY G 227 55.53 -62.69 -19.76
CA GLY G 227 55.36 -61.46 -20.49
C GLY G 227 56.56 -61.19 -21.38
N SER G 228 56.33 -60.36 -22.38
CA SER G 228 57.41 -59.84 -23.20
C SER G 228 57.60 -58.38 -22.83
N CYS G 229 58.84 -57.93 -22.91
CA CYS G 229 59.20 -56.59 -22.46
C CYS G 229 58.89 -56.39 -20.99
N GLY G 230 59.60 -57.13 -20.15
CA GLY G 230 59.48 -56.99 -18.72
C GLY G 230 58.30 -57.75 -18.17
N MET H 1 49.97 -71.50 12.84
CA MET H 1 49.57 -72.10 14.10
C MET H 1 48.30 -71.47 14.63
N TYR H 2 47.28 -72.30 14.85
CA TYR H 2 46.02 -71.85 15.41
C TYR H 2 46.15 -71.72 16.92
N PHE H 3 45.48 -70.70 17.47
CA PHE H 3 45.48 -70.52 18.92
C PHE H 3 44.06 -70.24 19.36
N PHE H 4 43.52 -71.10 20.20
CA PHE H 4 42.17 -70.95 20.71
C PHE H 4 42.20 -70.79 22.22
N SER H 5 41.30 -69.95 22.72
CA SER H 5 41.07 -69.84 24.16
C SER H 5 39.72 -70.47 24.47
N VAL H 6 39.67 -71.28 25.51
CA VAL H 6 38.50 -72.08 25.82
C VAL H 6 37.53 -71.26 26.65
N ASP H 7 36.26 -71.62 26.59
CA ASP H 7 35.26 -70.87 27.35
C ASP H 7 35.25 -71.34 28.80
N PRO H 8 35.22 -70.42 29.76
CA PRO H 8 35.66 -70.77 31.12
C PRO H 8 34.58 -71.36 32.02
N ARG H 9 33.36 -71.59 31.53
CA ARG H 9 32.30 -72.22 32.32
C ARG H 9 32.00 -71.44 33.60
N ASN H 10 31.71 -70.15 33.42
CA ASN H 10 31.30 -69.27 34.51
C ASN H 10 29.81 -68.97 34.52
N GLY H 11 29.09 -69.30 33.46
CA GLY H 11 27.80 -68.70 33.24
C GLY H 11 27.88 -67.37 32.53
N ALA H 12 28.98 -67.11 31.84
CA ALA H 12 29.22 -65.84 31.18
C ALA H 12 30.00 -66.04 29.88
N SER H 13 30.60 -64.98 29.36
CA SER H 13 31.34 -65.05 28.11
C SER H 13 32.62 -65.88 28.22
N SER H 21 28.68 -68.62 14.17
CA SER H 21 27.26 -68.87 14.26
C SER H 21 26.97 -70.23 14.91
N CYS H 22 27.82 -71.21 14.61
CA CYS H 22 27.66 -72.54 15.18
C CYS H 22 28.17 -72.63 16.61
N CYS H 23 28.02 -73.83 17.15
CA CYS H 23 28.56 -74.19 18.44
C CYS H 23 30.08 -74.27 18.44
N CYS H 24 30.63 -75.12 17.60
CA CYS H 24 32.06 -75.43 17.63
C CYS H 24 32.80 -74.48 16.69
N GLU H 25 33.92 -73.94 17.17
CA GLU H 25 34.68 -72.96 16.41
C GLU H 25 35.34 -73.62 15.20
N SER H 26 35.97 -72.79 14.38
CA SER H 26 36.32 -73.15 13.01
C SER H 26 37.83 -73.22 12.81
N ILE H 27 38.25 -74.16 11.96
CA ILE H 27 39.64 -74.36 11.58
C ILE H 27 39.66 -74.61 10.08
N SER H 28 40.32 -73.73 9.34
CA SER H 28 40.45 -73.94 7.90
C SER H 28 41.68 -74.77 7.61
N ALA H 29 41.57 -75.64 6.61
CA ALA H 29 42.64 -76.59 6.32
C ALA H 29 42.77 -76.77 4.83
N ARG H 30 43.98 -77.06 4.38
CA ARG H 30 44.31 -77.23 2.99
C ARG H 30 44.89 -78.62 2.75
N PRO H 31 44.46 -79.32 1.70
CA PRO H 31 44.90 -80.70 1.50
C PRO H 31 46.40 -80.84 1.35
N GLY H 32 47.01 -81.66 2.20
CA GLY H 32 48.44 -81.89 2.18
C GLY H 32 49.18 -81.26 3.33
N GLU H 33 48.61 -80.23 3.94
CA GLU H 33 49.25 -79.52 5.03
C GLU H 33 49.36 -80.40 6.27
N VAL H 34 50.21 -79.95 7.20
CA VAL H 34 50.28 -80.47 8.56
C VAL H 34 50.52 -79.26 9.45
N ASN H 35 49.50 -78.80 10.14
CA ASN H 35 49.57 -77.56 10.88
C ASN H 35 49.69 -77.85 12.38
N GLY H 36 49.68 -76.81 13.20
CA GLY H 36 49.75 -76.99 14.64
C GLY H 36 48.71 -76.16 15.36
N VAL H 37 48.09 -76.72 16.39
CA VAL H 37 47.00 -76.07 17.10
C VAL H 37 47.35 -75.95 18.57
N MET H 38 47.08 -74.79 19.15
CA MET H 38 47.30 -74.55 20.58
C MET H 38 46.00 -74.11 21.22
N VAL H 39 45.67 -74.72 22.35
CA VAL H 39 44.45 -74.41 23.09
C VAL H 39 44.85 -74.01 24.50
N SER H 40 44.36 -72.87 24.96
CA SER H 40 44.76 -72.31 26.25
C SER H 40 43.65 -72.51 27.26
N TYR H 41 43.80 -73.53 28.10
CA TYR H 41 42.82 -73.82 29.13
C TYR H 41 42.94 -72.93 30.35
N ALA H 42 43.73 -71.85 30.28
CA ALA H 42 43.97 -71.04 31.47
C ALA H 42 42.70 -70.48 32.05
N ALA H 43 41.76 -70.05 31.21
CA ALA H 43 40.56 -69.42 31.72
C ALA H 43 39.69 -70.38 32.53
N TRP H 44 39.80 -71.68 32.29
CA TRP H 44 38.97 -72.67 32.98
C TRP H 44 39.69 -73.36 34.11
N SER H 45 40.96 -73.70 33.93
CA SER H 45 41.68 -74.54 34.88
C SER H 45 42.50 -73.74 35.88
N ALA H 46 42.61 -72.42 35.72
CA ALA H 46 43.37 -71.64 36.69
C ALA H 46 42.57 -71.43 37.97
N PRO H 47 41.30 -70.99 37.93
CA PRO H 47 40.53 -70.91 39.18
C PRO H 47 40.47 -72.21 39.94
N LEU H 48 40.41 -73.34 39.25
CA LEU H 48 40.47 -74.64 39.93
C LEU H 48 41.89 -74.88 40.42
N ARG H 49 42.26 -74.12 41.46
CA ARG H 49 43.64 -74.16 41.91
C ARG H 49 44.05 -75.57 42.27
N GLY H 50 44.90 -76.17 41.46
CA GLY H 50 45.28 -77.55 41.64
C GLY H 50 46.59 -77.85 40.95
N HIS H 51 46.69 -79.01 40.32
CA HIS H 51 47.89 -79.40 39.60
C HIS H 51 47.75 -79.27 38.09
N GLY H 52 46.85 -78.40 37.63
CA GLY H 52 46.79 -78.08 36.21
C GLY H 52 46.29 -79.24 35.37
N LEU H 53 46.71 -79.24 34.11
CA LEU H 53 46.25 -80.21 33.15
C LEU H 53 47.02 -81.52 33.32
N THR H 54 46.51 -82.58 32.71
CA THR H 54 47.21 -83.85 32.64
C THR H 54 47.18 -84.36 31.21
N ASN H 55 48.05 -85.33 30.92
CA ASN H 55 48.15 -85.89 29.57
C ASN H 55 47.14 -87.03 29.38
N LYS H 56 45.87 -86.68 29.59
CA LYS H 56 44.79 -87.62 29.30
C LYS H 56 43.77 -86.96 28.39
N THR H 57 44.23 -86.38 27.30
CA THR H 57 43.35 -85.84 26.28
C THR H 57 42.89 -86.94 25.36
N THR H 58 41.67 -86.81 24.87
CA THR H 58 41.09 -87.75 23.93
C THR H 58 40.46 -86.98 22.79
N PHE H 59 40.72 -87.44 21.56
CA PHE H 59 40.23 -86.79 20.36
C PHE H 59 39.28 -87.71 19.62
N GLU H 60 38.40 -87.10 18.83
CA GLU H 60 37.51 -87.89 17.98
C GLU H 60 37.20 -87.08 16.73
N ILE H 61 37.30 -87.72 15.57
CA ILE H 61 37.00 -87.08 14.29
C ILE H 61 35.73 -87.70 13.74
N ASP H 62 34.81 -86.83 13.31
CA ASP H 62 33.58 -87.27 12.66
C ASP H 62 33.26 -86.30 11.54
N GLY H 63 32.75 -86.82 10.44
CA GLY H 63 32.46 -86.01 9.28
C GLY H 63 31.04 -85.46 9.31
N VAL H 64 30.91 -84.17 9.02
CA VAL H 64 29.61 -83.54 8.84
C VAL H 64 29.27 -83.34 7.37
N SER H 65 30.22 -83.62 6.48
CA SER H 65 30.07 -83.55 5.03
C SER H 65 31.29 -84.21 4.42
N VAL H 66 31.13 -85.25 3.60
CA VAL H 66 32.25 -86.09 3.22
C VAL H 66 32.50 -86.11 1.72
N THR H 67 31.45 -86.17 0.89
CA THR H 67 31.65 -86.27 -0.55
C THR H 67 32.45 -87.51 -0.90
N PRO H 68 31.83 -88.70 -0.89
CA PRO H 68 32.57 -89.96 -1.00
C PRO H 68 33.57 -89.94 -2.13
N PRO H 69 34.72 -90.58 -1.96
CA PRO H 69 35.77 -90.51 -2.99
C PRO H 69 35.41 -91.30 -4.21
N LYS H 70 36.00 -90.91 -5.33
CA LYS H 70 35.77 -91.59 -6.59
C LYS H 70 36.69 -92.79 -6.79
N VAL H 71 37.98 -92.59 -6.58
CA VAL H 71 39.00 -93.60 -6.87
C VAL H 71 39.29 -94.35 -5.59
N SER H 72 39.37 -95.67 -5.68
CA SER H 72 39.67 -96.45 -4.50
C SER H 72 41.17 -96.42 -4.20
N ASN H 73 41.51 -96.71 -2.94
CA ASN H 73 42.89 -96.90 -2.57
C ASN H 73 43.29 -98.35 -2.77
N ALA H 74 44.56 -98.66 -2.54
CA ALA H 74 45.03 -100.01 -2.83
C ALA H 74 46.21 -100.33 -1.93
N PHE H 75 46.48 -101.64 -1.80
CA PHE H 75 47.58 -102.11 -0.99
C PHE H 75 48.36 -103.17 -1.76
N GLY H 76 49.69 -103.06 -1.72
CA GLY H 76 50.56 -104.04 -2.33
C GLY H 76 51.61 -104.52 -1.33
N ARG H 77 52.37 -105.52 -1.77
CA ARG H 77 53.37 -106.10 -0.89
C ARG H 77 54.54 -106.63 -1.71
N THR H 78 55.75 -106.48 -1.16
CA THR H 78 56.96 -106.92 -1.83
C THR H 78 58.01 -107.22 -0.77
N LYS H 79 58.97 -108.08 -1.12
CA LYS H 79 60.08 -108.33 -0.23
C LYS H 79 61.15 -107.27 -0.43
N VAL H 80 62.18 -107.30 0.42
CA VAL H 80 63.26 -106.32 0.29
C VAL H 80 63.98 -106.51 -1.03
N GLY H 81 64.34 -105.40 -1.66
CA GLY H 81 65.17 -105.38 -2.84
C GLY H 81 64.50 -105.78 -4.14
N VAL H 82 63.42 -106.53 -4.10
CA VAL H 82 62.78 -106.98 -5.33
C VAL H 82 61.84 -105.90 -5.83
N VAL H 83 61.90 -105.62 -7.13
CA VAL H 83 61.12 -104.58 -7.75
C VAL H 83 59.66 -105.00 -7.75
N PHE H 84 58.76 -104.04 -7.56
CA PHE H 84 57.34 -104.30 -7.44
C PHE H 84 56.59 -103.64 -8.60
N GLU H 85 55.67 -104.39 -9.20
CA GLU H 85 54.78 -103.90 -10.23
C GLU H 85 53.35 -103.87 -9.69
N GLY H 86 52.51 -103.13 -10.39
CA GLY H 86 51.11 -103.05 -10.05
C GLY H 86 50.38 -102.26 -11.10
N THR H 87 49.06 -102.28 -11.01
CA THR H 87 48.21 -101.59 -11.96
C THR H 87 47.54 -100.41 -11.29
N LEU H 88 47.06 -99.48 -12.12
CA LEU H 88 46.44 -98.27 -11.60
C LEU H 88 45.15 -97.99 -12.37
N SER H 89 44.47 -99.04 -12.82
CA SER H 89 43.26 -98.86 -13.62
C SER H 89 42.02 -99.51 -13.03
N ASP H 90 42.16 -100.51 -12.17
CA ASP H 90 41.03 -101.11 -11.47
C ASP H 90 40.68 -100.33 -10.22
N LEU H 91 41.30 -99.17 -10.02
CA LEU H 91 41.09 -98.34 -8.85
C LEU H 91 40.20 -97.15 -9.18
N PHE H 92 39.65 -97.10 -10.39
CA PHE H 92 38.80 -96.00 -10.82
C PHE H 92 37.58 -96.56 -11.51
N PRO H 93 36.65 -97.13 -10.76
CA PRO H 93 35.38 -97.54 -11.37
C PRO H 93 34.64 -96.30 -11.84
N ASN H 94 34.56 -96.11 -13.15
CA ASN H 94 33.92 -94.91 -13.65
C ASN H 94 32.46 -95.18 -13.99
N PRO H 95 31.56 -94.25 -13.66
CA PRO H 95 30.16 -94.39 -14.08
C PRO H 95 30.01 -94.17 -15.58
N GLU H 96 30.60 -93.08 -16.04
CA GLU H 96 30.41 -92.58 -17.40
C GLU H 96 31.53 -92.99 -18.35
N GLY H 97 31.51 -92.45 -19.56
CA GLY H 97 32.59 -92.65 -20.52
C GLY H 97 33.57 -91.52 -20.57
N GLU H 98 34.84 -91.82 -20.29
CA GLU H 98 35.90 -90.82 -20.34
C GLU H 98 37.24 -91.54 -20.30
N GLN H 99 38.30 -90.78 -20.50
CA GLN H 99 39.67 -91.27 -20.48
C GLN H 99 40.34 -90.98 -19.15
N VAL H 100 41.42 -91.70 -18.89
CA VAL H 100 42.05 -91.78 -17.58
C VAL H 100 43.48 -91.25 -17.60
N GLU H 101 43.63 -89.97 -17.28
CA GLU H 101 44.94 -89.34 -17.23
C GLU H 101 45.67 -89.66 -15.93
N TYR H 102 46.19 -90.87 -15.82
CA TYR H 102 46.96 -91.27 -14.65
C TYR H 102 48.10 -90.31 -14.38
N GLU H 103 48.27 -89.93 -13.11
CA GLU H 103 49.27 -88.94 -12.75
C GLU H 103 49.82 -89.21 -11.35
N ILE H 104 51.13 -89.06 -11.20
CA ILE H 104 51.80 -89.19 -9.90
C ILE H 104 52.40 -87.83 -9.58
N SER H 105 51.80 -87.11 -8.65
CA SER H 105 52.27 -85.79 -8.28
C SER H 105 53.64 -85.89 -7.62
N GLU H 106 54.56 -85.01 -8.01
CA GLU H 106 55.89 -85.00 -7.41
C GLU H 106 55.89 -84.46 -6.00
N LEU H 107 54.85 -83.73 -5.58
CA LEU H 107 54.81 -83.24 -4.22
C LEU H 107 54.53 -84.37 -3.25
N ASN H 108 53.79 -85.38 -3.67
CA ASN H 108 53.36 -86.47 -2.83
C ASN H 108 53.83 -87.81 -3.38
N GLY H 109 55.06 -87.86 -3.88
CA GLY H 109 55.61 -89.09 -4.39
C GLY H 109 55.99 -90.02 -3.26
N PRO H 110 56.68 -91.10 -3.58
CA PRO H 110 57.11 -92.03 -2.54
C PRO H 110 58.22 -91.45 -1.68
N SER H 111 58.63 -92.18 -0.66
CA SER H 111 59.61 -91.68 0.29
C SER H 111 60.91 -92.45 0.30
N ASN H 112 60.87 -93.76 0.03
CA ASN H 112 62.07 -94.58 0.02
C ASN H 112 62.13 -95.45 -1.24
N GLY H 113 61.59 -94.95 -2.34
CA GLY H 113 61.60 -95.68 -3.61
C GLY H 113 61.54 -94.73 -4.77
N VAL H 114 61.15 -95.26 -5.93
CA VAL H 114 60.93 -94.46 -7.14
C VAL H 114 59.82 -95.14 -7.92
N VAL H 115 58.99 -94.36 -8.60
CA VAL H 115 57.91 -94.90 -9.43
C VAL H 115 58.00 -94.31 -10.83
N GLU H 116 57.99 -95.18 -11.85
CA GLU H 116 58.00 -94.76 -13.24
C GLU H 116 56.59 -95.03 -13.76
N LEU H 117 55.76 -94.00 -13.84
CA LEU H 117 54.42 -94.22 -14.38
C LEU H 117 54.49 -94.57 -15.85
N GLY H 118 53.84 -95.67 -16.22
CA GLY H 118 53.84 -96.15 -17.59
C GLY H 118 52.89 -95.33 -18.45
N ALA H 119 52.64 -95.85 -19.65
CA ALA H 119 51.73 -95.18 -20.56
C ALA H 119 50.28 -95.45 -20.20
N ASN H 120 49.97 -96.65 -19.72
CA ASN H 120 48.60 -97.04 -19.41
C ASN H 120 48.56 -97.62 -18.00
N GLY H 121 48.21 -96.77 -17.03
CA GLY H 121 47.89 -97.19 -15.67
C GLY H 121 48.84 -98.21 -15.05
N ALA H 122 50.08 -98.24 -15.48
CA ALA H 122 51.07 -99.15 -14.96
C ALA H 122 52.21 -98.37 -14.35
N PHE H 123 52.88 -98.98 -13.37
CA PHE H 123 53.92 -98.27 -12.65
C PHE H 123 54.82 -99.28 -11.97
N THR H 124 56.09 -98.93 -11.84
CA THR H 124 57.10 -99.78 -11.22
C THR H 124 57.67 -99.05 -10.02
N TYR H 125 57.55 -99.67 -8.85
CA TYR H 125 58.07 -99.12 -7.61
C TYR H 125 59.31 -99.93 -7.24
N THR H 126 60.48 -99.39 -7.56
CA THR H 126 61.73 -100.01 -7.18
C THR H 126 62.10 -99.54 -5.78
N PRO H 127 61.97 -100.37 -4.75
CA PRO H 127 62.24 -99.92 -3.39
C PRO H 127 63.70 -99.55 -3.22
N GLY H 128 63.95 -98.54 -2.39
CA GLY H 128 65.32 -98.15 -2.12
C GLY H 128 66.12 -99.28 -1.51
N ALA H 129 67.33 -99.47 -2.01
CA ALA H 129 68.18 -100.56 -1.58
C ALA H 129 68.46 -100.46 -0.09
N LEU H 130 68.50 -101.62 0.56
CA LEU H 130 68.71 -101.72 2.01
C LEU H 130 67.66 -100.91 2.77
N PHE H 131 66.40 -101.31 2.59
CA PHE H 131 65.30 -100.65 3.28
C PHE H 131 64.13 -101.62 3.36
N THR H 132 63.50 -101.69 4.54
CA THR H 132 62.34 -102.54 4.72
C THR H 132 61.36 -101.83 5.64
N GLY H 133 60.22 -101.43 5.11
CA GLY H 133 59.20 -100.76 5.90
C GLY H 133 57.93 -100.64 5.11
N VAL H 134 57.25 -99.52 5.28
CA VAL H 134 56.05 -99.20 4.52
C VAL H 134 56.30 -97.92 3.74
N ASP H 135 55.68 -97.81 2.57
CA ASP H 135 55.88 -96.66 1.73
C ASP H 135 54.59 -96.35 0.97
N ARG H 136 54.30 -95.06 0.83
CA ARG H 136 53.08 -94.60 0.19
C ARG H 136 53.41 -93.65 -0.95
N PHE H 137 52.43 -93.49 -1.84
CA PHE H 137 52.46 -92.41 -2.82
C PHE H 137 51.03 -92.16 -3.26
N TRP H 138 50.76 -90.92 -3.67
CA TRP H 138 49.42 -90.47 -3.96
C TRP H 138 49.28 -90.21 -5.44
N PHE H 139 48.48 -91.03 -6.12
CA PHE H 139 48.18 -90.88 -7.53
C PHE H 139 46.93 -90.04 -7.70
N SER H 140 46.72 -89.57 -8.92
CA SER H 140 45.55 -88.75 -9.26
C SER H 140 45.00 -89.21 -10.60
N ILE H 141 44.05 -90.15 -10.56
CA ILE H 141 43.41 -90.64 -11.77
C ILE H 141 42.34 -89.64 -12.16
N ASN H 142 42.68 -88.74 -13.08
CA ASN H 142 41.73 -87.80 -13.66
C ASN H 142 41.17 -86.87 -12.59
N GLY H 143 42.08 -86.17 -11.93
CA GLY H 143 41.68 -85.18 -10.93
C GLY H 143 41.41 -85.75 -9.55
N ASN H 144 40.85 -86.96 -9.50
CA ASN H 144 40.52 -87.58 -8.23
C ASN H 144 41.73 -88.29 -7.65
N ILE H 145 42.00 -88.05 -6.37
CA ILE H 145 43.23 -88.49 -5.72
C ILE H 145 42.94 -89.65 -4.79
N GLY H 146 43.85 -90.62 -4.76
CA GLY H 146 43.82 -91.71 -3.81
C GLY H 146 45.26 -92.04 -3.48
N GLU H 147 45.45 -93.03 -2.62
CA GLU H 147 46.79 -93.42 -2.22
C GLU H 147 47.03 -94.90 -2.45
N TYR H 148 48.27 -95.23 -2.76
CA TYR H 148 48.71 -96.61 -2.92
C TYR H 148 49.75 -96.90 -1.84
N VAL H 149 49.52 -97.95 -1.08
CA VAL H 149 50.38 -98.29 0.05
C VAL H 149 51.12 -99.57 -0.26
N ILE H 150 52.44 -99.53 -0.17
CA ILE H 150 53.29 -100.69 -0.39
C ILE H 150 54.10 -100.94 0.87
N SER H 151 54.22 -102.20 1.25
CA SER H 151 54.99 -102.62 2.41
C SER H 151 56.10 -103.57 1.94
N VAL H 152 57.34 -103.21 2.25
CA VAL H 152 58.50 -104.00 1.83
C VAL H 152 59.00 -104.79 3.03
N ASP H 153 59.12 -106.10 2.85
CA ASP H 153 59.41 -107.06 3.91
C ASP H 153 60.90 -107.32 4.00
N PRO H 154 61.41 -107.71 5.18
CA PRO H 154 62.86 -107.92 5.32
C PRO H 154 63.26 -109.33 4.95
N THR H 155 62.63 -109.85 3.89
CA THR H 155 62.91 -111.11 3.22
C THR H 155 62.50 -112.33 4.04
N THR H 156 62.20 -112.17 5.33
CA THR H 156 61.89 -113.39 6.06
C THR H 156 60.43 -113.80 5.94
N SER H 157 59.53 -113.15 6.68
CA SER H 157 58.16 -113.65 6.68
C SER H 157 57.17 -112.91 5.78
N GLU H 158 56.63 -111.81 6.31
CA GLU H 158 55.57 -111.01 5.69
C GLU H 158 55.28 -109.82 6.61
N LEU H 159 55.12 -108.61 6.09
CA LEU H 159 54.74 -107.50 6.97
C LEU H 159 53.23 -107.39 7.12
N PRO H 160 52.76 -106.83 8.25
CA PRO H 160 51.33 -106.55 8.42
C PRO H 160 50.85 -105.38 7.57
N GLN H 161 49.62 -104.92 7.79
CA GLN H 161 48.93 -104.07 6.83
C GLN H 161 48.47 -102.77 7.51
N PRO H 162 49.01 -101.63 7.09
CA PRO H 162 48.73 -100.36 7.77
C PRO H 162 47.36 -99.80 7.43
N PRO H 163 46.83 -98.91 8.26
CA PRO H 163 45.40 -98.58 8.21
C PRO H 163 44.92 -97.50 7.24
N PHE H 164 45.65 -97.18 6.16
CA PHE H 164 45.08 -96.34 5.11
C PHE H 164 44.65 -94.95 5.58
N THR H 165 45.62 -94.07 5.82
CA THR H 165 45.40 -92.75 6.40
C THR H 165 44.10 -92.08 5.94
N THR H 166 43.40 -91.48 6.89
CA THR H 166 42.12 -90.84 6.68
C THR H 166 42.30 -89.41 6.18
N PRO H 167 41.23 -88.76 5.70
CA PRO H 167 41.36 -87.39 5.20
C PRO H 167 41.92 -86.41 6.23
N VAL H 168 41.30 -86.34 7.40
CA VAL H 168 41.79 -85.50 8.49
C VAL H 168 42.12 -86.41 9.66
N TYR H 169 43.28 -86.17 10.28
CA TYR H 169 43.73 -87.02 11.37
C TYR H 169 44.48 -86.17 12.38
N VAL H 170 44.66 -86.74 13.57
CA VAL H 170 45.45 -86.13 14.63
C VAL H 170 46.54 -87.12 15.01
N PRO H 171 47.80 -86.84 14.66
CA PRO H 171 48.88 -87.81 14.87
C PRO H 171 48.87 -88.49 16.22
N ALA H 172 49.15 -89.80 16.21
CA ALA H 172 49.05 -90.67 17.37
C ALA H 172 49.65 -90.07 18.63
N ALA H 173 50.92 -89.69 18.61
CA ALA H 173 51.51 -89.13 19.81
C ALA H 173 52.43 -87.97 19.47
N ARG H 174 51.84 -86.78 19.36
CA ARG H 174 52.57 -85.53 19.19
C ARG H 174 51.91 -84.44 20.01
N ARG H 175 51.13 -84.85 21.00
CA ARG H 175 50.30 -83.97 21.81
C ARG H 175 51.02 -83.72 23.13
N SER H 176 50.81 -82.53 23.70
CA SER H 176 51.40 -82.31 25.00
C SER H 176 50.70 -81.16 25.68
N VAL H 177 50.97 -81.06 26.98
CA VAL H 177 50.34 -80.08 27.85
C VAL H 177 51.39 -79.58 28.82
N ASP H 178 51.48 -78.26 28.96
CA ASP H 178 52.38 -77.67 29.95
C ASP H 178 51.55 -77.27 31.15
N PRO H 179 51.58 -78.01 32.27
CA PRO H 179 50.72 -77.66 33.40
C PRO H 179 51.07 -76.33 34.02
N ARG H 180 52.17 -75.73 33.60
CA ARG H 180 52.70 -74.48 34.12
C ARG H 180 51.98 -73.27 33.56
N THR H 181 51.36 -73.39 32.39
CA THR H 181 50.61 -72.30 31.78
C THR H 181 49.30 -72.75 31.18
N HIS H 182 48.90 -74.00 31.37
CA HIS H 182 47.61 -74.51 30.94
C HIS H 182 47.41 -74.35 29.44
N VAL H 183 48.27 -75.01 28.68
CA VAL H 183 48.22 -74.93 27.23
C VAL H 183 48.39 -76.31 26.65
N LEU H 184 47.46 -76.71 25.78
CA LEU H 184 47.49 -77.99 25.10
C LEU H 184 47.96 -77.78 23.67
N LYS H 185 48.92 -78.58 23.24
CA LYS H 185 49.44 -78.55 21.88
C LYS H 185 49.13 -79.86 21.19
N PHE H 186 48.65 -79.79 19.96
CA PHE H 186 48.49 -80.99 19.16
C PHE H 186 48.61 -80.62 17.70
N VAL H 187 48.85 -81.62 16.89
CA VAL H 187 49.08 -81.44 15.47
C VAL H 187 47.84 -81.88 14.71
N LEU H 188 47.54 -81.20 13.61
CA LEU H 188 46.38 -81.51 12.80
C LEU H 188 46.83 -81.66 11.36
N GLY H 189 46.76 -82.86 10.83
CA GLY H 189 47.24 -83.14 9.48
C GLY H 189 46.09 -83.46 8.55
N VAL H 190 46.20 -82.99 7.31
CA VAL H 190 45.17 -83.18 6.28
C VAL H 190 45.78 -84.00 5.16
N SER H 191 45.13 -85.10 4.80
CA SER H 191 45.65 -85.94 3.74
C SER H 191 45.53 -85.22 2.41
N PRO H 192 46.34 -85.60 1.42
CA PRO H 192 46.19 -84.98 0.10
C PRO H 192 44.92 -85.37 -0.63
N ALA H 193 44.18 -86.35 -0.13
CA ALA H 193 42.96 -86.81 -0.76
C ALA H 193 41.71 -86.17 -0.19
N ALA H 194 41.85 -85.25 0.75
CA ALA H 194 40.69 -84.56 1.30
C ALA H 194 40.07 -83.69 0.20
N ILE H 195 38.77 -83.75 0.07
CA ILE H 195 38.09 -83.05 -1.02
C ILE H 195 37.69 -81.66 -0.53
N PRO H 196 38.02 -80.60 -1.27
CA PRO H 196 37.68 -79.25 -0.81
C PRO H 196 36.19 -79.06 -0.66
N GLY H 197 35.80 -78.33 0.37
CA GLY H 197 34.41 -78.09 0.68
C GLY H 197 33.85 -78.96 1.78
N ASP H 198 34.51 -80.05 2.13
CA ASP H 198 34.03 -80.92 3.19
C ASP H 198 34.20 -80.24 4.54
N VAL H 199 33.52 -80.80 5.54
CA VAL H 199 33.59 -80.32 6.92
C VAL H 199 33.72 -81.53 7.83
N TYR H 200 34.68 -81.50 8.74
CA TYR H 200 34.83 -82.52 9.76
C TYR H 200 34.73 -81.85 11.13
N ARG H 201 34.49 -82.67 12.15
CA ARG H 201 34.32 -82.17 13.50
C ARG H 201 35.27 -82.90 14.44
N LEU H 202 36.05 -82.14 15.19
CA LEU H 202 37.01 -82.67 16.14
C LEU H 202 36.51 -82.34 17.54
N THR H 203 36.38 -83.36 18.38
CA THR H 203 35.98 -83.19 19.78
C THR H 203 37.14 -83.52 20.69
N VAL H 204 37.42 -82.62 21.62
CA VAL H 204 38.56 -82.73 22.52
C VAL H 204 38.04 -82.84 23.95
N ARG H 205 38.45 -83.88 24.66
CA ARG H 205 38.07 -84.09 26.04
C ARG H 205 39.32 -84.00 26.91
N GLN H 206 39.45 -82.92 27.65
CA GLN H 206 40.65 -82.64 28.42
C GLN H 206 40.32 -82.67 29.90
N VAL H 207 41.18 -83.30 30.69
CA VAL H 207 40.99 -83.43 32.12
C VAL H 207 41.99 -82.54 32.84
N ALA H 208 41.50 -81.73 33.76
CA ALA H 208 42.34 -81.09 34.74
C ALA H 208 42.42 -82.03 35.93
N ILE H 209 43.00 -81.57 37.03
CA ILE H 209 43.18 -82.44 38.18
C ILE H 209 43.23 -81.56 39.42
N ASP H 210 42.58 -82.02 40.48
CA ASP H 210 42.61 -81.27 41.73
C ASP H 210 43.75 -81.78 42.60
N CYS H 211 44.00 -81.05 43.67
CA CYS H 211 45.30 -81.13 44.31
C CYS H 211 45.46 -82.45 45.05
N ASP H 212 44.37 -83.20 45.24
CA ASP H 212 44.37 -84.59 45.69
C ASP H 212 44.36 -85.60 44.54
N GLY H 213 44.30 -85.16 43.29
CA GLY H 213 44.35 -86.06 42.17
C GLY H 213 43.01 -86.49 41.59
N ASN H 214 41.91 -85.85 41.96
CA ASN H 214 40.63 -86.15 41.34
C ASN H 214 40.53 -85.41 40.02
N GLU H 215 39.37 -85.42 39.37
CA GLU H 215 39.33 -85.10 37.95
C GLU H 215 38.31 -84.01 37.68
N PHE H 216 38.64 -83.16 36.69
CA PHE H 216 37.74 -82.16 36.17
C PHE H 216 37.77 -82.26 34.65
N VAL H 217 36.67 -82.66 34.05
CA VAL H 217 36.61 -82.89 32.61
C VAL H 217 36.09 -81.65 31.91
N HIS H 218 36.53 -81.47 30.66
CA HIS H 218 36.15 -80.34 29.83
C HIS H 218 36.05 -80.81 28.39
N ILE H 219 34.96 -80.47 27.71
CA ILE H 219 34.72 -80.93 26.35
C ILE H 219 34.43 -79.73 25.45
N SER H 220 35.02 -79.74 24.26
CA SER H 220 34.77 -78.72 23.24
C SER H 220 34.92 -79.36 21.87
N CYS H 221 34.50 -78.64 20.82
CA CYS H 221 34.66 -79.16 19.48
C CYS H 221 35.29 -78.11 18.58
N TYR H 222 35.77 -78.55 17.43
CA TYR H 222 36.23 -77.65 16.38
C TYR H 222 35.77 -78.19 15.04
N ASP H 223 35.39 -77.28 14.15
CA ASP H 223 34.85 -77.63 12.84
C ASP H 223 35.92 -77.38 11.81
N ILE H 224 36.52 -78.46 11.31
CA ILE H 224 37.59 -78.37 10.32
C ILE H 224 36.97 -78.40 8.93
N SER H 225 37.06 -77.28 8.23
CA SER H 225 36.46 -77.13 6.91
C SER H 225 37.54 -77.21 5.85
N ILE H 226 37.57 -78.31 5.11
CA ILE H 226 38.62 -78.52 4.12
C ILE H 226 38.43 -77.52 2.99
N GLY H 227 39.27 -76.50 2.96
CA GLY H 227 39.31 -75.58 1.84
C GLY H 227 40.46 -75.91 0.92
N SER H 228 40.34 -75.44 -0.31
CA SER H 228 41.43 -75.47 -1.26
C SER H 228 41.95 -74.06 -1.43
N CYS H 229 43.25 -73.96 -1.65
CA CYS H 229 43.92 -72.66 -1.69
C CYS H 229 43.77 -71.91 -0.38
N GLY H 230 44.38 -72.48 0.66
CA GLY H 230 44.41 -71.84 1.96
C GLY H 230 43.15 -72.08 2.73
N MET I 1 34.63 -72.36 36.61
CA MET I 1 34.21 -72.40 38.00
C MET I 1 33.14 -71.35 38.28
N TYR I 2 31.99 -71.80 38.77
CA TYR I 2 30.91 -70.92 39.16
C TYR I 2 31.18 -70.31 40.52
N PHE I 3 30.79 -69.06 40.69
CA PHE I 3 30.95 -68.40 41.98
C PHE I 3 29.65 -67.67 42.31
N PHE I 4 29.02 -68.07 43.39
CA PHE I 4 27.78 -67.45 43.82
C PHE I 4 27.96 -66.80 45.19
N SER I 5 27.30 -65.67 45.37
CA SER I 5 27.21 -65.03 46.68
C SER I 5 25.79 -65.19 47.19
N VAL I 6 25.66 -65.57 48.44
CA VAL I 6 24.37 -65.94 49.02
C VAL I 6 23.67 -64.69 49.51
N ASP I 7 22.34 -64.75 49.59
CA ASP I 7 21.59 -63.59 50.05
C ASP I 7 21.61 -63.53 51.56
N PRO I 8 21.84 -62.35 52.16
CA PRO I 8 22.30 -62.31 53.55
C PRO I 8 21.21 -62.31 54.60
N ARG I 9 19.93 -62.42 54.23
CA ARG I 9 18.83 -62.48 55.19
C ARG I 9 18.80 -61.27 56.11
N ASN I 10 18.77 -60.08 55.51
CA ASN I 10 18.65 -58.81 56.22
C ASN I 10 17.26 -58.21 56.14
N GLY I 11 16.41 -58.70 55.25
CA GLY I 11 15.25 -57.93 54.85
C GLY I 11 15.55 -56.98 53.72
N ALA I 12 16.64 -57.22 52.98
CA ALA I 12 17.07 -56.33 51.92
C ALA I 12 17.69 -57.13 50.77
N SER I 13 18.45 -56.47 49.91
CA SER I 13 19.07 -57.11 48.76
C SER I 13 20.14 -58.13 49.14
N SER I 21 14.60 -64.48 36.92
CA SER I 21 13.16 -64.35 37.10
C SER I 21 12.65 -65.31 38.17
N CYS I 22 13.25 -66.50 38.22
CA CYS I 22 12.86 -67.48 39.23
C CYS I 22 13.45 -67.20 40.59
N CYS I 23 13.10 -68.09 41.51
CA CYS I 23 13.64 -68.09 42.85
C CYS I 23 15.11 -68.52 42.87
N CYS I 24 15.40 -69.71 42.38
CA CYS I 24 16.73 -70.29 42.50
C CYS I 24 17.57 -69.91 41.30
N GLU I 25 18.82 -69.51 41.55
CA GLU I 25 19.71 -69.04 40.50
C GLU I 25 20.11 -70.20 39.59
N SER I 26 20.84 -69.86 38.53
CA SER I 26 21.00 -70.72 37.37
C SER I 26 22.43 -71.20 37.20
N ILE I 27 22.57 -72.43 36.74
CA ILE I 27 23.85 -73.07 36.44
C ILE I 27 23.70 -73.79 35.12
N SER I 28 24.47 -73.39 34.12
CA SER I 28 24.44 -74.09 32.84
C SER I 28 25.44 -75.23 32.84
N ALA I 29 25.07 -76.33 32.20
CA ALA I 29 25.88 -77.53 32.27
C ALA I 29 25.85 -78.25 30.92
N ARG I 30 26.94 -78.93 30.60
CA ARG I 30 27.11 -79.63 29.35
C ARG I 30 27.36 -81.11 29.61
N PRO I 31 26.71 -82.00 28.86
CA PRO I 31 26.83 -83.43 29.15
C PRO I 31 28.25 -83.95 29.05
N GLY I 32 28.74 -84.56 30.13
CA GLY I 32 30.08 -85.09 30.19
C GLY I 32 31.03 -84.29 31.05
N GLU I 33 30.74 -83.01 31.27
CA GLU I 33 31.60 -82.15 32.05
C GLU I 33 31.63 -82.56 33.51
N VAL I 34 32.62 -82.03 34.22
CA VAL I 34 32.68 -82.07 35.68
C VAL I 34 33.25 -80.71 36.10
N ASN I 35 32.40 -79.83 36.60
CA ASN I 35 32.80 -78.46 36.86
C ASN I 35 32.97 -78.25 38.37
N GLY I 36 33.25 -77.03 38.78
CA GLY I 36 33.40 -76.72 40.19
C GLY I 36 32.61 -75.49 40.59
N VAL I 37 31.97 -75.51 41.75
CA VAL I 37 31.10 -74.43 42.19
C VAL I 37 31.58 -73.91 43.53
N MET I 38 31.61 -72.60 43.68
CA MET I 38 32.01 -71.94 44.92
C MET I 38 30.88 -71.02 45.38
N VAL I 39 30.52 -71.14 46.65
CA VAL I 39 29.46 -70.34 47.25
C VAL I 39 30.04 -69.59 48.44
N SER I 40 29.85 -68.27 48.46
CA SER I 40 30.46 -67.41 49.48
C SER I 40 29.41 -67.01 50.50
N TYR I 41 29.41 -67.69 51.64
CA TYR I 41 28.47 -67.39 52.71
C TYR I 41 28.88 -66.20 53.55
N ALA I 42 29.87 -65.41 53.11
CA ALA I 42 30.37 -64.33 53.94
C ALA I 42 29.30 -63.33 54.30
N ALA I 43 28.41 -63.01 53.36
CA ALA I 43 27.41 -61.99 53.63
C ALA I 43 26.43 -62.40 54.72
N TRP I 44 26.24 -63.69 54.96
CA TRP I 44 25.29 -64.18 55.93
C TRP I 44 25.93 -64.60 57.23
N SER I 45 27.07 -65.26 57.18
CA SER I 45 27.68 -65.86 58.36
C SER I 45 28.72 -64.98 59.02
N ALA I 46 29.09 -63.85 58.41
CA ALA I 46 30.08 -62.99 59.06
C ALA I 46 29.45 -62.18 60.19
N PRO I 47 28.31 -61.51 60.00
CA PRO I 47 27.68 -60.84 61.14
C PRO I 47 27.40 -61.76 62.31
N LEU I 48 27.04 -63.01 62.06
CA LEU I 48 26.89 -63.99 63.13
C LEU I 48 28.26 -64.35 63.68
N ARG I 49 28.86 -63.41 64.39
CA ARG I 49 30.24 -63.59 64.82
C ARG I 49 30.36 -64.86 65.65
N GLY I 50 31.00 -65.87 65.10
CA GLY I 50 31.10 -67.16 65.74
C GLY I 50 32.25 -67.96 65.19
N HIS I 51 32.04 -69.26 65.00
CA HIS I 51 33.08 -70.12 64.45
C HIS I 51 32.85 -70.48 62.99
N GLY I 52 32.12 -69.64 62.25
CA GLY I 52 32.02 -69.81 60.82
C GLY I 52 31.22 -71.04 60.43
N LEU I 53 31.53 -71.55 59.25
CA LEU I 53 30.80 -72.66 58.68
C LEU I 53 31.28 -73.98 59.29
N THR I 54 30.51 -75.04 59.09
CA THR I 54 30.92 -76.38 59.45
C THR I 54 30.68 -77.32 58.28
N ASN I 55 31.29 -78.50 58.35
CA ASN I 55 31.16 -79.50 57.29
C ASN I 55 29.93 -80.35 57.50
N LYS I 56 28.77 -79.70 57.58
CA LYS I 56 27.50 -80.40 57.64
C LYS I 56 26.57 -79.87 56.56
N THR I 57 27.06 -79.82 55.33
CA THR I 57 26.23 -79.46 54.19
C THR I 57 25.47 -80.68 53.71
N THR I 58 24.27 -80.44 53.20
CA THR I 58 23.43 -81.49 52.66
C THR I 58 22.89 -81.03 51.31
N PHE I 59 22.94 -81.92 50.32
CA PHE I 59 22.51 -81.60 48.97
C PHE I 59 21.33 -82.48 48.59
N GLU I 60 20.54 -82.00 47.65
CA GLU I 60 19.45 -82.80 47.11
C GLU I 60 19.20 -82.41 45.67
N ILE I 61 19.08 -83.41 44.80
CA ILE I 61 18.81 -83.19 43.39
C ILE I 61 17.40 -83.64 43.08
N ASP I 62 16.65 -82.80 42.39
CA ASP I 62 15.32 -83.13 41.93
C ASP I 62 15.12 -82.55 40.54
N GLY I 63 14.42 -83.29 39.68
CA GLY I 63 14.21 -82.86 38.32
C GLY I 63 12.95 -82.03 38.17
N VAL I 64 13.08 -80.92 37.44
CA VAL I 64 11.93 -80.10 37.06
C VAL I 64 11.53 -80.34 35.61
N SER I 65 12.31 -81.12 34.87
CA SER I 65 12.06 -81.50 33.49
C SER I 65 13.06 -82.59 33.14
N VAL I 66 12.62 -83.78 32.73
CA VAL I 66 13.50 -84.93 32.66
C VAL I 66 13.63 -85.50 31.26
N THR I 67 12.52 -85.60 30.51
CA THR I 67 12.58 -86.22 29.18
C THR I 67 13.07 -87.66 29.29
N PRO I 68 12.21 -88.59 29.71
CA PRO I 68 12.66 -89.95 30.04
C PRO I 68 13.55 -90.54 28.96
N PRO I 69 14.55 -91.33 29.35
CA PRO I 69 15.50 -91.84 28.36
C PRO I 69 14.89 -92.91 27.48
N LYS I 70 15.45 -93.06 26.29
CA LYS I 70 14.98 -94.05 25.35
C LYS I 70 15.62 -95.41 25.57
N VAL I 71 16.93 -95.46 25.69
CA VAL I 71 17.68 -96.70 25.77
C VAL I 71 17.91 -97.03 27.23
N SER I 72 17.70 -98.28 27.59
CA SER I 72 17.93 -98.68 28.98
C SER I 72 19.41 -98.88 29.25
N ASN I 73 19.78 -98.80 30.53
CA ASN I 73 21.13 -99.16 30.93
C ASN I 73 21.19 -100.65 31.24
N ALA I 74 22.38 -101.14 31.57
CA ALA I 74 22.53 -102.57 31.76
C ALA I 74 23.68 -102.84 32.72
N PHE I 75 23.69 -104.03 33.28
CA PHE I 75 24.72 -104.46 34.21
C PHE I 75 25.20 -105.85 33.85
N GLY I 76 26.52 -106.04 33.84
CA GLY I 76 27.11 -107.34 33.60
C GLY I 76 28.11 -107.67 34.70
N ARG I 77 28.61 -108.91 34.64
CA ARG I 77 29.53 -109.38 35.66
C ARG I 77 30.49 -110.40 35.07
N THR I 78 31.74 -110.36 35.53
CA THR I 78 32.77 -111.25 35.06
C THR I 78 33.82 -111.41 36.15
N LYS I 79 34.54 -112.52 36.12
CA LYS I 79 35.65 -112.71 37.03
C LYS I 79 36.90 -112.04 36.47
N VAL I 80 37.96 -112.02 37.28
CA VAL I 80 39.20 -111.40 36.82
C VAL I 80 39.77 -112.20 35.65
N GLY I 81 40.30 -111.47 34.66
CA GLY I 81 41.02 -112.04 33.55
C GLY I 81 40.18 -112.69 32.47
N VAL I 82 38.96 -113.12 32.77
CA VAL I 82 38.15 -113.79 31.77
C VAL I 82 37.42 -112.76 30.93
N VAL I 83 37.44 -112.97 29.62
CA VAL I 83 36.84 -112.03 28.67
C VAL I 83 35.33 -112.10 28.82
N PHE I 84 34.68 -110.95 28.68
CA PHE I 84 33.25 -110.82 28.87
C PHE I 84 32.56 -110.45 27.56
N GLU I 85 31.46 -111.13 27.27
CA GLU I 85 30.62 -110.81 26.14
C GLU I 85 29.28 -110.29 26.63
N GLY I 86 28.55 -109.66 25.73
CA GLY I 86 27.23 -109.15 26.01
C GLY I 86 26.60 -108.62 24.76
N THR I 87 25.32 -108.31 24.85
CA THR I 87 24.57 -107.80 23.72
C THR I 87 24.22 -106.34 23.95
N LEU I 88 23.88 -105.66 22.85
CA LEU I 88 23.56 -104.25 22.93
C LEU I 88 22.31 -103.95 22.11
N SER I 89 21.38 -104.91 22.05
CA SER I 89 20.18 -104.75 21.24
C SER I 89 18.88 -104.86 22.03
N ASP I 90 18.88 -105.51 23.17
CA ASP I 90 17.71 -105.57 24.04
C ASP I 90 17.63 -104.37 24.95
N LEU I 91 18.50 -103.38 24.73
CA LEU I 91 18.56 -102.18 25.53
C LEU I 91 17.91 -101.00 24.83
N PHE I 92 17.30 -101.23 23.68
CA PHE I 92 16.67 -100.19 22.89
C PHE I 92 15.30 -100.65 22.44
N PRO I 93 14.34 -100.71 23.35
CA PRO I 93 12.97 -101.00 22.91
C PRO I 93 12.47 -99.86 22.05
N ASN I 94 12.32 -100.10 20.76
CA ASN I 94 11.92 -99.04 19.87
C ASN I 94 10.41 -99.06 19.64
N PRO I 95 9.76 -97.91 19.65
CA PRO I 95 8.33 -97.86 19.29
C PRO I 95 8.10 -98.13 17.83
N GLU I 96 8.88 -97.42 17.00
CA GLU I 96 8.68 -97.37 15.56
C GLU I 96 9.61 -98.32 14.82
N GLY I 97 9.61 -98.23 13.48
CA GLY I 97 10.54 -98.98 12.65
C GLY I 97 11.74 -98.17 12.20
N GLU I 98 12.93 -98.65 12.57
CA GLU I 98 14.17 -97.99 12.18
C GLU I 98 15.32 -98.95 12.47
N GLN I 99 16.50 -98.55 12.00
CA GLN I 99 17.73 -99.31 12.20
C GLN I 99 18.55 -98.73 13.34
N VAL I 100 19.48 -99.56 13.82
CA VAL I 100 20.18 -99.34 15.08
C VAL I 100 21.68 -99.18 14.87
N GLU I 101 22.13 -97.93 14.73
CA GLU I 101 23.54 -97.63 14.55
C GLU I 101 24.29 -97.65 15.89
N TYR I 102 24.55 -98.84 16.40
CA TYR I 102 25.30 -98.99 17.64
C TYR I 102 26.63 -98.27 17.56
N GLU I 103 26.99 -97.54 18.62
CA GLU I 103 28.20 -96.73 18.62
C GLU I 103 28.79 -96.65 20.02
N ILE I 104 30.11 -96.75 20.11
CA ILE I 104 30.84 -96.57 21.36
C ILE I 104 31.74 -95.37 21.20
N SER I 105 31.38 -94.26 21.82
CA SER I 105 32.15 -93.03 21.71
C SER I 105 33.52 -93.21 22.36
N GLU I 106 34.57 -92.75 21.68
CA GLU I 106 35.91 -92.84 22.24
C GLU I 106 36.13 -91.87 23.39
N LEU I 107 35.32 -90.83 23.53
CA LEU I 107 35.49 -89.91 24.63
C LEU I 107 35.05 -90.56 25.94
N ASN I 108 34.08 -91.45 25.89
CA ASN I 108 33.51 -92.07 27.06
C ASN I 108 33.63 -93.59 27.00
N GLY I 109 34.79 -94.08 26.54
CA GLY I 109 35.02 -95.50 26.49
C GLY I 109 35.28 -96.06 27.87
N PRO I 110 35.70 -97.31 27.95
CA PRO I 110 36.00 -97.91 29.24
C PRO I 110 37.27 -97.34 29.85
N SER I 111 37.61 -97.76 31.05
CA SER I 111 38.74 -97.20 31.77
C SER I 111 39.84 -98.21 32.04
N ASN I 112 39.51 -99.47 32.25
CA ASN I 112 40.50 -100.51 32.51
C ASN I 112 40.28 -101.72 31.63
N GLY I 113 39.77 -101.53 30.43
CA GLY I 113 39.52 -102.61 29.49
C GLY I 113 39.58 -102.12 28.07
N VAL I 114 38.99 -102.91 27.15
CA VAL I 114 38.84 -102.53 25.76
C VAL I 114 37.56 -103.18 25.26
N VAL I 115 36.86 -102.50 24.35
CA VAL I 115 35.63 -103.02 23.77
C VAL I 115 35.73 -102.98 22.25
N GLU I 116 35.44 -104.11 21.60
CA GLU I 116 35.44 -104.20 20.14
C GLU I 116 33.97 -104.30 19.74
N LEU I 117 33.37 -103.20 19.31
CA LEU I 117 31.98 -103.27 18.89
C LEU I 117 31.85 -104.11 17.63
N GLY I 118 30.95 -105.10 17.67
CA GLY I 118 30.74 -105.98 16.55
C GLY I 118 29.92 -105.32 15.46
N ALA I 119 29.47 -106.14 14.52
CA ALA I 119 28.65 -105.63 13.43
C ALA I 119 27.21 -105.42 13.87
N ASN I 120 26.70 -106.29 14.73
CA ASN I 120 25.31 -106.23 15.16
C ASN I 120 25.25 -106.28 16.68
N GLY I 121 25.17 -105.10 17.31
CA GLY I 121 24.88 -104.97 18.73
C GLY I 121 25.64 -105.88 19.66
N ALA I 122 26.81 -106.34 19.26
CA ALA I 122 27.62 -107.23 20.06
C ALA I 122 28.95 -106.55 20.36
N PHE I 123 29.55 -106.94 21.48
CA PHE I 123 30.76 -106.28 21.93
C PHE I 123 31.49 -107.19 22.90
N THR I 124 32.81 -107.11 22.89
CA THR I 124 33.66 -107.90 23.76
C THR I 124 34.46 -106.97 24.65
N TYR I 125 34.31 -107.12 25.95
CA TYR I 125 35.04 -106.32 26.93
C TYR I 125 36.11 -107.21 27.55
N THR I 126 37.33 -107.08 27.07
CA THR I 126 38.45 -107.81 27.64
C THR I 126 39.03 -106.99 28.78
N PRO I 127 38.80 -107.39 30.03
CA PRO I 127 39.28 -106.57 31.15
C PRO I 127 40.79 -106.50 31.18
N GLY I 128 41.31 -105.36 31.61
CA GLY I 128 42.75 -105.21 31.73
C GLY I 128 43.33 -106.22 32.70
N ALA I 129 44.43 -106.84 32.27
CA ALA I 129 45.07 -107.89 33.06
C ALA I 129 45.48 -107.36 34.42
N LEU I 130 45.33 -108.21 35.44
CA LEU I 130 45.63 -107.86 36.83
C LEU I 130 44.84 -106.62 37.26
N PHE I 131 43.51 -106.77 37.24
CA PHE I 131 42.64 -105.69 37.66
C PHE I 131 41.30 -106.28 38.07
N THR I 132 40.76 -105.81 39.20
CA THR I 132 39.46 -106.26 39.67
C THR I 132 38.74 -105.07 40.29
N GLY I 133 37.67 -104.63 39.66
CA GLY I 133 36.88 -103.53 40.17
C GLY I 133 35.61 -103.39 39.38
N VAL I 134 35.19 -102.16 39.16
CA VAL I 134 34.03 -101.85 38.34
C VAL I 134 34.48 -101.00 37.18
N ASP I 135 33.80 -101.16 36.04
CA ASP I 135 34.18 -100.43 34.85
C ASP I 135 32.92 -100.11 34.04
N ARG I 136 32.90 -98.92 33.46
CA ARG I 136 31.76 -98.44 32.70
C ARG I 136 32.18 -98.01 31.30
N PHE I 137 31.20 -97.95 30.41
CA PHE I 137 31.38 -97.30 29.12
C PHE I 137 30.00 -96.89 28.62
N TRP I 138 29.97 -95.85 27.82
CA TRP I 138 28.73 -95.22 27.39
C TRP I 138 28.53 -95.46 25.91
N PHE I 139 27.52 -96.24 25.57
CA PHE I 139 27.15 -96.51 24.19
C PHE I 139 26.09 -95.52 23.74
N SER I 140 25.89 -95.45 22.42
CA SER I 140 24.90 -94.55 21.83
C SER I 140 24.16 -95.30 20.73
N ILE I 141 23.04 -95.92 21.10
CA ILE I 141 22.21 -96.64 20.14
C ILE I 141 21.35 -95.61 19.42
N ASN I 142 21.79 -95.18 18.25
CA ASN I 142 21.02 -94.30 17.39
C ASN I 142 20.76 -92.96 18.08
N GLY I 143 21.85 -92.30 18.46
CA GLY I 143 21.75 -90.98 19.05
C GLY I 143 21.47 -90.98 20.53
N ASN I 144 20.68 -91.94 21.00
CA ASN I 144 20.33 -92.00 22.41
C ASN I 144 21.41 -92.73 23.20
N ILE I 145 21.82 -92.14 24.32
CA ILE I 145 22.98 -92.60 25.07
C ILE I 145 22.53 -93.28 26.35
N GLY I 146 23.21 -94.36 26.71
CA GLY I 146 23.03 -95.04 27.97
C GLY I 146 24.39 -95.56 28.39
N GLU I 147 24.43 -96.21 29.54
CA GLU I 147 25.69 -96.74 30.05
C GLU I 147 25.59 -98.23 30.34
N TYR I 148 26.70 -98.92 30.16
CA TYR I 148 26.83 -100.33 30.49
C TYR I 148 27.87 -100.47 31.59
N VAL I 149 27.48 -101.11 32.68
CA VAL I 149 28.34 -101.24 33.86
C VAL I 149 28.76 -102.69 34.00
N ILE I 150 30.06 -102.92 34.07
CA ILE I 150 30.62 -104.25 34.26
C ILE I 150 31.47 -104.23 35.52
N SER I 151 31.36 -105.29 36.31
CA SER I 151 32.10 -105.46 37.55
C SER I 151 32.95 -106.72 37.43
N VAL I 152 34.26 -106.58 37.59
CA VAL I 152 35.19 -107.70 37.47
C VAL I 152 35.60 -108.13 38.87
N ASP I 153 35.43 -109.42 39.16
CA ASP I 153 35.60 -110.00 40.48
C ASP I 153 37.00 -110.55 40.65
N PRO I 154 37.51 -110.62 41.89
CA PRO I 154 38.88 -111.10 42.10
C PRO I 154 38.95 -112.61 42.23
N THR I 155 38.14 -113.28 41.41
CA THR I 155 38.09 -114.73 41.23
C THR I 155 37.51 -115.49 42.42
N THR I 156 37.35 -114.83 43.57
CA THR I 156 36.85 -115.63 44.68
C THR I 156 35.32 -115.72 44.71
N SER I 157 34.65 -114.67 45.19
CA SER I 157 33.20 -114.82 45.36
C SER I 157 32.33 -114.23 44.26
N GLU I 158 32.07 -112.91 44.37
CA GLU I 158 31.16 -112.14 43.52
C GLU I 158 31.20 -110.69 43.98
N LEU I 159 31.26 -109.72 43.07
CA LEU I 159 31.20 -108.33 43.51
C LEU I 159 29.76 -107.83 43.62
N PRO I 160 29.52 -106.84 44.49
CA PRO I 160 28.19 -106.19 44.56
C PRO I 160 27.91 -105.31 43.35
N GLN I 161 26.82 -104.53 43.41
CA GLN I 161 26.25 -103.92 42.22
C GLN I 161 26.13 -102.41 42.41
N PRO I 162 26.86 -101.63 41.62
CA PRO I 162 26.92 -100.17 41.82
C PRO I 162 25.68 -99.46 41.30
N PRO I 163 25.41 -98.25 41.78
CA PRO I 163 24.08 -97.64 41.63
C PRO I 163 23.77 -96.88 40.34
N PHE I 164 24.46 -97.11 39.21
CA PHE I 164 24.00 -96.56 37.94
C PHE I 164 23.90 -95.04 37.91
N THR I 165 25.06 -94.37 37.82
CA THR I 165 25.17 -92.91 37.91
C THR I 165 24.01 -92.17 37.25
N THR I 166 23.52 -91.14 37.94
CA THR I 166 22.39 -90.33 37.53
C THR I 166 22.83 -89.24 36.57
N PRO I 167 21.89 -88.56 35.90
CA PRO I 167 22.27 -87.50 34.95
C PRO I 167 23.10 -86.40 35.58
N VAL I 168 22.60 -85.80 36.65
CA VAL I 168 23.35 -84.78 37.38
C VAL I 168 23.58 -85.29 38.79
N TYR I 169 24.80 -85.13 39.29
CA TYR I 169 25.15 -85.64 40.60
C TYR I 169 26.14 -84.68 41.26
N VAL I 170 26.29 -84.86 42.56
CA VAL I 170 27.27 -84.12 43.35
C VAL I 170 28.16 -85.13 44.05
N PRO I 171 29.42 -85.28 43.62
CA PRO I 171 30.28 -86.35 44.15
C PRO I 171 30.24 -86.51 45.66
N ALA I 172 30.24 -87.76 46.09
CA ALA I 172 30.05 -88.16 47.48
C ALA I 172 30.86 -87.32 48.46
N ALA I 173 32.17 -87.27 48.30
CA ALA I 173 32.97 -86.48 49.22
C ALA I 173 34.08 -85.74 48.51
N ARG I 174 33.75 -84.56 48.00
CA ARG I 174 34.71 -83.64 47.41
C ARG I 174 34.36 -82.22 47.80
N ARG I 175 33.59 -82.08 48.87
CA ARG I 175 33.04 -80.82 49.33
C ARG I 175 33.90 -80.31 50.48
N SER I 176 33.99 -78.99 50.60
CA SER I 176 34.72 -78.48 51.74
C SER I 176 34.33 -77.05 51.99
N VAL I 177 34.71 -76.58 53.17
CA VAL I 177 34.38 -75.25 53.65
C VAL I 177 35.58 -74.69 54.39
N ASP I 178 35.96 -73.47 54.06
CA ASP I 178 37.04 -72.80 54.79
C ASP I 178 36.41 -71.84 55.78
N PRO I 179 36.38 -72.16 57.08
CA PRO I 179 35.71 -71.26 58.03
C PRO I 179 36.38 -69.91 58.15
N ARG I 180 37.54 -69.75 57.55
CA ARG I 180 38.37 -68.56 57.60
C ARG I 180 37.88 -67.47 56.65
N THR I 181 37.15 -67.84 55.60
CA THR I 181 36.60 -66.87 54.66
C THR I 181 35.18 -67.19 54.25
N HIS I 182 34.55 -68.18 54.86
CA HIS I 182 33.14 -68.49 54.65
C HIS I 182 32.86 -68.80 53.18
N VAL I 183 33.50 -69.86 52.69
CA VAL I 183 33.35 -70.26 51.30
C VAL I 183 33.18 -71.76 51.23
N LEU I 184 32.12 -72.20 50.56
CA LEU I 184 31.83 -73.61 50.36
C LEU I 184 32.21 -74.01 48.94
N LYS I 185 32.94 -75.11 48.82
CA LYS I 185 33.35 -75.64 47.53
C LYS I 185 32.71 -77.00 47.33
N PHE I 186 32.16 -77.24 46.15
CA PHE I 186 31.69 -78.56 45.82
C PHE I 186 31.77 -78.76 44.31
N VAL I 187 31.72 -80.00 43.90
CA VAL I 187 31.87 -80.36 42.50
C VAL I 187 30.51 -80.74 41.95
N LEU I 188 30.27 -80.41 40.68
CA LEU I 188 29.01 -80.72 40.03
C LEU I 188 29.30 -81.43 38.73
N GLY I 189 28.94 -82.69 38.65
CA GLY I 189 29.23 -83.51 37.47
C GLY I 189 27.97 -83.85 36.72
N VAL I 190 28.08 -83.87 35.39
CA VAL I 190 26.95 -84.15 34.50
C VAL I 190 27.29 -85.42 33.72
N SER I 191 26.40 -86.40 33.77
CA SER I 191 26.64 -87.65 33.07
C SER I 191 26.56 -87.40 31.57
N PRO I 192 27.19 -88.26 30.76
CA PRO I 192 27.07 -88.11 29.30
C PRO I 192 25.69 -88.43 28.77
N ALA I 193 24.80 -88.99 29.58
CA ALA I 193 23.47 -89.34 29.14
C ALA I 193 22.43 -88.28 29.46
N ALA I 194 22.83 -87.16 30.04
CA ALA I 194 21.90 -86.08 30.30
C ALA I 194 21.39 -85.51 28.98
N ILE I 195 20.10 -85.32 28.88
CA ILE I 195 19.49 -84.89 27.62
C ILE I 195 19.44 -83.37 27.59
N PRO I 196 19.92 -82.73 26.54
CA PRO I 196 19.92 -81.26 26.51
C PRO I 196 18.51 -80.70 26.59
N GLY I 197 18.38 -79.59 27.29
CA GLY I 197 17.10 -78.95 27.50
C GLY I 197 16.46 -79.24 28.84
N ASP I 198 16.90 -80.28 29.54
CA ASP I 198 16.34 -80.60 30.84
C ASP I 198 16.75 -79.57 31.88
N VAL I 199 16.05 -79.60 33.01
CA VAL I 199 16.33 -78.72 34.13
C VAL I 199 16.27 -79.54 35.41
N TYR I 200 17.29 -79.43 36.25
CA TYR I 200 17.30 -80.05 37.56
C TYR I 200 17.45 -78.97 38.61
N ARG I 201 17.13 -79.31 39.86
CA ARG I 201 17.18 -78.36 40.95
C ARG I 201 18.02 -78.93 42.08
N LEU I 202 19.01 -78.16 42.51
CA LEU I 202 19.90 -78.54 43.60
C LEU I 202 19.60 -77.66 44.80
N THR I 203 19.32 -78.27 45.94
CA THR I 203 19.08 -77.57 47.19
C THR I 203 20.23 -77.82 48.15
N VAL I 204 20.76 -76.75 48.72
CA VAL I 204 21.92 -76.79 49.60
C VAL I 204 21.50 -76.30 50.98
N ARG I 205 21.74 -77.11 52.00
CA ARG I 205 21.44 -76.74 53.38
C ARG I 205 22.74 -76.67 54.15
N GLN I 206 23.16 -75.45 54.47
CA GLN I 206 24.45 -75.21 55.10
C GLN I 206 24.24 -74.66 56.50
N VAL I 207 25.01 -75.17 57.45
CA VAL I 207 24.90 -74.77 58.85
C VAL I 207 26.12 -73.94 59.21
N ALA I 208 25.89 -72.78 59.79
CA ALA I 208 26.92 -72.05 60.50
C ALA I 208 26.90 -72.53 61.93
N ILE I 209 27.65 -71.87 62.80
CA ILE I 209 27.74 -72.32 64.18
C ILE I 209 28.07 -71.10 65.04
N ASP I 210 27.43 -71.02 66.20
CA ASP I 210 27.72 -69.93 67.11
C ASP I 210 28.79 -70.36 68.10
N CYS I 211 29.27 -69.39 68.86
CA CYS I 211 30.57 -69.54 69.48
C CYS I 211 30.51 -70.54 70.63
N ASP I 212 29.30 -70.91 71.07
CA ASP I 212 29.05 -72.04 71.97
C ASP I 212 28.72 -73.34 71.24
N GLY I 213 28.67 -73.34 69.92
CA GLY I 213 28.43 -74.56 69.18
C GLY I 213 26.99 -74.84 68.78
N ASN I 214 26.09 -73.87 68.91
CA ASN I 214 24.73 -74.07 68.44
C ASN I 214 24.68 -73.82 66.94
N GLU I 215 23.49 -73.78 66.34
CA GLU I 215 23.41 -73.95 64.89
C GLU I 215 22.62 -72.82 64.26
N PHE I 216 23.04 -72.45 63.05
CA PHE I 216 22.34 -71.51 62.21
C PHE I 216 22.22 -72.11 60.82
N VAL I 217 21.02 -72.44 60.39
CA VAL I 217 20.79 -73.12 59.13
C VAL I 217 20.49 -72.10 58.04
N HIS I 218 20.85 -72.45 56.82
CA HIS I 218 20.65 -71.61 55.64
C HIS I 218 20.35 -72.50 54.45
N ILE I 219 19.30 -72.18 53.70
CA ILE I 219 18.86 -73.00 52.58
C ILE I 219 18.76 -72.14 51.32
N SER I 220 19.24 -72.68 50.20
CA SER I 220 19.12 -72.03 48.90
C SER I 220 19.03 -73.12 47.83
N CYS I 221 18.69 -72.71 46.61
CA CYS I 221 18.62 -73.68 45.52
C CYS I 221 19.38 -73.15 44.32
N TYR I 222 19.67 -74.05 43.39
CA TYR I 222 20.22 -73.69 42.09
C TYR I 222 19.55 -74.53 41.02
N ASP I 223 19.30 -73.91 39.88
CA ASP I 223 18.60 -74.54 38.76
C ASP I 223 19.61 -74.91 37.70
N ILE I 224 19.93 -76.20 37.60
CA ILE I 224 20.91 -76.69 36.65
C ILE I 224 20.19 -77.04 35.36
N SER I 225 20.46 -76.28 34.30
CA SER I 225 19.79 -76.45 33.03
C SER I 225 20.75 -77.11 32.05
N ILE I 226 20.49 -78.38 31.73
CA ILE I 226 21.39 -79.14 30.87
C ILE I 226 21.32 -78.57 29.47
N GLY I 227 22.35 -77.83 29.08
CA GLY I 227 22.49 -77.37 27.72
C GLY I 227 23.47 -78.24 26.96
N SER I 228 23.35 -78.20 25.65
CA SER I 228 24.33 -78.80 24.77
C SER I 228 25.12 -77.67 24.13
N CYS I 229 26.39 -77.95 23.87
CA CYS I 229 27.31 -76.93 23.39
C CYS I 229 27.44 -75.77 24.35
N GLY I 230 27.99 -76.07 25.53
CA GLY I 230 28.26 -75.06 26.53
C GLY I 230 27.04 -74.74 27.33
N MET J 1 21.47 -61.75 59.25
CA MET J 1 21.17 -61.22 60.57
C MET J 1 20.36 -59.94 60.46
N TYR J 2 19.20 -59.91 61.09
CA TYR J 2 18.36 -58.73 61.14
C TYR J 2 18.86 -57.78 62.21
N PHE J 3 18.77 -56.48 61.93
CA PHE J 3 19.16 -55.49 62.91
C PHE J 3 18.09 -54.41 62.97
N PHE J 4 17.47 -54.26 64.12
CA PHE J 4 16.43 -53.26 64.31
C PHE J 4 16.86 -52.25 65.36
N SER J 5 16.48 -51.01 65.15
CA SER J 5 16.63 -49.96 66.14
C SER J 5 15.25 -49.61 66.67
N VAL J 6 15.14 -49.51 67.99
CA VAL J 6 13.85 -49.34 68.65
C VAL J 6 13.48 -47.87 68.67
N ASP J 7 12.18 -47.60 68.77
CA ASP J 7 11.74 -46.21 68.80
C ASP J 7 11.88 -45.65 70.21
N PRO J 8 12.41 -44.43 70.34
CA PRO J 8 12.98 -44.04 71.64
C PRO J 8 11.99 -43.43 72.62
N ARG J 9 10.70 -43.35 72.31
CA ARG J 9 9.69 -42.84 73.23
C ARG J 9 10.00 -41.41 73.68
N ASN J 10 10.17 -40.52 72.70
CA ASN J 10 10.38 -39.10 72.93
C ASN J 10 9.16 -38.26 72.64
N GLY J 11 8.15 -38.80 71.98
CA GLY J 11 7.16 -37.98 71.33
C GLY J 11 7.57 -37.56 69.94
N ALA J 12 8.51 -38.28 69.34
CA ALA J 12 9.05 -37.93 68.03
C ALA J 12 9.38 -39.18 67.23
N SER J 13 10.21 -39.04 66.20
CA SER J 13 10.58 -40.16 65.34
C SER J 13 11.43 -41.20 66.05
N SER J 21 3.70 -49.86 56.78
CA SER J 21 2.35 -49.35 56.90
C SER J 21 1.72 -49.74 58.25
N CYS J 22 2.05 -50.95 58.72
CA CYS J 22 1.55 -51.42 59.99
C CYS J 22 2.29 -50.84 61.17
N CYS J 23 1.82 -51.26 62.35
CA CYS J 23 2.46 -50.94 63.61
C CYS J 23 3.80 -51.65 63.78
N CYS J 24 3.79 -52.97 63.73
CA CYS J 24 4.95 -53.77 64.05
C CYS J 24 5.77 -54.02 62.78
N GLU J 25 7.09 -53.86 62.89
CA GLU J 25 7.97 -53.98 61.74
C GLU J 25 8.05 -55.44 61.29
N SER J 26 8.74 -55.66 60.17
CA SER J 26 8.62 -56.87 59.39
C SER J 26 9.90 -57.69 59.40
N ILE J 27 9.73 -59.02 59.38
CA ILE J 27 10.81 -59.98 59.33
C ILE J 27 10.41 -61.06 58.34
N SER J 28 11.16 -61.21 57.26
CA SER J 28 10.87 -62.27 56.31
C SER J 28 11.61 -63.55 56.71
N ALA J 29 10.96 -64.68 56.49
CA ALA J 29 11.50 -65.95 56.97
C ALA J 29 11.21 -67.03 55.96
N ARG J 30 12.10 -68.01 55.89
CA ARG J 30 12.01 -69.12 54.96
C ARG J 30 11.96 -70.45 55.71
N PRO J 31 11.07 -71.35 55.33
CA PRO J 31 10.91 -72.59 56.10
C PRO J 31 12.17 -73.42 56.18
N GLY J 32 12.59 -73.73 57.40
CA GLY J 32 13.79 -74.50 57.65
C GLY J 32 14.95 -73.70 58.18
N GLU J 33 14.97 -72.39 57.94
CA GLU J 33 16.05 -71.54 58.38
C GLU J 33 16.11 -71.43 59.89
N VAL J 34 17.24 -70.93 60.37
CA VAL J 34 17.42 -70.47 61.75
C VAL J 34 18.29 -69.24 61.67
N ASN J 35 17.70 -68.07 61.82
CA ASN J 35 18.39 -66.82 61.61
C ASN J 35 18.72 -66.17 62.95
N GLY J 36 19.29 -64.97 62.90
CA GLY J 36 19.61 -64.24 64.12
C GLY J 36 19.15 -62.80 64.06
N VAL J 37 18.61 -62.29 65.16
CA VAL J 37 18.04 -60.95 65.20
C VAL J 37 18.73 -60.14 66.27
N MET J 38 19.05 -58.88 65.96
CA MET J 38 19.67 -57.96 66.90
C MET J 38 18.80 -56.71 67.01
N VAL J 39 18.53 -56.30 68.24
CA VAL J 39 17.72 -55.12 68.52
C VAL J 39 18.54 -54.17 69.38
N SER J 40 18.63 -52.92 68.95
CA SER J 40 19.49 -51.93 69.60
C SER J 40 18.64 -50.98 70.42
N TYR J 41 18.59 -51.22 71.73
CA TYR J 41 17.82 -50.36 72.62
C TYR J 41 18.54 -49.09 73.00
N ALA J 42 19.64 -48.74 72.31
CA ALA J 42 20.44 -47.59 72.72
C ALA J 42 19.63 -46.31 72.71
N ALA J 43 18.76 -46.13 71.71
CA ALA J 43 18.02 -44.88 71.61
C ALA J 43 17.07 -44.66 72.77
N TRP J 44 16.63 -45.71 73.44
CA TRP J 44 15.66 -45.61 74.53
C TRP J 44 16.31 -45.70 75.90
N SER J 45 17.28 -46.59 76.07
CA SER J 45 17.83 -46.88 77.38
C SER J 45 19.08 -46.09 77.70
N ALA J 46 19.64 -45.35 76.74
CA ALA J 46 20.84 -44.57 77.04
C ALA J 46 20.49 -43.30 77.83
N PRO J 47 19.50 -42.49 77.41
CA PRO J 47 19.12 -41.35 78.25
C PRO J 47 18.75 -41.73 79.67
N LEU J 48 18.11 -42.88 79.87
CA LEU J 48 17.83 -43.38 81.21
C LEU J 48 19.13 -43.83 81.85
N ARG J 49 19.99 -42.87 82.19
CA ARG J 49 21.32 -43.21 82.66
C ARG J 49 21.23 -44.11 83.88
N GLY J 50 21.59 -45.37 83.71
CA GLY J 50 21.46 -46.35 84.77
C GLY J 50 22.36 -47.53 84.52
N HIS J 51 21.86 -48.74 84.79
CA HIS J 51 22.65 -49.95 84.59
C HIS J 51 22.22 -50.71 83.34
N GLY J 52 21.65 -50.02 82.36
CA GLY J 52 21.39 -50.64 81.07
C GLY J 52 20.33 -51.71 81.14
N LEU J 53 20.42 -52.65 80.20
CA LEU J 53 19.42 -53.69 80.05
C LEU J 53 19.65 -54.79 81.08
N THR J 54 18.65 -55.65 81.26
CA THR J 54 18.80 -56.84 82.07
C THR J 54 18.26 -58.04 81.30
N ASN J 55 18.61 -59.24 81.77
CA ASN J 55 18.19 -60.49 81.12
C ASN J 55 16.81 -60.92 81.62
N LYS J 56 15.84 -60.02 81.46
CA LYS J 56 14.46 -60.35 81.76
C LYS J 56 13.58 -60.02 80.57
N THR J 57 13.97 -60.49 79.40
CA THR J 57 13.16 -60.37 78.20
C THR J 57 12.12 -61.46 78.16
N THR J 58 10.96 -61.14 77.61
CA THR J 58 9.88 -62.09 77.46
C THR J 58 9.35 -62.00 76.04
N PHE J 59 9.12 -63.16 75.42
CA PHE J 59 8.66 -63.23 74.05
C PHE J 59 7.30 -63.89 73.99
N GLU J 60 6.55 -63.59 72.94
CA GLU J 60 5.27 -64.26 72.72
C GLU J 60 5.01 -64.33 71.23
N ILE J 61 4.59 -65.50 70.76
CA ILE J 61 4.28 -65.72 69.35
C ILE J 61 2.79 -65.92 69.23
N ASP J 62 2.18 -65.20 68.28
CA ASP J 62 0.77 -65.35 67.96
C ASP J 62 0.59 -65.25 66.46
N GLY J 63 -0.31 -66.05 65.91
CA GLY J 63 -0.53 -66.08 64.48
C GLY J 63 -1.58 -65.08 64.05
N VAL J 64 -1.29 -64.34 62.99
CA VAL J 64 -2.25 -63.46 62.35
C VAL J 64 -2.82 -64.07 61.07
N SER J 65 -2.28 -65.21 60.65
CA SER J 65 -2.71 -65.97 59.48
C SER J 65 -2.00 -67.31 59.53
N VAL J 66 -2.71 -68.43 59.56
CA VAL J 66 -2.11 -69.71 59.90
C VAL J 66 -2.23 -70.74 58.79
N THR J 67 -3.38 -70.83 58.10
CA THR J 67 -3.57 -71.85 57.07
C THR J 67 -3.39 -73.25 57.69
N PRO J 68 -4.38 -73.75 58.40
CA PRO J 68 -4.23 -75.00 59.18
C PRO J 68 -3.57 -76.10 58.38
N PRO J 69 -2.73 -76.92 59.01
CA PRO J 69 -1.99 -77.93 58.26
C PRO J 69 -2.90 -79.06 57.81
N LYS J 70 -2.47 -79.73 56.75
CA LYS J 70 -3.22 -80.85 56.20
C LYS J 70 -2.88 -82.17 56.89
N VAL J 71 -1.60 -82.46 57.01
CA VAL J 71 -1.12 -83.75 57.52
C VAL J 71 -0.86 -83.61 59.01
N SER J 72 -1.29 -84.58 59.78
CA SER J 72 -1.06 -84.52 61.22
C SER J 72 0.36 -84.96 61.54
N ASN J 73 0.83 -84.54 62.71
CA ASN J 73 2.11 -85.03 63.22
C ASN J 73 1.87 -86.30 64.02
N ALA J 74 2.95 -86.91 64.51
CA ALA J 74 2.81 -88.19 65.18
C ALA J 74 3.94 -88.37 66.17
N PHE J 75 3.73 -89.28 67.12
CA PHE J 75 4.72 -89.59 68.14
C PHE J 75 4.85 -91.09 68.29
N GLY J 76 6.10 -91.57 68.34
CA GLY J 76 6.38 -92.97 68.57
C GLY J 76 7.35 -93.13 69.72
N ARG J 77 7.57 -94.39 70.08
CA ARG J 77 8.45 -94.69 71.20
C ARG J 77 9.12 -96.04 71.01
N THR J 78 10.38 -96.13 71.43
CA THR J 78 11.15 -97.35 71.30
C THR J 78 12.23 -97.37 72.37
N LYS J 79 12.69 -98.56 72.73
CA LYS J 79 13.80 -98.67 73.66
C LYS J 79 15.12 -98.55 72.91
N VAL J 80 16.22 -98.50 73.66
CA VAL J 80 17.52 -98.38 73.01
C VAL J 80 17.81 -99.62 72.18
N GLY J 81 18.40 -99.41 71.02
CA GLY J 81 18.90 -100.48 70.17
C GLY J 81 17.86 -101.23 69.38
N VAL J 82 16.61 -101.25 69.81
CA VAL J 82 15.58 -102.03 69.11
C VAL J 82 15.03 -101.19 67.96
N VAL J 83 14.90 -101.82 66.80
CA VAL J 83 14.44 -101.16 65.59
C VAL J 83 12.97 -100.81 65.74
N PHE J 84 12.58 -99.66 65.21
CA PHE J 84 11.22 -99.16 65.35
C PHE J 84 10.54 -99.11 63.99
N GLU J 85 9.30 -99.57 63.95
CA GLU J 85 8.44 -99.48 62.78
C GLU J 85 7.29 -98.52 63.05
N GLY J 86 6.65 -98.08 61.98
CA GLY J 86 5.50 -97.22 62.09
C GLY J 86 4.90 -97.01 60.72
N THR J 87 3.73 -96.40 60.70
CA THR J 87 3.01 -96.15 59.47
C THR J 87 3.01 -94.66 59.17
N LEU J 88 2.74 -94.33 57.91
CA LEU J 88 2.75 -92.95 57.48
C LEU J 88 1.53 -92.66 56.62
N SER J 89 0.41 -93.34 56.89
CA SER J 89 -0.79 -93.20 56.07
C SER J 89 -2.01 -92.73 56.84
N ASP J 90 -2.06 -92.94 58.16
CA ASP J 90 -3.15 -92.44 58.98
C ASP J 90 -2.89 -91.01 59.41
N LEU J 91 -1.85 -90.38 58.86
CA LEU J 91 -1.47 -89.03 59.21
C LEU J 91 -1.90 -88.04 58.14
N PHE J 92 -2.64 -88.50 57.13
CA PHE J 92 -3.09 -87.67 56.03
C PHE J 92 -4.56 -87.93 55.77
N PRO J 93 -5.44 -87.45 56.64
CA PRO J 93 -6.87 -87.55 56.33
C PRO J 93 -7.18 -86.70 55.13
N ASN J 94 -7.48 -87.32 54.00
CA ASN J 94 -7.70 -86.54 52.80
C ASN J 94 -9.19 -86.30 52.59
N PRO J 95 -9.59 -85.09 52.19
CA PRO J 95 -10.99 -84.84 51.85
C PRO J 95 -11.38 -85.54 50.56
N GLU J 96 -10.54 -85.34 49.54
CA GLU J 96 -10.84 -85.74 48.17
C GLU J 96 -10.19 -87.08 47.80
N GLY J 97 -10.28 -87.44 46.53
CA GLY J 97 -9.61 -88.61 46.01
C GLY J 97 -8.30 -88.31 45.32
N GLU J 98 -7.22 -88.89 45.81
CA GLU J 98 -5.89 -88.72 45.22
C GLU J 98 -4.96 -89.75 45.82
N GLN J 99 -3.76 -89.82 45.26
CA GLN J 99 -2.71 -90.73 45.70
C GLN J 99 -1.70 -90.00 46.58
N VAL J 100 -0.93 -90.81 47.31
CA VAL J 100 -0.11 -90.34 48.41
C VAL J 100 1.37 -90.61 48.17
N GLU J 101 2.07 -89.62 47.61
CA GLU J 101 3.49 -89.74 47.34
C GLU J 101 4.31 -89.47 48.59
N TYR J 102 4.36 -90.44 49.49
CA TYR J 102 5.15 -90.33 50.71
C TYR J 102 6.60 -90.01 50.38
N GLU J 103 7.18 -89.06 51.12
CA GLU J 103 8.54 -88.61 50.84
C GLU J 103 9.24 -88.20 52.13
N ILE J 104 10.51 -88.55 52.24
CA ILE J 104 11.36 -88.14 53.36
C ILE J 104 12.48 -87.31 52.78
N SER J 105 12.42 -86.00 52.98
CA SER J 105 13.42 -85.09 52.46
C SER J 105 14.76 -85.35 53.13
N GLU J 106 15.84 -85.40 52.33
CA GLU J 106 17.16 -85.60 52.89
C GLU J 106 17.69 -84.39 53.63
N LEU J 107 17.13 -83.20 53.39
CA LEU J 107 17.58 -82.02 54.12
C LEU J 107 17.12 -82.07 55.57
N ASN J 108 15.98 -82.68 55.82
CA ASN J 108 15.37 -82.72 57.15
C ASN J 108 15.17 -84.15 57.61
N GLY J 109 16.14 -85.02 57.35
CA GLY J 109 16.06 -86.38 57.80
C GLY J 109 16.31 -86.49 59.29
N PRO J 110 16.45 -87.71 59.79
CA PRO J 110 16.72 -87.88 61.22
C PRO J 110 18.12 -87.45 61.59
N SER J 111 18.46 -87.50 62.86
CA SER J 111 19.74 -87.01 63.34
C SER J 111 20.62 -88.09 63.95
N ASN J 112 20.03 -89.10 64.58
CA ASN J 112 20.79 -90.18 65.19
C ASN J 112 20.24 -91.54 64.78
N GLY J 113 19.69 -91.65 63.59
CA GLY J 113 19.15 -92.90 63.09
C GLY J 113 19.19 -92.94 61.58
N VAL J 114 18.39 -93.83 61.00
CA VAL J 114 18.21 -93.93 59.55
C VAL J 114 16.79 -94.39 59.31
N VAL J 115 16.17 -93.92 58.23
CA VAL J 115 14.82 -94.32 57.86
C VAL J 115 14.80 -94.81 56.42
N GLU J 116 14.24 -96.00 56.20
CA GLU J 116 14.09 -96.58 54.86
C GLU J 116 12.61 -96.46 54.52
N LEU J 117 12.23 -95.47 53.74
CA LEU J 117 10.83 -95.35 53.37
C LEU J 117 10.42 -96.52 52.48
N GLY J 118 9.34 -97.19 52.85
CA GLY J 118 8.85 -98.33 52.11
C GLY J 118 8.11 -97.91 50.86
N ALA J 119 7.42 -98.87 50.26
CA ALA J 119 6.65 -98.59 49.05
C ALA J 119 5.33 -97.91 49.40
N ASN J 120 4.70 -98.31 50.50
CA ASN J 120 3.39 -97.78 50.89
C ASN J 120 3.46 -97.29 52.34
N GLY J 121 3.68 -95.99 52.51
CA GLY J 121 3.55 -95.32 53.79
C GLY J 121 4.14 -96.02 54.99
N ALA J 122 5.16 -96.84 54.77
CA ALA J 122 5.83 -97.56 55.84
C ALA J 122 7.29 -97.16 55.88
N PHE J 123 7.88 -97.26 57.07
CA PHE J 123 9.24 -96.79 57.25
C PHE J 123 9.83 -97.46 58.48
N THR J 124 11.13 -97.69 58.45
CA THR J 124 11.85 -98.31 59.55
C THR J 124 12.91 -97.35 60.05
N TYR J 125 12.83 -97.00 61.32
CA TYR J 125 13.79 -96.11 61.96
C TYR J 125 14.68 -96.96 62.85
N THR J 126 15.86 -97.29 62.36
CA THR J 126 16.84 -98.02 63.15
C THR J 126 17.67 -97.02 63.94
N PRO J 127 17.46 -96.91 65.25
CA PRO J 127 18.19 -95.88 66.01
C PRO J 127 19.68 -96.17 66.03
N GLY J 128 20.47 -95.10 66.03
CA GLY J 128 21.90 -95.25 66.09
C GLY J 128 22.33 -95.98 67.35
N ALA J 129 23.24 -96.95 67.17
CA ALA J 129 23.68 -97.78 68.27
C ALA J 129 24.31 -96.93 69.36
N LEU J 130 24.06 -97.32 70.62
CA LEU J 130 24.55 -96.61 71.78
C LEU J 130 24.08 -95.16 71.77
N PHE J 131 22.75 -94.99 71.80
CA PHE J 131 22.15 -93.66 71.81
C PHE J 131 20.77 -93.75 72.41
N THR J 132 20.43 -92.81 73.30
CA THR J 132 19.09 -92.77 73.90
C THR J 132 18.71 -91.32 74.06
N GLY J 133 17.71 -90.88 73.32
CA GLY J 133 17.23 -89.52 73.42
C GLY J 133 15.95 -89.37 72.63
N VAL J 134 15.80 -88.21 71.99
CA VAL J 134 14.66 -87.95 71.12
C VAL J 134 15.19 -87.66 69.73
N ASP J 135 14.42 -88.05 68.72
CA ASP J 135 14.84 -87.87 67.34
C ASP J 135 13.63 -87.56 66.47
N ARG J 136 13.81 -86.67 65.51
CA ARG J 136 12.75 -86.21 64.64
C ARG J 136 13.14 -86.41 63.18
N PHE J 137 12.13 -86.43 62.32
CA PHE J 137 12.33 -86.30 60.89
C PHE J 137 11.05 -85.79 60.27
N TRP J 138 11.18 -85.09 59.16
CA TRP J 138 10.08 -84.39 58.53
C TRP J 138 9.71 -85.05 57.22
N PHE J 139 8.53 -85.66 57.18
CA PHE J 139 8.01 -86.28 55.98
C PHE J 139 7.15 -85.29 55.22
N SER J 140 6.86 -85.63 53.96
CA SER J 140 6.06 -84.77 53.09
C SER J 140 5.08 -85.66 52.32
N ILE J 141 3.89 -85.85 52.87
CA ILE J 141 2.85 -86.63 52.22
C ILE J 141 2.17 -85.73 51.20
N ASN J 142 2.60 -85.85 49.95
CA ASN J 142 1.98 -85.15 48.84
C ASN J 142 2.06 -83.64 49.01
N GLY J 143 3.29 -83.16 49.14
CA GLY J 143 3.54 -81.73 49.23
C GLY J 143 3.39 -81.17 50.63
N ASN J 144 2.44 -81.70 51.40
CA ASN J 144 2.20 -81.20 52.75
C ASN J 144 3.15 -81.84 53.74
N ILE J 145 3.77 -81.03 54.58
CA ILE J 145 4.86 -81.46 55.44
C ILE J 145 4.37 -81.54 56.88
N GLY J 146 4.83 -82.56 57.60
CA GLY J 146 4.61 -82.71 59.01
C GLY J 146 5.85 -83.36 59.60
N GLU J 147 5.85 -83.58 60.90
CA GLU J 147 7.00 -84.17 61.56
C GLU J 147 6.59 -85.40 62.34
N TYR J 148 7.52 -86.35 62.43
CA TYR J 148 7.37 -87.56 63.21
C TYR J 148 8.43 -87.55 64.30
N VAL J 149 8.01 -87.69 65.55
CA VAL J 149 8.90 -87.60 66.70
C VAL J 149 9.01 -88.97 67.33
N ILE J 150 10.24 -89.46 67.48
CA ILE J 150 10.52 -90.73 68.11
C ILE J 150 11.44 -90.49 69.30
N SER J 151 11.16 -91.16 70.41
CA SER J 151 11.96 -91.07 71.63
C SER J 151 12.49 -92.45 71.95
N VAL J 152 13.81 -92.58 72.06
CA VAL J 152 14.46 -93.85 72.33
C VAL J 152 14.89 -93.86 73.79
N ASP J 153 14.46 -94.90 74.51
CA ASP J 153 14.60 -95.02 75.95
C ASP J 153 15.86 -95.80 76.30
N PRO J 154 16.44 -95.55 77.49
CA PRO J 154 17.69 -96.23 77.85
C PRO J 154 17.44 -97.59 78.50
N THR J 155 16.45 -98.29 77.96
CA THR J 155 16.07 -99.66 78.29
C THR J 155 15.43 -99.81 79.67
N THR J 156 15.51 -98.79 80.52
CA THR J 156 14.93 -99.03 81.84
C THR J 156 13.44 -98.75 81.90
N SER J 157 13.04 -97.48 81.99
CA SER J 157 11.63 -97.22 82.20
C SER J 157 10.82 -96.85 80.96
N GLU J 158 10.85 -95.55 80.61
CA GLU J 158 10.06 -94.94 79.55
C GLU J 158 10.45 -93.46 79.47
N LEU J 159 10.64 -92.90 78.28
CA LEU J 159 10.92 -91.46 78.22
C LEU J 159 9.64 -90.64 78.14
N PRO J 160 9.68 -89.38 78.61
CA PRO J 160 8.54 -88.47 78.44
C PRO J 160 8.36 -88.00 77.02
N GLN J 161 7.46 -87.03 76.80
CA GLN J 161 6.96 -86.74 75.46
C GLN J 161 7.18 -85.26 75.11
N PRO J 162 7.99 -84.99 74.09
CA PRO J 162 8.38 -83.60 73.79
C PRO J 162 7.29 -82.85 73.06
N PRO J 163 7.33 -81.51 73.09
CA PRO J 163 6.15 -80.72 72.73
C PRO J 163 5.91 -80.38 71.25
N PHE J 164 6.45 -81.12 70.29
CA PHE J 164 6.01 -80.95 68.90
C PHE J 164 6.24 -79.56 68.33
N THR J 165 7.50 -79.24 68.03
CA THR J 165 7.93 -77.90 67.61
C THR J 165 6.91 -77.18 66.72
N THR J 166 6.72 -75.89 67.02
CA THR J 166 5.76 -75.04 66.34
C THR J 166 6.35 -74.48 65.06
N PRO J 167 5.52 -73.86 64.20
CA PRO J 167 6.04 -73.30 62.95
C PRO J 167 7.14 -72.27 63.15
N VAL J 168 6.88 -71.24 63.94
CA VAL J 168 7.88 -70.24 64.28
C VAL J 168 8.10 -70.27 65.77
N TYR J 169 9.37 -70.25 66.19
CA TYR J 169 9.70 -70.35 67.59
C TYR J 169 10.91 -69.48 67.89
N VAL J 170 11.13 -69.24 69.17
CA VAL J 170 12.31 -68.52 69.65
C VAL J 170 13.01 -69.42 70.66
N PRO J 171 14.17 -69.98 70.31
CA PRO J 171 14.82 -70.97 71.17
C PRO J 171 14.86 -70.60 72.64
N ALA J 172 14.62 -71.61 73.49
CA ALA J 172 14.47 -71.45 74.93
C ALA J 172 15.51 -70.54 75.55
N ALA J 173 16.79 -70.86 75.39
CA ALA J 173 17.81 -70.01 75.99
C ALA J 173 18.99 -69.82 75.06
N ARG J 174 18.88 -68.84 74.17
CA ARG J 174 19.97 -68.43 73.30
C ARG J 174 19.97 -66.91 73.16
N ARG J 175 19.33 -66.25 74.13
CA ARG J 175 19.10 -64.81 74.12
C ARG J 175 20.14 -64.15 75.01
N SER J 176 20.52 -62.93 74.67
CA SER J 176 21.44 -62.25 75.57
C SER J 176 21.39 -60.76 75.30
N VAL J 177 21.95 -60.02 76.24
CA VAL J 177 21.95 -58.57 76.24
C VAL J 177 23.29 -58.10 76.74
N ASP J 178 23.91 -57.17 76.01
CA ASP J 178 25.16 -56.57 76.46
C ASP J 178 24.83 -55.21 77.05
N PRO J 179 24.83 -55.05 78.39
CA PRO J 179 24.45 -53.75 78.96
C PRO J 179 25.41 -52.64 78.61
N ARG J 180 26.53 -52.96 77.99
CA ARG J 180 27.59 -52.05 77.62
C ARG J 180 27.27 -51.26 76.36
N THR J 181 26.40 -51.79 75.49
CA THR J 181 26.01 -51.09 74.28
C THR J 181 24.51 -51.19 74.00
N HIS J 182 23.73 -51.75 74.93
CA HIS J 182 22.27 -51.79 74.83
C HIS J 182 21.82 -52.51 73.55
N VAL J 183 22.19 -53.78 73.47
CA VAL J 183 21.84 -54.58 72.29
C VAL J 183 21.34 -55.93 72.76
N LEU J 184 20.17 -56.32 72.27
CA LEU J 184 19.56 -57.61 72.58
C LEU J 184 19.73 -58.53 71.39
N LYS J 185 20.20 -59.75 71.66
CA LYS J 185 20.38 -60.77 70.63
C LYS J 185 19.45 -61.93 70.93
N PHE J 186 18.78 -62.42 69.89
CA PHE J 186 17.99 -63.64 70.04
C PHE J 186 17.91 -64.33 68.70
N VAL J 187 17.58 -65.59 68.74
CA VAL J 187 17.53 -66.44 67.56
C VAL J 187 16.08 -66.65 67.16
N LEU J 188 15.83 -66.73 65.87
CA LEU J 188 14.47 -66.94 65.36
C LEU J 188 14.50 -68.10 64.38
N GLY J 189 13.86 -69.20 64.74
CA GLY J 189 13.89 -70.40 63.93
C GLY J 189 12.52 -70.68 63.33
N VAL J 190 12.51 -71.17 62.10
CA VAL J 190 11.30 -71.47 61.36
C VAL J 190 11.28 -72.96 61.07
N SER J 191 10.22 -73.64 61.46
CA SER J 191 10.11 -75.07 61.24
C SER J 191 9.98 -75.33 59.74
N PRO J 192 10.34 -76.53 59.28
CA PRO J 192 10.15 -76.86 57.86
C PRO J 192 8.70 -77.01 57.47
N ALA J 193 7.77 -77.05 58.43
CA ALA J 193 6.36 -77.22 58.13
C ALA J 193 5.61 -75.90 58.07
N ALA J 194 6.28 -74.77 58.22
CA ALA J 194 5.63 -73.48 58.09
C ALA J 194 5.16 -73.29 56.66
N ILE J 195 3.92 -72.86 56.49
CA ILE J 195 3.33 -72.76 55.16
C ILE J 195 3.60 -71.36 54.61
N PRO J 196 4.12 -71.24 53.39
CA PRO J 196 4.44 -69.91 52.85
C PRO J 196 3.20 -69.06 52.74
N GLY J 197 3.35 -67.76 53.02
CA GLY J 197 2.27 -66.83 52.99
C GLY J 197 1.68 -66.49 54.34
N ASP J 198 1.94 -67.30 55.36
CA ASP J 198 1.43 -67.03 56.70
C ASP J 198 2.14 -65.84 57.31
N VAL J 199 1.54 -65.32 58.37
CA VAL J 199 2.09 -64.20 59.13
C VAL J 199 1.96 -64.50 60.61
N TYR J 200 3.03 -64.35 61.35
CA TYR J 200 3.02 -64.47 62.80
C TYR J 200 3.49 -63.16 63.41
N ARG J 201 3.21 -62.99 64.70
CA ARG J 201 3.54 -61.76 65.40
C ARG J 201 4.32 -62.08 66.65
N LEU J 202 5.49 -61.46 66.79
CA LEU J 202 6.35 -61.65 67.94
C LEU J 202 6.35 -60.37 68.76
N THR J 203 6.03 -60.48 70.04
CA THR J 203 6.05 -59.36 70.96
C THR J 203 7.19 -59.53 71.96
N VAL J 204 7.99 -58.48 72.12
CA VAL J 204 9.18 -58.50 72.96
C VAL J 204 8.98 -57.48 74.08
N ARG J 205 9.12 -57.93 75.33
CA ARG J 205 9.01 -57.06 76.49
C ARG J 205 10.35 -57.03 77.19
N GLN J 206 11.05 -55.90 77.07
CA GLN J 206 12.41 -55.77 77.57
C GLN J 206 12.43 -54.75 78.69
N VAL J 207 13.15 -55.07 79.77
CA VAL J 207 13.25 -54.20 80.93
C VAL J 207 14.64 -53.60 80.99
N ALA J 208 14.71 -52.29 81.13
CA ALA J 208 15.92 -51.63 81.54
C ALA J 208 15.91 -51.58 83.05
N ILE J 209 16.86 -50.85 83.64
CA ILE J 209 16.96 -50.82 85.09
C ILE J 209 17.59 -49.49 85.48
N ASP J 210 17.09 -48.88 86.54
CA ASP J 210 17.68 -47.64 87.01
C ASP J 210 18.70 -47.94 88.08
N CYS J 211 19.44 -46.92 88.46
CA CYS J 211 20.73 -47.13 89.09
C CYS J 211 20.54 -47.65 90.53
N ASP J 212 19.32 -47.55 91.06
CA ASP J 212 18.90 -48.23 92.29
C ASP J 212 18.25 -49.58 92.06
N GLY J 213 18.09 -50.02 90.83
CA GLY J 213 17.53 -51.33 90.56
C GLY J 213 16.04 -51.40 90.28
N ASN J 214 15.38 -50.26 90.06
CA ASN J 214 13.98 -50.28 89.68
C ASN J 214 13.87 -50.55 88.19
N GLU J 215 12.67 -50.45 87.62
CA GLU J 215 12.44 -51.08 86.32
C GLU J 215 11.87 -50.07 85.33
N PHE J 216 12.26 -50.24 84.07
CA PHE J 216 11.71 -49.50 82.95
C PHE J 216 11.36 -50.50 81.86
N VAL J 217 10.08 -50.66 81.57
CA VAL J 217 9.62 -51.66 80.63
C VAL J 217 9.46 -51.03 79.25
N HIS J 218 9.64 -51.85 78.22
CA HIS J 218 9.53 -51.43 76.83
C HIS J 218 8.95 -52.58 76.02
N ILE J 219 7.94 -52.29 75.20
CA ILE J 219 7.25 -53.32 74.44
C ILE J 219 7.24 -52.94 72.96
N SER J 220 7.50 -53.92 72.10
CA SER J 220 7.43 -53.74 70.65
C SER J 220 7.03 -55.07 70.02
N CYS J 221 6.67 -55.04 68.74
CA CYS J 221 6.31 -56.27 68.05
C CYS J 221 7.07 -56.37 66.75
N TYR J 222 7.08 -57.58 66.19
CA TYR J 222 7.60 -57.80 64.85
C TYR J 222 6.67 -58.78 64.14
N ASP J 223 6.48 -58.55 62.84
CA ASP J 223 5.57 -59.34 62.03
C ASP J 223 6.39 -60.27 61.14
N ILE J 224 6.41 -61.55 61.51
CA ILE J 224 7.19 -62.55 60.78
C ILE J 224 6.31 -63.13 59.70
N SER J 225 6.65 -62.86 58.44
CA SER J 225 5.87 -63.29 57.29
C SER J 225 6.58 -64.44 56.61
N ILE J 226 6.02 -65.66 56.76
CA ILE J 226 6.67 -66.85 56.22
C ILE J 226 6.61 -66.78 54.70
N GLY J 227 7.74 -66.47 54.08
CA GLY J 227 7.87 -66.55 52.65
C GLY J 227 8.58 -67.83 52.24
N SER J 228 8.37 -68.20 50.98
CA SER J 228 9.12 -69.28 50.37
C SER J 228 10.08 -68.65 49.38
N CYS J 229 11.24 -69.27 49.24
CA CYS J 229 12.32 -68.72 48.43
C CYS J 229 12.77 -67.36 48.95
N GLY J 230 13.33 -67.37 50.14
CA GLY J 230 13.90 -66.17 50.72
C GLY J 230 12.83 -65.32 51.37
N MET K 1 12.60 -41.35 76.84
CA MET K 1 12.52 -40.36 77.91
C MET K 1 12.01 -39.03 77.37
N TYR K 2 10.91 -38.55 77.96
CA TYR K 2 10.36 -37.26 77.61
C TYR K 2 11.13 -36.15 78.28
N PHE K 3 11.28 -35.03 77.58
CA PHE K 3 11.96 -33.87 78.15
C PHE K 3 11.14 -32.64 77.84
N PHE K 4 10.66 -31.97 78.88
CA PHE K 4 9.87 -30.76 78.73
C PHE K 4 10.58 -29.59 79.37
N SER K 5 10.45 -28.42 78.74
CA SER K 5 10.90 -27.17 79.31
C SER K 5 9.67 -26.36 79.71
N VAL K 6 9.69 -25.81 80.90
CA VAL K 6 8.53 -25.16 81.48
C VAL K 6 8.47 -23.72 81.00
N ASP K 7 7.27 -23.15 81.01
CA ASP K 7 7.13 -21.77 80.56
C ASP K 7 7.50 -20.81 81.69
N PRO K 8 8.28 -19.76 81.40
CA PRO K 8 9.03 -19.10 82.47
C PRO K 8 8.27 -17.99 83.20
N ARG K 9 7.00 -17.74 82.89
CA ARG K 9 6.20 -16.74 83.58
C ARG K 9 6.83 -15.35 83.51
N ASN K 10 7.11 -14.90 82.29
CA ASN K 10 7.63 -13.57 82.01
C ASN K 10 6.59 -12.61 81.46
N GLY K 11 5.43 -13.12 81.03
CA GLY K 11 4.59 -12.35 80.14
C GLY K 11 4.96 -12.52 78.70
N ALA K 12 5.68 -13.60 78.36
CA ALA K 12 6.17 -13.83 77.02
C ALA K 12 6.17 -15.32 76.70
N SER K 13 6.91 -15.71 75.66
CA SER K 13 6.96 -17.11 75.25
C SER K 13 7.64 -18.03 76.27
N SER K 21 -2.45 -27.31 70.58
CA SER K 21 -3.66 -26.49 70.53
C SER K 21 -4.23 -26.27 71.93
N CYS K 22 -4.13 -27.30 72.78
CA CYS K 22 -4.62 -27.19 74.14
C CYS K 22 -3.67 -26.43 75.04
N CYS K 23 -4.12 -26.32 76.29
CA CYS K 23 -3.32 -25.75 77.37
C CYS K 23 -2.16 -26.65 77.76
N CYS K 24 -2.44 -27.88 78.16
CA CYS K 24 -1.44 -28.75 78.74
C CYS K 24 -0.81 -29.59 77.63
N GLU K 25 0.52 -29.69 77.66
CA GLU K 25 1.26 -30.39 76.61
C GLU K 25 0.99 -31.89 76.69
N SER K 26 1.53 -32.62 75.71
CA SER K 26 1.10 -33.97 75.39
C SER K 26 2.17 -35.00 75.68
N ILE K 27 1.73 -36.18 76.12
CA ILE K 27 2.59 -37.32 76.39
C ILE K 27 1.89 -38.55 75.84
N SER K 28 2.50 -39.22 74.86
CA SER K 28 1.92 -40.44 74.34
C SER K 28 2.41 -41.63 75.14
N ALA K 29 1.53 -42.61 75.33
CA ALA K 29 1.83 -43.72 76.21
C ALA K 29 1.23 -45.00 75.63
N ARG K 30 1.89 -46.11 75.91
CA ARG K 30 1.50 -47.42 75.41
C ARG K 30 1.24 -48.37 76.57
N PRO K 31 0.15 -49.14 76.52
CA PRO K 31 -0.21 -49.97 77.67
C PRO K 31 0.86 -50.99 78.04
N GLY K 32 1.31 -50.95 79.28
CA GLY K 32 2.34 -51.86 79.77
C GLY K 32 3.68 -51.20 79.98
N GLU K 33 3.95 -50.09 79.31
CA GLU K 33 5.22 -49.40 79.42
C GLU K 33 5.41 -48.80 80.80
N VAL K 34 6.67 -48.44 81.08
CA VAL K 34 7.04 -47.61 82.22
C VAL K 34 8.15 -46.70 81.71
N ASN K 35 7.83 -45.44 81.47
CA ASN K 35 8.75 -44.53 80.82
C ASN K 35 9.31 -43.55 81.85
N GLY K 36 10.12 -42.59 81.40
CA GLY K 36 10.68 -41.60 82.30
C GLY K 36 10.52 -40.19 81.75
N VAL K 37 10.19 -39.24 82.61
CA VAL K 37 9.91 -37.87 82.18
C VAL K 37 10.84 -36.92 82.91
N MET K 38 11.39 -35.96 82.18
CA MET K 38 12.26 -34.93 82.75
C MET K 38 11.69 -33.55 82.44
N VAL K 39 11.61 -32.71 83.45
CA VAL K 39 11.08 -31.35 83.32
C VAL K 39 12.16 -30.38 83.78
N SER K 40 12.47 -29.40 82.95
CA SER K 40 13.57 -28.47 83.22
C SER K 40 13.01 -27.14 83.67
N TYR K 41 13.01 -26.90 84.98
CA TYR K 41 12.52 -25.66 85.53
C TYR K 41 13.52 -24.51 85.44
N ALA K 42 14.60 -24.68 84.67
CA ALA K 42 15.64 -23.67 84.65
C ALA K 42 15.13 -22.31 84.20
N ALA K 43 14.23 -22.28 83.23
CA ALA K 43 13.77 -21.00 82.70
C ALA K 43 12.98 -20.21 83.73
N TRP K 44 12.38 -20.85 84.72
CA TRP K 44 11.56 -20.18 85.71
C TRP K 44 12.27 -19.95 87.02
N SER K 45 13.05 -20.93 87.48
CA SER K 45 13.64 -20.88 88.81
C SER K 45 15.05 -20.33 88.83
N ALA K 46 15.67 -20.10 87.67
CA ALA K 46 17.02 -19.54 87.68
C ALA K 46 17.01 -18.05 87.98
N PRO K 47 16.18 -17.22 87.33
CA PRO K 47 16.12 -15.82 87.73
C PRO K 47 15.79 -15.61 89.19
N LEU K 48 14.95 -16.45 89.78
CA LEU K 48 14.69 -16.40 91.21
C LEU K 48 15.92 -16.89 91.96
N ARG K 49 16.97 -16.09 91.94
CA ARG K 49 18.24 -16.54 92.48
C ARG K 49 18.07 -16.94 93.94
N GLY K 50 18.14 -18.23 94.21
CA GLY K 50 17.90 -18.74 95.54
C GLY K 50 18.51 -20.12 95.71
N HIS K 51 17.80 -21.02 96.38
CA HIS K 51 18.29 -22.37 96.59
C HIS K 51 17.62 -23.39 95.69
N GLY K 52 17.12 -22.95 94.54
CA GLY K 52 16.64 -23.89 93.54
C GLY K 52 15.37 -24.62 93.97
N LEU K 53 15.19 -25.81 93.41
CA LEU K 53 14.00 -26.59 93.64
C LEU K 53 14.09 -27.30 94.99
N THR K 54 12.95 -27.81 95.45
CA THR K 54 12.90 -28.67 96.63
C THR K 54 12.07 -29.90 96.31
N ASN K 55 12.20 -30.92 97.16
CA ASN K 55 11.48 -32.17 96.97
C ASN K 55 10.09 -32.10 97.60
N LYS K 56 9.32 -31.12 97.15
CA LYS K 56 7.92 -31.01 97.56
C LYS K 56 7.04 -30.91 96.33
N THR K 57 7.22 -31.83 95.39
CA THR K 57 6.36 -31.92 94.23
C THR K 57 5.11 -32.71 94.58
N THR K 58 4.00 -32.34 93.96
CA THR K 58 2.73 -33.01 94.15
C THR K 58 2.12 -33.29 92.79
N PHE K 59 1.61 -34.51 92.60
CA PHE K 59 1.03 -34.93 91.34
C PHE K 59 -0.44 -35.25 91.53
N GLU K 60 -1.19 -35.15 90.44
CA GLU K 60 -2.59 -35.54 90.47
C GLU K 60 -2.99 -36.05 89.10
N ILE K 61 -3.67 -37.19 89.06
CA ILE K 61 -4.14 -37.78 87.81
C ILE K 61 -5.65 -37.67 87.77
N ASP K 62 -6.17 -37.20 86.64
CA ASP K 62 -7.60 -37.14 86.41
C ASP K 62 -7.87 -37.49 84.96
N GLY K 63 -8.97 -38.20 84.73
CA GLY K 63 -9.30 -38.67 83.40
C GLY K 63 -10.17 -37.65 82.66
N VAL K 64 -9.81 -37.39 81.41
CA VAL K 64 -10.63 -36.59 80.51
C VAL K 64 -11.40 -37.45 79.53
N SER K 65 -11.15 -38.75 79.51
CA SER K 65 -11.82 -39.75 78.68
C SER K 65 -11.40 -41.11 79.18
N VAL K 66 -12.33 -41.97 79.59
CA VAL K 66 -11.98 -43.16 80.35
C VAL K 66 -12.40 -44.46 79.66
N THR K 67 -13.60 -44.51 79.05
CA THR K 67 -14.07 -45.74 78.44
C THR K 67 -14.15 -46.85 79.48
N PRO K 68 -15.16 -46.86 80.34
CA PRO K 68 -15.20 -47.77 81.50
C PRO K 68 -14.85 -49.20 81.12
N PRO K 69 -14.16 -49.92 81.99
CA PRO K 69 -13.71 -51.27 81.63
C PRO K 69 -14.86 -52.25 81.60
N LYS K 70 -14.68 -53.31 80.83
CA LYS K 70 -15.68 -54.35 80.71
C LYS K 70 -15.56 -55.40 81.79
N VAL K 71 -14.37 -55.92 82.00
CA VAL K 71 -14.13 -57.03 82.91
C VAL K 71 -13.71 -56.47 84.25
N SER K 72 -14.29 -57.01 85.33
CA SER K 72 -13.92 -56.53 86.65
C SER K 72 -12.60 -57.14 87.09
N ASN K 73 -11.95 -56.48 88.05
CA ASN K 73 -10.77 -57.04 88.68
C ASN K 73 -11.20 -57.88 89.88
N ALA K 74 -10.24 -58.52 90.54
CA ALA K 74 -10.59 -59.44 91.61
C ALA K 74 -9.44 -59.53 92.59
N PHE K 75 -9.76 -60.00 93.80
CA PHE K 75 -8.77 -60.16 94.86
C PHE K 75 -8.93 -61.52 95.51
N GLY K 76 -7.82 -62.22 95.71
CA GLY K 76 -7.82 -63.48 96.41
C GLY K 76 -6.80 -63.48 97.54
N ARG K 77 -6.82 -64.56 98.31
CA ARG K 77 -5.93 -64.65 99.46
C ARG K 77 -5.58 -66.10 99.73
N THR K 78 -4.33 -66.32 100.15
CA THR K 78 -3.84 -67.66 100.43
C THR K 78 -2.71 -67.56 101.44
N LYS K 79 -2.48 -68.63 102.19
CA LYS K 79 -1.35 -68.68 103.09
C LYS K 79 -0.10 -69.10 102.33
N VAL K 80 1.05 -69.06 103.01
CA VAL K 80 2.30 -69.45 102.35
C VAL K 80 2.25 -70.93 102.00
N GLY K 81 2.77 -71.25 100.82
CA GLY K 81 2.96 -72.62 100.39
C GLY K 81 1.72 -73.36 99.92
N VAL K 82 0.53 -72.95 100.33
CA VAL K 82 -0.68 -73.66 99.95
C VAL K 82 -1.14 -73.15 98.59
N VAL K 83 -1.50 -74.09 97.71
CA VAL K 83 -1.90 -73.78 96.36
C VAL K 83 -3.25 -73.08 96.40
N PHE K 84 -3.44 -72.12 95.50
CA PHE K 84 -4.64 -71.31 95.47
C PHE K 84 -5.41 -71.55 94.18
N GLU K 85 -6.73 -71.72 94.31
CA GLU K 85 -7.63 -71.83 93.18
C GLU K 85 -8.53 -70.60 93.12
N GLY K 86 -9.15 -70.42 91.97
CA GLY K 86 -10.09 -69.33 91.77
C GLY K 86 -10.74 -69.47 90.43
N THR K 87 -11.76 -68.65 90.21
CA THR K 87 -12.50 -68.67 88.97
C THR K 87 -12.22 -67.40 88.17
N LEU K 88 -12.52 -67.47 86.88
CA LEU K 88 -12.27 -66.34 86.00
C LEU K 88 -13.48 -66.09 85.11
N SER K 89 -14.68 -66.38 85.60
CA SER K 89 -15.89 -66.25 84.79
C SER K 89 -16.91 -65.29 85.37
N ASP K 90 -16.90 -65.04 86.67
CA ASP K 90 -17.78 -64.06 87.28
C ASP K 90 -17.20 -62.67 87.20
N LEU K 91 -16.11 -62.50 86.46
CA LEU K 91 -15.42 -61.23 86.31
C LEU K 91 -15.73 -60.59 84.97
N PHE K 92 -16.63 -61.18 84.20
CA PHE K 92 -16.98 -60.69 82.87
C PHE K 92 -18.49 -60.68 82.73
N PRO K 93 -19.18 -59.76 83.39
CA PRO K 93 -20.61 -59.64 83.15
C PRO K 93 -20.84 -59.18 81.72
N ASN K 94 -21.35 -60.06 80.88
CA ASN K 94 -21.52 -59.69 79.48
C ASN K 94 -22.94 -59.21 79.22
N PRO K 95 -23.09 -58.14 78.43
CA PRO K 95 -24.45 -57.72 78.04
C PRO K 95 -25.07 -58.69 77.06
N GLU K 96 -24.30 -59.04 76.03
CA GLU K 96 -24.79 -59.80 74.89
C GLU K 96 -24.47 -61.29 74.99
N GLY K 97 -24.73 -62.03 73.91
CA GLY K 97 -24.36 -63.43 73.83
C GLY K 97 -23.08 -63.68 73.06
N GLU K 98 -22.10 -64.28 73.72
CA GLU K 98 -20.83 -64.61 73.10
C GLU K 98 -20.07 -65.57 74.01
N GLN K 99 -18.97 -66.09 73.49
CA GLN K 99 -18.10 -67.01 74.21
C GLN K 99 -16.90 -66.28 74.78
N VAL K 100 -16.26 -66.94 75.75
CA VAL K 100 -15.26 -66.33 76.62
C VAL K 100 -13.89 -66.99 76.46
N GLU K 101 -13.06 -66.42 75.59
CA GLU K 101 -11.72 -66.94 75.37
C GLU K 101 -10.75 -66.47 76.45
N TYR K 102 -10.84 -67.06 77.63
CA TYR K 102 -9.94 -66.73 78.73
C TYR K 102 -8.49 -66.87 78.30
N GLU K 103 -7.66 -65.89 78.67
CA GLU K 103 -6.27 -65.87 78.24
C GLU K 103 -5.39 -65.22 79.29
N ILE K 104 -4.22 -65.80 79.52
CA ILE K 104 -3.22 -65.24 80.43
C ILE K 104 -2.00 -64.91 79.59
N SER K 105 -1.77 -63.63 79.34
CA SER K 105 -0.64 -63.20 78.52
C SER K 105 0.66 -63.50 79.23
N GLU K 106 1.63 -64.06 78.50
CA GLU K 106 2.93 -64.35 79.08
C GLU K 106 3.76 -63.11 79.35
N LEU K 107 3.43 -61.98 78.72
CA LEU K 107 4.18 -60.76 79.00
C LEU K 107 3.84 -60.22 80.38
N ASN K 108 2.62 -60.44 80.84
CA ASN K 108 2.13 -59.90 82.10
C ASN K 108 1.67 -61.02 83.03
N GLY K 109 2.43 -62.11 83.08
CA GLY K 109 2.10 -63.20 83.96
C GLY K 109 2.44 -62.85 85.40
N PRO K 110 2.37 -63.83 86.28
CA PRO K 110 2.71 -63.57 87.69
C PRO K 110 4.20 -63.38 87.87
N SER K 111 4.62 -63.07 89.09
CA SER K 111 6.01 -62.75 89.36
C SER K 111 6.69 -63.73 90.29
N ASN K 112 5.96 -64.32 91.24
CA ASN K 112 6.54 -65.28 92.17
C ASN K 112 5.68 -66.54 92.26
N GLY K 113 5.03 -66.90 91.18
CA GLY K 113 4.19 -68.09 91.14
C GLY K 113 4.10 -68.65 89.75
N VAL K 114 3.08 -69.47 89.50
CA VAL K 114 2.78 -70.00 88.18
C VAL K 114 1.26 -70.19 88.13
N VAL K 115 0.68 -69.99 86.95
CA VAL K 115 -0.75 -70.16 86.75
C VAL K 115 -0.99 -71.09 85.56
N GLU K 116 -1.81 -72.13 85.77
CA GLU K 116 -2.18 -73.07 84.71
C GLU K 116 -3.63 -72.75 84.37
N LEU K 117 -3.86 -72.00 83.29
CA LEU K 117 -5.23 -71.72 82.92
C LEU K 117 -5.94 -72.99 82.48
N GLY K 118 -7.11 -73.24 83.07
CA GLY K 118 -7.88 -74.42 82.77
C GLY K 118 -8.62 -74.28 81.45
N ALA K 119 -9.54 -75.22 81.23
CA ALA K 119 -10.33 -75.19 80.00
C ALA K 119 -11.45 -74.15 80.09
N ASN K 120 -12.05 -74.01 81.28
CA ASN K 120 -13.18 -73.11 81.47
C ASN K 120 -12.90 -72.19 82.66
N GLY K 121 -12.41 -70.99 82.38
CA GLY K 121 -12.29 -69.92 83.35
C GLY K 121 -11.74 -70.29 84.71
N ALA K 122 -10.94 -71.35 84.77
CA ALA K 122 -10.36 -71.81 86.01
C ALA K 122 -8.85 -71.75 85.92
N PHE K 123 -8.20 -71.58 87.06
CA PHE K 123 -6.76 -71.39 87.07
C PHE K 123 -6.22 -71.71 88.45
N THR K 124 -5.00 -72.23 88.49
CA THR K 124 -4.34 -72.60 89.73
C THR K 124 -3.07 -71.79 89.86
N TYR K 125 -2.96 -71.03 90.94
CA TYR K 125 -1.79 -70.22 91.22
C TYR K 125 -1.02 -70.90 92.35
N THR K 126 0.02 -71.63 91.98
CA THR K 126 0.89 -72.25 92.97
C THR K 126 1.96 -71.26 93.37
N PRO K 127 1.90 -70.67 94.56
CA PRO K 127 2.88 -69.64 94.92
C PRO K 127 4.27 -70.23 95.02
N GLY K 128 5.27 -69.43 94.65
CA GLY K 128 6.64 -69.87 94.75
C GLY K 128 7.01 -70.21 96.17
N ALA K 129 7.68 -71.36 96.33
CA ALA K 129 8.04 -71.85 97.65
C ALA K 129 8.90 -70.85 98.39
N LEU K 130 8.69 -70.74 99.69
CA LEU K 130 9.40 -69.81 100.55
C LEU K 130 9.25 -68.37 100.04
N PHE K 131 7.99 -67.91 100.02
CA PHE K 131 7.70 -66.56 99.58
C PHE K 131 6.36 -66.14 100.18
N THR K 132 6.31 -64.90 100.70
CA THR K 132 5.07 -64.38 101.25
C THR K 132 5.01 -62.90 100.92
N GLY K 133 4.07 -62.52 100.07
CA GLY K 133 3.88 -61.13 99.70
C GLY K 133 2.60 -60.97 98.92
N VAL K 134 2.63 -60.10 97.93
CA VAL K 134 1.52 -59.89 97.02
C VAL K 134 1.97 -60.21 95.62
N ASP K 135 1.05 -60.72 94.80
CA ASP K 135 1.39 -61.12 93.45
C ASP K 135 0.20 -60.85 92.53
N ARG K 136 0.49 -60.38 91.32
CA ARG K 136 -0.53 -60.03 90.36
C ARG K 136 -0.31 -60.77 89.05
N PHE K 137 -1.37 -60.85 88.25
CA PHE K 137 -1.26 -61.26 86.86
C PHE K 137 -2.46 -60.71 86.12
N TRP K 138 -2.28 -60.47 84.83
CA TRP K 138 -3.26 -59.78 84.01
C TRP K 138 -3.86 -60.75 83.01
N PHE K 139 -5.14 -61.05 83.19
CA PHE K 139 -5.88 -61.90 82.28
C PHE K 139 -6.57 -61.06 81.22
N SER K 140 -7.02 -61.72 80.16
CA SER K 140 -7.71 -61.05 79.06
C SER K 140 -8.91 -61.89 78.64
N ILE K 141 -10.06 -61.62 79.24
CA ILE K 141 -11.29 -62.33 78.90
C ILE K 141 -11.85 -61.69 77.63
N ASN K 142 -11.56 -62.31 76.50
CA ASN K 142 -12.12 -61.90 75.22
C ASN K 142 -11.70 -60.48 74.86
N GLY K 143 -10.39 -60.27 74.81
CA GLY K 143 -9.86 -58.99 74.41
C GLY K 143 -9.77 -57.98 75.53
N ASN K 144 -10.74 -57.99 76.44
CA ASN K 144 -10.76 -57.03 77.53
C ASN K 144 -9.88 -57.51 78.68
N ILE K 145 -9.04 -56.61 79.19
CA ILE K 145 -8.00 -56.96 80.15
C ILE K 145 -8.37 -56.45 81.53
N GLY K 146 -8.08 -57.25 82.54
CA GLY K 146 -8.20 -56.87 83.93
C GLY K 146 -7.07 -57.54 84.68
N GLU K 147 -7.02 -57.31 85.99
CA GLU K 147 -5.97 -57.89 86.80
C GLU K 147 -6.55 -58.67 87.97
N TYR K 148 -5.84 -59.72 88.36
CA TYR K 148 -6.17 -60.53 89.52
C TYR K 148 -5.04 -60.39 90.52
N VAL K 149 -5.39 -60.02 91.75
CA VAL K 149 -4.39 -59.75 92.78
C VAL K 149 -4.52 -60.82 93.86
N ILE K 150 -3.41 -61.49 94.14
CA ILE K 150 -3.35 -62.51 95.18
C ILE K 150 -2.31 -62.09 96.20
N SER K 151 -2.63 -62.28 97.48
CA SER K 151 -1.73 -61.97 98.58
C SER K 151 -1.47 -63.25 99.37
N VAL K 152 -0.20 -63.62 99.50
CA VAL K 152 0.20 -64.84 100.18
C VAL K 152 0.72 -64.47 101.56
N ASP K 153 0.15 -65.08 102.59
CA ASP K 153 0.39 -64.75 103.98
C ASP K 153 1.48 -65.61 104.57
N PRO K 154 2.19 -65.13 105.61
CA PRO K 154 3.30 -65.91 106.16
C PRO K 154 2.84 -66.88 107.25
N THR K 155 1.67 -67.48 106.99
CA THR K 155 1.05 -68.55 107.77
C THR K 155 0.51 -68.07 109.11
N THR K 156 0.87 -66.88 109.57
CA THR K 156 0.37 -66.53 110.89
C THR K 156 -1.03 -65.93 110.86
N SER K 157 -1.14 -64.64 110.51
CA SER K 157 -2.46 -64.01 110.63
C SER K 157 -3.27 -63.90 109.34
N GLU K 158 -2.99 -62.85 108.57
CA GLU K 158 -3.72 -62.45 107.37
C GLU K 158 -3.04 -61.22 106.78
N LEU K 159 -2.84 -61.14 105.48
CA LEU K 159 -2.27 -59.91 104.92
C LEU K 159 -3.36 -58.89 104.57
N PRO K 160 -3.02 -57.60 104.58
CA PRO K 160 -3.96 -56.56 104.13
C PRO K 160 -4.15 -56.57 102.62
N GLN K 161 -4.84 -55.55 102.10
CA GLN K 161 -5.38 -55.61 100.74
C GLN K 161 -4.90 -54.43 99.91
N PRO K 162 -4.12 -54.70 98.86
CA PRO K 162 -3.49 -53.61 98.09
C PRO K 162 -4.46 -52.93 97.15
N PRO K 163 -4.14 -51.70 96.71
CA PRO K 163 -5.15 -50.82 96.12
C PRO K 163 -5.44 -50.95 94.61
N PHE K 164 -5.16 -52.08 93.96
CA PHE K 164 -5.66 -52.28 92.60
C PHE K 164 -5.18 -51.25 91.59
N THR K 165 -3.92 -51.33 91.18
CA THR K 165 -3.26 -50.35 90.32
C THR K 165 -4.17 -49.75 89.25
N THR K 166 -4.07 -48.43 89.09
CA THR K 166 -4.88 -47.65 88.18
C THR K 166 -4.29 -47.71 86.77
N PRO K 167 -5.05 -47.24 85.76
CA PRO K 167 -4.53 -47.26 84.38
C PRO K 167 -3.23 -46.50 84.21
N VAL K 168 -3.21 -45.23 84.61
CA VAL K 168 -2.00 -44.42 84.57
C VAL K 168 -1.66 -44.00 85.99
N TYR K 169 -0.39 -44.13 86.36
CA TYR K 169 0.04 -43.82 87.71
C TYR K 169 1.42 -43.21 87.68
N VAL K 170 1.79 -42.61 88.80
CA VAL K 170 3.13 -42.05 89.00
C VAL K 170 3.71 -42.69 90.25
N PRO K 171 4.69 -43.59 90.11
CA PRO K 171 5.19 -44.34 91.25
C PRO K 171 5.43 -43.53 92.51
N ALA K 172 5.06 -44.12 93.65
CA ALA K 172 5.06 -43.46 94.95
C ALA K 172 6.32 -42.65 95.21
N ALA K 173 7.49 -43.27 95.16
CA ALA K 173 8.70 -42.52 95.42
C ALA K 173 9.82 -42.93 94.48
N ARG K 174 9.85 -42.31 93.30
CA ARG K 174 10.91 -42.46 92.34
C ARG K 174 11.21 -41.11 91.70
N ARG K 175 10.82 -40.04 92.37
CA ARG K 175 10.89 -38.68 91.88
C ARG K 175 12.11 -38.02 92.49
N SER K 176 12.71 -37.09 91.75
CA SER K 176 13.81 -36.37 92.35
C SER K 176 14.05 -35.09 91.59
N VAL K 177 14.84 -34.22 92.22
CA VAL K 177 15.13 -32.89 91.71
C VAL K 177 16.59 -32.59 92.01
N ASP K 178 17.32 -32.12 91.00
CA ASP K 178 18.70 -31.70 91.21
C ASP K 178 18.71 -30.19 91.31
N PRO K 179 18.86 -29.60 92.49
CA PRO K 179 18.80 -28.14 92.60
C PRO K 179 19.93 -27.44 91.88
N ARG K 180 20.90 -28.19 91.40
CA ARG K 180 22.10 -27.71 90.74
C ARG K 180 21.85 -27.35 89.29
N THR K 181 20.82 -27.91 88.66
CA THR K 181 20.48 -27.60 87.28
C THR K 181 18.98 -27.45 87.07
N HIS K 182 18.18 -27.48 88.12
CA HIS K 182 16.75 -27.23 88.06
C HIS K 182 16.05 -28.20 87.11
N VAL K 183 16.13 -29.48 87.46
CA VAL K 183 15.54 -30.53 86.64
C VAL K 183 14.80 -31.50 87.54
N LEU K 184 13.54 -31.76 87.23
CA LEU K 184 12.70 -32.69 87.97
C LEU K 184 12.58 -33.97 87.16
N LYS K 185 12.81 -35.11 87.83
CA LYS K 185 12.68 -36.42 87.21
C LYS K 185 11.56 -37.18 87.89
N PHE K 186 10.71 -37.82 87.09
CA PHE K 186 9.71 -38.71 87.66
C PHE K 186 9.38 -39.78 86.64
N VAL K 187 8.79 -40.84 87.11
CA VAL K 187 8.48 -42.00 86.28
C VAL K 187 6.98 -42.01 86.00
N LEU K 188 6.61 -42.46 84.81
CA LEU K 188 5.21 -42.50 84.41
C LEU K 188 4.92 -43.89 83.89
N GLY K 189 4.10 -44.64 84.61
CA GLY K 189 3.80 -46.02 84.26
C GLY K 189 2.37 -46.17 83.81
N VAL K 190 2.16 -47.03 82.81
CA VAL K 190 0.84 -47.28 82.23
C VAL K 190 0.50 -48.75 82.46
N SER K 191 -0.66 -48.99 83.07
CA SER K 191 -1.06 -50.36 83.35
C SER K 191 -1.38 -51.07 82.04
N PRO K 192 -1.31 -52.40 82.02
CA PRO K 192 -1.69 -53.13 80.80
C PRO K 192 -3.17 -53.08 80.49
N ALA K 193 -4.00 -52.58 81.41
CA ALA K 193 -5.42 -52.52 81.21
C ALA K 193 -5.90 -51.17 80.70
N ALA K 194 -4.99 -50.23 80.45
CA ALA K 194 -5.37 -48.96 79.89
C ALA K 194 -5.92 -49.15 78.48
N ILE K 195 -7.04 -48.53 78.19
CA ILE K 195 -7.70 -48.74 76.90
C ILE K 195 -7.19 -47.71 75.90
N PRO K 196 -6.76 -48.12 74.72
CA PRO K 196 -6.22 -47.15 73.76
C PRO K 196 -7.26 -46.12 73.36
N GLY K 197 -6.82 -44.89 73.18
CA GLY K 197 -7.68 -43.80 72.83
C GLY K 197 -8.07 -42.91 74.00
N ASP K 198 -7.90 -43.37 75.23
CA ASP K 198 -8.24 -42.56 76.39
C ASP K 198 -7.25 -41.42 76.56
N VAL K 199 -7.64 -40.46 77.38
CA VAL K 199 -6.81 -39.30 77.70
C VAL K 199 -6.88 -39.06 79.20
N TYR K 200 -5.73 -38.92 79.83
CA TYR K 200 -5.65 -38.55 81.24
C TYR K 200 -4.88 -37.24 81.36
N ARG K 201 -5.01 -36.59 82.52
CA ARG K 201 -4.37 -35.31 82.75
C ARG K 201 -3.56 -35.37 84.03
N LEU K 202 -2.29 -35.01 83.94
CA LEU K 202 -1.39 -34.99 85.09
C LEU K 202 -1.06 -33.55 85.41
N THR K 203 -1.29 -33.15 86.66
CA THR K 203 -0.96 -31.82 87.14
C THR K 203 0.19 -31.89 88.12
N VAL K 204 1.20 -31.07 87.91
CA VAL K 204 2.43 -31.05 88.69
C VAL K 204 2.54 -29.71 89.40
N ARG K 205 2.68 -29.74 90.72
CA ARG K 205 2.86 -28.54 91.52
C ARG K 205 4.23 -28.57 92.16
N GLN K 206 5.13 -27.74 91.66
CA GLN K 206 6.53 -27.75 92.07
C GLN K 206 6.86 -26.44 92.78
N VAL K 207 7.58 -26.54 93.88
CA VAL K 207 7.94 -25.38 94.69
C VAL K 207 9.43 -25.12 94.52
N ALA K 208 9.78 -23.90 94.21
CA ALA K 208 11.14 -23.43 94.35
C ALA K 208 11.27 -22.87 95.76
N ILE K 209 12.38 -22.22 96.06
CA ILE K 209 12.61 -21.73 97.40
C ILE K 209 13.54 -20.53 97.31
N ASP K 210 13.26 -19.51 98.09
CA ASP K 210 14.13 -18.34 98.12
C ASP K 210 15.16 -18.48 99.22
N CYS K 211 16.12 -17.59 99.21
CA CYS K 211 17.38 -17.86 99.88
C CYS K 211 17.21 -17.82 101.40
N ASP K 212 16.08 -17.29 101.88
CA ASP K 212 15.64 -17.40 103.27
C ASP K 212 14.70 -18.57 103.53
N GLY K 213 14.35 -19.34 102.52
CA GLY K 213 13.52 -20.51 102.72
C GLY K 213 12.03 -20.32 102.48
N ASN K 214 11.60 -19.21 101.89
CA ASN K 214 10.20 -19.04 101.56
C ASN K 214 9.91 -19.77 100.25
N GLU K 215 8.72 -19.60 99.68
CA GLU K 215 8.26 -20.54 98.68
C GLU K 215 7.83 -19.83 97.41
N PHE K 216 8.07 -20.49 96.28
CA PHE K 216 7.59 -20.06 94.98
C PHE K 216 6.95 -21.26 94.30
N VAL K 217 5.66 -21.21 94.10
CA VAL K 217 4.91 -22.34 93.55
C VAL K 217 4.77 -22.20 92.05
N HIS K 218 4.69 -23.33 91.36
CA HIS K 218 4.57 -23.38 89.91
C HIS K 218 3.69 -24.57 89.54
N ILE K 219 2.70 -24.35 88.68
CA ILE K 219 1.74 -25.39 88.32
C ILE K 219 1.69 -25.54 86.81
N SER K 220 1.67 -26.78 86.33
CA SER K 220 1.51 -27.08 84.91
C SER K 220 0.79 -28.41 84.78
N CYS K 221 0.35 -28.74 83.56
CA CYS K 221 -0.31 -30.02 83.34
C CYS K 221 0.31 -30.71 82.14
N TYR K 222 0.02 -32.01 82.03
CA TYR K 222 0.36 -32.78 80.85
C TYR K 222 -0.80 -33.70 80.52
N ASP K 223 -1.05 -33.87 79.23
CA ASP K 223 -2.17 -34.67 78.73
C ASP K 223 -1.63 -35.99 78.23
N ILE K 224 -1.84 -37.05 79.00
CA ILE K 224 -1.36 -38.38 78.66
C ILE K 224 -2.43 -39.08 77.85
N SER K 225 -2.14 -39.32 76.57
CA SER K 225 -3.09 -39.92 75.65
C SER K 225 -2.69 -41.37 75.40
N ILE K 226 -3.47 -42.30 75.95
CA ILE K 226 -3.13 -43.72 75.85
C ILE K 226 -3.30 -44.15 74.40
N GLY K 227 -2.18 -44.34 73.71
CA GLY K 227 -2.19 -44.90 72.39
C GLY K 227 -1.80 -46.37 72.43
N SER K 228 -2.19 -47.09 71.39
CA SER K 228 -1.73 -48.44 71.17
C SER K 228 -0.74 -48.41 70.02
N CYS K 229 0.25 -49.29 70.09
CA CYS K 229 1.34 -49.29 69.14
C CYS K 229 2.10 -47.97 69.14
N GLY K 230 2.75 -47.71 70.27
CA GLY K 230 3.60 -46.54 70.40
C GLY K 230 2.80 -45.31 70.73
N MET L 1 9.73 -14.85 86.36
CA MET L 1 9.95 -13.57 87.01
C MET L 1 9.68 -12.42 86.06
N TYR L 2 8.77 -11.54 86.45
CA TYR L 2 8.47 -10.35 85.67
C TYR L 2 9.51 -9.28 85.92
N PHE L 3 9.84 -8.53 84.87
CA PHE L 3 10.79 -7.43 85.01
C PHE L 3 10.23 -6.22 84.29
N PHE L 4 9.99 -5.16 85.04
CA PHE L 4 9.46 -3.92 84.48
C PHE L 4 10.45 -2.80 84.67
N SER L 5 10.51 -1.92 83.68
CA SER L 5 11.26 -0.67 83.79
C SER L 5 10.27 0.47 83.88
N VAL L 6 10.50 1.37 84.81
CA VAL L 6 9.56 2.43 85.13
C VAL L 6 9.76 3.60 84.19
N ASP L 7 8.72 4.40 83.99
CA ASP L 7 8.83 5.54 83.10
C ASP L 7 9.49 6.70 83.83
N PRO L 8 10.44 7.39 83.19
CA PRO L 8 11.40 8.19 83.96
C PRO L 8 10.96 9.62 84.27
N ARG L 9 9.74 10.03 83.90
CA ARG L 9 9.23 11.36 84.21
C ARG L 9 10.13 12.46 83.66
N ASN L 10 10.40 12.40 82.35
CA ASN L 10 11.17 13.41 81.63
C ASN L 10 10.30 14.33 80.79
N GLY L 11 9.05 13.99 80.56
CA GLY L 11 8.31 14.58 79.47
C GLY L 11 8.52 13.85 78.17
N ALA L 12 8.97 12.60 78.23
CA ALA L 12 9.29 11.82 77.04
C ALA L 12 8.94 10.36 77.25
N SER L 13 9.51 9.48 76.42
CA SER L 13 9.23 8.05 76.50
C SER L 13 9.78 7.41 77.78
N SER L 21 -2.47 -0.71 75.67
CA SER L 21 -3.49 0.28 75.35
C SER L 21 -3.88 1.09 76.59
N CYS L 22 -3.92 0.41 77.73
CA CYS L 22 -4.27 1.08 78.98
C CYS L 22 -3.12 1.87 79.56
N CYS L 23 -3.42 2.48 80.70
CA CYS L 23 -2.44 3.19 81.50
C CYS L 23 -1.47 2.24 82.18
N CYS L 24 -1.98 1.32 82.99
CA CYS L 24 -1.14 0.48 83.83
C CYS L 24 -0.78 -0.80 83.07
N GLU L 25 0.49 -1.19 83.14
CA GLU L 25 0.98 -2.34 82.40
C GLU L 25 0.41 -3.64 82.98
N SER L 26 0.70 -4.75 82.31
CA SER L 26 -0.04 -5.99 82.48
C SER L 26 0.82 -7.08 83.10
N ILE L 27 0.18 -7.91 83.92
CA ILE L 27 0.79 -9.06 84.57
C ILE L 27 -0.20 -10.21 84.48
N SER L 28 0.18 -11.28 83.80
CA SER L 28 -0.68 -12.45 83.73
C SER L 28 -0.40 -13.38 84.89
N ALA L 29 -1.44 -14.00 85.41
CA ALA L 29 -1.32 -14.80 86.62
C ALA L 29 -2.21 -16.02 86.52
N ARG L 30 -1.78 -17.10 87.15
CA ARG L 30 -2.48 -18.38 87.14
C ARG L 30 -2.84 -18.80 88.56
N PRO L 31 -4.07 -19.27 88.79
CA PRO L 31 -4.50 -19.56 90.16
C PRO L 31 -3.65 -20.61 90.84
N GLY L 32 -3.09 -20.27 92.00
CA GLY L 32 -2.25 -21.16 92.76
C GLY L 32 -0.78 -20.80 92.73
N GLU L 33 -0.34 -20.05 91.72
CA GLU L 33 1.05 -19.69 91.58
C GLU L 33 1.48 -18.72 92.67
N VAL L 34 2.80 -18.57 92.80
CA VAL L 34 3.43 -17.52 93.58
C VAL L 34 4.66 -17.10 92.79
N ASN L 35 4.59 -15.96 92.12
CA ASN L 35 5.63 -15.55 91.20
C ASN L 35 6.47 -14.44 91.83
N GLY L 36 7.41 -13.89 91.07
CA GLY L 36 8.24 -12.81 91.57
C GLY L 36 8.34 -11.68 90.57
N VAL L 37 8.30 -10.44 91.04
CA VAL L 37 8.27 -9.27 90.18
C VAL L 37 9.44 -8.36 90.53
N MET L 38 10.12 -7.85 89.52
CA MET L 38 11.23 -6.92 89.69
C MET L 38 10.94 -5.64 88.91
N VAL L 39 11.12 -4.51 89.58
CA VAL L 39 10.88 -3.19 88.99
C VAL L 39 12.17 -2.39 89.09
N SER L 40 12.62 -1.84 87.97
CA SER L 40 13.91 -1.16 87.90
C SER L 40 13.67 0.34 87.86
N TYR L 41 13.83 0.99 89.00
CA TYR L 41 13.66 2.44 89.10
C TYR L 41 14.86 3.22 88.62
N ALA L 42 15.82 2.57 87.95
CA ALA L 42 17.06 3.25 87.57
C ALA L 42 16.80 4.46 86.69
N ALA L 43 15.86 4.35 85.76
CA ALA L 43 15.63 5.45 84.83
C ALA L 43 15.12 6.71 85.52
N TRP L 44 14.48 6.58 86.68
CA TRP L 44 13.89 7.71 87.37
C TRP L 44 14.75 8.21 88.52
N SER L 45 15.34 7.30 89.29
CA SER L 45 16.02 7.66 90.52
C SER L 45 17.52 7.85 90.34
N ALA L 46 18.08 7.53 89.18
CA ALA L 46 19.51 7.73 88.99
C ALA L 46 19.84 9.20 88.75
N PRO L 47 19.16 9.92 87.86
CA PRO L 47 19.43 11.36 87.75
C PRO L 47 19.27 12.11 89.05
N LEU L 48 18.31 11.73 89.89
CA LEU L 48 18.19 12.32 91.22
C LEU L 48 19.34 11.84 92.09
N ARG L 49 20.54 12.33 91.79
CA ARG L 49 21.72 11.81 92.45
C ARG L 49 21.58 11.98 93.96
N GLY L 50 21.40 10.87 94.66
CA GLY L 50 21.16 10.89 96.09
C GLY L 50 21.49 9.56 96.72
N HIS L 51 20.66 9.12 97.66
CA HIS L 51 20.87 7.85 98.33
C HIS L 51 19.93 6.76 97.84
N GLY L 52 19.44 6.89 96.60
CA GLY L 52 18.69 5.81 95.99
C GLY L 52 17.34 5.57 96.65
N LEU L 53 16.87 4.34 96.54
CA LEU L 53 15.56 3.97 97.03
C LEU L 53 15.60 3.75 98.53
N THR L 54 14.43 3.70 99.15
CA THR L 54 14.29 3.32 100.55
C THR L 54 13.20 2.27 100.68
N ASN L 55 13.18 1.60 101.83
CA ASN L 55 12.19 0.55 102.09
C ASN L 55 10.91 1.14 102.65
N LYS L 56 10.32 2.06 101.90
CA LYS L 56 9.02 2.61 102.25
C LYS L 56 8.08 2.50 101.06
N THR L 57 7.99 1.30 100.49
CA THR L 57 7.04 1.02 99.43
C THR L 57 5.69 0.69 100.05
N THR L 58 4.64 1.08 99.33
CA THR L 58 3.27 0.81 99.75
C THR L 58 2.50 0.24 98.57
N PHE L 59 1.74 -0.82 98.82
CA PHE L 59 0.98 -1.50 97.78
C PHE L 59 -0.50 -1.39 98.07
N GLU L 60 -1.30 -1.51 97.02
CA GLU L 60 -2.75 -1.53 97.18
C GLU L 60 -3.35 -2.37 96.07
N ILE L 61 -4.26 -3.27 96.43
CA ILE L 61 -4.94 -4.12 95.48
C ILE L 61 -6.40 -3.70 95.40
N ASP L 62 -6.89 -3.53 94.18
CA ASP L 62 -8.29 -3.22 93.93
C ASP L 62 -8.75 -3.98 92.70
N GLY L 63 -9.98 -4.47 92.73
CA GLY L 63 -10.51 -5.25 91.64
C GLY L 63 -11.20 -4.37 90.60
N VAL L 64 -10.89 -4.64 89.33
CA VAL L 64 -11.60 -4.02 88.22
C VAL L 64 -12.61 -4.96 87.59
N SER L 65 -12.64 -6.22 88.03
CA SER L 65 -13.57 -7.25 87.59
C SER L 65 -13.41 -8.44 88.54
N VAL L 66 -14.47 -8.86 89.22
CA VAL L 66 -14.32 -9.78 90.34
C VAL L 66 -15.06 -11.10 90.14
N THR L 67 -16.28 -11.08 89.60
CA THR L 67 -17.05 -12.31 89.45
C THR L 67 -17.28 -12.96 90.81
N PRO L 68 -18.20 -12.45 91.62
CA PRO L 68 -18.33 -12.88 93.02
C PRO L 68 -18.32 -14.39 93.16
N PRO L 69 -17.73 -14.92 94.22
CA PRO L 69 -17.61 -16.37 94.34
C PRO L 69 -18.94 -17.02 94.66
N LYS L 70 -19.05 -18.30 94.30
CA LYS L 70 -20.25 -19.06 94.55
C LYS L 70 -20.27 -19.68 95.94
N VAL L 71 -19.20 -20.35 96.31
CA VAL L 71 -19.13 -21.12 97.55
C VAL L 71 -18.50 -20.25 98.61
N SER L 72 -19.08 -20.25 99.80
CA SER L 72 -18.52 -19.45 100.88
C SER L 72 -17.32 -20.16 101.50
N ASN L 73 -16.47 -19.37 102.17
CA ASN L 73 -15.40 -19.94 102.96
C ASN L 73 -15.89 -20.22 104.37
N ALA L 74 -15.04 -20.79 105.21
CA ALA L 74 -15.48 -21.20 106.52
C ALA L 74 -14.31 -21.20 107.48
N PHE L 75 -14.62 -21.16 108.77
CA PHE L 75 -13.61 -21.18 109.82
C PHE L 75 -14.00 -22.17 110.89
N GLY L 76 -13.04 -22.98 111.33
CA GLY L 76 -13.26 -23.91 112.42
C GLY L 76 -12.17 -23.76 113.47
N ARG L 77 -12.36 -24.48 114.57
CA ARG L 77 -11.42 -24.37 115.68
C ARG L 77 -11.36 -25.69 116.44
N THR L 78 -10.16 -26.04 116.91
CA THR L 78 -9.94 -27.28 117.63
C THR L 78 -8.73 -27.10 118.54
N LYS L 79 -8.68 -27.88 119.60
CA LYS L 79 -7.51 -27.88 120.46
C LYS L 79 -6.44 -28.81 119.90
N VAL L 80 -5.26 -28.79 120.51
CA VAL L 80 -4.19 -29.66 120.03
C VAL L 80 -4.58 -31.11 120.21
N GLY L 81 -4.23 -31.94 119.22
CA GLY L 81 -4.37 -33.37 119.29
C GLY L 81 -5.76 -33.92 119.09
N VAL L 82 -6.80 -33.13 119.35
CA VAL L 82 -8.16 -33.63 119.23
C VAL L 82 -8.62 -33.53 117.79
N VAL L 83 -9.24 -34.60 117.30
CA VAL L 83 -9.67 -34.68 115.91
C VAL L 83 -10.83 -33.72 115.71
N PHE L 84 -10.89 -33.10 114.54
CA PHE L 84 -11.88 -32.10 114.23
C PHE L 84 -12.80 -32.59 113.11
N GLU L 85 -14.10 -32.39 113.28
CA GLU L 85 -15.10 -32.68 112.28
C GLU L 85 -15.71 -31.37 111.79
N GLY L 86 -16.38 -31.44 110.66
CA GLY L 86 -17.08 -30.31 110.10
C GLY L 86 -17.85 -30.73 108.88
N THR L 87 -18.69 -29.83 108.40
CA THR L 87 -19.52 -30.10 107.24
C THR L 87 -19.04 -29.27 106.06
N LEU L 88 -19.45 -29.69 104.87
CA LEU L 88 -19.03 -29.01 103.66
C LEU L 88 -20.23 -28.81 102.73
N SER L 89 -21.42 -28.64 103.30
CA SER L 89 -22.63 -28.52 102.50
C SER L 89 -23.39 -27.22 102.71
N ASP L 90 -23.22 -26.55 103.84
CA ASP L 90 -23.82 -25.26 104.07
C ASP L 90 -22.97 -24.13 103.51
N LEU L 91 -21.92 -24.49 102.77
CA LEU L 91 -21.00 -23.52 102.19
C LEU L 91 -21.27 -23.32 100.71
N PHE L 92 -22.34 -23.91 100.19
CA PHE L 92 -22.68 -23.82 98.77
C PHE L 92 -24.16 -23.53 98.64
N PRO L 93 -24.58 -22.31 98.95
CA PRO L 93 -25.98 -21.95 98.68
C PRO L 93 -26.21 -21.97 97.19
N ASN L 94 -26.97 -22.94 96.70
CA ASN L 94 -27.17 -23.03 95.27
C ASN L 94 -28.47 -22.36 94.85
N PRO L 95 -28.46 -21.62 93.74
CA PRO L 95 -29.72 -21.06 93.23
C PRO L 95 -30.62 -22.14 92.66
N GLU L 96 -30.02 -22.98 91.81
CA GLU L 96 -30.74 -23.94 91.00
C GLU L 96 -30.74 -25.33 91.60
N GLY L 97 -31.23 -26.32 90.85
CA GLY L 97 -31.18 -27.71 91.26
C GLY L 97 -30.05 -28.48 90.62
N GLU L 98 -29.17 -29.04 91.45
CA GLU L 98 -28.05 -29.83 90.97
C GLU L 98 -27.44 -30.57 92.15
N GLN L 99 -26.52 -31.47 91.84
CA GLN L 99 -25.80 -32.27 92.83
C GLN L 99 -24.43 -31.68 93.11
N VAL L 100 -23.87 -32.10 94.24
CA VAL L 100 -22.70 -31.47 94.84
C VAL L 100 -21.52 -32.44 94.93
N GLU L 101 -20.66 -32.41 93.91
CA GLU L 101 -19.48 -33.26 93.88
C GLU L 101 -18.35 -32.67 94.73
N TYR L 102 -18.47 -32.81 96.04
CA TYR L 102 -17.43 -32.34 96.96
C TYR L 102 -16.09 -32.93 96.60
N GLU L 103 -15.04 -32.11 96.60
CA GLU L 103 -13.72 -32.55 96.19
C GLU L 103 -12.64 -31.80 96.96
N ILE L 104 -11.60 -32.51 97.36
CA ILE L 104 -10.43 -31.92 98.01
C ILE L 104 -9.24 -32.17 97.11
N SER L 105 -8.77 -31.14 96.43
CA SER L 105 -7.65 -31.27 95.51
C SER L 105 -6.38 -31.61 96.29
N GLU L 106 -5.62 -32.58 95.78
CA GLU L 106 -4.37 -32.96 96.43
C GLU L 106 -3.28 -31.91 96.25
N LEU L 107 -3.40 -31.02 95.28
CA LEU L 107 -2.39 -29.98 95.11
C LEU L 107 -2.51 -28.95 96.23
N ASN L 108 -3.70 -28.72 96.73
CA ASN L 108 -3.96 -27.69 97.73
C ASN L 108 -4.57 -28.28 98.99
N GLY L 109 -4.06 -29.45 99.41
CA GLY L 109 -4.54 -30.06 100.62
C GLY L 109 -4.02 -29.35 101.84
N PRO L 110 -4.22 -29.93 103.01
CA PRO L 110 -3.72 -29.30 104.24
C PRO L 110 -2.21 -29.40 104.34
N SER L 111 -1.64 -28.80 105.37
CA SER L 111 -0.19 -28.72 105.51
C SER L 111 0.34 -29.46 106.72
N ASN L 112 -0.42 -29.52 107.82
CA ASN L 112 0.01 -30.21 109.03
C ASN L 112 -1.08 -31.14 109.54
N GLY L 113 -1.88 -31.69 108.66
CA GLY L 113 -2.95 -32.61 109.03
C GLY L 113 -3.27 -33.57 107.92
N VAL L 114 -4.46 -34.17 107.98
CA VAL L 114 -4.98 -35.03 106.93
C VAL L 114 -6.50 -34.88 106.94
N VAL L 115 -7.11 -34.95 105.76
CA VAL L 115 -8.56 -34.86 105.64
C VAL L 115 -9.09 -36.06 104.86
N GLU L 116 -10.09 -36.75 105.41
CA GLU L 116 -10.73 -37.88 104.74
C GLU L 116 -12.10 -37.37 104.31
N LEU L 117 -12.26 -37.00 103.04
CA LEU L 117 -13.56 -36.56 102.59
C LEU L 117 -14.56 -37.71 102.62
N GLY L 118 -15.69 -37.47 103.27
CA GLY L 118 -16.73 -38.48 103.40
C GLY L 118 -17.52 -38.64 102.11
N ALA L 119 -18.63 -39.35 102.22
CA ALA L 119 -19.49 -39.55 101.07
C ALA L 119 -20.36 -38.33 100.81
N ASN L 120 -20.82 -37.66 101.87
CA ASN L 120 -21.72 -36.52 101.74
C ASN L 120 -21.15 -35.35 102.53
N GLY L 121 -20.44 -34.45 101.85
CA GLY L 121 -20.03 -33.17 102.40
C GLY L 121 -19.46 -33.18 103.80
N ALA L 122 -18.90 -34.30 104.22
CA ALA L 122 -18.33 -34.44 105.55
C ALA L 122 -16.85 -34.76 105.43
N PHE L 123 -16.09 -34.37 106.44
CA PHE L 123 -14.64 -34.52 106.38
C PHE L 123 -14.09 -34.47 107.79
N THR L 124 -12.99 -35.21 108.00
CA THR L 124 -12.33 -35.28 109.29
C THR L 124 -10.91 -34.78 109.13
N TYR L 125 -10.56 -33.74 109.88
CA TYR L 125 -9.23 -33.17 109.86
C TYR L 125 -8.53 -33.59 111.15
N THR L 126 -7.70 -34.62 111.06
CA THR L 126 -6.91 -35.05 112.20
C THR L 126 -5.61 -34.25 112.22
N PRO L 127 -5.45 -33.30 113.14
CA PRO L 127 -4.26 -32.46 113.13
C PRO L 127 -3.02 -33.28 113.42
N GLY L 128 -1.91 -32.89 112.79
CA GLY L 128 -0.65 -33.58 113.03
C GLY L 128 -0.25 -33.50 114.49
N ALA L 129 0.17 -34.64 115.02
CA ALA L 129 0.52 -34.73 116.44
C ALA L 129 1.64 -33.77 116.78
N LEU L 130 1.55 -33.18 117.97
CA LEU L 130 2.52 -32.18 118.45
C LEU L 130 2.63 -31.01 117.47
N PHE L 131 1.50 -30.32 117.29
CA PHE L 131 1.46 -29.16 116.42
C PHE L 131 0.30 -28.27 116.83
N THR L 132 0.55 -26.96 116.90
CA THR L 132 -0.50 -26.01 117.25
C THR L 132 -0.28 -24.75 116.42
N GLY L 133 -1.18 -24.48 115.50
CA GLY L 133 -1.11 -23.29 114.67
C GLY L 133 -2.38 -23.12 113.89
N VAL L 134 -2.24 -22.66 112.65
CA VAL L 134 -3.36 -22.52 111.73
C VAL L 134 -3.09 -23.39 110.52
N ASP L 135 -4.16 -23.92 109.93
CA ASP L 135 -4.02 -24.82 108.80
C ASP L 135 -5.20 -24.61 107.85
N ARG L 136 -4.92 -24.66 106.56
CA ARG L 136 -5.91 -24.43 105.53
C ARG L 136 -5.96 -25.60 104.56
N PHE L 137 -7.08 -25.70 103.84
CA PHE L 137 -7.17 -26.56 102.68
C PHE L 137 -8.28 -26.03 101.79
N TRP L 138 -8.16 -26.29 100.49
CA TRP L 138 -9.03 -25.72 99.50
C TRP L 138 -9.90 -26.79 98.89
N PHE L 139 -11.20 -26.73 99.17
CA PHE L 139 -12.18 -27.65 98.61
C PHE L 139 -12.76 -27.07 97.33
N SER L 140 -13.42 -27.94 96.57
CA SER L 140 -14.04 -27.54 95.29
C SER L 140 -15.42 -28.18 95.20
N ILE L 141 -16.43 -27.47 95.67
CA ILE L 141 -17.81 -27.94 95.60
C ILE L 141 -18.32 -27.67 94.20
N ASN L 142 -18.25 -28.69 93.34
CA ASN L 142 -18.82 -28.61 92.01
C ASN L 142 -18.14 -27.52 91.17
N GLY L 143 -16.82 -27.65 91.05
CA GLY L 143 -16.06 -26.73 90.23
C GLY L 143 -15.67 -25.44 90.93
N ASN L 144 -16.54 -24.93 91.78
CA ASN L 144 -16.28 -23.68 92.48
C ASN L 144 -15.43 -23.93 93.72
N ILE L 145 -14.38 -23.14 93.89
CA ILE L 145 -13.36 -23.37 94.91
C ILE L 145 -13.50 -22.35 96.02
N GLY L 146 -13.31 -22.81 97.26
CA GLY L 146 -13.24 -21.97 98.42
C GLY L 146 -12.22 -22.58 99.37
N GLU L 147 -12.01 -21.94 100.50
CA GLU L 147 -11.04 -22.44 101.47
C GLU L 147 -11.68 -22.64 102.83
N TYR L 148 -11.18 -23.62 103.56
CA TYR L 148 -11.58 -23.90 104.93
C TYR L 148 -10.37 -23.69 105.83
N VAL L 149 -10.53 -22.85 106.84
CA VAL L 149 -9.42 -22.48 107.72
C VAL L 149 -9.69 -23.08 109.10
N ILE L 150 -8.73 -23.85 109.60
CA ILE L 150 -8.80 -24.44 110.92
C ILE L 150 -7.61 -23.96 111.73
N SER L 151 -7.86 -23.62 113.00
CA SER L 151 -6.84 -23.17 113.92
C SER L 151 -6.79 -24.14 115.10
N VAL L 152 -5.62 -24.72 115.34
CA VAL L 152 -5.43 -25.69 116.41
C VAL L 152 -4.73 -25.01 117.58
N ASP L 153 -5.33 -25.10 118.75
CA ASP L 153 -4.92 -24.37 119.95
C ASP L 153 -3.99 -25.22 120.79
N PRO L 154 -3.11 -24.59 121.59
CA PRO L 154 -2.15 -25.37 122.39
C PRO L 154 -2.72 -25.78 123.73
N THR L 155 -4.00 -26.15 123.71
CA THR L 155 -4.78 -26.73 124.80
C THR L 155 -5.09 -25.73 125.91
N THR L 156 -4.45 -24.56 125.92
CA THR L 156 -4.76 -23.68 127.04
C THR L 156 -5.99 -22.83 126.81
N SER L 157 -5.87 -21.74 126.04
CA SER L 157 -7.00 -20.83 125.94
C SER L 157 -7.87 -20.98 124.69
N GLU L 158 -7.44 -20.34 123.60
CA GLU L 158 -8.17 -20.22 122.34
C GLU L 158 -7.29 -19.43 121.37
N LEU L 159 -7.18 -19.85 120.10
CA LEU L 159 -6.41 -19.04 119.16
C LEU L 159 -7.29 -17.98 118.48
N PRO L 160 -6.68 -16.87 118.05
CA PRO L 160 -7.42 -15.86 117.27
C PRO L 160 -7.73 -16.33 115.85
N GLN L 161 -8.22 -15.42 115.01
CA GLN L 161 -8.88 -15.81 113.76
C GLN L 161 -8.22 -15.11 112.57
N PRO L 162 -7.60 -15.89 111.67
CA PRO L 162 -6.82 -15.31 110.57
C PRO L 162 -7.70 -14.76 109.46
N PRO L 163 -7.16 -13.87 108.63
CA PRO L 163 -8.01 -13.04 107.76
C PRO L 163 -8.44 -13.59 106.40
N PHE L 164 -8.45 -14.91 106.17
CA PHE L 164 -9.09 -15.43 104.97
C PHE L 164 -8.49 -14.94 103.66
N THR L 165 -7.31 -15.44 103.30
CA THR L 165 -6.53 -14.97 102.16
C THR L 165 -7.38 -14.59 100.95
N THR L 166 -7.02 -13.45 100.35
CA THR L 166 -7.72 -12.87 99.22
C THR L 166 -7.27 -13.51 97.92
N PRO L 167 -7.99 -13.27 96.81
CA PRO L 167 -7.59 -13.86 95.52
C PRO L 167 -6.18 -13.51 95.09
N VAL L 168 -5.86 -12.23 95.03
CA VAL L 168 -4.51 -11.77 94.71
C VAL L 168 -3.99 -10.99 95.90
N TYR L 169 -2.74 -11.26 96.29
CA TYR L 169 -2.15 -10.62 97.45
C TYR L 169 -0.67 -10.39 97.20
N VAL L 170 -0.10 -9.54 98.05
CA VAL L 170 1.34 -9.26 98.04
C VAL L 170 1.87 -9.57 99.43
N PRO L 171 2.62 -10.66 99.61
CA PRO L 171 3.04 -11.08 100.95
C PRO L 171 3.55 -9.97 101.83
N ALA L 172 3.16 -10.03 103.10
CA ALA L 172 3.40 -8.99 104.10
C ALA L 172 4.82 -8.45 104.07
N ALA L 173 5.82 -9.31 104.23
CA ALA L 173 7.18 -8.81 104.21
C ALA L 173 8.10 -9.74 103.47
N ARG L 174 8.17 -9.57 102.15
CA ARG L 174 9.10 -10.28 101.29
C ARG L 174 9.63 -9.34 100.22
N ARG L 175 9.52 -8.04 100.49
CA ARG L 175 9.84 -6.98 99.56
C ARG L 175 11.22 -6.44 99.89
N SER L 176 11.94 -5.98 98.88
CA SER L 176 13.21 -5.37 99.19
C SER L 176 13.65 -4.50 98.03
N VAL L 177 14.65 -3.67 98.32
CA VAL L 177 15.18 -2.70 97.38
C VAL L 177 16.68 -2.64 97.57
N ASP L 178 17.41 -2.72 96.45
CA ASP L 178 18.86 -2.58 96.50
C ASP L 178 19.20 -1.17 96.06
N PRO L 179 19.56 -0.26 96.98
CA PRO L 179 19.83 1.13 96.57
C PRO L 179 21.02 1.27 95.65
N ARG L 180 21.77 0.20 95.46
CA ARG L 180 22.98 0.13 94.67
C ARG L 180 22.70 0.04 93.18
N THR L 181 21.52 -0.45 92.79
CA THR L 181 21.14 -0.55 91.39
C THR L 181 19.70 -0.15 91.14
N HIS L 182 19.00 0.36 92.14
CA HIS L 182 17.65 0.90 92.00
C HIS L 182 16.69 -0.16 91.45
N VAL L 183 16.52 -1.23 92.22
CA VAL L 183 15.66 -2.32 91.82
C VAL L 183 14.81 -2.74 93.00
N LEU L 184 13.50 -2.80 92.79
CA LEU L 184 12.55 -3.22 93.81
C LEU L 184 12.09 -4.64 93.51
N LYS L 185 12.13 -5.50 94.51
CA LYS L 185 11.69 -6.88 94.38
C LYS L 185 10.49 -7.10 95.29
N PHE L 186 9.46 -7.76 94.77
CA PHE L 186 8.35 -8.15 95.61
C PHE L 186 7.71 -9.40 95.02
N VAL L 187 6.96 -10.08 95.82
CA VAL L 187 6.33 -11.35 95.46
C VAL L 187 4.86 -11.10 95.19
N LEU L 188 4.30 -11.83 94.23
CA LEU L 188 2.89 -11.70 93.89
C LEU L 188 2.28 -13.08 93.88
N GLY L 189 1.38 -13.34 94.81
CA GLY L 189 0.77 -14.65 94.96
C GLY L 189 -0.70 -14.62 94.59
N VAL L 190 -1.16 -15.68 93.95
CA VAL L 190 -2.54 -15.81 93.50
C VAL L 190 -3.17 -16.99 94.23
N SER L 191 -4.30 -16.76 94.88
CA SER L 191 -4.96 -17.82 95.62
C SER L 191 -5.52 -18.83 94.64
N PRO L 192 -5.73 -20.08 95.07
CA PRO L 192 -6.36 -21.07 94.18
C PRO L 192 -7.81 -20.78 93.88
N ALA L 193 -8.44 -19.84 94.57
CA ALA L 193 -9.83 -19.53 94.36
C ALA L 193 -10.05 -18.36 93.42
N ALA L 194 -8.99 -17.79 92.86
CA ALA L 194 -9.14 -16.73 91.89
C ALA L 194 -9.82 -17.25 90.64
N ILE L 195 -10.81 -16.53 90.15
CA ILE L 195 -11.61 -17.00 89.02
C ILE L 195 -10.97 -16.51 87.73
N PRO L 196 -10.73 -17.38 86.76
CA PRO L 196 -10.08 -16.94 85.52
C PRO L 196 -10.91 -15.91 84.79
N GLY L 197 -10.23 -14.94 84.19
CA GLY L 197 -10.87 -13.85 83.51
C GLY L 197 -10.96 -12.57 84.28
N ASP L 198 -10.80 -12.61 85.60
CA ASP L 198 -10.86 -11.41 86.41
C ASP L 198 -9.64 -10.53 86.17
N VAL L 199 -9.75 -9.28 86.62
CA VAL L 199 -8.67 -8.31 86.51
C VAL L 199 -8.57 -7.57 87.83
N TYR L 200 -7.37 -7.48 88.38
CA TYR L 200 -7.10 -6.69 89.57
C TYR L 200 -6.06 -5.62 89.23
N ARG L 201 -5.96 -4.62 90.08
CA ARG L 201 -5.05 -3.52 89.86
C ARG L 201 -4.18 -3.31 91.09
N LEU L 202 -2.87 -3.30 90.88
CA LEU L 202 -1.89 -3.10 91.94
C LEU L 202 -1.25 -1.76 91.75
N THR L 203 -1.28 -0.92 92.78
CA THR L 203 -0.64 0.39 92.77
C THR L 203 0.55 0.39 93.72
N VAL L 204 1.68 0.85 93.22
CA VAL L 204 2.94 0.83 93.96
C VAL L 204 3.40 2.27 94.15
N ARG L 205 3.64 2.66 95.40
CA ARG L 205 4.12 3.99 95.73
C ARG L 205 5.51 3.87 96.35
N GLN L 206 6.52 4.25 95.58
CA GLN L 206 7.91 4.07 95.97
C GLN L 206 8.56 5.42 96.18
N VAL L 207 9.34 5.55 97.25
CA VAL L 207 10.00 6.79 97.61
C VAL L 207 11.49 6.64 97.36
N ALA L 208 12.07 7.58 96.64
CA ALA L 208 13.50 7.75 96.61
C ALA L 208 13.85 8.70 97.74
N ILE L 209 15.11 9.14 97.78
CA ILE L 209 15.53 10.00 98.88
C ILE L 209 16.69 10.84 98.38
N ASP L 210 16.69 12.11 98.76
CA ASP L 210 17.79 12.99 98.37
C ASP L 210 18.85 12.99 99.46
N CYS L 211 19.98 13.60 99.14
CA CYS L 211 21.19 13.28 99.86
C CYS L 211 21.16 13.88 101.27
N ASP L 212 20.22 14.78 101.54
CA ASP L 212 19.88 15.24 102.88
C ASP L 212 18.73 14.47 103.53
N GLY L 213 18.15 13.50 102.85
CA GLY L 213 17.11 12.69 103.44
C GLY L 213 15.68 13.12 103.17
N ASN L 214 15.44 14.03 102.23
CA ASN L 214 14.09 14.39 101.86
C ASN L 214 13.55 13.35 100.88
N GLU L 215 12.38 13.59 100.30
CA GLU L 215 11.65 12.49 99.68
C GLU L 215 11.28 12.81 98.24
N PHE L 216 11.28 11.77 97.42
CA PHE L 216 10.80 11.84 96.05
C PHE L 216 9.88 10.66 95.82
N VAL L 217 8.60 10.92 95.62
CA VAL L 217 7.60 9.87 95.50
C VAL L 217 7.37 9.53 94.03
N HIS L 218 7.00 8.29 93.78
CA HIS L 218 6.75 7.78 92.44
C HIS L 218 5.61 6.77 92.51
N ILE L 219 4.63 6.90 91.63
CA ILE L 219 3.44 6.04 91.66
C ILE L 219 3.25 5.42 90.28
N SER L 220 2.92 4.12 90.26
CA SER L 220 2.59 3.41 89.04
C SER L 220 1.60 2.31 89.37
N CYS L 221 1.00 1.70 88.34
CA CYS L 221 0.07 0.61 88.58
C CYS L 221 0.42 -0.57 87.70
N TYR L 222 -0.14 -1.72 88.03
CA TYR L 222 -0.07 -2.91 87.19
C TYR L 222 -1.41 -3.60 87.21
N ASP L 223 -1.80 -4.13 86.05
CA ASP L 223 -3.10 -4.77 85.87
C ASP L 223 -2.89 -6.28 85.85
N ILE L 224 -3.26 -6.93 86.94
CA ILE L 224 -3.10 -8.37 87.08
C ILE L 224 -4.35 -9.05 86.56
N SER L 225 -4.22 -9.76 85.44
CA SER L 225 -5.35 -10.41 84.79
C SER L 225 -5.29 -11.91 85.06
N ILE L 226 -6.20 -12.39 85.90
CA ILE L 226 -6.18 -13.80 86.29
C ILE L 226 -6.54 -14.64 85.08
N GLY L 227 -5.55 -15.30 84.49
CA GLY L 227 -5.79 -16.26 83.44
C GLY L 227 -5.72 -17.67 84.00
N SER L 228 -6.33 -18.59 83.26
CA SER L 228 -6.18 -20.00 83.53
C SER L 228 -5.31 -20.59 82.43
N CYS L 229 -4.52 -21.59 82.81
CA CYS L 229 -3.54 -22.16 81.90
C CYS L 229 -2.52 -21.13 81.46
N GLY L 230 -1.74 -20.65 82.42
CA GLY L 230 -0.66 -19.73 82.14
C GLY L 230 -1.15 -18.31 82.02
N MET M 1 13.29 13.19 86.19
CA MET M 1 13.83 14.53 86.35
C MET M 1 13.73 15.32 85.05
N TYR M 2 13.07 16.47 85.11
CA TYR M 2 12.95 17.36 83.97
C TYR M 2 14.23 18.19 83.82
N PHE M 3 14.62 18.44 82.59
CA PHE M 3 15.78 19.27 82.33
C PHE M 3 15.44 20.27 81.25
N PHE M 4 15.49 21.55 81.57
CA PHE M 4 15.19 22.60 80.61
C PHE M 4 16.41 23.47 80.40
N SER M 5 16.59 23.93 79.17
CA SER M 5 17.58 24.93 78.84
C SER M 5 16.87 26.23 78.53
N VAL M 6 17.36 27.32 79.09
CA VAL M 6 16.69 28.61 79.03
C VAL M 6 17.07 29.31 77.73
N ASP M 7 16.19 30.21 77.27
CA ASP M 7 16.48 30.93 76.04
C ASP M 7 17.43 32.08 76.32
N PRO M 8 18.45 32.27 75.48
CA PRO M 8 19.61 33.06 75.93
C PRO M 8 19.51 34.56 75.72
N ARG M 9 18.39 35.08 75.23
CA ARG M 9 18.19 36.53 75.05
C ARG M 9 19.26 37.14 74.16
N ASN M 10 19.40 36.58 72.96
CA ASN M 10 20.30 37.08 71.93
C ASN M 10 19.60 37.84 70.81
N GLY M 11 18.28 37.74 70.73
CA GLY M 11 17.60 38.07 69.50
C GLY M 11 17.55 36.92 68.52
N ALA M 12 17.73 35.70 69.02
CA ALA M 12 17.78 34.51 68.17
C ALA M 12 17.14 33.32 68.88
N SER M 13 17.44 32.11 68.40
CA SER M 13 16.88 30.89 68.98
C SER M 13 17.38 30.61 70.40
N SER M 21 3.55 25.26 71.25
CA SER M 21 2.75 26.28 70.60
C SER M 21 2.63 27.52 71.48
N CYS M 22 2.54 27.31 72.80
CA CYS M 22 2.44 28.41 73.73
C CYS M 22 3.78 29.08 74.00
N CYS M 23 3.71 30.09 74.85
CA CYS M 23 4.87 30.78 75.37
C CYS M 23 5.67 29.93 76.33
N CYS M 24 5.04 29.46 77.40
CA CYS M 24 5.75 28.80 78.48
C CYS M 24 5.77 27.29 78.22
N GLU M 25 6.93 26.68 78.42
CA GLU M 25 7.10 25.25 78.12
C GLU M 25 6.32 24.41 79.12
N SER M 26 6.32 23.10 78.88
CA SER M 26 5.35 22.19 79.47
C SER M 26 6.00 21.20 80.42
N ILE M 27 5.26 20.88 81.48
CA ILE M 27 5.67 19.90 82.49
C ILE M 27 4.46 19.04 82.81
N SER M 28 4.55 17.75 82.53
CA SER M 28 3.45 16.86 82.87
C SER M 28 3.62 16.33 84.29
N ALA M 29 2.50 16.18 85.00
CA ALA M 29 2.56 15.83 86.40
C ALA M 29 1.42 14.88 86.73
N ARG M 30 1.65 14.01 87.71
CA ARG M 30 0.71 13.00 88.13
C ARG M 30 0.38 13.18 89.62
N PRO M 31 -0.89 13.11 89.99
CA PRO M 31 -1.28 13.39 91.38
C PRO M 31 -0.61 12.47 92.39
N GLY M 32 0.10 13.05 93.35
CA GLY M 32 0.79 12.30 94.38
C GLY M 32 2.29 12.30 94.22
N GLU M 33 2.79 12.53 93.01
CA GLU M 33 4.22 12.50 92.75
C GLU M 33 4.94 13.66 93.44
N VAL M 34 6.25 13.54 93.51
CA VAL M 34 7.15 14.62 93.87
C VAL M 34 8.38 14.46 92.99
N ASN M 35 8.49 15.29 91.97
CA ASN M 35 9.52 15.12 90.96
C ASN M 35 10.63 16.16 91.16
N GLY M 36 11.61 16.18 90.28
CA GLY M 36 12.68 17.15 90.35
C GLY M 36 12.94 17.82 89.03
N VAL M 37 13.20 19.13 89.04
CA VAL M 37 13.35 19.92 87.82
C VAL M 37 14.71 20.60 87.84
N MET M 38 15.40 20.56 86.71
CA MET M 38 16.69 21.22 86.54
C MET M 38 16.62 22.20 85.37
N VAL M 39 17.09 23.42 85.60
CA VAL M 39 17.09 24.47 84.59
C VAL M 39 18.52 24.94 84.41
N SER M 40 18.99 24.96 83.17
CA SER M 40 20.38 25.28 82.86
C SER M 40 20.47 26.69 82.30
N TYR M 41 20.85 27.63 83.15
CA TYR M 41 21.00 29.02 82.74
C TYR M 41 22.31 29.31 82.02
N ALA M 42 23.04 28.27 81.61
CA ALA M 42 24.36 28.48 81.03
C ALA M 42 24.30 29.34 79.78
N ALA M 43 23.28 29.15 78.94
CA ALA M 43 23.22 29.89 77.69
C ALA M 43 23.04 31.38 77.90
N TRP M 44 22.49 31.80 79.03
CA TRP M 44 22.20 33.20 79.29
C TRP M 44 23.24 33.85 80.20
N SER M 45 23.67 33.14 81.23
CA SER M 45 24.52 33.74 82.26
C SER M 45 26.00 33.51 82.03
N ALA M 46 26.39 32.70 81.04
CA ALA M 46 27.82 32.50 80.79
C ALA M 46 28.43 33.69 80.07
N PRO M 47 27.84 34.19 78.98
CA PRO M 47 28.40 35.41 78.37
C PRO M 47 28.50 36.58 79.33
N LEU M 48 27.56 36.72 80.25
CA LEU M 48 27.67 37.75 81.29
C LEU M 48 28.76 37.34 82.28
N ARG M 49 30.01 37.41 81.83
CA ARG M 49 31.10 36.90 82.63
C ARG M 49 31.12 37.59 83.99
N GLY M 50 30.77 36.86 85.03
CA GLY M 50 30.65 37.41 86.36
C GLY M 50 30.74 36.35 87.41
N HIS M 51 29.92 36.45 88.45
CA HIS M 51 29.89 35.46 89.51
C HIS M 51 28.71 34.52 89.43
N GLY M 52 28.17 34.32 88.23
CA GLY M 52 27.16 33.29 88.03
C GLY M 52 25.85 33.60 88.73
N LEU M 53 25.11 32.55 89.06
CA LEU M 53 23.80 32.68 89.64
C LEU M 53 23.91 32.97 91.13
N THR M 54 22.80 33.40 91.73
CA THR M 54 22.71 33.56 93.17
C THR M 54 21.43 32.90 93.66
N ASN M 55 21.36 32.67 94.97
CA ASN M 55 20.20 32.02 95.58
C ASN M 55 19.11 33.05 95.91
N LYS M 56 18.68 33.77 94.88
CA LYS M 56 17.56 34.68 95.02
C LYS M 56 16.52 34.38 93.94
N THR M 57 16.14 33.12 93.82
CA THR M 57 15.06 32.72 92.94
C THR M 57 13.73 32.94 93.61
N THR M 58 12.73 33.29 92.81
CA THR M 58 11.38 33.49 93.30
C THR M 58 10.41 32.74 92.39
N PHE M 59 9.47 32.03 92.99
CA PHE M 59 8.51 31.23 92.26
C PHE M 59 7.10 31.77 92.49
N GLU M 60 6.22 31.49 91.54
CA GLU M 60 4.81 31.84 91.71
C GLU M 60 3.96 30.84 90.95
N ILE M 61 2.92 30.34 91.61
CA ILE M 61 1.99 29.39 91.01
C ILE M 61 0.66 30.08 90.79
N ASP M 62 0.12 29.94 89.59
CA ASP M 62 -1.20 30.45 89.26
C ASP M 62 -1.90 29.45 88.36
N GLY M 63 -3.21 29.30 88.56
CA GLY M 63 -3.98 28.33 87.80
C GLY M 63 -4.54 28.93 86.54
N VAL M 64 -4.41 28.19 85.43
CA VAL M 64 -5.04 28.54 84.17
C VAL M 64 -6.28 27.70 83.91
N SER M 65 -6.54 26.70 84.76
CA SER M 65 -7.70 25.83 84.70
C SER M 65 -7.72 25.03 86.00
N VAL M 66 -8.79 25.10 86.80
CA VAL M 66 -8.75 24.61 88.16
C VAL M 66 -9.76 23.50 88.43
N THR M 67 -10.99 23.62 87.91
CA THR M 67 -12.02 22.62 88.20
C THR M 67 -12.26 22.54 89.71
N PRO M 68 -12.99 23.49 90.29
CA PRO M 68 -13.09 23.60 91.75
C PRO M 68 -13.41 22.26 92.40
N PRO M 69 -12.85 22.00 93.59
CA PRO M 69 -13.03 20.69 94.21
C PRO M 69 -14.45 20.50 94.72
N LYS M 70 -14.84 19.24 94.83
CA LYS M 70 -16.16 18.91 95.33
C LYS M 70 -16.20 18.81 96.84
N VAL M 71 -15.27 18.08 97.43
CA VAL M 71 -15.27 17.78 98.86
C VAL M 71 -14.39 18.80 99.56
N SER M 72 -14.86 19.33 100.67
CA SER M 72 -14.05 20.29 101.41
C SER M 72 -12.99 19.59 102.23
N ASN M 73 -11.95 20.34 102.58
CA ASN M 73 -10.96 19.84 103.51
C ASN M 73 -11.39 20.18 104.94
N ALA M 74 -10.61 19.74 105.92
CA ALA M 74 -11.02 19.92 107.30
C ALA M 74 -9.80 19.97 108.20
N PHE M 75 -9.99 20.51 109.40
CA PHE M 75 -8.92 20.62 110.38
C PHE M 75 -9.44 20.18 111.74
N GLY M 76 -8.65 19.36 112.43
CA GLY M 76 -8.97 18.92 113.77
C GLY M 76 -7.80 19.19 114.70
N ARG M 77 -8.03 18.93 115.99
CA ARG M 77 -7.02 19.19 116.99
C ARG M 77 -7.18 18.23 118.16
N THR M 78 -6.05 17.81 118.71
CA THR M 78 -6.04 16.87 119.83
C THR M 78 -4.76 17.06 120.62
N LYS M 79 -4.78 16.70 121.89
CA LYS M 79 -3.57 16.73 122.70
C LYS M 79 -2.77 15.45 122.48
N VAL M 80 -1.56 15.40 123.05
CA VAL M 80 -0.75 14.21 122.89
C VAL M 80 -1.43 13.03 123.57
N GLY M 81 -1.33 11.86 122.93
CA GLY M 81 -1.76 10.61 123.49
C GLY M 81 -3.26 10.35 123.50
N VAL M 82 -4.08 11.38 123.47
CA VAL M 82 -5.52 11.20 123.54
C VAL M 82 -6.06 10.91 122.15
N VAL M 83 -6.93 9.90 122.06
CA VAL M 83 -7.48 9.46 120.78
C VAL M 83 -8.43 10.53 120.26
N PHE M 84 -8.44 10.72 118.95
CA PHE M 84 -9.23 11.76 118.31
C PHE M 84 -10.29 11.14 117.43
N GLU M 85 -11.51 11.67 117.53
CA GLU M 85 -12.63 11.29 116.67
C GLU M 85 -12.99 12.47 115.77
N GLY M 86 -13.74 12.16 114.73
CA GLY M 86 -14.23 13.17 113.82
C GLY M 86 -15.17 12.54 112.82
N THR M 87 -15.83 13.39 112.05
CA THR M 87 -16.78 12.94 111.07
C THR M 87 -16.23 13.19 109.68
N LEU M 88 -16.82 12.50 108.70
CA LEU M 88 -16.37 12.61 107.33
C LEU M 88 -17.56 12.76 106.39
N SER M 89 -18.64 13.37 106.87
CA SER M 89 -19.86 13.49 106.07
C SER M 89 -20.30 14.92 105.82
N ASP M 90 -19.90 15.87 106.65
CA ASP M 90 -20.19 17.28 106.42
C ASP M 90 -19.17 17.91 105.51
N LEU M 91 -18.29 17.11 104.92
CA LEU M 91 -17.23 17.57 104.05
C LEU M 91 -17.56 17.33 102.59
N PHE M 92 -18.77 16.84 102.31
CA PHE M 92 -19.20 16.52 100.95
C PHE M 92 -20.59 17.09 100.72
N PRO M 93 -20.72 18.39 100.59
CA PRO M 93 -22.02 18.96 100.21
C PRO M 93 -22.37 18.49 98.82
N ASN M 94 -23.35 17.60 98.71
CA ASN M 94 -23.68 17.08 97.39
C ASN M 94 -24.83 17.85 96.77
N PRO M 95 -24.77 18.15 95.47
CA PRO M 95 -25.90 18.78 94.79
C PRO M 95 -27.06 17.79 94.63
N GLU M 96 -26.72 16.61 94.13
CA GLU M 96 -27.69 15.62 93.70
C GLU M 96 -27.94 14.55 94.76
N GLY M 97 -28.69 13.51 94.39
CA GLY M 97 -28.91 12.36 95.25
C GLY M 97 -28.01 11.18 94.92
N GLU M 98 -27.20 10.76 95.89
CA GLU M 98 -26.33 9.61 95.72
C GLU M 98 -25.79 9.21 97.08
N GLN M 99 -25.11 8.07 97.10
CA GLN M 99 -24.51 7.51 98.31
C GLN M 99 -23.02 7.83 98.37
N VAL M 100 -22.48 7.70 99.57
CA VAL M 100 -21.16 8.21 99.92
C VAL M 100 -20.20 7.10 100.33
N GLU M 101 -19.44 6.58 99.37
CA GLU M 101 -18.47 5.53 99.63
C GLU M 101 -17.19 6.09 100.22
N TYR M 102 -17.22 6.44 101.51
CA TYR M 102 -16.04 6.94 102.20
C TYR M 102 -14.88 5.98 102.07
N GLU M 103 -13.69 6.50 101.77
CA GLU M 103 -12.52 5.66 101.54
C GLU M 103 -11.25 6.37 102.01
N ILE M 104 -10.36 5.61 102.63
CA ILE M 104 -9.05 6.11 103.05
C ILE M 104 -8.02 5.30 102.29
N SER M 105 -7.40 5.90 101.28
CA SER M 105 -6.40 5.22 100.47
C SER M 105 -5.17 4.88 101.31
N GLU M 106 -4.68 3.65 101.18
CA GLU M 106 -3.48 3.25 101.91
C GLU M 106 -2.21 3.89 101.39
N LEU M 107 -2.22 4.41 100.16
CA LEU M 107 -1.05 5.08 99.64
C LEU M 107 -0.83 6.42 100.33
N ASN M 108 -1.92 7.07 100.73
CA ASN M 108 -1.87 8.41 101.30
C ASN M 108 -2.49 8.42 102.69
N GLY M 109 -2.21 7.39 103.48
CA GLY M 109 -2.70 7.34 104.84
C GLY M 109 -1.95 8.29 105.73
N PRO M 110 -2.18 8.21 107.04
CA PRO M 110 -1.47 9.08 107.97
C PRO M 110 0.00 8.69 108.09
N SER M 111 0.76 9.46 108.86
CA SER M 111 2.20 9.24 108.95
C SER M 111 2.65 8.85 110.36
N ASN M 112 1.98 9.34 111.40
CA ASN M 112 2.35 9.03 112.77
C ASN M 112 1.14 8.60 113.58
N GLY M 113 0.16 7.97 112.94
CA GLY M 113 -1.04 7.51 113.61
C GLY M 113 -1.64 6.33 112.90
N VAL M 114 -2.92 6.07 113.17
CA VAL M 114 -3.70 5.04 112.48
C VAL M 114 -5.13 5.53 112.43
N VAL M 115 -5.84 5.20 111.36
CA VAL M 115 -7.25 5.58 111.22
C VAL M 115 -8.07 4.33 110.89
N GLU M 116 -9.15 4.11 111.65
CA GLU M 116 -10.07 3.00 111.42
C GLU M 116 -11.33 3.63 110.84
N LEU M 117 -11.50 3.58 109.52
CA LEU M 117 -12.72 4.12 108.95
C LEU M 117 -13.93 3.30 109.38
N GLY M 118 -14.94 3.99 109.90
CA GLY M 118 -16.15 3.35 110.37
C GLY M 118 -17.05 2.96 109.22
N ALA M 119 -18.28 2.59 109.57
CA ALA M 119 -19.25 2.21 108.55
C ALA M 119 -19.86 3.44 107.89
N ASN M 120 -20.08 4.50 108.65
CA ASN M 120 -20.72 5.72 108.14
C ASN M 120 -19.86 6.93 108.48
N GLY M 121 -19.03 7.35 107.53
CA GLY M 121 -18.31 8.61 107.59
C GLY M 121 -17.65 8.96 108.92
N ALA M 122 -17.31 7.94 109.70
CA ALA M 122 -16.68 8.14 110.99
C ALA M 122 -15.31 7.47 110.99
N PHE M 123 -14.41 8.00 111.80
CA PHE M 123 -13.05 7.51 111.80
C PHE M 123 -12.37 7.90 113.09
N THR M 124 -11.46 7.05 113.55
CA THR M 124 -10.72 7.27 114.79
C THR M 124 -9.24 7.36 114.45
N TYR M 125 -8.62 8.48 114.80
CA TYR M 125 -7.21 8.69 114.59
C TYR M 125 -6.51 8.59 115.95
N THR M 126 -5.93 7.43 116.21
CA THR M 126 -5.15 7.25 117.43
C THR M 126 -3.73 7.69 117.17
N PRO M 127 -3.30 8.83 117.70
CA PRO M 127 -1.95 9.32 117.40
C PRO M 127 -0.90 8.39 117.96
N GLY M 128 0.22 8.29 117.22
CA GLY M 128 1.31 7.45 117.69
C GLY M 128 1.84 7.93 119.03
N ALA M 129 2.05 6.98 119.93
CA ALA M 129 2.48 7.29 121.29
C ALA M 129 3.80 8.03 121.27
N LEU M 130 3.94 8.99 122.18
CA LEU M 130 5.12 9.84 122.29
C LEU M 130 5.40 10.55 120.97
N PHE M 131 4.43 11.38 120.56
CA PHE M 131 4.57 12.16 119.34
C PHE M 131 3.66 13.38 119.43
N THR M 132 4.20 14.54 119.02
CA THR M 132 3.39 15.75 119.02
C THR M 132 3.81 16.57 117.81
N GLY M 133 2.92 16.71 116.85
CA GLY M 133 3.18 17.50 115.66
C GLY M 133 1.92 17.68 114.86
N VAL M 134 2.05 17.66 113.54
CA VAL M 134 0.92 17.73 112.64
C VAL M 134 0.89 16.46 111.80
N ASP M 135 -0.30 16.01 111.44
CA ASP M 135 -0.45 14.79 110.68
C ASP M 135 -1.63 14.93 109.73
N ARG M 136 -1.47 14.37 108.53
CA ARG M 136 -2.47 14.46 107.48
C ARG M 136 -2.84 13.08 106.98
N PHE M 137 -4.00 12.99 106.35
CA PHE M 137 -4.36 11.83 105.55
C PHE M 137 -5.40 12.27 104.54
N TRP M 138 -5.44 11.56 103.42
CA TRP M 138 -6.26 11.96 102.28
C TRP M 138 -7.38 10.96 102.08
N PHE M 139 -8.61 11.41 102.32
CA PHE M 139 -9.79 10.61 102.12
C PHE M 139 -10.35 10.83 100.72
N SER M 140 -11.23 9.93 100.30
CA SER M 140 -11.85 10.00 98.97
C SER M 140 -13.34 9.69 99.11
N ILE M 141 -14.14 10.73 99.29
CA ILE M 141 -15.58 10.59 99.41
C ILE M 141 -16.13 10.48 97.99
N ASN M 142 -16.35 9.25 97.54
CA ASN M 142 -16.99 8.99 96.26
C ASN M 142 -16.17 9.56 95.10
N GLY M 143 -14.92 9.09 95.03
CA GLY M 143 -14.04 9.49 93.94
C GLY M 143 -13.34 10.81 94.15
N ASN M 144 -14.01 11.77 94.78
CA ASN M 144 -13.44 13.08 95.00
C ASN M 144 -12.57 13.08 96.25
N ILE M 145 -11.36 13.63 96.13
CA ILE M 145 -10.34 13.52 97.16
C ILE M 145 -10.17 14.86 97.86
N GLY M 146 -9.98 14.82 99.17
CA GLY M 146 -9.64 15.97 99.97
C GLY M 146 -8.71 15.49 101.07
N GLU M 147 -8.27 16.41 101.92
CA GLU M 147 -7.36 16.07 102.99
C GLU M 147 -7.92 16.50 104.34
N TYR M 148 -7.58 15.73 105.36
CA TYR M 148 -7.92 16.03 106.74
C TYR M 148 -6.63 16.25 107.50
N VAL M 149 -6.52 17.39 108.18
CA VAL M 149 -5.30 17.77 108.88
C VAL M 149 -5.57 17.76 110.36
N ILE M 150 -4.76 17.01 111.10
CA ILE M 150 -4.86 16.93 112.55
C ILE M 150 -3.53 17.38 113.14
N SER M 151 -3.59 18.17 114.21
CA SER M 151 -2.43 18.66 114.92
C SER M 151 -2.50 18.17 116.35
N VAL M 152 -1.46 17.45 116.80
CA VAL M 152 -1.40 16.88 118.13
C VAL M 152 -0.48 17.74 118.98
N ASP M 153 -0.99 18.19 120.12
CA ASP M 153 -0.35 19.17 120.98
C ASP M 153 0.45 18.47 122.07
N PRO M 154 1.50 19.12 122.60
CA PRO M 154 2.33 18.46 123.61
C PRO M 154 1.79 18.66 125.02
N THR M 155 0.46 18.61 125.13
CA THR M 155 -0.32 18.62 126.36
C THR M 155 -0.34 19.99 127.05
N THR M 156 0.53 20.91 126.65
CA THR M 156 0.52 22.16 127.40
C THR M 156 -0.52 23.15 126.88
N SER M 157 -0.23 23.85 125.78
CA SER M 157 -1.15 24.90 125.38
C SER M 157 -2.13 24.53 124.27
N GLU M 158 -1.67 24.66 123.01
CA GLU M 158 -2.44 24.50 121.79
C GLU M 158 -1.50 24.69 120.60
N LEU M 159 -1.58 23.87 119.57
CA LEU M 159 -0.73 24.11 118.40
C LEU M 159 -1.41 25.05 117.40
N PRO M 160 -0.62 25.78 116.60
CA PRO M 160 -1.18 26.60 115.51
C PRO M 160 -1.70 25.76 114.36
N GLN M 161 -2.05 26.42 113.24
CA GLN M 161 -2.88 25.79 112.21
C GLN M 161 -2.18 25.87 110.86
N PRO M 162 -1.82 24.73 110.28
CA PRO M 162 -1.01 24.71 109.05
C PRO M 162 -1.84 25.02 107.81
N PRO M 163 -1.20 25.45 106.73
CA PRO M 163 -1.92 26.10 105.62
C PRO M 163 -2.55 25.23 104.55
N PHE M 164 -2.86 23.96 104.79
CA PHE M 164 -3.70 23.21 103.85
C PHE M 164 -3.11 23.09 102.43
N THR M 165 -2.09 22.24 102.28
CA THR M 165 -1.32 22.11 101.04
C THR M 165 -2.17 22.24 99.78
N THR M 166 -1.62 22.98 98.82
CA THR M 166 -2.27 23.30 97.55
C THR M 166 -2.08 22.17 96.56
N PRO M 167 -2.81 22.19 95.43
CA PRO M 167 -2.65 21.11 94.43
C PRO M 167 -1.23 20.97 93.91
N VAL M 168 -0.65 22.05 93.40
CA VAL M 168 0.72 22.06 92.95
C VAL M 168 1.51 23.05 93.79
N TYR M 169 2.69 22.65 94.24
CA TYR M 169 3.49 23.49 95.11
C TYR M 169 4.96 23.29 94.80
N VAL M 170 5.77 24.22 95.30
CA VAL M 170 7.22 24.15 95.19
C VAL M 170 7.78 24.22 96.60
N PRO M 171 8.30 23.11 97.15
CA PRO M 171 8.72 23.08 98.55
C PRO M 171 9.52 24.29 99.00
N ALA M 172 9.23 24.74 100.21
CA ALA M 172 9.77 25.97 100.78
C ALA M 172 11.26 26.14 100.56
N ALA M 173 12.06 25.18 101.01
CA ALA M 173 13.50 25.32 100.82
C ALA M 173 14.14 24.01 100.44
N ARG M 174 14.14 23.70 99.15
CA ARG M 174 14.83 22.56 98.59
C ARG M 174 15.45 22.95 97.26
N ARG M 175 15.65 24.24 97.06
CA ARG M 175 16.11 24.83 95.82
C ARG M 175 17.59 25.11 95.95
N SER M 176 18.31 25.04 94.84
CA SER M 176 19.71 25.41 94.92
C SER M 176 20.23 25.71 93.52
N VAL M 177 21.39 26.34 93.51
CA VAL M 177 22.05 26.78 92.30
C VAL M 177 23.54 26.56 92.44
N ASP M 178 24.15 25.94 91.43
CA ASP M 178 25.59 25.76 91.42
C ASP M 178 26.19 26.83 90.52
N PRO M 179 26.80 27.89 91.07
CA PRO M 179 27.32 28.96 90.21
C PRO M 179 28.44 28.50 89.29
N ARG M 180 28.92 27.29 89.48
CA ARG M 180 30.03 26.70 88.76
C ARG M 180 29.62 26.17 87.39
N THR M 181 28.33 25.85 87.20
CA THR M 181 27.84 25.37 85.92
C THR M 181 26.49 25.98 85.55
N HIS M 182 26.01 26.95 86.31
CA HIS M 182 24.79 27.69 85.99
C HIS M 182 23.59 26.76 85.85
N VAL M 183 23.26 26.08 86.94
CA VAL M 183 22.15 25.14 86.94
C VAL M 183 21.33 25.35 88.20
N LEU M 184 20.04 25.53 88.02
CA LEU M 184 19.10 25.70 89.12
C LEU M 184 18.33 24.40 89.33
N LYS M 185 18.25 23.94 90.57
CA LYS M 185 17.53 22.74 90.94
C LYS M 185 16.38 23.13 91.86
N PHE M 186 15.20 22.58 91.60
CA PHE M 186 14.09 22.76 92.52
C PHE M 186 13.16 21.55 92.40
N VAL M 187 12.35 21.38 93.41
CA VAL M 187 11.45 20.24 93.49
C VAL M 187 10.04 20.70 93.16
N LEU M 188 9.27 19.84 92.52
CA LEU M 188 7.89 20.17 92.13
C LEU M 188 6.99 19.04 92.61
N GLY M 189 6.14 19.32 93.58
CA GLY M 189 5.28 18.32 94.18
C GLY M 189 3.83 18.56 93.81
N VAL M 190 3.10 17.46 93.59
CA VAL M 190 1.69 17.50 93.21
C VAL M 190 0.89 16.82 94.30
N SER M 191 -0.10 17.51 94.84
CA SER M 191 -0.92 16.94 95.89
C SER M 191 -1.76 15.80 95.33
N PRO M 192 -2.19 14.86 96.17
CA PRO M 192 -3.08 13.80 95.68
C PRO M 192 -4.46 14.29 95.29
N ALA M 193 -4.82 15.52 95.61
CA ALA M 193 -6.14 16.05 95.32
C ALA M 193 -6.16 16.86 94.02
N ALA M 194 -5.06 16.94 93.30
CA ALA M 194 -5.05 17.62 92.02
C ALA M 194 -5.92 16.87 91.04
N ILE M 195 -6.77 17.59 90.32
CA ILE M 195 -7.74 16.95 89.43
C ILE M 195 -7.12 16.83 88.04
N PRO M 196 -7.14 15.65 87.44
CA PRO M 196 -6.52 15.48 86.12
C PRO M 196 -7.16 16.37 85.08
N GLY M 197 -6.34 16.89 84.19
CA GLY M 197 -6.79 17.80 83.16
C GLY M 197 -6.55 19.26 83.45
N ASP M 198 -6.29 19.62 84.69
CA ASP M 198 -6.04 21.02 85.04
C ASP M 198 -4.68 21.46 84.51
N VAL M 199 -4.49 22.77 84.49
CA VAL M 199 -3.24 23.39 84.06
C VAL M 199 -2.88 24.49 85.04
N TYR M 200 -1.64 24.47 85.52
CA TYR M 200 -1.12 25.54 86.36
C TYR M 200 0.09 26.16 85.67
N ARG M 201 0.46 27.35 86.13
CA ARG M 201 1.57 28.08 85.53
C ARG M 201 2.56 28.47 86.61
N LEU M 202 3.82 28.12 86.41
CA LEU M 202 4.90 28.43 87.33
C LEU M 202 5.80 29.46 86.69
N THR M 203 6.02 30.58 87.37
CA THR M 203 6.92 31.63 86.91
C THR M 203 8.15 31.68 87.80
N VAL M 204 9.32 31.68 87.16
CA VAL M 204 10.60 31.63 87.86
C VAL M 204 11.37 32.91 87.54
N ARG M 205 11.78 33.63 88.58
CA ARG M 205 12.56 34.84 88.43
C ARG M 205 13.94 34.62 89.04
N GLN M 206 14.94 34.49 88.20
CA GLN M 206 16.29 34.14 88.62
C GLN M 206 17.23 35.30 88.34
N VAL M 207 18.10 35.60 89.31
CA VAL M 207 19.04 36.70 89.21
C VAL M 207 20.43 36.14 89.03
N ALA M 208 21.13 36.63 88.02
CA ALA M 208 22.56 36.45 87.93
C ALA M 208 23.20 37.62 88.67
N ILE M 209 24.52 37.75 88.56
CA ILE M 209 25.20 38.81 89.29
C ILE M 209 26.46 39.16 88.53
N ASP M 210 26.77 40.45 88.45
CA ASP M 210 27.99 40.86 87.77
C ASP M 210 29.10 41.00 88.79
N CYS M 211 30.31 41.19 88.28
CA CYS M 211 31.49 40.86 89.06
C CYS M 211 31.70 41.88 90.18
N ASP M 212 30.98 43.02 90.12
CA ASP M 212 30.85 43.97 91.22
C ASP M 212 29.63 43.74 92.10
N GLY M 213 28.80 42.76 91.79
CA GLY M 213 27.66 42.46 92.63
C GLY M 213 26.34 43.08 92.22
N ASN M 214 26.23 43.65 91.03
CA ASN M 214 24.95 44.16 90.56
C ASN M 214 24.14 43.01 90.00
N GLU M 215 23.00 43.29 89.37
CA GLU M 215 22.01 42.24 89.18
C GLU M 215 21.60 42.13 87.72
N PHE M 216 21.32 40.90 87.30
CA PHE M 216 20.76 40.61 85.99
C PHE M 216 19.59 39.66 86.19
N VAL M 217 18.38 40.12 85.91
CA VAL M 217 17.18 39.35 86.17
C VAL M 217 16.77 38.60 84.91
N HIS M 218 16.12 37.46 85.10
CA HIS M 218 15.66 36.60 84.01
C HIS M 218 14.35 35.96 84.44
N ILE M 219 13.35 36.00 83.57
CA ILE M 219 12.02 35.49 83.89
C ILE M 219 11.58 34.50 82.82
N SER M 220 10.99 33.38 83.25
CA SER M 220 10.42 32.40 82.35
C SER M 220 9.25 31.73 83.05
N CYS M 221 8.45 30.96 82.29
CA CYS M 221 7.34 30.25 82.90
C CYS M 221 7.36 28.79 82.47
N TYR M 222 6.59 27.99 83.19
CA TYR M 222 6.34 26.60 82.82
C TYR M 222 4.89 26.28 83.07
N ASP M 223 4.31 25.49 82.17
CA ASP M 223 2.89 25.14 82.22
C ASP M 223 2.77 23.70 82.73
N ILE M 224 2.35 23.56 83.98
CA ILE M 224 2.23 22.25 84.61
C ILE M 224 0.83 21.74 84.35
N SER M 225 0.70 20.69 83.56
CA SER M 225 -0.58 20.13 83.17
C SER M 225 -0.81 18.85 83.94
N ILE M 226 -1.74 18.88 84.90
CA ILE M 226 -1.99 17.73 85.75
C ILE M 226 -2.63 16.64 84.91
N GLY M 227 -1.84 15.62 84.58
CA GLY M 227 -2.36 14.44 83.94
C GLY M 227 -2.54 13.32 84.94
N SER M 228 -3.39 12.37 84.58
CA SER M 228 -3.52 11.13 85.31
C SER M 228 -2.89 10.02 84.49
N CYS M 229 -2.31 9.06 85.18
CA CYS M 229 -1.53 8.01 84.54
C CYS M 229 -0.36 8.57 83.76
N GLY M 230 0.58 9.15 84.50
CA GLY M 230 1.80 9.66 83.92
C GLY M 230 1.62 11.03 83.31
N MET N 1 22.67 38.02 76.25
CA MET N 1 23.49 39.18 75.95
C MET N 1 23.46 39.49 74.46
N TYR N 2 23.06 40.72 74.12
CA TYR N 2 23.05 41.17 72.75
C TYR N 2 24.45 41.59 72.33
N PHE N 3 24.78 41.33 71.07
CA PHE N 3 26.07 41.74 70.54
C PHE N 3 25.86 42.36 69.17
N PHE N 4 26.20 43.64 69.04
CA PHE N 4 26.06 44.35 67.79
C PHE N 4 27.41 44.80 67.29
N SER N 5 27.57 44.77 65.97
CA SER N 5 28.73 45.35 65.31
C SER N 5 28.28 46.60 64.58
N VAL N 6 29.04 47.67 64.72
CA VAL N 6 28.65 48.97 64.22
C VAL N 6 29.06 49.10 62.77
N ASP N 7 28.37 49.97 62.03
CA ASP N 7 28.69 50.15 60.63
C ASP N 7 29.88 51.09 60.48
N PRO N 8 30.85 50.76 59.64
CA PRO N 8 32.18 51.36 59.78
C PRO N 8 32.38 52.69 59.07
N ARG N 9 31.36 53.26 58.43
CA ARG N 9 31.45 54.57 57.78
C ARG N 9 32.56 54.58 56.71
N ASN N 10 32.48 53.64 55.78
CA ASN N 10 33.38 53.56 54.64
C ASN N 10 32.76 54.03 53.34
N GLY N 11 31.45 54.21 53.29
CA GLY N 11 30.76 54.26 52.02
C GLY N 11 30.39 52.89 51.51
N ALA N 12 30.34 51.90 52.39
CA ALA N 12 30.07 50.52 52.00
C ALA N 12 29.27 49.81 53.08
N SER N 13 29.25 48.48 53.05
CA SER N 13 28.50 47.68 54.01
C SER N 13 29.04 47.79 55.43
N SER N 21 14.51 46.29 58.13
CA SER N 21 13.90 47.20 57.18
C SER N 21 14.12 48.66 57.58
N CYS N 22 14.09 48.91 58.89
CA CYS N 22 14.30 50.26 59.38
C CYS N 22 15.77 50.65 59.41
N CYS N 23 15.97 51.88 59.86
CA CYS N 23 17.30 52.43 60.10
C CYS N 23 17.98 51.77 61.29
N CYS N 24 17.36 51.85 62.46
CA CYS N 24 18.00 51.44 63.70
C CYS N 24 17.67 49.98 63.97
N GLU N 25 18.69 49.21 64.36
CA GLU N 25 18.53 47.78 64.57
C GLU N 25 17.67 47.51 65.81
N SER N 26 17.37 46.24 66.02
CA SER N 26 16.29 45.81 66.89
C SER N 26 16.79 45.08 68.13
N ILE N 27 16.09 45.29 69.24
CA ILE N 27 16.37 44.66 70.52
C ILE N 27 15.03 44.25 71.12
N SER N 28 14.82 42.95 71.30
CA SER N 28 13.59 42.49 71.93
C SER N 28 13.77 42.46 73.44
N ALA N 29 12.70 42.80 74.17
CA ALA N 29 12.79 42.93 75.61
C ALA N 29 11.51 42.43 76.24
N ARG N 30 11.64 41.91 77.46
CA ARG N 30 10.54 41.33 78.21
C ARG N 30 10.37 42.07 79.54
N PRO N 31 9.15 42.41 79.93
CA PRO N 31 8.95 43.22 81.13
C PRO N 31 9.49 42.57 82.39
N GLY N 32 10.38 43.27 83.09
CA GLY N 32 10.98 42.77 84.31
C GLY N 32 12.43 42.37 84.15
N GLU N 33 12.87 42.06 82.94
CA GLU N 33 14.22 41.63 82.70
C GLU N 33 15.22 42.76 82.94
N VAL N 34 16.49 42.37 83.05
CA VAL N 34 17.63 43.28 83.01
C VAL N 34 18.71 42.56 82.23
N ASN N 35 18.92 42.95 80.99
CA ASN N 35 19.80 42.23 80.10
C ASN N 35 21.12 43.00 79.93
N GLY N 36 22.00 42.50 79.07
CA GLY N 36 23.26 43.18 78.82
C GLY N 36 23.54 43.30 77.33
N VAL N 37 24.07 44.43 76.90
CA VAL N 37 24.29 44.71 75.49
C VAL N 37 25.75 45.03 75.26
N MET N 38 26.33 44.47 74.21
CA MET N 38 27.71 44.72 73.83
C MET N 38 27.75 45.24 72.40
N VAL N 39 28.48 46.33 72.19
CA VAL N 39 28.62 46.96 70.87
C VAL N 39 30.10 47.01 70.53
N SER N 40 30.46 46.50 69.36
CA SER N 40 31.86 46.38 68.96
C SER N 40 32.20 47.46 67.95
N TYR N 41 32.84 48.53 68.42
CA TYR N 41 33.24 49.62 67.55
C TYR N 41 34.51 49.34 66.77
N ALA N 42 34.98 48.09 66.75
CA ALA N 42 36.26 47.79 66.12
C ALA N 42 36.28 48.18 64.64
N ALA N 43 35.18 47.95 63.94
CA ALA N 43 35.17 48.23 62.51
C ALA N 43 35.33 49.71 62.19
N TRP N 44 34.97 50.59 63.11
CA TRP N 44 35.02 52.03 62.88
C TRP N 44 36.23 52.69 63.50
N SER N 45 36.59 52.28 64.71
CA SER N 45 37.62 52.97 65.47
C SER N 45 39.00 52.36 65.33
N ALA N 46 39.12 51.20 64.68
CA ALA N 46 40.45 50.62 64.51
C ALA N 46 41.24 51.33 63.41
N PRO N 47 40.69 51.56 62.22
CA PRO N 47 41.44 52.34 61.23
C PRO N 47 41.87 53.70 61.73
N LEU N 48 41.06 54.36 62.55
CA LEU N 48 41.46 55.61 63.17
C LEU N 48 42.52 55.33 64.23
N ARG N 49 43.71 54.96 63.78
CA ARG N 49 44.73 54.52 64.71
C ARG N 49 45.01 55.59 65.74
N GLY N 50 44.59 55.34 66.97
CA GLY N 50 44.71 56.33 68.02
C GLY N 50 44.65 55.68 69.39
N HIS N 51 43.95 56.30 70.33
CA HIS N 51 43.82 55.76 71.67
C HIS N 51 42.46 55.13 71.91
N GLY N 52 41.78 54.68 70.86
CA GLY N 52 40.57 53.91 71.03
C GLY N 52 39.42 54.72 71.59
N LEU N 53 38.51 54.02 72.26
CA LEU N 53 37.30 54.63 72.78
C LEU N 53 37.59 55.38 74.08
N THR N 54 36.65 56.22 74.49
CA THR N 54 36.71 56.86 75.79
C THR N 54 35.36 56.71 76.49
N ASN N 55 35.36 56.96 77.79
CA ASN N 55 34.13 56.82 78.59
C ASN N 55 33.33 58.12 78.55
N LYS N 56 32.97 58.53 77.34
CA LYS N 56 32.08 59.66 77.16
C LYS N 56 30.92 59.27 76.26
N THR N 57 30.28 58.17 76.58
CA THR N 57 29.06 57.74 75.89
C THR N 57 27.87 58.48 76.46
N THR N 58 26.91 58.75 75.59
CA THR N 58 25.67 59.41 75.99
C THR N 58 24.50 58.63 75.39
N PHE N 59 23.48 58.40 76.20
CA PHE N 59 22.31 57.64 75.79
C PHE N 59 21.08 58.53 75.83
N GLU N 60 20.08 58.15 75.05
CA GLU N 60 18.80 58.85 75.09
C GLU N 60 17.69 57.88 74.72
N ILE N 61 16.62 57.87 75.52
CA ILE N 61 15.48 57.00 75.28
C ILE N 61 14.31 57.88 74.84
N ASP N 62 13.65 57.47 73.77
CA ASP N 62 12.45 58.12 73.28
C ASP N 62 11.48 57.06 72.79
N GLY N 63 10.19 57.29 73.03
CA GLY N 63 9.18 56.33 72.66
C GLY N 63 8.65 56.57 71.26
N VAL N 64 8.54 55.50 70.49
CA VAL N 64 7.89 55.55 69.18
C VAL N 64 6.48 54.97 69.23
N SER N 65 6.09 54.40 70.37
CA SER N 65 4.77 53.84 70.63
C SER N 65 4.69 53.55 72.11
N VAL N 66 3.73 54.12 72.84
CA VAL N 66 3.77 54.11 74.30
C VAL N 66 2.58 53.42 74.93
N THR N 67 1.36 53.63 74.41
CA THR N 67 0.17 53.05 75.04
C THR N 67 0.04 53.52 76.47
N PRO N 68 -0.42 54.75 76.69
CA PRO N 68 -0.38 55.36 78.04
C PRO N 68 -0.91 54.43 79.11
N PRO N 69 -0.33 54.46 80.30
CA PRO N 69 -0.73 53.51 81.34
C PRO N 69 -2.10 53.83 81.89
N LYS N 70 -2.75 52.80 82.43
CA LYS N 70 -4.06 52.96 83.02
C LYS N 70 -4.00 53.38 84.48
N VAL N 71 -3.20 52.69 85.27
CA VAL N 71 -3.15 52.90 86.72
C VAL N 71 -2.01 53.85 87.02
N SER N 72 -2.27 54.83 87.88
CA SER N 72 -1.23 55.77 88.24
C SER N 72 -0.27 55.16 89.25
N ASN N 73 0.94 55.73 89.33
CA ASN N 73 1.87 55.36 90.36
C ASN N 73 1.64 56.24 91.58
N ALA N 74 2.38 56.00 92.65
CA ALA N 74 2.13 56.71 93.89
C ALA N 74 3.40 56.78 94.71
N PHE N 75 3.43 57.72 95.65
CA PHE N 75 4.57 57.91 96.53
C PHE N 75 4.09 58.07 97.97
N GLY N 76 4.75 57.37 98.89
CA GLY N 76 4.46 57.50 100.30
C GLY N 76 5.73 57.78 101.08
N ARG N 77 5.54 58.03 102.38
CA ARG N 77 6.67 58.36 103.23
C ARG N 77 6.41 57.92 104.65
N THR N 78 7.47 57.45 105.32
CA THR N 78 7.36 56.96 106.69
C THR N 78 8.72 57.12 107.35
N LYS N 79 8.73 57.21 108.67
CA LYS N 79 9.97 57.24 109.42
C LYS N 79 10.46 55.81 109.64
N VAL N 80 11.67 55.69 110.19
CA VAL N 80 12.21 54.36 110.46
C VAL N 80 11.36 53.65 111.50
N GLY N 81 11.14 52.35 111.29
CA GLY N 81 10.50 51.48 112.25
C GLY N 81 9.00 51.60 112.35
N VAL N 82 8.41 52.72 111.98
CA VAL N 82 6.97 52.89 112.11
C VAL N 82 6.27 52.28 110.90
N VAL N 83 5.21 51.53 111.17
CA VAL N 83 4.48 50.83 110.12
C VAL N 83 3.74 51.85 109.28
N PHE N 84 3.66 51.58 107.98
CA PHE N 84 3.06 52.50 107.04
C PHE N 84 1.81 51.88 106.41
N GLU N 85 0.75 52.68 106.34
CA GLU N 85 -0.48 52.30 105.67
C GLU N 85 -0.66 53.16 104.42
N GLY N 86 -1.55 52.69 103.55
CA GLY N 86 -1.88 53.43 102.34
C GLY N 86 -3.01 52.73 101.63
N THR N 87 -3.54 53.41 100.62
CA THR N 87 -4.65 52.88 99.85
C THR N 87 -4.17 52.52 98.45
N LEU N 88 -4.96 51.70 97.78
CA LEU N 88 -4.61 51.24 96.45
C LEU N 88 -5.82 51.32 95.53
N SER N 89 -6.71 52.29 95.76
CA SER N 89 -7.93 52.40 94.98
C SER N 89 -8.09 53.73 94.26
N ASP N 90 -7.43 54.80 94.71
CA ASP N 90 -7.44 56.08 94.01
C ASP N 90 -6.38 56.11 92.93
N LEU N 91 -5.73 54.98 92.66
CA LEU N 91 -4.68 54.89 91.67
C LEU N 91 -5.18 54.24 90.38
N PHE N 92 -6.48 53.99 90.29
CA PHE N 92 -7.07 53.34 89.12
C PHE N 92 -8.33 54.09 88.73
N PRO N 93 -8.18 55.28 88.15
CA PRO N 93 -9.37 55.95 87.62
C PRO N 93 -9.92 55.13 86.46
N ASN N 94 -11.07 54.51 86.66
CA ASN N 94 -11.61 53.67 85.61
C ASN N 94 -12.62 54.43 84.77
N PRO N 95 -12.59 54.25 83.45
CA PRO N 95 -13.63 54.86 82.60
C PRO N 95 -14.97 54.17 82.79
N GLU N 96 -14.93 52.84 82.72
CA GLU N 96 -16.12 52.01 82.67
C GLU N 96 -16.50 51.44 84.03
N GLY N 97 -17.48 50.53 84.04
CA GLY N 97 -17.85 49.82 85.25
C GLY N 97 -17.27 48.43 85.33
N GLU N 98 -16.49 48.19 86.39
CA GLU N 98 -15.89 46.88 86.62
C GLU N 98 -15.35 46.84 88.03
N GLN N 99 -14.92 45.65 88.44
CA GLN N 99 -14.35 45.40 89.76
C GLN N 99 -12.83 45.39 89.70
N VAL N 100 -12.23 45.54 90.88
CA VAL N 100 -10.81 45.83 91.02
C VAL N 100 -10.08 44.73 91.79
N GLU N 101 -9.53 43.77 91.06
CA GLU N 101 -8.78 42.67 91.66
C GLU N 101 -7.36 43.10 92.01
N TYR N 102 -7.22 43.85 93.10
CA TYR N 102 -5.91 44.27 93.58
C TYR N 102 -4.99 43.08 93.78
N GLU N 103 -3.74 43.19 93.32
CA GLU N 103 -2.81 42.08 93.39
C GLU N 103 -1.39 42.59 93.57
N ILE N 104 -0.62 41.91 94.41
CA ILE N 104 0.80 42.20 94.62
C ILE N 104 1.57 40.97 94.19
N SER N 105 2.22 41.05 93.03
CA SER N 105 2.98 39.93 92.50
C SER N 105 4.17 39.63 93.39
N GLU N 106 4.38 38.34 93.69
CA GLU N 106 5.52 37.95 94.51
C GLU N 106 6.85 38.08 93.79
N LEU N 107 6.85 38.15 92.46
CA LEU N 107 8.10 38.32 91.75
C LEU N 107 8.64 39.73 91.92
N ASN N 108 7.76 40.71 92.08
CA ASN N 108 8.13 42.11 92.16
C ASN N 108 7.65 42.72 93.46
N GLY N 109 7.77 41.99 94.56
CA GLY N 109 7.37 42.50 95.85
C GLY N 109 8.39 43.50 96.36
N PRO N 110 8.25 43.91 97.62
CA PRO N 110 9.21 44.85 98.19
C PRO N 110 10.56 44.20 98.44
N SER N 111 11.53 44.98 98.89
CA SER N 111 12.89 44.50 99.05
C SER N 111 13.37 44.51 100.49
N ASN N 112 12.91 45.46 101.31
CA ASN N 112 13.31 45.54 102.70
C ASN N 112 12.10 45.69 103.62
N GLY N 113 10.98 45.12 103.23
CA GLY N 113 9.75 45.20 104.03
C GLY N 113 8.87 44.01 103.76
N VAL N 114 7.58 44.15 104.11
CA VAL N 114 6.56 43.16 103.83
C VAL N 114 5.25 43.92 103.62
N VAL N 115 4.40 43.42 102.73
CA VAL N 115 3.10 44.03 102.47
C VAL N 115 2.01 42.98 102.59
N GLU N 116 0.98 43.26 103.39
CA GLU N 116 -0.17 42.38 103.56
C GLU N 116 -1.32 43.05 102.81
N LEU N 117 -1.61 42.59 101.59
CA LEU N 117 -2.72 43.18 100.86
C LEU N 117 -4.03 42.86 101.55
N GLY N 118 -4.83 43.88 101.81
CA GLY N 118 -6.10 43.73 102.48
C GLY N 118 -7.16 43.19 101.53
N ALA N 119 -8.41 43.25 102.00
CA ALA N 119 -9.52 42.78 101.18
C ALA N 119 -9.90 43.82 100.14
N ASN N 120 -9.83 45.10 100.49
CA ASN N 120 -10.24 46.18 99.59
C ASN N 120 -9.12 47.21 99.50
N GLY N 121 -8.30 47.09 98.45
CA GLY N 121 -7.33 48.10 98.08
C GLY N 121 -6.50 48.70 99.20
N ALA N 122 -6.32 47.96 100.28
CA ALA N 122 -5.56 48.44 101.42
C ALA N 122 -4.37 47.51 101.64
N PHE N 123 -3.32 48.07 102.22
CA PHE N 123 -2.09 47.31 102.38
C PHE N 123 -1.25 47.95 103.46
N THR N 124 -0.49 47.12 104.17
CA THR N 124 0.37 47.56 105.26
C THR N 124 1.80 47.20 104.91
N TYR N 125 2.67 48.20 104.86
CA TYR N 125 4.08 48.00 104.57
C TYR N 125 4.84 48.20 105.88
N THR N 126 5.19 47.10 106.53
CA THR N 126 6.00 47.16 107.73
C THR N 126 7.46 47.16 107.33
N PRO N 127 8.17 48.28 107.43
CA PRO N 127 9.55 48.32 106.97
C PRO N 127 10.43 47.42 107.81
N GLY N 128 11.44 46.83 107.16
CA GLY N 128 12.37 45.98 107.87
C GLY N 128 13.09 46.74 108.96
N ALA N 129 13.16 46.12 110.14
CA ALA N 129 13.76 46.76 111.30
C ALA N 129 15.21 47.13 111.02
N LEU N 130 15.61 48.28 111.55
CA LEU N 130 16.95 48.83 111.36
C LEU N 130 17.27 48.97 109.87
N PHE N 131 16.47 49.82 109.20
CA PHE N 131 16.67 50.09 107.79
C PHE N 131 16.05 51.44 107.46
N THR N 132 16.77 52.25 106.68
CA THR N 132 16.26 53.54 106.26
C THR N 132 16.74 53.80 104.84
N GLY N 133 15.81 53.81 103.90
CA GLY N 133 16.14 54.07 102.51
C GLY N 133 14.89 54.26 101.71
N VAL N 134 14.90 53.77 100.47
CA VAL N 134 13.74 53.78 99.60
C VAL N 134 13.38 52.34 99.26
N ASP N 135 12.09 52.10 99.07
CA ASP N 135 11.63 50.74 98.78
C ASP N 135 10.42 50.82 97.84
N ARG N 136 10.38 49.88 96.90
CA ARG N 136 9.33 49.84 95.89
C ARG N 136 8.64 48.49 95.90
N PHE N 137 7.44 48.47 95.33
CA PHE N 137 6.77 47.22 95.00
C PHE N 137 5.77 47.52 93.90
N TRP N 138 5.49 46.51 93.08
CA TRP N 138 4.69 46.67 91.88
C TRP N 138 3.37 45.95 92.05
N PHE N 139 2.28 46.72 92.12
CA PHE N 139 0.94 46.18 92.21
C PHE N 139 0.34 46.04 90.83
N SER N 140 -0.75 45.28 90.75
CA SER N 140 -1.44 45.05 89.47
C SER N 140 -2.94 45.14 89.71
N ILE N 141 -3.49 46.35 89.54
CA ILE N 141 -4.92 46.57 89.70
C ILE N 141 -5.59 46.12 88.40
N ASN N 142 -6.10 44.90 88.41
CA ASN N 142 -6.89 44.38 87.30
C ASN N 142 -6.06 44.32 86.02
N GLY N 143 -4.95 43.60 86.10
CA GLY N 143 -4.11 43.39 84.93
C GLY N 143 -3.12 44.51 84.67
N ASN N 144 -3.53 45.75 84.94
CA ASN N 144 -2.67 46.90 84.69
C ASN N 144 -1.71 47.11 85.86
N ILE N 145 -0.43 47.30 85.55
CA ILE N 145 0.62 47.33 86.56
C ILE N 145 1.12 48.74 86.75
N GLY N 146 1.41 49.09 88.00
CA GLY N 146 2.05 50.34 88.36
C GLY N 146 2.95 50.06 89.54
N GLU N 147 3.63 51.09 90.02
CA GLU N 147 4.53 50.92 91.14
C GLU N 147 4.19 51.89 92.27
N TYR N 148 4.44 51.45 93.49
CA TYR N 148 4.29 52.27 94.68
C TYR N 148 5.65 52.42 95.33
N VAL N 149 6.05 53.67 95.55
CA VAL N 149 7.38 53.97 96.08
C VAL N 149 7.23 54.52 97.49
N ILE N 150 7.92 53.90 98.43
CA ILE N 150 7.94 54.33 99.82
C ILE N 150 9.37 54.64 100.21
N SER N 151 9.56 55.73 100.95
CA SER N 151 10.86 56.16 101.44
C SER N 151 10.81 56.20 102.96
N VAL N 152 11.70 55.45 103.61
CA VAL N 152 11.74 55.36 105.07
C VAL N 152 12.89 56.22 105.56
N ASP N 153 12.58 57.13 106.48
CA ASP N 153 13.49 58.16 106.96
C ASP N 153 14.20 57.72 108.22
N PRO N 154 15.41 58.25 108.49
CA PRO N 154 16.16 57.79 109.66
C PRO N 154 15.80 58.56 110.92
N THR N 155 14.50 58.85 111.04
CA THR N 155 13.84 59.45 112.19
C THR N 155 14.17 60.93 112.37
N THR N 156 15.19 61.45 111.67
CA THR N 156 15.49 62.85 111.95
C THR N 156 14.64 63.81 111.13
N SER N 157 14.98 64.02 109.86
CA SER N 157 14.27 65.06 109.12
C SER N 157 13.15 64.58 108.20
N GLU N 158 13.54 64.17 106.98
CA GLU N 158 12.64 63.79 105.89
C GLU N 158 13.50 63.36 104.71
N LEU N 159 13.16 62.27 104.02
CA LEU N 159 13.94 61.92 102.83
C LEU N 159 13.40 62.59 101.57
N PRO N 160 14.26 62.82 100.57
CA PRO N 160 13.79 63.34 99.28
C PRO N 160 13.03 62.31 98.47
N GLN N 161 12.73 62.61 97.21
CA GLN N 161 11.71 61.89 96.46
C GLN N 161 12.29 61.35 95.15
N PRO N 162 12.35 60.02 95.00
CA PRO N 162 13.03 59.41 93.85
C PRO N 162 12.19 59.49 92.58
N PRO N 163 12.82 59.35 91.41
CA PRO N 163 12.17 59.76 90.16
C PRO N 163 11.28 58.74 89.44
N PHE N 164 10.72 57.73 90.11
CA PHE N 164 9.68 56.91 89.48
C PHE N 164 10.11 56.20 88.20
N THR N 165 10.91 55.15 88.34
CA THR N 165 11.53 54.44 87.22
C THR N 165 10.63 54.32 85.99
N THR N 166 11.24 54.57 84.83
CA THR N 166 10.58 54.59 83.54
C THR N 166 10.44 53.17 82.99
N PRO N 167 9.64 52.97 81.93
CA PRO N 167 9.49 51.63 81.36
C PRO N 167 10.80 51.00 80.91
N VAL N 168 11.55 51.69 80.06
CA VAL N 168 12.86 51.23 79.62
C VAL N 168 13.89 52.25 80.07
N TYR N 169 15.00 51.76 80.63
CA TYR N 169 16.02 52.65 81.15
C TYR N 169 17.39 52.03 80.92
N VAL N 170 18.41 52.85 81.07
CA VAL N 170 19.80 52.42 80.99
C VAL N 170 20.48 52.83 82.28
N PRO N 171 20.80 51.89 83.18
CA PRO N 171 21.32 52.22 84.50
C PRO N 171 22.39 53.30 84.50
N ALA N 172 22.30 54.19 85.49
CA ALA N 172 23.12 55.38 85.60
C ALA N 172 24.60 55.12 85.33
N ALA N 173 25.22 54.21 86.07
CA ALA N 173 26.62 53.96 85.85
C ALA N 173 26.95 52.48 85.93
N ARG N 174 26.77 51.77 84.83
CA ARG N 174 27.16 50.39 84.69
C ARG N 174 27.74 50.15 83.30
N ARG N 175 28.18 51.23 82.67
CA ARG N 175 28.66 51.25 81.30
C ARG N 175 30.17 51.22 81.32
N SER N 176 30.76 50.61 80.30
CA SER N 176 32.21 50.67 80.23
C SER N 176 32.67 50.36 78.83
N VAL N 177 33.94 50.66 78.59
CA VAL N 177 34.57 50.53 77.29
C VAL N 177 35.98 50.02 77.51
N ASP N 178 36.36 49.00 76.76
CA ASP N 178 37.73 48.49 76.80
C ASP N 178 38.46 49.04 75.59
N PRO N 179 39.32 50.05 75.74
CA PRO N 179 39.99 50.62 74.56
C PRO N 179 40.91 49.64 73.85
N ARG N 180 41.14 48.49 74.45
CA ARG N 180 42.04 47.46 73.96
C ARG N 180 41.41 46.61 72.86
N THR N 181 40.08 46.54 72.80
CA THR N 181 39.39 45.79 71.76
C THR N 181 38.18 46.53 71.22
N HIS N 182 37.97 47.78 71.60
CA HIS N 182 36.92 48.63 71.05
C HIS N 182 35.54 48.01 71.24
N VAL N 183 35.16 47.82 72.50
CA VAL N 183 33.89 47.21 72.82
C VAL N 183 33.23 48.00 73.94
N LEU N 184 31.99 48.39 73.72
CA LEU N 184 31.20 49.14 74.70
C LEU N 184 30.19 48.20 75.34
N LYS N 185 30.14 48.21 76.67
CA LYS N 185 29.20 47.39 77.42
C LYS N 185 28.23 48.31 78.17
N PHE N 186 26.95 47.98 78.11
CA PHE N 186 25.99 48.71 78.93
C PHE N 186 24.82 47.78 79.23
N VAL N 187 24.07 48.13 80.23
CA VAL N 187 22.96 47.33 80.71
C VAL N 187 21.66 47.96 80.25
N LEU N 188 20.67 47.13 79.94
CA LEU N 188 19.37 47.61 79.48
C LEU N 188 18.30 46.93 80.32
N GLY N 189 17.61 47.71 81.13
CA GLY N 189 16.60 47.18 82.04
C GLY N 189 15.21 47.61 81.63
N VAL N 190 14.26 46.70 81.79
CA VAL N 190 12.86 46.94 81.43
C VAL N 190 12.02 46.85 82.69
N SER N 191 11.24 47.89 82.96
CA SER N 191 10.41 47.89 84.15
C SER N 191 9.32 46.86 84.01
N PRO N 192 8.75 46.38 85.14
CA PRO N 192 7.63 45.45 85.04
C PRO N 192 6.35 46.07 84.51
N ALA N 193 6.29 47.39 84.40
CA ALA N 193 5.11 48.07 83.93
C ALA N 193 5.13 48.37 82.45
N ALA N 194 6.17 47.97 81.74
CA ALA N 194 6.22 48.17 80.30
C ALA N 194 5.13 47.34 79.63
N ILE N 195 4.40 47.96 78.73
CA ILE N 195 3.25 47.30 78.11
C ILE N 195 3.71 46.58 76.85
N PRO N 196 3.39 45.31 76.68
CA PRO N 196 3.85 44.58 75.50
C PRO N 196 3.33 45.19 74.22
N GLY N 197 4.17 45.19 73.20
CA GLY N 197 3.83 45.76 71.92
C GLY N 197 4.40 47.15 71.69
N ASP N 198 4.83 47.85 72.74
CA ASP N 198 5.41 49.17 72.58
C ASP N 198 6.77 49.09 71.92
N VAL N 199 7.24 50.24 71.45
CA VAL N 199 8.55 50.37 70.83
C VAL N 199 9.21 51.63 71.38
N TYR N 200 10.45 51.51 71.83
CA TYR N 200 11.25 52.64 72.25
C TYR N 200 12.50 52.71 71.39
N ARG N 201 13.16 53.86 71.40
CA ARG N 201 14.34 54.08 70.59
C ARG N 201 15.48 54.58 71.46
N LEU N 202 16.62 53.90 71.38
CA LEU N 202 17.80 54.26 72.15
C LEU N 202 18.85 54.77 71.18
N THR N 203 19.35 55.97 71.44
CA THR N 203 20.42 56.57 70.64
C THR N 203 21.70 56.64 71.45
N VAL N 204 22.79 56.16 70.85
CA VAL N 204 24.08 56.07 71.51
C VAL N 204 25.07 56.95 70.78
N ARG N 205 25.71 57.86 71.50
CA ARG N 205 26.71 58.75 70.94
C ARG N 205 28.05 58.45 71.59
N GLN N 206 28.93 57.80 70.83
CA GLN N 206 30.21 57.33 71.35
C GLN N 206 31.34 58.08 70.69
N VAL N 207 32.33 58.49 71.48
CA VAL N 207 33.47 59.26 71.01
C VAL N 207 34.69 58.37 71.03
N ALA N 208 35.40 58.31 69.91
CA ALA N 208 36.76 57.80 69.88
C ALA N 208 37.67 58.97 70.17
N ILE N 209 38.98 58.77 70.01
CA ILE N 209 39.93 59.81 70.33
C ILE N 209 41.17 59.60 69.48
N ASP N 210 41.73 60.68 68.97
CA ASP N 210 42.96 60.56 68.19
C ASP N 210 44.16 60.77 69.10
N CYS N 211 45.33 60.50 68.55
CA CYS N 211 46.46 60.20 69.39
C CYS N 211 46.97 61.46 70.09
N ASP N 212 46.52 62.64 69.64
CA ASP N 212 46.69 63.90 70.35
C ASP N 212 45.52 64.27 71.25
N GLY N 213 44.47 63.44 71.31
CA GLY N 213 43.37 63.71 72.20
C GLY N 213 42.17 64.44 71.62
N ASN N 214 42.10 64.59 70.30
CA ASN N 214 40.92 65.19 69.69
C ASN N 214 39.84 64.13 69.56
N GLU N 215 38.73 64.43 68.88
CA GLU N 215 37.53 63.64 69.06
C GLU N 215 37.00 63.14 67.74
N PHE N 216 36.42 61.94 67.76
CA PHE N 216 35.72 61.37 66.64
C PHE N 216 34.39 60.83 67.16
N VAL N 217 33.29 61.42 66.74
CA VAL N 217 31.97 61.08 67.24
C VAL N 217 31.31 60.07 66.33
N HIS N 218 30.46 59.23 66.91
CA HIS N 218 29.74 58.19 66.18
C HIS N 218 28.36 58.04 66.80
N ILE N 219 27.32 58.01 65.98
CA ILE N 219 25.94 57.96 66.46
C ILE N 219 25.23 56.79 65.79
N SER N 220 24.45 56.05 66.58
CA SER N 220 23.61 54.97 66.08
C SER N 220 22.38 54.86 66.97
N CYS N 221 21.39 54.09 66.53
CA CYS N 221 20.20 53.89 67.34
C CYS N 221 19.88 52.41 67.44
N TYR N 222 19.02 52.08 68.40
CA TYR N 222 18.46 50.74 68.52
C TYR N 222 16.99 50.86 68.88
N ASP N 223 16.19 49.98 68.31
CA ASP N 223 14.74 49.98 68.48
C ASP N 223 14.36 48.87 69.45
N ILE N 224 14.03 49.25 70.67
CA ILE N 224 13.68 48.29 71.71
C ILE N 224 12.18 48.06 71.66
N SER N 225 11.78 46.85 71.27
CA SER N 225 10.37 46.50 71.11
C SER N 225 9.94 45.64 72.27
N ILE N 226 9.13 46.21 73.16
CA ILE N 226 8.71 45.48 74.36
C ILE N 226 7.80 44.35 73.95
N GLY N 227 8.32 43.12 73.99
CA GLY N 227 7.51 41.95 73.79
C GLY N 227 7.18 41.30 75.12
N SER N 228 6.12 40.50 75.11
CA SER N 228 5.79 39.65 76.22
C SER N 228 6.11 38.21 75.82
N CYS N 229 6.53 37.44 76.80
CA CYS N 229 7.01 36.08 76.55
C CYS N 229 8.21 36.07 75.62
N GLY N 230 9.30 36.63 76.11
CA GLY N 230 10.55 36.63 75.39
C GLY N 230 10.61 37.72 74.36
N MET O 1 36.24 55.25 58.37
CA MET O 1 37.26 56.03 57.68
C MET O 1 37.18 55.82 56.18
N TYR O 2 37.02 56.91 55.44
CA TYR O 2 37.00 56.87 53.99
C TYR O 2 38.41 56.81 53.45
N PHE O 3 38.58 56.06 52.36
CA PHE O 3 39.88 55.97 51.72
C PHE O 3 39.69 56.13 50.22
N PHE O 4 40.29 57.17 49.66
CA PHE O 4 40.20 57.44 48.23
C PHE O 4 41.57 57.37 47.60
N SER O 5 41.62 56.86 46.38
CA SER O 5 42.82 56.91 45.56
C SER O 5 42.58 57.91 44.44
N VAL O 6 43.56 58.77 44.20
CA VAL O 6 43.41 59.88 43.28
C VAL O 6 43.72 59.42 41.88
N ASP O 7 43.17 60.12 40.89
CA ASP O 7 43.41 59.74 39.51
C ASP O 7 44.76 60.28 39.04
N PRO O 8 45.56 59.48 38.36
CA PRO O 8 47.00 59.78 38.28
C PRO O 8 47.42 60.71 37.15
N ARG O 9 46.49 61.24 36.36
CA ARG O 9 46.81 62.19 35.29
C ARG O 9 47.80 61.60 34.29
N ASN O 10 47.45 60.44 33.73
CA ASN O 10 48.22 59.78 32.69
C ASN O 10 47.61 59.93 31.31
N GLY O 11 46.36 60.37 31.21
CA GLY O 11 45.61 60.14 30.00
C GLY O 11 44.91 58.81 29.99
N ALA O 12 44.72 58.21 31.16
CA ALA O 12 44.14 56.87 31.28
C ALA O 12 43.29 56.76 32.54
N SER O 13 43.00 55.54 32.96
CA SER O 13 42.16 55.31 34.15
C SER O 13 42.83 55.76 35.44
N SER O 21 28.58 58.58 38.53
CA SER O 21 28.10 59.22 37.32
C SER O 21 28.65 60.64 37.20
N CYS O 22 28.78 61.32 38.34
CA CYS O 22 29.32 62.67 38.34
C CYS O 22 30.83 62.71 38.22
N CYS O 23 31.33 63.94 38.22
CA CYS O 23 32.75 64.21 38.25
C CYS O 23 33.37 63.87 39.60
N CYS O 24 32.88 64.48 40.67
CA CYS O 24 33.51 64.37 41.97
C CYS O 24 32.90 63.19 42.73
N GLU O 25 33.77 62.40 43.35
CA GLU O 25 33.33 61.19 44.05
C GLU O 25 32.53 61.55 45.30
N SER O 26 31.99 60.53 45.96
CA SER O 26 30.92 60.69 46.92
C SER O 26 31.35 60.31 48.33
N ILE O 27 30.81 61.04 49.30
CA ILE O 27 31.04 60.82 50.72
C ILE O 27 29.70 60.95 51.42
N SER O 28 29.23 59.88 52.05
CA SER O 28 28.00 59.95 52.80
C SER O 28 28.27 60.37 54.24
N ALA O 29 27.37 61.17 54.79
CA ALA O 29 27.61 61.76 56.10
C ALA O 29 26.30 61.81 56.87
N ARG O 30 26.41 61.71 58.19
CA ARG O 30 25.28 61.69 59.10
C ARG O 30 25.38 62.84 60.09
N PRO O 31 24.29 63.56 60.34
CA PRO O 31 24.37 64.75 61.19
C PRO O 31 24.85 64.45 62.60
N GLY O 32 25.92 65.12 63.01
CA GLY O 32 26.51 64.94 64.32
C GLY O 32 27.82 64.20 64.32
N GLU O 33 28.09 63.41 63.28
CA GLU O 33 29.30 62.63 63.20
C GLU O 33 30.53 63.52 63.03
N VAL O 34 31.69 62.91 63.26
CA VAL O 34 32.99 63.48 62.91
C VAL O 34 33.82 62.31 62.43
N ASN O 35 34.01 62.20 61.13
CA ASN O 35 34.65 61.05 60.53
C ASN O 35 36.08 61.40 60.10
N GLY O 36 36.76 60.45 59.47
CA GLY O 36 38.11 60.70 59.00
C GLY O 36 38.29 60.24 57.57
N VAL O 37 39.01 61.02 56.76
CA VAL O 37 39.17 60.74 55.34
C VAL O 37 40.65 60.63 55.01
N MET O 38 41.00 59.64 54.22
CA MET O 38 42.38 59.43 53.76
C MET O 38 42.41 59.42 52.24
N VAL O 39 43.33 60.17 51.67
CA VAL O 39 43.50 60.27 50.22
C VAL O 39 44.92 59.87 49.88
N SER O 40 45.07 58.94 48.95
CA SER O 40 46.37 58.37 48.62
C SER O 40 46.85 58.95 47.29
N TYR O 41 47.74 59.94 47.36
CA TYR O 41 48.29 60.55 46.17
C TYR O 41 49.40 59.75 45.53
N ALA O 42 49.60 58.50 45.94
CA ALA O 42 50.73 57.72 45.44
C ALA O 42 50.71 57.58 43.93
N ALA O 43 49.53 57.38 43.35
CA ALA O 43 49.47 57.15 41.91
C ALA O 43 49.91 58.36 41.10
N TRP O 44 49.82 59.56 41.66
CA TRP O 44 50.15 60.78 40.95
C TRP O 44 51.52 61.33 41.30
N SER O 45 51.89 61.28 42.57
CA SER O 45 53.10 61.94 43.05
C SER O 45 54.30 61.01 43.13
N ALA O 46 54.12 59.71 42.91
CA ALA O 46 55.28 58.82 42.95
C ALA O 46 56.11 58.92 41.67
N PRO O 47 55.52 58.85 40.48
CA PRO O 47 56.34 59.07 39.27
C PRO O 47 57.09 60.38 39.28
N LEU O 48 56.50 61.44 39.82
CA LEU O 48 57.21 62.71 39.97
C LEU O 48 58.26 62.56 41.06
N ARG O 49 59.31 61.81 40.76
CA ARG O 49 60.29 61.48 41.78
C ARG O 49 60.87 62.74 42.38
N GLY O 50 60.51 63.03 43.62
CA GLY O 50 60.91 64.25 44.27
C GLY O 50 60.83 64.13 45.78
N HIS O 51 60.36 65.18 46.44
CA HIS O 51 60.22 65.16 47.89
C HIS O 51 58.78 64.97 48.34
N GLY O 52 57.94 64.36 47.50
CA GLY O 52 56.61 63.98 47.94
C GLY O 52 55.71 65.18 48.19
N LEU O 53 54.73 64.97 49.06
CA LEU O 53 53.72 65.97 49.33
C LEU O 53 54.27 67.02 50.29
N THR O 54 53.56 68.14 50.40
CA THR O 54 53.86 69.15 51.40
C THR O 54 52.57 69.55 52.10
N ASN O 55 52.72 70.22 53.24
CA ASN O 55 51.57 70.65 54.04
C ASN O 55 51.05 72.00 53.56
N LYS O 56 50.70 72.05 52.28
CA LYS O 56 50.05 73.23 51.72
C LYS O 56 48.77 72.83 51.02
N THR O 57 47.93 72.07 51.70
CA THR O 57 46.61 71.72 51.20
C THR O 57 45.64 72.86 51.49
N THR O 58 44.69 73.04 50.58
CA THR O 58 43.66 74.04 50.73
C THR O 58 42.31 73.40 50.43
N PHE O 59 41.33 73.69 51.28
CA PHE O 59 40.00 73.12 51.16
C PHE O 59 38.98 74.22 50.90
N GLU O 60 37.87 73.84 50.30
CA GLU O 60 36.77 74.78 50.09
C GLU O 60 35.46 74.03 50.09
N ILE O 61 34.49 74.53 50.84
CA ILE O 61 33.16 73.92 50.92
C ILE O 61 32.18 74.83 50.22
N ASP O 62 31.36 74.24 49.35
CA ASP O 62 30.29 74.95 48.67
C ASP O 62 29.08 74.03 48.58
N GLY O 63 27.89 74.61 48.73
CA GLY O 63 26.67 73.83 48.72
C GLY O 63 26.10 73.71 47.32
N VAL O 64 25.70 72.50 46.96
CA VAL O 64 24.97 72.24 45.72
C VAL O 64 23.48 72.05 45.98
N SER O 65 23.07 72.00 47.24
CA SER O 65 21.69 71.87 47.68
C SER O 65 21.67 72.12 49.17
N VAL O 66 20.92 73.11 49.66
CA VAL O 66 21.08 73.58 51.03
C VAL O 66 19.82 73.43 51.86
N THR O 67 18.63 73.72 51.31
CA THR O 67 17.41 73.67 52.09
C THR O 67 17.49 74.62 53.28
N PRO O 68 17.31 75.92 53.07
CA PRO O 68 17.59 76.92 54.12
C PRO O 68 16.96 76.55 55.45
N PRO O 69 17.63 76.84 56.56
CA PRO O 69 17.13 76.42 57.86
C PRO O 69 15.90 77.19 58.28
N LYS O 70 15.09 76.58 59.14
CA LYS O 70 13.90 77.23 59.63
C LYS O 70 14.17 78.09 60.85
N VAL O 71 14.86 77.54 61.84
CA VAL O 71 15.08 78.20 63.12
C VAL O 71 16.41 78.93 63.07
N SER O 72 16.43 80.17 63.54
CA SER O 72 17.68 80.91 63.55
C SER O 72 18.56 80.48 64.71
N ASN O 73 19.86 80.75 64.58
CA ASN O 73 20.78 80.55 65.69
C ASN O 73 20.84 81.82 66.52
N ALA O 74 21.59 81.78 67.61
CA ALA O 74 21.60 82.92 68.53
C ALA O 74 22.92 82.96 69.27
N PHE O 75 23.22 84.13 69.82
CA PHE O 75 24.44 84.34 70.59
C PHE O 75 24.12 85.07 71.87
N GLY O 76 24.69 84.60 72.98
CA GLY O 76 24.54 85.25 74.27
C GLY O 76 25.91 85.48 74.90
N ARG O 77 25.88 86.19 76.03
CA ARG O 77 27.12 86.54 76.70
C ARG O 77 26.88 86.65 78.20
N THR O 78 27.87 86.22 78.98
CA THR O 78 27.78 86.26 80.43
C THR O 78 29.19 86.31 81.00
N LYS O 79 29.31 86.84 82.21
CA LYS O 79 30.60 86.82 82.89
C LYS O 79 30.79 85.49 83.60
N VAL O 80 31.99 85.29 84.16
CA VAL O 80 32.25 84.04 84.86
C VAL O 80 31.36 83.94 86.09
N GLY O 81 30.86 82.73 86.33
CA GLY O 81 30.13 82.40 87.54
C GLY O 81 28.70 82.88 87.59
N VAL O 82 28.33 83.91 86.86
CA VAL O 82 26.98 84.44 86.93
C VAL O 82 26.07 83.64 86.00
N VAL O 83 24.90 83.27 86.52
CA VAL O 83 23.95 82.45 85.79
C VAL O 83 23.38 83.26 84.64
N PHE O 84 23.14 82.60 83.51
CA PHE O 84 22.68 83.26 82.31
C PHE O 84 21.27 82.78 81.95
N GLU O 85 20.40 83.71 81.60
CA GLU O 85 19.07 83.42 81.11
C GLU O 85 18.97 83.82 79.64
N GLY O 86 17.95 83.31 78.99
CA GLY O 86 17.68 83.65 77.61
C GLY O 86 16.37 83.03 77.18
N THR O 87 15.92 83.43 76.00
CA THR O 87 14.67 82.94 75.46
C THR O 87 14.94 82.03 74.26
N LEU O 88 13.94 81.23 73.92
CA LEU O 88 14.08 80.29 72.84
C LEU O 88 12.84 80.33 71.94
N SER O 89 12.21 81.49 71.83
CA SER O 89 10.98 81.62 71.06
C SER O 89 11.05 82.62 69.93
N ASP O 90 11.95 83.59 69.98
CA ASP O 90 12.15 84.53 68.89
C ASP O 90 13.11 83.97 67.85
N LEU O 91 13.47 82.68 67.99
CA LEU O 91 14.40 82.03 67.09
C LEU O 91 13.67 81.13 66.11
N PHE O 92 12.35 81.15 66.12
CA PHE O 92 11.54 80.30 65.24
C PHE O 92 10.44 81.13 64.62
N PRO O 93 10.79 82.00 63.66
CA PRO O 93 9.73 82.70 62.93
C PRO O 93 8.93 81.70 62.12
N ASN O 94 7.69 81.45 62.54
CA ASN O 94 6.91 80.45 61.84
C ASN O 94 6.01 81.09 60.79
N PRO O 95 5.90 80.48 59.62
CA PRO O 95 4.95 80.98 58.61
C PRO O 95 3.51 80.72 59.03
N GLU O 96 3.26 79.47 59.42
CA GLU O 96 1.92 78.96 59.67
C GLU O 96 1.54 78.98 61.14
N GLY O 97 0.39 78.38 61.47
CA GLY O 97 -0.02 78.22 62.85
C GLY O 97 0.26 76.84 63.41
N GLU O 98 1.05 76.79 64.48
CA GLU O 98 1.38 75.54 65.14
C GLU O 98 2.01 75.86 66.49
N GLN O 99 2.22 74.82 67.28
CA GLN O 99 2.82 74.91 68.60
C GLN O 99 4.30 74.52 68.54
N VAL O 100 5.01 74.92 69.60
CA VAL O 100 6.47 74.91 69.63
C VAL O 100 7.00 74.00 70.72
N GLU O 101 7.28 72.76 70.37
CA GLU O 101 7.83 71.78 71.31
C GLU O 101 9.33 71.97 71.49
N TYR O 102 9.71 72.99 72.24
CA TYR O 102 11.12 73.24 72.54
C TYR O 102 11.77 72.01 73.14
N GLU O 103 12.98 71.68 72.68
CA GLU O 103 13.66 70.48 73.12
C GLU O 103 15.17 70.68 73.11
N ILE O 104 15.84 70.17 74.13
CA ILE O 104 17.30 70.19 74.22
C ILE O 104 17.75 68.74 74.24
N SER O 105 18.32 68.28 73.13
CA SER O 105 18.77 66.90 73.01
C SER O 105 19.94 66.66 73.95
N GLU O 106 19.90 65.53 74.68
CA GLU O 106 20.99 65.20 75.58
C GLU O 106 22.25 64.77 74.85
N LEU O 107 22.16 64.40 73.58
CA LEU O 107 23.36 64.02 72.85
C LEU O 107 24.20 65.25 72.52
N ASN O 108 23.56 66.39 72.33
CA ASN O 108 24.22 67.61 71.94
C ASN O 108 23.98 68.73 72.94
N GLY O 109 24.04 68.39 74.23
CA GLY O 109 23.87 69.39 75.26
C GLY O 109 25.11 70.25 75.39
N PRO O 110 25.16 71.06 76.43
CA PRO O 110 26.34 71.90 76.64
C PRO O 110 27.54 71.09 77.08
N SER O 111 28.68 71.75 77.24
CA SER O 111 29.92 71.05 77.56
C SER O 111 30.50 71.43 78.90
N ASN O 112 30.32 72.67 79.35
CA ASN O 112 30.84 73.12 80.62
C ASN O 112 29.77 73.85 81.44
N GLY O 113 28.52 73.46 81.27
CA GLY O 113 27.41 74.06 82.00
C GLY O 113 26.27 73.09 82.16
N VAL O 114 25.08 73.63 82.44
CA VAL O 114 23.85 72.85 82.52
C VAL O 114 22.73 73.78 82.07
N VAL O 115 21.72 73.21 81.40
CA VAL O 115 20.56 73.98 80.96
C VAL O 115 19.28 73.30 81.44
N GLU O 116 18.40 74.07 82.09
CA GLU O 116 17.11 73.57 82.55
C GLU O 116 16.08 74.19 81.62
N LEU O 117 15.60 73.43 80.63
CA LEU O 117 14.58 73.98 79.75
C LEU O 117 13.28 74.20 80.52
N GLY O 118 12.75 75.41 80.41
CA GLY O 118 11.53 75.77 81.09
C GLY O 118 10.31 75.21 80.40
N ALA O 119 9.14 75.70 80.82
CA ALA O 119 7.90 75.24 80.21
C ALA O 119 7.66 75.93 78.87
N ASN O 120 8.03 77.21 78.76
CA ASN O 120 7.78 77.99 77.55
C ASN O 120 9.08 78.64 77.10
N GLY O 121 9.77 77.99 76.16
CA GLY O 121 10.90 78.58 75.46
C GLY O 121 11.92 79.32 76.30
N ALA O 122 12.03 78.97 77.57
CA ALA O 122 12.97 79.60 78.47
C ALA O 122 13.95 78.57 78.99
N PHE O 123 15.14 79.03 79.35
CA PHE O 123 16.19 78.12 79.75
C PHE O 123 17.23 78.87 80.54
N THR O 124 17.85 78.18 81.50
CA THR O 124 18.87 78.75 82.36
C THR O 124 20.16 77.98 82.16
N TYR O 125 21.21 78.68 81.75
CA TYR O 125 22.52 78.09 81.56
C TYR O 125 23.41 78.54 82.71
N THR O 126 23.57 77.67 83.69
CA THR O 126 24.47 77.94 84.80
C THR O 126 25.86 77.47 84.42
N PRO O 127 26.79 78.38 84.12
CA PRO O 127 28.11 77.96 83.68
C PRO O 127 28.85 77.21 84.77
N GLY O 128 29.65 76.22 84.36
CA GLY O 128 30.43 75.48 85.33
C GLY O 128 31.38 76.37 86.09
N ALA O 129 31.42 76.18 87.40
CA ALA O 129 32.23 77.03 88.27
C ALA O 129 33.69 76.95 87.88
N LEU O 130 34.38 78.09 87.98
CA LEU O 130 35.78 78.21 87.60
C LEU O 130 36.00 77.78 86.15
N PHE O 131 35.35 78.51 85.24
CA PHE O 131 35.49 78.24 83.82
C PHE O 131 35.14 79.50 83.04
N THR O 132 35.95 79.81 82.03
CA THR O 132 35.69 80.97 81.19
C THR O 132 36.09 80.62 79.77
N GLY O 133 35.12 80.53 78.88
CA GLY O 133 35.38 80.23 77.49
C GLY O 133 34.13 80.41 76.68
N VAL O 134 33.95 79.54 75.68
CA VAL O 134 32.75 79.53 74.87
C VAL O 134 32.07 78.18 75.04
N ASP O 135 30.74 78.18 74.95
CA ASP O 135 29.98 76.95 75.15
C ASP O 135 28.76 76.98 74.24
N ARG O 136 28.43 75.81 73.69
CA ARG O 136 27.33 75.67 72.76
C ARG O 136 26.37 74.60 73.23
N PHE O 137 25.14 74.66 72.71
CA PHE O 137 24.21 73.56 72.82
C PHE O 137 23.20 73.69 71.69
N TRP O 138 22.65 72.55 71.28
CA TRP O 138 21.81 72.48 70.10
C TRP O 138 20.39 72.17 70.51
N PHE O 139 19.49 73.14 70.32
CA PHE O 139 18.08 72.98 70.59
C PHE O 139 17.36 72.53 69.34
N SER O 140 16.13 72.05 69.52
CA SER O 140 15.30 71.56 68.42
C SER O 140 13.88 72.07 68.61
N ILE O 141 13.59 73.24 68.04
CA ILE O 141 12.25 73.82 68.11
C ILE O 141 11.40 73.13 67.06
N ASN O 142 10.64 72.12 67.49
CA ASN O 142 9.68 71.46 66.62
C ASN O 142 10.37 70.79 65.44
N GLY O 143 11.31 69.90 65.76
CA GLY O 143 12.00 69.14 64.73
C GLY O 143 13.17 69.85 64.10
N ASN O 144 13.06 71.15 63.93
CA ASN O 144 14.11 71.93 63.30
C ASN O 144 15.19 72.31 64.31
N ILE O 145 16.45 72.09 63.96
CA ILE O 145 17.56 72.20 64.89
C ILE O 145 18.37 73.46 64.58
N GLY O 146 18.81 74.13 65.63
CA GLY O 146 19.73 75.25 65.53
C GLY O 146 20.64 75.18 66.74
N GLU O 147 21.56 76.13 66.83
CA GLU O 147 22.50 76.15 67.94
C GLU O 147 22.46 77.48 68.66
N TYR O 148 22.71 77.44 69.96
CA TYR O 148 22.83 78.62 70.80
C TYR O 148 24.24 78.67 71.34
N VAL O 149 24.91 79.80 71.12
CA VAL O 149 26.31 79.96 71.51
C VAL O 149 26.39 80.96 72.65
N ILE O 150 27.02 80.55 73.74
CA ILE O 150 27.23 81.41 74.90
C ILE O 150 28.72 81.50 75.16
N SER O 151 29.20 82.71 75.47
CA SER O 151 30.59 82.97 75.78
C SER O 151 30.67 83.52 77.19
N VAL O 152 31.43 82.86 78.06
CA VAL O 152 31.57 83.26 79.46
C VAL O 152 32.92 83.95 79.62
N ASP O 153 32.88 85.16 80.17
CA ASP O 153 34.02 86.07 80.26
C ASP O 153 34.72 85.91 81.59
N PRO O 154 36.03 86.21 81.66
CA PRO O 154 36.76 86.02 82.91
C PRO O 154 36.67 87.23 83.83
N THR O 155 35.48 87.83 83.85
CA THR O 155 35.05 88.92 84.72
C THR O 155 35.71 90.25 84.38
N THR O 156 36.75 90.27 83.54
CA THR O 156 37.36 91.57 83.33
C THR O 156 36.67 92.37 82.22
N SER O 157 36.94 92.05 80.95
CA SER O 157 36.41 92.91 79.90
C SER O 157 35.15 92.43 79.21
N GLU O 158 35.34 91.55 78.21
CA GLU O 158 34.30 91.04 77.31
C GLU O 158 34.95 90.06 76.35
N LEU O 159 34.34 88.91 76.08
CA LEU O 159 34.92 88.00 75.08
C LEU O 159 34.44 88.33 73.67
N PRO O 160 35.24 88.00 72.66
CA PRO O 160 34.79 88.15 71.25
C PRO O 160 33.76 87.11 70.86
N GLN O 161 33.43 87.04 69.57
CA GLN O 161 32.23 86.33 69.12
C GLN O 161 32.58 85.27 68.08
N PRO O 162 32.35 84.00 68.39
CA PRO O 162 32.79 82.91 67.52
C PRO O 162 31.88 82.73 66.31
N PRO O 163 32.37 82.08 65.25
CA PRO O 163 31.72 82.17 63.94
C PRO O 163 30.58 81.21 63.62
N PHE O 164 29.88 80.63 64.61
CA PHE O 164 28.64 79.92 64.29
C PHE O 164 28.81 78.74 63.34
N THR O 165 29.37 77.63 63.83
CA THR O 165 29.74 76.47 63.02
C THR O 165 28.74 76.16 61.91
N THR O 166 29.29 75.85 60.73
CA THR O 166 28.54 75.58 59.53
C THR O 166 28.07 74.13 59.50
N PRO O 167 27.17 73.78 58.57
CA PRO O 167 26.69 72.39 58.49
C PRO O 167 27.79 71.37 58.29
N VAL O 168 28.60 71.54 57.25
CA VAL O 168 29.74 70.68 57.00
C VAL O 168 31.00 71.53 57.06
N TYR O 169 32.02 71.02 57.76
CA TYR O 169 33.25 71.77 57.94
C TYR O 169 34.43 70.82 57.93
N VAL O 170 35.61 71.40 57.78
CA VAL O 170 36.87 70.65 57.85
C VAL O 170 37.72 71.32 58.93
N PRO O 171 37.91 70.68 60.08
CA PRO O 171 38.59 71.31 61.21
C PRO O 171 39.86 72.06 60.83
N ALA O 172 40.03 73.23 61.46
CA ALA O 172 41.10 74.17 61.15
C ALA O 172 42.46 73.51 60.98
N ALA O 173 42.93 72.79 61.99
CA ALA O 173 44.23 72.16 61.86
C ALA O 173 44.24 70.76 62.45
N ARG O 174 43.83 69.78 61.66
CA ARG O 174 43.90 68.37 62.01
C ARG O 174 44.31 67.57 60.79
N ARG O 175 44.91 68.25 59.82
CA ARG O 175 45.27 67.69 58.53
C ARG O 175 46.74 67.33 58.55
N SER O 176 47.11 66.30 57.80
CA SER O 176 48.52 66.00 57.72
C SER O 176 48.80 65.14 56.50
N VAL O 177 50.08 65.06 56.17
CA VAL O 177 50.56 64.35 54.99
C VAL O 177 51.85 63.65 55.36
N ASP O 178 51.94 62.36 55.02
CA ASP O 178 53.17 61.62 55.23
C ASP O 178 53.90 61.54 53.91
N PRO O 179 54.97 62.32 53.69
CA PRO O 179 55.64 62.29 52.38
C PRO O 179 56.27 60.97 52.06
N ARG O 180 56.30 60.05 53.01
CA ARG O 180 56.92 58.75 52.91
C ARG O 180 56.04 57.75 52.17
N THR O 181 54.72 57.96 52.14
CA THR O 181 53.81 57.08 51.43
C THR O 181 52.74 57.84 50.66
N HIS O 182 52.83 59.16 50.59
CA HIS O 182 51.94 59.99 49.79
C HIS O 182 50.48 59.79 50.18
N VAL O 183 50.18 60.14 51.42
CA VAL O 183 48.84 59.97 51.95
C VAL O 183 48.45 61.22 52.73
N LEU O 184 47.31 61.80 52.39
CA LEU O 184 46.77 62.97 53.05
C LEU O 184 45.65 62.55 53.98
N LYS O 185 45.70 63.03 55.22
CA LYS O 185 44.67 62.75 56.21
C LYS O 185 43.99 64.04 56.60
N PHE O 186 42.66 64.02 56.66
CA PHE O 186 41.94 65.17 57.19
C PHE O 186 40.64 64.69 57.79
N VAL O 187 40.06 65.52 58.61
CA VAL O 187 38.84 65.20 59.34
C VAL O 187 37.68 65.92 58.69
N LEU O 188 36.51 65.27 58.69
CA LEU O 188 35.31 65.85 58.10
C LEU O 188 34.19 65.77 59.12
N GLY O 189 33.75 66.90 59.62
CA GLY O 189 32.73 66.94 60.66
C GLY O 189 31.44 67.51 60.12
N VAL O 190 30.32 66.96 60.60
CA VAL O 190 28.98 67.36 60.18
C VAL O 190 28.25 67.89 61.40
N SER O 191 27.73 69.11 61.29
CA SER O 191 27.02 69.70 62.41
C SER O 191 25.72 68.96 62.65
N PRO O 192 25.17 69.02 63.85
CA PRO O 192 23.87 68.39 64.09
C PRO O 192 22.71 69.08 63.39
N ALA O 193 22.92 70.25 62.82
CA ALA O 193 21.87 71.00 62.17
C ALA O 193 21.84 70.77 60.66
N ALA O 194 22.71 69.92 60.13
CA ALA O 194 22.69 69.61 58.71
C ALA O 194 21.39 68.88 58.37
N ILE O 195 20.74 69.30 57.31
CA ILE O 195 19.43 68.75 56.96
C ILE O 195 19.63 67.56 56.02
N PRO O 196 19.03 66.41 56.32
CA PRO O 196 19.23 65.25 55.46
C PRO O 196 18.76 65.50 54.04
N GLY O 197 19.48 64.96 53.08
CA GLY O 197 19.18 65.14 51.68
C GLY O 197 20.01 66.20 50.99
N ASP O 198 20.66 67.08 51.73
CA ASP O 198 21.48 68.11 51.13
C ASP O 198 22.75 67.51 50.53
N VAL O 199 23.41 68.32 49.69
CA VAL O 199 24.66 67.93 49.05
C VAL O 199 25.62 69.11 49.13
N TYR O 200 26.83 68.87 49.60
CA TYR O 200 27.88 69.86 49.60
C TYR O 200 29.05 69.34 48.76
N ARG O 201 29.93 70.26 48.38
CA ARG O 201 31.06 69.91 47.53
C ARG O 201 32.35 70.41 48.17
N LEU O 202 33.30 69.51 48.34
CA LEU O 202 34.60 69.83 48.92
C LEU O 202 35.65 69.74 47.83
N THR O 203 36.42 70.80 47.66
CA THR O 203 37.51 70.84 46.70
C THR O 203 38.84 70.89 47.44
N VAL O 204 39.75 70.01 47.04
CA VAL O 204 41.05 69.84 47.69
C VAL O 204 42.13 70.18 46.69
N ARG O 205 43.01 71.12 47.05
CA ARG O 205 44.13 71.52 46.21
C ARG O 205 45.42 71.15 46.92
N GLN O 206 46.09 70.12 46.44
CA GLN O 206 47.27 69.56 47.08
C GLN O 206 48.48 69.78 46.20
N VAL O 207 49.59 70.19 46.80
CA VAL O 207 50.82 70.48 46.08
C VAL O 207 51.83 69.39 46.41
N ALA O 208 52.42 68.81 45.38
CA ALA O 208 53.63 68.02 45.53
C ALA O 208 54.79 68.97 45.38
N ILE O 209 56.01 68.44 45.30
CA ILE O 209 57.18 69.29 45.24
C ILE O 209 58.27 68.52 44.52
N ASP O 210 59.01 69.21 43.66
CA ASP O 210 60.11 68.57 42.97
C ASP O 210 61.40 68.80 43.75
N CYS O 211 62.44 68.11 43.31
CA CYS O 211 63.55 67.86 44.21
C CYS O 211 64.38 69.13 44.42
N ASP O 212 64.14 70.16 43.60
CA ASP O 212 64.62 71.52 43.83
C ASP O 212 63.63 72.42 44.56
N GLY O 213 62.45 71.93 44.89
CA GLY O 213 61.50 72.72 45.65
C GLY O 213 60.45 73.45 44.85
N ASN O 214 60.29 73.16 43.56
CA ASN O 214 59.23 73.77 42.79
C ASN O 214 57.94 73.01 43.03
N GLU O 215 56.87 73.31 42.29
CA GLU O 215 55.55 72.91 42.74
C GLU O 215 54.81 72.13 41.67
N PHE O 216 54.01 71.17 42.11
CA PHE O 216 53.10 70.43 41.26
C PHE O 216 51.74 70.41 41.93
N VAL O 217 50.77 71.07 41.33
CA VAL O 217 49.45 71.22 41.93
C VAL O 217 48.52 70.13 41.42
N HIS O 218 47.56 69.75 42.25
CA HIS O 218 46.58 68.72 41.94
C HIS O 218 45.25 69.10 42.57
N ILE O 219 44.17 69.04 41.81
CA ILE O 219 42.85 69.46 42.29
C ILE O 219 41.85 68.34 42.06
N SER O 220 41.00 68.09 43.06
CA SER O 220 39.92 67.13 42.97
C SER O 220 38.77 67.60 43.85
N CYS O 221 37.60 66.97 43.70
CA CYS O 221 36.47 67.33 44.53
C CYS O 221 35.86 66.09 45.14
N TYR O 222 35.02 66.30 46.16
CA TYR O 222 34.20 65.25 46.74
C TYR O 222 32.83 65.80 47.03
N ASP O 223 31.81 64.98 46.81
CA ASP O 223 30.42 65.38 46.97
C ASP O 223 29.90 64.77 48.26
N ILE O 224 29.75 65.60 49.28
CA ILE O 224 29.29 65.16 50.59
C ILE O 224 27.77 65.25 50.62
N SER O 225 27.10 64.12 50.68
CA SER O 225 25.64 64.06 50.64
C SER O 225 25.13 63.76 52.04
N ILE O 226 24.53 64.76 52.68
CA ILE O 226 24.07 64.60 54.06
C ILE O 226 22.90 63.62 54.07
N GLY O 227 23.15 62.41 54.53
CA GLY O 227 22.11 61.44 54.75
C GLY O 227 21.75 61.37 56.22
N SER O 228 20.55 60.87 56.48
CA SER O 228 20.14 60.54 57.83
C SER O 228 20.12 59.03 57.95
N CYS O 229 20.44 58.55 59.14
CA CYS O 229 20.60 57.12 59.37
C CYS O 229 21.69 56.52 58.50
N GLY O 230 22.92 56.96 58.75
CA GLY O 230 24.08 56.42 58.07
C GLY O 230 24.28 57.07 56.73
N MET P 1 13.59 62.71 29.76
CA MET P 1 14.67 63.23 28.94
C MET P 1 14.51 62.83 27.48
N TYR P 2 14.48 63.82 26.60
CA TYR P 2 14.39 63.59 25.16
C TYR P 2 15.76 63.24 24.62
N PHE P 3 15.78 62.34 23.65
CA PHE P 3 17.03 61.98 23.00
C PHE P 3 16.81 61.95 21.50
N PHE P 4 17.52 62.81 20.79
CA PHE P 4 17.42 62.89 19.34
C PHE P 4 18.74 62.54 18.70
N SER P 5 18.67 61.86 17.56
CA SER P 5 19.84 61.62 16.72
C SER P 5 19.70 62.48 15.47
N VAL P 6 20.77 63.15 15.10
CA VAL P 6 20.75 64.14 14.03
C VAL P 6 20.94 63.45 12.70
N ASP P 7 20.45 64.07 11.63
CA ASP P 7 20.59 63.47 10.32
C ASP P 7 21.98 63.75 9.76
N PRO P 8 22.64 62.75 9.18
CA PRO P 8 24.10 62.83 9.04
C PRO P 8 24.60 63.52 7.77
N ARG P 9 23.73 64.08 6.93
CA ARG P 9 24.13 64.81 5.74
C ARG P 9 25.00 63.96 4.81
N ASN P 10 24.47 62.80 4.44
CA ASN P 10 25.10 61.89 3.49
C ASN P 10 24.47 61.92 2.10
N GLY P 11 23.29 62.51 1.97
CA GLY P 11 22.46 62.24 0.82
C GLY P 11 21.59 61.02 1.01
N ALA P 12 21.36 60.61 2.26
CA ALA P 12 20.61 59.41 2.57
C ALA P 12 19.80 59.60 3.85
N SER P 13 19.36 58.50 4.46
CA SER P 13 18.55 58.56 5.67
C SER P 13 19.32 59.09 6.88
N SER P 21 5.72 64.29 9.78
CA SER P 21 5.29 64.82 8.49
C SER P 21 6.02 66.12 8.16
N CYS P 22 6.29 66.93 9.18
CA CYS P 22 7.00 68.17 8.99
C CYS P 22 8.50 67.98 8.84
N CYS P 23 9.16 69.11 8.65
CA CYS P 23 10.60 69.19 8.61
C CYS P 23 11.22 68.95 9.99
N CYS P 24 10.86 69.76 10.97
CA CYS P 24 11.52 69.75 12.27
C CYS P 24 10.78 68.79 13.19
N GLU P 25 11.55 67.97 13.92
CA GLU P 25 10.98 66.95 14.79
C GLU P 25 10.29 67.59 15.98
N SER P 26 9.63 66.76 16.77
CA SER P 26 8.63 67.19 17.73
C SER P 26 9.07 66.96 19.17
N ILE P 27 8.66 67.89 20.04
CA ILE P 27 8.90 67.84 21.47
C ILE P 27 7.63 68.25 22.18
N SER P 28 7.05 67.35 22.95
CA SER P 28 5.85 67.71 23.71
C SER P 28 6.25 68.28 25.06
N ALA P 29 5.48 69.26 25.52
CA ALA P 29 5.84 69.99 26.72
C ALA P 29 4.59 70.33 27.50
N ARG P 30 4.73 70.40 28.83
CA ARG P 30 3.65 70.66 29.74
C ARG P 30 3.94 71.92 30.55
N PRO P 31 2.97 72.81 30.72
CA PRO P 31 3.25 74.09 31.39
C PRO P 31 3.73 73.93 32.82
N GLY P 32 4.89 74.50 33.11
CA GLY P 32 5.49 74.42 34.42
C GLY P 32 6.69 73.49 34.50
N GLU P 33 6.81 72.55 33.59
CA GLU P 33 7.91 71.59 33.59
C GLU P 33 9.23 72.27 33.29
N VAL P 34 10.31 71.54 33.58
CA VAL P 34 11.65 71.86 33.13
C VAL P 34 12.31 70.53 32.80
N ASN P 35 12.43 70.22 31.52
CA ASN P 35 12.88 68.91 31.09
C ASN P 35 14.32 69.00 30.59
N GLY P 36 14.86 67.88 30.09
CA GLY P 36 16.20 67.87 29.56
C GLY P 36 16.27 67.20 28.21
N VAL P 37 17.05 67.75 27.29
CA VAL P 37 17.12 67.26 25.92
C VAL P 37 18.56 66.90 25.59
N MET P 38 18.74 65.76 24.93
CA MET P 38 20.04 65.30 24.49
C MET P 38 20.03 65.07 22.99
N VAL P 39 21.02 65.60 22.29
CA VAL P 39 21.15 65.47 20.85
C VAL P 39 22.49 64.83 20.54
N SER P 40 22.48 63.77 19.75
CA SER P 40 23.67 62.98 19.47
C SER P 40 24.17 63.30 18.07
N TYR P 41 25.18 64.15 17.99
CA TYR P 41 25.77 64.51 16.71
C TYR P 41 26.75 63.47 16.18
N ALA P 42 26.78 62.27 16.75
CA ALA P 42 27.78 61.29 16.35
C ALA P 42 27.68 60.94 14.88
N ALA P 43 26.47 60.83 14.35
CA ALA P 43 26.32 60.41 12.96
C ALA P 43 26.89 61.43 11.98
N TRP P 44 26.99 62.69 12.36
CA TRP P 44 27.46 63.74 11.47
C TRP P 44 28.90 64.13 11.72
N SER P 45 29.31 64.21 12.99
CA SER P 45 30.61 64.74 13.34
C SER P 45 31.68 63.69 13.52
N ALA P 46 31.32 62.39 13.51
CA ALA P 46 32.34 61.37 13.65
C ALA P 46 33.12 61.17 12.36
N PRO P 47 32.49 61.02 11.20
CA PRO P 47 33.29 60.96 9.96
C PRO P 47 34.21 62.14 9.76
N LEU P 48 33.79 63.33 10.15
CA LEU P 48 34.67 64.50 10.12
C LEU P 48 35.73 64.36 11.20
N ARG P 49 36.66 63.43 10.98
CA ARG P 49 37.63 63.11 12.02
C ARG P 49 38.39 64.35 12.43
N GLY P 50 38.12 64.86 13.62
CA GLY P 50 38.71 66.09 14.08
C GLY P 50 38.66 66.19 15.59
N HIS P 51 38.37 67.37 16.11
CA HIS P 51 38.29 67.58 17.54
C HIS P 51 36.85 67.66 18.04
N GLY P 52 35.91 67.06 17.32
CA GLY P 52 34.56 66.94 17.83
C GLY P 52 33.83 68.28 17.91
N LEU P 53 32.87 68.34 18.82
CA LEU P 53 32.02 69.49 18.96
C LEU P 53 32.74 70.58 19.76
N THR P 54 32.19 71.79 19.71
CA THR P 54 32.67 72.88 20.55
C THR P 54 31.47 73.55 21.22
N ASN P 55 31.76 74.35 22.25
CA ASN P 55 30.71 75.04 23.00
C ASN P 55 30.36 76.36 22.34
N LYS P 56 29.97 76.29 21.08
CA LYS P 56 29.47 77.45 20.36
C LYS P 56 28.12 77.15 19.75
N THR P 57 27.21 76.61 20.54
CA THR P 57 25.84 76.39 20.12
C THR P 57 25.04 77.68 20.27
N THR P 58 24.10 77.86 19.35
CA THR P 58 23.22 79.01 19.38
C THR P 58 21.78 78.54 19.20
N PHE P 59 20.88 79.08 20.01
CA PHE P 59 19.48 78.70 20.01
C PHE P 59 18.62 79.88 19.60
N GLU P 60 17.44 79.59 19.07
CA GLU P 60 16.48 80.63 18.76
C GLU P 60 15.08 80.07 18.89
N ILE P 61 14.20 80.81 19.57
CA ILE P 61 12.82 80.40 19.76
C ILE P 61 11.94 81.33 18.95
N ASP P 62 11.02 80.75 18.19
CA ASP P 62 10.03 81.51 17.43
C ASP P 62 8.70 80.77 17.50
N GLY P 63 7.62 81.52 17.59
CA GLY P 63 6.30 80.94 17.71
C GLY P 63 5.67 80.70 16.35
N VAL P 64 5.09 79.51 16.17
CA VAL P 64 4.30 79.19 15.00
C VAL P 64 2.80 79.26 15.31
N SER P 65 2.44 79.44 16.57
CA SER P 65 1.07 79.57 17.04
C SER P 65 1.13 80.03 18.49
N VAL P 66 0.54 81.17 18.84
CA VAL P 66 0.82 81.80 20.12
C VAL P 66 -0.43 81.94 21.00
N THR P 67 -1.57 82.32 20.43
CA THR P 67 -2.78 82.55 21.24
C THR P 67 -2.51 83.63 22.28
N PRO P 68 -2.51 84.90 21.88
CA PRO P 68 -2.06 85.99 22.76
C PRO P 68 -2.69 85.90 24.15
N PRO P 69 -1.94 86.25 25.19
CA PRO P 69 -2.46 86.08 26.55
C PRO P 69 -3.54 87.08 26.87
N LYS P 70 -4.39 86.71 27.83
CA LYS P 70 -5.47 87.58 28.24
C LYS P 70 -5.04 88.56 29.32
N VAL P 71 -4.39 88.07 30.37
CA VAL P 71 -4.04 88.85 31.54
C VAL P 71 -2.62 89.37 31.36
N SER P 72 -2.41 90.64 31.65
CA SER P 72 -1.08 91.21 31.53
C SER P 72 -0.22 90.81 32.73
N ASN P 73 1.10 90.88 32.53
CA ASN P 73 2.02 90.71 33.64
C ASN P 73 2.28 92.07 34.28
N ALA P 74 3.07 92.07 35.35
CA ALA P 74 3.26 93.31 36.10
C ALA P 74 4.61 93.27 36.80
N PHE P 75 5.08 94.45 37.18
CA PHE P 75 6.35 94.59 37.88
C PHE P 75 6.18 95.53 39.06
N GLY P 76 6.72 95.14 40.22
CA GLY P 76 6.71 95.98 41.40
C GLY P 76 8.12 96.10 41.96
N ARG P 77 8.23 96.95 42.98
CA ARG P 77 9.54 97.21 43.58
C ARG P 77 9.37 97.57 45.04
N THR P 78 10.31 97.11 45.85
CA THR P 78 10.29 97.36 47.30
C THR P 78 11.71 97.30 47.82
N LYS P 79 11.96 97.97 48.94
CA LYS P 79 13.24 97.87 49.60
C LYS P 79 13.28 96.63 50.49
N VAL P 80 14.46 96.34 51.04
CA VAL P 80 14.57 95.17 51.91
C VAL P 80 13.71 95.37 53.16
N GLY P 81 13.06 94.29 53.59
CA GLY P 81 12.34 94.25 54.84
C GLY P 81 10.99 94.92 54.85
N VAL P 82 10.75 95.89 53.98
CA VAL P 82 9.48 96.60 54.00
C VAL P 82 8.44 95.82 53.21
N VAL P 83 7.25 95.70 53.80
CA VAL P 83 6.16 94.93 53.20
C VAL P 83 5.67 95.64 51.96
N PHE P 84 5.30 94.87 50.95
CA PHE P 84 4.89 95.41 49.67
C PHE P 84 3.42 95.08 49.41
N GLU P 85 2.67 96.07 48.94
CA GLU P 85 1.29 95.91 48.52
C GLU P 85 1.20 96.12 47.01
N GLY P 86 0.09 95.67 46.45
CA GLY P 86 -0.17 95.84 45.04
C GLY P 86 -1.57 95.37 44.73
N THR P 87 -2.01 95.65 43.52
CA THR P 87 -3.34 95.27 43.08
C THR P 87 -3.24 94.18 42.02
N LEU P 88 -4.35 93.49 41.81
CA LEU P 88 -4.38 92.39 40.86
C LEU P 88 -5.63 92.48 40.01
N SER P 89 -6.10 93.70 39.73
CA SER P 89 -7.33 93.88 38.98
C SER P 89 -7.17 94.70 37.71
N ASP P 90 -6.14 95.53 37.61
CA ASP P 90 -5.85 96.27 36.39
C ASP P 90 -5.03 95.44 35.43
N LEU P 91 -4.83 94.16 35.73
CA LEU P 91 -4.03 93.26 34.92
C LEU P 91 -4.91 92.33 34.10
N PHE P 92 -6.23 92.54 34.12
CA PHE P 92 -7.18 91.71 33.39
C PHE P 92 -8.17 92.60 32.67
N PRO P 93 -7.75 93.25 31.60
CA PRO P 93 -8.72 94.00 30.80
C PRO P 93 -9.69 93.01 30.16
N ASN P 94 -10.92 93.00 30.62
CA ASN P 94 -11.87 92.04 30.10
C ASN P 94 -12.71 92.64 28.97
N PRO P 95 -12.94 91.90 27.90
CA PRO P 95 -13.85 92.38 26.86
C PRO P 95 -15.29 92.39 27.33
N GLU P 96 -15.70 91.26 27.90
CA GLU P 96 -17.09 90.98 28.24
C GLU P 96 -17.40 91.26 29.70
N GLY P 97 -18.61 90.88 30.13
CA GLY P 97 -19.00 90.97 31.52
C GLY P 97 -18.88 89.66 32.27
N GLU P 98 -18.06 89.65 33.32
CA GLU P 98 -17.89 88.46 34.15
C GLU P 98 -17.17 88.87 35.43
N GLN P 99 -17.09 87.94 36.36
CA GLN P 99 -16.42 88.12 37.64
C GLN P 99 -15.02 87.52 37.62
N VAL P 100 -14.21 87.97 38.59
CA VAL P 100 -12.77 87.76 38.60
C VAL P 100 -12.33 86.94 39.80
N GLU P 101 -12.24 85.62 39.62
CA GLU P 101 -11.80 84.73 40.68
C GLU P 101 -10.28 84.73 40.81
N TYR P 102 -9.73 85.78 41.41
CA TYR P 102 -8.29 85.86 41.63
C TYR P 102 -7.79 84.65 42.41
N GLU P 103 -6.66 84.09 41.96
CA GLU P 103 -6.13 82.88 42.56
C GLU P 103 -4.61 82.86 42.50
N ILE P 104 -3.98 82.41 43.57
CA ILE P 104 -2.54 82.24 43.63
C ILE P 104 -2.28 80.76 43.84
N SER P 105 -1.82 80.07 42.80
CA SER P 105 -1.57 78.63 42.87
C SER P 105 -0.41 78.36 43.83
N GLU P 106 -0.58 77.37 44.70
CA GLU P 106 0.49 77.01 45.63
C GLU P 106 1.66 76.32 44.94
N LEU P 107 1.47 75.77 43.73
CA LEU P 107 2.57 75.14 43.04
C LEU P 107 3.56 76.18 42.54
N ASN P 108 3.07 77.36 42.19
CA ASN P 108 3.88 78.42 41.61
C ASN P 108 3.84 79.68 42.45
N GLY P 109 3.89 79.53 43.78
CA GLY P 109 3.91 80.66 44.66
C GLY P 109 5.25 81.35 44.65
N PRO P 110 5.46 82.30 45.55
CA PRO P 110 6.74 82.97 45.61
C PRO P 110 7.83 82.07 46.16
N SER P 111 9.06 82.57 46.20
CA SER P 111 10.21 81.76 46.59
C SER P 111 10.89 82.23 47.86
N ASN P 112 10.89 83.54 48.11
CA ASN P 112 11.52 84.09 49.31
C ASN P 112 10.59 85.06 50.03
N GLY P 113 9.29 84.84 49.95
CA GLY P 113 8.31 85.68 50.60
C GLY P 113 7.05 84.92 50.91
N VAL P 114 5.95 85.65 51.13
CA VAL P 114 4.62 85.08 51.35
C VAL P 114 3.62 86.07 50.79
N VAL P 115 2.53 85.57 50.23
CA VAL P 115 1.46 86.42 49.70
C VAL P 115 0.13 86.01 50.29
N GLU P 116 -0.61 86.97 50.84
CA GLU P 116 -1.95 86.73 51.39
C GLU P 116 -2.92 87.35 50.40
N LEU P 117 -3.52 86.54 49.54
CA LEU P 117 -4.49 87.10 48.61
C LEU P 117 -5.72 87.61 49.35
N GLY P 118 -6.09 88.85 49.08
CA GLY P 118 -7.22 89.48 49.72
C GLY P 118 -8.53 89.00 49.14
N ALA P 119 -9.60 89.70 49.51
CA ALA P 119 -10.91 89.35 48.99
C ALA P 119 -11.11 89.87 47.58
N ASN P 120 -10.57 91.05 47.27
CA ASN P 120 -10.75 91.69 45.97
C ASN P 120 -9.40 92.08 45.41
N GLY P 121 -8.84 91.22 44.56
CA GLY P 121 -7.66 91.54 43.76
C GLY P 121 -6.52 92.23 44.46
N ALA P 122 -6.41 92.04 45.77
CA ALA P 122 -5.36 92.67 46.56
C ALA P 122 -4.52 91.58 47.21
N PHE P 123 -3.26 91.91 47.47
CA PHE P 123 -2.33 90.92 47.98
C PHE P 123 -1.17 91.63 48.64
N THR P 124 -0.62 91.00 49.68
CA THR P 124 0.51 91.53 50.43
C THR P 124 1.67 90.57 50.32
N TYR P 125 2.79 91.05 49.80
CA TYR P 125 3.99 90.26 49.67
C TYR P 125 4.97 90.73 50.72
N THR P 126 5.06 90.00 51.83
CA THR P 126 6.03 90.29 52.86
C THR P 126 7.33 89.59 52.53
N PRO P 127 8.36 90.31 52.09
CA PRO P 127 9.59 89.63 51.69
C PRO P 127 10.26 88.95 52.87
N GLY P 128 10.90 87.81 52.58
CA GLY P 128 11.61 87.11 53.64
C GLY P 128 12.70 87.96 54.23
N ALA P 129 12.76 87.95 55.57
CA ALA P 129 13.71 88.78 56.30
C ALA P 129 15.14 88.45 55.89
N LEU P 130 15.97 89.48 55.81
CA LEU P 130 17.36 89.34 55.40
C LEU P 130 17.47 88.70 54.02
N PHE P 131 16.89 89.38 53.03
CA PHE P 131 16.93 88.89 51.66
C PHE P 131 16.73 90.07 50.72
N THR P 132 17.55 90.12 49.66
CA THR P 132 17.41 91.18 48.66
C THR P 132 17.71 90.57 47.29
N GLY P 133 16.70 90.49 46.46
CA GLY P 133 16.88 89.97 45.11
C GLY P 133 15.62 90.22 44.30
N VAL P 134 15.29 89.25 43.45
CA VAL P 134 14.07 89.30 42.66
C VAL P 134 13.21 88.09 43.04
N ASP P 135 11.90 88.26 42.97
CA ASP P 135 10.99 87.20 43.35
C ASP P 135 9.75 87.26 42.48
N ARG P 136 9.24 86.10 42.09
CA ARG P 136 8.09 85.99 41.22
C ARG P 136 7.01 85.14 41.87
N PHE P 137 5.80 85.30 41.36
CA PHE P 137 4.72 84.36 41.64
C PHE P 137 3.70 84.47 40.52
N TRP P 138 2.98 83.38 40.29
CA TRP P 138 2.10 83.26 39.15
C TRP P 138 0.65 83.22 39.63
N PHE P 139 -0.09 84.27 39.31
CA PHE P 139 -1.51 84.36 39.62
C PHE P 139 -2.33 83.84 38.46
N SER P 140 -3.60 83.56 38.73
CA SER P 140 -4.53 83.06 37.72
C SER P 140 -5.86 83.78 37.86
N ILE P 141 -6.01 84.89 37.14
CA ILE P 141 -7.25 85.65 37.15
C ILE P 141 -8.24 84.96 36.22
N ASN P 142 -9.10 84.13 36.80
CA ASN P 142 -10.19 83.49 36.06
C ASN P 142 -9.64 82.57 34.97
N GLY P 143 -8.81 81.62 35.40
CA GLY P 143 -8.27 80.63 34.49
C GLY P 143 -7.04 81.07 33.73
N ASN P 144 -6.97 82.35 33.38
CA ASN P 144 -5.85 82.86 32.62
C ASN P 144 -4.71 83.23 33.56
N ILE P 145 -3.49 82.79 33.22
CA ILE P 145 -2.34 82.87 34.10
C ILE P 145 -1.39 83.95 33.60
N GLY P 146 -0.81 84.68 34.54
CA GLY P 146 0.24 85.63 34.26
C GLY P 146 1.18 85.61 35.46
N GLU P 147 2.23 86.43 35.39
CA GLU P 147 3.20 86.47 36.47
C GLU P 147 3.37 87.88 36.99
N TYR P 148 3.66 87.99 38.28
CA TYR P 148 3.97 89.24 38.94
C TYR P 148 5.40 89.17 39.45
N VAL P 149 6.22 90.15 39.06
CA VAL P 149 7.64 90.15 39.39
C VAL P 149 7.90 91.28 40.37
N ILE P 150 8.49 90.95 41.50
CA ILE P 150 8.87 91.93 42.52
C ILE P 150 10.37 91.83 42.74
N SER P 151 11.01 93.00 42.86
CA SER P 151 12.45 93.09 43.11
C SER P 151 12.65 93.83 44.42
N VAL P 152 13.35 93.19 45.36
CA VAL P 152 13.59 93.76 46.69
C VAL P 152 15.02 94.27 46.73
N ASP P 153 15.17 95.54 47.10
CA ASP P 153 16.42 96.28 47.04
C ASP P 153 17.15 96.20 48.38
N PRO P 154 18.49 96.33 48.37
CA PRO P 154 19.23 96.21 49.63
C PRO P 154 19.34 97.53 50.36
N THR P 155 18.25 98.30 50.32
CA THR P 155 18.01 99.54 51.03
C THR P 155 18.83 100.71 50.49
N THR P 156 19.83 100.47 49.64
CA THR P 156 20.60 101.63 49.23
C THR P 156 19.99 102.35 48.03
N SER P 157 20.17 101.82 46.83
CA SER P 157 19.72 102.60 45.67
C SER P 157 18.38 102.20 45.08
N GLU P 158 18.41 101.18 44.21
CA GLU P 158 17.28 100.71 43.40
C GLU P 158 17.75 99.51 42.58
N LEU P 159 16.98 98.43 42.49
CA LEU P 159 17.39 97.33 41.63
C LEU P 159 16.90 97.52 40.19
N PRO P 160 17.62 96.94 39.21
CA PRO P 160 17.15 96.95 37.83
C PRO P 160 15.96 96.02 37.60
N GLN P 161 15.58 95.81 36.33
CA GLN P 161 14.28 95.24 36.01
C GLN P 161 14.43 94.00 35.13
N PRO P 162 14.05 92.84 35.62
CA PRO P 162 14.30 91.58 34.91
C PRO P 162 13.33 91.37 33.75
N PRO P 163 13.69 90.51 32.79
CA PRO P 163 13.01 90.51 31.49
C PRO P 163 11.73 89.68 31.33
N PHE P 164 11.01 89.35 32.40
CA PHE P 164 9.66 88.78 32.23
C PHE P 164 9.63 87.47 31.45
N THR P 165 10.06 86.37 32.07
CA THR P 165 10.23 85.07 31.43
C THR P 165 9.16 84.75 30.40
N THR P 166 9.62 84.21 29.27
CA THR P 166 8.80 83.89 28.12
C THR P 166 8.13 82.52 28.30
N PRO P 167 7.14 82.18 27.45
CA PRO P 167 6.49 80.88 27.59
C PRO P 167 7.42 79.70 27.51
N VAL P 168 8.21 79.60 26.45
CA VAL P 168 9.22 78.56 26.30
C VAL P 168 10.58 79.23 26.22
N TYR P 169 11.54 78.67 26.96
CA TYR P 169 12.87 79.27 27.01
C TYR P 169 13.91 78.17 27.12
N VAL P 170 15.16 78.54 26.87
CA VAL P 170 16.30 77.65 27.02
C VAL P 170 17.27 78.32 27.97
N PRO P 171 17.40 77.83 29.21
CA PRO P 171 18.21 78.52 30.22
C PRO P 171 19.56 79.02 29.72
N ALA P 172 19.92 80.22 30.17
CA ALA P 172 21.09 80.95 29.71
C ALA P 172 22.34 80.08 29.61
N ALA P 173 22.74 79.46 30.71
CA ALA P 173 23.95 78.63 30.64
C ALA P 173 23.78 77.35 31.44
N ARG P 174 23.21 76.34 30.79
CA ARG P 174 23.10 75.00 31.34
C ARG P 174 23.34 73.99 30.23
N ARG P 175 24.00 74.42 29.18
CA ARG P 175 24.23 73.65 27.97
C ARG P 175 25.64 73.09 28.01
N SER P 176 25.83 71.93 27.41
CA SER P 176 27.19 71.42 27.36
C SER P 176 27.30 70.37 26.27
N VAL P 177 28.54 70.06 25.93
CA VAL P 177 28.88 69.14 24.86
C VAL P 177 30.06 68.32 25.31
N ASP P 178 29.97 67.00 25.14
CA ASP P 178 31.09 66.12 25.45
C ASP P 178 31.76 65.76 24.13
N PRO P 179 32.91 66.34 23.79
CA PRO P 179 33.52 66.04 22.48
C PRO P 179 33.95 64.60 22.34
N ARG P 180 33.90 63.84 23.41
CA ARG P 180 34.32 62.45 23.49
C ARG P 180 33.28 61.49 22.92
N THR P 181 32.01 61.89 22.87
CA THR P 181 30.96 61.05 22.32
C THR P 181 29.98 61.84 21.46
N HIS P 182 30.25 63.12 21.21
CA HIS P 182 29.45 63.94 20.31
C HIS P 182 27.99 64.01 20.75
N VAL P 183 27.79 64.56 21.94
CA VAL P 183 26.45 64.66 22.50
C VAL P 183 26.28 66.04 23.11
N LEU P 184 25.21 66.73 22.70
CA LEU P 184 24.87 68.04 23.21
C LEU P 184 23.74 67.92 24.21
N LYS P 185 23.89 68.55 25.36
CA LYS P 185 22.87 68.57 26.40
C LYS P 185 22.39 69.98 26.60
N PHE P 186 21.08 70.17 26.70
CA PHE P 186 20.54 71.46 27.06
C PHE P 186 19.21 71.26 27.75
N VAL P 187 18.78 72.27 28.46
CA VAL P 187 17.57 72.23 29.24
C VAL P 187 16.48 73.00 28.52
N LEU P 188 15.24 72.53 28.63
CA LEU P 188 14.11 73.19 27.98
C LEU P 188 13.02 73.41 29.03
N GLY P 189 12.76 74.65 29.36
CA GLY P 189 11.80 74.99 30.40
C GLY P 189 10.57 75.65 29.82
N VAL P 190 9.41 75.33 30.38
CA VAL P 190 8.13 75.85 29.93
C VAL P 190 7.52 76.65 31.08
N SER P 191 7.16 77.91 30.81
CA SER P 191 6.59 78.74 31.84
C SER P 191 5.21 78.22 32.20
N PRO P 192 4.71 78.54 33.40
CA PRO P 192 3.35 78.13 33.75
C PRO P 192 2.27 78.87 32.98
N ALA P 193 2.62 79.91 32.24
CA ALA P 193 1.65 80.70 31.50
C ALA P 193 1.54 80.28 30.04
N ALA P 194 2.27 79.24 29.63
CA ALA P 194 2.15 78.74 28.27
C ALA P 194 0.75 78.17 28.06
N ILE P 195 0.12 78.53 26.96
CA ILE P 195 -1.26 78.12 26.72
C ILE P 195 -1.26 76.80 25.96
N PRO P 196 -2.00 75.80 26.42
CA PRO P 196 -1.99 74.50 25.73
C PRO P 196 -2.49 74.62 24.30
N GLY P 197 -1.87 73.86 23.41
CA GLY P 197 -2.20 73.88 22.01
C GLY P 197 -1.26 74.71 21.16
N ASP P 198 -0.47 75.58 21.75
CA ASP P 198 0.46 76.40 20.99
C ASP P 198 1.61 75.55 20.47
N VAL P 199 2.35 76.11 19.51
CA VAL P 199 3.51 75.47 18.93
C VAL P 199 4.62 76.51 18.81
N TYR P 200 5.80 76.16 19.28
CA TYR P 200 6.99 76.99 19.12
C TYR P 200 8.03 76.21 18.35
N ARG P 201 9.02 76.92 17.82
CA ARG P 201 10.06 76.31 17.01
C ARG P 201 11.43 76.70 17.56
N LEU P 202 12.26 75.70 17.83
CA LEU P 202 13.60 75.91 18.35
C LEU P 202 14.59 75.52 17.26
N THR P 203 15.49 76.44 16.93
CA THR P 203 16.54 76.19 15.95
C THR P 203 17.89 76.14 16.65
N VAL P 204 18.66 75.10 16.37
CA VAL P 204 19.94 74.85 17.01
C VAL P 204 21.03 74.89 15.95
N ARG P 205 22.04 75.73 16.16
CA ARG P 205 23.17 75.85 15.26
C ARG P 205 24.42 75.40 15.99
N GLN P 206 24.92 74.23 15.64
CA GLN P 206 26.04 73.61 16.33
C GLN P 206 27.24 73.53 15.41
N VAL P 207 28.42 73.86 15.93
CA VAL P 207 29.65 73.86 15.16
C VAL P 207 30.52 72.70 15.62
N ALA P 208 30.97 71.91 14.67
CA ALA P 208 32.07 70.99 14.91
C ALA P 208 33.35 71.74 14.61
N ILE P 209 34.47 71.03 14.59
CA ILE P 209 35.75 71.69 14.39
C ILE P 209 36.70 70.68 13.77
N ASP P 210 37.49 71.14 12.80
CA ASP P 210 38.46 70.25 12.19
C ASP P 210 39.79 70.40 12.90
N CYS P 211 40.72 69.51 12.56
CA CYS P 211 41.81 69.23 13.46
C CYS P 211 42.81 70.39 13.48
N ASP P 212 42.69 71.32 12.52
CA ASP P 212 43.36 72.62 12.54
C ASP P 212 42.54 73.74 13.15
N GLY P 213 41.31 73.48 13.58
CA GLY P 213 40.50 74.49 14.23
C GLY P 213 39.54 75.25 13.35
N ASN P 214 39.30 74.81 12.12
CA ASN P 214 38.30 75.45 11.27
C ASN P 214 36.92 74.91 11.65
N GLU P 215 35.88 75.25 10.89
CA GLU P 215 34.53 75.12 11.42
C GLU P 215 33.67 74.31 10.48
N PHE P 216 32.75 73.54 11.07
CA PHE P 216 31.72 72.82 10.35
C PHE P 216 30.40 73.10 11.04
N VAL P 217 29.49 73.79 10.38
CA VAL P 217 28.24 74.21 10.98
C VAL P 217 27.15 73.20 10.64
N HIS P 218 26.17 73.08 11.53
CA HIS P 218 25.05 72.17 11.38
C HIS P 218 23.81 72.81 11.98
N ILE P 219 22.70 72.80 11.26
CA ILE P 219 21.48 73.46 11.69
C ILE P 219 20.32 72.47 11.64
N SER P 220 19.49 72.49 12.69
CA SER P 220 18.27 71.68 12.75
C SER P 220 17.24 72.43 13.57
N CYS P 221 16.00 71.96 13.54
CA CYS P 221 14.95 72.60 14.33
C CYS P 221 14.19 71.54 15.12
N TYR P 222 13.44 72.01 16.11
CA TYR P 222 12.51 71.17 16.84
C TYR P 222 11.23 71.96 17.08
N ASP P 223 10.10 71.27 17.00
CA ASP P 223 8.78 71.87 17.12
C ASP P 223 8.23 71.53 18.50
N ILE P 224 8.23 72.51 19.39
CA ILE P 224 7.77 72.31 20.75
C ILE P 224 6.28 72.64 20.79
N SER P 225 5.46 71.62 21.03
CA SER P 225 4.01 71.77 21.03
C SER P 225 3.51 71.74 22.47
N ILE P 226 3.08 72.89 22.97
CA ILE P 226 2.66 73.00 24.35
C ILE P 226 1.37 72.20 24.52
N GLY P 227 1.45 71.04 25.15
CA GLY P 227 0.30 70.27 25.52
C GLY P 227 -0.01 70.46 27.00
N SER P 228 -1.25 70.17 27.35
CA SER P 228 -1.66 70.09 28.74
C SER P 228 -1.88 68.63 29.07
N CYS P 229 -1.58 68.28 30.31
CA CYS P 229 -1.62 66.89 30.74
C CYS P 229 -0.64 66.03 29.95
N GLY P 230 0.64 66.32 30.12
CA GLY P 230 1.69 65.54 29.50
C GLY P 230 1.92 65.95 28.07
N MET Q 1 28.87 64.27 6.23
CA MET Q 1 29.97 64.23 5.28
C MET Q 1 29.60 63.41 4.06
N TYR Q 2 29.71 64.02 2.89
CA TYR Q 2 29.46 63.35 1.62
C TYR Q 2 30.68 62.54 1.22
N PHE Q 3 30.43 61.38 0.62
CA PHE Q 3 31.53 60.55 0.14
C PHE Q 3 31.18 60.07 -1.26
N PHE Q 4 32.00 60.46 -2.24
CA PHE Q 4 31.80 60.07 -3.61
C PHE Q 4 32.96 59.23 -4.10
N SER Q 5 32.66 58.25 -4.94
CA SER Q 5 33.68 57.48 -5.64
C SER Q 5 33.63 57.89 -7.11
N VAL Q 6 34.78 58.12 -7.69
CA VAL Q 6 34.88 58.68 -9.04
C VAL Q 6 34.81 57.55 -10.05
N ASP Q 7 34.38 57.88 -11.27
CA ASP Q 7 34.28 56.86 -12.29
C ASP Q 7 35.65 56.61 -12.91
N PRO Q 8 36.04 55.35 -13.12
CA PRO Q 8 37.46 55.05 -13.28
C PRO Q 8 37.99 55.15 -14.70
N ARG Q 9 37.19 55.56 -15.68
CA ARG Q 9 37.65 55.74 -17.06
C ARG Q 9 38.24 54.45 -17.63
N ASN Q 10 37.44 53.38 -17.59
CA ASN Q 10 37.80 52.10 -18.17
C ASN Q 10 37.07 51.81 -19.47
N GLY Q 11 36.04 52.57 -19.80
CA GLY Q 11 35.08 52.12 -20.79
C GLY Q 11 33.99 51.27 -20.18
N ALA Q 12 33.79 51.36 -18.88
CA ALA Q 12 32.82 50.54 -18.16
C ALA Q 12 32.17 51.32 -17.02
N SER Q 13 31.57 50.63 -16.08
CA SER Q 13 30.88 51.26 -14.95
C SER Q 13 31.84 51.97 -14.00
N SER Q 21 19.93 60.78 -13.04
CA SER Q 21 19.51 60.94 -14.42
C SER Q 21 20.47 61.84 -15.19
N CYS Q 22 20.98 62.87 -14.51
CA CYS Q 22 21.93 63.78 -15.13
C CYS Q 22 23.33 63.21 -15.20
N CYS Q 23 24.21 64.04 -15.77
CA CYS Q 23 25.62 63.77 -15.84
C CYS Q 23 26.29 63.87 -14.47
N CYS Q 24 26.18 65.03 -13.82
CA CYS Q 24 26.93 65.30 -12.61
C CYS Q 24 26.08 64.90 -11.40
N GLU Q 25 26.72 64.22 -10.44
CA GLU Q 25 26.01 63.71 -9.27
C GLU Q 25 25.58 64.86 -8.37
N SER Q 26 24.82 64.51 -7.33
CA SER Q 26 24.01 65.45 -6.58
C SER Q 26 24.51 65.63 -5.16
N ILE Q 27 24.37 66.85 -4.66
CA ILE Q 27 24.72 67.23 -3.30
C ILE Q 27 23.62 68.14 -2.78
N SER Q 28 22.93 67.71 -1.74
CA SER Q 28 21.90 68.55 -1.15
C SER Q 28 22.51 69.44 -0.07
N ALA Q 29 22.01 70.67 0.01
CA ALA Q 29 22.61 71.66 0.89
C ALA Q 29 21.52 72.51 1.52
N ARG Q 30 21.79 72.99 2.73
CA ARG Q 30 20.86 73.79 3.50
C ARG Q 30 21.47 75.14 3.83
N PRO Q 31 20.73 76.23 3.68
CA PRO Q 31 21.32 77.56 3.87
C PRO Q 31 21.88 77.78 5.26
N GLY Q 32 23.15 78.13 5.34
CA GLY Q 32 23.83 78.36 6.60
C GLY Q 32 24.81 77.28 6.98
N GLU Q 33 24.65 76.08 6.45
CA GLU Q 33 25.51 74.96 6.78
C GLU Q 33 26.93 75.18 6.26
N VAL Q 34 27.84 74.37 6.78
CA VAL Q 34 29.18 74.21 6.24
C VAL Q 34 29.51 72.73 6.39
N ASN Q 35 29.47 71.99 5.30
CA ASN Q 35 29.59 70.55 5.35
C ASN Q 35 30.98 70.13 4.85
N GLY Q 36 31.22 68.83 4.76
CA GLY Q 36 32.49 68.33 4.26
C GLY Q 36 32.30 67.24 3.22
N VAL Q 37 33.11 67.26 2.17
CA VAL Q 37 32.96 66.34 1.05
C VAL Q 37 34.26 65.57 0.86
N MET Q 38 34.14 64.27 0.64
CA MET Q 38 35.28 63.41 0.38
C MET Q 38 35.09 62.70 -0.95
N VAL Q 39 36.12 62.73 -1.79
CA VAL Q 39 36.10 62.10 -3.10
C VAL Q 39 37.24 61.10 -3.17
N SER Q 40 36.94 59.86 -3.54
CA SER Q 40 37.92 58.78 -3.53
C SER Q 40 38.35 58.49 -4.96
N TYR Q 41 39.52 59.01 -5.33
CA TYR Q 41 40.07 58.78 -6.66
C TYR Q 41 40.76 57.44 -6.81
N ALA Q 42 40.58 56.53 -5.86
CA ALA Q 42 41.31 55.27 -5.89
C ALA Q 42 41.03 54.48 -7.16
N ALA Q 43 39.78 54.46 -7.61
CA ALA Q 43 39.43 53.66 -8.77
C ALA Q 43 40.12 54.12 -10.04
N TRP Q 44 40.52 55.38 -10.12
CA TRP Q 44 41.13 55.94 -11.32
C TRP Q 44 42.63 56.06 -11.22
N SER Q 45 43.15 56.47 -10.06
CA SER Q 45 44.56 56.77 -9.92
C SER Q 45 45.39 55.62 -9.39
N ALA Q 46 44.77 54.52 -8.96
CA ALA Q 46 45.55 53.40 -8.47
C ALA Q 46 46.17 52.61 -9.61
N PRO Q 47 45.43 52.22 -10.65
CA PRO Q 47 46.09 51.57 -11.79
C PRO Q 47 47.22 52.38 -12.39
N LEU Q 48 47.10 53.70 -12.43
CA LEU Q 48 48.20 54.55 -12.87
C LEU Q 48 49.29 54.54 -11.82
N ARG Q 49 49.99 53.41 -11.70
CA ARG Q 49 50.93 53.25 -10.60
C ARG Q 49 51.98 54.35 -10.66
N GLY Q 50 51.91 55.27 -9.72
CA GLY Q 50 52.79 56.42 -9.71
C GLY Q 50 52.89 57.03 -8.34
N HIS Q 51 52.89 58.35 -8.25
CA HIS Q 51 52.97 59.04 -6.97
C HIS Q 51 51.63 59.61 -6.53
N GLY Q 52 50.52 59.03 -7.00
CA GLY Q 52 49.23 59.39 -6.48
C GLY Q 52 48.81 60.80 -6.85
N LEU Q 53 47.95 61.38 -6.02
CA LEU Q 53 47.38 62.68 -6.28
C LEU Q 53 48.38 63.78 -5.91
N THR Q 54 48.09 65.00 -6.38
CA THR Q 54 48.86 66.17 -5.96
C THR Q 54 47.89 67.27 -5.57
N ASN Q 55 48.42 68.28 -4.88
CA ASN Q 55 47.60 69.40 -4.41
C ASN Q 55 47.49 70.47 -5.49
N LYS Q 56 46.99 70.07 -6.65
CA LYS Q 56 46.69 71.01 -7.72
C LYS Q 56 45.26 70.82 -8.19
N THR Q 57 44.32 70.82 -7.25
CA THR Q 57 42.91 70.78 -7.57
C THR Q 57 42.42 72.18 -7.88
N THR Q 58 41.46 72.26 -8.79
CA THR Q 58 40.86 73.52 -9.16
C THR Q 58 39.34 73.35 -9.16
N PHE Q 59 38.64 74.32 -8.58
CA PHE Q 59 37.20 74.28 -8.46
C PHE Q 59 36.57 75.42 -9.24
N GLU Q 60 35.32 75.24 -9.63
CA GLU Q 60 34.58 76.31 -10.28
C GLU Q 60 33.11 76.15 -9.96
N ILE Q 61 32.46 77.25 -9.58
CA ILE Q 61 31.05 77.27 -9.26
C ILE Q 61 30.32 78.05 -10.33
N ASP Q 62 29.24 77.47 -10.84
CA ASP Q 62 28.38 78.13 -11.81
C ASP Q 62 26.94 77.77 -11.49
N GLY Q 63 26.05 78.73 -11.67
CA GLY Q 63 24.64 78.53 -11.35
C GLY Q 63 23.87 78.01 -12.54
N VAL Q 64 23.04 76.99 -12.29
CA VAL Q 64 22.11 76.49 -13.28
C VAL Q 64 20.68 76.98 -13.01
N SER Q 65 20.47 77.66 -11.89
CA SER Q 65 19.20 78.25 -11.48
C SER Q 65 19.49 79.14 -10.29
N VAL Q 66 19.17 80.43 -10.35
CA VAL Q 66 19.68 81.38 -9.36
C VAL Q 66 18.56 82.08 -8.59
N THR Q 67 17.49 82.49 -9.25
CA THR Q 67 16.43 83.24 -8.57
C THR Q 67 17.00 84.52 -7.97
N PRO Q 68 17.24 85.55 -8.78
CA PRO Q 68 17.97 86.75 -8.32
C PRO Q 68 17.45 87.26 -6.99
N PRO Q 69 18.34 87.77 -6.14
CA PRO Q 69 17.91 88.19 -4.81
C PRO Q 69 17.09 89.45 -4.85
N LYS Q 70 16.26 89.63 -3.82
CA LYS Q 70 15.42 90.81 -3.72
C LYS Q 70 16.13 91.97 -3.05
N VAL Q 71 16.75 91.72 -1.90
CA VAL Q 71 17.36 92.76 -1.08
C VAL Q 71 18.83 92.85 -1.42
N SER Q 72 19.33 94.07 -1.59
CA SER Q 72 20.74 94.23 -1.90
C SER Q 72 21.59 94.08 -0.65
N ASN Q 73 22.87 93.78 -0.86
CA ASN Q 73 23.82 93.78 0.23
C ASN Q 73 24.41 95.19 0.38
N ALA Q 74 25.26 95.38 1.38
CA ALA Q 74 25.77 96.71 1.65
C ALA Q 74 27.13 96.60 2.32
N PHE Q 75 27.87 97.70 2.27
CA PHE Q 75 29.20 97.78 2.87
C PHE Q 75 29.32 99.08 3.66
N GLY Q 76 29.86 98.99 4.87
CA GLY Q 76 30.13 100.16 5.68
C GLY Q 76 31.56 100.14 6.18
N ARG Q 77 31.94 101.23 6.83
CA ARG Q 77 33.31 101.38 7.30
C ARG Q 77 33.34 102.24 8.56
N THR Q 78 34.23 101.87 9.47
CA THR Q 78 34.37 102.59 10.74
C THR Q 78 35.79 102.39 11.25
N LYS Q 79 36.26 103.32 12.07
CA LYS Q 79 37.55 103.16 12.71
C LYS Q 79 37.40 102.31 13.98
N VAL Q 80 38.52 101.98 14.60
CA VAL Q 80 38.46 101.18 15.81
C VAL Q 80 37.77 101.97 16.91
N GLY Q 81 36.94 101.28 17.70
CA GLY Q 81 36.32 101.81 18.89
C GLY Q 81 35.15 102.74 18.67
N VAL Q 82 35.05 103.38 17.52
CA VAL Q 82 33.97 104.34 17.28
C VAL Q 82 32.73 103.58 16.83
N VAL Q 83 31.59 103.94 17.42
CA VAL Q 83 30.32 103.28 17.14
C VAL Q 83 29.89 103.63 15.73
N PHE Q 84 29.29 102.67 15.03
CA PHE Q 84 28.89 102.82 13.65
C PHE Q 84 27.38 102.77 13.53
N GLU Q 85 26.82 103.69 12.75
CA GLU Q 85 25.40 103.71 12.41
C GLU Q 85 25.24 103.41 10.92
N GLY Q 86 24.01 103.06 10.56
CA GLY Q 86 23.68 102.81 9.18
C GLY Q 86 22.20 102.58 9.05
N THR Q 87 21.73 102.54 7.82
CA THR Q 87 20.32 102.33 7.54
C THR Q 87 20.11 100.96 6.92
N LEU Q 88 18.86 100.52 6.97
CA LEU Q 88 18.52 99.20 6.45
C LEU Q 88 17.26 99.27 5.62
N SER Q 89 17.03 100.40 4.95
CA SER Q 89 15.81 100.60 4.19
C SER Q 89 16.04 100.88 2.71
N ASP Q 90 17.20 101.37 2.32
CA ASP Q 90 17.54 101.57 0.92
C ASP Q 90 18.10 100.31 0.30
N LEU Q 91 18.04 99.20 1.04
CA LEU Q 91 18.57 97.92 0.58
C LEU Q 91 17.44 96.99 0.13
N PHE Q 92 16.21 97.50 0.08
CA PHE Q 92 15.05 96.70 -0.31
C PHE Q 92 14.21 97.49 -1.29
N PRO Q 93 14.67 97.64 -2.52
CA PRO Q 93 13.82 98.26 -3.53
C PRO Q 93 12.62 97.37 -3.78
N ASN Q 94 11.45 97.79 -3.35
CA ASN Q 94 10.29 96.95 -3.50
C ASN Q 94 9.50 97.31 -4.76
N PRO Q 95 9.03 96.32 -5.52
CA PRO Q 95 8.17 96.63 -6.66
C PRO Q 95 6.80 97.11 -6.21
N GLU Q 96 6.21 96.36 -5.29
CA GLU Q 96 4.82 96.54 -4.87
C GLU Q 96 4.70 97.36 -3.59
N GLY Q 97 3.48 97.43 -3.06
CA GLY Q 97 3.22 98.06 -1.78
C GLY Q 97 3.13 97.09 -0.62
N GLU Q 98 4.01 97.26 0.37
CA GLU Q 98 4.00 96.40 1.55
C GLU Q 98 4.88 97.05 2.61
N GLN Q 99 4.84 96.48 3.80
CA GLN Q 99 5.63 96.93 4.94
C GLN Q 99 6.87 96.06 5.12
N VAL Q 100 7.82 96.61 5.88
CA VAL Q 100 9.18 96.09 5.95
C VAL Q 100 9.54 95.65 7.36
N GLU Q 101 9.34 94.37 7.65
CA GLU Q 101 9.67 93.81 8.95
C GLU Q 101 11.15 93.50 9.08
N TYR Q 102 11.95 94.54 9.26
CA TYR Q 102 13.40 94.38 9.44
C TYR Q 102 13.69 93.41 10.59
N GLU Q 103 14.63 92.50 10.36
CA GLU Q 103 14.94 91.47 11.34
C GLU Q 103 16.42 91.08 11.28
N ILE Q 104 17.02 90.89 12.44
CA ILE Q 104 18.39 90.43 12.56
C ILE Q 104 18.35 89.09 13.26
N SER Q 105 18.56 88.00 12.52
CA SER Q 105 18.52 86.66 13.08
C SER Q 105 19.67 86.47 14.07
N GLU Q 106 19.36 85.89 15.23
CA GLU Q 106 20.40 85.63 16.22
C GLU Q 106 21.33 84.50 15.82
N LEU Q 107 20.94 83.65 14.88
CA LEU Q 107 21.83 82.58 14.44
C LEU Q 107 22.97 83.14 13.61
N ASN Q 108 22.71 84.22 12.87
CA ASN Q 108 23.68 84.81 11.96
C ASN Q 108 23.97 86.26 12.32
N GLY Q 109 24.10 86.54 13.61
CA GLY Q 109 24.42 87.88 14.05
C GLY Q 109 25.88 88.20 13.80
N PRO Q 110 26.35 89.31 14.32
CA PRO Q 110 27.75 89.67 14.13
C PRO Q 110 28.67 88.78 14.95
N SER Q 111 29.97 88.97 14.82
CA SER Q 111 30.95 88.10 15.46
C SER Q 111 31.81 88.82 16.49
N ASN Q 112 32.11 90.10 16.28
CA ASN Q 112 32.93 90.86 17.21
C ASN Q 112 32.29 92.19 17.55
N GLY Q 113 30.97 92.25 17.56
CA GLY Q 113 30.25 93.47 17.88
C GLY Q 113 28.88 93.16 18.43
N VAL Q 114 27.99 94.15 18.40
CA VAL Q 114 26.59 93.99 18.79
C VAL Q 114 25.78 94.95 17.93
N VAL Q 115 24.56 94.55 17.58
CA VAL Q 115 23.67 95.38 16.79
C VAL Q 115 22.32 95.51 17.49
N GLU Q 116 21.85 96.75 17.68
CA GLU Q 116 20.54 97.01 18.28
C GLU Q 116 19.65 97.46 17.14
N LEU Q 117 18.82 96.56 16.62
CA LEU Q 117 17.91 96.98 15.56
C LEU Q 117 16.89 97.98 16.07
N GLY Q 118 16.78 99.11 15.39
CA GLY Q 118 15.85 100.16 15.79
C GLY Q 118 14.42 99.82 15.41
N ALA Q 119 13.56 100.82 15.51
CA ALA Q 119 12.17 100.63 15.16
C ALA Q 119 11.97 100.67 13.65
N ASN Q 120 12.73 101.52 12.95
CA ASN Q 120 12.57 101.70 11.52
C ASN Q 120 13.93 101.57 10.84
N GLY Q 121 14.23 100.38 10.33
CA GLY Q 121 15.38 100.13 9.48
C GLY Q 121 16.69 100.75 9.90
N ALA Q 122 16.86 100.99 11.19
CA ALA Q 122 18.08 101.59 11.71
C ALA Q 122 18.73 100.62 12.69
N PHE Q 123 20.04 100.73 12.82
CA PHE Q 123 20.78 99.79 13.64
C PHE Q 123 22.12 100.40 14.01
N THR Q 124 22.60 100.03 15.20
CA THR Q 124 23.87 100.53 15.72
C THR Q 124 24.78 99.34 15.95
N TYR Q 125 25.94 99.36 15.28
CA TYR Q 125 26.94 98.31 15.43
C TYR Q 125 28.08 98.88 16.26
N THR Q 126 28.10 98.56 17.54
CA THR Q 126 29.18 98.96 18.42
C THR Q 126 30.27 97.91 18.35
N PRO Q 127 31.39 98.18 17.68
CA PRO Q 127 32.42 97.15 17.53
C PRO Q 127 33.02 96.78 18.87
N GLY Q 128 33.38 95.50 19.00
CA GLY Q 128 34.01 95.05 20.23
C GLY Q 128 35.30 95.78 20.49
N ALA Q 129 35.47 96.20 21.75
CA ALA Q 129 36.63 96.99 22.14
C ALA Q 129 37.91 96.23 21.87
N LEU Q 130 38.94 96.96 21.43
CA LEU Q 130 40.23 96.39 21.09
C LEU Q 130 40.08 95.31 20.02
N PHE Q 131 39.59 95.72 18.86
CA PHE Q 131 39.41 94.81 17.74
C PHE Q 131 39.39 95.61 16.45
N THR Q 132 40.11 95.12 15.44
CA THR Q 132 40.12 95.79 14.13
C THR Q 132 40.17 94.71 13.06
N GLY Q 133 39.10 94.58 12.30
CA GLY Q 133 39.05 93.62 11.23
C GLY Q 133 37.82 93.84 10.38
N VAL Q 134 37.22 92.76 9.92
CA VAL Q 134 35.98 92.81 9.17
C VAL Q 134 34.93 92.03 9.93
N ASP Q 135 33.68 92.46 9.82
CA ASP Q 135 32.60 91.82 10.55
C ASP Q 135 31.34 91.87 9.71
N ARG Q 136 30.56 90.79 9.75
CA ARG Q 136 29.34 90.65 8.97
C ARG Q 136 28.17 90.33 9.87
N PHE Q 137 26.98 90.58 9.35
CA PHE Q 137 25.75 90.06 9.94
C PHE Q 137 24.69 90.02 8.86
N TRP Q 138 23.74 89.10 9.01
CA TRP Q 138 22.77 88.81 7.98
C TRP Q 138 21.39 89.26 8.45
N PHE Q 139 20.86 90.29 7.79
CA PHE Q 139 19.52 90.79 8.06
C PHE Q 139 18.51 90.11 7.15
N SER Q 140 17.24 90.24 7.51
CA SER Q 140 16.15 89.64 6.73
C SER Q 140 15.02 90.66 6.62
N ILE Q 141 15.04 91.45 5.56
CA ILE Q 141 14.00 92.44 5.30
C ILE Q 141 12.82 91.71 4.68
N ASN Q 142 11.85 91.34 5.50
CA ASN Q 142 10.60 90.75 5.04
C ASN Q 142 10.85 89.42 4.33
N GLY Q 143 11.49 88.51 5.06
CA GLY Q 143 11.73 87.18 4.54
C GLY Q 143 12.97 87.05 3.67
N ASN Q 144 13.27 88.08 2.91
CA ASN Q 144 14.42 88.05 2.01
C ASN Q 144 15.68 88.44 2.76
N ILE Q 145 16.74 87.65 2.59
CA ILE Q 145 17.95 87.76 3.39
C ILE Q 145 19.07 88.35 2.55
N GLY Q 146 19.86 89.22 3.17
CA GLY Q 146 21.07 89.76 2.58
C GLY Q 146 22.07 89.93 3.71
N GLU Q 147 23.26 90.41 3.36
CA GLU Q 147 24.30 90.60 4.36
C GLU Q 147 24.80 92.02 4.36
N TYR Q 148 25.22 92.48 5.53
CA TYR Q 148 25.83 93.79 5.72
C TYR Q 148 27.26 93.57 6.21
N VAL Q 149 28.23 94.15 5.52
CA VAL Q 149 29.63 93.94 5.82
C VAL Q 149 30.20 95.25 6.35
N ILE Q 150 30.81 95.19 7.51
CA ILE Q 150 31.46 96.33 8.13
C ILE Q 150 32.92 95.98 8.37
N SER Q 151 33.80 96.95 8.09
CA SER Q 151 35.24 96.80 8.29
C SER Q 151 35.70 97.87 9.26
N VAL Q 152 36.32 97.43 10.36
CA VAL Q 152 36.78 98.34 11.41
C VAL Q 152 38.29 98.51 11.26
N ASP Q 153 38.73 99.75 11.17
CA ASP Q 153 40.10 100.12 10.86
C ASP Q 153 40.91 100.34 12.13
N PRO Q 154 42.23 100.15 12.08
CA PRO Q 154 43.03 100.31 13.30
C PRO Q 154 43.48 101.74 13.52
N THR Q 155 42.57 102.67 13.24
CA THR Q 155 42.66 104.10 13.47
C THR Q 155 43.66 104.80 12.56
N THR Q 156 44.51 104.06 11.85
CA THR Q 156 45.48 104.81 11.05
C THR Q 156 44.94 105.21 9.68
N SER Q 157 44.91 104.28 8.73
CA SER Q 157 44.54 104.70 7.37
C SER Q 157 43.10 104.45 6.96
N GLU Q 158 42.84 103.21 6.50
CA GLU Q 158 41.57 102.76 5.92
C GLU Q 158 41.72 101.29 5.56
N LEU Q 159 40.73 100.45 5.84
CA LEU Q 159 40.84 99.05 5.41
C LEU Q 159 40.28 98.85 4.00
N PRO Q 160 40.77 97.84 3.28
CA PRO Q 160 40.21 97.49 1.97
C PRO Q 160 38.84 96.83 2.09
N GLN Q 161 38.32 96.30 0.97
CA GLN Q 161 36.91 95.96 0.87
C GLN Q 161 36.73 94.50 0.46
N PRO Q 162 36.14 93.69 1.34
CA PRO Q 162 36.07 92.24 1.10
C PRO Q 162 34.99 91.87 0.09
N PRO Q 163 35.07 90.69 -0.51
CA PRO Q 163 34.30 90.40 -1.73
C PRO Q 163 32.88 89.88 -1.60
N PHE Q 164 32.18 90.10 -0.47
CA PHE Q 164 30.74 89.83 -0.44
C PHE Q 164 30.37 88.37 -0.72
N THR Q 165 30.61 87.49 0.25
CA THR Q 165 30.45 86.04 0.10
C THR Q 165 29.26 85.63 -0.77
N THR Q 166 29.49 84.66 -1.64
CA THR Q 166 28.53 84.16 -2.60
C THR Q 166 27.61 83.13 -1.96
N PRO Q 167 26.51 82.75 -2.64
CA PRO Q 167 25.61 81.76 -2.06
C PRO Q 167 26.26 80.43 -1.73
N VAL Q 168 26.93 79.82 -2.70
CA VAL Q 168 27.68 78.59 -2.47
C VAL Q 168 29.13 78.86 -2.78
N TYR Q 169 30.02 78.39 -1.90
CA TYR Q 169 31.44 78.65 -2.05
C TYR Q 169 32.23 77.45 -1.58
N VAL Q 170 33.50 77.42 -1.94
CA VAL Q 170 34.44 76.40 -1.50
C VAL Q 170 35.61 77.12 -0.84
N PRO Q 171 35.73 77.06 0.49
CA PRO Q 171 36.74 77.84 1.20
C PRO Q 171 38.12 77.82 0.55
N ALA Q 172 38.76 78.98 0.56
CA ALA Q 172 40.02 79.24 -0.13
C ALA Q 172 41.05 78.13 0.07
N ALA Q 173 41.39 77.83 1.32
CA ALA Q 173 42.39 76.79 1.54
C ALA Q 173 42.02 75.92 2.73
N ARG Q 174 41.20 74.92 2.47
CA ARG Q 174 40.86 73.89 3.45
C ARG Q 174 40.79 72.54 2.77
N ARG Q 175 41.44 72.43 1.62
CA ARG Q 175 41.40 71.27 0.75
C ARG Q 175 42.65 70.45 0.98
N SER Q 176 42.55 69.14 0.82
CA SER Q 176 43.76 68.35 0.94
C SER Q 176 43.55 67.01 0.28
N VAL Q 177 44.68 66.33 0.06
CA VAL Q 177 44.72 65.05 -0.62
C VAL Q 177 45.74 64.18 0.08
N ASP Q 178 45.36 62.95 0.39
CA ASP Q 178 46.29 61.99 0.96
C ASP Q 178 46.76 61.06 -0.14
N PRO Q 179 47.98 61.22 -0.67
CA PRO Q 179 48.40 60.37 -1.80
C PRO Q 179 48.50 58.90 -1.43
N ARG Q 180 48.37 58.58 -0.16
CA ARG Q 180 48.50 57.25 0.39
C ARG Q 180 47.25 56.41 0.18
N THR Q 181 46.09 57.05 0.01
CA THR Q 181 44.85 56.33 -0.22
C THR Q 181 43.99 56.99 -1.29
N HIS Q 182 44.50 58.01 -1.97
CA HIS Q 182 43.82 58.64 -3.11
C HIS Q 182 42.45 59.18 -2.71
N VAL Q 183 42.46 60.13 -1.78
CA VAL Q 183 41.22 60.72 -1.28
C VAL Q 183 41.40 62.22 -1.20
N LEU Q 184 40.47 62.95 -1.80
CA LEU Q 184 40.46 64.40 -1.79
C LEU Q 184 39.41 64.88 -0.81
N LYS Q 185 39.79 65.81 0.06
CA LYS Q 185 38.88 66.40 1.04
C LYS Q 185 38.72 67.88 0.74
N PHE Q 186 37.50 68.37 0.77
CA PHE Q 186 37.26 69.80 0.66
C PHE Q 186 35.98 70.14 1.38
N VAL Q 187 35.84 71.40 1.69
CA VAL Q 187 34.71 71.90 2.46
C VAL Q 187 33.75 72.62 1.51
N LEU Q 188 32.46 72.51 1.78
CA LEU Q 188 31.45 73.14 0.95
C LEU Q 188 30.52 73.93 1.85
N GLY Q 189 30.54 75.24 1.74
CA GLY Q 189 29.76 76.12 2.61
C GLY Q 189 28.66 76.81 1.83
N VAL Q 190 27.51 76.97 2.47
CA VAL Q 190 26.34 77.58 1.88
C VAL Q 190 26.00 78.83 2.67
N SER Q 191 25.90 79.96 1.99
CA SER Q 191 25.60 81.21 2.67
C SER Q 191 24.18 81.17 3.19
N PRO Q 192 23.85 81.97 4.21
CA PRO Q 192 22.47 82.02 4.68
C PRO Q 192 21.51 82.69 3.71
N ALA Q 193 22.01 83.31 2.65
CA ALA Q 193 21.18 84.00 1.69
C ALA Q 193 20.86 83.14 0.47
N ALA Q 194 21.32 81.91 0.43
CA ALA Q 194 20.99 81.02 -0.67
C ALA Q 194 19.49 80.73 -0.66
N ILE Q 195 18.86 80.83 -1.82
CA ILE Q 195 17.41 80.70 -1.89
C ILE Q 195 17.06 79.23 -2.15
N PRO Q 196 16.17 78.63 -1.38
CA PRO Q 196 15.86 77.22 -1.57
C PRO Q 196 15.28 76.96 -2.95
N GLY Q 197 15.65 75.82 -3.53
CA GLY Q 197 15.23 75.45 -4.85
C GLY Q 197 16.24 75.71 -5.94
N ASP Q 198 17.24 76.53 -5.68
CA ASP Q 198 18.26 76.80 -6.68
C ASP Q 198 19.16 75.60 -6.88
N VAL Q 199 19.92 75.62 -7.98
CA VAL Q 199 20.87 74.57 -8.31
C VAL Q 199 22.16 75.24 -8.78
N TYR Q 200 23.28 74.81 -8.22
CA TYR Q 200 24.59 75.25 -8.65
C TYR Q 200 25.38 74.03 -9.11
N ARG Q 201 26.46 74.29 -9.86
CA ARG Q 201 27.28 73.22 -10.41
C ARG Q 201 28.73 73.45 -10.04
N LEU Q 202 29.35 72.45 -9.44
CA LEU Q 202 30.74 72.51 -9.03
C LEU Q 202 31.55 71.56 -9.92
N THR Q 203 32.58 72.08 -10.55
CA THR Q 203 33.48 71.29 -11.39
C THR Q 203 34.84 71.18 -10.71
N VAL Q 204 35.35 69.96 -10.63
CA VAL Q 204 36.59 69.66 -9.93
C VAL Q 204 37.58 69.10 -10.95
N ARG Q 205 38.75 69.71 -11.05
CA ARG Q 205 39.81 69.26 -11.94
C ARG Q 205 40.99 68.81 -11.10
N GLN Q 206 41.20 67.50 -11.02
CA GLN Q 206 42.21 66.91 -10.16
C GLN Q 206 43.29 66.26 -10.99
N VAL Q 207 44.55 66.47 -10.62
CA VAL Q 207 45.69 65.94 -11.35
C VAL Q 207 46.33 64.84 -10.52
N ALA Q 208 46.53 63.69 -11.14
CA ALA Q 208 47.42 62.68 -10.60
C ALA Q 208 48.80 62.97 -11.15
N ILE Q 209 49.74 62.07 -10.92
CA ILE Q 209 51.11 62.31 -11.35
C ILE Q 209 51.78 60.97 -11.58
N ASP Q 210 52.56 60.89 -12.65
CA ASP Q 210 53.27 59.65 -12.92
C ASP Q 210 54.66 59.72 -12.30
N CYS Q 211 55.34 58.58 -12.32
CA CYS Q 211 56.43 58.39 -11.39
C CYS Q 211 57.65 59.24 -11.78
N ASP Q 212 57.65 59.79 -13.00
CA ASP Q 212 58.58 60.82 -13.43
C ASP Q 212 58.06 62.24 -13.24
N GLY Q 213 56.84 62.42 -12.74
CA GLY Q 213 56.32 63.74 -12.48
C GLY Q 213 55.47 64.36 -13.56
N ASN Q 214 55.05 63.60 -14.56
CA ASN Q 214 54.14 64.13 -15.57
C ASN Q 214 52.71 64.08 -15.04
N GLU Q 215 51.71 64.38 -15.86
CA GLU Q 215 50.41 64.72 -15.31
C GLU Q 215 49.32 63.87 -15.91
N PHE Q 216 48.32 63.58 -15.09
CA PHE Q 216 47.10 62.91 -15.52
C PHE Q 216 45.93 63.68 -14.96
N VAL Q 217 45.14 64.30 -15.82
CA VAL Q 217 44.05 65.17 -15.40
C VAL Q 217 42.75 64.37 -15.37
N HIS Q 218 41.84 64.79 -14.49
CA HIS Q 218 40.55 64.16 -14.31
C HIS Q 218 39.52 65.23 -13.96
N ILE Q 219 38.39 65.22 -14.64
CA ILE Q 219 37.36 66.25 -14.45
C ILE Q 219 36.02 65.59 -14.15
N SER Q 220 35.31 66.15 -13.18
CA SER Q 220 33.96 65.71 -12.84
C SER Q 220 33.18 66.90 -12.33
N CYS Q 221 31.86 66.73 -12.19
CA CYS Q 221 31.04 67.82 -11.66
C CYS Q 221 30.14 67.30 -10.55
N TYR Q 222 29.58 68.22 -9.78
CA TYR Q 222 28.56 67.91 -8.81
C TYR Q 222 27.50 68.99 -8.85
N ASP Q 223 26.25 68.59 -8.69
CA ASP Q 223 25.10 69.49 -8.77
C ASP Q 223 24.60 69.76 -7.37
N ILE Q 224 24.88 70.95 -6.87
CA ILE Q 224 24.50 71.34 -5.51
C ILE Q 224 23.12 71.99 -5.58
N SER Q 225 22.13 71.33 -5.01
CA SER Q 225 20.75 71.78 -5.05
C SER Q 225 20.37 72.34 -3.70
N ILE Q 226 20.23 73.67 -3.63
CA ILE Q 226 19.95 74.33 -2.35
C ILE Q 226 18.54 73.95 -1.92
N GLY Q 227 18.44 73.08 -0.94
CA GLY Q 227 17.17 72.76 -0.31
C GLY Q 227 17.04 73.49 1.00
N SER Q 228 15.80 73.64 1.43
CA SER Q 228 15.49 74.13 2.77
C SER Q 228 14.99 72.95 3.58
N CYS Q 229 15.31 72.98 4.87
CA CYS Q 229 15.02 71.85 5.75
C CYS Q 229 15.73 70.58 5.30
N GLY Q 230 17.05 70.62 5.36
CA GLY Q 230 17.85 69.46 5.05
C GLY Q 230 18.05 69.31 3.56
N MET R 1 42.19 54.35 -16.42
CA MET R 1 43.17 53.74 -17.31
C MET R 1 42.55 52.67 -18.17
N TYR R 2 42.69 52.81 -19.48
CA TYR R 2 42.19 51.83 -20.43
C TYR R 2 43.18 50.67 -20.53
N PHE R 3 42.65 49.47 -20.70
CA PHE R 3 43.50 48.30 -20.86
C PHE R 3 42.95 47.47 -22.01
N PHE R 4 43.75 47.31 -23.06
CA PHE R 4 43.36 46.53 -24.22
C PHE R 4 44.28 45.35 -24.39
N SER R 5 43.71 44.24 -24.84
CA SER R 5 44.49 43.07 -25.24
C SER R 5 44.40 42.95 -26.75
N VAL R 6 45.53 42.71 -27.39
CA VAL R 6 45.63 42.75 -28.84
C VAL R 6 45.24 41.39 -29.40
N ASP R 7 44.80 41.37 -30.65
CA ASP R 7 44.41 40.12 -31.26
C ASP R 7 45.64 39.38 -31.77
N PRO R 8 45.73 38.07 -31.52
CA PRO R 8 47.04 37.42 -31.57
C PRO R 8 47.47 36.90 -32.94
N ARG R 9 46.70 37.14 -34.00
CA ARG R 9 47.07 36.74 -35.36
C ARG R 9 47.32 35.23 -35.45
N ASN R 10 46.33 34.45 -35.04
CA ASN R 10 46.35 33.00 -35.14
C ASN R 10 45.49 32.46 -36.26
N GLY R 11 44.61 33.28 -36.83
CA GLY R 11 43.50 32.75 -37.60
C GLY R 11 42.31 32.42 -36.74
N ALA R 12 42.23 33.00 -35.54
CA ALA R 12 41.17 32.70 -34.58
C ALA R 12 40.81 33.95 -33.79
N SER R 13 40.14 33.76 -32.65
CA SER R 13 39.70 34.88 -31.81
C SER R 13 40.87 35.64 -31.18
N SER R 21 31.19 46.70 -33.28
CA SER R 21 30.70 46.47 -34.63
C SER R 21 31.77 46.83 -35.66
N CYS R 22 32.54 47.88 -35.38
CA CYS R 22 33.61 48.29 -36.28
C CYS R 22 34.84 47.43 -36.15
N CYS R 23 35.82 47.80 -36.98
CA CYS R 23 37.15 47.21 -36.95
C CYS R 23 37.93 47.62 -35.71
N CYS R 24 38.12 48.91 -35.50
CA CYS R 24 39.00 49.40 -34.46
C CYS R 24 38.19 49.63 -33.18
N GLU R 25 38.74 49.19 -32.05
CA GLU R 25 38.04 49.27 -30.77
C GLU R 25 37.93 50.72 -30.32
N SER R 26 37.20 50.91 -29.22
CA SER R 26 36.68 52.22 -28.84
C SER R 26 37.31 52.75 -27.57
N ILE R 27 37.48 54.06 -27.53
CA ILE R 27 38.00 54.79 -26.38
C ILE R 27 37.17 56.04 -26.20
N SER R 28 36.48 56.16 -25.07
CA SER R 28 35.71 57.36 -24.81
C SER R 28 36.58 58.39 -24.11
N ALA R 29 36.35 59.66 -24.45
CA ALA R 29 37.22 60.72 -23.97
C ALA R 29 36.39 61.95 -23.68
N ARG R 30 36.85 62.73 -22.70
CA ARG R 30 36.17 63.94 -22.25
C ARG R 30 37.08 65.14 -22.41
N PRO R 31 36.58 66.26 -22.93
CA PRO R 31 37.45 67.41 -23.21
C PRO R 31 38.15 67.95 -21.98
N GLY R 32 39.47 68.01 -22.03
CA GLY R 32 40.28 68.50 -20.93
C GLY R 32 41.04 67.41 -20.20
N GLU R 33 40.58 66.17 -20.29
CA GLU R 33 41.22 65.06 -19.59
C GLU R 33 42.60 64.77 -20.16
N VAL R 34 43.36 64.00 -19.39
CA VAL R 34 44.59 63.36 -19.85
C VAL R 34 44.62 61.99 -19.20
N ASN R 35 44.33 60.96 -19.97
CA ASN R 35 44.15 59.62 -19.42
C ASN R 35 45.37 58.76 -19.75
N GLY R 36 45.32 57.49 -19.39
CA GLY R 36 46.41 56.58 -19.69
C GLY R 36 45.91 55.28 -20.28
N VAL R 37 46.62 54.76 -21.28
CA VAL R 37 46.19 53.57 -22.01
C VAL R 37 47.28 52.52 -21.93
N MET R 38 46.87 51.28 -21.68
CA MET R 38 47.78 50.15 -21.63
C MET R 38 47.34 49.09 -22.64
N VAL R 39 48.28 48.60 -23.44
CA VAL R 39 48.02 47.59 -24.45
C VAL R 39 48.92 46.40 -24.18
N SER R 40 48.34 45.21 -24.10
CA SER R 40 49.06 44.00 -23.72
C SER R 40 49.31 43.15 -24.96
N TYR R 41 50.52 43.25 -25.49
CA TYR R 41 50.90 42.47 -26.66
C TYR R 41 51.28 41.03 -26.33
N ALA R 42 50.98 40.55 -25.12
CA ALA R 42 51.43 39.22 -24.72
C ALA R 42 50.89 38.14 -25.64
N ALA R 43 49.63 38.27 -26.06
CA ALA R 43 49.03 37.21 -26.87
C ALA R 43 49.70 37.05 -28.22
N TRP R 44 50.35 38.10 -28.73
CA TRP R 44 50.96 38.06 -30.05
C TRP R 44 52.46 37.86 -30.00
N SER R 45 53.14 38.50 -29.06
CA SER R 45 54.60 38.53 -29.04
C SER R 45 55.20 37.47 -28.14
N ALA R 46 54.40 36.74 -27.35
CA ALA R 46 54.96 35.70 -26.51
C ALA R 46 55.31 34.46 -27.31
N PRO R 47 54.42 33.92 -28.15
CA PRO R 47 54.84 32.79 -29.00
C PRO R 47 56.06 33.07 -29.84
N LEU R 48 56.22 34.29 -30.34
CA LEU R 48 57.43 34.67 -31.05
C LEU R 48 58.58 34.77 -30.05
N ARG R 49 59.03 33.62 -29.56
CA ARG R 49 60.00 33.62 -28.48
C ARG R 49 61.25 34.38 -28.91
N GLY R 50 61.46 35.55 -28.35
CA GLY R 50 62.55 36.41 -28.74
C GLY R 50 62.88 37.40 -27.65
N HIS R 51 63.18 38.64 -28.04
CA HIS R 51 63.50 39.69 -27.08
C HIS R 51 62.35 40.65 -26.85
N GLY R 52 61.12 40.23 -27.09
CA GLY R 52 59.97 41.02 -26.72
C GLY R 52 59.83 42.28 -27.56
N LEU R 53 59.18 43.28 -26.97
CA LEU R 53 58.88 44.51 -27.67
C LEU R 53 60.11 45.41 -27.71
N THR R 54 60.06 46.43 -28.56
CA THR R 54 61.08 47.47 -28.58
C THR R 54 60.40 48.83 -28.58
N ASN R 55 61.18 49.87 -28.29
CA ASN R 55 60.66 51.24 -28.23
C ASN R 55 60.69 51.88 -29.61
N LYS R 56 60.03 51.23 -30.56
CA LYS R 56 59.85 51.80 -31.90
C LYS R 56 58.38 51.79 -32.26
N THR R 57 57.54 52.31 -31.38
CA THR R 57 56.13 52.49 -31.66
C THR R 57 55.93 53.78 -32.44
N THR R 58 54.94 53.76 -33.32
CA THR R 58 54.58 54.93 -34.10
C THR R 58 53.07 55.11 -34.03
N PHE R 59 52.64 56.35 -33.82
CA PHE R 59 51.23 56.68 -33.68
C PHE R 59 50.80 57.60 -34.81
N GLU R 60 49.51 57.59 -35.11
CA GLU R 60 48.97 58.52 -36.10
C GLU R 60 47.53 58.82 -35.74
N ILE R 61 47.16 60.09 -35.75
CA ILE R 61 45.81 60.53 -35.45
C ILE R 61 45.17 61.05 -36.72
N ASP R 62 43.96 60.59 -37.01
CA ASP R 62 43.18 61.07 -38.14
C ASP R 62 41.73 61.17 -37.71
N GLY R 63 41.05 62.20 -38.21
CA GLY R 63 39.67 62.44 -37.83
C GLY R 63 38.71 61.73 -38.77
N VAL R 64 37.71 61.08 -38.18
CA VAL R 64 36.61 60.49 -38.93
C VAL R 64 35.35 61.36 -38.85
N SER R 65 35.37 62.40 -38.02
CA SER R 65 34.30 63.36 -37.85
C SER R 65 34.85 64.51 -37.03
N VAL R 66 34.81 65.74 -37.53
CA VAL R 66 35.59 66.83 -36.93
C VAL R 66 34.72 67.98 -36.46
N THR R 67 33.70 68.38 -37.22
CA THR R 67 32.88 69.53 -36.83
C THR R 67 33.76 70.78 -36.71
N PRO R 68 34.14 71.40 -37.82
CA PRO R 68 35.14 72.48 -37.81
C PRO R 68 34.86 73.50 -36.74
N PRO R 69 35.89 74.06 -36.12
CA PRO R 69 35.67 74.99 -35.00
C PRO R 69 35.13 76.32 -35.48
N LYS R 70 34.45 77.00 -34.58
CA LYS R 70 33.89 78.31 -34.89
C LYS R 70 34.88 79.44 -34.66
N VAL R 71 35.53 79.45 -33.51
CA VAL R 71 36.39 80.54 -33.09
C VAL R 71 37.83 80.18 -33.45
N SER R 72 38.55 81.12 -34.03
CA SER R 72 39.94 80.85 -34.38
C SER R 72 40.83 80.95 -33.15
N ASN R 73 42.00 80.31 -33.25
CA ASN R 73 43.01 80.47 -32.23
C ASN R 73 43.90 81.66 -32.58
N ALA R 74 44.85 81.97 -31.71
CA ALA R 74 45.65 83.17 -31.92
C ALA R 74 47.01 83.00 -31.25
N PHE R 75 47.96 83.81 -31.69
CA PHE R 75 49.31 83.79 -31.15
C PHE R 75 49.77 85.21 -30.87
N GLY R 76 50.38 85.41 -29.69
CA GLY R 76 50.94 86.69 -29.33
C GLY R 76 52.38 86.52 -28.87
N ARG R 77 53.03 87.66 -28.64
CA ARG R 77 54.43 87.63 -28.24
C ARG R 77 54.75 88.83 -27.37
N THR R 78 55.60 88.61 -26.38
CA THR R 78 56.00 89.66 -25.45
C THR R 78 57.38 89.33 -24.90
N LYS R 79 58.10 90.35 -24.45
CA LYS R 79 59.37 90.13 -23.79
C LYS R 79 59.15 89.82 -22.32
N VAL R 80 60.22 89.45 -21.62
CA VAL R 80 60.09 89.14 -20.20
C VAL R 80 59.67 90.40 -19.44
N GLY R 81 58.78 90.21 -18.46
CA GLY R 81 58.39 91.24 -17.53
C GLY R 81 57.43 92.28 -18.05
N VAL R 82 57.37 92.51 -19.35
CA VAL R 82 56.50 93.54 -19.89
C VAL R 82 55.10 92.99 -20.07
N VAL R 83 54.11 93.76 -19.63
CA VAL R 83 52.71 93.34 -19.67
C VAL R 83 52.25 93.30 -21.10
N PHE R 84 51.41 92.32 -21.42
CA PHE R 84 50.94 92.09 -22.77
C PHE R 84 49.44 92.33 -22.87
N GLU R 85 49.03 93.04 -23.91
CA GLU R 85 47.63 93.26 -24.24
C GLU R 85 47.29 92.53 -25.52
N GLY R 86 45.99 92.37 -25.74
CA GLY R 86 45.51 91.75 -26.95
C GLY R 86 44.00 91.83 -26.98
N THR R 87 43.44 91.48 -28.13
CA THR R 87 42.00 91.52 -28.32
C THR R 87 41.45 90.12 -28.42
N LEU R 88 40.15 90.00 -28.22
CA LEU R 88 39.50 88.71 -28.25
C LEU R 88 38.21 88.77 -29.05
N SER R 89 38.18 89.63 -30.08
CA SER R 89 36.97 89.82 -30.85
C SER R 89 37.13 89.54 -32.34
N ASP R 90 38.34 89.60 -32.87
CA ASP R 90 38.60 89.23 -34.26
C ASP R 90 38.82 87.74 -34.41
N LEU R 91 38.59 86.99 -33.33
CA LEU R 91 38.80 85.54 -33.31
C LEU R 91 37.48 84.80 -33.42
N PHE R 92 36.38 85.52 -33.64
CA PHE R 92 35.05 84.93 -33.73
C PHE R 92 34.32 85.51 -34.92
N PRO R 93 34.70 85.13 -36.12
CA PRO R 93 33.92 85.55 -37.29
C PRO R 93 32.54 84.92 -37.21
N ASN R 94 31.53 85.72 -36.95
CA ASN R 94 30.20 85.16 -36.79
C ASN R 94 29.41 85.25 -38.10
N PRO R 95 28.68 84.19 -38.46
CA PRO R 95 27.81 84.28 -39.64
C PRO R 95 26.62 85.18 -39.38
N GLU R 96 25.96 84.94 -38.26
CA GLU R 96 24.68 85.55 -37.92
C GLU R 96 24.83 86.76 -37.00
N GLY R 97 23.70 87.28 -36.51
CA GLY R 97 23.69 88.35 -35.54
C GLY R 97 23.49 87.87 -34.12
N GLU R 98 24.46 88.15 -33.24
CA GLU R 98 24.36 87.78 -31.84
C GLU R 98 25.45 88.51 -31.08
N GLN R 99 25.38 88.41 -29.76
CA GLN R 99 26.34 89.03 -28.85
C GLN R 99 27.38 88.02 -28.39
N VAL R 100 28.48 88.55 -27.86
CA VAL R 100 29.70 87.80 -27.62
C VAL R 100 30.07 87.79 -26.14
N GLU R 101 29.63 86.75 -25.43
CA GLU R 101 29.93 86.61 -24.01
C GLU R 101 31.32 86.03 -23.80
N TYR R 102 32.35 86.86 -23.99
CA TYR R 102 33.73 86.46 -23.76
C TYR R 102 33.90 85.88 -22.36
N GLU R 103 34.61 84.75 -22.26
CA GLU R 103 34.77 84.07 -20.98
C GLU R 103 36.12 83.37 -20.91
N ILE R 104 36.76 83.45 -19.75
CA ILE R 104 38.01 82.75 -19.49
C ILE R 104 37.74 81.77 -18.36
N SER R 105 37.66 80.48 -18.69
CA SER R 105 37.38 79.46 -17.69
C SER R 105 38.53 79.36 -16.71
N GLU R 106 38.21 79.29 -15.42
CA GLU R 106 39.25 79.14 -14.40
C GLU R 106 39.89 77.76 -14.40
N LEU R 107 39.25 76.76 -14.97
CA LEU R 107 39.86 75.44 -15.02
C LEU R 107 41.02 75.41 -16.00
N ASN R 108 40.94 76.21 -17.06
CA ASN R 108 41.92 76.22 -18.12
C ASN R 108 42.55 77.59 -18.29
N GLY R 109 42.83 78.27 -17.17
CA GLY R 109 43.47 79.57 -17.23
C GLY R 109 44.93 79.44 -17.58
N PRO R 110 45.67 80.53 -17.48
CA PRO R 110 47.09 80.48 -17.77
C PRO R 110 47.87 79.73 -16.71
N SER R 111 49.17 79.56 -16.90
CA SER R 111 49.98 78.78 -15.99
C SER R 111 51.06 79.57 -15.28
N ASN R 112 51.60 80.60 -15.92
CA ASN R 112 52.64 81.42 -15.31
C ASN R 112 52.33 82.90 -15.45
N GLY R 113 51.05 83.26 -15.46
CA GLY R 113 50.63 84.64 -15.59
C GLY R 113 49.28 84.86 -14.94
N VAL R 114 48.61 85.95 -15.32
CA VAL R 114 47.26 86.26 -14.90
C VAL R 114 46.60 87.02 -16.03
N VAL R 115 45.29 86.81 -16.21
CA VAL R 115 44.54 87.52 -17.25
C VAL R 115 43.31 88.17 -16.62
N GLU R 116 43.13 89.47 -16.88
CA GLU R 116 41.95 90.21 -16.40
C GLU R 116 41.09 90.45 -17.62
N LEU R 117 40.05 89.64 -17.80
CA LEU R 117 39.17 89.86 -18.94
C LEU R 117 38.43 91.18 -18.79
N GLY R 118 38.49 92.01 -19.82
CA GLY R 118 37.85 93.31 -19.81
C GLY R 118 36.36 93.19 -20.05
N ALA R 119 35.74 94.34 -20.30
CA ALA R 119 34.31 94.35 -20.56
C ALA R 119 34.01 93.94 -21.99
N ASN R 120 34.86 94.32 -22.94
CA ASN R 120 34.64 94.03 -24.35
C ASN R 120 35.87 93.37 -24.94
N GLY R 121 35.87 92.05 -25.00
CA GLY R 121 36.87 91.27 -25.72
C GLY R 121 38.32 91.69 -25.55
N ALA R 122 38.64 92.30 -24.42
CA ALA R 122 39.99 92.75 -24.14
C ALA R 122 40.50 92.05 -22.89
N PHE R 123 41.82 91.90 -22.81
CA PHE R 123 42.40 91.14 -21.71
C PHE R 123 43.86 91.52 -21.58
N THR R 124 44.35 91.48 -20.34
CA THR R 124 45.74 91.81 -20.03
C THR R 124 46.40 90.60 -19.41
N TYR R 125 47.47 90.14 -20.04
CA TYR R 125 48.23 89.00 -19.54
C TYR R 125 49.53 89.54 -18.97
N THR R 126 49.58 89.67 -17.64
CA THR R 126 50.80 90.09 -16.97
C THR R 126 51.63 88.85 -16.67
N PRO R 127 52.72 88.63 -17.40
CA PRO R 127 53.50 87.41 -17.18
C PRO R 127 54.11 87.38 -15.80
N GLY R 128 54.20 86.17 -15.24
CA GLY R 128 54.82 86.03 -13.94
C GLY R 128 56.25 86.50 -13.94
N ALA R 129 56.60 87.27 -12.91
CA ALA R 129 57.93 87.86 -12.82
C ALA R 129 59.00 86.78 -12.80
N LEU R 130 60.11 87.07 -13.47
CA LEU R 130 61.23 86.14 -13.60
C LEU R 130 60.77 84.82 -14.23
N PHE R 131 60.28 84.93 -15.46
CA PHE R 131 59.83 83.75 -16.20
C PHE R 131 59.88 84.06 -17.69
N THR R 132 60.39 83.11 -18.46
CA THR R 132 60.44 83.28 -19.92
C THR R 132 60.17 81.92 -20.56
N GLY R 133 59.04 81.79 -21.22
CA GLY R 133 58.71 80.56 -21.90
C GLY R 133 57.49 80.76 -22.77
N VAL R 134 56.63 79.74 -22.82
CA VAL R 134 55.37 79.82 -23.54
C VAL R 134 54.25 79.61 -22.55
N ASP R 135 53.11 80.24 -22.80
CA ASP R 135 51.98 80.14 -21.89
C ASP R 135 50.69 80.19 -22.69
N ARG R 136 49.71 79.40 -22.28
CA ARG R 136 48.44 79.28 -22.96
C ARG R 136 47.29 79.55 -22.00
N PHE R 137 46.15 79.88 -22.57
CA PHE R 137 44.89 79.88 -21.84
C PHE R 137 43.77 79.72 -22.85
N TRP R 138 42.66 79.15 -22.37
CA TRP R 138 41.56 78.76 -23.24
C TRP R 138 40.35 79.63 -22.95
N PHE R 139 40.00 80.46 -23.92
CA PHE R 139 38.82 81.32 -23.84
C PHE R 139 37.63 80.61 -24.45
N SER R 140 36.44 81.15 -24.16
CA SER R 140 35.19 80.59 -24.68
C SER R 140 34.29 81.73 -25.14
N ILE R 141 34.40 82.10 -26.41
CA ILE R 141 33.57 83.15 -26.98
C ILE R 141 32.22 82.54 -27.32
N ASN R 142 31.26 82.70 -26.41
CA ASN R 142 29.88 82.29 -26.64
C ASN R 142 29.79 80.78 -26.84
N GLY R 143 30.28 80.04 -25.85
CA GLY R 143 30.19 78.60 -25.87
C GLY R 143 31.30 77.92 -26.64
N ASN R 144 31.75 78.54 -27.72
CA ASN R 144 32.79 77.94 -28.56
C ASN R 144 34.16 78.26 -27.99
N ILE R 145 35.02 77.24 -27.88
CA ILE R 145 36.28 77.34 -27.17
C ILE R 145 37.43 77.34 -28.17
N GLY R 146 38.43 78.17 -27.89
CA GLY R 146 39.67 78.19 -28.63
C GLY R 146 40.78 78.50 -27.63
N GLU R 147 42.01 78.55 -28.13
CA GLU R 147 43.15 78.82 -27.26
C GLU R 147 43.93 80.01 -27.76
N TYR R 148 44.53 80.74 -26.81
CA TYR R 148 45.41 81.85 -27.09
C TYR R 148 46.80 81.49 -26.56
N VAL R 149 47.81 81.57 -27.41
CA VAL R 149 49.16 81.17 -27.07
C VAL R 149 50.04 82.41 -27.02
N ILE R 150 50.71 82.62 -25.90
CA ILE R 150 51.63 83.73 -25.72
C ILE R 150 53.01 83.15 -25.38
N SER R 151 54.04 83.74 -25.99
CA SER R 151 55.43 83.34 -25.75
C SER R 151 56.18 84.54 -25.20
N VAL R 152 56.77 84.38 -24.02
CA VAL R 152 57.50 85.45 -23.36
C VAL R 152 59.00 85.21 -23.55
N ASP R 153 59.68 86.22 -24.07
CA ASP R 153 61.07 86.15 -24.50
C ASP R 153 62.01 86.59 -23.38
N PRO R 154 63.25 86.11 -23.36
CA PRO R 154 64.16 86.47 -22.27
C PRO R 154 64.92 87.75 -22.56
N THR R 155 64.20 88.70 -23.15
CA THR R 155 64.61 90.08 -23.42
C THR R 155 65.66 90.19 -24.52
N THR R 156 66.27 89.09 -24.94
CA THR R 156 67.31 89.29 -25.94
C THR R 156 66.76 89.32 -27.37
N SER R 157 66.46 88.15 -27.94
CA SER R 157 66.08 88.16 -29.36
C SER R 157 64.59 88.11 -29.65
N GLU R 158 64.04 86.89 -29.66
CA GLU R 158 62.66 86.57 -30.04
C GLU R 158 62.46 85.06 -29.88
N LEU R 159 61.34 84.62 -29.31
CA LEU R 159 61.12 83.17 -29.24
C LEU R 159 60.42 82.64 -30.49
N PRO R 160 60.63 81.36 -30.82
CA PRO R 160 59.90 80.73 -31.93
C PRO R 160 58.44 80.47 -31.59
N GLN R 161 57.73 79.73 -32.44
CA GLN R 161 56.27 79.71 -32.42
C GLN R 161 55.76 78.28 -32.30
N PRO R 162 55.09 77.96 -31.20
CA PRO R 162 54.69 76.57 -30.91
C PRO R 162 53.48 76.15 -31.73
N PRO R 163 53.26 74.84 -31.89
CA PRO R 163 52.36 74.34 -32.94
C PRO R 163 50.86 74.23 -32.62
N PHE R 164 50.33 74.97 -31.65
CA PHE R 164 48.87 75.05 -31.51
C PHE R 164 48.18 73.70 -31.27
N THR R 165 48.31 73.17 -30.06
CA THR R 165 47.82 71.84 -29.70
C THR R 165 46.51 71.44 -30.37
N THR R 166 46.47 70.21 -30.85
CA THR R 166 45.35 69.64 -31.58
C THR R 166 44.29 69.12 -30.62
N PRO R 167 43.08 68.80 -31.12
CA PRO R 167 42.03 68.29 -30.22
C PRO R 167 42.42 67.05 -29.46
N VAL R 168 42.86 66.01 -30.16
CA VAL R 168 43.35 64.79 -29.53
C VAL R 168 44.80 64.60 -29.92
N TYR R 169 45.64 64.26 -28.94
CA TYR R 169 47.06 64.13 -29.18
C TYR R 169 47.61 63.02 -28.31
N VAL R 170 48.82 62.58 -28.65
CA VAL R 170 49.55 61.59 -27.88
C VAL R 170 50.90 62.20 -27.51
N PRO R 171 51.11 62.56 -26.25
CA PRO R 171 52.32 63.27 -25.85
C PRO R 171 53.60 62.74 -26.45
N ALA R 172 54.48 63.67 -26.86
CA ALA R 172 55.70 63.38 -27.59
C ALA R 172 56.48 62.21 -27.02
N ALA R 173 56.86 62.27 -25.75
CA ALA R 173 57.63 61.17 -25.19
C ALA R 173 57.18 60.86 -23.77
N ARG R 174 56.15 60.03 -23.65
CA ARG R 174 55.67 59.50 -22.39
C ARG R 174 55.26 58.05 -22.56
N ARG R 175 55.78 57.42 -23.60
CA ARG R 175 55.43 56.08 -24.01
C ARG R 175 56.50 55.12 -23.52
N SER R 176 56.11 53.90 -23.22
CA SER R 176 57.13 52.94 -22.84
C SER R 176 56.60 51.53 -23.00
N VAL R 177 57.52 50.59 -22.96
CA VAL R 177 57.24 49.17 -23.17
C VAL R 177 58.11 48.39 -22.22
N ASP R 178 57.50 47.44 -21.50
CA ASP R 178 58.25 46.55 -20.63
C ASP R 178 58.43 45.23 -21.35
N PRO R 179 59.60 44.92 -21.91
CA PRO R 179 59.75 43.67 -22.66
C PRO R 179 59.57 42.43 -21.82
N ARG R 180 59.48 42.59 -20.51
CA ARG R 180 59.36 41.52 -19.53
C ARG R 180 57.94 40.98 -19.43
N THR R 181 56.93 41.76 -19.81
CA THR R 181 55.55 41.31 -19.78
C THR R 181 54.78 41.75 -21.02
N HIS R 182 55.43 42.33 -22.00
CA HIS R 182 54.81 42.68 -23.28
C HIS R 182 53.62 43.63 -23.09
N VAL R 183 53.91 44.80 -22.54
CA VAL R 183 52.86 45.79 -22.28
C VAL R 183 53.36 47.14 -22.72
N LEU R 184 52.56 47.81 -23.54
CA LEU R 184 52.86 49.16 -24.02
C LEU R 184 52.01 50.16 -23.26
N LYS R 185 52.65 51.21 -22.77
CA LYS R 185 51.97 52.29 -22.06
C LYS R 185 52.11 53.58 -22.85
N PHE R 186 51.02 54.31 -22.99
CA PHE R 186 51.08 55.63 -23.58
C PHE R 186 49.97 56.49 -23.02
N VAL R 187 50.12 57.77 -23.16
CA VAL R 187 49.18 58.74 -22.61
C VAL R 187 48.33 59.29 -23.75
N LEU R 188 47.06 59.57 -23.46
CA LEU R 188 46.14 60.11 -24.45
C LEU R 188 45.48 61.34 -23.87
N GLY R 189 45.78 62.50 -24.43
CA GLY R 189 45.27 63.76 -23.92
C GLY R 189 44.28 64.38 -24.88
N VAL R 190 43.24 64.99 -24.34
CA VAL R 190 42.18 65.62 -25.10
C VAL R 190 42.18 67.12 -24.78
N SER R 191 42.27 67.94 -25.81
CA SER R 191 42.29 69.38 -25.60
C SER R 191 40.94 69.84 -25.10
N PRO R 192 40.87 70.98 -24.42
CA PRO R 192 39.57 71.51 -23.99
C PRO R 192 38.70 72.00 -25.13
N ALA R 193 39.24 72.11 -26.34
CA ALA R 193 38.49 72.59 -27.48
C ALA R 193 37.91 71.48 -28.33
N ALA R 194 38.09 70.23 -27.93
CA ALA R 194 37.49 69.12 -28.66
C ALA R 194 35.97 69.20 -28.55
N ILE R 195 35.29 69.05 -29.67
CA ILE R 195 33.84 69.22 -29.69
C ILE R 195 33.17 67.87 -29.43
N PRO R 196 32.24 67.79 -28.49
CA PRO R 196 31.62 66.51 -28.18
C PRO R 196 30.89 65.93 -29.39
N GLY R 197 30.96 64.62 -29.53
CA GLY R 197 30.37 63.93 -30.65
C GLY R 197 31.32 63.57 -31.76
N ASP R 198 32.49 64.18 -31.81
CA ASP R 198 33.46 63.87 -32.84
C ASP R 198 34.07 62.49 -32.61
N VAL R 199 34.72 61.98 -33.66
CA VAL R 199 35.40 60.69 -33.61
C VAL R 199 36.76 60.85 -34.27
N TYR R 200 37.80 60.39 -33.61
CA TYR R 200 39.14 60.35 -34.18
C TYR R 200 39.62 58.90 -34.19
N ARG R 201 40.66 58.65 -34.98
CA ARG R 201 41.19 57.31 -35.13
C ARG R 201 42.68 57.31 -34.86
N LEU R 202 43.12 56.45 -33.96
CA LEU R 202 44.53 56.33 -33.60
C LEU R 202 45.03 54.99 -34.10
N THR R 203 46.11 55.01 -34.88
CA THR R 203 46.75 53.81 -35.40
C THR R 203 48.10 53.62 -34.73
N VAL R 204 48.35 52.42 -34.23
CA VAL R 204 49.55 52.09 -33.48
C VAL R 204 50.31 51.02 -34.24
N ARG R 205 51.58 51.28 -34.54
CA ARG R 205 52.43 50.33 -35.22
C ARG R 205 53.56 49.94 -34.29
N GLN R 206 53.50 48.72 -33.76
CA GLN R 206 54.43 48.25 -32.75
C GLN R 206 55.27 47.13 -33.32
N VAL R 207 56.57 47.16 -33.04
CA VAL R 207 57.51 46.16 -33.55
C VAL R 207 57.96 45.29 -32.39
N ALA R 208 57.87 43.99 -32.58
CA ALA R 208 58.57 43.05 -31.73
C ALA R 208 59.94 42.82 -32.34
N ILE R 209 60.68 41.86 -31.82
CA ILE R 209 62.03 41.63 -32.31
C ILE R 209 62.38 40.17 -32.07
N ASP R 210 63.03 39.56 -33.04
CA ASP R 210 63.45 38.18 -32.87
C ASP R 210 64.86 38.13 -32.32
N CYS R 211 65.29 36.93 -31.95
CA CYS R 211 66.37 36.82 -31.00
C CYS R 211 67.71 37.19 -31.66
N ASP R 212 67.73 37.28 -33.00
CA ASP R 212 68.82 37.88 -33.76
C ASP R 212 68.63 39.36 -34.08
N GLY R 213 67.52 39.96 -33.66
CA GLY R 213 67.32 41.37 -33.88
C GLY R 213 66.53 41.78 -35.10
N ASN R 214 65.88 40.84 -35.78
CA ASN R 214 65.02 41.19 -36.91
C ASN R 214 63.66 41.65 -36.38
N GLU R 215 62.68 41.86 -37.25
CA GLU R 215 61.53 42.66 -36.85
C GLU R 215 60.24 41.92 -37.12
N PHE R 216 59.27 42.16 -36.25
CA PHE R 216 57.91 41.68 -36.41
C PHE R 216 56.98 42.84 -36.16
N VAL R 217 56.27 43.29 -37.18
CA VAL R 217 55.42 44.47 -37.07
C VAL R 217 54.00 44.06 -36.77
N HIS R 218 53.27 44.93 -36.09
CA HIS R 218 51.89 44.71 -35.69
C HIS R 218 51.15 46.03 -35.74
N ILE R 219 49.98 46.05 -36.36
CA ILE R 219 49.22 47.29 -36.54
C ILE R 219 47.80 47.09 -36.02
N SER R 220 47.29 48.09 -35.30
CA SER R 220 45.92 48.11 -34.83
C SER R 220 45.45 49.55 -34.76
N CYS R 221 44.14 49.74 -34.57
CA CYS R 221 43.61 51.09 -34.44
C CYS R 221 42.71 51.18 -33.22
N TYR R 222 42.43 52.42 -32.83
CA TYR R 222 41.45 52.70 -31.79
C TYR R 222 40.64 53.92 -32.20
N ASP R 223 39.34 53.88 -31.91
CA ASP R 223 38.41 54.93 -32.29
C ASP R 223 38.09 55.76 -31.07
N ILE R 224 38.66 56.96 -31.01
CA ILE R 224 38.48 57.86 -29.88
C ILE R 224 37.27 58.73 -30.16
N SER R 225 36.21 58.55 -29.39
CA SER R 225 34.96 59.26 -29.59
C SER R 225 34.81 60.31 -28.51
N ILE R 226 34.96 61.58 -28.90
CA ILE R 226 34.93 62.67 -27.93
C ILE R 226 33.51 62.80 -27.39
N GLY R 227 33.30 62.34 -26.16
CA GLY R 227 32.06 62.55 -25.47
C GLY R 227 32.19 63.70 -24.48
N SER R 228 31.04 64.26 -24.12
CA SER R 228 30.96 65.22 -23.04
C SER R 228 30.29 64.52 -21.87
N CYS R 229 30.70 64.91 -20.67
CA CYS R 229 30.26 64.25 -19.45
C CYS R 229 30.64 62.77 -19.44
N GLY R 230 31.94 62.53 -19.40
CA GLY R 230 32.46 61.18 -19.29
C GLY R 230 32.50 60.49 -20.64
N MET S 1 51.25 34.65 -34.29
CA MET S 1 52.00 33.58 -34.91
C MET S 1 51.10 32.45 -35.35
N TYR S 2 51.16 32.11 -36.63
CA TYR S 2 50.40 31.00 -37.18
C TYR S 2 51.11 29.70 -36.88
N PHE S 3 50.32 28.65 -36.62
CA PHE S 3 50.89 27.33 -36.38
C PHE S 3 50.09 26.32 -37.17
N PHE S 4 50.75 25.64 -38.10
CA PHE S 4 50.11 24.63 -38.91
C PHE S 4 50.75 23.28 -38.67
N SER S 5 49.92 22.23 -38.70
CA SER S 5 50.40 20.86 -38.68
C SER S 5 50.17 20.26 -40.06
N VAL S 6 51.17 19.58 -40.57
CA VAL S 6 51.16 19.10 -41.95
C VAL S 6 50.44 17.76 -42.01
N ASP S 7 49.91 17.43 -43.18
CA ASP S 7 49.21 16.16 -43.32
C ASP S 7 50.21 15.04 -43.53
N PRO S 8 50.05 13.90 -42.85
CA PRO S 8 51.18 12.99 -42.67
C PRO S 8 51.38 11.96 -43.79
N ARG S 9 50.59 12.00 -44.87
CA ARG S 9 50.76 11.09 -46.01
C ARG S 9 50.69 9.63 -45.57
N ASN S 10 49.58 9.28 -44.91
CA ASN S 10 49.29 7.91 -44.50
C ASN S 10 48.24 7.23 -45.36
N GLY S 11 47.52 7.99 -46.18
CA GLY S 11 46.26 7.50 -46.71
C GLY S 11 45.10 7.76 -45.78
N ALA S 12 45.25 8.70 -44.86
CA ALA S 12 44.23 8.99 -43.86
C ALA S 12 44.20 10.49 -43.54
N SER S 13 43.60 10.84 -42.42
CA SER S 13 43.48 12.24 -42.02
C SER S 13 44.82 12.89 -41.67
N SER S 21 37.57 24.48 -47.45
CA SER S 21 36.93 23.93 -48.63
C SER S 21 37.97 23.67 -49.73
N CYS S 22 38.96 24.55 -49.82
CA CYS S 22 40.01 24.39 -50.81
C CYS S 22 41.05 23.36 -50.41
N CYS S 23 42.01 23.20 -51.31
CA CYS S 23 43.18 22.37 -51.08
C CYS S 23 44.12 22.98 -50.06
N CYS S 24 44.60 24.19 -50.31
CA CYS S 24 45.64 24.80 -49.50
C CYS S 24 45.00 25.61 -48.38
N GLU S 25 45.54 25.46 -47.17
CA GLU S 25 44.98 26.12 -45.99
C GLU S 25 45.21 27.63 -46.07
N SER S 26 44.64 28.35 -45.11
CA SER S 26 44.43 29.78 -45.20
C SER S 26 45.26 30.55 -44.19
N ILE S 27 45.70 31.73 -44.60
CA ILE S 27 46.46 32.66 -43.78
C ILE S 27 45.92 34.06 -44.04
N SER S 28 45.37 34.69 -43.02
CA SER S 28 44.89 36.05 -43.18
C SER S 28 46.02 37.04 -42.89
N ALA S 29 46.04 38.13 -43.64
CA ALA S 29 47.14 39.07 -43.57
C ALA S 29 46.62 40.49 -43.72
N ARG S 30 47.31 41.42 -43.07
CA ARG S 30 46.94 42.82 -43.06
C ARG S 30 48.07 43.67 -43.63
N PRO S 31 47.77 44.63 -44.50
CA PRO S 31 48.84 45.38 -45.16
C PRO S 31 49.74 46.14 -44.20
N GLY S 32 51.03 45.88 -44.28
CA GLY S 32 52.01 46.51 -43.41
C GLY S 32 52.58 45.59 -42.35
N GLU S 33 51.87 44.53 -42.00
CA GLU S 33 52.31 43.62 -40.97
C GLU S 33 53.54 42.84 -41.40
N VAL S 34 54.19 42.21 -40.42
CA VAL S 34 55.22 41.21 -40.63
C VAL S 34 55.00 40.17 -39.54
N ASN S 35 54.44 39.03 -39.90
CA ASN S 35 54.03 38.03 -38.94
C ASN S 35 55.00 36.85 -38.95
N GLY S 36 54.72 35.82 -38.17
CA GLY S 36 55.57 34.65 -38.14
C GLY S 36 54.76 33.37 -38.25
N VAL S 37 55.26 32.40 -39.00
CA VAL S 37 54.54 31.16 -39.29
C VAL S 37 55.38 29.98 -38.84
N MET S 38 54.74 29.02 -38.18
CA MET S 38 55.39 27.80 -37.75
C MET S 38 54.66 26.59 -38.33
N VAL S 39 55.41 25.67 -38.91
CA VAL S 39 54.86 24.47 -39.51
C VAL S 39 55.50 23.26 -38.84
N SER S 40 54.69 22.33 -38.36
CA SER S 40 55.17 21.19 -37.59
C SER S 40 55.13 19.95 -38.46
N TYR S 41 56.29 19.57 -38.99
CA TYR S 41 56.40 18.38 -39.82
C TYR S 41 56.49 17.10 -39.01
N ALA S 42 56.20 17.13 -37.72
CA ALA S 42 56.40 15.95 -36.89
C ALA S 42 55.56 14.78 -37.36
N ALA S 43 54.33 15.03 -37.81
CA ALA S 43 53.45 13.93 -38.20
C ALA S 43 53.96 13.18 -39.41
N TRP S 44 54.77 13.82 -40.25
CA TRP S 44 55.26 13.21 -41.48
C TRP S 44 56.68 12.70 -41.37
N SER S 45 57.55 13.45 -40.71
CA SER S 45 58.98 13.15 -40.70
C SER S 45 59.42 12.34 -39.49
N ALA S 46 58.54 12.13 -38.50
CA ALA S 46 58.94 11.33 -37.36
C ALA S 46 58.95 9.84 -37.68
N PRO S 47 57.91 9.26 -38.28
CA PRO S 47 58.01 7.86 -38.68
C PRO S 47 59.19 7.56 -39.58
N LEU S 48 59.56 8.47 -40.46
CA LEU S 48 60.77 8.31 -41.26
C LEU S 48 61.99 8.48 -40.38
N ARG S 49 62.22 7.49 -39.51
CA ARG S 49 63.26 7.64 -38.50
C ARG S 49 64.60 7.89 -39.18
N GLY S 50 65.09 9.11 -39.05
CA GLY S 50 66.31 9.51 -39.71
C GLY S 50 66.93 10.72 -39.04
N HIS S 51 67.45 11.66 -39.83
CA HIS S 51 68.06 12.86 -39.29
C HIS S 51 67.16 14.08 -39.41
N GLY S 52 65.84 13.88 -39.47
CA GLY S 52 64.93 14.99 -39.40
C GLY S 52 64.99 15.89 -40.63
N LEU S 53 64.62 17.15 -40.42
CA LEU S 53 64.53 18.11 -41.50
C LEU S 53 65.91 18.65 -41.84
N THR S 54 66.01 19.30 -43.00
CA THR S 54 67.22 20.02 -43.38
C THR S 54 66.85 21.41 -43.85
N ASN S 55 67.85 22.29 -43.94
CA ASN S 55 67.64 23.67 -44.35
C ASN S 55 67.69 23.79 -45.87
N LYS S 56 66.83 23.02 -46.54
CA LYS S 56 66.67 23.14 -47.97
C LYS S 56 65.21 23.34 -48.32
N THR S 57 64.57 24.30 -47.67
CA THR S 57 63.21 24.69 -47.99
C THR S 57 63.22 25.66 -49.16
N THR S 58 62.18 25.57 -49.98
CA THR S 58 62.02 26.45 -51.12
C THR S 58 60.59 26.98 -51.11
N PHE S 59 60.45 28.28 -51.35
CA PHE S 59 59.16 28.96 -51.32
C PHE S 59 58.84 29.51 -52.70
N GLU S 60 57.56 29.69 -52.97
CA GLU S 60 57.15 30.33 -54.22
C GLU S 60 55.84 31.05 -53.98
N ILE S 61 55.74 32.30 -54.43
CA ILE S 61 54.55 33.10 -54.29
C ILE S 61 53.94 33.28 -55.67
N ASP S 62 52.64 33.06 -55.77
CA ASP S 62 51.88 33.28 -56.99
C ASP S 62 50.53 33.85 -56.63
N GLY S 63 50.04 34.78 -57.44
CA GLY S 63 48.78 35.43 -57.18
C GLY S 63 47.62 34.69 -57.81
N VAL S 64 46.55 34.52 -57.03
CA VAL S 64 45.29 33.98 -57.53
C VAL S 64 44.26 35.07 -57.74
N SER S 65 44.57 36.30 -57.32
CA SER S 65 43.73 37.48 -57.49
C SER S 65 44.59 38.69 -57.12
N VAL S 66 44.77 39.66 -58.03
CA VAL S 66 45.80 40.67 -57.83
C VAL S 66 45.23 42.09 -57.78
N THR S 67 44.27 42.42 -58.63
CA THR S 67 43.74 43.79 -58.67
C THR S 67 44.87 44.77 -58.99
N PRO S 68 45.28 44.88 -60.24
CA PRO S 68 46.49 45.64 -60.60
C PRO S 68 46.52 47.01 -59.96
N PRO S 69 47.69 47.49 -59.57
CA PRO S 69 47.76 48.75 -58.84
C PRO S 69 47.48 49.93 -59.75
N LYS S 70 47.03 51.02 -59.14
CA LYS S 70 46.73 52.24 -59.87
C LYS S 70 47.96 53.13 -60.05
N VAL S 71 48.68 53.38 -58.98
CA VAL S 71 49.79 54.32 -58.97
C VAL S 71 51.08 53.54 -59.18
N SER S 72 51.94 54.05 -60.05
CA SER S 72 53.20 53.37 -60.29
C SER S 72 54.20 53.67 -59.18
N ASN S 73 55.19 52.79 -59.05
CA ASN S 73 56.29 53.05 -58.14
C ASN S 73 57.38 53.82 -58.89
N ALA S 74 58.43 54.18 -58.19
CA ALA S 74 59.45 55.03 -58.79
C ALA S 74 60.79 54.78 -58.11
N PHE S 75 61.86 55.17 -58.81
CA PHE S 75 63.21 55.03 -58.30
C PHE S 75 63.98 56.31 -58.53
N GLY S 76 64.71 56.76 -57.50
CA GLY S 76 65.56 57.92 -57.60
C GLY S 76 66.96 57.59 -57.11
N ARG S 77 67.85 58.56 -57.29
CA ARG S 77 69.25 58.36 -56.91
C ARG S 77 69.88 59.67 -56.51
N THR S 78 70.74 59.61 -55.50
CA THR S 78 71.43 60.79 -54.99
C THR S 78 72.74 60.36 -54.36
N LYS S 79 73.70 61.29 -54.30
CA LYS S 79 74.94 61.01 -53.61
C LYS S 79 74.78 61.28 -52.11
N VAL S 80 75.81 60.94 -51.34
CA VAL S 80 75.72 61.17 -49.90
C VAL S 80 75.64 62.66 -49.62
N GLY S 81 74.82 63.02 -48.64
CA GLY S 81 74.73 64.37 -48.12
C GLY S 81 73.97 65.36 -48.96
N VAL S 82 73.86 65.13 -50.26
CA VAL S 82 73.18 66.09 -51.13
C VAL S 82 71.68 65.85 -51.09
N VAL S 83 70.92 66.93 -50.94
CA VAL S 83 69.46 66.85 -50.83
C VAL S 83 68.89 66.42 -52.16
N PHE S 84 67.84 65.62 -52.12
CA PHE S 84 67.23 65.06 -53.31
C PHE S 84 65.81 65.59 -53.48
N GLU S 85 65.47 65.97 -54.70
CA GLU S 85 64.13 66.39 -55.08
C GLU S 85 63.54 65.37 -56.03
N GLY S 86 62.23 65.44 -56.18
CA GLY S 86 61.53 64.57 -57.10
C GLY S 86 60.07 64.98 -57.16
N THR S 87 59.36 64.40 -58.11
CA THR S 87 57.95 64.70 -58.30
C THR S 87 57.11 63.50 -57.90
N LEU S 88 55.83 63.76 -57.66
CA LEU S 88 54.92 62.71 -57.24
C LEU S 88 53.62 62.79 -58.02
N SER S 89 53.68 63.24 -59.28
CA SER S 89 52.48 63.43 -60.07
C SER S 89 52.47 62.63 -61.37
N ASP S 90 53.62 62.23 -61.90
CA ASP S 90 53.68 61.38 -63.07
C ASP S 90 53.57 59.91 -62.69
N LEU S 91 53.27 59.64 -61.42
CA LEU S 91 53.17 58.27 -60.91
C LEU S 91 51.71 57.86 -60.75
N PHE S 92 50.78 58.69 -61.19
CA PHE S 92 49.35 58.42 -61.07
C PHE S 92 48.67 58.72 -62.39
N PRO S 93 48.86 57.87 -63.39
CA PRO S 93 48.10 58.06 -64.62
C PRO S 93 46.63 57.81 -64.33
N ASN S 94 45.83 58.86 -64.36
CA ASN S 94 44.43 58.70 -64.01
C ASN S 94 43.58 58.51 -65.28
N PRO S 95 42.61 57.60 -65.25
CA PRO S 95 41.69 57.48 -66.38
C PRO S 95 40.74 58.66 -66.45
N GLU S 96 40.14 58.96 -65.30
CA GLU S 96 39.04 59.93 -65.19
C GLU S 96 39.52 61.31 -64.75
N GLY S 97 38.57 62.20 -64.48
CA GLY S 97 38.87 63.50 -63.93
C GLY S 97 38.68 63.59 -62.42
N GLU S 98 39.75 63.92 -61.70
CA GLU S 98 39.69 64.07 -60.26
C GLU S 98 40.98 64.76 -59.81
N GLN S 99 40.99 65.11 -58.53
CA GLN S 99 42.13 65.77 -57.89
C GLN S 99 42.96 64.77 -57.11
N VAL S 100 44.19 65.19 -56.80
CA VAL S 100 45.25 64.30 -56.33
C VAL S 100 45.71 64.70 -54.93
N GLU S 101 45.13 64.10 -53.91
CA GLU S 101 45.50 64.37 -52.52
C GLU S 101 46.76 63.61 -52.13
N TYR S 102 47.91 64.07 -52.59
CA TYR S 102 49.18 63.46 -52.24
C TYR S 102 49.35 63.37 -50.73
N GLU S 103 49.81 62.21 -50.25
CA GLU S 103 49.93 61.98 -48.82
C GLU S 103 51.10 61.06 -48.52
N ILE S 104 51.84 61.38 -47.46
CA ILE S 104 52.92 60.54 -46.97
C ILE S 104 52.55 60.09 -45.57
N SER S 105 52.17 58.82 -45.43
CA SER S 105 51.76 58.28 -44.14
C SER S 105 52.95 58.25 -43.19
N GLU S 106 52.72 58.69 -41.96
CA GLU S 106 53.78 58.67 -40.95
C GLU S 106 54.11 57.27 -40.46
N LEU S 107 53.23 56.29 -40.67
CA LEU S 107 53.54 54.94 -40.26
C LEU S 107 54.59 54.32 -41.17
N ASN S 108 54.59 54.71 -42.44
CA ASN S 108 55.47 54.15 -43.44
C ASN S 108 56.35 55.21 -44.07
N GLY S 109 56.86 56.13 -43.26
CA GLY S 109 57.75 57.16 -43.75
C GLY S 109 59.12 56.59 -44.04
N PRO S 110 60.08 57.47 -44.33
CA PRO S 110 61.43 56.99 -44.60
C PRO S 110 62.12 56.49 -43.34
N SER S 111 63.33 55.98 -43.47
CA SER S 111 64.03 55.37 -42.35
C SER S 111 65.30 56.10 -41.96
N ASN S 112 66.00 56.70 -42.91
CA ASN S 112 67.23 57.42 -42.63
C ASN S 112 67.23 58.81 -43.27
N GLY S 113 66.06 59.41 -43.40
CA GLY S 113 65.93 60.74 -43.99
C GLY S 113 64.71 61.45 -43.46
N VAL S 114 64.27 62.47 -44.19
CA VAL S 114 63.04 63.21 -43.89
C VAL S 114 62.47 63.68 -45.22
N VAL S 115 61.14 63.72 -45.32
CA VAL S 115 60.47 64.18 -46.53
C VAL S 115 59.46 65.27 -46.17
N GLU S 116 59.53 66.41 -46.84
CA GLU S 116 58.59 67.51 -46.65
C GLU S 116 57.69 67.51 -47.88
N LEU S 117 56.50 66.95 -47.77
CA LEU S 117 55.60 66.97 -48.91
C LEU S 117 55.16 68.40 -49.23
N GLY S 118 55.33 68.79 -50.48
CA GLY S 118 54.97 70.13 -50.91
C GLY S 118 53.48 70.28 -51.09
N ALA S 119 53.09 71.38 -51.72
CA ALA S 119 51.68 71.64 -51.97
C ALA S 119 51.18 70.83 -53.17
N ASN S 120 52.02 70.67 -54.19
CA ASN S 120 51.62 69.99 -55.41
C ASN S 120 52.65 68.91 -55.74
N GLY S 121 52.36 67.67 -55.34
CA GLY S 121 53.12 66.50 -55.76
C GLY S 121 54.62 66.60 -55.74
N ALA S 122 55.15 67.48 -54.89
CA ALA S 122 56.59 67.68 -54.78
C ALA S 122 57.04 67.34 -53.37
N PHE S 123 58.29 66.93 -53.25
CA PHE S 123 58.79 66.48 -51.96
C PHE S 123 60.30 66.54 -51.97
N THR S 124 60.88 66.80 -50.80
CA THR S 124 62.32 66.91 -50.63
C THR S 124 62.76 65.85 -49.63
N TYR S 125 63.65 64.97 -50.05
CA TYR S 125 64.19 63.93 -49.20
C TYR S 125 65.62 64.33 -48.85
N THR S 126 65.81 64.88 -47.66
CA THR S 126 67.13 65.21 -47.17
C THR S 126 67.71 63.99 -46.47
N PRO S 127 68.66 63.30 -47.08
CA PRO S 127 69.18 62.07 -46.46
C PRO S 127 69.88 62.38 -45.14
N GLY S 128 69.76 61.44 -44.20
CA GLY S 128 70.43 61.60 -42.93
C GLY S 128 71.93 61.71 -43.10
N ALA S 129 72.52 62.69 -42.40
CA ALA S 129 73.94 62.96 -42.52
C ALA S 129 74.76 61.73 -42.14
N LEU S 130 75.85 61.52 -42.87
CA LEU S 130 76.73 60.37 -42.67
C LEU S 130 75.96 59.07 -42.81
N PHE S 131 75.40 58.85 -44.00
CA PHE S 131 74.65 57.64 -44.29
C PHE S 131 74.64 57.41 -45.79
N THR S 132 74.88 56.16 -46.19
CA THR S 132 74.84 55.82 -47.61
C THR S 132 74.26 54.42 -47.74
N GLY S 133 73.07 54.34 -48.32
CA GLY S 133 72.43 53.05 -48.52
C GLY S 133 71.21 53.22 -49.41
N VAL S 134 70.16 52.47 -49.11
CA VAL S 134 68.89 52.57 -49.81
C VAL S 134 67.83 52.96 -48.80
N ASP S 135 66.84 53.72 -49.25
CA ASP S 135 65.79 54.20 -48.37
C ASP S 135 64.48 54.26 -49.13
N ARG S 136 63.39 53.90 -48.47
CA ARG S 136 62.07 53.84 -49.06
C ARG S 136 61.09 54.67 -48.25
N PHE S 137 60.00 55.04 -48.89
CA PHE S 137 58.83 55.57 -48.20
C PHE S 137 57.62 55.34 -49.09
N TRP S 138 56.46 55.22 -48.45
CA TRP S 138 55.24 54.82 -49.12
C TRP S 138 54.27 56.00 -49.15
N PHE S 139 54.02 56.52 -50.34
CA PHE S 139 53.06 57.58 -50.56
C PHE S 139 51.70 57.01 -50.89
N SER S 140 50.68 57.86 -50.79
CA SER S 140 49.30 57.46 -51.09
C SER S 140 48.64 58.55 -51.91
N ILE S 141 48.72 58.44 -53.23
CA ILE S 141 48.08 59.39 -54.12
C ILE S 141 46.61 59.03 -54.22
N ASN S 142 45.79 59.70 -53.43
CA ASN S 142 44.33 59.55 -53.50
C ASN S 142 43.91 58.12 -53.17
N GLY S 143 44.31 57.67 -51.98
CA GLY S 143 43.92 56.37 -51.50
C GLY S 143 44.79 55.23 -51.99
N ASN S 144 45.28 55.33 -53.22
CA ASN S 144 46.09 54.28 -53.80
C ASN S 144 47.54 54.45 -53.38
N ILE S 145 48.17 53.37 -52.93
CA ILE S 145 49.48 53.41 -52.30
C ILE S 145 50.52 52.82 -53.25
N GLY S 146 51.69 53.44 -53.27
CA GLY S 146 52.85 52.93 -53.97
C GLY S 146 54.07 53.29 -53.15
N GLU S 147 55.24 52.90 -53.63
CA GLU S 147 56.47 53.18 -52.91
C GLU S 147 57.45 53.92 -53.80
N TYR S 148 58.26 54.77 -53.16
CA TYR S 148 59.34 55.49 -53.81
C TYR S 148 60.65 55.03 -53.19
N VAL S 149 61.58 54.59 -54.02
CA VAL S 149 62.84 54.04 -53.56
C VAL S 149 63.96 54.99 -53.95
N ILE S 150 64.75 55.39 -52.97
CA ILE S 150 65.90 56.26 -53.18
C ILE S 150 67.14 55.55 -52.68
N SER S 151 68.22 55.64 -53.44
CA SER S 151 69.51 55.04 -53.09
C SER S 151 70.54 56.16 -53.00
N VAL S 152 71.18 56.26 -51.84
CA VAL S 152 72.17 57.31 -51.58
C VAL S 152 73.56 56.69 -51.68
N ASP S 153 74.40 57.28 -52.52
CA ASP S 153 75.70 56.76 -52.90
C ASP S 153 76.79 57.33 -52.00
N PRO S 154 77.91 56.61 -51.83
CA PRO S 154 78.96 57.10 -50.93
C PRO S 154 79.94 58.01 -51.65
N THR S 155 79.40 58.85 -52.52
CA THR S 155 80.07 59.92 -53.27
C THR S 155 81.03 59.42 -54.33
N THR S 156 81.36 58.12 -54.35
CA THR S 156 82.33 57.73 -55.36
C THR S 156 81.68 57.40 -56.70
N SER S 157 81.10 56.21 -56.84
CA SER S 157 80.62 55.84 -58.17
C SER S 157 79.13 56.02 -58.43
N GLU S 158 78.34 55.03 -58.02
CA GLU S 158 76.90 54.92 -58.26
C GLU S 158 76.40 53.65 -57.58
N LEU S 159 75.26 53.68 -56.89
CA LEU S 159 74.74 52.44 -56.32
C LEU S 159 73.85 51.68 -57.32
N PRO S 160 73.76 50.35 -57.18
CA PRO S 160 72.82 49.57 -57.99
C PRO S 160 71.37 49.78 -57.59
N GLN S 161 70.46 48.98 -58.14
CA GLN S 161 69.03 49.30 -58.11
C GLN S 161 68.24 48.14 -57.50
N PRO S 162 67.60 48.37 -56.34
CA PRO S 162 66.95 47.29 -55.60
C PRO S 162 65.61 46.90 -56.22
N PRO S 163 65.12 45.69 -55.92
CA PRO S 163 64.05 45.09 -56.73
C PRO S 163 62.59 45.44 -56.39
N PHE S 164 62.30 46.56 -55.73
CA PHE S 164 60.91 47.01 -55.63
C PHE S 164 59.98 46.02 -54.94
N THR S 165 60.08 45.90 -53.61
CA THR S 165 59.36 44.92 -52.81
C THR S 165 57.94 44.62 -53.30
N THR S 166 57.60 43.35 -53.32
CA THR S 166 56.34 42.84 -53.81
C THR S 166 55.27 42.93 -52.72
N PRO S 167 53.98 42.74 -53.08
CA PRO S 167 52.93 42.80 -52.06
C PRO S 167 53.10 41.84 -50.92
N VAL S 168 53.26 40.55 -51.22
CA VAL S 168 53.52 39.54 -50.20
C VAL S 168 54.87 38.91 -50.51
N TYR S 169 55.69 38.74 -49.47
CA TYR S 169 57.03 38.22 -49.65
C TYR S 169 57.40 37.37 -48.46
N VAL S 170 58.46 36.58 -48.63
CA VAL S 170 59.02 35.76 -47.56
C VAL S 170 60.49 36.14 -47.44
N PRO S 171 60.88 36.85 -46.38
CA PRO S 171 62.24 37.37 -46.25
C PRO S 171 63.33 36.39 -46.64
N ALA S 172 64.34 36.90 -47.33
CA ALA S 172 65.42 36.11 -47.93
C ALA S 172 65.97 35.05 -46.99
N ALA S 173 66.45 35.46 -45.82
CA ALA S 173 67.02 34.46 -44.92
C ALA S 173 66.63 34.75 -43.47
N ARG S 174 65.46 34.27 -43.08
CA ARG S 174 64.99 34.32 -41.70
C ARG S 174 64.27 33.03 -41.36
N ARG S 175 64.56 31.98 -42.13
CA ARG S 175 63.90 30.69 -42.06
C ARG S 175 64.78 29.74 -41.26
N SER S 176 64.17 28.81 -40.56
CA SER S 176 64.99 27.84 -39.87
C SER S 176 64.16 26.62 -39.53
N VAL S 177 64.86 25.55 -39.18
CA VAL S 177 64.28 24.26 -38.88
C VAL S 177 65.03 23.65 -37.71
N ASP S 178 64.30 23.18 -36.71
CA ASP S 178 64.91 22.48 -35.59
C ASP S 178 64.74 21.00 -35.81
N PRO S 179 65.78 20.26 -36.23
CA PRO S 179 65.60 18.83 -36.52
C PRO S 179 65.23 18.02 -35.29
N ARG S 180 65.28 18.63 -34.12
CA ARG S 180 65.02 18.01 -32.83
C ARG S 180 63.53 17.86 -32.54
N THR S 181 62.68 18.68 -33.17
CA THR S 181 61.25 18.59 -32.98
C THR S 181 60.48 18.75 -34.29
N HIS S 182 61.16 18.80 -35.42
CA HIS S 182 60.53 18.83 -36.74
C HIS S 182 59.59 20.02 -36.88
N VAL S 183 60.16 21.22 -36.78
CA VAL S 183 59.37 22.44 -36.86
C VAL S 183 60.10 23.43 -37.74
N LEU S 184 59.40 23.95 -38.74
CA LEU S 184 59.93 24.94 -39.67
C LEU S 184 59.39 26.31 -39.30
N LYS S 185 60.27 27.29 -39.20
CA LYS S 185 59.88 28.67 -38.90
C LYS S 185 60.23 29.55 -40.09
N PHE S 186 59.31 30.42 -40.46
CA PHE S 186 59.61 31.41 -41.48
C PHE S 186 58.75 32.63 -41.25
N VAL S 187 59.15 33.73 -41.82
CA VAL S 187 58.49 35.01 -41.64
C VAL S 187 57.68 35.32 -42.89
N LEU S 188 56.53 35.97 -42.71
CA LEU S 188 55.67 36.32 -43.83
C LEU S 188 55.33 37.80 -43.71
N GLY S 189 55.82 38.60 -44.63
CA GLY S 189 55.63 40.04 -44.59
C GLY S 189 54.72 40.52 -45.70
N VAL S 190 53.88 41.50 -45.40
CA VAL S 190 52.92 42.05 -46.33
C VAL S 190 53.26 43.52 -46.55
N SER S 191 53.44 43.92 -47.80
CA SER S 191 53.78 45.29 -48.10
C SER S 191 52.60 46.19 -47.78
N PRO S 192 52.83 47.48 -47.54
CA PRO S 192 51.71 48.40 -47.32
C PRO S 192 50.88 48.66 -48.55
N ALA S 193 51.33 48.23 -49.73
CA ALA S 193 50.61 48.46 -50.96
C ALA S 193 49.73 47.29 -51.37
N ALA S 194 49.68 46.24 -50.57
CA ALA S 194 48.80 45.12 -50.87
C ALA S 194 47.35 45.58 -50.79
N ILE S 195 46.56 45.20 -51.79
CA ILE S 195 45.18 45.69 -51.86
C ILE S 195 44.27 44.69 -51.15
N PRO S 196 43.42 45.14 -50.24
CA PRO S 196 42.57 44.21 -49.50
C PRO S 196 41.64 43.45 -50.44
N GLY S 197 41.43 42.18 -50.11
CA GLY S 197 40.61 41.32 -50.92
C GLY S 197 41.37 40.39 -51.84
N ASP S 198 42.64 40.67 -52.10
CA ASP S 198 43.43 39.82 -52.96
C ASP S 198 43.75 38.50 -52.28
N VAL S 199 44.20 37.54 -53.08
CA VAL S 199 44.59 36.22 -52.59
C VAL S 199 45.89 35.83 -53.28
N TYR S 200 46.87 35.40 -52.50
CA TYR S 200 48.11 34.87 -53.01
C TYR S 200 48.28 33.44 -52.53
N ARG S 201 49.17 32.70 -53.19
CA ARG S 201 49.39 31.30 -52.87
C ARG S 201 50.88 31.06 -52.62
N LEU S 202 51.19 30.48 -51.48
CA LEU S 202 52.56 30.16 -51.10
C LEU S 202 52.73 28.66 -51.12
N THR S 203 53.72 28.18 -51.86
CA THR S 203 54.04 26.75 -51.92
C THR S 203 55.38 26.51 -51.24
N VAL S 204 55.40 25.53 -50.35
CA VAL S 204 56.56 25.20 -49.54
C VAL S 204 57.02 23.79 -49.88
N ARG S 205 58.29 23.64 -50.27
CA ARG S 205 58.86 22.36 -50.57
C ARG S 205 59.96 22.05 -49.56
N GLN S 206 59.68 21.13 -48.65
CA GLN S 206 60.57 20.83 -47.55
C GLN S 206 61.11 19.42 -47.69
N VAL S 207 62.40 19.24 -47.45
CA VAL S 207 63.07 17.96 -47.58
C VAL S 207 63.42 17.44 -46.19
N ALA S 208 63.03 16.21 -45.92
CA ALA S 208 63.59 15.49 -44.79
C ALA S 208 64.82 14.77 -45.30
N ILE S 209 65.39 13.88 -44.48
CA ILE S 209 66.61 13.21 -44.86
C ILE S 209 66.66 11.88 -44.13
N ASP S 210 67.09 10.84 -44.84
CA ASP S 210 67.22 9.54 -44.20
C ASP S 210 68.63 9.37 -43.68
N CYS S 211 68.83 8.31 -42.92
CA CYS S 211 69.93 8.27 -41.99
C CYS S 211 71.26 8.09 -42.74
N ASP S 212 71.19 7.72 -44.02
CA ASP S 212 72.32 7.76 -44.95
C ASP S 212 72.42 9.06 -45.75
N GLY S 213 71.50 9.99 -45.58
CA GLY S 213 71.58 11.25 -46.26
C GLY S 213 70.80 11.39 -47.56
N ASN S 214 69.92 10.45 -47.86
CA ASN S 214 69.06 10.59 -49.03
C ASN S 214 67.88 11.48 -48.69
N GLU S 215 66.90 11.61 -49.58
CA GLU S 215 65.99 12.73 -49.49
C GLU S 215 64.55 12.26 -49.47
N PHE S 216 63.72 12.99 -48.74
CA PHE S 216 62.28 12.79 -48.72
C PHE S 216 61.64 14.17 -48.88
N VAL S 217 60.96 14.39 -49.99
CA VAL S 217 60.39 15.70 -50.30
C VAL S 217 58.94 15.74 -49.87
N HIS S 218 58.47 16.94 -49.53
CA HIS S 218 57.11 17.18 -49.07
C HIS S 218 56.67 18.55 -49.57
N ILE S 219 55.48 18.62 -50.17
CA ILE S 219 54.99 19.85 -50.76
C ILE S 219 53.60 20.17 -50.20
N SER S 220 53.38 21.44 -49.87
CA SER S 220 52.08 21.93 -49.42
C SER S 220 51.93 23.38 -49.85
N CYS S 221 50.72 23.90 -49.74
CA CYS S 221 50.49 25.30 -50.09
C CYS S 221 49.74 26.00 -48.97
N TYR S 222 49.76 27.33 -49.02
CA TYR S 222 48.94 28.15 -48.15
C TYR S 222 48.38 29.30 -48.96
N ASP S 223 47.13 29.66 -48.66
CA ASP S 223 46.41 30.71 -49.39
C ASP S 223 46.38 31.96 -48.52
N ILE S 224 47.19 32.94 -48.88
CA ILE S 224 47.29 34.18 -48.12
C ILE S 224 46.27 35.16 -48.69
N SER S 225 45.26 35.48 -47.89
CA SER S 225 44.18 36.36 -48.33
C SER S 225 44.35 37.72 -47.68
N ILE S 226 44.73 38.71 -48.48
CA ILE S 226 45.01 40.04 -47.95
C ILE S 226 43.69 40.65 -47.48
N GLY S 227 43.49 40.70 -46.17
CA GLY S 227 42.38 41.41 -45.59
C GLY S 227 42.83 42.76 -45.06
N SER S 228 41.86 43.65 -44.91
CA SER S 228 42.06 44.90 -44.22
C SER S 228 41.36 44.82 -42.88
N CYS S 229 41.95 45.49 -41.90
CA CYS S 229 41.47 45.38 -40.52
C CYS S 229 41.53 43.96 -40.00
N GLY S 230 42.75 43.45 -39.89
CA GLY S 230 42.98 42.14 -39.32
C GLY S 230 42.76 41.05 -40.35
N MET T 1 54.47 8.59 -44.28
CA MET T 1 54.94 7.24 -44.50
C MET T 1 53.78 6.26 -44.52
N TYR T 2 53.67 5.51 -45.60
CA TYR T 2 52.65 4.48 -45.73
C TYR T 2 53.09 3.23 -45.01
N PHE T 3 52.12 2.54 -44.39
CA PHE T 3 52.42 1.28 -43.72
C PHE T 3 51.36 0.27 -44.10
N PHE T 4 51.78 -0.81 -44.74
CA PHE T 4 50.88 -1.87 -45.16
C PHE T 4 51.24 -3.16 -44.47
N SER T 5 50.21 -3.94 -44.14
CA SER T 5 50.39 -5.29 -43.64
C SER T 5 49.93 -6.25 -44.73
N VAL T 6 50.71 -7.27 -44.97
CA VAL T 6 50.49 -8.17 -46.10
C VAL T 6 49.51 -9.26 -45.69
N ASP T 7 48.83 -9.84 -46.67
CA ASP T 7 47.87 -10.89 -46.37
C ASP T 7 48.59 -12.21 -46.18
N PRO T 8 48.24 -12.98 -45.15
CA PRO T 8 49.17 -14.02 -44.67
C PRO T 8 49.06 -15.36 -45.37
N ARG T 9 48.21 -15.52 -46.39
CA ARG T 9 48.09 -16.77 -47.14
C ARG T 9 47.74 -17.95 -46.23
N ASN T 10 46.65 -17.80 -45.48
CA ASN T 10 46.10 -18.85 -44.63
C ASN T 10 44.87 -19.51 -45.20
N GLY T 11 44.26 -18.93 -46.23
CA GLY T 11 42.89 -19.27 -46.56
C GLY T 11 41.89 -18.46 -45.77
N ALA T 12 42.30 -17.32 -45.23
CA ALA T 12 41.46 -16.50 -44.39
C ALA T 12 41.77 -15.02 -44.61
N SER T 13 41.35 -14.17 -43.67
CA SER T 13 41.56 -12.73 -43.77
C SER T 13 43.03 -12.33 -43.68
N SER T 21 37.94 -2.03 -53.08
CA SER T 21 37.12 -2.79 -54.00
C SER T 21 37.98 -3.63 -54.94
N CYS T 22 39.13 -3.09 -55.35
CA CYS T 22 40.04 -3.80 -56.22
C CYS T 22 40.86 -4.84 -55.48
N CYS T 23 41.70 -5.51 -56.28
CA CYS T 23 42.67 -6.45 -55.78
C CYS T 23 43.81 -5.76 -55.04
N CYS T 24 44.51 -4.85 -55.69
CA CYS T 24 45.72 -4.25 -55.14
C CYS T 24 45.36 -2.98 -54.37
N GLU T 25 45.94 -2.84 -53.18
CA GLU T 25 45.63 -1.71 -52.31
C GLU T 25 46.17 -0.41 -52.90
N SER T 26 45.83 0.69 -52.24
CA SER T 26 45.93 2.02 -52.82
C SER T 26 46.98 2.87 -52.14
N ILE T 27 47.64 3.71 -52.95
CA ILE T 27 48.63 4.67 -52.50
C ILE T 27 48.38 5.97 -53.22
N SER T 28 48.06 7.03 -52.48
CA SER T 28 47.86 8.33 -53.10
C SER T 28 49.20 9.07 -53.17
N ALA T 29 49.38 9.82 -54.25
CA ALA T 29 50.66 10.45 -54.51
C ALA T 29 50.45 11.82 -55.13
N ARG T 30 51.37 12.73 -54.85
CA ARG T 30 51.30 14.10 -55.33
C ARG T 30 52.53 14.43 -56.16
N PRO T 31 52.38 15.08 -57.30
CA PRO T 31 53.53 15.31 -58.19
C PRO T 31 54.63 16.12 -57.54
N GLY T 32 55.83 15.56 -57.53
CA GLY T 32 56.99 16.20 -56.94
C GLY T 32 57.44 15.59 -55.63
N GLU T 33 56.54 14.90 -54.93
CA GLU T 33 56.87 14.31 -53.64
C GLU T 33 57.87 13.17 -53.79
N VAL T 34 58.45 12.79 -52.66
CA VAL T 34 59.22 11.57 -52.51
C VAL T 34 58.88 11.03 -51.13
N ASN T 35 58.06 9.99 -51.07
CA ASN T 35 57.52 9.50 -49.82
C ASN T 35 58.23 8.20 -49.43
N GLY T 36 57.80 7.58 -48.33
CA GLY T 36 58.37 6.33 -47.90
C GLY T 36 57.31 5.30 -47.57
N VAL T 37 57.54 4.05 -47.95
CA VAL T 37 56.54 2.99 -47.78
C VAL T 37 57.15 1.87 -46.96
N MET T 38 56.38 1.35 -46.01
CA MET T 38 56.79 0.24 -45.18
C MET T 38 55.77 -0.89 -45.30
N VAL T 39 56.26 -2.11 -45.53
CA VAL T 39 55.42 -3.29 -45.68
C VAL T 39 55.85 -4.31 -44.64
N SER T 40 54.90 -4.80 -43.87
CA SER T 40 55.19 -5.71 -42.74
C SER T 40 54.82 -7.13 -43.13
N TYR T 41 55.83 -7.91 -43.50
CA TYR T 41 55.62 -9.29 -43.87
C TYR T 41 55.50 -10.23 -42.67
N ALA T 42 55.33 -9.69 -41.46
CA ALA T 42 55.34 -10.53 -40.28
C ALA T 42 54.24 -11.59 -40.33
N ALA T 43 53.05 -11.22 -40.81
CA ALA T 43 51.94 -12.16 -40.80
C ALA T 43 52.18 -13.36 -41.69
N TRP T 44 53.04 -13.25 -42.70
CA TRP T 44 53.28 -14.34 -43.64
C TRP T 44 54.56 -15.08 -43.36
N SER T 45 55.63 -14.37 -43.01
CA SER T 45 56.95 -14.97 -42.89
C SER T 45 57.31 -15.40 -41.49
N ALA T 46 56.49 -15.06 -40.48
CA ALA T 46 56.80 -15.49 -39.13
C ALA T 46 56.47 -16.97 -38.92
N PRO T 47 55.29 -17.46 -39.29
CA PRO T 47 55.05 -18.90 -39.17
C PRO T 47 56.07 -19.75 -39.91
N LEU T 48 56.55 -19.29 -41.06
CA LEU T 48 57.63 -19.99 -41.75
C LEU T 48 58.92 -19.81 -40.98
N ARG T 49 59.01 -20.47 -39.83
CA ARG T 49 60.14 -20.23 -38.94
C ARG T 49 61.44 -20.52 -39.66
N GLY T 50 62.19 -19.47 -39.97
CA GLY T 50 63.41 -19.61 -40.73
C GLY T 50 64.32 -18.43 -40.51
N HIS T 51 64.96 -17.95 -41.58
CA HIS T 51 65.85 -16.80 -41.49
C HIS T 51 65.23 -15.53 -42.04
N GLY T 52 63.89 -15.44 -42.02
CA GLY T 52 63.25 -14.19 -42.34
C GLY T 52 63.39 -13.78 -43.79
N LEU T 53 63.31 -12.48 -44.03
CA LEU T 53 63.34 -11.95 -45.38
C LEU T 53 64.78 -11.88 -45.89
N THR T 54 64.92 -11.69 -47.20
CA THR T 54 66.22 -11.44 -47.80
C THR T 54 66.11 -10.25 -48.73
N ASN T 55 67.26 -9.70 -49.10
CA ASN T 55 67.32 -8.52 -49.98
C ASN T 55 67.27 -8.94 -51.45
N LYS T 56 66.22 -9.67 -51.81
CA LYS T 56 65.97 -10.01 -53.19
C LYS T 56 64.56 -9.61 -53.58
N THR T 57 64.19 -8.37 -53.30
CA THR T 57 62.93 -7.82 -53.74
C THR T 57 63.05 -7.33 -55.17
N THR T 58 61.95 -7.44 -55.90
CA THR T 58 61.88 -6.99 -57.27
C THR T 58 60.60 -6.18 -57.45
N PHE T 59 60.73 -5.03 -58.11
CA PHE T 59 59.61 -4.12 -58.33
C PHE T 59 59.31 -4.00 -59.81
N GLU T 60 58.08 -3.63 -60.12
CA GLU T 60 57.71 -3.38 -61.51
C GLU T 60 56.61 -2.34 -61.53
N ILE T 61 56.74 -1.34 -62.39
CA ILE T 61 55.76 -0.28 -62.54
C ILE T 61 55.09 -0.43 -63.89
N ASP T 62 53.77 -0.39 -63.90
CA ASP T 62 52.98 -0.42 -65.12
C ASP T 62 51.81 0.53 -64.97
N GLY T 63 51.46 1.20 -66.05
CA GLY T 63 50.39 2.18 -66.03
C GLY T 63 49.06 1.55 -66.36
N VAL T 64 48.04 1.90 -65.56
CA VAL T 64 46.66 1.52 -65.84
C VAL T 64 45.87 2.69 -66.42
N SER T 65 46.47 3.88 -66.46
CA SER T 65 45.89 5.09 -67.02
C SER T 65 47.00 6.12 -67.09
N VAL T 66 47.32 6.66 -68.27
CA VAL T 66 48.55 7.42 -68.45
C VAL T 66 48.30 8.86 -68.88
N THR T 67 47.36 9.11 -69.79
CA THR T 67 47.13 10.46 -70.30
C THR T 67 48.41 11.00 -70.94
N PRO T 68 48.73 10.58 -72.15
CA PRO T 68 50.04 10.88 -72.77
C PRO T 68 50.41 12.35 -72.63
N PRO T 69 51.68 12.66 -72.43
CA PRO T 69 52.08 14.04 -72.19
C PRO T 69 51.98 14.87 -73.44
N LYS T 70 51.82 16.18 -73.25
CA LYS T 70 51.73 17.11 -74.35
C LYS T 70 53.09 17.58 -74.83
N VAL T 71 53.94 18.02 -73.91
CA VAL T 71 55.23 18.62 -74.23
C VAL T 71 56.29 17.55 -74.16
N SER T 72 57.17 17.53 -75.16
CA SER T 72 58.24 16.54 -75.15
C SER T 72 59.36 16.96 -74.21
N ASN T 73 60.15 15.98 -73.79
CA ASN T 73 61.36 16.26 -73.05
C ASN T 73 62.51 16.48 -74.01
N ALA T 74 63.68 16.81 -73.47
CA ALA T 74 64.80 17.15 -74.34
C ALA T 74 66.11 16.84 -73.62
N PHE T 75 67.17 16.73 -74.41
CA PHE T 75 68.50 16.46 -73.89
C PHE T 75 69.50 17.39 -74.55
N GLY T 76 70.39 17.98 -73.73
CA GLY T 76 71.45 18.81 -74.23
C GLY T 76 72.79 18.37 -73.67
N ARG T 77 73.85 19.00 -74.17
CA ARG T 77 75.20 18.61 -73.75
C ARG T 77 76.12 19.81 -73.83
N THR T 78 77.03 19.90 -72.87
CA THR T 78 77.99 20.99 -72.79
C THR T 78 79.23 20.51 -72.06
N LYS T 79 80.36 21.16 -72.32
CA LYS T 79 81.57 20.87 -71.59
C LYS T 79 81.59 21.65 -70.27
N VAL T 80 82.58 21.37 -69.43
CA VAL T 80 82.66 22.07 -68.16
C VAL T 80 82.92 23.55 -68.41
N GLY T 81 82.27 24.39 -67.61
CA GLY T 81 82.51 25.82 -67.58
C GLY T 81 81.91 26.61 -68.72
N VAL T 82 81.65 26.00 -69.86
CA VAL T 82 81.12 26.75 -71.00
C VAL T 82 79.62 26.87 -70.88
N VAL T 83 79.11 28.08 -71.11
CA VAL T 83 77.69 28.37 -70.98
C VAL T 83 76.94 27.66 -72.08
N PHE T 84 75.74 27.18 -71.75
CA PHE T 84 74.93 26.41 -72.68
C PHE T 84 73.65 27.16 -73.01
N GLU T 85 73.31 27.17 -74.30
CA GLU T 85 72.06 27.73 -74.79
C GLU T 85 71.19 26.60 -75.33
N GLY T 86 69.91 26.91 -75.49
CA GLY T 86 68.97 25.98 -76.04
C GLY T 86 67.63 26.66 -76.24
N THR T 87 66.74 25.96 -76.93
CA THR T 87 65.42 26.50 -77.21
C THR T 87 64.38 25.72 -76.42
N LEU T 88 63.21 26.33 -76.29
CA LEU T 88 62.13 25.71 -75.53
C LEU T 88 60.82 25.83 -76.28
N SER T 89 60.88 25.80 -77.61
CA SER T 89 59.69 25.98 -78.43
C SER T 89 59.39 24.82 -79.36
N ASP T 90 60.39 24.01 -79.73
CA ASP T 90 60.17 22.83 -80.53
C ASP T 90 59.78 21.63 -79.67
N LEU T 91 59.54 21.87 -78.38
CA LEU T 91 59.19 20.83 -77.42
C LEU T 91 57.70 20.83 -77.13
N PHE T 92 56.93 21.65 -77.83
CA PHE T 92 55.49 21.77 -77.62
C PHE T 92 54.78 21.76 -78.95
N PRO T 93 54.72 20.61 -79.61
CA PRO T 93 53.91 20.52 -80.82
C PRO T 93 52.45 20.73 -80.47
N ASN T 94 51.89 21.86 -80.85
CA ASN T 94 50.52 22.13 -80.47
C ASN T 94 49.55 21.74 -81.59
N PRO T 95 48.42 21.13 -81.24
CA PRO T 95 47.40 20.85 -82.26
C PRO T 95 46.72 22.12 -82.72
N GLU T 96 46.29 22.93 -81.75
CA GLU T 96 45.44 24.08 -81.99
C GLU T 96 46.23 25.39 -82.04
N GLY T 97 45.51 26.51 -82.09
CA GLY T 97 46.12 27.82 -82.03
C GLY T 97 46.08 28.45 -80.65
N GLU T 98 47.25 28.76 -80.09
CA GLU T 98 47.34 29.39 -78.78
C GLU T 98 48.77 29.88 -78.60
N GLN T 99 48.96 30.64 -77.52
CA GLN T 99 50.26 31.19 -77.16
C GLN T 99 50.92 30.35 -76.07
N VAL T 100 52.24 30.55 -75.94
CA VAL T 100 53.11 29.67 -75.19
C VAL T 100 53.77 30.40 -74.02
N GLU T 101 53.15 30.33 -72.85
CA GLU T 101 53.69 30.95 -71.64
C GLU T 101 54.78 30.09 -71.01
N TYR T 102 55.96 30.11 -71.61
CA TYR T 102 57.11 29.38 -71.07
C TYR T 102 57.37 29.77 -69.62
N GLU T 103 57.61 28.77 -68.78
CA GLU T 103 57.79 29.01 -67.35
C GLU T 103 58.77 28.01 -66.75
N ILE T 104 59.63 28.47 -65.87
CA ILE T 104 60.56 27.63 -65.13
C ILE T 104 60.20 27.78 -63.66
N SER T 105 59.58 26.75 -63.09
CA SER T 105 59.17 26.77 -61.70
C SER T 105 60.40 26.80 -60.79
N GLU T 106 60.37 27.68 -59.78
CA GLU T 106 61.48 27.76 -58.83
C GLU T 106 61.55 26.56 -57.90
N LEU T 107 60.46 25.81 -57.75
CA LEU T 107 60.51 24.63 -56.90
C LEU T 107 61.33 23.52 -57.54
N ASN T 108 61.31 23.46 -58.87
CA ASN T 108 61.97 22.40 -59.61
C ASN T 108 63.00 22.96 -60.58
N GLY T 109 63.76 23.95 -60.14
CA GLY T 109 64.80 24.52 -60.96
C GLY T 109 66.00 23.60 -61.04
N PRO T 110 67.09 24.09 -61.61
CA PRO T 110 68.29 23.27 -61.71
C PRO T 110 68.95 23.08 -60.35
N SER T 111 70.01 22.29 -60.30
CA SER T 111 70.65 21.96 -59.03
C SER T 111 72.08 22.46 -58.93
N ASN T 112 72.81 22.54 -60.03
CA ASN T 112 74.19 23.01 -60.02
C ASN T 112 74.42 24.06 -61.09
N GLY T 113 73.40 24.84 -61.43
CA GLY T 113 73.50 25.88 -62.43
C GLY T 113 72.51 26.99 -62.18
N VAL T 114 72.24 27.77 -63.22
CA VAL T 114 71.22 28.83 -63.18
C VAL T 114 70.66 28.93 -64.60
N VAL T 115 69.36 29.24 -64.70
CA VAL T 115 68.71 29.41 -65.99
C VAL T 115 67.98 30.75 -66.02
N GLU T 116 68.24 31.55 -67.06
CA GLU T 116 67.57 32.83 -67.25
C GLU T 116 66.60 32.63 -68.41
N LEU T 117 65.32 32.41 -68.10
CA LEU T 117 64.36 32.25 -69.18
C LEU T 117 64.21 33.55 -69.96
N GLY T 118 64.35 33.45 -71.28
CA GLY T 118 64.25 34.61 -72.15
C GLY T 118 62.81 35.03 -72.36
N ALA T 119 62.63 35.92 -73.33
CA ALA T 119 61.28 36.38 -73.65
C ALA T 119 60.53 35.36 -74.49
N ASN T 120 61.23 34.67 -75.40
CA ASN T 120 60.60 33.72 -76.32
C ASN T 120 61.35 32.41 -76.25
N GLY T 121 60.83 31.47 -75.45
CA GLY T 121 61.29 30.10 -75.43
C GLY T 121 62.78 29.86 -75.46
N ALA T 122 63.55 30.81 -74.97
CA ALA T 122 65.00 30.71 -74.94
C ALA T 122 65.48 30.78 -73.50
N PHE T 123 66.63 30.15 -73.25
CA PHE T 123 67.12 30.06 -71.88
C PHE T 123 68.60 29.77 -71.91
N THR T 124 69.31 30.28 -70.91
CA THR T 124 70.75 30.11 -70.78
C THR T 124 71.04 29.38 -69.48
N TYR T 125 71.69 28.23 -69.58
CA TYR T 125 72.07 27.43 -68.43
C TYR T 125 73.57 27.60 -68.24
N THR T 126 73.96 28.46 -67.31
CA THR T 126 75.36 28.63 -66.97
C THR T 126 75.72 27.62 -65.89
N PRO T 127 76.46 26.57 -66.22
CA PRO T 127 76.76 25.54 -65.22
C PRO T 127 77.61 26.10 -64.09
N GLY T 128 77.37 25.59 -62.89
CA GLY T 128 78.16 26.01 -61.75
C GLY T 128 79.63 25.71 -61.95
N ALA T 129 80.46 26.71 -61.63
CA ALA T 129 81.90 26.59 -61.85
C ALA T 129 82.47 25.42 -61.07
N LEU T 130 83.43 24.74 -61.68
CA LEU T 130 84.06 23.55 -61.11
C LEU T 130 83.01 22.48 -60.77
N PHE T 131 82.34 22.02 -61.82
CA PHE T 131 81.32 20.97 -61.67
C PHE T 131 81.15 20.27 -63.00
N THR T 132 81.08 18.93 -62.95
CA THR T 132 80.86 18.14 -64.16
C THR T 132 79.98 16.97 -63.80
N GLY T 133 78.76 16.96 -64.31
CA GLY T 133 77.85 15.85 -64.05
C GLY T 133 76.63 15.99 -64.94
N VAL T 134 75.48 15.64 -64.40
CA VAL T 134 74.20 15.79 -65.08
C VAL T 134 73.33 16.73 -64.27
N ASP T 135 72.49 17.49 -64.95
CA ASP T 135 71.64 18.46 -64.29
C ASP T 135 70.32 18.56 -65.02
N ARG T 136 69.23 18.69 -64.26
CA ARG T 136 67.88 18.74 -64.80
C ARG T 136 67.17 19.99 -64.33
N PHE T 137 66.13 20.36 -65.06
CA PHE T 137 65.16 21.35 -64.59
C PHE T 137 63.87 21.11 -65.33
N TRP T 138 62.76 21.48 -64.69
CA TRP T 138 61.44 21.16 -65.18
C TRP T 138 60.73 22.44 -65.61
N PHE T 139 60.51 22.57 -66.91
CA PHE T 139 59.78 23.69 -67.48
C PHE T 139 58.30 23.37 -67.59
N SER T 140 57.49 24.41 -67.78
CA SER T 140 56.04 24.25 -67.92
C SER T 140 55.56 25.13 -69.06
N ILE T 141 55.51 24.56 -70.26
CA ILE T 141 55.02 25.28 -71.44
C ILE T 141 53.50 25.24 -71.39
N ASN T 142 52.90 26.31 -70.88
CA ASN T 142 51.45 26.48 -70.89
C ASN T 142 50.77 25.38 -70.09
N GLY T 143 51.16 25.28 -68.82
CA GLY T 143 50.53 24.33 -67.91
C GLY T 143 51.10 22.93 -67.99
N ASN T 144 51.50 22.50 -69.18
CA ASN T 144 52.03 21.16 -69.36
C ASN T 144 53.51 21.13 -69.03
N ILE T 145 53.93 20.15 -68.23
CA ILE T 145 55.27 20.10 -67.66
C ILE T 145 56.08 19.01 -68.35
N GLY T 146 57.35 19.30 -68.58
CA GLY T 146 58.31 18.34 -69.08
C GLY T 146 59.64 18.67 -68.43
N GLU T 147 60.66 17.88 -68.75
CA GLU T 147 61.98 18.11 -68.17
C GLU T 147 63.02 18.27 -69.27
N TYR T 148 64.04 19.07 -68.97
CA TYR T 148 65.19 19.27 -69.83
C TYR T 148 66.42 18.77 -69.09
N VAL T 149 67.17 17.87 -69.72
CA VAL T 149 68.31 17.24 -69.09
C VAL T 149 69.58 17.71 -69.80
N ILE T 150 70.50 18.25 -69.02
CA ILE T 150 71.79 18.71 -69.52
C ILE T 150 72.89 17.94 -68.80
N SER T 151 73.90 17.52 -69.55
CA SER T 151 75.06 16.81 -69.02
C SER T 151 76.30 17.62 -69.32
N VAL T 152 77.05 17.97 -68.27
CA VAL T 152 78.25 18.78 -68.39
C VAL T 152 79.47 17.87 -68.28
N ASP T 153 80.34 17.94 -69.27
CA ASP T 153 81.47 17.04 -69.45
C ASP T 153 82.73 17.62 -68.82
N PRO T 154 83.67 16.77 -68.40
CA PRO T 154 84.87 17.29 -67.73
C PRO T 154 85.97 17.65 -68.72
N THR T 155 85.54 18.24 -69.83
CA THR T 155 86.36 18.82 -70.90
C THR T 155 87.10 17.78 -71.73
N THR T 156 87.15 16.52 -71.29
CA THR T 156 87.93 15.61 -72.11
C THR T 156 87.12 15.00 -73.26
N SER T 157 86.29 14.01 -72.97
CA SER T 157 85.64 13.32 -74.09
C SER T 157 84.21 13.74 -74.39
N GLU T 158 83.26 13.15 -73.66
CA GLU T 158 81.81 13.29 -73.85
C GLU T 158 81.11 12.47 -72.77
N LEU T 159 80.06 12.98 -72.13
CA LEU T 159 79.34 12.16 -71.17
C LEU T 159 78.24 11.34 -71.84
N PRO T 160 77.88 10.19 -71.25
CA PRO T 160 76.74 9.41 -71.75
C PRO T 160 75.40 10.06 -71.43
N GLN T 161 74.29 9.35 -71.67
CA GLN T 161 72.98 9.98 -71.74
C GLN T 161 72.01 9.30 -70.76
N PRO T 162 71.53 10.05 -69.76
CA PRO T 162 70.72 9.45 -68.69
C PRO T 162 69.29 9.19 -69.13
N PRO T 163 68.58 8.30 -68.43
CA PRO T 163 67.34 7.72 -68.98
C PRO T 163 66.03 8.48 -68.78
N PHE T 164 66.03 9.79 -68.54
CA PHE T 164 64.78 10.55 -68.60
C PHE T 164 63.72 10.09 -67.61
N THR T 165 63.90 10.41 -66.33
CA THR T 165 63.06 9.93 -65.23
C THR T 165 61.58 9.82 -65.59
N THR T 166 60.97 8.72 -65.17
CA THR T 166 59.59 8.38 -65.44
C THR T 166 58.66 9.07 -64.46
N PRO T 167 57.33 9.06 -64.72
CA PRO T 167 56.41 9.70 -63.78
C PRO T 167 56.46 9.16 -62.38
N VAL T 168 56.32 7.86 -62.21
CA VAL T 168 56.44 7.20 -60.91
C VAL T 168 57.60 6.23 -60.98
N TYR T 169 58.45 6.24 -59.96
CA TYR T 169 59.63 5.40 -59.95
C TYR T 169 59.91 4.93 -58.53
N VAL T 170 60.76 3.92 -58.43
CA VAL T 170 61.22 3.40 -57.15
C VAL T 170 62.74 3.45 -57.16
N PRO T 171 63.35 4.37 -56.41
CA PRO T 171 64.79 4.58 -56.48
C PRO T 171 65.62 3.30 -56.50
N ALA T 172 66.66 3.31 -57.34
CA ALA T 172 67.49 2.15 -57.63
C ALA T 172 67.89 1.37 -56.38
N ALA T 173 68.54 2.02 -55.43
CA ALA T 173 68.95 1.29 -54.23
C ALA T 173 68.75 2.13 -52.98
N ARG T 174 67.53 2.09 -52.44
CA ARG T 174 67.20 2.71 -51.17
C ARG T 174 66.25 1.79 -50.40
N ARG T 175 66.25 0.52 -50.76
CA ARG T 175 65.34 -0.48 -50.24
C ARG T 175 66.07 -1.29 -49.17
N SER T 176 65.32 -1.76 -48.18
CA SER T 176 65.98 -2.62 -47.20
C SER T 176 64.94 -3.42 -46.46
N VAL T 177 65.43 -4.44 -45.76
CA VAL T 177 64.61 -5.39 -45.04
C VAL T 177 65.31 -5.72 -43.74
N ASP T 178 64.58 -5.66 -42.64
CA ASP T 178 65.12 -6.04 -41.34
C ASP T 178 64.62 -7.45 -41.03
N PRO T 179 65.44 -8.50 -41.17
CA PRO T 179 64.94 -9.85 -40.94
C PRO T 179 64.51 -10.11 -39.52
N ARG T 180 64.78 -9.17 -38.63
CA ARG T 180 64.50 -9.24 -37.21
C ARG T 180 63.04 -8.95 -36.88
N THR T 181 62.34 -8.22 -37.75
CA THR T 181 60.94 -7.91 -37.54
C THR T 181 60.11 -8.02 -38.81
N HIS T 182 60.71 -8.51 -39.90
CA HIS T 182 59.99 -8.79 -41.14
C HIS T 182 59.31 -7.53 -41.69
N VAL T 183 60.12 -6.53 -42.00
CA VAL T 183 59.61 -5.27 -42.50
C VAL T 183 60.46 -4.83 -43.68
N LEU T 184 59.80 -4.52 -44.79
CA LEU T 184 60.46 -4.04 -46.00
C LEU T 184 60.24 -2.54 -46.13
N LYS T 185 61.31 -1.81 -46.37
CA LYS T 185 61.26 -0.38 -46.57
C LYS T 185 61.68 -0.05 -47.99
N PHE T 186 60.94 0.84 -48.64
CA PHE T 186 61.36 1.34 -49.94
C PHE T 186 60.80 2.72 -50.14
N VAL T 187 61.37 3.44 -51.05
CA VAL T 187 61.02 4.82 -51.33
C VAL T 187 60.20 4.87 -52.61
N LEU T 188 59.23 5.78 -52.66
CA LEU T 188 58.37 5.93 -53.82
C LEU T 188 58.36 7.39 -54.22
N GLY T 189 58.93 7.70 -55.37
CA GLY T 189 59.06 9.08 -55.83
C GLY T 189 58.18 9.34 -57.03
N VAL T 190 57.60 10.54 -57.08
CA VAL T 190 56.70 10.95 -58.14
C VAL T 190 57.33 12.14 -58.85
N SER T 191 57.48 12.04 -60.17
CA SER T 191 58.08 13.11 -60.92
C SER T 191 57.15 14.31 -60.94
N PRO T 192 57.66 15.52 -61.16
CA PRO T 192 56.78 16.69 -61.25
C PRO T 192 55.92 16.70 -62.50
N ALA T 193 56.18 15.82 -63.46
CA ALA T 193 55.43 15.77 -64.70
C ALA T 193 54.30 14.76 -64.67
N ALA T 194 54.08 14.08 -63.55
CA ALA T 194 52.97 13.15 -63.45
C ALA T 194 51.66 13.93 -63.53
N ILE T 195 50.73 13.44 -64.34
CA ILE T 195 49.49 14.16 -64.57
C ILE T 195 48.45 13.70 -63.56
N PRO T 196 47.78 14.60 -62.85
CA PRO T 196 46.82 14.19 -61.84
C PRO T 196 45.68 13.39 -62.45
N GLY T 197 45.23 12.39 -61.71
CA GLY T 197 44.18 11.50 -62.16
C GLY T 197 44.66 10.18 -62.71
N ASP T 198 45.93 10.07 -63.06
CA ASP T 198 46.45 8.82 -63.57
C ASP T 198 46.54 7.76 -62.47
N VAL T 199 46.71 6.52 -62.90
CA VAL T 199 46.85 5.39 -61.98
C VAL T 199 47.98 4.51 -62.50
N TYR T 200 48.90 4.16 -61.62
CA TYR T 200 49.96 3.21 -61.92
C TYR T 200 49.86 2.03 -60.98
N ARG T 201 50.52 0.94 -61.34
CA ARG T 201 50.46 -0.29 -60.56
C ARG T 201 51.88 -0.76 -60.25
N LEU T 202 52.16 -0.98 -58.97
CA LEU T 202 53.46 -1.45 -58.52
C LEU T 202 53.30 -2.87 -58.01
N THR T 203 54.11 -3.78 -58.54
CA THR T 203 54.12 -5.17 -58.12
C THR T 203 55.42 -5.47 -57.39
N VAL T 204 55.31 -6.08 -56.22
CA VAL T 204 56.44 -6.36 -55.35
C VAL T 204 56.55 -7.87 -55.18
N ARG T 205 57.73 -8.42 -55.49
CA ARG T 205 57.99 -9.84 -55.34
C ARG T 205 59.07 -10.02 -54.29
N GLN T 206 58.68 -10.49 -53.12
CA GLN T 206 59.57 -10.60 -51.98
C GLN T 206 59.79 -12.06 -51.63
N VAL T 207 61.04 -12.43 -51.35
CA VAL T 207 61.40 -13.80 -51.02
C VAL T 207 61.75 -13.88 -49.55
N ALA T 208 61.13 -14.83 -48.86
CA ALA T 208 61.61 -15.24 -47.56
C ALA T 208 62.62 -16.36 -47.78
N ILE T 209 63.05 -17.01 -46.71
CA ILE T 209 64.07 -18.03 -46.85
C ILE T 209 63.90 -19.01 -45.70
N ASP T 210 64.04 -20.29 -46.00
CA ASP T 210 63.94 -21.30 -44.96
C ASP T 210 65.32 -21.60 -44.41
N CYS T 211 65.35 -22.36 -43.33
CA CYS T 211 66.50 -22.34 -42.45
C CYS T 211 67.69 -23.06 -43.09
N ASP T 212 67.44 -23.80 -44.17
CA ASP T 212 68.47 -24.33 -45.06
C ASP T 212 68.78 -23.45 -46.26
N GLY T 213 68.10 -22.32 -46.42
CA GLY T 213 68.38 -21.41 -47.49
C GLY T 213 67.55 -21.54 -48.75
N ASN T 214 66.46 -22.31 -48.71
CA ASN T 214 65.57 -22.39 -49.86
C ASN T 214 64.64 -21.18 -49.85
N GLU T 215 63.63 -21.14 -50.72
CA GLU T 215 62.98 -19.87 -51.01
C GLU T 215 61.49 -19.98 -50.84
N PHE T 216 60.89 -18.88 -50.39
CA PHE T 216 59.45 -18.72 -50.31
C PHE T 216 59.10 -17.38 -50.93
N VAL T 217 58.40 -17.40 -52.05
CA VAL T 217 58.10 -16.18 -52.79
C VAL T 217 56.73 -15.66 -52.39
N HIS T 218 56.55 -14.35 -52.49
CA HIS T 218 55.32 -13.67 -52.14
C HIS T 218 55.13 -12.49 -53.08
N ILE T 219 53.94 -12.36 -53.66
CA ILE T 219 53.67 -11.31 -54.64
C ILE T 219 52.44 -10.52 -54.22
N SER T 220 52.51 -9.20 -54.35
CA SER T 220 51.38 -8.31 -54.10
C SER T 220 51.51 -7.10 -55.00
N CYS T 221 50.45 -6.30 -55.07
CA CYS T 221 50.50 -5.09 -55.88
C CYS T 221 50.00 -3.90 -55.07
N TYR T 222 50.29 -2.71 -55.58
CA TYR T 222 49.74 -1.48 -55.04
C TYR T 222 49.37 -0.57 -56.19
N ASP T 223 48.26 0.14 -56.04
CA ASP T 223 47.72 1.02 -57.07
C ASP T 223 48.02 2.46 -56.69
N ILE T 224 48.99 3.06 -57.38
CA ILE T 224 49.41 4.41 -57.09
C ILE T 224 48.58 5.35 -57.97
N SER T 225 47.73 6.14 -57.32
CA SER T 225 46.82 7.04 -58.02
C SER T 225 47.33 8.47 -57.89
N ILE T 226 47.85 9.01 -58.99
CA ILE T 226 48.44 10.35 -58.95
C ILE T 226 47.33 11.36 -58.72
N GLY T 227 47.25 11.89 -57.50
CA GLY T 227 46.36 12.98 -57.20
C GLY T 227 47.12 14.29 -57.17
N SER T 228 46.38 15.37 -57.33
CA SER T 228 46.90 16.71 -57.12
C SER T 228 46.30 17.25 -55.83
N CYS T 229 47.09 18.05 -55.14
CA CYS T 229 46.72 18.53 -53.81
C CYS T 229 46.52 17.38 -52.83
N GLY T 230 47.60 16.69 -52.55
CA GLY T 230 47.60 15.61 -51.57
C GLY T 230 47.08 14.34 -52.16
N MET U 1 51.32 -19.31 -44.67
CA MET U 1 51.47 -20.73 -44.41
C MET U 1 50.13 -21.37 -44.09
N TYR U 2 49.77 -22.40 -44.84
CA TYR U 2 48.55 -23.16 -44.61
C TYR U 2 48.77 -24.16 -43.49
N PHE U 3 47.74 -24.36 -42.68
CA PHE U 3 47.81 -25.35 -41.61
C PHE U 3 46.54 -26.17 -41.63
N PHE U 4 46.67 -27.46 -41.85
CA PHE U 4 45.54 -28.36 -41.88
C PHE U 4 45.66 -29.40 -40.78
N SER U 5 44.53 -29.76 -40.19
CA SER U 5 44.45 -30.87 -39.26
C SER U 5 43.72 -32.01 -39.95
N VAL U 6 44.25 -33.21 -39.84
CA VAL U 6 43.75 -34.36 -40.58
C VAL U 6 42.60 -35.00 -39.82
N ASP U 7 41.73 -35.70 -40.54
CA ASP U 7 40.60 -36.34 -39.89
C ASP U 7 41.04 -37.65 -39.26
N PRO U 8 40.62 -37.93 -38.02
CA PRO U 8 41.35 -38.92 -37.22
C PRO U 8 40.89 -40.37 -37.40
N ARG U 9 39.95 -40.66 -38.30
CA ARG U 9 39.51 -42.02 -38.58
C ARG U 9 39.00 -42.71 -37.32
N ASN U 10 38.03 -42.08 -36.67
CA ASN U 10 37.34 -42.63 -35.50
C ASN U 10 35.96 -43.15 -35.81
N GLY U 11 35.40 -42.84 -36.96
CA GLY U 11 33.97 -42.95 -37.15
C GLY U 11 33.23 -41.71 -36.69
N ALA U 12 33.92 -40.59 -36.59
CA ALA U 12 33.34 -39.36 -36.08
C ALA U 12 33.93 -38.15 -36.78
N SER U 13 33.78 -36.96 -36.20
CA SER U 13 34.28 -35.73 -36.80
C SER U 13 35.80 -35.67 -36.85
N SER U 21 32.26 -28.25 -49.22
CA SER U 21 31.23 -29.07 -49.82
C SER U 21 31.81 -30.35 -50.42
N CYS U 22 33.01 -30.24 -50.98
CA CYS U 22 33.68 -31.39 -51.56
C CYS U 22 34.32 -32.28 -50.51
N CYS U 23 34.93 -33.35 -51.03
CA CYS U 23 35.72 -34.27 -50.24
C CYS U 23 37.03 -33.64 -49.77
N CYS U 24 37.85 -33.18 -50.71
CA CYS U 24 39.20 -32.73 -50.40
C CYS U 24 39.18 -31.23 -50.12
N GLU U 25 39.88 -30.83 -49.05
CA GLU U 25 39.88 -29.44 -48.62
C GLU U 25 40.63 -28.58 -49.62
N SER U 26 40.59 -27.26 -49.39
CA SER U 26 40.92 -26.26 -50.40
C SER U 26 42.18 -25.49 -50.05
N ILE U 27 42.93 -25.14 -51.10
CA ILE U 27 44.14 -24.34 -51.01
C ILE U 27 44.11 -23.34 -52.14
N SER U 28 44.08 -22.05 -51.81
CA SER U 28 44.12 -21.03 -52.84
C SER U 28 45.56 -20.67 -53.16
N ALA U 29 45.82 -20.39 -54.44
CA ALA U 29 47.17 -20.19 -54.89
C ALA U 29 47.20 -19.11 -55.96
N ARG U 30 48.31 -18.38 -56.01
CA ARG U 30 48.50 -17.28 -56.93
C ARG U 30 49.70 -17.53 -57.83
N PRO U 31 49.60 -17.28 -59.13
CA PRO U 31 50.69 -17.64 -60.04
C PRO U 31 51.99 -16.93 -59.72
N GLY U 32 53.04 -17.70 -59.51
CA GLY U 32 54.35 -17.17 -59.18
C GLY U 32 54.76 -17.39 -57.74
N GLU U 33 53.81 -17.59 -56.85
CA GLU U 33 54.10 -17.77 -55.44
C GLU U 33 54.83 -19.08 -55.19
N VAL U 34 55.40 -19.19 -54.00
CA VAL U 34 55.90 -20.43 -53.43
C VAL U 34 55.57 -20.39 -51.95
N ASN U 35 54.55 -21.12 -51.53
CA ASN U 35 54.04 -21.04 -50.19
C ASN U 35 54.48 -22.25 -49.38
N GLY U 36 54.01 -22.36 -48.14
CA GLY U 36 54.34 -23.49 -47.30
C GLY U 36 53.13 -24.07 -46.63
N VAL U 37 53.05 -25.39 -46.55
CA VAL U 37 51.87 -26.08 -46.02
C VAL U 37 52.29 -26.97 -44.87
N MET U 38 51.51 -26.95 -43.79
CA MET U 38 51.73 -27.79 -42.63
C MET U 38 50.50 -28.63 -42.36
N VAL U 39 50.70 -29.92 -42.15
CA VAL U 39 49.62 -30.86 -41.88
C VAL U 39 49.91 -31.54 -40.56
N SER U 40 48.95 -31.53 -39.65
CA SER U 40 49.12 -32.03 -38.29
C SER U 40 48.43 -33.38 -38.16
N TYR U 41 49.22 -34.45 -38.25
CA TYR U 41 48.69 -35.80 -38.11
C TYR U 41 48.48 -36.22 -36.67
N ALA U 42 48.52 -35.29 -35.72
CA ALA U 42 48.44 -35.66 -34.31
C ALA U 42 47.15 -36.38 -33.99
N ALA U 43 46.03 -35.95 -34.57
CA ALA U 43 44.75 -36.55 -34.24
C ALA U 43 44.66 -38.01 -34.65
N TRP U 44 45.43 -38.43 -35.64
CA TRP U 44 45.37 -39.79 -36.15
C TRP U 44 46.48 -40.67 -35.64
N SER U 45 47.70 -40.15 -35.55
CA SER U 45 48.87 -40.95 -35.24
C SER U 45 49.24 -40.95 -33.77
N ALA U 46 48.60 -40.13 -32.94
CA ALA U 46 48.92 -40.13 -31.53
C ALA U 46 48.30 -41.34 -30.82
N PRO U 47 47.02 -41.65 -30.99
CA PRO U 47 46.49 -42.87 -30.39
C PRO U 47 47.24 -44.12 -30.79
N LEU U 48 47.71 -44.21 -32.02
CA LEU U 48 48.56 -45.31 -32.44
C LEU U 48 49.92 -45.18 -31.78
N ARG U 49 49.96 -45.43 -30.48
CA ARG U 49 51.19 -45.16 -29.72
C ARG U 49 52.33 -45.96 -30.31
N GLY U 50 53.26 -45.28 -30.95
CA GLY U 50 54.35 -45.93 -31.63
C GLY U 50 55.51 -44.98 -31.84
N HIS U 51 56.14 -45.05 -33.00
CA HIS U 51 57.26 -44.17 -33.31
C HIS U 51 56.88 -43.05 -34.26
N GLY U 52 55.61 -42.66 -34.28
CA GLY U 52 55.21 -41.47 -35.00
C GLY U 52 55.32 -41.63 -36.51
N LEU U 53 55.50 -40.50 -37.19
CA LEU U 53 55.54 -40.47 -38.63
C LEU U 53 56.90 -40.91 -39.14
N THR U 54 56.97 -41.20 -40.43
CA THR U 54 58.24 -41.48 -41.09
C THR U 54 58.32 -40.67 -42.37
N ASN U 55 59.53 -40.56 -42.92
CA ASN U 55 59.76 -39.78 -44.15
C ASN U 55 59.51 -40.64 -45.38
N LYS U 56 58.30 -41.19 -45.46
CA LYS U 56 57.87 -41.92 -46.64
C LYS U 56 56.55 -41.36 -47.15
N THR U 57 56.48 -40.05 -47.30
CA THR U 57 55.33 -39.40 -47.90
C THR U 57 55.43 -39.46 -49.41
N THR U 58 54.28 -39.57 -50.06
CA THR U 58 54.20 -39.60 -51.50
C THR U 58 53.11 -38.62 -51.95
N PHE U 59 53.42 -37.83 -52.97
CA PHE U 59 52.51 -36.82 -53.47
C PHE U 59 52.12 -37.14 -54.91
N GLU U 60 50.97 -36.63 -55.32
CA GLU U 60 50.56 -36.77 -56.72
C GLU U 60 49.70 -35.59 -57.09
N ILE U 61 49.97 -34.99 -58.24
CA ILE U 61 49.22 -33.85 -58.74
C ILE U 61 48.44 -34.29 -59.96
N ASP U 62 47.15 -33.95 -59.98
CA ASP U 62 46.29 -34.22 -61.12
C ASP U 62 45.35 -33.04 -61.30
N GLY U 63 45.07 -32.71 -62.55
CA GLY U 63 44.24 -31.56 -62.85
C GLY U 63 42.78 -31.93 -62.94
N VAL U 64 41.92 -31.13 -62.31
CA VAL U 64 40.49 -31.27 -62.44
C VAL U 64 39.91 -30.21 -63.39
N SER U 65 40.74 -29.26 -63.83
CA SER U 65 40.39 -28.21 -64.78
C SER U 65 41.68 -27.54 -65.20
N VAL U 66 42.00 -27.51 -66.50
CA VAL U 66 43.35 -27.16 -66.93
C VAL U 66 43.38 -25.94 -67.84
N THR U 67 42.44 -25.80 -68.77
CA THR U 67 42.47 -24.69 -69.71
C THR U 67 43.77 -24.69 -70.51
N PRO U 68 43.90 -25.56 -71.50
CA PRO U 68 45.19 -25.79 -72.18
C PRO U 68 45.87 -24.49 -72.56
N PRO U 69 47.19 -24.43 -72.49
CA PRO U 69 47.89 -23.16 -72.74
C PRO U 69 47.87 -22.80 -74.20
N LYS U 70 48.01 -21.51 -74.47
CA LYS U 70 48.02 -21.00 -75.83
C LYS U 70 49.41 -21.05 -76.45
N VAL U 71 50.40 -20.53 -75.73
CA VAL U 71 51.75 -20.37 -76.24
C VAL U 71 52.58 -21.56 -75.82
N SER U 72 53.35 -22.12 -76.75
CA SER U 72 54.18 -23.27 -76.40
C SER U 72 55.43 -22.81 -75.67
N ASN U 73 56.03 -23.75 -74.93
CA ASN U 73 57.32 -23.51 -74.33
C ASN U 73 58.42 -23.90 -75.31
N ALA U 74 59.67 -23.68 -74.93
CA ALA U 74 60.76 -23.92 -75.86
C ALA U 74 62.03 -24.24 -75.09
N PHE U 75 62.98 -24.86 -75.79
CA PHE U 75 64.26 -25.23 -75.21
C PHE U 75 65.38 -24.83 -76.15
N GLY U 76 66.43 -24.22 -75.59
CA GLY U 76 67.61 -23.87 -76.36
C GLY U 76 68.86 -24.39 -75.67
N ARG U 77 69.98 -24.22 -76.37
CA ARG U 77 71.25 -24.73 -75.85
C ARG U 77 72.39 -23.86 -76.33
N THR U 78 73.38 -23.68 -75.46
CA THR U 78 74.55 -22.86 -75.77
C THR U 78 75.72 -23.33 -74.93
N LYS U 79 76.93 -23.08 -75.40
CA LYS U 79 78.11 -23.38 -74.61
C LYS U 79 78.40 -22.23 -73.65
N VAL U 80 79.36 -22.43 -72.76
CA VAL U 80 79.70 -21.37 -71.82
C VAL U 80 80.24 -20.16 -72.56
N GLY U 81 79.85 -18.98 -72.09
CA GLY U 81 80.39 -17.72 -72.56
C GLY U 81 79.89 -17.24 -73.91
N VAL U 82 79.41 -18.12 -74.76
CA VAL U 82 78.96 -17.71 -76.09
C VAL U 82 77.53 -17.21 -76.01
N VAL U 83 77.27 -16.07 -76.65
CA VAL U 83 75.96 -15.44 -76.62
C VAL U 83 74.99 -16.29 -77.40
N PHE U 84 73.74 -16.35 -76.93
CA PHE U 84 72.72 -17.19 -77.53
C PHE U 84 71.60 -16.32 -78.09
N GLU U 85 71.17 -16.66 -79.31
CA GLU U 85 70.03 -16.03 -79.96
C GLU U 85 68.90 -17.05 -80.07
N GLY U 86 67.71 -16.53 -80.33
CA GLY U 86 66.55 -17.35 -80.53
C GLY U 86 65.37 -16.50 -80.93
N THR U 87 64.30 -17.16 -81.34
CA THR U 87 63.11 -16.47 -81.79
C THR U 87 61.99 -16.68 -80.78
N LEU U 88 60.99 -15.83 -80.86
CA LEU U 88 59.87 -15.88 -79.92
C LEU U 88 58.56 -15.74 -80.67
N SER U 89 58.50 -16.22 -81.92
CA SER U 89 57.31 -16.06 -82.73
C SER U 89 56.71 -17.37 -83.21
N ASP U 90 57.48 -18.45 -83.27
CA ASP U 90 56.95 -19.76 -83.62
C ASP U 90 56.40 -20.47 -82.40
N LEU U 91 56.31 -19.76 -81.27
CA LEU U 91 55.83 -20.33 -80.02
C LEU U 91 54.40 -19.89 -79.73
N PHE U 92 53.77 -19.19 -80.68
CA PHE U 92 52.40 -18.69 -80.51
C PHE U 92 51.60 -18.99 -81.76
N PRO U 93 51.24 -20.26 -81.97
CA PRO U 93 50.34 -20.55 -83.08
C PRO U 93 48.99 -19.91 -82.81
N ASN U 94 48.65 -18.88 -83.56
CA ASN U 94 47.41 -18.19 -83.30
C ASN U 94 46.30 -18.70 -84.21
N PRO U 95 45.09 -18.89 -83.67
CA PRO U 95 43.96 -19.26 -84.53
C PRO U 95 43.53 -18.10 -85.41
N GLU U 96 43.36 -16.94 -84.77
CA GLU U 96 42.75 -15.77 -85.38
C GLU U 96 43.79 -14.78 -85.89
N GLY U 97 43.33 -13.60 -86.32
CA GLY U 97 44.20 -12.52 -86.71
C GLY U 97 44.40 -11.48 -85.63
N GLU U 98 45.66 -11.27 -85.22
CA GLU U 98 45.98 -10.28 -84.22
C GLU U 98 47.49 -10.08 -84.21
N GLN U 99 47.93 -9.08 -83.47
CA GLN U 99 49.33 -8.74 -83.31
C GLN U 99 49.89 -9.30 -82.02
N VAL U 100 51.23 -9.37 -81.96
CA VAL U 100 51.95 -10.11 -80.95
C VAL U 100 52.84 -9.20 -80.11
N GLU U 101 52.31 -8.73 -78.98
CA GLU U 101 53.07 -7.89 -78.07
C GLU U 101 54.00 -8.70 -77.19
N TYR U 102 55.11 -9.15 -77.75
CA TYR U 102 56.11 -9.90 -77.00
C TYR U 102 56.57 -9.12 -75.77
N GLU U 103 56.66 -9.81 -74.63
CA GLU U 103 57.00 -9.14 -73.38
C GLU U 103 57.79 -10.08 -72.48
N ILE U 104 58.80 -9.55 -71.81
CA ILE U 104 59.58 -10.28 -70.83
C ILE U 104 59.39 -9.58 -69.50
N SER U 105 58.61 -10.19 -68.61
CA SER U 105 58.33 -9.60 -67.31
C SER U 105 59.60 -9.54 -66.47
N GLU U 106 59.84 -8.40 -65.83
CA GLU U 106 61.01 -8.26 -64.96
C GLU U 106 60.90 -9.06 -63.68
N LEU U 107 59.70 -9.46 -63.27
CA LEU U 107 59.56 -10.26 -62.06
C LEU U 107 60.08 -11.66 -62.29
N ASN U 108 59.94 -12.17 -63.52
CA ASN U 108 60.30 -13.53 -63.85
C ASN U 108 61.35 -13.58 -64.95
N GLY U 109 62.33 -12.68 -64.88
CA GLY U 109 63.40 -12.68 -65.86
C GLY U 109 64.36 -13.81 -65.61
N PRO U 110 65.48 -13.81 -66.32
CA PRO U 110 66.47 -14.87 -66.12
C PRO U 110 67.18 -14.73 -64.78
N SER U 111 68.06 -15.68 -64.48
CA SER U 111 68.71 -15.71 -63.17
C SER U 111 70.22 -15.53 -63.25
N ASN U 112 70.85 -16.00 -64.32
CA ASN U 112 72.30 -15.86 -64.47
C ASN U 112 72.66 -15.32 -65.85
N GLY U 113 71.80 -14.50 -66.42
CA GLY U 113 72.04 -13.91 -67.73
C GLY U 113 71.33 -12.59 -67.87
N VAL U 114 71.15 -12.15 -69.12
CA VAL U 114 70.38 -10.94 -69.45
C VAL U 114 69.74 -11.20 -70.80
N VAL U 115 68.53 -10.66 -71.00
CA VAL U 115 67.83 -10.79 -72.27
C VAL U 115 67.40 -9.41 -72.76
N GLU U 116 67.74 -9.08 -74.01
CA GLU U 116 67.34 -7.82 -74.64
C GLU U 116 66.25 -8.18 -75.64
N LEU U 117 65.00 -7.98 -75.28
CA LEU U 117 63.94 -8.27 -76.23
C LEU U 117 64.00 -7.31 -77.42
N GLY U 118 64.01 -7.88 -78.62
CA GLY U 118 64.09 -7.09 -79.84
C GLY U 118 62.76 -6.45 -80.18
N ALA U 119 62.69 -5.92 -81.39
CA ALA U 119 61.45 -5.31 -81.84
C ALA U 119 60.43 -6.35 -82.28
N ASN U 120 60.90 -7.44 -82.90
CA ASN U 120 60.01 -8.47 -83.43
C ASN U 120 60.47 -9.83 -82.92
N GLY U 121 59.83 -10.30 -81.84
CA GLY U 121 59.99 -11.65 -81.35
C GLY U 121 61.39 -12.22 -81.29
N ALA U 122 62.38 -11.35 -81.17
CA ALA U 122 63.77 -11.77 -81.11
C ALA U 122 64.37 -11.33 -79.78
N PHE U 123 65.38 -12.07 -79.33
CA PHE U 123 65.94 -11.81 -78.02
C PHE U 123 67.33 -12.41 -77.96
N THR U 124 68.21 -11.77 -77.18
CA THR U 124 69.58 -12.22 -77.01
C THR U 124 69.81 -12.52 -75.55
N TYR U 125 70.20 -13.74 -75.25
CA TYR U 125 70.49 -14.16 -73.89
C TYR U 125 72.00 -14.30 -73.77
N THR U 126 72.64 -13.28 -73.20
CA THR U 126 74.07 -13.33 -72.94
C THR U 126 74.29 -13.97 -71.58
N PRO U 127 74.77 -15.21 -71.53
CA PRO U 127 74.92 -15.89 -70.24
C PRO U 127 75.95 -15.19 -69.37
N GLY U 128 75.71 -15.20 -68.07
CA GLY U 128 76.66 -14.61 -67.15
C GLY U 128 78.01 -15.27 -67.24
N ALA U 129 79.06 -14.45 -67.28
CA ALA U 129 80.42 -14.95 -67.45
C ALA U 129 80.78 -15.89 -66.31
N LEU U 130 81.53 -16.94 -66.66
CA LEU U 130 81.94 -17.97 -65.70
C LEU U 130 80.72 -18.61 -65.02
N PHE U 131 79.88 -19.22 -65.84
CA PHE U 131 78.69 -19.89 -65.34
C PHE U 131 78.26 -20.95 -66.34
N THR U 132 77.92 -22.14 -65.83
CA THR U 132 77.44 -23.21 -66.70
C THR U 132 76.36 -23.97 -65.95
N GLY U 133 75.13 -23.88 -66.41
CA GLY U 133 74.03 -24.59 -65.80
C GLY U 133 72.80 -24.49 -66.68
N VAL U 134 71.64 -24.37 -66.04
CA VAL U 134 70.38 -24.17 -66.73
C VAL U 134 69.79 -22.85 -66.29
N ASP U 135 69.08 -22.19 -67.20
CA ASP U 135 68.51 -20.89 -66.90
C ASP U 135 67.19 -20.75 -67.62
N ARG U 136 66.21 -20.12 -66.95
CA ARG U 136 64.87 -19.96 -67.47
C ARG U 136 64.48 -18.48 -67.46
N PHE U 137 63.48 -18.16 -68.26
CA PHE U 137 62.79 -16.89 -68.16
C PHE U 137 61.42 -17.06 -68.78
N TRP U 138 60.47 -16.26 -68.30
CA TRP U 138 59.07 -16.41 -68.64
C TRP U 138 58.62 -15.23 -69.48
N PHE U 139 58.32 -15.49 -70.75
CA PHE U 139 57.80 -14.49 -71.67
C PHE U 139 56.29 -14.49 -71.66
N SER U 140 55.70 -13.44 -72.20
CA SER U 140 54.25 -13.29 -72.26
C SER U 140 53.87 -12.76 -73.65
N ILE U 141 53.60 -13.67 -74.57
CA ILE U 141 53.19 -13.30 -75.92
C ILE U 141 51.70 -12.98 -75.86
N ASN U 142 51.39 -11.69 -75.75
CA ASN U 142 50.01 -11.21 -75.81
C ASN U 142 49.17 -11.80 -74.68
N GLY U 143 49.63 -11.54 -73.45
CA GLY U 143 48.90 -11.97 -72.28
C GLY U 143 49.15 -13.41 -71.86
N ASN U 144 49.35 -14.29 -72.83
CA ASN U 144 49.57 -15.69 -72.53
C ASN U 144 51.03 -15.95 -72.23
N ILE U 145 51.29 -16.67 -71.13
CA ILE U 145 52.63 -16.82 -70.59
C ILE U 145 53.14 -18.24 -70.86
N GLY U 146 54.42 -18.33 -71.18
CA GLY U 146 55.11 -19.60 -71.31
C GLY U 146 56.54 -19.38 -70.83
N GLU U 147 57.34 -20.43 -70.87
CA GLU U 147 58.71 -20.33 -70.40
C GLU U 147 59.68 -20.79 -71.49
N TYR U 148 60.86 -20.18 -71.48
CA TYR U 148 61.95 -20.54 -72.36
C TYR U 148 63.10 -21.04 -71.50
N VAL U 149 63.59 -22.24 -71.78
CA VAL U 149 64.62 -22.88 -70.98
C VAL U 149 65.90 -22.95 -71.81
N ILE U 150 66.98 -22.41 -71.26
CA ILE U 150 68.29 -22.45 -71.89
C ILE U 150 69.26 -23.16 -70.96
N SER U 151 70.09 -24.03 -71.53
CA SER U 151 71.11 -24.77 -70.78
C SER U 151 72.48 -24.40 -71.35
N VAL U 152 73.35 -23.89 -70.48
CA VAL U 152 74.69 -23.46 -70.88
C VAL U 152 75.69 -24.53 -70.46
N ASP U 153 76.48 -25.00 -71.43
CA ASP U 153 77.37 -26.14 -71.28
C ASP U 153 78.77 -25.68 -70.89
N PRO U 154 79.55 -26.54 -70.21
CA PRO U 154 80.88 -26.11 -69.76
C PRO U 154 81.94 -26.36 -70.82
N THR U 155 81.56 -26.09 -72.06
CA THR U 155 82.40 -26.09 -73.26
C THR U 155 82.83 -27.50 -73.69
N THR U 156 82.65 -28.51 -72.85
CA THR U 156 83.15 -29.81 -73.31
C THR U 156 82.14 -30.56 -74.17
N SER U 157 81.15 -31.19 -73.55
CA SER U 157 80.27 -32.04 -74.37
C SER U 157 78.95 -31.43 -74.79
N GLU U 158 77.96 -31.52 -73.89
CA GLU U 158 76.56 -31.12 -74.12
C GLU U 158 75.79 -31.35 -72.82
N LEU U 159 74.93 -30.43 -72.39
CA LEU U 159 74.13 -30.70 -71.20
C LEU U 159 72.83 -31.43 -71.54
N PRO U 160 72.28 -32.20 -70.60
CA PRO U 160 70.97 -32.82 -70.78
C PRO U 160 69.83 -31.81 -70.72
N GLN U 161 68.58 -32.30 -70.69
CA GLN U 161 67.43 -31.45 -70.97
C GLN U 161 66.42 -31.52 -69.81
N PRO U 162 66.19 -30.40 -69.13
CA PRO U 162 65.36 -30.40 -67.92
C PRO U 162 63.88 -30.47 -68.24
N PRO U 163 63.05 -30.88 -67.27
CA PRO U 163 61.68 -31.32 -67.58
C PRO U 163 60.58 -30.26 -67.66
N PHE U 164 60.88 -28.98 -67.88
CA PHE U 164 59.81 -28.02 -68.20
C PHE U 164 58.76 -27.87 -67.10
N THR U 165 59.11 -27.19 -66.01
CA THR U 165 58.28 -27.06 -64.82
C THR U 165 56.78 -26.95 -65.11
N THR U 166 55.99 -27.68 -64.33
CA THR U 166 54.55 -27.77 -64.47
C THR U 166 53.87 -26.60 -63.78
N PRO U 167 52.56 -26.39 -64.02
CA PRO U 167 51.86 -25.28 -63.36
C PRO U 167 51.92 -25.32 -61.86
N VAL U 168 51.52 -26.43 -61.25
CA VAL U 168 51.60 -26.62 -59.81
C VAL U 168 52.52 -27.80 -59.54
N TYR U 169 53.43 -27.63 -58.58
CA TYR U 169 54.41 -28.67 -58.29
C TYR U 169 54.69 -28.67 -56.79
N VAL U 170 55.31 -29.76 -56.36
CA VAL U 170 55.76 -29.91 -54.97
C VAL U 170 57.25 -30.21 -55.01
N PRO U 171 58.10 -29.25 -54.63
CA PRO U 171 59.54 -29.41 -54.76
C PRO U 171 60.08 -30.77 -54.35
N ALA U 172 61.02 -31.28 -55.13
CA ALA U 172 61.56 -32.63 -55.01
C ALA U 172 61.89 -33.01 -53.58
N ALA U 173 62.73 -32.24 -52.90
CA ALA U 173 63.07 -32.60 -51.53
C ALA U 173 63.16 -31.37 -50.65
N ARG U 174 62.01 -30.96 -50.12
CA ARG U 174 61.92 -29.89 -49.13
C ARG U 174 60.86 -30.25 -48.10
N ARG U 175 60.56 -31.54 -47.99
CA ARG U 175 59.51 -32.07 -47.16
C ARG U 175 60.13 -32.61 -45.88
N SER U 176 59.39 -32.55 -44.78
CA SER U 176 59.92 -33.15 -43.58
C SER U 176 58.80 -33.40 -42.60
N VAL U 177 59.12 -34.21 -41.60
CA VAL U 177 58.18 -34.64 -40.58
C VAL U 177 58.90 -34.67 -39.25
N ASP U 178 58.28 -34.07 -38.23
CA ASP U 178 58.83 -34.12 -36.88
C ASP U 178 58.07 -35.19 -36.11
N PRO U 179 58.65 -36.38 -35.89
CA PRO U 179 57.89 -37.43 -35.20
C PRO U 179 57.53 -37.07 -33.77
N ARG U 180 58.06 -35.98 -33.26
CA ARG U 180 57.89 -35.51 -31.90
C ARG U 180 56.55 -34.81 -31.69
N THR U 181 55.96 -34.27 -32.76
CA THR U 181 54.67 -33.60 -32.66
C THR U 181 53.74 -33.95 -33.81
N HIS U 182 54.13 -34.89 -34.67
CA HIS U 182 53.27 -35.40 -35.74
C HIS U 182 52.83 -34.28 -36.68
N VAL U 183 53.81 -33.66 -37.33
CA VAL U 183 53.54 -32.54 -38.23
C VAL U 183 54.37 -32.74 -39.49
N LEU U 184 53.70 -32.68 -40.63
CA LEU U 184 54.34 -32.80 -41.94
C LEU U 184 54.44 -31.43 -42.57
N LYS U 185 55.62 -31.08 -43.06
CA LYS U 185 55.85 -29.82 -43.74
C LYS U 185 56.22 -30.09 -45.19
N PHE U 186 55.63 -29.34 -46.10
CA PHE U 186 56.04 -29.41 -47.49
C PHE U 186 55.76 -28.08 -48.15
N VAL U 187 56.41 -27.86 -49.27
CA VAL U 187 56.33 -26.61 -50.00
C VAL U 187 55.44 -26.81 -51.22
N LEU U 188 54.68 -25.78 -51.57
CA LEU U 188 53.78 -25.83 -52.72
C LEU U 188 54.05 -24.63 -53.59
N GLY U 189 54.58 -24.86 -54.79
CA GLY U 189 54.95 -23.78 -55.68
C GLY U 189 54.06 -23.75 -56.91
N VAL U 190 53.74 -22.54 -57.36
CA VAL U 190 52.87 -22.32 -58.50
C VAL U 190 53.67 -21.61 -59.58
N SER U 191 53.69 -22.19 -60.78
CA SER U 191 54.45 -21.58 -61.87
C SER U 191 53.78 -20.28 -62.28
N PRO U 192 54.53 -19.37 -62.91
CA PRO U 192 53.91 -18.13 -63.40
C PRO U 192 52.98 -18.35 -64.58
N ALA U 193 52.96 -19.54 -65.16
CA ALA U 193 52.12 -19.82 -66.32
C ALA U 193 50.81 -20.48 -65.94
N ALA U 194 50.54 -20.68 -64.65
CA ALA U 194 49.27 -21.24 -64.23
C ALA U 194 48.15 -20.26 -64.57
N ILE U 195 47.08 -20.78 -65.15
CA ILE U 195 46.00 -19.92 -65.62
C ILE U 195 44.97 -19.76 -64.51
N PRO U 196 44.58 -18.54 -64.16
CA PRO U 196 43.63 -18.36 -63.05
C PRO U 196 42.30 -19.04 -63.35
N GLY U 197 41.71 -19.61 -62.31
CA GLY U 197 40.47 -20.33 -62.43
C GLY U 197 40.60 -21.84 -62.48
N ASP U 198 41.79 -22.35 -62.77
CA ASP U 198 42.00 -23.78 -62.83
C ASP U 198 41.95 -24.40 -61.44
N VAL U 199 41.81 -25.72 -61.41
CA VAL U 199 41.79 -26.47 -60.16
C VAL U 199 42.66 -27.71 -60.34
N TYR U 200 43.56 -27.94 -59.39
CA TYR U 200 44.37 -29.14 -59.36
C TYR U 200 44.09 -29.88 -58.06
N ARG U 201 44.47 -31.16 -58.02
CA ARG U 201 44.23 -31.99 -56.87
C ARG U 201 45.53 -32.65 -56.42
N LEU U 202 45.86 -32.47 -55.15
CA LEU U 202 47.06 -33.04 -54.56
C LEU U 202 46.65 -34.14 -53.59
N THR U 203 47.20 -35.34 -53.78
CA THR U 203 46.95 -36.46 -52.90
C THR U 203 48.22 -36.79 -52.12
N VAL U 204 48.08 -36.93 -50.81
CA VAL U 204 49.18 -37.16 -49.90
C VAL U 204 49.00 -38.50 -49.23
N ARG U 205 49.99 -39.37 -49.33
CA ARG U 205 49.96 -40.68 -48.70
C ARG U 205 51.06 -40.73 -47.65
N GLN U 206 50.68 -40.69 -46.39
CA GLN U 206 51.62 -40.60 -45.28
C GLN U 206 51.54 -41.87 -44.44
N VAL U 207 52.71 -42.39 -44.06
CA VAL U 207 52.80 -43.63 -43.28
C VAL U 207 53.24 -43.28 -41.87
N ALA U 208 52.49 -43.77 -40.90
CA ALA U 208 52.97 -43.82 -39.53
C ALA U 208 53.70 -45.15 -39.37
N ILE U 209 54.07 -45.48 -38.14
CA ILE U 209 54.84 -46.69 -37.91
C ILE U 209 54.56 -47.16 -36.50
N ASP U 210 54.40 -48.47 -36.34
CA ASP U 210 54.18 -49.02 -35.01
C ASP U 210 55.50 -49.42 -34.39
N CYS U 211 55.45 -49.76 -33.11
CA CYS U 211 56.65 -49.70 -32.31
C CYS U 211 57.60 -50.84 -32.66
N ASP U 212 57.12 -51.83 -33.42
CA ASP U 212 57.95 -52.84 -34.08
C ASP U 212 58.33 -52.51 -35.50
N GLY U 213 57.89 -51.38 -36.03
CA GLY U 213 58.28 -50.97 -37.37
C GLY U 213 57.33 -51.33 -38.49
N ASN U 214 56.12 -51.77 -38.19
CA ASN U 214 55.14 -52.02 -39.24
C ASN U 214 54.48 -50.71 -39.64
N GLU U 215 53.44 -50.74 -40.47
CA GLU U 215 53.06 -49.53 -41.18
C GLU U 215 51.59 -49.23 -40.98
N PHE U 216 51.28 -47.94 -40.94
CA PHE U 216 49.91 -47.44 -40.91
C PHE U 216 49.81 -46.35 -41.96
N VAL U 217 49.03 -46.57 -43.00
CA VAL U 217 48.94 -45.65 -44.11
C VAL U 217 47.74 -44.73 -43.91
N HIS U 218 47.84 -43.52 -44.45
CA HIS U 218 46.80 -42.50 -44.36
C HIS U 218 46.80 -41.70 -45.65
N ILE U 219 45.62 -41.50 -46.24
CA ILE U 219 45.50 -40.81 -47.52
C ILE U 219 44.50 -39.67 -47.39
N SER U 220 44.84 -38.52 -47.97
CA SER U 220 43.95 -37.37 -48.04
C SER U 220 44.26 -36.60 -49.30
N CYS U 221 43.39 -35.64 -49.64
CA CYS U 221 43.63 -34.82 -50.83
C CYS U 221 43.46 -33.36 -50.47
N TYR U 222 43.95 -32.50 -51.36
CA TYR U 222 43.72 -31.06 -51.28
C TYR U 222 43.46 -30.54 -52.67
N ASP U 223 42.53 -29.59 -52.77
CA ASP U 223 42.11 -29.02 -54.04
C ASP U 223 42.74 -27.64 -54.18
N ILE U 224 43.75 -27.54 -55.03
CA ILE U 224 44.48 -26.29 -55.24
C ILE U 224 43.79 -25.55 -56.37
N SER U 225 43.18 -24.41 -56.04
CA SER U 225 42.42 -23.62 -57.01
C SER U 225 43.23 -22.39 -57.38
N ILE U 226 43.76 -22.37 -58.60
CA ILE U 226 44.63 -21.27 -59.03
C ILE U 226 43.78 -20.02 -59.16
N GLY U 227 43.91 -19.11 -58.20
CA GLY U 227 43.30 -17.81 -58.29
C GLY U 227 44.32 -16.77 -58.71
N SER U 228 43.81 -15.67 -59.24
CA SER U 228 44.62 -14.49 -59.51
C SER U 228 44.25 -13.44 -58.48
N CYS U 229 45.25 -12.65 -58.11
CA CYS U 229 45.09 -11.68 -57.03
C CYS U 229 44.74 -12.35 -55.71
N GLY U 230 45.67 -13.14 -55.21
CA GLY U 230 45.51 -13.79 -53.92
C GLY U 230 44.69 -15.04 -54.02
N MET V 1 42.32 -44.25 -35.40
CA MET V 1 42.19 -45.50 -34.66
C MET V 1 40.78 -45.67 -34.13
N TYR V 2 40.15 -46.79 -34.49
CA TYR V 2 38.82 -47.12 -34.00
C TYR V 2 38.92 -47.71 -32.61
N PHE V 3 37.93 -47.39 -31.77
CA PHE V 3 37.88 -47.95 -30.43
C PHE V 3 36.47 -48.41 -30.16
N PHE V 4 36.30 -49.71 -29.91
CA PHE V 4 35.01 -50.29 -29.63
C PHE V 4 35.00 -50.89 -28.25
N SER V 5 33.86 -50.77 -27.56
CA SER V 5 33.63 -51.46 -26.31
C SER V 5 32.62 -52.57 -26.56
N VAL V 6 32.89 -53.74 -26.04
CA VAL V 6 32.10 -54.93 -26.34
C VAL V 6 30.91 -55.00 -25.40
N ASP V 7 29.86 -55.67 -25.83
CA ASP V 7 28.68 -55.78 -25.00
C ASP V 7 28.88 -56.88 -23.95
N PRO V 8 28.51 -56.62 -22.69
CA PRO V 8 29.07 -57.43 -21.60
C PRO V 8 28.31 -58.71 -21.27
N ARG V 9 27.26 -59.07 -22.02
CA ARG V 9 26.52 -60.31 -21.80
C ARG V 9 25.97 -60.41 -20.37
N ASN V 10 25.21 -59.38 -19.98
CA ASN V 10 24.52 -59.34 -18.69
C ASN V 10 23.04 -59.61 -18.79
N GLY V 11 22.47 -59.58 -19.99
CA GLY V 11 21.04 -59.42 -20.13
C GLY V 11 20.61 -57.97 -20.12
N ALA V 12 21.53 -57.06 -20.41
CA ALA V 12 21.27 -55.63 -20.36
C ALA V 12 22.04 -54.90 -21.44
N SER V 13 22.19 -53.58 -21.29
CA SER V 13 22.89 -52.78 -22.29
C SER V 13 24.38 -53.07 -22.36
N SER V 21 21.51 -49.65 -36.52
CA SER V 21 20.27 -50.37 -36.80
C SER V 21 20.52 -51.87 -36.92
N CYS V 22 21.67 -52.22 -37.49
CA CYS V 22 22.03 -53.63 -37.63
C CYS V 22 22.56 -54.24 -36.35
N CYS V 23 22.88 -55.52 -36.47
CA CYS V 23 23.52 -56.27 -35.41
C CYS V 23 24.97 -55.83 -35.19
N CYS V 24 25.79 -55.92 -36.24
CA CYS V 24 27.23 -55.71 -36.11
C CYS V 24 27.54 -54.24 -36.36
N GLU V 25 28.40 -53.67 -35.49
CA GLU V 25 28.72 -52.25 -35.57
C GLU V 25 29.56 -51.97 -36.82
N SER V 26 29.82 -50.69 -37.05
CA SER V 26 30.26 -50.18 -38.34
C SER V 26 31.68 -49.64 -38.29
N ILE V 27 32.40 -49.84 -39.39
CA ILE V 27 33.75 -49.36 -39.58
C ILE V 27 33.85 -48.81 -40.99
N SER V 28 34.12 -47.51 -41.12
CA SER V 28 34.29 -46.94 -42.45
C SER V 28 35.75 -47.05 -42.88
N ALA V 29 35.95 -47.29 -44.17
CA ALA V 29 37.28 -47.55 -44.68
C ALA V 29 37.44 -46.92 -46.04
N ARG V 30 38.68 -46.53 -46.35
CA ARG V 30 39.02 -45.86 -47.59
C ARG V 30 40.07 -46.68 -48.35
N PRO V 31 39.91 -46.86 -49.66
CA PRO V 31 40.83 -47.73 -50.39
C PRO V 31 42.27 -47.27 -50.34
N GLY V 32 43.15 -48.15 -49.89
CA GLY V 32 44.56 -47.85 -49.76
C GLY V 32 45.04 -47.66 -48.34
N GLU V 33 44.13 -47.33 -47.42
CA GLU V 33 44.49 -47.09 -46.04
C GLU V 33 44.94 -48.36 -45.35
N VAL V 34 45.57 -48.18 -44.19
CA VAL V 34 45.85 -49.25 -43.24
C VAL V 34 45.65 -48.63 -41.86
N ASN V 35 44.54 -48.95 -41.22
CA ASN V 35 44.16 -48.29 -39.99
C ASN V 35 44.40 -49.24 -38.80
N GLY V 36 44.03 -48.81 -37.60
CA GLY V 36 44.18 -49.63 -36.43
C GLY V 36 42.92 -49.67 -35.59
N VAL V 37 42.57 -50.83 -35.05
CA VAL V 37 41.32 -51.02 -34.33
C VAL V 37 41.63 -51.54 -32.94
N MET V 38 40.96 -50.98 -31.93
CA MET V 38 41.10 -51.40 -30.55
C MET V 38 39.74 -51.80 -30.00
N VAL V 39 39.68 -52.97 -29.36
CA VAL V 39 38.45 -53.50 -28.78
C VAL V 39 38.70 -53.74 -27.31
N SER V 40 37.84 -53.20 -26.46
CA SER V 40 38.01 -53.24 -25.01
C SER V 40 37.06 -54.28 -24.42
N TYR V 41 37.60 -55.46 -24.13
CA TYR V 41 36.81 -56.53 -23.54
C TYR V 41 36.63 -56.38 -22.04
N ALA V 42 36.95 -55.22 -21.47
CA ALA V 42 36.91 -55.07 -20.02
C ALA V 42 35.51 -55.33 -19.46
N ALA V 43 34.47 -54.88 -20.16
CA ALA V 43 33.13 -55.03 -19.63
C ALA V 43 32.70 -56.48 -19.51
N TRP V 44 33.28 -57.38 -20.30
CA TRP V 44 32.89 -58.78 -20.31
C TRP V 44 33.83 -59.66 -19.52
N SER V 45 35.13 -59.43 -19.63
CA SER V 45 36.13 -60.32 -19.06
C SER V 45 36.61 -59.91 -17.68
N ALA V 46 36.23 -58.73 -17.20
CA ALA V 46 36.65 -58.35 -15.86
C ALA V 46 35.85 -59.06 -14.78
N PRO V 47 34.52 -59.11 -14.83
CA PRO V 47 33.79 -59.91 -13.83
C PRO V 47 34.23 -61.36 -13.79
N LEU V 48 34.58 -61.95 -14.92
CA LEU V 48 35.13 -63.30 -14.93
C LEU V 48 36.54 -63.27 -14.36
N ARG V 49 36.63 -63.05 -13.05
CA ARG V 49 37.94 -62.84 -12.44
C ARG V 49 38.84 -64.03 -12.71
N GLY V 50 39.83 -63.83 -13.55
CA GLY V 50 40.71 -64.90 -13.97
C GLY V 50 42.02 -64.36 -14.49
N HIS V 51 42.53 -64.95 -15.57
CA HIS V 51 43.78 -64.51 -16.17
C HIS V 51 43.57 -63.71 -17.44
N GLY V 52 42.41 -63.08 -17.59
CA GLY V 52 42.22 -62.15 -18.68
C GLY V 52 42.17 -62.83 -20.04
N LEU V 53 42.53 -62.06 -21.06
CA LEU V 53 42.45 -62.52 -22.43
C LEU V 53 43.65 -63.41 -22.76
N THR V 54 43.55 -64.13 -23.87
CA THR V 54 44.68 -64.88 -24.40
C THR V 54 44.82 -64.59 -25.88
N ASN V 55 45.98 -64.94 -26.44
CA ASN V 55 46.26 -64.70 -27.85
C ASN V 55 45.74 -65.85 -28.71
N LYS V 56 44.44 -66.09 -28.60
CA LYS V 56 43.78 -67.07 -29.46
C LYS V 56 42.57 -66.42 -30.11
N THR V 57 42.76 -65.27 -30.72
CA THR V 57 41.73 -64.61 -31.50
C THR V 57 41.70 -65.20 -32.90
N THR V 58 40.50 -65.26 -33.46
CA THR V 58 40.30 -65.74 -34.81
C THR V 58 39.41 -64.77 -35.56
N PHE V 59 39.80 -64.45 -36.79
CA PHE V 59 39.08 -63.48 -37.61
C PHE V 59 38.52 -64.18 -38.85
N GLU V 60 37.47 -63.59 -39.41
CA GLU V 60 36.92 -64.09 -40.66
C GLU V 60 36.31 -62.94 -41.43
N ILE V 61 36.61 -62.84 -42.71
CA ILE V 61 36.08 -61.79 -43.57
C ILE V 61 35.12 -62.43 -44.56
N ASP V 62 33.94 -61.84 -44.69
CA ASP V 62 32.95 -62.27 -45.66
C ASP V 62 32.28 -61.04 -46.24
N GLY V 63 31.98 -61.08 -47.53
CA GLY V 63 31.38 -59.96 -48.21
C GLY V 63 29.87 -60.01 -48.15
N VAL V 64 29.26 -58.86 -47.84
CA VAL V 64 27.82 -58.70 -47.92
C VAL V 64 27.40 -57.93 -49.17
N SER V 65 28.37 -57.40 -49.91
CA SER V 65 28.18 -56.67 -51.16
C SER V 65 29.55 -56.50 -51.79
N VAL V 66 29.76 -56.98 -53.02
CA VAL V 66 31.11 -57.11 -53.55
C VAL V 66 31.32 -56.29 -54.82
N THR V 67 30.36 -56.28 -55.74
CA THR V 67 30.55 -55.57 -57.01
C THR V 67 31.75 -56.15 -57.75
N PRO V 68 31.62 -57.31 -58.40
CA PRO V 68 32.77 -58.02 -58.95
C PRO V 68 33.68 -57.12 -59.76
N PRO V 69 34.98 -57.33 -59.72
CA PRO V 69 35.91 -56.42 -60.39
C PRO V 69 35.85 -56.58 -61.89
N LYS V 70 36.24 -55.51 -62.59
CA LYS V 70 36.25 -55.52 -64.04
C LYS V 70 37.54 -56.08 -64.60
N VAL V 71 38.68 -55.58 -64.12
CA VAL V 71 39.99 -55.92 -64.66
C VAL V 71 40.57 -57.06 -63.85
N SER V 72 41.12 -58.05 -64.53
CA SER V 72 41.72 -59.17 -63.81
C SER V 72 43.10 -58.79 -63.28
N ASN V 73 43.54 -59.54 -62.27
CA ASN V 73 44.90 -59.41 -61.79
C ASN V 73 45.81 -60.35 -62.59
N ALA V 74 47.10 -60.30 -62.31
CA ALA V 74 48.04 -61.08 -63.10
C ALA V 74 49.27 -61.40 -62.27
N PHE V 75 50.01 -62.41 -62.72
CA PHE V 75 51.22 -62.84 -62.05
C PHE V 75 52.32 -63.04 -63.07
N GLY V 76 53.52 -62.54 -62.76
CA GLY V 76 54.68 -62.73 -63.60
C GLY V 76 55.85 -63.27 -62.79
N ARG V 77 56.92 -63.60 -63.49
CA ARG V 77 58.08 -64.17 -62.83
C ARG V 77 59.34 -63.80 -63.59
N THR V 78 60.41 -63.56 -62.84
CA THR V 78 61.70 -63.19 -63.42
C THR V 78 62.80 -63.60 -62.47
N LYS V 79 64.00 -63.80 -62.99
CA LYS V 79 65.15 -64.07 -62.16
C LYS V 79 65.75 -62.76 -61.65
N VAL V 80 66.73 -62.87 -60.75
CA VAL V 80 67.35 -61.66 -60.23
C VAL V 80 68.08 -60.92 -61.35
N GLY V 81 67.98 -59.60 -61.32
CA GLY V 81 68.73 -58.73 -62.20
C GLY V 81 68.24 -58.62 -63.62
N VAL V 82 67.52 -59.62 -64.12
CA VAL V 82 67.06 -59.58 -65.50
C VAL V 82 65.77 -58.78 -65.60
N VAL V 83 65.72 -57.88 -66.59
CA VAL V 83 64.57 -57.00 -66.78
C VAL V 83 63.39 -57.82 -67.23
N PHE V 84 62.20 -57.44 -66.75
CA PHE V 84 60.98 -58.18 -67.02
C PHE V 84 60.03 -57.32 -67.85
N GLU V 85 59.43 -57.94 -68.87
CA GLU V 85 58.40 -57.33 -69.69
C GLU V 85 57.08 -58.04 -69.44
N GLY V 86 56.01 -57.38 -69.86
CA GLY V 86 54.69 -57.94 -69.76
C GLY V 86 53.69 -57.04 -70.44
N THR V 87 52.48 -57.54 -70.59
CA THR V 87 51.42 -56.78 -71.24
C THR V 87 50.37 -56.38 -70.21
N LEU V 88 49.57 -55.40 -70.59
CA LEU V 88 48.54 -54.89 -69.69
C LEU V 88 47.24 -54.71 -70.43
N SER V 89 46.98 -55.55 -71.43
CA SER V 89 45.78 -55.42 -72.24
C SER V 89 44.88 -56.64 -72.24
N ASP V 90 45.40 -57.82 -71.93
CA ASP V 90 44.58 -59.01 -71.80
C ASP V 90 43.99 -59.13 -70.42
N LEU V 91 44.15 -58.09 -69.60
CA LEU V 91 43.66 -58.07 -68.22
C LEU V 91 42.38 -57.25 -68.11
N PHE V 92 41.83 -56.78 -69.23
CA PHE V 92 40.63 -55.96 -69.24
C PHE V 92 39.68 -56.48 -70.31
N PRO V 93 39.05 -57.62 -70.07
CA PRO V 93 38.02 -58.06 -71.01
C PRO V 93 36.86 -57.08 -70.98
N ASN V 94 36.69 -56.32 -72.04
CA ASN V 94 35.64 -55.31 -72.02
C ASN V 94 34.38 -55.84 -72.69
N PRO V 95 33.21 -55.56 -72.12
CA PRO V 95 31.96 -55.93 -72.79
C PRO V 95 31.71 -55.06 -74.01
N GLU V 96 31.84 -53.75 -73.82
CA GLU V 96 31.45 -52.74 -74.80
C GLU V 96 32.63 -52.25 -75.62
N GLY V 97 32.39 -51.21 -76.43
CA GLY V 97 33.44 -50.55 -77.17
C GLY V 97 33.94 -49.28 -76.53
N GLU V 98 35.24 -49.24 -76.21
CA GLU V 98 35.85 -48.07 -75.61
C GLU V 98 37.36 -48.23 -75.68
N GLN V 99 38.06 -47.16 -75.33
CA GLN V 99 39.52 -47.11 -75.30
C GLN V 99 40.04 -47.31 -73.89
N VAL V 100 41.33 -47.66 -73.82
CA VAL V 100 41.96 -48.16 -72.62
C VAL V 100 43.09 -47.25 -72.15
N GLU V 101 42.76 -46.33 -71.24
CA GLU V 101 43.75 -45.41 -70.69
C GLU V 101 44.56 -46.07 -69.58
N TYR V 102 45.50 -46.92 -69.96
CA TYR V 102 46.38 -47.58 -69.00
C TYR V 102 47.08 -46.57 -68.12
N GLU V 103 47.12 -46.83 -66.81
CA GLU V 103 47.70 -45.88 -65.87
C GLU V 103 48.34 -46.60 -64.69
N ILE V 104 49.49 -46.12 -64.26
CA ILE V 104 50.18 -46.65 -63.09
C ILE V 104 50.24 -45.51 -62.07
N SER V 105 49.42 -45.59 -61.02
CA SER V 105 49.38 -44.55 -60.01
C SER V 105 50.70 -44.51 -59.25
N GLU V 106 51.22 -43.30 -59.04
CA GLU V 106 52.46 -43.15 -58.28
C GLU V 106 52.29 -43.43 -56.80
N LEU V 107 51.07 -43.38 -56.28
CA LEU V 107 50.87 -43.67 -54.87
C LEU V 107 51.05 -45.15 -54.59
N ASN V 108 50.71 -45.99 -55.57
CA ASN V 108 50.74 -47.44 -55.41
C ASN V 108 51.67 -48.08 -56.43
N GLY V 109 52.82 -47.47 -56.68
CA GLY V 109 53.78 -48.02 -57.59
C GLY V 109 54.50 -49.21 -56.98
N PRO V 110 55.54 -49.68 -57.65
CA PRO V 110 56.29 -50.81 -57.10
C PRO V 110 57.12 -50.40 -55.90
N SER V 111 57.80 -51.36 -55.27
CA SER V 111 58.54 -51.10 -54.05
C SER V 111 60.04 -51.29 -54.19
N ASN V 112 60.48 -52.23 -55.03
CA ASN V 112 61.89 -52.48 -55.22
C ASN V 112 62.25 -52.54 -56.70
N GLY V 113 61.54 -51.77 -57.52
CA GLY V 113 61.80 -51.73 -58.96
C GLY V 113 61.37 -50.40 -59.54
N VAL V 114 61.18 -50.39 -60.87
CA VAL V 114 60.66 -49.23 -61.59
C VAL V 114 59.88 -49.76 -62.77
N VAL V 115 58.80 -49.07 -63.14
CA VAL V 115 57.98 -49.45 -64.28
C VAL V 115 57.82 -48.25 -65.22
N GLU V 116 58.12 -48.46 -66.51
CA GLU V 116 57.95 -47.42 -67.53
C GLU V 116 56.73 -47.85 -68.34
N LEU V 117 55.58 -47.25 -68.07
CA LEU V 117 54.41 -47.61 -68.86
C LEU V 117 54.58 -47.14 -70.30
N GLY V 118 54.37 -48.06 -71.24
CA GLY V 118 54.51 -47.77 -72.65
C GLY V 118 53.33 -47.00 -73.19
N ALA V 119 53.27 -46.91 -74.51
CA ALA V 119 52.16 -46.22 -75.15
C ALA V 119 50.91 -47.09 -75.19
N ASN V 120 51.09 -48.40 -75.40
CA ASN V 120 49.97 -49.32 -75.54
C ASN V 120 50.16 -50.49 -74.59
N GLY V 121 49.53 -50.41 -73.41
CA GLY V 121 49.43 -51.53 -72.48
C GLY V 121 50.68 -52.34 -72.24
N ALA V 122 51.84 -51.73 -72.42
CA ALA V 122 53.12 -52.40 -72.23
C ALA V 122 53.90 -51.69 -71.14
N PHE V 123 54.76 -52.44 -70.46
CA PHE V 123 55.47 -51.89 -69.33
C PHE V 123 56.70 -52.74 -69.05
N THR V 124 57.75 -52.09 -68.56
CA THR V 124 59.01 -52.76 -68.25
C THR V 124 59.29 -52.58 -66.77
N TYR V 125 59.43 -53.69 -66.06
CA TYR V 125 59.74 -53.69 -64.64
C TYR V 125 61.19 -54.11 -64.49
N THR V 126 62.07 -53.13 -64.30
CA THR V 126 63.47 -53.41 -64.05
C THR V 126 63.66 -53.60 -62.55
N PRO V 127 63.87 -54.82 -62.08
CA PRO V 127 63.98 -55.03 -60.64
C PRO V 127 65.20 -54.34 -60.07
N GLY V 128 65.07 -53.85 -58.84
CA GLY V 128 66.20 -53.21 -58.18
C GLY V 128 67.36 -54.17 -58.04
N ALA V 129 68.55 -53.66 -58.37
CA ALA V 129 69.76 -54.48 -58.36
C ALA V 129 70.01 -55.05 -56.97
N LEU V 130 70.48 -56.29 -56.92
CA LEU V 130 70.74 -57.01 -55.67
C LEU V 130 69.48 -57.08 -54.82
N PHE V 131 68.46 -57.73 -55.36
CA PHE V 131 67.20 -57.90 -54.66
C PHE V 131 66.47 -59.12 -55.23
N THR V 132 65.94 -59.95 -54.35
CA THR V 132 65.17 -61.12 -54.79
C THR V 132 64.02 -61.31 -53.82
N GLY V 133 62.81 -61.11 -54.28
CA GLY V 133 61.63 -61.30 -53.46
C GLY V 133 60.39 -61.23 -54.32
N VAL V 134 59.33 -60.64 -53.76
CA VAL V 134 58.09 -60.41 -54.48
C VAL V 134 57.84 -58.92 -54.52
N ASP V 135 57.20 -58.46 -55.58
CA ASP V 135 56.95 -57.04 -55.76
C ASP V 135 55.63 -56.85 -56.48
N ARG V 136 54.87 -55.84 -56.06
CA ARG V 136 53.55 -55.56 -56.61
C ARG V 136 53.48 -54.12 -57.10
N PHE V 137 52.52 -53.87 -57.96
CA PHE V 137 52.11 -52.51 -58.30
C PHE V 137 50.69 -52.56 -58.82
N TRP V 138 49.97 -51.47 -58.64
CA TRP V 138 48.56 -51.40 -58.91
C TRP V 138 48.30 -50.50 -60.11
N PHE V 139 47.85 -51.10 -61.20
CA PHE V 139 47.49 -50.37 -62.42
C PHE V 139 46.01 -50.03 -62.39
N SER V 140 45.62 -49.11 -63.27
CA SER V 140 44.23 -48.67 -63.37
C SER V 140 43.86 -48.56 -64.85
N ILE V 141 43.33 -49.65 -65.40
CA ILE V 141 42.90 -49.66 -66.80
C ILE V 141 41.52 -49.02 -66.85
N ASN V 142 41.50 -47.73 -67.19
CA ASN V 142 40.25 -47.01 -67.41
C ASN V 142 39.40 -46.97 -66.14
N GLY V 143 40.00 -46.43 -65.08
CA GLY V 143 39.30 -46.26 -63.83
C GLY V 143 39.27 -47.49 -62.95
N ASN V 144 39.20 -48.67 -63.55
CA ASN V 144 39.14 -49.91 -62.79
C ASN V 144 40.54 -50.37 -62.41
N ILE V 145 40.73 -50.72 -61.14
CA ILE V 145 42.04 -50.99 -60.57
C ILE V 145 42.21 -52.47 -60.35
N GLY V 146 43.42 -52.96 -60.62
CA GLY V 146 43.82 -54.31 -60.31
C GLY V 146 45.29 -54.28 -59.93
N GLU V 147 45.84 -55.44 -59.60
CA GLU V 147 47.24 -55.50 -59.21
C GLU V 147 48.00 -56.49 -60.07
N TYR V 148 49.27 -56.21 -60.28
CA TYR V 148 50.19 -57.08 -60.98
C TYR V 148 51.28 -57.50 -60.01
N VAL V 149 51.48 -58.81 -59.86
CA VAL V 149 52.42 -59.35 -58.89
C VAL V 149 53.57 -59.99 -59.64
N ILE V 150 54.78 -59.56 -59.32
CA ILE V 150 56.00 -60.10 -59.90
C ILE V 150 56.87 -60.65 -58.78
N SER V 151 57.46 -61.82 -59.03
CA SER V 151 58.35 -62.48 -58.07
C SER V 151 59.71 -62.63 -58.73
N VAL V 152 60.75 -62.09 -58.10
CA VAL V 152 62.11 -62.13 -58.63
C VAL V 152 62.89 -63.19 -57.87
N ASP V 153 63.48 -64.11 -58.60
CA ASP V 153 64.12 -65.32 -58.08
C ASP V 153 65.61 -65.08 -57.87
N PRO V 154 66.24 -65.81 -56.94
CA PRO V 154 67.67 -65.57 -56.68
C PRO V 154 68.56 -66.39 -57.58
N THR V 155 68.15 -66.48 -58.84
CA THR V 155 68.86 -67.07 -59.97
C THR V 155 68.96 -68.60 -59.88
N THR V 156 68.63 -69.21 -58.74
CA THR V 156 68.81 -70.65 -58.73
C THR V 156 67.60 -71.40 -59.27
N SER V 157 66.55 -71.55 -58.47
CA SER V 157 65.45 -72.40 -58.94
C SER V 157 64.25 -71.69 -59.54
N GLU V 158 63.35 -71.24 -58.68
CA GLU V 158 62.05 -70.65 -59.02
C GLU V 158 61.36 -70.24 -57.71
N LEU V 159 60.75 -69.06 -57.63
CA LEU V 159 60.01 -68.73 -56.42
C LEU V 159 58.56 -69.21 -56.49
N PRO V 160 57.94 -69.48 -55.34
CA PRO V 160 56.51 -69.81 -55.29
C PRO V 160 55.62 -68.60 -55.57
N GLN V 161 54.31 -68.76 -55.37
CA GLN V 161 53.34 -67.82 -55.92
C GLN V 161 52.43 -67.27 -54.81
N PRO V 162 52.50 -65.97 -54.57
CA PRO V 162 51.79 -65.37 -53.42
C PRO V 162 50.31 -65.20 -53.70
N PRO V 163 49.49 -65.07 -52.64
CA PRO V 163 48.04 -65.26 -52.78
C PRO V 163 47.18 -64.07 -53.21
N PHE V 164 47.73 -63.04 -53.86
CA PHE V 164 46.87 -62.03 -54.49
C PHE V 164 45.96 -61.29 -53.51
N THR V 165 46.53 -60.38 -52.72
CA THR V 165 45.84 -59.68 -51.64
C THR V 165 44.39 -59.34 -51.95
N THR V 166 43.52 -59.56 -50.96
CA THR V 166 42.09 -59.37 -51.06
C THR V 166 41.73 -57.91 -50.82
N PRO V 167 40.47 -57.51 -51.11
CA PRO V 167 40.09 -56.11 -50.87
C PRO V 167 40.26 -55.65 -49.45
N VAL V 168 39.68 -56.37 -48.49
CA VAL V 168 39.84 -56.07 -47.08
C VAL V 168 40.51 -57.27 -46.42
N TYR V 169 41.50 -57.01 -45.58
CA TYR V 169 42.26 -58.07 -44.95
C TYR V 169 42.66 -57.65 -43.55
N VAL V 170 43.06 -58.63 -42.75
CA VAL V 170 43.58 -58.41 -41.41
C VAL V 170 44.97 -59.02 -41.35
N PRO V 171 46.03 -58.21 -41.32
CA PRO V 171 47.39 -58.73 -41.40
C PRO V 171 47.65 -59.96 -40.54
N ALA V 172 48.41 -60.91 -41.11
CA ALA V 172 48.66 -62.21 -40.52
C ALA V 172 49.01 -62.15 -39.04
N ALA V 173 50.05 -61.41 -38.69
CA ALA V 173 50.42 -61.36 -37.27
C ALA V 173 50.83 -59.96 -36.86
N ARG V 174 49.84 -59.14 -36.51
CA ARG V 174 50.06 -57.82 -35.96
C ARG V 174 49.03 -57.56 -34.86
N ARG V 175 48.48 -58.64 -34.31
CA ARG V 175 47.41 -58.60 -33.34
C ARG V 175 48.00 -58.81 -31.96
N SER V 176 47.38 -58.21 -30.96
CA SER V 176 47.88 -58.48 -29.62
C SER V 176 46.81 -58.13 -28.61
N VAL V 177 47.03 -58.60 -27.39
CA VAL V 177 46.10 -58.45 -26.28
C VAL V 177 46.90 -58.18 -25.03
N ASP V 178 46.51 -57.16 -24.28
CA ASP V 178 47.14 -56.88 -22.99
C ASP V 178 46.25 -57.42 -21.90
N PRO V 179 46.56 -58.55 -21.27
CA PRO V 179 45.66 -59.12 -20.27
C PRO V 179 45.49 -58.24 -19.04
N ARG V 180 46.29 -57.19 -18.94
CA ARG V 180 46.33 -56.27 -17.83
C ARG V 180 45.20 -55.24 -17.88
N THR V 181 44.64 -54.97 -19.06
CA THR V 181 43.54 -54.04 -19.20
C THR V 181 42.47 -54.54 -20.15
N HIS V 182 42.58 -55.78 -20.64
CA HIS V 182 41.55 -56.41 -21.47
C HIS V 182 41.28 -55.59 -22.73
N VAL V 183 42.31 -55.47 -23.55
CA VAL V 183 42.21 -54.69 -24.78
C VAL V 183 42.88 -55.47 -25.90
N LEU V 184 42.14 -55.67 -26.99
CA LEU V 184 42.64 -56.36 -28.18
C LEU V 184 42.97 -55.32 -29.24
N LYS V 185 44.16 -55.44 -29.83
CA LYS V 185 44.59 -54.57 -30.90
C LYS V 185 44.78 -55.38 -32.17
N PHE V 186 44.29 -54.87 -33.28
CA PHE V 186 44.56 -55.50 -34.57
C PHE V 186 44.52 -54.44 -35.65
N VAL V 187 45.10 -54.76 -36.76
CA VAL V 187 45.23 -53.84 -37.88
C VAL V 187 44.23 -54.23 -38.96
N LEU V 188 43.67 -53.23 -39.64
CA LEU V 188 42.70 -53.48 -40.70
C LEU V 188 43.14 -52.73 -41.94
N GLY V 189 43.51 -53.45 -42.97
CA GLY V 189 44.04 -52.86 -44.20
C GLY V 189 43.07 -53.03 -45.35
N VAL V 190 42.97 -52.02 -46.19
CA VAL V 190 42.08 -51.99 -47.34
C VAL V 190 42.93 -51.89 -48.60
N SER V 191 42.73 -52.82 -49.53
CA SER V 191 43.51 -52.81 -50.75
C SER V 191 43.10 -51.61 -51.59
N PRO V 192 43.97 -51.15 -52.50
CA PRO V 192 43.59 -50.05 -53.39
C PRO V 192 42.53 -50.43 -54.41
N ALA V 193 42.22 -51.72 -54.55
CA ALA V 193 41.25 -52.17 -55.53
C ALA V 193 39.87 -52.35 -54.95
N ALA V 194 39.67 -52.04 -53.67
CA ALA V 194 38.35 -52.12 -53.08
C ALA V 194 37.43 -51.09 -53.73
N ILE V 195 36.24 -51.51 -54.10
CA ILE V 195 35.33 -50.64 -54.83
C ILE V 195 34.44 -49.89 -53.83
N PRO V 196 34.35 -48.57 -53.93
CA PRO V 196 33.55 -47.82 -52.95
C PRO V 196 32.09 -48.24 -52.99
N GLY V 197 31.47 -48.28 -51.82
CA GLY V 197 30.11 -48.70 -51.68
C GLY V 197 29.92 -50.12 -51.21
N ASP V 198 30.94 -50.96 -51.31
CA ASP V 198 30.84 -52.33 -50.87
C ASP V 198 30.77 -52.41 -49.35
N VAL V 199 30.36 -53.58 -48.86
CA VAL V 199 30.29 -53.85 -47.43
C VAL V 199 30.86 -55.23 -47.18
N TYR V 200 31.76 -55.33 -46.22
CA TYR V 200 32.29 -56.61 -45.76
C TYR V 200 31.98 -56.78 -44.29
N ARG V 201 32.09 -58.02 -43.82
CA ARG V 201 31.76 -58.35 -42.44
C ARG V 201 32.93 -59.08 -41.80
N LEU V 202 33.38 -58.58 -40.67
CA LEU V 202 34.48 -59.16 -39.92
C LEU V 202 33.93 -59.76 -38.63
N THR V 203 34.20 -61.03 -38.40
CA THR V 203 33.79 -61.71 -37.18
C THR V 203 35.01 -62.04 -36.34
N VAL V 204 34.95 -61.69 -35.06
CA VAL V 204 36.06 -61.84 -34.13
C VAL V 204 35.64 -62.80 -33.04
N ARG V 205 36.42 -63.86 -32.84
CA ARG V 205 36.17 -64.84 -31.79
C ARG V 205 37.31 -64.79 -30.79
N GLN V 206 37.05 -64.23 -29.62
CA GLN V 206 38.07 -64.00 -28.62
C GLN V 206 37.80 -64.86 -27.39
N VAL V 207 38.85 -65.46 -26.85
CA VAL V 207 38.74 -66.36 -25.70
C VAL V 207 39.36 -65.66 -24.49
N ALA V 208 38.60 -65.62 -23.41
CA ALA V 208 39.17 -65.31 -22.11
C ALA V 208 39.62 -66.63 -21.50
N ILE V 209 40.01 -66.61 -20.23
CA ILE V 209 40.52 -67.81 -19.61
C ILE V 209 40.25 -67.71 -18.11
N ASP V 210 39.84 -68.81 -17.51
CA ASP V 210 39.61 -68.82 -16.07
C ASP V 210 40.87 -69.27 -15.37
N CYS V 211 40.85 -69.14 -14.05
CA CYS V 211 42.10 -69.09 -13.31
C CYS V 211 42.76 -70.47 -13.25
N ASP V 212 42.02 -71.53 -13.62
CA ASP V 212 42.55 -72.86 -13.88
C ASP V 212 42.88 -73.11 -15.34
N GLY V 213 42.65 -72.16 -16.24
CA GLY V 213 43.01 -72.32 -17.62
C GLY V 213 41.92 -72.82 -18.55
N ASN V 214 40.67 -72.84 -18.12
CA ASN V 214 39.57 -73.21 -19.01
C ASN V 214 39.18 -71.98 -19.84
N GLU V 215 38.10 -72.06 -20.61
CA GLU V 215 37.92 -71.12 -21.69
C GLU V 215 36.57 -70.43 -21.60
N PHE V 216 36.54 -69.16 -22.01
CA PHE V 216 35.32 -68.39 -22.15
C PHE V 216 35.36 -67.72 -23.50
N VAL V 217 34.48 -68.10 -24.41
CA VAL V 217 34.49 -67.60 -25.76
C VAL V 217 33.53 -66.43 -25.89
N HIS V 218 33.84 -65.53 -26.82
CA HIS V 218 33.06 -64.34 -27.08
C HIS V 218 33.12 -64.03 -28.57
N ILE V 219 31.96 -63.78 -29.18
CA ILE V 219 31.89 -63.56 -30.63
C ILE V 219 31.16 -62.25 -30.90
N SER V 220 31.69 -61.46 -31.84
CA SER V 220 31.06 -60.24 -32.30
C SER V 220 31.42 -60.02 -33.75
N CYS V 221 30.75 -59.06 -34.40
CA CYS V 221 31.06 -58.76 -35.79
C CYS V 221 31.23 -57.26 -35.97
N TYR V 222 31.83 -56.89 -37.10
CA TYR V 222 31.90 -55.50 -37.51
C TYR V 222 31.65 -55.43 -39.00
N ASP V 223 30.95 -54.38 -39.42
CA ASP V 223 30.55 -54.19 -40.81
C ASP V 223 31.44 -53.12 -41.43
N ILE V 224 32.38 -53.55 -42.26
CA ILE V 224 33.33 -52.64 -42.88
C ILE V 224 32.73 -52.18 -44.20
N SER V 225 32.40 -50.90 -44.29
CA SER V 225 31.76 -50.33 -45.47
C SER V 225 32.77 -49.51 -46.24
N ILE V 226 33.20 -50.02 -47.38
CA ILE V 226 34.23 -49.35 -48.17
C ILE V 226 33.66 -48.06 -48.72
N GLY V 227 34.06 -46.94 -48.14
CA GLY V 227 33.73 -45.63 -48.67
C GLY V 227 34.91 -45.06 -49.43
N SER V 228 34.61 -44.12 -50.31
CA SER V 228 35.62 -43.32 -50.96
C SER V 228 35.57 -41.92 -50.36
N CYS V 229 36.73 -41.30 -50.29
CA CYS V 229 36.87 -40.02 -49.61
C CYS V 229 36.49 -40.11 -48.13
N GLY V 230 37.27 -40.87 -47.40
CA GLY V 230 37.09 -40.99 -45.96
C GLY V 230 36.01 -41.99 -45.62
N MET W 1 29.04 -61.91 -18.06
CA MET W 1 28.71 -62.77 -16.93
C MET W 1 27.33 -62.44 -16.37
N TYR W 2 26.46 -63.43 -16.32
CA TYR W 2 25.14 -63.27 -15.74
C TYR W 2 25.22 -63.37 -14.23
N PHE W 3 24.40 -62.57 -13.56
CA PHE W 3 24.34 -62.62 -12.10
C PHE W 3 22.88 -62.63 -11.67
N PHE W 4 22.47 -63.70 -11.01
CA PHE W 4 21.11 -63.84 -10.53
C PHE W 4 21.08 -63.92 -9.03
N SER W 5 20.06 -63.33 -8.43
CA SER W 5 19.79 -63.49 -7.01
C SER W 5 18.54 -64.34 -6.86
N VAL W 6 18.60 -65.31 -5.96
CA VAL W 6 17.56 -66.32 -5.84
C VAL W 6 16.46 -65.80 -4.93
N ASP W 7 15.26 -66.34 -5.09
CA ASP W 7 14.15 -65.89 -4.27
C ASP W 7 14.20 -66.58 -2.91
N PRO W 8 13.99 -65.84 -1.82
CA PRO W 8 14.46 -66.34 -0.52
C PRO W 8 13.48 -67.23 0.23
N ARG W 9 12.32 -67.56 -0.34
CA ARG W 9 11.35 -68.46 0.29
C ARG W 9 10.91 -67.95 1.67
N ASN W 10 10.42 -66.71 1.69
CA ASN W 10 9.86 -66.09 2.88
C ASN W 10 8.35 -66.02 2.88
N GLY W 11 7.71 -66.27 1.75
CA GLY W 11 6.34 -65.84 1.57
C GLY W 11 6.23 -64.42 1.08
N ALA W 12 7.29 -63.89 0.49
CA ALA W 12 7.34 -62.51 0.05
C ALA W 12 8.16 -62.38 -1.22
N SER W 13 8.59 -61.17 -1.54
CA SER W 13 9.37 -60.91 -2.75
C SER W 13 10.75 -61.55 -2.73
N SER W 21 7.54 -62.53 -17.19
CA SER W 21 6.16 -62.99 -17.20
C SER W 21 6.08 -64.46 -16.79
N CYS W 22 7.07 -65.24 -17.21
CA CYS W 22 7.12 -66.66 -16.86
C CYS W 22 7.61 -66.90 -15.45
N CYS W 23 7.64 -68.19 -15.11
CA CYS W 23 8.19 -68.66 -13.87
C CYS W 23 9.71 -68.52 -13.82
N CYS W 24 10.41 -69.13 -14.77
CA CYS W 24 11.86 -69.22 -14.72
C CYS W 24 12.46 -68.03 -15.46
N GLU W 25 13.48 -67.42 -14.85
CA GLU W 25 14.10 -66.21 -15.42
C GLU W 25 14.87 -66.57 -16.68
N SER W 26 15.37 -65.52 -17.34
CA SER W 26 15.80 -65.60 -18.73
C SER W 26 17.31 -65.41 -18.87
N ILE W 27 17.87 -66.13 -19.84
CA ILE W 27 19.28 -66.05 -20.20
C ILE W 27 19.38 -66.04 -21.71
N SER W 28 19.90 -64.96 -22.28
CA SER W 28 20.08 -64.91 -23.72
C SER W 28 21.45 -65.49 -24.10
N ALA W 29 21.49 -66.19 -25.22
CA ALA W 29 22.69 -66.91 -25.61
C ALA W 29 22.87 -66.83 -27.11
N ARG W 30 24.13 -66.85 -27.54
CA ARG W 30 24.50 -66.74 -28.94
C ARG W 30 25.29 -67.97 -29.37
N PRO W 31 24.99 -68.55 -30.52
CA PRO W 31 25.65 -69.79 -30.92
C PRO W 31 27.15 -69.68 -31.03
N GLY W 32 27.86 -70.53 -30.31
CA GLY W 32 29.31 -70.54 -30.30
C GLY W 32 29.92 -69.99 -29.03
N GLU W 33 29.19 -69.17 -28.28
CA GLU W 33 29.70 -68.57 -27.07
C GLU W 33 29.93 -69.61 -25.98
N VAL W 34 30.67 -69.20 -24.96
CA VAL W 34 30.79 -69.91 -23.70
C VAL W 34 30.84 -68.84 -22.62
N ASN W 35 29.74 -68.66 -21.91
CA ASN W 35 29.61 -67.56 -20.97
C ASN W 35 29.74 -68.08 -19.54
N GLY W 36 29.57 -67.20 -18.56
CA GLY W 36 29.63 -67.60 -17.17
C GLY W 36 28.46 -67.07 -16.36
N VAL W 37 27.92 -67.87 -15.47
CA VAL W 37 26.73 -67.51 -14.71
C VAL W 37 27.03 -67.59 -13.22
N MET W 38 26.58 -66.60 -12.48
CA MET W 38 26.73 -66.55 -11.03
C MET W 38 25.37 -66.42 -10.37
N VAL W 39 25.11 -67.26 -9.37
CA VAL W 39 23.86 -67.27 -8.65
C VAL W 39 24.16 -67.05 -7.17
N SER W 40 23.50 -66.08 -6.56
CA SER W 40 23.78 -65.68 -5.19
C SER W 40 22.69 -66.21 -4.27
N TYR W 41 22.98 -67.31 -3.60
CA TYR W 41 22.03 -67.92 -2.67
C TYR W 41 22.01 -67.23 -1.31
N ALA W 42 22.61 -66.05 -1.18
CA ALA W 42 22.72 -65.42 0.13
C ALA W 42 21.35 -65.16 0.75
N ALA W 43 20.38 -64.74 -0.06
CA ALA W 43 19.08 -64.39 0.49
C ALA W 43 18.36 -65.58 1.10
N TRP W 44 18.68 -66.80 0.67
CA TRP W 44 18.00 -67.99 1.15
C TRP W 44 18.80 -68.76 2.19
N SER W 45 20.10 -68.87 2.01
CA SER W 45 20.93 -69.73 2.84
C SER W 45 21.60 -68.99 4.00
N ALA W 46 21.51 -67.67 4.05
CA ALA W 46 22.11 -66.95 5.16
C ALA W 46 21.27 -67.07 6.43
N PRO W 47 19.96 -66.83 6.40
CA PRO W 47 19.16 -67.06 7.61
C PRO W 47 19.29 -68.47 8.16
N LEU W 48 19.41 -69.47 7.30
CA LEU W 48 19.67 -70.83 7.75
C LEU W 48 21.09 -70.93 8.27
N ARG W 49 21.33 -70.31 9.43
CA ARG W 49 22.69 -70.21 9.93
C ARG W 49 23.30 -71.59 10.08
N GLY W 50 24.24 -71.91 9.21
CA GLY W 50 24.84 -73.23 9.20
C GLY W 50 26.18 -73.22 8.52
N HIS W 51 26.47 -74.24 7.70
CA HIS W 51 27.73 -74.31 6.99
C HIS W 51 27.60 -73.96 5.52
N GLY W 52 26.58 -73.17 5.16
CA GLY W 52 26.51 -72.64 3.82
C GLY W 52 26.21 -73.70 2.77
N LEU W 53 26.63 -73.43 1.55
CA LEU W 53 26.36 -74.29 0.42
C LEU W 53 27.31 -75.49 0.42
N THR W 54 26.97 -76.49 -0.38
CA THR W 54 27.87 -77.62 -0.61
C THR W 54 27.95 -77.88 -2.11
N ASN W 55 28.96 -78.65 -2.51
CA ASN W 55 29.17 -78.97 -3.93
C ASN W 55 28.35 -80.18 -4.33
N LYS W 56 27.04 -80.08 -4.14
CA LYS W 56 26.12 -81.11 -4.61
C LYS W 56 25.03 -80.47 -5.44
N THR W 57 25.41 -79.65 -6.40
CA THR W 57 24.48 -79.08 -7.36
C THR W 57 24.21 -80.09 -8.47
N THR W 58 22.99 -80.06 -8.98
CA THR W 58 22.58 -80.91 -10.07
C THR W 58 21.86 -80.07 -11.12
N PHE W 59 22.20 -80.28 -12.38
CA PHE W 59 21.64 -79.51 -13.48
C PHE W 59 20.85 -80.43 -14.40
N GLU W 60 19.91 -79.85 -15.13
CA GLU W 60 19.17 -80.60 -16.13
C GLU W 60 18.76 -79.66 -17.24
N ILE W 61 18.97 -80.08 -18.48
CA ILE W 61 18.60 -79.29 -19.65
C ILE W 61 17.45 -79.99 -20.35
N ASP W 62 16.42 -79.22 -20.68
CA ASP W 62 15.28 -79.72 -21.44
C ASP W 62 14.84 -78.64 -22.40
N GLY W 63 14.43 -79.04 -23.60
CA GLY W 63 14.03 -78.10 -24.62
C GLY W 63 12.56 -77.79 -24.55
N VAL W 64 12.23 -76.50 -24.65
CA VAL W 64 10.86 -76.05 -24.78
C VAL W 64 10.51 -75.67 -26.21
N SER W 65 11.51 -75.66 -27.10
CA SER W 65 11.37 -75.37 -28.51
C SER W 65 12.69 -75.73 -29.18
N VAL W 66 12.70 -76.63 -30.16
CA VAL W 66 13.95 -77.23 -30.62
C VAL W 66 14.22 -76.97 -32.10
N THR W 67 13.22 -77.04 -32.96
CA THR W 67 13.44 -76.87 -34.40
C THR W 67 14.44 -77.92 -34.90
N PRO W 68 14.01 -79.16 -35.10
CA PRO W 68 14.94 -80.26 -35.38
C PRO W 68 15.94 -79.91 -36.45
N PRO W 69 17.18 -80.39 -36.34
CA PRO W 69 18.21 -79.99 -37.29
C PRO W 69 18.00 -80.62 -38.65
N LYS W 70 18.54 -79.97 -39.66
CA LYS W 70 18.44 -80.46 -41.02
C LYS W 70 19.54 -81.45 -41.37
N VAL W 71 20.79 -81.09 -41.08
CA VAL W 71 21.95 -81.88 -41.48
C VAL W 71 22.34 -82.78 -40.32
N SER W 72 22.62 -84.04 -40.62
CA SER W 72 23.02 -84.95 -39.57
C SER W 72 24.48 -84.75 -39.20
N ASN W 73 24.84 -85.20 -38.00
CA ASN W 73 26.23 -85.22 -37.60
C ASN W 73 26.85 -86.54 -38.02
N ALA W 74 28.14 -86.70 -37.78
CA ALA W 74 28.83 -87.89 -38.26
C ALA W 74 30.03 -88.19 -37.37
N PHE W 75 30.50 -89.42 -37.44
CA PHE W 75 31.64 -89.87 -36.66
C PHE W 75 32.59 -90.65 -37.56
N GLY W 76 33.89 -90.35 -37.45
CA GLY W 76 34.91 -91.07 -38.17
C GLY W 76 36.00 -91.55 -37.23
N ARG W 77 36.92 -92.33 -37.78
CA ARG W 77 37.99 -92.90 -36.97
C ARG W 77 39.23 -93.10 -37.80
N THR W 78 40.38 -92.87 -37.19
CA THR W 78 41.66 -93.02 -37.86
C THR W 78 42.73 -93.32 -36.83
N LYS W 79 43.82 -93.96 -37.26
CA LYS W 79 44.94 -94.18 -36.38
C LYS W 79 45.85 -92.94 -36.36
N VAL W 80 46.85 -92.97 -35.49
CA VAL W 80 47.75 -91.83 -35.41
C VAL W 80 48.52 -91.69 -36.72
N GLY W 81 48.71 -90.45 -37.15
CA GLY W 81 49.56 -90.11 -38.28
C GLY W 81 48.98 -90.38 -39.64
N VAL W 82 48.03 -91.29 -39.78
CA VAL W 82 47.49 -91.63 -41.09
C VAL W 82 46.39 -90.63 -41.45
N VAL W 83 46.44 -90.14 -42.68
CA VAL W 83 45.50 -89.13 -43.16
C VAL W 83 44.13 -89.77 -43.29
N PHE W 84 43.10 -88.98 -42.98
CA PHE W 84 41.73 -89.47 -42.97
C PHE W 84 40.92 -88.76 -44.05
N GLU W 85 40.13 -89.53 -44.78
CA GLU W 85 39.19 -89.02 -45.77
C GLU W 85 37.77 -89.29 -45.29
N GLY W 86 36.83 -88.58 -45.90
CA GLY W 86 35.43 -88.77 -45.61
C GLY W 86 34.60 -87.93 -46.55
N THR W 87 33.30 -88.17 -46.52
CA THR W 87 32.38 -87.46 -47.39
C THR W 87 31.52 -86.52 -46.56
N LEU W 88 30.92 -85.55 -47.24
CA LEU W 88 30.10 -84.55 -46.58
C LEU W 88 28.81 -84.35 -47.34
N SER W 89 28.29 -85.40 -47.98
CA SER W 89 27.09 -85.28 -48.79
C SER W 89 25.96 -86.19 -48.36
N ASP W 90 26.24 -87.28 -47.67
CA ASP W 90 25.20 -88.15 -47.12
C ASP W 90 24.71 -87.65 -45.78
N LEU W 91 25.15 -86.46 -45.38
CA LEU W 91 24.79 -85.87 -44.10
C LEU W 91 23.73 -84.79 -44.27
N PHE W 92 23.20 -84.63 -45.48
CA PHE W 92 22.20 -83.61 -45.77
C PHE W 92 21.08 -84.22 -46.58
N PRO W 93 20.24 -85.05 -45.97
CA PRO W 93 19.07 -85.53 -46.70
C PRO W 93 18.15 -84.36 -47.00
N ASN W 94 18.06 -83.98 -48.25
CA ASN W 94 17.26 -82.82 -48.59
C ASN W 94 15.86 -83.23 -49.03
N PRO W 95 14.82 -82.53 -48.59
CA PRO W 95 13.47 -82.80 -49.09
C PRO W 95 13.32 -82.37 -50.54
N GLU W 96 13.74 -81.13 -50.81
CA GLU W 96 13.48 -80.46 -52.07
C GLU W 96 14.67 -80.54 -53.01
N GLY W 97 14.60 -79.82 -54.13
CA GLY W 97 15.70 -79.70 -55.07
C GLY W 97 16.51 -78.42 -54.89
N GLU W 98 17.81 -78.57 -54.61
CA GLU W 98 18.69 -77.44 -54.46
C GLU W 98 20.13 -77.95 -54.47
N GLN W 99 21.06 -77.01 -54.51
CA GLN W 99 22.49 -77.29 -54.51
C GLN W 99 23.08 -77.12 -53.11
N VAL W 100 24.27 -77.71 -52.94
CA VAL W 100 24.87 -77.91 -51.63
C VAL W 100 26.20 -77.16 -51.51
N GLU W 101 26.15 -75.95 -50.98
CA GLU W 101 27.35 -75.15 -50.78
C GLU W 101 28.08 -75.56 -49.51
N TYR W 102 28.79 -76.68 -49.57
CA TYR W 102 29.58 -77.16 -48.45
C TYR W 102 30.56 -76.09 -47.97
N GLU W 103 30.64 -75.90 -46.65
CA GLU W 103 31.48 -74.84 -46.10
C GLU W 103 32.04 -75.26 -44.75
N ILE W 104 33.30 -74.94 -44.51
CA ILE W 104 33.96 -75.17 -43.23
C ILE W 104 34.34 -73.81 -42.68
N SER W 105 33.62 -73.35 -41.66
CA SER W 105 33.87 -72.04 -41.07
C SER W 105 35.23 -72.04 -40.37
N GLU W 106 36.02 -70.99 -40.60
CA GLU W 106 37.31 -70.88 -39.94
C GLU W 106 37.21 -70.59 -38.45
N LEU W 107 36.07 -70.10 -37.98
CA LEU W 107 35.92 -69.85 -36.55
C LEU W 107 35.81 -71.16 -35.78
N ASN W 108 35.23 -72.17 -36.41
CA ASN W 108 34.97 -73.45 -35.76
C ASN W 108 35.64 -74.59 -36.49
N GLY W 109 36.88 -74.37 -36.94
CA GLY W 109 37.62 -75.41 -37.61
C GLY W 109 38.12 -76.44 -36.63
N PRO W 110 38.98 -77.35 -37.10
CA PRO W 110 39.52 -78.35 -36.19
C PRO W 110 40.51 -77.77 -35.21
N SER W 111 41.02 -78.58 -34.30
CA SER W 111 41.89 -78.10 -33.24
C SER W 111 43.30 -78.66 -33.30
N ASN W 112 43.46 -79.90 -33.77
CA ASN W 112 44.77 -80.52 -33.87
C ASN W 112 44.99 -81.14 -35.24
N GLY W 113 44.40 -80.56 -36.27
CA GLY W 113 44.54 -81.06 -37.63
C GLY W 113 44.36 -79.95 -38.64
N VAL W 114 44.07 -80.33 -39.89
CA VAL W 114 43.75 -79.39 -40.96
C VAL W 114 42.77 -80.11 -41.88
N VAL W 115 41.85 -79.35 -42.47
CA VAL W 115 40.88 -79.91 -43.41
C VAL W 115 40.90 -79.08 -44.70
N GLU W 116 41.04 -79.77 -45.84
CA GLU W 116 41.00 -79.13 -47.15
C GLU W 116 39.67 -79.52 -47.77
N LEU W 117 38.70 -78.63 -47.72
CA LEU W 117 37.42 -78.95 -48.34
C LEU W 117 37.56 -79.04 -49.84
N GLY W 118 37.09 -80.15 -50.41
CA GLY W 118 37.18 -80.39 -51.83
C GLY W 118 36.14 -79.60 -52.60
N ALA W 119 36.00 -79.95 -53.87
CA ALA W 119 35.01 -79.28 -54.70
C ALA W 119 33.61 -79.81 -54.44
N ASN W 120 33.49 -81.11 -54.18
CA ASN W 120 32.19 -81.75 -53.99
C ASN W 120 32.20 -82.55 -52.70
N GLY W 121 31.71 -81.94 -51.62
CA GLY W 121 31.45 -82.63 -50.36
C GLY W 121 32.51 -83.57 -49.86
N ALA W 122 33.76 -83.33 -50.25
CA ALA W 122 34.87 -84.17 -49.84
C ALA W 122 35.87 -83.32 -49.05
N PHE W 123 36.60 -83.98 -48.16
CA PHE W 123 37.51 -83.26 -47.29
C PHE W 123 38.55 -84.22 -46.75
N THR W 124 39.75 -83.70 -46.51
CA THR W 124 40.86 -84.49 -45.99
C THR W 124 41.29 -83.89 -44.66
N TYR W 125 41.25 -84.70 -43.62
CA TYR W 125 41.66 -84.30 -42.29
C TYR W 125 43.00 -84.95 -42.00
N THR W 126 44.08 -84.20 -42.17
CA THR W 126 45.41 -84.69 -41.84
C THR W 126 45.67 -84.40 -40.37
N PRO W 127 45.65 -85.40 -39.50
CA PRO W 127 45.83 -85.13 -38.07
C PRO W 127 47.22 -84.58 -37.78
N GLY W 128 47.29 -83.69 -36.80
CA GLY W 128 48.58 -83.15 -36.41
C GLY W 128 49.52 -84.24 -35.95
N ALA W 129 50.76 -84.16 -36.43
CA ALA W 129 51.76 -85.18 -36.14
C ALA W 129 51.99 -85.28 -34.64
N LEU W 130 52.20 -86.51 -34.17
CA LEU W 130 52.40 -86.80 -32.76
C LEU W 130 51.23 -86.30 -31.92
N PHE W 131 50.05 -86.85 -32.21
CA PHE W 131 48.85 -86.49 -31.49
C PHE W 131 47.84 -87.61 -31.60
N THR W 132 47.21 -87.97 -30.48
CA THR W 132 46.18 -89.00 -30.49
C THR W 132 45.09 -88.60 -29.50
N GLY W 133 43.92 -88.30 -30.01
CA GLY W 133 42.80 -87.94 -29.17
C GLY W 133 41.54 -87.87 -30.00
N VAL W 134 40.68 -86.91 -29.67
CA VAL W 134 39.45 -86.66 -30.41
C VAL W 134 39.52 -85.24 -30.97
N ASP W 135 38.92 -85.05 -32.13
CA ASP W 135 38.95 -83.74 -32.78
C ASP W 135 37.65 -83.51 -33.52
N ARG W 136 37.15 -82.28 -33.48
CA ARG W 136 35.89 -81.91 -34.09
C ARG W 136 36.09 -80.75 -35.04
N PHE W 137 35.13 -80.59 -35.94
CA PHE W 137 35.00 -79.37 -36.73
C PHE W 137 33.56 -79.27 -37.19
N TRP W 138 33.10 -78.04 -37.40
CA TRP W 138 31.71 -77.75 -37.67
C TRP W 138 31.56 -77.28 -39.11
N PHE W 139 30.91 -78.09 -39.93
CA PHE W 139 30.61 -77.76 -41.31
C PHE W 139 29.24 -77.10 -41.40
N SER W 140 28.99 -76.46 -42.55
CA SER W 140 27.71 -75.78 -42.79
C SER W 140 27.26 -76.09 -44.21
N ILE W 141 26.47 -77.15 -44.36
CA ILE W 141 25.93 -77.54 -45.65
C ILE W 141 24.72 -76.65 -45.93
N ASN W 142 24.94 -75.59 -46.68
CA ASN W 142 23.86 -74.72 -47.14
C ASN W 142 23.15 -74.06 -45.96
N GLY W 143 23.93 -73.35 -45.15
CA GLY W 143 23.38 -72.61 -44.03
C GLY W 143 23.17 -73.44 -42.78
N ASN W 144 22.80 -74.70 -42.94
CA ASN W 144 22.54 -75.56 -41.80
C ASN W 144 23.84 -76.17 -41.29
N ILE W 145 24.05 -76.11 -39.97
CA ILE W 145 25.32 -76.46 -39.36
C ILE W 145 25.19 -77.78 -38.63
N GLY W 146 26.24 -78.59 -38.72
CA GLY W 146 26.37 -79.82 -37.97
C GLY W 146 27.84 -79.98 -37.63
N GLU W 147 28.16 -81.06 -36.91
CA GLU W 147 29.54 -81.30 -36.53
C GLU W 147 30.00 -82.67 -37.00
N TYR W 148 31.29 -82.77 -37.30
CA TYR W 148 31.94 -84.01 -37.66
C TYR W 148 32.99 -84.32 -36.60
N VAL W 149 32.92 -85.51 -36.01
CA VAL W 149 33.80 -85.89 -34.91
C VAL W 149 34.73 -86.98 -35.40
N ILE W 150 36.03 -86.75 -35.25
CA ILE W 150 37.05 -87.73 -35.62
C ILE W 150 37.87 -88.05 -34.38
N SER W 151 38.18 -89.32 -34.20
CA SER W 151 38.99 -89.81 -33.08
C SER W 151 40.23 -90.48 -33.65
N VAL W 152 41.40 -90.01 -33.24
CA VAL W 152 42.67 -90.53 -33.73
C VAL W 152 43.27 -91.42 -32.65
N ASP W 153 43.59 -92.64 -33.03
CA ASP W 153 44.01 -93.71 -32.13
C ASP W 153 45.53 -93.77 -32.02
N PRO W 154 46.05 -94.26 -30.89
CA PRO W 154 47.52 -94.28 -30.73
C PRO W 154 48.15 -95.53 -31.30
N THR W 155 47.63 -95.95 -32.45
CA THR W 155 48.10 -97.02 -33.30
C THR W 155 47.88 -98.41 -32.70
N THR W 156 47.53 -98.51 -31.42
CA THR W 156 47.40 -99.87 -30.90
C THR W 156 46.02 -100.47 -31.16
N SER W 157 45.02 -100.10 -30.35
CA SER W 157 43.74 -100.79 -30.50
C SER W 157 42.68 -100.07 -31.31
N GLU W 158 41.95 -99.16 -30.63
CA GLU W 158 40.79 -98.43 -31.16
C GLU W 158 40.31 -97.47 -30.08
N LEU W 159 39.96 -96.23 -30.40
CA LEU W 159 39.42 -95.35 -29.38
C LEU W 159 37.89 -95.49 -29.27
N PRO W 160 37.33 -95.20 -28.09
CA PRO W 160 35.87 -95.17 -27.94
C PRO W 160 35.23 -93.96 -28.61
N GLN W 161 33.93 -93.74 -28.37
CA GLN W 161 33.15 -92.84 -29.20
C GLN W 161 32.47 -91.77 -28.36
N PRO W 162 32.84 -90.50 -28.57
CA PRO W 162 32.36 -89.41 -27.70
C PRO W 162 30.93 -89.02 -28.02
N PRO W 163 30.25 -88.36 -27.07
CA PRO W 163 28.78 -88.25 -27.13
C PRO W 163 28.16 -87.12 -27.94
N PHE W 164 28.86 -86.51 -28.91
CA PHE W 164 28.18 -85.61 -29.84
C PHE W 164 27.53 -84.39 -29.18
N THR W 165 28.35 -83.43 -28.76
CA THR W 165 27.91 -82.27 -27.98
C THR W 165 26.54 -81.73 -28.39
N THR W 166 25.73 -81.41 -27.38
CA THR W 166 24.37 -80.94 -27.54
C THR W 166 24.34 -79.45 -27.80
N PRO W 167 23.18 -78.89 -28.22
CA PRO W 167 23.12 -77.45 -28.48
C PRO W 167 23.49 -76.58 -27.29
N VAL W 168 22.85 -76.79 -26.15
CA VAL W 168 23.19 -76.08 -24.92
C VAL W 168 23.64 -77.10 -23.90
N TYR W 169 24.74 -76.81 -23.21
CA TYR W 169 25.29 -77.75 -22.24
C TYR W 169 25.88 -76.98 -21.08
N VAL W 170 26.14 -77.70 -20.00
CA VAL W 170 26.79 -77.16 -18.81
C VAL W 170 28.02 -78.02 -18.54
N PRO W 171 29.23 -77.50 -18.80
CA PRO W 171 30.44 -78.32 -18.70
C PRO W 171 30.51 -79.20 -17.47
N ALA W 172 30.99 -80.43 -17.68
CA ALA W 172 31.01 -81.49 -16.68
C ALA W 172 31.49 -81.02 -15.32
N ALA W 173 32.68 -80.46 -15.23
CA ALA W 173 33.17 -80.01 -13.93
C ALA W 173 33.90 -78.68 -14.03
N ARG W 174 33.14 -77.60 -13.98
CA ARG W 174 33.66 -76.25 -13.91
C ARG W 174 32.82 -75.42 -12.97
N ARG W 175 32.10 -76.09 -12.09
CA ARG W 175 31.13 -75.50 -11.18
C ARG W 175 31.78 -75.35 -9.82
N SER W 176 31.38 -74.33 -9.08
CA SER W 176 31.92 -74.23 -7.73
C SER W 176 31.03 -73.33 -6.90
N VAL W 177 31.24 -73.40 -5.59
CA VAL W 177 30.46 -72.69 -4.60
C VAL W 177 31.40 -72.20 -3.52
N ASP W 178 31.29 -70.92 -3.16
CA ASP W 178 32.07 -70.38 -2.06
C ASP W 178 31.17 -70.30 -0.85
N PRO W 179 31.29 -71.20 0.13
CA PRO W 179 30.37 -71.17 1.27
C PRO W 179 30.50 -69.93 2.11
N ARG W 180 31.50 -69.11 1.84
CA ARG W 180 31.83 -67.90 2.57
C ARG W 180 30.93 -66.73 2.17
N THR W 181 30.35 -66.76 0.98
CA THR W 181 29.46 -65.69 0.53
C THR W 181 28.24 -66.23 -0.20
N HIS W 182 28.05 -67.55 -0.22
CA HIS W 182 26.85 -68.17 -0.78
C HIS W 182 26.65 -67.80 -2.24
N VAL W 183 27.62 -68.19 -3.06
CA VAL W 183 27.58 -67.87 -4.49
C VAL W 183 27.97 -69.11 -5.27
N LEU W 184 27.14 -69.48 -6.23
CA LEU W 184 27.38 -70.62 -7.10
C LEU W 184 27.83 -70.12 -8.46
N LYS W 185 28.92 -70.69 -8.97
CA LYS W 185 29.44 -70.35 -10.28
C LYS W 185 29.35 -71.56 -11.19
N PHE W 186 28.89 -71.36 -12.41
CA PHE W 186 28.91 -72.43 -13.40
C PHE W 186 29.02 -71.81 -14.78
N VAL W 187 29.43 -72.61 -15.72
CA VAL W 187 29.65 -72.17 -17.08
C VAL W 187 28.50 -72.66 -17.95
N LEU W 188 28.12 -71.86 -18.94
CA LEU W 188 27.04 -72.21 -19.85
C LEU W 188 27.53 -72.05 -21.27
N GLY W 189 27.65 -73.14 -21.99
CA GLY W 189 28.19 -73.13 -23.34
C GLY W 189 27.12 -73.46 -24.36
N VAL W 190 27.17 -72.78 -25.51
CA VAL W 190 26.21 -72.96 -26.58
C VAL W 190 26.96 -73.47 -27.81
N SER W 191 26.50 -74.59 -28.36
CA SER W 191 27.16 -75.16 -29.51
C SER W 191 26.95 -74.25 -30.71
N PRO W 192 27.81 -74.34 -31.72
CA PRO W 192 27.60 -73.54 -32.93
C PRO W 192 26.42 -74.00 -33.77
N ALA W 193 25.83 -75.14 -33.46
CA ALA W 193 24.71 -75.67 -34.21
C ALA W 193 23.37 -75.33 -33.60
N ALA W 194 23.34 -74.57 -32.50
CA ALA W 194 22.09 -74.15 -31.92
C ALA W 194 21.36 -73.22 -32.88
N ILE W 195 20.08 -73.46 -33.09
CA ILE W 195 19.32 -72.69 -34.07
C ILE W 195 18.69 -71.48 -33.38
N PRO W 196 18.87 -70.29 -33.93
CA PRO W 196 18.33 -69.09 -33.28
C PRO W 196 16.82 -69.16 -33.16
N GLY W 197 16.30 -68.66 -32.04
CA GLY W 197 14.89 -68.69 -31.77
C GLY W 197 14.45 -69.79 -30.83
N ASP W 198 15.26 -70.82 -30.64
CA ASP W 198 14.90 -71.90 -29.75
C ASP W 198 14.94 -71.45 -28.29
N VAL W 199 14.34 -72.26 -27.43
CA VAL W 199 14.32 -72.01 -26.00
C VAL W 199 14.61 -73.32 -25.29
N TYR W 200 15.54 -73.29 -24.35
CA TYR W 200 15.83 -74.43 -23.49
C TYR W 200 15.60 -74.02 -22.05
N ARG W 201 15.49 -75.02 -21.18
CA ARG W 201 15.21 -74.78 -19.77
C ARG W 201 16.24 -75.50 -18.91
N LEU W 202 16.89 -74.76 -18.03
CA LEU W 202 17.89 -75.30 -17.13
C LEU W 202 17.33 -75.28 -15.71
N THR W 203 17.34 -76.43 -15.05
CA THR W 203 16.89 -76.56 -13.67
C THR W 203 18.09 -76.85 -12.78
N VAL W 204 18.21 -76.08 -11.70
CA VAL W 204 19.33 -76.15 -10.77
C VAL W 204 18.81 -76.57 -9.41
N ARG W 205 19.36 -77.65 -8.86
CA ARG W 205 18.99 -78.14 -7.54
C ARG W 205 20.20 -78.01 -6.63
N GLN W 206 20.15 -77.05 -5.72
CA GLN W 206 21.28 -76.72 -4.86
C GLN W 206 20.93 -77.05 -3.41
N VAL W 207 21.87 -77.65 -2.70
CA VAL W 207 21.67 -78.05 -1.32
C VAL W 207 22.51 -77.16 -0.42
N ALA W 208 21.88 -76.59 0.59
CA ALA W 208 22.59 -76.00 1.70
C ALA W 208 22.81 -77.10 2.73
N ILE W 209 23.29 -76.74 3.90
CA ILE W 209 23.58 -77.75 4.91
C ILE W 209 23.47 -77.09 6.28
N ASP W 210 22.88 -77.80 7.22
CA ASP W 210 22.77 -77.28 8.57
C ASP W 210 23.96 -77.74 9.39
N CYS W 211 24.07 -77.17 10.59
CA CYS W 211 25.36 -77.15 11.25
C CYS W 211 25.71 -78.55 11.79
N ASP W 212 24.74 -79.47 11.80
CA ASP W 212 24.96 -80.90 12.01
C ASP W 212 25.11 -81.70 10.73
N GLY W 213 25.02 -81.07 9.56
CA GLY W 213 25.22 -81.76 8.32
C GLY W 213 23.98 -82.28 7.61
N ASN W 214 22.79 -81.88 8.04
CA ASN W 214 21.57 -82.26 7.33
C ASN W 214 21.38 -81.34 6.13
N GLU W 215 20.25 -81.43 5.44
CA GLU W 215 20.19 -80.88 4.09
C GLU W 215 19.02 -79.92 3.95
N PHE W 216 19.23 -78.90 3.13
CA PHE W 216 18.19 -77.96 2.74
C PHE W 216 18.27 -77.81 1.23
N VAL W 217 17.25 -78.26 0.52
CA VAL W 217 17.26 -78.26 -0.93
C VAL W 217 16.56 -77.02 -1.45
N HIS W 218 16.98 -76.57 -2.63
CA HIS W 218 16.44 -75.39 -3.29
C HIS W 218 16.45 -75.62 -4.79
N ILE W 219 15.33 -75.35 -5.46
CA ILE W 219 15.19 -75.61 -6.88
C ILE W 219 14.73 -74.33 -7.59
N SER W 220 15.34 -74.05 -8.74
CA SER W 220 14.95 -72.94 -9.59
C SER W 220 15.23 -73.31 -11.04
N CYS W 221 14.72 -72.50 -11.97
CA CYS W 221 14.98 -72.77 -13.38
C CYS W 221 15.45 -71.50 -14.06
N TYR W 222 16.01 -71.67 -15.25
CA TYR W 222 16.35 -70.55 -16.12
C TYR W 222 16.00 -70.94 -17.55
N ASP W 223 15.50 -69.96 -18.30
CA ASP W 223 15.04 -70.16 -19.67
C ASP W 223 16.08 -69.59 -20.61
N ILE W 224 16.84 -70.47 -21.25
CA ILE W 224 17.91 -70.06 -22.16
C ILE W 224 17.32 -69.95 -23.56
N SER W 225 17.26 -68.74 -24.08
CA SER W 225 16.66 -68.47 -25.37
C SER W 225 17.76 -68.20 -26.38
N ILE W 226 17.97 -69.15 -27.29
CA ILE W 226 19.06 -69.04 -28.26
C ILE W 226 18.73 -67.91 -29.22
N GLY W 227 19.40 -66.78 -29.07
CA GLY W 227 19.31 -65.69 -30.01
C GLY W 227 20.52 -65.69 -30.93
N SER W 228 20.35 -65.05 -32.07
CA SER W 228 21.45 -64.77 -32.96
C SER W 228 21.75 -63.28 -32.88
N CYS W 229 23.02 -62.95 -33.04
CA CYS W 229 23.48 -61.58 -32.84
C CYS W 229 23.21 -61.08 -31.43
N GLY W 230 23.87 -61.71 -30.47
CA GLY W 230 23.78 -61.29 -29.08
C GLY W 230 22.55 -61.85 -28.41
N MET X 1 13.77 -69.24 4.36
CA MET X 1 13.35 -69.57 5.71
C MET X 1 12.13 -68.77 6.13
N TYR X 2 11.08 -69.47 6.52
CA TYR X 2 9.87 -68.83 7.01
C TYR X 2 10.05 -68.42 8.46
N PHE X 3 9.46 -67.28 8.82
CA PHE X 3 9.52 -66.82 10.20
C PHE X 3 8.13 -66.37 10.61
N PHE X 4 7.55 -67.03 11.61
CA PHE X 4 6.24 -66.68 12.10
C PHE X 4 6.32 -66.25 13.55
N SER X 5 5.50 -65.27 13.90
CA SER X 5 5.31 -64.88 15.29
C SER X 5 3.93 -65.33 15.73
N VAL X 6 3.86 -65.93 16.90
CA VAL X 6 2.64 -66.57 17.38
C VAL X 6 1.75 -65.54 18.04
N ASP X 7 0.45 -65.82 18.08
CA ASP X 7 -0.46 -64.88 18.71
C ASP X 7 -0.45 -65.07 20.21
N PRO X 8 -0.41 -63.98 20.99
CA PRO X 8 0.05 -64.10 22.38
C PRO X 8 -1.04 -64.44 23.40
N ARG X 9 -2.29 -64.68 22.98
CA ARG X 9 -3.37 -65.07 23.89
C ARG X 9 -3.57 -64.04 24.99
N ASN X 10 -3.79 -62.79 24.59
CA ASN X 10 -4.10 -61.69 25.49
C ASN X 10 -5.57 -61.30 25.49
N GLY X 11 -6.34 -61.76 24.51
CA GLY X 11 -7.60 -61.12 24.20
C GLY X 11 -7.45 -59.95 23.25
N ALA X 12 -6.34 -59.91 22.50
CA ALA X 12 -6.04 -58.80 21.62
C ALA X 12 -5.31 -59.29 20.37
N SER X 13 -4.66 -58.39 19.65
CA SER X 13 -3.95 -58.74 18.42
C SER X 13 -2.73 -59.64 18.66
N SER X 21 -7.24 -64.65 5.44
CA SER X 21 -8.68 -64.77 5.59
C SER X 21 -9.03 -65.96 6.48
N CYS X 22 -8.26 -67.04 6.36
CA CYS X 22 -8.49 -68.22 7.18
C CYS X 22 -7.95 -68.07 8.59
N CYS X 23 -8.17 -69.15 9.34
CA CYS X 23 -7.63 -69.30 10.67
C CYS X 23 -6.12 -69.50 10.67
N CYS X 24 -5.64 -70.53 9.99
CA CYS X 24 -4.24 -70.91 10.06
C CYS X 24 -3.47 -70.22 8.95
N GLU X 25 -2.29 -69.68 9.30
CA GLU X 25 -1.48 -68.92 8.36
C GLU X 25 -0.91 -69.83 7.29
N SER X 26 -0.25 -69.22 6.30
CA SER X 26 0.04 -69.85 5.04
C SER X 26 1.54 -70.06 4.83
N ILE X 27 1.86 -71.17 4.17
CA ILE X 27 3.22 -71.54 3.80
C ILE X 27 3.20 -72.06 2.38
N SER X 28 3.88 -71.38 1.48
CA SER X 28 3.96 -71.86 0.10
C SER X 28 5.13 -72.83 -0.05
N ALA X 29 4.93 -73.85 -0.88
CA ALA X 29 5.91 -74.90 -0.99
C ALA X 29 5.99 -75.38 -2.43
N ARG X 30 7.19 -75.83 -2.83
CA ARG X 30 7.46 -76.29 -4.17
C ARG X 30 7.93 -77.72 -4.16
N PRO X 31 7.43 -78.57 -5.05
CA PRO X 31 7.77 -80.00 -4.99
C PRO X 31 9.25 -80.28 -5.14
N GLY X 32 9.82 -80.96 -4.17
CA GLY X 32 11.23 -81.30 -4.15
C GLY X 32 12.04 -80.51 -3.16
N GLU X 33 11.56 -79.35 -2.73
CA GLU X 33 12.28 -78.50 -1.81
C GLU X 33 12.37 -79.14 -0.43
N VAL X 34 13.27 -78.59 0.38
CA VAL X 34 13.34 -78.84 1.82
C VAL X 34 13.69 -77.51 2.47
N ASN X 35 12.72 -76.87 3.07
CA ASN X 35 12.90 -75.51 3.57
C ASN X 35 13.03 -75.54 5.09
N GLY X 36 13.12 -74.36 5.71
CA GLY X 36 13.22 -74.28 7.15
C GLY X 36 12.26 -73.25 7.72
N VAL X 37 11.63 -73.56 8.85
CA VAL X 37 10.60 -72.71 9.44
C VAL X 37 11.00 -72.35 10.86
N MET X 38 10.83 -71.10 11.22
CA MET X 38 11.11 -70.60 12.55
C MET X 38 9.86 -69.96 13.13
N VAL X 39 9.52 -70.33 14.36
CA VAL X 39 8.35 -69.80 15.05
C VAL X 39 8.81 -69.17 16.35
N SER X 40 8.41 -67.93 16.59
CA SER X 40 8.89 -67.17 17.75
C SER X 40 7.79 -67.10 18.79
N TYR X 41 7.89 -67.95 19.80
CA TYR X 41 6.92 -67.97 20.89
C TYR X 41 7.15 -66.90 21.93
N ALA X 42 7.99 -65.90 21.64
CA ALA X 42 8.34 -64.91 22.65
C ALA X 42 7.11 -64.15 23.14
N ALA X 43 6.19 -63.82 22.24
CA ALA X 43 5.03 -63.03 22.65
C ALA X 43 4.13 -63.75 23.63
N TRP X 44 4.15 -65.08 23.65
CA TRP X 44 3.28 -65.86 24.51
C TRP X 44 3.98 -66.38 25.74
N SER X 45 5.21 -66.85 25.61
CA SER X 45 5.90 -67.53 26.69
C SER X 45 6.80 -66.62 27.51
N ALA X 46 7.00 -65.37 27.11
CA ALA X 46 7.82 -64.48 27.91
C ALA X 46 7.09 -63.97 29.14
N PRO X 47 5.86 -63.46 29.03
CA PRO X 47 5.13 -63.10 30.25
C PRO X 47 5.00 -64.23 31.25
N LEU X 48 4.83 -65.46 30.79
CA LEU X 48 4.83 -66.61 31.68
C LEU X 48 6.24 -66.85 32.20
N ARG X 49 6.70 -65.95 33.07
CA ARG X 49 8.09 -65.99 33.49
C ARG X 49 8.40 -67.34 34.12
N GLY X 50 9.18 -68.15 33.41
CA GLY X 50 9.48 -69.49 33.85
C GLY X 50 10.74 -70.01 33.20
N HIS X 51 10.74 -71.28 32.79
CA HIS X 51 11.89 -71.87 32.14
C HIS X 51 11.72 -72.01 30.64
N GLY X 52 10.87 -71.18 30.03
CA GLY X 52 10.80 -71.13 28.60
C GLY X 52 10.20 -72.39 27.99
N LEU X 53 10.58 -72.64 26.74
CA LEU X 53 10.03 -73.75 25.98
C LEU X 53 10.71 -75.05 26.39
N THR X 54 10.10 -76.17 25.98
CA THR X 54 10.72 -77.47 26.15
C THR X 54 10.62 -78.23 24.84
N ASN X 55 11.41 -79.31 24.73
CA ASN X 55 11.44 -80.12 23.50
C ASN X 55 10.35 -81.18 23.55
N LYS X 56 9.11 -80.73 23.70
CA LYS X 56 7.96 -81.61 23.62
C LYS X 56 6.96 -81.07 22.61
N THR X 57 7.43 -80.73 21.42
CA THR X 57 6.56 -80.32 20.34
C THR X 57 6.00 -81.54 19.64
N THR X 58 4.77 -81.41 19.16
CA THR X 58 4.11 -82.47 18.42
C THR X 58 3.51 -81.88 17.16
N PHE X 59 3.70 -82.58 16.04
CA PHE X 59 3.22 -82.12 14.75
C PHE X 59 2.18 -83.09 14.21
N GLU X 60 1.32 -82.59 13.33
CA GLU X 60 0.37 -83.46 12.64
C GLU X 60 0.07 -82.88 11.28
N ILE X 61 0.09 -83.72 10.25
CA ILE X 61 -0.19 -83.31 8.89
C ILE X 61 -1.52 -83.92 8.48
N ASP X 62 -2.39 -83.10 7.91
CA ASP X 62 -3.66 -83.54 7.36
C ASP X 62 -3.95 -82.78 6.09
N GLY X 63 -4.52 -83.46 5.11
CA GLY X 63 -4.79 -82.86 3.82
C GLY X 63 -6.16 -82.22 3.79
N VAL X 64 -6.22 -81.00 3.25
CA VAL X 64 -7.47 -80.32 2.99
C VAL X 64 -7.84 -80.37 1.50
N SER X 65 -6.93 -80.89 0.67
CA SER X 65 -7.13 -81.07 -0.77
C SER X 65 -5.96 -81.92 -1.26
N VAL X 66 -6.23 -83.07 -1.88
CA VAL X 66 -5.17 -84.05 -2.11
C VAL X 66 -4.97 -84.37 -3.58
N THR X 67 -6.04 -84.50 -4.37
CA THR X 67 -5.89 -84.88 -5.78
C THR X 67 -5.19 -86.23 -5.89
N PRO X 68 -5.89 -87.34 -5.64
CA PRO X 68 -5.23 -88.65 -5.53
C PRO X 68 -4.26 -88.92 -6.66
N PRO X 69 -3.16 -89.59 -6.39
CA PRO X 69 -2.14 -89.79 -7.42
C PRO X 69 -2.59 -90.77 -8.47
N LYS X 70 -2.00 -90.63 -9.66
CA LYS X 70 -2.32 -91.52 -10.77
C LYS X 70 -1.48 -92.79 -10.75
N VAL X 71 -0.17 -92.66 -10.61
CA VAL X 71 0.76 -93.76 -10.71
C VAL X 71 1.04 -94.28 -9.31
N SER X 72 1.02 -95.60 -9.16
CA SER X 72 1.31 -96.18 -7.86
C SER X 72 2.81 -96.19 -7.59
N ASN X 73 3.16 -96.28 -6.31
CA ASN X 73 4.54 -96.48 -5.93
C ASN X 73 4.83 -97.97 -5.87
N ALA X 74 6.08 -98.33 -5.59
CA ALA X 74 6.46 -99.73 -5.63
C ALA X 74 7.64 -99.97 -4.70
N PHE X 75 7.83 -101.24 -4.35
CA PHE X 75 8.91 -101.64 -3.46
C PHE X 75 9.60 -102.87 -4.04
N GLY X 76 10.93 -102.85 -4.04
CA GLY X 76 11.72 -103.99 -4.47
C GLY X 76 12.75 -104.35 -3.42
N ARG X 77 13.43 -105.46 -3.67
CA ARG X 77 14.42 -105.94 -2.71
C ARG X 77 15.52 -106.69 -3.43
N THR X 78 16.74 -106.54 -2.94
CA THR X 78 17.92 -107.18 -3.53
C THR X 78 18.97 -107.35 -2.45
N LYS X 79 19.86 -108.33 -2.65
CA LYS X 79 20.98 -108.49 -1.74
C LYS X 79 22.12 -107.56 -2.15
N VAL X 80 23.16 -107.50 -1.33
CA VAL X 80 24.29 -106.65 -1.66
C VAL X 80 24.96 -107.14 -2.93
N GLY X 81 25.38 -106.19 -3.77
CA GLY X 81 26.18 -106.45 -4.94
C GLY X 81 25.45 -107.03 -6.12
N VAL X 82 24.32 -107.69 -5.93
CA VAL X 82 23.61 -108.31 -7.05
C VAL X 82 22.73 -107.27 -7.73
N VAL X 83 22.79 -107.25 -9.06
CA VAL X 83 22.04 -106.28 -9.85
C VAL X 83 20.57 -106.59 -9.75
N PHE X 84 19.75 -105.54 -9.72
CA PHE X 84 18.31 -105.67 -9.55
C PHE X 84 17.58 -105.20 -10.79
N GLU X 85 16.59 -105.98 -11.22
CA GLU X 85 15.70 -105.63 -12.32
C GLU X 85 14.31 -105.39 -11.78
N GLY X 86 13.49 -104.73 -12.59
CA GLY X 86 12.11 -104.49 -12.24
C GLY X 86 11.40 -103.86 -13.41
N THR X 87 10.09 -103.78 -13.30
CA THR X 87 9.27 -103.20 -14.35
C THR X 87 8.70 -101.87 -13.91
N LEU X 88 8.26 -101.09 -14.88
CA LEU X 88 7.73 -99.77 -14.60
C LEU X 88 6.45 -99.53 -15.37
N SER X 89 5.68 -100.59 -15.61
CA SER X 89 4.47 -100.49 -16.41
C SER X 89 3.20 -100.92 -15.70
N ASP X 90 3.30 -101.75 -14.66
CA ASP X 90 2.15 -102.13 -13.85
C ASP X 90 1.89 -101.11 -12.76
N LEU X 91 2.60 -99.98 -12.81
CA LEU X 91 2.48 -98.93 -11.80
C LEU X 91 1.66 -97.76 -12.33
N PHE X 92 1.08 -97.90 -13.52
CA PHE X 92 0.29 -96.84 -14.14
C PHE X 92 -0.99 -97.42 -14.70
N PRO X 93 -1.93 -97.78 -13.84
CA PRO X 93 -3.23 -98.20 -14.34
C PRO X 93 -3.91 -97.02 -15.02
N ASN X 94 -4.01 -97.07 -16.34
CA ASN X 94 -4.58 -95.95 -17.05
C ASN X 94 -6.07 -96.16 -17.31
N PRO X 95 -6.89 -95.13 -17.14
CA PRO X 95 -8.30 -95.25 -17.51
C PRO X 95 -8.48 -95.30 -19.01
N GLU X 96 -7.83 -94.36 -19.70
CA GLU X 96 -8.03 -94.10 -21.12
C GLU X 96 -6.97 -94.77 -21.98
N GLY X 97 -6.98 -94.46 -23.28
CA GLY X 97 -5.96 -94.92 -24.20
C GLY X 97 -4.89 -93.88 -24.47
N GLU X 98 -3.63 -94.22 -24.17
CA GLU X 98 -2.51 -93.33 -24.42
C GLU X 98 -1.23 -94.12 -24.25
N GLN X 99 -0.12 -93.49 -24.62
CA GLN X 99 1.21 -94.07 -24.52
C GLN X 99 1.93 -93.57 -23.28
N VAL X 100 2.98 -94.32 -22.91
CA VAL X 100 3.64 -94.20 -21.62
C VAL X 100 5.09 -93.78 -21.76
N GLU X 101 5.34 -92.47 -21.69
CA GLU X 101 6.70 -91.95 -21.78
C GLU X 101 7.43 -92.07 -20.45
N TYR X 102 7.87 -93.27 -20.12
CA TYR X 102 8.64 -93.51 -18.90
C TYR X 102 9.85 -92.59 -18.83
N GLU X 103 10.08 -91.99 -17.66
CA GLU X 103 11.16 -91.03 -17.51
C GLU X 103 11.73 -91.08 -16.10
N ILE X 104 13.05 -91.00 -15.99
CA ILE X 104 13.74 -90.93 -14.70
C ILE X 104 14.44 -89.58 -14.65
N SER X 105 13.92 -88.66 -13.87
CA SER X 105 14.49 -87.32 -13.75
C SER X 105 15.86 -87.40 -13.10
N GLU X 106 16.84 -86.69 -13.68
CA GLU X 106 18.18 -86.66 -13.11
C GLU X 106 18.26 -85.87 -11.81
N LEU X 107 17.29 -85.00 -11.53
CA LEU X 107 17.31 -84.26 -10.28
C LEU X 107 16.99 -85.18 -9.10
N ASN X 108 16.16 -86.18 -9.34
CA ASN X 108 15.68 -87.07 -8.28
C ASN X 108 16.05 -88.51 -8.59
N GLY X 109 17.26 -88.74 -9.09
CA GLY X 109 17.71 -90.08 -9.37
C GLY X 109 18.06 -90.81 -8.09
N PRO X 110 18.66 -91.98 -8.21
CA PRO X 110 19.05 -92.74 -7.02
C PRO X 110 20.22 -92.09 -6.30
N SER X 111 20.62 -92.64 -5.16
CA SER X 111 21.66 -92.04 -4.34
C SER X 111 22.90 -92.90 -4.21
N ASN X 112 22.76 -94.22 -4.22
CA ASN X 112 23.90 -95.12 -4.10
C ASN X 112 23.87 -96.20 -5.18
N GLY X 113 23.33 -95.88 -6.34
CA GLY X 113 23.25 -96.83 -7.44
C GLY X 113 23.22 -96.11 -8.77
N VAL X 114 22.77 -96.81 -9.81
CA VAL X 114 22.57 -96.24 -11.14
C VAL X 114 21.40 -96.98 -11.76
N VAL X 115 20.60 -96.28 -12.57
CA VAL X 115 19.46 -96.88 -13.26
C VAL X 115 19.55 -96.57 -14.75
N GLU X 116 19.46 -97.61 -15.59
CA GLU X 116 19.45 -97.46 -17.04
C GLU X 116 18.02 -97.72 -17.48
N LEU X 117 17.26 -96.66 -17.73
CA LEU X 117 15.90 -96.87 -18.20
C LEU X 117 15.90 -97.50 -19.59
N GLY X 118 15.16 -98.60 -19.72
CA GLY X 118 15.08 -99.32 -20.98
C GLY X 118 14.17 -98.61 -21.97
N ALA X 119 13.86 -99.33 -23.04
CA ALA X 119 12.97 -98.77 -24.05
C ALA X 119 11.52 -98.86 -23.63
N ASN X 120 11.15 -99.93 -22.93
CA ASN X 120 9.76 -100.16 -22.52
C ASN X 120 9.71 -100.46 -21.04
N GLY X 121 9.44 -99.43 -20.23
CA GLY X 121 9.15 -99.57 -18.82
C GLY X 121 10.03 -100.51 -18.02
N ALA X 122 11.26 -100.70 -18.47
CA ALA X 122 12.20 -101.58 -17.80
C ALA X 122 13.41 -100.77 -17.36
N PHE X 123 14.06 -101.24 -16.30
CA PHE X 123 15.16 -100.49 -15.73
C PHE X 123 16.02 -101.42 -14.89
N THR X 124 17.31 -101.14 -14.85
CA THR X 124 18.27 -101.93 -14.09
C THR X 124 18.92 -101.05 -13.06
N TYR X 125 18.80 -101.42 -11.80
CA TYR X 125 19.40 -100.69 -10.70
C TYR X 125 20.58 -101.50 -10.19
N THR X 126 21.78 -101.11 -10.62
CA THR X 126 23.00 -101.74 -10.14
C THR X 126 23.44 -101.05 -8.87
N PRO X 127 23.27 -101.67 -7.71
CA PRO X 127 23.62 -100.98 -6.46
C PRO X 127 25.10 -100.71 -6.38
N GLY X 128 25.44 -99.58 -5.76
CA GLY X 128 26.84 -99.23 -5.58
C GLY X 128 27.57 -100.29 -4.78
N ALA X 129 28.76 -100.65 -5.27
CA ALA X 129 29.54 -101.71 -4.64
C ALA X 129 29.87 -101.36 -3.20
N LEU X 130 29.85 -102.37 -2.34
CA LEU X 130 30.10 -102.21 -0.91
C LEU X 130 29.12 -101.20 -0.30
N PHE X 131 27.84 -101.54 -0.38
CA PHE X 131 26.80 -100.69 0.19
C PHE X 131 25.57 -101.54 0.47
N THR X 132 24.97 -101.34 1.65
CA THR X 132 23.75 -102.06 1.99
C THR X 132 22.86 -101.12 2.78
N GLY X 133 21.74 -100.74 2.20
CA GLY X 133 20.79 -99.87 2.87
C GLY X 133 19.50 -99.80 2.08
N VAL X 134 18.90 -98.62 2.05
CA VAL X 134 17.70 -98.37 1.27
C VAL X 134 18.01 -97.28 0.27
N ASP X 135 17.38 -97.35 -0.90
CA ASP X 135 17.63 -96.39 -1.95
C ASP X 135 16.36 -96.13 -2.72
N ARG X 136 16.13 -94.88 -3.10
CA ARG X 136 14.94 -94.45 -3.80
C ARG X 136 15.29 -93.75 -5.10
N PHE X 137 14.32 -93.70 -6.00
CA PHE X 137 14.38 -92.82 -7.15
C PHE X 137 12.97 -92.55 -7.62
N TRP X 138 12.77 -91.40 -8.24
CA TRP X 138 11.45 -90.91 -8.59
C TRP X 138 11.28 -90.92 -10.10
N PHE X 139 10.42 -91.79 -10.59
CA PHE X 139 10.08 -91.88 -12.00
C PHE X 139 8.88 -91.01 -12.31
N SER X 140 8.68 -90.75 -13.60
CA SER X 140 7.56 -89.92 -14.07
C SER X 140 6.94 -90.59 -15.28
N ILE X 141 5.94 -91.43 -15.06
CA ILE X 141 5.22 -92.10 -16.14
C ILE X 141 4.21 -91.10 -16.70
N ASN X 142 4.59 -90.43 -17.78
CA ASN X 142 3.69 -89.55 -18.51
C ASN X 142 3.22 -88.39 -17.62
N GLY X 143 4.20 -87.65 -17.11
CA GLY X 143 3.91 -86.47 -16.31
C GLY X 143 3.63 -86.75 -14.86
N ASN X 144 2.99 -87.88 -14.56
CA ASN X 144 2.65 -88.22 -13.19
C ASN X 144 3.82 -88.90 -12.51
N ILE X 145 4.15 -88.46 -11.30
CA ILE X 145 5.37 -88.85 -10.61
C ILE X 145 5.02 -89.78 -9.46
N GLY X 146 5.86 -90.80 -9.27
CA GLY X 146 5.79 -91.69 -8.13
C GLY X 146 7.21 -92.07 -7.77
N GLU X 147 7.36 -92.88 -6.73
CA GLU X 147 8.68 -93.29 -6.28
C GLU X 147 8.80 -94.80 -6.25
N TYR X 148 10.01 -95.28 -6.50
CA TYR X 148 10.36 -96.68 -6.42
C TYR X 148 11.40 -96.84 -5.32
N VAL X 149 11.13 -97.71 -4.36
CA VAL X 149 11.99 -97.90 -3.20
C VAL X 149 12.63 -99.27 -3.29
N ILE X 150 13.95 -99.31 -3.23
CA ILE X 150 14.71 -100.55 -3.24
C ILE X 150 15.55 -100.61 -1.96
N SER X 151 15.59 -101.79 -1.36
CA SER X 151 16.37 -102.05 -0.14
C SER X 151 17.39 -103.12 -0.44
N VAL X 152 18.66 -102.82 -0.23
CA VAL X 152 19.75 -103.75 -0.51
C VAL X 152 20.23 -104.33 0.81
N ASP X 153 20.25 -105.66 0.88
CA ASP X 153 20.51 -106.42 2.09
C ASP X 153 21.98 -106.77 2.21
N PRO X 154 22.49 -106.97 3.44
CA PRO X 154 23.92 -107.26 3.59
C PRO X 154 24.22 -108.74 3.49
N THR X 155 23.54 -109.39 2.55
CA THR X 155 23.70 -110.78 2.12
C THR X 155 23.24 -111.79 3.17
N THR X 156 22.98 -111.37 4.40
CA THR X 156 22.61 -112.41 5.35
C THR X 156 21.12 -112.73 5.33
N SER X 157 20.29 -111.90 5.96
CA SER X 157 18.89 -112.29 6.07
C SER X 157 17.94 -111.66 5.06
N GLU X 158 17.48 -110.43 5.38
CA GLU X 158 16.46 -109.69 4.63
C GLU X 158 16.27 -108.33 5.32
N LEU X 159 16.17 -107.23 4.59
CA LEU X 159 15.91 -105.96 5.25
C LEU X 159 14.41 -105.71 5.40
N PRO X 160 14.01 -104.92 6.41
CA PRO X 160 12.61 -104.50 6.55
C PRO X 160 12.19 -103.49 5.50
N GLN X 161 11.00 -102.91 5.65
CA GLN X 161 10.35 -102.20 4.56
C GLN X 161 9.98 -100.77 4.99
N PRO X 162 10.59 -99.77 4.35
CA PRO X 162 10.43 -98.38 4.79
C PRO X 162 9.09 -97.80 4.36
N PRO X 163 8.64 -96.72 5.03
CA PRO X 163 7.23 -96.31 4.94
C PRO X 163 6.80 -95.40 3.78
N PHE X 164 7.52 -95.34 2.67
CA PHE X 164 6.98 -94.68 1.48
C PHE X 164 6.66 -93.19 1.69
N THR X 165 7.69 -92.35 1.75
CA THR X 165 7.57 -90.93 2.07
C THR X 165 6.32 -90.26 1.51
N THR X 166 5.68 -89.45 2.35
CA THR X 166 4.44 -88.77 2.04
C THR X 166 4.71 -87.49 1.28
N PRO X 167 3.66 -86.86 0.70
CA PRO X 167 3.88 -85.61 -0.04
C PRO X 167 4.53 -84.50 0.77
N VAL X 168 3.95 -84.17 1.91
CA VAL X 168 4.53 -83.19 2.82
C VAL X 168 4.83 -83.88 4.14
N TYR X 169 6.02 -83.62 4.67
CA TYR X 169 6.44 -84.27 5.90
C TYR X 169 7.27 -83.31 6.73
N VAL X 170 7.46 -83.67 8.00
CA VAL X 170 8.31 -82.93 8.91
C VAL X 170 9.34 -83.89 9.46
N PRO X 171 10.60 -83.79 9.04
CA PRO X 171 11.62 -84.77 9.41
C PRO X 171 11.60 -85.19 10.87
N ALA X 172 11.80 -86.48 11.10
CA ALA X 172 11.67 -87.13 12.40
C ALA X 172 12.34 -86.34 13.52
N ALA X 173 13.63 -86.07 13.40
CA ALA X 173 14.30 -85.34 14.47
C ALA X 173 15.28 -84.32 13.92
N ARG X 174 14.77 -83.14 13.59
CA ARG X 174 15.58 -82.00 13.18
C ARG X 174 15.01 -80.74 13.78
N ARG X 175 14.23 -80.89 14.85
CA ARG X 175 13.50 -79.82 15.49
C ARG X 175 14.26 -79.38 16.73
N SER X 176 14.15 -78.10 17.07
CA SER X 176 14.80 -77.68 18.30
C SER X 176 14.19 -76.38 18.77
N VAL X 177 14.49 -76.06 20.02
CA VAL X 177 13.96 -74.89 20.69
C VAL X 177 15.07 -74.30 21.54
N ASP X 178 15.26 -72.99 21.44
CA ASP X 178 16.22 -72.29 22.28
C ASP X 178 15.46 -71.62 23.40
N PRO X 179 15.47 -72.15 24.63
CA PRO X 179 14.67 -71.52 25.69
C PRO X 179 15.12 -70.12 26.05
N ARG X 180 16.25 -69.70 25.51
CA ARG X 180 16.88 -68.42 25.77
C ARG X 180 16.23 -67.28 25.00
N THR X 181 15.55 -67.57 23.89
CA THR X 181 14.88 -66.56 23.11
C THR X 181 13.52 -67.01 22.61
N HIS X 182 13.05 -68.17 23.04
CA HIS X 182 11.70 -68.66 22.74
C HIS X 182 11.47 -68.77 21.23
N VAL X 183 12.27 -69.62 20.60
CA VAL X 183 12.18 -69.81 19.15
C VAL X 183 12.25 -71.29 18.84
N LEU X 184 11.27 -71.76 18.08
CA LEU X 184 11.20 -73.15 17.65
C LEU X 184 11.64 -73.25 16.20
N LYS X 185 12.53 -74.19 15.92
CA LYS X 185 13.00 -74.43 14.57
C LYS X 185 12.59 -75.82 14.13
N PHE X 186 12.08 -75.95 12.92
CA PHE X 186 11.80 -77.26 12.36
C PHE X 186 11.92 -77.18 10.85
N VAL X 187 12.08 -78.33 10.24
CA VAL X 187 12.28 -78.43 8.81
C VAL X 187 10.99 -78.91 8.16
N LEU X 188 10.70 -78.42 6.96
CA LEU X 188 9.50 -78.80 6.24
C LEU X 188 9.90 -79.24 4.84
N GLY X 189 9.73 -80.52 4.54
CA GLY X 189 10.15 -81.07 3.27
C GLY X 189 8.95 -81.48 2.43
N VAL X 190 9.06 -81.26 1.12
CA VAL X 190 8.01 -81.56 0.17
C VAL X 190 8.52 -82.61 -0.79
N SER X 191 7.79 -83.72 -0.93
CA SER X 191 8.22 -84.77 -1.82
C SER X 191 8.11 -84.30 -3.26
N PRO X 192 8.86 -84.91 -4.18
CA PRO X 192 8.72 -84.54 -5.59
C PRO X 192 7.40 -84.97 -6.20
N ALA X 193 6.61 -85.78 -5.52
CA ALA X 193 5.35 -86.26 -6.05
C ALA X 193 4.16 -85.44 -5.58
N ALA X 194 4.39 -84.38 -4.82
CA ALA X 194 3.30 -83.51 -4.41
C ALA X 194 2.71 -82.82 -5.63
N ILE X 195 1.39 -82.82 -5.74
CA ILE X 195 0.74 -82.28 -6.92
C ILE X 195 0.44 -80.80 -6.70
N PRO X 196 0.82 -79.92 -7.63
CA PRO X 196 0.60 -78.49 -7.42
C PRO X 196 -0.88 -78.17 -7.28
N GLY X 197 -1.19 -77.23 -6.41
CA GLY X 197 -2.54 -76.84 -6.14
C GLY X 197 -3.14 -77.44 -4.88
N ASP X 198 -2.54 -78.50 -4.35
CA ASP X 198 -3.05 -79.11 -3.13
C ASP X 198 -2.80 -78.21 -1.92
N VAL X 199 -3.49 -78.53 -0.83
CA VAL X 199 -3.34 -77.81 0.43
C VAL X 199 -3.28 -78.83 1.55
N TYR X 200 -2.29 -78.71 2.42
CA TYR X 200 -2.17 -79.52 3.62
C TYR X 200 -2.20 -78.62 4.83
N ARG X 201 -2.45 -79.21 5.99
CA ARG X 201 -2.55 -78.46 7.22
C ARG X 201 -1.63 -79.06 8.27
N LEU X 202 -0.77 -78.23 8.85
CA LEU X 202 0.16 -78.65 9.88
C LEU X 202 -0.27 -78.03 11.20
N THR X 203 -0.45 -78.87 12.22
CA THR X 203 -0.80 -78.41 13.56
C THR X 203 0.38 -78.65 14.49
N VAL X 204 0.74 -77.61 15.25
CA VAL X 204 1.89 -77.62 16.13
C VAL X 204 1.41 -77.43 17.56
N ARG X 205 1.76 -78.36 18.45
CA ARG X 205 1.41 -78.28 19.85
C ARG X 205 2.68 -78.12 20.67
N GLN X 206 2.91 -76.93 21.19
CA GLN X 206 4.15 -76.60 21.87
C GLN X 206 3.86 -76.32 23.34
N VAL X 207 4.70 -76.86 24.22
CA VAL X 207 4.54 -76.71 25.66
C VAL X 207 5.61 -75.78 26.19
N ALA X 208 5.19 -74.78 26.94
CA ALA X 208 6.11 -74.03 27.77
C ALA X 208 6.16 -74.74 29.12
N ILE X 209 6.80 -74.12 30.10
CA ILE X 209 6.96 -74.78 31.39
C ILE X 209 7.10 -73.69 32.45
N ASP X 210 6.45 -73.89 33.58
CA ASP X 210 6.57 -72.93 34.66
C ASP X 210 7.68 -73.35 35.60
N CYS X 211 8.02 -72.45 36.51
CA CYS X 211 9.32 -72.51 37.13
C CYS X 211 9.42 -73.68 38.11
N ASP X 212 8.28 -74.29 38.45
CA ASP X 212 8.21 -75.58 39.14
C ASP X 212 8.09 -76.77 38.21
N GLY X 213 8.03 -76.57 36.90
CA GLY X 213 7.98 -77.68 35.97
C GLY X 213 6.61 -78.10 35.50
N ASN X 214 5.57 -77.32 35.76
CA ASN X 214 4.25 -77.63 35.22
C ASN X 214 4.16 -77.16 33.78
N GLU X 215 2.98 -77.20 33.17
CA GLU X 215 2.93 -77.14 31.71
C GLU X 215 1.98 -76.06 31.26
N PHE X 216 2.34 -75.44 30.13
CA PHE X 216 1.49 -74.48 29.44
C PHE X 216 1.47 -74.87 27.97
N VAL X 217 0.33 -75.29 27.47
CA VAL X 217 0.22 -75.78 26.10
C VAL X 217 -0.24 -74.65 25.19
N HIS X 218 0.17 -74.74 23.93
CA HIS X 218 -0.15 -73.76 22.90
C HIS X 218 -0.32 -74.47 21.57
N ILE X 219 -1.41 -74.20 20.86
CA ILE X 219 -1.72 -74.88 19.61
C ILE X 219 -1.94 -73.85 18.50
N SER X 220 -1.39 -74.12 17.33
CA SER X 220 -1.60 -73.30 16.14
C SER X 220 -1.52 -74.19 14.92
N CYS X 221 -1.92 -73.65 13.76
CA CYS X 221 -1.85 -74.42 12.53
C CYS X 221 -1.17 -73.60 11.45
N TYR X 222 -0.76 -74.27 10.39
CA TYR X 222 -0.26 -73.63 9.19
C TYR X 222 -0.80 -74.37 7.98
N ASP X 223 -1.14 -73.62 6.94
CA ASP X 223 -1.74 -74.16 5.72
C ASP X 223 -0.68 -74.19 4.64
N ILE X 224 -0.17 -75.38 4.34
CA ILE X 224 0.88 -75.56 3.35
C ILE X 224 0.21 -75.78 2.00
N SER X 225 0.37 -74.83 1.10
CA SER X 225 -0.26 -74.89 -0.21
C SER X 225 0.78 -75.23 -1.26
N ILE X 226 0.72 -76.46 -1.79
CA ILE X 226 1.72 -76.93 -2.73
C ILE X 226 1.56 -76.15 -4.02
N GLY X 227 2.47 -75.20 -4.27
CA GLY X 227 2.53 -74.51 -5.53
C GLY X 227 3.64 -75.09 -6.39
N SER X 228 3.52 -74.85 -7.68
CA SER X 228 4.58 -75.14 -8.63
C SER X 228 5.19 -73.82 -9.07
N CYS X 229 6.48 -73.85 -9.33
CA CYS X 229 7.23 -72.64 -9.61
C CYS X 229 7.19 -71.65 -8.46
N GLY X 230 7.78 -72.05 -7.35
CA GLY X 230 7.89 -71.19 -6.19
C GLY X 230 6.63 -71.19 -5.37
N MET Y 1 -0.84 -64.96 27.96
CA MET Y 1 -1.21 -64.72 29.35
C MET Y 1 -2.20 -63.57 29.46
N TYR Y 2 -3.34 -63.84 30.07
CA TYR Y 2 -4.35 -62.81 30.32
C TYR Y 2 -3.97 -61.99 31.53
N PHE Y 3 -4.27 -60.71 31.48
CA PHE Y 3 -4.01 -59.83 32.63
C PHE Y 3 -5.23 -58.96 32.85
N PHE Y 4 -5.85 -59.10 34.01
CA PHE Y 4 -7.02 -58.32 34.37
C PHE Y 4 -6.73 -57.46 35.57
N SER Y 5 -7.30 -56.26 35.57
CA SER Y 5 -7.29 -55.39 36.74
C SER Y 5 -8.69 -55.35 37.31
N VAL Y 6 -8.79 -55.49 38.62
CA VAL Y 6 -10.08 -55.65 39.29
C VAL Y 6 -10.67 -54.27 39.57
N ASP Y 7 -11.99 -54.21 39.70
CA ASP Y 7 -12.64 -52.94 39.96
C ASP Y 7 -12.55 -52.60 41.44
N PRO Y 8 -12.21 -51.37 41.80
CA PRO Y 8 -11.69 -51.11 43.14
C PRO Y 8 -12.73 -50.83 44.21
N ARG Y 9 -14.03 -50.91 43.91
CA ARG Y 9 -15.09 -50.72 44.90
C ARG Y 9 -14.98 -49.35 45.58
N ASN Y 10 -14.97 -48.30 44.77
CA ASN Y 10 -14.97 -46.92 45.24
C ASN Y 10 -16.31 -46.23 45.10
N GLY Y 11 -17.23 -46.81 44.34
CA GLY Y 11 -18.35 -46.04 43.83
C GLY Y 11 -18.04 -45.34 42.54
N ALA Y 12 -17.01 -45.79 41.82
CA ALA Y 12 -16.56 -45.15 40.60
C ALA Y 12 -16.05 -46.18 39.61
N SER Y 13 -15.28 -45.74 38.62
CA SER Y 13 -14.76 -46.64 37.59
C SER Y 13 -13.74 -47.64 38.11
N SER Y 21 -20.25 -55.66 27.45
CA SER Y 21 -21.67 -55.40 27.64
C SER Y 21 -22.20 -56.10 28.89
N CYS Y 22 -21.69 -57.30 29.14
CA CYS Y 22 -22.09 -58.06 30.31
C CYS Y 22 -21.42 -57.58 31.58
N CYS Y 23 -21.80 -58.25 32.67
CA CYS Y 23 -21.20 -58.06 33.97
C CYS Y 23 -19.77 -58.58 34.02
N CYS Y 24 -19.57 -59.86 33.74
CA CYS Y 24 -18.29 -60.52 33.94
C CYS Y 24 -17.48 -60.42 32.65
N GLU Y 25 -16.19 -60.08 32.80
CA GLU Y 25 -15.32 -59.88 31.65
C GLU Y 25 -15.04 -61.20 30.95
N SER Y 26 -14.34 -61.12 29.82
CA SER Y 26 -14.29 -62.20 28.84
C SER Y 26 -12.90 -62.79 28.71
N ILE Y 27 -12.87 -64.10 28.48
CA ILE Y 27 -11.66 -64.87 28.27
C ILE Y 27 -11.90 -65.82 27.11
N SER Y 28 -11.16 -65.66 26.02
CA SER Y 28 -11.31 -66.57 24.90
C SER Y 28 -10.38 -67.76 25.08
N ALA Y 29 -10.85 -68.94 24.67
CA ALA Y 29 -10.12 -70.16 24.92
C ALA Y 29 -10.26 -71.09 23.74
N ARG Y 30 -9.24 -71.91 23.52
CA ARG Y 30 -9.17 -72.84 22.40
C ARG Y 30 -9.02 -74.27 22.92
N PRO Y 31 -9.75 -75.22 22.37
CA PRO Y 31 -9.72 -76.58 22.93
C PRO Y 31 -8.35 -77.22 22.88
N GLY Y 32 -7.86 -77.65 24.03
CA GLY Y 32 -6.55 -78.27 24.14
C GLY Y 32 -5.52 -77.40 24.81
N GLU Y 33 -5.70 -76.09 24.80
CA GLU Y 33 -4.75 -75.16 25.38
C GLU Y 33 -4.69 -75.30 26.90
N VAL Y 34 -3.63 -74.73 27.47
CA VAL Y 34 -3.50 -74.50 28.89
C VAL Y 34 -2.82 -73.15 29.04
N ASN Y 35 -3.58 -72.13 29.39
CA ASN Y 35 -3.08 -70.77 29.39
C ASN Y 35 -2.83 -70.31 30.83
N GLY Y 36 -2.45 -69.05 31.01
CA GLY Y 36 -2.22 -68.51 32.32
C GLY Y 36 -2.90 -67.16 32.51
N VAL Y 37 -3.49 -66.92 33.68
CA VAL Y 37 -4.26 -65.72 33.94
C VAL Y 37 -3.68 -65.00 35.15
N MET Y 38 -3.55 -63.68 35.05
CA MET Y 38 -3.07 -62.85 36.13
C MET Y 38 -4.10 -61.79 36.45
N VAL Y 39 -4.41 -61.63 37.73
CA VAL Y 39 -5.39 -60.66 38.21
C VAL Y 39 -4.70 -59.76 39.22
N SER Y 40 -4.80 -58.45 39.01
CA SER Y 40 -4.09 -57.47 39.82
C SER Y 40 -5.07 -56.81 40.79
N TYR Y 41 -5.06 -57.27 42.03
CA TYR Y 41 -5.92 -56.71 43.05
C TYR Y 41 -5.39 -55.42 43.66
N ALA Y 42 -4.38 -54.80 43.05
CA ALA Y 42 -3.76 -53.63 43.65
C ALA Y 42 -4.75 -52.50 43.85
N ALA Y 43 -5.65 -52.29 42.90
CA ALA Y 43 -6.57 -51.16 43.00
C ALA Y 43 -7.53 -51.29 44.18
N TRP Y 44 -7.79 -52.50 44.65
CA TRP Y 44 -8.73 -52.73 45.73
C TRP Y 44 -8.07 -52.96 47.07
N SER Y 45 -6.97 -53.70 47.10
CA SER Y 45 -6.35 -54.12 48.35
C SER Y 45 -5.22 -53.22 48.81
N ALA Y 46 -4.80 -52.25 47.99
CA ALA Y 46 -3.74 -51.36 48.43
C ALA Y 46 -4.26 -50.31 49.42
N PRO Y 47 -5.35 -49.61 49.14
CA PRO Y 47 -5.89 -48.70 50.16
C PRO Y 47 -6.17 -49.37 51.49
N LEU Y 48 -6.63 -50.62 51.48
CA LEU Y 48 -6.80 -51.37 52.73
C LEU Y 48 -5.44 -51.72 53.28
N ARG Y 49 -4.74 -50.71 53.80
CA ARG Y 49 -3.35 -50.92 54.21
C ARG Y 49 -3.29 -52.02 55.25
N GLY Y 50 -2.75 -53.16 54.87
CA GLY Y 50 -2.71 -54.32 55.74
C GLY Y 50 -1.64 -55.29 55.30
N HIS Y 51 -1.94 -56.59 55.35
CA HIS Y 51 -1.00 -57.62 54.95
C HIS Y 51 -1.32 -58.21 53.59
N GLY Y 52 -2.01 -57.45 52.74
CA GLY Y 52 -2.19 -57.87 51.37
C GLY Y 52 -3.09 -59.10 51.23
N LEU Y 53 -2.88 -59.83 50.15
CA LEU Y 53 -3.70 -60.98 49.82
C LEU Y 53 -3.28 -62.19 50.65
N THR Y 54 -4.15 -63.21 50.67
CA THR Y 54 -3.80 -64.49 51.26
C THR Y 54 -4.17 -65.60 50.30
N ASN Y 55 -3.63 -66.79 50.56
CA ASN Y 55 -3.87 -67.95 49.69
C ASN Y 55 -5.15 -68.67 50.10
N LYS Y 56 -6.25 -67.92 50.09
CA LYS Y 56 -7.57 -68.50 50.32
C LYS Y 56 -8.51 -68.11 49.20
N THR Y 57 -8.08 -68.30 47.97
CA THR Y 57 -8.92 -68.10 46.81
C THR Y 57 -9.78 -69.34 46.57
N THR Y 58 -10.99 -69.09 46.08
CA THR Y 58 -11.91 -70.15 45.76
C THR Y 58 -12.48 -69.91 44.36
N PHE Y 59 -12.54 -70.96 43.56
CA PHE Y 59 -13.01 -70.88 42.19
C PHE Y 59 -14.27 -71.71 42.02
N GLU Y 60 -15.07 -71.35 41.02
CA GLU Y 60 -16.24 -72.15 40.69
C GLU Y 60 -16.51 -72.01 39.20
N ILE Y 61 -16.76 -73.14 38.53
CA ILE Y 61 -17.05 -73.15 37.11
C ILE Y 61 -18.51 -73.55 36.94
N ASP Y 62 -19.23 -72.79 36.12
CA ASP Y 62 -20.60 -73.10 35.77
C ASP Y 62 -20.82 -72.76 34.31
N GLY Y 63 -21.61 -73.58 33.63
CA GLY Y 63 -21.85 -73.41 32.21
C GLY Y 63 -23.04 -72.52 31.96
N VAL Y 64 -22.89 -71.57 31.03
CA VAL Y 64 -23.98 -70.76 30.55
C VAL Y 64 -24.47 -71.22 29.18
N SER Y 65 -23.77 -72.17 28.58
CA SER Y 65 -24.11 -72.78 27.29
C SER Y 65 -23.20 -73.98 27.12
N VAL Y 66 -23.75 -75.19 26.95
CA VAL Y 66 -22.95 -76.40 27.07
C VAL Y 66 -22.94 -77.23 25.79
N THR Y 67 -24.07 -77.38 25.10
CA THR Y 67 -24.12 -78.23 23.91
C THR Y 67 -23.72 -79.66 24.26
N PRO Y 68 -24.62 -80.43 24.88
CA PRO Y 68 -24.25 -81.75 25.44
C PRO Y 68 -23.46 -82.58 24.46
N PRO Y 69 -22.50 -83.36 24.95
CA PRO Y 69 -21.63 -84.10 24.04
C PRO Y 69 -22.36 -85.27 23.40
N LYS Y 70 -21.86 -85.67 22.24
CA LYS Y 70 -22.44 -86.79 21.50
C LYS Y 70 -21.89 -88.13 21.96
N VAL Y 71 -20.58 -88.25 22.04
CA VAL Y 71 -19.91 -89.52 22.32
C VAL Y 71 -19.63 -89.59 23.81
N SER Y 72 -19.91 -90.74 24.41
CA SER Y 72 -19.65 -90.88 25.83
C SER Y 72 -18.17 -91.14 26.08
N ASN Y 73 -17.74 -90.87 27.31
CA ASN Y 73 -16.41 -91.24 27.74
C ASN Y 73 -16.44 -92.65 28.31
N ALA Y 74 -15.28 -93.16 28.69
CA ALA Y 74 -15.21 -94.55 29.13
C ALA Y 74 -14.04 -94.72 30.09
N PHE Y 75 -14.09 -95.80 30.86
CA PHE Y 75 -13.05 -96.13 31.82
C PHE Y 75 -12.69 -97.59 31.71
N GLY Y 76 -11.38 -97.88 31.70
CA GLY Y 76 -10.89 -99.24 31.68
C GLY Y 76 -9.87 -99.45 32.79
N ARG Y 77 -9.46 -100.71 32.94
CA ARG Y 77 -8.53 -101.05 34.01
C ARG Y 77 -7.67 -102.23 33.58
N THR Y 78 -6.41 -102.20 33.98
CA THR Y 78 -5.45 -103.25 33.65
C THR Y 78 -4.37 -103.28 34.71
N LYS Y 79 -3.73 -104.43 34.87
CA LYS Y 79 -2.60 -104.53 35.77
C LYS Y 79 -1.33 -104.07 35.07
N VAL Y 80 -0.23 -103.98 35.82
CA VAL Y 80 1.02 -103.56 35.21
C VAL Y 80 1.47 -104.59 34.18
N GLY Y 81 2.01 -104.10 33.07
CA GLY Y 81 2.64 -104.91 32.06
C GLY Y 81 1.71 -105.67 31.14
N VAL Y 82 0.49 -105.96 31.55
CA VAL Y 82 -0.42 -106.74 30.73
C VAL Y 82 -1.12 -105.82 29.73
N VAL Y 83 -1.17 -106.27 28.48
CA VAL Y 83 -1.75 -105.48 27.39
C VAL Y 83 -3.24 -105.39 27.60
N PHE Y 84 -3.82 -104.24 27.26
CA PHE Y 84 -5.23 -103.98 27.48
C PHE Y 84 -5.94 -103.80 26.15
N GLU Y 85 -7.10 -104.42 26.02
CA GLU Y 85 -7.98 -104.27 24.87
C GLU Y 85 -9.25 -103.55 25.30
N GLY Y 86 -9.98 -103.05 24.32
CA GLY Y 86 -11.24 -102.40 24.56
C GLY Y 86 -11.89 -102.05 23.24
N THR Y 87 -13.14 -101.64 23.32
CA THR Y 87 -13.91 -101.29 22.14
C THR Y 87 -14.14 -99.79 22.10
N LEU Y 88 -14.48 -99.30 20.92
CA LEU Y 88 -14.70 -97.87 20.73
C LEU Y 88 -15.96 -97.64 19.93
N SER Y 89 -16.95 -98.52 20.06
CA SER Y 89 -18.17 -98.41 19.28
C SER Y 89 -19.44 -98.28 20.11
N ASP Y 90 -19.44 -98.72 21.37
CA ASP Y 90 -20.57 -98.53 22.25
C ASP Y 90 -20.52 -97.17 22.92
N LEU Y 91 -19.60 -96.31 22.51
CA LEU Y 91 -19.42 -94.99 23.08
C LEU Y 91 -20.01 -93.91 22.19
N PHE Y 92 -20.70 -94.31 21.12
CA PHE Y 92 -21.29 -93.37 20.17
C PHE Y 92 -22.71 -93.80 19.85
N PRO Y 93 -23.63 -93.62 20.79
CA PRO Y 93 -25.03 -93.89 20.46
C PRO Y 93 -25.49 -92.88 19.42
N ASN Y 94 -25.71 -93.35 18.19
CA ASN Y 94 -26.08 -92.43 17.15
C ASN Y 94 -27.60 -92.37 16.97
N PRO Y 95 -28.17 -91.19 16.79
CA PRO Y 95 -29.60 -91.11 16.48
C PRO Y 95 -29.90 -91.62 15.08
N GLU Y 96 -29.13 -91.14 14.12
CA GLU Y 96 -29.39 -91.33 12.70
C GLU Y 96 -28.56 -92.47 12.12
N GLY Y 97 -28.60 -92.62 10.79
CA GLY Y 97 -27.78 -93.58 10.08
C GLY Y 97 -26.54 -92.96 9.47
N GLU Y 98 -25.37 -93.45 9.87
CA GLU Y 98 -24.11 -92.97 9.32
C GLU Y 98 -23.01 -93.93 9.75
N GLN Y 99 -21.83 -93.73 9.18
CA GLN Y 99 -20.65 -94.53 9.47
C GLN Y 99 -19.74 -93.82 10.46
N VAL Y 100 -18.85 -94.62 11.06
CA VAL Y 100 -18.08 -94.22 12.23
C VAL Y 100 -16.59 -94.21 11.95
N GLU Y 101 -16.06 -93.05 11.57
CA GLU Y 101 -14.63 -92.91 11.29
C GLU Y 101 -13.84 -92.73 12.58
N TYR Y 102 -13.63 -93.83 13.30
CA TYR Y 102 -12.84 -93.80 14.53
C TYR Y 102 -11.46 -93.22 14.27
N GLU Y 103 -11.01 -92.33 15.17
CA GLU Y 103 -9.75 -91.64 14.98
C GLU Y 103 -9.09 -91.35 16.32
N ILE Y 104 -7.78 -91.52 16.38
CA ILE Y 104 -6.99 -91.19 17.56
C ILE Y 104 -6.01 -90.10 17.14
N SER Y 105 -6.27 -88.88 17.57
CA SER Y 105 -5.42 -87.74 17.21
C SER Y 105 -4.04 -87.91 17.84
N GLU Y 106 -3.00 -87.66 17.05
CA GLU Y 106 -1.63 -87.75 17.57
C GLU Y 106 -1.29 -86.61 18.52
N LEU Y 107 -2.03 -85.51 18.48
CA LEU Y 107 -1.74 -84.41 19.40
C LEU Y 107 -2.16 -84.78 20.82
N ASN Y 108 -3.21 -85.59 20.95
CA ASN Y 108 -3.77 -85.94 22.25
C ASN Y 108 -3.74 -87.45 22.46
N GLY Y 109 -2.65 -88.10 22.07
CA GLY Y 109 -2.51 -89.52 22.27
C GLY Y 109 -2.23 -89.84 23.73
N PRO Y 110 -1.89 -91.09 24.01
CA PRO Y 110 -1.58 -91.46 25.38
C PRO Y 110 -0.24 -90.89 25.83
N SER Y 111 0.12 -91.10 27.09
CA SER Y 111 1.33 -90.51 27.65
C SER Y 111 2.36 -91.53 28.07
N ASN Y 112 1.94 -92.72 28.52
CA ASN Y 112 2.88 -93.76 28.93
C ASN Y 112 2.54 -95.10 28.29
N GLY Y 113 1.98 -95.08 27.09
CA GLY Y 113 1.62 -96.29 26.39
C GLY Y 113 1.64 -96.07 24.89
N VAL Y 114 0.96 -96.96 24.16
CA VAL Y 114 0.78 -96.84 22.71
C VAL Y 114 -0.57 -97.46 22.39
N VAL Y 115 -1.26 -96.92 21.40
CA VAL Y 115 -2.55 -97.44 20.96
C VAL Y 115 -2.53 -97.68 19.46
N GLU Y 116 -2.90 -98.89 19.03
CA GLU Y 116 -2.99 -99.23 17.61
C GLU Y 116 -4.48 -99.29 17.30
N LEU Y 117 -5.01 -98.25 16.69
CA LEU Y 117 -6.42 -98.29 16.33
C LEU Y 117 -6.67 -99.34 15.24
N GLY Y 118 -7.63 -100.22 15.49
CA GLY Y 118 -7.96 -101.27 14.56
C GLY Y 118 -8.77 -100.76 13.39
N ALA Y 119 -9.32 -101.70 12.63
CA ALA Y 119 -10.14 -101.33 11.50
C ALA Y 119 -11.55 -100.93 11.93
N ASN Y 120 -12.08 -101.60 12.95
CA ASN Y 120 -13.44 -101.36 13.41
C ASN Y 120 -13.43 -101.12 14.92
N GLY Y 121 -13.42 -99.85 15.32
CA GLY Y 121 -13.62 -99.44 16.70
C GLY Y 121 -12.89 -100.22 17.77
N ALA Y 122 -11.77 -100.83 17.41
CA ALA Y 122 -10.98 -101.62 18.34
C ALA Y 122 -9.60 -101.01 18.47
N PHE Y 123 -8.98 -101.23 19.63
CA PHE Y 123 -7.70 -100.60 19.90
C PHE Y 123 -7.00 -101.36 21.00
N THR Y 124 -5.67 -101.38 20.94
CA THR Y 124 -4.84 -102.07 21.92
C THR Y 124 -3.94 -101.06 22.59
N TYR Y 125 -4.04 -100.95 23.90
CA TYR Y 125 -3.22 -100.05 24.68
C TYR Y 125 -2.20 -100.89 25.43
N THR Y 126 -0.98 -100.95 24.89
CA THR Y 126 0.11 -101.65 25.56
C THR Y 126 0.79 -100.67 26.51
N PRO Y 127 0.59 -100.82 27.82
CA PRO Y 127 1.17 -99.85 28.75
C PRO Y 127 2.69 -99.90 28.72
N GLY Y 128 3.31 -98.73 28.91
CA GLY Y 128 4.75 -98.68 28.96
C GLY Y 128 5.31 -99.54 30.07
N ALA Y 129 6.35 -100.31 29.74
CA ALA Y 129 6.94 -101.24 30.68
C ALA Y 129 7.45 -100.51 31.92
N LEU Y 130 7.28 -101.14 33.07
CA LEU Y 130 7.67 -100.57 34.36
C LEU Y 130 6.99 -99.22 34.58
N PHE Y 131 5.66 -99.27 34.63
CA PHE Y 131 4.87 -98.07 34.87
C PHE Y 131 3.52 -98.47 35.43
N THR Y 132 3.07 -97.75 36.46
CA THR Y 132 1.76 -98.02 37.05
C THR Y 132 1.15 -96.69 37.46
N GLY Y 133 0.09 -96.29 36.79
CA GLY Y 133 -0.59 -95.06 37.12
C GLY Y 133 -1.90 -94.97 36.36
N VAL Y 134 -2.24 -93.76 35.93
CA VAL Y 134 -3.42 -93.52 35.12
C VAL Y 134 -2.96 -92.94 33.79
N ASP Y 135 -3.69 -93.25 32.72
CA ASP Y 135 -3.32 -92.78 31.40
C ASP Y 135 -4.57 -92.51 30.60
N ARG Y 136 -4.55 -91.45 29.80
CA ARG Y 136 -5.69 -91.02 29.01
C ARG Y 136 -5.30 -90.90 27.54
N PHE Y 137 -6.30 -90.92 26.69
CA PHE Y 137 -6.15 -90.53 25.30
C PHE Y 137 -7.51 -90.12 24.78
N TRP Y 138 -7.51 -89.23 23.79
CA TRP Y 138 -8.72 -88.61 23.30
C TRP Y 138 -9.00 -89.08 21.88
N PHE Y 139 -10.07 -89.84 21.73
CA PHE Y 139 -10.53 -90.33 20.44
C PHE Y 139 -11.54 -89.36 19.84
N SER Y 140 -11.79 -89.52 18.55
CA SER Y 140 -12.74 -88.66 17.83
C SER Y 140 -13.59 -89.54 16.92
N ILE Y 141 -14.72 -90.00 17.42
CA ILE Y 141 -15.65 -90.82 16.64
C ILE Y 141 -16.47 -89.87 15.77
N ASN Y 142 -16.04 -89.70 14.53
CA ASN Y 142 -16.80 -88.93 13.54
C ASN Y 142 -16.93 -87.47 13.98
N GLY Y 143 -15.78 -86.84 14.19
CA GLY Y 143 -15.75 -85.43 14.54
C GLY Y 143 -15.97 -85.14 16.01
N ASN Y 144 -16.80 -85.93 16.67
CA ASN Y 144 -17.10 -85.71 18.07
C ASN Y 144 -16.05 -86.36 18.95
N ILE Y 145 -15.54 -85.62 19.93
CA ILE Y 145 -14.38 -86.03 20.71
C ILE Y 145 -14.82 -86.42 22.11
N GLY Y 146 -14.20 -87.47 22.64
CA GLY Y 146 -14.37 -87.89 24.01
C GLY Y 146 -13.03 -88.42 24.48
N GLU Y 147 -12.97 -88.86 25.73
CA GLU Y 147 -11.73 -89.37 26.29
C GLU Y 147 -11.94 -90.78 26.84
N TYR Y 148 -10.87 -91.57 26.77
CA TYR Y 148 -10.83 -92.90 27.34
C TYR Y 148 -9.76 -92.92 28.42
N VAL Y 149 -10.13 -93.33 29.63
CA VAL Y 149 -9.24 -93.30 30.77
C VAL Y 149 -8.91 -94.73 31.17
N ILE Y 150 -7.63 -95.05 31.23
CA ILE Y 150 -7.15 -96.35 31.64
C ILE Y 150 -6.24 -96.18 32.86
N SER Y 151 -6.41 -97.06 33.84
CA SER Y 151 -5.60 -97.05 35.06
C SER Y 151 -4.86 -98.38 35.14
N VAL Y 152 -3.54 -98.32 35.23
CA VAL Y 152 -2.70 -99.51 35.30
C VAL Y 152 -2.25 -99.70 36.74
N ASP Y 153 -2.50 -100.90 37.25
CA ASP Y 153 -2.32 -101.25 38.66
C ASP Y 153 -0.94 -101.87 38.89
N PRO Y 154 -0.39 -101.74 40.10
CA PRO Y 154 0.95 -102.28 40.35
C PRO Y 154 0.93 -103.74 40.75
N THR Y 155 0.04 -104.49 40.11
CA THR Y 155 -0.12 -105.94 40.19
C THR Y 155 -0.70 -106.41 41.51
N THR Y 156 -0.77 -105.55 42.53
CA THR Y 156 -1.27 -106.10 43.78
C THR Y 156 -2.79 -106.07 43.88
N SER Y 157 -3.37 -104.90 44.18
CA SER Y 157 -4.81 -104.91 44.41
C SER Y 157 -5.69 -104.45 43.26
N GLU Y 158 -5.85 -103.13 43.13
CA GLU Y 158 -6.75 -102.47 42.18
C GLU Y 158 -6.58 -100.96 42.37
N LEU Y 159 -6.50 -100.17 41.29
CA LEU Y 159 -6.44 -98.73 41.47
C LEU Y 159 -7.84 -98.11 41.53
N PRO Y 160 -7.98 -96.95 42.21
CA PRO Y 160 -9.24 -96.21 42.20
C PRO Y 160 -9.52 -95.54 40.87
N GLN Y 161 -10.55 -94.69 40.81
CA GLN Y 161 -11.12 -94.26 39.55
C GLN Y 161 -11.14 -92.73 39.45
N PRO Y 162 -10.39 -92.16 38.50
CA PRO Y 162 -10.22 -90.70 38.44
C PRO Y 162 -11.44 -90.01 37.84
N PRO Y 163 -11.59 -88.71 38.09
CA PRO Y 163 -12.89 -88.05 37.87
C PRO Y 163 -13.21 -87.50 36.48
N PHE Y 164 -12.57 -87.99 35.40
CA PHE Y 164 -13.06 -87.65 34.06
C PHE Y 164 -13.04 -86.16 33.75
N THR Y 165 -11.85 -85.60 33.51
CA THR Y 165 -11.65 -84.17 33.33
C THR Y 165 -12.77 -83.46 32.57
N THR Y 166 -13.16 -82.29 33.08
CA THR Y 166 -14.25 -81.49 32.56
C THR Y 166 -13.77 -80.64 31.39
N PRO Y 167 -14.71 -80.02 30.64
CA PRO Y 167 -14.29 -79.17 29.51
C PRO Y 167 -13.36 -78.05 29.89
N VAL Y 168 -13.76 -77.21 30.85
CA VAL Y 168 -12.92 -76.14 31.36
C VAL Y 168 -12.67 -76.40 32.84
N TYR Y 169 -11.41 -76.26 33.25
CA TYR Y 169 -11.03 -76.54 34.62
C TYR Y 169 -9.95 -75.57 35.06
N VAL Y 170 -9.75 -75.51 36.38
CA VAL Y 170 -8.69 -74.71 36.98
C VAL Y 170 -7.84 -75.65 37.83
N PRO Y 171 -6.63 -75.97 37.39
CA PRO Y 171 -5.81 -76.98 38.07
C PRO Y 171 -5.80 -76.87 39.59
N ALA Y 172 -5.87 -78.02 40.25
CA ALA Y 172 -6.02 -78.14 41.70
C ALA Y 172 -5.11 -77.20 42.47
N ALA Y 173 -3.80 -77.29 42.25
CA ALA Y 173 -2.91 -76.41 43.01
C ALA Y 173 -1.79 -75.89 42.14
N ARG Y 174 -2.06 -74.80 41.43
CA ARG Y 174 -1.06 -74.08 40.64
C ARG Y 174 -1.31 -72.59 40.77
N ARG Y 175 -2.01 -72.20 41.83
CA ARG Y 175 -2.45 -70.84 42.07
C ARG Y 175 -1.51 -70.20 43.07
N SER Y 176 -1.32 -68.89 42.95
CA SER Y 176 -0.51 -68.24 43.96
C SER Y 176 -0.78 -66.74 43.95
N VAL Y 177 -0.32 -66.10 45.00
CA VAL Y 177 -0.54 -64.69 45.24
C VAL Y 177 0.73 -64.11 45.84
N ASP Y 178 1.19 -63.00 45.28
CA ASP Y 178 2.34 -62.29 45.83
C ASP Y 178 1.83 -61.12 46.65
N PRO Y 179 1.82 -61.19 47.98
CA PRO Y 179 1.26 -60.09 48.76
C PRO Y 179 2.03 -58.80 48.62
N ARG Y 180 3.17 -58.83 47.96
CA ARG Y 180 4.08 -57.72 47.77
C ARG Y 180 3.62 -56.79 46.65
N THR Y 181 2.82 -57.28 45.71
CA THR Y 181 2.31 -56.46 44.62
C THR Y 181 0.85 -56.74 44.32
N HIS Y 182 0.18 -57.55 45.13
CA HIS Y 182 -1.26 -57.80 45.02
C HIS Y 182 -1.63 -58.35 43.64
N VAL Y 183 -1.09 -59.52 43.34
CA VAL Y 183 -1.32 -60.15 42.04
C VAL Y 183 -1.60 -61.62 42.27
N LEU Y 184 -2.71 -62.09 41.72
CA LEU Y 184 -3.11 -63.49 41.80
C LEU Y 184 -2.82 -64.17 40.46
N LYS Y 185 -2.17 -65.32 40.52
CA LYS Y 185 -1.86 -66.11 39.33
C LYS Y 185 -2.60 -67.43 39.41
N PHE Y 186 -3.21 -67.84 38.31
CA PHE Y 186 -3.81 -69.16 38.25
C PHE Y 186 -3.80 -69.62 36.80
N VAL Y 187 -3.94 -70.91 36.63
CA VAL Y 187 -3.88 -71.54 35.32
C VAL Y 187 -5.29 -71.90 34.88
N LEU Y 188 -5.56 -71.80 33.58
CA LEU Y 188 -6.87 -72.11 33.04
C LEU Y 188 -6.69 -73.07 31.88
N GLY Y 189 -7.14 -74.30 32.04
CA GLY Y 189 -6.96 -75.33 31.04
C GLY Y 189 -8.28 -75.71 30.39
N VAL Y 190 -8.24 -75.98 29.09
CA VAL Y 190 -9.40 -76.33 28.30
C VAL Y 190 -9.20 -77.73 27.76
N SER Y 191 -10.15 -78.62 28.02
CA SER Y 191 -10.04 -79.99 27.55
C SER Y 191 -10.15 -80.02 26.04
N PRO Y 192 -9.63 -81.05 25.38
CA PRO Y 192 -9.80 -81.15 23.93
C PRO Y 192 -11.22 -81.45 23.50
N ALA Y 193 -12.11 -81.79 24.43
CA ALA Y 193 -13.48 -82.12 24.10
C ALA Y 193 -14.43 -80.95 24.25
N ALA Y 194 -13.92 -79.77 24.60
CA ALA Y 194 -14.77 -78.60 24.69
C ALA Y 194 -15.29 -78.24 23.30
N ILE Y 195 -16.59 -77.97 23.21
CA ILE Y 195 -17.21 -77.73 21.92
C ILE Y 195 -17.16 -76.23 21.62
N PRO Y 196 -16.68 -75.83 20.44
CA PRO Y 196 -16.58 -74.41 20.14
C PRO Y 196 -17.94 -73.74 20.16
N GLY Y 197 -17.97 -72.50 20.66
CA GLY Y 197 -19.18 -71.75 20.78
C GLY Y 197 -19.79 -71.74 22.17
N ASP Y 198 -19.39 -72.67 23.03
CA ASP Y 198 -19.92 -72.71 24.38
C ASP Y 198 -19.39 -71.54 25.21
N VAL Y 199 -20.04 -71.30 26.35
CA VAL Y 199 -19.64 -70.26 27.28
C VAL Y 199 -19.70 -70.83 28.69
N TYR Y 200 -18.64 -70.65 29.45
CA TYR Y 200 -18.61 -71.01 30.86
C TYR Y 200 -18.35 -69.77 31.69
N ARG Y 201 -18.62 -69.87 32.98
CA ARG Y 201 -18.47 -68.74 33.88
C ARG Y 201 -17.61 -69.15 35.07
N LEU Y 202 -16.56 -68.39 35.32
CA LEU Y 202 -15.65 -68.64 36.43
C LEU Y 202 -15.83 -67.54 37.46
N THR Y 203 -16.10 -67.91 38.71
CA THR Y 203 -16.23 -66.97 39.80
C THR Y 203 -15.06 -67.14 40.76
N VAL Y 204 -14.43 -66.02 41.11
CA VAL Y 204 -13.24 -66.00 41.94
C VAL Y 204 -13.56 -65.23 43.22
N ARG Y 205 -13.34 -65.86 44.36
CA ARG Y 205 -13.55 -65.22 45.66
C ARG Y 205 -12.21 -65.11 46.37
N GLN Y 206 -11.70 -63.89 46.44
CA GLN Y 206 -10.37 -63.64 46.97
C GLN Y 206 -10.47 -62.83 48.25
N VAL Y 207 -9.69 -63.21 49.26
CA VAL Y 207 -9.71 -62.56 50.57
C VAL Y 207 -8.42 -61.77 50.73
N ALA Y 208 -8.55 -60.51 51.08
CA ALA Y 208 -7.44 -59.75 51.61
C ALA Y 208 -7.43 -59.96 53.12
N ILE Y 209 -6.59 -59.21 53.82
CA ILE Y 209 -6.48 -59.41 55.26
C ILE Y 209 -6.03 -58.09 55.88
N ASP Y 210 -6.61 -57.75 57.02
CA ASP Y 210 -6.21 -56.53 57.70
C ASP Y 210 -5.13 -56.85 58.72
N CYS Y 211 -4.54 -55.80 59.27
CA CYS Y 211 -3.23 -55.94 59.86
C CYS Y 211 -3.31 -56.71 61.19
N ASP Y 212 -4.52 -56.89 61.72
CA ASP Y 212 -4.81 -57.82 62.81
C ASP Y 212 -5.25 -59.20 62.35
N GLY Y 213 -5.37 -59.44 61.05
CA GLY Y 213 -5.73 -60.75 60.56
C GLY Y 213 -7.19 -60.99 60.27
N ASN Y 214 -8.02 -59.95 60.24
CA ASN Y 214 -9.41 -60.12 59.85
C ASN Y 214 -9.52 -60.15 58.33
N GLU Y 215 -10.72 -60.13 57.78
CA GLU Y 215 -10.88 -60.55 56.39
C GLU Y 215 -11.61 -59.50 55.59
N PHE Y 216 -11.22 -59.39 54.32
CA PHE Y 216 -11.90 -58.56 53.34
C PHE Y 216 -12.11 -59.39 52.10
N VAL Y 217 -13.36 -59.70 51.77
CA VAL Y 217 -13.68 -60.58 50.66
C VAL Y 217 -13.96 -59.76 49.42
N HIS Y 218 -13.68 -60.35 48.26
CA HIS Y 218 -13.88 -59.72 46.97
C HIS Y 218 -14.29 -60.79 45.96
N ILE Y 219 -15.35 -60.52 45.20
CA ILE Y 219 -15.90 -61.51 44.27
C ILE Y 219 -15.99 -60.88 42.88
N SER Y 220 -15.60 -61.65 41.86
CA SER Y 220 -15.73 -61.24 40.47
C SER Y 220 -15.94 -62.48 39.62
N CYS Y 221 -16.31 -62.29 38.36
CA CYS Y 221 -16.50 -63.43 37.46
C CYS Y 221 -15.75 -63.18 36.16
N TYR Y 222 -15.57 -64.26 35.40
CA TYR Y 222 -15.06 -64.18 34.05
C TYR Y 222 -15.83 -65.15 33.17
N ASP Y 223 -16.09 -64.73 31.94
CA ASP Y 223 -16.89 -65.50 30.99
C ASP Y 223 -15.95 -66.14 29.98
N ILE Y 224 -15.73 -67.43 30.11
CA ILE Y 224 -14.82 -68.16 29.24
C ILE Y 224 -15.63 -68.68 28.05
N SER Y 225 -15.35 -68.15 26.87
CA SER Y 225 -16.08 -68.49 25.66
C SER Y 225 -15.22 -69.39 24.80
N ILE Y 226 -15.58 -70.68 24.73
CA ILE Y 226 -14.77 -71.66 23.99
C ILE Y 226 -14.87 -71.33 22.52
N GLY Y 227 -13.81 -70.76 21.95
CA GLY Y 227 -13.70 -70.57 20.54
C GLY Y 227 -12.82 -71.63 19.92
N SER Y 228 -12.99 -71.82 18.63
CA SER Y 228 -12.09 -72.65 17.83
C SER Y 228 -11.25 -71.72 16.97
N CYS Y 229 -10.02 -72.14 16.73
CA CYS Y 229 -9.06 -71.29 16.04
C CYS Y 229 -8.80 -69.98 16.78
N GLY Y 230 -8.22 -70.11 17.96
CA GLY Y 230 -7.84 -68.97 18.75
C GLY Y 230 -9.00 -68.40 19.53
N MET Z 1 -12.29 -49.82 48.68
CA MET Z 1 -12.48 -49.05 49.89
C MET Z 1 -13.19 -47.74 49.61
N TYR Z 2 -14.30 -47.52 50.27
CA TYR Z 2 -15.05 -46.28 50.15
C TYR Z 2 -14.41 -45.20 51.01
N PHE Z 3 -14.44 -43.97 50.52
CA PHE Z 3 -13.91 -42.86 51.28
C PHE Z 3 -14.90 -41.71 51.21
N PHE Z 4 -15.43 -41.30 52.34
CA PHE Z 4 -16.38 -40.20 52.41
C PHE Z 4 -15.82 -39.08 53.24
N SER Z 5 -16.13 -37.86 52.83
CA SER Z 5 -15.83 -36.67 53.62
C SER Z 5 -17.15 -36.12 54.16
N VAL Z 6 -17.17 -35.79 55.43
CA VAL Z 6 -18.40 -35.41 56.12
C VAL Z 6 -18.67 -33.93 55.90
N ASP Z 7 -19.93 -33.53 56.01
CA ASP Z 7 -20.27 -32.14 55.82
C ASP Z 7 -19.99 -31.35 57.10
N PRO Z 8 -19.37 -30.18 56.99
CA PRO Z 8 -18.70 -29.62 58.17
C PRO Z 8 -19.57 -28.76 59.08
N ARG Z 9 -20.88 -28.65 58.82
CA ARG Z 9 -21.79 -27.90 59.69
C ARG Z 9 -21.34 -26.44 59.86
N ASN Z 10 -21.17 -25.76 58.73
CA ASN Z 10 -20.84 -24.34 58.70
C ASN Z 10 -22.02 -23.45 58.33
N GLY Z 11 -23.10 -24.02 57.82
CA GLY Z 11 -24.07 -23.24 57.09
C GLY Z 11 -23.71 -23.10 55.63
N ALA Z 12 -22.87 -23.98 55.11
CA ALA Z 12 -22.39 -23.91 53.74
C ALA Z 12 -22.20 -25.31 53.16
N SER Z 13 -21.43 -25.41 52.08
CA SER Z 13 -21.20 -26.69 51.41
C SER Z 13 -20.38 -27.66 52.26
N SER Z 21 -29.27 -37.11 45.03
CA SER Z 21 -30.58 -36.47 45.13
C SER Z 21 -31.14 -36.59 46.55
N CYS Z 22 -30.88 -37.72 47.20
CA CYS Z 22 -31.33 -37.92 48.55
C CYS Z 22 -30.48 -37.20 49.58
N CYS Z 23 -30.90 -37.37 50.83
CA CYS Z 23 -30.17 -36.90 51.99
C CYS Z 23 -28.88 -37.68 52.21
N CYS Z 24 -28.99 -38.99 52.39
CA CYS Z 24 -27.86 -39.81 52.80
C CYS Z 24 -27.15 -40.34 51.56
N GLU Z 25 -25.81 -40.27 51.57
CA GLU Z 25 -25.01 -40.67 50.42
C GLU Z 25 -25.07 -42.18 50.22
N SER Z 26 -24.47 -42.64 49.12
CA SER Z 26 -24.73 -43.95 48.58
C SER Z 26 -23.51 -44.86 48.67
N ILE Z 27 -23.77 -46.14 48.90
CA ILE Z 27 -22.77 -47.20 48.95
C ILE Z 27 -23.31 -48.39 48.20
N SER Z 28 -22.64 -48.78 47.13
CA SER Z 28 -23.06 -49.96 46.39
C SER Z 28 -22.39 -51.20 46.96
N ALA Z 29 -23.14 -52.30 46.99
CA ALA Z 29 -22.66 -53.51 47.64
C ALA Z 29 -23.10 -54.73 46.86
N ARG Z 30 -22.28 -55.78 46.92
CA ARG Z 30 -22.50 -57.01 46.20
C ARG Z 30 -22.61 -58.18 47.18
N PRO Z 31 -23.58 -59.07 47.00
CA PRO Z 31 -23.79 -60.14 47.99
C PRO Z 31 -22.59 -61.04 48.16
N GLY Z 32 -22.11 -61.17 49.39
CA GLY Z 32 -20.96 -61.99 49.71
C GLY Z 32 -19.71 -61.20 50.03
N GLU Z 33 -19.62 -59.96 49.56
CA GLU Z 33 -18.45 -59.14 49.79
C GLU Z 33 -18.29 -58.78 51.26
N VAL Z 34 -17.10 -58.29 51.59
CA VAL Z 34 -16.81 -57.63 52.85
C VAL Z 34 -15.85 -56.50 52.52
N ASN Z 35 -16.34 -55.27 52.50
CA ASN Z 35 -15.57 -54.15 52.03
C ASN Z 35 -15.12 -53.30 53.21
N GLY Z 36 -14.46 -52.17 52.95
CA GLY Z 36 -14.02 -51.28 54.00
C GLY Z 36 -14.38 -49.84 53.71
N VAL Z 37 -14.81 -49.10 54.72
CA VAL Z 37 -15.29 -47.73 54.56
C VAL Z 37 -14.48 -46.81 55.44
N MET Z 38 -14.08 -45.67 54.89
CA MET Z 38 -13.35 -44.65 55.62
C MET Z 38 -14.10 -43.34 55.56
N VAL Z 39 -14.27 -42.69 56.71
CA VAL Z 39 -14.97 -41.42 56.82
C VAL Z 39 -14.04 -40.41 57.45
N SER Z 40 -13.87 -39.26 56.81
CA SER Z 40 -12.91 -38.25 57.23
C SER Z 40 -13.64 -37.11 57.91
N TYR Z 41 -13.64 -37.12 59.24
CA TYR Z 41 -14.28 -36.06 60.01
C TYR Z 41 -13.43 -34.80 60.12
N ALA Z 42 -12.37 -34.67 59.34
CA ALA Z 42 -11.46 -33.53 59.49
C ALA Z 42 -12.18 -32.21 59.30
N ALA Z 43 -13.09 -32.13 58.33
CA ALA Z 43 -13.74 -30.87 58.04
C ALA Z 43 -14.60 -30.37 59.19
N TRP Z 44 -15.07 -31.26 60.06
CA TRP Z 44 -15.96 -30.89 61.15
C TRP Z 44 -15.25 -30.80 62.48
N SER Z 45 -14.33 -31.71 62.77
CA SER Z 45 -13.72 -31.82 64.08
C SER Z 45 -12.40 -31.10 64.20
N ALA Z 46 -11.84 -30.58 63.10
CA ALA Z 46 -10.59 -29.86 63.20
C ALA Z 46 -10.79 -28.45 63.77
N PRO Z 47 -11.73 -27.65 63.27
CA PRO Z 47 -11.98 -26.35 63.91
C PRO Z 47 -12.29 -26.46 65.39
N LEU Z 48 -13.00 -27.49 65.81
CA LEU Z 48 -13.23 -27.73 67.24
C LEU Z 48 -11.93 -28.18 67.88
N ARG Z 49 -10.99 -27.24 68.01
CA ARG Z 49 -9.65 -27.61 68.47
C ARG Z 49 -9.74 -28.28 69.83
N GLY Z 50 -9.48 -29.57 69.86
CA GLY Z 50 -9.62 -30.34 71.07
C GLY Z 50 -8.82 -31.62 71.01
N HIS Z 51 -9.38 -32.72 71.50
CA HIS Z 51 -8.70 -34.01 71.47
C HIS Z 51 -9.26 -34.94 70.40
N GLY Z 52 -9.84 -34.38 69.34
CA GLY Z 52 -10.22 -35.19 68.20
C GLY Z 52 -11.36 -36.14 68.50
N LEU Z 53 -11.40 -37.23 67.73
CA LEU Z 53 -12.47 -38.19 67.82
C LEU Z 53 -12.24 -39.11 69.01
N THR Z 54 -13.30 -39.85 69.38
CA THR Z 54 -13.19 -40.90 70.39
C THR Z 54 -13.85 -42.16 69.86
N ASN Z 55 -13.57 -43.28 70.52
CA ASN Z 55 -14.12 -44.57 70.11
C ASN Z 55 -15.49 -44.80 70.75
N LYS Z 56 -16.40 -43.87 70.48
CA LYS Z 56 -17.78 -44.03 70.90
C LYS Z 56 -18.71 -43.84 69.72
N THR Z 57 -18.43 -44.53 68.62
CA THR Z 57 -19.30 -44.55 67.47
C THR Z 57 -20.42 -45.55 67.68
N THR Z 58 -21.58 -45.23 67.14
CA THR Z 58 -22.73 -46.09 67.20
C THR Z 58 -23.35 -46.21 65.82
N PHE Z 59 -23.68 -47.43 65.42
CA PHE Z 59 -24.23 -47.71 64.10
C PHE Z 59 -25.65 -48.24 64.23
N GLU Z 60 -26.44 -48.07 63.18
CA GLU Z 60 -27.77 -48.65 63.14
C GLU Z 60 -28.13 -48.96 61.70
N ILE Z 61 -28.66 -50.15 61.46
CA ILE Z 61 -29.07 -50.59 60.14
C ILE Z 61 -30.58 -50.68 60.11
N ASP Z 62 -31.19 -50.09 59.09
CA ASP Z 62 -32.62 -50.18 58.87
C ASP Z 62 -32.88 -50.32 57.38
N GLY Z 63 -33.87 -51.12 57.03
CA GLY Z 63 -34.19 -51.38 55.64
C GLY Z 63 -35.19 -50.38 55.10
N VAL Z 64 -34.90 -49.86 53.90
CA VAL Z 64 -35.84 -49.02 53.17
C VAL Z 64 -36.52 -49.80 52.05
N SER Z 65 -36.09 -51.03 51.80
CA SER Z 65 -36.65 -51.94 50.81
C SER Z 65 -36.03 -53.31 51.06
N VAL Z 66 -36.84 -54.34 51.31
CA VAL Z 66 -36.30 -55.59 51.84
C VAL Z 66 -36.56 -56.78 50.93
N THR Z 67 -37.75 -56.90 50.34
CA THR Z 67 -38.08 -58.06 49.51
C THR Z 67 -37.97 -59.34 50.34
N PRO Z 68 -38.95 -59.64 51.19
CA PRO Z 68 -38.83 -60.73 52.17
C PRO Z 68 -38.31 -62.00 51.54
N PRO Z 69 -37.50 -62.77 52.26
CA PRO Z 69 -36.89 -63.95 51.67
C PRO Z 69 -37.89 -65.07 51.46
N LYS Z 70 -37.58 -65.94 50.52
CA LYS Z 70 -38.45 -67.07 50.21
C LYS Z 70 -38.16 -68.27 51.10
N VAL Z 71 -36.89 -68.65 51.21
CA VAL Z 71 -36.49 -69.86 51.91
C VAL Z 71 -36.11 -69.49 53.33
N SER Z 72 -36.58 -70.28 54.29
CA SER Z 72 -36.24 -70.00 55.68
C SER Z 72 -34.84 -70.49 56.01
N ASN Z 73 -34.27 -69.91 57.06
CA ASN Z 73 -33.01 -70.41 57.58
C ASN Z 73 -33.29 -71.50 58.61
N ALA Z 74 -32.24 -72.11 59.14
CA ALA Z 74 -32.43 -73.24 60.04
C ALA Z 74 -31.24 -73.35 60.99
N PHE Z 75 -31.46 -74.06 62.08
CA PHE Z 75 -30.44 -74.26 63.09
C PHE Z 75 -30.41 -75.74 63.49
N GLY Z 76 -29.20 -76.29 63.58
CA GLY Z 76 -29.00 -77.65 64.03
C GLY Z 76 -27.97 -77.70 65.15
N ARG Z 77 -27.82 -78.89 65.71
CA ARG Z 77 -26.90 -79.06 66.83
C ARG Z 77 -26.35 -80.47 66.83
N THR Z 78 -25.08 -80.60 67.20
CA THR Z 78 -24.39 -81.88 67.25
C THR Z 78 -23.26 -81.80 68.26
N LYS Z 79 -22.87 -82.95 68.79
CA LYS Z 79 -21.72 -82.99 69.68
C LYS Z 79 -20.44 -83.10 68.85
N VAL Z 80 -19.29 -83.01 69.52
CA VAL Z 80 -18.03 -83.11 68.80
C VAL Z 80 -17.89 -84.50 68.19
N GLY Z 81 -17.36 -84.55 66.97
CA GLY Z 81 -16.99 -85.78 66.30
C GLY Z 81 -18.13 -86.57 65.71
N VAL Z 82 -19.35 -86.41 66.20
CA VAL Z 82 -20.47 -87.20 65.70
C VAL Z 82 -21.03 -86.53 64.45
N VAL Z 83 -21.27 -87.35 63.43
CA VAL Z 83 -21.76 -86.86 62.14
C VAL Z 83 -23.18 -86.37 62.30
N PHE Z 84 -23.53 -85.30 61.59
CA PHE Z 84 -24.83 -84.67 61.71
C PHE Z 84 -25.59 -84.79 60.40
N GLU Z 85 -26.87 -85.15 60.50
CA GLU Z 85 -27.78 -85.19 59.37
C GLU Z 85 -28.83 -84.11 59.53
N GLY Z 86 -29.51 -83.81 58.43
CA GLY Z 86 -30.58 -82.85 58.44
C GLY Z 86 -31.25 -82.84 57.09
N THR Z 87 -32.38 -82.14 57.02
CA THR Z 87 -33.14 -82.05 55.79
C THR Z 87 -33.06 -80.63 55.24
N LEU Z 88 -33.38 -80.50 53.96
CA LEU Z 88 -33.31 -79.21 53.29
C LEU Z 88 -34.55 -78.99 52.46
N SER Z 89 -35.69 -79.52 52.89
CA SER Z 89 -36.92 -79.42 52.13
C SER Z 89 -38.06 -78.73 52.86
N ASP Z 90 -38.05 -78.70 54.19
CA ASP Z 90 -39.04 -77.98 54.97
C ASP Z 90 -38.66 -76.52 55.13
N LEU Z 91 -37.61 -76.09 54.43
CA LEU Z 91 -37.10 -74.73 54.51
C LEU Z 91 -37.53 -73.90 53.31
N PHE Z 92 -38.37 -74.48 52.44
CA PHE Z 92 -38.82 -73.81 51.23
C PHE Z 92 -40.31 -73.98 51.08
N PRO Z 93 -41.11 -73.30 51.91
CA PRO Z 93 -42.55 -73.33 51.69
C PRO Z 93 -42.87 -72.67 50.36
N ASN Z 94 -43.28 -73.45 49.39
CA ASN Z 94 -43.53 -72.87 48.08
C ASN Z 94 -45.02 -72.55 47.90
N PRO Z 95 -45.33 -71.39 47.32
CA PRO Z 95 -46.73 -71.09 47.00
C PRO Z 95 -47.25 -71.96 45.88
N GLU Z 96 -46.47 -72.02 44.80
CA GLU Z 96 -46.88 -72.62 43.53
C GLU Z 96 -46.35 -74.04 43.37
N GLY Z 97 -46.55 -74.62 42.19
CA GLY Z 97 -46.00 -75.91 41.86
C GLY Z 97 -44.71 -75.84 41.05
N GLU Z 98 -43.64 -76.41 41.60
CA GLU Z 98 -42.36 -76.44 40.91
C GLU Z 98 -41.45 -77.43 41.64
N GLN Z 99 -40.31 -77.70 41.04
CA GLN Z 99 -39.30 -78.60 41.58
C GLN Z 99 -38.19 -77.82 42.27
N VAL Z 100 -37.44 -78.55 43.10
CA VAL Z 100 -36.51 -77.97 44.06
C VAL Z 100 -35.08 -78.40 43.79
N GLU Z 101 -34.35 -77.59 43.03
CA GLU Z 101 -32.95 -77.86 42.72
C GLU Z 101 -32.04 -77.45 43.87
N TYR Z 102 -32.01 -78.25 44.92
CA TYR Z 102 -31.14 -78.00 46.06
C TYR Z 102 -29.69 -77.86 45.62
N GLU Z 103 -29.00 -76.86 46.15
CA GLU Z 103 -27.63 -76.57 45.73
C GLU Z 103 -26.82 -76.00 46.88
N ILE Z 104 -25.58 -76.44 47.00
CA ILE Z 104 -24.64 -75.91 47.98
C ILE Z 104 -23.49 -75.27 47.21
N SER Z 105 -23.45 -73.95 47.19
CA SER Z 105 -22.41 -73.23 46.46
C SER Z 105 -21.06 -73.48 47.11
N GLU Z 106 -20.05 -73.76 46.28
CA GLU Z 106 -18.70 -73.97 46.80
C GLU Z 106 -18.05 -72.70 47.29
N LEU Z 107 -18.54 -71.53 46.88
CA LEU Z 107 -17.95 -70.28 47.36
C LEU Z 107 -18.32 -70.04 48.82
N ASN Z 108 -19.50 -70.51 49.23
CA ASN Z 108 -20.01 -70.27 50.56
C ASN Z 108 -20.29 -71.58 51.29
N GLY Z 109 -19.40 -72.56 51.14
CA GLY Z 109 -19.55 -73.81 51.82
C GLY Z 109 -19.22 -73.68 53.29
N PRO Z 110 -19.14 -74.81 53.99
CA PRO Z 110 -18.80 -74.76 55.41
C PRO Z 110 -17.34 -74.38 55.62
N SER Z 111 -16.93 -74.25 56.88
CA SER Z 111 -15.59 -73.78 57.21
C SER Z 111 -14.76 -74.81 57.94
N ASN Z 112 -15.38 -75.65 58.77
CA ASN Z 112 -14.66 -76.67 59.52
C ASN Z 112 -15.32 -78.03 59.39
N GLY Z 113 -15.95 -78.29 58.25
CA GLY Z 113 -16.62 -79.56 58.01
C GLY Z 113 -16.68 -79.87 56.54
N VAL Z 114 -17.59 -80.77 56.16
CA VAL Z 114 -17.85 -81.10 54.75
C VAL Z 114 -19.33 -81.48 54.67
N VAL Z 115 -19.96 -81.15 53.55
CA VAL Z 115 -21.36 -81.49 53.32
C VAL Z 115 -21.51 -82.23 51.99
N GLU Z 116 -22.17 -83.39 52.02
CA GLU Z 116 -22.44 -84.16 50.80
C GLU Z 116 -23.92 -83.98 50.53
N LEU Z 117 -24.28 -83.10 49.60
CA LEU Z 117 -25.69 -82.95 49.29
C LEU Z 117 -26.23 -84.21 48.63
N GLY Z 118 -27.33 -84.71 49.17
CA GLY Z 118 -27.96 -85.92 48.66
C GLY Z 118 -28.73 -85.65 47.39
N ALA Z 119 -29.53 -86.66 47.00
CA ALA Z 119 -30.34 -86.52 45.81
C ALA Z 119 -31.59 -85.68 46.09
N ASN Z 120 -32.17 -85.83 47.28
CA ASN Z 120 -33.41 -85.15 47.63
C ASN Z 120 -33.23 -84.43 48.95
N GLY Z 121 -32.91 -83.13 48.89
CA GLY Z 121 -32.91 -82.25 50.04
C GLY Z 121 -32.29 -82.77 51.32
N ALA Z 122 -31.35 -83.70 51.19
CA ALA Z 122 -30.67 -84.29 52.33
C ALA Z 122 -29.18 -84.00 52.24
N PHE Z 123 -28.53 -83.95 53.40
CA PHE Z 123 -27.14 -83.57 53.44
C PHE Z 123 -26.52 -84.06 54.73
N THR Z 124 -25.24 -84.40 54.68
CA THR Z 124 -24.50 -84.89 55.83
C THR Z 124 -23.35 -83.94 56.11
N TYR Z 125 -23.32 -83.38 57.30
CA TYR Z 125 -22.26 -82.48 57.72
C TYR Z 125 -21.38 -83.23 58.70
N THR Z 126 -20.25 -83.73 58.22
CA THR Z 126 -19.28 -84.39 59.08
C THR Z 126 -18.34 -83.33 59.64
N PRO Z 127 -18.46 -82.99 60.91
CA PRO Z 127 -17.62 -81.92 61.46
C PRO Z 127 -16.15 -82.31 61.45
N GLY Z 128 -15.29 -81.33 61.22
CA GLY Z 128 -13.86 -81.59 61.24
C GLY Z 128 -13.42 -82.12 62.58
N ALA Z 129 -12.59 -83.17 62.53
CA ALA Z 129 -12.14 -83.85 63.74
C ALA Z 129 -11.39 -82.87 64.64
N LEU Z 130 -11.59 -83.03 65.94
CA LEU Z 130 -10.98 -82.16 66.95
C LEU Z 130 -11.35 -80.70 66.71
N PHE Z 131 -12.64 -80.42 66.76
CA PHE Z 131 -13.15 -79.06 66.58
C PHE Z 131 -14.50 -78.94 67.25
N THR Z 132 -14.71 -77.84 67.97
CA THR Z 132 -16.00 -77.59 68.62
C THR Z 132 -16.27 -76.10 68.55
N GLY Z 133 -17.27 -75.72 67.78
CA GLY Z 133 -17.65 -74.32 67.67
C GLY Z 133 -18.96 -74.20 66.93
N VAL Z 134 -19.08 -73.17 66.11
CA VAL Z 134 -20.24 -72.96 65.26
C VAL Z 134 -19.78 -72.97 63.81
N ASP Z 135 -20.64 -73.44 62.92
CA ASP Z 135 -20.29 -73.54 61.52
C ASP Z 135 -21.52 -73.29 60.68
N ARG Z 136 -21.34 -72.59 59.57
CA ARG Z 136 -22.42 -72.21 58.67
C ARG Z 136 -22.13 -72.68 57.26
N PHE Z 137 -23.18 -72.75 56.47
CA PHE Z 137 -23.06 -72.90 55.02
C PHE Z 137 -24.35 -72.40 54.40
N TRP Z 138 -24.23 -71.91 53.16
CA TRP Z 138 -25.32 -71.23 52.49
C TRP Z 138 -25.81 -72.08 51.32
N PHE Z 139 -27.03 -72.59 51.45
CA PHE Z 139 -27.68 -73.36 50.40
C PHE Z 139 -28.51 -72.45 49.52
N SER Z 140 -28.89 -72.96 48.36
CA SER Z 140 -29.69 -72.21 47.39
C SER Z 140 -30.77 -73.13 46.83
N ILE Z 141 -31.94 -73.13 47.47
CA ILE Z 141 -33.07 -73.92 47.02
C ILE Z 141 -33.74 -73.17 45.88
N ASN Z 142 -33.39 -73.53 44.65
CA ASN Z 142 -34.04 -72.98 43.47
C ASN Z 142 -33.83 -71.47 43.37
N GLY Z 143 -32.56 -71.08 43.36
CA GLY Z 143 -32.21 -69.68 43.19
C GLY Z 143 -32.23 -68.87 44.46
N ASN Z 144 -33.16 -69.19 45.36
CA ASN Z 144 -33.29 -68.45 46.61
C ASN Z 144 -32.33 -68.98 47.65
N ILE Z 145 -31.60 -68.09 48.31
CA ILE Z 145 -30.50 -68.46 49.19
C ILE Z 145 -30.90 -68.25 50.64
N GLY Z 146 -30.47 -69.18 51.49
CA GLY Z 146 -30.61 -69.06 52.93
C GLY Z 146 -29.38 -69.70 53.55
N GLU Z 147 -29.32 -69.68 54.87
CA GLU Z 147 -28.18 -70.25 55.57
C GLU Z 147 -28.63 -71.29 56.57
N TYR Z 148 -27.77 -72.29 56.77
CA TYR Z 148 -27.96 -73.33 57.77
C TYR Z 148 -26.83 -73.22 58.78
N VAL Z 149 -27.18 -73.12 60.06
CA VAL Z 149 -26.21 -72.90 61.12
C VAL Z 149 -26.17 -74.15 61.99
N ILE Z 150 -24.98 -74.70 62.15
CA ILE Z 150 -24.75 -75.87 62.99
C ILE Z 150 -23.74 -75.50 64.07
N SER Z 151 -24.00 -75.95 65.29
CA SER Z 151 -23.12 -75.71 66.44
C SER Z 151 -22.67 -77.06 66.97
N VAL Z 152 -21.37 -77.28 67.03
CA VAL Z 152 -20.79 -78.53 67.49
C VAL Z 152 -20.28 -78.33 68.91
N ASP Z 153 -20.73 -79.19 69.81
CA ASP Z 153 -20.52 -79.09 71.25
C ASP Z 153 -19.28 -79.88 71.67
N PRO Z 154 -18.63 -79.49 72.77
CA PRO Z 154 -17.41 -80.20 73.18
C PRO Z 154 -17.71 -81.39 74.07
N THR Z 155 -18.78 -82.09 73.73
CA THR Z 155 -19.24 -83.35 74.29
C THR Z 155 -19.80 -83.22 75.71
N THR Z 156 -19.60 -82.07 76.36
CA THR Z 156 -20.10 -82.04 77.73
C THR Z 156 -21.57 -81.62 77.81
N SER Z 157 -21.86 -80.33 77.69
CA SER Z 157 -23.25 -79.93 77.92
C SER Z 157 -24.10 -79.71 76.69
N GLU Z 158 -23.99 -78.50 76.11
CA GLU Z 158 -24.80 -78.01 74.99
C GLU Z 158 -24.31 -76.60 74.64
N LEU Z 159 -24.15 -76.27 73.36
CA LEU Z 159 -23.77 -74.90 73.03
C LEU Z 159 -25.00 -73.99 72.88
N PRO Z 160 -24.84 -72.68 73.11
CA PRO Z 160 -25.91 -71.72 72.85
C PRO Z 160 -26.15 -71.49 71.37
N GLN Z 161 -26.98 -70.50 71.03
CA GLN Z 161 -27.55 -70.40 69.69
C GLN Z 161 -27.25 -69.04 69.07
N PRO Z 162 -26.48 -69.00 67.99
CA PRO Z 162 -26.00 -67.73 67.42
C PRO Z 162 -27.09 -67.02 66.63
N PRO Z 163 -26.95 -65.71 66.41
CA PRO Z 163 -28.09 -64.89 65.99
C PRO Z 163 -28.40 -64.79 64.49
N PHE Z 164 -27.97 -65.73 63.65
CA PHE Z 164 -28.48 -65.76 62.27
C PHE Z 164 -28.17 -64.51 61.46
N THR Z 165 -26.92 -64.35 61.04
CA THR Z 165 -26.43 -63.14 60.37
C THR Z 165 -27.44 -62.50 59.42
N THR Z 166 -27.53 -61.18 59.50
CA THR Z 166 -28.46 -60.37 58.74
C THR Z 166 -27.91 -60.08 57.34
N PRO Z 167 -28.75 -59.56 56.42
CA PRO Z 167 -28.25 -59.26 55.08
C PRO Z 167 -27.08 -58.31 55.04
N VAL Z 168 -27.22 -57.14 55.65
CA VAL Z 168 -26.13 -56.18 55.76
C VAL Z 168 -25.82 -55.99 57.23
N TYR Z 169 -24.53 -55.98 57.57
CA TYR Z 169 -24.12 -55.87 58.95
C TYR Z 169 -22.82 -55.08 59.03
N VAL Z 170 -22.51 -54.64 60.24
CA VAL Z 170 -21.26 -53.94 60.53
C VAL Z 170 -20.56 -54.70 61.64
N PRO Z 171 -19.48 -55.42 61.34
CA PRO Z 171 -18.84 -56.30 62.33
C PRO Z 171 -18.69 -55.69 63.72
N ALA Z 172 -18.94 -56.50 64.73
CA ALA Z 172 -19.00 -56.10 66.13
C ALA Z 172 -17.85 -55.18 66.53
N ALA Z 173 -16.62 -55.62 66.36
CA ALA Z 173 -15.50 -54.77 66.76
C ALA Z 173 -14.37 -54.85 65.75
N ARG Z 174 -14.46 -54.02 64.71
CA ARG Z 174 -13.40 -53.86 63.72
C ARG Z 174 -13.31 -52.40 63.33
N ARG Z 175 -13.83 -51.52 64.19
CA ARG Z 175 -13.95 -50.10 63.94
C ARG Z 175 -12.82 -49.39 64.66
N SER Z 176 -12.37 -48.27 64.10
CA SER Z 176 -11.36 -47.53 64.82
C SER Z 176 -11.31 -46.10 64.29
N VAL Z 177 -10.64 -45.26 65.06
CA VAL Z 177 -10.54 -43.84 64.80
C VAL Z 177 -9.13 -43.39 65.16
N ASP Z 178 -8.49 -42.66 64.24
CA ASP Z 178 -7.18 -42.10 64.51
C ASP Z 178 -7.37 -40.64 64.88
N PRO Z 179 -7.28 -40.25 66.15
CA PRO Z 179 -7.53 -38.85 66.51
C PRO Z 179 -6.52 -37.89 65.93
N ARG Z 180 -5.47 -38.41 65.33
CA ARG Z 180 -4.37 -37.67 64.75
C ARG Z 180 -4.71 -37.08 63.38
N THR Z 181 -5.67 -37.67 62.67
CA THR Z 181 -6.08 -37.16 61.37
C THR Z 181 -7.59 -37.20 61.19
N HIS Z 182 -8.34 -37.52 62.23
CA HIS Z 182 -9.81 -37.45 62.21
C HIS Z 182 -10.39 -38.33 61.11
N VAL Z 183 -10.13 -39.63 61.23
CA VAL Z 183 -10.60 -40.58 60.23
C VAL Z 183 -11.16 -41.80 60.95
N LEU Z 184 -12.39 -42.16 60.60
CA LEU Z 184 -13.07 -43.33 61.16
C LEU Z 184 -13.03 -44.45 60.14
N LYS Z 185 -12.64 -45.63 60.59
CA LYS Z 185 -12.60 -46.82 59.75
C LYS Z 185 -13.60 -47.84 60.29
N PHE Z 186 -14.37 -48.44 59.40
CA PHE Z 186 -15.23 -49.55 59.78
C PHE Z 186 -15.44 -50.45 58.59
N VAL Z 187 -15.86 -51.65 58.87
CA VAL Z 187 -16.04 -52.68 57.86
C VAL Z 187 -17.53 -52.84 57.58
N LEU Z 188 -17.87 -53.12 56.33
CA LEU Z 188 -19.26 -53.29 55.93
C LEU Z 188 -19.37 -54.60 55.17
N GLY Z 189 -20.07 -55.57 55.75
CA GLY Z 189 -20.18 -56.89 55.16
C GLY Z 189 -21.60 -57.16 54.69
N VAL Z 190 -21.72 -57.85 53.55
CA VAL Z 190 -22.99 -58.17 52.94
C VAL Z 190 -23.14 -59.69 52.92
N SER Z 191 -24.23 -60.19 53.47
CA SER Z 191 -24.44 -61.63 53.50
C SER Z 191 -24.68 -62.14 52.09
N PRO Z 192 -24.44 -63.42 51.83
CA PRO Z 192 -24.75 -63.96 50.50
C PRO Z 192 -26.23 -64.06 50.21
N ALA Z 193 -27.09 -63.86 51.20
CA ALA Z 193 -28.53 -63.96 51.02
C ALA Z 193 -29.19 -62.61 50.75
N ALA Z 194 -28.42 -61.54 50.67
CA ALA Z 194 -28.99 -60.25 50.35
C ALA Z 194 -29.53 -60.26 48.93
N ILE Z 195 -30.74 -59.76 48.75
CA ILE Z 195 -31.40 -59.84 47.46
C ILE Z 195 -31.07 -58.58 46.65
N PRO Z 196 -30.61 -58.71 45.41
CA PRO Z 196 -30.24 -57.53 44.64
C PRO Z 196 -31.42 -56.60 44.43
N GLY Z 197 -31.14 -55.30 44.47
CA GLY Z 197 -32.16 -54.30 44.33
C GLY Z 197 -32.64 -53.69 45.64
N ASP Z 198 -32.37 -54.33 46.76
CA ASP Z 198 -32.79 -53.80 48.04
C ASP Z 198 -31.95 -52.57 48.41
N VAL Z 199 -32.45 -51.83 49.40
CA VAL Z 199 -31.77 -50.65 49.92
C VAL Z 199 -31.84 -50.69 51.44
N TYR Z 200 -30.70 -50.50 52.09
CA TYR Z 200 -30.63 -50.38 53.53
C TYR Z 200 -30.05 -49.02 53.88
N ARG Z 201 -30.23 -48.61 55.13
CA ARG Z 201 -29.77 -47.31 55.58
C ARG Z 201 -28.93 -47.48 56.84
N LEU Z 202 -27.72 -46.93 56.81
CA LEU Z 202 -26.80 -47.00 57.94
C LEU Z 202 -26.66 -45.60 58.52
N THR Z 203 -26.90 -45.47 59.82
CA THR Z 203 -26.74 -44.21 60.52
C THR Z 203 -25.57 -44.30 61.48
N VAL Z 204 -24.69 -43.31 61.42
CA VAL Z 204 -23.45 -43.27 62.18
C VAL Z 204 -23.50 -42.07 63.11
N ARG Z 205 -23.32 -42.31 64.41
CA ARG Z 205 -23.29 -41.26 65.41
C ARG Z 205 -21.91 -41.21 66.03
N GLN Z 206 -21.14 -40.19 65.68
CA GLN Z 206 -19.75 -40.08 66.08
C GLN Z 206 -19.58 -38.89 67.01
N VAL Z 207 -18.82 -39.07 68.08
CA VAL Z 207 -18.59 -38.04 69.08
C VAL Z 207 -17.16 -37.55 68.97
N ALA Z 208 -16.99 -36.24 68.86
CA ALA Z 208 -15.70 -35.63 69.09
C ALA Z 208 -15.62 -35.32 70.58
N ILE Z 209 -14.59 -34.58 70.98
CA ILE Z 209 -14.40 -34.30 72.39
C ILE Z 209 -13.63 -32.99 72.51
N ASP Z 210 -14.04 -32.17 73.47
CA ASP Z 210 -13.33 -30.91 73.69
C ASP Z 210 -12.27 -31.12 74.75
N CYS Z 211 -11.44 -30.10 74.91
CA CYS Z 211 -10.14 -30.32 75.50
C CYS Z 211 -10.26 -30.56 77.01
N ASP Z 212 -11.44 -30.27 77.58
CA ASP Z 212 -11.83 -30.69 78.92
C ASP Z 212 -12.59 -32.01 78.97
N GLY Z 213 -12.86 -32.64 77.84
CA GLY Z 213 -13.53 -33.93 77.83
C GLY Z 213 -15.03 -33.91 77.64
N ASN Z 214 -15.62 -32.79 77.26
CA ASN Z 214 -17.04 -32.75 76.96
C ASN Z 214 -17.27 -33.26 75.54
N GLU Z 215 -18.49 -33.17 75.02
CA GLU Z 215 -18.84 -33.98 73.87
C GLU Z 215 -19.39 -33.12 72.75
N PHE Z 216 -19.09 -33.53 71.52
CA PHE Z 216 -19.66 -32.94 70.32
C PHE Z 216 -20.14 -34.09 69.43
N VAL Z 217 -21.45 -34.18 69.24
CA VAL Z 217 -22.03 -35.29 68.51
C VAL Z 217 -22.24 -34.90 67.05
N HIS Z 218 -22.19 -35.89 66.17
CA HIS Z 218 -22.34 -35.71 64.74
C HIS Z 218 -23.06 -36.93 64.17
N ILE Z 219 -24.09 -36.71 63.36
CA ILE Z 219 -24.90 -37.78 62.82
C ILE Z 219 -24.98 -37.66 61.31
N SER Z 220 -24.84 -38.79 60.61
CA SER Z 220 -25.00 -38.86 59.17
C SER Z 220 -25.53 -40.24 58.80
N CYS Z 221 -25.95 -40.40 57.55
CA CYS Z 221 -26.44 -41.69 57.11
C CYS Z 221 -25.77 -42.08 55.80
N TYR Z 222 -25.88 -43.36 55.45
CA TYR Z 222 -25.47 -43.86 54.15
C TYR Z 222 -26.50 -44.86 53.67
N ASP Z 223 -26.76 -44.83 52.37
CA ASP Z 223 -27.78 -45.68 51.74
C ASP Z 223 -27.07 -46.81 51.01
N ILE Z 224 -27.13 -48.00 51.58
CA ILE Z 224 -26.47 -49.17 51.01
C ILE Z 224 -27.46 -49.86 50.08
N SER Z 225 -27.17 -49.83 48.79
CA SER Z 225 -28.05 -50.39 47.77
C SER Z 225 -27.47 -51.69 47.28
N ILE Z 226 -28.10 -52.81 47.65
CA ILE Z 226 -27.59 -54.13 47.31
C ILE Z 226 -27.73 -54.32 45.80
N GLY Z 227 -26.62 -54.21 45.08
CA GLY Z 227 -26.59 -54.54 43.68
C GLY Z 227 -26.00 -55.92 43.47
N SER Z 228 -26.31 -56.49 42.32
CA SER Z 228 -25.67 -57.70 41.86
C SER Z 228 -24.74 -57.35 40.73
N CYS Z 229 -23.64 -58.07 40.64
CA CYS Z 229 -22.58 -57.76 39.70
C CYS Z 229 -21.99 -56.38 39.94
N GLY Z 230 -21.36 -56.22 41.09
CA GLY Z 230 -20.67 -55.00 41.43
C GLY Z 230 -21.64 -53.96 41.97
N MET AA 1 -18.56 -26.44 62.92
CA MET AA 1 -18.49 -25.28 63.79
C MET AA 1 -18.93 -24.01 63.07
N TYR AA 2 -19.92 -23.34 63.63
CA TYR AA 2 -20.40 -22.08 63.09
C TYR AA 2 -19.48 -20.95 63.53
N PHE AA 3 -19.28 -19.99 62.64
CA PHE AA 3 -18.47 -18.83 62.97
C PHE AA 3 -19.19 -17.57 62.50
N PHE AA 4 -19.54 -16.70 63.43
CA PHE AA 4 -20.23 -15.46 63.12
C PHE AA 4 -19.38 -14.28 63.50
N SER AA 5 -19.45 -13.23 62.70
CA SER AA 5 -18.85 -11.95 63.03
C SER AA 5 -19.97 -10.97 63.35
N VAL AA 6 -19.82 -10.23 64.43
CA VAL AA 6 -20.88 -9.38 64.94
C VAL AA 6 -20.85 -8.04 64.23
N ASP AA 7 -21.99 -7.36 64.20
CA ASP AA 7 -22.04 -6.07 63.53
C ASP AA 7 -21.50 -4.98 64.46
N PRO AA 8 -20.66 -4.08 63.96
CA PRO AA 8 -19.78 -3.32 64.86
C PRO AA 8 -20.39 -2.05 65.43
N ARG AA 9 -21.65 -1.73 65.15
CA ARG AA 9 -22.32 -0.54 65.71
C ARG AA 9 -21.56 0.74 65.37
N ASN AA 10 -21.33 0.95 64.07
CA ASN AA 10 -20.72 2.17 63.54
C ASN AA 10 -21.71 3.11 62.90
N GLY AA 11 -22.92 2.66 62.63
CA GLY AA 11 -23.76 3.35 61.67
C GLY AA 11 -23.50 2.92 60.25
N ALA AA 12 -22.90 1.73 60.06
CA ALA AA 12 -22.53 1.24 58.75
C ALA AA 12 -22.69 -0.27 58.69
N SER AA 13 -22.05 -0.91 57.70
CA SER AA 13 -22.15 -2.35 57.52
C SER AA 13 -21.49 -3.14 58.65
N SER AA 21 -32.72 -12.20 55.16
CA SER AA 21 -33.86 -11.29 55.03
C SER AA 21 -34.31 -10.79 56.40
N CYS AA 22 -34.24 -11.67 57.40
CA CYS AA 22 -34.62 -11.29 58.75
C CYS AA 22 -33.55 -10.49 59.46
N CYS AA 23 -33.90 -10.12 60.70
CA CYS AA 23 -32.99 -9.47 61.61
C CYS AA 23 -31.89 -10.40 62.09
N CYS AA 24 -32.26 -11.51 62.72
CA CYS AA 24 -31.29 -12.38 63.37
C CYS AA 24 -30.81 -13.45 62.39
N GLU AA 25 -29.49 -13.67 62.37
CA GLU AA 25 -28.89 -14.60 61.42
C GLU AA 25 -29.28 -16.04 61.76
N SER AA 26 -28.89 -16.96 60.90
CA SER AA 26 -29.46 -18.30 60.84
C SER AA 26 -28.45 -19.37 61.23
N ILE AA 27 -28.96 -20.41 61.88
CA ILE AA 27 -28.20 -21.57 62.30
C ILE AA 27 -29.04 -22.80 62.01
N SER AA 28 -28.55 -23.67 61.13
CA SER AA 28 -29.28 -24.90 60.85
C SER AA 28 -28.84 -26.00 61.83
N ALA AA 29 -29.79 -26.82 62.22
CA ALA AA 29 -29.54 -27.81 63.25
C ALA AA 29 -30.28 -29.10 62.93
N ARG AA 30 -29.70 -30.21 63.36
CA ARG AA 30 -30.24 -31.54 63.11
C ARG AA 30 -30.51 -32.25 64.42
N PRO AA 31 -31.65 -32.90 64.57
CA PRO AA 31 -32.00 -33.51 65.86
C PRO AA 31 -31.01 -34.54 66.33
N GLY AA 32 -30.47 -34.36 67.53
CA GLY AA 32 -29.50 -35.26 68.11
C GLY AA 32 -28.09 -34.72 68.13
N GLU AA 33 -27.78 -33.76 67.27
CA GLU AA 33 -26.44 -33.19 67.19
C GLU AA 33 -26.10 -32.40 68.45
N VAL AA 34 -24.81 -32.12 68.60
CA VAL AA 34 -24.29 -31.15 69.55
C VAL AA 34 -23.14 -30.45 68.84
N ASN AA 35 -23.37 -29.23 68.41
CA ASN AA 35 -22.41 -28.53 67.57
C ASN AA 35 -21.69 -27.45 68.39
N GLY AA 36 -20.84 -26.67 67.75
CA GLY AA 36 -20.14 -25.59 68.42
C GLY AA 36 -20.20 -24.30 67.65
N VAL AA 37 -20.38 -23.18 68.35
CA VAL AA 37 -20.58 -21.88 67.72
C VAL AA 37 -19.52 -20.92 68.23
N MET AA 38 -18.94 -20.14 67.32
CA MET AA 38 -17.95 -19.13 67.65
C MET AA 38 -18.41 -17.78 67.14
N VAL AA 39 -18.35 -16.77 68.00
CA VAL AA 39 -18.76 -15.42 67.67
C VAL AA 39 -17.58 -14.49 67.91
N SER AA 40 -17.23 -13.69 66.91
CA SER AA 40 -16.04 -12.85 66.96
C SER AA 40 -16.46 -11.40 67.20
N TYR AA 41 -16.35 -10.96 68.45
CA TYR AA 41 -16.69 -9.60 68.81
C TYR AA 41 -15.59 -8.60 68.48
N ALA AA 42 -14.59 -8.99 67.69
CA ALA AA 42 -13.46 -8.10 67.44
C ALA AA 42 -13.89 -6.79 66.80
N ALA AA 43 -14.84 -6.84 65.87
CA ALA AA 43 -15.23 -5.63 65.17
C ALA AA 43 -15.87 -4.59 66.08
N TRP AA 44 -16.45 -5.02 67.20
CA TRP AA 44 -17.15 -4.11 68.11
C TRP AA 44 -16.33 -3.74 69.32
N SER AA 45 -15.61 -4.69 69.90
CA SER AA 45 -14.93 -4.49 71.17
C SER AA 45 -13.47 -4.08 71.02
N ALA AA 46 -12.91 -4.10 69.81
CA ALA AA 46 -11.53 -3.69 69.66
C ALA AA 46 -11.38 -2.17 69.70
N PRO AA 47 -12.17 -1.39 68.95
CA PRO AA 47 -12.09 0.07 69.12
C PRO AA 47 -12.30 0.54 70.53
N LEU AA 48 -13.17 -0.11 71.29
CA LEU AA 48 -13.32 0.21 72.71
C LEU AA 48 -12.11 -0.28 73.47
N ARG AA 49 -10.98 0.41 73.26
CA ARG AA 49 -9.72 -0.08 73.81
C ARG AA 49 -9.83 -0.21 75.32
N GLY AA 50 -9.86 -1.44 75.80
CA GLY AA 50 -10.05 -1.70 77.20
C GLY AA 50 -9.55 -3.08 77.57
N HIS AA 51 -10.29 -3.79 78.43
CA HIS AA 51 -9.91 -5.13 78.84
C HIS AA 51 -10.73 -6.21 78.16
N GLY AA 52 -11.27 -5.92 76.97
CA GLY AA 52 -11.89 -6.96 76.18
C GLY AA 52 -13.18 -7.48 76.79
N LEU AA 53 -13.51 -8.72 76.45
CA LEU AA 53 -14.75 -9.33 76.87
C LEU AA 53 -14.63 -9.82 78.31
N THR AA 54 -15.78 -10.14 78.91
CA THR AA 54 -15.81 -10.77 80.22
C THR AA 54 -16.77 -11.95 80.16
N ASN AA 55 -16.67 -12.83 81.16
CA ASN AA 55 -17.52 -14.02 81.23
C ASN AA 55 -18.85 -13.71 81.91
N LYS AA 56 -19.56 -12.75 81.34
CA LYS AA 56 -20.91 -12.43 81.79
C LYS AA 56 -21.87 -12.45 80.62
N THR AA 57 -21.83 -13.52 79.83
CA THR AA 57 -22.77 -13.72 78.75
C THR AA 57 -24.05 -14.31 79.30
N THR AA 58 -25.17 -13.94 78.68
CA THR AA 58 -26.47 -14.45 79.05
C THR AA 58 -27.20 -14.88 77.78
N PHE AA 59 -27.82 -16.05 77.84
CA PHE AA 59 -28.52 -16.63 76.69
C PHE AA 59 -30.00 -16.76 77.01
N GLU AA 60 -30.81 -16.77 75.96
CA GLU AA 60 -32.24 -17.01 76.13
C GLU AA 60 -32.77 -17.69 74.89
N ILE AA 61 -33.56 -18.75 75.08
CA ILE AA 61 -34.15 -19.49 73.98
C ILE AA 61 -35.65 -19.24 74.00
N ASP AA 62 -36.20 -18.92 72.83
CA ASP AA 62 -37.63 -18.75 72.66
C ASP AA 62 -38.04 -19.31 71.32
N GLY AA 63 -39.20 -19.95 71.27
CA GLY AA 63 -39.67 -20.58 70.05
C GLY AA 63 -40.48 -19.62 69.20
N VAL AA 64 -40.19 -19.61 67.90
CA VAL AA 64 -40.98 -18.88 66.93
C VAL AA 64 -41.90 -19.81 66.14
N SER AA 65 -41.76 -21.12 66.34
CA SER AA 65 -42.58 -22.16 65.72
C SER AA 65 -42.25 -23.46 66.43
N VAL AA 66 -43.23 -24.14 67.02
CA VAL AA 66 -42.92 -25.23 67.95
C VAL AA 66 -43.51 -26.56 67.51
N THR AA 67 -44.73 -26.60 66.99
CA THR AA 67 -45.37 -27.86 66.62
C THR AA 67 -45.46 -28.78 67.84
N PRO AA 68 -46.41 -28.54 68.73
CA PRO AA 68 -46.45 -29.25 70.04
C PRO AA 68 -46.26 -30.74 69.88
N PRO AA 69 -45.57 -31.38 70.82
CA PRO AA 69 -45.28 -32.80 70.68
C PRO AA 69 -46.51 -33.66 70.87
N LYS AA 70 -46.46 -34.85 70.28
CA LYS AA 70 -47.57 -35.79 70.39
C LYS AA 70 -47.47 -36.65 71.63
N VAL AA 71 -46.31 -37.25 71.87
CA VAL AA 71 -46.11 -38.21 72.94
C VAL AA 71 -45.55 -37.48 74.15
N SER AA 72 -46.10 -37.77 75.32
CA SER AA 72 -45.60 -37.13 76.53
C SER AA 72 -44.31 -37.78 76.99
N ASN AA 73 -43.55 -37.03 77.79
CA ASN AA 73 -42.39 -37.60 78.44
C ASN AA 73 -42.81 -38.18 79.79
N ALA AA 74 -41.86 -38.80 80.49
CA ALA AA 74 -42.21 -39.49 81.72
C ALA AA 74 -41.01 -39.53 82.65
N PHE AA 75 -41.29 -39.77 83.93
CA PHE AA 75 -40.25 -39.85 84.94
C PHE AA 75 -40.49 -41.06 85.82
N GLY AA 76 -39.43 -41.82 86.09
CA GLY AA 76 -39.49 -42.96 86.99
C GLY AA 76 -38.40 -42.86 88.04
N ARG AA 77 -38.46 -43.79 88.99
CA ARG AA 77 -37.51 -43.78 90.09
C ARG AA 77 -37.27 -45.20 90.58
N THR AA 78 -36.03 -45.46 90.97
CA THR AA 78 -35.63 -46.78 91.45
C THR AA 78 -34.43 -46.62 92.37
N LYS AA 79 -34.25 -47.58 93.27
CA LYS AA 79 -33.06 -47.59 94.10
C LYS AA 79 -31.90 -48.25 93.36
N VAL AA 80 -30.72 -48.20 93.96
CA VAL AA 80 -29.57 -48.83 93.32
C VAL AA 80 -29.78 -50.33 93.23
N GLY AA 81 -29.36 -50.90 92.09
CA GLY AA 81 -29.32 -52.33 91.89
C GLY AA 81 -30.65 -53.00 91.61
N VAL AA 82 -31.76 -52.41 92.02
CA VAL AA 82 -33.06 -53.05 91.82
C VAL AA 82 -33.56 -52.74 90.42
N VAL AA 83 -34.05 -53.77 89.74
CA VAL AA 83 -34.53 -53.65 88.36
C VAL AA 83 -35.80 -52.82 88.36
N PHE AA 84 -35.97 -52.01 87.32
CA PHE AA 84 -37.09 -51.09 87.22
C PHE AA 84 -37.96 -51.48 86.04
N GLU AA 85 -39.28 -51.48 86.26
CA GLU AA 85 -40.27 -51.69 85.21
C GLU AA 85 -41.04 -50.41 84.99
N GLY AA 86 -41.74 -50.36 83.87
CA GLY AA 86 -42.57 -49.23 83.54
C GLY AA 86 -43.33 -49.51 82.26
N THR AA 87 -44.29 -48.66 81.97
CA THR AA 87 -45.11 -48.81 80.78
C THR AA 87 -44.77 -47.72 79.77
N LEU AA 88 -45.17 -47.96 78.54
CA LEU AA 88 -44.88 -47.02 77.46
C LEU AA 88 -46.10 -46.81 76.60
N SER AA 89 -47.30 -46.89 77.20
CA SER AA 89 -48.53 -46.77 76.44
C SER AA 89 -49.44 -45.65 76.90
N ASP AA 90 -49.31 -45.18 78.13
CA ASP AA 90 -50.07 -44.03 78.61
C ASP AA 90 -49.37 -42.73 78.26
N LEU AA 91 -48.31 -42.81 77.45
CA LEU AA 91 -47.53 -41.64 77.07
C LEU AA 91 -47.87 -41.21 75.65
N PHE AA 92 -48.88 -41.83 75.04
CA PHE AA 92 -49.27 -41.52 73.67
C PHE AA 92 -50.78 -41.39 73.60
N PRO AA 93 -51.33 -40.31 74.13
CA PRO AA 93 -52.77 -40.09 73.95
C PRO AA 93 -53.05 -39.85 72.47
N ASN AA 94 -53.69 -40.80 71.83
CA ASN AA 94 -53.92 -40.66 70.40
C ASN AA 94 -55.31 -40.09 70.13
N PRO AA 95 -55.42 -39.16 69.18
CA PRO AA 95 -56.75 -38.67 68.79
C PRO AA 95 -57.53 -39.73 68.03
N GLU AA 96 -56.86 -40.32 67.04
CA GLU AA 96 -57.49 -41.20 66.06
C GLU AA 96 -57.29 -42.67 66.40
N GLY AA 97 -57.69 -43.55 65.48
CA GLY AA 97 -57.47 -44.97 65.62
C GLY AA 97 -56.26 -45.47 64.83
N GLU AA 98 -55.29 -46.05 65.54
CA GLU AA 98 -54.11 -46.60 64.91
C GLU AA 98 -53.37 -47.46 65.93
N GLN AA 99 -52.37 -48.17 65.45
CA GLN AA 99 -51.53 -49.04 66.27
C GLN AA 99 -50.22 -48.35 66.64
N VAL AA 100 -49.58 -48.90 67.67
CA VAL AA 100 -48.48 -48.26 68.37
C VAL AA 100 -47.20 -49.06 68.27
N GLU AA 101 -46.37 -48.74 67.27
CA GLU AA 101 -45.10 -49.41 67.07
C GLU AA 101 -44.03 -48.86 68.00
N TYR AA 102 -44.09 -49.24 69.27
CA TYR AA 102 -43.09 -48.83 70.25
C TYR AA 102 -41.68 -49.18 69.78
N GLU AA 103 -40.75 -48.23 69.92
CA GLU AA 103 -39.39 -48.42 69.43
C GLU AA 103 -38.39 -47.70 70.31
N ILE AA 104 -37.26 -48.34 70.57
CA ILE AA 104 -36.17 -47.74 71.32
C ILE AA 104 -34.97 -47.68 70.36
N SER AA 105 -34.65 -46.48 69.89
CA SER AA 105 -33.55 -46.30 68.95
C SER AA 105 -32.23 -46.62 69.64
N GLU AA 106 -31.37 -47.38 68.96
CA GLU AA 106 -30.06 -47.70 69.51
C GLU AA 106 -29.11 -46.51 69.53
N LEU AA 107 -29.38 -45.48 68.74
CA LEU AA 107 -28.51 -44.31 68.77
C LEU AA 107 -28.70 -43.53 70.05
N ASN AA 108 -29.91 -43.54 70.60
CA ASN AA 108 -30.26 -42.76 71.78
C ASN AA 108 -30.75 -43.65 72.90
N GLY AA 109 -30.09 -44.79 73.10
CA GLY AA 109 -30.45 -45.68 74.17
C GLY AA 109 -29.98 -45.14 75.50
N PRO AA 110 -30.08 -45.95 76.55
CA PRO AA 110 -29.63 -45.51 77.86
C PRO AA 110 -28.11 -45.42 77.94
N SER AA 111 -27.59 -44.96 79.07
CA SER AA 111 -26.15 -44.74 79.20
C SER AA 111 -25.50 -45.62 80.25
N ASN AA 112 -26.22 -45.97 81.32
CA ASN AA 112 -25.67 -46.81 82.38
C ASN AA 112 -26.62 -47.95 82.72
N GLY AA 113 -27.38 -48.43 81.75
CA GLY AA 113 -28.32 -49.52 81.96
C GLY AA 113 -28.55 -50.28 80.68
N VAL AA 114 -29.66 -51.03 80.63
CA VAL AA 114 -30.10 -51.74 79.44
C VAL AA 114 -31.62 -51.79 79.50
N VAL AA 115 -32.26 -51.72 78.33
CA VAL AA 115 -33.72 -51.78 78.24
C VAL AA 115 -34.12 -52.87 77.24
N GLU AA 116 -35.00 -53.78 77.67
CA GLU AA 116 -35.53 -54.82 76.80
C GLU AA 116 -36.97 -54.42 76.49
N LEU AA 117 -37.19 -53.85 75.31
CA LEU AA 117 -38.56 -53.50 74.96
C LEU AA 117 -39.41 -54.75 74.78
N GLY AA 118 -40.55 -54.78 75.47
CA GLY AA 118 -41.45 -55.92 75.41
C GLY AA 118 -42.25 -55.92 74.13
N ALA AA 119 -43.27 -56.79 74.12
CA ALA AA 119 -44.13 -56.88 72.95
C ALA AA 119 -45.15 -55.74 72.92
N ASN AA 120 -45.64 -55.34 74.09
CA ASN AA 120 -46.68 -54.32 74.19
C ASN AA 120 -46.25 -53.26 75.19
N GLY AA 121 -45.67 -52.17 74.68
CA GLY AA 121 -45.39 -50.97 75.45
C GLY AA 121 -44.79 -51.17 76.83
N ALA AA 122 -44.08 -52.27 77.02
CA ALA AA 122 -43.46 -52.58 78.30
C ALA AA 122 -41.95 -52.68 78.11
N PHE AA 123 -41.21 -52.39 79.18
CA PHE AA 123 -39.77 -52.35 79.08
C PHE AA 123 -39.17 -52.49 80.46
N THR AA 124 -38.00 -53.12 80.52
CA THR AA 124 -37.29 -53.33 81.77
C THR AA 124 -35.95 -52.65 81.70
N TYR AA 125 -35.70 -51.73 82.63
CA TYR AA 125 -34.45 -51.01 82.71
C TYR AA 125 -33.67 -51.56 83.89
N THR AA 126 -32.71 -52.44 83.60
CA THR AA 126 -31.84 -52.97 84.64
C THR AA 126 -30.66 -52.04 84.80
N PRO AA 127 -30.60 -51.26 85.88
CA PRO AA 127 -29.51 -50.30 86.01
C PRO AA 127 -28.16 -50.99 86.14
N GLY AA 128 -27.13 -50.36 85.58
CA GLY AA 128 -25.80 -50.91 85.68
C GLY AA 128 -25.36 -51.06 87.12
N ALA AA 129 -24.79 -52.21 87.43
CA ALA AA 129 -24.39 -52.52 88.80
C ALA AA 129 -23.39 -51.50 89.31
N LEU AA 130 -23.50 -51.16 90.59
CA LEU AA 130 -22.65 -50.17 91.24
C LEU AA 130 -22.72 -48.83 90.50
N PHE AA 131 -23.92 -48.27 90.47
CA PHE AA 131 -24.14 -46.98 89.82
C PHE AA 131 -25.38 -46.32 90.41
N THR AA 132 -25.28 -45.03 90.71
CA THR AA 132 -26.44 -44.30 91.24
C THR AA 132 -26.40 -42.89 90.65
N GLY AA 133 -27.35 -42.58 89.81
CA GLY AA 133 -27.44 -41.26 89.22
C GLY AA 133 -28.75 -41.09 88.49
N VAL AA 134 -28.70 -40.40 87.36
CA VAL AA 134 -29.86 -40.23 86.49
C VAL AA 134 -29.53 -40.83 85.14
N ASP AA 135 -30.54 -41.37 84.47
CA ASP AA 135 -30.33 -42.01 83.18
C ASP AA 135 -31.55 -41.79 82.31
N ARG AA 136 -31.32 -41.56 81.02
CA ARG AA 136 -32.36 -41.26 80.06
C ARG AA 136 -32.29 -42.23 78.89
N PHE AA 137 -33.40 -42.33 78.18
CA PHE AA 137 -33.42 -42.97 76.87
C PHE AA 137 -34.62 -42.43 76.11
N TRP AA 138 -34.51 -42.43 74.79
CA TRP AA 138 -35.48 -41.79 73.93
C TRP AA 138 -36.23 -42.85 73.13
N PHE AA 139 -37.51 -43.00 73.42
CA PHE AA 139 -38.39 -43.90 72.71
C PHE AA 139 -39.08 -43.18 71.57
N SER AA 140 -39.65 -43.96 70.66
CA SER AA 140 -40.35 -43.41 69.49
C SER AA 140 -41.64 -44.19 69.29
N ILE AA 141 -42.72 -43.71 69.89
CA ILE AA 141 -44.03 -44.34 69.74
C ILE AA 141 -44.62 -43.88 68.41
N ASN AA 142 -44.45 -44.70 67.38
CA ASN AA 142 -45.07 -44.45 66.09
C ASN AA 142 -44.55 -43.15 65.47
N GLY AA 143 -43.23 -43.08 65.33
CA GLY AA 143 -42.61 -41.94 64.68
C GLY AA 143 -42.36 -40.76 65.60
N ASN AA 144 -43.25 -40.54 66.55
CA ASN AA 144 -43.13 -39.42 67.47
C ASN AA 144 -42.23 -39.78 68.63
N ILE AA 145 -41.26 -38.91 68.94
CA ILE AA 145 -40.20 -39.19 69.88
C ILE AA 145 -40.43 -38.43 71.18
N GLY AA 146 -40.14 -39.08 72.29
CA GLY AA 146 -40.14 -38.47 73.60
C GLY AA 146 -39.02 -39.11 74.40
N GLU AA 147 -38.86 -38.68 75.64
CA GLU AA 147 -37.80 -39.21 76.48
C GLU AA 147 -38.38 -39.74 77.79
N TYR AA 148 -37.74 -40.77 78.32
CA TYR AA 148 -38.06 -41.34 79.61
C TYR AA 148 -36.86 -41.15 80.53
N VAL AA 149 -37.07 -40.54 81.68
CA VAL AA 149 -36.01 -40.22 82.61
C VAL AA 149 -36.15 -41.08 83.85
N ILE AA 150 -35.10 -41.80 84.19
CA ILE AA 150 -35.06 -42.64 85.38
C ILE AA 150 -33.90 -42.17 86.26
N SER AA 151 -34.15 -42.10 87.56
CA SER AA 151 -33.15 -41.71 88.55
C SER AA 151 -32.96 -42.86 89.53
N VAL AA 152 -31.73 -43.33 89.65
CA VAL AA 152 -31.40 -44.46 90.52
C VAL AA 152 -30.74 -43.92 91.78
N ASP AA 153 -31.29 -44.29 92.92
CA ASP AA 153 -30.94 -43.75 94.23
C ASP AA 153 -29.88 -44.62 94.90
N PRO AA 154 -29.07 -44.04 95.79
CA PRO AA 154 -28.00 -44.83 96.41
C PRO AA 154 -28.47 -45.55 97.66
N THR AA 155 -29.69 -46.07 97.59
CA THR AA 155 -30.36 -46.93 98.56
C THR AA 155 -30.76 -46.19 99.84
N THR AA 156 -30.27 -44.98 100.06
CA THR AA 156 -30.64 -44.38 101.33
C THR AA 156 -31.98 -43.65 101.27
N SER AA 157 -32.00 -42.43 100.71
CA SER AA 157 -33.25 -41.67 100.80
C SER AA 157 -34.13 -41.70 99.56
N GLU AA 158 -33.81 -40.80 98.60
CA GLU AA 158 -34.59 -40.55 97.38
C GLU AA 158 -33.85 -39.50 96.56
N LEU AA 159 -33.72 -39.65 95.24
CA LEU AA 159 -33.09 -38.59 94.47
C LEU AA 159 -34.11 -37.55 94.01
N PRO AA 160 -33.65 -36.31 93.78
CA PRO AA 160 -34.52 -35.27 93.21
C PRO AA 160 -34.82 -35.50 91.74
N GLN AA 161 -35.45 -34.52 91.08
CA GLN AA 161 -36.09 -34.75 89.79
C GLN AA 161 -35.55 -33.77 88.74
N PRO AA 162 -34.88 -34.29 87.70
CA PRO AA 162 -34.20 -33.42 86.74
C PRO AA 162 -35.18 -32.79 85.75
N PRO AA 163 -34.78 -31.69 85.09
CA PRO AA 163 -35.75 -30.84 84.41
C PRO AA 163 -36.14 -31.18 82.96
N PHE AA 164 -36.00 -32.42 82.51
CA PHE AA 164 -36.61 -32.80 81.23
C PHE AA 164 -36.11 -31.99 80.02
N THR AA 165 -34.89 -32.27 79.58
CA THR AA 165 -34.21 -31.50 78.53
C THR AA 165 -35.14 -31.00 77.42
N THR AA 166 -34.94 -29.75 77.03
CA THR AA 166 -35.74 -29.06 76.05
C THR AA 166 -35.26 -29.38 74.64
N PRO AA 167 -36.04 -29.03 73.60
CA PRO AA 167 -35.60 -29.32 72.23
C PRO AA 167 -34.26 -28.72 71.86
N VAL AA 168 -34.10 -27.41 72.04
CA VAL AA 168 -32.82 -26.75 71.80
C VAL AA 168 -32.36 -26.15 73.11
N TYR AA 169 -31.08 -26.33 73.42
CA TYR AA 169 -30.54 -25.84 74.68
C TYR AA 169 -29.11 -25.39 74.48
N VAL AA 170 -28.61 -24.65 75.46
CA VAL AA 170 -27.22 -24.20 75.49
C VAL AA 170 -26.62 -24.68 76.79
N PRO AA 171 -25.74 -25.68 76.76
CA PRO AA 171 -25.22 -26.29 77.99
C PRO AA 171 -24.83 -25.30 79.07
N ALA AA 172 -25.17 -25.65 80.31
CA ALA AA 172 -25.03 -24.80 81.48
C ALA AA 172 -23.69 -24.08 81.54
N ALA AA 173 -22.59 -24.83 81.53
CA ALA AA 173 -21.29 -24.17 81.60
C ALA AA 173 -20.28 -24.83 80.68
N ARG AA 174 -20.28 -24.41 79.42
CA ARG AA 174 -19.29 -24.82 78.44
C ARG AA 174 -18.93 -23.63 77.57
N ARG AA 175 -19.18 -22.43 78.07
CA ARG AA 175 -19.02 -21.19 77.35
C ARG AA 175 -17.71 -20.55 77.77
N SER AA 176 -17.08 -19.83 76.86
CA SER AA 176 -15.88 -19.13 77.27
C SER AA 176 -15.58 -18.01 76.29
N VAL AA 177 -14.68 -17.13 76.72
CA VAL AA 177 -14.31 -15.94 75.99
C VAL AA 177 -12.81 -15.74 76.15
N ASP AA 178 -12.11 -15.52 75.05
CA ASP AA 178 -10.69 -15.21 75.11
C ASP AA 178 -10.53 -13.71 74.94
N PRO AA 179 -10.26 -12.95 76.01
CA PRO AA 179 -10.18 -11.49 75.86
C PRO AA 179 -9.04 -11.03 74.97
N ARG AA 180 -8.18 -11.95 74.59
CA ARG AA 180 -6.99 -11.71 73.79
C ARG AA 180 -7.31 -11.56 72.30
N THR AA 181 -8.43 -12.12 71.84
CA THR AA 181 -8.82 -12.01 70.44
C THR AA 181 -10.32 -11.75 70.29
N HIS AA 182 -11.04 -11.52 71.38
CA HIS AA 182 -12.45 -11.14 71.34
C HIS AA 182 -13.29 -12.19 70.62
N VAL AA 183 -13.31 -13.39 71.17
CA VAL AA 183 -14.05 -14.49 70.57
C VAL AA 183 -14.79 -15.22 71.67
N LEU AA 184 -16.09 -15.41 71.46
CA LEU AA 184 -16.95 -16.13 72.39
C LEU AA 184 -17.24 -17.50 71.83
N LYS AA 185 -17.07 -18.53 72.66
CA LYS AA 185 -17.36 -19.90 72.28
C LYS AA 185 -18.49 -20.43 73.13
N PHE AA 186 -19.44 -21.11 72.51
CA PHE AA 186 -20.48 -21.79 73.26
C PHE AA 186 -20.97 -22.97 72.45
N VAL AA 187 -21.61 -23.88 73.13
CA VAL AA 187 -22.09 -25.13 72.54
C VAL AA 187 -23.59 -25.03 72.33
N LEU AA 188 -24.09 -25.62 71.26
CA LEU AA 188 -25.51 -25.60 70.95
C LEU AA 188 -25.96 -27.03 70.69
N GLY AA 189 -26.79 -27.56 71.56
CA GLY AA 189 -27.23 -28.95 71.46
C GLY AA 189 -28.70 -29.03 71.12
N VAL AA 190 -29.06 -30.01 70.29
CA VAL AA 190 -30.41 -30.22 69.84
C VAL AA 190 -30.87 -31.58 70.33
N SER AA 191 -32.00 -31.62 71.03
CA SER AA 191 -32.51 -32.87 71.56
C SER AA 191 -32.97 -33.75 70.41
N PRO AA 192 -33.03 -35.07 70.61
CA PRO AA 192 -33.54 -35.95 69.55
C PRO AA 192 -35.03 -35.80 69.31
N ALA AA 193 -35.75 -35.08 70.17
CA ALA AA 193 -37.18 -34.92 70.04
C ALA AA 193 -37.56 -33.62 69.33
N ALA AA 194 -36.59 -32.84 68.88
CA ALA AA 194 -36.90 -31.64 68.14
C ALA AA 194 -37.55 -32.01 66.81
N ILE AA 195 -38.64 -31.33 66.47
CA ILE AA 195 -39.40 -31.69 65.28
C ILE AA 195 -38.87 -30.88 64.09
N PRO AA 196 -38.56 -31.53 62.98
CA PRO AA 196 -38.00 -30.79 61.84
C PRO AA 196 -38.98 -29.75 61.33
N GLY AA 197 -38.43 -28.61 60.92
CA GLY AA 197 -39.22 -27.50 60.44
C GLY AA 197 -39.45 -26.40 61.46
N ASP AA 198 -39.24 -26.67 62.74
CA ASP AA 198 -39.43 -25.66 63.75
C ASP AA 198 -38.33 -24.60 63.68
N VAL AA 199 -38.57 -23.48 64.35
CA VAL AA 199 -37.61 -22.38 64.42
C VAL AA 199 -37.57 -21.89 65.86
N TYR AA 200 -36.38 -21.75 66.41
CA TYR AA 200 -36.16 -21.17 67.71
C TYR AA 200 -35.28 -19.95 67.57
N ARG AA 201 -35.27 -19.11 68.60
CA ARG AA 201 -34.51 -17.87 68.58
C ARG AA 201 -33.62 -17.80 69.81
N LEU AA 202 -32.34 -17.58 69.60
CA LEU AA 202 -31.36 -17.47 70.67
C LEU AA 202 -30.88 -16.03 70.74
N THR AA 203 -30.99 -15.41 71.91
CA THR AA 203 -30.51 -14.06 72.13
C THR AA 203 -29.31 -14.10 73.06
N VAL AA 204 -28.25 -13.40 72.66
CA VAL AA 204 -26.98 -13.39 73.37
C VAL AA 204 -26.70 -11.97 73.83
N ARG AA 205 -26.47 -11.80 75.13
CA ARG AA 205 -26.14 -10.50 75.70
C ARG AA 205 -24.73 -10.57 76.25
N GLN AA 206 -23.79 -9.93 75.57
CA GLN AA 206 -22.38 -9.99 75.91
C GLN AA 206 -21.89 -8.63 76.37
N VAL AA 207 -21.10 -8.61 77.44
CA VAL AA 207 -20.58 -7.38 78.01
C VAL AA 207 -19.09 -7.31 77.74
N ALA AA 208 -18.66 -6.18 77.19
CA ALA AA 208 -17.25 -5.83 77.18
C ALA AA 208 -16.99 -5.06 78.48
N ILE AA 209 -15.80 -4.49 78.59
CA ILE AA 209 -15.44 -3.80 79.82
C ILE AA 209 -14.41 -2.74 79.48
N ASP AA 210 -14.55 -1.57 80.09
CA ASP AA 210 -13.58 -0.51 79.86
C ASP AA 210 -12.51 -0.59 80.93
N CYS AA 211 -11.47 0.21 80.72
CA CYS AA 211 -10.20 -0.08 81.36
C CYS AA 211 -10.25 0.23 82.85
N ASP AA 212 -11.30 0.94 83.29
CA ASP AA 212 -11.66 1.11 84.71
C ASP AA 212 -12.67 0.09 85.21
N GLY AA 213 -13.16 -0.81 84.35
CA GLY AA 213 -14.07 -1.83 84.79
C GLY AA 213 -15.55 -1.54 84.61
N ASN AA 214 -15.91 -0.51 83.87
CA ASN AA 214 -17.32 -0.26 83.58
C ASN AA 214 -17.76 -1.14 82.43
N GLU AA 215 -18.97 -0.95 81.90
CA GLU AA 215 -19.58 -2.02 81.10
C GLU AA 215 -20.02 -1.48 79.76
N PHE AA 216 -19.92 -2.34 78.75
CA PHE AA 216 -20.45 -2.08 77.42
C PHE AA 216 -21.23 -3.30 76.99
N VAL AA 217 -22.54 -3.16 76.84
CA VAL AA 217 -23.40 -4.29 76.53
C VAL AA 217 -23.63 -4.38 75.04
N HIS AA 218 -23.86 -5.59 74.55
CA HIS AA 218 -24.09 -5.87 73.14
C HIS AA 218 -25.09 -7.01 73.03
N ILE AA 219 -26.12 -6.84 72.21
CA ILE AA 219 -27.18 -7.83 72.07
C ILE AA 219 -27.35 -8.20 70.60
N SER AA 220 -27.51 -9.51 70.35
CA SER AA 220 -27.79 -10.02 69.01
C SER AA 220 -28.62 -11.28 69.15
N CYS AA 221 -29.18 -11.75 68.03
CA CYS AA 221 -29.96 -12.98 68.06
C CYS AA 221 -29.50 -13.92 66.97
N TYR AA 222 -29.91 -15.18 67.09
CA TYR AA 222 -29.71 -16.16 66.04
C TYR AA 222 -30.97 -17.01 65.93
N ASP AA 223 -31.32 -17.37 64.70
CA ASP AA 223 -32.54 -18.12 64.41
C ASP AA 223 -32.15 -19.55 64.11
N ILE AA 224 -32.41 -20.44 65.06
CA ILE AA 224 -32.06 -21.86 64.93
C ILE AA 224 -33.24 -22.57 64.29
N SER AA 225 -33.06 -23.05 63.08
CA SER AA 225 -34.12 -23.70 62.32
C SER AA 225 -33.87 -25.20 62.30
N ILE AA 226 -34.69 -25.94 63.04
CA ILE AA 226 -34.49 -27.38 63.16
C ILE AA 226 -34.79 -28.02 61.81
N GLY AA 227 -33.75 -28.43 61.10
CA GLY AA 227 -33.89 -29.20 59.89
C GLY AA 227 -33.64 -30.67 60.18
N SER AA 228 -34.15 -31.50 59.29
CA SER AA 228 -33.82 -32.91 59.28
C SER AA 228 -32.92 -33.17 58.09
N CYS AA 229 -32.01 -34.12 58.26
CA CYS AA 229 -30.99 -34.39 57.26
C CYS AA 229 -30.10 -33.18 57.01
N GLY AA 230 -29.37 -32.79 58.04
CA GLY AA 230 -28.42 -31.70 57.93
C GLY AA 230 -29.09 -30.37 58.08
N MET BA 1 -18.60 1.15 68.23
CA MET BA 1 -18.22 2.48 68.65
C MET BA 1 -18.43 3.50 67.54
N TYR BA 2 -19.21 4.53 67.83
CA TYR BA 2 -19.45 5.60 66.89
C TYR BA 2 -18.28 6.58 66.90
N PHE BA 3 -17.96 7.11 65.73
CA PHE BA 3 -16.89 8.10 65.64
C PHE BA 3 -17.38 9.25 64.77
N PHE BA 4 -17.46 10.44 65.35
CA PHE BA 4 -17.89 11.62 64.63
C PHE BA 4 -16.78 12.65 64.58
N SER BA 5 -16.69 13.35 63.46
CA SER BA 5 -15.81 14.50 63.33
C SER BA 5 -16.67 15.75 63.29
N VAL BA 6 -16.28 16.76 64.05
CA VAL BA 6 -17.10 17.94 64.24
C VAL BA 6 -16.83 18.92 63.12
N ASP BA 7 -17.80 19.80 62.85
CA ASP BA 7 -17.64 20.77 61.79
C ASP BA 7 -16.81 21.94 62.28
N PRO BA 8 -15.84 22.42 61.49
CA PRO BA 8 -14.76 23.21 62.08
C PRO BA 8 -15.03 24.71 62.17
N ARG BA 9 -16.21 25.19 61.80
CA ARG BA 9 -16.56 26.61 61.91
C ARG BA 9 -15.58 27.50 61.15
N ASN BA 10 -15.42 27.21 59.86
CA ASN BA 10 -14.61 28.00 58.95
C ASN BA 10 -15.42 28.87 58.02
N GLY BA 11 -16.73 28.65 57.92
CA GLY BA 11 -17.48 29.14 56.78
C GLY BA 11 -17.43 28.21 55.60
N ALA BA 12 -17.12 26.94 55.83
CA ALA BA 12 -16.96 25.96 54.77
C ALA BA 12 -17.44 24.59 55.23
N SER BA 13 -17.03 23.53 54.53
CA SER BA 13 -17.44 22.17 54.86
C SER BA 13 -16.87 21.67 56.19
N SER BA 21 -30.01 14.76 56.06
CA SER BA 21 -30.94 15.80 55.64
C SER BA 21 -31.17 16.82 56.74
N CYS BA 22 -31.20 16.34 57.99
CA CYS BA 22 -31.38 17.23 59.13
C CYS BA 22 -30.12 17.96 59.52
N CYS BA 23 -30.28 18.77 60.55
CA CYS BA 23 -29.18 19.49 61.18
C CYS BA 23 -28.26 18.54 61.95
N CYS BA 24 -28.80 17.81 62.91
CA CYS BA 24 -27.99 17.02 63.83
C CYS BA 24 -27.83 15.62 63.27
N GLU BA 25 -26.60 15.11 63.34
CA GLU BA 25 -26.28 13.80 62.77
C GLU BA 25 -26.95 12.69 63.59
N SER BA 26 -26.82 11.46 63.08
CA SER BA 26 -27.66 10.35 63.49
C SER BA 26 -26.88 9.27 64.23
N ILE BA 27 -27.55 8.66 65.21
CA ILE BA 27 -27.02 7.56 66.00
C ILE BA 27 -28.11 6.53 66.15
N SER BA 28 -27.90 5.33 65.62
CA SER BA 28 -28.88 4.28 65.78
C SER BA 28 -28.60 3.51 67.07
N ALA BA 29 -29.68 3.10 67.74
CA ALA BA 29 -29.56 2.48 69.05
C ALA BA 29 -30.57 1.37 69.19
N ARG BA 30 -30.21 0.36 69.98
CA ARG BA 30 -31.04 -0.82 70.20
C ARG BA 30 -31.34 -0.97 71.68
N PRO BA 31 -32.58 -1.26 72.05
CA PRO BA 31 -32.95 -1.29 73.47
C PRO BA 31 -32.17 -2.32 74.27
N GLY BA 32 -31.50 -1.86 75.31
CA GLY BA 32 -30.70 -2.71 76.17
C GLY BA 32 -29.21 -2.52 76.01
N GLU BA 33 -28.78 -2.00 74.87
CA GLU BA 33 -27.36 -1.81 74.60
C GLU BA 33 -26.76 -0.75 75.50
N VAL BA 34 -25.43 -0.73 75.53
CA VAL BA 34 -24.64 0.36 76.09
C VAL BA 34 -23.43 0.50 75.19
N ASN BA 35 -23.43 1.52 74.35
CA ASN BA 35 -22.41 1.67 73.32
C ASN BA 35 -21.42 2.77 73.72
N GLY BA 36 -20.48 3.07 72.84
CA GLY BA 36 -19.52 4.12 73.10
C GLY BA 36 -19.37 5.06 71.93
N VAL BA 37 -19.25 6.36 72.21
CA VAL BA 37 -19.22 7.38 71.17
C VAL BA 37 -17.94 8.19 71.31
N MET BA 38 -17.28 8.46 70.19
CA MET BA 38 -16.08 9.27 70.15
C MET BA 38 -16.29 10.44 69.20
N VAL BA 39 -15.95 11.65 69.67
CA VAL BA 39 -16.09 12.86 68.88
C VAL BA 39 -14.72 13.52 68.78
N SER BA 40 -14.29 13.84 67.57
CA SER BA 40 -12.95 14.36 67.32
C SER BA 40 -13.03 15.85 67.04
N TYR BA 41 -12.73 16.65 68.06
CA TYR BA 41 -12.75 18.10 67.94
C TYR BA 41 -11.50 18.66 67.28
N ALA BA 42 -10.67 17.82 66.67
CA ALA BA 42 -9.40 18.28 66.13
C ALA BA 42 -9.59 19.36 65.08
N ALA BA 43 -10.60 19.22 64.23
CA ALA BA 43 -10.78 20.18 63.14
C ALA BA 43 -11.11 21.58 63.65
N TRP BA 44 -11.67 21.70 64.84
CA TRP BA 44 -12.09 22.98 65.37
C TRP BA 44 -11.12 23.55 66.39
N SER BA 45 -10.57 22.71 67.26
CA SER BA 45 -9.76 23.17 68.38
C SER BA 45 -8.27 23.17 68.10
N ALA BA 46 -7.83 22.61 66.97
CA ALA BA 46 -6.40 22.62 66.67
C ALA BA 46 -5.94 23.99 66.19
N PRO BA 47 -6.61 24.63 65.23
CA PRO BA 47 -6.20 26.00 64.87
C PRO BA 47 -6.19 26.96 66.05
N LEU BA 48 -7.12 26.82 66.98
CA LEU BA 48 -7.08 27.62 68.20
C LEU BA 48 -5.94 27.15 69.08
N ARG BA 49 -4.71 27.46 68.64
CA ARG BA 49 -3.55 26.91 69.32
C ARG BA 49 -3.56 27.32 70.78
N GLY BA 50 -3.81 26.36 71.66
CA GLY BA 50 -3.94 26.64 73.07
C GLY BA 50 -3.71 25.39 73.89
N HIS BA 51 -4.52 25.20 74.94
CA HIS BA 51 -4.39 24.03 75.79
C HIS BA 51 -5.47 22.99 75.53
N GLY BA 52 -6.03 22.97 74.31
CA GLY BA 52 -6.92 21.90 73.93
C GLY BA 52 -8.24 21.93 74.69
N LEU BA 53 -8.85 20.75 74.79
CA LEU BA 53 -10.15 20.61 75.41
C LEU BA 53 -10.03 20.62 76.93
N THR BA 54 -11.16 20.80 77.60
CA THR BA 54 -11.23 20.65 79.05
C THR BA 54 -12.41 19.78 79.40
N ASN BA 55 -12.42 19.29 80.65
CA ASN BA 55 -13.49 18.41 81.12
C ASN BA 55 -14.66 19.22 81.65
N LYS BA 56 -15.20 20.08 80.79
CA LYS BA 56 -16.41 20.82 81.11
C LYS BA 56 -17.44 20.63 80.01
N THR BA 57 -17.69 19.37 79.65
CA THR BA 57 -18.74 19.05 78.70
C THR BA 57 -20.07 18.98 79.43
N THR BA 58 -21.13 19.36 78.72
CA THR BA 58 -22.48 19.30 79.25
C THR BA 58 -23.38 18.66 78.21
N PHE BA 59 -24.23 17.74 78.67
CA PHE BA 59 -25.12 17.00 77.80
C PHE BA 59 -26.57 17.31 78.14
N GLU BA 60 -27.44 17.13 77.16
CA GLU BA 60 -28.87 17.29 77.41
C GLU BA 60 -29.63 16.37 76.48
N ILE BA 61 -30.60 15.65 77.02
CA ILE BA 61 -31.43 14.73 76.25
C ILE BA 61 -32.84 15.30 76.19
N ASP BA 62 -33.40 15.34 74.98
CA ASP BA 62 -34.77 15.76 74.77
C ASP BA 62 -35.39 14.87 73.70
N GLY BA 63 -36.66 14.55 73.87
CA GLY BA 63 -37.35 13.67 72.95
C GLY BA 63 -38.00 14.44 71.83
N VAL BA 64 -37.82 13.95 70.60
CA VAL BA 64 -38.52 14.46 69.44
C VAL BA 64 -39.68 13.56 69.03
N SER BA 65 -39.80 12.40 69.67
CA SER BA 65 -40.87 11.43 69.45
C SER BA 65 -40.76 10.40 70.55
N VAL BA 66 -41.81 10.20 71.35
CA VAL BA 66 -41.67 9.45 72.60
C VAL BA 66 -42.56 8.20 72.65
N THR BA 67 -43.80 8.28 72.18
CA THR BA 67 -44.71 7.13 72.26
C THR BA 67 -44.90 6.73 73.72
N PRO BA 68 -45.71 7.47 74.49
CA PRO BA 68 -45.78 7.27 75.95
C PRO BA 68 -45.93 5.80 76.32
N PRO BA 69 -45.32 5.38 77.42
CA PRO BA 69 -45.34 3.96 77.78
C PRO BA 69 -46.70 3.52 78.25
N LYS BA 70 -46.96 2.23 78.11
CA LYS BA 70 -48.23 1.65 78.54
C LYS BA 70 -48.21 1.26 80.01
N VAL BA 71 -47.19 0.53 80.44
CA VAL BA 71 -47.11 -0.04 81.77
C VAL BA 71 -46.32 0.92 82.66
N SER BA 72 -46.82 1.17 83.85
CA SER BA 72 -46.10 2.05 84.76
C SER BA 72 -44.94 1.32 85.42
N ASN BA 73 -43.98 2.09 85.91
CA ASN BA 73 -42.91 1.54 86.71
C ASN BA 73 -43.34 1.55 88.18
N ALA BA 74 -42.49 1.00 89.05
CA ALA BA 74 -42.88 0.87 90.44
C ALA BA 74 -41.64 0.87 91.32
N PHE BA 75 -41.86 1.15 92.61
CA PHE BA 75 -40.78 1.18 93.58
C PHE BA 75 -41.21 0.41 94.83
N GLY BA 76 -40.31 -0.43 95.34
CA GLY BA 76 -40.54 -1.15 96.58
C GLY BA 76 -39.37 -0.95 97.53
N ARG BA 77 -39.55 -1.48 98.74
CA ARG BA 77 -38.53 -1.31 99.76
C ARG BA 77 -38.56 -2.49 100.72
N THR BA 78 -37.38 -2.89 101.16
CA THR BA 78 -37.23 -4.02 102.08
C THR BA 78 -35.96 -3.84 102.88
N LYS BA 79 -35.90 -4.45 104.06
CA LYS BA 79 -34.68 -4.45 104.84
C LYS BA 79 -33.75 -5.56 104.37
N VAL BA 80 -32.54 -5.59 104.91
CA VAL BA 80 -31.60 -6.63 104.51
C VAL BA 80 -32.13 -7.99 104.95
N GLY BA 81 -31.93 -8.99 104.08
CA GLY BA 81 -32.21 -10.37 104.38
C GLY BA 81 -33.66 -10.78 104.35
N VAL BA 82 -34.59 -9.86 104.54
CA VAL BA 82 -36.01 -10.21 104.58
C VAL BA 82 -36.55 -10.28 103.16
N VAL BA 83 -37.30 -11.35 102.88
CA VAL BA 83 -37.85 -11.59 101.55
C VAL BA 83 -38.91 -10.54 101.27
N PHE BA 84 -38.99 -10.10 100.01
CA PHE BA 84 -39.90 -9.06 99.60
C PHE BA 84 -40.92 -9.61 98.62
N GLU BA 85 -42.18 -9.24 98.83
CA GLU BA 85 -43.28 -9.56 97.93
C GLU BA 85 -43.79 -8.28 97.28
N GLY BA 86 -44.54 -8.46 96.20
CA GLY BA 86 -45.14 -7.35 95.51
C GLY BA 86 -46.05 -7.87 94.42
N THR BA 87 -46.82 -6.96 93.85
CA THR BA 87 -47.75 -7.32 92.79
C THR BA 87 -47.27 -6.73 91.47
N LEU BA 88 -47.80 -7.28 90.39
CA LEU BA 88 -47.41 -6.85 89.05
C LEU BA 88 -48.63 -6.67 88.18
N SER BA 89 -49.76 -6.28 88.77
CA SER BA 89 -51.00 -6.14 88.02
C SER BA 89 -51.61 -4.75 88.06
N ASP BA 90 -51.29 -3.93 89.06
CA ASP BA 90 -51.74 -2.56 89.12
C ASP BA 90 -50.82 -1.65 88.34
N LEU BA 91 -49.87 -2.22 87.61
CA LEU BA 91 -48.89 -1.47 86.84
C LEU BA 91 -49.24 -1.46 85.36
N PHE BA 92 -50.40 -2.02 85.00
CA PHE BA 92 -50.83 -2.10 83.60
C PHE BA 92 -52.28 -1.67 83.51
N PRO BA 93 -52.55 -0.37 83.63
CA PRO BA 93 -53.91 0.09 83.38
C PRO BA 93 -54.26 -0.12 81.92
N ASN BA 94 -55.14 -1.07 81.64
CA ASN BA 94 -55.44 -1.37 80.26
C ASN BA 94 -56.70 -0.62 79.81
N PRO BA 95 -56.69 -0.06 78.60
CA PRO BA 95 -57.91 0.56 78.07
C PRO BA 95 -58.95 -0.49 77.72
N GLU BA 96 -58.51 -1.51 76.99
CA GLU BA 96 -59.39 -2.50 76.38
C GLU BA 96 -59.48 -3.78 77.21
N GLY BA 97 -60.12 -4.80 76.64
CA GLY BA 97 -60.19 -6.11 77.26
C GLY BA 97 -59.19 -7.09 76.70
N GLU BA 98 -58.31 -7.61 77.56
CA GLU BA 98 -57.32 -8.60 77.16
C GLU BA 98 -56.71 -9.20 78.41
N GLN BA 99 -55.91 -10.24 78.20
CA GLN BA 99 -55.21 -10.95 79.27
C GLN BA 99 -53.77 -10.48 79.38
N VAL BA 100 -53.18 -10.79 80.54
CA VAL BA 100 -51.91 -10.22 80.96
C VAL BA 100 -50.84 -11.28 81.13
N GLU BA 101 -50.05 -11.50 80.08
CA GLU BA 101 -48.96 -12.47 80.13
C GLU BA 101 -47.73 -11.90 80.81
N TYR BA 102 -47.76 -11.81 82.13
CA TYR BA 102 -46.62 -11.33 82.90
C TYR BA 102 -45.37 -12.12 82.58
N GLU BA 103 -44.25 -11.42 82.39
CA GLU BA 103 -43.01 -12.07 81.99
C GLU BA 103 -41.81 -11.33 82.56
N ILE BA 104 -40.83 -12.09 83.02
CA ILE BA 104 -39.57 -11.54 83.51
C ILE BA 104 -38.47 -12.07 82.60
N SER BA 105 -37.95 -11.22 81.74
CA SER BA 105 -36.91 -11.61 80.79
C SER BA 105 -35.63 -11.97 81.54
N GLU BA 106 -35.01 -13.08 81.16
CA GLU BA 106 -33.76 -13.49 81.79
C GLU BA 106 -32.58 -12.61 81.39
N LEU BA 107 -32.69 -11.86 80.30
CA LEU BA 107 -31.59 -10.99 79.92
C LEU BA 107 -31.51 -9.79 80.85
N ASN BA 108 -32.65 -9.36 81.37
CA ASN BA 108 -32.73 -8.17 82.21
C ASN BA 108 -33.30 -8.49 83.58
N GLY BA 109 -32.89 -9.61 84.15
CA GLY BA 109 -33.33 -9.98 85.47
C GLY BA 109 -32.66 -9.15 86.53
N PRO BA 110 -32.84 -9.51 87.79
CA PRO BA 110 -32.20 -8.77 88.87
C PRO BA 110 -30.70 -9.02 88.91
N SER BA 111 -30.00 -8.34 89.80
CA SER BA 111 -28.55 -8.41 89.85
C SER BA 111 -28.01 -9.01 91.13
N ASN BA 112 -28.70 -8.81 92.26
CA ASN BA 112 -28.26 -9.35 93.54
C ASN BA 112 -29.40 -10.06 94.26
N GLY BA 113 -30.31 -10.65 93.52
CA GLY BA 113 -31.44 -11.36 94.09
C GLY BA 113 -31.94 -12.44 93.16
N VAL BA 114 -33.18 -12.89 93.38
CA VAL BA 114 -33.85 -13.84 92.51
C VAL BA 114 -35.34 -13.51 92.57
N VAL BA 115 -36.04 -13.70 91.45
CA VAL BA 115 -37.48 -13.47 91.40
C VAL BA 115 -38.18 -14.70 90.85
N GLU BA 116 -39.20 -15.19 91.55
CA GLU BA 116 -40.01 -16.32 91.11
C GLU BA 116 -41.34 -15.74 90.68
N LEU BA 117 -41.54 -15.56 89.38
CA LEU BA 117 -42.82 -15.03 88.93
C LEU BA 117 -43.93 -16.05 89.19
N GLY BA 118 -44.99 -15.60 89.86
CA GLY BA 118 -46.11 -16.45 90.19
C GLY BA 118 -47.00 -16.71 89.00
N ALA BA 119 -48.17 -17.27 89.29
CA ALA BA 119 -49.12 -17.55 88.22
C ALA BA 119 -49.88 -16.28 87.81
N ASN BA 120 -50.18 -15.42 88.77
CA ASN BA 120 -50.97 -14.22 88.51
C ASN BA 120 -50.24 -13.01 89.08
N GLY BA 121 -49.49 -12.32 88.22
CA GLY BA 121 -48.90 -11.02 88.54
C GLY BA 121 -48.25 -10.87 89.89
N ALA BA 122 -47.78 -11.98 90.46
CA ALA BA 122 -47.13 -11.97 91.75
C ALA BA 122 -45.70 -12.47 91.61
N PHE BA 123 -44.84 -12.01 92.51
CA PHE BA 123 -43.43 -12.34 92.39
C PHE BA 123 -42.76 -12.14 93.75
N THR BA 124 -41.75 -12.94 94.02
CA THR BA 124 -41.00 -12.89 95.26
C THR BA 124 -39.55 -12.58 94.95
N TYR BA 125 -39.05 -11.49 95.51
CA TYR BA 125 -37.67 -11.08 95.33
C TYR BA 125 -36.93 -11.37 96.62
N THR BA 126 -36.21 -12.49 96.66
CA THR BA 126 -35.39 -12.83 97.82
C THR BA 126 -34.02 -12.18 97.63
N PRO BA 127 -33.72 -11.13 98.38
CA PRO BA 127 -32.43 -10.44 98.16
C PRO BA 127 -31.26 -11.34 98.52
N GLY BA 128 -30.17 -11.18 97.77
CA GLY BA 128 -28.98 -11.95 98.07
C GLY BA 128 -28.47 -11.69 99.46
N ALA BA 129 -28.13 -12.79 100.16
CA ALA BA 129 -27.70 -12.70 101.55
C ALA BA 129 -26.46 -11.82 101.66
N LEU BA 130 -26.41 -11.05 102.75
CA LEU BA 130 -25.31 -10.12 103.01
C LEU BA 130 -25.16 -9.13 101.85
N PHE BA 131 -26.21 -8.35 101.63
CA PHE BA 131 -26.20 -7.34 100.58
C PHE BA 131 -27.23 -6.27 100.91
N THR BA 132 -26.83 -5.01 100.75
CA THR BA 132 -27.76 -3.90 100.99
C THR BA 132 -27.47 -2.83 99.96
N GLY BA 133 -28.41 -2.60 99.06
CA GLY BA 133 -28.26 -1.57 98.05
C GLY BA 133 -29.56 -1.37 97.31
N VAL BA 134 -29.46 -1.12 96.01
CA VAL BA 134 -30.62 -1.00 95.14
C VAL BA 134 -30.54 -2.08 94.08
N ASP BA 135 -31.69 -2.57 93.64
CA ASP BA 135 -31.73 -3.63 92.66
C ASP BA 135 -32.93 -3.44 91.76
N ARG BA 136 -32.75 -3.72 90.47
CA ARG BA 136 -33.79 -3.54 89.47
C ARG BA 136 -34.02 -4.84 88.71
N PHE BA 137 -35.18 -4.92 88.08
CA PHE BA 137 -35.45 -5.94 87.07
C PHE BA 137 -36.55 -5.42 86.18
N TRP BA 138 -36.55 -5.90 84.93
CA TRP BA 138 -37.43 -5.38 83.91
C TRP BA 138 -38.45 -6.45 83.52
N PHE BA 139 -39.71 -6.19 83.86
CA PHE BA 139 -40.82 -7.07 83.50
C PHE BA 139 -41.42 -6.63 82.18
N SER BA 140 -42.22 -7.52 81.59
CA SER BA 140 -42.88 -7.26 80.31
C SER BA 140 -44.32 -7.74 80.40
N ILE BA 141 -45.22 -6.85 80.80
CA ILE BA 141 -46.64 -7.19 80.88
C ILE BA 141 -47.22 -7.07 79.48
N ASN BA 142 -47.31 -8.20 78.80
CA ASN BA 142 -47.97 -8.28 77.49
C ASN BA 142 -47.24 -7.41 76.47
N GLY BA 143 -45.95 -7.70 76.30
CA GLY BA 143 -45.15 -7.01 75.30
C GLY BA 143 -44.59 -5.69 75.75
N ASN BA 144 -45.34 -4.96 76.58
CA ASN BA 144 -44.90 -3.65 77.04
C ASN BA 144 -44.01 -3.80 78.26
N ILE BA 145 -42.87 -3.11 78.25
CA ILE BA 145 -41.81 -3.30 79.22
C ILE BA 145 -41.77 -2.11 80.17
N GLY BA 146 -41.54 -2.40 81.45
CA GLY BA 146 -41.30 -1.39 82.46
C GLY BA 146 -40.28 -1.96 83.43
N GLU BA 147 -39.93 -1.19 84.45
CA GLU BA 147 -38.95 -1.64 85.42
C GLU BA 147 -39.52 -1.55 86.83
N TYR BA 148 -39.06 -2.46 87.68
CA TYR BA 148 -39.40 -2.47 89.10
C TYR BA 148 -38.11 -2.27 89.88
N VAL BA 149 -38.10 -1.28 90.76
CA VAL BA 149 -36.91 -0.90 91.51
C VAL BA 149 -37.14 -1.25 92.97
N ILE BA 150 -36.24 -2.03 93.54
CA ILE BA 150 -36.28 -2.39 94.95
C ILE BA 150 -34.99 -1.93 95.61
N SER BA 151 -35.11 -1.38 96.81
CA SER BA 151 -33.98 -0.91 97.60
C SER BA 151 -33.95 -1.68 98.90
N VAL BA 152 -32.84 -2.35 99.18
CA VAL BA 152 -32.68 -3.17 100.38
C VAL BA 152 -31.83 -2.39 101.38
N ASP BA 153 -32.36 -2.23 102.58
CA ASP BA 153 -31.80 -1.39 103.62
C ASP BA 153 -30.89 -2.18 104.55
N PRO BA 154 -29.90 -1.54 105.18
CA PRO BA 154 -28.98 -2.29 106.04
C PRO BA 154 -29.49 -2.43 107.47
N THR BA 155 -30.79 -2.65 107.57
CA THR BA 155 -31.55 -2.96 108.79
C THR BA 155 -31.67 -1.77 109.73
N THR BA 156 -30.93 -0.69 109.52
CA THR BA 156 -31.06 0.37 110.50
C THR BA 156 -32.22 1.32 110.19
N SER BA 157 -32.03 2.25 109.26
CA SER BA 157 -33.07 3.25 109.06
C SER BA 157 -34.04 3.02 107.92
N GLU BA 158 -33.62 3.43 106.72
CA GLU BA 158 -34.42 3.44 105.49
C GLU BA 158 -33.54 3.95 104.36
N LEU BA 159 -33.56 3.34 103.17
CA LEU BA 159 -32.78 3.90 102.07
C LEU BA 159 -33.58 4.94 101.28
N PRO BA 160 -32.90 5.90 100.65
CA PRO BA 160 -33.57 6.85 99.75
C PRO BA 160 -34.03 6.21 98.44
N GLN BA 161 -34.49 7.02 97.49
CA GLN BA 161 -35.27 6.52 96.36
C GLN BA 161 -34.62 6.94 95.03
N PRO BA 162 -34.16 5.98 94.25
CA PRO BA 162 -33.39 6.30 93.03
C PRO BA 162 -34.29 6.75 91.89
N PRO BA 163 -33.72 7.44 90.90
CA PRO BA 163 -34.54 8.23 89.96
C PRO BA 163 -35.12 7.52 88.73
N PHE BA 164 -35.27 6.19 88.72
CA PHE BA 164 -36.05 5.56 87.65
C PHE BA 164 -35.50 5.78 86.25
N THR BA 165 -34.40 5.10 85.92
CA THR BA 165 -33.65 5.30 84.67
C THR BA 165 -34.54 5.58 83.46
N THR BA 166 -34.11 6.55 82.66
CA THR BA 166 -34.82 7.05 81.50
C THR BA 166 -34.54 6.16 80.29
N PRO BA 167 -35.31 6.32 79.20
CA PRO BA 167 -35.06 5.49 78.01
C PRO BA 167 -33.66 5.60 77.45
N VAL BA 168 -33.21 6.82 77.16
CA VAL BA 168 -31.85 7.06 76.71
C VAL BA 168 -31.16 7.96 77.72
N TYR BA 169 -29.92 7.61 78.08
CA TYR BA 169 -29.20 8.34 79.10
C TYR BA 169 -27.72 8.37 78.74
N VAL BA 170 -27.00 9.26 79.40
CA VAL BA 170 -25.55 9.37 79.27
C VAL BA 170 -24.96 9.23 80.67
N PRO BA 171 -24.31 8.11 80.97
CA PRO BA 171 -23.85 7.84 82.34
C PRO BA 171 -23.17 9.03 83.02
N ALA BA 172 -23.47 9.19 84.30
CA ALA BA 172 -23.06 10.34 85.10
C ALA BA 172 -21.60 10.71 84.91
N ALA BA 173 -20.68 9.77 85.15
CA ALA BA 173 -19.27 10.11 84.99
C ALA BA 173 -18.50 8.97 84.35
N ARG BA 174 -18.51 8.94 83.02
CA ARG BA 174 -17.72 8.00 82.24
C ARG BA 174 -17.19 8.71 81.00
N ARG BA 175 -17.14 10.04 81.07
CA ARG BA 175 -16.78 10.90 79.96
C ARG BA 175 -15.33 11.32 80.12
N SER BA 176 -14.64 11.55 79.02
CA SER BA 176 -13.29 12.04 79.17
C SER BA 176 -12.84 12.66 77.86
N VAL BA 177 -11.75 13.42 77.96
CA VAL BA 177 -11.18 14.16 76.85
C VAL BA 177 -9.68 14.07 76.94
N ASP BA 178 -9.03 13.75 75.82
CA ASP BA 178 -7.58 13.73 75.77
C ASP BA 178 -7.12 15.01 75.09
N PRO BA 179 -6.62 16.00 75.83
CA PRO BA 179 -6.24 17.27 75.19
C PRO BA 179 -5.11 17.13 74.20
N ARG BA 180 -4.49 15.96 74.14
CA ARG BA 180 -3.35 15.65 73.31
C ARG BA 180 -3.74 15.37 71.86
N THR BA 181 -4.99 14.95 71.62
CA THR BA 181 -5.46 14.67 70.28
C THR BA 181 -6.87 15.19 70.04
N HIS BA 182 -7.44 15.93 70.99
CA HIS BA 182 -8.74 16.58 70.83
C HIS BA 182 -9.84 15.57 70.52
N VAL BA 183 -10.06 14.66 71.45
CA VAL BA 183 -11.06 13.62 71.27
C VAL BA 183 -11.86 13.49 72.55
N LEU BA 184 -13.18 13.54 72.43
CA LEU BA 184 -14.09 13.39 73.55
C LEU BA 184 -14.71 12.01 73.50
N LYS BA 185 -14.70 11.31 74.64
CA LYS BA 185 -15.29 9.99 74.75
C LYS BA 185 -16.44 10.05 75.74
N PHE BA 186 -17.56 9.43 75.39
CA PHE BA 186 -18.66 9.30 76.33
C PHE BA 186 -19.45 8.06 75.99
N VAL BA 187 -20.21 7.60 76.94
CA VAL BA 187 -20.98 6.37 76.81
C VAL BA 187 -22.45 6.73 76.59
N LEU BA 188 -23.13 5.94 75.78
CA LEU BA 188 -24.54 6.18 75.49
C LEU BA 188 -25.30 4.88 75.74
N GLY BA 189 -26.15 4.88 76.75
CA GLY BA 189 -26.88 3.68 77.14
C GLY BA 189 -28.36 3.82 76.85
N VAL BA 190 -28.98 2.73 76.41
CA VAL BA 190 -30.39 2.69 76.06
C VAL BA 190 -31.08 1.71 76.99
N SER BA 191 -32.14 2.17 77.66
CA SER BA 191 -32.85 1.32 78.59
C SER BA 191 -33.57 0.23 77.82
N PRO BA 192 -33.89 -0.90 78.46
CA PRO BA 192 -34.67 -1.93 77.77
C PRO BA 192 -36.11 -1.54 77.51
N ALA BA 193 -36.58 -0.44 78.07
CA ALA BA 193 -37.96 -0.01 77.89
C ALA BA 193 -38.11 1.02 76.78
N ALA BA 194 -37.04 1.36 76.09
CA ALA BA 194 -37.14 2.29 74.97
C ALA BA 194 -37.96 1.65 73.85
N ILE BA 195 -38.90 2.40 73.31
CA ILE BA 195 -39.82 1.85 72.32
C ILE BA 195 -39.23 2.06 70.92
N PRO BA 196 -39.15 1.03 70.10
CA PRO BA 196 -38.54 1.19 68.77
C PRO BA 196 -39.31 2.20 67.93
N GLY BA 197 -38.58 2.98 67.15
CA GLY BA 197 -39.15 4.01 66.33
C GLY BA 197 -39.06 5.40 66.90
N ASP BA 198 -38.81 5.54 68.19
CA ASP BA 198 -38.69 6.85 68.80
C ASP BA 198 -37.40 7.55 68.35
N VAL BA 199 -37.35 8.85 68.60
CA VAL BA 199 -36.18 9.66 68.29
C VAL BA 199 -35.92 10.59 69.47
N TYR BA 200 -34.68 10.62 69.93
CA TYR BA 200 -34.25 11.55 70.96
C TYR BA 200 -33.14 12.42 70.40
N ARG BA 201 -32.88 13.53 71.07
CA ARG BA 201 -31.87 14.49 70.62
C ARG BA 201 -30.89 14.77 71.76
N LEU BA 202 -29.61 14.60 71.48
CA LEU BA 202 -28.55 14.84 72.44
C LEU BA 202 -27.78 16.07 72.01
N THR BA 203 -27.65 17.05 72.89
CA THR BA 203 -26.88 18.26 72.63
C THR BA 203 -25.64 18.27 73.51
N VAL BA 204 -24.50 18.52 72.89
CA VAL BA 204 -23.21 18.49 73.55
C VAL BA 204 -22.59 19.87 73.49
N ARG BA 205 -22.23 20.42 74.65
CA ARG BA 205 -21.59 21.73 74.73
C ARG BA 205 -20.18 21.53 75.27
N GLN BA 206 -19.19 21.68 74.41
CA GLN BA 206 -17.80 21.41 74.75
C GLN BA 206 -17.00 22.70 74.71
N VAL BA 207 -16.14 22.89 75.70
CA VAL BA 207 -15.33 24.09 75.82
C VAL BA 207 -13.88 23.74 75.52
N ALA BA 208 -13.27 24.48 74.62
CA ALA BA 208 -11.83 24.49 74.49
C ALA BA 208 -11.30 25.55 75.44
N ILE BA 209 -10.02 25.85 75.35
CA ILE BA 209 -9.42 26.81 76.27
C ILE BA 209 -8.22 27.44 75.58
N ASP BA 210 -8.07 28.74 75.75
CA ASP BA 210 -6.92 29.42 75.17
C ASP BA 210 -5.79 29.47 76.18
N CYS BA 211 -4.63 29.89 75.71
CA CYS BA 211 -3.41 29.55 76.40
C CYS BA 211 -3.27 30.35 77.70
N ASP BA 212 -4.10 31.39 77.88
CA ASP BA 212 -4.30 32.09 79.14
C ASP BA 212 -5.47 31.56 79.96
N GLY BA 213 -6.20 30.56 79.48
CA GLY BA 213 -7.27 29.99 80.24
C GLY BA 213 -8.67 30.52 79.99
N ASN BA 214 -8.86 31.30 78.93
CA ASN BA 214 -10.21 31.74 78.58
C ASN BA 214 -10.92 30.64 77.80
N GLU BA 215 -12.09 30.91 77.25
CA GLU BA 215 -12.97 29.83 76.86
C GLU BA 215 -13.40 29.96 75.41
N PHE BA 216 -13.56 28.81 74.76
CA PHE BA 216 -14.13 28.72 73.43
C PHE BA 216 -15.18 27.63 73.45
N VAL BA 217 -16.44 28.00 73.26
CA VAL BA 217 -17.54 27.06 73.37
C VAL BA 217 -17.91 26.54 72.00
N HIS BA 218 -18.43 25.31 71.96
CA HIS BA 218 -18.82 24.64 70.74
C HIS BA 218 -20.04 23.79 71.03
N ILE BA 219 -21.07 23.89 70.19
CA ILE BA 219 -22.33 23.18 70.42
C ILE BA 219 -22.69 22.38 69.17
N SER BA 220 -23.14 21.15 69.38
CA SER BA 220 -23.64 20.29 68.31
C SER BA 220 -24.70 19.38 68.87
N CYS BA 221 -25.43 18.68 67.98
CA CYS BA 221 -26.45 17.75 68.44
C CYS BA 221 -26.29 16.42 67.74
N TYR BA 222 -26.94 15.41 68.28
CA TYR BA 222 -27.05 14.10 67.64
C TYR BA 222 -28.45 13.58 67.84
N ASP BA 223 -28.97 12.93 66.81
CA ASP BA 223 -30.34 12.41 66.80
C ASP BA 223 -30.29 10.90 67.00
N ILE BA 224 -30.65 10.47 68.20
CA ILE BA 224 -30.62 9.06 68.56
C ILE BA 224 -31.97 8.46 68.22
N SER BA 225 -32.00 7.57 67.25
CA SER BA 225 -33.23 6.97 66.76
C SER BA 225 -33.30 5.53 67.26
N ILE BA 226 -34.19 5.28 68.21
CA ILE BA 226 -34.29 3.96 68.82
C ILE BA 226 -34.83 2.99 67.78
N GLY BA 227 -33.97 2.15 67.25
CA GLY BA 227 -34.37 1.07 66.39
C GLY BA 227 -34.40 -0.24 67.16
N SER BA 228 -35.15 -1.19 66.62
CA SER BA 228 -35.13 -2.55 67.09
C SER BA 228 -34.40 -3.40 66.06
N CYS BA 229 -33.71 -4.41 66.55
CA CYS BA 229 -32.84 -5.22 65.69
C CYS BA 229 -31.74 -4.39 65.04
N GLY BA 230 -30.86 -3.86 65.87
CA GLY BA 230 -29.71 -3.12 65.39
C GLY BA 230 -30.07 -1.69 65.07
N MET CA 1 -12.36 28.18 63.71
CA MET CA 1 -11.66 29.46 63.65
C MET CA 1 -11.74 30.06 62.26
N TYR CA 2 -12.26 31.27 62.16
CA TYR CA 2 -12.35 32.00 60.91
C TYR CA 2 -11.01 32.63 60.59
N PHE CA 3 -10.66 32.65 59.31
CA PHE CA 3 -9.43 33.29 58.88
C PHE CA 3 -9.72 34.15 57.67
N PHE CA 4 -9.51 35.45 57.79
CA PHE CA 4 -9.74 36.39 56.71
C PHE CA 4 -8.45 37.06 56.31
N SER CA 5 -8.29 37.30 55.02
CA SER CA 5 -7.22 38.12 54.50
C SER CA 5 -7.79 39.45 54.03
N VAL CA 6 -7.14 40.53 54.39
CA VAL CA 6 -7.67 41.86 54.17
C VAL CA 6 -7.30 42.32 52.77
N ASP CA 7 -8.08 43.25 52.22
CA ASP CA 7 -7.79 43.74 50.88
C ASP CA 7 -6.71 44.80 50.94
N PRO CA 8 -5.72 44.75 50.04
CA PRO CA 8 -4.46 45.43 50.30
C PRO CA 8 -4.40 46.89 49.88
N ARG CA 9 -5.48 47.48 49.36
CA ARG CA 9 -5.52 48.88 48.98
C ARG CA 9 -4.44 49.23 47.96
N ASN CA 10 -4.44 48.49 46.85
CA ASN CA 10 -3.55 48.72 45.72
C ASN CA 10 -4.24 49.40 44.54
N GLY CA 11 -5.56 49.44 44.53
CA GLY CA 11 -6.27 49.68 43.29
C GLY CA 11 -6.52 48.42 42.51
N ALA CA 12 -6.45 47.26 43.17
CA ALA CA 12 -6.59 45.97 42.51
C ALA CA 12 -7.31 44.98 43.43
N SER CA 13 -7.19 43.69 43.12
CA SER CA 13 -7.86 42.64 43.90
C SER CA 13 -7.30 42.51 45.32
N SER CA 21 -21.57 39.08 47.60
CA SER CA 21 -22.28 40.10 46.84
C SER CA 21 -22.20 41.46 47.53
N CYS CA 22 -22.24 41.44 48.86
CA CYS CA 22 -22.14 42.68 49.63
C CYS CA 22 -20.72 43.20 49.73
N CYS CA 23 -20.63 44.33 50.42
CA CYS CA 23 -19.36 44.95 50.77
C CYS CA 23 -18.60 44.13 51.82
N CYS CA 24 -19.20 43.91 52.97
CA CYS CA 24 -18.52 43.32 54.11
C CYS CA 24 -18.69 41.81 54.07
N GLU CA 25 -17.60 41.08 54.30
CA GLU CA 25 -17.61 39.63 54.22
C GLU CA 25 -18.42 39.04 55.37
N SER CA 26 -18.59 37.72 55.33
CA SER CA 26 -19.62 37.03 56.09
C SER CA 26 -19.02 36.12 57.16
N ILE CA 27 -19.73 36.04 58.28
CA ILE CA 27 -19.37 35.18 59.40
C ILE CA 27 -20.65 34.53 59.91
N SER CA 28 -20.74 33.21 59.82
CA SER CA 28 -21.90 32.51 60.34
C SER CA 28 -21.70 32.18 61.82
N ALA CA 29 -22.77 32.27 62.58
CA ALA CA 29 -22.68 32.13 64.02
C ALA CA 29 -23.89 31.38 64.54
N ARG CA 30 -23.70 30.63 65.63
CA ARG CA 30 -24.72 29.83 66.25
C ARG CA 30 -24.94 30.26 67.69
N PRO CA 31 -26.18 30.39 68.13
CA PRO CA 31 -26.45 30.92 69.48
C PRO CA 31 -25.82 30.08 70.58
N GLY CA 32 -25.00 30.70 71.41
CA GLY CA 32 -24.33 30.03 72.50
C GLY CA 32 -22.85 29.82 72.28
N GLU CA 33 -22.41 29.80 71.03
CA GLU CA 33 -21.01 29.57 70.71
C GLU CA 33 -20.13 30.71 71.19
N VAL CA 34 -18.83 30.44 71.21
CA VAL CA 34 -17.79 31.45 71.37
C VAL CA 34 -16.65 31.01 70.46
N ASN CA 35 -16.50 31.66 69.32
CA ASN CA 35 -15.56 31.23 68.32
C ASN CA 35 -14.33 32.13 68.30
N GLY CA 36 -13.42 31.91 67.38
CA GLY CA 36 -12.23 32.75 67.26
C GLY CA 36 -11.98 33.18 65.84
N VAL CA 37 -11.58 34.44 65.64
CA VAL CA 37 -11.41 35.00 64.32
C VAL CA 37 -9.99 35.51 64.17
N MET CA 38 -9.38 35.24 63.02
CA MET CA 38 -8.04 35.69 62.70
C MET CA 38 -8.06 36.49 61.41
N VAL CA 39 -7.45 37.67 61.42
CA VAL CA 39 -7.39 38.55 60.27
C VAL CA 39 -5.92 38.82 59.95
N SER CA 40 -5.54 38.61 58.70
CA SER CA 40 -4.14 38.69 58.28
C SER CA 40 -3.93 39.99 57.52
N TYR CA 41 -3.39 41.00 58.20
CA TYR CA 41 -3.11 42.27 57.57
C TYR CA 41 -1.83 42.29 56.76
N ALA CA 42 -1.24 41.12 56.48
CA ALA CA 42 0.06 41.09 55.81
C ALA CA 42 0.01 41.76 54.45
N ALA CA 43 -1.07 41.58 53.70
CA ALA CA 43 -1.13 42.12 52.36
C ALA CA 43 -1.13 43.65 52.35
N TRP CA 44 -1.56 44.29 53.42
CA TRP CA 44 -1.65 45.74 53.49
C TRP CA 44 -0.49 46.37 54.24
N SER CA 45 -0.07 45.78 55.34
CA SER CA 45 0.89 46.40 56.22
C SER CA 45 2.33 45.96 55.97
N ALA CA 46 2.55 44.98 55.10
CA ALA CA 46 3.92 44.57 54.82
C ALA CA 46 4.62 45.56 53.90
N PRO CA 47 4.03 45.96 52.77
CA PRO CA 47 4.68 47.01 51.96
C PRO CA 47 4.99 48.28 52.73
N LEU CA 48 4.13 48.67 53.66
CA LEU CA 48 4.42 49.81 54.52
C LEU CA 48 5.51 49.42 55.52
N ARG CA 49 6.74 49.28 55.00
CA ARG CA 49 7.82 48.75 55.82
C ARG CA 49 7.99 49.63 57.05
N GLY CA 50 7.63 49.09 58.21
CA GLY CA 50 7.66 49.85 59.44
C GLY CA 50 7.70 48.94 60.64
N HIS CA 51 6.95 49.28 61.69
CA HIS CA 51 6.89 48.47 62.89
C HIS CA 51 5.59 47.68 62.99
N GLY CA 52 4.96 47.38 61.88
CA GLY CA 52 3.83 46.47 61.88
C GLY CA 52 2.61 47.04 62.59
N LEU CA 53 1.78 46.14 63.09
CA LEU CA 53 0.52 46.51 63.71
C LEU CA 53 0.77 47.01 65.14
N THR CA 54 -0.25 47.64 65.71
CA THR CA 54 -0.23 48.02 67.12
C THR CA 54 -1.55 47.59 67.76
N ASN CA 55 -1.56 47.57 69.09
CA ASN CA 55 -2.74 47.17 69.84
C ASN CA 55 -3.68 48.35 70.06
N LYS CA 56 -4.08 48.97 68.96
CA LYS CA 56 -5.08 50.01 69.00
C LYS CA 56 -6.21 49.70 68.04
N THR CA 57 -6.75 48.49 68.13
CA THR CA 57 -7.91 48.11 67.36
C THR CA 57 -9.17 48.59 68.07
N THR CA 58 -10.18 48.94 67.26
CA THR CA 58 -11.46 49.37 67.78
C THR CA 58 -12.55 48.62 67.03
N PHE CA 59 -13.54 48.13 67.77
CA PHE CA 59 -14.63 47.36 67.22
C PHE CA 59 -15.95 48.09 67.43
N GLU CA 60 -16.93 47.78 66.58
CA GLU CA 60 -18.26 48.34 66.75
C GLU CA 60 -19.27 47.35 66.20
N ILE CA 61 -20.32 47.08 66.97
CA ILE CA 61 -21.38 46.18 66.56
C ILE CA 61 -22.63 46.99 66.30
N ASP CA 62 -23.27 46.74 65.16
CA ASP CA 62 -24.53 47.36 64.81
C ASP CA 62 -25.41 46.34 64.11
N GLY CA 63 -26.70 46.38 64.39
CA GLY CA 63 -27.63 45.41 63.82
C GLY CA 63 -28.19 45.89 62.50
N VAL CA 64 -28.21 44.98 61.53
CA VAL CA 64 -28.88 45.23 60.26
C VAL CA 64 -30.23 44.51 60.18
N SER CA 65 -30.54 43.69 61.18
CA SER CA 65 -31.80 42.96 61.32
C SER CA 65 -31.83 42.37 62.71
N VAL CA 66 -32.83 42.69 63.54
CA VAL CA 66 -32.75 42.40 64.97
C VAL CA 66 -33.87 41.47 65.44
N THR CA 67 -35.11 41.66 64.96
CA THR CA 67 -36.23 40.86 65.45
C THR CA 67 -36.39 41.02 66.96
N PRO CA 68 -36.97 42.12 67.42
CA PRO CA 68 -36.96 42.45 68.85
C PRO CA 68 -37.38 41.27 69.71
N PRO CA 69 -36.78 41.13 70.89
CA PRO CA 69 -37.07 39.94 71.71
C PRO CA 69 -38.46 40.01 72.31
N LYS CA 70 -38.99 38.83 72.64
CA LYS CA 70 -40.32 38.74 73.23
C LYS CA 70 -40.27 38.87 74.74
N VAL CA 71 -39.39 38.11 75.39
CA VAL CA 71 -39.33 38.04 76.84
C VAL CA 71 -38.29 39.02 77.35
N SER CA 72 -38.63 39.76 78.38
CA SER CA 72 -37.68 40.71 78.93
C SER CA 72 -36.65 40.01 79.80
N ASN CA 73 -35.51 40.67 79.99
CA ASN CA 73 -34.53 40.19 80.94
C ASN CA 73 -34.82 40.78 82.31
N ALA CA 74 -34.04 40.40 83.31
CA ALA CA 74 -34.35 40.82 84.67
C ALA CA 74 -33.07 40.84 85.49
N PHE CA 75 -33.12 41.58 86.61
CA PHE CA 75 -31.99 41.70 87.50
C PHE CA 75 -32.46 41.52 88.94
N GLY CA 76 -31.72 40.71 89.70
CA GLY CA 76 -32.00 40.52 91.12
C GLY CA 76 -30.75 40.76 91.94
N ARG CA 77 -30.94 40.73 93.25
CA ARG CA 77 -29.83 41.01 94.16
C ARG CA 77 -30.03 40.25 95.46
N THR CA 78 -28.92 39.77 96.03
CA THR CA 78 -28.95 39.00 97.27
C THR CA 78 -27.61 39.15 97.96
N LYS CA 79 -27.59 38.98 99.27
CA LYS CA 79 -26.34 38.98 100.01
C LYS CA 79 -25.71 37.59 99.95
N VAL CA 80 -24.49 37.48 100.47
CA VAL CA 80 -23.82 36.18 100.46
C VAL CA 80 -24.58 35.20 101.34
N GLY CA 81 -24.67 33.95 100.87
CA GLY CA 81 -25.22 32.85 101.63
C GLY CA 81 -26.71 32.80 101.74
N VAL CA 82 -27.42 33.91 101.60
CA VAL CA 82 -28.86 33.91 101.76
C VAL CA 82 -29.52 33.49 100.46
N VAL CA 83 -30.49 32.60 100.55
CA VAL CA 83 -31.17 32.05 99.39
C VAL CA 83 -32.03 33.14 98.76
N PHE CA 84 -32.09 33.13 97.44
CA PHE CA 84 -32.80 34.17 96.69
C PHE CA 84 -33.99 33.56 95.96
N GLU CA 85 -35.13 34.24 96.03
CA GLU CA 85 -36.33 33.89 95.30
C GLU CA 85 -36.61 34.96 94.25
N GLY CA 86 -37.46 34.60 93.30
CA GLY CA 86 -37.87 35.52 92.27
C GLY CA 86 -38.95 34.89 91.42
N THR CA 87 -39.55 35.69 90.57
CA THR CA 87 -40.61 35.22 89.70
C THR CA 87 -40.13 35.20 88.26
N LEU CA 88 -40.85 34.45 87.43
CA LEU CA 88 -40.47 34.31 86.04
C LEU CA 88 -41.70 34.46 85.15
N SER CA 89 -42.67 35.27 85.57
CA SER CA 89 -43.92 35.42 84.82
C SER CA 89 -44.21 36.84 84.38
N ASP CA 90 -43.65 37.85 85.04
CA ASP CA 90 -43.80 39.23 84.61
C ASP CA 90 -42.76 39.59 83.57
N LEU CA 91 -42.02 38.61 83.07
CA LEU CA 91 -40.98 38.82 82.09
C LEU CA 91 -41.42 38.41 80.70
N PHE CA 92 -42.69 38.04 80.56
CA PHE CA 92 -43.24 37.58 79.28
C PHE CA 92 -44.58 38.27 79.04
N PRO CA 93 -44.56 39.56 78.71
CA PRO CA 93 -45.81 40.21 78.31
C PRO CA 93 -46.30 39.59 77.02
N ASN CA 94 -47.37 38.84 77.08
CA ASN CA 94 -47.85 38.17 75.88
C ASN CA 94 -48.94 38.98 75.21
N PRO CA 95 -48.92 39.08 73.88
CA PRO CA 95 -50.02 39.73 73.16
C PRO CA 95 -51.28 38.89 73.21
N GLU CA 96 -51.12 37.62 72.87
CA GLU CA 96 -52.23 36.70 72.64
C GLU CA 96 -52.52 35.84 73.86
N GLY CA 97 -53.41 34.85 73.69
CA GLY CA 97 -53.70 33.88 74.73
C GLY CA 97 -52.97 32.56 74.53
N GLU CA 98 -52.16 32.18 75.52
CA GLU CA 98 -51.43 30.93 75.48
C GLU CA 98 -50.87 30.66 76.86
N GLN CA 99 -50.31 29.46 77.03
CA GLN CA 99 -49.71 29.01 78.27
C GLN CA 99 -48.20 29.16 78.21
N VAL CA 100 -47.59 29.12 79.40
CA VAL CA 100 -46.20 29.52 79.61
C VAL CA 100 -45.36 28.36 80.14
N GLU CA 101 -44.72 27.63 79.23
CA GLU CA 101 -43.87 26.51 79.60
C GLU CA 101 -42.49 26.99 80.04
N TYR CA 102 -42.40 27.53 81.26
CA TYR CA 102 -41.14 27.97 81.81
C TYR CA 102 -40.10 26.85 81.78
N GLU CA 103 -38.88 27.18 81.35
CA GLU CA 103 -37.84 26.17 81.20
C GLU CA 103 -36.47 26.77 81.48
N ILE CA 104 -35.63 26.02 82.18
CA ILE CA 104 -34.25 26.41 82.45
C ILE CA 104 -33.36 25.37 81.77
N SER CA 105 -32.74 25.75 80.67
CA SER CA 105 -31.89 24.84 79.91
C SER CA 105 -30.66 24.47 80.74
N GLU CA 106 -30.31 23.18 80.77
CA GLU CA 106 -29.13 22.74 81.51
C GLU CA 106 -27.83 23.15 80.83
N LEU CA 107 -27.86 23.48 79.54
CA LEU CA 107 -26.64 23.91 78.88
C LEU CA 107 -26.24 25.31 79.34
N ASN CA 108 -27.21 26.13 79.68
CA ASN CA 108 -26.98 27.52 80.05
C ASN CA 108 -27.49 27.81 81.45
N GLY CA 109 -27.29 26.89 82.37
CA GLY CA 109 -27.70 27.09 83.74
C GLY CA 109 -26.78 28.06 84.45
N PRO CA 110 -26.95 28.19 85.76
CA PRO CA 110 -26.07 29.10 86.51
C PRO CA 110 -24.66 28.55 86.63
N SER CA 111 -23.77 29.32 87.23
CA SER CA 111 -22.36 28.94 87.30
C SER CA 111 -21.87 28.71 88.72
N ASN CA 112 -22.40 29.42 89.71
CA ASN CA 112 -21.99 29.25 91.10
C ASN CA 112 -23.19 29.10 92.01
N GLY CA 113 -24.26 28.52 91.52
CA GLY CA 113 -25.46 28.30 92.31
C GLY CA 113 -26.25 27.12 91.80
N VAL CA 114 -27.53 27.06 92.17
CA VAL CA 114 -28.47 26.05 91.68
C VAL CA 114 -29.83 26.71 91.63
N VAL CA 115 -30.65 26.31 90.65
CA VAL CA 115 -32.01 26.83 90.52
C VAL CA 115 -32.98 25.67 90.42
N GLU CA 116 -34.03 25.69 91.25
CA GLU CA 116 -35.09 24.68 91.23
C GLU CA 116 -36.30 25.37 90.63
N LEU CA 117 -36.56 25.14 89.34
CA LEU CA 117 -37.74 25.76 88.74
C LEU CA 117 -39.01 25.16 89.35
N GLY CA 118 -39.90 26.04 89.80
CA GLY CA 118 -41.13 25.62 90.42
C GLY CA 118 -42.15 25.19 89.39
N ALA CA 119 -43.40 25.03 89.85
CA ALA CA 119 -44.46 24.63 88.95
C ALA CA 119 -44.97 25.81 88.13
N ASN CA 120 -45.00 27.00 88.73
CA ASN CA 120 -45.54 28.19 88.07
C ASN CA 120 -44.53 29.32 88.19
N GLY CA 121 -43.72 29.50 87.14
CA GLY CA 121 -42.86 30.65 86.99
C GLY CA 121 -42.07 31.10 88.21
N ALA CA 122 -41.80 30.18 89.13
CA ALA CA 122 -41.07 30.48 90.34
C ALA CA 122 -39.80 29.66 90.37
N PHE CA 123 -38.79 30.18 91.06
CA PHE CA 123 -37.48 29.53 91.06
C PHE CA 123 -36.69 30.02 92.26
N THR CA 124 -35.86 29.14 92.79
CA THR CA 124 -35.02 29.45 93.94
C THR CA 124 -33.56 29.30 93.54
N TYR CA 125 -32.81 30.37 93.69
CA TYR CA 125 -31.38 30.37 93.38
C TYR CA 125 -30.62 30.38 94.70
N THR CA 126 -30.16 29.21 95.12
CA THR CA 126 -29.34 29.11 96.31
C THR CA 126 -27.89 29.33 95.91
N PRO CA 127 -27.30 30.48 96.25
CA PRO CA 127 -25.93 30.75 95.81
C PRO CA 127 -24.95 29.78 96.46
N GLY CA 128 -23.91 29.44 95.71
CA GLY CA 128 -22.89 28.55 96.24
C GLY CA 128 -22.23 29.15 97.46
N ALA CA 129 -22.07 28.31 98.49
CA ALA CA 129 -21.53 28.76 99.76
C ALA CA 129 -20.12 29.33 99.57
N LEU CA 130 -19.83 30.38 100.32
CA LEU CA 130 -18.54 31.08 100.24
C LEU CA 130 -18.27 31.56 98.82
N PHE CA 131 -19.15 32.43 98.34
CA PHE CA 131 -19.01 33.00 97.01
C PHE CA 131 -19.76 34.33 96.95
N THR CA 132 -19.13 35.33 96.36
CA THR CA 132 -19.78 36.64 96.21
C THR CA 132 -19.35 37.21 94.87
N GLY CA 133 -20.29 37.32 93.94
CA GLY CA 133 -20.00 37.89 92.64
C GLY CA 133 -21.29 38.11 91.88
N VAL CA 134 -21.24 37.88 90.58
CA VAL CA 134 -22.41 37.96 89.73
C VAL CA 134 -22.64 36.60 89.09
N ASP CA 135 -23.90 36.26 88.85
CA ASP CA 135 -24.24 34.97 88.29
C ASP CA 135 -25.44 35.11 87.39
N ARG CA 136 -25.43 34.38 86.28
CA ARG CA 136 -26.48 34.43 85.28
C ARG CA 136 -27.03 33.05 85.00
N PHE CA 137 -28.24 33.02 84.44
CA PHE CA 137 -28.78 31.80 83.85
C PHE CA 137 -29.83 32.22 82.84
N TRP CA 138 -30.01 31.37 81.83
CA TRP CA 138 -30.85 31.69 80.69
C TRP CA 138 -32.10 30.82 80.70
N PHE CA 139 -33.24 31.45 80.92
CA PHE CA 139 -34.53 30.77 80.90
C PHE CA 139 -35.13 30.86 79.50
N SER CA 140 -36.15 30.04 79.26
CA SER CA 140 -36.83 29.99 77.97
C SER CA 140 -38.33 29.89 78.22
N ILE CA 141 -38.99 31.04 78.28
CA ILE CA 141 -40.44 31.08 78.48
C ILE CA 141 -41.08 30.84 77.12
N ASN CA 142 -41.47 29.60 76.88
CA ASN CA 142 -42.22 29.24 75.68
C ASN CA 142 -41.40 29.52 74.42
N GLY CA 143 -40.23 28.92 74.35
CA GLY CA 143 -39.39 29.03 73.18
C GLY CA 143 -38.52 30.27 73.15
N ASN CA 144 -39.04 31.38 73.67
CA ASN CA 144 -38.30 32.64 73.66
C ASN CA 144 -37.36 32.71 74.85
N ILE CA 145 -36.11 33.08 74.59
CA ILE CA 145 -35.04 33.00 75.58
C ILE CA 145 -34.68 34.40 76.06
N GLY CA 146 -34.41 34.51 77.36
CA GLY CA 146 -33.89 35.72 77.96
C GLY CA 146 -32.96 35.30 79.07
N GLU CA 147 -32.36 36.27 79.75
CA GLU CA 147 -31.43 35.96 80.82
C GLU CA 147 -31.85 36.65 82.11
N TYR CA 148 -31.53 36.01 83.22
CA TYR CA 148 -31.75 36.54 84.56
C TYR CA 148 -30.40 36.70 85.22
N VAL CA 149 -30.11 37.91 85.70
CA VAL CA 149 -28.82 38.24 86.28
C VAL CA 149 -28.99 38.47 87.77
N ILE CA 150 -28.23 37.74 88.57
CA ILE CA 150 -28.24 37.88 90.02
C ILE CA 150 -26.84 38.24 90.47
N SER CA 151 -26.74 39.17 91.42
CA SER CA 151 -25.48 39.61 91.99
C SER CA 151 -25.51 39.35 93.48
N VAL CA 152 -24.55 38.58 93.97
CA VAL CA 152 -24.47 38.20 95.38
C VAL CA 152 -23.40 39.06 96.05
N ASP CA 153 -23.78 39.72 97.13
CA ASP CA 153 -22.98 40.73 97.80
C ASP CA 153 -22.19 40.10 98.95
N PRO CA 154 -21.05 40.69 99.33
CA PRO CA 154 -20.24 40.07 100.39
C PRO CA 154 -20.65 40.55 101.77
N THR CA 155 -21.97 40.67 101.95
CA THR CA 155 -22.67 40.97 103.20
C THR CA 155 -22.48 42.41 103.67
N THR CA 156 -21.54 43.15 103.10
CA THR CA 156 -21.37 44.49 103.66
C THR CA 156 -22.32 45.51 103.04
N SER CA 157 -22.01 46.00 101.84
CA SER CA 157 -22.83 47.09 101.32
C SER CA 157 -23.91 46.69 100.32
N GLU CA 158 -23.52 46.58 99.05
CA GLU CA 158 -24.38 46.35 97.89
C GLU CA 158 -23.50 46.25 96.65
N LEU CA 159 -23.75 45.29 95.75
CA LEU CA 159 -22.95 45.26 94.53
C LEU CA 159 -23.58 46.12 93.43
N PRO CA 160 -22.76 46.63 92.49
CA PRO CA 160 -23.30 47.35 91.32
C PRO CA 160 -23.97 46.43 90.32
N GLN CA 161 -24.32 46.95 89.15
CA GLN CA 161 -25.27 46.29 88.27
C GLN CA 161 -24.66 46.09 86.88
N PRO CA 162 -24.47 44.83 86.46
CA PRO CA 162 -23.75 44.54 85.21
C PRO CA 162 -24.62 44.78 83.99
N PRO CA 163 -24.00 44.95 82.82
CA PRO CA 163 -24.70 45.52 81.67
C PRO CA 163 -25.51 44.60 80.76
N PHE CA 164 -25.94 43.42 81.21
CA PHE CA 164 -26.92 42.65 80.43
C PHE CA 164 -26.44 42.26 79.02
N THR CA 165 -25.54 41.28 78.95
CA THR CA 165 -24.87 40.88 77.71
C THR CA 165 -25.77 40.93 76.48
N THR CA 166 -25.20 41.45 75.39
CA THR CA 166 -25.89 41.67 74.13
C THR CA 166 -25.89 40.39 73.31
N PRO CA 167 -26.69 40.33 72.23
CA PRO CA 167 -26.72 39.11 71.40
C PRO CA 167 -25.37 38.72 70.83
N VAL CA 168 -24.70 39.64 70.14
CA VAL CA 168 -23.36 39.41 69.63
C VAL CA 168 -22.42 40.41 70.28
N TYR CA 169 -21.26 39.93 70.73
CA TYR CA 169 -20.33 40.79 71.43
C TYR CA 169 -18.91 40.37 71.08
N VAL CA 170 -17.96 41.24 71.40
CA VAL CA 170 -16.54 40.98 71.24
C VAL CA 170 -15.88 41.18 72.60
N PRO CA 171 -15.47 40.11 73.27
CA PRO CA 171 -14.96 40.23 74.64
C PRO CA 171 -14.00 41.38 74.87
N ALA CA 172 -14.16 42.03 76.01
CA ALA CA 172 -13.45 43.26 76.37
C ALA CA 172 -11.97 43.21 76.06
N ALA CA 173 -11.24 42.23 76.61
CA ALA CA 173 -9.82 42.17 76.33
C ALA CA 173 -9.36 40.74 76.14
N ARG CA 174 -9.48 40.26 74.90
CA ARG CA 174 -8.96 38.97 74.48
C ARG CA 174 -8.39 39.08 73.08
N ARG CA 175 -8.06 40.31 72.69
CA ARG CA 175 -7.61 40.64 71.35
C ARG CA 175 -6.10 40.76 71.36
N SER CA 176 -5.47 40.43 70.25
CA SER CA 176 -4.03 40.63 70.20
C SER CA 176 -3.56 40.66 68.76
N VAL CA 177 -2.34 41.14 68.60
CA VAL CA 177 -1.72 41.33 67.30
C VAL CA 177 -0.26 40.94 67.41
N ASP CA 178 0.21 40.12 66.47
CA ASP CA 178 1.61 39.76 66.43
C ASP CA 178 2.28 40.60 65.35
N PRO CA 179 3.05 41.64 65.70
CA PRO CA 179 3.63 42.50 64.66
C PRO CA 179 4.62 41.79 63.78
N ARG CA 180 4.98 40.56 64.13
CA ARG CA 180 5.96 39.74 63.45
C ARG CA 180 5.40 39.08 62.20
N THR CA 181 4.08 38.89 62.12
CA THR CA 181 3.45 38.30 60.95
C THR CA 181 2.17 39.01 60.56
N HIS CA 182 1.84 40.14 61.18
CA HIS CA 182 0.70 40.97 60.81
C HIS CA 182 -0.61 40.18 60.87
N VAL CA 183 -0.94 39.72 62.06
CA VAL CA 183 -2.15 38.92 62.26
C VAL CA 183 -2.85 39.41 63.51
N LEU CA 184 -4.14 39.72 63.37
CA LEU CA 184 -4.98 40.16 64.47
C LEU CA 184 -5.87 39.02 64.90
N LYS CA 185 -5.92 38.76 66.20
CA LYS CA 185 -6.76 37.73 66.78
C LYS CA 185 -7.79 38.37 67.68
N PHE CA 186 -9.04 37.93 67.56
CA PHE CA 186 -10.06 38.38 68.50
C PHE CA 186 -11.12 37.30 68.60
N VAL CA 187 -11.89 37.37 69.65
CA VAL CA 187 -12.91 36.38 69.95
C VAL CA 187 -14.27 36.96 69.63
N LEU CA 188 -15.17 36.12 69.15
CA LEU CA 188 -16.53 36.55 68.79
C LEU CA 188 -17.51 35.62 69.47
N GLY CA 189 -18.27 36.15 70.42
CA GLY CA 189 -19.20 35.35 71.20
C GLY CA 189 -20.63 35.71 70.88
N VAL CA 190 -21.49 34.70 70.85
CA VAL CA 190 -22.90 34.86 70.54
C VAL CA 190 -23.71 34.44 71.75
N SER CA 191 -24.59 35.32 72.22
CA SER CA 191 -25.38 35.01 73.39
C SER CA 191 -26.38 33.91 73.04
N PRO CA 192 -26.88 33.17 74.03
CA PRO CA 192 -27.91 32.16 73.75
C PRO CA 192 -29.25 32.75 73.36
N ALA CA 193 -29.44 34.05 73.51
CA ALA CA 193 -30.70 34.70 73.19
C ALA CA 193 -30.73 35.30 71.79
N ALA CA 194 -29.65 35.14 71.02
CA ALA CA 194 -29.66 35.63 69.65
C ALA CA 194 -30.67 34.86 68.83
N ILE CA 195 -31.48 35.57 68.06
CA ILE CA 195 -32.56 34.93 67.32
C ILE CA 195 -32.05 34.53 65.93
N PRO CA 196 -32.25 33.29 65.52
CA PRO CA 196 -31.73 32.86 64.22
C PRO CA 196 -32.34 33.67 63.08
N GLY CA 197 -31.52 33.95 62.08
CA GLY CA 197 -31.93 34.75 60.96
C GLY CA 197 -31.49 36.20 61.00
N ASP CA 198 -31.12 36.70 62.17
CA ASP CA 198 -30.68 38.08 62.29
C ASP CA 198 -29.33 38.28 61.64
N VAL CA 199 -28.99 39.54 61.41
CA VAL CA 199 -27.69 39.92 60.83
C VAL CA 199 -27.15 41.10 61.62
N TYR CA 200 -25.90 41.01 62.05
CA TYR CA 200 -25.20 42.11 62.69
C TYR CA 200 -23.98 42.47 61.86
N ARG CA 201 -23.44 43.66 62.12
CA ARG CA 201 -22.30 44.15 61.36
C ARG CA 201 -21.20 44.57 62.32
N LEU CA 202 -20.01 44.04 62.12
CA LEU CA 202 -18.85 44.35 62.94
C LEU CA 202 -17.88 45.15 62.10
N THR CA 203 -17.48 46.32 62.60
CA THR CA 203 -16.49 47.17 61.94
C THR CA 203 -15.21 47.19 62.75
N VAL CA 204 -14.09 46.96 62.08
CA VAL CA 204 -12.78 46.85 62.72
C VAL CA 204 -11.89 47.98 62.18
N ARG CA 205 -11.34 48.78 63.07
CA ARG CA 205 -10.44 49.86 62.70
C ARG CA 205 -9.07 49.55 63.29
N GLN CA 206 -8.13 49.17 62.42
CA GLN CA 206 -6.81 48.73 62.83
C GLN CA 206 -5.77 49.71 62.35
N VAL CA 207 -4.81 50.04 63.21
CA VAL CA 207 -3.76 50.99 62.90
C VAL CA 207 -2.45 50.24 62.74
N ALA CA 208 -1.77 50.48 61.65
CA ALA CA 208 -0.37 50.12 61.53
C ALA CA 208 0.44 51.30 62.03
N ILE CA 209 1.75 51.26 61.86
CA ILE CA 209 2.60 52.31 62.38
C ILE CA 209 3.85 52.38 61.52
N ASP CA 210 4.29 53.60 61.23
CA ASP CA 210 5.51 53.77 60.45
C ASP CA 210 6.70 53.90 61.38
N CYS CA 211 7.88 53.87 60.80
CA CYS CA 211 9.05 53.51 61.56
C CYS CA 211 9.45 54.66 62.49
N ASP CA 212 8.87 55.85 62.30
CA ASP CA 212 8.92 56.96 63.26
C ASP CA 212 7.74 57.01 64.21
N GLY CA 213 6.78 56.10 64.10
CA GLY CA 213 5.68 56.06 65.02
C GLY CA 213 4.41 56.78 64.59
N ASN CA 214 4.30 57.19 63.32
CA ASN CA 214 3.05 57.77 62.84
C ASN CA 214 2.08 56.66 62.50
N GLU CA 215 0.94 56.99 61.89
CA GLU CA 215 -0.18 56.05 61.91
C GLU CA 215 -0.68 55.79 60.49
N PHE CA 216 -1.13 54.56 60.28
CA PHE CA 216 -1.80 54.16 59.06
C PHE CA 216 -3.06 53.40 59.46
N VAL CA 217 -4.21 53.95 59.16
CA VAL CA 217 -5.48 53.38 59.58
C VAL CA 217 -6.06 52.51 58.47
N HIS CA 218 -6.82 51.50 58.86
CA HIS CA 218 -7.44 50.56 57.95
C HIS CA 218 -8.79 50.15 58.52
N ILE CA 219 -9.84 50.19 57.70
CA ILE CA 219 -11.19 49.90 58.16
C ILE CA 219 -11.80 48.83 57.26
N SER CA 220 -12.49 47.87 57.88
CA SER CA 220 -13.23 46.84 57.18
C SER CA 220 -14.43 46.43 58.01
N CYS CA 221 -15.35 45.67 57.42
CA CYS CA 221 -16.51 45.20 58.17
C CYS CA 221 -16.68 43.70 57.97
N TYR CA 222 -17.48 43.10 58.84
CA TYR CA 222 -17.91 41.72 58.69
C TYR CA 222 -19.37 41.62 59.06
N ASP CA 223 -20.10 40.79 58.31
CA ASP CA 223 -21.53 40.62 58.47
C ASP CA 223 -21.79 39.31 59.20
N ILE CA 224 -22.14 39.39 60.47
CA ILE CA 224 -22.37 38.22 61.29
C ILE CA 224 -23.85 37.85 61.19
N SER CA 225 -24.13 36.71 60.57
CA SER CA 225 -25.50 36.27 60.32
C SER CA 225 -25.83 35.15 61.28
N ILE CA 226 -26.68 35.44 62.27
CA ILE CA 226 -27.01 34.46 63.30
C ILE CA 226 -27.82 33.34 62.66
N GLY CA 227 -27.18 32.20 62.45
CA GLY CA 227 -27.87 31.00 62.02
C GLY CA 227 -28.12 30.07 63.19
N SER CA 228 -29.09 29.20 63.01
CA SER CA 228 -29.32 28.11 63.93
C SER CA 228 -28.87 26.83 63.26
N CYS CA 229 -28.36 25.91 64.06
CA CYS CA 229 -27.76 24.69 63.54
C CYS CA 229 -26.57 24.98 62.63
N GLY CA 230 -25.52 25.54 63.24
CA GLY CA 230 -24.29 25.81 62.53
C GLY CA 230 -24.37 27.09 61.73
N MET DA 1 -0.96 49.95 50.08
CA MET DA 1 -0.02 50.95 49.58
C MET DA 1 -0.10 51.04 48.06
N TYR DA 2 -0.36 52.24 47.56
CA TYR DA 2 -0.38 52.51 46.14
C TYR DA 2 1.02 52.67 45.62
N PHE DA 3 1.25 52.19 44.40
CA PHE DA 3 2.56 52.35 43.77
C PHE DA 3 2.35 52.80 42.34
N PHE DA 4 2.85 53.98 42.01
CA PHE DA 4 2.73 54.52 40.67
C PHE DA 4 4.10 54.71 40.05
N SER DA 5 4.19 54.47 38.75
CA SER DA 5 5.37 54.79 37.97
C SER DA 5 5.05 55.97 37.08
N VAL DA 6 5.94 56.94 37.05
CA VAL DA 6 5.69 58.21 36.37
C VAL DA 6 6.04 58.07 34.90
N ASP DA 7 5.41 58.91 34.07
CA ASP DA 7 5.69 58.85 32.65
C ASP DA 7 6.98 59.59 32.32
N PRO DA 8 7.85 59.01 31.50
CA PRO DA 8 9.25 59.45 31.51
C PRO DA 8 9.59 60.62 30.59
N ARG DA 9 8.61 61.23 29.93
CA ARG DA 9 8.83 62.40 29.07
C ARG DA 9 9.87 62.13 27.99
N ASN DA 10 9.62 61.08 27.20
CA ASN DA 10 10.44 60.72 26.06
C ASN DA 10 9.82 61.09 24.73
N GLY DA 11 8.55 61.42 24.70
CA GLY DA 11 7.79 61.38 23.46
C GLY DA 11 7.23 60.02 23.17
N ALA DA 12 7.10 59.18 24.18
CA ALA DA 12 6.64 57.80 24.01
C ALA DA 12 5.81 57.36 25.22
N SER DA 13 5.64 56.06 25.38
CA SER DA 13 4.83 55.52 26.48
C SER DA 13 5.46 55.75 27.85
N SER DA 21 -8.98 56.59 31.23
CA SER DA 21 -9.52 57.43 30.17
C SER DA 21 -9.10 58.88 30.35
N CYS DA 22 -9.03 59.33 31.61
CA CYS DA 22 -8.61 60.69 31.90
C CYS DA 22 -7.11 60.88 31.82
N CYS DA 23 -6.74 62.13 32.07
CA CYS DA 23 -5.34 62.52 32.18
C CYS DA 23 -4.68 61.96 33.43
N CYS DA 24 -5.22 62.28 34.59
CA CYS DA 24 -4.58 61.97 35.87
C CYS DA 24 -5.07 60.61 36.35
N GLU DA 25 -4.13 59.78 36.82
CA GLU DA 25 -4.46 58.42 37.24
C GLU DA 25 -5.29 58.46 38.53
N SER DA 26 -5.74 57.27 38.95
CA SER DA 26 -6.81 57.12 39.91
C SER DA 26 -6.33 56.52 41.22
N ILE DA 27 -6.95 56.98 42.31
CA ILE DA 27 -6.69 56.49 43.65
C ILE DA 27 -8.04 56.36 44.36
N SER DA 28 -8.39 55.13 44.73
CA SER DA 28 -9.63 54.94 45.47
C SER DA 28 -9.39 55.09 46.96
N ALA DA 29 -10.36 55.66 47.66
CA ALA DA 29 -10.17 55.99 49.06
C ALA DA 29 -11.47 55.76 49.82
N ARG DA 30 -11.34 55.41 51.09
CA ARG DA 30 -12.46 55.10 51.95
C ARG DA 30 -12.47 56.03 53.15
N PRO DA 31 -13.61 56.58 53.54
CA PRO DA 31 -13.64 57.57 54.61
C PRO DA 31 -13.12 57.04 55.93
N GLY DA 32 -12.12 57.70 56.49
CA GLY DA 32 -11.52 57.30 57.75
C GLY DA 32 -10.15 56.70 57.61
N GLU DA 33 -9.82 56.17 56.44
CA GLU DA 33 -8.53 55.53 56.21
C GLU DA 33 -7.39 56.53 56.26
N VAL DA 34 -6.18 56.01 56.38
CA VAL DA 34 -4.94 56.74 56.17
C VAL DA 34 -4.00 55.77 55.46
N ASN DA 35 -3.81 55.96 54.17
CA ASN DA 35 -3.07 55.00 53.36
C ASN DA 35 -1.69 55.56 53.04
N GLY DA 36 -0.92 54.84 52.24
CA GLY DA 36 0.40 55.30 51.84
C GLY DA 36 0.62 55.16 50.35
N VAL DA 37 1.26 56.15 49.73
CA VAL DA 37 1.44 56.19 48.29
C VAL DA 37 2.92 56.28 47.96
N MET DA 38 3.36 55.50 46.98
CA MET DA 38 4.74 55.52 46.51
C MET DA 38 4.77 55.82 45.03
N VAL DA 39 5.62 56.75 44.64
CA VAL DA 39 5.77 57.17 43.25
C VAL DA 39 7.23 56.97 42.85
N SER DA 40 7.45 56.27 41.75
CA SER DA 40 8.80 55.90 41.31
C SER DA 40 9.21 56.78 40.15
N TYR DA 41 10.01 57.80 40.44
CA TYR DA 41 10.50 58.70 39.40
C TYR DA 41 11.68 58.14 38.64
N ALA DA 42 11.98 56.86 38.77
CA ALA DA 42 13.18 56.30 38.15
C ALA DA 42 13.18 56.48 36.64
N ALA DA 43 12.02 56.30 36.01
CA ALA DA 43 11.97 56.36 34.56
C ALA DA 43 12.29 57.75 34.02
N TRP DA 44 12.09 58.79 34.81
CA TRP DA 44 12.32 60.16 34.37
C TRP DA 44 13.63 60.74 34.85
N SER DA 45 14.01 60.47 36.09
CA SER DA 45 15.15 61.12 36.71
C SER DA 45 16.43 60.31 36.60
N ALA DA 46 16.38 59.06 36.13
CA ALA DA 46 17.60 58.28 36.01
C ALA DA 46 18.42 58.72 34.78
N PRO DA 47 17.84 58.85 33.59
CA PRO DA 47 18.62 59.39 32.47
C PRO DA 47 19.25 60.74 32.76
N LEU DA 48 18.57 61.61 33.49
CA LEU DA 48 19.16 62.87 33.91
C LEU DA 48 20.23 62.60 34.97
N ARG DA 49 21.35 62.02 34.53
CA ARG DA 49 22.35 61.57 35.48
C ARG DA 49 22.81 62.74 36.33
N GLY DA 50 22.44 62.72 37.60
CA GLY DA 50 22.74 63.82 38.50
C GLY DA 50 22.67 63.39 39.94
N HIS DA 51 22.11 64.22 40.80
CA HIS DA 51 21.98 63.90 42.21
C HIS DA 51 20.56 63.50 42.59
N GLY DA 52 19.78 62.99 41.64
CA GLY DA 52 18.49 62.42 41.97
C GLY DA 52 17.48 63.45 42.43
N LEU DA 53 16.53 62.99 43.23
CA LEU DA 53 15.43 63.82 43.69
C LEU DA 53 15.89 64.69 44.86
N THR DA 54 15.08 65.70 45.17
CA THR DA 54 15.30 66.50 46.36
C THR DA 54 13.98 66.64 47.12
N ASN DA 55 14.07 67.07 48.37
CA ASN DA 55 12.89 67.21 49.23
C ASN DA 55 12.24 68.58 49.03
N LYS DA 56 11.89 68.86 47.79
CA LYS DA 56 11.14 70.06 47.47
C LYS DA 56 9.89 69.70 46.67
N THR DA 57 9.13 68.76 47.18
CA THR DA 57 7.85 68.40 46.59
C THR DA 57 6.78 69.36 47.10
N THR DA 58 5.80 69.64 46.23
CA THR DA 58 4.69 70.50 46.57
C THR DA 58 3.40 69.81 46.14
N PHE DA 59 2.40 69.83 47.01
CA PHE DA 59 1.13 69.18 46.75
C PHE DA 59 0.02 70.22 46.70
N GLU DA 60 -1.06 69.88 46.02
CA GLU DA 60 -2.24 70.74 46.00
C GLU DA 60 -3.47 69.88 45.82
N ILE DA 61 -4.49 70.13 46.63
CA ILE DA 61 -5.75 69.40 46.57
C ILE DA 61 -6.82 70.35 46.05
N ASP DA 62 -7.58 69.88 45.08
CA ASP DA 62 -8.72 70.61 44.54
C ASP DA 62 -9.84 69.64 44.24
N GLY DA 63 -11.06 70.06 44.49
CA GLY DA 63 -12.22 69.20 44.30
C GLY DA 63 -12.77 69.31 42.90
N VAL DA 64 -13.07 68.17 42.29
CA VAL DA 64 -13.77 68.11 41.03
C VAL DA 64 -15.23 67.74 41.21
N SER DA 65 -15.63 67.39 42.44
CA SER DA 65 -17.00 67.06 42.81
C SER DA 65 -17.04 66.99 44.33
N VAL DA 66 -17.88 67.78 45.00
CA VAL DA 66 -17.76 67.98 46.43
C VAL DA 66 -19.00 67.54 47.20
N THR DA 67 -20.20 67.85 46.70
CA THR DA 67 -21.42 67.52 47.44
C THR DA 67 -21.42 68.20 48.79
N PRO DA 68 -21.70 69.50 48.85
CA PRO DA 68 -21.52 70.28 50.09
C PRO DA 68 -22.10 69.59 51.30
N PRO DA 69 -21.46 69.71 52.46
CA PRO DA 69 -21.92 68.98 53.63
C PRO DA 69 -23.21 69.55 54.19
N LYS DA 70 -23.95 68.70 54.89
CA LYS DA 70 -25.21 69.12 55.49
C LYS DA 70 -25.01 69.73 56.87
N VAL DA 71 -24.26 69.06 57.73
CA VAL DA 71 -24.10 69.46 59.12
C VAL DA 71 -22.83 70.29 59.24
N SER DA 72 -22.92 71.40 59.96
CA SER DA 72 -21.75 72.25 60.14
C SER DA 72 -20.83 71.66 61.20
N ASN DA 73 -19.56 72.07 61.15
CA ASN DA 73 -18.62 71.73 62.20
C ASN DA 73 -18.68 72.80 63.28
N ALA DA 74 -17.92 72.61 64.35
CA ALA DA 74 -18.01 73.52 65.48
C ALA DA 74 -16.70 73.53 66.24
N PHE DA 75 -16.51 74.58 67.03
CA PHE DA 75 -15.30 74.74 67.83
C PHE DA 75 -15.68 75.16 69.24
N GLY DA 76 -15.07 74.52 70.23
CA GLY DA 76 -15.26 74.87 71.62
C GLY DA 76 -13.93 75.09 72.30
N ARG DA 77 -14.02 75.56 73.55
CA ARG DA 77 -12.80 75.86 74.30
C ARG DA 77 -13.05 75.65 75.79
N THR DA 78 -12.02 75.15 76.47
CA THR DA 78 -12.11 74.88 77.90
C THR DA 78 -10.71 74.94 78.50
N LYS DA 79 -10.63 75.22 79.79
CA LYS DA 79 -9.34 75.18 80.48
C LYS DA 79 -9.03 73.75 80.90
N VAL DA 80 -7.82 73.55 81.41
CA VAL DA 80 -7.44 72.20 81.85
C VAL DA 80 -8.32 71.77 83.02
N GLY DA 81 -8.70 70.50 83.01
CA GLY DA 81 -9.40 69.87 84.11
C GLY DA 81 -10.86 70.20 84.24
N VAL DA 82 -11.33 71.32 83.72
CA VAL DA 82 -12.72 71.71 83.88
C VAL DA 82 -13.55 71.03 82.80
N VAL DA 83 -14.68 70.47 83.21
CA VAL DA 83 -15.56 69.73 82.31
C VAL DA 83 -16.21 70.71 81.34
N PHE DA 84 -16.39 70.27 80.10
CA PHE DA 84 -16.92 71.12 79.05
C PHE DA 84 -18.27 70.59 78.58
N GLU DA 85 -19.22 71.50 78.42
CA GLU DA 85 -20.53 71.20 77.85
C GLU DA 85 -20.67 71.89 76.50
N GLY DA 86 -21.64 71.43 75.74
CA GLY DA 86 -21.94 72.02 74.45
C GLY DA 86 -23.19 71.39 73.89
N THR DA 87 -23.68 71.98 72.81
CA THR DA 87 -24.89 71.50 72.17
C THR DA 87 -24.54 70.89 70.82
N LEU DA 88 -25.47 70.08 70.31
CA LEU DA 88 -25.25 69.40 69.04
C LEU DA 88 -26.48 69.52 68.16
N SER DA 89 -27.22 70.62 68.28
CA SER DA 89 -28.46 70.78 67.53
C SER DA 89 -28.49 72.01 66.63
N ASP DA 90 -27.67 73.02 66.90
CA ASP DA 90 -27.56 74.17 66.02
C ASP DA 90 -26.56 73.93 64.91
N LEU DA 91 -26.08 72.69 64.78
CA LEU DA 91 -25.10 72.31 63.78
C LEU DA 91 -25.75 71.57 62.63
N PHE DA 92 -27.07 71.48 62.62
CA PHE DA 92 -27.80 70.76 61.58
C PHE DA 92 -28.98 71.60 61.11
N PRO DA 93 -28.71 72.66 60.37
CA PRO DA 93 -29.83 73.40 59.78
C PRO DA 93 -30.55 72.52 58.78
N ASN DA 94 -31.75 72.09 59.11
CA ASN DA 94 -32.45 71.18 58.22
C ASN DA 94 -33.40 71.94 57.30
N PRO DA 95 -33.46 71.59 56.02
CA PRO DA 95 -34.45 72.19 55.13
C PRO DA 95 -35.86 71.72 55.47
N GLU DA 96 -36.01 70.41 55.59
CA GLU DA 96 -37.29 69.74 55.70
C GLU DA 96 -37.66 69.42 57.15
N GLY DA 97 -38.74 68.67 57.33
CA GLY DA 97 -39.15 68.19 58.63
C GLY DA 97 -38.72 66.75 58.91
N GLU DA 98 -37.94 66.56 59.96
CA GLU DA 98 -37.49 65.24 60.35
C GLU DA 98 -36.89 65.32 61.75
N GLN DA 99 -36.59 64.16 62.31
CA GLN DA 99 -35.99 64.04 63.62
C GLN DA 99 -34.48 63.80 63.52
N VAL DA 100 -33.81 64.04 64.64
CA VAL DA 100 -32.36 64.16 64.69
C VAL DA 100 -31.73 63.09 65.58
N GLU DA 101 -31.35 61.97 64.99
CA GLU DA 101 -30.72 60.87 65.71
C GLU DA 101 -29.24 61.15 65.96
N TYR DA 102 -28.94 62.03 66.90
CA TYR DA 102 -27.56 62.34 67.28
C TYR DA 102 -26.79 61.08 67.62
N GLU DA 103 -25.57 60.95 67.11
CA GLU DA 103 -24.78 59.74 67.30
C GLU DA 103 -23.29 60.09 67.36
N ILE DA 104 -22.58 59.43 68.27
CA ILE DA 104 -21.13 59.57 68.38
C ILE DA 104 -20.55 58.20 68.10
N SER DA 105 -19.95 58.03 66.93
CA SER DA 105 -19.37 56.74 66.54
C SER DA 105 -18.17 56.42 67.43
N GLU DA 106 -18.12 55.16 67.91
CA GLU DA 106 -16.99 54.74 68.74
C GLU DA 106 -15.70 54.60 67.95
N LEU DA 107 -15.76 54.48 66.63
CA LEU DA 107 -14.53 54.37 65.85
C LEU DA 107 -13.81 55.71 65.81
N ASN DA 108 -14.56 56.80 65.84
CA ASN DA 108 -14.01 58.14 65.72
C ASN DA 108 -14.34 59.00 66.93
N GLY DA 109 -14.26 58.41 68.11
CA GLY DA 109 -14.50 59.15 69.33
C GLY DA 109 -13.35 60.07 69.65
N PRO DA 110 -13.37 60.66 70.84
CA PRO DA 110 -12.27 61.54 71.23
C PRO DA 110 -10.99 60.77 71.51
N SER DA 111 -9.92 61.47 71.81
CA SER DA 111 -8.62 60.83 72.00
C SER DA 111 -8.07 60.98 73.41
N ASN DA 112 -8.37 62.09 74.09
CA ASN DA 112 -7.88 62.32 75.44
C ASN DA 112 -9.00 62.75 76.37
N GLY DA 113 -10.22 62.29 76.11
CA GLY DA 113 -11.36 62.63 76.94
C GLY DA 113 -12.42 61.56 76.87
N VAL DA 114 -13.65 61.92 77.25
CA VAL DA 114 -14.81 61.04 77.14
C VAL DA 114 -16.01 61.92 76.87
N VAL DA 115 -16.97 61.43 76.10
CA VAL DA 115 -18.20 62.17 75.79
C VAL DA 115 -19.40 61.29 76.11
N GLU DA 116 -20.34 61.82 76.88
CA GLU DA 116 -21.59 61.13 77.21
C GLU DA 116 -22.68 61.83 76.42
N LEU DA 117 -23.08 61.25 75.29
CA LEU DA 117 -24.15 61.88 74.52
C LEU DA 117 -25.45 61.82 75.30
N GLY DA 118 -26.10 62.98 75.43
CA GLY DA 118 -27.35 63.09 76.16
C GLY DA 118 -28.52 62.57 75.34
N ALA DA 119 -29.72 62.86 75.84
CA ALA DA 119 -30.92 62.42 75.13
C ALA DA 119 -31.22 63.35 73.96
N ASN DA 120 -30.97 64.64 74.11
CA ASN DA 120 -31.29 65.63 73.09
C ASN DA 120 -30.06 66.48 72.80
N GLY DA 121 -29.32 66.11 71.76
CA GLY DA 121 -28.25 66.92 71.21
C GLY DA 121 -27.30 67.56 72.19
N ALA DA 122 -27.15 66.96 73.37
CA ALA DA 122 -26.27 67.48 74.40
C ALA DA 122 -25.20 66.45 74.72
N PHE DA 123 -24.05 66.94 75.17
CA PHE DA 123 -22.92 66.05 75.40
C PHE DA 123 -21.95 66.72 76.34
N THR DA 124 -21.27 65.90 77.14
CA THR DA 124 -20.30 66.38 78.11
C THR DA 124 -18.95 65.78 77.79
N TYR DA 125 -17.97 66.64 77.55
CA TYR DA 125 -16.61 66.22 77.25
C TYR DA 125 -15.75 66.50 78.48
N THR DA 126 -15.52 65.47 79.27
CA THR DA 126 -14.64 65.58 80.43
C THR DA 126 -13.21 65.33 79.98
N PRO DA 127 -12.37 66.35 79.89
CA PRO DA 127 -11.02 66.15 79.38
C PRO DA 127 -10.21 65.27 80.32
N GLY DA 128 -9.33 64.46 79.72
CA GLY DA 128 -8.48 63.60 80.52
C GLY DA 128 -7.61 64.41 81.46
N ALA DA 129 -7.55 63.95 82.71
CA ALA DA 129 -6.82 64.67 83.75
C ALA DA 129 -5.35 64.81 83.37
N LEU DA 130 -4.77 65.95 83.71
CA LEU DA 130 -3.39 66.27 83.39
C LEU DA 130 -3.14 66.18 81.88
N PHE DA 131 -3.85 67.01 81.14
CA PHE DA 131 -3.71 67.05 79.69
C PHE DA 131 -4.16 68.41 79.19
N THR DA 132 -3.39 69.00 78.28
CA THR DA 132 -3.76 70.28 77.69
C THR DA 132 -3.33 70.26 76.23
N GLY DA 133 -4.29 70.26 75.32
CA GLY DA 133 -4.00 70.29 73.90
C GLY DA 133 -5.27 70.52 73.12
N VAL DA 134 -5.38 69.85 71.98
CA VAL DA 134 -6.58 69.91 71.15
C VAL DA 134 -7.13 68.50 71.03
N ASP DA 135 -8.45 68.39 70.93
CA ASP DA 135 -9.10 67.10 70.86
C ASP DA 135 -10.32 67.19 69.96
N ARG DA 136 -10.55 66.15 69.17
CA ARG DA 136 -11.64 66.11 68.22
C ARG DA 136 -12.50 64.88 68.44
N PHE DA 137 -13.72 64.93 67.93
CA PHE DA 137 -14.55 63.75 67.80
C PHE DA 137 -15.56 64.01 66.71
N TRP DA 138 -16.02 62.95 66.06
CA TRP DA 138 -16.85 63.04 64.88
C TRP DA 138 -18.25 62.53 65.20
N PHE DA 139 -19.21 63.44 65.19
CA PHE DA 139 -20.61 63.11 65.41
C PHE DA 139 -21.29 62.85 64.08
N SER DA 140 -22.48 62.24 64.14
CA SER DA 140 -23.26 61.92 62.94
C SER DA 140 -24.72 62.25 63.22
N ILE DA 141 -25.12 63.48 62.89
CA ILE DA 141 -26.50 63.91 63.07
C ILE DA 141 -27.29 63.38 61.88
N ASN DA 142 -27.95 62.25 62.07
CA ASN DA 142 -28.85 61.69 61.09
C ASN DA 142 -28.11 61.33 59.80
N GLY DA 143 -27.10 60.49 59.95
CA GLY DA 143 -26.35 60.01 58.79
C GLY DA 143 -25.25 60.94 58.34
N ASN DA 144 -25.48 62.25 58.44
CA ASN DA 144 -24.50 63.23 57.99
C ASN DA 144 -23.46 63.47 59.08
N ILE DA 145 -22.18 63.44 58.71
CA ILE DA 145 -21.08 63.47 59.66
C ILE DA 145 -20.39 64.83 59.63
N GLY DA 146 -20.00 65.31 60.80
CA GLY DA 146 -19.19 66.50 60.94
C GLY DA 146 -18.27 66.27 62.13
N GLU DA 147 -17.44 67.26 62.43
CA GLU DA 147 -16.50 67.12 63.53
C GLU DA 147 -16.67 68.28 64.51
N TYR DA 148 -16.40 67.99 65.78
CA TYR DA 148 -16.40 68.98 66.83
C TYR DA 148 -14.99 69.05 67.40
N VAL DA 149 -14.42 70.25 67.44
CA VAL DA 149 -13.04 70.44 67.86
C VAL DA 149 -13.04 71.20 69.17
N ILE DA 150 -12.38 70.63 70.17
CA ILE DA 150 -12.24 71.25 71.49
C ILE DA 150 -10.76 71.41 71.78
N SER DA 151 -10.40 72.57 72.34
CA SER DA 151 -9.04 72.88 72.72
C SER DA 151 -9.00 73.14 74.22
N VAL DA 152 -8.17 72.39 74.93
CA VAL DA 152 -8.06 72.49 76.38
C VAL DA 152 -6.79 73.26 76.72
N ASP DA 153 -6.93 74.32 77.49
CA ASP DA 153 -5.89 75.28 77.78
C ASP DA 153 -5.16 74.91 79.07
N PRO DA 154 -3.88 75.32 79.21
CA PRO DA 154 -3.13 74.94 80.42
C PRO DA 154 -3.33 75.93 81.56
N THR DA 155 -4.57 76.40 81.68
CA THR DA 155 -5.09 77.24 82.76
C THR DA 155 -4.56 78.67 82.71
N THR DA 156 -3.53 78.95 81.90
CA THR DA 156 -3.04 80.32 81.96
C THR DA 156 -3.80 81.26 81.05
N SER DA 157 -3.50 81.24 79.74
CA SER DA 157 -4.11 82.25 78.88
C SER DA 157 -5.33 81.80 78.09
N GLU DA 158 -5.07 81.17 76.93
CA GLU DA 158 -6.07 80.76 75.93
C GLU DA 158 -5.33 80.05 74.79
N LEU DA 159 -5.83 78.93 74.28
CA LEU DA 159 -5.17 78.32 73.14
C LEU DA 159 -5.69 78.88 71.81
N PRO DA 160 -4.86 78.85 70.76
CA PRO DA 160 -5.33 79.23 69.42
C PRO DA 160 -6.26 78.21 68.80
N GLN DA 161 -6.60 78.37 67.52
CA GLN DA 161 -7.74 77.68 66.92
C GLN DA 161 -7.29 76.89 65.69
N PRO DA 162 -7.41 75.56 65.73
CA PRO DA 162 -6.87 74.71 64.65
C PRO DA 162 -7.77 74.71 63.42
N PRO DA 163 -7.22 74.34 62.27
CA PRO DA 163 -7.89 74.63 60.99
C PRO DA 163 -8.93 73.66 60.46
N PHE DA 164 -9.57 72.84 61.29
CA PHE DA 164 -10.75 72.09 60.83
C PHE DA 164 -10.48 71.16 59.66
N THR DA 165 -9.81 70.03 59.92
CA THR DA 165 -9.35 69.08 58.89
C THR DA 165 -10.31 68.93 57.72
N THR DA 166 -9.74 68.92 56.52
CA THR DA 166 -10.46 68.84 55.26
C THR DA 166 -10.81 67.39 54.93
N PRO DA 167 -11.68 67.16 53.94
CA PRO DA 167 -12.03 65.78 53.58
C PRO DA 167 -10.84 64.93 53.17
N VAL DA 168 -10.05 65.38 52.21
CA VAL DA 168 -8.84 64.70 51.80
C VAL DA 168 -7.66 65.61 52.07
N TYR DA 169 -6.60 65.06 52.65
CA TYR DA 169 -5.44 65.88 53.00
C TYR DA 169 -4.19 65.05 52.82
N VAL DA 170 -3.06 65.75 52.81
CA VAL DA 170 -1.74 65.13 52.74
C VAL DA 170 -0.94 65.63 53.93
N PRO DA 171 -0.71 64.78 54.94
CA PRO DA 171 -0.07 65.23 56.19
C PRO DA 171 1.13 66.15 55.99
N ALA DA 172 1.20 67.17 56.84
CA ALA DA 172 2.17 68.25 56.75
C ALA DA 172 3.59 67.76 56.46
N ALA DA 173 4.13 66.89 57.32
CA ALA DA 173 5.48 66.42 57.08
C ALA DA 173 5.62 64.95 57.38
N ARG DA 174 5.29 64.12 56.39
CA ARG DA 174 5.49 62.68 56.45
C ARG DA 174 5.96 62.18 55.09
N ARG DA 175 6.51 63.09 54.29
CA ARG DA 175 6.90 62.85 52.92
C ARG DA 175 8.40 62.63 52.88
N SER DA 176 8.85 61.80 51.94
CA SER DA 176 10.29 61.65 51.83
C SER DA 176 10.63 61.09 50.47
N VAL DA 177 11.91 61.19 50.14
CA VAL DA 177 12.45 60.79 48.86
C VAL DA 177 13.80 60.14 49.09
N ASP DA 178 14.00 58.97 48.49
CA ASP DA 178 15.29 58.30 48.57
C ASP DA 178 16.03 58.57 47.26
N PRO DA 179 17.03 59.46 47.23
CA PRO DA 179 17.69 59.78 45.96
C PRO DA 179 18.43 58.60 45.37
N ARG DA 180 18.55 57.52 46.12
CA ARG DA 180 19.28 56.31 45.76
C ARG DA 180 18.49 55.41 44.82
N THR DA 181 17.16 55.52 44.81
CA THR DA 181 16.33 54.72 43.92
C THR DA 181 15.20 55.53 43.31
N HIS DA 182 15.17 56.84 43.51
CA HIS DA 182 14.20 57.73 42.88
C HIS DA 182 12.77 57.33 43.21
N VAL DA 183 12.44 57.38 44.50
CA VAL DA 183 11.11 56.98 44.95
C VAL DA 183 10.63 58.01 45.96
N LEU DA 184 9.44 58.54 45.73
CA LEU DA 184 8.80 59.51 46.62
C LEU DA 184 7.73 58.80 47.43
N LYS DA 185 7.74 59.01 48.74
CA LYS DA 185 6.75 58.45 49.64
C LYS DA 185 5.95 59.58 50.26
N PHE DA 186 4.63 59.42 50.31
CA PHE DA 186 3.80 60.37 51.03
C PHE DA 186 2.55 59.67 51.51
N VAL DA 187 1.91 60.25 52.48
CA VAL DA 187 0.73 59.68 53.11
C VAL DA 187 -0.50 60.40 52.61
N LEU DA 188 -1.60 59.67 52.46
CA LEU DA 188 -2.85 60.25 51.98
C LEU DA 188 -3.95 59.86 52.94
N GLY DA 189 -4.51 60.83 53.65
CA GLY DA 189 -5.51 60.57 54.66
C GLY DA 189 -6.86 61.11 54.24
N VAL DA 190 -7.92 60.37 54.58
CA VAL DA 190 -9.28 60.73 54.23
C VAL DA 190 -10.06 60.94 55.51
N SER DA 191 -10.68 62.10 55.66
CA SER DA 191 -11.44 62.39 56.86
C SER DA 191 -12.67 61.50 56.91
N PRO DA 192 -13.22 61.26 58.10
CA PRO DA 192 -14.46 60.47 58.19
C PRO DA 192 -15.67 61.19 57.63
N ALA DA 193 -15.57 62.47 57.32
CA ALA DA 193 -16.69 63.24 56.80
C ALA DA 193 -16.70 63.33 55.29
N ALA DA 194 -15.76 62.68 54.61
CA ALA DA 194 -15.77 62.67 53.16
C ALA DA 194 -16.99 61.91 52.66
N ILE DA 195 -17.68 62.49 51.70
CA ILE DA 195 -18.94 61.90 51.23
C ILE DA 195 -18.64 60.96 50.06
N PRO DA 196 -19.12 59.72 50.10
CA PRO DA 196 -18.82 58.78 49.03
C PRO DA 196 -19.33 59.27 47.68
N GLY DA 197 -18.56 59.01 46.65
CA GLY DA 197 -18.88 59.45 45.31
C GLY DA 197 -18.16 60.70 44.86
N ASP DA 198 -17.59 61.46 45.77
CA ASP DA 198 -16.86 62.66 45.41
C ASP DA 198 -15.55 62.32 44.72
N VAL DA 199 -14.96 63.32 44.08
CA VAL DA 199 -13.68 63.19 43.39
C VAL DA 199 -12.85 64.41 43.72
N TYR DA 200 -11.61 64.18 44.15
CA TYR DA 200 -10.65 65.25 44.36
C TYR DA 200 -9.44 65.03 43.47
N ARG DA 201 -8.65 66.07 43.29
CA ARG DA 201 -7.49 66.02 42.40
C ARG DA 201 -6.26 66.47 43.15
N LEU DA 202 -5.22 65.65 43.14
CA LEU DA 202 -3.95 65.94 43.80
C LEU DA 202 -2.91 66.17 42.73
N THR DA 203 -2.24 67.32 42.79
CA THR DA 203 -1.16 67.66 41.87
C THR DA 203 0.16 67.67 42.62
N VAL DA 204 1.15 66.98 42.07
CA VAL DA 204 2.46 66.80 42.70
C VAL DA 204 3.51 67.44 41.80
N ARG DA 205 4.29 68.35 42.36
CA ARG DA 205 5.37 69.01 41.65
C ARG DA 205 6.69 68.62 42.28
N GLN DA 206 7.45 67.77 41.59
CA GLN DA 206 8.68 67.20 42.13
C GLN DA 206 9.86 67.70 41.33
N VAL DA 207 10.93 68.07 42.02
CA VAL DA 207 12.13 68.61 41.40
C VAL DA 207 13.24 67.57 41.51
N ALA DA 208 13.87 67.27 40.38
CA ALA DA 208 15.14 66.59 40.39
C ALA DA 208 16.21 67.65 40.46
N ILE DA 209 17.47 67.25 40.29
CA ILE DA 209 18.56 68.21 40.42
C ILE DA 209 19.72 67.70 39.58
N ASP DA 210 20.38 68.62 38.89
CA ASP DA 210 21.54 68.22 38.09
C ASP DA 210 22.80 68.40 38.92
N CYS DA 211 23.91 67.90 38.37
CA CYS DA 211 25.03 67.58 39.21
C CYS DA 211 25.74 68.84 39.69
N ASP DA 212 25.41 69.99 39.10
CA ASP DA 212 25.77 71.31 39.61
C ASP DA 212 24.71 71.96 40.49
N GLY DA 213 23.58 71.30 40.70
CA GLY DA 213 22.56 71.83 41.58
C GLY DA 213 21.44 72.62 40.94
N ASN DA 214 21.31 72.60 39.62
CA ASN DA 214 20.19 73.25 38.96
C ASN DA 214 18.97 72.34 39.03
N GLU DA 215 17.88 72.69 38.35
CA GLU DA 215 16.61 72.09 38.70
C GLU DA 215 15.94 71.49 37.47
N PHE DA 216 15.23 70.40 37.70
CA PHE DA 216 14.38 69.77 36.68
C PHE DA 216 13.03 69.49 37.33
N VAL DA 217 12.00 70.16 36.86
CA VAL DA 217 10.68 70.06 37.46
C VAL DA 217 9.85 69.03 36.72
N HIS DA 218 8.93 68.41 37.44
CA HIS DA 218 8.04 67.38 36.91
C HIS DA 218 6.70 67.50 37.60
N ILE DA 219 5.62 67.50 36.82
CA ILE DA 219 4.28 67.70 37.35
C ILE DA 219 3.37 66.55 36.89
N SER DA 220 2.56 66.03 37.80
CA SER DA 220 1.56 65.01 37.50
C SER DA 220 0.38 65.19 38.45
N CYS DA 221 -0.72 64.51 38.15
CA CYS DA 221 -1.89 64.59 39.02
C CYS DA 221 -2.39 63.20 39.35
N TYR DA 222 -3.23 63.12 40.38
CA TYR DA 222 -3.94 61.91 40.71
C TYR DA 222 -5.37 62.27 41.09
N ASP DA 223 -6.31 61.42 40.69
CA ASP DA 223 -7.73 61.65 40.91
C ASP DA 223 -8.19 60.74 42.05
N ILE DA 224 -8.42 61.33 43.21
CA ILE DA 224 -8.83 60.59 44.40
C ILE DA 224 -10.34 60.55 44.42
N SER DA 225 -10.91 59.36 44.24
CA SER DA 225 -12.35 59.18 44.17
C SER DA 225 -12.83 58.55 45.47
N ILE DA 226 -13.51 59.34 46.29
CA ILE DA 226 -13.96 58.87 47.60
C ILE DA 226 -15.03 57.81 47.39
N GLY DA 227 -14.67 56.55 47.59
CA GLY DA 227 -15.63 55.48 47.59
C GLY DA 227 -15.96 55.07 49.02
N SER DA 228 -17.12 54.43 49.15
CA SER DA 228 -17.49 53.78 50.40
C SER DA 228 -17.38 52.29 50.20
N CYS DA 229 -17.01 51.60 51.27
CA CYS DA 229 -16.72 50.18 51.20
C CYS DA 229 -15.57 49.87 50.25
N GLY DA 230 -14.39 50.35 50.61
CA GLY DA 230 -13.20 50.08 49.85
C GLY DA 230 -13.06 50.99 48.67
N MET EA 1 -8.51 68.60 0.83
CA MET EA 1 -7.40 68.89 -0.07
C MET EA 1 -7.66 68.29 -1.44
N TYR EA 2 -7.63 69.13 -2.46
CA TYR EA 2 -7.77 68.69 -3.83
C TYR EA 2 -6.46 68.13 -4.35
N PHE EA 3 -6.55 67.09 -5.17
CA PHE EA 3 -5.36 66.51 -5.78
C PHE EA 3 -5.62 66.28 -7.25
N PHE EA 4 -4.86 66.95 -8.09
CA PHE EA 4 -5.00 66.80 -9.53
C PHE EA 4 -3.73 66.24 -10.13
N SER EA 5 -3.90 65.40 -11.15
CA SER EA 5 -2.79 64.93 -11.96
C SER EA 5 -2.87 65.60 -13.33
N VAL EA 6 -1.76 66.08 -13.81
CA VAL EA 6 -1.72 66.90 -15.02
C VAL EA 6 -1.64 65.99 -16.23
N ASP EA 7 -2.10 66.49 -17.38
CA ASP EA 7 -2.06 65.69 -18.58
C ASP EA 7 -0.66 65.74 -19.21
N PRO EA 8 -0.12 64.60 -19.63
CA PRO EA 8 1.33 64.52 -19.80
C PRO EA 8 1.86 64.96 -21.16
N ARG EA 9 1.02 65.45 -22.07
CA ARG EA 9 1.46 65.96 -23.37
C ARG EA 9 2.21 64.88 -24.16
N ASN EA 10 1.56 63.74 -24.35
CA ASN EA 10 2.07 62.65 -25.16
C ASN EA 10 1.40 62.53 -26.52
N GLY EA 11 0.29 63.20 -26.72
CA GLY EA 11 -0.60 62.84 -27.81
C GLY EA 11 -1.58 61.76 -27.41
N ALA EA 12 -1.80 61.58 -26.11
CA ALA EA 12 -2.66 60.52 -25.61
C ALA EA 12 -3.40 60.98 -24.36
N SER EA 13 -3.93 60.03 -23.59
CA SER EA 13 -4.69 60.35 -22.38
C SER EA 13 -3.84 60.98 -21.29
N SER EA 21 -16.79 67.89 -19.03
CA SER EA 21 -17.21 68.26 -20.37
C SER EA 21 -16.36 69.41 -20.91
N CYS EA 22 -16.00 70.33 -20.03
CA CYS EA 22 -15.16 71.45 -20.42
C CYS EA 22 -13.70 71.09 -20.56
N CYS EA 23 -12.95 72.12 -20.94
CA CYS EA 23 -11.49 72.04 -21.00
C CYS EA 23 -10.86 71.96 -19.62
N CYS EA 24 -11.12 72.95 -18.77
CA CYS EA 24 -10.43 73.07 -17.50
C CYS EA 24 -11.22 72.34 -16.42
N GLU EA 25 -10.51 71.56 -15.60
CA GLU EA 25 -11.15 70.75 -14.57
C GLU EA 25 -11.74 71.63 -13.48
N SER EA 26 -12.45 70.99 -12.55
CA SER EA 26 -13.38 71.67 -11.66
C SER EA 26 -12.93 71.62 -10.21
N ILE EA 27 -13.22 72.70 -9.50
CA ILE EA 27 -12.93 72.84 -8.07
C ILE EA 27 -14.14 73.49 -7.42
N SER EA 28 -14.78 72.78 -6.50
CA SER EA 28 -15.92 73.36 -5.79
C SER EA 28 -15.43 74.09 -4.55
N ALA EA 29 -16.09 75.21 -4.24
CA ALA EA 29 -15.62 76.07 -3.17
C ALA EA 29 -16.81 76.65 -2.44
N ARG EA 30 -16.61 76.91 -1.15
CA ARG EA 30 -17.65 77.41 -0.26
C ARG EA 30 -17.21 78.75 0.34
N PRO EA 31 -18.08 79.74 0.38
CA PRO EA 31 -17.67 81.08 0.84
C PRO EA 31 -17.16 81.08 2.27
N GLY EA 32 -15.94 81.57 2.45
CA GLY EA 32 -15.31 81.63 3.75
C GLY EA 32 -14.20 80.62 3.95
N GLU EA 33 -14.20 79.54 3.20
CA GLU EA 33 -13.20 78.50 3.33
C GLU EA 33 -11.83 78.98 2.91
N VAL EA 34 -10.82 78.20 3.30
CA VAL EA 34 -9.46 78.32 2.77
C VAL EA 34 -8.95 76.88 2.65
N ASN EA 35 -8.90 76.38 1.43
CA ASN EA 35 -8.59 74.98 1.20
C ASN EA 35 -7.16 74.84 0.68
N GLY EA 36 -6.75 73.62 0.35
CA GLY EA 36 -5.43 73.40 -0.20
C GLY EA 36 -5.47 72.52 -1.43
N VAL EA 37 -4.65 72.84 -2.43
CA VAL EA 37 -4.68 72.15 -3.72
C VAL EA 37 -3.30 71.59 -4.00
N MET EA 38 -3.24 70.35 -4.48
CA MET EA 38 -2.00 69.71 -4.86
C MET EA 38 -2.09 69.25 -6.31
N VAL EA 39 -1.06 69.57 -7.09
CA VAL EA 39 -1.00 69.21 -8.50
C VAL EA 39 0.28 68.41 -8.73
N SER EA 40 0.13 67.23 -9.35
CA SER EA 40 1.24 66.30 -9.51
C SER EA 40 1.72 66.34 -10.95
N TYR EA 41 2.81 67.07 -11.18
CA TYR EA 41 3.40 67.18 -12.50
C TYR EA 41 4.25 65.98 -12.88
N ALA EA 42 4.18 64.88 -12.13
CA ALA EA 42 5.06 63.75 -12.39
C ALA EA 42 4.90 63.20 -13.79
N ALA EA 43 3.66 63.13 -14.28
CA ALA EA 43 3.43 62.52 -15.58
C ALA EA 43 4.06 63.31 -16.72
N TRP EA 44 4.30 64.60 -16.54
CA TRP EA 44 4.84 65.45 -17.59
C TRP EA 44 6.32 65.73 -17.41
N SER EA 45 6.77 65.97 -16.19
CA SER EA 45 8.13 66.41 -15.95
C SER EA 45 9.09 65.29 -15.62
N ALA EA 46 8.60 64.06 -15.43
CA ALA EA 46 9.53 62.97 -15.14
C ALA EA 46 10.26 62.50 -16.40
N PRO EA 47 9.58 62.24 -17.51
CA PRO EA 47 10.32 61.90 -18.74
C PRO EA 47 11.35 62.95 -19.13
N LEU EA 48 11.06 64.23 -18.92
CA LEU EA 48 12.04 65.27 -19.16
C LEU EA 48 13.12 65.20 -18.08
N ARG EA 49 13.95 64.16 -18.16
CA ARG EA 49 14.90 63.91 -17.10
C ARG EA 49 15.80 65.12 -16.91
N GLY EA 50 15.61 65.81 -15.80
CA GLY EA 50 16.34 67.04 -15.54
C GLY EA 50 16.36 67.38 -14.07
N HIS EA 51 16.19 68.65 -13.73
CA HIS EA 51 16.16 69.08 -12.34
C HIS EA 51 14.76 69.39 -11.85
N GLY EA 52 13.74 68.77 -12.45
CA GLY EA 52 12.40 68.87 -11.91
C GLY EA 52 11.81 70.26 -12.02
N LEU EA 53 10.88 70.55 -11.12
CA LEU EA 53 10.15 71.80 -11.15
C LEU EA 53 10.99 72.92 -10.54
N THR EA 54 10.57 74.16 -10.77
CA THR EA 54 11.17 75.31 -10.11
C THR EA 54 10.06 76.19 -9.54
N ASN EA 55 10.45 77.10 -8.65
CA ASN EA 55 9.50 78.00 -8.00
C ASN EA 55 9.25 79.24 -8.86
N LYS EA 56 8.82 79.01 -10.09
CA LYS EA 56 8.42 80.09 -10.97
C LYS EA 56 7.02 79.83 -11.51
N THR EA 57 6.10 79.52 -10.62
CA THR EA 57 4.70 79.37 -10.98
C THR EA 57 4.04 80.73 -11.03
N THR EA 58 3.09 80.88 -11.94
CA THR EA 58 2.31 82.10 -12.09
C THR EA 58 0.84 81.75 -12.17
N PHE EA 59 0.02 82.49 -11.44
CA PHE EA 59 -1.41 82.25 -11.36
C PHE EA 59 -2.16 83.44 -11.93
N GLU EA 60 -3.38 83.18 -12.39
CA GLU EA 60 -4.25 84.26 -12.85
C GLU EA 60 -5.69 83.87 -12.60
N ILE EA 61 -6.47 84.78 -12.03
CA ILE EA 61 -7.89 84.56 -11.76
C ILE EA 61 -8.70 85.43 -12.70
N ASP EA 62 -9.70 84.84 -13.34
CA ASP EA 62 -10.63 85.56 -14.19
C ASP EA 62 -12.02 84.98 -14.00
N GLY EA 63 -13.02 85.84 -14.01
CA GLY EA 63 -14.39 85.41 -13.78
C GLY EA 63 -15.07 85.03 -15.07
N VAL EA 64 -15.77 83.89 -15.05
CA VAL EA 64 -16.63 83.48 -16.15
C VAL EA 64 -18.10 83.74 -15.84
N SER EA 65 -18.41 84.14 -14.61
CA SER EA 65 -19.75 84.49 -14.15
C SER EA 65 -19.59 85.15 -12.79
N VAL EA 66 -20.06 86.38 -12.61
CA VAL EA 66 -19.69 87.17 -11.44
C VAL EA 66 -20.88 87.57 -10.59
N THR EA 67 -22.00 87.96 -11.19
CA THR EA 67 -23.15 88.43 -10.42
C THR EA 67 -22.76 89.63 -9.56
N PRO EA 68 -22.65 90.82 -10.15
CA PRO EA 68 -22.08 91.98 -9.44
C PRO EA 68 -22.66 92.16 -8.05
N PRO EA 69 -21.85 92.59 -7.09
CA PRO EA 69 -22.34 92.68 -5.72
C PRO EA 69 -23.32 93.83 -5.53
N LYS EA 70 -24.16 93.69 -4.53
CA LYS EA 70 -25.15 94.72 -4.23
C LYS EA 70 -24.60 95.80 -3.32
N VAL EA 71 -23.96 95.41 -2.22
CA VAL EA 71 -23.50 96.34 -1.20
C VAL EA 71 -22.05 96.67 -1.47
N SER EA 72 -21.70 97.95 -1.38
CA SER EA 72 -20.33 98.35 -1.61
C SER EA 72 -19.47 98.06 -0.37
N ASN EA 73 -18.17 97.97 -0.60
CA ASN EA 73 -17.22 97.88 0.50
C ASN EA 73 -16.82 99.28 0.93
N ALA EA 74 -16.00 99.38 1.97
CA ALA EA 74 -15.67 100.68 2.51
C ALA EA 74 -14.32 100.62 3.19
N PHE EA 75 -13.72 101.79 3.38
CA PHE EA 75 -12.42 101.92 4.03
C PHE EA 75 -12.47 103.04 5.05
N GLY EA 76 -11.94 102.77 6.24
CA GLY EA 76 -11.82 103.79 7.28
C GLY EA 76 -10.41 103.85 7.80
N ARG EA 77 -10.17 104.83 8.67
CA ARG EA 77 -8.84 105.05 9.20
C ARG EA 77 -8.92 105.64 10.60
N THR EA 78 -8.00 105.22 11.46
CA THR EA 78 -7.96 105.68 12.83
C THR EA 78 -6.54 105.56 13.35
N LYS EA 79 -6.20 106.37 14.34
CA LYS EA 79 -4.90 106.25 14.99
C LYS EA 79 -4.95 105.16 16.06
N VAL EA 80 -3.79 104.84 16.64
CA VAL EA 80 -3.77 103.82 17.68
C VAL EA 80 -4.56 104.29 18.88
N GLY EA 81 -5.29 103.36 19.49
CA GLY EA 81 -5.99 103.57 20.75
C GLY EA 81 -7.27 104.38 20.68
N VAL EA 82 -7.45 105.21 19.67
CA VAL EA 82 -8.63 106.05 19.58
C VAL EA 82 -9.77 105.26 18.96
N VAL EA 83 -10.95 105.35 19.56
CA VAL EA 83 -12.12 104.59 19.12
C VAL EA 83 -12.58 105.16 17.79
N PHE EA 84 -13.04 104.29 16.91
CA PHE EA 84 -13.45 104.67 15.57
C PHE EA 84 -14.95 104.44 15.39
N GLU EA 85 -15.61 105.42 14.78
CA GLU EA 85 -17.00 105.34 14.41
C GLU EA 85 -17.12 105.32 12.90
N GLY EA 86 -18.29 104.90 12.42
CA GLY EA 86 -18.58 104.89 11.01
C GLY EA 86 -20.02 104.50 10.80
N THR EA 87 -20.46 104.65 9.56
CA THR EA 87 -21.84 104.33 9.20
C THR EA 87 -21.88 103.09 8.33
N LEU EA 88 -23.06 102.50 8.24
CA LEU EA 88 -23.22 101.27 7.48
C LEU EA 88 -24.48 101.35 6.62
N SER EA 89 -24.85 102.55 6.18
CA SER EA 89 -26.07 102.74 5.43
C SER EA 89 -25.86 103.33 4.04
N ASP EA 90 -24.77 104.04 3.80
CA ASP EA 90 -24.45 104.54 2.48
C ASP EA 90 -23.73 103.50 1.64
N LEU EA 91 -23.66 102.27 2.15
CA LEU EA 91 -22.97 101.18 1.47
C LEU EA 91 -23.95 100.23 0.81
N PHE EA 92 -25.24 100.58 0.82
CA PHE EA 92 -26.29 99.73 0.24
C PHE EA 92 -27.22 100.59 -0.59
N PRO EA 93 -26.77 101.04 -1.76
CA PRO EA 93 -27.69 101.74 -2.65
C PRO EA 93 -28.75 100.77 -3.11
N ASN EA 94 -29.98 100.95 -2.64
CA ASN EA 94 -31.03 100.01 -2.99
C ASN EA 94 -31.83 100.53 -4.18
N PRO EA 95 -32.18 99.66 -5.13
CA PRO EA 95 -33.07 100.05 -6.22
C PRO EA 95 -34.49 100.28 -5.73
N GLU EA 96 -34.98 99.30 -4.98
CA GLU EA 96 -36.38 99.21 -4.59
C GLU EA 96 -36.62 99.74 -3.18
N GLY EA 97 -37.84 99.55 -2.68
CA GLY EA 97 -38.18 99.89 -1.32
C GLY EA 97 -38.16 98.70 -0.36
N GLU EA 98 -37.33 98.78 0.66
CA GLU EA 98 -37.24 97.72 1.66
C GLU EA 98 -36.44 98.25 2.84
N GLN EA 99 -36.42 97.46 3.91
CA GLN EA 99 -35.70 97.77 5.13
C GLN EA 99 -34.36 97.05 5.19
N VAL EA 100 -33.50 97.55 6.05
CA VAL EA 100 -32.09 97.20 6.08
C VAL EA 100 -31.68 96.53 7.39
N GLU EA 101 -31.72 95.20 7.42
CA GLU EA 101 -31.34 94.45 8.60
C GLU EA 101 -29.82 94.30 8.70
N TYR EA 102 -29.16 95.38 9.12
CA TYR EA 102 -27.71 95.36 9.31
C TYR EA 102 -27.30 94.23 10.25
N GLU EA 103 -26.25 93.50 9.87
CA GLU EA 103 -25.82 92.35 10.66
C GLU EA 103 -24.32 92.18 10.57
N ILE EA 104 -23.70 91.83 11.70
CA ILE EA 104 -22.27 91.52 11.76
C ILE EA 104 -22.15 90.07 12.19
N SER EA 105 -21.80 89.20 11.26
CA SER EA 105 -21.68 87.78 11.56
C SER EA 105 -20.52 87.54 12.51
N GLU EA 106 -20.75 86.71 13.54
CA GLU EA 106 -19.70 86.39 14.49
C GLU EA 106 -18.63 85.48 13.90
N LEU EA 107 -18.91 84.78 12.81
CA LEU EA 107 -17.89 83.95 12.20
C LEU EA 107 -16.82 84.80 11.53
N ASN EA 108 -17.20 85.96 11.01
CA ASN EA 108 -16.31 86.82 10.27
C ASN EA 108 -16.21 88.20 10.91
N GLY EA 109 -16.13 88.24 12.22
CA GLY EA 109 -15.99 89.50 12.92
C GLY EA 109 -14.58 90.04 12.78
N PRO EA 110 -14.26 91.08 13.53
CA PRO EA 110 -12.91 91.63 13.47
C PRO EA 110 -11.89 90.72 14.12
N SER EA 111 -10.62 91.09 14.07
CA SER EA 111 -9.55 90.24 14.56
C SER EA 111 -8.80 90.84 15.74
N ASN EA 112 -8.65 92.17 15.79
CA ASN EA 112 -7.94 92.82 16.87
C ASN EA 112 -8.76 93.97 17.44
N GLY EA 113 -10.07 93.87 17.41
CA GLY EA 113 -10.94 94.91 17.94
C GLY EA 113 -12.27 94.33 18.39
N VAL EA 114 -13.27 95.19 18.52
CA VAL EA 114 -14.64 94.78 18.83
C VAL EA 114 -15.56 95.78 18.13
N VAL EA 115 -16.72 95.31 17.68
CA VAL EA 115 -17.71 96.18 17.04
C VAL EA 115 -19.06 95.99 17.71
N GLU EA 116 -19.69 97.10 18.11
CA GLU EA 116 -21.02 97.08 18.71
C GLU EA 116 -21.96 97.63 17.65
N LEU EA 117 -22.67 96.76 16.94
CA LEU EA 117 -23.61 97.26 15.95
C LEU EA 117 -24.75 97.99 16.63
N GLY EA 118 -25.01 99.22 16.17
CA GLY EA 118 -26.05 100.05 16.73
C GLY EA 118 -27.42 99.61 16.25
N ALA EA 119 -28.41 100.46 16.51
CA ALA EA 119 -29.77 100.17 16.07
C ALA EA 119 -29.96 100.48 14.60
N ASN EA 120 -29.32 101.54 14.11
CA ASN EA 120 -29.48 101.98 12.73
C ASN EA 120 -28.11 102.16 12.09
N GLY EA 121 -27.66 101.12 11.37
CA GLY EA 121 -26.48 101.19 10.52
C GLY EA 121 -25.26 101.88 11.09
N ALA EA 122 -25.13 101.88 12.41
CA ALA EA 122 -24.00 102.51 13.09
C ALA EA 122 -23.25 101.46 13.87
N PHE EA 123 -21.96 101.70 14.06
CA PHE EA 123 -21.11 100.71 14.71
C PHE EA 123 -19.86 101.40 15.23
N THR EA 124 -19.35 100.87 16.34
CA THR EA 124 -18.15 101.41 16.98
C THR EA 124 -17.09 100.33 17.01
N TYR EA 125 -15.94 100.61 16.40
CA TYR EA 125 -14.83 99.69 16.38
C TYR EA 125 -13.77 100.22 17.33
N THR EA 126 -13.73 99.66 18.53
CA THR EA 126 -12.71 100.01 19.50
C THR EA 126 -11.49 99.13 19.26
N PRO EA 127 -10.41 99.67 18.70
CA PRO EA 127 -9.25 98.82 18.38
C PRO EA 127 -8.62 98.27 19.64
N GLY EA 128 -8.11 97.05 19.53
CA GLY EA 128 -7.44 96.45 20.67
C GLY EA 128 -6.25 97.27 21.12
N ALA EA 129 -6.15 97.45 22.44
CA ALA EA 129 -5.10 98.29 23.01
C ALA EA 129 -3.73 97.75 22.64
N LEU EA 130 -2.80 98.67 22.39
CA LEU EA 130 -1.44 98.35 21.99
C LEU EA 130 -1.44 97.48 20.72
N PHE EA 131 -1.98 98.06 19.65
CA PHE EA 131 -2.03 97.37 18.36
C PHE EA 131 -2.14 98.40 17.26
N THR EA 132 -1.35 98.21 16.19
CA THR EA 132 -1.42 99.11 15.04
C THR EA 132 -1.23 98.28 13.79
N GLY EA 133 -2.26 98.16 12.98
CA GLY EA 133 -2.18 97.43 11.73
C GLY EA 133 -3.42 97.68 10.91
N VAL EA 134 -3.88 96.63 10.23
CA VAL EA 134 -5.11 96.67 9.46
C VAL EA 134 -6.06 95.64 10.03
N ASP EA 135 -7.35 95.92 9.96
CA ASP EA 135 -8.35 95.03 10.51
C ASP EA 135 -9.61 95.08 9.65
N ARG EA 136 -10.24 93.93 9.47
CA ARG EA 136 -11.41 93.80 8.63
C ARG EA 136 -12.54 93.16 9.41
N PHE EA 137 -13.76 93.36 8.92
CA PHE EA 137 -14.91 92.59 9.36
C PHE EA 137 -15.94 92.63 8.25
N TRP EA 138 -16.77 91.59 8.20
CA TRP EA 138 -17.70 91.39 7.09
C TRP EA 138 -19.13 91.56 7.60
N PHE EA 139 -19.78 92.62 7.14
CA PHE EA 139 -21.17 92.89 7.46
C PHE EA 139 -22.07 92.29 6.40
N SER EA 140 -23.36 92.19 6.73
CA SER EA 140 -24.36 91.63 5.82
C SER EA 140 -25.60 92.50 5.87
N ILE EA 141 -25.68 93.48 4.98
CA ILE EA 141 -26.84 94.36 4.89
C ILE EA 141 -27.91 93.63 4.10
N ASN EA 142 -28.83 93.00 4.80
CA ASN EA 142 -29.99 92.36 4.19
C ASN EA 142 -29.56 91.23 3.26
N GLY EA 143 -28.83 90.28 3.81
CA GLY EA 143 -28.42 89.11 3.06
C GLY EA 143 -27.16 89.31 2.23
N ASN EA 144 -26.99 90.51 1.68
CA ASN EA 144 -25.84 90.79 0.84
C ASN EA 144 -24.64 91.18 1.68
N ILE EA 145 -23.49 90.57 1.40
CA ILE EA 145 -22.30 90.67 2.24
C ILE EA 145 -21.27 91.56 1.57
N GLY EA 146 -20.60 92.37 2.36
CA GLY EA 146 -19.46 93.15 1.93
C GLY EA 146 -18.50 93.23 3.09
N GLU EA 147 -17.37 93.91 2.90
CA GLU EA 147 -16.37 94.02 3.95
C GLU EA 147 -16.06 95.48 4.24
N TYR EA 148 -15.71 95.75 5.49
CA TYR EA 148 -15.28 97.05 5.95
C TYR EA 148 -13.85 96.92 6.43
N VAL EA 149 -12.94 97.74 5.89
CA VAL EA 149 -11.52 97.65 6.18
C VAL EA 149 -11.13 98.89 6.98
N ILE EA 150 -10.52 98.68 8.14
CA ILE EA 150 -10.03 99.75 8.99
C ILE EA 150 -8.54 99.55 9.20
N SER EA 151 -7.79 100.64 9.13
CA SER EA 151 -6.35 100.64 9.34
C SER EA 151 -6.03 101.54 10.52
N VAL EA 152 -5.37 100.99 11.53
CA VAL EA 152 -5.04 101.72 12.75
C VAL EA 152 -3.56 102.09 12.69
N ASP EA 153 -3.28 103.38 12.85
CA ASP EA 153 -1.96 103.97 12.67
C ASP EA 153 -1.21 104.04 13.98
N PRO EA 154 0.14 104.02 13.94
CA PRO EA 154 0.90 104.02 15.19
C PRO EA 154 1.16 105.43 15.70
N THR EA 155 0.14 106.28 15.56
CA THR EA 155 0.05 107.64 16.08
C THR EA 155 0.95 108.63 15.36
N THR EA 156 1.90 108.15 14.54
CA THR EA 156 2.76 109.16 13.94
C THR EA 156 2.19 109.75 12.65
N SER EA 157 2.28 109.02 11.53
CA SER EA 157 1.88 109.65 10.29
C SER EA 157 0.48 109.30 9.78
N GLU EA 158 0.39 108.17 9.07
CA GLU EA 158 -0.80 107.69 8.38
C GLU EA 158 -0.47 106.33 7.74
N LEU EA 159 -1.35 105.33 7.83
CA LEU EA 159 -1.06 104.08 7.14
C LEU EA 159 -1.58 104.10 5.70
N PRO EA 160 -0.95 103.31 4.81
CA PRO EA 160 -1.46 103.15 3.44
C PRO EA 160 -2.73 102.32 3.38
N GLN EA 161 -3.17 101.97 2.18
CA GLN EA 161 -4.54 101.49 1.96
C GLN EA 161 -4.52 100.12 1.28
N PRO EA 162 -5.01 99.08 1.96
CA PRO EA 162 -4.89 97.71 1.44
C PRO EA 162 -5.91 97.42 0.35
N PRO EA 163 -5.66 96.39 -0.47
CA PRO EA 163 -6.38 96.27 -1.74
C PRO EA 163 -7.73 95.55 -1.76
N PHE EA 164 -8.46 95.46 -0.64
CA PHE EA 164 -9.85 95.01 -0.71
C PHE EA 164 -10.04 93.60 -1.28
N THR EA 165 -9.69 92.58 -0.48
CA THR EA 165 -9.67 91.19 -0.92
C THR EA 165 -10.79 90.81 -1.88
N THR EA 166 -10.42 90.06 -2.91
CA THR EA 166 -11.31 89.65 -4.00
C THR EA 166 -12.09 88.41 -3.58
N PRO EA 167 -13.14 88.03 -4.36
CA PRO EA 167 -13.91 86.84 -4.01
C PRO EA 167 -13.08 85.57 -3.92
N VAL EA 168 -12.34 85.25 -4.97
CA VAL EA 168 -11.45 84.09 -4.97
C VAL EA 168 -10.04 84.61 -5.17
N TYR EA 169 -9.11 84.08 -4.37
CA TYR EA 169 -7.73 84.54 -4.42
C TYR EA 169 -6.79 83.37 -4.17
N VAL EA 170 -5.53 83.57 -4.49
CA VAL EA 170 -4.48 82.61 -4.22
C VAL EA 170 -3.41 83.33 -3.40
N PRO EA 171 -3.29 83.02 -2.10
CA PRO EA 171 -2.39 83.76 -1.22
C PRO EA 171 -1.02 84.04 -1.81
N ALA EA 172 -0.53 85.26 -1.56
CA ALA EA 172 0.70 85.80 -2.15
C ALA EA 172 1.86 84.80 -2.13
N ALA EA 173 2.22 84.31 -0.95
CA ALA EA 173 3.34 83.38 -0.90
C ALA EA 173 3.08 82.26 0.08
N ARG EA 174 2.39 81.21 -0.39
CA ARG EA 174 2.17 79.99 0.35
C ARG EA 174 2.29 78.80 -0.57
N ARG EA 175 2.95 79.01 -1.70
CA ARG EA 175 3.07 78.04 -2.78
C ARG EA 175 4.42 77.35 -2.68
N SER EA 176 4.47 76.10 -3.08
CA SER EA 176 5.78 75.46 -3.09
C SER EA 176 5.76 74.25 -4.00
N VAL EA 177 6.95 73.77 -4.30
CA VAL EA 177 7.16 72.67 -5.22
C VAL EA 177 8.28 71.81 -4.67
N ASP EA 178 8.06 70.50 -4.63
CA ASP EA 178 9.10 69.56 -4.21
C ASP EA 178 9.69 68.94 -5.46
N PRO EA 179 10.88 69.35 -5.90
CA PRO EA 179 11.43 68.80 -7.16
C PRO EA 179 11.70 67.32 -7.09
N ARG EA 180 11.61 66.73 -5.90
CA ARG EA 180 11.90 65.34 -5.61
C ARG EA 180 10.77 64.42 -6.02
N THR EA 181 9.54 64.92 -6.10
CA THR EA 181 8.39 64.12 -6.51
C THR EA 181 7.47 64.86 -7.47
N HIS EA 182 7.85 66.05 -7.92
CA HIS EA 182 7.11 66.80 -8.93
C HIS EA 182 5.67 67.09 -8.47
N VAL EA 183 5.56 67.83 -7.37
CA VAL EA 183 4.25 68.15 -6.82
C VAL EA 183 4.23 69.61 -6.44
N LEU EA 184 3.22 70.32 -6.92
CA LEU EA 184 3.03 71.73 -6.63
C LEU EA 184 1.91 71.88 -5.60
N LYS EA 185 2.17 72.66 -4.56
CA LYS EA 185 1.19 72.93 -3.52
C LYS EA 185 0.85 74.41 -3.54
N PHE EA 186 -0.44 74.73 -3.45
CA PHE EA 186 -0.84 76.11 -3.29
C PHE EA 186 -2.16 76.15 -2.56
N VAL EA 187 -2.47 77.29 -2.01
CA VAL EA 187 -3.67 77.49 -1.20
C VAL EA 187 -4.69 78.26 -2.02
N LEU EA 188 -5.96 77.93 -1.82
CA LEU EA 188 -7.04 78.59 -2.55
C LEU EA 188 -8.08 79.06 -1.53
N GLY EA 189 -8.21 80.37 -1.39
CA GLY EA 189 -9.10 80.96 -0.40
C GLY EA 189 -10.28 81.64 -1.06
N VAL EA 190 -11.44 81.53 -0.44
CA VAL EA 190 -12.68 82.10 -0.94
C VAL EA 190 -13.17 83.12 0.07
N SER EA 191 -13.42 84.34 -0.38
CA SER EA 191 -13.88 85.38 0.52
C SER EA 191 -15.29 85.07 0.97
N PRO EA 192 -15.72 85.61 2.11
CA PRO EA 192 -17.11 85.40 2.54
C PRO EA 192 -18.13 86.11 1.68
N ALA EA 193 -17.70 86.99 0.79
CA ALA EA 193 -18.62 87.75 -0.05
C ALA EA 193 -18.81 87.11 -1.42
N ALA EA 194 -18.20 85.97 -1.68
CA ALA EA 194 -18.41 85.28 -2.95
C ALA EA 194 -19.86 84.81 -3.04
N ILE EA 195 -20.48 85.06 -4.18
CA ILE EA 195 -21.90 84.77 -4.33
C ILE EA 195 -22.05 83.35 -4.88
N PRO EA 196 -22.87 82.50 -4.25
CA PRO EA 196 -23.01 81.13 -4.73
C PRO EA 196 -23.53 81.08 -6.16
N GLY EA 197 -23.01 80.13 -6.92
CA GLY EA 197 -23.39 79.98 -8.31
C GLY EA 197 -22.40 80.56 -9.29
N ASP EA 198 -21.51 81.44 -8.86
CA ASP EA 198 -20.52 82.02 -9.74
C ASP EA 198 -19.48 80.99 -10.15
N VAL EA 199 -18.72 81.33 -11.19
CA VAL EA 199 -17.64 80.50 -11.69
C VAL EA 199 -16.45 81.39 -11.98
N TYR EA 200 -15.29 81.00 -11.47
CA TYR EA 200 -14.04 81.67 -11.78
C TYR EA 200 -13.09 80.68 -12.44
N ARG EA 201 -12.05 81.21 -13.08
CA ARG EA 201 -11.10 80.38 -13.81
C ARG EA 201 -9.69 80.72 -13.34
N LEU EA 202 -8.95 79.69 -12.93
CA LEU EA 202 -7.58 79.84 -12.48
C LEU EA 202 -6.67 79.20 -13.50
N THR EA 203 -5.70 79.96 -13.99
CA THR EA 203 -4.70 79.45 -14.93
C THR EA 203 -3.34 79.39 -14.26
N VAL EA 204 -2.68 78.24 -14.38
CA VAL EA 204 -1.41 77.97 -13.72
C VAL EA 204 -0.35 77.74 -14.79
N ARG EA 205 0.73 78.50 -14.74
CA ARG EA 205 1.84 78.36 -15.66
C ARG EA 205 3.07 77.91 -14.89
N GLN EA 206 3.44 76.65 -15.06
CA GLN EA 206 4.51 76.04 -14.29
C GLN EA 206 5.67 75.70 -15.21
N VAL EA 207 6.89 75.98 -14.77
CA VAL EA 207 8.10 75.75 -15.54
C VAL EA 207 8.85 74.60 -14.93
N ALA EA 208 9.21 73.62 -15.75
CA ALA EA 208 10.21 72.64 -15.38
C ALA EA 208 11.56 73.21 -15.82
N ILE EA 209 12.61 72.40 -15.74
CA ILE EA 209 13.93 72.90 -16.07
C ILE EA 209 14.76 71.72 -16.53
N ASP EA 210 15.56 71.94 -17.57
CA ASP EA 210 16.43 70.87 -18.06
C ASP EA 210 17.79 70.99 -17.39
N CYS EA 211 18.61 69.98 -17.61
CA CYS EA 211 19.71 69.73 -16.68
C CYS EA 211 20.81 70.79 -16.87
N ASP EA 212 20.75 71.56 -17.96
CA ASP EA 212 21.54 72.77 -18.15
C ASP EA 212 20.85 74.04 -17.70
N GLY EA 213 19.62 73.97 -17.23
CA GLY EA 213 18.93 75.14 -16.73
C GLY EA 213 18.01 75.86 -17.70
N ASN EA 214 17.69 75.26 -18.84
CA ASN EA 214 16.73 75.86 -19.76
C ASN EA 214 15.33 75.53 -19.28
N GLU EA 215 14.30 75.85 -20.07
CA GLU EA 215 12.96 75.93 -19.50
C GLU EA 215 11.99 75.07 -20.30
N PHE EA 216 11.03 74.51 -19.58
CA PHE EA 216 9.91 73.79 -20.17
C PHE EA 216 8.64 74.30 -19.51
N VAL EA 217 7.79 74.96 -20.26
CA VAL EA 217 6.59 75.59 -19.72
C VAL EA 217 5.41 74.65 -19.88
N HIS EA 218 4.46 74.77 -18.97
CA HIS EA 218 3.25 73.96 -18.95
C HIS EA 218 2.09 74.81 -18.44
N ILE EA 219 0.96 74.80 -19.14
CA ILE EA 219 -0.17 75.63 -18.79
C ILE EA 219 -1.42 74.77 -18.67
N SER EA 220 -2.22 75.04 -17.63
CA SER EA 220 -3.50 74.37 -17.42
C SER EA 220 -4.43 75.34 -16.71
N CYS EA 221 -5.72 74.99 -16.65
CA CYS EA 221 -6.67 75.83 -15.95
C CYS EA 221 -7.50 74.99 -15.01
N TYR EA 222 -8.18 75.68 -14.08
CA TYR EA 222 -9.16 75.06 -13.21
C TYR EA 222 -10.36 75.99 -13.09
N ASP EA 223 -11.55 75.41 -13.05
CA ASP EA 223 -12.80 76.16 -12.99
C ASP EA 223 -13.35 76.09 -11.57
N ILE EA 224 -13.21 77.19 -10.84
CA ILE EA 224 -13.66 77.26 -9.45
C ILE EA 224 -15.10 77.72 -9.44
N SER EA 225 -16.01 76.84 -9.04
CA SER EA 225 -17.43 77.12 -9.04
C SER EA 225 -17.89 77.36 -7.61
N ILE EA 226 -18.20 78.61 -7.29
CA ILE EA 226 -18.57 78.97 -5.93
C ILE EA 226 -19.92 78.35 -5.62
N GLY EA 227 -19.93 77.29 -4.82
CA GLY EA 227 -21.14 76.71 -4.32
C GLY EA 227 -21.38 77.15 -2.89
N SER EA 228 -22.63 77.05 -2.48
CA SER EA 228 -23.00 77.22 -1.09
C SER EA 228 -23.36 75.86 -0.53
N CYS EA 229 -23.06 75.67 0.75
CA CYS EA 229 -23.21 74.38 1.39
C CYS EA 229 -22.35 73.31 0.72
N GLY EA 230 -21.03 73.50 0.83
CA GLY EA 230 -20.09 72.53 0.32
C GLY EA 230 -19.86 72.69 -1.15
N MET FA 1 6.22 64.94 -22.88
CA MET FA 1 7.29 64.65 -23.82
C MET FA 1 6.81 63.70 -24.90
N TYR FA 2 6.94 64.11 -26.16
CA TYR FA 2 6.59 63.28 -27.29
C TYR FA 2 7.72 62.30 -27.58
N PHE FA 3 7.34 61.09 -27.99
CA PHE FA 3 8.34 60.10 -28.35
C PHE FA 3 7.92 59.45 -29.66
N PHE FA 4 8.74 59.60 -30.69
CA PHE FA 4 8.45 59.02 -31.99
C PHE FA 4 9.52 58.01 -32.35
N SER FA 5 9.10 56.94 -33.02
CA SER FA 5 10.02 55.98 -33.62
C SER FA 5 9.97 56.16 -35.13
N VAL FA 6 11.13 56.19 -35.75
CA VAL FA 6 11.24 56.52 -37.17
C VAL FA 6 11.03 55.26 -37.99
N ASP FA 7 10.60 55.43 -39.23
CA ASP FA 7 10.37 54.28 -40.10
C ASP FA 7 11.70 53.81 -40.69
N PRO FA 8 11.95 52.50 -40.70
CA PRO FA 8 13.34 52.03 -40.83
C PRO FA 8 13.84 51.86 -42.26
N ARG FA 9 13.05 52.19 -43.28
CA ARG FA 9 13.49 52.13 -44.67
C ARG FA 9 13.92 50.71 -45.05
N ASN FA 10 13.04 49.74 -44.82
CA ASN FA 10 13.23 48.35 -45.20
C ASN FA 10 12.46 47.94 -46.44
N GLY FA 11 11.50 48.74 -46.87
CA GLY FA 11 10.47 48.24 -47.75
C GLY FA 11 9.33 47.61 -47.02
N ALA FA 12 9.16 47.93 -45.74
CA ALA FA 12 8.15 47.33 -44.89
C ALA FA 12 7.61 48.34 -43.88
N SER FA 13 6.96 47.85 -42.84
CA SER FA 13 6.37 48.72 -41.81
C SER FA 13 7.42 49.47 -40.99
N SER FA 21 -3.54 59.48 -41.27
CA SER FA 21 -3.98 59.46 -42.66
C SER FA 21 -2.95 60.14 -43.57
N CYS FA 22 -2.33 61.20 -43.05
CA CYS FA 22 -1.31 61.91 -43.82
C CYS FA 22 0.03 61.20 -43.82
N CYS FA 23 0.96 61.83 -44.52
CA CYS FA 23 2.35 61.42 -44.56
C CYS FA 23 3.05 61.66 -43.23
N CYS FA 24 3.08 62.91 -42.78
CA CYS FA 24 3.87 63.29 -41.62
C CYS FA 24 3.03 63.16 -40.36
N GLU FA 25 3.62 62.57 -39.32
CA GLU FA 25 2.90 62.31 -38.07
C GLU FA 25 2.61 63.62 -37.35
N SER FA 26 1.85 63.51 -36.26
CA SER FA 26 1.16 64.64 -35.66
C SER FA 26 1.70 64.99 -34.28
N ILE FA 27 1.71 66.28 -33.98
CA ILE FA 27 2.12 66.82 -32.70
C ILE FA 27 1.13 67.91 -32.32
N SER FA 28 0.42 67.71 -31.21
CA SER FA 28 -0.49 68.73 -30.74
C SER FA 28 0.23 69.71 -29.84
N ALA FA 29 -0.15 70.99 -29.94
CA ALA FA 29 0.57 72.02 -29.22
C ALA FA 29 -0.41 73.08 -28.73
N ARG FA 30 -0.06 73.70 -27.61
CA ARG FA 30 -0.89 74.70 -26.95
C ARG FA 30 -0.14 76.01 -26.84
N PRO FA 31 -0.77 77.14 -27.16
CA PRO FA 31 -0.05 78.42 -27.18
C PRO FA 31 0.56 78.79 -25.85
N GLY FA 32 1.87 79.02 -25.84
CA GLY FA 32 2.60 79.37 -24.63
C GLY FA 32 3.48 78.27 -24.10
N GLU FA 33 3.19 77.02 -24.44
CA GLU FA 33 3.95 75.88 -23.95
C GLU FA 33 5.36 75.88 -24.52
N VAL FA 34 6.21 75.07 -23.89
CA VAL FA 34 7.51 74.69 -24.41
C VAL FA 34 7.70 73.22 -24.04
N ASN FA 35 7.55 72.34 -25.00
CA ASN FA 35 7.54 70.91 -24.73
C ASN FA 35 8.86 70.28 -25.17
N GLY FA 36 8.97 68.97 -25.07
CA GLY FA 36 10.16 68.28 -25.50
C GLY FA 36 9.84 67.07 -26.35
N VAL FA 37 10.62 66.85 -27.41
CA VAL FA 37 10.36 65.78 -28.37
C VAL FA 37 11.56 64.86 -28.45
N MET FA 38 11.32 63.57 -28.47
CA MET FA 38 12.36 62.56 -28.60
C MET FA 38 12.06 61.67 -29.80
N VAL FA 39 13.07 61.48 -30.64
CA VAL FA 39 12.94 60.66 -31.85
C VAL FA 39 13.99 59.56 -31.78
N SER FA 40 13.56 58.31 -31.95
CA SER FA 40 14.42 57.14 -31.78
C SER FA 40 14.79 56.60 -33.16
N TYR FA 41 15.99 56.94 -33.62
CA TYR FA 41 16.48 56.46 -34.90
C TYR FA 41 17.02 55.04 -34.85
N ALA FA 42 16.78 54.31 -33.76
CA ALA FA 42 17.39 52.99 -33.61
C ALA FA 42 17.00 52.04 -34.73
N ALA FA 43 15.74 52.09 -35.16
CA ALA FA 43 15.28 51.15 -36.18
C ALA FA 43 15.98 51.35 -37.52
N TRP FA 44 16.49 52.54 -37.79
CA TRP FA 44 17.13 52.84 -39.08
C TRP FA 44 18.64 52.82 -39.01
N SER FA 45 19.22 53.34 -37.94
CA SER FA 45 20.66 53.53 -37.86
C SER FA 45 21.38 52.39 -37.16
N ALA FA 46 20.67 51.44 -36.56
CA ALA FA 46 21.36 50.33 -35.91
C ALA FA 46 21.87 49.32 -36.93
N PRO FA 47 21.06 48.85 -37.89
CA PRO FA 47 21.61 47.97 -38.92
C PRO FA 47 22.80 48.56 -39.66
N LEU FA 48 22.81 49.86 -39.90
CA LEU FA 48 23.97 50.51 -40.48
C LEU FA 48 25.09 50.57 -39.44
N ARG FA 49 25.67 49.40 -39.16
CA ARG FA 49 26.63 49.32 -38.07
C ARG FA 49 27.78 50.28 -38.32
N GLY FA 50 27.84 51.34 -37.52
CA GLY FA 50 28.82 52.38 -37.70
C GLY FA 50 29.01 53.18 -36.43
N HIS FA 51 29.15 54.49 -36.56
CA HIS FA 51 29.32 55.35 -35.40
C HIS FA 51 28.06 56.12 -35.04
N GLY FA 52 26.90 55.59 -35.39
CA GLY FA 52 25.65 56.16 -34.92
C GLY FA 52 25.36 57.53 -35.51
N LEU FA 53 24.59 58.31 -34.76
CA LEU FA 53 24.14 59.61 -35.22
C LEU FA 53 25.24 60.64 -35.03
N THR FA 54 25.08 61.80 -35.68
CA THR FA 54 25.96 62.93 -35.46
C THR FA 54 25.12 64.18 -35.23
N ASN FA 55 25.76 65.22 -34.71
CA ASN FA 55 25.07 66.48 -34.40
C ASN FA 55 25.03 67.38 -35.64
N LYS FA 56 24.47 66.85 -36.71
CA LYS FA 56 24.24 67.64 -37.91
C LYS FA 56 22.77 67.53 -38.33
N THR FA 57 21.88 67.76 -37.39
CA THR FA 57 20.45 67.82 -37.69
C THR FA 57 20.09 69.20 -38.20
N THR FA 58 19.12 69.24 -39.11
CA THR FA 58 18.63 70.48 -39.67
C THR FA 58 17.11 70.46 -39.61
N PHE FA 59 16.53 71.57 -39.18
CA PHE FA 59 15.09 71.70 -39.03
C PHE FA 59 14.56 72.77 -39.97
N GLU FA 60 13.28 72.66 -40.32
CA GLU FA 60 12.63 73.68 -41.12
C GLU FA 60 11.16 73.73 -40.76
N ILE FA 61 10.64 74.94 -40.55
CA ILE FA 61 9.24 75.14 -40.21
C ILE FA 61 8.56 75.82 -41.39
N ASP FA 62 7.42 75.28 -41.79
CA ASP FA 62 6.59 75.86 -42.84
C ASP FA 62 5.14 75.70 -42.46
N GLY FA 63 4.33 76.72 -42.76
CA GLY FA 63 2.94 76.71 -42.41
C GLY FA 63 2.08 76.09 -43.48
N VAL FA 64 1.16 75.22 -43.07
CA VAL FA 64 0.16 74.67 -43.96
C VAL FA 64 -1.20 75.33 -43.76
N SER FA 65 -1.32 76.19 -42.75
CA SER FA 65 -2.51 76.96 -42.43
C SER FA 65 -2.11 77.99 -41.38
N VAL FA 66 -2.29 79.28 -41.64
CA VAL FA 66 -1.67 80.31 -40.81
C VAL FA 66 -2.69 81.23 -40.15
N THR FA 67 -3.74 81.65 -40.85
CA THR FA 67 -4.70 82.59 -40.29
C THR FA 67 -3.99 83.89 -39.90
N PRO FA 68 -3.68 84.76 -40.86
CA PRO FA 68 -2.82 85.92 -40.60
C PRO FA 68 -3.25 86.68 -39.36
N PRO FA 69 -2.29 87.22 -38.60
CA PRO FA 69 -2.64 87.88 -37.34
C PRO FA 69 -3.33 89.21 -37.57
N LYS FA 70 -4.11 89.62 -36.58
CA LYS FA 70 -4.83 90.88 -36.65
C LYS FA 70 -3.99 92.05 -36.17
N VAL FA 71 -3.37 91.92 -35.01
CA VAL FA 71 -2.64 93.00 -34.37
C VAL FA 71 -1.18 92.89 -34.74
N SER FA 72 -0.56 94.01 -35.09
CA SER FA 72 0.85 93.99 -35.45
C SER FA 72 1.72 93.94 -34.19
N ASN FA 73 2.95 93.49 -34.37
CA ASN FA 73 3.93 93.56 -33.30
C ASN FA 73 4.66 94.89 -33.39
N ALA FA 74 5.55 95.15 -32.44
CA ALA FA 74 6.20 96.46 -32.38
C ALA FA 74 7.55 96.32 -31.72
N PHE FA 75 8.40 97.32 -31.96
CA PHE FA 75 9.74 97.35 -31.38
C PHE FA 75 10.02 98.73 -30.82
N GLY FA 76 10.57 98.78 -29.61
CA GLY FA 76 10.98 100.01 -28.98
C GLY FA 76 12.42 99.93 -28.52
N ARG FA 77 12.92 101.07 -28.05
CA ARG FA 77 14.30 101.14 -27.62
C ARG FA 77 14.46 102.18 -26.51
N THR FA 78 15.33 101.87 -25.56
CA THR FA 78 15.58 102.76 -24.42
C THR FA 78 16.98 102.49 -23.90
N LYS FA 79 17.56 103.48 -23.24
CA LYS FA 79 18.84 103.29 -22.59
C LYS FA 79 18.64 102.68 -21.21
N VAL FA 80 19.75 102.32 -20.57
CA VAL FA 80 19.63 101.73 -19.23
C VAL FA 80 19.06 102.74 -18.26
N GLY FA 81 18.19 102.26 -17.37
CA GLY FA 81 17.67 103.03 -16.27
C GLY FA 81 16.59 104.04 -16.62
N VAL FA 82 16.52 104.50 -17.85
CA VAL FA 82 15.52 105.51 -18.21
C VAL FA 82 14.20 104.83 -18.54
N VAL FA 83 13.12 105.38 -17.99
CA VAL FA 83 11.78 104.81 -18.16
C VAL FA 83 11.35 104.99 -19.61
N PHE FA 84 10.64 104.00 -20.13
CA PHE FA 84 10.23 103.98 -21.51
C PHE FA 84 8.71 104.05 -21.61
N GLU FA 85 8.22 104.90 -22.51
CA GLU FA 85 6.81 105.01 -22.83
C GLU FA 85 6.58 104.51 -24.25
N GLY FA 86 5.31 104.24 -24.54
CA GLY FA 86 4.91 103.81 -25.86
C GLY FA 86 3.42 103.71 -25.93
N THR FA 87 2.92 103.53 -27.15
CA THR FA 87 1.49 103.44 -27.38
C THR FA 87 1.13 102.01 -27.77
N LEU FA 88 -0.16 101.71 -27.64
CA LEU FA 88 -0.64 100.36 -27.93
C LEU FA 88 -1.92 100.44 -28.76
N SER FA 89 -2.06 101.47 -29.59
CA SER FA 89 -3.27 101.66 -30.37
C SER FA 89 -3.05 101.69 -31.87
N ASP FA 90 -1.85 102.01 -32.34
CA ASP FA 90 -1.54 101.96 -33.76
C ASP FA 90 -1.12 100.56 -34.18
N LEU FA 91 -1.27 99.58 -33.28
CA LEU FA 91 -0.89 98.21 -33.54
C LEU FA 91 -2.10 97.34 -33.83
N PHE FA 92 -3.28 97.95 -33.94
CA PHE FA 92 -4.53 97.22 -34.19
C PHE FA 92 -5.31 97.95 -35.27
N PRO FA 93 -4.86 97.85 -36.52
CA PRO FA 93 -5.69 98.40 -37.61
C PRO FA 93 -6.97 97.60 -37.70
N ASN FA 94 -8.08 98.21 -37.32
CA ASN FA 94 -9.34 97.47 -37.33
C ASN FA 94 -10.10 97.71 -38.62
N PRO FA 95 -10.70 96.67 -39.21
CA PRO FA 95 -11.56 96.88 -40.38
C PRO FA 95 -12.86 97.56 -39.99
N GLU FA 96 -13.49 97.03 -38.95
CA GLU FA 96 -14.84 97.41 -38.55
C GLU FA 96 -14.85 98.41 -37.41
N GLY FA 97 -16.04 98.70 -36.88
CA GLY FA 97 -16.19 99.54 -35.71
C GLY FA 97 -16.35 98.77 -34.41
N GLU FA 98 -15.44 98.99 -33.47
CA GLU FA 98 -15.50 98.34 -32.17
C GLU FA 98 -14.53 99.04 -31.25
N GLN FA 99 -14.59 98.67 -29.97
CA GLN FA 99 -13.73 99.21 -28.93
C GLN FA 99 -12.57 98.25 -28.63
N VAL FA 100 -11.56 98.81 -27.98
CA VAL FA 100 -10.25 98.18 -27.85
C VAL FA 100 -9.90 97.93 -26.38
N GLU FA 101 -10.22 96.73 -25.89
CA GLU FA 101 -9.91 96.35 -24.53
C GLU FA 101 -8.47 95.92 -24.38
N TYR FA 102 -7.55 96.88 -24.36
CA TYR FA 102 -6.13 96.60 -24.16
C TYR FA 102 -5.90 95.79 -22.90
N GLU FA 103 -5.06 94.77 -23.00
CA GLU FA 103 -4.83 93.87 -21.87
C GLU FA 103 -3.41 93.34 -21.89
N ILE FA 104 -2.78 93.26 -20.72
CA ILE FA 104 -1.46 92.68 -20.55
C ILE FA 104 -1.61 91.48 -19.64
N SER FA 105 -1.53 90.28 -20.21
CA SER FA 105 -1.70 89.05 -19.45
C SER FA 105 -0.54 88.90 -18.46
N GLU FA 106 -0.86 88.54 -17.21
CA GLU FA 106 0.16 88.32 -16.21
C GLU FA 106 0.97 87.07 -16.45
N LEU FA 107 0.47 86.12 -17.23
CA LEU FA 107 1.24 84.92 -17.51
C LEU FA 107 2.40 85.23 -18.44
N ASN FA 108 2.24 86.20 -19.33
CA ASN FA 108 3.23 86.54 -20.33
C ASN FA 108 3.68 87.98 -20.21
N GLY FA 109 3.86 88.45 -18.97
CA GLY FA 109 4.32 89.81 -18.76
C GLY FA 109 5.79 89.92 -19.07
N PRO FA 110 6.39 91.07 -18.73
CA PRO FA 110 7.82 91.25 -18.97
C PRO FA 110 8.67 90.40 -18.05
N SER FA 111 9.98 90.43 -18.23
CA SER FA 111 10.88 89.58 -17.47
C SER FA 111 11.84 90.35 -16.58
N ASN FA 112 12.26 91.55 -16.99
CA ASN FA 112 13.17 92.35 -16.19
C ASN FA 112 12.67 93.78 -16.06
N GLY FA 113 11.36 93.97 -16.05
CA GLY FA 113 10.77 95.29 -15.91
C GLY FA 113 9.40 95.21 -15.29
N VAL FA 114 8.61 96.27 -15.47
CA VAL FA 114 7.22 96.32 -15.04
C VAL FA 114 6.48 97.21 -16.03
N VAL FA 115 5.22 96.88 -16.30
CA VAL FA 115 4.38 97.68 -17.20
C VAL FA 115 3.08 98.04 -16.50
N GLU FA 116 2.74 99.33 -16.51
CA GLU FA 116 1.48 99.82 -15.93
C GLU FA 116 0.60 100.18 -17.13
N LEU FA 117 -0.33 99.31 -17.49
CA LEU FA 117 -1.21 99.64 -18.59
C LEU FA 117 -2.12 100.80 -18.22
N GLY FA 118 -2.14 101.83 -19.07
CA GLY FA 118 -2.94 103.00 -18.84
C GLY FA 118 -4.41 102.75 -19.13
N ALA FA 119 -5.16 103.85 -19.18
CA ALA FA 119 -6.59 103.74 -19.49
C ALA FA 119 -6.82 103.57 -20.99
N ASN FA 120 -6.01 104.23 -21.81
CA ASN FA 120 -6.18 104.20 -23.26
C ASN FA 120 -4.85 103.84 -23.91
N GLY FA 121 -4.69 102.55 -24.24
CA GLY FA 121 -3.60 102.06 -25.05
C GLY FA 121 -2.22 102.60 -24.75
N ALA FA 122 -1.99 103.02 -23.52
CA ALA FA 122 -0.71 103.56 -23.10
C ALA FA 122 -0.13 102.70 -21.99
N PHE FA 123 1.20 102.69 -21.90
CA PHE FA 123 1.86 101.81 -20.96
C PHE FA 123 3.26 102.33 -20.70
N THR FA 124 3.74 102.11 -19.47
CA THR FA 124 5.06 102.55 -19.06
C THR FA 124 5.87 101.33 -18.66
N TYR FA 125 6.99 101.13 -19.33
CA TYR FA 125 7.89 100.02 -19.04
C TYR FA 125 9.11 100.58 -18.32
N THR FA 126 9.11 100.47 -17.00
CA THR FA 126 10.26 100.89 -16.21
C THR FA 126 11.25 99.73 -16.14
N PRO FA 127 12.37 99.79 -16.84
CA PRO FA 127 13.28 98.64 -16.85
C PRO FA 127 13.89 98.42 -15.47
N GLY FA 128 14.12 97.15 -15.16
CA GLY FA 128 14.73 96.83 -13.88
C GLY FA 128 16.10 97.45 -13.74
N ALA FA 129 16.34 98.05 -12.57
CA ALA FA 129 17.58 98.77 -12.32
C ALA FA 129 18.78 97.85 -12.48
N LEU FA 130 19.86 98.39 -13.04
CA LEU FA 130 21.08 97.64 -13.30
C LEU FA 130 20.80 96.43 -14.19
N PHE FA 131 20.31 96.72 -15.40
CA PHE FA 131 20.01 95.66 -16.36
C PHE FA 131 20.05 96.26 -17.76
N THR FA 132 20.68 95.55 -18.69
CA THR FA 132 20.72 96.00 -20.08
C THR FA 132 20.64 94.77 -20.97
N GLY FA 133 19.54 94.64 -21.69
CA GLY FA 133 19.37 93.53 -22.61
C GLY FA 133 18.15 93.75 -23.46
N VAL FA 134 17.43 92.68 -23.74
CA VAL FA 134 16.18 92.73 -24.48
C VAL FA 134 15.07 92.18 -23.59
N ASP FA 135 13.87 92.73 -23.75
CA ASP FA 135 12.75 92.32 -22.92
C ASP FA 135 11.47 92.36 -23.75
N ARG FA 136 10.60 91.39 -23.52
CA ARG FA 136 9.36 91.25 -24.26
C ARG FA 136 8.18 91.19 -23.30
N PHE FA 137 7.00 91.48 -23.85
CA PHE FA 137 5.75 91.19 -23.17
C PHE FA 137 4.66 91.09 -24.22
N TRP FA 138 3.64 90.30 -23.91
CA TRP FA 138 2.60 89.97 -24.88
C TRP FA 138 1.29 90.61 -24.47
N PHE FA 139 0.85 91.57 -25.26
CA PHE FA 139 -0.43 92.23 -25.06
C PHE FA 139 -1.52 91.53 -25.85
N SER FA 140 -2.77 91.85 -25.49
CA SER FA 140 -3.93 91.25 -26.15
C SER FA 140 -4.96 92.35 -26.41
N ILE FA 141 -4.88 92.96 -27.59
CA ILE FA 141 -5.84 94.00 -27.97
C ILE FA 141 -7.09 93.30 -28.47
N ASN FA 142 -8.07 93.18 -27.58
CA ASN FA 142 -9.39 92.65 -27.94
C ASN FA 142 -9.28 91.21 -28.44
N GLY FA 143 -8.73 90.36 -27.58
CA GLY FA 143 -8.63 88.94 -27.89
C GLY FA 143 -7.43 88.57 -28.73
N ASN FA 144 -7.05 89.44 -29.66
CA ASN FA 144 -5.94 89.14 -30.54
C ASN FA 144 -4.62 89.51 -29.88
N ILE FA 145 -3.65 88.60 -29.95
CA ILE FA 145 -2.41 88.72 -29.19
C ILE FA 145 -1.26 89.05 -30.12
N GLY FA 146 -0.37 89.92 -29.65
CA GLY FA 146 0.86 90.24 -30.33
C GLY FA 146 1.91 90.48 -29.26
N GLU FA 147 3.13 90.79 -29.69
CA GLU FA 147 4.20 91.00 -28.74
C GLU FA 147 4.85 92.36 -28.97
N TYR FA 148 5.34 92.95 -27.89
CA TYR FA 148 6.08 94.19 -27.92
C TYR FA 148 7.48 93.92 -27.41
N VAL FA 149 8.49 94.28 -28.21
CA VAL FA 149 9.87 93.98 -27.89
C VAL FA 149 10.59 95.29 -27.58
N ILE FA 150 11.22 95.35 -26.42
CA ILE FA 150 12.00 96.51 -25.99
C ILE FA 150 13.42 96.06 -25.72
N SER FA 151 14.38 96.85 -26.16
CA SER FA 151 15.80 96.60 -25.96
C SER FA 151 16.39 97.75 -25.16
N VAL FA 152 17.00 97.44 -24.02
CA VAL FA 152 17.58 98.44 -23.13
C VAL FA 152 19.09 98.42 -23.32
N ASP FA 153 19.64 99.59 -23.60
CA ASP FA 153 21.04 99.77 -23.99
C ASP FA 153 21.89 100.10 -22.78
N PRO FA 154 23.19 99.77 -22.81
CA PRO FA 154 24.04 100.03 -21.64
C PRO FA 154 24.63 101.42 -21.64
N THR FA 155 23.80 102.38 -22.07
CA THR FA 155 24.04 103.82 -22.06
C THR FA 155 25.09 104.27 -23.08
N THR FA 156 25.84 103.36 -23.68
CA THR FA 156 26.85 103.86 -24.58
C THR FA 156 26.32 104.11 -26.00
N SER FA 157 26.17 103.05 -26.80
CA SER FA 157 25.81 103.29 -28.18
C SER FA 157 24.34 103.11 -28.54
N GLU FA 158 23.95 101.86 -28.81
CA GLU FA 158 22.63 101.46 -29.29
C GLU FA 158 22.61 99.94 -29.42
N LEU FA 159 21.55 99.26 -29.00
CA LEU FA 159 21.52 97.81 -29.21
C LEU FA 159 20.91 97.45 -30.58
N PRO FA 160 21.28 96.30 -31.13
CA PRO FA 160 20.63 95.81 -32.37
C PRO FA 160 19.22 95.31 -32.13
N GLN FA 161 18.61 94.68 -33.14
CA GLN FA 161 17.17 94.48 -33.18
C GLN FA 161 16.85 92.99 -33.34
N PRO FA 162 16.20 92.39 -32.35
CA PRO FA 162 15.98 90.93 -32.36
C PRO FA 162 14.85 90.53 -33.28
N PRO FA 163 14.80 89.27 -33.70
CA PRO FA 163 13.97 88.88 -34.86
C PRO FA 163 12.51 88.53 -34.62
N PHE FA 164 11.86 88.99 -33.54
CA PHE FA 164 10.40 88.86 -33.45
C PHE FA 164 9.89 87.43 -33.49
N THR FA 165 10.06 86.68 -32.40
CA THR FA 165 9.76 85.26 -32.33
C THR FA 165 8.51 84.85 -33.10
N THR FA 166 8.63 83.73 -33.81
CA THR FA 166 7.60 83.19 -34.68
C THR FA 166 6.60 82.37 -33.88
N PRO FA 167 5.45 82.00 -34.47
CA PRO FA 167 4.46 81.21 -33.73
C PRO FA 167 5.00 79.89 -33.20
N VAL FA 168 5.57 79.07 -34.07
CA VAL FA 168 6.20 77.82 -33.68
C VAL FA 168 7.67 77.89 -34.04
N TYR FA 169 8.53 77.47 -33.11
CA TYR FA 169 9.96 77.56 -33.32
C TYR FA 169 10.64 76.38 -32.67
N VAL FA 170 11.90 76.16 -33.04
CA VAL FA 170 12.74 75.13 -32.45
C VAL FA 170 13.99 75.82 -31.93
N PRO FA 171 14.15 75.95 -30.61
CA PRO FA 171 15.25 76.72 -30.04
C PRO FA 171 16.60 76.47 -30.69
N ALA FA 172 17.36 77.55 -30.88
CA ALA FA 172 18.61 77.57 -31.61
C ALA FA 172 19.53 76.41 -31.25
N ALA FA 173 19.88 76.27 -29.98
CA ALA FA 173 20.77 75.18 -29.61
C ALA FA 173 20.35 74.54 -28.30
N ARG FA 174 19.44 73.58 -28.38
CA ARG FA 174 19.01 72.78 -27.26
C ARG FA 174 18.80 71.34 -27.72
N ARG FA 175 19.41 71.00 -28.85
CA ARG FA 175 19.22 69.73 -29.52
C ARG FA 175 20.40 68.83 -29.19
N SER FA 176 20.16 67.53 -29.14
CA SER FA 176 21.29 66.66 -28.92
C SER FA 176 20.94 65.24 -29.35
N VAL FA 177 21.98 64.44 -29.48
CA VAL FA 177 21.88 63.07 -29.96
C VAL FA 177 22.83 62.22 -29.15
N ASP FA 178 22.34 61.09 -28.65
CA ASP FA 178 23.19 60.14 -27.94
C ASP FA 178 23.53 59.02 -28.90
N PRO FA 179 24.74 58.97 -29.45
CA PRO FA 179 25.05 57.92 -30.43
C PRO FA 179 25.03 56.53 -29.86
N ARG FA 180 24.90 56.41 -28.54
CA ARG FA 180 24.91 55.17 -27.80
C ARG FA 180 23.57 54.44 -27.86
N THR FA 181 22.47 55.16 -28.11
CA THR FA 181 21.16 54.55 -28.21
C THR FA 181 20.35 55.12 -29.37
N HIS FA 182 20.93 55.97 -30.20
CA HIS FA 182 20.29 56.47 -31.41
C HIS FA 182 18.99 57.21 -31.08
N VAL FA 183 19.12 58.29 -30.31
CA VAL FA 183 17.97 59.06 -29.89
C VAL FA 183 18.28 60.54 -30.05
N LEU FA 184 17.41 61.25 -30.75
CA LEU FA 184 17.54 62.68 -30.96
C LEU FA 184 16.57 63.41 -30.05
N LYS FA 185 17.07 64.42 -29.33
CA LYS FA 185 16.24 65.24 -28.45
C LYS FA 185 16.23 66.66 -28.98
N PHE FA 186 15.06 67.28 -29.01
CA PHE FA 186 14.97 68.68 -29.34
C PHE FA 186 13.74 69.27 -28.66
N VAL FA 187 13.73 70.56 -28.54
CA VAL FA 187 12.67 71.29 -27.86
C VAL FA 187 11.77 71.94 -28.88
N LEU FA 188 10.48 72.00 -28.59
CA LEU FA 188 9.51 72.61 -29.50
C LEU FA 188 8.69 73.61 -28.71
N GLY FA 189 8.85 74.88 -29.03
CA GLY FA 189 8.18 75.95 -28.30
C GLY FA 189 7.13 76.62 -29.16
N VAL FA 190 6.02 76.99 -28.53
CA VAL FA 190 4.89 77.63 -29.21
C VAL FA 190 4.70 79.01 -28.61
N SER FA 191 4.69 80.03 -29.45
CA SER FA 191 4.54 81.38 -28.97
C SER FA 191 3.13 81.57 -28.43
N PRO FA 192 2.91 82.55 -27.55
CA PRO FA 192 1.55 82.81 -27.08
C PRO FA 192 0.64 83.41 -28.13
N ALA FA 193 1.17 83.81 -29.27
CA ALA FA 193 0.38 84.43 -30.32
C ALA FA 193 -0.05 83.43 -31.39
N ALA FA 194 0.28 82.16 -31.24
CA ALA FA 194 -0.17 81.16 -32.19
C ALA FA 194 -1.68 81.03 -32.11
N ILE FA 195 -2.33 81.02 -33.27
CA ILE FA 195 -3.79 81.01 -33.31
C ILE FA 195 -4.28 79.57 -33.34
N PRO FA 196 -5.20 79.19 -32.47
CA PRO FA 196 -5.67 77.80 -32.44
C PRO FA 196 -6.31 77.39 -33.75
N GLY FA 197 -6.06 76.15 -34.14
CA GLY FA 197 -6.56 75.63 -35.39
C GLY FA 197 -5.55 75.61 -36.51
N ASP FA 198 -4.47 76.36 -36.40
CA ASP FA 198 -3.45 76.37 -37.45
C ASP FA 198 -2.68 75.06 -37.47
N VAL FA 199 -1.95 74.85 -38.57
CA VAL FA 199 -1.12 73.67 -38.74
C VAL FA 199 0.21 74.12 -39.32
N TYR FA 200 1.29 73.67 -38.71
CA TYR FA 200 2.63 73.90 -39.23
C TYR FA 200 3.30 72.55 -39.51
N ARG FA 201 4.36 72.58 -40.30
CA ARG FA 201 5.06 71.37 -40.69
C ARG FA 201 6.54 71.51 -40.37
N LEU FA 202 7.08 70.55 -39.63
CA LEU FA 202 8.48 70.53 -39.25
C LEU FA 202 9.15 69.38 -39.99
N THR FA 203 10.23 69.69 -40.72
CA THR FA 203 11.01 68.69 -41.42
C THR FA 203 12.37 68.55 -40.76
N VAL FA 204 12.76 67.32 -40.48
CA VAL FA 204 13.99 66.99 -39.77
C VAL FA 204 14.89 66.18 -40.70
N ARG FA 205 16.11 66.65 -40.90
CA ARG FA 205 17.09 65.97 -41.72
C ARG FA 205 18.26 65.54 -40.84
N GLN FA 206 18.34 64.25 -40.57
CA GLN FA 206 19.31 63.70 -39.64
C GLN FA 206 20.29 62.81 -40.38
N VAL FA 207 21.58 62.96 -40.05
CA VAL FA 207 22.63 62.20 -40.71
C VAL FA 207 23.18 61.18 -39.73
N ALA FA 208 23.26 59.94 -40.16
CA ALA FA 208 24.06 58.94 -39.49
C ALA FA 208 25.45 59.01 -40.09
N ILE FA 209 26.30 58.06 -39.73
CA ILE FA 209 27.68 58.10 -40.21
C ILE FA 209 28.21 56.67 -40.24
N ASP FA 210 28.94 56.34 -41.29
CA ASP FA 210 29.53 55.02 -41.38
C ASP FA 210 30.93 55.04 -40.80
N CYS FA 211 31.49 53.85 -40.65
CA CYS FA 211 32.58 53.69 -39.70
C CYS FA 211 33.86 54.34 -40.24
N ASP FA 212 33.88 54.70 -41.52
CA ASP FA 212 34.90 55.56 -42.12
C ASP FA 212 34.53 57.04 -42.14
N GLY FA 213 33.35 57.40 -41.67
CA GLY FA 213 32.97 58.80 -41.61
C GLY FA 213 32.15 59.33 -42.76
N ASN FA 214 31.63 58.47 -43.64
CA ASN FA 214 30.75 58.93 -44.69
C ASN FA 214 29.34 59.11 -44.14
N GLU FA 215 28.36 59.37 -44.99
CA GLU FA 215 27.11 59.93 -44.49
C GLU FA 215 25.92 59.11 -44.93
N PHE FA 216 24.92 59.04 -44.07
CA PHE FA 216 23.63 58.44 -44.37
C PHE FA 216 22.55 59.41 -43.92
N VAL FA 217 21.81 59.97 -44.86
CA VAL FA 217 20.82 60.99 -44.57
C VAL FA 217 19.45 60.35 -44.40
N HIS FA 218 18.62 60.99 -43.58
CA HIS FA 218 17.27 60.52 -43.29
C HIS FA 218 16.37 61.73 -43.10
N ILE FA 219 15.22 61.74 -43.75
CA ILE FA 219 14.31 62.87 -43.72
C ILE FA 219 12.92 62.41 -43.31
N SER FA 220 12.28 63.18 -42.43
CA SER FA 220 10.91 62.93 -42.00
C SER FA 220 10.26 64.27 -41.66
N CYS FA 221 8.94 64.27 -41.49
CA CYS FA 221 8.23 65.49 -41.13
C CYS FA 221 7.33 65.23 -39.95
N TYR FA 222 6.89 66.31 -39.32
CA TYR FA 222 5.86 66.26 -38.29
C TYR FA 222 4.92 67.43 -38.49
N ASP FA 223 3.63 67.18 -38.25
CA ASP FA 223 2.58 68.17 -38.46
C ASP FA 223 2.14 68.70 -37.11
N ILE FA 224 2.56 69.93 -36.79
CA ILE FA 224 2.25 70.55 -35.52
C ILE FA 224 0.95 71.31 -35.68
N SER FA 225 -0.10 70.85 -34.99
CA SER FA 225 -1.43 71.43 -35.10
C SER FA 225 -1.71 72.23 -33.84
N ILE FA 226 -1.72 73.56 -33.96
CA ILE FA 226 -1.90 74.43 -32.81
C ILE FA 226 -3.32 74.27 -32.31
N GLY FA 227 -3.48 73.57 -31.19
CA GLY FA 227 -4.76 73.48 -30.52
C GLY FA 227 -4.78 74.42 -29.33
N SER FA 228 -6.00 74.74 -28.91
CA SER FA 228 -6.22 75.46 -27.67
C SER FA 228 -6.81 74.48 -26.67
N CYS FA 229 -6.45 74.67 -25.41
CA CYS FA 229 -6.82 73.73 -24.36
C CYS FA 229 -6.26 72.35 -24.62
N GLY FA 230 -4.94 72.24 -24.58
CA GLY FA 230 -4.26 70.98 -24.72
C GLY FA 230 -4.12 70.58 -26.17
N MET GA 1 17.93 50.31 -43.92
CA MET GA 1 18.83 49.48 -44.70
C MET GA 1 18.08 48.35 -45.38
N TYR GA 2 18.19 48.28 -46.70
CA TYR GA 2 17.58 47.21 -47.48
C TYR GA 2 18.45 45.97 -47.42
N PHE GA 3 17.80 44.81 -47.39
CA PHE GA 3 18.52 43.55 -47.38
C PHE GA 3 17.87 42.62 -48.39
N PHE GA 4 18.62 42.22 -49.41
CA PHE GA 4 18.11 41.32 -50.43
C PHE GA 4 18.91 40.03 -50.42
N SER GA 5 18.23 38.93 -50.67
CA SER GA 5 18.87 37.64 -50.91
C SER GA 5 18.73 37.30 -52.38
N VAL GA 6 19.82 36.86 -52.99
CA VAL GA 6 19.88 36.66 -54.43
C VAL GA 6 19.35 35.28 -54.77
N ASP GA 7 18.88 35.12 -56.00
CA ASP GA 7 18.34 33.84 -56.40
C ASP GA 7 19.48 32.90 -56.80
N PRO GA 8 19.45 31.64 -56.36
CA PRO GA 8 20.69 30.86 -56.32
C PRO GA 8 21.02 30.11 -57.60
N ARG GA 9 20.25 30.25 -58.67
CA ARG GA 9 20.55 29.62 -59.96
C ARG GA 9 20.64 28.10 -59.83
N ASN GA 10 19.60 27.49 -59.28
CA ASN GA 10 19.46 26.05 -59.16
C ASN GA 10 18.52 25.42 -60.17
N GLY GA 11 17.72 26.24 -60.86
CA GLY GA 11 16.55 25.71 -61.51
C GLY GA 11 15.35 25.64 -60.59
N ALA GA 12 15.36 26.40 -59.50
CA ALA GA 12 14.31 26.36 -58.50
C ALA GA 12 14.08 27.74 -57.90
N SER GA 13 13.44 27.80 -56.75
CA SER GA 13 13.13 29.07 -56.08
C SER GA 13 14.38 29.79 -55.58
N SER GA 21 5.78 41.33 -59.26
CA SER GA 21 5.24 40.95 -60.56
C SER GA 21 6.31 41.04 -61.64
N CYS GA 22 7.19 42.03 -61.54
CA CYS GA 22 8.26 42.19 -62.50
C CYS GA 22 9.42 41.24 -62.26
N CYS GA 23 10.40 41.37 -63.14
CA CYS GA 23 11.66 40.67 -63.04
C CYS GA 23 12.51 41.17 -61.87
N CYS GA 24 12.83 42.46 -61.87
CA CYS GA 24 13.78 43.02 -60.93
C CYS GA 24 13.04 43.51 -59.69
N GLU GA 25 13.57 43.19 -58.51
CA GLU GA 25 12.92 43.54 -57.26
C GLU GA 25 12.96 45.05 -57.03
N SER GA 26 12.29 45.48 -55.97
CA SER GA 26 11.90 46.88 -55.79
C SER GA 26 12.62 47.53 -54.62
N ILE GA 27 12.92 48.82 -54.79
CA ILE GA 27 13.54 49.65 -53.77
C ILE GA 27 12.83 50.99 -53.78
N SER GA 28 12.19 51.35 -52.68
CA SER GA 28 11.55 52.64 -52.58
C SER GA 28 12.54 53.68 -52.08
N ALA GA 29 12.42 54.89 -52.60
CA ALA GA 29 13.41 55.92 -52.30
C ALA GA 29 12.71 57.26 -52.19
N ARG GA 30 13.28 58.14 -51.36
CA ARG GA 30 12.73 59.46 -51.09
C ARG GA 30 13.75 60.53 -51.44
N PRO GA 31 13.34 61.60 -52.12
CA PRO GA 31 14.31 62.59 -52.59
C PRO GA 31 15.09 63.24 -51.46
N GLY GA 32 16.42 63.16 -51.54
CA GLY GA 32 17.30 63.72 -50.53
C GLY GA 32 17.97 62.69 -49.65
N GLU GA 33 17.40 61.50 -49.54
CA GLU GA 33 17.93 60.46 -48.69
C GLU GA 33 19.26 59.94 -49.22
N VAL GA 34 19.97 59.22 -48.36
CA VAL GA 34 21.11 58.41 -48.72
C VAL GA 34 21.02 57.16 -47.86
N ASN GA 35 20.61 56.05 -48.46
CA ASN GA 35 20.32 54.84 -47.71
C ASN GA 35 21.44 53.82 -47.92
N GLY GA 36 21.27 52.62 -47.37
CA GLY GA 36 22.25 51.57 -47.53
C GLY GA 36 21.62 50.26 -47.92
N VAL GA 37 22.25 49.52 -48.83
CA VAL GA 37 21.69 48.30 -49.36
C VAL GA 37 22.66 47.15 -49.13
N MET GA 38 22.15 46.01 -48.69
CA MET GA 38 22.94 44.82 -48.48
C MET GA 38 22.37 43.67 -49.30
N VAL GA 39 23.24 42.97 -50.02
CA VAL GA 39 22.85 41.85 -50.87
C VAL GA 39 23.64 40.63 -50.42
N SER GA 40 22.94 39.53 -50.16
CA SER GA 40 23.55 38.33 -49.60
C SER GA 40 23.68 37.28 -50.69
N TYR GA 41 24.89 37.16 -51.26
CA TYR GA 41 25.16 36.18 -52.29
C TYR GA 41 25.39 34.78 -51.75
N ALA GA 42 25.09 34.53 -50.48
CA ALA GA 42 25.42 33.24 -49.88
C ALA GA 42 24.75 32.09 -50.60
N ALA GA 43 23.50 32.27 -51.03
CA ALA GA 43 22.77 31.18 -51.67
C ALA GA 43 23.39 30.75 -52.99
N TRP GA 44 24.11 31.63 -53.65
CA TRP GA 44 24.69 31.33 -54.96
C TRP GA 44 26.17 30.99 -54.89
N SER GA 45 26.93 31.69 -54.08
CA SER GA 45 28.37 31.56 -54.07
C SER GA 45 28.90 30.60 -53.03
N ALA GA 46 28.05 30.10 -52.13
CA ALA GA 46 28.54 29.14 -51.14
C ALA GA 46 28.74 27.76 -51.75
N PRO GA 47 27.78 27.19 -52.49
CA PRO GA 47 28.05 25.91 -53.15
C PRO GA 47 29.27 25.94 -54.04
N LEU GA 48 29.53 27.05 -54.73
CA LEU GA 48 30.76 27.19 -55.50
C LEU GA 48 31.95 27.33 -54.55
N ARG GA 49 32.28 26.22 -53.89
CA ARG GA 49 33.29 26.30 -52.83
C ARG GA 49 34.59 26.84 -53.40
N GLY GA 50 34.93 28.06 -53.01
CA GLY GA 50 36.10 28.73 -53.54
C GLY GA 50 36.56 29.84 -52.63
N HIS GA 51 36.95 30.97 -53.20
CA HIS GA 51 37.40 32.11 -52.42
C HIS GA 51 36.36 33.21 -52.34
N GLY GA 52 35.09 32.88 -52.49
CA GLY GA 52 34.03 33.84 -52.24
C GLY GA 52 33.99 34.95 -53.26
N LEU GA 53 33.46 36.09 -52.82
CA LEU GA 53 33.26 37.23 -53.70
C LEU GA 53 34.57 37.99 -53.89
N THR GA 54 34.60 38.86 -54.89
CA THR GA 54 35.72 39.78 -55.08
C THR GA 54 35.18 41.18 -55.29
N ASN GA 55 36.06 42.17 -55.16
CA ASN GA 55 35.69 43.57 -55.32
C ASN GA 55 35.74 44.00 -56.78
N LYS GA 56 35.00 43.27 -57.61
CA LYS GA 56 34.84 43.65 -59.00
C LYS GA 56 33.36 43.74 -59.35
N THR GA 57 32.61 44.46 -58.55
CA THR GA 57 31.21 44.75 -58.85
C THR GA 57 31.10 45.91 -59.80
N THR GA 58 30.09 45.87 -60.66
CA THR GA 58 29.83 46.92 -61.61
C THR GA 58 28.36 47.27 -61.56
N PHE GA 59 28.06 48.56 -61.53
CA PHE GA 59 26.69 49.05 -61.43
C PHE GA 59 26.32 49.83 -62.68
N GLU GA 60 25.03 49.91 -62.96
CA GLU GA 60 24.55 50.72 -64.08
C GLU GA 60 23.16 51.22 -63.74
N ILE GA 61 22.92 52.50 -63.96
CA ILE GA 61 21.62 53.12 -63.71
C ILE GA 61 21.01 53.50 -65.05
N ASP GA 62 19.75 53.13 -65.23
CA ASP GA 62 18.99 53.50 -66.42
C ASP GA 62 17.56 53.81 -66.00
N GLY GA 63 16.97 54.81 -66.63
CA GLY GA 63 15.64 55.25 -66.29
C GLY GA 63 14.59 54.50 -67.09
N VAL GA 64 13.54 54.05 -66.40
CA VAL GA 64 12.38 53.48 -67.04
C VAL GA 64 11.20 54.46 -67.07
N SER GA 65 11.36 55.61 -66.42
CA SER GA 65 10.38 56.70 -66.39
C SER GA 65 11.07 57.90 -65.76
N VAL GA 66 11.15 59.04 -66.45
CA VAL GA 66 12.03 60.11 -66.03
C VAL GA 66 11.30 61.40 -65.73
N THR GA 67 10.30 61.79 -66.52
CA THR GA 67 9.61 63.06 -66.33
C THR GA 67 10.60 64.22 -66.40
N PRO GA 68 11.02 64.62 -67.60
CA PRO GA 68 12.12 65.58 -67.77
C PRO GA 68 11.97 66.78 -66.87
N PRO GA 69 13.07 67.32 -66.35
CA PRO GA 69 12.97 68.42 -65.39
C PRO GA 69 12.56 69.71 -66.06
N LYS GA 70 11.96 70.60 -65.26
CA LYS GA 70 11.53 71.88 -65.77
C LYS GA 70 12.63 72.93 -65.73
N VAL GA 71 13.30 73.05 -64.59
CA VAL GA 71 14.29 74.10 -64.36
C VAL GA 71 15.67 73.54 -64.68
N SER GA 72 16.47 74.31 -65.40
CA SER GA 72 17.81 73.85 -65.73
C SER GA 72 18.75 74.04 -64.53
N ASN GA 73 19.83 73.28 -64.55
CA ASN GA 73 20.90 73.49 -63.57
C ASN GA 73 21.88 74.51 -64.12
N ALA GA 74 22.88 74.87 -63.32
CA ALA GA 74 23.79 75.93 -63.71
C ALA GA 74 25.14 75.72 -63.06
N PHE GA 75 26.15 76.36 -63.62
CA PHE GA 75 27.51 76.28 -63.10
C PHE GA 75 28.11 77.68 -63.04
N GLY GA 76 28.76 77.99 -61.92
CA GLY GA 76 29.47 79.24 -61.77
C GLY GA 76 30.89 79.00 -61.31
N ARG GA 77 31.66 80.09 -61.25
CA ARG GA 77 33.06 79.98 -60.89
C ARG GA 77 33.51 81.27 -60.20
N THR GA 78 34.37 81.11 -59.21
CA THR GA 78 34.89 82.24 -58.44
C THR GA 78 36.25 81.86 -57.87
N LYS GA 79 37.08 82.86 -57.60
CA LYS GA 79 38.34 82.62 -56.93
C LYS GA 79 38.13 82.56 -55.42
N VAL GA 80 39.18 82.20 -54.69
CA VAL GA 80 39.05 82.13 -53.23
C VAL GA 80 38.78 83.52 -52.67
N GLY GA 81 37.91 83.57 -51.67
CA GLY GA 81 37.64 84.77 -50.89
C GLY GA 81 36.78 85.81 -51.56
N VAL GA 82 36.71 85.84 -52.88
CA VAL GA 82 35.92 86.86 -53.57
C VAL GA 82 34.47 86.43 -53.63
N VAL GA 83 33.58 87.36 -53.32
CA VAL GA 83 32.14 87.09 -53.27
C VAL GA 83 31.63 86.86 -54.68
N PHE GA 84 30.70 85.94 -54.83
CA PHE GA 84 30.18 85.55 -56.13
C PHE GA 84 28.71 85.94 -56.24
N GLU GA 85 28.34 86.51 -57.37
CA GLU GA 85 26.96 86.82 -57.72
C GLU GA 85 26.51 85.95 -58.86
N GLY GA 86 25.20 85.87 -59.05
CA GLY GA 86 24.62 85.13 -60.14
C GLY GA 86 23.13 85.36 -60.17
N THR GA 87 22.51 84.90 -61.24
CA THR GA 87 21.08 85.06 -61.41
C THR GA 87 20.39 83.71 -61.28
N LEU GA 88 19.08 83.76 -61.05
CA LEU GA 88 18.31 82.54 -60.87
C LEU GA 88 17.01 82.63 -61.67
N SER GA 89 17.03 83.31 -62.81
CA SER GA 89 15.83 83.52 -63.60
C SER GA 89 15.93 82.98 -65.02
N ASP GA 90 17.12 82.84 -65.57
CA ASP GA 90 17.31 82.24 -66.89
C ASP GA 90 17.38 80.73 -66.80
N LEU GA 91 17.10 80.18 -65.62
CA LEU GA 91 17.16 78.75 -65.39
C LEU GA 91 15.77 78.13 -65.36
N PHE GA 92 14.75 78.91 -65.67
CA PHE GA 92 13.36 78.45 -65.64
C PHE GA 92 12.66 78.92 -66.90
N PRO GA 93 12.97 78.32 -68.05
CA PRO GA 93 12.20 78.64 -69.25
C PRO GA 93 10.78 78.16 -69.06
N ASN GA 94 9.85 79.09 -68.91
CA ASN GA 94 8.47 78.70 -68.67
C ASN GA 94 7.67 78.66 -69.96
N PRO GA 95 6.83 77.66 -70.15
CA PRO GA 95 5.94 77.65 -71.32
C PRO GA 95 4.85 78.69 -71.19
N GLU GA 96 4.21 78.70 -70.02
CA GLU GA 96 3.00 79.48 -69.78
C GLU GA 96 3.29 80.79 -69.05
N GLY GA 97 2.23 81.49 -68.65
CA GLY GA 97 2.36 82.68 -67.84
C GLY GA 97 2.15 82.45 -66.36
N GLU GA 98 3.15 82.77 -65.55
CA GLU GA 98 3.07 82.62 -64.11
C GLU GA 98 4.24 83.35 -63.48
N GLN GA 99 4.20 83.45 -62.16
CA GLN GA 99 5.23 84.11 -61.37
C GLN GA 99 6.18 83.07 -60.76
N VAL GA 100 7.34 83.58 -60.35
CA VAL GA 100 8.49 82.75 -60.01
C VAL GA 100 8.90 82.92 -58.54
N GLU GA 101 8.38 82.06 -57.68
CA GLU GA 101 8.70 82.10 -56.26
C GLU GA 101 10.03 81.43 -55.98
N TYR GA 102 11.13 82.11 -56.29
CA TYR GA 102 12.47 81.60 -56.02
C TYR GA 102 12.63 81.24 -54.55
N GLU GA 103 13.22 80.07 -54.29
CA GLU GA 103 13.34 79.59 -52.93
C GLU GA 103 14.62 78.77 -52.76
N ILE GA 104 15.31 78.96 -51.64
CA ILE GA 104 16.48 78.19 -51.29
C ILE GA 104 16.16 77.42 -50.02
N SER GA 105 15.94 76.12 -50.15
CA SER GA 105 15.58 75.29 -49.00
C SER GA 105 16.74 75.22 -48.02
N GLU GA 106 16.46 75.39 -46.73
CA GLU GA 106 17.49 75.29 -45.71
C GLU GA 106 18.00 73.87 -45.51
N LEU GA 107 17.25 72.86 -45.92
CA LEU GA 107 17.72 71.49 -45.76
C LEU GA 107 18.84 71.20 -46.75
N ASN GA 108 18.81 71.83 -47.90
CA ASN GA 108 19.78 71.57 -48.97
C ASN GA 108 20.52 72.84 -49.35
N GLY GA 109 20.91 73.65 -48.36
CA GLY GA 109 21.65 74.84 -48.62
C GLY GA 109 23.08 74.52 -48.97
N PRO GA 110 23.94 75.54 -49.04
CA PRO GA 110 25.35 75.30 -49.34
C PRO GA 110 26.07 74.65 -48.18
N SER GA 111 27.34 74.32 -48.36
CA SER GA 111 28.10 73.60 -47.35
C SER GA 111 29.26 74.38 -46.79
N ASN GA 112 29.89 75.24 -47.58
CA ASN GA 112 31.02 76.04 -47.12
C ASN GA 112 30.85 77.50 -47.49
N GLY GA 113 29.61 77.98 -47.54
CA GLY GA 113 29.32 79.37 -47.87
C GLY GA 113 28.01 79.81 -47.25
N VAL GA 114 27.46 80.90 -47.79
CA VAL GA 114 26.15 81.39 -47.39
C VAL GA 114 25.54 82.04 -48.62
N VAL GA 115 24.22 81.94 -48.76
CA VAL GA 115 23.50 82.55 -49.88
C VAL GA 115 22.36 83.42 -49.35
N GLU GA 116 22.30 84.67 -49.80
CA GLU GA 116 21.23 85.59 -49.42
C GLU GA 116 20.35 85.72 -50.67
N LEU GA 117 19.23 85.01 -50.71
CA LEU GA 117 18.35 85.14 -51.86
C LEU GA 117 17.75 86.53 -51.90
N GLY GA 118 17.87 87.19 -53.06
CA GLY GA 118 17.36 88.52 -53.24
C GLY GA 118 15.86 88.53 -53.43
N ALA GA 119 15.35 89.69 -53.85
CA ALA GA 119 13.91 89.81 -54.10
C ALA GA 119 13.53 89.21 -55.44
N ASN GA 120 14.39 89.34 -56.44
CA ASN GA 120 14.10 88.88 -57.80
C ASN GA 120 15.26 88.02 -58.28
N GLY GA 121 15.12 86.70 -58.14
CA GLY GA 121 16.02 85.73 -58.74
C GLY GA 121 17.51 86.01 -58.66
N ALA GA 122 17.91 86.76 -57.64
CA ALA GA 122 19.31 87.11 -57.45
C ALA GA 122 19.78 86.55 -56.10
N PHE GA 123 21.07 86.28 -56.02
CA PHE GA 123 21.61 85.64 -54.83
C PHE GA 123 23.10 85.89 -54.77
N THR GA 124 23.63 86.00 -53.55
CA THR GA 124 25.04 86.23 -53.31
C THR GA 124 25.60 85.06 -52.52
N TYR GA 125 26.60 84.40 -53.08
CA TYR GA 125 27.27 83.29 -52.42
C TYR GA 125 28.62 83.77 -51.95
N THR GA 126 28.72 84.10 -50.68
CA THR GA 126 29.98 84.49 -50.08
C THR GA 126 30.71 83.24 -49.61
N PRO GA 127 31.76 82.80 -50.30
CA PRO GA 127 32.41 81.55 -49.91
C PRO GA 127 33.06 81.67 -48.54
N GLY GA 128 33.03 80.56 -47.80
CA GLY GA 128 33.67 80.55 -46.50
C GLY GA 128 35.15 80.86 -46.59
N ALA GA 129 35.60 81.75 -45.69
CA ALA GA 129 36.97 82.22 -45.72
C ALA GA 129 37.94 81.04 -45.55
N LEU GA 130 39.06 81.12 -46.26
CA LEU GA 130 40.07 80.06 -46.27
C LEU GA 130 39.47 78.72 -46.67
N PHE GA 131 38.96 78.69 -47.90
CA PHE GA 131 38.37 77.47 -48.44
C PHE GA 131 38.42 77.53 -49.96
N THR GA 132 38.81 76.43 -50.59
CA THR GA 132 38.83 76.37 -52.05
C THR GA 132 38.42 74.96 -52.46
N GLY GA 133 37.27 74.85 -53.09
CA GLY GA 133 36.79 73.56 -53.57
C GLY GA 133 35.58 73.75 -54.44
N VAL GA 134 34.63 72.83 -54.33
CA VAL GA 134 33.36 72.93 -55.04
C VAL GA 134 32.24 72.98 -54.01
N ASP GA 135 31.17 73.68 -54.34
CA ASP GA 135 30.06 73.85 -53.43
C ASP GA 135 28.76 73.90 -54.21
N ARG GA 136 27.72 73.27 -53.66
CA ARG GA 136 26.43 73.19 -54.30
C ARG GA 136 25.34 73.72 -53.38
N PHE GA 137 24.21 74.07 -53.99
CA PHE GA 137 22.98 74.31 -53.25
C PHE GA 137 21.82 74.11 -54.20
N TRP GA 138 20.68 73.73 -53.64
CA TRP GA 138 19.52 73.32 -54.42
C TRP GA 138 18.41 74.35 -54.26
N PHE GA 139 18.12 75.06 -55.33
CA PHE GA 139 17.03 76.03 -55.37
C PHE GA 139 15.76 75.37 -55.85
N SER GA 140 14.64 76.05 -55.64
CA SER GA 140 13.32 75.55 -56.05
C SER GA 140 12.53 76.70 -56.66
N ILE GA 141 12.64 76.85 -57.98
CA ILE GA 141 11.90 77.89 -58.70
C ILE GA 141 10.49 77.37 -58.92
N ASN GA 142 9.58 77.77 -58.04
CA ASN GA 142 8.16 77.46 -58.19
C ASN GA 142 7.91 75.95 -58.15
N GLY GA 143 8.34 75.33 -57.06
CA GLY GA 143 8.12 73.92 -56.86
C GLY GA 143 9.14 73.02 -57.53
N ASN GA 144 9.62 73.42 -58.70
CA ASN GA 144 10.57 72.60 -59.44
C ASN GA 144 11.99 72.86 -58.94
N ILE GA 145 12.73 71.79 -58.69
CA ILE GA 145 14.02 71.86 -58.02
C ILE GA 145 15.14 71.60 -59.02
N GLY GA 146 16.23 72.35 -58.88
CA GLY GA 146 17.45 72.13 -59.63
C GLY GA 146 18.60 72.48 -58.71
N GLU GA 147 19.81 72.34 -59.21
CA GLU GA 147 20.99 72.62 -58.42
C GLU GA 147 21.89 73.64 -59.10
N TYR GA 148 22.57 74.42 -58.28
CA TYR GA 148 23.56 75.39 -58.74
C TYR GA 148 24.90 74.98 -58.18
N VAL GA 149 25.89 74.83 -59.04
CA VAL GA 149 27.21 74.35 -58.66
C VAL GA 149 28.21 75.48 -58.82
N ILE GA 150 28.93 75.79 -57.75
CA ILE GA 150 29.96 76.81 -57.75
C ILE GA 150 31.27 76.17 -57.34
N SER GA 151 32.35 76.54 -58.04
CA SER GA 151 33.69 76.05 -57.76
C SER GA 151 34.58 77.23 -57.42
N VAL GA 152 35.19 77.19 -56.24
CA VAL GA 152 36.04 78.28 -55.75
C VAL GA 152 37.49 77.86 -55.92
N ASP GA 153 38.25 78.70 -56.59
CA ASP GA 153 39.62 78.42 -57.02
C ASP GA 153 40.62 78.94 -56.00
N PRO GA 154 41.82 78.34 -55.93
CA PRO GA 154 42.79 78.77 -54.91
C PRO GA 154 43.66 79.92 -55.40
N THR GA 155 43.02 80.83 -56.13
CA THR GA 155 43.56 82.10 -56.62
C THR GA 155 44.58 81.94 -57.73
N THR GA 156 45.07 80.72 -57.98
CA THR GA 156 46.10 80.66 -59.01
C THR GA 156 45.51 80.52 -60.42
N SER GA 157 45.08 79.32 -60.81
CA SER GA 157 44.67 79.16 -62.19
C SER GA 157 43.18 79.21 -62.46
N GLU GA 158 42.50 78.07 -62.28
CA GLU GA 158 41.10 77.83 -62.59
C GLU GA 158 40.75 76.40 -62.19
N LEU GA 159 39.60 76.16 -61.55
CA LEU GA 159 39.25 74.77 -61.24
C LEU GA 159 38.47 74.13 -62.40
N PRO GA 160 38.54 72.79 -62.52
CA PRO GA 160 37.72 72.09 -63.51
C PRO GA 160 36.25 72.03 -63.11
N GLN GA 161 35.45 71.25 -63.85
CA GLN GA 161 34.00 71.38 -63.81
C GLN GA 161 33.35 70.04 -63.45
N PRO GA 162 32.68 69.95 -62.30
CA PRO GA 162 32.15 68.68 -61.82
C PRO GA 162 30.89 68.25 -62.54
N PRO GA 163 30.55 66.96 -62.49
CA PRO GA 163 29.56 66.41 -63.44
C PRO GA 163 28.08 66.50 -63.09
N PHE GA 164 27.63 67.43 -62.23
CA PHE GA 164 26.20 67.68 -62.11
C PHE GA 164 25.39 66.46 -61.65
N THR GA 165 25.49 66.11 -60.37
CA THR GA 165 24.89 64.91 -59.80
C THR GA 165 23.53 64.55 -60.39
N THR GA 166 23.36 63.26 -60.66
CA THR GA 166 22.16 62.71 -61.29
C THR GA 166 21.08 62.46 -60.25
N PRO GA 167 19.84 62.19 -60.68
CA PRO GA 167 18.77 61.92 -59.71
C PRO GA 167 19.06 60.77 -58.76
N VAL GA 168 19.37 59.60 -59.30
CA VAL GA 168 19.75 58.45 -58.49
C VAL GA 168 21.17 58.07 -58.86
N TYR GA 169 21.99 57.80 -57.84
CA TYR GA 169 23.39 57.49 -58.09
C TYR GA 169 23.86 56.47 -57.06
N VAL GA 170 25.01 55.87 -57.34
CA VAL GA 170 25.66 54.93 -56.44
C VAL GA 170 27.06 55.45 -56.19
N PRO GA 171 27.35 55.97 -55.00
CA PRO GA 171 28.63 56.63 -54.73
C PRO GA 171 29.84 55.87 -55.26
N ALA GA 172 30.79 56.63 -55.80
CA ALA GA 172 31.96 56.12 -56.50
C ALA GA 172 32.64 54.97 -55.76
N ALA GA 173 33.05 55.19 -54.52
CA ALA GA 173 33.72 54.12 -53.81
C ALA GA 173 33.28 54.06 -52.36
N ARG GA 174 32.18 53.37 -52.10
CA ARG GA 174 31.69 53.10 -50.76
C ARG GA 174 31.14 51.69 -50.70
N ARG GA 175 31.57 50.85 -51.64
CA ARG GA 175 31.06 49.50 -51.84
C ARG GA 175 32.05 48.53 -51.21
N SER GA 176 31.55 47.42 -50.72
CA SER GA 176 32.48 46.43 -50.22
C SER GA 176 31.81 45.07 -50.14
N VAL GA 177 32.64 44.06 -49.98
CA VAL GA 177 32.21 42.67 -49.96
C VAL GA 177 33.03 41.95 -48.91
N ASP GA 178 32.35 41.20 -48.04
CA ASP GA 178 33.03 40.38 -47.05
C ASP GA 178 33.05 38.94 -47.56
N PRO GA 179 34.18 38.44 -48.07
CA PRO GA 179 34.18 37.09 -48.63
C PRO GA 179 33.90 36.00 -47.60
N ARG GA 180 33.87 36.38 -46.34
CA ARG GA 180 33.67 35.49 -45.20
C ARG GA 180 32.21 35.10 -45.01
N THR GA 181 31.27 35.92 -45.49
CA THR GA 181 29.86 35.63 -45.37
C THR GA 181 29.09 35.95 -46.65
N HIS GA 182 29.77 36.31 -47.73
CA HIS GA 182 29.16 36.51 -49.03
C HIS GA 182 28.07 37.59 -48.97
N VAL GA 183 28.49 38.80 -48.63
CA VAL GA 183 27.56 39.91 -48.50
C VAL GA 183 28.17 41.13 -49.15
N LEU GA 184 27.41 41.75 -50.06
CA LEU GA 184 27.83 42.97 -50.75
C LEU GA 184 27.10 44.15 -50.14
N LYS GA 185 27.86 45.20 -49.82
CA LYS GA 185 27.31 46.43 -49.28
C LYS GA 185 27.55 47.56 -50.26
N PHE GA 186 26.53 48.38 -50.50
CA PHE GA 186 26.72 49.57 -51.29
C PHE GA 186 25.70 50.61 -50.86
N VAL GA 187 25.97 51.84 -51.19
CA VAL GA 187 25.15 52.96 -50.79
C VAL GA 187 24.33 53.43 -51.98
N LEU GA 188 23.11 53.88 -51.72
CA LEU GA 188 22.21 54.34 -52.79
C LEU GA 188 21.69 55.71 -52.39
N GLY GA 189 22.09 56.73 -53.13
CA GLY GA 189 21.72 58.10 -52.81
C GLY GA 189 20.77 58.66 -53.85
N VAL GA 190 19.81 59.46 -53.38
CA VAL GA 190 18.80 60.08 -54.23
C VAL GA 190 18.95 61.58 -54.15
N SER GA 191 19.10 62.23 -55.30
CA SER GA 191 19.27 63.67 -55.30
C SER GA 191 17.98 64.34 -54.86
N PRO GA 192 18.04 65.58 -54.37
CA PRO GA 192 16.81 66.29 -54.01
C PRO GA 192 15.96 66.69 -55.21
N ALA GA 193 16.48 66.55 -56.42
CA ALA GA 193 15.75 66.93 -57.62
C ALA GA 193 15.03 65.76 -58.27
N ALA GA 194 15.10 64.57 -57.69
CA ALA GA 194 14.37 63.44 -58.23
C ALA GA 194 12.88 63.69 -58.11
N ILE GA 195 12.15 63.43 -59.19
CA ILE GA 195 10.72 63.75 -59.23
C ILE GA 195 9.95 62.53 -58.75
N PRO GA 196 9.03 62.69 -57.80
CA PRO GA 196 8.29 61.53 -57.29
C PRO GA 196 7.48 60.86 -58.39
N GLY GA 197 7.42 59.54 -58.32
CA GLY GA 197 6.72 58.76 -59.31
C GLY GA 197 7.61 58.13 -60.36
N ASP GA 198 8.83 58.61 -60.52
CA ASP GA 198 9.74 58.04 -61.51
C ASP GA 198 10.21 56.66 -61.07
N VAL GA 199 10.79 55.94 -62.04
CA VAL GA 199 11.34 54.61 -61.80
C VAL GA 199 12.68 54.52 -62.49
N TYR GA 200 13.70 54.07 -61.78
CA TYR GA 200 15.01 53.81 -62.35
C TYR GA 200 15.35 52.33 -62.14
N ARG GA 201 16.33 51.86 -62.89
CA ARG GA 201 16.72 50.46 -62.84
C ARG GA 201 18.22 50.36 -62.59
N LEU GA 202 18.60 49.61 -61.57
CA LEU GA 202 19.99 49.39 -61.21
C LEU GA 202 20.34 47.95 -61.51
N THR GA 203 21.39 47.74 -62.30
CA THR GA 203 21.89 46.41 -62.63
C THR GA 203 23.24 46.20 -61.96
N VAL GA 204 23.38 45.07 -61.28
CA VAL GA 204 24.57 44.74 -60.50
C VAL GA 204 25.20 43.49 -61.10
N ARG GA 205 26.47 43.58 -61.45
CA ARG GA 205 27.22 42.45 -61.98
C ARG GA 205 28.33 42.09 -61.01
N GLN GA 206 28.16 40.98 -60.30
CA GLN GA 206 29.06 40.58 -59.24
C GLN GA 206 29.77 39.30 -59.64
N VAL GA 207 31.08 39.24 -59.39
CA VAL GA 207 31.90 38.10 -59.74
C VAL GA 207 32.30 37.37 -58.47
N ALA GA 208 32.08 36.07 -58.45
CA ALA GA 208 32.70 35.20 -57.48
C ALA GA 208 34.02 34.75 -58.06
N ILE GA 209 34.68 33.81 -57.41
CA ILE GA 209 35.99 33.37 -57.87
C ILE GA 209 36.20 31.94 -57.41
N ASP GA 210 36.77 31.12 -58.28
CA ASP GA 210 37.05 29.74 -57.91
C ASP GA 210 38.47 29.65 -57.38
N CYS GA 211 38.77 28.48 -56.83
CA CYS GA 211 39.88 28.40 -55.89
C CYS GA 211 41.22 28.53 -56.61
N ASP GA 212 41.21 28.42 -57.95
CA ASP GA 212 42.34 28.78 -58.81
C ASP GA 212 42.29 30.20 -59.34
N GLY GA 213 41.26 30.97 -59.02
CA GLY GA 213 41.18 32.35 -59.44
C GLY GA 213 40.41 32.63 -60.71
N ASN GA 214 39.64 31.68 -61.23
CA ASN GA 214 38.80 31.93 -62.38
C ASN GA 214 37.51 32.60 -61.91
N GLU GA 215 36.53 32.77 -62.80
CA GLU GA 215 35.48 33.74 -62.52
C GLU GA 215 34.11 33.10 -62.65
N PHE GA 216 33.19 33.56 -61.82
CA PHE GA 216 31.79 33.20 -61.89
C PHE GA 216 30.98 34.48 -61.80
N VAL GA 217 30.30 34.84 -62.87
CA VAL GA 217 29.57 36.10 -62.95
C VAL GA 217 28.11 35.88 -62.56
N HIS GA 218 27.50 36.93 -62.01
CA HIS GA 218 26.11 36.91 -61.57
C HIS GA 218 25.51 38.28 -61.81
N ILE GA 219 24.33 38.32 -62.42
CA ILE GA 219 23.69 39.58 -62.78
C ILE GA 219 22.27 39.61 -62.22
N SER GA 220 21.89 40.76 -61.66
CA SER GA 220 20.53 40.99 -61.18
C SER GA 220 20.20 42.47 -61.32
N CYS GA 221 18.93 42.81 -61.15
CA CYS GA 221 18.53 44.21 -61.23
C CYS GA 221 17.69 44.58 -60.04
N TYR GA 222 17.54 45.88 -59.82
CA TYR GA 222 16.62 46.41 -58.84
C TYR GA 222 15.92 47.63 -59.42
N ASP GA 223 14.64 47.77 -59.11
CA ASP GA 223 13.80 48.83 -59.65
C ASP GA 223 13.60 49.88 -58.56
N ILE GA 224 14.29 51.01 -58.68
CA ILE GA 224 14.22 52.07 -57.71
C ILE GA 224 13.10 53.02 -58.11
N SER GA 225 12.04 53.06 -57.31
CA SER GA 225 10.86 53.85 -57.60
C SER GA 225 10.85 55.08 -56.69
N ILE GA 226 11.12 56.25 -57.27
CA ILE GA 226 11.22 57.47 -56.49
C ILE GA 226 9.83 57.81 -55.95
N GLY GA 227 9.62 57.58 -54.66
CA GLY GA 227 8.42 58.02 -54.01
C GLY GA 227 8.69 59.28 -53.20
N SER GA 228 7.61 59.99 -52.93
CA SER GA 228 7.64 61.11 -52.00
C SER GA 228 6.94 60.69 -50.73
N CYS GA 229 7.43 61.21 -49.61
CA CYS GA 229 6.96 60.78 -48.30
C CYS GA 229 7.18 59.30 -48.06
N GLY GA 230 8.46 58.93 -48.00
CA GLY GA 230 8.84 57.57 -47.69
C GLY GA 230 8.78 56.69 -48.92
N MET HA 1 24.54 27.20 -58.63
CA MET HA 1 25.19 25.98 -59.08
C MET HA 1 24.16 24.89 -59.34
N TYR HA 2 24.15 24.36 -60.55
CA TYR HA 2 23.27 23.26 -60.91
C TYR HA 2 23.86 21.94 -60.43
N PHE HA 3 22.98 21.04 -59.99
CA PHE HA 3 23.42 19.73 -59.56
C PHE HA 3 22.51 18.69 -60.17
N PHE HA 4 23.07 17.81 -60.99
CA PHE HA 4 22.31 16.76 -61.64
C PHE HA 4 22.81 15.41 -61.19
N SER HA 5 21.90 14.46 -61.05
CA SER HA 5 22.23 13.07 -60.83
C SER HA 5 21.91 12.29 -62.09
N VAL HA 6 22.82 11.43 -62.51
CA VAL HA 6 22.73 10.76 -63.79
C VAL HA 6 21.89 9.50 -63.64
N ASP HA 7 21.29 9.05 -64.73
CA ASP HA 7 20.46 7.86 -64.67
C ASP HA 7 21.35 6.61 -64.72
N PRO HA 8 21.09 5.62 -63.87
CA PRO HA 8 22.13 4.64 -63.56
C PRO HA 8 22.20 3.44 -64.51
N ARG HA 9 21.39 3.38 -65.57
CA ARG HA 9 21.44 2.31 -66.55
C ARG HA 9 21.22 0.94 -65.90
N ASN HA 10 20.12 0.81 -65.18
CA ASN HA 10 19.69 -0.45 -64.57
C ASN HA 10 18.57 -1.14 -65.30
N GLY HA 11 17.90 -0.44 -66.22
CA GLY HA 11 16.60 -0.88 -66.65
C GLY HA 11 15.49 -0.37 -65.76
N ALA HA 12 15.75 0.69 -65.00
CA ALA HA 12 14.80 1.23 -64.04
C ALA HA 12 14.91 2.75 -63.95
N SER HA 13 14.39 3.33 -62.89
CA SER HA 13 14.41 4.78 -62.71
C SER HA 13 15.82 5.33 -62.48
N SER HA 21 9.59 16.59 -69.90
CA SER HA 21 8.87 15.92 -70.98
C SER HA 21 9.85 15.39 -72.04
N CYS HA 22 10.92 16.14 -72.28
CA CYS HA 22 11.92 15.73 -73.24
C CYS HA 22 12.86 14.67 -72.69
N CYS HA 23 13.79 14.28 -73.57
CA CYS HA 23 14.87 13.39 -73.23
C CYS HA 23 15.89 14.05 -72.31
N CYS HA 24 16.48 15.15 -72.76
CA CYS HA 24 17.60 15.77 -72.07
C CYS HA 24 17.08 16.80 -71.08
N GLU HA 25 17.63 16.79 -69.87
CA GLU HA 25 17.17 17.67 -68.81
C GLU HA 25 17.55 19.11 -69.11
N SER HA 26 17.07 20.02 -68.27
CA SER HA 26 17.00 21.44 -68.58
C SER HA 26 17.93 22.27 -67.71
N ILE HA 27 18.48 23.32 -68.31
CA ILE HA 27 19.34 24.29 -67.65
C ILE HA 27 18.94 25.67 -68.11
N SER HA 28 18.47 26.51 -67.20
CA SER HA 28 18.13 27.87 -67.56
C SER HA 28 19.35 28.77 -67.44
N ALA HA 29 19.46 29.73 -68.36
CA ALA HA 29 20.66 30.55 -68.43
C ALA HA 29 20.27 31.96 -68.79
N ARG HA 30 21.07 32.92 -68.31
CA ARG HA 30 20.84 34.34 -68.52
C ARG HA 30 22.03 34.97 -69.21
N PRO HA 31 21.80 35.81 -70.22
CA PRO HA 31 22.92 36.35 -71.00
C PRO HA 31 23.91 37.13 -70.18
N GLY HA 32 25.18 36.74 -70.22
CA GLY HA 32 26.24 37.39 -69.48
C GLY HA 32 26.74 36.59 -68.30
N GLU HA 33 25.94 35.67 -67.77
CA GLU HA 33 26.31 34.89 -66.62
C GLU HA 33 27.45 33.93 -66.95
N VAL HA 34 28.06 33.41 -65.89
CA VAL HA 34 28.97 32.28 -65.95
C VAL HA 34 28.69 31.44 -64.71
N ASN HA 35 28.00 30.33 -64.89
CA ASN HA 35 27.53 29.54 -63.77
C ASN HA 35 28.39 28.28 -63.62
N GLY HA 36 28.02 27.41 -62.68
CA GLY HA 36 28.74 26.18 -62.48
C GLY HA 36 27.81 24.98 -62.38
N VAL HA 37 28.20 23.86 -62.99
CA VAL HA 37 27.35 22.69 -63.06
C VAL HA 37 28.08 21.50 -62.45
N MET HA 38 27.37 20.72 -61.65
CA MET HA 38 27.91 19.51 -61.04
C MET HA 38 27.04 18.33 -61.41
N VAL HA 39 27.68 17.25 -61.85
CA VAL HA 39 27.00 16.02 -62.25
C VAL HA 39 27.55 14.88 -61.42
N SER HA 40 26.66 14.12 -60.78
CA SER HA 40 27.04 13.07 -59.86
C SER HA 40 26.86 11.71 -60.52
N TYR HA 41 27.96 11.15 -61.00
CA TYR HA 41 27.93 9.84 -61.63
C TYR HA 41 27.91 8.69 -60.65
N ALA HA 42 27.67 8.96 -59.36
CA ALA HA 42 27.76 7.91 -58.36
C ALA HA 42 26.81 6.76 -58.64
N ALA HA 43 25.60 7.06 -59.10
CA ALA HA 43 24.60 6.01 -59.31
C ALA HA 43 25.00 5.04 -60.40
N TRP HA 44 25.85 5.46 -61.34
CA TRP HA 44 26.24 4.62 -62.47
C TRP HA 44 27.61 3.99 -62.29
N SER HA 45 28.57 4.74 -61.77
CA SER HA 45 29.96 4.31 -61.73
C SER HA 45 30.34 3.65 -60.41
N ALA HA 46 29.48 3.68 -59.39
CA ALA HA 46 29.84 3.03 -58.14
C ALA HA 46 29.69 1.52 -58.23
N PRO HA 47 28.58 0.97 -58.72
CA PRO HA 47 28.52 -0.49 -58.91
C PRO HA 47 29.64 -1.05 -59.75
N LEU HA 48 30.07 -0.32 -60.78
CA LEU HA 48 31.24 -0.73 -61.56
C LEU HA 48 32.50 -0.55 -60.71
N ARG HA 49 32.65 -1.40 -59.71
CA ARG HA 49 33.73 -1.21 -58.75
C ARG HA 49 35.06 -1.20 -59.47
N GLY HA 50 35.68 -0.03 -59.53
CA GLY HA 50 36.92 0.14 -60.27
C GLY HA 50 37.67 1.35 -59.80
N HIS HA 51 38.25 2.11 -60.73
CA HIS HA 51 38.99 3.31 -60.38
C HIS HA 51 38.22 4.59 -60.69
N GLY HA 52 36.90 4.52 -60.70
CA GLY HA 52 36.09 5.72 -60.80
C GLY HA 52 36.20 6.40 -62.15
N LEU HA 53 35.97 7.71 -62.13
CA LEU HA 53 35.94 8.50 -63.35
C LEU HA 53 37.36 8.83 -63.79
N THR HA 54 37.50 9.29 -65.03
CA THR HA 54 38.76 9.81 -65.52
C THR HA 54 38.51 11.15 -66.21
N ASN HA 55 39.60 11.89 -66.43
CA ASN HA 55 39.51 13.21 -67.05
C ASN HA 55 39.53 13.10 -68.58
N LYS HA 56 38.59 12.33 -69.10
CA LYS HA 56 38.41 12.23 -70.54
C LYS HA 56 36.95 12.53 -70.90
N THR HA 57 36.44 13.64 -70.39
CA THR HA 57 35.11 14.11 -70.76
C THR HA 57 35.18 14.88 -72.06
N THR HA 58 34.12 14.78 -72.85
CA THR HA 58 34.00 15.48 -74.10
C THR HA 58 32.65 16.15 -74.17
N PHE HA 59 32.63 17.42 -74.59
CA PHE HA 59 31.41 18.20 -74.67
C PHE HA 59 31.11 18.57 -76.10
N GLU HA 60 29.85 18.84 -76.39
CA GLU HA 60 29.46 19.32 -77.71
C GLU HA 60 28.24 20.20 -77.57
N ILE HA 61 28.26 21.36 -78.22
CA ILE HA 61 27.15 22.30 -78.19
C ILE HA 61 26.53 22.33 -79.58
N ASP HA 62 25.21 22.22 -79.62
CA ASP HA 62 24.44 22.33 -80.86
C ASP HA 62 23.16 23.08 -80.56
N GLY HA 63 22.74 23.91 -81.51
CA GLY HA 63 21.56 24.73 -81.33
C GLY HA 63 20.32 24.02 -81.83
N VAL HA 64 19.26 24.08 -81.02
CA VAL HA 64 17.95 23.59 -81.42
C VAL HA 64 17.02 24.75 -81.79
N SER HA 65 17.46 25.98 -81.57
CA SER HA 65 16.74 27.21 -81.91
C SER HA 65 17.71 28.36 -81.74
N VAL HA 66 17.97 29.16 -82.78
CA VAL HA 66 19.10 30.07 -82.76
C VAL HA 66 18.68 31.54 -82.92
N THR HA 67 17.72 31.84 -83.80
CA THR HA 67 17.34 33.23 -84.05
C THR HA 67 18.54 34.03 -84.52
N PRO HA 68 18.93 33.89 -85.79
CA PRO HA 68 20.20 34.47 -86.28
C PRO HA 68 20.37 35.91 -85.85
N PRO HA 69 21.60 36.32 -85.55
CA PRO HA 69 21.81 37.67 -85.02
C PRO HA 69 21.63 38.73 -86.10
N LYS HA 70 21.30 39.93 -85.66
CA LYS HA 70 21.11 41.04 -86.58
C LYS HA 70 22.41 41.76 -86.90
N VAL HA 71 23.18 42.10 -85.88
CA VAL HA 71 24.38 42.92 -86.03
C VAL HA 71 25.58 41.99 -86.14
N SER HA 72 26.46 42.27 -87.08
CA SER HA 72 27.64 41.44 -87.23
C SER HA 72 28.70 41.80 -86.18
N ASN HA 73 29.60 40.85 -85.94
CA ASN HA 73 30.75 41.13 -85.10
C ASN HA 73 31.89 41.66 -85.96
N ALA HA 74 32.99 42.03 -85.33
CA ALA HA 74 34.07 42.66 -86.08
C ALA HA 74 35.39 42.39 -85.39
N PHE HA 75 36.47 42.56 -86.15
CA PHE HA 75 37.82 42.35 -85.63
C PHE HA 75 38.71 43.51 -86.06
N GLY HA 76 39.49 44.03 -85.12
CA GLY HA 76 40.46 45.07 -85.41
C GLY HA 76 41.83 44.68 -84.90
N ARG HA 77 42.81 45.52 -85.23
CA ARG HA 77 44.18 45.23 -84.85
C ARG HA 77 44.96 46.53 -84.66
N THR HA 78 45.84 46.53 -83.67
CA THR HA 78 46.64 47.70 -83.34
C THR HA 78 47.93 47.24 -82.67
N LYS HA 79 48.97 48.06 -82.76
CA LYS HA 79 50.20 47.77 -82.06
C LYS HA 79 50.11 48.27 -80.62
N VAL HA 80 51.11 47.95 -79.81
CA VAL HA 80 51.09 48.41 -78.42
C VAL HA 80 51.17 49.93 -78.37
N GLY HA 81 50.41 50.51 -77.44
CA GLY HA 81 50.47 51.92 -77.14
C GLY HA 81 49.79 52.84 -78.12
N VAL HA 82 49.62 52.44 -79.37
CA VAL HA 82 49.02 53.33 -80.37
C VAL HA 82 47.50 53.24 -80.28
N VAL HA 83 46.86 54.40 -80.29
CA VAL HA 83 45.40 54.49 -80.15
C VAL HA 83 44.75 53.92 -81.40
N PHE HA 84 43.63 53.24 -81.21
CA PHE HA 84 42.94 52.57 -82.29
C PHE HA 84 41.58 53.22 -82.53
N GLU HA 85 41.25 53.44 -83.79
CA GLU HA 85 39.94 53.93 -84.22
C GLU HA 85 39.23 52.83 -84.99
N GLY HA 86 37.92 53.01 -85.13
CA GLY HA 86 37.11 52.09 -85.90
C GLY HA 86 35.71 52.63 -86.00
N THR HA 87 34.92 51.99 -86.85
CA THR HA 87 33.54 52.40 -87.06
C THR HA 87 32.60 51.36 -86.48
N LEU HA 88 31.35 51.78 -86.28
CA LEU HA 88 30.36 50.91 -85.68
C LEU HA 88 29.05 51.00 -86.45
N SER HA 89 29.12 51.25 -87.76
CA SER HA 89 27.92 51.43 -88.56
C SER HA 89 27.79 50.46 -89.71
N ASP HA 90 28.89 49.86 -90.19
CA ASP HA 90 28.83 48.83 -91.22
C ASP HA 90 28.59 47.47 -90.61
N LEU HA 91 28.30 47.42 -89.32
CA LEU HA 91 28.07 46.17 -88.60
C LEU HA 91 26.60 45.93 -88.36
N PHE HA 92 25.73 46.78 -88.92
CA PHE HA 92 24.29 46.68 -88.73
C PHE HA 92 23.61 46.83 -90.08
N PRO HA 93 23.69 45.83 -90.94
CA PRO HA 93 22.91 45.90 -92.18
C PRO HA 93 21.44 45.85 -91.83
N ASN HA 94 20.74 46.96 -92.01
CA ASN HA 94 19.33 46.99 -91.64
C ASN HA 94 18.45 46.71 -92.84
N PRO HA 95 17.39 45.91 -92.67
CA PRO HA 95 16.43 45.71 -93.76
C PRO HA 95 15.60 46.96 -94.00
N GLU HA 96 15.07 47.50 -92.90
CA GLU HA 96 14.08 48.56 -92.93
C GLU HA 96 14.70 49.95 -92.71
N GLY HA 97 13.85 50.95 -92.57
CA GLY HA 97 14.29 52.30 -92.23
C GLY HA 97 14.16 52.63 -90.76
N GLU HA 98 15.27 52.96 -90.11
CA GLU HA 98 15.26 53.33 -88.70
C GLU HA 98 16.61 53.95 -88.37
N GLN HA 99 16.70 54.49 -87.17
CA GLN HA 99 17.91 55.12 -86.65
C GLN HA 99 18.67 54.17 -85.74
N VAL HA 100 19.93 54.49 -85.52
CA VAL HA 100 20.91 53.60 -84.91
C VAL HA 100 21.46 54.15 -83.61
N GLU HA 101 20.84 53.78 -82.49
CA GLU HA 101 21.28 54.22 -81.17
C GLU HA 101 22.46 53.40 -80.69
N TYR HA 102 23.64 53.67 -81.22
CA TYR HA 102 24.86 53.00 -80.79
C TYR HA 102 25.06 53.11 -79.29
N GLU HA 103 25.41 52.00 -78.65
CA GLU HA 103 25.54 51.99 -77.19
C GLU HA 103 26.62 51.01 -76.76
N ILE HA 104 27.42 51.41 -75.77
CA ILE HA 104 28.43 50.55 -75.18
C ILE HA 104 28.05 50.36 -73.71
N SER HA 105 27.55 49.17 -73.38
CA SER HA 105 27.12 48.87 -72.02
C SER HA 105 28.32 48.87 -71.09
N GLU HA 106 28.19 49.52 -69.93
CA GLU HA 106 29.26 49.55 -68.95
C GLU HA 106 29.46 48.21 -68.26
N LEU HA 107 28.48 47.31 -68.30
CA LEU HA 107 28.67 46.00 -67.69
C LEU HA 107 29.62 45.15 -68.51
N ASN HA 108 29.64 45.35 -69.82
CA ASN HA 108 30.43 44.54 -70.73
C ASN HA 108 31.39 45.40 -71.53
N GLY HA 109 32.02 46.38 -70.88
CA GLY HA 109 32.97 47.22 -71.54
C GLY HA 109 34.27 46.49 -71.75
N PRO HA 110 35.32 47.20 -72.18
CA PRO HA 110 36.62 46.56 -72.37
C PRO HA 110 37.27 46.19 -71.06
N SER HA 111 38.43 45.55 -71.13
CA SER HA 111 39.09 45.05 -69.93
C SER HA 111 40.44 45.70 -69.67
N ASN HA 112 41.17 46.07 -70.72
CA ASN HA 112 42.47 46.70 -70.57
C ASN HA 112 42.59 47.96 -71.42
N GLY HA 113 41.48 48.66 -71.62
CA GLY HA 113 41.46 49.88 -72.41
C GLY HA 113 40.34 50.79 -71.99
N VAL HA 114 39.98 51.73 -72.86
CA VAL HA 114 38.84 52.61 -72.65
C VAL HA 114 38.28 52.92 -74.04
N VAL HA 115 36.96 53.09 -74.13
CA VAL HA 115 36.30 53.43 -75.38
C VAL HA 115 35.42 54.65 -75.18
N GLU HA 116 35.59 55.67 -76.03
CA GLU HA 116 34.76 56.87 -75.99
C GLU HA 116 33.83 56.78 -77.21
N LEU HA 117 32.60 56.36 -77.00
CA LEU HA 117 31.67 56.30 -78.12
C LEU HA 117 31.38 57.70 -78.64
N GLY HA 118 31.53 57.88 -79.94
CA GLY HA 118 31.31 59.16 -80.58
C GLY HA 118 29.83 59.43 -80.76
N ALA HA 119 29.55 60.47 -81.55
CA ALA HA 119 28.15 60.81 -81.82
C ALA HA 119 27.54 59.90 -82.87
N ASN HA 120 28.33 59.49 -83.86
CA ASN HA 120 27.84 58.68 -84.97
C ASN HA 120 28.75 57.46 -85.13
N GLY HA 121 28.35 56.34 -84.54
CA GLY HA 121 28.97 55.05 -84.78
C GLY HA 121 30.48 55.00 -84.79
N ALA HA 122 31.12 55.93 -84.10
CA ALA HA 122 32.57 56.00 -84.04
C ALA HA 122 33.02 55.84 -82.60
N PHE HA 123 34.23 55.32 -82.42
CA PHE HA 123 34.72 55.03 -81.09
C PHE HA 123 36.23 54.94 -81.12
N THR HA 124 36.86 55.32 -80.01
CA THR HA 124 38.31 55.30 -79.88
C THR HA 124 38.66 54.37 -78.73
N TYR HA 125 39.45 53.35 -79.03
CA TYR HA 125 39.92 52.40 -78.03
C TYR HA 125 41.38 52.69 -77.76
N THR HA 126 41.64 53.40 -76.67
CA THR HA 126 43.01 53.68 -76.26
C THR HA 126 43.49 52.52 -75.38
N PRO HA 127 44.36 51.65 -75.88
CA PRO HA 127 44.76 50.49 -75.09
C PRO HA 127 45.53 50.91 -73.84
N GLY HA 128 45.34 50.15 -72.77
CA GLY HA 128 46.06 50.44 -71.55
C GLY HA 128 47.56 50.37 -71.74
N ALA HA 129 48.26 51.37 -71.21
CA ALA HA 129 49.69 51.47 -71.39
C ALA HA 129 50.40 50.25 -70.83
N LEU HA 130 51.45 49.81 -71.53
CA LEU HA 130 52.21 48.63 -71.17
C LEU HA 130 51.32 47.39 -71.09
N PHE HA 131 50.71 47.07 -72.23
CA PHE HA 131 49.83 45.90 -72.32
C PHE HA 131 49.77 45.45 -73.76
N THR HA 132 49.87 44.14 -73.98
CA THR HA 132 49.76 43.59 -75.33
C THR HA 132 49.03 42.26 -75.23
N GLY HA 133 47.83 42.20 -75.77
CA GLY HA 133 47.05 40.97 -75.77
C GLY HA 133 45.85 41.13 -76.66
N VAL HA 134 44.73 40.54 -76.23
CA VAL HA 134 43.46 40.67 -76.92
C VAL HA 134 42.47 41.31 -75.98
N ASP HA 135 41.55 42.09 -76.53
CA ASP HA 135 40.57 42.80 -75.71
C ASP HA 135 39.25 42.88 -76.47
N ARG HA 136 38.15 42.73 -75.74
CA ARG HA 136 36.82 42.72 -76.31
C ARG HA 136 35.95 43.76 -75.63
N PHE HA 137 34.87 44.13 -76.31
CA PHE HA 137 33.79 44.88 -75.69
C PHE HA 137 32.53 44.64 -76.51
N TRP HA 138 31.39 44.74 -75.86
CA TRP HA 138 30.11 44.37 -76.45
C TRP HA 138 29.25 45.61 -76.64
N PHE HA 139 29.04 45.96 -77.89
CA PHE HA 139 28.18 47.09 -78.26
C PHE HA 139 26.76 46.60 -78.49
N SER HA 140 25.83 47.56 -78.52
CA SER HA 140 24.41 47.26 -78.72
C SER HA 140 23.84 48.28 -79.69
N ILE HA 141 23.87 47.95 -80.98
CA ILE HA 141 23.31 48.82 -82.01
C ILE HA 141 21.80 48.59 -82.03
N ASN HA 142 21.07 49.46 -81.35
CA ASN HA 142 19.62 49.45 -81.38
C ASN HA 142 19.06 48.14 -80.83
N GLY HA 143 19.44 47.85 -79.59
CA GLY HA 143 18.93 46.67 -78.91
C GLY HA 143 19.68 45.39 -79.22
N ASN HA 144 20.14 45.25 -80.47
CA ASN HA 144 20.84 44.04 -80.88
C ASN HA 144 22.31 44.12 -80.52
N ILE HA 145 22.83 43.06 -79.90
CA ILE HA 145 24.16 43.07 -79.31
C ILE HA 145 25.11 42.24 -80.15
N GLY HA 146 26.34 42.73 -80.28
CA GLY HA 146 27.42 42.01 -80.91
C GLY HA 146 28.69 42.36 -80.18
N GLU HA 147 29.80 41.79 -80.61
CA GLU HA 147 31.08 42.05 -79.96
C GLU HA 147 32.11 42.55 -80.95
N TYR HA 148 33.01 43.39 -80.46
CA TYR HA 148 34.14 43.90 -81.23
C TYR HA 148 35.41 43.41 -80.56
N VAL HA 149 36.27 42.74 -81.33
CA VAL HA 149 37.48 42.14 -80.79
C VAL HA 149 38.67 42.90 -81.34
N ILE HA 150 39.53 43.38 -80.44
CA ILE HA 150 40.75 44.09 -80.80
C ILE HA 150 41.92 43.33 -80.20
N SER HA 151 42.99 43.20 -80.98
CA SER HA 151 44.22 42.53 -80.57
C SER HA 151 45.36 43.53 -80.64
N VAL HA 152 46.05 43.76 -79.53
CA VAL HA 152 47.14 44.72 -79.45
C VAL HA 152 48.45 43.95 -79.46
N ASP HA 153 49.32 44.33 -80.39
CA ASP HA 153 50.56 43.62 -80.70
C ASP HA 153 51.72 44.21 -79.93
N PRO HA 154 52.77 43.41 -79.65
CA PRO HA 154 53.89 43.93 -78.85
C PRO HA 154 54.94 44.61 -79.71
N THR HA 155 54.45 45.35 -80.70
CA THR HA 155 55.20 46.22 -81.60
C THR HA 155 56.08 45.47 -82.59
N THR HA 156 56.28 44.16 -82.41
CA THR HA 156 57.18 43.53 -83.36
C THR HA 156 56.47 43.07 -84.62
N SER HA 157 55.76 41.93 -84.58
CA SER HA 157 55.22 41.41 -85.82
C SER HA 157 53.76 41.71 -86.09
N GLU HA 158 52.87 40.87 -85.52
CA GLU HA 158 51.43 40.87 -85.73
C GLU HA 158 50.82 39.78 -84.86
N LEU HA 159 49.70 40.03 -84.17
CA LEU HA 159 49.09 38.95 -83.40
C LEU HA 159 48.10 38.15 -84.27
N PRO HA 160 47.88 36.87 -83.92
CA PRO HA 160 46.84 36.07 -84.59
C PRO HA 160 45.44 36.49 -84.20
N GLN HA 161 44.43 35.71 -84.62
CA GLN HA 161 43.05 36.16 -84.62
C GLN HA 161 42.17 35.21 -83.82
N PRO HA 162 41.59 35.66 -82.72
CA PRO HA 162 40.84 34.78 -81.81
C PRO HA 162 39.46 34.44 -82.34
N PRO HA 163 38.86 33.35 -81.86
CA PRO HA 163 37.71 32.75 -82.55
C PRO HA 163 36.32 33.28 -82.25
N PHE HA 164 36.14 34.52 -81.77
CA PHE HA 164 34.81 35.11 -81.73
C PHE HA 164 33.80 34.34 -80.88
N THR HA 165 33.93 34.42 -79.56
CA THR HA 165 33.14 33.64 -78.60
C THR HA 165 31.69 33.43 -79.03
N THR HA 166 31.23 32.20 -78.85
CA THR HA 166 29.89 31.76 -79.23
C THR HA 166 28.87 32.11 -78.17
N PRO HA 167 27.57 32.00 -78.47
CA PRO HA 167 26.55 32.33 -77.47
C PRO HA 167 26.67 31.54 -76.19
N VAL HA 168 26.68 30.22 -76.28
CA VAL HA 168 26.87 29.34 -75.13
C VAL HA 168 28.15 28.55 -75.35
N TYR HA 169 28.97 28.46 -74.31
CA TYR HA 169 30.24 27.78 -74.43
C TYR HA 169 30.57 27.08 -73.11
N VAL HA 170 31.54 26.17 -73.17
CA VAL HA 170 32.05 25.48 -72.00
C VAL HA 170 33.54 25.72 -71.95
N PRO HA 171 34.03 26.54 -71.01
CA PRO HA 171 35.44 26.93 -70.99
C PRO HA 171 36.42 25.79 -71.23
N ALA HA 172 37.45 26.09 -72.00
CA ALA HA 172 38.43 25.12 -72.48
C ALA HA 172 38.91 24.17 -71.40
N ALA HA 173 39.46 24.69 -70.31
CA ALA HA 173 39.94 23.80 -69.27
C ALA HA 173 39.62 24.34 -67.89
N ARG HA 174 38.42 24.04 -67.41
CA ARG HA 174 37.99 24.35 -66.06
C ARG HA 174 37.16 23.21 -65.51
N ARG HA 175 37.33 22.03 -66.11
CA ARG HA 175 36.54 20.85 -65.83
C ARG HA 175 37.35 19.94 -64.91
N SER HA 176 36.66 19.20 -64.06
CA SER HA 176 37.40 18.26 -63.25
C SER HA 176 36.47 17.20 -62.70
N VAL HA 177 37.07 16.14 -62.20
CA VAL HA 177 36.37 14.96 -61.70
C VAL HA 177 37.09 14.47 -60.47
N ASP HA 178 36.34 14.23 -59.40
CA ASP HA 178 36.91 13.66 -58.18
C ASP HA 178 36.59 12.18 -58.17
N PRO HA 179 37.54 11.28 -58.48
CA PRO HA 179 37.21 9.86 -58.54
C PRO HA 179 36.80 9.28 -57.20
N ARG HA 180 36.94 10.05 -56.14
CA ARG HA 180 36.66 9.66 -54.77
C ARG HA 180 35.17 9.72 -54.45
N THR HA 181 34.39 10.52 -55.18
CA THR HA 181 32.95 10.60 -54.96
C THR HA 181 32.17 10.64 -56.27
N HIS HA 182 32.82 10.45 -57.41
CA HIS HA 182 32.17 10.34 -58.70
C HIS HA 182 31.34 11.59 -59.02
N VAL HA 183 32.03 12.72 -59.11
CA VAL HA 183 31.37 13.99 -59.37
C VAL HA 183 32.16 14.75 -60.41
N LEU HA 184 31.49 15.18 -61.47
CA LEU HA 184 32.09 15.96 -62.53
C LEU HA 184 31.69 17.42 -62.38
N LYS HA 185 32.67 18.31 -62.44
CA LYS HA 185 32.44 19.74 -62.36
C LYS HA 185 32.83 20.40 -63.67
N PHE HA 186 31.99 21.29 -64.16
CA PHE HA 186 32.36 22.08 -65.32
C PHE HA 186 31.63 23.40 -65.28
N VAL HA 187 32.12 24.35 -66.02
CA VAL HA 187 31.59 25.70 -66.03
C VAL HA 187 30.79 25.91 -67.30
N LEU HA 188 29.71 26.68 -67.20
CA LEU HA 188 28.85 26.94 -68.36
C LEU HA 188 28.67 28.45 -68.47
N GLY HA 189 29.22 29.05 -69.51
CA GLY HA 189 29.17 30.50 -69.69
C GLY HA 189 28.28 30.87 -70.85
N VAL HA 190 27.55 31.97 -70.68
CA VAL HA 190 26.62 32.48 -71.69
C VAL HA 190 27.10 33.85 -72.14
N SER HA 191 27.29 34.03 -73.44
CA SER HA 191 27.76 35.30 -73.94
C SER HA 191 26.68 36.34 -73.75
N PRO HA 192 27.04 37.63 -73.72
CA PRO HA 192 26.02 38.67 -73.62
C PRO HA 192 25.18 38.83 -74.88
N ALA HA 193 25.56 38.19 -75.98
CA ALA HA 193 24.83 38.30 -77.22
C ALA HA 193 23.84 37.17 -77.44
N ALA HA 194 23.70 36.27 -76.48
CA ALA HA 194 22.70 35.21 -76.60
C ALA HA 194 21.31 35.82 -76.57
N ILE HA 195 20.47 35.39 -77.49
CA ILE HA 195 19.13 35.99 -77.63
C ILE HA 195 18.15 35.21 -76.75
N PRO HA 196 17.38 35.87 -75.91
CA PRO HA 196 16.45 35.16 -75.04
C PRO HA 196 15.43 34.36 -75.83
N GLY HA 197 15.10 33.18 -75.32
CA GLY HA 197 14.18 32.29 -75.97
C GLY HA 197 14.83 31.17 -76.74
N ASP HA 198 16.11 31.27 -77.06
CA ASP HA 198 16.79 30.22 -77.79
C ASP HA 198 17.00 29.00 -76.91
N VAL HA 199 17.32 27.89 -77.56
CA VAL HA 199 17.59 26.63 -76.88
C VAL HA 199 18.83 26.00 -77.51
N TYR HA 200 19.78 25.61 -76.69
CA TYR HA 200 20.96 24.88 -77.13
C TYR HA 200 21.00 23.52 -76.43
N ARG HA 201 21.79 22.61 -76.97
CA ARG HA 201 21.88 21.26 -76.45
C ARG HA 201 23.34 20.91 -76.18
N LEU HA 202 23.63 20.49 -74.97
CA LEU HA 202 24.97 20.10 -74.55
C LEU HA 202 24.99 18.59 -74.35
N THR HA 203 25.90 17.91 -75.02
CA THR HA 203 26.09 16.47 -74.87
C THR HA 203 27.41 16.20 -74.16
N VAL HA 204 27.36 15.36 -73.14
CA VAL HA 204 28.52 15.05 -72.30
C VAL HA 204 28.81 13.57 -72.42
N ARG HA 205 30.04 13.23 -72.79
CA ARG HA 205 30.49 11.85 -72.90
C ARG HA 205 31.57 11.60 -71.87
N GLN HA 206 31.23 10.87 -70.82
CA GLN HA 206 32.12 10.65 -69.70
C GLN HA 206 32.50 9.18 -69.62
N VAL HA 207 33.79 8.92 -69.37
CA VAL HA 207 34.31 7.57 -69.31
C VAL HA 207 34.65 7.25 -67.87
N ALA HA 208 34.16 6.11 -67.40
CA ALA HA 208 34.66 5.51 -66.19
C ALA HA 208 35.81 4.60 -66.59
N ILE HA 209 36.30 3.81 -65.64
CA ILE HA 209 37.45 2.96 -65.93
C ILE HA 209 37.39 1.76 -65.01
N ASP HA 210 37.69 0.58 -65.54
CA ASP HA 210 37.71 -0.62 -64.72
C ASP HA 210 39.11 -0.84 -64.19
N CYS HA 211 39.21 -1.79 -63.28
CA CYS HA 211 40.35 -1.80 -62.37
C CYS HA 211 41.62 -2.23 -63.10
N ASP HA 212 41.48 -2.78 -64.31
CA ASP HA 212 42.59 -2.99 -65.25
C ASP HA 212 42.79 -1.86 -66.23
N GLY HA 213 41.98 -0.82 -66.19
CA GLY HA 213 42.16 0.32 -67.07
C GLY HA 213 41.36 0.32 -68.35
N ASN HA 214 40.38 -0.55 -68.51
CA ASN HA 214 39.52 -0.51 -69.68
C ASN HA 214 38.44 0.54 -69.47
N GLU HA 215 37.46 0.63 -70.36
CA GLU HA 215 36.65 1.85 -70.42
C GLU HA 215 35.18 1.53 -70.32
N PHE HA 216 34.44 2.44 -69.69
CA PHE HA 216 32.99 2.40 -69.63
C PHE HA 216 32.48 3.79 -69.99
N VAL HA 217 31.81 3.90 -71.11
CA VAL HA 217 31.36 5.20 -71.62
C VAL HA 217 29.92 5.46 -71.18
N HIS HA 218 29.60 6.74 -71.02
CA HIS HA 218 28.27 7.17 -70.60
C HIS HA 218 27.96 8.49 -71.29
N ILE HA 219 26.77 8.59 -71.88
CA ILE HA 219 26.38 9.76 -72.66
C ILE HA 219 25.05 10.30 -72.13
N SER HA 220 24.96 11.61 -72.00
CA SER HA 220 23.72 12.30 -71.62
C SER HA 220 23.71 13.67 -72.27
N CYS HA 221 22.55 14.34 -72.22
CA CYS HA 221 22.46 15.68 -72.79
C CYS HA 221 21.81 16.62 -71.78
N TYR HA 222 21.96 17.90 -72.03
CA TYR HA 222 21.25 18.93 -71.28
C TYR HA 222 20.78 20.00 -72.26
N ASP HA 223 19.59 20.53 -72.00
CA ASP HA 223 18.95 21.52 -72.88
C ASP HA 223 19.06 22.88 -72.21
N ILE HA 224 19.96 23.71 -72.72
CA ILE HA 224 20.20 25.03 -72.18
C ILE HA 224 19.27 26.00 -72.87
N SER HA 225 18.32 26.55 -72.14
CA SER HA 225 17.31 27.46 -72.68
C SER HA 225 17.64 28.88 -72.25
N ILE HA 226 18.09 29.69 -73.20
CA ILE HA 226 18.51 31.06 -72.89
C ILE HA 226 17.28 31.85 -72.50
N GLY HA 227 17.12 32.12 -71.21
CA GLY HA 227 16.09 33.02 -70.74
C GLY HA 227 16.70 34.38 -70.43
N SER HA 228 15.81 35.38 -70.41
CA SER HA 228 16.16 36.70 -69.93
C SER HA 228 15.48 36.89 -68.58
N CYS HA 229 16.16 37.64 -67.71
CA CYS HA 229 15.72 37.79 -66.34
C CYS HA 229 15.65 36.46 -65.60
N GLY HA 230 16.82 35.85 -65.42
CA GLY HA 230 16.92 34.63 -64.66
C GLY HA 230 16.58 33.43 -65.51
N MET IA 1 24.93 -0.36 -64.48
CA MET IA 1 25.26 -1.77 -64.49
C MET IA 1 24.01 -2.62 -64.34
N TYR IA 2 23.80 -3.51 -65.30
CA TYR IA 2 22.67 -4.45 -65.26
C TYR IA 2 23.01 -5.61 -64.34
N PHE IA 3 22.00 -6.10 -63.63
CA PHE IA 3 22.19 -7.25 -62.77
C PHE IA 3 21.03 -8.20 -62.98
N PHE IA 4 21.33 -9.41 -63.45
CA PHE IA 4 20.31 -10.41 -63.70
C PHE IA 4 20.55 -11.62 -62.81
N SER IA 5 19.47 -12.22 -62.35
CA SER IA 5 19.52 -13.50 -61.66
C SER IA 5 18.94 -14.56 -62.57
N VAL IA 6 19.62 -15.69 -62.67
CA VAL IA 6 19.28 -16.71 -63.64
C VAL IA 6 18.21 -17.62 -63.06
N ASP IA 7 17.45 -18.27 -63.94
CA ASP IA 7 16.39 -19.15 -63.46
C ASP IA 7 16.99 -20.51 -63.08
N PRO IA 8 16.59 -21.07 -61.94
CA PRO IA 8 17.42 -22.11 -61.31
C PRO IA 8 17.16 -23.53 -61.79
N ARG IA 9 16.28 -23.75 -62.76
CA ARG IA 9 16.02 -25.08 -63.32
C ARG IA 9 15.57 -26.07 -62.23
N ASN IA 10 14.53 -25.70 -61.50
CA ASN IA 10 13.90 -26.54 -60.49
C ASN IA 10 12.59 -27.16 -60.94
N GLY IA 11 12.01 -26.69 -62.03
CA GLY IA 11 10.62 -26.93 -62.29
C GLY IA 11 9.72 -25.91 -61.63
N ALA IA 12 10.26 -24.75 -61.28
CA ALA IA 12 9.52 -23.73 -60.56
C ALA IA 12 9.96 -22.34 -61.01
N SER IA 13 9.66 -21.32 -60.21
CA SER IA 13 10.00 -19.94 -60.54
C SER IA 13 11.51 -19.68 -60.53
N SER IA 21 7.22 -10.48 -71.36
CA SER IA 21 6.30 -11.28 -72.14
C SER IA 21 7.05 -12.33 -72.95
N CYS IA 22 8.23 -11.97 -73.44
CA CYS IA 22 9.05 -12.91 -74.20
C CYS IA 22 9.78 -13.90 -73.33
N CYS IA 23 10.52 -14.76 -74.01
CA CYS IA 23 11.42 -15.71 -73.39
C CYS IA 23 12.63 -15.03 -72.77
N CYS IA 24 13.40 -14.30 -73.57
CA CYS IA 24 14.68 -13.76 -73.13
C CYS IA 24 14.47 -12.36 -72.56
N GLU IA 25 15.09 -12.09 -71.41
CA GLU IA 25 14.91 -10.82 -70.72
C GLU IA 25 15.57 -9.69 -71.51
N SER IA 26 15.36 -8.47 -71.03
CA SER IA 26 15.56 -7.27 -71.81
C SER IA 26 16.71 -6.42 -71.28
N ILE IA 27 17.42 -5.79 -72.20
CA ILE IA 27 18.52 -4.88 -71.92
C ILE IA 27 18.38 -3.68 -72.84
N SER IA 28 18.18 -2.50 -72.26
CA SER IA 28 18.11 -1.30 -73.08
C SER IA 28 19.49 -0.71 -73.28
N ALA IA 29 19.73 -0.17 -74.47
CA ALA IA 29 21.06 0.28 -74.83
C ALA IA 29 20.96 1.55 -75.65
N ARG IA 30 21.98 2.40 -75.53
CA ARG IA 30 22.03 3.68 -76.22
C ARG IA 30 23.27 3.75 -77.09
N PRO IA 31 23.15 4.24 -78.33
CA PRO IA 31 24.28 4.21 -79.25
C PRO IA 31 25.48 4.99 -78.75
N GLY IA 32 26.63 4.34 -78.66
CA GLY IA 32 27.86 4.94 -78.19
C GLY IA 32 28.28 4.49 -76.80
N GLU IA 33 27.35 4.01 -76.00
CA GLU IA 33 27.63 3.59 -74.64
C GLU IA 33 28.52 2.35 -74.62
N VAL IA 34 29.08 2.08 -73.45
CA VAL IA 34 29.73 0.83 -73.12
C VAL IA 34 29.37 0.54 -71.67
N ASN IA 35 28.46 -0.39 -71.44
CA ASN IA 35 27.92 -0.62 -70.12
C ASN IA 35 28.50 -1.91 -69.55
N GLY IA 36 28.04 -2.31 -68.37
CA GLY IA 36 28.49 -3.54 -67.76
C GLY IA 36 27.35 -4.39 -67.25
N VAL IA 37 27.43 -5.70 -67.43
CA VAL IA 37 26.35 -6.61 -67.09
C VAL IA 37 26.87 -7.65 -66.11
N MET IA 38 26.07 -7.94 -65.08
CA MET IA 38 26.39 -8.96 -64.10
C MET IA 38 25.27 -9.97 -64.03
N VAL IA 39 25.63 -11.26 -64.07
CA VAL IA 39 24.67 -12.35 -64.03
C VAL IA 39 25.04 -13.24 -62.85
N SER IA 40 24.06 -13.52 -62.00
CA SER IA 40 24.28 -14.25 -60.75
C SER IA 40 23.77 -15.68 -60.91
N TYR IA 41 24.69 -16.60 -61.18
CA TYR IA 41 24.33 -18.00 -61.32
C TYR IA 41 24.15 -18.72 -59.99
N ALA IA 42 24.07 -18.00 -58.88
CA ALA IA 42 24.02 -18.64 -57.58
C ALA IA 42 22.82 -19.57 -57.44
N ALA IA 43 21.67 -19.17 -57.97
CA ALA IA 43 20.46 -19.98 -57.81
C ALA IA 43 20.56 -21.33 -58.50
N TRP IA 44 21.40 -21.45 -59.52
CA TRP IA 44 21.51 -22.68 -60.29
C TRP IA 44 22.73 -23.51 -59.91
N SER IA 45 23.86 -22.85 -59.69
CA SER IA 45 25.12 -23.56 -59.49
C SER IA 45 25.47 -23.81 -58.04
N ALA IA 46 24.72 -23.24 -57.09
CA ALA IA 46 25.03 -23.49 -55.69
C ALA IA 46 24.55 -24.88 -55.25
N PRO IA 47 23.32 -25.29 -55.52
CA PRO IA 47 22.94 -26.67 -55.19
C PRO IA 47 23.85 -27.72 -55.80
N LEU IA 48 24.34 -27.49 -57.01
CA LEU IA 48 25.33 -28.39 -57.61
C LEU IA 48 26.66 -28.23 -56.88
N ARG IA 49 26.70 -28.71 -55.64
CA ARG IA 49 27.87 -28.46 -54.81
C ARG IA 49 29.12 -28.98 -55.50
N GLY IA 50 29.97 -28.08 -55.96
CA GLY IA 50 31.14 -28.45 -56.70
C GLY IA 50 32.18 -27.35 -56.69
N HIS IA 51 32.82 -27.10 -57.82
CA HIS IA 51 33.83 -26.05 -57.92
C HIS IA 51 33.32 -24.82 -58.64
N GLY IA 52 32.01 -24.59 -58.63
CA GLY IA 52 31.47 -23.34 -59.13
C GLY IA 52 31.62 -23.19 -60.64
N LEU IA 53 31.67 -21.94 -61.07
CA LEU IA 53 31.71 -21.61 -62.48
C LEU IA 53 33.12 -21.78 -63.01
N THR IA 54 33.25 -21.81 -64.34
CA THR IA 54 34.56 -21.79 -64.98
C THR IA 54 34.55 -20.74 -66.09
N ASN IA 55 35.74 -20.38 -66.56
CA ASN IA 55 35.88 -19.37 -67.60
C ASN IA 55 35.75 -19.99 -68.99
N LYS IA 56 34.63 -20.65 -69.21
CA LYS IA 56 34.32 -21.17 -70.52
C LYS IA 56 32.93 -20.70 -70.96
N THR IA 57 32.71 -19.40 -70.87
CA THR IA 57 31.48 -18.79 -71.37
C THR IA 57 31.61 -18.54 -72.86
N THR IA 58 30.49 -18.66 -73.56
CA THR IA 58 30.43 -18.41 -74.99
C THR IA 58 29.24 -17.50 -75.27
N PHE IA 59 29.46 -16.50 -76.10
CA PHE IA 59 28.43 -15.52 -76.44
C PHE IA 59 28.11 -15.60 -77.92
N GLU IA 60 26.91 -15.17 -78.27
CA GLU IA 60 26.53 -15.09 -79.68
C GLU IA 60 25.53 -13.96 -79.85
N ILE IA 61 25.74 -13.12 -80.86
CA ILE IA 61 24.86 -12.01 -81.15
C ILE IA 61 24.15 -12.30 -82.46
N ASP IA 62 22.83 -12.11 -82.46
CA ASP IA 62 22.02 -12.25 -83.66
C ASP IA 62 20.95 -11.19 -83.65
N GLY IA 63 20.64 -10.64 -84.81
CA GLY IA 63 19.68 -9.57 -84.93
C GLY IA 63 18.28 -10.10 -85.14
N VAL IA 64 17.32 -9.55 -84.40
CA VAL IA 64 15.91 -9.82 -84.60
C VAL IA 64 15.21 -8.68 -85.34
N SER IA 65 15.93 -7.57 -85.57
CA SER IA 65 15.45 -6.41 -86.31
C SER IA 65 16.66 -5.52 -86.56
N VAL IA 66 17.00 -5.20 -87.79
CA VAL IA 66 18.29 -4.60 -88.10
C VAL IA 66 18.17 -3.23 -88.75
N THR IA 67 17.24 -3.03 -89.69
CA THR IA 67 17.14 -1.76 -90.40
C THR IA 67 18.44 -1.45 -91.13
N PRO IA 68 18.69 -2.09 -92.26
CA PRO IA 68 20.00 -2.01 -92.92
C PRO IA 68 20.52 -0.59 -93.03
N PRO IA 69 21.83 -0.39 -92.89
CA PRO IA 69 22.36 0.97 -92.87
C PRO IA 69 22.32 1.62 -94.24
N LYS IA 70 22.29 2.94 -94.24
CA LYS IA 70 22.26 3.70 -95.48
C LYS IA 70 23.65 3.94 -96.04
N VAL IA 71 24.56 4.43 -95.20
CA VAL IA 71 25.89 4.85 -95.63
C VAL IA 71 26.84 3.69 -95.41
N SER IA 72 27.69 3.43 -96.39
CA SER IA 72 28.65 2.36 -96.25
C SER IA 72 29.84 2.80 -95.39
N ASN IA 73 30.54 1.82 -94.84
CA ASN IA 73 31.79 2.09 -94.15
C ASN IA 73 32.94 2.03 -95.14
N ALA IA 74 34.14 2.32 -94.68
CA ALA IA 74 35.27 2.41 -95.60
C ALA IA 74 36.55 2.09 -94.87
N PHE IA 75 37.58 1.75 -95.64
CA PHE IA 75 38.90 1.43 -95.09
C PHE IA 75 39.97 2.14 -95.90
N GLY IA 76 40.92 2.75 -95.20
CA GLY IA 76 42.05 3.40 -95.83
C GLY IA 76 43.35 2.90 -95.22
N ARG IA 77 44.46 3.34 -95.82
CA ARG IA 77 45.76 2.89 -95.37
C ARG IA 77 46.80 3.97 -95.63
N THR IA 78 47.74 4.10 -94.71
CA THR IA 78 48.80 5.09 -94.82
C THR IA 78 50.01 4.61 -94.04
N LYS IA 79 51.19 5.10 -94.40
CA LYS IA 79 52.39 4.79 -93.64
C LYS IA 79 52.51 5.76 -92.46
N VAL IA 80 53.49 5.51 -91.60
CA VAL IA 80 53.68 6.39 -90.46
C VAL IA 80 54.08 7.79 -90.93
N GLY IA 81 53.54 8.79 -90.26
CA GLY IA 81 53.92 10.18 -90.46
C GLY IA 81 53.37 10.85 -91.70
N VAL IA 82 53.02 10.10 -92.73
CA VAL IA 82 52.54 10.70 -93.97
C VAL IA 82 51.05 11.00 -93.85
N VAL IA 83 50.66 12.20 -94.26
CA VAL IA 83 49.28 12.66 -94.16
C VAL IA 83 48.42 11.87 -95.13
N PHE IA 84 47.20 11.57 -94.72
CA PHE IA 84 46.30 10.74 -95.50
C PHE IA 84 45.09 11.55 -95.94
N GLU IA 85 44.72 11.41 -97.21
CA GLU IA 85 43.52 12.01 -97.77
C GLU IA 85 42.53 10.91 -98.11
N GLY IA 86 41.28 11.32 -98.31
CA GLY IA 86 40.23 10.40 -98.71
C GLY IA 86 38.97 11.18 -98.98
N THR IA 87 38.00 10.49 -99.55
CA THR IA 87 36.73 11.10 -99.89
C THR IA 87 35.64 10.57 -98.98
N LEU IA 88 34.53 11.30 -98.94
CA LEU IA 88 33.43 10.92 -98.07
C LEU IA 88 32.11 11.04 -98.83
N SER IA 89 32.12 10.81 -100.14
CA SER IA 89 30.94 10.99 -100.95
C SER IA 89 30.50 9.73 -101.69
N ASP IA 90 31.41 8.79 -101.94
CA ASP IA 90 31.06 7.51 -102.55
C ASP IA 90 30.58 6.52 -101.51
N LEU IA 91 30.39 6.97 -100.28
CA LEU IA 91 29.96 6.13 -99.17
C LEU IA 91 28.50 6.32 -98.86
N PHE IA 92 27.79 7.11 -99.68
CA PHE IA 92 26.37 7.40 -99.46
C PHE IA 92 25.64 7.25 -100.78
N PRO IA 93 25.44 6.02 -101.24
CA PRO IA 93 24.59 5.84 -102.42
C PRO IA 93 23.17 6.24 -102.08
N ASN IA 94 22.72 7.36 -102.63
CA ASN IA 94 21.38 7.83 -102.29
C ASN IA 94 20.36 7.37 -103.31
N PRO IA 95 19.18 6.94 -102.87
CA PRO IA 95 18.11 6.61 -103.82
C PRO IA 95 17.55 7.85 -104.47
N GLU IA 96 17.23 8.84 -103.63
CA GLU IA 96 16.49 10.02 -104.03
C GLU IA 96 17.40 11.21 -104.30
N GLY IA 97 16.80 12.38 -104.51
CA GLY IA 97 17.54 13.62 -104.65
C GLY IA 97 17.59 14.45 -103.38
N GLU IA 98 18.79 14.72 -102.89
CA GLU IA 98 18.99 15.53 -101.70
C GLU IA 98 20.46 15.91 -101.61
N GLN IA 99 20.76 16.79 -100.66
CA GLN IA 99 22.10 17.26 -100.40
C GLN IA 99 22.72 16.53 -99.21
N VAL IA 100 24.04 16.61 -99.14
CA VAL IA 100 24.85 15.77 -98.26
C VAL IA 100 25.61 16.60 -97.22
N GLU IA 101 25.02 16.77 -96.04
CA GLU IA 101 25.64 17.52 -94.96
C GLU IA 101 26.65 16.66 -94.22
N TYR IA 102 27.82 16.47 -94.82
CA TYR IA 102 28.90 15.71 -94.18
C TYR IA 102 29.24 16.29 -92.82
N GLU IA 103 29.40 15.41 -91.83
CA GLU IA 103 29.64 15.85 -90.46
C GLU IA 103 30.53 14.86 -89.73
N ILE IA 104 31.46 15.37 -88.93
CA ILE IA 104 32.32 14.56 -88.09
C ILE IA 104 32.02 14.96 -86.64
N SER IA 105 31.31 14.09 -85.92
CA SER IA 105 30.94 14.38 -84.55
C SER IA 105 32.19 14.43 -83.67
N GLU IA 106 32.28 15.44 -82.80
CA GLU IA 106 33.41 15.55 -81.89
C GLU IA 106 33.38 14.51 -80.79
N LEU IA 107 32.24 13.89 -80.51
CA LEU IA 107 32.19 12.87 -79.48
C LEU IA 107 32.87 11.60 -79.97
N ASN IA 108 32.82 11.34 -81.26
CA ASN IA 108 33.35 10.11 -81.84
C ASN IA 108 34.41 10.41 -82.89
N GLY IA 109 35.27 11.38 -82.62
CA GLY IA 109 36.33 11.71 -83.53
C GLY IA 109 37.43 10.67 -83.49
N PRO IA 110 38.55 10.95 -84.13
CA PRO IA 110 39.67 10.00 -84.10
C PRO IA 110 40.34 9.96 -82.74
N SER IA 111 41.32 9.09 -82.58
CA SER IA 111 41.96 8.88 -81.29
C SER IA 111 43.43 9.25 -81.27
N ASN IA 112 44.14 9.09 -82.39
CA ASN IA 112 45.56 9.42 -82.47
C ASN IA 112 45.86 10.25 -83.70
N GLY IA 113 44.91 11.08 -84.13
CA GLY IA 113 45.09 11.93 -85.29
C GLY IA 113 44.22 13.15 -85.20
N VAL IA 114 44.00 13.80 -86.34
CA VAL IA 114 43.09 14.94 -86.46
C VAL IA 114 42.50 14.89 -87.86
N VAL IA 115 41.25 15.31 -88.00
CA VAL IA 115 40.58 15.35 -89.29
C VAL IA 115 39.99 16.73 -89.52
N GLU IA 116 40.30 17.33 -90.68
CA GLU IA 116 39.76 18.63 -91.06
C GLU IA 116 38.73 18.35 -92.15
N LEU IA 117 37.46 18.33 -91.81
CA LEU IA 117 36.45 18.10 -92.84
C LEU IA 117 36.41 19.27 -93.81
N GLY IA 118 36.50 18.96 -95.10
CA GLY IA 118 36.50 19.97 -96.13
C GLY IA 118 35.10 20.50 -96.39
N ALA IA 119 34.98 21.23 -97.49
CA ALA IA 119 33.68 21.78 -97.87
C ALA IA 119 32.80 20.73 -98.53
N ASN IA 120 33.41 19.84 -99.33
CA ASN IA 120 32.67 18.84 -100.07
C ASN IA 120 33.29 17.46 -99.81
N GLY IA 121 32.70 16.73 -98.87
CA GLY IA 121 33.02 15.32 -98.65
C GLY IA 121 34.48 14.94 -98.65
N ALA IA 122 35.35 15.88 -98.33
CA ALA IA 122 36.79 15.63 -98.30
C ALA IA 122 37.31 15.87 -96.88
N PHE IA 123 38.39 15.18 -96.55
CA PHE IA 123 38.91 15.25 -95.20
C PHE IA 123 40.36 14.80 -95.20
N THR IA 124 41.14 15.39 -94.29
CA THR IA 124 42.56 15.09 -94.16
C THR IA 124 42.80 14.55 -92.77
N TYR IA 125 43.33 13.33 -92.70
CA TYR IA 125 43.67 12.70 -91.43
C TYR IA 125 45.18 12.73 -91.28
N THR IA 126 45.67 13.68 -90.51
CA THR IA 126 47.09 13.76 -90.22
C THR IA 126 47.38 12.89 -89.00
N PRO IA 127 48.01 11.73 -89.17
CA PRO IA 127 48.22 10.85 -88.03
C PRO IA 127 49.16 11.48 -87.01
N GLY IA 128 48.89 11.18 -85.73
CA GLY IA 128 49.75 11.70 -84.69
C GLY IA 128 51.19 11.22 -84.85
N ALA IA 129 52.12 12.16 -84.70
CA ALA IA 129 53.53 11.87 -84.91
C ALA IA 129 54.00 10.78 -83.96
N LEU IA 130 54.88 9.92 -84.47
CA LEU IA 130 55.39 8.78 -83.72
C LEU IA 130 54.27 7.88 -83.22
N PHE IA 131 53.52 7.34 -84.18
CA PHE IA 131 52.41 6.44 -83.86
C PHE IA 131 52.14 5.55 -85.05
N THR IA 132 51.94 4.26 -84.81
CA THR IA 132 51.61 3.32 -85.88
C THR IA 132 50.63 2.30 -85.33
N GLY IA 133 49.40 2.34 -85.81
CA GLY IA 133 48.39 1.40 -85.39
C GLY IA 133 47.17 1.52 -86.27
N VAL IA 134 46.00 1.37 -85.66
CA VAL IA 134 44.73 1.54 -86.35
C VAL IA 134 43.97 2.68 -85.68
N ASP IA 135 43.19 3.41 -86.47
CA ASP IA 135 42.46 4.54 -85.94
C ASP IA 135 41.13 4.67 -86.68
N ARG IA 136 40.09 5.02 -85.94
CA ARG IA 136 38.75 5.12 -86.47
C ARG IA 136 38.17 6.50 -86.18
N PHE IA 137 37.14 6.85 -86.95
CA PHE IA 137 36.29 7.99 -86.62
C PHE IA 137 34.95 7.78 -87.31
N TRP IA 138 33.92 8.35 -86.72
CA TRP IA 138 32.55 8.10 -87.14
C TRP IA 138 31.96 9.37 -87.76
N PHE IA 139 31.72 9.31 -89.05
CA PHE IA 139 31.09 10.40 -89.78
C PHE IA 139 29.59 10.22 -89.83
N SER IA 140 28.89 11.29 -90.18
CA SER IA 140 27.42 11.26 -90.26
C SER IA 140 27.00 12.01 -91.53
N ILE IA 141 26.86 11.27 -92.62
CA ILE IA 141 26.41 11.84 -93.89
C ILE IA 141 24.90 11.97 -93.83
N ASN IA 142 24.42 13.15 -93.48
CA ASN IA 142 23.00 13.46 -93.51
C ASN IA 142 22.22 12.57 -92.52
N GLY IA 143 22.63 12.63 -91.27
CA GLY IA 143 21.94 11.90 -90.22
C GLY IA 143 22.38 10.46 -90.07
N ASN IA 144 22.69 9.80 -91.20
CA ASN IA 144 23.09 8.41 -91.17
C ASN IA 144 24.57 8.27 -90.86
N ILE IA 145 24.90 7.40 -89.92
CA ILE IA 145 26.24 7.29 -89.36
C ILE IA 145 26.93 6.04 -89.88
N GLY IA 146 28.22 6.16 -90.17
CA GLY IA 146 29.07 5.04 -90.51
C GLY IA 146 30.44 5.33 -89.95
N GLU IA 147 31.37 4.41 -90.16
CA GLU IA 147 32.71 4.58 -89.64
C GLU IA 147 33.74 4.47 -90.74
N TYR IA 148 34.84 5.20 -90.58
CA TYR IA 148 35.98 5.15 -91.47
C TYR IA 148 37.17 4.64 -90.69
N VAL IA 149 37.81 3.59 -91.18
CA VAL IA 149 38.90 2.94 -90.48
C VAL IA 149 40.18 3.19 -91.25
N ILE IA 150 41.19 3.73 -90.58
CA ILE IA 150 42.50 3.97 -91.16
C ILE IA 150 43.53 3.23 -90.35
N SER IA 151 44.49 2.60 -91.04
CA SER IA 151 45.57 1.85 -90.42
C SER IA 151 46.89 2.48 -90.84
N VAL IA 152 47.69 2.91 -89.87
CA VAL IA 152 48.97 3.56 -90.13
C VAL IA 152 50.09 2.56 -89.89
N ASP IA 153 50.93 2.40 -90.89
CA ASP IA 153 51.97 1.37 -90.94
C ASP IA 153 53.28 1.91 -90.42
N PRO IA 154 54.16 1.03 -89.88
CA PRO IA 154 55.42 1.52 -89.31
C PRO IA 154 56.52 1.62 -90.36
N THR IA 155 56.12 2.07 -91.55
CA THR IA 155 56.96 2.40 -92.69
C THR IA 155 57.58 1.17 -93.37
N THR IA 156 57.52 0.00 -92.75
CA THR IA 156 58.19 -1.10 -93.42
C THR IA 156 57.29 -1.79 -94.45
N SER IA 157 56.37 -2.65 -94.00
CA SER IA 157 55.62 -3.42 -94.99
C SER IA 157 54.24 -2.91 -95.34
N GLU IA 158 53.25 -3.28 -94.51
CA GLU IA 158 51.83 -3.03 -94.71
C GLU IA 158 51.07 -3.60 -93.50
N LEU IA 159 50.09 -2.89 -92.95
CA LEU IA 159 49.33 -3.48 -91.86
C LEU IA 159 48.13 -4.28 -92.38
N PRO IA 160 47.67 -5.28 -91.62
CA PRO IA 160 46.44 -6.01 -91.97
C PRO IA 160 45.19 -5.18 -91.75
N GLN IA 161 44.02 -5.80 -91.87
CA GLN IA 161 42.76 -5.07 -92.02
C GLN IA 161 41.76 -5.48 -90.94
N PRO IA 162 41.38 -4.56 -90.06
CA PRO IA 162 40.54 -4.89 -88.90
C PRO IA 162 39.09 -5.08 -89.28
N PRO IA 163 38.31 -5.76 -88.44
CA PRO IA 163 37.00 -6.30 -88.88
C PRO IA 163 35.78 -5.39 -88.78
N PHE IA 164 35.92 -4.06 -88.76
CA PHE IA 164 34.74 -3.20 -88.92
C PHE IA 164 33.66 -3.40 -87.86
N THR IA 165 33.91 -2.90 -86.64
CA THR IA 165 33.05 -3.11 -85.47
C THR IA 165 31.57 -3.13 -85.80
N THR IA 166 30.87 -4.09 -85.20
CA THR IA 166 29.45 -4.32 -85.41
C THR IA 166 28.62 -3.40 -84.53
N PRO IA 167 27.30 -3.31 -84.77
CA PRO IA 167 26.46 -2.44 -83.94
C PRO IA 167 26.50 -2.77 -82.46
N VAL IA 168 26.23 -4.01 -82.10
CA VAL IA 168 26.32 -4.47 -80.71
C VAL IA 168 27.38 -5.55 -80.65
N TYR IA 169 28.25 -5.47 -79.64
CA TYR IA 169 29.34 -6.42 -79.52
C TYR IA 169 29.61 -6.69 -78.05
N VAL IA 170 30.36 -7.76 -77.80
CA VAL IA 170 30.80 -8.12 -76.46
C VAL IA 170 32.31 -8.21 -76.50
N PRO IA 171 33.04 -7.26 -75.90
CA PRO IA 171 34.49 -7.21 -76.02
C PRO IA 171 35.19 -8.56 -75.85
N ALA IA 172 36.20 -8.78 -76.69
CA ALA IA 172 36.91 -10.05 -76.81
C ALA IA 172 37.26 -10.66 -75.46
N ALA IA 173 38.00 -9.95 -74.63
CA ALA IA 173 38.35 -10.52 -73.34
C ALA IA 173 38.27 -9.49 -72.23
N ARG IA 174 37.08 -9.33 -71.67
CA ARG IA 174 36.83 -8.49 -70.51
C ARG IA 174 35.83 -9.17 -69.59
N ARG IA 175 35.70 -10.49 -69.75
CA ARG IA 175 34.70 -11.30 -69.08
C ARG IA 175 35.37 -11.99 -67.91
N SER IA 176 34.61 -12.23 -66.85
CA SER IA 176 35.20 -12.99 -65.77
C SER IA 176 34.11 -13.56 -64.88
N VAL IA 177 34.51 -14.50 -64.05
CA VAL IA 177 33.62 -15.25 -63.17
C VAL IA 177 34.32 -15.45 -61.85
N ASP IA 178 33.62 -15.14 -60.76
CA ASP IA 178 34.16 -15.39 -59.43
C ASP IA 178 33.54 -16.66 -58.90
N PRO IA 179 34.25 -17.79 -58.89
CA PRO IA 179 33.62 -19.04 -58.44
C PRO IA 179 33.20 -19.03 -56.99
N ARG IA 180 33.59 -18.00 -56.26
CA ARG IA 180 33.35 -17.83 -54.84
C ARG IA 180 31.93 -17.35 -54.55
N THR IA 181 31.28 -16.68 -55.51
CA THR IA 181 29.92 -16.21 -55.33
C THR IA 181 29.06 -16.44 -56.56
N HIS IA 182 29.56 -17.14 -57.58
CA HIS IA 182 28.80 -17.52 -58.75
C HIS IA 182 28.23 -16.30 -59.47
N VAL IA 183 29.13 -15.46 -59.95
CA VAL IA 183 28.73 -14.23 -60.63
C VAL IA 183 29.59 -14.06 -61.87
N LEU IA 184 28.93 -13.87 -63.01
CA LEU IA 184 29.60 -13.65 -64.29
C LEU IA 184 29.53 -12.18 -64.64
N LYS IA 185 30.67 -11.61 -65.01
CA LYS IA 185 30.75 -10.21 -65.42
C LYS IA 185 31.16 -10.15 -66.88
N PHE IA 186 30.49 -9.31 -67.65
CA PHE IA 186 30.93 -9.06 -69.02
C PHE IA 186 30.49 -7.67 -69.43
N VAL IA 187 31.11 -7.16 -70.45
CA VAL IA 187 30.88 -5.81 -70.93
C VAL IA 187 30.05 -5.87 -72.18
N LEU IA 188 29.17 -4.89 -72.37
CA LEU IA 188 28.30 -4.84 -73.54
C LEU IA 188 28.43 -3.45 -74.15
N GLY IA 189 29.00 -3.38 -75.35
CA GLY IA 189 29.25 -2.11 -76.01
C GLY IA 189 28.36 -1.95 -77.23
N VAL IA 190 27.90 -0.73 -77.45
CA VAL IA 190 27.02 -0.39 -78.57
C VAL IA 190 27.74 0.61 -79.46
N SER IA 191 27.85 0.29 -80.74
CA SER IA 191 28.54 1.18 -81.66
C SER IA 191 27.73 2.45 -81.84
N PRO IA 192 28.35 3.55 -82.25
CA PRO IA 192 27.59 4.77 -82.53
C PRO IA 192 26.70 4.68 -83.75
N ALA IA 193 26.84 3.64 -84.56
CA ALA IA 193 26.06 3.48 -85.77
C ALA IA 193 24.84 2.60 -85.57
N ALA IA 194 24.58 2.13 -84.36
CA ALA IA 194 23.38 1.35 -84.11
C ALA IA 194 22.16 2.23 -84.29
N ILE IA 195 21.17 1.71 -85.00
CA ILE IA 195 19.99 2.52 -85.33
C ILE IA 195 18.94 2.32 -84.24
N PRO IA 196 18.39 3.39 -83.69
CA PRO IA 196 17.41 3.24 -82.61
C PRO IA 196 16.18 2.48 -83.07
N GLY IA 197 15.65 1.64 -82.18
CA GLY IA 197 14.52 0.81 -82.49
C GLY IA 197 14.85 -0.62 -82.83
N ASP IA 198 16.09 -0.92 -83.16
CA ASP IA 198 16.48 -2.28 -83.49
C ASP IA 198 16.49 -3.15 -82.24
N VAL IA 199 16.52 -4.46 -82.46
CA VAL IA 199 16.57 -5.45 -81.39
C VAL IA 199 17.60 -6.50 -81.78
N TYR IA 200 18.50 -6.81 -80.86
CA TYR IA 200 19.46 -7.90 -81.03
C TYR IA 200 19.27 -8.90 -79.91
N ARG IA 201 19.81 -10.09 -80.11
CA ARG IA 201 19.65 -11.18 -79.14
C ARG IA 201 21.02 -11.73 -78.77
N LEU IA 202 21.31 -11.78 -77.49
CA LEU IA 202 22.57 -12.30 -76.98
C LEU IA 202 22.28 -13.61 -76.26
N THR IA 203 22.98 -14.67 -76.66
CA THR IA 203 22.86 -15.96 -76.01
C THR IA 203 24.15 -16.29 -75.27
N VAL IA 204 24.01 -16.69 -74.01
CA VAL IA 204 25.14 -16.95 -73.12
C VAL IA 204 25.10 -18.42 -72.73
N ARG IA 205 26.21 -19.12 -72.97
CA ARG IA 205 26.33 -20.53 -72.59
C ARG IA 205 27.42 -20.65 -71.54
N GLN IA 206 27.02 -20.90 -70.31
CA GLN IA 206 27.93 -20.92 -69.17
C GLN IA 206 28.00 -22.32 -68.60
N VAL IA 207 29.22 -22.76 -68.28
CA VAL IA 207 29.44 -24.11 -67.75
C VAL IA 207 29.82 -23.99 -66.29
N ALA IA 208 29.14 -24.76 -65.45
CA ALA IA 208 29.60 -25.02 -64.11
C ALA IA 208 30.50 -26.24 -64.17
N ILE IA 209 30.88 -26.76 -63.02
CA ILE IA 209 31.79 -27.90 -63.00
C ILE IA 209 31.56 -28.67 -61.71
N ASP IA 210 31.57 -30.00 -61.81
CA ASP IA 210 31.40 -30.82 -60.63
C ASP IA 210 32.76 -31.16 -60.05
N CYS IA 211 32.73 -31.75 -58.87
CA CYS IA 211 33.90 -31.70 -58.02
C CYS IA 211 34.99 -32.63 -58.55
N ASP IA 212 34.65 -33.51 -59.50
CA ASP IA 212 35.60 -34.27 -60.32
C ASP IA 212 35.97 -33.60 -61.63
N GLY IA 213 35.39 -32.45 -61.95
CA GLY IA 213 35.74 -31.75 -63.16
C GLY IA 213 34.87 -32.00 -64.38
N ASN IA 214 33.70 -32.63 -64.21
CA ASN IA 214 32.78 -32.79 -65.32
C ASN IA 214 31.97 -31.51 -65.49
N GLU IA 215 30.96 -31.51 -66.35
CA GLU IA 215 30.43 -30.23 -66.82
C GLU IA 215 28.93 -30.17 -66.62
N PHE IA 216 28.46 -28.95 -66.34
CA PHE IA 216 27.04 -28.64 -66.27
C PHE IA 216 26.81 -27.38 -67.08
N VAL IA 217 26.09 -27.49 -68.17
CA VAL IA 217 25.89 -26.38 -69.10
C VAL IA 217 24.58 -25.67 -68.77
N HIS IA 218 24.54 -24.38 -69.06
CA HIS IA 218 23.37 -23.54 -68.81
C HIS IA 218 23.29 -22.49 -69.92
N ILE IA 219 22.11 -22.33 -70.50
CA ILE IA 219 21.91 -21.43 -71.63
C ILE IA 219 20.77 -20.46 -71.32
N SER IA 220 20.97 -19.20 -71.65
CA SER IA 220 19.94 -18.17 -71.52
C SER IA 220 20.16 -17.12 -72.60
N CYS IA 221 19.19 -16.23 -72.79
CA CYS IA 221 19.33 -15.17 -73.78
C CYS IA 221 18.98 -13.84 -73.16
N TYR IA 222 19.37 -12.78 -73.84
CA TYR IA 222 18.96 -11.43 -73.50
C TYR IA 222 18.65 -10.67 -74.77
N ASP IA 223 17.62 -9.84 -74.72
CA ASP IA 223 17.14 -9.09 -75.87
C ASP IA 223 17.59 -7.63 -75.72
N ILE IA 224 18.60 -7.25 -76.49
CA ILE IA 224 19.16 -5.91 -76.44
C ILE IA 224 18.40 -5.04 -77.43
N SER IA 225 17.64 -4.08 -76.92
CA SER IA 225 16.81 -3.21 -77.74
C SER IA 225 17.46 -1.84 -77.83
N ILE IA 226 18.00 -1.52 -79.00
CA ILE IA 226 18.72 -0.26 -79.18
C ILE IA 226 17.72 0.88 -79.10
N GLY IA 227 17.73 1.59 -77.97
CA GLY IA 227 16.96 2.81 -77.83
C GLY IA 227 17.85 4.02 -78.01
N SER IA 228 17.20 5.13 -78.33
CA SER IA 228 17.86 6.42 -78.34
C SER IA 228 17.35 7.20 -77.15
N CYS IA 229 18.24 8.02 -76.58
CA CYS IA 229 17.95 8.73 -75.35
C CYS IA 229 17.66 7.78 -74.20
N GLY IA 230 18.69 7.02 -73.83
CA GLY IA 230 18.59 6.13 -72.69
C GLY IA 230 17.93 4.82 -73.06
N MET JA 1 19.02 -27.62 -60.46
CA MET JA 1 19.05 -28.99 -59.98
C MET JA 1 17.67 -29.43 -59.55
N TYR JA 2 17.18 -30.52 -60.13
CA TYR JA 2 15.90 -31.10 -59.78
C TYR JA 2 16.05 -31.94 -58.51
N PHE JA 3 15.03 -31.91 -57.67
CA PHE JA 3 15.04 -32.72 -56.46
C PHE JA 3 13.69 -33.40 -56.33
N PHE JA 4 13.69 -34.73 -56.36
CA PHE JA 4 12.46 -35.50 -56.23
C PHE JA 4 12.52 -36.36 -54.99
N SER JA 5 11.37 -36.51 -54.34
CA SER JA 5 11.20 -37.45 -53.25
C SER JA 5 10.34 -38.61 -53.75
N VAL JA 6 10.76 -39.83 -53.45
CA VAL JA 6 10.13 -41.02 -54.01
C VAL JA 6 8.94 -41.40 -53.14
N ASP JA 7 8.00 -42.12 -53.74
CA ASP JA 7 6.82 -42.53 -52.99
C ASP JA 7 7.14 -43.78 -52.16
N PRO JA 8 6.73 -43.82 -50.89
CA PRO JA 8 7.38 -44.75 -49.96
C PRO JA 8 6.78 -46.15 -49.91
N ARG JA 9 5.79 -46.47 -50.74
CA ARG JA 9 5.21 -47.82 -50.80
C ARG JA 9 4.66 -48.25 -49.44
N ASN JA 10 3.78 -47.43 -48.88
CA ASN JA 10 3.07 -47.72 -47.64
C ASN JA 10 1.63 -48.14 -47.84
N GLY JA 11 1.08 -47.95 -49.03
CA GLY JA 11 -0.35 -47.95 -49.18
C GLY JA 11 -0.96 -46.59 -48.91
N ALA JA 12 -0.16 -45.53 -48.99
CA ALA JA 12 -0.60 -44.19 -48.67
C ALA JA 12 0.09 -43.17 -49.57
N SER JA 13 0.07 -41.89 -49.17
CA SER JA 13 0.67 -40.82 -49.96
C SER JA 13 2.19 -40.93 -50.04
N SER JA 21 -0.92 -35.17 -63.37
CA SER JA 21 -2.05 -35.97 -63.83
C SER JA 21 -1.61 -37.38 -64.22
N CYS JA 22 -0.42 -37.47 -64.81
CA CYS JA 22 0.11 -38.76 -65.20
C CYS JA 22 0.70 -39.54 -64.04
N CYS JA 23 1.18 -40.73 -64.39
CA CYS JA 23 1.90 -41.59 -63.48
C CYS JA 23 3.28 -41.04 -63.14
N CYS JA 24 4.12 -40.81 -64.14
CA CYS JA 24 5.51 -40.46 -63.91
C CYS JA 24 5.65 -38.94 -63.86
N GLU JA 25 6.41 -38.45 -62.88
CA GLU JA 25 6.55 -37.02 -62.68
C GLU JA 25 7.37 -36.40 -63.80
N SER JA 26 7.46 -35.07 -63.77
CA SER JA 26 7.85 -34.28 -64.93
C SER JA 26 9.19 -33.58 -64.72
N ILE JA 27 9.94 -33.48 -65.82
CA ILE JA 27 11.23 -32.80 -65.87
C ILE JA 27 11.27 -31.98 -67.14
N SER JA 28 11.38 -30.66 -67.01
CA SER JA 28 11.49 -29.82 -68.18
C SER JA 28 12.94 -29.66 -68.58
N ALA JA 29 13.19 -29.62 -69.88
CA ALA JA 29 14.56 -29.62 -70.38
C ALA JA 29 14.66 -28.72 -71.60
N ARG JA 30 15.84 -28.13 -71.78
CA ARG JA 30 16.11 -27.20 -72.85
C ARG JA 30 17.26 -27.71 -73.71
N PRO JA 31 17.14 -27.66 -75.03
CA PRO JA 31 18.17 -28.25 -75.89
C PRO JA 31 19.54 -27.63 -75.70
N GLY JA 32 20.53 -28.47 -75.38
CA GLY JA 32 21.89 -28.03 -75.16
C GLY JA 32 22.32 -28.07 -73.70
N GLU JA 33 21.36 -28.03 -72.77
CA GLU JA 33 21.67 -28.03 -71.36
C GLU JA 33 22.27 -29.35 -70.92
N VAL JA 34 22.86 -29.32 -69.72
CA VAL JA 34 23.26 -30.52 -68.99
C VAL JA 34 22.97 -30.20 -67.53
N ASN JA 35 21.90 -30.77 -66.99
CA ASN JA 35 21.42 -30.42 -65.67
C ASN JA 35 21.77 -31.54 -64.68
N GLY JA 36 21.32 -31.41 -63.44
CA GLY JA 36 21.56 -32.42 -62.44
C GLY JA 36 20.31 -32.77 -61.67
N VAL JA 37 20.10 -34.05 -61.39
CA VAL JA 37 18.88 -34.53 -60.75
C VAL JA 37 19.24 -35.26 -59.47
N MET JA 38 18.49 -35.00 -58.41
CA MET JA 38 18.66 -35.67 -57.13
C MET JA 38 17.36 -36.33 -56.72
N VAL JA 39 17.44 -37.60 -56.32
CA VAL JA 39 16.27 -38.37 -55.89
C VAL JA 39 16.54 -38.87 -54.48
N SER JA 40 15.60 -38.61 -53.58
CA SER JA 40 15.76 -38.93 -52.16
C SER JA 40 14.94 -40.16 -51.81
N TYR JA 41 15.62 -41.30 -51.75
CA TYR JA 41 14.97 -42.56 -51.40
C TYR JA 41 14.74 -42.72 -49.91
N ALA JA 42 14.91 -41.67 -49.11
CA ALA JA 42 14.83 -41.80 -47.66
C ALA JA 42 13.48 -42.34 -47.21
N ALA JA 43 12.40 -41.88 -47.85
CA ALA JA 43 11.07 -42.30 -47.41
C ALA JA 43 10.83 -43.78 -47.59
N TRP JA 44 11.53 -44.44 -48.52
CA TRP JA 44 11.32 -45.85 -48.81
C TRP JA 44 12.37 -46.74 -48.17
N SER JA 45 13.62 -46.33 -48.19
CA SER JA 45 14.71 -47.20 -47.77
C SER JA 45 15.12 -47.01 -46.32
N ALA JA 46 14.58 -46.01 -45.62
CA ALA JA 46 14.95 -45.83 -44.22
C ALA JA 46 14.23 -46.84 -43.33
N PRO JA 47 12.91 -47.04 -43.43
CA PRO JA 47 12.27 -48.10 -42.65
C PRO JA 47 12.89 -49.47 -42.86
N LEU JA 48 13.32 -49.78 -44.08
CA LEU JA 48 14.04 -51.03 -44.32
C LEU JA 48 15.44 -50.93 -43.70
N ARG JA 49 15.48 -50.97 -42.37
CA ARG JA 49 16.74 -50.72 -41.69
C ARG JA 49 17.78 -51.72 -42.15
N GLY JA 50 18.76 -51.23 -42.90
CA GLY JA 50 19.78 -52.10 -43.48
C GLY JA 50 21.01 -51.31 -43.84
N HIS JA 51 21.60 -51.62 -44.99
CA HIS JA 51 22.79 -50.92 -45.45
C HIS JA 51 22.50 -49.91 -46.55
N GLY JA 52 21.28 -49.40 -46.61
CA GLY JA 52 20.97 -48.31 -47.51
C GLY JA 52 21.03 -48.71 -48.98
N LEU JA 53 21.30 -47.72 -49.82
CA LEU JA 53 21.30 -47.91 -51.26
C LEU JA 53 22.60 -48.56 -51.70
N THR JA 54 22.62 -49.06 -52.94
CA THR JA 54 23.84 -49.55 -53.56
C THR JA 54 23.95 -48.96 -54.95
N ASN JA 55 25.16 -49.05 -55.52
CA ASN JA 55 25.43 -48.51 -56.86
C ASN JA 55 25.06 -49.52 -57.94
N LYS JA 56 23.81 -49.94 -57.92
CA LYS JA 56 23.29 -50.79 -58.97
C LYS JA 56 22.01 -50.19 -59.54
N THR JA 57 22.07 -48.93 -59.90
CA THR JA 57 20.96 -48.26 -60.58
C THR JA 57 21.02 -48.57 -62.06
N THR JA 58 19.84 -48.65 -62.67
CA THR JA 58 19.73 -48.89 -64.10
C THR JA 58 18.74 -47.90 -64.68
N PHE JA 59 19.09 -47.30 -65.80
CA PHE JA 59 18.27 -46.29 -66.45
C PHE JA 59 17.82 -46.78 -67.82
N GLU JA 60 16.71 -46.23 -68.29
CA GLU JA 60 16.25 -46.54 -69.64
C GLU JA 60 15.50 -45.34 -70.19
N ILE JA 61 15.80 -44.96 -71.42
CA ILE JA 61 15.16 -43.84 -72.09
C ILE JA 61 14.30 -44.39 -73.21
N ASP JA 62 13.06 -43.93 -73.27
CA ASP JA 62 12.14 -44.27 -74.34
C ASP JA 62 11.31 -43.05 -74.69
N GLY JA 63 11.04 -42.88 -75.98
CA GLY JA 63 10.31 -41.71 -76.45
C GLY JA 63 8.82 -41.97 -76.46
N VAL JA 64 8.07 -40.98 -75.96
CA VAL JA 64 6.62 -40.98 -76.05
C VAL JA 64 6.13 -40.04 -77.14
N SER JA 65 7.03 -39.26 -77.74
CA SER JA 65 6.76 -38.33 -78.83
C SER JA 65 8.10 -37.88 -79.37
N VAL JA 66 8.40 -38.08 -80.64
CA VAL JA 66 9.76 -37.93 -81.14
C VAL JA 66 9.88 -36.87 -82.23
N THR JA 67 8.94 -36.79 -83.16
CA THR JA 67 9.05 -35.83 -84.27
C THR JA 67 10.33 -36.10 -85.06
N PRO JA 68 10.34 -37.12 -85.92
CA PRO JA 68 11.59 -37.56 -86.57
C PRO JA 68 12.38 -36.41 -87.15
N PRO JA 69 13.70 -36.48 -87.09
CA PRO JA 69 14.52 -35.35 -87.55
C PRO JA 69 14.50 -35.21 -89.06
N LYS JA 70 14.76 -33.99 -89.52
CA LYS JA 70 14.78 -33.72 -90.94
C LYS JA 70 16.15 -33.98 -91.56
N VAL JA 71 17.20 -33.47 -90.94
CA VAL JA 71 18.55 -33.52 -91.49
C VAL JA 71 19.26 -34.72 -90.89
N SER JA 72 19.95 -35.48 -91.72
CA SER JA 72 20.67 -36.64 -91.22
C SER JA 72 21.99 -36.21 -90.57
N ASN JA 73 22.50 -37.08 -89.71
CA ASN JA 73 23.83 -36.88 -89.16
C ASN JA 73 24.86 -37.54 -90.09
N ALA JA 74 26.13 -37.39 -89.75
CA ALA JA 74 27.17 -37.87 -90.65
C ALA JA 74 28.42 -38.20 -89.86
N PHE JA 75 29.28 -39.00 -90.47
CA PHE JA 75 30.54 -39.41 -89.84
C PHE JA 75 31.67 -39.27 -90.85
N GLY JA 76 32.78 -38.69 -90.40
CA GLY JA 76 33.97 -38.58 -91.22
C GLY JA 76 35.18 -39.12 -90.48
N ARG JA 77 36.30 -39.17 -91.20
CA ARG JA 77 37.52 -39.72 -90.63
C ARG JA 77 38.73 -39.06 -91.25
N THR JA 78 39.75 -38.84 -90.43
CA THR JA 78 40.99 -38.20 -90.87
C THR JA 78 42.12 -38.66 -89.97
N LYS JA 79 43.35 -38.61 -90.49
CA LYS JA 79 44.51 -38.90 -89.68
C LYS JA 79 44.93 -37.65 -88.90
N VAL JA 80 45.90 -37.81 -88.01
CA VAL JA 80 46.36 -36.66 -87.25
C VAL JA 80 47.01 -35.63 -88.17
N GLY JA 81 46.74 -34.36 -87.89
CA GLY JA 81 47.39 -33.25 -88.55
C GLY JA 81 46.90 -32.93 -89.95
N VAL JA 82 46.32 -33.88 -90.66
CA VAL JA 82 45.88 -33.63 -92.02
C VAL JA 82 44.50 -32.98 -92.01
N VAL JA 83 44.35 -31.94 -92.82
CA VAL JA 83 43.11 -31.17 -92.87
C VAL JA 83 42.02 -32.03 -93.51
N PHE JA 84 40.80 -31.89 -93.01
CA PHE JA 84 39.69 -32.71 -93.46
C PHE JA 84 38.65 -31.84 -94.15
N GLU JA 85 38.15 -32.31 -95.28
CA GLU JA 85 37.06 -31.68 -96.02
C GLU JA 85 35.84 -32.57 -95.96
N GLY JA 86 34.69 -31.98 -96.28
CA GLY JA 86 33.45 -32.72 -96.34
C GLY JA 86 32.36 -31.82 -96.86
N THR JA 87 31.22 -32.42 -97.15
CA THR JA 87 30.08 -31.69 -97.68
C THR JA 87 28.98 -31.63 -96.63
N LEU JA 88 28.06 -30.69 -96.85
CA LEU JA 88 26.98 -30.50 -95.90
C LEU JA 88 25.66 -30.34 -96.65
N SER JA 89 25.52 -30.99 -97.80
CA SER JA 89 24.33 -30.84 -98.62
C SER JA 89 23.59 -32.15 -98.88
N ASP JA 90 24.25 -33.29 -98.79
CA ASP JA 90 23.59 -34.58 -98.92
C ASP JA 90 23.00 -35.03 -97.60
N LEU JA 91 23.01 -34.16 -96.59
CA LEU JA 91 22.50 -34.47 -95.27
C LEU JA 91 21.14 -33.85 -95.03
N PHE JA 92 20.55 -33.25 -96.07
CA PHE JA 92 19.25 -32.59 -95.96
C PHE JA 92 18.39 -33.00 -97.14
N PRO JA 93 17.90 -34.23 -97.16
CA PRO JA 93 16.94 -34.60 -98.20
C PRO JA 93 15.68 -33.80 -98.02
N ASN JA 94 15.42 -32.86 -98.91
CA ASN JA 94 14.26 -32.02 -98.76
C ASN JA 94 13.08 -32.55 -99.55
N PRO JA 95 11.87 -32.54 -98.99
CA PRO JA 95 10.68 -32.91 -99.76
C PRO JA 95 10.35 -31.87 -100.81
N GLU JA 96 10.32 -30.61 -100.35
CA GLU JA 96 9.81 -29.49 -101.13
C GLU JA 96 10.93 -28.70 -101.80
N GLY JA 97 10.57 -27.56 -102.40
CA GLY JA 97 11.54 -26.65 -102.96
C GLY JA 97 11.87 -25.48 -102.06
N GLU JA 98 13.14 -25.34 -101.70
CA GLU JA 98 13.59 -24.24 -100.86
C GLU JA 98 15.11 -24.21 -100.91
N GLN JA 99 15.67 -23.14 -100.33
CA GLN JA 99 17.10 -22.93 -100.24
C GLN JA 99 17.64 -23.34 -98.88
N VAL JA 100 18.95 -23.53 -98.84
CA VAL JA 100 19.63 -24.18 -97.73
C VAL JA 100 20.63 -23.25 -97.04
N GLU JA 101 20.18 -22.57 -95.99
CA GLU JA 101 21.03 -21.66 -95.23
C GLU JA 101 21.90 -22.42 -94.25
N TYR JA 102 22.95 -23.07 -94.74
CA TYR JA 102 23.89 -23.79 -93.89
C TYR JA 102 24.45 -22.88 -92.81
N GLU JA 103 24.50 -23.38 -91.58
CA GLU JA 103 24.94 -22.58 -90.46
C GLU JA 103 25.65 -23.44 -89.42
N ILE JA 104 26.74 -22.92 -88.85
CA ILE JA 104 27.46 -23.57 -87.78
C ILE JA 104 27.38 -22.65 -86.57
N SER JA 105 26.57 -23.04 -85.59
CA SER JA 105 26.37 -22.23 -84.39
C SER JA 105 27.67 -22.17 -83.59
N GLU JA 106 28.04 -20.98 -83.13
CA GLU JA 106 29.24 -20.83 -82.32
C GLU JA 106 29.08 -21.40 -80.92
N LEU JA 107 27.86 -21.61 -80.44
CA LEU JA 107 27.68 -22.20 -79.13
C LEU JA 107 28.03 -23.67 -79.14
N ASN JA 108 27.82 -24.34 -80.26
CA ASN JA 108 28.04 -25.78 -80.39
C ASN JA 108 29.05 -26.09 -81.47
N GLY JA 109 30.11 -25.30 -81.56
CA GLY JA 109 31.14 -25.54 -82.54
C GLY JA 109 32.00 -26.72 -82.14
N PRO JA 110 33.10 -26.95 -82.84
CA PRO JA 110 33.99 -28.05 -82.49
C PRO JA 110 34.74 -27.79 -81.20
N SER JA 111 35.53 -28.76 -80.75
CA SER JA 111 36.21 -28.66 -79.47
C SER JA 111 37.72 -28.64 -79.58
N ASN JA 112 38.29 -29.33 -80.58
CA ASN JA 112 39.73 -29.38 -80.77
C ASN JA 112 40.11 -29.09 -82.22
N GLY JA 113 39.32 -28.28 -82.90
CA GLY JA 113 39.58 -27.91 -84.29
C GLY JA 113 39.00 -26.57 -84.62
N VAL JA 114 38.83 -26.32 -85.92
CA VAL JA 114 38.18 -25.10 -86.42
C VAL JA 114 37.48 -25.48 -87.71
N VAL JA 115 36.33 -24.88 -87.98
CA VAL JA 115 35.58 -25.12 -89.21
C VAL JA 115 35.28 -23.79 -89.91
N GLU JA 116 35.62 -23.70 -91.20
CA GLU JA 116 35.34 -22.52 -92.00
C GLU JA 116 34.19 -22.92 -92.93
N LEU JA 117 32.96 -22.54 -92.59
CA LEU JA 117 31.86 -22.87 -93.48
C LEU JA 117 31.99 -22.10 -94.79
N GLY JA 118 31.91 -22.85 -95.90
CA GLY JA 118 32.04 -22.27 -97.21
C GLY JA 118 30.77 -21.56 -97.63
N ALA JA 119 30.72 -21.22 -98.92
CA ALA JA 119 29.53 -20.56 -99.45
C ALA JA 119 28.40 -21.55 -99.72
N ASN JA 120 28.74 -22.75 -100.16
CA ASN JA 120 27.75 -23.77 -100.51
C ASN JA 120 28.08 -25.07 -99.79
N GLY JA 121 27.43 -25.30 -98.66
CA GLY JA 121 27.46 -26.57 -97.96
C GLY JA 121 28.80 -27.26 -97.83
N ALA JA 122 29.88 -26.48 -97.86
CA ALA JA 122 31.23 -27.03 -97.75
C ALA JA 122 31.90 -26.45 -96.51
N PHE JA 123 32.84 -27.21 -95.96
CA PHE JA 123 33.46 -26.81 -94.71
C PHE JA 123 34.78 -27.54 -94.57
N THR JA 124 35.73 -26.88 -93.91
CA THR JA 124 37.06 -27.43 -93.69
C THR JA 124 37.31 -27.51 -92.20
N TYR JA 125 37.56 -28.72 -91.72
CA TYR JA 125 37.86 -28.95 -90.31
C TYR JA 125 39.35 -29.23 -90.19
N THR JA 126 40.10 -28.20 -89.80
CA THR JA 126 41.52 -28.36 -89.55
C THR JA 126 41.72 -28.80 -88.10
N PRO JA 127 42.07 -30.06 -87.86
CA PRO JA 127 42.18 -30.53 -86.49
C PRO JA 127 43.31 -29.82 -85.74
N GLY JA 128 43.09 -29.61 -84.46
CA GLY JA 128 44.12 -28.98 -83.65
C GLY JA 128 45.41 -29.79 -83.65
N ALA JA 129 46.53 -29.09 -83.83
CA ALA JA 129 47.82 -29.75 -83.94
C ALA JA 129 48.12 -30.54 -82.67
N LEU JA 130 48.75 -31.69 -82.84
CA LEU JA 130 49.08 -32.60 -81.75
C LEU JA 130 47.83 -33.00 -80.97
N PHE JA 131 46.91 -33.65 -81.68
CA PHE JA 131 45.67 -34.11 -81.07
C PHE JA 131 45.12 -35.26 -81.88
N THR JA 132 44.67 -36.32 -81.19
CA THR JA 132 44.07 -37.46 -81.89
C THR JA 132 42.94 -37.98 -81.01
N GLY JA 133 41.72 -37.84 -81.47
CA GLY JA 133 40.56 -38.33 -80.75
C GLY JA 133 39.33 -38.24 -81.61
N VAL JA 134 38.21 -37.91 -80.99
CA VAL JA 134 36.95 -37.70 -81.69
C VAL JA 134 36.51 -36.26 -81.46
N ASP JA 135 35.84 -35.68 -82.44
CA ASP JA 135 35.41 -34.30 -82.34
C ASP JA 135 34.08 -34.13 -83.07
N ARG JA 136 33.20 -33.32 -82.49
CA ARG JA 136 31.87 -33.10 -83.02
C ARG JA 136 31.62 -31.62 -83.23
N PHE JA 137 30.63 -31.32 -84.07
CA PHE JA 137 30.07 -29.98 -84.15
C PHE JA 137 28.67 -30.11 -84.72
N TRP JA 138 27.82 -29.15 -84.36
CA TRP JA 138 26.40 -29.21 -84.67
C TRP JA 138 26.05 -28.13 -85.68
N PHE JA 139 25.70 -28.55 -86.88
CA PHE JA 139 25.26 -27.66 -87.94
C PHE JA 139 23.76 -27.51 -87.91
N SER JA 140 23.26 -26.49 -88.61
CA SER JA 140 21.83 -26.21 -88.67
C SER JA 140 21.47 -25.86 -90.12
N ILE JA 141 21.09 -26.87 -90.89
CA ILE JA 141 20.68 -26.67 -92.28
C ILE JA 141 19.23 -26.19 -92.25
N ASN JA 142 19.05 -24.88 -92.33
CA ASN JA 142 17.72 -24.29 -92.46
C ASN JA 142 16.86 -24.59 -91.24
N GLY JA 143 17.37 -24.21 -90.08
CA GLY JA 143 16.63 -24.37 -88.84
C GLY JA 143 16.76 -25.74 -88.21
N ASN JA 144 16.84 -26.78 -89.03
CA ASN JA 144 16.93 -28.14 -88.52
C ASN JA 144 18.37 -28.49 -88.19
N ILE JA 145 18.58 -29.06 -87.01
CA ILE JA 145 19.91 -29.26 -86.46
C ILE JA 145 20.28 -30.75 -86.51
N GLY JA 146 21.54 -31.02 -86.83
CA GLY JA 146 22.10 -32.35 -86.77
C GLY JA 146 23.54 -32.21 -86.34
N GLU JA 147 24.23 -33.33 -86.22
CA GLU JA 147 25.62 -33.30 -85.80
C GLU JA 147 26.52 -34.01 -86.80
N TYR JA 148 27.75 -33.53 -86.90
CA TYR JA 148 28.78 -34.14 -87.73
C TYR JA 148 29.89 -34.61 -86.81
N VAL JA 149 30.25 -35.88 -86.91
CA VAL JA 149 31.24 -36.48 -86.03
C VAL JA 149 32.48 -36.81 -86.85
N ILE JA 150 33.63 -36.31 -86.41
CA ILE JA 150 34.91 -36.58 -87.04
C ILE JA 150 35.82 -37.23 -86.02
N SER JA 151 36.56 -38.25 -86.45
CA SER JA 151 37.51 -38.96 -85.62
C SER JA 151 38.89 -38.82 -86.24
N VAL JA 152 39.84 -38.30 -85.47
CA VAL JA 152 41.20 -38.06 -85.95
C VAL JA 152 42.10 -39.16 -85.38
N ASP JA 153 42.81 -39.84 -86.27
CA ASP JA 153 43.59 -41.03 -85.95
C ASP JA 153 45.04 -40.65 -85.66
N PRO JA 154 45.74 -41.48 -84.85
CA PRO JA 154 47.12 -41.11 -84.50
C PRO JA 154 48.13 -41.63 -85.51
N THR JA 155 47.74 -41.53 -86.78
CA THR JA 155 48.54 -41.80 -87.97
C THR JA 155 48.83 -43.28 -88.18
N THR JA 156 48.57 -44.13 -87.19
CA THR JA 156 48.93 -45.52 -87.45
C THR JA 156 47.84 -46.29 -88.18
N SER JA 157 46.79 -46.73 -87.46
CA SER JA 157 45.82 -47.59 -88.12
C SER JA 157 44.55 -46.92 -88.61
N GLU JA 158 43.57 -46.77 -87.71
CA GLU JA 158 42.23 -46.27 -87.98
C GLU JA 158 41.47 -46.23 -86.65
N LEU JA 159 40.71 -45.17 -86.36
CA LEU JA 159 39.93 -45.17 -85.14
C LEU JA 159 38.55 -45.80 -85.35
N PRO JA 160 37.95 -46.36 -84.29
CA PRO JA 160 36.57 -46.87 -84.37
C PRO JA 160 35.55 -45.75 -84.44
N GLN JA 161 34.26 -46.10 -84.32
CA GLN JA 161 33.18 -45.20 -84.72
C GLN JA 161 32.21 -44.99 -83.56
N PRO JA 162 32.11 -43.76 -83.06
CA PRO JA 162 31.31 -43.49 -81.85
C PRO JA 162 29.83 -43.45 -82.14
N PRO JA 163 28.99 -43.63 -81.11
CA PRO JA 163 27.57 -43.96 -81.34
C PRO JA 163 26.58 -42.82 -81.56
N PHE JA 164 26.99 -41.63 -81.99
CA PHE JA 164 26.02 -40.63 -82.44
C PHE JA 164 25.01 -40.21 -81.37
N THR JA 165 25.46 -39.41 -80.41
CA THR JA 165 24.67 -39.02 -79.23
C THR JA 165 23.19 -38.80 -79.52
N THR JA 166 22.36 -39.32 -78.63
CA THR JA 166 20.90 -39.29 -78.74
C THR JA 166 20.36 -37.96 -78.23
N PRO JA 167 19.08 -37.66 -78.49
CA PRO JA 167 18.50 -36.40 -78.01
C PRO JA 167 18.60 -36.21 -76.50
N VAL JA 168 18.10 -37.16 -75.73
CA VAL JA 168 18.21 -37.14 -74.28
C VAL JA 168 19.01 -38.34 -73.84
N TYR JA 169 19.96 -38.12 -72.93
CA TYR JA 169 20.83 -39.20 -72.49
C TYR JA 169 21.16 -39.01 -71.02
N VAL JA 170 21.68 -40.08 -70.42
CA VAL JA 170 22.14 -40.06 -69.04
C VAL JA 170 23.59 -40.50 -69.04
N PRO JA 171 24.54 -39.59 -68.81
CA PRO JA 171 25.97 -39.92 -68.95
C PRO JA 171 26.37 -41.24 -68.33
N ALA JA 172 27.24 -41.96 -69.04
CA ALA JA 172 27.65 -43.32 -68.71
C ALA JA 172 27.97 -43.51 -67.24
N ALA JA 173 28.91 -42.74 -66.71
CA ALA JA 173 29.24 -42.91 -65.30
C ALA JA 173 29.46 -41.58 -64.61
N ARG JA 174 28.39 -40.98 -64.14
CA ARG JA 174 28.42 -39.76 -63.34
C ARG JA 174 27.37 -39.86 -62.24
N ARG JA 175 26.95 -41.07 -61.93
CA ARG JA 175 25.86 -41.37 -61.02
C ARG JA 175 26.46 -41.76 -59.68
N SER JA 176 25.76 -41.46 -58.60
CA SER JA 176 26.26 -41.91 -57.33
C SER JA 176 25.15 -41.90 -56.30
N VAL JA 177 25.41 -42.56 -55.20
CA VAL JA 177 24.45 -42.75 -54.12
C VAL JA 177 25.20 -42.65 -52.80
N ASP JA 178 24.67 -41.84 -51.89
CA ASP JA 178 25.25 -41.74 -50.55
C ASP JA 178 24.41 -42.60 -49.61
N PRO JA 179 24.87 -43.78 -49.21
CA PRO JA 179 24.03 -44.63 -48.36
C PRO JA 179 23.74 -44.04 -47.00
N ARG JA 180 24.40 -42.94 -46.68
CA ARG JA 180 24.31 -42.25 -45.40
C ARG JA 180 23.05 -41.39 -45.29
N THR JA 181 22.48 -40.97 -46.42
CA THR JA 181 21.27 -40.17 -46.41
C THR JA 181 20.28 -40.59 -47.48
N HIS JA 182 20.55 -41.69 -48.20
CA HIS JA 182 19.63 -42.26 -49.17
C HIS JA 182 19.27 -41.26 -50.26
N VAL JA 183 20.29 -40.85 -51.00
CA VAL JA 183 20.11 -39.87 -52.07
C VAL JA 183 20.88 -40.32 -53.29
N LEU JA 184 20.19 -40.38 -54.43
CA LEU JA 184 20.77 -40.76 -55.69
C LEU JA 184 20.99 -39.51 -56.54
N LYS JA 185 22.19 -39.37 -57.08
CA LYS JA 185 22.53 -38.25 -57.96
C LYS JA 185 22.83 -38.78 -59.35
N PHE JA 186 22.30 -38.12 -60.36
CA PHE JA 186 22.67 -38.45 -61.72
C PHE JA 186 22.50 -37.21 -62.58
N VAL JA 187 23.14 -37.23 -63.73
CA VAL JA 187 23.15 -36.10 -64.64
C VAL JA 187 22.23 -36.39 -65.80
N LEU JA 188 21.56 -35.36 -66.31
CA LEU JA 188 20.63 -35.51 -67.43
C LEU JA 188 21.00 -34.48 -68.48
N GLY JA 189 21.47 -34.94 -69.62
CA GLY JA 189 21.93 -34.05 -70.69
C GLY JA 189 21.01 -34.12 -71.88
N VAL JA 190 20.80 -32.98 -72.51
CA VAL JA 190 19.92 -32.84 -73.67
C VAL JA 190 20.76 -32.39 -74.85
N SER JA 191 20.70 -33.14 -75.94
CA SER JA 191 21.48 -32.79 -77.12
C SER JA 191 20.94 -31.51 -77.72
N PRO JA 192 21.75 -30.78 -78.50
CA PRO JA 192 21.24 -29.58 -79.17
C PRO JA 192 20.26 -29.88 -80.28
N ALA JA 193 20.11 -31.14 -80.69
CA ALA JA 193 19.22 -31.50 -81.76
C ALA JA 193 17.86 -31.96 -81.27
N ALA JA 194 17.61 -31.93 -79.98
CA ALA JA 194 16.30 -32.29 -79.46
C ALA JA 194 15.27 -31.27 -79.92
N ILE JA 195 14.14 -31.76 -80.41
CA ILE JA 195 13.14 -30.87 -81.01
C ILE JA 195 12.16 -30.45 -79.91
N PRO JA 196 11.90 -29.15 -79.75
CA PRO JA 196 11.00 -28.71 -78.69
C PRO JA 196 9.60 -29.29 -78.86
N GLY JA 197 8.98 -29.63 -77.74
CA GLY JA 197 7.67 -30.23 -77.73
C GLY JA 197 7.67 -31.74 -77.56
N ASP JA 198 8.79 -32.40 -77.77
CA ASP JA 198 8.85 -33.84 -77.61
C ASP JA 198 8.78 -34.23 -76.14
N VAL JA 199 8.52 -35.51 -75.90
CA VAL JA 199 8.45 -36.06 -74.55
C VAL JA 199 9.19 -37.38 -74.54
N TYR JA 200 10.08 -37.56 -73.59
CA TYR JA 200 10.77 -38.82 -73.37
C TYR JA 200 10.46 -39.32 -71.97
N ARG JA 201 10.71 -40.60 -71.74
CA ARG JA 201 10.42 -41.23 -70.47
C ARG JA 201 11.66 -41.93 -69.94
N LEU JA 202 12.04 -41.60 -68.71
CA LEU JA 202 13.19 -42.19 -68.05
C LEU JA 202 12.70 -43.08 -66.93
N THR JA 203 13.13 -44.34 -66.94
CA THR JA 203 12.78 -45.29 -65.88
C THR JA 203 14.03 -45.63 -65.08
N VAL JA 204 13.91 -45.54 -63.76
CA VAL JA 204 15.03 -45.73 -62.84
C VAL JA 204 14.72 -46.94 -61.96
N ARG JA 205 15.62 -47.91 -61.94
CA ARG JA 205 15.48 -49.10 -61.11
C ARG JA 205 16.60 -49.10 -60.08
N GLN JA 206 16.25 -48.82 -58.84
CA GLN JA 206 17.22 -48.67 -57.76
C GLN JA 206 17.04 -49.78 -56.75
N VAL JA 207 18.16 -50.35 -56.30
CA VAL JA 207 18.15 -51.45 -55.34
C VAL JA 207 18.65 -50.93 -54.01
N ALA JA 208 17.90 -51.20 -52.95
CA ALA JA 208 18.39 -51.09 -51.60
C ALA JA 208 19.00 -52.44 -51.25
N ILE JA 209 19.37 -52.61 -49.98
CA ILE JA 209 20.02 -53.85 -49.58
C ILE JA 209 19.72 -54.07 -48.10
N ASP JA 210 19.45 -55.31 -47.74
CA ASP JA 210 19.21 -55.63 -46.34
C ASP JA 210 20.50 -56.06 -45.69
N CYS JA 211 20.45 -56.19 -44.38
CA CYS JA 211 21.67 -56.13 -43.59
C CYS JA 211 22.49 -57.40 -43.78
N ASP JA 212 21.89 -58.45 -44.36
CA ASP JA 212 22.60 -59.63 -44.87
C ASP JA 212 22.99 -59.55 -46.33
N GLY JA 213 22.64 -58.48 -47.03
CA GLY JA 213 23.04 -58.32 -48.41
C GLY JA 213 22.03 -58.75 -49.46
N ASN JA 214 20.78 -59.01 -49.08
CA ASN JA 214 19.76 -59.32 -50.07
C ASN JA 214 19.22 -58.02 -50.66
N GLU JA 215 18.17 -58.08 -51.46
CA GLU JA 215 17.89 -56.97 -52.36
C GLU JA 215 16.46 -56.49 -52.18
N PHE JA 216 16.28 -55.19 -52.34
CA PHE JA 216 14.97 -54.55 -52.38
C PHE JA 216 14.94 -53.62 -53.57
N VAL JA 217 14.13 -53.93 -54.56
CA VAL JA 217 14.09 -53.17 -55.81
C VAL JA 217 12.99 -52.12 -55.74
N HIS JA 218 13.21 -51.02 -56.46
CA HIS JA 218 12.27 -49.91 -56.52
C HIS JA 218 12.31 -49.31 -57.91
N ILE JA 219 11.15 -49.09 -58.51
CA ILE JA 219 11.06 -48.60 -59.88
C ILE JA 219 10.18 -47.36 -59.93
N SER JA 220 10.61 -46.35 -60.67
CA SER JA 220 9.84 -45.14 -60.91
C SER JA 220 10.19 -44.60 -62.28
N CYS JA 221 9.41 -43.63 -62.76
CA CYS JA 221 9.69 -43.02 -64.06
C CYS JA 221 9.68 -41.52 -63.93
N TYR JA 222 10.24 -40.85 -64.94
CA TYR JA 222 10.14 -39.41 -65.08
C TYR JA 222 9.90 -39.08 -66.54
N ASP JA 223 9.08 -38.07 -66.77
CA ASP JA 223 8.67 -37.65 -68.11
C ASP JA 223 9.43 -36.39 -68.48
N ILE JA 224 10.43 -36.53 -69.33
CA ILE JA 224 11.26 -35.40 -69.74
C ILE JA 224 10.63 -34.77 -70.97
N SER JA 225 10.14 -33.55 -70.83
CA SER JA 225 9.44 -32.84 -71.89
C SER JA 225 10.36 -31.77 -72.45
N ILE JA 226 10.86 -31.98 -73.66
CA ILE JA 226 11.81 -31.06 -74.26
C ILE JA 226 11.08 -29.76 -74.58
N GLY JA 227 11.34 -28.74 -73.78
CA GLY JA 227 10.85 -27.40 -74.06
C GLY JA 227 11.96 -26.56 -74.65
N SER JA 228 11.54 -25.50 -75.33
CA SER JA 228 12.45 -24.46 -75.79
C SER JA 228 12.22 -23.24 -74.93
N CYS JA 229 13.30 -22.50 -74.70
CA CYS JA 229 13.27 -21.38 -73.78
C CYS JA 229 12.87 -21.80 -72.37
N GLY JA 230 13.75 -22.59 -71.76
CA GLY JA 230 13.56 -23.00 -70.39
C GLY JA 230 12.61 -24.17 -70.29
N MET KA 1 7.84 -49.85 -47.26
CA MET KA 1 7.61 -50.95 -46.33
C MET KA 1 6.21 -50.90 -45.77
N TYR KA 2 5.46 -51.98 -45.94
CA TYR KA 2 4.12 -52.10 -45.40
C TYR KA 2 4.19 -52.48 -43.93
N PHE KA 3 3.26 -51.94 -43.15
CA PHE KA 3 3.20 -52.28 -41.73
C PHE KA 3 1.75 -52.55 -41.37
N PHE KA 4 1.47 -53.77 -40.94
CA PHE KA 4 0.13 -54.16 -40.56
C PHE KA 4 0.09 -54.54 -39.08
N SER KA 5 -1.00 -54.20 -38.42
CA SER KA 5 -1.27 -54.67 -37.08
C SER KA 5 -2.40 -55.69 -37.13
N VAL KA 6 -2.22 -56.80 -36.45
CA VAL KA 6 -3.13 -57.93 -36.55
C VAL KA 6 -4.30 -57.73 -35.60
N ASP KA 7 -5.42 -58.37 -35.91
CA ASP KA 7 -6.60 -58.23 -35.06
C ASP KA 7 -6.48 -59.16 -33.86
N PRO KA 8 -6.79 -58.68 -32.65
CA PRO KA 8 -6.28 -59.36 -31.45
C PRO KA 8 -7.15 -60.49 -30.93
N ARG KA 9 -8.24 -60.85 -31.59
CA ARG KA 9 -9.10 -61.96 -31.18
C ARG KA 9 -9.62 -61.78 -29.75
N ASN KA 10 -10.26 -60.65 -29.51
CA ASN KA 10 -10.92 -60.33 -28.24
C ASN KA 10 -12.42 -60.47 -28.28
N GLY KA 11 -13.01 -60.56 -29.46
CA GLY KA 11 -14.42 -60.28 -29.60
C GLY KA 11 -14.70 -58.82 -29.82
N ALA KA 12 -13.71 -58.05 -30.25
CA ALA KA 12 -13.83 -56.61 -30.42
C ALA KA 12 -13.02 -56.14 -31.61
N SER KA 13 -12.74 -54.84 -31.67
CA SER KA 13 -11.98 -54.26 -32.79
C SER KA 13 -10.53 -54.72 -32.84
N SER KA 21 -13.42 -53.23 -47.33
CA SER KA 21 -14.72 -53.86 -47.48
C SER KA 21 -14.63 -55.38 -47.36
N CYS KA 22 -13.53 -55.94 -47.88
CA CYS KA 22 -13.32 -57.37 -47.80
C CYS KA 22 -12.82 -57.82 -46.45
N CYS KA 23 -12.63 -59.14 -46.37
CA CYS KA 23 -12.03 -59.78 -45.22
C CYS KA 23 -10.55 -59.46 -45.09
N CYS KA 24 -9.76 -59.79 -46.11
CA CYS KA 24 -8.31 -59.70 -46.03
C CYS KA 24 -7.85 -58.33 -46.50
N GLU KA 25 -6.94 -57.73 -45.75
CA GLU KA 25 -6.47 -56.37 -46.05
C GLU KA 25 -5.64 -56.37 -47.33
N SER KA 26 -5.26 -55.17 -47.77
CA SER KA 26 -4.81 -54.92 -49.12
C SER KA 26 -3.34 -54.53 -49.17
N ILE KA 27 -2.67 -54.96 -50.23
CA ILE KA 27 -1.28 -54.64 -50.52
C ILE KA 27 -1.17 -54.34 -51.99
N SER KA 28 -0.79 -53.11 -52.32
CA SER KA 28 -0.59 -52.76 -53.72
C SER KA 28 0.83 -53.08 -54.15
N ALA KA 29 0.98 -53.53 -55.39
CA ALA KA 29 2.27 -54.01 -55.86
C ALA KA 29 2.46 -53.62 -57.31
N ARG KA 30 3.72 -53.41 -57.69
CA ARG KA 30 4.09 -52.97 -59.02
C ARG KA 30 5.04 -53.99 -59.65
N PRO KA 31 4.82 -54.36 -60.91
CA PRO KA 31 5.63 -55.42 -61.52
C PRO KA 31 7.11 -55.11 -61.55
N GLY KA 32 7.92 -55.99 -60.97
CA GLY KA 32 9.36 -55.82 -60.91
C GLY KA 32 9.88 -55.46 -59.53
N GLU KA 33 9.04 -54.90 -58.68
CA GLU KA 33 9.45 -54.49 -57.35
C GLU KA 33 9.79 -55.69 -56.48
N VAL KA 34 10.47 -55.39 -55.38
CA VAL KA 34 10.66 -56.32 -54.27
C VAL KA 34 10.56 -55.49 -53.00
N ASN KA 35 9.45 -55.58 -52.30
CA ASN KA 35 9.17 -54.72 -51.18
C ASN KA 35 9.34 -55.48 -49.87
N GLY KA 36 9.04 -54.84 -48.75
CA GLY KA 36 9.14 -55.48 -47.46
C GLY KA 36 7.90 -55.26 -46.62
N VAL KA 37 7.45 -56.29 -45.91
CA VAL KA 37 6.21 -56.25 -45.14
C VAL KA 37 6.51 -56.57 -43.69
N MET KA 38 5.92 -55.80 -42.78
CA MET KA 38 6.06 -56.02 -41.35
C MET KA 38 4.68 -56.19 -40.73
N VAL KA 39 4.53 -57.23 -39.92
CA VAL KA 39 3.26 -57.53 -39.25
C VAL KA 39 3.53 -57.57 -37.75
N SER KA 40 2.73 -56.83 -36.99
CA SER KA 40 2.94 -56.67 -35.56
C SER KA 40 1.92 -57.50 -34.80
N TYR KA 41 2.34 -58.67 -34.34
CA TYR KA 41 1.47 -59.56 -33.58
C TYR KA 41 1.33 -59.16 -32.12
N ALA KA 42 1.78 -57.96 -31.74
CA ALA KA 42 1.79 -57.58 -30.34
C ALA KA 42 0.40 -57.62 -29.73
N ALA KA 43 -0.61 -57.17 -30.47
CA ALA KA 43 -1.96 -57.10 -29.92
C ALA KA 43 -2.52 -58.46 -29.57
N TRP KA 44 -2.05 -59.53 -30.22
CA TRP KA 44 -2.58 -60.87 -30.00
C TRP KA 44 -1.70 -61.72 -29.10
N SER KA 45 -0.39 -61.63 -29.26
CA SER KA 45 0.53 -62.52 -28.57
C SER KA 45 1.08 -61.96 -27.27
N ALA KA 46 0.82 -60.68 -26.96
CA ALA KA 46 1.33 -60.13 -25.71
C ALA KA 46 0.49 -60.60 -24.53
N PRO KA 47 -0.84 -60.52 -24.56
CA PRO KA 47 -1.62 -61.08 -23.45
C PRO KA 47 -1.33 -62.54 -23.18
N LEU KA 48 -1.08 -63.33 -24.21
CA LEU KA 48 -0.65 -64.72 -24.02
C LEU KA 48 0.77 -64.74 -23.46
N ARG KA 49 0.91 -64.34 -22.21
CA ARG KA 49 2.24 -64.17 -21.65
C ARG KA 49 3.02 -65.46 -21.74
N GLY KA 50 4.02 -65.50 -22.62
CA GLY KA 50 4.77 -66.70 -22.87
C GLY KA 50 6.11 -66.39 -23.48
N HIS KA 51 6.53 -67.19 -24.46
CA HIS KA 51 7.80 -66.97 -25.13
C HIS KA 51 7.64 -66.36 -26.51
N GLY KA 52 6.55 -65.64 -26.74
CA GLY KA 52 6.41 -64.87 -27.97
C GLY KA 52 6.26 -65.74 -29.21
N LEU KA 53 6.67 -65.19 -30.33
CA LEU KA 53 6.51 -65.84 -31.62
C LEU KA 53 7.61 -66.88 -31.82
N THR KA 54 7.42 -67.75 -32.80
CA THR KA 54 8.45 -68.68 -33.21
C THR KA 54 8.59 -68.63 -34.74
N ASN KA 55 9.69 -69.18 -35.24
CA ASN KA 55 9.96 -69.20 -36.67
C ASN KA 55 9.30 -70.40 -37.34
N LYS KA 56 8.00 -70.50 -37.17
CA LYS KA 56 7.22 -71.52 -37.86
C LYS KA 56 6.05 -70.87 -38.60
N THR KA 57 6.35 -69.83 -39.38
CA THR KA 57 5.36 -69.21 -40.24
C THR KA 57 5.24 -70.00 -41.54
N THR KA 58 4.03 -70.02 -42.08
CA THR KA 58 3.74 -70.68 -43.33
C THR KA 58 2.94 -69.75 -44.20
N PHE KA 59 3.32 -69.66 -45.48
CA PHE KA 59 2.68 -68.77 -46.43
C PHE KA 59 2.03 -69.57 -47.54
N GLU KA 60 1.03 -68.99 -48.17
CA GLU KA 60 0.40 -69.62 -49.33
C GLU KA 60 -0.12 -68.54 -50.25
N ILE KA 61 0.16 -68.67 -51.55
CA ILE KA 61 -0.29 -67.73 -52.55
C ILE KA 61 -1.33 -68.41 -53.42
N ASP KA 62 -2.45 -67.72 -53.62
CA ASP KA 62 -3.51 -68.19 -54.51
C ASP KA 62 -4.07 -67.00 -55.27
N GLY KA 63 -4.41 -67.22 -56.53
CA GLY KA 63 -4.91 -66.15 -57.37
C GLY KA 63 -6.41 -66.04 -57.29
N VAL KA 64 -6.90 -64.81 -57.16
CA VAL KA 64 -8.32 -64.51 -57.23
C VAL KA 64 -8.69 -63.90 -58.59
N SER KA 65 -7.69 -63.59 -59.42
CA SER KA 65 -7.85 -63.05 -60.76
C SER KA 65 -6.48 -63.12 -61.43
N VAL KA 66 -6.34 -63.80 -62.56
CA VAL KA 66 -5.02 -64.14 -63.08
C VAL KA 66 -4.76 -63.56 -64.47
N THR KA 67 -5.75 -63.59 -65.37
CA THR KA 67 -5.53 -63.11 -66.74
C THR KA 67 -4.41 -63.91 -67.39
N PRO KA 68 -4.67 -65.13 -67.84
CA PRO KA 68 -3.61 -66.04 -68.30
C PRO KA 68 -2.64 -65.36 -69.25
N PRO KA 69 -1.35 -65.71 -69.18
CA PRO KA 69 -0.36 -65.01 -70.00
C PRO KA 69 -0.47 -65.38 -71.46
N LYS KA 70 -0.01 -64.47 -72.31
CA LYS KA 70 -0.03 -64.71 -73.74
C LYS KA 70 1.19 -65.47 -74.23
N VAL KA 71 2.37 -65.03 -73.83
CA VAL KA 71 3.63 -65.57 -74.33
C VAL KA 71 4.12 -66.62 -73.36
N SER KA 72 4.56 -67.76 -73.88
CA SER KA 72 5.06 -68.81 -73.02
C SER KA 72 6.49 -68.50 -72.55
N ASN KA 73 6.88 -69.12 -71.45
CA ASN KA 73 8.26 -69.05 -71.01
C ASN KA 73 9.05 -70.19 -71.65
N ALA KA 74 10.35 -70.23 -71.39
CA ALA KA 74 11.19 -71.21 -72.07
C ALA KA 74 12.39 -71.52 -71.21
N PHE KA 75 13.02 -72.66 -71.51
CA PHE KA 75 14.21 -73.10 -70.79
C PHE KA 75 15.25 -73.57 -71.78
N GLY KA 76 16.49 -73.15 -71.57
CA GLY KA 76 17.62 -73.58 -72.38
C GLY KA 76 18.73 -74.10 -71.50
N ARG KA 77 19.76 -74.64 -72.16
CA ARG KA 77 20.87 -75.22 -71.43
C ARG KA 77 22.15 -75.11 -72.25
N THR KA 78 23.25 -74.87 -71.56
CA THR KA 78 24.55 -74.71 -72.20
C THR KA 78 25.64 -75.07 -71.20
N LYS KA 79 26.80 -75.48 -71.71
CA LYS KA 79 27.93 -75.73 -70.85
C LYS KA 79 28.67 -74.43 -70.55
N VAL KA 80 29.65 -74.49 -69.66
CA VAL KA 80 30.41 -73.29 -69.35
C VAL KA 80 31.18 -72.82 -70.57
N GLY KA 81 31.21 -71.49 -70.74
CA GLY KA 81 32.02 -70.85 -71.75
C GLY KA 81 31.50 -70.92 -73.17
N VAL KA 82 30.68 -71.89 -73.50
CA VAL KA 82 30.19 -72.03 -74.87
C VAL KA 82 28.99 -71.12 -75.08
N VAL KA 83 28.99 -70.39 -76.19
CA VAL KA 83 27.94 -69.43 -76.51
C VAL KA 83 26.65 -70.19 -76.81
N PHE KA 84 25.53 -69.62 -76.39
CA PHE KA 84 24.24 -70.26 -76.53
C PHE KA 84 23.35 -69.46 -77.47
N GLU KA 85 22.68 -70.16 -78.37
CA GLU KA 85 21.69 -69.58 -79.27
C GLU KA 85 20.31 -70.11 -78.90
N GLY KA 86 19.30 -69.42 -79.40
CA GLY KA 86 17.93 -69.82 -79.20
C GLY KA 86 17.02 -68.93 -80.00
N THR KA 87 15.76 -69.32 -80.07
CA THR KA 87 14.76 -68.58 -80.81
C THR KA 87 13.78 -67.92 -79.85
N LEU KA 88 13.07 -66.93 -80.37
CA LEU KA 88 12.12 -66.18 -79.54
C LEU KA 88 10.82 -66.00 -80.29
N SER KA 89 10.45 -66.95 -81.15
CA SER KA 89 9.26 -66.82 -81.97
C SER KA 89 8.24 -67.93 -81.77
N ASP KA 90 8.65 -69.10 -81.28
CA ASP KA 90 7.72 -70.17 -80.96
C ASP KA 90 7.16 -70.01 -79.56
N LEU KA 91 7.43 -68.87 -78.92
CA LEU KA 91 6.98 -68.60 -77.57
C LEU KA 91 5.80 -67.65 -77.56
N PHE KA 92 5.27 -67.32 -78.73
CA PHE KA 92 4.15 -66.39 -78.86
C PHE KA 92 3.14 -66.96 -79.83
N PRO KA 93 2.40 -67.98 -79.41
CA PRO KA 93 1.30 -68.45 -80.26
C PRO KA 93 0.25 -67.36 -80.36
N ASN KA 94 0.13 -66.76 -81.52
CA ASN KA 94 -0.82 -65.66 -81.66
C ASN KA 94 -2.14 -66.15 -82.23
N PRO KA 95 -3.27 -65.67 -81.69
CA PRO KA 95 -4.56 -66.01 -82.29
C PRO KA 95 -4.76 -65.32 -83.63
N GLU KA 96 -4.48 -64.02 -83.64
CA GLU KA 96 -4.81 -63.14 -84.75
C GLU KA 96 -3.60 -62.89 -85.66
N GLY KA 97 -3.76 -61.98 -86.61
CA GLY KA 97 -2.66 -61.55 -87.46
C GLY KA 97 -2.02 -60.25 -87.02
N GLU KA 98 -0.73 -60.29 -86.73
CA GLU KA 98 0.01 -59.10 -86.32
C GLU KA 98 1.49 -59.43 -86.39
N GLN KA 99 2.31 -58.40 -86.21
CA GLN KA 99 3.75 -58.49 -86.21
C GLN KA 99 4.30 -58.53 -84.79
N VAL KA 100 5.54 -58.98 -84.68
CA VAL KA 100 6.15 -59.36 -83.41
C VAL KA 100 7.38 -58.51 -83.10
N GLU KA 101 7.17 -57.43 -82.35
CA GLU KA 101 8.25 -56.54 -81.95
C GLU KA 101 9.02 -57.10 -80.77
N TYR KA 102 9.87 -58.09 -81.02
CA TYR KA 102 10.70 -58.68 -79.97
C TYR KA 102 11.53 -57.62 -79.27
N GLU KA 103 11.57 -57.68 -77.94
CA GLU KA 103 12.25 -56.66 -77.16
C GLU KA 103 12.85 -57.26 -75.89
N ILE KA 104 14.06 -56.84 -75.55
CA ILE KA 104 14.72 -57.24 -74.32
C ILE KA 104 14.93 -55.97 -73.49
N SER KA 105 14.13 -55.81 -72.44
CA SER KA 105 14.21 -54.63 -71.60
C SER KA 105 15.55 -54.60 -70.87
N GLU KA 106 16.20 -53.43 -70.85
CA GLU KA 106 17.46 -53.30 -70.13
C GLU KA 106 17.30 -53.32 -68.63
N LEU KA 107 16.11 -53.07 -68.11
CA LEU KA 107 15.91 -53.13 -66.67
C LEU KA 107 15.95 -54.56 -66.17
N ASN KA 108 15.51 -55.49 -67.00
CA ASN KA 108 15.41 -56.90 -66.61
C ASN KA 108 16.24 -57.79 -67.53
N GLY KA 109 17.44 -57.33 -67.89
CA GLY KA 109 18.31 -58.11 -68.73
C GLY KA 109 18.92 -59.25 -67.94
N PRO KA 110 19.89 -59.93 -68.52
CA PRO KA 110 20.56 -61.04 -67.82
C PRO KA 110 21.45 -60.53 -66.71
N SER KA 111 22.05 -61.44 -65.95
CA SER KA 111 22.84 -61.07 -64.78
C SER KA 111 24.30 -61.43 -64.90
N ASN KA 112 24.63 -62.53 -65.60
CA ASN KA 112 26.00 -62.95 -65.76
C ASN KA 112 26.32 -63.27 -67.22
N GLY KA 113 25.67 -62.58 -68.14
CA GLY KA 113 25.89 -62.78 -69.57
C GLY KA 113 25.58 -61.52 -70.35
N VAL KA 114 25.36 -61.69 -71.65
CA VAL KA 114 24.94 -60.59 -72.54
C VAL KA 114 24.07 -61.22 -73.62
N VAL KA 115 23.06 -60.49 -74.07
CA VAL KA 115 22.19 -60.97 -75.15
C VAL KA 115 22.12 -59.92 -76.25
N GLU KA 116 22.36 -60.35 -77.49
CA GLU KA 116 22.27 -59.46 -78.65
C GLU KA 116 20.99 -59.89 -79.39
N LEU KA 117 19.91 -59.15 -79.20
CA LEU KA 117 18.69 -59.50 -79.92
C LEU KA 117 18.88 -59.28 -81.41
N GLY KA 118 18.55 -60.30 -82.20
CA GLY KA 118 18.69 -60.24 -83.63
C GLY KA 118 17.57 -59.45 -84.27
N ALA KA 119 17.48 -59.56 -85.59
CA ALA KA 119 16.42 -58.86 -86.31
C ALA KA 119 15.10 -59.60 -86.22
N ASN KA 120 15.14 -60.94 -86.22
CA ASN KA 120 13.93 -61.75 -86.20
C ASN KA 120 14.04 -62.78 -85.08
N GLY KA 121 13.45 -62.46 -83.92
CA GLY KA 121 13.26 -63.40 -82.83
C GLY KA 121 14.44 -64.29 -82.48
N ALA KA 122 15.65 -63.83 -82.77
CA ALA KA 122 16.85 -64.59 -82.49
C ALA KA 122 17.72 -63.80 -81.52
N PHE KA 123 18.52 -64.52 -80.75
CA PHE KA 123 19.31 -63.88 -79.71
C PHE KA 123 20.46 -64.80 -79.33
N THR KA 124 21.58 -64.20 -78.95
CA THR KA 124 22.78 -64.92 -78.55
C THR KA 124 23.12 -64.55 -77.13
N TYR KA 125 23.16 -65.55 -76.26
CA TYR KA 125 23.50 -65.36 -74.85
C TYR KA 125 24.91 -65.90 -74.65
N THR KA 126 25.89 -65.00 -74.64
CA THR KA 126 27.26 -65.37 -74.36
C THR KA 126 27.47 -65.35 -72.85
N PRO KA 127 27.57 -66.49 -72.19
CA PRO KA 127 27.69 -66.49 -70.73
C PRO KA 127 29.00 -65.85 -70.29
N GLY KA 128 28.93 -65.17 -69.15
CA GLY KA 128 30.14 -64.56 -68.62
C GLY KA 128 31.22 -65.59 -68.34
N ALA KA 129 32.44 -65.26 -68.75
CA ALA KA 129 33.55 -66.19 -68.63
C ALA KA 129 33.79 -66.56 -67.17
N LEU KA 130 34.14 -67.81 -66.93
CA LEU KA 130 34.35 -68.36 -65.60
C LEU KA 130 33.12 -68.17 -64.73
N PHE KA 131 32.02 -68.79 -65.16
CA PHE KA 131 30.77 -68.73 -64.42
C PHE KA 131 29.92 -69.94 -64.79
N THR KA 132 29.32 -70.57 -63.78
CA THR KA 132 28.43 -71.70 -64.03
C THR KA 132 27.29 -71.63 -63.02
N GLY KA 133 26.10 -71.38 -63.51
CA GLY KA 133 24.92 -71.32 -62.65
C GLY KA 133 23.68 -71.25 -63.49
N VAL KA 134 22.71 -70.48 -63.02
CA VAL KA 134 21.47 -70.25 -63.75
C VAL KA 134 21.36 -68.76 -64.02
N ASP KA 135 20.75 -68.41 -65.15
CA ASP KA 135 20.63 -67.01 -65.53
C ASP KA 135 19.31 -66.80 -66.26
N ARG KA 136 18.67 -65.67 -66.00
CA ARG KA 136 17.38 -65.34 -66.57
C ARG KA 136 17.43 -64.00 -67.27
N PHE KA 137 16.47 -63.79 -68.16
CA PHE KA 137 16.20 -62.47 -68.70
C PHE KA 137 14.76 -62.46 -69.19
N TRP KA 138 14.16 -61.27 -69.18
CA TRP KA 138 12.75 -61.10 -69.45
C TRP KA 138 12.55 -60.38 -70.77
N PHE KA 139 12.02 -61.09 -71.75
CA PHE KA 139 11.70 -60.53 -73.05
C PHE KA 139 10.27 -60.04 -73.07
N SER KA 140 9.94 -59.24 -74.07
CA SER KA 140 8.60 -58.68 -74.23
C SER KA 140 8.20 -58.76 -75.70
N ILE KA 141 7.56 -59.86 -76.07
CA ILE KA 141 7.09 -60.04 -77.44
C ILE KA 141 5.78 -59.28 -77.59
N ASN KA 142 5.87 -58.07 -78.11
CA ASN KA 142 4.69 -57.26 -78.43
C ASN KA 142 3.89 -56.94 -77.17
N GLY KA 143 4.56 -56.31 -76.22
CA GLY KA 143 3.90 -55.88 -75.00
C GLY KA 143 3.79 -56.95 -73.93
N ASN KA 144 3.59 -58.19 -74.35
CA ASN KA 144 3.43 -59.28 -73.41
C ASN KA 144 4.79 -59.82 -72.98
N ILE KA 145 4.97 -59.99 -71.67
CA ILE KA 145 6.27 -60.29 -71.09
C ILE KA 145 6.30 -61.74 -70.62
N GLY KA 146 7.45 -62.38 -70.83
CA GLY KA 146 7.72 -63.71 -70.31
C GLY KA 146 9.19 -63.76 -69.97
N GLU KA 147 9.64 -64.91 -69.48
CA GLU KA 147 11.03 -65.05 -69.08
C GLU KA 147 11.67 -66.24 -69.79
N TYR KA 148 12.96 -66.11 -70.05
CA TYR KA 148 13.77 -67.17 -70.62
C TYR KA 148 14.83 -67.55 -69.60
N VAL KA 149 14.90 -68.83 -69.25
CA VAL KA 149 15.81 -69.31 -68.23
C VAL KA 149 16.88 -70.16 -68.88
N ILE KA 150 18.14 -69.81 -68.64
CA ILE KA 150 19.28 -70.56 -69.15
C ILE KA 150 20.11 -71.02 -67.96
N SER KA 151 20.58 -72.26 -68.02
CA SER KA 151 21.43 -72.85 -67.00
C SER KA 151 22.76 -73.25 -67.63
N VAL KA 152 23.85 -72.72 -67.10
CA VAL KA 152 25.19 -72.98 -67.63
C VAL KA 152 25.88 -73.99 -66.72
N ASP KA 153 26.36 -75.07 -67.32
CA ASP KA 153 26.89 -76.23 -66.62
C ASP KA 153 28.40 -76.11 -66.47
N PRO KA 154 28.98 -76.75 -65.44
CA PRO KA 154 30.43 -76.62 -65.23
C PRO KA 154 31.22 -77.65 -66.00
N THR KA 155 30.76 -77.89 -67.23
CA THR KA 155 31.39 -78.72 -68.26
C THR KA 155 31.34 -80.22 -67.94
N THR KA 156 30.98 -80.61 -66.72
CA THR KA 156 31.03 -82.04 -66.48
C THR KA 156 29.73 -82.75 -66.89
N SER KA 157 28.68 -82.66 -66.08
CA SER KA 157 27.51 -83.46 -66.39
C SER KA 157 26.37 -82.73 -67.08
N GLU KA 158 25.52 -82.07 -66.28
CA GLU KA 158 24.29 -81.40 -66.69
C GLU KA 158 23.67 -80.74 -65.47
N LEU KA 159 23.18 -79.50 -65.57
CA LEU KA 159 22.51 -78.92 -64.40
C LEU KA 159 21.02 -79.25 -64.39
N PRO KA 160 20.41 -79.28 -63.20
CA PRO KA 160 18.95 -79.45 -63.10
C PRO KA 160 18.18 -78.22 -63.54
N GLN KA 161 16.86 -78.21 -63.31
CA GLN KA 161 15.97 -77.28 -64.00
C GLN KA 161 15.16 -76.47 -62.98
N PRO KA 162 15.36 -75.16 -62.92
CA PRO KA 162 14.74 -74.33 -61.89
C PRO KA 162 13.28 -74.05 -62.16
N PRO KA 163 12.51 -73.68 -61.14
CA PRO KA 163 11.03 -73.74 -61.23
C PRO KA 163 10.29 -72.55 -61.83
N PHE KA 164 10.91 -71.70 -62.65
CA PHE KA 164 10.13 -70.72 -63.41
C PHE KA 164 9.33 -69.74 -62.55
N THR KA 165 10.01 -68.79 -61.92
CA THR KA 165 9.42 -67.86 -60.95
C THR KA 165 8.00 -67.42 -61.30
N THR KA 166 7.15 -67.41 -60.27
CA THR KA 166 5.74 -67.09 -60.38
C THR KA 166 5.53 -65.58 -60.37
N PRO KA 167 4.32 -65.10 -60.71
CA PRO KA 167 4.07 -63.66 -60.68
C PRO KA 167 4.32 -63.00 -59.34
N VAL KA 168 3.70 -63.50 -58.29
CA VAL KA 168 3.92 -63.02 -56.93
C VAL KA 168 4.49 -64.16 -56.11
N TYR KA 169 5.53 -63.87 -55.34
CA TYR KA 169 6.18 -64.90 -54.55
C TYR KA 169 6.66 -64.31 -53.23
N VAL KA 170 6.99 -65.19 -52.30
CA VAL KA 170 7.56 -64.81 -51.01
C VAL KA 170 8.87 -65.55 -50.87
N PRO KA 171 10.02 -64.85 -50.97
CA PRO KA 171 11.32 -65.53 -50.99
C PRO KA 171 11.49 -66.62 -49.95
N ALA KA 172 12.12 -67.70 -50.37
CA ALA KA 172 12.27 -68.94 -49.60
C ALA KA 172 12.66 -68.69 -48.16
N ALA KA 173 13.77 -68.01 -47.92
CA ALA KA 173 14.18 -67.77 -46.55
C ALA KA 173 14.73 -66.37 -46.36
N ARG KA 174 13.85 -65.42 -46.12
CA ARG KA 174 14.19 -64.05 -45.79
C ARG KA 174 13.24 -63.53 -44.73
N ARG KA 175 12.60 -64.44 -44.02
CA ARG KA 175 11.55 -64.15 -43.05
C ARG KA 175 12.16 -64.21 -41.66
N SER KA 176 11.63 -63.40 -40.76
CA SER KA 176 12.12 -63.51 -39.40
C SER KA 176 11.13 -62.90 -38.44
N VAL KA 177 11.33 -63.20 -37.17
CA VAL KA 177 10.44 -62.79 -36.09
C VAL KA 177 11.30 -62.42 -34.90
N ASP KA 178 11.03 -61.26 -34.31
CA ASP KA 178 11.72 -60.85 -33.09
C ASP KA 178 10.80 -61.12 -31.91
N PRO KA 179 11.03 -62.18 -31.13
CA PRO KA 179 10.10 -62.48 -30.03
C PRO KA 179 10.06 -61.41 -28.97
N ARG KA 180 10.95 -60.45 -29.03
CA ARG KA 180 11.11 -59.37 -28.08
C ARG KA 180 10.08 -58.26 -28.27
N THR KA 181 9.52 -58.13 -29.48
CA THR KA 181 8.51 -57.11 -29.75
C THR KA 181 7.38 -57.64 -30.61
N HIS KA 182 7.34 -58.94 -30.89
CA HIS KA 182 6.25 -59.59 -31.60
C HIS KA 182 6.02 -58.96 -32.98
N VAL KA 183 7.04 -59.06 -33.82
CA VAL KA 183 6.99 -58.48 -35.15
C VAL KA 183 7.54 -59.49 -36.14
N LEU KA 184 6.76 -59.77 -37.19
CA LEU KA 184 7.16 -60.67 -38.25
C LEU KA 184 7.56 -59.86 -39.47
N LYS KA 185 8.72 -60.19 -40.04
CA LYS KA 185 9.22 -59.53 -41.24
C LYS KA 185 9.29 -60.55 -42.37
N PHE KA 186 8.82 -60.16 -43.55
CA PHE KA 186 9.00 -61.00 -44.71
C PHE KA 186 9.03 -60.13 -45.95
N VAL KA 187 9.55 -60.67 -47.01
CA VAL KA 187 9.73 -59.95 -48.26
C VAL KA 187 8.67 -60.40 -49.24
N LEU KA 188 8.21 -59.47 -50.08
CA LEU KA 188 7.18 -59.77 -51.07
C LEU KA 188 7.67 -59.27 -52.41
N GLY KA 189 7.94 -60.18 -53.33
CA GLY KA 189 8.49 -59.84 -54.64
C GLY KA 189 7.48 -60.09 -55.74
N VAL KA 190 7.47 -59.20 -56.73
CA VAL KA 190 6.54 -59.27 -57.85
C VAL KA 190 7.36 -59.45 -59.12
N SER KA 191 7.06 -60.48 -59.89
CA SER KA 191 7.80 -60.73 -61.11
C SER KA 191 7.50 -59.64 -62.12
N PRO KA 192 8.38 -59.42 -63.10
CA PRO KA 192 8.08 -58.44 -64.14
C PRO KA 192 6.97 -58.86 -65.09
N ALA KA 193 6.53 -60.11 -65.02
CA ALA KA 193 5.50 -60.61 -65.91
C ALA KA 193 4.11 -60.56 -65.29
N ALA KA 194 3.99 -60.04 -64.08
CA ALA KA 194 2.67 -59.90 -63.47
C ALA KA 194 1.85 -58.89 -64.25
N ILE KA 195 0.61 -59.25 -64.54
CA ILE KA 195 -0.24 -58.40 -65.40
C ILE KA 195 -1.01 -57.42 -64.51
N PRO KA 196 -0.98 -56.13 -64.81
CA PRO KA 196 -1.68 -55.16 -63.96
C PRO KA 196 -3.17 -55.43 -63.92
N GLY KA 197 -3.76 -55.24 -62.75
CA GLY KA 197 -5.16 -55.48 -62.53
C GLY KA 197 -5.47 -56.79 -61.85
N ASP KA 198 -4.53 -57.73 -61.83
CA ASP KA 198 -4.76 -59.01 -61.17
C ASP KA 198 -4.79 -58.84 -59.66
N VAL KA 199 -5.30 -59.88 -58.99
CA VAL KA 199 -5.38 -59.92 -57.53
C VAL KA 199 -4.93 -61.30 -57.08
N TYR KA 200 -4.03 -61.34 -56.12
CA TYR KA 200 -3.60 -62.57 -55.49
C TYR KA 200 -3.90 -62.50 -53.99
N ARG KA 201 -3.90 -63.65 -53.34
CA ARG KA 201 -4.22 -63.72 -51.92
C ARG KA 201 -3.12 -64.46 -51.18
N LEU KA 202 -2.58 -63.84 -50.15
CA LEU KA 202 -1.53 -64.42 -49.33
C LEU KA 202 -2.11 -64.75 -47.97
N THR KA 203 -1.96 -65.99 -47.54
CA THR KA 203 -2.41 -66.44 -46.23
C THR KA 203 -1.20 -66.75 -45.36
N VAL KA 204 -1.18 -66.20 -44.16
CA VAL KA 204 -0.07 -66.32 -43.22
C VAL KA 204 -0.56 -67.05 -41.98
N ARG KA 205 0.12 -68.15 -41.63
CA ARG KA 205 -0.20 -68.92 -40.44
C ARG KA 205 0.97 -68.83 -39.47
N GLN KA 206 0.79 -68.08 -38.40
CA GLN KA 206 1.86 -67.79 -37.46
C GLN KA 206 1.53 -68.43 -36.11
N VAL KA 207 2.54 -69.05 -35.49
CA VAL KA 207 2.37 -69.73 -34.23
C VAL KA 207 3.07 -68.93 -33.14
N ALA KA 208 2.37 -68.65 -32.07
CA ALA KA 208 2.99 -68.20 -30.84
C ALA KA 208 3.32 -69.45 -30.03
N ILE KA 209 3.74 -69.27 -28.79
CA ILE KA 209 4.15 -70.42 -27.99
C ILE KA 209 3.93 -70.05 -26.52
N ASP KA 210 3.43 -71.01 -25.76
CA ASP KA 210 3.24 -70.77 -24.34
C ASP KA 210 4.47 -71.24 -23.58
N CYS KA 211 4.49 -70.90 -22.30
CA CYS KA 211 5.76 -70.86 -21.59
C CYS KA 211 6.27 -72.28 -21.32
N ASP KA 212 5.42 -73.29 -21.51
CA ASP KA 212 5.82 -74.69 -21.57
C ASP KA 212 6.10 -75.21 -22.98
N GLY KA 213 5.94 -74.38 -24.01
CA GLY KA 213 6.24 -74.79 -25.36
C GLY KA 213 5.09 -75.31 -26.19
N ASN KA 214 3.84 -75.15 -25.74
CA ASN KA 214 2.70 -75.52 -26.56
C ASN KA 214 2.41 -74.42 -27.57
N GLU KA 215 1.30 -74.50 -28.29
CA GLU KA 215 1.19 -73.71 -29.51
C GLU KA 215 -0.08 -72.90 -29.51
N PHE KA 216 0.00 -71.71 -30.11
CA PHE KA 216 -1.15 -70.85 -30.35
C PHE KA 216 -1.07 -70.40 -31.80
N VAL KA 217 -2.01 -70.83 -32.62
CA VAL KA 217 -1.99 -70.55 -34.05
C VAL KA 217 -2.83 -69.32 -34.34
N HIS KA 218 -2.45 -68.60 -35.40
CA HIS KA 218 -3.13 -67.39 -35.84
C HIS KA 218 -3.07 -67.32 -37.35
N ILE KA 219 -4.21 -67.06 -37.99
CA ILE KA 219 -4.30 -67.05 -39.44
C ILE KA 219 -4.90 -65.73 -39.91
N SER KA 220 -4.32 -65.16 -40.96
CA SER KA 220 -4.84 -63.95 -41.60
C SER KA 220 -4.50 -64.00 -43.08
N CYS KA 221 -5.09 -63.09 -43.86
CA CYS KA 221 -4.79 -63.04 -45.29
C CYS KA 221 -4.48 -61.61 -45.69
N TYR KA 222 -3.87 -61.48 -46.87
CA TYR KA 222 -3.67 -60.19 -47.50
C TYR KA 222 -3.95 -60.31 -48.98
N ASP KA 223 -4.56 -59.28 -49.54
CA ASP KA 223 -4.97 -59.27 -50.95
C ASP KA 223 -4.00 -58.40 -51.73
N ILE KA 224 -3.12 -59.03 -52.49
CA ILE KA 224 -2.11 -58.34 -53.26
C ILE KA 224 -2.69 -58.03 -54.63
N SER KA 225 -2.90 -56.75 -54.91
CA SER KA 225 -3.52 -56.30 -56.15
C SER KA 225 -2.44 -55.72 -57.05
N ILE KA 226 -2.10 -56.44 -58.12
CA ILE KA 226 -1.02 -56.01 -59.00
C ILE KA 226 -1.48 -54.76 -59.74
N GLY KA 227 -0.96 -53.61 -59.34
CA GLY KA 227 -1.17 -52.38 -60.07
C GLY KA 227 0.04 -52.05 -60.92
N SER KA 228 -0.20 -51.23 -61.93
CA SER KA 228 0.86 -50.64 -62.71
C SER KA 228 0.97 -49.18 -62.33
N CYS KA 229 2.20 -48.67 -62.37
CA CYS KA 229 2.48 -47.32 -61.89
C CYS KA 229 2.12 -47.14 -60.43
N GLY KA 230 2.85 -47.86 -59.58
CA GLY KA 230 2.69 -47.74 -58.15
C GLY KA 230 1.53 -48.56 -57.65
N MET LA 1 -6.69 -63.23 -27.16
CA MET LA 1 -7.06 -63.87 -25.90
C MET LA 1 -8.38 -63.31 -25.39
N TYR LA 2 -9.35 -64.20 -25.18
CA TYR LA 2 -10.64 -63.82 -24.63
C TYR LA 2 -10.53 -63.69 -23.12
N PHE LA 3 -11.25 -62.73 -22.56
CA PHE LA 3 -11.27 -62.54 -21.12
C PHE LA 3 -12.71 -62.35 -20.69
N PHE LA 4 -13.21 -63.25 -19.85
CA PHE LA 4 -14.57 -63.17 -19.36
C PHE LA 4 -14.57 -63.02 -17.84
N SER LA 5 -15.50 -62.25 -17.34
CA SER LA 5 -15.76 -62.15 -15.91
C SER LA 5 -17.08 -62.85 -15.61
N VAL LA 6 -17.08 -63.67 -14.59
CA VAL LA 6 -18.22 -64.55 -14.29
C VAL LA 6 -19.24 -63.77 -13.46
N ASP LA 7 -20.49 -64.21 -13.53
CA ASP LA 7 -21.53 -63.52 -12.78
C ASP LA 7 -21.52 -64.00 -11.33
N PRO LA 8 -21.62 -63.09 -10.36
CA PRO LA 8 -21.17 -63.42 -9.00
C PRO LA 8 -22.22 -64.09 -8.11
N ARG LA 9 -23.42 -64.39 -8.61
CA ARG LA 9 -24.45 -65.07 -7.83
C ARG LA 9 -24.80 -64.31 -6.56
N ASN LA 10 -25.17 -63.05 -6.73
CA ASN LA 10 -25.64 -62.19 -5.64
C ASN LA 10 -27.13 -61.99 -5.63
N GLY LA 11 -27.83 -62.33 -6.71
CA GLY LA 11 -29.15 -61.81 -6.93
C GLY LA 11 -29.13 -60.48 -7.63
N ALA LA 12 -28.04 -60.15 -8.31
CA ALA LA 12 -27.87 -58.86 -8.96
C ALA LA 12 -27.07 -59.01 -10.25
N SER LA 13 -26.53 -57.91 -10.75
CA SER LA 13 -25.76 -57.92 -12.01
C SER LA 13 -24.45 -58.69 -11.89
N SER LA 21 -28.11 -61.55 -26.00
CA SER LA 21 -29.53 -61.87 -25.91
C SER LA 21 -29.74 -63.25 -25.28
N CYS LA 22 -28.84 -64.17 -25.59
CA CYS LA 22 -28.93 -65.51 -25.02
C CYS LA 22 -28.43 -65.58 -23.59
N CYS LA 23 -28.51 -66.79 -23.06
CA CYS LA 23 -27.97 -67.14 -21.77
C CYS LA 23 -26.45 -67.14 -21.76
N CYS LA 24 -25.84 -67.95 -22.60
CA CYS LA 24 -24.41 -68.17 -22.55
C CYS LA 24 -23.70 -67.18 -23.48
N GLU LA 25 -22.62 -66.58 -22.99
CA GLU LA 25 -21.91 -65.56 -23.73
C GLU LA 25 -21.20 -66.17 -24.94
N SER LA 26 -20.62 -65.30 -25.76
CA SER LA 26 -20.23 -65.63 -27.11
C SER LA 26 -18.72 -65.62 -27.31
N ILE LA 27 -18.24 -66.53 -28.16
CA ILE LA 27 -16.85 -66.65 -28.53
C ILE LA 27 -16.79 -66.88 -30.03
N SER LA 28 -16.18 -65.96 -30.77
CA SER LA 28 -16.03 -66.16 -32.20
C SER LA 28 -14.75 -66.91 -32.49
N ALA LA 29 -14.80 -67.77 -33.50
CA ALA LA 29 -13.68 -68.66 -33.78
C ALA LA 29 -13.53 -68.83 -35.28
N ARG LA 30 -12.29 -69.05 -35.71
CA ARG LA 30 -11.95 -69.19 -37.11
C ARG LA 30 -11.29 -70.54 -37.35
N PRO LA 31 -11.68 -71.26 -38.41
CA PRO LA 31 -11.16 -72.62 -38.62
C PRO LA 31 -9.65 -72.67 -38.76
N GLY LA 32 -9.00 -73.46 -37.91
CA GLY LA 32 -7.56 -73.61 -37.91
C GLY LA 32 -6.86 -72.94 -36.75
N GLU LA 33 -7.50 -71.96 -36.13
CA GLU LA 33 -6.91 -71.22 -35.04
C GLU LA 33 -6.75 -72.10 -33.80
N VAL LA 34 -5.95 -71.62 -32.86
CA VAL LA 34 -5.86 -72.14 -31.51
C VAL LA 34 -5.69 -70.92 -30.61
N ASN LA 35 -6.73 -70.53 -29.92
CA ASN LA 35 -6.73 -69.29 -29.17
C ASN LA 35 -6.62 -69.60 -27.67
N GLY LA 36 -6.69 -68.56 -26.84
CA GLY LA 36 -6.63 -68.74 -25.41
C GLY LA 36 -7.72 -67.98 -24.69
N VAL LA 37 -8.31 -68.58 -23.67
CA VAL LA 37 -9.45 -68.00 -22.96
C VAL LA 37 -9.11 -67.87 -21.48
N MET LA 38 -9.45 -66.73 -20.90
CA MET LA 38 -9.25 -66.49 -19.48
C MET LA 38 -10.57 -66.11 -18.83
N VAL LA 39 -10.88 -66.76 -17.71
CA VAL LA 39 -12.12 -66.53 -16.98
C VAL LA 39 -11.76 -66.12 -15.56
N SER LA 40 -12.31 -65.00 -15.10
CA SER LA 40 -11.95 -64.42 -13.81
C SER LA 40 -13.07 -64.70 -12.81
N TYR LA 41 -12.87 -65.71 -11.98
CA TYR LA 41 -13.84 -66.07 -10.95
C TYR LA 41 -13.77 -65.18 -9.72
N ALA LA 42 -13.05 -64.06 -9.78
CA ALA LA 42 -12.85 -63.25 -8.59
C ALA LA 42 -14.16 -62.76 -8.00
N ALA LA 43 -15.11 -62.38 -8.85
CA ALA LA 43 -16.37 -61.82 -8.35
C ALA LA 43 -17.18 -62.83 -7.55
N TRP LA 44 -16.99 -64.12 -7.80
CA TRP LA 44 -17.77 -65.16 -7.13
C TRP LA 44 -17.02 -65.83 -5.99
N SER LA 45 -15.74 -66.09 -6.18
CA SER LA 45 -14.98 -66.89 -5.22
C SER LA 45 -14.22 -66.06 -4.21
N ALA LA 46 -14.17 -64.73 -4.36
CA ALA LA 46 -13.47 -63.93 -3.36
C ALA LA 46 -14.29 -63.76 -2.10
N PRO LA 47 -15.57 -63.40 -2.14
CA PRO LA 47 -16.36 -63.37 -0.90
C PRO LA 47 -16.36 -64.67 -0.15
N LEU LA 48 -16.36 -65.80 -0.85
CA LEU LA 48 -16.22 -67.10 -0.19
C LEU LA 48 -14.80 -67.25 0.33
N ARG LA 49 -14.48 -66.50 1.37
CA ARG LA 49 -13.10 -66.45 1.83
C ARG LA 49 -12.63 -67.85 2.19
N GLY LA 50 -11.73 -68.40 1.38
CA GLY LA 50 -11.27 -69.76 1.55
C GLY LA 50 -9.95 -69.97 0.87
N HIS LA 51 -9.79 -71.13 0.23
CA HIS LA 51 -8.56 -71.44 -0.48
C HIS LA 51 -8.69 -71.31 -1.99
N GLY LA 52 -9.62 -70.49 -2.45
CA GLY LA 52 -9.70 -70.16 -3.86
C GLY LA 52 -10.12 -71.34 -4.73
N LEU LA 53 -9.70 -71.30 -5.97
CA LEU LA 53 -10.10 -72.29 -6.96
C LEU LA 53 -9.26 -73.55 -6.79
N THR LA 54 -9.71 -74.64 -7.41
CA THR LA 54 -8.93 -75.87 -7.48
C THR LA 54 -8.92 -76.37 -8.92
N ASN LA 55 -8.00 -77.29 -9.21
CA ASN LA 55 -7.85 -77.84 -10.55
C ASN LA 55 -8.80 -79.01 -10.76
N LYS LA 56 -10.08 -78.76 -10.56
CA LYS LA 56 -11.11 -79.74 -10.85
C LYS LA 56 -12.16 -79.14 -11.78
N THR LA 57 -11.72 -78.52 -12.85
CA THR LA 57 -12.62 -78.01 -13.88
C THR LA 57 -13.02 -79.14 -14.82
N THR LA 58 -14.25 -79.06 -15.31
CA THR LA 58 -14.76 -80.03 -16.26
C THR LA 58 -15.41 -79.28 -17.41
N PHE LA 59 -15.13 -79.72 -18.63
CA PHE LA 59 -15.64 -79.09 -19.84
C PHE LA 59 -16.53 -80.05 -20.59
N GLU LA 60 -17.44 -79.50 -21.39
CA GLU LA 60 -18.27 -80.32 -22.25
C GLU LA 60 -18.62 -79.53 -23.49
N ILE LA 61 -18.48 -80.15 -24.66
CA ILE LA 61 -18.80 -79.51 -25.93
C ILE LA 61 -20.03 -80.19 -26.50
N ASP LA 62 -20.99 -79.39 -26.94
CA ASP LA 62 -22.19 -79.86 -27.60
C ASP LA 62 -22.55 -78.91 -28.72
N GLY LA 63 -23.03 -79.45 -29.82
CA GLY LA 63 -23.36 -78.65 -30.99
C GLY LA 63 -24.79 -78.18 -30.95
N VAL LA 64 -25.00 -76.90 -31.24
CA VAL LA 64 -26.32 -76.34 -31.41
C VAL LA 64 -26.66 -76.14 -32.90
N SER LA 65 -25.70 -76.38 -33.78
CA SER LA 65 -25.84 -76.30 -35.23
C SER LA 65 -24.58 -76.88 -35.84
N VAL LA 66 -24.68 -77.92 -36.67
CA VAL LA 66 -23.51 -78.70 -37.03
C VAL LA 66 -23.25 -78.69 -38.54
N THR LA 67 -24.28 -78.81 -39.38
CA THR LA 67 -24.07 -78.88 -40.83
C THR LA 67 -23.20 -80.08 -41.17
N PRO LA 68 -23.75 -81.29 -41.17
CA PRO LA 68 -22.95 -82.52 -41.28
C PRO LA 68 -21.94 -82.43 -42.41
N PRO LA 69 -20.75 -83.01 -42.23
CA PRO LA 69 -19.71 -82.87 -43.24
C PRO LA 69 -20.01 -83.67 -44.48
N LYS LA 70 -19.43 -83.24 -45.60
CA LYS LA 70 -19.62 -83.93 -46.86
C LYS LA 70 -18.63 -85.07 -47.06
N VAL LA 71 -17.35 -84.80 -46.84
CA VAL LA 71 -16.28 -85.74 -47.13
C VAL LA 71 -15.95 -86.49 -45.85
N SER LA 72 -15.80 -87.81 -45.95
CA SER LA 72 -15.46 -88.58 -44.78
C SER LA 72 -13.97 -88.47 -44.45
N ASN LA 73 -13.64 -88.75 -43.20
CA ASN LA 73 -12.24 -88.86 -42.81
C ASN LA 73 -11.76 -90.29 -43.03
N ALA LA 74 -10.49 -90.54 -42.77
CA ALA LA 74 -9.93 -91.84 -43.07
C ALA LA 74 -8.75 -92.12 -42.17
N PHE LA 75 -8.41 -93.40 -42.06
CA PHE LA 75 -7.29 -93.83 -41.23
C PHE LA 75 -6.44 -94.83 -42.00
N GLY LA 76 -5.13 -94.65 -41.95
CA GLY LA 76 -4.19 -95.57 -42.57
C GLY LA 76 -3.14 -96.01 -41.56
N ARG LA 77 -2.31 -96.95 -42.00
CA ARG LA 77 -1.29 -97.49 -41.12
C ARG LA 77 -0.09 -97.94 -41.93
N THR LA 78 1.09 -97.75 -41.37
CA THR LA 78 2.35 -98.11 -42.03
C THR LA 78 3.40 -98.36 -40.97
N LYS LA 79 4.41 -99.15 -41.31
CA LYS LA 79 5.53 -99.36 -40.41
C LYS LA 79 6.54 -98.23 -40.59
N VAL LA 80 7.56 -98.22 -39.73
CA VAL LA 80 8.58 -97.17 -39.85
C VAL LA 80 9.33 -97.32 -41.17
N GLY LA 81 9.62 -96.18 -41.78
CA GLY LA 81 10.47 -96.11 -42.96
C GLY LA 81 9.84 -96.53 -44.26
N VAL LA 82 8.80 -97.35 -44.24
CA VAL LA 82 8.19 -97.83 -45.48
C VAL LA 82 7.19 -96.79 -45.98
N VAL LA 83 7.26 -96.51 -47.28
CA VAL LA 83 6.41 -95.50 -47.90
C VAL LA 83 4.97 -96.00 -47.92
N PHE LA 84 4.04 -95.08 -47.72
CA PHE LA 84 2.63 -95.42 -47.62
C PHE LA 84 1.86 -94.81 -48.78
N GLU LA 85 0.98 -95.60 -49.38
CA GLU LA 85 0.07 -95.14 -50.43
C GLU LA 85 -1.35 -95.20 -49.90
N GLY LA 86 -2.24 -94.50 -50.60
CA GLY LA 86 -3.65 -94.50 -50.27
C GLY LA 86 -4.40 -93.74 -51.32
N THR LA 87 -5.73 -93.84 -51.24
CA THR LA 87 -6.59 -93.18 -52.20
C THR LA 87 -7.33 -92.04 -51.52
N LEU LA 88 -7.86 -91.13 -52.35
CA LEU LA 88 -8.55 -89.97 -51.83
C LEU LA 88 -9.85 -89.76 -52.60
N SER LA 89 -10.48 -90.83 -53.07
CA SER LA 89 -11.68 -90.72 -53.88
C SER LA 89 -12.89 -91.43 -53.30
N ASP LA 90 -12.70 -92.43 -52.44
CA ASP LA 90 -13.80 -93.09 -51.77
C ASP LA 90 -14.20 -92.35 -50.51
N LEU LA 91 -13.64 -91.16 -50.30
CA LEU LA 91 -13.92 -90.36 -49.12
C LEU LA 91 -14.87 -89.22 -49.44
N PHE LA 92 -15.41 -89.18 -50.66
CA PHE LA 92 -16.31 -88.12 -51.10
C PHE LA 92 -17.50 -88.75 -51.80
N PRO LA 93 -18.40 -89.38 -51.06
CA PRO LA 93 -19.64 -89.84 -51.69
C PRO LA 93 -20.44 -88.64 -52.15
N ASN LA 94 -20.52 -88.45 -53.45
CA ASN LA 94 -21.23 -87.28 -53.96
C ASN LA 94 -22.66 -87.62 -54.31
N PRO LA 95 -23.62 -86.75 -53.98
CA PRO LA 95 -25.00 -86.97 -54.42
C PRO LA 95 -25.15 -86.75 -55.91
N GLU LA 96 -24.61 -85.62 -56.37
CA GLU LA 96 -24.83 -85.12 -57.72
C GLU LA 96 -23.67 -85.47 -58.66
N GLY LA 97 -23.71 -84.92 -59.87
CA GLY LA 97 -22.62 -85.06 -60.82
C GLY LA 97 -21.69 -83.86 -60.85
N GLU LA 98 -20.42 -84.09 -60.57
CA GLU LA 98 -19.41 -83.04 -60.60
C GLU LA 98 -18.04 -83.69 -60.55
N GLN LA 99 -17.01 -82.87 -60.75
CA GLN LA 99 -15.63 -83.28 -60.72
C GLN LA 99 -14.98 -82.97 -59.37
N VAL LA 100 -13.86 -83.63 -59.12
CA VAL LA 100 -13.25 -83.69 -57.80
C VAL LA 100 -11.85 -83.08 -57.80
N GLU LA 101 -11.76 -81.79 -57.47
CA GLU LA 101 -10.49 -81.09 -57.40
C GLU LA 101 -9.76 -81.38 -56.11
N TYR LA 102 -9.17 -82.56 -55.99
CA TYR LA 102 -8.39 -82.94 -54.81
C TYR LA 102 -7.31 -81.91 -54.53
N GLU LA 103 -7.18 -81.53 -53.26
CA GLU LA 103 -6.23 -80.48 -52.88
C GLU LA 103 -5.68 -80.75 -51.49
N ILE LA 104 -4.38 -80.52 -51.31
CA ILE LA 104 -3.72 -80.62 -50.02
C ILE LA 104 -3.18 -79.23 -49.68
N SER LA 105 -3.84 -78.56 -48.75
CA SER LA 105 -3.45 -77.20 -48.37
C SER LA 105 -2.08 -77.23 -47.69
N GLU LA 106 -1.19 -76.31 -48.08
CA GLU LA 106 0.12 -76.23 -47.46
C GLU LA 106 0.08 -75.71 -46.04
N LEU LA 107 -0.99 -75.04 -45.63
CA LEU LA 107 -1.07 -74.56 -44.26
C LEU LA 107 -1.31 -75.72 -43.30
N ASN LA 108 -1.99 -76.76 -43.75
CA ASN LA 108 -2.36 -77.88 -42.91
C ASN LA 108 -1.81 -79.19 -43.47
N GLY LA 109 -0.58 -79.16 -43.96
CA GLY LA 109 0.04 -80.35 -44.48
C GLY LA 109 0.46 -81.27 -43.35
N PRO LA 110 1.22 -82.31 -43.67
CA PRO LA 110 1.69 -83.23 -42.62
C PRO LA 110 2.75 -82.59 -41.76
N SER LA 111 3.20 -83.31 -40.73
CA SER LA 111 4.14 -82.76 -39.77
C SER LA 111 5.48 -83.46 -39.76
N ASN LA 112 5.51 -84.77 -40.03
CA ASN LA 112 6.76 -85.53 -40.05
C ASN LA 112 6.88 -86.37 -41.31
N GLY LA 113 6.32 -85.90 -42.41
CA GLY LA 113 6.37 -86.61 -43.68
C GLY LA 113 6.27 -85.66 -44.84
N VAL LA 114 5.92 -86.19 -46.01
CA VAL LA 114 5.67 -85.41 -47.21
C VAL LA 114 4.61 -86.15 -48.01
N VAL LA 115 3.74 -85.41 -48.70
CA VAL LA 115 2.70 -86.00 -49.53
C VAL LA 115 2.76 -85.40 -50.93
N GLU LA 116 2.81 -86.26 -51.95
CA GLU LA 116 2.81 -85.82 -53.34
C GLU LA 116 1.42 -86.16 -53.88
N LEU LA 117 0.54 -85.18 -53.96
CA LEU LA 117 -0.78 -85.46 -54.51
C LEU LA 117 -0.67 -85.81 -55.99
N GLY LA 118 -1.27 -86.94 -56.36
CA GLY LA 118 -1.24 -87.40 -57.73
C GLY LA 118 -2.21 -86.63 -58.60
N ALA LA 119 -2.42 -87.15 -59.81
CA ALA LA 119 -3.37 -86.52 -60.73
C ALA LA 119 -4.81 -86.86 -60.37
N ASN LA 120 -5.05 -88.09 -59.91
CA ASN LA 120 -6.40 -88.56 -59.62
C ASN LA 120 -6.42 -89.15 -58.20
N GLY LA 121 -6.84 -88.34 -57.23
CA GLY LA 121 -7.13 -88.79 -55.88
C GLY LA 121 -6.14 -89.75 -55.25
N ALA LA 122 -4.89 -89.70 -55.68
CA ALA LA 122 -3.85 -90.57 -55.16
C ALA LA 122 -2.76 -89.72 -54.53
N PHE LA 123 -2.07 -90.31 -53.55
CA PHE LA 123 -1.08 -89.55 -52.81
C PHE LA 123 -0.13 -90.52 -52.13
N THR LA 124 1.13 -90.09 -51.99
CA THR LA 124 2.17 -90.90 -51.36
C THR LA 124 2.69 -90.15 -50.15
N TYR LA 125 2.58 -90.78 -48.99
CA TYR LA 125 3.08 -90.21 -47.74
C TYR LA 125 4.35 -90.95 -47.37
N THR LA 126 5.49 -90.35 -47.67
CA THR LA 126 6.77 -90.91 -47.28
C THR LA 126 7.12 -90.43 -45.88
N PRO LA 127 7.01 -91.27 -44.86
CA PRO LA 127 7.25 -90.81 -43.50
C PRO LA 127 8.70 -90.37 -43.31
N GLY LA 128 8.87 -89.35 -42.47
CA GLY LA 128 10.21 -88.88 -42.19
C GLY LA 128 11.07 -89.98 -41.57
N ALA LA 129 12.29 -90.10 -42.07
CA ALA LA 129 13.19 -91.15 -41.64
C ALA LA 129 13.46 -91.05 -40.14
N LEU LA 130 13.56 -92.20 -39.49
CA LEU LA 130 13.76 -92.30 -38.05
C LEU LA 130 12.67 -91.55 -37.29
N PHE LA 131 11.44 -92.03 -37.49
CA PHE LA 131 10.29 -91.43 -36.81
C PHE LA 131 9.18 -92.46 -36.73
N THR LA 132 8.54 -92.56 -35.57
CA THR LA 132 7.42 -93.49 -35.41
C THR LA 132 6.40 -92.83 -34.48
N GLY LA 133 5.25 -92.49 -35.02
CA GLY LA 133 4.19 -91.89 -34.24
C GLY LA 133 2.92 -91.84 -35.04
N VAL LA 134 2.17 -90.74 -34.87
CA VAL LA 134 0.96 -90.50 -35.63
C VAL LA 134 1.14 -89.20 -36.39
N ASP LA 135 0.54 -89.12 -37.58
CA ASP LA 135 0.68 -87.95 -38.41
C ASP LA 135 -0.62 -87.70 -39.17
N ARG LA 136 -0.98 -86.43 -39.31
CA ARG LA 136 -2.22 -86.03 -39.95
C ARG LA 136 -1.93 -85.06 -41.08
N PHE LA 137 -2.91 -84.94 -41.99
CA PHE LA 137 -2.93 -83.86 -42.95
C PHE LA 137 -4.37 -83.68 -43.40
N TRP LA 138 -4.70 -82.46 -43.80
CA TRP LA 138 -6.07 -82.08 -44.11
C TRP LA 138 -6.22 -81.81 -45.59
N PHE LA 139 -6.95 -82.67 -46.27
CA PHE LA 139 -7.25 -82.52 -47.69
C PHE LA 139 -8.55 -81.76 -47.87
N SER LA 140 -8.77 -81.29 -49.09
CA SER LA 140 -9.98 -80.53 -49.43
C SER LA 140 -10.50 -81.01 -50.78
N ILE LA 141 -11.39 -81.99 -50.74
CA ILE LA 141 -12.00 -82.51 -51.97
C ILE LA 141 -13.12 -81.57 -52.37
N ASN LA 142 -12.82 -80.66 -53.27
CA ASN LA 142 -13.82 -79.76 -53.85
C ASN LA 142 -14.44 -78.87 -52.78
N GLY LA 143 -13.57 -78.12 -52.10
CA GLY LA 143 -14.02 -77.17 -51.10
C GLY LA 143 -14.27 -77.76 -49.73
N ASN LA 144 -14.77 -79.00 -49.69
CA ASN LA 144 -15.08 -79.64 -48.42
C ASN LA 144 -13.83 -80.30 -47.84
N ILE LA 145 -13.59 -80.05 -46.56
CA ILE LA 145 -12.34 -80.42 -45.91
C ILE LA 145 -12.57 -81.60 -44.97
N GLY LA 146 -11.61 -82.52 -44.95
CA GLY LA 146 -11.58 -83.62 -44.01
C GLY LA 146 -10.14 -83.88 -43.67
N GLU LA 147 -9.90 -84.85 -42.81
CA GLU LA 147 -8.54 -85.17 -42.41
C GLU LA 147 -8.23 -86.64 -42.65
N TYR LA 148 -6.96 -86.91 -42.95
CA TYR LA 148 -6.44 -88.25 -43.12
C TYR LA 148 -5.41 -88.49 -42.04
N VAL LA 149 -5.58 -89.56 -41.27
CA VAL LA 149 -4.72 -89.86 -40.14
C VAL LA 149 -3.91 -91.10 -40.46
N ILE LA 150 -2.59 -90.99 -40.36
CA ILE LA 150 -1.67 -92.10 -40.58
C ILE LA 150 -0.86 -92.32 -39.31
N SER LA 151 -0.67 -93.57 -38.94
CA SER LA 151 0.11 -93.96 -37.78
C SER LA 151 1.27 -94.83 -38.24
N VAL LA 152 2.49 -94.41 -37.92
CA VAL LA 152 3.70 -95.13 -38.34
C VAL LA 152 4.23 -95.91 -37.13
N ASP LA 153 4.42 -97.20 -37.32
CA ASP LA 153 4.75 -98.16 -36.27
C ASP LA 153 6.25 -98.33 -36.17
N PRO LA 154 6.77 -98.71 -34.98
CA PRO LA 154 8.23 -98.84 -34.84
C PRO LA 154 8.72 -100.22 -35.21
N THR LA 155 8.12 -100.76 -36.28
CA THR LA 155 8.47 -102.01 -36.96
C THR LA 155 8.13 -103.26 -36.15
N THR LA 156 7.80 -103.12 -34.87
CA THR LA 156 7.56 -104.36 -34.14
C THR LA 156 6.12 -104.84 -34.28
N SER LA 157 5.18 -104.26 -33.54
CA SER LA 157 3.84 -104.82 -33.55
C SER LA 157 2.83 -104.14 -34.46
N GLU LA 158 2.21 -103.07 -33.94
CA GLU LA 158 1.12 -102.32 -34.55
C GLU LA 158 0.75 -101.16 -33.63
N LEU LA 159 0.53 -99.95 -34.14
CA LEU LA 159 0.10 -98.89 -33.25
C LEU LA 159 -1.43 -98.85 -33.11
N PRO LA 160 -1.94 -98.32 -31.99
CA PRO LA 160 -3.39 -98.12 -31.83
C PRO LA 160 -3.91 -96.98 -32.67
N GLN LA 161 -5.17 -96.59 -32.46
CA GLN LA 161 -5.90 -95.76 -33.41
C GLN LA 161 -6.44 -94.51 -32.73
N PRO LA 162 -5.96 -93.33 -33.14
CA PRO LA 162 -6.31 -92.08 -32.45
C PRO LA 162 -7.70 -91.60 -32.80
N PRO LA 163 -8.28 -90.73 -31.97
CA PRO LA 163 -9.74 -90.49 -32.03
C PRO LA 163 -10.26 -89.43 -32.99
N PHE LA 164 -9.54 -89.06 -34.06
CA PHE LA 164 -10.15 -88.25 -35.11
C PHE LA 164 -10.66 -86.89 -34.64
N THR LA 165 -9.74 -85.95 -34.38
CA THR LA 165 -10.05 -84.65 -33.79
C THR LA 165 -11.37 -84.05 -34.27
N THR LA 166 -12.11 -83.50 -33.31
CA THR LA 166 -13.43 -82.92 -33.52
C THR LA 166 -13.31 -81.49 -34.02
N PRO LA 167 -14.42 -80.89 -34.50
CA PRO LA 167 -14.36 -79.51 -34.98
C PRO LA 167 -13.86 -78.52 -33.95
N VAL LA 168 -14.49 -78.48 -32.79
CA VAL LA 168 -14.06 -77.64 -31.68
C VAL LA 168 -13.68 -78.53 -30.52
N TYR LA 169 -12.54 -78.24 -29.89
CA TYR LA 169 -12.07 -79.06 -28.80
C TYR LA 169 -11.37 -78.19 -27.77
N VAL LA 170 -11.15 -78.75 -26.59
CA VAL LA 170 -10.42 -78.11 -25.51
C VAL LA 170 -9.28 -79.03 -25.13
N PRO LA 171 -8.03 -78.69 -25.47
CA PRO LA 171 -6.90 -79.60 -25.26
C PRO LA 171 -6.89 -80.29 -23.90
N ALA LA 172 -6.53 -81.57 -23.93
CA ALA LA 172 -6.59 -82.46 -22.78
C ALA LA 172 -6.04 -81.84 -21.50
N ALA LA 173 -4.79 -81.39 -21.52
CA ALA LA 173 -4.24 -80.80 -20.32
C ALA LA 173 -3.39 -79.59 -20.63
N ARG LA 174 -4.03 -78.44 -20.73
CA ARG LA 174 -3.37 -77.15 -20.89
C ARG LA 174 -4.11 -76.10 -20.07
N ARG LA 175 -4.87 -76.57 -19.09
CA ARG LA 175 -5.75 -75.74 -18.28
C ARG LA 175 -5.06 -75.45 -16.96
N SER LA 176 -5.33 -74.30 -16.38
CA SER LA 176 -4.76 -74.04 -15.08
C SER LA 176 -5.53 -72.94 -14.38
N VAL LA 177 -5.29 -72.84 -13.09
CA VAL LA 177 -5.98 -71.89 -12.22
C VAL LA 177 -4.97 -71.35 -11.23
N ASP LA 178 -4.95 -70.03 -11.07
CA ASP LA 178 -4.08 -69.40 -10.08
C ASP LA 178 -4.94 -69.06 -8.88
N PRO LA 179 -4.88 -69.80 -7.78
CA PRO LA 179 -5.77 -69.51 -6.64
C PRO LA 179 -5.50 -68.16 -6.00
N ARG LA 180 -4.43 -67.51 -6.41
CA ARG LA 180 -3.97 -66.23 -5.88
C ARG LA 180 -4.75 -65.05 -6.44
N THR LA 181 -5.36 -65.20 -7.62
CA THR LA 181 -6.16 -64.15 -8.21
C THR LA 181 -7.44 -64.66 -8.84
N HIS LA 182 -7.78 -65.93 -8.65
CA HIS LA 182 -9.03 -66.51 -9.10
C HIS LA 182 -9.23 -66.35 -10.60
N VAL LA 183 -8.33 -66.96 -11.36
CA VAL LA 183 -8.36 -66.86 -12.81
C VAL LA 183 -8.12 -68.24 -13.40
N LEU LA 184 -9.01 -68.67 -14.29
CA LEU LA 184 -8.91 -69.94 -14.97
C LEU LA 184 -8.44 -69.70 -16.40
N LYS LA 185 -7.43 -70.46 -16.82
CA LYS LA 185 -6.91 -70.37 -18.17
C LYS LA 185 -7.14 -71.70 -18.88
N PHE LA 186 -7.61 -71.63 -20.12
CA PHE LA 186 -7.70 -72.84 -20.92
C PHE LA 186 -7.59 -72.45 -22.39
N VAL LA 187 -7.28 -73.43 -23.20
CA VAL LA 187 -7.05 -73.23 -24.62
C VAL LA 187 -8.26 -73.73 -25.38
N LEU LA 188 -8.58 -73.05 -26.48
CA LEU LA 188 -9.73 -73.43 -27.31
C LEU LA 188 -9.25 -73.53 -28.75
N GLY LA 189 -9.25 -74.74 -29.29
CA GLY LA 189 -8.75 -74.98 -30.64
C GLY LA 189 -9.88 -75.35 -31.58
N VAL LA 190 -9.79 -74.87 -32.81
CA VAL LA 190 -10.79 -75.11 -33.84
C VAL LA 190 -10.13 -75.88 -34.97
N SER LA 191 -10.70 -77.02 -35.34
CA SER LA 191 -10.13 -77.82 -36.40
C SER LA 191 -10.28 -77.10 -37.73
N PRO LA 192 -9.46 -77.42 -38.72
CA PRO LA 192 -9.62 -76.80 -40.04
C PRO LA 192 -10.87 -77.25 -40.77
N ALA LA 193 -11.56 -78.28 -40.29
CA ALA LA 193 -12.74 -78.80 -40.94
C ALA LA 193 -14.03 -78.23 -40.37
N ALA LA 194 -13.95 -77.32 -39.41
CA ALA LA 194 -15.15 -76.69 -38.89
C ALA LA 194 -15.80 -75.85 -39.97
N ILE LA 195 -17.10 -75.99 -40.12
CA ILE LA 195 -17.82 -75.31 -41.21
C ILE LA 195 -18.29 -73.95 -40.71
N PRO LA 196 -18.01 -72.88 -41.44
CA PRO LA 196 -18.42 -71.54 -40.98
C PRO LA 196 -19.94 -71.45 -40.83
N GLY LA 197 -20.36 -70.73 -39.81
CA GLY LA 197 -21.76 -70.57 -39.51
C GLY LA 197 -22.29 -71.47 -38.41
N ASP LA 198 -21.58 -72.53 -38.07
CA ASP LA 198 -22.02 -73.43 -37.02
C ASP LA 198 -21.89 -72.77 -35.65
N VAL LA 199 -22.55 -73.37 -34.67
CA VAL LA 199 -22.51 -72.90 -33.29
C VAL LA 199 -22.33 -74.10 -32.39
N TYR LA 200 -21.38 -74.03 -31.47
CA TYR LA 200 -21.18 -75.04 -30.45
C TYR LA 200 -21.33 -74.40 -29.08
N ARG LA 201 -21.53 -75.24 -28.07
CA ARG LA 201 -21.74 -74.75 -26.72
C ARG LA 201 -20.76 -75.43 -25.77
N LEU LA 202 -20.02 -74.64 -25.01
CA LEU LA 202 -19.05 -75.13 -24.05
C LEU LA 202 -19.58 -74.83 -22.65
N THR LA 203 -19.66 -75.86 -21.83
CA THR LA 203 -20.08 -75.73 -20.44
C THR LA 203 -18.90 -76.00 -19.52
N VAL LA 204 -18.68 -75.09 -18.57
CA VAL LA 204 -17.54 -75.14 -17.66
C VAL LA 204 -18.07 -75.29 -16.24
N ARG LA 205 -17.61 -76.32 -15.54
CA ARG LA 205 -17.99 -76.55 -14.15
C ARG LA 205 -16.76 -76.41 -13.28
N GLN LA 206 -16.68 -75.33 -12.54
CA GLN LA 206 -15.51 -74.99 -11.75
C GLN LA 206 -15.86 -75.05 -10.27
N VAL LA 207 -14.96 -75.63 -9.47
CA VAL LA 207 -15.16 -75.80 -8.05
C VAL LA 207 -14.22 -74.86 -7.31
N ALA LA 208 -14.76 -74.08 -6.39
CA ALA LA 208 -13.97 -73.40 -5.39
C ALA LA 208 -13.84 -74.35 -4.22
N ILE LA 209 -13.29 -73.85 -3.11
CA ILE LA 209 -13.07 -74.72 -1.96
C ILE LA 209 -13.09 -73.86 -0.71
N ASP LA 210 -13.71 -74.36 0.34
CA ASP LA 210 -13.73 -73.62 1.59
C ASP LA 210 -12.58 -74.07 2.46
N CYS LA 211 -12.38 -73.33 3.54
CA CYS LA 211 -11.08 -73.35 4.19
C CYS LA 211 -10.86 -74.67 4.93
N ASP LA 212 -11.92 -75.47 5.11
CA ASP LA 212 -11.83 -76.87 5.53
C ASP LA 212 -11.78 -77.87 4.39
N GLY LA 213 -11.85 -77.42 3.14
CA GLY LA 213 -11.75 -78.31 2.02
C GLY LA 213 -13.05 -78.81 1.42
N ASN LA 214 -14.19 -78.22 1.78
CA ASN LA 214 -15.45 -78.59 1.15
C ASN LA 214 -15.58 -77.85 -0.17
N GLU LA 215 -16.73 -77.93 -0.83
CA GLU LA 215 -16.78 -77.58 -2.24
C GLU LA 215 -17.84 -76.55 -2.52
N PHE LA 216 -17.56 -75.69 -3.49
CA PHE LA 216 -18.51 -74.73 -4.02
C PHE LA 216 -18.46 -74.81 -5.54
N VAL LA 217 -19.53 -75.27 -6.15
CA VAL LA 217 -19.56 -75.49 -7.59
C VAL LA 217 -20.15 -74.28 -8.29
N HIS LA 218 -19.71 -74.07 -9.53
CA HIS LA 218 -20.15 -72.95 -10.36
C HIS LA 218 -20.20 -73.41 -11.80
N ILE LA 219 -21.30 -73.13 -12.49
CA ILE LA 219 -21.51 -73.59 -13.85
C ILE LA 219 -21.86 -72.40 -14.74
N SER LA 220 -21.26 -72.36 -15.93
CA SER LA 220 -21.56 -71.36 -16.95
C SER LA 220 -21.35 -71.97 -18.32
N CYS LA 221 -21.81 -71.27 -19.36
CA CYS LA 221 -21.61 -71.77 -20.72
C CYS LA 221 -21.04 -70.68 -21.59
N TYR LA 222 -20.52 -71.08 -22.74
CA TYR LA 222 -20.10 -70.16 -23.78
C TYR LA 222 -20.52 -70.71 -25.13
N ASP LA 223 -20.95 -69.82 -26.01
CA ASP LA 223 -21.46 -70.18 -27.33
C ASP LA 223 -20.39 -69.87 -28.36
N ILE LA 224 -19.73 -70.91 -28.86
CA ILE LA 224 -18.66 -70.76 -29.83
C ILE LA 224 -19.26 -70.80 -31.22
N SER LA 225 -19.22 -69.68 -31.93
CA SER LA 225 -19.83 -69.56 -33.25
C SER LA 225 -18.73 -69.56 -34.30
N ILE LA 226 -18.63 -70.66 -35.04
CA ILE LA 226 -17.56 -70.80 -36.03
C ILE LA 226 -17.81 -69.80 -37.16
N GLY LA 227 -17.02 -68.74 -37.18
CA GLY LA 227 -17.03 -67.81 -38.28
C GLY LA 227 -15.84 -68.07 -39.20
N SER LA 228 -15.99 -67.60 -40.43
CA SER LA 228 -14.89 -67.56 -41.37
C SER LA 228 -14.45 -66.12 -41.52
N CYS LA 229 -13.15 -65.95 -41.73
CA CYS LA 229 -12.55 -64.61 -41.75
C CYS LA 229 -12.75 -63.89 -40.44
N GLY LA 230 -12.12 -64.41 -39.39
CA GLY LA 230 -12.13 -63.79 -38.10
C GLY LA 230 -13.40 -64.11 -37.34
N MET MA 1 -22.04 -65.43 -3.63
CA MET MA 1 -22.44 -65.51 -2.24
C MET MA 1 -23.57 -64.54 -1.94
N TYR MA 2 -24.68 -65.05 -1.44
CA TYR MA 2 -25.81 -64.23 -1.04
C TYR MA 2 -25.56 -63.62 0.33
N PHE MA 3 -26.02 -62.40 0.52
CA PHE MA 3 -25.88 -61.74 1.80
C PHE MA 3 -27.21 -61.08 2.16
N PHE MA 4 -27.82 -61.52 3.24
CA PHE MA 4 -29.09 -60.98 3.69
C PHE MA 4 -28.92 -60.34 5.05
N SER MA 5 -29.63 -59.25 5.27
CA SER MA 5 -29.75 -58.62 6.57
C SER MA 5 -31.16 -58.87 7.10
N VAL MA 6 -31.25 -59.26 8.35
CA VAL MA 6 -32.52 -59.70 8.93
C VAL MA 6 -33.28 -58.50 9.44
N ASP MA 7 -34.60 -58.63 9.53
CA ASP MA 7 -35.41 -57.52 10.01
C ASP MA 7 -35.38 -57.47 11.53
N PRO MA 8 -35.21 -56.29 12.12
CA PRO MA 8 -34.74 -56.24 13.51
C PRO MA 8 -35.82 -56.31 14.57
N ARG MA 9 -37.09 -56.48 14.21
CA ARG MA 9 -38.18 -56.61 15.18
C ARG MA 9 -38.26 -55.42 16.12
N ASN MA 10 -38.36 -54.23 15.53
CA ASN MA 10 -38.55 -52.98 16.25
C ASN MA 10 -39.97 -52.44 16.19
N GLY MA 11 -40.80 -52.97 15.30
CA GLY MA 11 -42.00 -52.26 14.92
C GLY MA 11 -41.76 -51.28 13.80
N ALA MA 12 -40.67 -51.46 13.05
CA ALA MA 12 -40.29 -50.54 11.99
C ALA MA 12 -39.65 -51.29 10.84
N SER MA 13 -38.93 -50.57 9.97
CA SER MA 13 -38.29 -51.18 8.81
C SER MA 13 -37.16 -52.14 9.17
N SER MA 21 -42.46 -58.65 -3.07
CA SER MA 21 -43.91 -58.61 -2.88
C SER MA 21 -44.36 -59.60 -1.81
N CYS MA 22 -43.70 -60.76 -1.77
CA CYS MA 22 -44.02 -61.78 -0.78
C CYS MA 22 -43.43 -61.47 0.58
N CYS MA 23 -43.73 -62.39 1.50
CA CYS MA 23 -43.17 -62.38 2.83
C CYS MA 23 -41.69 -62.73 2.84
N CYS MA 24 -41.33 -63.89 2.33
CA CYS MA 24 -39.98 -64.41 2.44
C CYS MA 24 -39.16 -63.96 1.23
N GLU MA 25 -37.94 -63.50 1.48
CA GLU MA 25 -37.09 -62.98 0.42
C GLU MA 25 -36.62 -64.09 -0.50
N SER MA 26 -35.94 -63.71 -1.56
CA SER MA 26 -35.74 -64.56 -2.73
C SER MA 26 -34.27 -64.95 -2.92
N ILE MA 27 -34.08 -66.17 -3.40
CA ILE MA 27 -32.78 -66.72 -3.72
C ILE MA 27 -32.89 -67.45 -5.04
N SER MA 28 -32.16 -67.00 -6.05
CA SER MA 28 -32.16 -67.69 -7.33
C SER MA 28 -31.10 -68.77 -7.34
N ALA MA 29 -31.42 -69.88 -7.99
CA ALA MA 29 -30.54 -71.04 -7.95
C ALA MA 29 -30.54 -71.74 -9.31
N ARG MA 30 -29.42 -72.35 -9.64
CA ARG MA 30 -29.22 -73.04 -10.91
C ARG MA 30 -28.89 -74.51 -10.67
N PRO MA 31 -29.50 -75.41 -11.41
CA PRO MA 31 -29.30 -76.85 -11.13
C PRO MA 31 -27.86 -77.28 -11.25
N GLY MA 32 -27.33 -77.87 -10.18
CA GLY MA 32 -25.95 -78.34 -10.14
C GLY MA 32 -25.04 -77.49 -9.28
N GLU MA 33 -25.40 -76.24 -9.04
CA GLU MA 33 -24.58 -75.34 -8.27
C GLU MA 33 -24.51 -75.76 -6.81
N VAL MA 34 -23.55 -75.18 -6.10
CA VAL MA 34 -23.47 -75.22 -4.64
C VAL MA 34 -22.97 -73.85 -4.22
N ASN MA 35 -23.86 -73.02 -3.70
CA ASN MA 35 -23.53 -71.63 -3.42
C ASN MA 35 -23.36 -71.44 -1.92
N GLY MA 36 -23.15 -70.20 -1.49
CA GLY MA 36 -23.01 -69.90 -0.08
C GLY MA 36 -23.85 -68.71 0.33
N VAL MA 37 -24.48 -68.77 1.50
CA VAL MA 37 -25.40 -67.75 1.96
C VAL MA 37 -24.93 -67.22 3.30
N MET MA 38 -24.97 -65.90 3.46
CA MET MA 38 -24.61 -65.25 4.71
C MET MA 38 -25.77 -64.40 5.19
N VAL MA 39 -26.11 -64.54 6.46
CA VAL MA 39 -27.22 -63.80 7.07
C VAL MA 39 -26.66 -63.04 8.26
N SER MA 40 -26.92 -61.74 8.31
CA SER MA 40 -26.35 -60.85 9.32
C SER MA 40 -27.42 -60.51 10.35
N TYR MA 41 -27.37 -61.21 11.49
CA TYR MA 41 -28.31 -60.97 12.57
C TYR MA 41 -27.95 -59.76 13.42
N ALA MA 42 -27.02 -58.92 12.98
CA ALA MA 42 -26.56 -57.82 13.81
C ALA MA 42 -27.68 -56.88 14.20
N ALA MA 43 -28.60 -56.61 13.27
CA ALA MA 43 -29.66 -55.65 13.56
C ALA MA 43 -30.60 -56.11 14.65
N TRP MA 44 -30.71 -57.42 14.87
CA TRP MA 44 -31.63 -57.97 15.85
C TRP MA 44 -30.95 -58.36 17.15
N SER MA 45 -29.78 -58.96 17.07
CA SER MA 45 -29.13 -59.53 18.24
C SER MA 45 -28.13 -58.61 18.90
N ALA MA 46 -27.82 -57.46 18.31
CA ALA MA 46 -26.88 -56.54 18.95
C ALA MA 46 -27.54 -55.78 20.09
N PRO MA 47 -28.72 -55.18 19.92
CA PRO MA 47 -29.39 -54.55 21.08
C PRO MA 47 -29.60 -55.49 22.23
N LEU MA 48 -29.89 -56.77 21.97
CA LEU MA 48 -29.99 -57.76 23.04
C LEU MA 48 -28.59 -58.06 23.58
N ARG MA 49 -28.03 -57.07 24.29
CA ARG MA 49 -26.63 -57.19 24.70
C ARG MA 49 -26.44 -58.46 25.52
N GLY MA 50 -25.75 -59.43 24.94
CA GLY MA 50 -25.58 -60.72 25.58
C GLY MA 50 -24.39 -61.45 25.01
N HIS MA 51 -24.53 -62.76 24.80
CA HIS MA 51 -23.45 -63.56 24.24
C HIS MA 51 -23.68 -63.92 22.78
N GLY MA 52 -24.45 -63.10 22.06
CA GLY MA 52 -24.56 -63.27 20.63
C GLY MA 52 -25.30 -64.53 20.23
N LEU MA 53 -24.97 -65.02 19.03
CA LEU MA 53 -25.65 -66.17 18.46
C LEU MA 53 -25.09 -67.45 19.06
N THR MA 54 -25.81 -68.55 18.85
CA THR MA 54 -25.32 -69.88 19.20
C THR MA 54 -25.52 -70.81 18.02
N ASN MA 55 -24.85 -71.97 18.08
CA ASN MA 55 -24.92 -72.95 17.00
C ASN MA 55 -26.12 -73.88 17.21
N LYS MA 56 -27.29 -73.29 17.32
CA LYS MA 56 -28.52 -74.06 17.38
C LYS MA 56 -29.50 -73.57 16.31
N THR MA 57 -29.02 -73.47 15.08
CA THR MA 57 -29.88 -73.15 13.95
C THR MA 57 -30.58 -74.41 13.45
N THR MA 58 -31.79 -74.23 12.96
CA THR MA 58 -32.57 -75.32 12.41
C THR MA 58 -33.15 -74.87 11.08
N PHE MA 59 -33.06 -75.75 10.09
CA PHE MA 59 -33.52 -75.44 8.74
C PHE MA 59 -34.66 -76.38 8.36
N GLU MA 60 -35.49 -75.94 7.43
CA GLU MA 60 -36.54 -76.79 6.91
C GLU MA 60 -36.81 -76.40 5.46
N ILE MA 61 -36.90 -77.39 4.58
CA ILE MA 61 -37.18 -77.18 3.17
C ILE MA 61 -38.57 -77.71 2.87
N ASP MA 62 -39.37 -76.90 2.19
CA ASP MA 62 -40.69 -77.29 1.74
C ASP MA 62 -40.93 -76.71 0.36
N GLY MA 63 -41.60 -77.47 -0.49
CA GLY MA 63 -41.85 -77.06 -1.86
C GLY MA 63 -43.14 -76.29 -1.98
N VAL MA 64 -43.09 -75.16 -2.70
CA VAL MA 64 -44.28 -74.41 -3.05
C VAL MA 64 -44.69 -74.66 -4.50
N SER MA 65 -43.87 -75.38 -5.26
CA SER MA 65 -44.11 -75.76 -6.65
C SER MA 65 -43.05 -76.79 -7.02
N VAL MA 66 -43.44 -78.00 -7.43
CA VAL MA 66 -42.49 -79.10 -7.52
C VAL MA 66 -42.35 -79.65 -8.94
N THR MA 67 -43.45 -79.80 -9.68
CA THR MA 67 -43.38 -80.40 -11.01
C THR MA 67 -42.81 -81.81 -10.92
N PRO MA 68 -43.61 -82.79 -10.50
CA PRO MA 68 -43.09 -84.13 -10.19
C PRO MA 68 -42.17 -84.67 -11.29
N PRO MA 69 -41.13 -85.40 -10.91
CA PRO MA 69 -40.16 -85.85 -11.91
C PRO MA 69 -40.73 -86.94 -12.80
N LYS MA 70 -40.17 -87.04 -13.99
CA LYS MA 70 -40.60 -88.06 -14.95
C LYS MA 70 -39.89 -89.39 -14.74
N VAL MA 71 -38.57 -89.35 -14.63
CA VAL MA 71 -37.75 -90.56 -14.58
C VAL MA 71 -37.48 -90.88 -13.12
N SER MA 72 -37.62 -92.16 -12.76
CA SER MA 72 -37.36 -92.55 -11.39
C SER MA 72 -35.86 -92.67 -11.13
N ASN MA 73 -35.49 -92.59 -9.86
CA ASN MA 73 -34.12 -92.86 -9.47
C ASN MA 73 -33.98 -94.35 -9.17
N ALA MA 74 -32.76 -94.79 -8.86
CA ALA MA 74 -32.52 -96.21 -8.68
C ALA MA 74 -31.36 -96.43 -7.74
N PHE MA 75 -31.29 -97.63 -7.19
CA PHE MA 75 -30.22 -98.01 -6.27
C PHE MA 75 -29.67 -99.37 -6.66
N GLY MA 76 -28.34 -99.48 -6.68
CA GLY MA 76 -27.68 -100.74 -6.93
C GLY MA 76 -26.67 -101.04 -5.85
N ARG MA 77 -26.09 -102.24 -5.93
CA ARG MA 77 -25.14 -102.67 -4.92
C ARG MA 77 -24.13 -103.63 -5.52
N THR MA 78 -22.89 -103.52 -5.07
CA THR MA 78 -21.81 -104.36 -5.57
C THR MA 78 -20.74 -104.47 -4.49
N LYS MA 79 -19.96 -105.54 -4.53
CA LYS MA 79 -18.84 -105.68 -3.63
C LYS MA 79 -17.63 -104.94 -4.19
N VAL MA 80 -16.56 -104.86 -3.40
CA VAL MA 80 -15.36 -104.18 -3.87
C VAL MA 80 -14.77 -104.93 -5.05
N GLY MA 81 -14.28 -104.17 -6.03
CA GLY MA 81 -13.54 -104.68 -7.16
C GLY MA 81 -14.35 -105.36 -8.23
N VAL MA 82 -15.53 -105.87 -7.92
CA VAL MA 82 -16.33 -106.58 -8.92
C VAL MA 82 -17.12 -105.58 -9.75
N VAL MA 83 -17.10 -105.76 -11.06
CA VAL MA 83 -17.77 -104.85 -12.00
C VAL MA 83 -19.27 -105.00 -11.84
N PHE MA 84 -19.97 -103.89 -11.96
CA PHE MA 84 -21.41 -103.85 -11.74
C PHE MA 84 -22.12 -103.50 -13.05
N GLU MA 85 -23.20 -104.22 -13.33
CA GLU MA 85 -24.07 -103.96 -14.47
C GLU MA 85 -25.42 -103.50 -13.95
N GLY MA 86 -26.20 -102.90 -14.85
CA GLY MA 86 -27.54 -102.47 -14.53
C GLY MA 86 -28.21 -101.97 -15.78
N THR MA 87 -29.50 -101.72 -15.67
CA THR MA 87 -30.29 -101.24 -16.79
C THR MA 87 -30.71 -99.81 -16.55
N LEU MA 88 -31.10 -99.14 -17.64
CA LEU MA 88 -31.49 -97.75 -17.55
C LEU MA 88 -32.77 -97.51 -18.34
N SER MA 89 -33.65 -98.52 -18.41
CA SER MA 89 -34.85 -98.41 -19.21
C SER MA 89 -36.14 -98.60 -18.41
N ASP MA 90 -36.09 -99.27 -17.27
CA ASP MA 90 -37.26 -99.40 -16.39
C ASP MA 90 -37.39 -98.21 -15.47
N LEU MA 91 -36.58 -97.17 -15.69
CA LEU MA 91 -36.58 -95.98 -14.86
C LEU MA 91 -37.29 -94.83 -15.55
N PHE MA 92 -37.91 -95.09 -16.70
CA PHE MA 92 -38.60 -94.06 -17.48
C PHE MA 92 -39.94 -94.60 -17.92
N PRO MA 93 -40.89 -94.71 -17.00
CA PRO MA 93 -42.25 -95.08 -17.43
C PRO MA 93 -42.82 -93.96 -18.27
N ASN MA 94 -42.96 -94.20 -19.57
CA ASN MA 94 -43.44 -93.14 -20.44
C ASN MA 94 -44.94 -93.25 -20.65
N PRO MA 95 -45.66 -92.13 -20.64
CA PRO MA 95 -47.09 -92.16 -20.97
C PRO MA 95 -47.31 -92.42 -22.45
N GLU MA 96 -46.58 -91.66 -23.27
CA GLU MA 96 -46.80 -91.61 -24.71
C GLU MA 96 -45.82 -92.51 -25.47
N GLY MA 97 -45.84 -92.40 -26.81
CA GLY MA 97 -44.88 -93.09 -27.64
C GLY MA 97 -43.72 -92.22 -28.09
N GLU MA 98 -42.51 -92.63 -27.75
CA GLU MA 98 -41.31 -91.90 -28.14
C GLU MA 98 -40.11 -92.80 -27.88
N GLN MA 99 -38.95 -92.34 -28.35
CA GLN MA 99 -37.69 -93.03 -28.18
C GLN MA 99 -36.88 -92.43 -27.02
N VAL MA 100 -35.91 -93.20 -26.57
CA VAL MA 100 -35.22 -92.95 -25.31
C VAL MA 100 -33.72 -92.70 -25.53
N GLU MA 101 -33.34 -91.44 -25.66
CA GLU MA 101 -31.95 -91.06 -25.84
C GLU MA 101 -31.20 -91.05 -24.53
N TYR MA 102 -30.86 -92.23 -24.02
CA TYR MA 102 -30.09 -92.35 -22.79
C TYR MA 102 -28.79 -91.56 -22.87
N GLU MA 103 -28.48 -90.82 -21.81
CA GLU MA 103 -27.31 -89.95 -21.82
C GLU MA 103 -26.71 -89.85 -20.43
N ILE MA 104 -25.38 -89.88 -20.34
CA ILE MA 104 -24.67 -89.68 -19.09
C ILE MA 104 -23.82 -88.42 -19.25
N SER MA 105 -24.24 -87.34 -18.62
CA SER MA 105 -23.54 -86.07 -18.72
C SER MA 105 -22.16 -86.18 -18.09
N GLU MA 106 -21.14 -85.66 -18.77
CA GLU MA 106 -19.79 -85.68 -18.22
C GLU MA 106 -19.60 -84.71 -17.07
N LEU MA 107 -20.48 -83.72 -16.91
CA LEU MA 107 -20.34 -82.80 -15.79
C LEU MA 107 -20.73 -83.48 -14.49
N ASN MA 108 -21.66 -84.43 -14.55
CA ASN MA 108 -22.19 -85.09 -13.37
C ASN MA 108 -21.97 -86.59 -13.45
N GLY MA 109 -20.80 -87.02 -13.92
CA GLY MA 109 -20.50 -88.42 -13.99
C GLY MA 109 -20.19 -88.98 -12.62
N PRO MA 110 -19.70 -90.22 -12.56
CA PRO MA 110 -19.35 -90.81 -11.26
C PRO MA 110 -18.11 -90.17 -10.67
N SER MA 111 -17.74 -90.58 -9.47
CA SER MA 111 -16.63 -89.97 -8.76
C SER MA 111 -15.47 -90.92 -8.51
N ASN MA 112 -15.74 -92.21 -8.32
CA ASN MA 112 -14.69 -93.19 -8.07
C ASN MA 112 -14.85 -94.41 -8.97
N GLY MA 113 -15.39 -94.22 -10.16
CA GLY MA 113 -15.58 -95.31 -11.10
C GLY MA 113 -15.58 -94.81 -12.52
N VAL MA 114 -16.12 -95.61 -13.44
CA VAL MA 114 -16.30 -95.24 -14.83
C VAL MA 114 -17.56 -95.94 -15.32
N VAL MA 115 -18.30 -95.29 -16.21
CA VAL MA 115 -19.50 -95.88 -16.79
C VAL MA 115 -19.43 -95.82 -18.32
N GLU MA 116 -19.64 -96.95 -18.98
CA GLU MA 116 -19.66 -97.03 -20.44
C GLU MA 116 -21.13 -97.21 -20.82
N LEU MA 117 -21.79 -96.14 -21.23
CA LEU MA 117 -23.18 -96.28 -21.64
C LEU MA 117 -23.27 -97.11 -22.90
N GLY MA 118 -24.12 -98.13 -22.87
CA GLY MA 118 -24.29 -99.02 -24.00
C GLY MA 118 -25.15 -98.40 -25.08
N ALA MA 119 -25.57 -99.24 -26.02
CA ALA MA 119 -26.43 -98.76 -27.11
C ALA MA 119 -27.88 -98.63 -26.64
N ASN MA 120 -28.33 -99.54 -25.80
CA ASN MA 120 -29.72 -99.56 -25.35
C ASN MA 120 -29.75 -99.62 -23.82
N GLY MA 121 -29.90 -98.46 -23.19
CA GLY MA 121 -30.17 -98.35 -21.77
C GLY MA 121 -29.37 -99.23 -20.84
N ALA MA 122 -28.17 -99.62 -21.27
CA ALA MA 122 -27.31 -100.47 -20.47
C ALA MA 122 -26.01 -99.73 -20.17
N PHE MA 123 -25.38 -100.09 -19.06
CA PHE MA 123 -24.20 -99.37 -18.63
C PHE MA 123 -23.42 -100.25 -17.67
N THR MA 124 -22.10 -100.10 -17.69
CA THR MA 124 -21.20 -100.85 -16.82
C THR MA 124 -20.44 -99.89 -15.95
N TYR MA 125 -20.58 -100.06 -14.64
CA TYR MA 125 -19.88 -99.23 -13.66
C TYR MA 125 -18.77 -100.07 -13.06
N THR MA 126 -17.55 -99.87 -13.56
CA THR MA 126 -16.39 -100.54 -13.00
C THR MA 126 -15.84 -99.70 -11.85
N PRO MA 127 -16.04 -100.12 -10.61
CA PRO MA 127 -15.61 -99.28 -9.48
C PRO MA 127 -14.09 -99.15 -9.46
N GLY MA 128 -13.63 -97.97 -9.03
CA GLY MA 128 -12.20 -97.75 -8.93
C GLY MA 128 -11.55 -98.74 -7.97
N ALA MA 129 -10.42 -99.29 -8.41
CA ALA MA 129 -9.74 -100.31 -7.64
C ALA MA 129 -9.33 -99.78 -6.27
N LEU MA 130 -9.43 -100.64 -5.26
CA LEU MA 130 -9.13 -100.29 -3.88
C LEU MA 130 -9.98 -99.11 -3.42
N PHE MA 131 -11.30 -99.31 -3.43
CA PHE MA 131 -12.24 -98.29 -3.00
C PHE MA 131 -13.53 -98.97 -2.57
N THR MA 132 -14.08 -98.52 -1.44
CA THR MA 132 -15.35 -99.06 -0.97
C THR MA 132 -16.13 -97.92 -0.32
N GLY MA 133 -17.22 -97.52 -0.95
CA GLY MA 133 -18.07 -96.47 -0.41
C GLY MA 133 -19.36 -96.40 -1.18
N VAL MA 134 -19.84 -95.19 -1.39
CA VAL MA 134 -21.03 -94.94 -2.19
C VAL MA 134 -20.64 -94.05 -3.36
N ASP MA 135 -21.31 -94.23 -4.49
CA ASP MA 135 -20.99 -93.48 -5.69
C ASP MA 135 -22.27 -93.21 -6.47
N ARG MA 136 -22.36 -92.01 -7.05
CA ARG MA 136 -23.53 -91.59 -7.78
C ARG MA 136 -23.14 -91.14 -9.17
N PHE MA 137 -24.14 -91.12 -10.06
CA PHE MA 137 -24.01 -90.44 -11.34
C PHE MA 137 -25.41 -90.11 -11.84
N TRP MA 138 -25.50 -89.06 -12.62
CA TRP MA 138 -26.78 -88.49 -13.04
C TRP MA 138 -26.99 -88.72 -14.53
N PHE MA 139 -27.94 -89.56 -14.85
CA PHE MA 139 -28.32 -89.84 -16.23
C PHE MA 139 -29.44 -88.91 -16.67
N SER MA 140 -29.65 -88.84 -17.97
CA SER MA 140 -30.69 -87.98 -18.55
C SER MA 140 -31.41 -88.75 -19.65
N ILE MA 141 -32.48 -89.44 -19.28
CA ILE MA 141 -33.28 -90.19 -20.24
C ILE MA 141 -34.21 -89.21 -20.93
N ASN MA 142 -33.80 -88.75 -22.11
CA ASN MA 142 -34.63 -87.90 -22.96
C ASN MA 142 -34.95 -86.58 -22.26
N GLY MA 143 -33.90 -85.87 -21.88
CA GLY MA 143 -34.06 -84.56 -21.27
C GLY MA 143 -34.31 -84.59 -19.78
N ASN MA 144 -35.05 -85.59 -19.32
CA ASN MA 144 -35.39 -85.68 -17.91
C ASN MA 144 -34.27 -86.36 -17.13
N ILE MA 145 -33.87 -85.77 -16.02
CA ILE MA 145 -32.69 -86.17 -15.28
C ILE MA 145 -33.09 -86.89 -13.99
N GLY MA 146 -32.35 -87.93 -13.66
CA GLY MA 146 -32.47 -88.63 -12.40
C GLY MA 146 -31.09 -89.08 -11.99
N GLU MA 147 -31.00 -89.74 -10.85
CA GLU MA 147 -29.71 -90.20 -10.36
C GLU MA 147 -29.73 -91.70 -10.09
N TYR MA 148 -28.58 -92.33 -10.27
CA TYR MA 148 -28.37 -93.73 -9.97
C TYR MA 148 -27.33 -93.82 -8.88
N VAL MA 149 -27.65 -94.51 -7.79
CA VAL MA 149 -26.79 -94.59 -6.62
C VAL MA 149 -26.29 -96.01 -6.50
N ILE MA 150 -24.97 -96.18 -6.45
CA ILE MA 150 -24.33 -97.47 -6.28
C ILE MA 150 -23.48 -97.42 -5.02
N SER MA 151 -23.53 -98.49 -4.24
CA SER MA 151 -22.76 -98.63 -3.01
C SER MA 151 -21.85 -99.85 -3.14
N VAL MA 152 -20.55 -99.64 -2.99
CA VAL MA 152 -19.56 -100.70 -3.14
C VAL MA 152 -19.11 -101.13 -1.75
N ASP MA 153 -19.21 -102.42 -1.47
CA ASP MA 153 -19.01 -103.01 -0.16
C ASP MA 153 -17.57 -103.49 -0.01
N PRO MA 154 -17.05 -103.55 1.23
CA PRO MA 154 -15.65 -103.94 1.41
C PRO MA 154 -15.50 -105.45 1.54
N THR MA 155 -16.28 -106.16 0.72
CA THR MA 155 -16.25 -107.60 0.52
C THR MA 155 -16.78 -108.40 1.71
N THR MA 156 -16.97 -107.77 2.87
CA THR MA 156 -17.41 -108.60 3.97
C THR MA 156 -18.92 -108.77 4.01
N SER MA 157 -19.65 -107.77 4.51
CA SER MA 157 -21.08 -108.00 4.70
C SER MA 157 -21.99 -107.44 3.61
N GLU MA 158 -22.33 -106.15 3.74
CA GLU MA 158 -23.28 -105.43 2.90
C GLU MA 158 -23.32 -103.97 3.37
N LEU MA 159 -23.33 -102.98 2.48
CA LEU MA 159 -23.45 -101.61 2.94
C LEU MA 159 -24.92 -101.18 3.06
N PRO MA 160 -25.21 -100.22 3.94
CA PRO MA 160 -26.57 -99.65 4.02
C PRO MA 160 -26.90 -98.76 2.83
N GLN MA 161 -28.04 -98.06 2.91
CA GLN MA 161 -28.65 -97.46 1.72
C GLN MA 161 -28.85 -95.95 1.93
N PRO MA 162 -28.17 -95.13 1.14
CA PRO MA 162 -28.19 -93.67 1.36
C PRO MA 162 -29.47 -93.03 0.87
N PRO MA 163 -29.79 -91.84 1.35
CA PRO MA 163 -31.16 -91.31 1.21
C PRO MA 163 -31.52 -90.54 -0.05
N PHE MA 164 -30.83 -90.73 -1.18
CA PHE MA 164 -31.34 -90.19 -2.46
C PHE MA 164 -31.51 -88.68 -2.48
N THR MA 165 -30.40 -87.95 -2.56
CA THR MA 165 -30.37 -86.49 -2.46
C THR MA 165 -31.57 -85.80 -3.10
N THR MA 166 -32.10 -84.81 -2.39
CA THR MA 166 -33.28 -84.06 -2.79
C THR MA 166 -32.91 -82.94 -3.75
N PRO MA 167 -33.89 -82.30 -4.40
CA PRO MA 167 -33.58 -81.22 -5.34
C PRO MA 167 -32.80 -80.07 -4.71
N VAL MA 168 -33.32 -79.50 -3.62
CA VAL MA 168 -32.63 -78.46 -2.89
C VAL MA 168 -32.36 -78.97 -1.49
N TYR MA 169 -31.14 -78.74 -1.00
CA TYR MA 169 -30.75 -79.24 0.30
C TYR MA 169 -29.80 -78.26 0.96
N VAL MA 170 -29.63 -78.43 2.27
CA VAL MA 170 -28.68 -77.64 3.05
C VAL MA 170 -27.74 -78.62 3.73
N PRO MA 171 -26.48 -78.69 3.29
CA PRO MA 171 -25.56 -79.71 3.80
C PRO MA 171 -25.58 -79.90 5.31
N ALA MA 172 -25.50 -81.16 5.73
CA ALA MA 172 -25.65 -81.57 7.12
C ALA MA 172 -24.88 -80.70 8.09
N ALA MA 173 -23.57 -80.58 7.92
CA ALA MA 173 -22.82 -79.76 8.85
C ALA MA 173 -21.76 -78.95 8.13
N ARG MA 174 -22.14 -77.78 7.64
CA ARG MA 174 -21.25 -76.81 7.05
C ARG MA 174 -21.68 -75.40 7.45
N ARG MA 175 -22.43 -75.32 8.54
CA ARG MA 175 -23.06 -74.10 9.02
C ARG MA 175 -22.21 -73.55 10.15
N SER MA 176 -22.19 -72.23 10.29
CA SER MA 176 -21.48 -71.70 11.43
C SER MA 176 -21.94 -70.28 11.70
N VAL MA 177 -21.58 -69.80 12.88
CA VAL MA 177 -21.98 -68.49 13.38
C VAL MA 177 -20.81 -67.90 14.12
N ASP MA 178 -20.49 -66.65 13.80
CA ASP MA 178 -19.44 -65.93 14.51
C ASP MA 178 -20.11 -65.01 15.53
N PRO MA 179 -20.12 -65.34 16.83
CA PRO MA 179 -20.82 -64.49 17.78
C PRO MA 179 -20.22 -63.11 17.92
N ARG MA 180 -19.08 -62.87 17.31
CA ARG MA 180 -18.32 -61.64 17.36
C ARG MA 180 -18.88 -60.57 16.43
N THR MA 181 -19.60 -60.97 15.38
CA THR MA 181 -20.20 -60.02 14.46
C THR MA 181 -21.61 -60.41 14.05
N HIS MA 182 -22.18 -61.44 14.66
CA HIS MA 182 -23.57 -61.84 14.45
C HIS MA 182 -23.85 -62.15 12.99
N VAL MA 183 -23.16 -63.17 12.48
CA VAL MA 183 -23.29 -63.55 11.08
C VAL MA 183 -23.39 -65.07 11.01
N LEU MA 184 -24.43 -65.55 10.34
CA LEU MA 184 -24.64 -66.97 10.13
C LEU MA 184 -24.25 -67.33 8.71
N LYS MA 185 -23.46 -68.40 8.57
CA LYS MA 185 -23.04 -68.89 7.26
C LYS MA 185 -23.60 -70.28 7.06
N PHE MA 186 -24.15 -70.54 5.88
CA PHE MA 186 -24.56 -71.89 5.54
C PHE MA 186 -24.48 -72.06 4.03
N VAL MA 187 -24.46 -73.29 3.61
CA VAL MA 187 -24.30 -73.64 2.20
C VAL MA 187 -25.65 -74.08 1.66
N LEU MA 188 -25.91 -73.75 0.40
CA LEU MA 188 -27.18 -74.12 -0.24
C LEU MA 188 -26.85 -74.81 -1.56
N GLY MA 189 -27.14 -76.08 -1.66
CA GLY MA 189 -26.82 -76.88 -2.84
C GLY MA 189 -28.07 -77.27 -3.59
N VAL MA 190 -27.97 -77.28 -4.91
CA VAL MA 190 -29.08 -77.61 -5.80
C VAL MA 190 -28.69 -78.84 -6.59
N SER MA 191 -29.52 -79.88 -6.55
CA SER MA 191 -29.23 -81.10 -7.26
C SER MA 191 -29.32 -80.85 -8.75
N PRO MA 192 -28.66 -81.66 -9.58
CA PRO MA 192 -28.80 -81.50 -11.03
C PRO MA 192 -30.17 -81.89 -11.56
N ALA MA 193 -31.02 -82.51 -10.75
CA ALA MA 193 -32.33 -82.93 -11.18
C ALA MA 193 -33.43 -81.93 -10.83
N ALA MA 194 -33.07 -80.79 -10.25
CA ALA MA 194 -34.07 -79.77 -9.97
C ALA MA 194 -34.61 -79.22 -11.28
N ILE MA 195 -35.93 -79.10 -11.37
CA ILE MA 195 -36.56 -78.68 -12.62
C ILE MA 195 -36.70 -77.17 -12.62
N PRO MA 196 -36.27 -76.49 -13.67
CA PRO MA 196 -36.35 -75.02 -13.69
C PRO MA 196 -37.78 -74.54 -13.60
N GLY MA 197 -37.97 -73.44 -12.88
CA GLY MA 197 -39.27 -72.89 -12.66
C GLY MA 197 -39.89 -73.22 -11.31
N ASP MA 198 -39.39 -74.24 -10.63
CA ASP MA 198 -39.92 -74.61 -9.33
C ASP MA 198 -39.55 -73.56 -8.27
N VAL MA 199 -40.24 -73.64 -7.14
CA VAL MA 199 -40.00 -72.75 -6.01
C VAL MA 199 -40.01 -73.60 -4.74
N TYR MA 200 -38.98 -73.44 -3.92
CA TYR MA 200 -38.92 -74.06 -2.61
C TYR MA 200 -38.82 -72.98 -1.54
N ARG MA 201 -39.11 -73.36 -0.31
CA ARG MA 201 -39.10 -72.42 0.80
C ARG MA 201 -38.22 -72.95 1.92
N LEU MA 202 -37.27 -72.13 2.36
CA LEU MA 202 -36.35 -72.47 3.42
C LEU MA 202 -36.69 -71.62 4.63
N THR MA 203 -36.92 -72.27 5.77
CA THR MA 203 -37.19 -71.58 7.02
C THR MA 203 -36.02 -71.78 7.98
N VAL MA 204 -35.54 -70.69 8.56
CA VAL MA 204 -34.37 -70.68 9.42
C VAL MA 204 -34.80 -70.22 10.81
N ARG MA 205 -34.51 -71.03 11.82
CA ARG MA 205 -34.82 -70.70 13.20
C ARG MA 205 -33.52 -70.55 13.97
N GLN MA 206 -33.16 -69.32 14.30
CA GLN MA 206 -31.88 -69.01 14.91
C GLN MA 206 -32.11 -68.49 16.32
N VAL MA 207 -31.29 -68.96 17.27
CA VAL MA 207 -31.42 -68.59 18.66
C VAL MA 207 -30.24 -67.70 19.02
N ALA MA 208 -30.53 -66.56 19.62
CA ALA MA 208 -29.53 -65.78 20.32
C ALA MA 208 -29.51 -66.27 21.76
N ILE MA 209 -28.78 -65.58 22.62
CA ILE MA 209 -28.66 -66.04 24.00
C ILE MA 209 -28.39 -64.82 24.87
N ASP MA 210 -29.03 -64.79 26.03
CA ASP MA 210 -28.79 -63.68 26.96
C ASP MA 210 -27.69 -64.06 27.92
N CYS MA 211 -27.26 -63.08 28.69
CA CYS MA 211 -25.94 -63.16 29.30
C CYS MA 211 -25.94 -64.18 30.44
N ASP MA 212 -27.12 -64.61 30.88
CA ASP MA 212 -27.30 -65.77 31.76
C ASP MA 212 -27.56 -67.07 31.04
N GLY MA 213 -27.63 -67.06 29.72
CA GLY MA 213 -27.81 -68.29 28.96
C GLY MA 213 -29.23 -68.65 28.58
N ASN MA 214 -30.19 -67.73 28.72
CA ASN MA 214 -31.54 -67.98 28.26
C ASN MA 214 -31.62 -67.73 26.76
N GLU MA 215 -32.81 -67.76 26.18
CA GLU MA 215 -32.89 -67.91 24.73
C GLU MA 215 -33.74 -66.82 24.11
N PHE MA 216 -33.36 -66.42 22.90
CA PHE MA 216 -34.13 -65.50 22.08
C PHE MA 216 -34.21 -66.11 20.69
N VAL MA 217 -35.40 -66.48 20.27
CA VAL MA 217 -35.60 -67.17 19.01
C VAL MA 217 -35.97 -66.15 17.92
N HIS MA 218 -35.60 -66.48 16.69
CA HIS MA 218 -35.86 -65.63 15.53
C HIS MA 218 -36.12 -66.52 14.33
N ILE MA 219 -37.19 -66.25 13.59
CA ILE MA 219 -37.60 -67.09 12.47
C ILE MA 219 -37.76 -66.23 11.22
N SER MA 220 -37.26 -66.72 10.09
CA SER MA 220 -37.43 -66.08 8.80
C SER MA 220 -37.46 -67.14 7.72
N CYS MA 221 -37.84 -66.76 6.50
CA CYS MA 221 -37.87 -67.71 5.40
C CYS MA 221 -37.15 -67.13 4.20
N TYR MA 222 -36.82 -68.01 3.26
CA TYR MA 222 -36.30 -67.60 1.96
C TYR MA 222 -36.94 -68.47 0.89
N ASP MA 223 -37.23 -67.86 -0.25
CA ASP MA 223 -37.91 -68.51 -1.36
C ASP MA 223 -36.88 -68.81 -2.44
N ILE MA 224 -36.50 -70.08 -2.55
CA ILE MA 224 -35.50 -70.51 -3.52
C ILE MA 224 -36.22 -70.88 -4.81
N SER MA 225 -36.00 -70.10 -5.85
CA SER MA 225 -36.67 -70.28 -7.13
C SER MA 225 -35.68 -70.89 -8.12
N ILE MA 226 -35.88 -72.17 -8.44
CA ILE MA 226 -34.95 -72.88 -9.32
C ILE MA 226 -35.07 -72.29 -10.71
N GLY MA 227 -34.08 -71.50 -11.11
CA GLY MA 227 -33.98 -71.01 -12.47
C GLY MA 227 -32.95 -71.83 -13.24
N SER MA 228 -33.09 -71.78 -14.55
CA SER MA 228 -32.09 -72.31 -15.45
C SER MA 228 -31.37 -71.15 -16.09
N CYS MA 229 -30.08 -71.34 -16.35
CA CYS MA 229 -29.23 -70.27 -16.84
C CYS MA 229 -29.15 -69.12 -15.86
N GLY MA 230 -28.57 -69.39 -14.69
CA GLY MA 230 -28.35 -68.39 -13.69
C GLY MA 230 -29.59 -68.14 -12.86
N MET NA 1 -35.57 -56.08 19.24
CA MET NA 1 -35.87 -55.59 20.58
C MET NA 1 -36.73 -54.34 20.53
N TYR NA 2 -37.89 -54.39 21.18
CA TYR NA 2 -38.79 -53.26 21.27
C TYR NA 2 -38.30 -52.30 22.35
N PHE NA 3 -38.47 -51.01 22.10
CA PHE NA 3 -38.10 -50.00 23.09
C PHE NA 3 -39.22 -48.99 23.19
N PHE NA 4 -39.82 -48.89 24.37
CA PHE NA 4 -40.90 -47.95 24.59
C PHE NA 4 -40.51 -46.94 25.66
N SER NA 5 -40.95 -45.71 25.48
CA SER NA 5 -40.83 -44.68 26.49
C SER NA 5 -42.20 -44.41 27.07
N VAL NA 6 -42.29 -44.34 28.39
CA VAL NA 6 -43.56 -44.25 29.08
C VAL NA 6 -44.01 -42.81 29.15
N ASP NA 7 -45.31 -42.60 29.28
CA ASP NA 7 -45.83 -41.24 29.35
C ASP NA 7 -45.67 -40.69 30.76
N PRO NA 8 -45.21 -39.45 30.91
CA PRO NA 8 -44.62 -39.05 32.19
C PRO NA 8 -45.61 -38.51 33.22
N ARG NA 9 -46.91 -38.50 32.95
CA ARG NA 9 -47.93 -38.06 33.91
C ARG NA 9 -47.67 -36.62 34.36
N ASN NA 10 -47.57 -35.71 33.40
CA ASN NA 10 -47.43 -34.27 33.65
C ASN NA 10 -48.70 -33.49 33.42
N GLY NA 11 -49.69 -34.08 32.76
CA GLY NA 11 -50.74 -33.30 32.16
C GLY NA 11 -50.39 -32.83 30.78
N ALA NA 12 -49.44 -33.49 30.13
CA ALA NA 12 -48.95 -33.09 28.82
C ALA NA 12 -48.58 -34.31 27.99
N SER NA 13 -47.79 -34.10 26.93
CA SER NA 13 -47.39 -35.20 26.04
C SER NA 13 -46.46 -36.21 26.71
N SER NA 21 -54.00 -45.08 17.50
CA SER NA 21 -55.37 -44.64 17.66
C SER NA 21 -55.93 -45.10 19.00
N CYS NA 22 -55.53 -46.28 19.44
CA CYS NA 22 -55.98 -46.81 20.72
C CYS NA 22 -55.24 -46.21 21.89
N CYS NA 23 -55.64 -46.67 23.07
CA CYS NA 23 -54.99 -46.34 24.31
C CYS NA 23 -53.62 -46.99 24.43
N CYS NA 24 -53.56 -48.32 24.36
CA CYS NA 24 -52.34 -49.05 24.63
C CYS NA 24 -51.55 -49.24 23.35
N GLU NA 25 -50.24 -49.00 23.42
CA GLU NA 25 -49.38 -49.07 22.24
C GLU NA 25 -49.24 -50.51 21.76
N SER NA 26 -48.58 -50.67 20.63
CA SER NA 26 -48.65 -51.88 19.82
C SER NA 26 -47.33 -52.63 19.78
N ILE NA 27 -47.44 -53.96 19.74
CA ILE NA 27 -46.31 -54.86 19.64
C ILE NA 27 -46.68 -55.95 18.65
N SER NA 28 -45.95 -56.03 17.54
CA SER NA 28 -46.21 -57.09 16.58
C SER NA 28 -45.40 -58.33 16.93
N ALA NA 29 -46.00 -59.50 16.71
CA ALA NA 29 -45.38 -60.73 17.15
C ALA NA 29 -45.64 -61.82 16.12
N ARG NA 30 -44.70 -62.76 16.02
CA ARG NA 30 -44.76 -63.85 15.06
C ARG NA 30 -44.72 -65.18 15.80
N PRO NA 31 -45.57 -66.14 15.42
CA PRO NA 31 -45.66 -67.40 16.17
C PRO NA 31 -44.35 -68.16 16.20
N GLY NA 32 -43.88 -68.46 17.41
CA GLY NA 32 -42.63 -69.18 17.60
C GLY NA 32 -41.49 -68.33 18.12
N GLU NA 33 -41.56 -67.02 17.90
CA GLU NA 33 -40.51 -66.12 18.32
C GLU NA 33 -40.42 -66.03 19.84
N VAL NA 34 -39.30 -65.48 20.31
CA VAL NA 34 -39.11 -65.04 21.68
C VAL NA 34 -38.30 -63.76 21.61
N ASN NA 35 -38.95 -62.63 21.80
CA ASN NA 35 -38.32 -61.35 21.59
C ASN NA 35 -37.99 -60.69 22.93
N GLY NA 36 -37.48 -59.46 22.90
CA GLY NA 36 -37.17 -58.75 24.12
C GLY NA 36 -37.71 -57.33 24.10
N VAL NA 37 -38.24 -56.86 25.22
CA VAL NA 37 -38.89 -55.56 25.31
C VAL NA 37 -38.21 -54.73 26.38
N MET NA 38 -37.95 -53.47 26.07
CA MET NA 38 -37.36 -52.53 27.01
C MET NA 38 -38.28 -51.33 27.17
N VAL NA 39 -38.54 -50.95 28.43
CA VAL NA 39 -39.41 -49.82 28.74
C VAL NA 39 -38.61 -48.84 29.59
N SER NA 40 -38.59 -47.58 29.19
CA SER NA 40 -37.76 -46.56 29.83
C SER NA 40 -38.65 -45.67 30.69
N TYR NA 41 -38.66 -45.93 32.00
CA TYR NA 41 -39.43 -45.14 32.92
C TYR NA 41 -38.77 -43.83 33.31
N ALA NA 42 -37.71 -43.41 32.60
CA ALA NA 42 -36.96 -42.23 33.00
C ALA NA 42 -37.83 -40.99 33.04
N ALA NA 43 -38.73 -40.85 32.08
CA ALA NA 43 -39.54 -39.63 32.01
C ALA NA 43 -40.47 -39.49 33.21
N TRP NA 44 -40.84 -40.58 33.86
CA TRP NA 44 -41.78 -40.54 34.98
C TRP NA 44 -41.09 -40.62 36.33
N SER NA 45 -40.08 -41.46 36.46
CA SER NA 45 -39.48 -41.74 37.76
C SER NA 45 -38.25 -40.89 38.05
N ALA NA 46 -37.75 -40.11 37.09
CA ALA NA 46 -36.60 -39.27 37.39
C ALA NA 46 -36.99 -38.04 38.19
N PRO NA 47 -38.02 -37.27 37.83
CA PRO NA 47 -38.44 -36.17 38.69
C PRO NA 47 -38.76 -36.60 40.11
N LEU NA 48 -39.34 -37.78 40.30
CA LEU NA 48 -39.55 -38.31 41.65
C LEU NA 48 -38.20 -38.72 42.25
N ARG NA 49 -37.40 -37.71 42.58
CA ARG NA 49 -36.03 -38.00 43.00
C ARG NA 49 -36.04 -38.92 44.21
N GLY NA 50 -35.62 -40.15 44.01
CA GLY NA 50 -35.67 -41.16 45.04
C GLY NA 50 -34.72 -42.29 44.76
N HIS NA 51 -35.14 -43.52 45.01
CA HIS NA 51 -34.31 -44.68 44.76
C HIS NA 51 -34.73 -45.45 43.52
N GLY NA 52 -35.36 -44.77 42.57
CA GLY NA 52 -35.62 -45.38 41.28
C GLY NA 52 -36.63 -46.51 41.33
N LEU NA 53 -36.52 -47.42 40.38
CA LEU NA 53 -37.47 -48.51 40.24
C LEU NA 53 -37.14 -49.62 41.24
N THR NA 54 -38.09 -50.52 41.43
CA THR NA 54 -37.86 -51.73 42.22
C THR NA 54 -38.36 -52.94 41.44
N ASN NA 55 -37.93 -54.13 41.88
CA ASN NA 55 -38.31 -55.37 41.21
C ASN NA 55 -39.65 -55.89 41.74
N LYS NA 56 -40.66 -55.04 41.63
CA LYS NA 56 -42.02 -55.45 41.96
C LYS NA 56 -42.95 -55.14 40.79
N THR NA 57 -42.56 -55.57 39.60
CA THR NA 57 -43.42 -55.46 38.43
C THR NA 57 -44.40 -56.61 38.40
N THR NA 58 -45.59 -56.34 37.89
CA THR NA 58 -46.63 -57.35 37.75
C THR NA 58 -47.20 -57.27 36.35
N PHE NA 59 -47.37 -58.41 35.71
CA PHE NA 59 -47.87 -58.49 34.35
C PHE NA 59 -49.21 -59.21 34.32
N GLU NA 60 -50.00 -58.94 33.29
CA GLU NA 60 -51.25 -59.65 33.09
C GLU NA 60 -51.54 -59.72 31.60
N ILE NA 61 -51.92 -60.90 31.12
CA ILE NA 61 -52.25 -61.11 29.72
C ILE NA 61 -53.75 -61.38 29.64
N ASP NA 62 -54.41 -60.69 28.72
CA ASP NA 62 -55.81 -60.90 28.43
C ASP NA 62 -56.04 -60.78 26.94
N GLY NA 63 -56.92 -61.61 26.40
CA GLY NA 63 -57.17 -61.64 24.97
C GLY NA 63 -58.29 -60.68 24.60
N VAL NA 64 -58.06 -59.91 23.54
CA VAL NA 64 -59.08 -59.07 22.95
C VAL NA 64 -59.65 -59.69 21.67
N SER NA 65 -59.07 -60.79 21.21
CA SER NA 65 -59.49 -61.55 20.04
C SER NA 65 -58.71 -62.85 20.05
N VAL NA 66 -59.37 -64.01 20.07
CA VAL NA 66 -58.69 -65.26 20.37
C VAL NA 66 -58.79 -66.27 19.23
N THR NA 67 -59.95 -66.42 18.59
CA THR NA 67 -60.12 -67.42 17.55
C THR NA 67 -59.85 -68.81 18.12
N PRO NA 68 -60.80 -69.39 18.85
CA PRO NA 68 -60.55 -70.63 19.60
C PRO NA 68 -59.86 -71.68 18.76
N PRO NA 69 -58.97 -72.47 19.36
CA PRO NA 69 -58.20 -73.44 18.58
C PRO NA 69 -59.05 -74.60 18.12
N LYS NA 70 -58.62 -75.22 17.03
CA LYS NA 70 -59.34 -76.37 16.49
C LYS NA 70 -58.91 -77.68 17.14
N VAL NA 71 -57.61 -77.91 17.23
CA VAL NA 71 -57.06 -79.18 17.69
C VAL NA 71 -56.75 -79.05 19.17
N SER NA 72 -57.12 -80.06 19.95
CA SER NA 72 -56.84 -80.02 21.37
C SER NA 72 -55.39 -80.38 21.65
N ASN NA 73 -54.91 -79.96 22.82
CA ASN NA 73 -53.60 -80.40 23.28
C ASN NA 73 -53.75 -81.70 24.07
N ALA NA 74 -52.63 -82.25 24.51
CA ALA NA 74 -52.69 -83.55 25.17
C ALA NA 74 -51.52 -83.69 26.12
N PHE NA 75 -51.66 -84.63 27.04
CA PHE NA 75 -50.63 -84.91 28.04
C PHE NA 75 -50.41 -86.40 28.15
N GLY NA 76 -49.15 -86.81 28.17
CA GLY NA 76 -48.78 -88.20 28.36
C GLY NA 76 -47.77 -88.33 29.47
N ARG NA 77 -47.47 -89.60 29.81
CA ARG NA 77 -46.56 -89.86 30.90
C ARG NA 77 -45.82 -91.16 30.66
N THR NA 78 -44.55 -91.20 31.05
CA THR NA 78 -43.71 -92.38 30.87
C THR NA 78 -42.61 -92.35 31.92
N LYS NA 79 -42.08 -93.53 32.24
CA LYS NA 79 -40.95 -93.60 33.14
C LYS NA 79 -39.65 -93.39 32.35
N VAL NA 80 -38.54 -93.29 33.07
CA VAL NA 80 -37.26 -93.10 32.38
C VAL NA 80 -36.93 -94.31 31.53
N GLY NA 81 -36.38 -94.05 30.35
CA GLY NA 81 -35.86 -95.07 29.47
C GLY NA 81 -36.88 -95.87 28.69
N VAL NA 82 -38.11 -95.97 29.16
CA VAL NA 82 -39.12 -96.77 28.47
C VAL NA 82 -39.74 -95.95 27.35
N VAL NA 83 -39.87 -96.57 26.19
CA VAL NA 83 -40.40 -95.90 25.00
C VAL NA 83 -41.89 -95.64 25.20
N PHE NA 84 -42.35 -94.51 24.70
CA PHE NA 84 -43.72 -94.07 24.89
C PHE NA 84 -44.44 -94.03 23.55
N GLU NA 85 -45.66 -94.55 23.54
CA GLU NA 85 -46.55 -94.48 22.38
C GLU NA 85 -47.73 -93.59 22.72
N GLY NA 86 -48.43 -93.17 21.67
CA GLY NA 86 -49.62 -92.37 21.82
C GLY NA 86 -50.27 -92.17 20.48
N THR NA 87 -51.47 -91.62 20.50
CA THR NA 87 -52.23 -91.38 19.29
C THR NA 87 -52.31 -89.89 19.02
N LEU NA 88 -52.64 -89.56 17.77
CA LEU NA 88 -52.72 -88.16 17.37
C LEU NA 88 -53.98 -87.93 16.55
N SER NA 89 -55.05 -88.67 16.84
CA SER NA 89 -56.27 -88.57 16.05
C SER NA 89 -57.50 -88.19 16.87
N ASP NA 90 -57.51 -88.42 18.18
CA ASP NA 90 -58.59 -87.99 19.03
C ASP NA 90 -58.39 -86.55 19.49
N LEU NA 91 -57.40 -85.87 18.93
CA LEU NA 91 -57.09 -84.50 19.29
C LEU NA 91 -57.59 -83.51 18.25
N PHE NA 92 -58.34 -84.01 17.26
CA PHE NA 92 -58.86 -83.16 16.18
C PHE NA 92 -60.32 -83.50 15.96
N PRO NA 93 -61.19 -83.09 16.86
CA PRO NA 93 -62.62 -83.26 16.58
C PRO NA 93 -63.01 -82.39 15.41
N ASN NA 94 -63.31 -83.02 14.28
CA ASN NA 94 -63.62 -82.22 13.10
C ASN NA 94 -65.12 -82.05 12.94
N PRO NA 95 -65.59 -80.86 12.57
CA PRO NA 95 -67.00 -80.68 12.27
C PRO NA 95 -67.39 -81.37 10.97
N GLU NA 96 -66.60 -81.12 9.94
CA GLU NA 96 -66.91 -81.51 8.57
C GLU NA 96 -66.21 -82.80 8.17
N GLY NA 97 -66.31 -83.15 6.88
CA GLY NA 97 -65.59 -84.28 6.32
C GLY NA 97 -64.32 -83.89 5.60
N GLU NA 98 -63.20 -84.42 6.06
CA GLU NA 98 -61.90 -84.17 5.43
C GLU NA 98 -60.90 -85.16 5.99
N GLN NA 99 -59.71 -85.16 5.39
CA GLN NA 99 -58.61 -86.01 5.78
C GLN NA 99 -57.61 -85.26 6.65
N VAL NA 100 -56.79 -86.04 7.34
CA VAL NA 100 -55.96 -85.55 8.44
C VAL NA 100 -54.47 -85.73 8.15
N GLU NA 101 -53.84 -84.70 7.58
CA GLU NA 101 -52.42 -84.74 7.28
C GLU NA 101 -51.58 -84.45 8.51
N TYR NA 102 -51.46 -85.44 9.40
CA TYR NA 102 -50.64 -85.31 10.59
C TYR NA 102 -49.21 -84.90 10.24
N GLU NA 103 -48.67 -83.94 10.97
CA GLU NA 103 -47.35 -83.41 10.66
C GLU NA 103 -46.63 -82.99 11.93
N ILE NA 104 -45.33 -83.28 12.02
CA ILE NA 104 -44.49 -82.85 13.12
C ILE NA 104 -43.41 -81.94 12.52
N SER NA 105 -43.54 -80.64 12.75
CA SER NA 105 -42.60 -79.67 12.21
C SER NA 105 -41.23 -79.87 12.85
N GLU NA 106 -40.18 -79.86 12.03
CA GLU NA 106 -38.83 -80.00 12.54
C GLU NA 106 -38.35 -78.76 13.29
N LEU NA 107 -38.97 -77.62 13.09
CA LEU NA 107 -38.56 -76.43 13.83
C LEU NA 107 -38.98 -76.52 15.28
N ASN NA 108 -40.09 -77.20 15.56
CA ASN NA 108 -40.65 -77.29 16.90
C ASN NA 108 -40.76 -78.74 17.34
N GLY NA 109 -39.75 -79.55 17.04
CA GLY NA 109 -39.76 -80.93 17.46
C GLY NA 109 -39.46 -81.04 18.94
N PRO NA 110 -39.24 -82.27 19.41
CA PRO NA 110 -38.92 -82.45 20.84
C PRO NA 110 -37.53 -81.95 21.17
N SER NA 111 -37.16 -82.01 22.44
CA SER NA 111 -35.89 -81.46 22.89
C SER NA 111 -34.94 -82.50 23.45
N ASN NA 112 -35.46 -83.56 24.08
CA ASN NA 112 -34.63 -84.60 24.65
C ASN NA 112 -35.11 -85.98 24.23
N GLY NA 113 -35.69 -86.10 23.04
CA GLY NA 113 -36.19 -87.37 22.53
C GLY NA 113 -36.19 -87.39 21.02
N VAL NA 114 -36.96 -88.30 20.45
CA VAL NA 114 -37.17 -88.39 19.01
C VAL NA 114 -38.58 -88.91 18.80
N VAL NA 115 -39.24 -88.46 17.74
CA VAL NA 115 -40.59 -88.92 17.40
C VAL NA 115 -40.62 -89.38 15.95
N GLU NA 116 -41.12 -90.60 15.72
CA GLU NA 116 -41.28 -91.15 14.38
C GLU NA 116 -42.78 -91.11 14.08
N LEU NA 117 -43.23 -90.11 13.34
CA LEU NA 117 -44.65 -90.08 13.01
C LEU NA 117 -45.01 -91.24 12.10
N GLY NA 118 -46.05 -91.98 12.49
CA GLY NA 118 -46.50 -93.13 11.74
C GLY NA 118 -47.29 -92.72 10.51
N ALA NA 119 -47.94 -93.72 9.91
CA ALA NA 119 -48.77 -93.44 8.73
C ALA NA 119 -50.11 -92.84 9.12
N ASN NA 120 -50.68 -93.29 10.24
CA ASN NA 120 -52.00 -92.84 10.67
C ASN NA 120 -51.92 -92.38 12.13
N GLY NA 121 -51.78 -91.07 12.32
CA GLY NA 121 -51.90 -90.43 13.62
C GLY NA 121 -51.23 -91.11 14.78
N ALA NA 122 -50.18 -91.87 14.52
CA ALA NA 122 -49.45 -92.59 15.55
C ALA NA 122 -48.01 -92.10 15.58
N PHE NA 123 -47.39 -92.20 16.74
CA PHE NA 123 -46.05 -91.67 16.90
C PHE NA 123 -45.39 -92.32 18.10
N THR NA 124 -44.08 -92.48 18.03
CA THR NA 124 -43.30 -93.09 19.10
C THR NA 124 -42.28 -92.08 19.58
N TYR NA 125 -42.34 -91.76 20.86
CA TYR NA 125 -41.40 -90.83 21.49
C TYR NA 125 -40.45 -91.65 22.34
N THR NA 126 -39.27 -91.92 21.81
CA THR NA 126 -38.24 -92.60 22.57
C THR NA 126 -37.43 -91.57 23.35
N PRO NA 127 -37.61 -91.49 24.67
CA PRO NA 127 -36.92 -90.46 25.43
C PRO NA 127 -35.41 -90.66 25.40
N GLY NA 128 -34.69 -89.54 25.40
CA GLY NA 128 -33.24 -89.63 25.41
C GLY NA 128 -32.73 -90.36 26.65
N ALA NA 129 -31.79 -91.27 26.43
CA ALA NA 129 -31.27 -92.10 27.50
C ALA NA 129 -30.65 -91.24 28.60
N LEU NA 130 -30.84 -91.67 29.84
CA LEU NA 130 -30.37 -90.95 31.01
C LEU NA 130 -30.91 -89.52 31.04
N PHE NA 131 -32.24 -89.43 31.11
CA PHE NA 131 -32.91 -88.13 31.16
C PHE NA 131 -34.27 -88.30 31.80
N THR NA 132 -34.63 -87.40 32.71
CA THR NA 132 -35.94 -87.44 33.34
C THR NA 132 -36.40 -86.01 33.55
N GLY NA 133 -37.44 -85.61 32.84
CA GLY NA 133 -38.00 -84.28 32.98
C GLY NA 133 -39.30 -84.19 32.23
N VAL NA 134 -39.53 -83.03 31.62
CA VAL NA 134 -40.70 -82.80 30.79
C VAL NA 134 -40.22 -82.47 29.38
N ASP NA 135 -41.01 -82.87 28.39
CA ASP NA 135 -40.63 -82.64 27.00
C ASP NA 135 -41.88 -82.39 26.17
N ARG NA 136 -41.77 -81.46 25.23
CA ARG NA 136 -42.88 -81.05 24.39
C ARG NA 136 -42.52 -81.19 22.92
N PHE NA 137 -43.55 -81.25 22.08
CA PHE NA 137 -43.39 -81.10 20.65
C PHE NA 137 -44.72 -80.63 20.08
N TRP NA 138 -44.65 -79.92 18.97
CA TRP NA 138 -45.82 -79.26 18.40
C TRP NA 138 -46.18 -79.92 17.08
N PHE NA 139 -47.32 -80.59 17.06
CA PHE NA 139 -47.86 -81.20 15.86
C PHE NA 139 -48.78 -80.25 15.14
N SER NA 140 -49.08 -80.57 13.89
CA SER NA 140 -49.96 -79.75 13.05
C SER NA 140 -50.91 -80.67 12.29
N ILE NA 141 -52.07 -80.93 12.88
CA ILE NA 141 -53.09 -81.76 12.24
C ILE NA 141 -53.83 -80.88 11.24
N ASN NA 142 -53.43 -80.95 9.99
CA ASN NA 142 -54.13 -80.27 8.90
C ASN NA 142 -54.11 -78.76 9.10
N GLY NA 143 -52.91 -78.21 9.21
CA GLY NA 143 -52.74 -76.78 9.33
C GLY NA 143 -52.87 -76.24 10.74
N ASN NA 144 -53.77 -76.84 11.52
CA ASN NA 144 -54.00 -76.38 12.88
C ASN NA 144 -52.99 -76.99 13.83
N ILE NA 145 -52.39 -76.16 14.68
CA ILE NA 145 -51.26 -76.55 15.51
C ILE NA 145 -51.69 -76.68 16.95
N GLY NA 146 -51.17 -77.69 17.63
CA GLY NA 146 -51.33 -77.88 19.05
C GLY NA 146 -50.06 -78.46 19.59
N GLU NA 147 -50.01 -78.70 20.89
CA GLU NA 147 -48.81 -79.25 21.51
C GLU NA 147 -49.13 -80.53 22.28
N TYR NA 148 -48.15 -81.42 22.31
CA TYR NA 148 -48.22 -82.65 23.09
C TYR NA 148 -47.14 -82.60 24.14
N VAL NA 149 -47.51 -82.79 25.40
CA VAL NA 149 -46.59 -82.67 26.52
C VAL NA 149 -46.39 -84.05 27.12
N ILE NA 150 -45.14 -84.48 27.23
CA ILE NA 150 -44.78 -85.74 27.84
C ILE NA 150 -43.84 -85.46 29.00
N SER NA 151 -44.05 -86.17 30.10
CA SER NA 151 -43.23 -86.06 31.30
C SER NA 151 -42.61 -87.42 31.59
N VAL NA 152 -41.29 -87.48 31.65
CA VAL NA 152 -40.56 -88.72 31.88
C VAL NA 152 -40.10 -88.74 33.33
N ASP NA 153 -40.45 -89.81 34.04
CA ASP NA 153 -40.27 -89.96 35.47
C ASP NA 153 -38.96 -90.66 35.77
N PRO NA 154 -38.36 -90.41 36.96
CA PRO NA 154 -37.07 -91.05 37.26
C PRO NA 154 -37.23 -92.41 37.90
N THR NA 155 -38.20 -93.16 37.38
CA THR NA 155 -38.50 -94.55 37.69
C THR NA 155 -39.08 -94.76 39.08
N THR NA 156 -39.04 -93.75 39.95
CA THR NA 156 -39.56 -94.04 41.28
C THR NA 156 -41.07 -93.84 41.38
N SER NA 157 -41.53 -92.60 41.50
CA SER NA 157 -42.95 -92.42 41.75
C SER NA 157 -43.81 -92.07 40.56
N GLU NA 158 -43.85 -90.76 40.22
CA GLU NA 158 -44.70 -90.17 39.19
C GLU NA 158 -44.39 -88.68 39.13
N LEU NA 159 -44.26 -88.07 37.95
CA LEU NA 159 -44.05 -86.64 37.91
C LEU NA 159 -45.39 -85.87 37.88
N PRO NA 160 -45.39 -84.63 38.37
CA PRO NA 160 -46.59 -83.78 38.26
C PRO NA 160 -46.83 -83.29 36.84
N GLN NA 161 -47.77 -82.35 36.66
CA GLN NA 161 -48.34 -82.08 35.35
C GLN NA 161 -48.20 -80.58 35.03
N PRO NA 162 -47.43 -80.24 34.00
CA PRO NA 162 -47.12 -78.83 33.70
C PRO NA 162 -48.27 -78.13 33.01
N PRO NA 163 -48.29 -76.79 33.06
CA PRO NA 163 -49.53 -76.05 32.75
C PRO NA 163 -49.82 -75.70 31.30
N PHE NA 164 -49.28 -76.41 30.30
CA PHE NA 164 -49.76 -76.23 28.92
C PHE NA 164 -49.61 -74.81 28.38
N THR NA 165 -48.38 -74.42 28.05
CA THR NA 165 -48.04 -73.05 27.64
C THR NA 165 -49.11 -72.37 26.80
N THR NA 166 -49.36 -71.10 27.13
CA THR NA 166 -50.39 -70.29 26.50
C THR NA 166 -49.86 -69.67 25.21
N PRO NA 167 -50.74 -69.09 24.38
CA PRO NA 167 -50.28 -68.47 23.13
C PRO NA 167 -49.23 -67.40 23.32
N VAL NA 168 -49.53 -66.39 24.14
CA VAL NA 168 -48.57 -65.35 24.47
C VAL NA 168 -48.30 -65.40 25.96
N TYR NA 169 -47.03 -65.31 26.34
CA TYR NA 169 -46.66 -65.42 27.73
C TYR NA 169 -45.48 -64.50 28.01
N VAL NA 170 -45.23 -64.27 29.29
CA VAL NA 170 -44.08 -63.49 29.75
C VAL NA 170 -43.31 -64.37 30.72
N PRO NA 171 -42.14 -64.87 30.33
CA PRO NA 171 -41.41 -65.84 31.16
C PRO NA 171 -41.35 -65.50 32.64
N ALA NA 172 -41.51 -66.52 33.47
CA ALA NA 172 -41.63 -66.41 34.92
C ALA NA 172 -40.62 -65.45 35.53
N ALA NA 173 -39.33 -65.70 35.32
CA ALA NA 173 -38.35 -64.81 35.90
C ALA NA 173 -37.20 -64.55 34.95
N ARG NA 174 -37.37 -63.56 34.09
CA ARG NA 174 -36.35 -63.07 33.19
C ARG NA 174 -36.43 -61.55 33.09
N ARG NA 175 -37.06 -60.94 34.08
CA ARG NA 175 -37.37 -59.53 34.11
C ARG NA 175 -36.34 -58.83 34.98
N SER NA 176 -36.04 -57.59 34.67
CA SER NA 176 -35.14 -56.87 35.55
C SER NA 176 -35.26 -55.39 35.31
N VAL NA 177 -34.72 -54.63 36.25
CA VAL NA 177 -34.80 -53.18 36.27
C VAL NA 177 -33.46 -52.65 36.75
N ASP NA 178 -32.91 -51.68 36.02
CA ASP NA 178 -31.68 -51.02 36.44
C ASP NA 178 -32.06 -49.69 37.08
N PRO NA 179 -32.03 -49.56 38.40
CA PRO NA 179 -32.46 -48.30 39.02
C PRO NA 179 -31.58 -47.13 38.66
N ARG NA 180 -30.46 -47.38 38.01
CA ARG NA 180 -29.45 -46.41 37.63
C ARG NA 180 -29.85 -45.61 36.39
N THR NA 181 -30.73 -46.16 35.54
CA THR NA 181 -31.17 -45.47 34.34
C THR NA 181 -32.67 -45.65 34.10
N HIS NA 182 -33.40 -46.25 35.04
CA HIS NA 182 -34.85 -46.37 34.99
C HIS NA 182 -35.30 -47.09 33.71
N VAL NA 183 -34.88 -48.34 33.59
CA VAL NA 183 -35.21 -49.13 32.41
C VAL NA 183 -35.63 -50.52 32.86
N LEU NA 184 -36.80 -50.96 32.40
CA LEU NA 184 -37.33 -52.28 32.70
C LEU NA 184 -37.14 -53.17 31.49
N LYS NA 185 -36.60 -54.37 31.72
CA LYS NA 185 -36.40 -55.36 30.67
C LYS NA 185 -37.26 -56.57 30.96
N PHE NA 186 -37.94 -57.08 29.94
CA PHE NA 186 -38.65 -58.34 30.09
C PHE NA 186 -38.73 -59.01 28.73
N VAL NA 187 -39.00 -60.29 28.76
CA VAL NA 187 -39.04 -61.11 27.56
C VAL NA 187 -40.48 -61.39 27.20
N LEU NA 188 -40.77 -61.46 25.92
CA LEU NA 188 -42.13 -61.72 25.43
C LEU NA 188 -42.06 -62.87 24.44
N GLY NA 189 -42.63 -64.00 24.79
CA GLY NA 189 -42.58 -65.19 23.96
C GLY NA 189 -43.94 -65.53 23.39
N VAL NA 190 -43.95 -65.99 22.15
CA VAL NA 190 -45.17 -66.35 21.43
C VAL NA 190 -45.12 -67.83 21.11
N SER NA 191 -46.15 -68.58 21.52
CA SER NA 191 -46.17 -69.99 21.27
C SER NA 191 -46.33 -70.24 19.78
N PRO NA 192 -45.93 -71.42 19.28
CA PRO NA 192 -46.15 -71.73 17.87
C PRO NA 192 -47.60 -71.94 17.51
N ALA NA 193 -48.49 -72.04 18.49
CA ALA NA 193 -49.90 -72.28 18.24
C ALA NA 193 -50.72 -71.01 18.22
N ALA NA 194 -50.09 -69.85 18.37
CA ALA NA 194 -50.82 -68.60 18.27
C ALA NA 194 -51.34 -68.41 16.86
N ILE NA 195 -52.61 -68.03 16.75
CA ILE NA 195 -53.24 -67.93 15.43
C ILE NA 195 -53.05 -66.52 14.90
N PRO NA 196 -52.57 -66.34 13.68
CA PRO NA 196 -52.34 -65.00 13.16
C PRO NA 196 -53.63 -64.20 13.08
N GLY NA 197 -53.52 -62.91 13.38
CA GLY NA 197 -54.66 -62.03 13.40
C GLY NA 197 -55.22 -61.74 14.78
N ASP NA 198 -54.90 -62.56 15.77
CA ASP NA 198 -55.38 -62.34 17.12
C ASP NA 198 -54.72 -61.12 17.74
N VAL NA 199 -55.31 -60.64 18.84
CA VAL NA 199 -54.80 -59.52 19.59
C VAL NA 199 -54.88 -59.86 21.07
N TYR NA 200 -53.79 -59.66 21.78
CA TYR NA 200 -53.76 -59.81 23.23
C TYR NA 200 -53.34 -58.49 23.86
N ARG NA 201 -53.60 -58.35 25.15
CA ARG NA 201 -53.32 -57.12 25.87
C ARG NA 201 -52.47 -57.44 27.10
N LEU NA 202 -51.34 -56.75 27.22
CA LEU NA 202 -50.43 -56.92 28.34
C LEU NA 202 -50.48 -55.66 29.18
N THR NA 203 -50.75 -55.81 30.47
CA THR NA 203 -50.77 -54.70 31.41
C THR NA 203 -49.60 -54.82 32.38
N VAL NA 204 -48.85 -53.75 32.53
CA VAL NA 204 -47.64 -53.71 33.35
C VAL NA 204 -47.85 -52.72 34.48
N ARG NA 205 -47.66 -53.19 35.71
CA ARG NA 205 -47.78 -52.35 36.90
C ARG NA 205 -46.42 -52.25 37.57
N GLN NA 206 -45.78 -51.10 37.44
CA GLN NA 206 -44.42 -50.90 37.91
C GLN NA 206 -44.42 -49.90 39.05
N VAL NA 207 -43.65 -50.20 40.11
CA VAL NA 207 -43.58 -49.36 41.28
C VAL NA 207 -42.21 -48.68 41.31
N ALA NA 208 -42.21 -47.37 41.48
CA ALA NA 208 -41.02 -46.67 41.86
C ALA NA 208 -40.99 -46.64 43.39
N ILE NA 209 -40.06 -45.87 43.96
CA ILE NA 209 -39.93 -45.86 45.40
C ILE NA 209 -39.34 -44.52 45.80
N ASP NA 210 -39.85 -43.95 46.88
CA ASP NA 210 -39.32 -42.68 47.36
C ASP NA 210 -38.25 -42.95 48.41
N CYS NA 211 -37.56 -41.89 48.78
CA CYS NA 211 -36.24 -42.06 49.37
C CYS NA 211 -36.36 -42.61 50.80
N ASP NA 212 -37.57 -42.59 51.37
CA ASP NA 212 -37.92 -43.30 52.59
C ASP NA 212 -38.50 -44.68 52.36
N GLY NA 213 -38.68 -45.11 51.12
CA GLY NA 213 -39.18 -46.43 50.85
C GLY NA 213 -40.66 -46.58 50.60
N ASN NA 214 -41.39 -45.47 50.42
CA ASN NA 214 -42.80 -45.56 50.09
C ASN NA 214 -42.94 -45.81 48.59
N GLU NA 215 -44.16 -45.76 48.06
CA GLU NA 215 -44.39 -46.37 46.75
C GLU NA 215 -45.03 -45.38 45.80
N PHE NA 216 -44.67 -45.51 44.52
CA PHE NA 216 -45.29 -44.78 43.43
C PHE NA 216 -45.62 -45.77 42.34
N VAL NA 217 -46.89 -45.99 42.08
CA VAL NA 217 -47.33 -46.99 41.12
C VAL NA 217 -47.56 -46.35 39.76
N HIS NA 218 -47.37 -47.15 38.71
CA HIS NA 218 -47.54 -46.71 37.33
C HIS NA 218 -48.08 -47.86 36.52
N ILE NA 219 -49.12 -47.62 35.73
CA ILE NA 219 -49.78 -48.67 34.97
C ILE NA 219 -49.86 -48.27 33.50
N SER NA 220 -49.57 -49.21 32.61
CA SER NA 220 -49.70 -49.02 31.17
C SER NA 220 -50.05 -50.35 30.53
N CYS NA 221 -50.43 -50.32 29.26
CA CYS NA 221 -50.75 -51.55 28.55
C CYS NA 221 -50.02 -51.58 27.23
N TYR NA 222 -49.96 -52.78 26.64
CA TYR NA 222 -49.47 -52.96 25.28
C TYR NA 222 -50.36 -53.97 24.58
N ASP NA 223 -50.61 -53.72 23.30
CA ASP NA 223 -51.50 -54.55 22.49
C ASP NA 223 -50.65 -55.42 21.58
N ILE NA 224 -50.55 -56.69 21.90
CA ILE NA 224 -49.75 -57.64 21.15
C ILE NA 224 -50.63 -58.25 20.07
N SER NA 225 -50.33 -57.94 18.81
CA SER NA 225 -51.13 -58.38 17.68
C SER NA 225 -50.38 -59.50 16.96
N ILE NA 226 -50.86 -60.73 17.09
CA ILE NA 226 -50.18 -61.87 16.52
C ILE NA 226 -50.28 -61.78 15.00
N GLY NA 227 -49.18 -61.41 14.35
CA GLY NA 227 -49.09 -61.45 12.91
C GLY NA 227 -48.33 -62.69 12.47
N SER NA 228 -48.56 -63.05 11.21
CA SER NA 228 -47.77 -64.07 10.55
C SER NA 228 -46.87 -63.38 9.55
N CYS NA 229 -45.68 -63.94 9.37
CA CYS NA 229 -44.66 -63.32 8.55
C CYS NA 229 -44.26 -61.95 9.06
N GLY NA 230 -43.66 -61.94 10.25
CA GLY NA 230 -43.15 -60.73 10.84
C GLY NA 230 -44.24 -59.95 11.53
N MET OA 1 -44.94 -36.79 37.52
CA MET OA 1 -45.02 -35.82 38.60
C MET OA 1 -45.60 -34.50 38.13
N TYR OA 2 -46.68 -34.07 38.76
CA TYR OA 2 -47.31 -32.80 38.46
C TYR OA 2 -46.55 -31.68 39.14
N PHE OA 3 -46.46 -30.54 38.46
CA PHE OA 3 -45.81 -29.37 39.03
C PHE OA 3 -46.68 -28.16 38.78
N PHE OA 4 -47.15 -27.54 39.86
CA PHE OA 4 -47.99 -26.35 39.75
C PHE OA 4 -47.30 -25.16 40.40
N SER OA 5 -47.49 -24.00 39.81
CA SER OA 5 -47.07 -22.74 40.40
C SER OA 5 -48.31 -21.99 40.86
N VAL OA 6 -48.26 -21.46 42.06
CA VAL OA 6 -49.43 -20.87 42.69
C VAL OA 6 -49.56 -19.42 42.25
N ASP OA 7 -50.78 -18.89 42.31
CA ASP OA 7 -50.99 -17.50 41.91
C ASP OA 7 -50.60 -16.56 43.04
N PRO OA 8 -49.88 -15.49 42.76
CA PRO OA 8 -49.12 -14.82 43.82
C PRO OA 8 -49.88 -13.76 44.60
N ARG OA 9 -51.17 -13.54 44.34
CA ARG OA 9 -51.99 -12.59 45.09
C ARG OA 9 -51.41 -11.18 45.03
N ASN OA 10 -51.18 -10.69 43.80
CA ASN OA 10 -50.73 -9.33 43.54
C ASN OA 10 -51.82 -8.40 43.05
N GLY OA 11 -52.97 -8.94 42.66
CA GLY OA 11 -53.87 -8.18 41.82
C GLY OA 11 -53.54 -8.31 40.35
N ALA OA 12 -52.80 -9.34 39.97
CA ALA OA 12 -52.35 -9.53 38.60
C ALA OA 12 -52.31 -11.01 38.24
N SER OA 13 -51.59 -11.36 37.18
CA SER OA 13 -51.50 -12.73 36.72
C SER OA 13 -50.75 -13.65 37.69
N SER OA 21 -60.71 -23.15 32.13
CA SER OA 21 -61.95 -22.39 32.14
C SER OA 21 -62.48 -22.22 33.55
N CYS OA 22 -62.31 -23.26 34.38
CA CYS OA 22 -62.74 -23.21 35.76
C CYS OA 22 -61.80 -22.43 36.65
N CYS OA 23 -62.20 -22.37 37.92
CA CYS OA 23 -61.40 -21.79 38.97
C CYS OA 23 -60.19 -22.65 39.31
N CYS OA 24 -60.41 -23.90 39.68
CA CYS OA 24 -59.36 -24.76 40.20
C CYS OA 24 -58.73 -25.54 39.05
N GLU OA 25 -57.40 -25.60 39.04
CA GLU OA 25 -56.67 -26.25 37.95
C GLU OA 25 -56.88 -27.76 38.00
N SER OA 26 -56.36 -28.44 36.98
CA SER OA 26 -56.75 -29.80 36.64
C SER OA 26 -55.63 -30.79 36.87
N ILE OA 27 -56.01 -31.99 37.29
CA ILE OA 27 -55.11 -33.11 37.50
C ILE OA 27 -55.78 -34.36 36.95
N SER OA 28 -55.18 -34.97 35.94
CA SER OA 28 -55.73 -36.20 35.40
C SER OA 28 -55.18 -37.40 36.16
N ALA OA 29 -56.02 -38.41 36.35
CA ALA OA 29 -55.65 -39.53 37.19
C ALA OA 29 -56.22 -40.81 36.61
N ARG OA 30 -55.50 -41.92 36.83
CA ARG OA 30 -55.86 -43.22 36.30
C ARG OA 30 -56.05 -44.20 37.45
N PRO OA 31 -57.11 -45.01 37.43
CA PRO OA 31 -57.40 -45.88 38.57
C PRO OA 31 -56.29 -46.87 38.87
N GLY OA 32 -55.79 -46.85 40.09
CA GLY OA 32 -54.71 -47.72 40.52
C GLY OA 32 -53.38 -47.03 40.71
N GLU OA 33 -53.19 -45.88 40.06
CA GLU OA 33 -51.94 -45.16 40.14
C GLU OA 33 -51.71 -44.58 41.53
N VAL OA 34 -50.47 -44.19 41.77
CA VAL OA 34 -50.09 -43.37 42.91
C VAL OA 34 -49.03 -42.40 42.40
N ASN OA 35 -49.40 -41.15 42.19
CA ASN OA 35 -48.54 -40.19 41.55
C ASN OA 35 -47.97 -39.22 42.58
N GLY OA 36 -47.22 -38.22 42.13
CA GLY OA 36 -46.67 -37.22 43.02
C GLY OA 36 -46.89 -35.82 42.51
N VAL OA 37 -47.22 -34.89 43.40
CA VAL OA 37 -47.57 -33.54 43.04
C VAL OA 37 -46.65 -32.56 43.76
N MET OA 38 -46.15 -31.57 43.03
CA MET OA 38 -45.31 -30.52 43.58
C MET OA 38 -45.93 -29.16 43.33
N VAL OA 39 -46.01 -28.34 44.37
CA VAL OA 39 -46.59 -27.00 44.28
C VAL OA 39 -45.54 -26.01 44.75
N SER OA 40 -45.28 -25.00 43.93
CA SER OA 40 -44.21 -24.03 44.17
C SER OA 40 -44.82 -22.73 44.68
N TYR OA 41 -44.77 -22.53 45.99
CA TYR OA 41 -45.29 -21.31 46.59
C TYR OA 41 -44.33 -20.14 46.50
N ALA OA 42 -43.28 -20.24 45.69
CA ALA OA 42 -42.27 -19.19 45.65
C ALA OA 42 -42.84 -17.85 45.27
N ALA OA 43 -43.77 -17.83 44.32
CA ALA OA 43 -44.31 -16.56 43.83
C ALA OA 43 -45.09 -15.81 44.91
N TRP OA 44 -45.62 -16.51 45.90
CA TRP OA 44 -46.44 -15.88 46.94
C TRP OA 44 -45.68 -15.66 48.24
N SER OA 45 -44.86 -16.62 48.64
CA SER OA 45 -44.22 -16.57 49.95
C SER OA 45 -42.83 -15.98 49.94
N ALA OA 46 -42.26 -15.69 48.76
CA ALA OA 46 -40.93 -15.10 48.74
C ALA OA 46 -40.99 -13.60 49.08
N PRO OA 47 -41.86 -12.80 48.47
CA PRO OA 47 -41.97 -11.40 48.91
C PRO OA 47 -42.25 -11.24 50.39
N LEU OA 48 -43.05 -12.13 50.98
CA LEU OA 48 -43.26 -12.11 52.42
C LEU OA 48 -41.99 -12.59 53.12
N ARG OA 49 -40.96 -11.74 53.08
CA ARG OA 49 -39.66 -12.16 53.57
C ARG OA 49 -39.77 -12.60 55.02
N GLY OA 50 -39.63 -13.90 55.26
CA GLY OA 50 -39.81 -14.45 56.58
C GLY OA 50 -39.14 -15.80 56.70
N HIS OA 51 -39.79 -16.74 57.37
CA HIS OA 51 -39.25 -18.08 57.53
C HIS OA 51 -39.92 -19.10 56.63
N GLY OA 52 -40.47 -18.67 55.50
CA GLY OA 52 -40.96 -19.59 54.51
C GLY OA 52 -42.18 -20.38 54.95
N LEU OA 53 -42.33 -21.56 54.37
CA LEU OA 53 -43.50 -22.38 54.62
C LEU OA 53 -43.34 -23.13 55.94
N THR OA 54 -44.44 -23.69 56.43
CA THR OA 54 -44.41 -24.58 57.59
C THR OA 54 -45.20 -25.83 57.27
N ASN OA 55 -45.01 -26.86 58.09
CA ASN OA 55 -45.69 -28.14 57.90
C ASN OA 55 -47.06 -28.13 58.57
N LYS OA 56 -47.88 -27.17 58.19
CA LYS OA 56 -49.26 -27.12 58.63
C LYS OA 56 -50.19 -27.03 57.44
N THR OA 57 -50.00 -27.90 56.47
CA THR OA 57 -50.91 -28.01 55.34
C THR OA 57 -52.12 -28.84 55.71
N THR OA 58 -53.26 -28.50 55.14
CA THR OA 58 -54.49 -29.23 55.35
C THR OA 58 -55.14 -29.50 54.01
N PHE OA 59 -55.61 -30.72 53.81
CA PHE OA 59 -56.22 -31.14 52.56
C PHE OA 59 -57.67 -31.51 52.79
N GLU OA 60 -58.46 -31.42 51.73
CA GLU OA 60 -59.85 -31.86 51.79
C GLU OA 60 -60.28 -32.35 50.43
N ILE OA 61 -60.92 -33.52 50.38
CA ILE OA 61 -61.41 -34.09 49.14
C ILE OA 61 -62.92 -34.04 49.15
N ASP OA 62 -63.50 -33.57 48.06
CA ASP OA 62 -64.94 -33.54 47.87
C ASP OA 62 -65.25 -33.88 46.42
N GLY OA 63 -66.33 -34.62 46.21
CA GLY OA 63 -66.69 -35.06 44.88
C GLY OA 63 -67.61 -34.06 44.20
N VAL OA 64 -67.31 -33.76 42.93
CA VAL OA 64 -68.18 -32.97 42.10
C VAL OA 64 -68.96 -33.83 41.11
N SER OA 65 -68.66 -35.13 41.06
CA SER OA 65 -69.33 -36.11 40.22
C SER OA 65 -68.84 -37.48 40.67
N VAL OA 66 -69.73 -38.39 41.10
CA VAL OA 66 -69.31 -39.58 41.81
C VAL OA 66 -69.71 -40.86 41.10
N THR OA 67 -70.92 -40.95 40.55
CA THR OA 67 -71.38 -42.19 39.91
C THR OA 67 -71.37 -43.33 40.93
N PRO OA 68 -72.36 -43.39 41.82
CA PRO OA 68 -72.31 -44.32 42.96
C PRO OA 68 -71.94 -45.73 42.53
N PRO OA 69 -71.18 -46.45 43.35
CA PRO OA 69 -70.70 -47.78 42.95
C PRO OA 69 -71.82 -48.79 42.93
N LYS OA 70 -71.62 -49.84 42.12
CA LYS OA 70 -72.59 -50.90 42.01
C LYS OA 70 -72.40 -51.97 43.07
N VAL OA 71 -71.17 -52.45 43.23
CA VAL OA 71 -70.87 -53.58 44.10
C VAL OA 71 -70.42 -53.03 45.44
N SER OA 72 -70.93 -53.61 46.52
CA SER OA 72 -70.54 -53.16 47.84
C SER OA 72 -69.18 -53.72 48.23
N ASN OA 73 -68.53 -53.06 49.17
CA ASN OA 73 -67.31 -53.59 49.75
C ASN OA 73 -67.66 -54.48 50.94
N ALA OA 74 -66.66 -55.10 51.55
CA ALA OA 74 -66.93 -56.06 52.61
C ALA OA 74 -65.75 -56.13 53.55
N PHE OA 75 -66.01 -56.64 54.75
CA PHE OA 75 -64.98 -56.79 55.77
C PHE OA 75 -65.08 -58.17 56.39
N GLY OA 76 -63.93 -58.83 56.55
CA GLY OA 76 -63.85 -60.11 57.20
C GLY OA 76 -62.81 -60.09 58.30
N ARG OA 77 -62.75 -61.19 59.04
CA ARG OA 77 -61.83 -61.27 60.16
C ARG OA 77 -61.41 -62.73 60.38
N THR OA 78 -60.15 -62.91 60.75
CA THR OA 78 -59.60 -64.24 60.99
C THR OA 78 -58.44 -64.11 61.96
N LYS OA 79 -58.14 -65.19 62.67
CA LYS OA 79 -56.98 -65.22 63.53
C LYS OA 79 -55.73 -65.58 62.71
N VAL OA 80 -54.57 -65.50 63.35
CA VAL OA 80 -53.34 -65.85 62.64
C VAL OA 80 -53.35 -67.32 62.26
N GLY OA 81 -52.85 -67.59 61.06
CA GLY OA 81 -52.63 -68.94 60.59
C GLY OA 81 -53.85 -69.70 60.14
N VAL OA 82 -55.03 -69.35 60.61
CA VAL OA 82 -56.24 -70.09 60.24
C VAL OA 82 -56.77 -69.58 58.91
N VAL OA 83 -57.11 -70.51 58.03
CA VAL OA 83 -57.58 -70.18 56.68
C VAL OA 83 -58.96 -69.53 56.79
N PHE OA 84 -59.21 -68.56 55.93
CA PHE OA 84 -60.44 -67.79 55.97
C PHE OA 84 -61.24 -68.04 54.70
N GLU OA 85 -62.55 -68.25 54.86
CA GLU OA 85 -63.49 -68.37 53.76
C GLU OA 85 -64.42 -67.17 53.77
N GLY OA 86 -65.10 -66.99 52.64
CA GLY OA 86 -66.08 -65.93 52.50
C GLY OA 86 -66.77 -66.05 51.18
N THR OA 87 -67.83 -65.27 51.02
CA THR OA 87 -68.61 -65.29 49.80
C THR OA 87 -68.40 -64.00 49.03
N LEU OA 88 -68.76 -64.04 47.75
CA LEU OA 88 -68.56 -62.88 46.89
C LEU OA 88 -69.81 -62.66 46.04
N SER OA 89 -70.99 -63.00 46.57
CA SER OA 89 -72.22 -62.89 45.81
C SER OA 89 -73.27 -61.99 46.44
N ASP OA 90 -73.21 -61.76 47.74
CA ASP OA 90 -74.11 -60.84 48.40
C ASP OA 90 -73.59 -59.42 48.34
N LEU OA 91 -72.52 -59.20 47.57
CA LEU OA 91 -71.89 -57.90 47.44
C LEU OA 91 -72.26 -57.23 46.12
N PHE OA 92 -73.17 -57.84 45.36
CA PHE OA 92 -73.58 -57.32 44.06
C PHE OA 92 -75.09 -57.38 43.97
N PRO OA 93 -75.79 -56.50 44.67
CA PRO OA 93 -77.24 -56.42 44.49
C PRO OA 93 -77.53 -55.94 43.08
N ASN OA 94 -78.04 -56.82 42.24
CA ASN OA 94 -78.27 -56.43 40.86
C ASN OA 94 -79.71 -55.99 40.65
N PRO OA 95 -79.94 -54.92 39.89
CA PRO OA 95 -81.31 -54.52 39.55
C PRO OA 95 -81.94 -55.50 38.58
N GLU OA 96 -81.19 -55.80 37.52
CA GLU OA 96 -81.69 -56.55 36.37
C GLU OA 96 -81.32 -58.02 36.43
N GLY OA 97 -81.59 -58.74 35.34
CA GLY OA 97 -81.17 -60.13 35.21
C GLY OA 97 -79.91 -60.31 34.40
N GLU OA 98 -78.89 -60.90 35.01
CA GLU OA 98 -77.63 -61.16 34.34
C GLU OA 98 -76.81 -62.10 35.19
N GLN OA 99 -75.71 -62.58 34.62
CA GLN OA 99 -74.79 -63.48 35.29
C GLN OA 99 -73.58 -62.72 35.84
N VAL OA 100 -72.88 -63.38 36.75
CA VAL OA 100 -71.89 -62.75 37.61
C VAL OA 100 -70.50 -63.36 37.40
N GLU OA 101 -69.71 -62.75 36.51
CA GLU OA 101 -68.36 -63.20 36.24
C GLU OA 101 -67.39 -62.72 37.29
N TYR OA 102 -67.41 -63.35 38.46
CA TYR OA 102 -66.48 -63.01 39.53
C TYR OA 102 -65.04 -63.09 39.06
N GLU OA 103 -64.24 -62.08 39.41
CA GLU OA 103 -62.87 -62.01 38.93
C GLU OA 103 -61.97 -61.35 39.98
N ILE OA 104 -60.77 -61.88 40.16
CA ILE OA 104 -59.77 -61.31 41.04
C ILE OA 104 -58.58 -60.92 40.17
N SER OA 105 -58.42 -59.62 39.94
CA SER OA 105 -57.33 -59.13 39.09
C SER OA 105 -55.99 -59.41 39.75
N GLU OA 106 -55.03 -59.91 38.98
CA GLU OA 106 -53.70 -60.17 39.50
C GLU OA 106 -52.91 -58.91 39.78
N LEU OA 107 -53.30 -57.78 39.20
CA LEU OA 107 -52.59 -56.53 39.48
C LEU OA 107 -52.90 -56.04 40.87
N ASN OA 108 -54.09 -56.32 41.37
CA ASN OA 108 -54.55 -55.83 42.66
C ASN OA 108 -54.94 -56.98 43.58
N GLY OA 109 -54.14 -58.04 43.57
CA GLY OA 109 -54.40 -59.16 44.43
C GLY OA 109 -54.03 -58.84 45.87
N PRO OA 110 -54.02 -59.84 46.73
CA PRO OA 110 -53.64 -59.61 48.13
C PRO OA 110 -52.16 -59.36 48.27
N SER OA 111 -51.70 -59.06 49.48
CA SER OA 111 -50.31 -58.70 49.71
C SER OA 111 -49.57 -59.68 50.60
N ASN OA 112 -50.24 -60.31 51.55
CA ASN OA 112 -49.61 -61.28 52.44
C ASN OA 112 -50.41 -62.57 52.53
N GLY OA 113 -51.08 -62.93 51.45
CA GLY OA 113 -51.88 -64.15 51.42
C GLY OA 113 -52.01 -64.68 50.00
N VAL OA 114 -53.00 -65.53 49.79
CA VAL OA 114 -53.34 -66.05 48.47
C VAL OA 114 -54.84 -66.28 48.45
N VAL OA 115 -55.47 -66.07 47.30
CA VAL OA 115 -56.90 -66.30 47.14
C VAL OA 115 -57.15 -67.21 45.94
N GLU OA 116 -57.92 -68.28 46.15
CA GLU OA 116 -58.29 -69.20 45.08
C GLU OA 116 -59.77 -68.93 44.80
N LEU OA 117 -60.05 -68.17 43.75
CA LEU OA 117 -61.45 -67.92 43.42
C LEU OA 117 -62.13 -69.21 42.99
N GLY OA 118 -63.26 -69.51 43.60
CA GLY OA 118 -64.01 -70.72 43.30
C GLY OA 118 -64.79 -70.58 42.01
N ALA OA 119 -65.68 -71.54 41.79
CA ALA OA 119 -66.53 -71.50 40.60
C ALA OA 119 -67.68 -70.52 40.76
N ASN OA 120 -68.23 -70.42 41.96
CA ASN OA 120 -69.39 -69.57 42.21
C ASN OA 120 -69.10 -68.68 43.41
N GLY OA 121 -68.67 -67.45 43.15
CA GLY OA 121 -68.55 -66.40 44.15
C GLY OA 121 -67.94 -66.78 45.48
N ALA OA 122 -67.11 -67.81 45.49
CA ALA OA 122 -66.46 -68.27 46.70
C ALA OA 122 -64.95 -68.15 46.55
N PHE OA 123 -64.27 -67.99 47.68
CA PHE OA 123 -62.84 -67.75 47.64
C PHE OA 123 -62.25 -68.09 48.99
N THR OA 124 -61.01 -68.56 48.98
CA THR OA 124 -60.29 -68.94 50.18
C THR OA 124 -59.04 -68.08 50.29
N TYR OA 125 -58.94 -67.34 51.38
CA TYR OA 125 -57.78 -66.50 51.65
C TYR OA 125 -56.95 -67.17 52.73
N THR OA 126 -55.90 -67.86 52.32
CA THR OA 126 -54.97 -68.46 53.26
C THR OA 126 -53.91 -67.44 53.64
N PRO OA 127 -53.96 -66.88 54.84
CA PRO OA 127 -53.01 -65.83 55.20
C PRO OA 127 -51.58 -66.38 55.24
N GLY OA 128 -50.64 -65.53 54.84
CA GLY OA 128 -49.25 -65.92 54.89
C GLY OA 128 -48.81 -66.29 56.29
N ALA OA 129 -48.10 -67.41 56.41
CA ALA OA 129 -47.69 -67.92 57.69
C ALA OA 129 -46.82 -66.91 58.43
N LEU OA 130 -46.99 -66.84 59.74
CA LEU OA 130 -46.29 -65.89 60.60
C LEU OA 130 -46.51 -64.45 60.13
N PHE OA 131 -47.78 -64.04 60.16
CA PHE OA 131 -48.15 -62.70 59.77
C PHE OA 131 -49.46 -62.33 60.43
N THR OA 132 -49.54 -61.12 60.97
CA THR OA 132 -50.79 -60.65 61.58
C THR OA 132 -50.92 -59.17 61.29
N GLY OA 133 -51.90 -58.81 60.48
CA GLY OA 133 -52.15 -57.41 60.15
C GLY OA 133 -53.45 -57.29 59.42
N VAL OA 134 -53.49 -56.38 58.45
CA VAL OA 134 -54.64 -56.19 57.59
C VAL OA 134 -54.22 -56.47 56.16
N ASP OA 135 -55.15 -56.98 55.36
CA ASP OA 135 -54.85 -57.33 53.99
C ASP OA 135 -56.08 -57.09 53.13
N ARG OA 136 -55.85 -56.58 51.92
CA ARG OA 136 -56.92 -56.24 51.00
C ARG OA 136 -56.71 -56.95 49.67
N PHE OA 137 -57.80 -57.05 48.90
CA PHE OA 137 -57.72 -57.42 47.50
C PHE OA 137 -58.97 -56.89 46.81
N TRP OA 138 -58.84 -56.62 45.52
CA TRP OA 138 -59.88 -55.94 44.76
C TRP OA 138 -60.49 -56.91 43.75
N PHE OA 139 -61.73 -57.27 43.96
CA PHE OA 139 -62.48 -58.13 43.06
C PHE OA 139 -63.24 -57.28 42.05
N SER OA 140 -63.70 -57.94 40.99
CA SER OA 140 -64.45 -57.27 39.92
C SER OA 140 -65.63 -58.14 39.53
N ILE OA 141 -66.77 -57.93 40.17
CA ILE OA 141 -67.98 -58.66 39.86
C ILE OA 141 -68.61 -58.03 38.63
N ASN OA 142 -68.33 -58.60 37.47
CA ASN OA 142 -68.96 -58.18 36.22
C ASN OA 142 -68.60 -56.74 35.89
N GLY OA 143 -67.31 -56.48 35.79
CA GLY OA 143 -66.83 -55.17 35.41
C GLY OA 143 -66.73 -54.18 36.54
N ASN OA 144 -67.67 -54.26 37.49
CA ASN OA 144 -67.69 -53.32 38.61
C ASN OA 144 -66.76 -53.79 39.71
N ILE OA 145 -65.93 -52.88 40.22
CA ILE OA 145 -64.84 -53.21 41.12
C ILE OA 145 -65.18 -52.76 42.53
N GLY OA 146 -64.82 -53.57 43.51
CA GLY OA 146 -64.91 -53.22 44.92
C GLY OA 146 -63.75 -53.87 45.62
N GLU OA 147 -63.65 -53.66 46.92
CA GLU OA 147 -62.55 -54.22 47.69
C GLU OA 147 -63.06 -55.05 48.84
N TYR OA 148 -62.29 -56.09 49.19
CA TYR OA 148 -62.56 -56.94 50.34
C TYR OA 148 -61.41 -56.78 51.30
N VAL OA 149 -61.71 -56.44 52.55
CA VAL OA 149 -60.70 -56.17 53.56
C VAL OA 149 -60.75 -57.27 54.61
N ILE OA 150 -59.61 -57.91 54.85
CA ILE OA 150 -59.48 -58.95 55.85
C ILE OA 150 -58.42 -58.52 56.85
N SER OA 151 -58.68 -58.74 58.13
CA SER OA 151 -57.76 -58.43 59.21
C SER OA 151 -57.42 -59.71 59.95
N VAL OA 152 -56.13 -60.04 60.02
CA VAL OA 152 -55.67 -61.27 60.67
C VAL OA 152 -55.11 -60.90 62.04
N ASP OA 153 -55.62 -61.57 63.06
CA ASP OA 153 -55.36 -61.25 64.46
C ASP OA 153 -54.21 -62.10 64.99
N PRO OA 154 -53.48 -61.61 66.01
CA PRO OA 154 -52.33 -62.37 66.51
C PRO OA 154 -52.72 -63.37 67.58
N THR OA 155 -53.87 -64.00 67.35
CA THR OA 155 -54.43 -65.11 68.12
C THR OA 155 -54.93 -64.70 69.50
N THR OA 156 -54.60 -63.50 69.97
CA THR OA 156 -55.06 -63.20 71.32
C THR OA 156 -56.48 -62.64 71.35
N SER OA 157 -56.66 -61.36 71.03
CA SER OA 157 -57.98 -60.79 71.21
C SER OA 157 -58.84 -60.68 69.97
N GLU OA 158 -58.64 -59.59 69.21
CA GLU OA 158 -59.42 -59.20 68.04
C GLU OA 158 -58.81 -57.92 67.47
N LEU OA 159 -58.66 -57.80 66.15
CA LEU OA 159 -58.15 -56.54 65.61
C LEU OA 159 -59.29 -55.56 65.32
N PRO OA 160 -58.99 -54.25 65.36
CA PRO OA 160 -59.99 -53.24 64.96
C PRO OA 160 -60.23 -53.22 63.46
N GLN OA 161 -60.97 -52.21 62.98
CA GLN OA 161 -61.57 -52.26 61.65
C GLN OA 161 -61.14 -51.04 60.83
N PRO OA 162 -60.40 -51.25 59.74
CA PRO OA 162 -59.83 -50.14 58.97
C PRO OA 162 -60.86 -49.46 58.09
N PRO OA 163 -60.59 -48.21 57.68
CA PRO OA 163 -61.66 -47.35 57.13
C PRO OA 163 -61.99 -47.46 55.65
N PHE OA 164 -61.69 -48.55 54.95
CA PHE OA 164 -62.24 -48.76 53.60
C PHE OA 164 -61.84 -47.67 52.61
N THR OA 165 -60.58 -47.70 52.15
CA THR OA 165 -59.99 -46.67 51.30
C THR OA 165 -60.96 -46.09 50.27
N THR OA 166 -60.90 -44.76 50.15
CA THR OA 166 -61.78 -44.00 49.27
C THR OA 166 -61.25 -43.99 47.85
N PRO OA 167 -62.05 -43.53 46.88
CA PRO OA 167 -61.57 -43.50 45.48
C PRO OA 167 -60.31 -42.68 45.29
N VAL OA 168 -60.32 -41.42 45.72
CA VAL OA 168 -59.14 -40.57 45.66
C VAL OA 168 -58.77 -40.18 47.08
N TYR OA 169 -57.48 -40.26 47.40
CA TYR OA 169 -57.03 -39.97 48.74
C TYR OA 169 -55.66 -39.31 48.68
N VAL OA 170 -55.27 -38.72 49.81
CA VAL OA 170 -53.95 -38.11 49.97
C VAL OA 170 -53.31 -38.77 51.18
N PRO OA 171 -52.30 -39.63 50.99
CA PRO OA 171 -51.73 -40.39 52.09
C PRO OA 171 -51.48 -39.60 53.36
N ALA OA 172 -51.78 -40.22 54.50
CA ALA OA 172 -51.76 -39.60 55.81
C ALA OA 172 -50.52 -38.75 56.05
N ALA OA 173 -49.34 -39.33 55.94
CA ALA OA 173 -48.14 -38.55 56.18
C ALA OA 173 -47.05 -38.88 55.20
N ARG OA 174 -47.08 -38.23 54.04
CA ARG OA 174 -46.05 -38.32 53.03
C ARG OA 174 -45.82 -36.95 52.41
N ARG OA 175 -46.22 -35.92 53.13
CA ARG OA 175 -46.22 -34.54 52.66
C ARG OA 175 -45.01 -33.84 53.25
N SER OA 176 -44.47 -32.88 52.52
CA SER OA 176 -43.37 -32.13 53.09
C SER OA 176 -43.20 -30.82 52.36
N VAL OA 177 -42.44 -29.94 52.98
CA VAL OA 177 -42.20 -28.60 52.50
C VAL OA 177 -40.75 -28.24 52.76
N ASP OA 178 -40.07 -27.73 51.74
CA ASP OA 178 -38.70 -27.26 51.90
C ASP OA 178 -38.73 -25.75 52.04
N PRO OA 179 -38.57 -25.19 53.24
CA PRO OA 179 -38.68 -23.73 53.38
C PRO OA 179 -37.60 -22.98 52.64
N ARG OA 180 -36.61 -23.68 52.11
CA ARG OA 180 -35.46 -23.14 51.42
C ARG OA 180 -35.78 -22.75 49.98
N THR OA 181 -36.82 -23.34 49.38
CA THR OA 181 -37.20 -23.01 48.02
C THR OA 181 -38.71 -22.91 47.86
N HIS OA 182 -39.48 -22.99 48.95
CA HIS OA 182 -40.92 -22.78 48.94
C HIS OA 182 -41.62 -23.77 47.99
N VAL OA 183 -41.48 -25.04 48.31
CA VAL OA 183 -42.06 -26.10 47.48
C VAL OA 183 -42.73 -27.11 48.38
N LEU OA 184 -43.99 -27.41 48.10
CA LEU OA 184 -44.76 -28.39 48.84
C LEU OA 184 -44.87 -29.67 48.01
N LYS OA 185 -44.57 -30.80 48.64
CA LYS OA 185 -44.67 -32.10 47.99
C LYS OA 185 -45.75 -32.92 48.69
N PHE OA 186 -46.59 -33.57 47.91
CA PHE OA 186 -47.54 -34.51 48.48
C PHE OA 186 -47.88 -35.57 47.45
N VAL OA 187 -48.40 -36.66 47.91
CA VAL OA 187 -48.71 -37.81 47.08
C VAL OA 187 -50.21 -37.86 46.85
N LEU OA 188 -50.61 -38.29 45.66
CA LEU OA 188 -52.03 -38.39 45.30
C LEU OA 188 -52.28 -39.79 44.76
N GLY OA 189 -53.04 -40.57 45.48
CA GLY OA 189 -53.31 -41.95 45.11
C GLY OA 189 -54.75 -42.14 44.70
N VAL OA 190 -54.96 -42.99 43.70
CA VAL OA 190 -56.29 -43.28 43.15
C VAL OA 190 -56.58 -44.75 43.36
N SER OA 191 -57.69 -45.06 44.00
CA SER OA 191 -58.04 -46.44 44.26
C SER OA 191 -58.37 -47.13 42.95
N PRO OA 192 -58.26 -48.46 42.88
CA PRO OA 192 -58.65 -49.17 41.66
C PRO OA 192 -60.15 -49.16 41.41
N ALA OA 193 -60.96 -48.72 42.36
CA ALA OA 193 -62.40 -48.71 42.21
C ALA OA 193 -62.93 -47.36 41.75
N ALA OA 194 -62.06 -46.39 41.49
CA ALA OA 194 -62.52 -45.11 40.98
C ALA OA 194 -63.09 -45.29 39.59
N ILE OA 195 -64.25 -44.71 39.34
CA ILE OA 195 -64.96 -44.92 38.08
C ILE OA 195 -64.52 -43.84 37.10
N PRO OA 196 -64.11 -44.21 35.88
CA PRO OA 196 -63.65 -43.20 34.93
C PRO OA 196 -64.74 -42.20 34.59
N GLY OA 197 -64.34 -40.95 34.43
CA GLY OA 197 -65.26 -39.88 34.15
C GLY OA 197 -65.64 -39.03 35.34
N ASP OA 198 -65.41 -39.51 36.55
CA ASP OA 198 -65.73 -38.75 37.74
C ASP OA 198 -64.78 -37.57 37.91
N VAL OA 199 -65.17 -36.65 38.77
CA VAL OA 199 -64.37 -35.47 39.09
C VAL OA 199 -64.40 -35.27 40.59
N TYR OA 200 -63.24 -35.10 41.19
CA TYR OA 200 -63.12 -34.75 42.60
C TYR OA 200 -62.39 -33.43 42.74
N ARG OA 201 -62.51 -32.82 43.90
CA ARG OA 201 -61.91 -31.51 44.15
C ARG OA 201 -61.05 -31.57 45.40
N LEU OA 202 -59.80 -31.16 45.28
CA LEU OA 202 -58.86 -31.14 46.39
C LEU OA 202 -58.57 -29.69 46.74
N THR OA 203 -58.77 -29.34 48.00
CA THR OA 203 -58.47 -28.00 48.50
C THR OA 203 -57.28 -28.06 49.45
N VAL OA 204 -56.32 -27.19 49.22
CA VAL OA 204 -55.06 -27.15 49.97
C VAL OA 204 -54.97 -25.83 50.70
N ARG OA 205 -54.78 -25.88 52.02
CA ARG OA 205 -54.63 -24.69 52.84
C ARG OA 205 -53.23 -24.69 53.43
N GLN OA 206 -52.37 -23.81 52.91
CA GLN OA 206 -50.97 -23.78 53.28
C GLN OA 206 -50.66 -22.48 54.00
N VAL OA 207 -49.89 -22.58 55.09
CA VAL OA 207 -49.54 -21.43 55.90
C VAL OA 207 -48.07 -21.11 55.70
N ALA OA 208 -47.78 -19.86 55.40
CA ALA OA 208 -46.43 -19.35 55.51
C ALA OA 208 -46.28 -18.82 56.93
N ILE OA 209 -45.18 -18.14 57.20
CA ILE OA 209 -44.92 -17.67 58.55
C ILE OA 209 -44.03 -16.44 58.46
N ASP OA 210 -44.33 -15.44 59.28
CA ASP OA 210 -43.50 -14.24 59.29
C ASP OA 210 -42.43 -14.39 60.36
N CYS OA 211 -41.50 -13.44 60.34
CA CYS OA 211 -40.21 -13.70 60.96
C CYS OA 211 -40.33 -13.69 62.49
N ASP OA 212 -41.46 -13.20 63.02
CA ASP OA 212 -41.85 -13.37 64.41
C ASP OA 212 -42.73 -14.58 64.68
N GLY OA 213 -43.09 -15.34 63.66
CA GLY OA 213 -43.87 -16.54 63.86
C GLY OA 213 -45.37 -16.41 63.68
N ASN OA 214 -45.86 -15.30 63.14
CA ASN OA 214 -47.28 -15.17 62.86
C ASN OA 214 -47.59 -15.87 61.53
N GLU OA 215 -48.81 -15.74 61.02
CA GLU OA 215 -49.27 -16.67 60.01
C GLU OA 215 -49.76 -15.95 58.77
N PHE OA 216 -49.54 -16.58 57.62
CA PHE OA 216 -50.07 -16.13 56.34
C PHE OA 216 -50.69 -17.33 55.67
N VAL OA 217 -51.99 -17.33 55.50
CA VAL OA 217 -52.72 -18.48 54.95
C VAL OA 217 -52.91 -18.29 53.45
N HIS OA 218 -52.98 -19.41 52.74
CA HIS OA 218 -53.16 -19.43 51.29
C HIS OA 218 -54.00 -20.65 50.93
N ILE OA 219 -55.03 -20.45 50.12
CA ILE OA 219 -55.95 -21.51 49.76
C ILE OA 219 -56.06 -21.62 48.24
N SER OA 220 -56.05 -22.85 47.73
CA SER OA 220 -56.25 -23.13 46.32
C SER OA 220 -56.92 -24.49 46.18
N CYS OA 221 -57.39 -24.80 44.96
CA CYS OA 221 -58.02 -26.09 44.74
C CYS OA 221 -57.43 -26.74 43.50
N TYR OA 222 -57.67 -28.03 43.37
CA TYR OA 222 -57.34 -28.76 42.15
C TYR OA 222 -58.47 -29.72 41.84
N ASP OA 223 -58.76 -29.87 40.55
CA ASP OA 223 -59.87 -30.70 40.07
C ASP OA 223 -59.30 -31.99 39.52
N ILE OA 224 -59.45 -33.07 40.27
CA ILE OA 224 -58.93 -34.37 39.88
C ILE OA 224 -60.00 -35.09 39.08
N SER OA 225 -59.75 -35.30 37.80
CA SER OA 225 -60.71 -35.91 36.89
C SER OA 225 -60.26 -37.33 36.60
N ILE OA 226 -60.99 -38.30 37.16
CA ILE OA 226 -60.61 -39.71 37.00
C ILE OA 226 -60.81 -40.10 35.55
N GLY OA 227 -59.71 -40.24 34.81
CA GLY OA 227 -59.75 -40.77 33.47
C GLY OA 227 -59.31 -42.22 33.48
N SER OA 228 -59.71 -42.92 32.43
CA SER OA 228 -59.20 -44.25 32.15
C SER OA 228 -58.27 -44.17 30.97
N CYS OA 229 -57.24 -45.01 31.00
CA CYS OA 229 -56.18 -44.95 30.00
C CYS OA 229 -55.46 -43.60 30.02
N GLY OA 230 -54.78 -43.34 31.13
CA GLY OA 230 -53.98 -42.15 31.26
C GLY OA 230 -54.82 -40.96 31.64
N MET PA 1 -48.52 -10.89 48.03
CA MET PA 1 -48.31 -9.62 48.72
C MET PA 1 -48.64 -8.45 47.82
N TYR PA 2 -49.55 -7.59 48.27
CA TYR PA 2 -49.92 -6.39 47.55
C TYR PA 2 -48.88 -5.31 47.79
N PHE PA 3 -48.61 -4.51 46.76
CA PHE PA 3 -47.68 -3.40 46.90
C PHE PA 3 -48.29 -2.18 46.24
N PHE PA 4 -48.54 -1.14 47.04
CA PHE PA 4 -49.12 0.09 46.54
C PHE PA 4 -48.14 1.23 46.72
N SER PA 5 -48.12 2.15 45.77
CA SER PA 5 -47.40 3.40 45.90
C SER PA 5 -48.41 4.52 46.07
N VAL PA 6 -48.16 5.41 47.01
CA VAL PA 6 -49.12 6.42 47.40
C VAL PA 6 -48.98 7.63 46.50
N ASP PA 7 -50.04 8.41 46.37
CA ASP PA 7 -49.99 9.58 45.51
C ASP PA 7 -49.33 10.74 46.26
N PRO PA 8 -48.42 11.46 45.60
CA PRO PA 8 -47.45 12.26 46.37
C PRO PA 8 -47.91 13.66 46.74
N ARG PA 9 -49.14 14.06 46.43
CA ARG PA 9 -49.67 15.37 46.80
C ARG PA 9 -48.81 16.50 46.25
N ASN PA 10 -48.60 16.49 44.94
CA ASN PA 10 -47.89 17.55 44.22
C ASN PA 10 -48.79 18.48 43.45
N GLY PA 11 -50.06 18.11 43.26
CA GLY PA 11 -50.84 18.73 42.22
C GLY PA 11 -50.66 18.05 40.88
N ALA PA 12 -50.19 16.81 40.88
CA ALA PA 12 -49.91 16.07 39.66
C ALA PA 12 -50.21 14.59 39.83
N SER PA 13 -49.66 13.76 38.95
CA SER PA 13 -49.90 12.32 39.00
C SER PA 13 -49.29 11.64 40.23
N SER PA 21 -61.44 3.33 38.31
CA SER PA 21 -62.48 4.31 38.06
C SER PA 21 -62.85 5.05 39.34
N CYS PA 22 -62.84 4.35 40.46
CA CYS PA 22 -63.14 4.96 41.75
C CYS PA 22 -61.99 5.75 42.31
N CYS PA 23 -62.26 6.33 43.48
CA CYS PA 23 -61.27 7.03 44.26
C CYS PA 23 -60.25 6.08 44.88
N CYS PA 24 -60.71 5.12 45.66
CA CYS PA 24 -59.82 4.26 46.44
C CYS PA 24 -59.46 3.02 45.63
N GLU PA 25 -58.18 2.66 45.63
CA GLU PA 25 -57.70 1.54 44.84
C GLU PA 25 -58.21 0.23 45.40
N SER PA 26 -57.93 -0.86 44.69
CA SER PA 26 -58.62 -2.12 44.84
C SER PA 26 -57.72 -3.22 45.38
N ILE PA 27 -58.32 -4.09 46.20
CA ILE PA 27 -57.66 -5.24 46.78
C ILE PA 27 -58.62 -6.42 46.69
N SER PA 28 -58.24 -7.45 45.95
CA SER PA 28 -59.08 -8.63 45.88
C SER PA 28 -58.73 -9.59 46.99
N ALA PA 29 -59.75 -10.26 47.53
CA ALA PA 29 -59.56 -11.09 48.71
C ALA PA 29 -60.43 -12.33 48.60
N ARG PA 30 -59.95 -13.42 49.19
CA ARG PA 30 -60.62 -14.71 49.15
C ARG PA 30 -60.92 -15.18 50.56
N PRO PA 31 -62.13 -15.69 50.83
CA PRO PA 31 -62.50 -16.04 52.20
C PRO PA 31 -61.60 -17.09 52.81
N GLY PA 32 -61.01 -16.78 53.96
CA GLY PA 32 -60.11 -17.67 54.66
C GLY PA 32 -58.65 -17.27 54.59
N GLU PA 33 -58.27 -16.50 53.58
CA GLU PA 33 -56.90 -16.08 53.40
C GLU PA 33 -56.45 -15.15 54.51
N VAL PA 34 -55.13 -14.98 54.59
CA VAL PA 34 -54.50 -13.93 55.39
C VAL PA 34 -53.30 -13.46 54.56
N ASN PA 35 -53.42 -12.30 53.94
CA ASN PA 35 -52.42 -11.84 53.00
C ASN PA 35 -51.58 -10.73 53.63
N GLY PA 36 -50.68 -10.15 52.86
CA GLY PA 36 -49.86 -9.06 53.35
C GLY PA 36 -49.82 -7.89 52.39
N VAL PA 37 -49.87 -6.67 52.92
CA VAL PA 37 -49.95 -5.47 52.09
C VAL PA 37 -48.79 -4.55 52.43
N MET PA 38 -48.16 -3.99 51.41
CA MET PA 38 -47.08 -3.04 51.57
C MET PA 38 -47.42 -1.75 50.86
N VAL PA 39 -47.23 -0.62 51.55
CA VAL PA 39 -47.52 0.70 51.01
C VAL PA 39 -46.25 1.53 51.10
N SER PA 40 -45.85 2.12 49.98
CA SER PA 40 -44.59 2.84 49.88
C SER PA 40 -44.86 4.34 49.89
N TYR PA 41 -44.67 4.96 51.06
CA TYR PA 41 -44.87 6.39 51.21
C TYR PA 41 -43.70 7.21 50.72
N ALA PA 42 -42.75 6.61 49.99
CA ALA PA 42 -41.55 7.32 49.59
C ALA PA 42 -41.86 8.56 48.76
N ALA PA 43 -42.84 8.47 47.86
CA ALA PA 43 -43.13 9.59 46.97
C ALA PA 43 -43.65 10.81 47.72
N TRP PA 44 -44.24 10.62 48.91
CA TRP PA 44 -44.81 11.72 49.66
C TRP PA 44 -43.92 12.19 50.79
N SER PA 45 -43.29 11.27 51.51
CA SER PA 45 -42.56 11.60 52.72
C SER PA 45 -41.08 11.84 52.50
N ALA PA 46 -40.56 11.56 51.30
CA ALA PA 46 -39.13 11.81 51.06
C ALA PA 46 -38.85 13.30 50.87
N PRO PA 47 -39.58 14.03 50.03
CA PRO PA 47 -39.36 15.48 49.95
C PRO PA 47 -39.48 16.18 51.28
N LEU PA 48 -40.39 15.75 52.14
CA LEU PA 48 -40.48 16.30 53.50
C LEU PA 48 -39.28 15.81 54.31
N ARG PA 49 -38.11 16.34 53.98
CA ARG PA 49 -36.89 15.83 54.59
C ARG PA 49 -36.97 15.94 56.10
N GLY PA 50 -37.10 14.80 56.77
CA GLY PA 50 -37.28 14.78 58.20
C GLY PA 50 -36.91 13.43 58.77
N HIS PA 51 -37.69 12.94 59.73
CA HIS PA 51 -37.43 11.65 60.34
C HIS PA 51 -38.36 10.56 59.85
N GLY PA 52 -38.90 10.71 58.64
CA GLY PA 52 -39.65 9.64 58.02
C GLY PA 52 -40.97 9.34 58.72
N LEU PA 53 -41.41 8.11 58.58
CA LEU PA 53 -42.71 7.70 59.11
C LEU PA 53 -42.60 7.42 60.60
N THR PA 54 -43.75 7.33 61.26
CA THR PA 54 -43.81 6.89 62.65
C THR PA 54 -44.88 5.83 62.80
N ASN PA 55 -44.84 5.11 63.92
CA ASN PA 55 -45.78 4.03 64.18
C ASN PA 55 -47.07 4.57 64.81
N LYS PA 56 -47.69 5.50 64.12
CA LYS PA 56 -48.99 6.01 64.53
C LYS PA 56 -49.98 5.92 63.37
N THR PA 57 -50.06 4.74 62.76
CA THR PA 57 -51.06 4.47 61.74
C THR PA 57 -52.38 4.09 62.38
N THR PA 58 -53.46 4.48 61.73
CA THR PA 58 -54.80 4.17 62.19
C THR PA 58 -55.60 3.62 61.02
N PHE PA 59 -56.33 2.54 61.26
CA PHE PA 59 -57.11 1.87 60.24
C PHE PA 59 -58.58 1.94 60.57
N GLU PA 60 -59.42 1.84 59.55
CA GLU PA 60 -60.86 1.78 59.77
C GLU PA 60 -61.49 0.96 58.66
N ILE PA 61 -62.37 0.03 59.02
CA ILE PA 61 -63.06 -0.81 58.06
C ILE PA 61 -64.53 -0.41 58.05
N ASP PA 62 -65.08 -0.22 56.86
CA ASP PA 62 -66.49 0.07 56.68
C ASP PA 62 -66.98 -0.66 55.44
N GLY PA 63 -68.20 -1.17 55.50
CA GLY PA 63 -68.76 -1.93 54.41
C GLY PA 63 -69.50 -1.04 53.43
N VAL PA 64 -69.24 -1.25 52.14
CA VAL PA 64 -69.99 -0.61 51.07
C VAL PA 64 -71.02 -1.56 50.45
N SER PA 65 -71.00 -2.83 50.85
CA SER PA 65 -71.93 -3.86 50.41
C SER PA 65 -71.70 -5.07 51.30
N VAL PA 66 -72.72 -5.55 52.01
CA VAL PA 66 -72.50 -6.50 53.10
C VAL PA 66 -73.22 -7.83 52.86
N THR PA 67 -74.46 -7.81 52.38
CA THR PA 67 -75.23 -9.06 52.22
C THR PA 67 -75.38 -9.75 53.57
N PRO PA 68 -76.28 -9.29 54.42
CA PRO PA 68 -76.34 -9.78 55.81
C PRO PA 68 -76.31 -11.30 55.89
N PRO PA 69 -75.66 -11.85 56.92
CA PRO PA 69 -75.50 -13.30 56.99
C PRO PA 69 -76.80 -13.99 57.33
N LYS PA 70 -76.89 -15.25 56.93
CA LYS PA 70 -78.08 -16.05 57.20
C LYS PA 70 -78.04 -16.71 58.57
N VAL PA 71 -76.93 -17.37 58.87
CA VAL PA 71 -76.80 -18.18 60.08
C VAL PA 71 -76.14 -17.33 61.15
N SER PA 72 -76.67 -17.38 62.36
CA SER PA 72 -76.09 -16.61 63.45
C SER PA 72 -74.84 -17.31 64.00
N ASN PA 73 -74.00 -16.53 64.65
CA ASN PA 73 -72.88 -17.10 65.38
C ASN PA 73 -73.32 -17.43 66.81
N ALA PA 74 -72.42 -18.02 67.58
CA ALA PA 74 -72.80 -18.48 68.91
C ALA PA 74 -71.59 -18.49 69.81
N PHE PA 75 -71.85 -18.50 71.11
CA PHE PA 75 -70.80 -18.53 72.12
C PHE PA 75 -71.13 -19.57 73.18
N GLY PA 76 -70.14 -20.37 73.55
CA GLY PA 76 -70.29 -21.34 74.61
C GLY PA 76 -69.18 -21.19 75.63
N ARG PA 77 -69.30 -21.96 76.71
CA ARG PA 77 -68.33 -21.87 77.79
C ARG PA 77 -68.20 -23.21 78.49
N THR PA 78 -66.99 -23.54 78.90
CA THR PA 78 -66.71 -24.80 79.58
C THR PA 78 -65.47 -24.62 80.44
N LYS PA 79 -65.35 -25.45 81.48
CA LYS PA 79 -64.16 -25.44 82.30
C LYS PA 79 -63.09 -26.32 81.66
N VAL PA 80 -61.89 -26.30 82.22
CA VAL PA 80 -60.82 -27.13 81.67
C VAL PA 80 -61.17 -28.60 81.82
N GLY PA 81 -60.84 -29.37 80.79
CA GLY PA 81 -60.94 -30.82 80.81
C GLY PA 81 -62.33 -31.39 80.65
N VAL PA 82 -63.37 -30.64 80.98
CA VAL PA 82 -64.73 -31.17 80.89
C VAL PA 82 -65.25 -31.03 79.47
N VAL PA 83 -65.85 -32.09 78.96
CA VAL PA 83 -66.35 -32.13 77.59
C VAL PA 83 -67.54 -31.19 77.47
N PHE PA 84 -67.65 -30.53 76.33
CA PHE PA 84 -68.68 -29.54 76.09
C PHE PA 84 -69.62 -30.02 74.99
N GLU PA 85 -70.92 -29.85 75.22
CA GLU PA 85 -71.95 -30.13 74.24
C GLU PA 85 -72.61 -28.82 73.83
N GLY PA 86 -73.32 -28.87 72.71
CA GLY PA 86 -74.06 -27.74 72.22
C GLY PA 86 -74.87 -28.14 71.02
N THR PA 87 -75.75 -27.24 70.61
CA THR PA 87 -76.61 -27.49 69.47
C THR PA 87 -76.20 -26.61 68.30
N LEU PA 88 -76.65 -27.00 67.11
CA LEU PA 88 -76.29 -26.27 65.90
C LEU PA 88 -77.52 -26.07 65.04
N SER PA 89 -78.70 -25.94 65.65
CA SER PA 89 -79.94 -25.82 64.90
C SER PA 89 -80.72 -24.55 65.19
N ASP PA 90 -80.52 -23.92 66.34
CA ASP PA 90 -81.14 -22.64 66.64
C ASP PA 90 -80.34 -21.48 66.08
N LEU PA 91 -79.31 -21.78 65.29
CA LEU PA 91 -78.43 -20.78 64.70
C LEU PA 91 -78.76 -20.53 63.25
N PHE PA 92 -79.84 -21.13 62.75
CA PHE PA 92 -80.23 -21.00 61.34
C PHE PA 92 -81.73 -20.74 61.28
N PRO PA 93 -82.16 -19.54 61.64
CA PRO PA 93 -83.58 -19.20 61.44
C PRO PA 93 -83.86 -19.17 59.96
N ASN PA 94 -84.61 -20.15 59.47
CA ASN PA 94 -84.87 -20.20 58.04
C ASN PA 94 -86.19 -19.54 57.69
N PRO PA 95 -86.26 -18.77 56.62
CA PRO PA 95 -87.54 -18.21 56.17
C PRO PA 95 -88.44 -19.30 55.60
N GLU PA 96 -87.85 -20.09 54.70
CA GLU PA 96 -88.59 -21.04 53.88
C GLU PA 96 -88.53 -22.46 54.45
N GLY PA 97 -89.03 -23.43 53.67
CA GLY PA 97 -88.93 -24.83 54.03
C GLY PA 97 -87.80 -25.55 53.32
N GLU PA 98 -86.89 -26.11 54.10
CA GLU PA 98 -85.77 -26.87 53.55
C GLU PA 98 -85.11 -27.63 54.68
N GLN PA 99 -84.17 -28.50 54.31
CA GLN PA 99 -83.41 -29.31 55.24
C GLN PA 99 -82.03 -28.70 55.49
N VAL PA 100 -81.42 -29.15 56.58
CA VAL PA 100 -80.25 -28.52 57.16
C VAL PA 100 -79.04 -29.46 57.17
N GLU PA 101 -78.22 -29.37 56.12
CA GLU PA 101 -77.02 -30.19 56.02
C GLU PA 101 -75.88 -29.61 56.83
N TYR PA 102 -75.94 -29.79 58.15
CA TYR PA 102 -74.88 -29.33 59.05
C TYR PA 102 -73.53 -29.89 58.61
N GLU PA 103 -72.51 -29.02 58.60
CA GLU PA 103 -71.20 -29.43 58.12
C GLU PA 103 -70.11 -28.67 58.88
N ILE PA 104 -69.03 -29.38 59.22
CA ILE PA 104 -67.86 -28.79 59.84
C ILE PA 104 -66.69 -28.99 58.89
N SER PA 105 -66.27 -27.92 58.22
CA SER PA 105 -65.19 -28.00 57.26
C SER PA 105 -63.88 -28.34 57.97
N GLU PA 106 -63.11 -29.27 57.41
CA GLU PA 106 -61.83 -29.63 57.99
C GLU PA 106 -60.78 -28.56 57.82
N LEU PA 107 -60.96 -27.64 56.88
CA LEU PA 107 -59.98 -26.57 56.71
C LEU PA 107 -60.07 -25.57 57.86
N ASN PA 108 -61.25 -25.39 58.42
CA ASN PA 108 -61.49 -24.40 59.46
C ASN PA 108 -62.03 -25.05 60.72
N GLY PA 109 -61.49 -26.22 61.09
CA GLY PA 109 -61.91 -26.90 62.28
C GLY PA 109 -61.36 -26.20 63.51
N PRO PA 110 -61.50 -26.83 64.67
CA PRO PA 110 -60.96 -26.23 65.90
C PRO PA 110 -59.45 -26.29 65.93
N SER PA 111 -58.85 -25.71 66.97
CA SER PA 111 -57.40 -25.62 67.05
C SER PA 111 -56.81 -26.38 68.22
N ASN PA 112 -57.52 -26.50 69.34
CA ASN PA 112 -57.03 -27.22 70.50
C ASN PA 112 -58.08 -28.19 71.04
N GLY PA 113 -58.91 -28.73 70.16
CA GLY PA 113 -59.94 -29.68 70.55
C GLY PA 113 -60.29 -30.60 69.40
N VAL PA 114 -61.45 -31.24 69.50
CA VAL PA 114 -62.00 -32.07 68.43
C VAL PA 114 -63.51 -31.95 68.51
N VAL PA 115 -64.17 -32.00 67.35
CA VAL PA 115 -65.63 -31.94 67.29
C VAL PA 115 -66.16 -33.12 66.47
N GLU PA 116 -67.12 -33.86 67.04
CA GLU PA 116 -67.76 -34.98 66.36
C GLU PA 116 -69.17 -34.49 66.00
N LEU PA 117 -69.37 -34.08 64.76
CA LEU PA 117 -70.70 -33.64 64.37
C LEU PA 117 -71.67 -34.82 64.40
N GLY PA 118 -72.79 -34.64 65.09
CA GLY PA 118 -73.79 -35.67 65.23
C GLY PA 118 -74.63 -35.79 63.97
N ALA PA 119 -75.72 -36.55 64.10
CA ALA PA 119 -76.63 -36.73 62.97
C ALA PA 119 -77.53 -35.51 62.78
N ASN PA 120 -77.96 -34.89 63.88
CA ASN PA 120 -78.89 -33.77 63.83
C ASN PA 120 -78.32 -32.61 64.65
N GLY PA 121 -77.66 -31.68 63.97
CA GLY PA 121 -77.24 -30.41 64.54
C GLY PA 121 -76.62 -30.45 65.92
N ALA PA 122 -76.03 -31.58 66.29
CA ALA PA 122 -75.40 -31.74 67.58
C ALA PA 122 -73.91 -32.02 67.40
N PHE PA 123 -73.12 -31.64 68.40
CA PHE PA 123 -71.69 -31.77 68.27
C PHE PA 123 -71.07 -31.75 69.66
N THR PA 124 -69.96 -32.47 69.80
CA THR PA 124 -69.24 -32.57 71.06
C THR PA 124 -67.84 -32.03 70.87
N TYR PA 125 -67.49 -31.02 71.64
CA TYR PA 125 -66.16 -30.41 71.60
C TYR PA 125 -65.41 -30.86 72.84
N THR PA 126 -64.56 -31.86 72.68
CA THR PA 126 -63.72 -32.31 73.78
C THR PA 126 -62.43 -31.48 73.77
N PRO PA 127 -62.27 -30.57 74.71
CA PRO PA 127 -61.09 -29.69 74.68
C PRO PA 127 -59.82 -30.50 74.90
N GLY PA 128 -58.75 -30.06 74.24
CA GLY PA 128 -57.47 -30.72 74.41
C GLY PA 128 -57.01 -30.68 75.86
N ALA PA 129 -56.54 -31.83 76.34
CA ALA PA 129 -56.15 -31.97 77.73
C ALA PA 129 -55.02 -31.00 78.06
N LEU PA 130 -55.08 -30.44 79.28
CA LEU PA 130 -54.12 -29.45 79.74
C LEU PA 130 -54.07 -28.24 78.81
N PHE PA 131 -55.22 -27.57 78.70
CA PHE PA 131 -55.33 -26.39 77.87
C PHE PA 131 -56.47 -25.53 78.37
N THR PA 132 -56.26 -24.22 78.46
CA THR PA 132 -57.32 -23.31 78.88
C THR PA 132 -57.15 -22.02 78.08
N GLY PA 133 -58.10 -21.74 77.21
CA GLY PA 133 -58.08 -20.52 76.42
C GLY PA 133 -59.38 -20.35 75.70
N VAL PA 134 -59.30 -19.85 74.47
CA VAL PA 134 -60.46 -19.70 73.60
C VAL PA 134 -60.22 -20.53 72.35
N ASP PA 135 -61.30 -21.06 71.79
CA ASP PA 135 -61.19 -21.91 70.61
C ASP PA 135 -62.41 -21.70 69.73
N ARG PA 136 -62.18 -21.70 68.41
CA ARG PA 136 -63.21 -21.45 67.44
C ARG PA 136 -63.27 -22.59 66.43
N PHE PA 137 -64.41 -22.69 65.75
CA PHE PA 137 -64.53 -23.52 64.56
C PHE PA 137 -65.69 -22.99 63.74
N TRP PA 138 -65.60 -23.20 62.43
CA TRP PA 138 -66.54 -22.60 61.49
C TRP PA 138 -67.41 -23.69 60.87
N PHE PA 139 -68.68 -23.66 61.20
CA PHE PA 139 -69.67 -24.59 60.65
C PHE PA 139 -70.31 -23.97 59.42
N SER PA 140 -70.98 -24.82 58.65
CA SER PA 140 -71.66 -24.40 57.41
C SER PA 140 -73.03 -25.07 57.35
N ILE PA 141 -74.03 -24.40 57.88
CA ILE PA 141 -75.41 -24.90 57.86
C ILE PA 141 -75.98 -24.59 56.48
N ASN PA 142 -75.92 -25.57 55.58
CA ASN PA 142 -76.55 -25.47 54.28
C ASN PA 142 -75.92 -24.34 53.46
N GLY PA 143 -74.60 -24.43 53.27
CA GLY PA 143 -73.89 -23.47 52.46
C GLY PA 143 -73.50 -22.20 53.19
N ASN PA 144 -74.35 -21.74 54.10
CA ASN PA 144 -74.08 -20.50 54.83
C ASN PA 144 -73.19 -20.77 56.02
N ILE PA 145 -72.15 -19.97 56.18
CA ILE PA 145 -71.09 -20.21 57.15
C ILE PA 145 -71.20 -19.24 58.31
N GLY PA 146 -70.95 -19.73 59.51
CA GLY PA 146 -70.85 -18.92 60.71
C GLY PA 146 -69.79 -19.54 61.58
N GLU PA 147 -69.55 -18.94 62.74
CA GLU PA 147 -68.53 -19.45 63.64
C GLU PA 147 -69.12 -19.70 65.02
N TYR PA 148 -68.57 -20.70 65.70
CA TYR PA 148 -68.91 -21.03 67.07
C TYR PA 148 -67.68 -20.83 67.92
N VAL PA 149 -67.80 -20.03 68.98
CA VAL PA 149 -66.68 -19.67 69.82
C VAL PA 149 -66.87 -20.32 71.18
N ILE PA 150 -65.88 -21.07 71.63
CA ILE PA 150 -65.89 -21.71 72.93
C ILE PA 150 -64.68 -21.23 73.71
N SER PA 151 -64.88 -20.95 75.00
CA SER PA 151 -63.83 -20.50 75.89
C SER PA 151 -63.72 -21.51 77.04
N VAL PA 152 -62.53 -22.07 77.22
CA VAL PA 152 -62.28 -23.07 78.25
C VAL PA 152 -61.55 -22.42 79.40
N ASP PA 153 -62.11 -22.56 80.60
CA ASP PA 153 -61.67 -21.87 81.80
C ASP PA 153 -60.68 -22.71 82.58
N PRO PA 154 -59.79 -22.09 83.37
CA PRO PA 154 -58.79 -22.88 84.09
C PRO PA 154 -59.29 -23.35 85.44
N THR PA 155 -60.56 -23.75 85.45
CA THR PA 155 -61.28 -24.37 86.57
C THR PA 155 -61.57 -23.42 87.72
N THR PA 156 -60.96 -22.23 87.74
CA THR PA 156 -61.24 -21.41 88.91
C THR PA 156 -62.50 -20.57 88.75
N SER PA 157 -62.43 -19.46 88.01
CA SER PA 157 -63.58 -18.57 87.98
C SER PA 157 -64.50 -18.70 86.77
N GLU PA 158 -64.13 -18.01 85.69
CA GLU PA 158 -64.90 -17.87 84.46
C GLU PA 158 -64.09 -17.03 83.47
N LEU PA 159 -64.02 -17.40 82.20
CA LEU PA 159 -63.30 -16.54 81.25
C LEU PA 159 -64.22 -15.48 80.65
N PRO PA 160 -63.66 -14.34 80.23
CA PRO PA 160 -64.44 -13.32 79.50
C PRO PA 160 -64.80 -13.75 78.09
N GLN PA 161 -65.34 -12.83 77.30
CA GLN PA 161 -66.04 -13.19 76.07
C GLN PA 161 -65.44 -12.44 74.88
N PRO PA 162 -64.85 -13.17 73.93
CA PRO PA 162 -64.12 -12.52 72.82
C PRO PA 162 -65.04 -11.97 71.76
N PRO PA 163 -64.56 -11.03 70.95
CA PRO PA 163 -65.47 -10.19 70.13
C PRO PA 163 -65.93 -10.71 68.78
N PHE PA 164 -65.93 -12.02 68.51
CA PHE PA 164 -66.61 -12.52 67.31
C PHE PA 164 -66.07 -11.96 66.00
N THR PA 165 -64.89 -12.43 65.58
CA THR PA 165 -64.16 -11.90 64.42
C THR PA 165 -65.06 -11.49 63.26
N THR PA 166 -64.74 -10.34 62.68
CA THR PA 166 -65.50 -9.73 61.60
C THR PA 166 -65.10 -10.32 60.26
N PRO PA 167 -65.86 -10.05 59.19
CA PRO PA 167 -65.50 -10.59 57.88
C PRO PA 167 -64.11 -10.19 57.41
N VAL PA 168 -63.83 -8.91 57.37
CA VAL PA 168 -62.50 -8.40 57.02
C VAL PA 168 -61.94 -7.65 58.21
N TYR PA 169 -60.68 -7.91 58.54
CA TYR PA 169 -60.07 -7.30 59.70
C TYR PA 169 -58.60 -7.02 59.42
N VAL PA 170 -58.00 -6.20 60.26
CA VAL PA 170 -56.58 -5.89 60.20
C VAL PA 170 -55.99 -6.22 61.56
N PRO PA 171 -55.21 -7.30 61.68
CA PRO PA 171 -54.73 -7.76 62.97
C PRO PA 171 -54.21 -6.67 63.89
N ALA PA 172 -54.55 -6.79 65.17
CA ALA PA 172 -54.29 -5.78 66.19
C ALA PA 172 -52.89 -5.19 66.12
N ALA PA 173 -51.87 -6.04 66.22
CA ALA PA 173 -50.52 -5.51 66.17
C ALA PA 173 -49.60 -6.40 65.35
N ARG PA 174 -49.58 -6.18 64.04
CA ARG PA 174 -48.68 -6.84 63.12
C ARG PA 174 -48.22 -5.84 62.07
N ARG PA 175 -48.34 -4.56 62.39
CA ARG PA 175 -48.08 -3.46 61.48
C ARG PA 175 -46.70 -2.90 61.78
N SER PA 176 -46.03 -2.39 60.75
CA SER PA 176 -44.76 -1.76 61.04
C SER PA 176 -44.38 -0.84 59.90
N VAL PA 177 -43.39 -0.01 60.17
CA VAL PA 177 -42.92 1.01 59.25
C VAL PA 177 -41.41 1.09 59.37
N ASP PA 178 -40.72 1.07 58.24
CA ASP PA 178 -39.28 1.24 58.23
C ASP PA 178 -38.98 2.68 57.84
N PRO PA 179 -38.61 3.56 58.77
CA PRO PA 179 -38.39 4.96 58.40
C PRO PA 179 -37.24 5.16 57.44
N ARG PA 180 -36.47 4.11 57.18
CA ARG PA 180 -35.29 4.11 56.34
C ARG PA 180 -35.63 4.06 54.86
N THR PA 181 -36.81 3.55 54.50
CA THR PA 181 -37.23 3.50 53.11
C THR PA 181 -38.70 3.87 52.93
N HIS PA 182 -39.37 4.33 53.98
CA HIS PA 182 -40.73 4.84 53.90
C HIS PA 182 -41.69 3.78 53.36
N VAL PA 183 -41.81 2.69 54.10
CA VAL PA 183 -42.66 1.58 53.68
C VAL PA 183 -43.45 1.10 54.88
N LEU PA 184 -44.77 1.02 54.73
CA LEU PA 184 -45.67 0.55 55.76
C LEU PA 184 -46.11 -0.87 55.43
N LYS PA 185 -46.01 -1.76 56.41
CA LYS PA 185 -46.44 -3.15 56.25
C LYS PA 185 -47.59 -3.41 57.18
N PHE PA 186 -48.62 -4.09 56.68
CA PHE PA 186 -49.69 -4.53 57.55
C PHE PA 186 -50.33 -5.78 56.94
N VAL PA 187 -51.04 -6.51 57.76
CA VAL PA 187 -51.65 -7.77 57.37
C VAL PA 187 -53.13 -7.55 57.17
N LEU PA 188 -53.71 -8.26 56.20
CA LEU PA 188 -55.14 -8.14 55.91
C LEU PA 188 -55.72 -9.54 55.88
N GLY PA 189 -56.58 -9.85 56.84
CA GLY PA 189 -57.16 -11.17 56.97
C GLY PA 189 -58.63 -11.16 56.65
N VAL PA 190 -59.10 -12.22 56.00
CA VAL PA 190 -60.49 -12.36 55.60
C VAL PA 190 -61.07 -13.58 56.30
N SER PA 191 -62.17 -13.39 57.01
CA SER PA 191 -62.78 -14.50 57.73
C SER PA 191 -63.35 -15.49 56.74
N PRO PA 192 -63.53 -16.75 57.13
CA PRO PA 192 -64.16 -17.72 56.24
C PRO PA 192 -65.64 -17.46 56.00
N ALA PA 193 -66.26 -16.56 56.75
CA ALA PA 193 -67.67 -16.27 56.60
C ALA PA 193 -67.94 -15.08 55.70
N ALA PA 194 -66.91 -14.47 55.13
CA ALA PA 194 -67.13 -13.36 54.20
C ALA PA 194 -67.84 -13.87 52.97
N ILE PA 195 -68.87 -13.16 52.54
CA ILE PA 195 -69.70 -13.61 51.42
C ILE PA 195 -69.12 -13.06 50.13
N PRO PA 196 -68.90 -13.90 49.12
CA PRO PA 196 -68.31 -13.40 47.87
C PRO PA 196 -69.19 -12.35 47.21
N GLY PA 197 -68.55 -11.35 46.62
CA GLY PA 197 -69.24 -10.26 45.99
C GLY PA 197 -69.34 -9.00 46.82
N ASP PA 198 -69.12 -9.09 48.13
CA ASP PA 198 -69.18 -7.91 48.98
C ASP PA 198 -67.98 -7.00 48.72
N VAL PA 199 -68.10 -5.77 49.22
CA VAL PA 199 -67.05 -4.77 49.10
C VAL PA 199 -66.91 -4.08 50.45
N TYR PA 200 -65.69 -3.98 50.94
CA TYR PA 200 -65.39 -3.22 52.15
C TYR PA 200 -64.39 -2.13 51.82
N ARG PA 201 -64.29 -1.14 52.70
CA ARG PA 201 -63.41 -0.01 52.48
C ARG PA 201 -62.48 0.17 53.68
N LEU PA 202 -61.19 0.21 53.41
CA LEU PA 202 -60.18 0.40 54.44
C LEU PA 202 -59.57 1.77 54.27
N THR PA 203 -59.58 2.57 55.34
CA THR PA 203 -58.97 3.89 55.35
C THR PA 203 -57.75 3.88 56.26
N VAL PA 204 -56.64 4.39 55.73
CA VAL PA 204 -55.35 4.38 56.42
C VAL PA 204 -54.92 5.82 56.64
N ARG PA 205 -54.64 6.18 57.90
CA ARG PA 205 -54.17 7.50 58.25
C ARG PA 205 -52.76 7.39 58.81
N GLN PA 206 -51.78 7.82 58.02
CA GLN PA 206 -50.38 7.66 58.35
C GLN PA 206 -49.75 9.02 58.58
N VAL PA 207 -48.93 9.12 59.63
CA VAL PA 207 -48.29 10.37 60.00
C VAL PA 207 -46.80 10.26 59.69
N ALA PA 208 -46.28 11.23 58.98
CA ALA PA 208 -44.85 11.44 58.90
C ALA PA 208 -44.47 12.36 60.05
N ILE PA 209 -43.23 12.83 60.07
CA ILE PA 209 -42.78 13.65 61.17
C ILE PA 209 -41.66 14.55 60.66
N ASP PA 210 -41.67 15.80 61.08
CA ASP PA 210 -40.61 16.71 60.68
C ASP PA 210 -39.51 16.70 61.73
N CYS PA 211 -38.41 17.35 61.39
CA CYS PA 211 -37.16 17.03 62.05
C CYS PA 211 -37.15 17.58 63.48
N ASP PA 212 -38.10 18.45 63.81
CA ASP PA 212 -38.41 18.85 65.18
C ASP PA 212 -39.50 18.04 65.85
N GLY PA 213 -40.09 17.07 65.16
CA GLY PA 213 -41.09 16.22 65.76
C GLY PA 213 -42.53 16.63 65.55
N ASN PA 214 -42.83 17.57 64.66
CA ASN PA 214 -44.20 17.91 64.35
C ASN PA 214 -44.76 16.90 63.36
N GLU PA 215 -45.96 17.13 62.83
CA GLU PA 215 -46.68 16.03 62.21
C GLU PA 215 -47.11 16.39 60.80
N PHE PA 216 -47.12 15.38 59.93
CA PHE PA 216 -47.65 15.49 58.58
C PHE PA 216 -48.56 14.29 58.36
N VAL PA 217 -49.85 14.53 58.22
CA VAL PA 217 -50.83 13.46 58.09
C VAL PA 217 -51.11 13.18 56.63
N HIS PA 218 -51.46 11.92 56.35
CA HIS PA 218 -51.77 11.45 55.00
C HIS PA 218 -52.86 10.41 55.07
N ILE PA 219 -53.89 10.55 54.24
CA ILE PA 219 -55.05 9.67 54.28
C ILE PA 219 -55.29 9.09 52.89
N SER PA 220 -55.58 7.79 52.84
CA SER PA 220 -55.95 7.10 51.60
C SER PA 220 -56.90 5.97 51.94
N CYS PA 221 -57.52 5.39 50.92
CA CYS PA 221 -58.43 4.26 51.15
C CYS PA 221 -58.08 3.13 50.20
N TYR PA 222 -58.60 1.96 50.53
CA TYR PA 222 -58.53 0.80 49.65
C TYR PA 222 -59.86 0.07 49.68
N ASP PA 223 -60.28 -0.43 48.53
CA ASP PA 223 -61.57 -1.09 48.37
C ASP PA 223 -61.34 -2.59 48.29
N ILE PA 224 -61.66 -3.29 49.38
CA ILE PA 224 -61.45 -4.73 49.45
C ILE PA 224 -62.71 -5.42 48.96
N SER PA 225 -62.61 -6.09 47.82
CA SER PA 225 -63.75 -6.74 47.19
C SER PA 225 -63.64 -8.24 47.40
N ILE PA 226 -64.50 -8.78 48.25
CA ILE PA 226 -64.44 -10.19 48.60
C ILE PA 226 -64.85 -11.00 47.37
N GLY PA 227 -63.86 -11.61 46.73
CA GLY PA 227 -64.12 -12.54 45.65
C GLY PA 227 -63.99 -13.97 46.16
N SER PA 228 -64.61 -14.87 45.42
CA SER PA 228 -64.43 -16.30 45.62
C SER PA 228 -63.59 -16.83 44.47
N CYS PA 229 -62.76 -17.82 44.78
CA CYS PA 229 -61.80 -18.34 43.83
C CYS PA 229 -60.82 -17.27 43.38
N GLY PA 230 -60.01 -16.81 44.33
CA GLY PA 230 -58.96 -15.86 44.04
C GLY PA 230 -59.50 -14.45 43.99
N MET QA 1 -45.70 17.13 48.97
CA MET QA 1 -45.17 18.47 49.18
C MET QA 1 -45.31 19.32 47.92
N TYR QA 2 -45.99 20.46 48.06
CA TYR QA 2 -46.15 21.39 46.96
C TYR QA 2 -44.89 22.24 46.82
N PHE QA 3 -44.55 22.55 45.57
CA PHE QA 3 -43.39 23.41 45.32
C PHE QA 3 -43.79 24.45 44.29
N PHE QA 4 -43.73 25.71 44.67
CA PHE QA 4 -44.08 26.80 43.78
C PHE QA 4 -42.87 27.69 43.56
N SER QA 5 -42.74 28.21 42.35
CA SER QA 5 -41.76 29.22 42.02
C SER QA 5 -42.50 30.54 41.80
N VAL QA 6 -41.99 31.60 42.38
CA VAL QA 6 -42.69 32.89 42.41
C VAL QA 6 -42.36 33.65 41.13
N ASP QA 7 -43.25 34.56 40.75
CA ASP QA 7 -43.02 35.34 39.54
C ASP QA 7 -42.07 36.49 39.84
N PRO QA 8 -41.08 36.73 38.97
CA PRO QA 8 -39.91 37.50 39.42
C PRO QA 8 -40.03 39.01 39.28
N ARG QA 9 -41.17 39.55 38.85
CA ARG QA 9 -41.38 40.99 38.75
C ARG QA 9 -40.35 41.65 37.84
N ASN QA 10 -40.24 41.16 36.61
CA ASN QA 10 -39.39 41.71 35.57
C ASN QA 10 -40.14 42.51 34.53
N GLY QA 11 -41.46 42.39 34.48
CA GLY QA 11 -42.18 42.78 33.29
C GLY QA 11 -42.26 41.67 32.27
N ALA QA 12 -42.06 40.43 32.70
CA ALA QA 12 -42.03 39.29 31.81
C ALA QA 12 -42.62 38.06 32.48
N SER QA 13 -42.34 36.88 31.94
CA SER QA 13 -42.88 35.63 32.48
C SER QA 13 -42.32 35.29 33.86
N SER QA 21 -56.07 29.78 34.97
CA SER QA 21 -56.90 30.84 34.40
C SER QA 21 -57.00 32.03 35.34
N CYS QA 22 -57.04 31.75 36.64
CA CYS QA 22 -57.11 32.82 37.64
C CYS QA 22 -55.77 33.47 37.88
N CYS QA 23 -55.82 34.45 38.78
CA CYS QA 23 -54.64 35.13 39.28
C CYS QA 23 -53.80 34.23 40.17
N CYS QA 24 -54.38 33.73 41.25
CA CYS QA 24 -53.63 33.01 42.27
C CYS QA 24 -53.61 31.51 41.94
N GLU QA 25 -52.44 30.90 42.06
CA GLU QA 25 -52.27 29.50 41.70
C GLU QA 25 -53.01 28.60 42.69
N SER QA 26 -53.01 27.31 42.38
CA SER QA 26 -53.95 26.36 42.97
C SER QA 26 -53.26 25.33 43.86
N ILE QA 27 -53.95 24.95 44.92
CA ILE QA 27 -53.51 23.94 45.86
C ILE QA 27 -54.70 23.05 46.19
N SER QA 28 -54.61 21.77 45.85
CA SER QA 28 -55.69 20.85 46.19
C SER QA 28 -55.46 20.27 47.58
N ALA QA 29 -56.55 20.08 48.31
CA ALA QA 29 -56.44 19.67 49.70
C ALA QA 29 -57.56 18.69 50.03
N ARG QA 30 -57.28 17.79 50.96
CA ARG QA 30 -58.20 16.75 51.37
C ARG QA 30 -58.48 16.86 52.87
N PRO QA 31 -59.74 16.75 53.29
CA PRO QA 31 -60.07 16.97 54.69
C PRO QA 31 -59.37 16.01 55.63
N GLY QA 32 -58.63 16.56 56.60
CA GLY QA 32 -57.89 15.77 57.57
C GLY QA 32 -56.40 15.78 57.36
N GLU QA 33 -55.94 16.07 56.14
CA GLU QA 33 -54.53 16.08 55.83
C GLU QA 33 -53.80 17.20 56.54
N VAL QA 34 -52.47 17.08 56.56
CA VAL QA 34 -51.57 18.16 56.94
C VAL QA 34 -50.37 18.05 56.00
N ASN QA 35 -50.30 18.92 55.02
CA ASN QA 35 -49.30 18.81 53.97
C ASN QA 35 -48.20 19.85 54.18
N GLY QA 36 -47.26 19.92 53.25
CA GLY QA 36 -46.19 20.90 53.34
C GLY QA 36 -45.98 21.63 52.03
N VAL QA 37 -45.74 22.94 52.10
CA VAL QA 37 -45.63 23.78 50.92
C VAL QA 37 -44.27 24.47 50.91
N MET QA 38 -43.62 24.49 49.76
CA MET QA 38 -42.35 25.17 49.58
C MET QA 38 -42.47 26.19 48.46
N VAL QA 39 -42.00 27.41 48.72
CA VAL QA 39 -42.04 28.51 47.76
C VAL QA 39 -40.62 29.00 47.55
N SER QA 40 -40.20 29.08 46.30
CA SER QA 40 -38.83 29.42 45.95
C SER QA 40 -38.77 30.86 45.45
N TYR QA 41 -38.36 31.77 46.33
CA TYR QA 41 -38.24 33.17 45.98
C TYR QA 41 -36.97 33.49 45.22
N ALA QA 42 -36.23 32.49 44.75
CA ALA QA 42 -34.94 32.74 44.12
C ALA QA 42 -35.05 33.66 42.92
N ALA QA 43 -36.09 33.49 42.11
CA ALA QA 43 -36.22 34.28 40.89
C ALA QA 43 -36.40 35.77 41.18
N TRP QA 44 -36.91 36.13 42.34
CA TRP QA 44 -37.18 37.52 42.68
C TRP QA 44 -36.12 38.13 43.58
N SER QA 45 -35.65 37.38 44.56
CA SER QA 45 -34.77 37.93 45.58
C SER QA 45 -33.29 37.73 45.29
N ALA QA 46 -32.94 36.97 44.26
CA ALA QA 46 -31.52 36.80 43.96
C ALA QA 46 -30.95 38.02 43.26
N PRO QA 47 -31.57 38.57 42.21
CA PRO QA 47 -31.05 39.81 41.64
C PRO QA 47 -30.92 40.94 42.65
N LEU QA 48 -31.83 41.04 43.61
CA LEU QA 48 -31.69 42.01 44.69
C LEU QA 48 -30.56 41.57 45.61
N ARG QA 49 -29.33 41.68 45.12
CA ARG QA 49 -28.20 41.13 45.86
C ARG QA 49 -28.14 41.77 47.24
N GLY QA 50 -28.45 40.98 48.26
CA GLY QA 50 -28.51 41.48 49.62
C GLY QA 50 -28.39 40.35 50.62
N HIS QA 51 -29.17 40.40 51.69
CA HIS QA 51 -29.14 39.37 52.71
C HIS QA 51 -30.33 38.43 52.62
N GLY QA 52 -30.91 38.27 51.44
CA GLY QA 52 -31.92 37.26 51.23
C GLY QA 52 -33.21 37.52 51.99
N LEU QA 53 -33.92 36.45 52.29
CA LEU QA 53 -35.22 36.53 52.93
C LEU QA 53 -35.06 36.76 54.43
N THR QA 54 -36.15 37.15 55.08
CA THR QA 54 -36.18 37.24 56.54
C THR QA 54 -37.44 36.55 57.04
N ASN QA 55 -37.46 36.26 58.34
CA ASN QA 55 -38.59 35.58 58.97
C ASN QA 55 -39.67 36.58 59.37
N LYS QA 56 -40.14 37.34 58.40
CA LYS QA 56 -41.26 38.23 58.61
C LYS QA 56 -42.34 37.98 57.57
N THR QA 57 -42.72 36.72 57.41
CA THR QA 57 -43.83 36.35 56.53
C THR QA 57 -45.14 36.53 57.28
N THR QA 58 -46.17 36.90 56.53
CA THR QA 58 -47.50 37.07 57.08
C THR QA 58 -48.48 36.35 56.16
N PHE QA 59 -49.41 35.62 56.77
CA PHE QA 59 -50.39 34.84 56.03
C PHE QA 59 -51.79 35.35 56.34
N GLU QA 60 -52.71 35.11 55.41
CA GLU QA 60 -54.10 35.45 55.65
C GLU QA 60 -54.97 34.47 54.88
N ILE QA 61 -56.00 33.93 55.55
CA ILE QA 61 -56.93 33.00 54.93
C ILE QA 61 -58.28 33.69 54.80
N ASP QA 62 -58.86 33.59 53.61
CA ASP QA 62 -60.20 34.11 53.35
C ASP QA 62 -60.92 33.15 52.43
N GLY QA 63 -62.22 32.98 52.67
CA GLY QA 63 -63.02 32.04 51.91
C GLY QA 63 -63.62 32.69 50.69
N VAL QA 64 -63.52 32.00 49.55
CA VAL QA 64 -64.20 32.40 48.33
C VAL QA 64 -65.45 31.56 48.08
N SER QA 65 -65.67 30.53 48.89
CA SER QA 65 -66.83 29.64 48.84
C SER QA 65 -66.79 28.79 50.09
N VAL QA 66 -67.83 28.82 50.93
CA VAL QA 66 -67.73 28.26 52.27
C VAL QA 66 -68.73 27.13 52.52
N THR QA 67 -69.97 27.26 52.06
CA THR QA 67 -70.99 26.25 52.33
C THR QA 67 -71.18 26.09 53.84
N PRO QA 68 -71.89 27.00 54.49
CA PRO QA 68 -71.94 27.04 55.96
C PRO QA 68 -72.22 25.68 56.56
N PRO QA 69 -71.62 25.37 57.71
CA PRO QA 69 -71.77 24.04 58.28
C PRO QA 69 -73.16 23.81 58.84
N LYS QA 70 -73.54 22.54 58.90
CA LYS QA 70 -74.85 22.17 59.43
C LYS QA 70 -74.83 22.00 60.94
N VAL QA 71 -73.87 21.25 61.46
CA VAL QA 71 -73.82 20.90 62.87
C VAL QA 71 -72.91 21.89 63.58
N SER QA 72 -73.34 22.36 64.74
CA SER QA 72 -72.52 23.30 65.48
C SER QA 72 -71.42 22.57 66.25
N ASN QA 73 -70.38 23.31 66.59
CA ASN QA 73 -69.34 22.78 67.46
C ASN QA 73 -69.73 23.05 68.91
N ALA QA 74 -68.91 22.57 69.84
CA ALA QA 74 -69.28 22.68 71.25
C ALA QA 74 -68.02 22.70 72.09
N PHE QA 75 -68.18 23.20 73.33
CA PHE QA 75 -67.08 23.27 74.28
C PHE QA 75 -67.53 22.75 75.62
N GLY QA 76 -66.71 21.92 76.25
CA GLY QA 76 -66.97 21.42 77.58
C GLY QA 76 -65.78 21.65 78.48
N ARG QA 77 -65.97 21.33 79.76
CA ARG QA 77 -64.92 21.56 80.73
C ARG QA 77 -65.02 20.54 81.86
N THR QA 78 -63.88 20.10 82.36
CA THR QA 78 -63.81 19.11 83.43
C THR QA 78 -62.50 19.29 84.17
N LYS QA 79 -62.48 18.86 85.43
CA LYS QA 79 -61.25 18.87 86.20
C LYS QA 79 -60.44 17.60 85.89
N VAL QA 80 -59.22 17.54 86.41
CA VAL QA 80 -58.40 16.36 86.17
C VAL QA 80 -59.04 15.14 86.83
N GLY QA 81 -58.97 14.01 86.13
CA GLY QA 81 -59.37 12.72 86.64
C GLY QA 81 -60.86 12.47 86.70
N VAL QA 82 -61.68 13.49 86.75
CA VAL QA 82 -63.13 13.29 86.86
C VAL QA 82 -63.71 13.05 85.47
N VAL QA 83 -64.57 12.04 85.36
CA VAL QA 83 -65.17 11.66 84.09
C VAL QA 83 -66.15 12.74 83.66
N PHE QA 84 -66.20 12.99 82.36
CA PHE QA 84 -67.02 14.04 81.80
C PHE QA 84 -68.12 13.46 80.93
N GLU QA 85 -69.33 13.97 81.09
CA GLU QA 85 -70.48 13.63 80.26
C GLU QA 85 -70.87 14.84 79.44
N GLY QA 86 -71.67 14.57 78.40
CA GLY QA 86 -72.19 15.62 77.56
C GLY QA 86 -73.16 15.03 76.57
N THR QA 87 -73.86 15.91 75.87
CA THR QA 87 -74.84 15.49 74.89
C THR QA 87 -74.35 15.81 73.49
N LEU QA 88 -74.97 15.16 72.51
CA LEU QA 88 -74.56 15.34 71.13
C LEU QA 88 -75.79 15.51 70.24
N SER QA 89 -76.86 16.10 70.78
CA SER QA 89 -78.10 16.24 70.04
C SER QA 89 -78.57 17.67 69.87
N ASP QA 90 -78.15 18.60 70.73
CA ASP QA 90 -78.46 20.00 70.57
C ASP QA 90 -77.48 20.69 69.65
N LEU QA 91 -76.61 19.91 69.00
CA LEU QA 91 -75.59 20.44 68.11
C LEU QA 91 -75.97 20.26 66.66
N PHE QA 92 -77.18 19.77 66.40
CA PHE QA 92 -77.66 19.51 65.04
C PHE QA 92 -79.06 20.07 64.89
N PRO QA 93 -79.20 21.38 64.82
CA PRO QA 93 -80.53 21.94 64.52
C PRO QA 93 -80.92 21.54 63.12
N ASN QA 94 -81.89 20.66 63.00
CA ASN QA 94 -82.27 20.18 61.67
C ASN QA 94 -83.45 20.98 61.13
N PRO QA 95 -83.43 21.34 59.85
CA PRO QA 95 -84.60 21.98 59.24
C PRO QA 95 -85.75 21.00 59.07
N GLU QA 96 -85.42 19.84 58.50
CA GLU QA 96 -86.41 18.86 58.07
C GLU QA 96 -86.60 17.74 59.09
N GLY QA 97 -87.36 16.72 58.70
CA GLY QA 97 -87.53 15.53 59.52
C GLY QA 97 -86.64 14.37 59.11
N GLU QA 98 -85.80 13.91 60.03
CA GLU QA 98 -84.91 12.79 59.76
C GLU QA 98 -84.34 12.32 61.08
N GLN QA 99 -83.64 11.18 61.04
CA GLN QA 99 -83.00 10.58 62.18
C GLN QA 99 -81.50 10.92 62.21
N VAL QA 100 -80.92 10.73 63.39
CA VAL QA 100 -79.59 11.24 63.71
C VAL QA 100 -78.61 10.11 64.03
N GLU QA 101 -77.88 9.65 63.03
CA GLU QA 101 -76.89 8.60 63.20
C GLU QA 101 -75.60 9.14 63.77
N TYR QA 102 -75.58 9.43 65.06
CA TYR QA 102 -74.38 9.92 65.74
C TYR QA 102 -73.22 8.96 65.53
N GLU QA 103 -72.05 9.51 65.21
CA GLU QA 103 -70.89 8.69 64.90
C GLU QA 103 -69.61 9.38 65.34
N ILE QA 104 -68.68 8.61 65.91
CA ILE QA 104 -67.37 9.10 66.29
C ILE QA 104 -66.35 8.33 65.46
N SER QA 105 -65.77 8.99 64.46
CA SER QA 105 -64.81 8.35 63.58
C SER QA 105 -63.55 7.98 64.36
N GLU QA 106 -63.04 6.76 64.16
CA GLU QA 106 -61.82 6.34 64.82
C GLU QA 106 -60.58 7.02 64.28
N LEU QA 107 -60.64 7.59 63.09
CA LEU QA 107 -59.47 8.29 62.56
C LEU QA 107 -59.26 9.61 63.29
N ASN QA 108 -60.33 10.23 63.76
CA ASN QA 108 -60.27 11.54 64.39
C ASN QA 108 -60.83 11.48 65.81
N GLY QA 109 -60.52 10.42 66.54
CA GLY QA 109 -60.98 10.31 67.91
C GLY QA 109 -60.19 11.23 68.81
N PRO QA 110 -60.37 11.07 70.12
CA PRO QA 110 -59.62 11.91 71.07
C PRO QA 110 -58.16 11.53 71.12
N SER QA 111 -57.37 12.27 71.89
CA SER QA 111 -55.92 12.05 71.93
C SER QA 111 -55.42 11.61 73.29
N ASN QA 112 -56.05 12.05 74.38
CA ASN QA 112 -55.63 11.67 75.71
C ASN QA 112 -56.81 11.20 76.55
N GLY QA 113 -57.81 10.59 75.93
CA GLY QA 113 -58.98 10.08 76.62
C GLY QA 113 -59.60 8.94 75.86
N VAL QA 114 -60.87 8.66 76.18
CA VAL QA 114 -61.66 7.65 75.46
C VAL QA 114 -63.10 8.13 75.50
N VAL QA 115 -63.85 7.85 74.44
CA VAL QA 115 -65.26 8.21 74.36
C VAL QA 115 -66.09 6.98 74.00
N GLU QA 116 -67.13 6.71 74.79
CA GLU QA 116 -68.05 5.60 74.55
C GLU QA 116 -69.34 6.25 74.04
N LEU QA 117 -69.56 6.25 72.73
CA LEU QA 117 -70.80 6.82 72.22
C LEU QA 117 -71.99 5.97 72.67
N GLY QA 118 -72.99 6.62 73.25
CA GLY QA 118 -74.17 5.95 73.73
C GLY QA 118 -75.11 5.61 72.60
N ALA QA 119 -76.32 5.21 72.99
CA ALA QA 119 -77.33 4.87 71.98
C ALA QA 119 -77.97 6.12 71.39
N ASN QA 120 -78.16 7.16 72.21
CA ASN QA 120 -78.84 8.38 71.78
C ASN QA 120 -77.97 9.58 72.15
N GLY QA 121 -77.19 10.05 71.18
CA GLY QA 121 -76.47 11.31 71.28
C GLY QA 121 -75.77 11.60 72.59
N ALA QA 122 -75.39 10.56 73.31
CA ALA QA 122 -74.71 10.70 74.59
C ALA QA 122 -73.34 10.04 74.51
N PHE QA 123 -72.41 10.55 75.32
CA PHE QA 123 -71.04 10.07 75.23
C PHE QA 123 -70.33 10.40 76.53
N THR QA 124 -69.39 9.54 76.91
CA THR QA 124 -68.61 9.71 78.13
C THR QA 124 -67.14 9.83 77.75
N TYR QA 125 -66.53 10.94 78.12
CA TYR QA 125 -65.11 11.17 77.87
C TYR QA 125 -64.37 11.02 79.19
N THR QA 126 -63.77 9.85 79.39
CA THR QA 126 -62.96 9.61 80.56
C THR QA 126 -61.53 10.08 80.28
N PRO QA 127 -61.10 11.21 80.84
CA PRO QA 127 -59.77 11.72 80.51
C PRO QA 127 -58.68 10.77 80.99
N GLY QA 128 -57.60 10.70 80.21
CA GLY QA 128 -56.48 9.87 80.59
C GLY QA 128 -55.91 10.29 81.94
N ALA QA 129 -55.66 9.30 82.80
CA ALA QA 129 -55.19 9.55 84.14
C ALA QA 129 -53.86 10.30 84.11
N LEU QA 130 -53.70 11.22 85.06
CA LEU QA 130 -52.53 12.07 85.16
C LEU QA 130 -52.29 12.85 83.87
N PHE QA 131 -53.28 13.69 83.54
CA PHE QA 131 -53.20 14.52 82.34
C PHE QA 131 -54.10 15.73 82.52
N THR QA 132 -53.60 16.90 82.15
CA THR QA 132 -54.41 18.12 82.22
C THR QA 132 -54.04 18.99 81.03
N GLY QA 133 -54.97 19.16 80.12
CA GLY QA 133 -54.76 20.01 78.96
C GLY QA 133 -56.05 20.22 78.22
N VAL QA 134 -55.96 20.26 76.90
CA VAL QA 134 -57.13 20.36 76.04
C VAL QA 134 -57.17 19.12 75.15
N ASP QA 135 -58.39 18.69 74.81
CA ASP QA 135 -58.55 17.50 74.00
C ASP QA 135 -59.76 17.67 73.09
N ARG QA 136 -59.64 17.18 71.86
CA ARG QA 136 -60.68 17.30 70.86
C ARG QA 136 -61.06 15.94 70.31
N PHE QA 137 -62.25 15.88 69.72
CA PHE QA 137 -62.63 14.74 68.88
C PHE QA 137 -63.71 15.22 67.94
N TRP QA 138 -63.79 14.57 66.79
CA TRP QA 138 -64.64 15.01 65.69
C TRP QA 138 -65.77 14.00 65.49
N PHE QA 139 -66.98 14.43 65.80
CA PHE QA 139 -68.18 13.63 65.60
C PHE QA 139 -68.77 13.90 64.23
N SER QA 140 -69.67 13.02 63.81
CA SER QA 140 -70.33 13.15 62.50
C SER QA 140 -71.81 12.83 62.68
N ILE QA 141 -72.61 13.85 62.95
CA ILE QA 141 -74.06 13.69 63.10
C ILE QA 141 -74.66 13.64 61.70
N ASN QA 142 -74.88 12.43 61.21
CA ASN QA 142 -75.57 12.21 59.94
C ASN QA 142 -74.79 12.84 58.78
N GLY QA 143 -73.55 12.40 58.63
CA GLY QA 143 -72.72 12.84 57.54
C GLY QA 143 -72.01 14.16 57.78
N ASN QA 144 -72.67 15.08 58.48
CA ASN QA 144 -72.09 16.39 58.74
C ASN QA 144 -71.18 16.34 59.95
N ILE QA 145 -69.98 16.91 59.82
CA ILE QA 145 -68.92 16.77 60.80
C ILE QA 145 -68.73 18.08 61.55
N GLY QA 146 -68.49 17.97 62.86
CA GLY QA 146 -68.13 19.08 63.70
C GLY QA 146 -67.16 18.57 64.73
N GLU QA 147 -66.71 19.45 65.61
CA GLU QA 147 -65.75 19.07 66.63
C GLU QA 147 -66.26 19.43 68.01
N TYR QA 148 -65.88 18.62 68.99
CA TYR QA 148 -66.17 18.85 70.39
C TYR QA 148 -64.86 19.05 71.12
N VAL QA 149 -64.72 20.16 71.83
CA VAL QA 149 -63.49 20.52 72.50
C VAL QA 149 -63.71 20.44 74.00
N ILE QA 150 -62.86 19.66 74.68
CA ILE QA 150 -62.90 19.52 76.12
C ILE QA 150 -61.56 19.95 76.68
N SER QA 151 -61.59 20.69 77.79
CA SER QA 151 -60.40 21.16 78.48
C SER QA 151 -60.41 20.60 79.89
N VAL QA 152 -59.36 19.87 80.26
CA VAL QA 152 -59.25 19.24 81.57
C VAL QA 152 -58.30 20.06 82.42
N ASP QA 153 -58.78 20.46 83.60
CA ASP QA 153 -58.11 21.40 84.48
C ASP QA 153 -57.26 20.67 85.51
N PRO QA 154 -56.20 21.30 86.03
CA PRO QA 154 -55.33 20.60 86.98
C PRO QA 154 -55.81 20.73 88.41
N THR QA 155 -57.14 20.66 88.56
CA THR QA 155 -57.88 20.62 89.82
C THR QA 155 -57.86 21.95 90.58
N THR QA 156 -57.02 22.90 90.19
CA THR QA 156 -57.02 24.11 90.99
C THR QA 156 -58.09 25.11 90.56
N SER QA 157 -57.84 25.86 89.48
CA SER QA 157 -58.78 26.93 89.16
C SER QA 157 -59.80 26.61 88.07
N GLU QA 158 -59.38 26.79 86.81
CA GLU QA 158 -60.20 26.69 85.61
C GLU QA 158 -59.31 26.93 84.39
N LEU QA 159 -59.42 26.15 83.32
CA LEU QA 159 -58.61 26.46 82.14
C LEU QA 159 -59.34 27.44 81.21
N PRO QA 160 -58.59 28.21 80.42
CA PRO QA 160 -59.19 29.07 79.39
C PRO QA 160 -59.74 28.29 78.21
N GLN QA 161 -60.14 28.98 77.15
CA GLN QA 161 -61.00 28.41 76.12
C GLN QA 161 -60.35 28.54 74.74
N PRO QA 162 -60.00 27.44 74.10
CA PRO QA 162 -59.25 27.48 72.84
C PRO QA 162 -60.12 27.85 71.66
N PRO QA 163 -59.51 28.32 70.56
CA PRO QA 163 -60.28 29.02 69.51
C PRO QA 163 -60.95 28.19 68.42
N PHE QA 164 -61.25 26.90 68.62
CA PHE QA 164 -62.11 26.19 67.67
C PHE QA 164 -61.57 26.14 66.25
N THR QA 165 -60.55 25.31 66.01
CA THR QA 165 -59.83 25.24 64.74
C THR QA 165 -60.72 25.42 63.51
N THR QA 166 -60.21 26.22 62.58
CA THR QA 166 -60.91 26.58 61.35
C THR QA 166 -60.75 25.50 60.30
N PRO QA 167 -61.52 25.56 59.20
CA PRO QA 167 -61.39 24.55 58.15
C PRO QA 167 -59.99 24.43 57.56
N VAL QA 168 -59.44 25.54 57.09
CA VAL QA 168 -58.07 25.58 56.58
C VAL QA 168 -57.28 26.54 57.45
N TYR QA 169 -56.07 26.12 57.83
CA TYR QA 169 -55.25 26.94 58.71
C TYR QA 169 -53.79 26.76 58.34
N VAL QA 170 -52.96 27.66 58.85
CA VAL QA 170 -51.52 27.61 58.69
C VAL QA 170 -50.91 27.63 60.08
N PRO QA 171 -50.37 26.51 60.56
CA PRO QA 171 -49.88 26.41 61.93
C PRO QA 171 -49.08 27.61 62.40
N ALA QA 172 -49.33 28.00 63.65
CA ALA QA 172 -48.78 29.21 64.26
C ALA QA 172 -47.30 29.40 63.99
N ALA QA 173 -46.47 28.43 64.37
CA ALA QA 173 -45.05 28.59 64.13
C ALA QA 173 -44.41 27.30 63.67
N ARG QA 174 -44.45 27.05 62.37
CA ARG QA 174 -43.79 25.94 61.73
C ARG QA 174 -43.21 26.40 60.40
N ARG QA 175 -43.03 27.70 60.26
CA ARG QA 175 -42.62 28.34 59.02
C ARG QA 175 -41.14 28.64 59.10
N SER QA 176 -40.46 28.61 57.97
CA SER QA 176 -39.07 29.00 58.01
C SER QA 176 -38.59 29.36 56.62
N VAL QA 177 -37.44 30.01 56.59
CA VAL QA 177 -36.83 30.52 55.37
C VAL QA 177 -35.34 30.29 55.46
N ASP QA 178 -34.76 29.73 54.39
CA ASP QA 178 -33.32 29.56 54.33
C ASP QA 178 -32.75 30.68 53.46
N PRO QA 179 -32.13 31.71 54.03
CA PRO QA 179 -31.65 32.82 53.20
C PRO QA 179 -30.57 32.42 52.23
N ARG QA 180 -30.06 31.20 52.34
CA ARG QA 180 -28.98 30.65 51.55
C ARG QA 180 -29.44 30.18 50.17
N THR QA 181 -30.73 29.86 50.01
CA THR QA 181 -31.26 29.44 48.74
C THR QA 181 -32.62 30.05 48.44
N HIS QA 182 -33.09 30.98 49.26
CA HIS QA 182 -34.32 31.73 49.03
C HIS QA 182 -35.52 30.80 48.88
N VAL QA 183 -35.81 30.07 49.96
CA VAL QA 183 -36.90 29.11 49.95
C VAL QA 183 -37.68 29.26 51.25
N LEU QA 184 -38.99 29.43 51.12
CA LEU QA 184 -39.89 29.54 52.27
C LEU QA 184 -40.64 28.23 52.44
N LYS QA 185 -40.65 27.73 53.67
CA LYS QA 185 -41.37 26.50 54.00
C LYS QA 185 -42.48 26.83 54.97
N PHE QA 186 -43.66 26.28 54.74
CA PHE QA 186 -44.74 26.40 55.71
C PHE QA 186 -45.66 25.20 55.57
N VAL QA 187 -46.44 24.98 56.59
CA VAL QA 187 -47.33 23.83 56.66
C VAL QA 187 -48.75 24.30 56.40
N LEU QA 188 -49.54 23.46 55.74
CA LEU QA 188 -50.93 23.79 55.43
C LEU QA 188 -51.80 22.62 55.89
N GLY QA 189 -52.62 22.86 56.90
CA GLY QA 189 -53.45 21.82 57.48
C GLY QA 189 -54.92 22.06 57.18
N VAL QA 190 -55.64 20.98 56.93
CA VAL QA 190 -57.07 21.02 56.61
C VAL QA 190 -57.83 20.28 57.69
N SER QA 191 -58.81 20.94 58.30
CA SER QA 191 -59.57 20.31 59.35
C SER QA 191 -60.42 19.19 58.77
N PRO QA 192 -60.83 18.22 59.58
CA PRO QA 192 -61.72 17.17 59.07
C PRO QA 192 -63.12 17.66 58.76
N ALA QA 193 -63.47 18.88 59.15
CA ALA QA 193 -64.80 19.41 58.92
C ALA QA 193 -64.89 20.26 57.67
N ALA QA 194 -63.80 20.39 56.92
CA ALA QA 194 -63.85 21.13 55.67
C ALA QA 194 -64.75 20.42 54.68
N ILE QA 195 -65.64 21.16 54.04
CA ILE QA 195 -66.63 20.56 53.15
C ILE QA 195 -66.06 20.50 51.74
N PRO QA 196 -66.10 19.35 51.08
CA PRO QA 196 -65.52 19.25 49.73
C PRO QA 196 -66.21 20.18 48.76
N GLY QA 197 -65.43 20.76 47.86
CA GLY QA 197 -65.92 21.70 46.90
C GLY QA 197 -65.68 23.15 47.24
N ASP QA 198 -65.38 23.47 48.49
CA ASP QA 198 -65.12 24.84 48.89
C ASP QA 198 -63.78 25.31 48.32
N VAL QA 199 -63.60 26.63 48.37
CA VAL QA 199 -62.37 27.27 47.91
C VAL QA 199 -61.98 28.33 48.93
N TYR QA 200 -60.74 28.31 49.37
CA TYR QA 200 -60.19 29.34 50.23
C TYR QA 200 -59.01 30.00 49.54
N ARG QA 201 -58.63 31.17 50.03
CA ARG QA 201 -57.55 31.93 49.42
C ARG QA 201 -56.51 32.29 50.48
N LEU QA 202 -55.26 31.96 50.22
CA LEU QA 202 -54.16 32.24 51.13
C LEU QA 202 -53.29 33.30 50.49
N THR QA 203 -53.04 34.39 51.21
CA THR QA 203 -52.18 35.46 50.76
C THR QA 203 -50.91 35.48 51.61
N VAL QA 204 -49.76 35.52 50.94
CA VAL QA 204 -48.45 35.46 51.59
C VAL QA 204 -47.71 36.75 51.30
N ARG QA 205 -47.27 37.43 52.35
CA ARG QA 205 -46.50 38.65 52.23
C ARG QA 205 -45.10 38.42 52.78
N GLN QA 206 -44.13 38.33 51.89
CA GLN QA 206 -42.77 37.98 52.26
C GLN QA 206 -41.85 39.15 52.00
N VAL QA 207 -40.94 39.42 52.94
CA VAL QA 207 -40.02 40.54 52.86
C VAL QA 207 -38.63 39.99 52.60
N ALA QA 208 -37.96 40.52 51.60
CA ALA QA 208 -36.54 40.37 51.45
C ALA QA 208 -35.88 41.51 52.21
N ILE QA 209 -34.57 41.67 52.06
CA ILE QA 209 -33.87 42.69 52.81
C ILE QA 209 -32.63 43.07 52.02
N ASP QA 210 -32.35 44.37 51.99
CA ASP QA 210 -31.15 44.83 51.29
C ASP QA 210 -30.00 44.93 52.27
N CYS QA 211 -28.82 45.15 51.72
CA CYS QA 211 -27.61 44.80 52.45
C CYS QA 211 -27.37 45.78 53.61
N ASP QA 212 -28.09 46.90 53.62
CA ASP QA 212 -28.19 47.81 54.77
C ASP QA 212 -29.37 47.53 55.67
N GLY QA 213 -30.21 46.54 55.36
CA GLY QA 213 -31.32 46.20 56.22
C GLY QA 213 -32.66 46.82 55.90
N ASN QA 214 -32.81 47.45 54.73
CA ASN QA 214 -34.11 47.97 54.34
C ASN QA 214 -34.94 46.83 53.74
N GLU QA 215 -36.10 47.14 53.17
CA GLU QA 215 -37.09 46.09 52.97
C GLU QA 215 -37.54 46.05 51.53
N PHE QA 216 -37.84 44.83 51.07
CA PHE QA 216 -38.44 44.60 49.76
C PHE QA 216 -39.60 43.63 49.97
N VAL QA 217 -40.81 44.09 49.75
CA VAL QA 217 -42.00 43.30 50.01
C VAL QA 217 -42.45 42.60 48.73
N HIS QA 218 -43.08 41.44 48.90
CA HIS QA 218 -43.59 40.64 47.80
C HIS QA 218 -44.87 39.96 48.23
N ILE QA 219 -45.90 40.03 47.41
CA ILE QA 219 -47.21 39.50 47.75
C ILE QA 219 -47.69 38.56 46.65
N SER QA 220 -48.25 37.42 47.05
CA SER QA 220 -48.85 36.47 46.13
C SER QA 220 -49.99 35.76 46.84
N CYS QA 221 -50.80 35.02 46.08
CA CYS QA 221 -51.90 34.27 46.68
C CYS QA 221 -51.88 32.84 46.20
N TYR QA 222 -52.61 31.99 46.90
CA TYR QA 222 -52.86 30.63 46.47
C TYR QA 222 -54.30 30.28 46.76
N ASP QA 223 -54.91 29.53 45.86
CA ASP QA 223 -56.32 29.15 45.94
C ASP QA 223 -56.42 27.71 46.39
N ILE QA 224 -56.78 27.50 47.64
CA ILE QA 224 -56.88 26.16 48.21
C ILE QA 224 -58.29 25.66 47.99
N SER QA 225 -58.43 24.63 47.15
CA SER QA 225 -59.73 24.09 46.78
C SER QA 225 -59.92 22.76 47.50
N ILE QA 226 -60.81 22.75 48.49
CA ILE QA 226 -61.02 21.56 49.30
C ILE QA 226 -61.68 20.50 48.44
N GLY QA 227 -60.90 19.49 48.03
CA GLY QA 227 -61.44 18.34 47.35
C GLY QA 227 -61.57 17.17 48.32
N SER QA 228 -62.43 16.25 47.93
CA SER QA 228 -62.53 14.97 48.61
C SER QA 228 -61.92 13.91 47.72
N CYS QA 229 -61.30 12.92 48.35
CA CYS QA 229 -60.54 11.90 47.63
C CYS QA 229 -59.39 12.51 46.83
N GLY QA 230 -58.44 13.07 47.57
CA GLY QA 230 -57.25 13.61 46.97
C GLY QA 230 -57.47 15.00 46.43
N MET RA 1 -36.97 42.44 40.17
CA MET RA 1 -36.15 43.61 39.89
C MET RA 1 -36.21 43.99 38.43
N TYR RA 2 -36.62 45.23 38.16
CA TYR RA 2 -36.66 45.76 36.81
C TYR RA 2 -35.27 46.19 36.38
N PHE RA 3 -34.97 45.99 35.10
CA PHE RA 3 -33.68 46.42 34.56
C PHE RA 3 -33.94 47.11 33.24
N PHE RA 4 -33.58 48.39 33.16
CA PHE RA 4 -33.76 49.17 31.95
C PHE RA 4 -32.42 49.63 31.42
N SER RA 5 -32.28 49.66 30.12
CA SER RA 5 -31.14 50.28 29.46
C SER RA 5 -31.59 51.56 28.80
N VAL RA 6 -30.83 52.61 28.98
CA VAL RA 6 -31.23 53.96 28.55
C VAL RA 6 -30.85 54.15 27.09
N ASP RA 7 -31.56 55.05 26.42
CA ASP RA 7 -31.27 55.30 25.02
C ASP RA 7 -30.07 56.25 24.90
N PRO RA 8 -29.13 55.95 24.00
CA PRO RA 8 -27.79 56.53 24.15
C PRO RA 8 -27.60 57.90 23.49
N ARG RA 9 -28.63 58.50 22.92
CA ARG RA 9 -28.54 59.84 22.32
C ARG RA 9 -27.47 59.90 21.24
N ASN RA 10 -27.57 59.01 20.26
CA ASN RA 10 -26.71 58.98 19.09
C ASN RA 10 -27.35 59.53 17.84
N GLY RA 11 -28.67 59.71 17.83
CA GLY RA 11 -29.38 59.84 16.59
C GLY RA 11 -29.77 58.50 16.01
N ALA RA 12 -29.81 57.45 16.84
CA ALA RA 12 -30.09 56.10 16.39
C ALA RA 12 -30.88 55.34 17.46
N SER RA 13 -30.90 54.01 17.36
CA SER RA 13 -31.64 53.17 18.30
C SER RA 13 -31.05 53.20 19.70
N SER RA 21 -45.52 51.64 22.69
CA SER RA 21 -46.15 52.59 21.79
C SER RA 21 -45.92 54.03 22.26
N CYS RA 22 -45.92 54.22 23.57
CA CYS RA 22 -45.68 55.55 24.14
C CYS RA 22 -44.21 55.92 24.14
N CYS RA 23 -43.99 57.13 24.66
CA CYS RA 23 -42.66 57.65 24.88
C CYS RA 23 -41.95 56.94 26.03
N CYS RA 24 -42.54 56.97 27.21
CA CYS RA 24 -41.88 56.49 28.42
C CYS RA 24 -42.20 55.02 28.62
N GLU RA 25 -41.18 54.22 28.95
CA GLU RA 25 -41.34 52.78 29.09
C GLU RA 25 -42.17 52.45 30.33
N SER RA 26 -42.48 51.18 30.50
CA SER RA 26 -43.54 50.72 31.37
C SER RA 26 -43.00 49.92 32.55
N ILE RA 27 -43.68 50.08 33.69
CA ILE RA 27 -43.38 49.38 34.92
C ILE RA 27 -44.71 48.94 35.54
N SER RA 28 -44.92 47.64 35.66
CA SER RA 28 -46.13 47.16 36.30
C SER RA 28 -45.92 47.04 37.80
N ALA RA 29 -46.97 47.36 38.56
CA ALA RA 29 -46.84 47.43 40.00
C ALA RA 29 -48.10 46.89 40.65
N ARG RA 30 -47.94 46.31 41.84
CA ARG RA 30 -49.03 45.71 42.59
C ARG RA 30 -49.16 46.37 43.95
N PRO RA 31 -50.37 46.70 44.38
CA PRO RA 31 -50.54 47.46 45.63
C PRO RA 31 -49.98 46.74 46.84
N GLY RA 32 -49.07 47.38 47.56
CA GLY RA 32 -48.44 46.82 48.73
C GLY RA 32 -46.99 46.43 48.53
N GLU RA 33 -46.58 46.18 47.29
CA GLU RA 33 -45.23 45.77 46.98
C GLU RA 33 -44.23 46.86 47.27
N VAL RA 34 -42.96 46.47 47.32
CA VAL RA 34 -41.82 47.37 47.30
C VAL RA 34 -40.76 46.68 46.46
N ASN RA 35 -40.57 47.14 45.23
CA ASN RA 35 -39.71 46.46 44.29
C ASN RA 35 -38.40 47.24 44.12
N GLY RA 36 -37.55 46.77 43.22
CA GLY RA 36 -36.30 47.46 42.96
C GLY RA 36 -36.04 47.64 41.48
N VAL RA 37 -35.52 48.80 41.10
CA VAL RA 37 -35.33 49.14 39.70
C VAL RA 37 -33.87 49.48 39.45
N MET RA 38 -33.32 48.96 38.35
CA MET RA 38 -31.96 49.22 37.95
C MET RA 38 -31.94 49.82 36.55
N VAL RA 39 -31.21 50.91 36.37
CA VAL RA 39 -31.10 51.59 35.09
C VAL RA 39 -29.63 51.66 34.72
N SER RA 40 -29.30 51.22 33.51
CA SER RA 40 -27.92 51.11 33.07
C SER RA 40 -27.60 52.24 32.11
N TYR RA 41 -26.94 53.27 32.61
CA TYR RA 41 -26.55 54.40 31.80
C TYR RA 41 -25.31 54.16 30.98
N ALA RA 42 -24.84 52.92 30.87
CA ALA RA 42 -23.58 52.64 30.19
C ALA RA 42 -23.59 53.11 28.76
N ALA RA 43 -24.70 52.92 28.05
CA ALA RA 43 -24.76 53.27 26.64
C ALA RA 43 -24.60 54.76 26.39
N TRP RA 44 -24.93 55.59 27.37
CA TRP RA 44 -24.87 57.04 27.20
C TRP RA 44 -23.64 57.66 27.84
N SER RA 45 -23.25 57.20 29.00
CA SER RA 45 -22.20 57.84 29.78
C SER RA 45 -20.83 57.23 29.57
N ALA RA 46 -20.73 56.10 28.86
CA ALA RA 46 -19.40 55.52 28.63
C ALA RA 46 -18.64 56.28 27.55
N PRO RA 47 -19.22 56.58 26.38
CA PRO RA 47 -18.50 57.41 25.41
C PRO RA 47 -18.05 58.74 25.97
N LEU RA 48 -18.84 59.35 26.84
CA LEU RA 48 -18.41 60.58 27.52
C LEU RA 48 -17.33 60.24 28.54
N ARG RA 49 -16.15 59.89 28.03
CA ARG RA 49 -15.10 59.39 28.91
C ARG RA 49 -14.80 60.41 29.99
N GLY RA 50 -15.18 60.10 31.22
CA GLY RA 50 -15.03 61.04 32.32
C GLY RA 50 -15.06 60.31 33.64
N HIS RA 51 -15.74 60.89 34.64
CA HIS RA 51 -15.84 60.28 35.95
C HIS RA 51 -17.20 59.66 36.20
N GLY RA 52 -17.90 59.25 35.15
CA GLY RA 52 -19.11 58.48 35.30
C GLY RA 52 -20.25 59.27 35.92
N LEU RA 53 -21.14 58.54 36.59
CA LEU RA 53 -22.34 59.14 37.16
C LEU RA 53 -22.01 59.81 38.48
N THR RA 54 -22.94 60.63 38.96
CA THR RA 54 -22.84 61.21 40.30
C THR RA 54 -24.17 61.04 41.01
N ASN RA 55 -24.14 61.21 42.33
CA ASN RA 55 -25.34 61.05 43.15
C ASN RA 55 -26.15 62.35 43.19
N LYS RA 56 -26.52 62.82 42.02
CA LYS RA 56 -27.41 63.96 41.92
C LYS RA 56 -28.60 63.62 41.03
N THR RA 57 -29.24 62.50 41.31
CA THR RA 57 -30.47 62.12 40.62
C THR RA 57 -31.65 62.83 41.25
N THR RA 58 -32.64 63.16 40.44
CA THR RA 58 -33.86 63.79 40.90
C THR RA 58 -35.04 63.06 40.29
N PHE RA 59 -36.05 62.79 41.12
CA PHE RA 59 -37.23 62.06 40.69
C PHE RA 59 -38.45 62.94 40.80
N GLU RA 60 -39.48 62.61 40.03
CA GLU RA 60 -40.75 63.31 40.13
C GLU RA 60 -41.86 62.36 39.75
N ILE RA 61 -42.92 62.33 40.56
CA ILE RA 61 -44.08 61.48 40.32
C ILE RA 61 -45.25 62.37 39.95
N ASP RA 62 -45.94 62.02 38.88
CA ASP RA 62 -47.15 62.71 38.45
C ASP RA 62 -48.14 61.68 37.93
N GLY RA 63 -49.41 61.89 38.21
CA GLY RA 63 -50.45 60.96 37.82
C GLY RA 63 -51.00 61.28 36.45
N VAL RA 64 -51.14 60.24 35.62
CA VAL RA 64 -51.81 60.36 34.35
C VAL RA 64 -53.23 59.78 34.40
N SER RA 65 -53.60 59.16 35.52
CA SER RA 65 -54.92 58.60 35.78
C SER RA 65 -54.96 58.23 37.25
N VAL RA 66 -55.90 58.77 38.03
CA VAL RA 66 -55.81 58.69 39.48
C VAL RA 66 -57.00 57.97 40.10
N THR RA 67 -58.22 58.22 39.63
CA THR RA 67 -59.41 57.61 40.25
C THR RA 67 -59.50 58.01 41.71
N PRO RA 68 -59.95 59.23 42.01
CA PRO RA 68 -59.87 59.77 43.37
C PRO RA 68 -60.38 58.78 44.41
N PRO RA 69 -59.77 58.76 45.59
CA PRO RA 69 -60.15 57.76 46.59
C PRO RA 69 -61.51 58.05 47.19
N LYS RA 70 -62.15 57.00 47.70
CA LYS RA 70 -63.45 57.14 48.32
C LYS RA 70 -63.35 57.49 49.80
N VAL RA 71 -62.53 56.76 50.54
CA VAL RA 71 -62.44 56.89 51.99
C VAL RA 71 -61.29 57.83 52.31
N SER RA 72 -61.52 58.76 53.22
CA SER RA 72 -60.47 59.68 53.61
C SER RA 72 -59.48 59.01 54.57
N ASN RA 73 -58.28 59.57 54.63
CA ASN RA 73 -57.31 59.14 55.63
C ASN RA 73 -57.52 59.97 56.91
N ALA RA 74 -56.75 59.66 57.94
CA ALA RA 74 -56.97 60.32 59.22
C ALA RA 74 -55.68 60.33 60.01
N PHE RA 75 -55.62 61.24 60.99
CA PHE RA 75 -54.45 61.37 61.85
C PHE RA 75 -54.90 61.46 63.30
N GLY RA 76 -54.23 60.71 64.17
CA GLY RA 76 -54.48 60.77 65.60
C GLY RA 76 -53.20 61.01 66.36
N ARG RA 77 -53.34 61.19 67.67
CA ARG RA 77 -52.19 61.49 68.50
C ARG RA 77 -52.42 60.95 69.91
N THR RA 78 -51.36 60.46 70.52
CA THR RA 78 -51.42 59.90 71.86
C THR RA 78 -50.05 60.02 72.51
N LYS RA 79 -50.01 60.04 73.83
CA LYS RA 79 -48.75 60.02 74.54
C LYS RA 79 -48.25 58.59 74.69
N VAL RA 80 -47.04 58.43 75.20
CA VAL RA 80 -46.51 57.08 75.39
C VAL RA 80 -47.33 56.33 76.42
N GLY RA 81 -47.55 55.05 76.15
CA GLY RA 81 -48.18 54.14 77.08
C GLY RA 81 -49.68 54.25 77.22
N VAL RA 82 -50.26 55.40 76.92
CA VAL RA 82 -51.71 55.58 77.10
C VAL RA 82 -52.43 55.02 75.87
N VAL RA 83 -53.49 54.26 76.12
CA VAL RA 83 -54.26 53.62 75.07
C VAL RA 83 -55.02 54.68 74.29
N PHE RA 84 -55.13 54.48 72.99
CA PHE RA 84 -55.74 55.45 72.09
C PHE RA 84 -57.01 54.87 71.49
N GLU RA 85 -58.07 55.67 71.47
CA GLU RA 85 -59.33 55.33 70.81
C GLU RA 85 -59.52 56.24 69.62
N GLY RA 86 -60.43 55.84 68.74
CA GLY RA 86 -60.79 56.63 67.59
C GLY RA 86 -61.94 55.99 66.87
N THR RA 87 -62.49 56.70 65.91
CA THR RA 87 -63.62 56.22 65.14
C THR RA 87 -63.18 55.93 63.72
N LEU RA 88 -64.00 55.14 63.02
CA LEU RA 88 -63.67 54.76 61.66
C LEU RA 88 -64.90 54.89 60.77
N SER RA 89 -65.78 55.85 61.08
CA SER RA 89 -67.02 56.01 60.34
C SER RA 89 -67.19 57.37 59.69
N ASP RA 90 -66.51 58.40 60.17
CA ASP RA 90 -66.53 59.71 59.53
C ASP RA 90 -65.51 59.81 58.44
N LEU RA 91 -64.87 58.69 58.09
CA LEU RA 91 -63.84 58.63 57.07
C LEU RA 91 -64.36 58.06 55.77
N PHE RA 92 -65.67 57.82 55.70
CA PHE RA 92 -66.30 57.23 54.51
C PHE RA 92 -67.56 58.00 54.19
N PRO RA 93 -67.42 59.21 53.66
CA PRO RA 93 -68.62 59.92 53.19
C PRO RA 93 -69.20 59.17 52.01
N ASN RA 94 -70.35 58.54 52.21
CA ASN RA 94 -70.93 57.75 51.14
C ASN RA 94 -71.95 58.56 50.35
N PRO RA 95 -71.96 58.45 49.02
CA PRO RA 95 -73.01 59.10 48.23
C PRO RA 95 -74.35 58.41 48.42
N GLU RA 96 -74.31 57.08 48.28
CA GLU RA 96 -75.52 56.26 48.22
C GLU RA 96 -75.86 55.63 49.56
N GLY RA 97 -76.85 54.73 49.56
CA GLY RA 97 -77.20 53.95 50.73
C GLY RA 97 -76.61 52.56 50.74
N GLU RA 98 -75.82 52.25 51.76
CA GLU RA 98 -75.21 50.93 51.90
C GLU RA 98 -74.64 50.83 53.30
N GLN RA 99 -74.21 49.61 53.64
CA GLN RA 99 -73.62 49.31 54.93
C GLN RA 99 -72.09 49.28 54.84
N VAL RA 100 -71.46 49.38 56.00
CA VAL RA 100 -70.04 49.65 56.13
C VAL RA 100 -69.29 48.50 56.81
N GLU RA 101 -68.76 47.58 56.03
CA GLU RA 101 -68.01 46.45 56.56
C GLU RA 101 -66.59 46.85 56.89
N TYR RA 102 -66.40 47.55 58.01
CA TYR RA 102 -65.08 47.95 58.48
C TYR RA 102 -64.16 46.74 58.60
N GLU RA 103 -62.93 46.87 58.11
CA GLU RA 103 -62.00 45.75 58.10
C GLU RA 103 -60.57 46.25 58.27
N ILE RA 104 -59.78 45.52 59.07
CA ILE RA 104 -58.37 45.80 59.25
C ILE RA 104 -57.61 44.59 58.74
N SER RA 105 -56.99 44.72 57.57
CA SER RA 105 -56.25 43.62 56.96
C SER RA 105 -55.04 43.27 57.81
N GLU RA 106 -54.82 41.97 58.05
CA GLU RA 106 -53.67 41.53 58.82
C GLU RA 106 -52.36 41.70 58.07
N LEU RA 107 -52.39 41.83 56.75
CA LEU RA 107 -51.15 42.03 56.00
C LEU RA 107 -50.61 43.42 56.24
N ASN RA 108 -51.48 44.39 56.46
CA ASN RA 108 -51.09 45.79 56.61
C ASN RA 108 -51.54 46.33 57.96
N GLY RA 109 -51.40 45.55 59.01
CA GLY RA 109 -51.76 45.99 60.33
C GLY RA 109 -50.73 46.97 60.87
N PRO RA 110 -50.83 47.31 62.15
CA PRO RA 110 -49.84 48.23 62.74
C PRO RA 110 -48.50 47.56 62.91
N SER RA 111 -47.52 48.31 63.39
CA SER RA 111 -46.15 47.81 63.50
C SER RA 111 -45.64 47.75 64.92
N ASN RA 112 -46.08 48.65 65.79
CA ASN RA 112 -45.64 48.66 67.18
C ASN RA 112 -46.82 48.78 68.14
N GLY RA 113 -47.97 48.24 67.75
CA GLY RA 113 -49.16 48.27 68.57
C GLY RA 113 -50.07 47.11 68.27
N VAL RA 114 -51.34 47.24 68.66
CA VAL RA 114 -52.38 46.26 68.34
C VAL RA 114 -53.68 47.04 68.22
N VAL RA 115 -54.56 46.59 67.32
CA VAL RA 115 -55.86 47.22 67.13
C VAL RA 115 -56.96 46.16 67.22
N GLU RA 116 -57.97 46.42 68.06
CA GLU RA 116 -59.11 45.53 68.21
C GLU RA 116 -60.28 46.24 67.51
N LEU RA 117 -60.59 45.85 66.28
CA LEU RA 117 -61.72 46.49 65.62
C LEU RA 117 -63.02 46.12 66.33
N GLY RA 118 -63.81 47.14 66.65
CA GLY RA 118 -65.06 46.96 67.34
C GLY RA 118 -66.14 46.47 66.41
N ALA RA 119 -67.38 46.51 66.90
CA ALA RA 119 -68.51 46.09 66.08
C ALA RA 119 -68.92 47.18 65.10
N ASN RA 120 -68.83 48.44 65.51
CA ASN RA 120 -69.26 49.57 64.69
C ASN RA 120 -68.13 50.59 64.61
N GLY RA 121 -67.34 50.53 63.54
CA GLY RA 121 -66.37 51.56 63.20
C GLY RA 121 -65.52 52.10 64.32
N ALA RA 122 -65.31 51.30 65.36
CA ALA RA 122 -64.52 51.71 66.51
C ALA RA 122 -63.33 50.77 66.65
N PHE RA 123 -62.25 51.29 67.24
CA PHE RA 123 -61.03 50.52 67.32
C PHE RA 123 -60.16 51.10 68.42
N THR RA 124 -59.39 50.23 69.07
CA THR RA 124 -58.50 50.62 70.15
C THR RA 124 -57.08 50.27 69.75
N TYR RA 125 -56.22 51.26 69.72
CA TYR RA 125 -54.80 51.07 69.40
C TYR RA 125 -54.01 51.21 70.68
N THR RA 126 -53.66 50.07 71.27
CA THR RA 126 -52.82 50.07 72.46
C THR RA 126 -51.36 50.07 72.02
N PRO RA 127 -50.65 51.20 72.16
CA PRO RA 127 -49.28 51.25 71.67
C PRO RA 127 -48.37 50.30 72.44
N GLY RA 128 -47.40 49.74 71.74
CA GLY RA 128 -46.46 48.85 72.38
C GLY RA 128 -45.70 49.55 73.50
N ALA RA 129 -45.60 48.87 74.64
CA ALA RA 129 -44.98 49.45 75.81
C ALA RA 129 -43.53 49.83 75.53
N LEU RA 130 -43.10 50.95 76.10
CA LEU RA 130 -41.77 51.50 75.89
C LEU RA 130 -41.48 51.73 74.41
N PHE RA 131 -42.29 52.60 73.81
CA PHE RA 131 -42.14 52.94 72.40
C PHE RA 131 -42.74 54.31 72.16
N THR RA 132 -42.04 55.15 71.41
CA THR RA 132 -42.56 56.47 71.05
C THR RA 132 -42.12 56.79 69.64
N GLY RA 133 -43.06 56.85 68.72
CA GLY RA 133 -42.77 57.18 67.34
C GLY RA 133 -44.04 57.41 66.58
N VAL RA 134 -44.06 56.99 65.33
CA VAL RA 134 -45.24 57.06 64.48
C VAL RA 134 -45.62 55.64 64.08
N ASP RA 135 -46.91 55.40 63.91
CA ASP RA 135 -47.39 54.08 63.56
C ASP RA 135 -48.61 54.20 62.66
N ARG RA 136 -48.70 53.31 61.68
CA ARG RA 136 -49.76 53.32 60.69
C ARG RA 136 -50.46 51.98 60.65
N PHE RA 137 -51.68 51.98 60.11
CA PHE RA 137 -52.36 50.76 59.73
C PHE RA 137 -53.39 51.11 58.67
N TRP RA 138 -53.69 50.15 57.81
CA TRP RA 138 -54.52 50.37 56.64
C TRP RA 138 -55.85 49.65 56.81
N PHE RA 139 -56.91 50.42 56.95
CA PHE RA 139 -58.26 49.88 57.04
C PHE RA 139 -58.89 49.82 55.67
N SER RA 140 -59.99 49.06 55.57
CA SER RA 140 -60.72 48.90 54.31
C SER RA 140 -62.21 49.00 54.59
N ILE RA 141 -62.75 50.21 54.49
CA ILE RA 141 -64.18 50.43 54.70
C ILE RA 141 -64.89 50.06 53.40
N ASN RA 142 -65.40 48.82 53.35
CA ASN RA 142 -66.22 48.37 52.24
C ASN RA 142 -65.42 48.37 50.93
N GLY RA 143 -64.31 47.65 50.95
CA GLY RA 143 -63.50 47.49 49.76
C GLY RA 143 -62.51 48.62 49.53
N ASN RA 144 -62.90 49.84 49.87
CA ASN RA 144 -62.04 50.99 49.66
C ASN RA 144 -61.06 51.15 50.81
N ILE RA 145 -59.79 51.35 50.48
CA ILE RA 145 -58.71 51.31 51.46
C ILE RA 145 -58.19 52.73 51.71
N GLY RA 146 -57.88 53.00 52.97
CA GLY RA 146 -57.22 54.23 53.37
C GLY RA 146 -56.30 53.88 54.52
N GLU RA 147 -55.60 54.89 55.03
CA GLU RA 147 -54.67 54.66 56.12
C GLU RA 147 -54.98 55.57 57.30
N TYR RA 148 -54.69 55.07 58.50
CA TYR RA 148 -54.82 55.82 59.73
C TYR RA 148 -53.44 55.95 60.34
N VAL RA 149 -53.02 57.18 60.63
CA VAL RA 149 -51.68 57.45 61.13
C VAL RA 149 -51.80 57.92 62.56
N ILE RA 150 -51.08 57.26 63.46
CA ILE RA 150 -51.03 57.62 64.87
C ILE RA 150 -49.59 57.90 65.24
N SER RA 151 -49.38 58.95 66.03
CA SER RA 151 -48.06 59.34 66.51
C SER RA 151 -48.07 59.31 68.03
N VAL RA 152 -47.17 58.53 68.62
CA VAL RA 152 -47.09 58.37 70.07
C VAL RA 152 -45.93 59.20 70.58
N ASP RA 153 -46.21 60.06 71.54
CA ASP RA 153 -45.29 61.07 72.06
C ASP RA 153 -44.54 60.55 73.26
N PRO RA 154 -43.33 61.06 73.54
CA PRO RA 154 -42.55 60.54 74.67
C PRO RA 154 -42.88 61.26 75.96
N THR RA 155 -44.17 61.54 76.13
CA THR RA 155 -44.80 62.09 77.33
C THR RA 155 -44.45 63.55 77.58
N THR RA 156 -43.46 64.11 76.88
CA THR RA 156 -43.14 65.48 77.23
C THR RA 156 -44.00 66.49 76.48
N SER RA 157 -43.69 66.76 75.20
CA SER RA 157 -44.41 67.83 74.53
C SER RA 157 -45.55 67.41 73.63
N GLU RA 158 -45.21 67.07 72.38
CA GLU RA 158 -46.12 66.75 71.29
C GLU RA 158 -45.30 66.37 70.06
N LEU RA 159 -45.66 65.31 69.32
CA LEU RA 159 -44.91 65.02 68.11
C LEU RA 159 -45.48 65.76 66.90
N PRO RA 160 -44.65 66.03 65.89
CA PRO RA 160 -45.14 66.62 64.63
C PRO RA 160 -45.93 65.63 63.79
N GLN RA 161 -46.26 66.00 62.55
CA GLN RA 161 -47.30 65.32 61.79
C GLN RA 161 -46.75 64.84 60.45
N PRO RA 162 -46.70 63.52 60.23
CA PRO RA 162 -46.06 62.97 59.03
C PRO RA 162 -46.92 63.11 57.79
N PRO RA 163 -46.32 63.03 56.61
CA PRO RA 163 -47.01 63.49 55.38
C PRO RA 163 -47.92 62.53 54.65
N PHE RA 164 -48.47 61.48 55.28
CA PHE RA 164 -49.53 60.70 54.63
C PHE RA 164 -49.13 60.06 53.31
N THR RA 165 -48.34 59.00 53.38
CA THR RA 165 -47.75 58.33 52.21
C THR RA 165 -48.68 58.29 51.00
N THR RA 166 -48.08 58.58 49.83
CA THR RA 166 -48.79 58.67 48.56
C THR RA 166 -48.94 57.29 47.94
N PRO RA 167 -49.77 57.14 46.90
CA PRO RA 167 -49.94 55.83 46.26
C PRO RA 167 -48.65 55.23 45.75
N VAL RA 168 -47.92 55.95 44.92
CA VAL RA 168 -46.62 55.51 44.43
C VAL RA 168 -45.57 56.49 44.90
N TYR RA 169 -44.45 55.98 45.40
CA TYR RA 169 -43.42 56.82 45.95
C TYR RA 169 -42.05 56.21 45.65
N VAL RA 170 -41.02 57.03 45.82
CA VAL RA 170 -39.63 56.59 45.68
C VAL RA 170 -38.93 56.94 46.98
N PRO RA 171 -38.59 55.95 47.81
CA PRO RA 171 -38.04 56.22 49.14
C PRO RA 171 -36.96 57.29 49.17
N ALA RA 172 -37.02 58.12 50.20
CA ALA RA 172 -36.19 59.31 50.35
C ALA RA 172 -34.72 59.05 50.03
N ALA RA 173 -34.09 58.10 50.71
CA ALA RA 173 -32.69 57.86 50.44
C ALA RA 173 -32.38 56.37 50.45
N ARG RA 174 -32.58 55.73 49.31
CA ARG RA 174 -32.21 54.34 49.10
C ARG RA 174 -31.66 54.18 47.68
N ARG RA 175 -31.22 55.28 47.10
CA ARG RA 175 -30.79 55.36 45.72
C ARG RA 175 -29.28 55.33 45.69
N SER RA 176 -28.71 54.77 44.63
CA SER RA 176 -27.27 54.83 44.53
C SER RA 176 -26.84 54.58 43.11
N VAL RA 177 -25.58 54.90 42.85
CA VAL RA 177 -24.98 54.83 41.53
C VAL RA 177 -23.57 54.31 41.68
N ASP RA 178 -23.21 53.31 40.88
CA ASP RA 178 -21.84 52.81 40.87
C ASP RA 178 -21.13 53.40 39.67
N PRO RA 179 -20.26 54.40 39.84
CA PRO RA 179 -19.62 55.02 38.67
C PRO RA 179 -18.73 54.08 37.90
N ARG RA 180 -18.49 52.90 38.43
CA ARG RA 180 -17.61 51.89 37.87
C ARG RA 180 -18.27 51.10 36.74
N THR RA 181 -19.60 51.05 36.71
CA THR RA 181 -20.32 50.35 35.66
C THR RA 181 -21.54 51.12 35.18
N HIS RA 182 -21.74 52.35 35.63
CA HIS RA 182 -22.79 53.23 35.15
C HIS RA 182 -24.17 52.60 35.34
N VAL RA 183 -24.52 52.36 36.59
CA VAL RA 183 -25.79 51.73 36.93
C VAL RA 183 -26.41 52.47 38.09
N LEU RA 184 -27.66 52.89 37.92
CA LEU RA 184 -28.42 53.57 38.96
C LEU RA 184 -29.41 52.60 39.57
N LYS RA 185 -29.44 52.56 40.91
CA LYS RA 185 -30.37 51.71 41.64
C LYS RA 185 -31.30 52.59 42.45
N PHE RA 186 -32.59 52.28 42.42
CA PHE RA 186 -33.53 52.95 43.29
C PHE RA 186 -34.69 52.02 43.57
N VAL RA 187 -35.42 52.33 44.60
CA VAL RA 187 -36.52 51.51 45.07
C VAL RA 187 -37.83 52.16 44.68
N LEU RA 188 -38.82 51.35 44.35
CA LEU RA 188 -40.14 51.87 43.95
C LEU RA 188 -41.19 51.16 44.78
N GLY RA 189 -41.86 51.90 45.65
CA GLY RA 189 -42.84 51.33 46.55
C GLY RA 189 -44.24 51.77 46.19
N VAL RA 190 -45.20 50.87 46.34
CA VAL RA 190 -46.60 51.12 46.02
C VAL RA 190 -47.41 50.98 47.30
N SER RA 191 -48.18 52.00 47.64
CA SER RA 191 -48.97 51.96 48.85
C SER RA 191 -50.08 50.93 48.69
N PRO RA 192 -50.62 50.40 49.79
CA PRO RA 192 -51.75 49.48 49.68
C PRO RA 192 -53.04 50.14 49.22
N ALA RA 193 -53.09 51.46 49.17
CA ALA RA 193 -54.29 52.17 48.77
C ALA RA 193 -54.29 52.55 47.30
N ALA RA 194 -53.27 52.17 46.55
CA ALA RA 194 -53.26 52.45 45.11
C ALA RA 194 -54.37 51.66 44.44
N ILE RA 195 -55.12 52.33 43.58
CA ILE RA 195 -56.30 51.70 42.96
C ILE RA 195 -55.86 51.04 41.66
N PRO RA 196 -56.19 49.78 41.43
CA PRO RA 196 -55.76 49.10 40.21
C PRO RA 196 -56.32 49.79 38.97
N GLY RA 197 -55.50 49.83 37.92
CA GLY RA 197 -55.86 50.48 36.70
C GLY RA 197 -55.29 51.87 36.51
N ASP RA 198 -54.83 52.51 37.58
CA ASP RA 198 -54.26 53.83 37.48
C ASP RA 198 -52.90 53.79 36.78
N VAL RA 199 -52.44 54.96 36.36
CA VAL RA 199 -51.15 55.11 35.72
C VAL RA 199 -50.47 56.34 36.31
N TYR RA 200 -49.22 56.18 36.72
CA TYR RA 200 -48.40 57.29 37.17
C TYR RA 200 -47.17 57.40 36.29
N ARG RA 201 -46.51 58.54 36.34
CA ARG RA 201 -45.34 58.80 35.51
C ARG RA 201 -44.18 59.25 36.38
N LEU RA 202 -43.05 58.57 36.24
CA LEU RA 202 -41.85 58.88 36.99
C LEU RA 202 -40.82 59.44 36.02
N THR RA 203 -40.30 60.62 36.33
CA THR RA 203 -39.26 61.26 35.53
C THR RA 203 -37.95 61.27 36.32
N VAL RA 204 -36.88 60.82 35.68
CA VAL RA 204 -35.57 60.69 36.30
C VAL RA 204 -34.60 61.61 35.58
N ARG RA 205 -33.94 62.48 36.33
CA ARG RA 205 -32.94 63.39 35.79
C ARG RA 205 -31.59 63.05 36.39
N GLN RA 206 -30.72 62.45 35.58
CA GLN RA 206 -29.45 61.93 36.04
C GLN RA 206 -28.32 62.72 35.39
N VAL RA 207 -27.31 63.08 36.19
CA VAL RA 207 -26.18 63.86 35.71
C VAL RA 207 -24.95 62.97 35.66
N ALA RA 208 -24.28 62.96 34.53
CA ALA RA 208 -22.94 62.45 34.45
C ALA RA 208 -21.99 63.60 34.76
N ILE RA 209 -20.70 63.39 34.57
CA ILE RA 209 -19.73 64.42 34.91
C ILE RA 209 -18.51 64.23 34.03
N ASP RA 210 -17.96 65.34 33.55
CA ASP RA 210 -16.76 65.25 32.74
C ASP RA 210 -15.54 65.41 33.63
N CYS RA 211 -14.38 65.17 33.03
CA CYS RA 211 -13.22 64.81 33.83
C CYS RA 211 -12.69 66.05 34.57
N ASP RA 212 -13.15 67.24 34.20
CA ASP RA 212 -12.96 68.47 34.96
C ASP RA 212 -14.10 68.79 35.92
N GLY RA 213 -15.15 67.98 35.97
CA GLY RA 213 -16.23 68.20 36.90
C GLY RA 213 -17.43 68.96 36.38
N ASN RA 214 -17.55 69.18 35.07
CA ASN RA 214 -18.73 69.82 34.52
C ASN RA 214 -19.83 68.77 34.36
N GLU RA 215 -20.94 69.12 33.72
CA GLU RA 215 -22.14 68.32 33.90
C GLU RA 215 -22.71 67.89 32.56
N PHE RA 216 -23.29 66.69 32.55
CA PHE RA 216 -24.03 66.18 31.41
C PHE RA 216 -25.35 65.63 31.94
N VAL RA 217 -26.44 66.24 31.57
CA VAL RA 217 -27.76 65.87 32.10
C VAL RA 217 -28.44 64.91 31.14
N HIS RA 218 -29.29 64.05 31.70
CA HIS RA 218 -30.03 63.06 30.94
C HIS RA 218 -31.40 62.87 31.59
N ILE RA 219 -32.46 62.90 30.79
CA ILE RA 219 -33.82 62.82 31.30
C ILE RA 219 -34.57 61.70 30.59
N SER RA 220 -35.32 60.92 31.36
CA SER RA 220 -36.19 59.87 30.83
C SER RA 220 -37.38 59.72 31.74
N CYS RA 221 -38.39 58.97 31.29
CA CYS RA 221 -39.57 58.74 32.12
C CYS RA 221 -39.89 57.26 32.15
N TYR RA 222 -40.72 56.88 33.12
CA TYR RA 222 -41.29 55.55 33.19
C TYR RA 222 -42.75 55.65 33.58
N ASP RA 223 -43.57 54.80 32.99
CA ASP RA 223 -45.02 54.81 33.20
C ASP RA 223 -45.38 53.66 34.12
N ILE RA 224 -45.68 53.97 35.37
CA ILE RA 224 -46.01 52.97 36.37
C ILE RA 224 -47.51 52.73 36.33
N SER RA 225 -47.93 51.56 35.90
CA SER RA 225 -49.34 51.22 35.75
C SER RA 225 -49.75 50.30 36.88
N ILE RA 226 -50.54 50.83 37.82
CA ILE RA 226 -50.93 50.05 38.99
C ILE RA 226 -51.86 48.94 38.54
N GLY RA 227 -51.35 47.71 38.51
CA GLY RA 227 -52.17 46.54 38.27
C GLY RA 227 -52.47 45.84 39.58
N SER RA 228 -53.53 45.05 39.55
CA SER RA 228 -53.85 44.14 40.63
C SER RA 228 -53.54 42.73 40.15
N CYS RA 229 -53.10 41.89 41.09
CA CYS RA 229 -52.64 40.56 40.76
C CYS RA 229 -51.45 40.58 39.80
N GLY RA 230 -50.34 41.13 40.29
CA GLY RA 230 -49.12 41.14 39.53
C GLY RA 230 -49.08 42.29 38.55
N MET SA 1 -23.82 60.64 23.14
CA MET SA 1 -22.80 61.44 22.48
C MET SA 1 -22.90 61.31 20.97
N TYR SA 2 -23.06 62.45 20.29
CA TYR SA 2 -23.10 62.48 18.84
C TYR SA 2 -21.68 62.43 18.28
N PHE SA 3 -21.54 61.74 17.16
CA PHE SA 3 -20.24 61.67 16.50
C PHE SA 3 -20.44 61.91 15.02
N PHE SA 4 -19.84 62.97 14.50
CA PHE SA 4 -19.94 63.31 13.09
C PHE SA 4 -18.58 63.26 12.44
N SER SA 5 -18.54 62.82 11.20
CA SER SA 5 -17.35 62.90 10.37
C SER SA 5 -17.58 63.96 9.31
N VAL SA 6 -16.59 64.81 9.11
CA VAL SA 6 -16.74 65.98 8.25
C VAL SA 6 -16.45 65.59 6.81
N ASP SA 7 -16.99 66.34 5.87
CA ASP SA 7 -16.78 66.04 4.47
C ASP SA 7 -15.42 66.59 4.02
N PRO SA 8 -14.63 65.80 3.28
CA PRO SA 8 -13.20 66.08 3.22
C PRO SA 8 -12.77 67.08 2.13
N ARG SA 9 -13.70 67.67 1.38
CA ARG SA 9 -13.38 68.66 0.36
C ARG SA 9 -12.41 68.11 -0.68
N ASN SA 10 -12.78 66.99 -1.29
CA ASN SA 10 -12.03 66.39 -2.38
C ASN SA 10 -12.65 66.60 -3.74
N GLY SA 11 -13.89 67.06 -3.81
CA GLY SA 11 -14.66 66.92 -5.02
C GLY SA 11 -15.37 65.59 -5.09
N ALA SA 12 -15.56 64.93 -3.95
CA ALA SA 12 -16.16 63.60 -3.90
C ALA SA 12 -17.00 63.44 -2.64
N SER SA 13 -17.30 62.19 -2.28
CA SER SA 13 -18.13 61.92 -1.10
C SER SA 13 -17.44 62.28 0.20
N SER SA 21 -31.62 65.13 3.58
CA SER SA 21 -32.11 65.84 2.41
C SER SA 21 -31.54 67.26 2.36
N CYS SA 22 -31.39 67.87 3.52
CA CYS SA 22 -30.83 69.21 3.60
C CYS SA 22 -29.32 69.24 3.47
N CYS SA 23 -28.81 70.46 3.53
CA CYS SA 23 -27.38 70.71 3.56
C CYS SA 23 -26.75 70.29 4.87
N CYS SA 24 -27.23 70.84 5.99
CA CYS SA 24 -26.59 70.66 7.28
C CYS SA 24 -27.20 69.45 7.98
N GLU SA 25 -26.34 68.60 8.55
CA GLU SA 25 -26.79 67.37 9.18
C GLU SA 25 -27.56 67.68 10.46
N SER SA 26 -28.12 66.63 11.06
CA SER SA 26 -29.18 66.75 12.05
C SER SA 26 -28.74 66.30 13.43
N ILE SA 27 -29.27 66.97 14.44
CA ILE SA 27 -29.03 66.68 15.84
C ILE SA 27 -30.36 66.78 16.57
N SER SA 28 -30.83 65.69 17.13
CA SER SA 28 -32.06 65.73 17.91
C SER SA 28 -31.77 66.08 19.36
N ALA SA 29 -32.66 66.86 19.96
CA ALA SA 29 -32.40 67.37 21.30
C ALA SA 29 -33.69 67.39 22.09
N ARG SA 30 -33.57 67.23 23.40
CA ARG SA 30 -34.69 67.17 24.31
C ARG SA 30 -34.56 68.27 25.36
N PRO SA 31 -35.65 68.98 25.66
CA PRO SA 31 -35.54 70.13 26.57
C PRO SA 31 -35.05 69.75 27.95
N GLY SA 32 -33.97 70.38 28.40
CA GLY SA 32 -33.38 70.12 29.69
C GLY SA 32 -32.07 69.37 29.64
N GLU SA 33 -31.83 68.64 28.55
CA GLU SA 33 -30.63 67.84 28.42
C GLU SA 33 -29.39 68.72 28.30
N VAL SA 34 -28.24 68.08 28.48
CA VAL SA 34 -26.94 68.66 28.14
C VAL SA 34 -26.11 67.50 27.59
N ASN SA 35 -25.94 67.46 26.28
CA ASN SA 35 -25.32 66.32 25.63
C ASN SA 35 -23.89 66.68 25.20
N GLY SA 36 -23.23 65.76 24.51
CA GLY SA 36 -21.88 66.02 24.03
C GLY SA 36 -21.72 65.64 22.58
N VAL SA 37 -20.99 66.45 21.81
CA VAL SA 37 -20.85 66.25 20.37
C VAL SA 37 -19.38 66.14 20.03
N MET SA 38 -19.05 65.18 19.18
CA MET SA 38 -17.69 64.98 18.70
C MET SA 38 -17.66 65.05 17.19
N VAL SA 39 -16.73 65.82 16.64
CA VAL SA 39 -16.58 65.99 15.20
C VAL SA 39 -15.16 65.59 14.83
N SER SA 40 -15.03 64.71 13.84
CA SER SA 40 -13.75 64.14 13.46
C SER SA 40 -13.28 64.78 12.16
N TYR SA 41 -12.38 65.75 12.28
CA TYR SA 41 -11.82 66.43 11.12
C TYR SA 41 -10.73 65.64 10.43
N ALA SA 42 -10.54 64.36 10.76
CA ALA SA 42 -9.43 63.61 10.22
C ALA SA 42 -9.46 63.55 8.71
N ALA SA 43 -10.64 63.39 8.12
CA ALA SA 43 -10.73 63.25 6.67
C ALA SA 43 -10.28 64.49 5.92
N TRP SA 44 -10.35 65.65 6.55
CA TRP SA 44 -10.00 66.91 5.90
C TRP SA 44 -8.62 67.41 6.27
N SER SA 45 -8.25 67.31 7.53
CA SER SA 45 -7.02 67.91 8.03
C SER SA 45 -5.83 66.97 8.05
N ALA SA 46 -6.03 65.68 7.77
CA ALA SA 46 -4.88 64.77 7.75
C ALA SA 46 -4.07 64.92 6.47
N PRO SA 47 -4.66 64.93 5.28
CA PRO SA 47 -3.86 65.21 4.07
C PRO SA 47 -3.10 66.51 4.14
N LEU SA 48 -3.67 67.55 4.74
CA LEU SA 48 -2.93 68.80 4.96
C LEU SA 48 -1.87 68.58 6.03
N ARG SA 49 -0.83 67.83 5.67
CA ARG SA 49 0.15 67.43 6.67
C ARG SA 49 0.75 68.65 7.32
N GLY SA 50 0.41 68.88 8.59
CA GLY SA 50 0.83 70.06 9.30
C GLY SA 50 0.76 69.86 10.79
N HIS SA 51 0.31 70.87 11.52
CA HIS SA 51 0.18 70.78 12.97
C HIS SA 51 -1.25 70.60 13.42
N GLY SA 52 -2.10 70.04 12.57
CA GLY SA 52 -3.43 69.65 12.99
C GLY SA 52 -4.33 70.84 13.30
N LEU SA 53 -5.30 70.60 14.18
CA LEU SA 53 -6.30 71.60 14.51
C LEU SA 53 -5.73 72.58 15.52
N THR SA 54 -6.42 73.71 15.69
CA THR SA 54 -6.08 74.66 16.74
C THR SA 54 -7.37 75.04 17.48
N ASN SA 55 -7.19 75.65 18.65
CA ASN SA 55 -8.33 76.04 19.49
C ASN SA 55 -8.84 77.42 19.08
N LYS SA 56 -9.20 77.55 17.82
CA LYS SA 56 -9.83 78.77 17.32
C LYS SA 56 -11.13 78.42 16.61
N THR SA 57 -11.97 77.63 17.26
CA THR SA 57 -13.31 77.33 16.75
C THR SA 57 -14.26 78.46 17.11
N THR SA 58 -15.21 78.71 16.22
CA THR SA 58 -16.23 79.71 16.44
C THR SA 58 -17.58 79.10 16.13
N PHE SA 59 -18.55 79.36 17.00
CA PHE SA 59 -19.89 78.82 16.86
C PHE SA 59 -20.90 79.94 16.66
N GLU SA 60 -22.02 79.61 16.05
CA GLU SA 60 -23.10 80.58 15.91
C GLU SA 60 -24.42 79.83 15.89
N ILE SA 61 -25.40 80.32 16.66
CA ILE SA 61 -26.72 79.72 16.73
C ILE SA 61 -27.70 80.68 16.08
N ASP SA 62 -28.54 80.15 15.19
CA ASP SA 62 -29.60 80.90 14.56
C ASP SA 62 -30.83 80.01 14.43
N GLY SA 63 -32.00 80.60 14.62
CA GLY SA 63 -33.23 79.84 14.58
C GLY SA 63 -33.81 79.80 13.18
N VAL SA 64 -34.24 78.61 12.77
CA VAL SA 64 -34.97 78.43 11.53
C VAL SA 64 -36.47 78.24 11.78
N SER SA 65 -36.87 78.14 13.05
CA SER SA 65 -38.25 78.01 13.49
C SER SA 65 -38.26 78.17 15.00
N VAL SA 66 -38.99 79.14 15.54
CA VAL SA 66 -38.81 79.54 16.94
C VAL SA 66 -40.07 79.36 17.77
N THR SA 67 -41.24 79.70 17.24
CA THR SA 67 -42.48 79.61 18.04
C THR SA 67 -42.36 80.50 19.27
N PRO SA 68 -42.52 81.81 19.13
CA PRO SA 68 -42.22 82.75 20.22
C PRO SA 68 -42.84 82.31 21.54
N PRO SA 69 -42.16 82.54 22.66
CA PRO SA 69 -42.66 82.04 23.94
C PRO SA 69 -43.87 82.82 24.41
N LYS SA 70 -44.67 82.18 25.25
CA LYS SA 70 -45.87 82.81 25.79
C LYS SA 70 -45.57 83.60 27.05
N VAL SA 71 -44.87 83.00 28.00
CA VAL SA 71 -44.64 83.59 29.31
C VAL SA 71 -43.30 84.29 29.29
N SER SA 72 -43.25 85.50 29.83
CA SER SA 72 -41.99 86.23 29.86
C SER SA 72 -41.09 85.72 30.99
N ASN SA 73 -39.81 85.98 30.86
CA ASN SA 73 -38.88 85.71 31.94
C ASN SA 73 -38.79 86.94 32.85
N ALA SA 74 -38.03 86.83 33.93
CA ALA SA 74 -38.00 87.91 34.90
C ALA SA 74 -36.68 87.90 35.63
N PHE SA 75 -36.36 89.03 36.24
CA PHE SA 75 -35.12 89.19 37.00
C PHE SA 75 -35.42 89.85 38.33
N GLY SA 76 -34.85 89.32 39.40
CA GLY SA 76 -34.97 89.90 40.73
C GLY SA 76 -33.61 90.08 41.36
N ARG SA 77 -33.61 90.73 42.52
CA ARG SA 77 -32.36 91.02 43.19
C ARG SA 77 -32.58 91.06 44.70
N THR SA 78 -31.60 90.57 45.45
CA THR SA 78 -31.66 90.53 46.90
C THR SA 78 -30.25 90.53 47.45
N LYS SA 79 -30.10 91.00 48.69
CA LYS SA 79 -28.82 90.93 49.35
C LYS SA 79 -28.63 89.56 50.00
N VAL SA 80 -27.44 89.31 50.52
CA VAL SA 80 -27.19 88.02 51.16
C VAL SA 80 -28.07 87.86 52.39
N GLY SA 81 -28.58 86.66 52.58
CA GLY SA 81 -29.31 86.27 53.77
C GLY SA 81 -30.73 86.76 53.87
N VAL SA 82 -31.08 87.84 53.19
CA VAL SA 82 -32.43 88.38 53.30
C VAL SA 82 -33.36 87.64 52.35
N VAL SA 83 -34.53 87.27 52.85
CA VAL SA 83 -35.50 86.49 52.08
C VAL SA 83 -36.08 87.38 50.99
N PHE SA 84 -36.33 86.78 49.83
CA PHE SA 84 -36.80 87.51 48.67
C PHE SA 84 -38.20 87.06 48.30
N GLU SA 85 -39.06 88.02 48.00
CA GLU SA 85 -40.42 87.78 47.51
C GLU SA 85 -40.51 88.26 46.08
N GLY SA 86 -41.56 87.80 45.40
CA GLY SA 86 -41.83 88.21 44.03
C GLY SA 86 -43.14 87.63 43.59
N THR SA 87 -43.60 88.10 42.44
CA THR SA 87 -44.86 87.66 41.89
C THR SA 87 -44.61 86.81 40.65
N LEU SA 88 -45.63 86.04 40.27
CA LEU SA 88 -45.51 85.15 39.13
C LEU SA 88 -46.75 85.26 38.25
N SER SA 89 -47.38 86.44 38.21
CA SER SA 89 -48.61 86.62 37.47
C SER SA 89 -48.54 87.68 36.38
N ASP SA 90 -47.63 88.63 36.48
CA ASP SA 90 -47.42 89.63 35.44
C ASP SA 90 -46.49 89.11 34.36
N LEU SA 91 -46.14 87.83 34.43
CA LEU SA 91 -45.22 87.21 33.48
C LEU SA 91 -45.96 86.36 32.46
N PHE SA 92 -47.29 86.40 32.48
CA PHE SA 92 -48.12 85.61 31.57
C PHE SA 92 -49.21 86.50 31.00
N PRO SA 93 -48.87 87.40 30.10
CA PRO SA 93 -49.93 88.16 29.41
C PRO SA 93 -50.74 87.21 28.57
N ASN SA 94 -51.98 86.96 28.97
CA ASN SA 94 -52.79 86.00 28.24
C ASN SA 94 -53.68 86.71 27.23
N PRO SA 95 -53.82 86.17 26.01
CA PRO SA 95 -54.77 86.74 25.06
C PRO SA 95 -56.20 86.46 25.47
N GLU SA 96 -56.46 85.20 25.80
CA GLU SA 96 -57.82 84.70 26.03
C GLU SA 96 -58.18 84.64 27.51
N GLY SA 97 -59.33 84.05 27.81
CA GLY SA 97 -59.74 83.81 29.19
C GLY SA 97 -59.45 82.41 29.67
N GLU SA 98 -58.66 82.29 30.73
CA GLU SA 98 -58.34 81.00 31.32
C GLU SA 98 -57.70 81.24 32.68
N GLN SA 99 -57.51 80.15 33.41
CA GLN SA 99 -56.89 80.16 34.72
C GLN SA 99 -55.41 79.76 34.64
N VAL SA 100 -54.69 80.10 35.70
CA VAL SA 100 -53.24 80.07 35.71
C VAL SA 100 -52.70 79.09 36.76
N GLU SA 101 -52.43 77.85 36.33
CA GLU SA 101 -51.90 76.83 37.22
C GLU SA 101 -50.40 76.99 37.39
N TYR SA 102 -49.99 77.96 38.20
CA TYR SA 102 -48.57 78.18 38.50
C TYR SA 102 -47.93 76.91 39.04
N GLU SA 103 -46.74 76.59 38.52
CA GLU SA 103 -46.07 75.35 38.90
C GLU SA 103 -44.56 75.54 38.89
N ILE SA 104 -43.88 74.97 39.88
CA ILE SA 104 -42.43 74.95 39.95
C ILE SA 104 -41.98 73.51 39.88
N SER SA 105 -41.45 73.10 38.74
CA SER SA 105 -41.01 71.73 38.55
C SER SA 105 -39.84 71.42 39.47
N GLU SA 106 -39.88 70.25 40.13
CA GLU SA 106 -38.79 69.85 41.00
C GLU SA 106 -37.54 69.46 40.24
N LEU SA 107 -37.65 69.14 38.96
CA LEU SA 107 -36.45 68.79 38.18
C LEU SA 107 -35.61 70.02 37.92
N ASN SA 108 -36.24 71.19 37.80
CA ASN SA 108 -35.56 72.42 37.46
C ASN SA 108 -35.77 73.48 38.52
N GLY SA 109 -35.71 73.07 39.79
CA GLY SA 109 -35.86 74.01 40.87
C GLY SA 109 -34.61 74.85 41.04
N PRO SA 110 -34.53 75.61 42.12
CA PRO SA 110 -33.33 76.43 42.37
C PRO SA 110 -32.15 75.57 42.76
N SER SA 111 -30.99 76.20 42.93
CA SER SA 111 -29.76 75.47 43.20
C SER SA 111 -29.16 75.77 44.57
N ASN SA 112 -29.33 77.00 45.07
CA ASN SA 112 -28.78 77.37 46.37
C ASN SA 112 -29.83 78.06 47.22
N GLY SA 113 -31.10 77.69 47.06
CA GLY SA 113 -32.18 78.28 47.82
C GLY SA 113 -33.35 77.32 47.94
N VAL SA 114 -34.52 77.85 48.27
CA VAL SA 114 -35.76 77.09 48.31
C VAL SA 114 -36.88 78.04 47.92
N VAL SA 115 -37.90 77.53 47.24
CA VAL SA 115 -39.05 78.34 46.84
C VAL SA 115 -40.33 77.66 47.30
N GLU SA 116 -41.20 78.40 48.00
CA GLU SA 116 -42.49 77.88 48.45
C GLU SA 116 -43.53 78.57 47.56
N LEU SA 117 -44.01 77.87 46.54
CA LEU SA 117 -45.04 78.48 45.70
C LEU SA 117 -46.32 78.68 46.49
N GLY SA 118 -46.85 79.91 46.45
CA GLY SA 118 -48.05 80.25 47.16
C GLY SA 118 -49.29 79.73 46.46
N ALA SA 119 -50.44 80.22 46.91
CA ALA SA 119 -51.70 79.82 46.28
C ALA SA 119 -51.95 80.57 44.99
N ASN SA 120 -51.55 81.84 44.94
CA ASN SA 120 -51.80 82.69 43.78
C ASN SA 120 -50.49 83.35 43.35
N GLY SA 121 -49.83 82.75 42.36
CA GLY SA 121 -48.69 83.35 41.69
C GLY SA 121 -47.66 84.04 42.56
N ALA SA 122 -47.54 83.62 43.80
CA ALA SA 122 -46.59 84.19 44.74
C ALA SA 122 -45.61 83.11 45.19
N PHE SA 123 -44.41 83.53 45.56
CA PHE SA 123 -43.38 82.59 45.90
C PHE SA 123 -42.31 83.29 46.73
N THR SA 124 -41.70 82.54 47.63
CA THR SA 124 -40.66 83.06 48.52
C THR SA 124 -39.38 82.27 48.26
N TYR SA 125 -38.34 82.99 47.88
CA TYR SA 125 -37.03 82.38 47.64
C TYR SA 125 -36.13 82.76 48.81
N THR SA 126 -35.97 81.84 49.74
CA THR SA 126 -35.06 82.04 50.85
C THR SA 126 -33.66 81.58 50.44
N PRO SA 127 -32.73 82.48 50.18
CA PRO SA 127 -31.42 82.06 49.69
C PRO SA 127 -30.67 81.25 50.74
N GLY SA 128 -29.91 80.28 50.27
CA GLY SA 128 -29.12 79.47 51.18
C GLY SA 128 -28.15 80.32 51.99
N ALA SA 129 -28.10 80.05 53.30
CA ALA SA 129 -27.28 80.84 54.19
C ALA SA 129 -25.81 80.76 53.79
N LEU SA 130 -25.11 81.89 53.94
CA LEU SA 130 -23.72 82.01 53.55
C LEU SA 130 -23.51 81.65 52.08
N PHE SA 131 -24.16 82.44 51.22
CA PHE SA 131 -24.05 82.25 49.78
C PHE SA 131 -24.38 83.55 49.08
N THR SA 132 -23.57 83.90 48.08
CA THR SA 132 -23.83 85.11 47.30
C THR SA 132 -23.44 84.83 45.86
N GLY SA 133 -24.42 84.79 44.98
CA GLY SA 133 -24.18 84.57 43.57
C GLY SA 133 -25.43 84.81 42.78
N VAL SA 134 -25.64 84.00 41.75
CA VAL SA 134 -26.84 84.05 40.94
C VAL SA 134 -27.54 82.70 41.05
N ASP SA 135 -28.86 82.72 40.97
CA ASP SA 135 -29.64 81.50 41.11
C ASP SA 135 -30.87 81.59 40.22
N ARG SA 136 -31.22 80.46 39.60
CA ARG SA 136 -32.34 80.38 38.68
C ARG SA 136 -33.30 79.30 39.10
N PHE SA 137 -34.53 79.39 38.60
CA PHE SA 137 -35.48 78.30 38.66
C PHE SA 137 -36.50 78.50 37.55
N TRP SA 138 -37.06 77.40 37.09
CA TRP SA 138 -37.92 77.40 35.91
C TRP SA 138 -39.35 77.10 36.31
N PHE SA 139 -40.22 78.08 36.19
CA PHE SA 139 -41.64 77.93 36.47
C PHE SA 139 -42.38 77.55 35.20
N SER SA 140 -43.61 77.08 35.37
CA SER SA 140 -44.46 76.67 34.25
C SER SA 140 -45.87 77.18 34.48
N ILE SA 141 -46.15 78.38 33.97
CA ILE SA 141 -47.48 78.98 34.09
C ILE SA 141 -48.35 78.36 33.01
N ASN SA 142 -49.11 77.34 33.38
CA ASN SA 142 -50.10 76.73 32.49
C ASN SA 142 -49.43 76.11 31.28
N GLY SA 143 -48.50 75.20 31.53
CA GLY SA 143 -47.83 74.48 30.46
C GLY SA 143 -46.65 75.21 29.86
N ASN SA 144 -46.75 76.53 29.77
CA ASN SA 144 -45.67 77.32 29.16
C ASN SA 144 -44.60 77.63 30.18
N ILE SA 145 -43.35 77.41 29.81
CA ILE SA 145 -42.22 77.46 30.73
C ILE SA 145 -41.40 78.72 30.48
N GLY SA 146 -40.93 79.33 31.57
CA GLY SA 146 -40.00 80.43 31.52
C GLY SA 146 -39.09 80.30 32.71
N GLU SA 147 -38.15 81.23 32.84
CA GLU SA 147 -37.20 81.17 33.94
C GLU SA 147 -37.22 82.48 34.73
N TYR SA 148 -36.95 82.35 36.03
CA TYR SA 148 -36.82 83.49 36.93
C TYR SA 148 -35.40 83.50 37.45
N VAL SA 149 -34.70 84.62 37.29
CA VAL SA 149 -33.30 84.74 37.67
C VAL SA 149 -33.20 85.68 38.85
N ILE SA 150 -32.57 85.21 39.93
CA ILE SA 150 -32.33 86.00 41.12
C ILE SA 150 -30.84 86.05 41.37
N SER SA 151 -30.35 87.23 41.74
CA SER SA 151 -28.94 87.46 42.05
C SER SA 151 -28.84 87.94 43.49
N VAL SA 152 -28.08 87.22 44.31
CA VAL SA 152 -27.92 87.54 45.73
C VAL SA 152 -26.57 88.21 45.92
N ASP SA 153 -26.58 89.38 46.53
CA ASP SA 153 -25.43 90.27 46.65
C ASP SA 153 -24.72 90.03 47.97
N PRO SA 154 -23.41 90.32 48.05
CA PRO SA 154 -22.67 90.04 49.28
C PRO SA 154 -22.73 91.21 50.25
N THR SA 155 -23.92 91.81 50.32
CA THR SA 155 -24.32 92.87 51.25
C THR SA 155 -23.65 94.21 50.99
N THR SA 156 -22.62 94.25 50.13
CA THR SA 156 -21.99 95.56 49.98
C THR SA 156 -22.68 96.43 48.92
N SER SA 157 -22.42 96.17 47.64
CA SER SA 157 -22.95 97.10 46.65
C SER SA 157 -24.22 96.66 45.95
N GLU SA 158 -24.06 95.84 44.88
CA GLU SA 158 -25.11 95.39 43.97
C GLU SA 158 -24.49 94.45 42.96
N LEU SA 159 -25.12 93.32 42.62
CA LEU SA 159 -24.54 92.47 41.59
C LEU SA 159 -25.05 92.88 40.20
N PRO SA 160 -24.26 92.59 39.15
CA PRO SA 160 -24.71 92.81 37.77
C PRO SA 160 -25.76 91.81 37.33
N GLN SA 161 -26.11 91.81 36.04
CA GLN SA 161 -27.33 91.16 35.56
C GLN SA 161 -27.00 90.15 34.47
N PRO SA 162 -27.24 88.86 34.72
CA PRO SA 162 -26.83 87.81 33.78
C PRO SA 162 -27.74 87.71 32.57
N PRO SA 163 -27.27 87.11 31.48
CA PRO SA 163 -27.94 87.28 30.18
C PRO SA 163 -29.09 86.35 29.82
N PHE SA 164 -29.79 85.73 30.77
CA PHE SA 164 -31.04 85.04 30.44
C PHE SA 164 -30.90 83.92 29.43
N THR SA 165 -30.34 82.78 29.85
CA THR SA 165 -30.01 81.66 28.98
C THR SA 165 -31.01 81.42 27.86
N THR SA 166 -30.47 81.17 26.67
CA THR SA 166 -31.24 80.97 25.45
C THR SA 166 -31.73 79.54 25.34
N PRO SA 167 -32.65 79.25 24.42
CA PRO SA 167 -33.15 77.87 24.27
C PRO SA 167 -32.06 76.85 24.00
N VAL SA 168 -31.26 77.07 22.96
CA VAL SA 168 -30.12 76.20 22.65
C VAL SA 168 -28.86 77.04 22.75
N TYR SA 169 -27.84 76.47 23.40
CA TYR SA 169 -26.61 77.21 23.61
C TYR SA 169 -25.43 76.23 23.55
N VAL SA 170 -24.24 76.80 23.42
CA VAL SA 170 -22.99 76.04 23.43
C VAL SA 170 -22.13 76.63 24.53
N PRO SA 171 -21.94 75.94 25.65
CA PRO SA 171 -21.24 76.50 26.81
C PRO SA 171 -19.96 77.24 26.46
N ALA SA 172 -19.76 78.37 27.15
CA ALA SA 172 -18.68 79.32 26.87
C ALA SA 172 -17.34 78.64 26.66
N ALA SA 173 -16.87 77.86 27.62
CA ALA SA 173 -15.58 77.24 27.44
C ALA SA 173 -15.58 75.81 27.96
N ARG SA 174 -16.01 74.88 27.12
CA ARG SA 174 -15.96 73.45 27.39
C ARG SA 174 -15.58 72.70 26.13
N ARG SA 175 -14.96 73.42 25.20
CA ARG SA 175 -14.63 72.93 23.87
C ARG SA 175 -13.16 72.55 23.85
N SER SA 176 -12.82 71.56 23.05
CA SER SA 176 -11.41 71.24 22.94
C SER SA 176 -11.16 70.45 21.68
N VAL SA 177 -9.89 70.37 21.33
CA VAL SA 177 -9.42 69.72 20.11
C VAL SA 177 -8.14 68.98 20.42
N ASP SA 178 -8.07 67.72 20.02
CA ASP SA 178 -6.85 66.94 20.18
C ASP SA 178 -6.12 66.93 18.84
N PRO SA 179 -5.05 67.70 18.66
CA PRO SA 179 -4.40 67.74 17.35
C PRO SA 179 -3.78 66.42 16.94
N ARG SA 180 -3.75 65.45 17.84
CA ARG SA 180 -3.16 64.14 17.68
C ARG SA 180 -4.06 63.20 16.88
N THR SA 181 -5.37 63.44 16.87
CA THR SA 181 -6.30 62.60 16.13
C THR SA 181 -7.36 63.42 15.41
N HIS SA 182 -7.26 64.75 15.42
CA HIS SA 182 -8.14 65.63 14.66
C HIS SA 182 -9.61 65.43 15.07
N VAL SA 183 -9.89 65.70 16.33
CA VAL SA 183 -11.24 65.53 16.86
C VAL SA 183 -11.59 66.73 17.70
N LEU SA 184 -12.73 67.34 17.41
CA LEU SA 184 -13.24 68.49 18.14
C LEU SA 184 -14.36 68.03 19.05
N LYS SA 185 -14.29 68.44 20.32
CA LYS SA 185 -15.32 68.13 21.31
C LYS SA 185 -15.98 69.42 21.76
N PHE SA 186 -17.30 69.40 21.84
CA PHE SA 186 -18.00 70.53 22.43
C PHE SA 186 -19.31 70.04 23.01
N VAL SA 187 -19.87 70.84 23.89
CA VAL SA 187 -21.08 70.48 24.61
C VAL SA 187 -22.24 71.26 24.02
N LEU SA 188 -23.41 70.62 23.99
CA LEU SA 188 -24.61 71.25 23.43
C LEU SA 188 -25.72 71.13 24.47
N GLY SA 189 -26.15 72.24 25.03
CA GLY SA 189 -27.16 72.24 26.08
C GLY SA 189 -28.46 72.86 25.60
N VAL SA 190 -29.57 72.29 26.04
CA VAL SA 190 -30.90 72.72 25.66
C VAL SA 190 -31.62 73.21 26.91
N SER SA 191 -32.12 74.43 26.88
CA SER SA 191 -32.81 74.98 28.04
C SER SA 191 -34.12 74.23 28.24
N PRO SA 192 -34.67 74.25 29.46
CA PRO SA 192 -35.97 73.62 29.67
C PRO SA 192 -37.13 74.35 29.02
N ALA SA 193 -36.90 75.56 28.51
CA ALA SA 193 -37.95 76.35 27.90
C ALA SA 193 -37.99 76.20 26.39
N ALA SA 194 -37.14 75.37 25.81
CA ALA SA 194 -37.19 75.14 24.37
C ALA SA 194 -38.49 74.44 24.01
N ILE SA 195 -39.15 74.94 22.98
CA ILE SA 195 -40.47 74.42 22.62
C ILE SA 195 -40.29 73.27 21.62
N PRO SA 196 -40.90 72.12 21.85
CA PRO SA 196 -40.73 70.99 20.93
C PRO SA 196 -41.22 71.33 19.53
N GLY SA 197 -40.50 70.84 18.53
CA GLY SA 197 -40.81 71.10 17.15
C GLY SA 197 -39.98 72.18 16.50
N ASP SA 198 -39.31 73.02 17.29
CA ASP SA 198 -38.48 74.07 16.73
C ASP SA 198 -37.23 73.48 16.09
N VAL SA 199 -36.56 74.31 15.29
CA VAL SA 199 -35.32 73.94 14.63
C VAL SA 199 -34.36 75.10 14.76
N TYR SA 200 -33.14 74.82 15.19
CA TYR SA 200 -32.07 75.80 15.23
C TYR SA 200 -30.91 75.33 14.37
N ARG SA 201 -30.03 76.25 14.02
CA ARG SA 201 -28.91 75.94 13.14
C ARG SA 201 -27.60 76.37 13.80
N LEU SA 202 -26.66 75.45 13.91
CA LEU SA 202 -25.36 75.71 14.50
C LEU SA 202 -24.32 75.68 13.39
N THR SA 203 -23.54 76.74 13.27
CA THR SA 203 -22.46 76.82 12.30
C THR SA 203 -21.12 76.80 13.03
N VAL SA 204 -20.22 75.93 12.58
CA VAL SA 204 -18.92 75.72 13.21
C VAL SA 204 -17.84 76.10 12.21
N ARG SA 205 -16.95 77.01 12.61
CA ARG SA 205 -15.83 77.44 11.79
C ARG SA 205 -14.54 77.00 12.47
N GLN SA 206 -13.89 75.99 11.92
CA GLN SA 206 -12.71 75.39 12.52
C GLN SA 206 -11.51 75.64 11.63
N VAL SA 207 -10.38 76.00 12.25
CA VAL SA 207 -9.15 76.31 11.54
C VAL SA 207 -8.15 75.19 11.79
N ALA SA 208 -7.59 74.66 10.74
CA ALA SA 208 -6.39 73.85 10.83
C ALA SA 208 -5.21 74.80 10.72
N ILE SA 209 -4.01 74.25 10.60
CA ILE SA 209 -2.82 75.09 10.57
C ILE SA 209 -1.74 74.35 9.81
N ASP SA 210 -1.01 75.07 8.98
CA ASP SA 210 0.08 74.45 8.24
C ASP SA 210 1.37 74.62 9.01
N CYS SA 211 2.40 73.93 8.53
CA CYS SA 211 3.52 73.62 9.41
C CYS SA 211 4.36 74.87 9.67
N ASP SA 212 4.13 75.95 8.91
CA ASP SA 212 4.63 77.28 9.20
C ASP SA 212 3.67 78.16 9.99
N GLY SA 213 2.48 77.67 10.32
CA GLY SA 213 1.55 78.42 11.12
C GLY SA 213 0.50 79.22 10.37
N ASN SA 214 0.33 79.00 9.07
CA ASN SA 214 -0.73 79.66 8.33
C ASN SA 214 -2.04 78.91 8.56
N GLU SA 215 -3.10 79.26 7.84
CA GLU SA 215 -4.43 78.86 8.28
C GLU SA 215 -5.18 78.15 7.18
N PHE SA 216 -5.99 77.18 7.57
CA PHE SA 216 -6.92 76.49 6.69
C PHE SA 216 -8.27 76.45 7.38
N VAL SA 217 -9.24 77.15 6.83
CA VAL SA 217 -10.56 77.29 7.45
C VAL SA 217 -11.50 76.24 6.88
N HIS SA 218 -12.46 75.83 7.71
CA HIS SA 218 -13.46 74.83 7.35
C HIS SA 218 -14.77 75.19 8.02
N ILE SA 219 -15.86 75.18 7.26
CA ILE SA 219 -17.17 75.59 7.77
C ILE SA 219 -18.19 74.49 7.50
N SER SA 220 -19.03 74.22 8.49
CA SER SA 220 -20.13 73.27 8.36
C SER SA 220 -21.26 73.71 9.27
N CYS SA 221 -22.44 73.11 9.11
CA CYS SA 221 -23.57 73.43 9.96
C CYS SA 221 -24.19 72.18 10.51
N TYR SA 222 -25.00 72.34 11.55
CA TYR SA 222 -25.83 71.26 12.07
C TYR SA 222 -27.20 71.83 12.41
N ASP SA 223 -28.23 71.03 12.15
CA ASP SA 223 -29.62 71.44 12.35
C ASP SA 223 -30.14 70.77 13.62
N ILE SA 224 -30.26 71.54 14.68
CA ILE SA 224 -30.71 71.04 15.96
C ILE SA 224 -32.23 71.15 16.02
N SER SA 225 -32.92 70.03 16.02
CA SER SA 225 -34.38 69.99 15.99
C SER SA 225 -34.88 69.61 17.38
N ILE SA 226 -35.46 70.59 18.08
CA ILE SA 226 -35.91 70.37 19.45
C ILE SA 226 -37.09 69.41 19.41
N GLY SA 227 -36.86 68.16 19.81
CA GLY SA 227 -37.92 67.20 19.98
C GLY SA 227 -38.25 67.06 21.46
N SER SA 228 -39.46 66.57 21.71
CA SER SA 228 -39.87 66.17 23.03
C SER SA 228 -39.91 64.65 23.07
N CYS SA 229 -39.58 64.10 24.23
CA CYS SA 229 -39.43 62.66 24.38
C CYS SA 229 -38.36 62.10 23.48
N GLY SA 230 -37.12 62.50 23.74
CA GLY SA 230 -35.98 61.99 23.02
C GLY SA 230 -35.79 62.70 21.71
N MET TA 1 -46.05 68.84 -4.79
CA MET TA 1 -44.98 69.44 -5.58
C MET TA 1 -45.13 69.06 -7.04
N TYR TA 2 -45.20 70.07 -7.90
CA TYR TA 2 -45.26 69.87 -9.34
C TYR TA 2 -43.87 69.60 -9.88
N PHE TA 3 -43.80 68.73 -10.87
CA PHE TA 3 -42.52 68.44 -11.52
C PHE TA 3 -42.73 68.44 -13.03
N PHE TA 4 -42.06 69.35 -13.71
CA PHE TA 4 -42.16 69.45 -15.17
C PHE TA 4 -40.81 69.18 -15.80
N SER TA 5 -40.84 68.53 -16.95
CA SER TA 5 -39.66 68.37 -17.78
C SER TA 5 -39.83 69.25 -19.02
N VAL TA 6 -38.78 69.98 -19.35
CA VAL TA 6 -38.85 70.99 -20.40
C VAL TA 6 -38.62 70.33 -21.75
N ASP TA 7 -39.12 70.97 -22.80
CA ASP TA 7 -38.95 70.40 -24.13
C ASP TA 7 -37.56 70.77 -24.67
N PRO TA 8 -36.86 69.80 -25.27
CA PRO TA 8 -35.41 69.95 -25.40
C PRO TA 8 -34.93 70.71 -26.64
N ARG TA 9 -35.82 71.24 -27.48
CA ARG TA 9 -35.43 72.02 -28.66
C ARG TA 9 -34.53 71.23 -29.58
N ASN TA 10 -35.00 70.05 -30.00
CA ASN TA 10 -34.32 69.20 -30.97
C ASN TA 10 -34.94 69.24 -32.35
N GLY TA 11 -36.14 69.78 -32.48
CA GLY TA 11 -36.95 69.49 -33.64
C GLY TA 11 -37.76 68.23 -33.49
N ALA TA 12 -37.99 67.78 -32.25
CA ALA TA 12 -38.68 66.54 -31.98
C ALA TA 12 -39.51 66.66 -30.71
N SER TA 13 -39.90 65.53 -30.13
CA SER TA 13 -40.73 65.52 -28.92
C SER TA 13 -39.99 66.05 -27.69
N SER TA 21 -53.84 70.56 -24.78
CA SER TA 21 -54.29 71.10 -26.06
C SER TA 21 -53.61 72.43 -26.36
N CYS TA 22 -53.39 73.23 -25.30
CA CYS TA 22 -52.73 74.51 -25.46
C CYS TA 22 -51.22 74.38 -25.61
N CYS TA 23 -50.61 75.56 -25.76
CA CYS TA 23 -49.17 75.70 -25.78
C CYS TA 23 -48.55 75.46 -24.41
N CYS TA 24 -48.96 76.22 -23.41
CA CYS TA 24 -48.31 76.21 -22.11
C CYS TA 24 -49.01 75.20 -21.21
N GLU TA 25 -48.21 74.39 -20.51
CA GLU TA 25 -48.74 73.33 -19.66
C GLU TA 25 -49.47 73.91 -18.46
N SER TA 26 -50.09 73.02 -17.69
CA SER TA 26 -51.12 73.39 -16.73
C SER TA 26 -50.68 73.15 -15.29
N ILE TA 27 -51.15 74.03 -14.42
CA ILE TA 27 -50.91 73.96 -12.98
C ILE TA 27 -52.20 74.29 -12.28
N SER TA 28 -52.75 73.35 -11.52
CA SER TA 28 -53.96 73.63 -10.78
C SER TA 28 -53.61 74.18 -9.40
N ALA TA 29 -54.43 75.12 -8.93
CA ALA TA 29 -54.11 75.84 -7.71
C ALA TA 29 -55.38 76.10 -6.92
N ARG TA 30 -55.24 76.14 -5.61
CA ARG TA 30 -56.35 76.34 -4.69
C ARG TA 30 -56.12 77.59 -3.84
N PRO TA 31 -57.14 78.43 -3.66
CA PRO TA 31 -56.92 79.70 -2.96
C PRO TA 31 -56.44 79.52 -1.53
N GLY TA 32 -55.30 80.13 -1.21
CA GLY TA 32 -54.71 80.04 0.10
C GLY TA 32 -53.47 79.18 0.16
N GLU TA 33 -53.31 78.26 -0.77
CA GLU TA 33 -52.17 77.36 -0.78
C GLU TA 33 -50.87 78.11 -1.06
N VAL TA 34 -49.76 77.42 -0.77
CA VAL TA 34 -48.43 77.81 -1.21
C VAL TA 34 -47.72 76.52 -1.57
N ASN TA 35 -47.56 76.25 -2.85
CA ASN TA 35 -47.06 74.98 -3.30
C ASN TA 35 -45.62 75.13 -3.79
N GLY TA 36 -45.03 74.07 -4.31
CA GLY TA 36 -43.68 74.13 -4.83
C GLY TA 36 -43.57 73.49 -6.20
N VAL TA 37 -42.80 74.09 -7.10
CA VAL TA 37 -42.70 73.65 -8.48
C VAL TA 37 -41.25 73.36 -8.81
N MET TA 38 -41.01 72.24 -9.49
CA MET TA 38 -39.68 71.86 -9.93
C MET TA 38 -39.68 71.66 -11.43
N VAL TA 39 -38.70 72.25 -12.10
CA VAL TA 39 -38.57 72.17 -13.55
C VAL TA 39 -37.19 71.60 -13.87
N SER TA 40 -37.15 70.55 -14.69
CA SER TA 40 -35.92 69.83 -14.97
C SER TA 40 -35.42 70.20 -16.36
N TYR TA 41 -34.44 71.10 -16.41
CA TYR TA 41 -33.87 71.52 -17.67
C TYR TA 41 -32.84 70.55 -18.23
N ALA TA 42 -32.76 69.33 -17.68
CA ALA TA 42 -31.71 68.41 -18.09
C ALA TA 42 -31.78 68.09 -19.57
N ALA TA 43 -32.98 67.94 -20.12
CA ALA TA 43 -33.10 67.55 -21.51
C ALA TA 43 -32.57 68.61 -22.47
N TRP TA 44 -32.53 69.87 -22.05
CA TRP TA 44 -32.10 70.96 -22.91
C TRP TA 44 -30.68 71.41 -22.64
N SER TA 45 -30.29 71.48 -21.37
CA SER TA 45 -29.02 72.06 -20.99
C SER TA 45 -27.91 71.05 -20.83
N ALA TA 46 -28.20 69.74 -20.88
CA ALA TA 46 -27.14 68.75 -20.75
C ALA TA 46 -26.33 68.63 -22.04
N PRO TA 47 -26.95 68.49 -23.22
CA PRO TA 47 -26.14 68.48 -24.44
C PRO TA 47 -25.28 69.71 -24.60
N LEU TA 48 -25.76 70.87 -24.18
CA LEU TA 48 -24.93 72.08 -24.20
C LEU TA 48 -23.86 71.97 -23.11
N ARG TA 49 -22.89 71.08 -23.34
CA ARG TA 49 -21.93 70.78 -22.28
C ARG TA 49 -21.22 72.05 -21.85
N GLY TA 50 -21.52 72.50 -20.65
CA GLY TA 50 -20.99 73.75 -20.16
C GLY TA 50 -21.05 73.81 -18.64
N HIS TA 51 -21.41 74.97 -18.10
CA HIS TA 51 -21.51 75.14 -16.65
C HIS TA 51 -22.95 75.15 -16.17
N GLY TA 52 -23.86 74.52 -16.91
CA GLY TA 52 -25.21 74.32 -16.42
C GLY TA 52 -26.00 75.62 -16.31
N LEU TA 53 -26.97 75.61 -15.41
CA LEU TA 53 -27.87 76.73 -15.24
C LEU TA 53 -27.21 77.83 -14.42
N THR TA 54 -27.81 79.01 -14.44
CA THR TA 54 -27.40 80.11 -13.58
C THR TA 54 -28.62 80.70 -12.90
N ASN TA 55 -28.38 81.48 -11.85
CA ASN TA 55 -29.46 82.10 -11.09
C ASN TA 55 -29.88 83.43 -11.72
N LYS TA 56 -30.25 83.37 -12.99
CA LYS TA 56 -30.79 84.53 -13.68
C LYS TA 56 -32.12 84.17 -14.32
N THR TA 57 -33.02 83.58 -13.54
CA THR TA 57 -34.37 83.31 -13.98
C THR TA 57 -35.23 84.55 -13.81
N THR TA 58 -36.18 84.71 -14.72
CA THR TA 58 -37.11 85.82 -14.68
C THR TA 58 -38.52 85.29 -14.87
N PHE TA 59 -39.45 85.77 -14.06
CA PHE TA 59 -40.83 85.31 -14.10
C PHE TA 59 -41.74 86.47 -14.47
N GLU TA 60 -42.91 86.13 -15.02
CA GLU TA 60 -43.91 87.14 -15.32
C GLU TA 60 -45.28 86.51 -15.21
N ILE TA 61 -46.19 87.19 -14.52
CA ILE TA 61 -47.56 86.73 -14.35
C ILE TA 61 -48.47 87.64 -15.14
N ASP TA 62 -49.36 87.04 -15.92
CA ASP TA 62 -50.38 87.75 -16.67
C ASP TA 62 -51.67 86.95 -16.64
N GLY TA 63 -52.79 87.65 -16.54
CA GLY TA 63 -54.08 87.01 -16.44
C GLY TA 63 -54.69 86.77 -17.82
N VAL TA 64 -55.21 85.57 -18.02
CA VAL TA 64 -55.98 85.24 -19.21
C VAL TA 64 -57.48 85.22 -18.92
N SER TA 65 -57.86 85.36 -17.66
CA SER TA 65 -59.24 85.42 -17.19
C SER TA 65 -59.21 85.85 -15.72
N VAL TA 66 -59.85 86.95 -15.35
CA VAL TA 66 -59.62 87.56 -14.06
C VAL TA 66 -60.87 87.62 -13.19
N THR TA 67 -62.03 87.97 -13.76
CA THR TA 67 -63.25 88.12 -12.96
C THR TA 67 -63.04 89.19 -11.90
N PRO TA 68 -63.10 90.47 -12.26
CA PRO TA 68 -62.71 91.55 -11.34
C PRO TA 68 -63.34 91.39 -9.97
N PRO TA 69 -62.62 91.75 -8.91
CA PRO TA 69 -63.13 91.52 -7.56
C PRO TA 69 -64.27 92.47 -7.23
N LYS TA 70 -65.10 92.03 -6.28
CA LYS TA 70 -66.23 92.84 -5.85
C LYS TA 70 -65.85 93.81 -4.75
N VAL TA 71 -65.18 93.32 -3.72
CA VAL TA 71 -64.88 94.11 -2.52
C VAL TA 71 -63.49 94.69 -2.67
N SER TA 72 -63.33 95.97 -2.34
CA SER TA 72 -62.03 96.58 -2.44
C SER TA 72 -61.15 96.21 -1.24
N ASN TA 73 -59.85 96.34 -1.43
CA ASN TA 73 -58.93 96.18 -0.32
C ASN TA 73 -58.73 97.52 0.36
N ALA TA 74 -57.96 97.55 1.44
CA ALA TA 74 -57.82 98.77 2.21
C ALA TA 74 -56.48 98.78 2.93
N PHE TA 75 -56.07 99.96 3.34
CA PHE TA 75 -54.82 100.15 4.06
C PHE TA 75 -55.03 101.05 5.25
N GLY TA 76 -54.49 100.66 6.40
CA GLY TA 76 -54.54 101.46 7.60
C GLY TA 76 -53.15 101.64 8.19
N ARG TA 77 -53.08 102.48 9.22
CA ARG TA 77 -51.79 102.77 9.83
C ARG TA 77 -51.99 103.09 11.30
N THR TA 78 -51.02 102.65 12.12
CA THR TA 78 -51.08 102.87 13.56
C THR TA 78 -49.66 102.86 14.11
N LYS TA 79 -49.46 103.51 15.24
CA LYS TA 79 -48.16 103.46 15.90
C LYS TA 79 -48.08 102.19 16.77
N VAL TA 80 -46.89 101.95 17.32
CA VAL TA 80 -46.74 100.76 18.16
C VAL TA 80 -47.61 100.90 19.41
N GLY TA 81 -48.20 99.77 19.81
CA GLY TA 81 -48.94 99.66 21.05
C GLY TA 81 -50.31 100.27 21.07
N VAL TA 82 -50.59 101.25 20.21
CA VAL TA 82 -51.89 101.91 20.24
C VAL TA 82 -52.89 101.10 19.43
N VAL TA 83 -54.08 100.90 19.99
CA VAL TA 83 -55.12 100.10 19.38
C VAL TA 83 -55.64 100.82 18.15
N PHE TA 84 -55.97 100.06 17.12
CA PHE TA 84 -56.40 100.61 15.84
C PHE TA 84 -57.84 100.22 15.56
N GLU TA 85 -58.63 101.19 15.11
CA GLU TA 85 -60.00 100.97 14.67
C GLU TA 85 -60.09 101.22 13.17
N GLY TA 86 -61.18 100.73 12.60
CA GLY TA 86 -61.43 100.92 11.19
C GLY TA 86 -62.81 100.39 10.85
N THR TA 87 -63.24 100.69 9.64
CA THR TA 87 -64.55 100.26 9.18
C THR TA 87 -64.39 99.20 8.10
N LEU TA 88 -65.48 98.47 7.87
CA LEU TA 88 -65.45 97.39 6.89
C LEU TA 88 -66.69 97.44 6.02
N SER TA 89 -67.22 98.64 5.78
CA SER TA 89 -68.46 98.79 5.01
C SER TA 89 -68.32 99.64 3.77
N ASP TA 90 -67.33 100.52 3.69
CA ASP TA 90 -67.07 101.31 2.50
C ASP TA 90 -66.20 100.53 1.52
N LEU TA 91 -65.95 99.26 1.80
CA LEU TA 91 -65.10 98.41 0.97
C LEU TA 91 -65.93 97.47 0.12
N PHE TA 92 -67.24 97.62 0.14
CA PHE TA 92 -68.15 96.76 -0.62
C PHE TA 92 -69.19 97.62 -1.33
N PRO TA 93 -68.79 98.33 -2.38
CA PRO TA 93 -69.78 99.04 -3.17
C PRO TA 93 -70.70 98.03 -3.84
N ASN TA 94 -71.93 97.95 -3.39
CA ASN TA 94 -72.84 96.95 -3.95
C ASN TA 94 -73.69 97.55 -5.06
N PRO TA 95 -73.88 96.82 -6.15
CA PRO TA 95 -74.81 97.29 -7.20
C PRO TA 95 -76.25 97.22 -6.73
N GLU TA 96 -76.61 96.06 -6.20
CA GLU TA 96 -77.98 95.71 -5.88
C GLU TA 96 -78.32 95.93 -4.41
N GLY TA 97 -79.52 95.49 -4.00
CA GLY TA 97 -79.92 95.52 -2.60
C GLY TA 97 -79.74 94.20 -1.89
N GLU TA 98 -78.93 94.20 -0.83
CA GLU TA 98 -78.71 93.01 -0.03
C GLU TA 98 -78.02 93.43 1.26
N GLN TA 99 -77.90 92.47 2.17
CA GLN TA 99 -77.25 92.65 3.46
C GLN TA 99 -75.82 92.12 3.44
N VAL TA 100 -75.05 92.58 4.42
CA VAL TA 100 -73.61 92.43 4.43
C VAL TA 100 -73.13 91.60 5.63
N GLU TA 101 -72.98 90.29 5.41
CA GLU TA 101 -72.50 89.40 6.46
C GLU TA 101 -70.99 89.46 6.60
N TYR TA 102 -70.49 90.52 7.23
CA TYR TA 102 -69.06 90.68 7.47
C TYR TA 102 -68.51 89.47 8.21
N GLU TA 103 -67.36 88.97 7.76
CA GLU TA 103 -66.78 87.76 8.34
C GLU TA 103 -65.26 87.82 8.29
N ILE TA 104 -64.61 87.38 9.35
CA ILE TA 104 -63.16 87.26 9.42
C ILE TA 104 -62.84 85.79 9.60
N SER TA 105 -62.35 85.15 8.55
CA SER TA 105 -62.02 83.73 8.59
C SER TA 105 -60.86 83.49 9.54
N GLU TA 106 -60.99 82.47 10.39
CA GLU TA 106 -59.92 82.13 11.31
C GLU TA 106 -58.71 81.50 10.63
N LEU TA 107 -58.87 80.99 9.41
CA LEU TA 107 -57.72 80.42 8.70
C LEU TA 107 -56.79 81.52 8.24
N ASN TA 108 -57.33 82.69 7.92
CA ASN TA 108 -56.55 83.79 7.37
C ASN TA 108 -56.66 85.03 8.25
N GLY TA 109 -56.62 84.85 9.55
CA GLY TA 109 -56.66 85.96 10.47
C GLY TA 109 -55.35 86.71 10.48
N PRO TA 110 -55.20 87.63 11.41
CA PRO TA 110 -53.94 88.38 11.51
C PRO TA 110 -52.81 87.51 12.04
N SER TA 111 -51.61 88.07 12.09
CA SER TA 111 -50.43 87.29 12.48
C SER TA 111 -49.79 87.77 13.76
N ASN TA 112 -49.85 89.07 14.05
CA ASN TA 112 -49.25 89.62 15.27
C ASN TA 112 -50.23 90.52 16.00
N GLY TA 113 -51.52 90.24 15.90
CA GLY TA 113 -52.54 91.03 16.57
C GLY TA 113 -53.77 90.20 16.85
N VAL TA 114 -54.89 90.88 17.08
CA VAL TA 114 -56.20 90.24 17.26
C VAL TA 114 -57.24 91.20 16.72
N VAL TA 115 -58.30 90.66 16.14
CA VAL TA 115 -59.40 91.48 15.62
C VAL TA 115 -60.73 90.98 16.20
N GLU TA 116 -61.51 91.90 16.76
CA GLU TA 116 -62.84 91.59 17.29
C GLU TA 116 -63.83 92.18 16.31
N LEU TA 117 -64.39 91.37 15.43
CA LEU TA 117 -65.37 91.90 14.50
C LEU TA 117 -66.63 92.34 15.25
N GLY TA 118 -67.05 93.58 14.99
CA GLY TA 118 -68.22 94.13 15.65
C GLY TA 118 -69.50 93.61 15.05
N ALA TA 119 -70.60 94.25 15.42
CA ALA TA 119 -71.90 93.85 14.88
C ALA TA 119 -72.11 94.40 13.48
N ASN TA 120 -71.62 95.60 13.21
CA ASN TA 120 -71.82 96.26 11.92
C ASN TA 120 -70.48 96.73 11.38
N GLY TA 121 -69.88 95.92 10.51
CA GLY TA 121 -68.71 96.31 9.74
C GLY TA 121 -67.61 97.04 10.47
N ALA TA 122 -67.51 96.83 11.77
CA ALA TA 122 -66.49 97.48 12.59
C ALA TA 122 -65.60 96.42 13.21
N PHE TA 123 -64.36 96.80 13.50
CA PHE TA 123 -63.38 95.84 13.99
C PHE TA 123 -62.27 96.58 14.68
N THR TA 124 -61.70 95.95 15.70
CA THR TA 124 -60.61 96.53 16.47
C THR TA 124 -59.40 95.61 16.35
N TYR TA 125 -58.30 96.16 15.85
CA TYR TA 125 -57.05 95.43 15.70
C TYR TA 125 -56.09 95.92 16.78
N THR TA 126 -56.00 95.16 17.87
CA THR TA 126 -55.05 95.48 18.92
C THR TA 126 -53.71 94.84 18.59
N PRO TA 127 -52.71 95.62 18.17
CA PRO TA 127 -51.45 95.01 17.77
C PRO TA 127 -50.76 94.33 18.93
N GLY TA 128 -50.07 93.23 18.63
CA GLY TA 128 -49.33 92.53 19.66
C GLY TA 128 -48.29 93.42 20.30
N ALA TA 129 -48.23 93.37 21.62
CA ALA TA 129 -47.33 94.23 22.38
C ALA TA 129 -45.88 93.98 21.98
N LEU TA 130 -45.10 95.04 21.93
CA LEU TA 130 -43.70 94.99 21.53
C LEU TA 130 -43.55 94.37 20.14
N PHE TA 131 -44.15 95.05 19.16
CA PHE TA 131 -44.09 94.60 17.78
C PHE TA 131 -44.33 95.79 16.87
N THR TA 132 -43.51 95.91 15.82
CA THR TA 132 -43.68 96.98 14.84
C THR TA 132 -43.35 96.43 13.47
N GLY TA 133 -44.34 96.32 12.62
CA GLY TA 133 -44.14 95.84 11.26
C GLY TA 133 -45.39 96.05 10.44
N VAL TA 134 -45.68 95.09 9.57
CA VAL TA 134 -46.89 95.10 8.77
C VAL TA 134 -47.69 93.85 9.10
N ASP TA 135 -49.01 93.97 9.04
CA ASP TA 135 -49.88 92.85 9.38
C ASP TA 135 -51.11 92.89 8.50
N ARG TA 136 -51.57 91.71 8.09
CA ARG TA 136 -52.70 91.56 7.20
C ARG TA 136 -53.74 90.64 7.81
N PHE TA 137 -54.96 90.75 7.30
CA PHE TA 137 -56.00 89.76 7.55
C PHE TA 137 -57.01 89.85 6.43
N TRP TA 138 -57.68 88.74 6.16
CA TRP TA 138 -58.55 88.61 5.00
C TRP TA 138 -59.99 88.50 5.46
N PHE TA 139 -60.79 89.51 5.17
CA PHE TA 139 -62.20 89.53 5.48
C PHE TA 139 -63.00 89.00 4.29
N SER TA 140 -64.25 88.66 4.55
CA SER TA 140 -65.15 88.14 3.52
C SER TA 140 -66.51 88.80 3.67
N ILE TA 141 -66.71 89.91 2.96
CA ILE TA 141 -67.98 90.62 2.99
C ILE TA 141 -68.92 89.90 2.03
N ASN TA 142 -69.75 89.02 2.58
CA ASN TA 142 -70.80 88.35 1.81
C ASN TA 142 -70.20 87.48 0.71
N GLY TA 143 -69.34 86.56 1.12
CA GLY TA 143 -68.75 85.62 0.19
C GLY TA 143 -67.53 86.13 -0.54
N ASN TA 144 -67.53 87.42 -0.86
CA ASN TA 144 -66.42 88.02 -1.60
C ASN TA 144 -65.30 88.41 -0.64
N ILE TA 145 -64.06 88.02 -0.98
CA ILE TA 145 -62.93 88.14 -0.09
C ILE TA 145 -62.02 89.27 -0.55
N GLY TA 146 -61.48 90.01 0.41
CA GLY TA 146 -60.47 91.01 0.16
C GLY TA 146 -59.54 91.01 1.36
N GLU TA 147 -58.54 91.86 1.33
CA GLU TA 147 -57.57 91.93 2.42
C GLU TA 147 -57.48 93.34 2.98
N TYR TA 148 -57.20 93.42 4.27
CA TYR TA 148 -56.95 94.67 4.96
C TYR TA 148 -55.53 94.66 5.47
N VAL TA 149 -54.75 95.68 5.13
CA VAL TA 149 -53.33 95.74 5.46
C VAL TA 149 -53.13 96.86 6.47
N ILE TA 150 -52.53 96.52 7.60
CA ILE TA 150 -52.21 97.48 8.64
C ILE TA 150 -50.70 97.47 8.88
N SER TA 151 -50.12 98.65 9.03
CA SER TA 151 -48.69 98.81 9.30
C SER TA 151 -48.53 99.52 10.63
N VAL TA 152 -47.82 98.88 11.56
CA VAL TA 152 -47.60 99.43 12.90
C VAL TA 152 -46.19 100.01 12.97
N ASP TA 153 -46.10 101.27 13.36
CA ASP TA 153 -44.89 102.06 13.34
C ASP TA 153 -44.17 102.00 14.68
N PRO TA 154 -42.84 102.18 14.69
CA PRO TA 154 -42.10 102.07 15.95
C PRO TA 154 -42.06 103.38 16.71
N THR TA 155 -43.19 104.09 16.68
CA THR TA 155 -43.49 105.31 17.41
C THR TA 155 -42.73 106.52 16.92
N THR TA 156 -41.71 106.34 16.06
CA THR TA 156 -40.99 107.55 15.69
C THR TA 156 -41.62 108.27 14.50
N SER TA 157 -41.40 107.79 13.28
CA SER TA 157 -41.88 108.56 12.15
C SER TA 157 -43.20 108.13 11.54
N GLU TA 158 -43.11 107.13 10.64
CA GLU TA 158 -44.21 106.62 9.82
C GLU TA 158 -43.68 105.47 8.97
N LEU TA 159 -44.42 104.36 8.84
CA LEU TA 159 -43.93 103.29 7.96
C LEU TA 159 -44.42 103.50 6.53
N PRO TA 160 -43.67 102.98 5.54
CA PRO TA 160 -44.14 103.00 4.15
C PRO TA 160 -45.27 102.02 3.89
N GLN TA 161 -45.64 101.83 2.62
CA GLN TA 161 -46.91 101.21 2.27
C GLN TA 161 -46.69 100.01 1.35
N PRO TA 162 -47.03 98.81 1.82
CA PRO TA 162 -46.71 97.57 1.08
C PRO TA 162 -47.66 97.35 -0.08
N PRO TA 163 -47.25 96.54 -1.07
CA PRO TA 163 -47.92 96.54 -2.37
C PRO TA 163 -49.16 95.65 -2.56
N PHE TA 164 -49.88 95.26 -1.51
CA PHE TA 164 -51.19 94.64 -1.72
C PHE TA 164 -51.16 93.35 -2.53
N THR TA 165 -50.68 92.26 -1.92
CA THR TA 165 -50.45 90.98 -2.59
C THR TA 165 -51.49 90.63 -3.65
N THR TA 166 -51.00 90.14 -4.78
CA THR TA 166 -51.80 89.81 -5.95
C THR TA 166 -52.41 88.42 -5.81
N PRO TA 167 -53.37 88.05 -6.67
CA PRO TA 167 -53.96 86.71 -6.57
C PRO TA 167 -52.98 85.57 -6.67
N VAL TA 168 -52.17 85.55 -7.73
CA VAL TA 168 -51.13 84.56 -7.89
C VAL TA 168 -49.79 85.28 -7.94
N TYR TA 169 -48.81 84.77 -7.21
CA TYR TA 169 -47.51 85.41 -7.12
C TYR TA 169 -46.43 84.36 -7.04
N VAL TA 170 -45.20 84.79 -7.27
CA VAL TA 170 -44.01 83.95 -7.14
C VAL TA 170 -43.08 84.65 -6.16
N PRO TA 171 -42.94 84.13 -4.93
CA PRO TA 171 -42.16 84.83 -3.90
C PRO TA 171 -40.84 85.41 -4.37
N ALA TA 172 -40.54 86.61 -3.89
CA ALA TA 172 -39.39 87.41 -4.32
C ALA TA 172 -38.10 86.60 -4.43
N ALA TA 173 -37.68 85.96 -3.35
CA ALA TA 173 -36.45 85.20 -3.41
C ALA TA 173 -36.56 83.89 -2.66
N ARG TA 174 -37.07 82.87 -3.32
CA ARG TA 174 -37.13 81.52 -2.82
C ARG TA 174 -36.83 80.53 -3.94
N ARG TA 175 -36.17 81.04 -4.98
CA ARG TA 175 -35.91 80.30 -6.21
C ARG TA 175 -34.48 79.81 -6.17
N SER TA 176 -34.23 78.66 -6.80
CA SER TA 176 -32.85 78.23 -6.85
C SER TA 176 -32.69 77.21 -7.96
N VAL TA 177 -31.43 76.96 -8.29
CA VAL TA 177 -31.05 76.08 -9.39
C VAL TA 177 -29.82 75.31 -8.96
N ASP TA 178 -29.85 73.99 -9.15
CA ASP TA 178 -28.69 73.15 -8.86
C ASP TA 178 -28.00 72.86 -10.17
N PRO TA 179 -26.87 73.50 -10.49
CA PRO TA 179 -26.24 73.27 -11.80
C PRO TA 179 -25.74 71.84 -11.98
N ARG TA 180 -25.77 71.06 -10.92
CA ARG TA 180 -25.29 69.68 -10.87
C ARG TA 180 -26.26 68.70 -11.48
N THR TA 181 -27.56 69.04 -11.52
CA THR TA 181 -28.57 68.17 -12.10
C THR TA 181 -29.58 68.93 -12.95
N HIS TA 182 -29.36 70.23 -13.17
CA HIS TA 182 -30.19 71.04 -14.06
C HIS TA 182 -31.66 71.03 -13.63
N VAL TA 183 -31.89 71.53 -12.42
CA VAL TA 183 -33.24 71.56 -11.87
C VAL TA 183 -33.48 72.92 -11.24
N LEU TA 184 -34.57 73.56 -11.64
CA LEU TA 184 -34.97 74.85 -11.10
C LEU TA 184 -36.12 74.65 -10.12
N LYS TA 185 -35.99 75.26 -8.95
CA LYS TA 185 -37.01 75.19 -7.91
C LYS TA 185 -37.57 76.59 -7.67
N PHE TA 186 -38.88 76.71 -7.60
CA PHE TA 186 -39.49 77.97 -7.21
C PHE TA 186 -40.82 77.69 -6.54
N VAL TA 187 -41.30 78.66 -5.81
CA VAL TA 187 -42.51 78.55 -5.03
C VAL TA 187 -43.63 79.29 -5.74
N LEU TA 188 -44.85 78.76 -5.65
CA LEU TA 188 -46.00 79.38 -6.30
C LEU TA 188 -47.10 79.52 -5.26
N GLY TA 189 -47.43 80.75 -4.89
CA GLY TA 189 -48.41 81.01 -3.86
C GLY TA 189 -49.67 81.63 -4.43
N VAL TA 190 -50.81 81.24 -3.89
CA VAL TA 190 -52.12 81.72 -4.33
C VAL TA 190 -52.77 82.46 -3.18
N SER TA 191 -53.17 83.69 -3.41
CA SER TA 191 -53.79 84.48 -2.36
C SER TA 191 -55.15 83.90 -2.04
N PRO TA 192 -55.67 84.15 -0.84
CA PRO TA 192 -57.02 83.67 -0.50
C PRO TA 192 -58.12 84.38 -1.26
N ALA TA 193 -57.82 85.47 -1.97
CA ALA TA 193 -58.81 86.22 -2.71
C ALA TA 193 -58.90 85.83 -4.17
N ALA TA 194 -58.12 84.84 -4.61
CA ALA TA 194 -58.21 84.37 -5.98
C ALA TA 194 -59.56 83.73 -6.21
N ILE TA 195 -60.21 84.09 -7.31
CA ILE TA 195 -61.57 83.63 -7.57
C ILE TA 195 -61.51 82.33 -8.36
N PRO TA 196 -62.21 81.28 -7.94
CA PRO TA 196 -62.13 80.01 -8.66
C PRO TA 196 -62.62 80.14 -10.08
N GLY TA 197 -61.96 79.42 -10.99
CA GLY TA 197 -62.28 79.47 -12.38
C GLY TA 197 -61.37 80.36 -13.22
N ASP TA 198 -60.62 81.26 -12.59
CA ASP TA 198 -59.72 82.13 -13.32
C ASP TA 198 -58.53 81.34 -13.86
N VAL TA 199 -57.82 81.97 -14.79
CA VAL TA 199 -56.63 81.39 -15.39
C VAL TA 199 -55.57 82.48 -15.46
N TYR TA 200 -54.37 82.17 -14.99
CA TYR TA 200 -53.23 83.06 -15.12
C TYR TA 200 -52.13 82.34 -15.90
N ARG TA 201 -51.18 83.12 -16.41
CA ARG TA 201 -50.10 82.58 -17.22
C ARG TA 201 -48.76 83.01 -16.65
N LEU TA 202 -47.89 82.06 -16.39
CA LEU TA 202 -46.56 82.31 -15.86
C LEU TA 202 -45.54 82.00 -16.95
N THR TA 203 -44.69 82.95 -17.26
CA THR TA 203 -43.62 82.78 -18.23
C THR TA 203 -42.27 82.78 -17.52
N VAL TA 204 -41.45 81.78 -17.82
CA VAL TA 204 -40.16 81.58 -17.17
C VAL TA 204 -39.08 81.69 -18.22
N ARG TA 205 -38.11 82.58 -17.98
CA ARG TA 205 -36.98 82.76 -18.87
C ARG TA 205 -35.71 82.35 -18.14
N GLN TA 206 -35.15 81.22 -18.51
CA GLN TA 206 -34.02 80.63 -17.83
C GLN TA 206 -32.81 80.63 -18.74
N VAL TA 207 -31.65 81.00 -18.20
CA VAL TA 207 -30.42 81.07 -18.96
C VAL TA 207 -29.50 79.94 -18.52
N ALA TA 208 -28.99 79.19 -19.49
CA ALA TA 208 -27.87 78.32 -19.26
C ALA TA 208 -26.62 79.14 -19.53
N ILE TA 209 -25.46 78.48 -19.56
CA ILE TA 209 -24.21 79.21 -19.73
C ILE TA 209 -23.21 78.26 -20.37
N ASP TA 210 -22.44 78.77 -21.32
CA ASP TA 210 -21.42 77.95 -21.94
C ASP TA 210 -20.10 78.14 -21.22
N CYS TA 211 -19.15 77.30 -21.57
CA CYS TA 211 -18.04 77.05 -20.67
C CYS TA 211 -17.10 78.26 -20.62
N ASP TA 212 -17.25 79.21 -21.55
CA ASP TA 212 -16.64 80.53 -21.50
C ASP TA 212 -17.52 81.60 -20.86
N GLY TA 213 -18.73 81.27 -20.46
CA GLY TA 213 -19.59 82.22 -19.80
C GLY TA 213 -20.58 82.96 -20.65
N ASN TA 214 -20.79 82.54 -21.90
CA ASN TA 214 -21.82 83.15 -22.73
C ASN TA 214 -23.17 82.55 -22.38
N GLU TA 215 -24.22 82.86 -23.14
CA GLU TA 215 -25.56 82.64 -22.62
C GLU TA 215 -26.39 81.82 -23.59
N PHE TA 216 -27.27 81.01 -23.03
CA PHE TA 216 -28.27 80.25 -23.79
C PHE TA 216 -29.60 80.45 -23.09
N VAL TA 217 -30.53 81.12 -23.75
CA VAL TA 217 -31.81 81.46 -23.15
C VAL TA 217 -32.85 80.41 -23.52
N HIS TA 218 -33.83 80.23 -22.64
CA HIS TA 218 -34.90 79.26 -22.83
C HIS TA 218 -36.17 79.84 -22.21
N ILE TA 219 -37.27 79.79 -22.95
CA ILE TA 219 -38.53 80.38 -22.51
C ILE TA 219 -39.64 79.34 -22.59
N SER TA 220 -40.48 79.30 -21.56
CA SER TA 220 -41.65 78.45 -21.53
C SER TA 220 -42.73 79.12 -20.69
N CYS TA 221 -43.95 78.59 -20.74
CA CYS TA 221 -45.04 79.16 -19.95
C CYS TA 221 -45.74 78.05 -19.19
N TYR TA 222 -46.52 78.46 -18.20
CA TYR TA 222 -47.42 77.57 -17.49
C TYR TA 222 -48.74 78.28 -17.25
N ASP TA 223 -49.83 77.54 -17.36
CA ASP TA 223 -51.18 78.08 -17.23
C ASP TA 223 -51.73 77.69 -15.87
N ILE TA 224 -51.77 78.63 -14.95
CA ILE TA 224 -52.24 78.39 -13.60
C ILE TA 224 -53.74 78.64 -13.56
N SER TA 225 -54.51 77.58 -13.35
CA SER TA 225 -55.97 77.66 -13.38
C SER TA 225 -56.47 77.57 -11.94
N ILE TA 226 -56.96 78.69 -11.41
CA ILE TA 226 -57.41 78.74 -10.02
C ILE TA 226 -58.66 77.89 -9.89
N GLY TA 227 -58.51 76.71 -9.30
CA GLY TA 227 -59.64 75.89 -8.94
C GLY TA 227 -59.96 76.02 -7.47
N SER TA 228 -61.20 75.68 -7.13
CA SER TA 228 -61.61 75.54 -5.75
C SER TA 228 -61.77 74.07 -5.47
N CYS TA 229 -61.47 73.70 -4.22
CA CYS TA 229 -61.44 72.30 -3.83
C CYS TA 229 -60.42 71.50 -4.64
N GLY TA 230 -59.15 71.85 -4.44
CA GLY TA 230 -58.07 71.13 -5.07
C GLY TA 230 -57.84 71.59 -6.49
N MET UA 1 -30.72 71.75 -28.14
CA MET UA 1 -29.62 71.78 -29.09
C MET UA 1 -29.95 70.98 -30.34
N TYR UA 2 -29.87 71.64 -31.49
CA TYR UA 2 -30.10 70.98 -32.77
C TYR UA 2 -28.85 70.24 -33.19
N PHE UA 3 -29.03 69.09 -33.82
CA PHE UA 3 -27.91 68.32 -34.33
C PHE UA 3 -28.23 67.86 -35.74
N PHE UA 4 -27.44 68.31 -36.70
CA PHE UA 4 -27.64 67.94 -38.10
C PHE UA 4 -26.43 67.18 -38.60
N SER UA 5 -26.69 66.19 -39.46
CA SER UA 5 -25.64 65.50 -40.19
C SER UA 5 -25.71 65.93 -41.65
N VAL UA 6 -24.56 66.24 -42.23
CA VAL UA 6 -24.50 66.84 -43.55
C VAL UA 6 -24.53 65.74 -44.60
N ASP UA 7 -24.97 66.07 -45.80
CA ASP UA 7 -25.02 65.07 -46.86
C ASP UA 7 -23.64 64.90 -47.50
N PRO UA 8 -23.21 63.67 -47.72
CA PRO UA 8 -21.77 63.44 -47.90
C PRO UA 8 -21.25 63.59 -49.32
N ARG UA 9 -22.07 64.00 -50.29
CA ARG UA 9 -21.63 64.24 -51.66
C ARG UA 9 -20.98 62.99 -52.26
N ASN UA 10 -21.72 61.89 -52.25
CA ASN UA 10 -21.32 60.63 -52.87
C ASN UA 10 -22.03 60.34 -54.17
N GLY UA 11 -23.10 61.06 -54.48
CA GLY UA 11 -24.04 60.59 -55.47
C GLY UA 11 -25.08 59.68 -54.88
N ALA UA 12 -25.29 59.74 -53.58
CA ALA UA 12 -26.21 58.85 -52.89
C ALA UA 12 -26.89 59.57 -51.73
N SER UA 13 -27.47 58.82 -50.79
CA SER UA 13 -28.17 59.40 -49.65
C SER UA 13 -27.25 60.13 -48.69
N SER UA 21 -39.55 68.35 -47.48
CA SER UA 21 -39.98 68.52 -48.86
C SER UA 21 -39.06 69.50 -49.60
N CYS UA 22 -38.59 70.52 -48.89
CA CYS UA 22 -37.69 71.49 -49.48
C CYS UA 22 -36.26 70.99 -49.58
N CYS UA 23 -35.43 71.88 -50.13
CA CYS UA 23 -34.00 71.67 -50.21
C CYS UA 23 -33.34 71.77 -48.83
N CYS UA 24 -33.49 72.90 -48.16
CA CYS UA 24 -32.76 73.18 -46.94
C CYS UA 24 -33.58 72.70 -45.74
N GLU UA 25 -32.92 72.03 -44.81
CA GLU UA 25 -33.59 71.45 -43.65
C GLU UA 25 -34.07 72.56 -42.71
N SER UA 26 -34.81 72.14 -41.68
CA SER UA 26 -35.66 73.03 -40.90
C SER UA 26 -35.17 73.20 -39.47
N ILE UA 27 -35.36 74.41 -38.95
CA ILE UA 27 -35.03 74.77 -37.58
C ILE UA 27 -36.16 75.61 -37.04
N SER UA 28 -36.84 75.11 -36.00
CA SER UA 28 -37.90 75.90 -35.39
C SER UA 28 -37.32 76.79 -34.29
N ALA UA 29 -37.88 77.99 -34.18
CA ALA UA 29 -37.32 78.98 -33.28
C ALA UA 29 -38.44 79.76 -32.63
N ARG UA 30 -38.20 80.23 -31.40
CA ARG UA 30 -39.16 80.96 -30.61
C ARG UA 30 -38.61 82.33 -30.25
N PRO UA 31 -39.41 83.39 -30.37
CA PRO UA 31 -38.87 84.74 -30.14
C PRO UA 31 -38.32 84.94 -28.75
N GLY UA 32 -37.06 85.36 -28.66
CA GLY UA 32 -36.40 85.58 -27.40
C GLY UA 32 -35.37 84.54 -27.04
N GLU UA 33 -35.47 83.35 -27.61
CA GLU UA 33 -34.56 82.26 -27.30
C GLU UA 33 -33.16 82.56 -27.83
N VAL UA 34 -32.20 81.77 -27.33
CA VAL UA 34 -30.85 81.69 -27.88
C VAL UA 34 -30.46 80.23 -27.76
N ASN UA 35 -30.47 79.51 -28.87
CA ASN UA 35 -30.28 78.07 -28.86
C ASN UA 35 -28.89 77.73 -29.38
N GLY UA 36 -28.58 76.44 -29.50
CA GLY UA 36 -27.30 76.02 -30.02
C GLY UA 36 -27.44 74.96 -31.08
N VAL UA 37 -26.64 75.04 -32.13
CA VAL UA 37 -26.74 74.15 -33.28
C VAL UA 37 -25.41 73.44 -33.48
N MET UA 38 -25.46 72.14 -33.74
CA MET UA 38 -24.28 71.33 -34.02
C MET UA 38 -24.45 70.65 -35.37
N VAL UA 39 -23.42 70.75 -36.21
CA VAL UA 39 -23.42 70.15 -37.54
C VAL UA 39 -22.24 69.22 -37.63
N SER UA 40 -22.49 67.97 -38.04
CA SER UA 40 -21.46 66.94 -38.06
C SER UA 40 -21.00 66.70 -39.50
N TYR UA 41 -19.87 67.29 -39.86
CA TYR UA 41 -19.32 67.12 -41.19
C TYR UA 41 -18.57 65.80 -41.38
N ALA UA 42 -18.70 64.86 -40.44
CA ALA UA 42 -17.91 63.64 -40.51
C ALA UA 42 -18.16 62.87 -41.80
N ALA UA 43 -19.41 62.81 -42.25
CA ALA UA 43 -19.72 62.02 -43.43
C ALA UA 43 -19.05 62.55 -44.69
N TRP UA 44 -18.72 63.83 -44.73
CA TRP UA 44 -18.14 64.45 -45.92
C TRP UA 44 -16.64 64.63 -45.82
N SER UA 45 -16.14 65.02 -44.66
CA SER UA 45 -14.75 65.40 -44.51
C SER UA 45 -13.87 64.28 -44.01
N ALA UA 46 -14.44 63.14 -43.60
CA ALA UA 46 -13.60 62.04 -43.15
C ALA UA 46 -12.94 61.31 -44.31
N PRO UA 47 -13.67 60.91 -45.36
CA PRO UA 47 -12.98 60.32 -46.51
C PRO UA 47 -11.89 61.19 -47.10
N LEU UA 48 -12.08 62.50 -47.11
CA LEU UA 48 -11.02 63.42 -47.53
C LEU UA 48 -9.92 63.44 -46.47
N ARG UA 49 -9.18 62.34 -46.38
CA ARG UA 49 -8.22 62.19 -45.30
C ARG UA 49 -7.22 63.34 -45.33
N GLY UA 50 -7.32 64.23 -44.36
CA GLY UA 50 -6.51 65.42 -44.32
C GLY UA 50 -6.43 65.99 -42.92
N HIS UA 51 -6.49 67.31 -42.81
CA HIS UA 51 -6.44 67.97 -41.52
C HIS UA 51 -7.81 68.47 -41.06
N GLY UA 52 -8.88 67.85 -41.54
CA GLY UA 52 -10.19 68.15 -41.01
C GLY UA 52 -10.68 69.54 -41.35
N LEU UA 53 -11.56 70.06 -40.50
CA LEU UA 53 -12.19 71.33 -40.73
C LEU UA 53 -11.25 72.47 -40.34
N THR UA 54 -11.58 73.69 -40.76
CA THR UA 54 -10.88 74.87 -40.32
C THR UA 54 -11.88 75.92 -39.90
N ASN UA 55 -11.41 76.94 -39.18
CA ASN UA 55 -12.27 78.01 -38.68
C ASN UA 55 -12.44 79.10 -39.73
N LYS UA 56 -12.92 78.71 -40.90
CA LYS UA 56 -13.26 79.66 -41.94
C LYS UA 56 -14.68 79.42 -42.42
N THR UA 57 -15.61 79.34 -41.48
CA THR UA 57 -17.02 79.25 -41.79
C THR UA 57 -17.58 80.63 -42.07
N THR UA 58 -18.55 80.70 -42.97
CA THR UA 58 -19.22 81.94 -43.31
C THR UA 58 -20.72 81.70 -43.31
N PHE UA 59 -21.46 82.61 -42.70
CA PHE UA 59 -22.90 82.51 -42.58
C PHE UA 59 -23.57 83.64 -43.33
N GLU UA 60 -24.83 83.41 -43.73
CA GLU UA 60 -25.61 84.46 -44.35
C GLU UA 60 -27.08 84.23 -44.03
N ILE UA 61 -27.77 85.29 -43.61
CA ILE UA 61 -29.18 85.23 -43.29
C ILE UA 61 -29.95 86.00 -44.34
N ASP UA 62 -31.00 85.38 -44.86
CA ASP UA 62 -31.90 86.02 -45.82
C ASP UA 62 -33.32 85.60 -45.50
N GLY UA 63 -34.26 86.52 -45.66
CA GLY UA 63 -35.64 86.26 -45.33
C GLY UA 63 -36.39 85.72 -46.53
N VAL UA 64 -37.18 84.66 -46.31
CA VAL UA 64 -38.09 84.14 -47.32
C VAL UA 64 -39.53 84.56 -47.03
N SER UA 65 -39.78 85.20 -45.88
CA SER UA 65 -41.07 85.72 -45.47
C SER UA 65 -40.82 86.59 -44.25
N VAL UA 66 -41.19 87.87 -44.27
CA VAL UA 66 -40.73 88.81 -43.27
C VAL UA 66 -41.87 89.45 -42.47
N THR UA 67 -42.97 89.83 -43.12
CA THR UA 67 -44.06 90.51 -42.42
C THR UA 67 -43.54 91.80 -41.79
N PRO UA 68 -43.37 92.86 -42.57
CA PRO UA 68 -42.69 94.07 -42.08
C PRO UA 68 -43.22 94.53 -40.74
N PRO UA 69 -42.36 95.05 -39.87
CA PRO UA 69 -42.79 95.41 -38.53
C PRO UA 69 -43.68 96.65 -38.54
N LYS UA 70 -44.50 96.75 -37.50
CA LYS UA 70 -45.40 97.89 -37.37
C LYS UA 70 -44.73 99.06 -36.67
N VAL UA 71 -44.10 98.82 -35.53
CA VAL UA 71 -43.54 99.86 -34.69
C VAL UA 71 -42.08 100.02 -35.03
N SER UA 72 -41.63 101.27 -35.17
CA SER UA 72 -40.23 101.51 -35.48
C SER UA 72 -39.37 101.36 -34.22
N ASN UA 73 -38.09 101.12 -34.45
CA ASN UA 73 -37.13 101.15 -33.36
C ASN UA 73 -36.60 102.57 -33.18
N ALA UA 74 -35.76 102.77 -32.18
CA ALA UA 74 -35.30 104.12 -31.87
C ALA UA 74 -33.94 104.06 -31.21
N PHE UA 75 -33.25 105.20 -31.23
CA PHE UA 75 -31.93 105.32 -30.64
C PHE UA 75 -31.86 106.60 -29.82
N GLY UA 76 -31.32 106.50 -28.61
CA GLY UA 76 -31.11 107.65 -27.76
C GLY UA 76 -29.67 107.70 -27.27
N ARG UA 77 -29.34 108.79 -26.59
CA ARG UA 77 -27.97 108.98 -26.12
C ARG UA 77 -27.98 109.81 -24.84
N THR UA 78 -27.07 109.46 -23.93
CA THR UA 78 -26.95 110.16 -22.66
C THR UA 78 -25.53 110.01 -22.15
N LYS UA 79 -25.11 110.94 -21.31
CA LYS UA 79 -23.80 110.82 -20.66
C LYS UA 79 -23.92 109.94 -19.43
N VAL UA 80 -22.77 109.63 -18.82
CA VAL UA 80 -22.80 108.80 -17.62
C VAL UA 80 -23.52 109.53 -16.50
N GLY UA 81 -24.30 108.78 -15.73
CA GLY UA 81 -24.94 109.26 -14.53
C GLY UA 81 -26.15 110.14 -14.71
N VAL UA 82 -26.30 110.80 -15.85
CA VAL UA 82 -27.42 111.70 -16.06
C VAL UA 82 -28.63 110.92 -16.54
N VAL UA 83 -29.78 111.20 -15.93
CA VAL UA 83 -31.02 110.49 -16.22
C VAL UA 83 -31.47 110.86 -17.63
N PHE UA 84 -32.03 109.88 -18.34
CA PHE UA 84 -32.43 110.06 -19.72
C PHE UA 84 -33.95 109.94 -19.84
N GLU UA 85 -34.54 110.85 -20.60
CA GLU UA 85 -35.96 110.81 -20.93
C GLU UA 85 -36.12 110.54 -22.42
N GLY UA 86 -37.33 110.16 -22.80
CA GLY UA 86 -37.65 109.92 -24.19
C GLY UA 86 -39.13 109.63 -24.32
N THR UA 87 -39.59 109.60 -25.54
CA THR UA 87 -40.99 109.34 -25.83
C THR UA 87 -41.14 107.98 -26.48
N LEU UA 88 -42.38 107.47 -26.44
CA LEU UA 88 -42.65 106.15 -26.99
C LEU UA 88 -43.92 106.19 -27.82
N SER UA 89 -44.20 107.33 -28.46
CA SER UA 89 -45.44 107.48 -29.23
C SER UA 89 -45.22 107.81 -30.69
N ASP UA 90 -44.08 108.38 -31.07
CA ASP UA 90 -43.75 108.63 -32.46
C ASP UA 90 -43.15 107.39 -33.11
N LEU UA 91 -43.15 106.26 -32.41
CA LEU UA 91 -42.57 105.03 -32.89
C LEU UA 91 -43.64 104.06 -33.37
N PHE UA 92 -44.89 104.50 -33.40
CA PHE UA 92 -46.02 103.67 -33.81
C PHE UA 92 -46.91 104.45 -34.77
N PRO UA 93 -46.45 104.66 -36.00
CA PRO UA 93 -47.34 105.26 -36.98
C PRO UA 93 -48.49 104.32 -37.26
N ASN UA 94 -49.67 104.68 -36.82
CA ASN UA 94 -50.81 103.78 -36.99
C ASN UA 94 -51.60 104.15 -38.24
N PRO UA 95 -52.03 103.16 -39.02
CA PRO UA 95 -52.92 103.45 -40.15
C PRO UA 95 -54.30 103.86 -39.69
N GLU UA 96 -54.86 103.06 -38.77
CA GLU UA 96 -56.25 103.16 -38.35
C GLU UA 96 -56.41 103.93 -37.05
N GLY UA 97 -57.63 103.93 -36.51
CA GLY UA 97 -57.90 104.53 -35.22
C GLY UA 97 -57.95 103.53 -34.09
N GLU UA 98 -57.08 103.70 -33.10
CA GLU UA 98 -57.05 102.82 -31.93
C GLU UA 98 -56.18 103.48 -30.86
N GLN UA 99 -56.20 102.88 -29.69
CA GLN UA 99 -55.42 103.33 -28.54
C GLN UA 99 -54.14 102.52 -28.38
N VAL UA 100 -53.22 103.09 -27.61
CA VAL UA 100 -51.84 102.64 -27.56
C VAL UA 100 -51.46 102.17 -26.16
N GLU UA 101 -51.60 100.88 -25.91
CA GLU UA 101 -51.24 100.29 -24.61
C GLU UA 101 -49.74 100.05 -24.51
N TYR UA 102 -48.98 101.13 -24.29
CA TYR UA 102 -47.54 101.02 -24.12
C TYR UA 102 -47.20 100.04 -23.00
N GLU UA 103 -46.22 99.18 -23.25
CA GLU UA 103 -45.86 98.14 -22.30
C GLU UA 103 -44.37 97.83 -22.37
N ILE UA 104 -43.75 97.63 -21.22
CA ILE UA 104 -42.36 97.23 -21.12
C ILE UA 104 -42.34 95.86 -20.45
N SER UA 105 -42.08 94.81 -21.21
CA SER UA 105 -42.06 93.47 -20.69
C SER UA 105 -40.90 93.30 -19.71
N GLU UA 106 -41.18 92.68 -18.56
CA GLU UA 106 -40.12 92.43 -17.58
C GLU UA 106 -39.13 91.36 -18.01
N LEU UA 107 -39.50 90.52 -18.97
CA LEU UA 107 -38.56 89.50 -19.45
C LEU UA 107 -37.45 90.14 -20.27
N ASN UA 108 -37.76 91.22 -20.97
CA ASN UA 108 -36.82 91.87 -21.86
C ASN UA 108 -36.59 93.32 -21.47
N GLY UA 109 -36.48 93.58 -20.18
CA GLY UA 109 -36.21 94.92 -19.70
C GLY UA 109 -34.78 95.31 -19.95
N PRO UA 110 -34.36 96.44 -19.40
CA PRO UA 110 -32.97 96.86 -19.57
C PRO UA 110 -32.00 96.00 -18.78
N SER UA 111 -30.72 96.25 -18.92
CA SER UA 111 -29.70 95.41 -18.29
C SER UA 111 -28.87 96.13 -17.26
N ASN UA 112 -28.63 97.43 -17.44
CA ASN UA 112 -27.84 98.20 -16.48
C ASN UA 112 -28.54 99.50 -16.11
N GLY UA 113 -29.86 99.50 -16.10
CA GLY UA 113 -30.63 100.67 -15.75
C GLY UA 113 -31.98 100.29 -15.19
N VAL UA 114 -32.92 101.24 -15.20
CA VAL UA 114 -34.31 101.01 -14.81
C VAL UA 114 -35.17 101.94 -15.64
N VAL UA 115 -36.37 101.49 -16.00
CA VAL UA 115 -37.30 102.32 -16.77
C VAL UA 115 -38.65 102.36 -16.06
N GLU UA 116 -39.18 103.56 -15.84
CA GLU UA 116 -40.49 103.76 -15.23
C GLU UA 116 -41.41 104.19 -16.36
N LEU UA 117 -42.20 103.28 -16.90
CA LEU UA 117 -43.12 103.67 -17.96
C LEU UA 117 -44.19 104.61 -17.39
N GLY UA 118 -44.37 105.75 -18.06
CA GLY UA 118 -45.33 106.74 -17.64
C GLY UA 118 -46.74 106.35 -18.01
N ALA UA 119 -47.64 107.31 -17.89
CA ALA UA 119 -49.04 107.06 -18.25
C ALA UA 119 -49.24 107.14 -19.75
N ASN UA 120 -48.53 108.04 -20.42
CA ASN UA 120 -48.70 108.25 -21.86
C ASN UA 120 -47.33 108.20 -22.53
N GLY UA 121 -46.98 107.03 -23.07
CA GLY UA 121 -45.82 106.86 -23.94
C GLY UA 121 -44.54 107.53 -23.51
N ALA UA 122 -44.37 107.75 -22.21
CA ALA UA 122 -43.19 108.38 -21.67
C ALA UA 122 -42.49 107.42 -20.72
N PHE UA 123 -41.18 107.59 -20.59
CA PHE UA 123 -40.40 106.66 -19.79
C PHE UA 123 -39.09 107.31 -19.41
N THR UA 124 -38.59 106.95 -18.24
CA THR UA 124 -37.34 107.49 -17.71
C THR UA 124 -36.37 106.34 -17.51
N TYR UA 125 -35.22 106.42 -18.18
CA TYR UA 125 -34.17 105.43 -18.06
C TYR UA 125 -33.05 106.01 -17.22
N THR UA 126 -33.03 105.67 -15.94
CA THR UA 126 -31.95 106.10 -15.06
C THR UA 126 -30.82 105.09 -15.16
N PRO UA 127 -29.71 105.44 -15.81
CA PRO UA 127 -28.64 104.46 -16.00
C PRO UA 127 -28.02 104.08 -14.67
N GLY UA 128 -27.60 102.82 -14.57
CA GLY UA 128 -26.95 102.36 -13.37
C GLY UA 128 -25.69 103.14 -13.08
N ALA UA 129 -25.54 103.54 -11.81
CA ALA UA 129 -24.42 104.38 -11.40
C ALA UA 129 -23.10 103.68 -11.69
N LEU UA 130 -22.11 104.47 -12.11
CA LEU UA 130 -20.79 103.96 -12.48
C LEU UA 130 -20.89 102.90 -13.57
N PHE UA 131 -21.41 103.32 -14.72
CA PHE UA 131 -21.55 102.44 -15.86
C PHE UA 131 -21.61 103.27 -17.13
N THR UA 132 -20.87 102.84 -18.16
CA THR UA 132 -20.89 103.54 -19.44
C THR UA 132 -20.79 102.50 -20.54
N GLY UA 133 -21.85 102.33 -21.30
CA GLY UA 133 -21.87 101.39 -22.40
C GLY UA 133 -23.11 101.59 -23.24
N VAL UA 134 -23.66 100.49 -23.73
CA VAL UA 134 -24.91 100.50 -24.48
C VAL UA 134 -25.92 99.65 -23.73
N ASP UA 135 -27.19 100.02 -23.83
CA ASP UA 135 -28.24 99.32 -23.12
C ASP UA 135 -29.51 99.33 -23.96
N ARG UA 136 -30.23 98.23 -23.93
CA ARG UA 136 -31.43 98.05 -24.72
C ARG UA 136 -32.59 97.64 -23.83
N PHE UA 137 -33.80 97.86 -24.34
CA PHE UA 137 -35.00 97.27 -23.76
C PHE UA 137 -36.06 97.20 -24.84
N TRP UA 138 -36.96 96.24 -24.71
CA TRP UA 138 -37.94 95.93 -25.75
C TRP UA 138 -39.32 96.31 -25.27
N PHE UA 139 -39.90 97.32 -25.89
CA PHE UA 139 -41.26 97.76 -25.60
C PHE UA 139 -42.24 97.05 -26.53
N SER UA 140 -43.51 97.12 -26.17
CA SER UA 140 -44.58 96.49 -26.96
C SER UA 140 -45.76 97.46 -27.04
N ILE UA 141 -45.77 98.28 -28.09
CA ILE UA 141 -46.86 99.22 -28.31
C ILE UA 141 -48.00 98.45 -28.95
N ASN UA 142 -48.95 98.03 -28.13
CA ASN UA 142 -50.18 97.39 -28.61
C ASN UA 142 -49.86 96.10 -29.35
N GLY UA 143 -49.19 95.19 -28.65
CA GLY UA 143 -48.89 93.88 -29.20
C GLY UA 143 -47.65 93.83 -30.07
N ASN UA 144 -47.40 94.90 -30.82
CA ASN UA 144 -46.26 94.94 -31.71
C ASN UA 144 -45.00 95.37 -30.96
N ILE UA 145 -43.91 94.63 -31.15
CA ILE UA 145 -42.71 94.78 -30.35
C ILE UA 145 -41.62 95.45 -31.18
N GLY UA 146 -40.86 96.33 -30.53
CA GLY UA 146 -39.69 96.94 -31.11
C GLY UA 146 -38.69 97.13 -29.99
N GLU UA 147 -37.53 97.67 -30.32
CA GLU UA 147 -36.48 97.87 -29.32
C GLU UA 147 -36.05 99.33 -29.28
N TYR UA 148 -35.66 99.77 -28.10
CA TYR UA 148 -35.10 101.10 -27.88
C TYR UA 148 -33.67 100.94 -27.40
N VAL UA 149 -32.73 101.58 -28.08
CA VAL UA 149 -31.31 101.43 -27.79
C VAL UA 149 -30.80 102.74 -27.23
N ILE UA 150 -30.19 102.69 -26.06
CA ILE UA 150 -29.59 103.84 -25.42
C ILE UA 150 -28.11 103.56 -25.19
N SER UA 151 -27.28 104.56 -25.45
CA SER UA 151 -25.84 104.47 -25.26
C SER UA 151 -25.42 105.54 -24.25
N VAL UA 152 -24.78 105.11 -23.17
CA VAL UA 152 -24.35 106.01 -22.10
C VAL UA 152 -22.85 106.24 -22.24
N ASP UA 153 -22.47 107.51 -22.30
CA ASP UA 153 -21.12 107.95 -22.60
C ASP UA 153 -20.32 108.17 -21.33
N PRO UA 154 -18.98 108.05 -21.39
CA PRO UA 154 -18.19 108.20 -20.16
C PRO UA 154 -17.80 109.65 -19.91
N THR UA 155 -18.77 110.54 -20.18
CA THR UA 155 -18.74 111.97 -19.90
C THR UA 155 -17.78 112.74 -20.80
N THR UA 156 -16.90 112.06 -21.53
CA THR UA 156 -15.97 112.87 -22.31
C THR UA 156 -16.53 113.29 -23.66
N SER UA 157 -16.52 112.37 -24.64
CA SER UA 157 -16.90 112.82 -25.98
C SER UA 157 -18.33 112.50 -26.40
N GLU UA 158 -18.54 111.27 -26.89
CA GLU UA 158 -19.78 110.78 -27.48
C GLU UA 158 -19.58 109.33 -27.88
N LEU UA 159 -20.53 108.43 -27.62
CA LEU UA 159 -20.36 107.05 -28.07
C LEU UA 159 -20.90 106.87 -29.50
N PRO UA 160 -20.37 105.90 -30.24
CA PRO UA 160 -20.92 105.55 -31.56
C PRO UA 160 -22.26 104.83 -31.46
N GLN UA 161 -22.76 104.31 -32.58
CA GLN UA 161 -24.16 103.91 -32.70
C GLN UA 161 -24.27 102.44 -33.14
N PRO UA 162 -24.81 101.58 -32.28
CA PRO UA 162 -24.82 100.14 -32.56
C PRO UA 162 -25.88 99.76 -33.57
N PRO UA 163 -25.74 98.60 -34.21
CA PRO UA 163 -26.50 98.30 -35.44
C PRO UA 163 -27.91 97.71 -35.31
N PHE UA 164 -28.61 97.87 -34.18
CA PHE UA 164 -30.03 97.52 -34.15
C PHE UA 164 -30.34 96.07 -34.47
N THR UA 165 -30.06 95.17 -33.52
CA THR UA 165 -30.15 93.72 -33.70
C THR UA 165 -31.33 93.29 -34.58
N THR UA 166 -31.05 92.34 -35.47
CA THR UA 166 -31.99 91.83 -36.45
C THR UA 166 -32.86 90.74 -35.84
N PRO UA 167 -33.94 90.33 -36.52
CA PRO UA 167 -34.80 89.28 -35.96
C PRO UA 167 -34.08 87.98 -35.67
N VAL UA 168 -33.39 87.42 -36.65
CA VAL UA 168 -32.59 86.22 -36.47
C VAL UA 168 -31.14 86.57 -36.76
N TYR UA 169 -30.24 86.11 -35.91
CA TYR UA 169 -28.83 86.44 -36.05
C TYR UA 169 -27.99 85.27 -35.61
N VAL UA 170 -26.72 85.31 -35.99
CA VAL UA 170 -25.74 84.32 -35.56
C VAL UA 170 -24.60 85.07 -34.89
N PRO UA 171 -24.46 84.98 -33.57
CA PRO UA 171 -23.48 85.78 -32.84
C PRO UA 171 -22.11 85.85 -33.48
N ALA UA 172 -21.53 87.05 -33.45
CA ALA UA 172 -20.28 87.38 -34.13
C ALA UA 172 -19.20 86.31 -33.96
N ALA UA 173 -18.84 86.00 -32.72
CA ALA UA 173 -17.79 85.00 -32.53
C ALA UA 173 -18.12 84.09 -31.37
N ARG UA 174 -18.89 83.04 -31.64
CA ARG UA 174 -19.20 81.98 -30.69
C ARG UA 174 -19.20 80.64 -31.41
N ARG UA 175 -18.54 80.60 -32.56
CA ARG UA 175 -18.53 79.46 -33.46
C ARG UA 175 -17.24 78.69 -33.25
N SER UA 176 -17.29 77.38 -33.45
CA SER UA 176 -16.04 76.65 -33.35
C SER UA 176 -16.19 75.31 -34.05
N VAL UA 177 -15.04 74.69 -34.28
CA VAL UA 177 -14.94 73.44 -35.01
C VAL UA 177 -13.88 72.60 -34.33
N ASP UA 178 -14.20 71.33 -34.05
CA ASP UA 178 -13.22 70.40 -33.50
C ASP UA 178 -12.72 69.53 -34.64
N PRO UA 179 -11.51 69.76 -35.15
CA PRO UA 179 -11.05 68.97 -36.30
C PRO UA 179 -10.88 67.49 -35.98
N ARG UA 180 -10.99 67.13 -34.71
CA ARG UA 180 -10.80 65.79 -34.20
C ARG UA 180 -12.01 64.91 -34.42
N THR UA 181 -13.20 65.49 -34.58
CA THR UA 181 -14.41 64.72 -34.83
C THR UA 181 -15.31 65.37 -35.88
N HIS UA 182 -14.84 66.43 -36.53
CA HIS UA 182 -15.55 67.05 -37.65
C HIS UA 182 -16.95 67.53 -37.23
N VAL UA 183 -16.97 68.45 -36.28
CA VAL UA 183 -18.23 68.96 -35.76
C VAL UA 183 -18.13 70.47 -35.64
N LEU UA 184 -19.10 71.17 -36.22
CA LEU UA 184 -19.17 72.62 -36.17
C LEU UA 184 -20.24 73.03 -35.18
N LYS UA 185 -19.90 73.94 -34.29
CA LYS UA 185 -20.82 74.47 -33.29
C LYS UA 185 -21.05 75.95 -33.55
N PHE UA 186 -22.30 76.38 -33.51
CA PHE UA 186 -22.60 77.80 -33.58
C PHE UA 186 -23.89 78.06 -32.85
N VAL UA 187 -24.10 79.31 -32.50
CA VAL UA 187 -25.25 79.74 -31.72
C VAL UA 187 -26.23 80.43 -32.65
N LEU UA 188 -27.52 80.26 -32.38
CA LEU UA 188 -28.57 80.87 -33.20
C LEU UA 188 -29.52 81.59 -32.26
N GLY UA 189 -29.56 82.90 -32.35
CA GLY UA 189 -30.38 83.72 -31.46
C GLY UA 189 -31.51 84.37 -32.21
N VAL UA 190 -32.67 84.46 -31.56
CA VAL UA 190 -33.87 85.04 -32.14
C VAL UA 190 -34.26 86.25 -31.31
N SER UA 191 -34.40 87.40 -31.96
CA SER UA 191 -34.76 88.60 -31.25
C SER UA 191 -36.19 88.49 -30.73
N PRO UA 192 -36.54 89.25 -29.69
CA PRO UA 192 -37.93 89.23 -29.21
C PRO UA 192 -38.91 89.87 -30.17
N ALA UA 193 -38.45 90.55 -31.21
CA ALA UA 193 -39.31 91.21 -32.15
C ALA UA 193 -39.60 90.38 -33.39
N ALA UA 194 -39.08 89.16 -33.46
CA ALA UA 194 -39.38 88.30 -34.59
C ALA UA 194 -40.86 87.93 -34.58
N ILE UA 195 -41.50 88.04 -35.74
CA ILE UA 195 -42.94 87.84 -35.82
C ILE UA 195 -43.21 86.37 -36.12
N PRO UA 196 -44.08 85.71 -35.35
CA PRO UA 196 -44.33 84.28 -35.58
C PRO UA 196 -44.90 84.04 -36.96
N GLY UA 197 -44.48 82.93 -37.57
CA GLY UA 197 -44.89 82.58 -38.90
C GLY UA 197 -43.89 82.90 -39.98
N ASP UA 198 -42.92 83.77 -39.71
CA ASP UA 198 -41.92 84.11 -40.70
C ASP UA 198 -40.97 82.95 -40.94
N VAL UA 199 -40.22 83.05 -42.03
CA VAL UA 199 -39.22 82.05 -42.40
C VAL UA 199 -37.97 82.77 -42.85
N TYR UA 200 -36.83 82.39 -42.30
CA TYR UA 200 -35.54 82.89 -42.73
C TYR UA 200 -34.68 81.73 -43.22
N ARG UA 201 -33.63 82.06 -43.96
CA ARG UA 201 -32.76 81.05 -44.54
C ARG UA 201 -31.32 81.33 -44.16
N LEU UA 202 -30.65 80.34 -43.59
CA LEU UA 202 -29.26 80.45 -43.19
C LEU UA 202 -28.43 79.57 -44.09
N THR UA 203 -27.41 80.16 -44.72
CA THR UA 203 -26.49 79.42 -45.58
C THR UA 203 -25.12 79.37 -44.92
N VAL UA 204 -24.56 78.16 -44.85
CA VAL UA 204 -23.29 77.89 -44.17
C VAL UA 204 -22.29 77.41 -45.21
N ARG UA 205 -21.15 78.07 -45.28
CA ARG UA 205 -20.07 77.70 -46.20
C ARG UA 205 -18.86 77.28 -45.37
N GLN UA 206 -18.59 75.99 -45.32
CA GLN UA 206 -17.55 75.43 -44.48
C GLN UA 206 -16.45 74.84 -45.34
N VAL UA 207 -15.21 75.10 -44.96
CA VAL UA 207 -14.05 74.64 -45.71
C VAL UA 207 -13.35 73.54 -44.91
N ALA UA 208 -13.10 72.42 -45.56
CA ALA UA 208 -12.17 71.45 -45.05
C ALA UA 208 -10.80 71.82 -45.58
N ILE UA 209 -9.82 70.95 -45.39
CA ILE UA 209 -8.46 71.27 -45.81
C ILE UA 209 -7.74 69.97 -46.08
N ASP UA 210 -6.95 69.94 -47.15
CA ASP UA 210 -6.18 68.75 -47.45
C ASP UA 210 -4.80 68.87 -46.84
N CYS UA 211 -4.07 67.77 -46.89
CA CYS UA 211 -2.97 67.60 -45.95
C CYS UA 211 -1.80 68.50 -46.33
N ASP UA 212 -1.83 69.09 -47.53
CA ASP UA 212 -0.94 70.18 -47.94
C ASP UA 212 -1.53 71.57 -47.71
N GLY UA 213 -2.74 71.68 -47.21
CA GLY UA 213 -3.33 72.96 -46.91
C GLY UA 213 -4.20 73.57 -47.98
N ASN UA 214 -4.60 72.81 -49.00
CA ASN UA 214 -5.53 73.33 -49.99
C ASN UA 214 -6.95 73.20 -49.45
N GLU UA 215 -7.97 73.47 -50.27
CA GLU UA 215 -9.28 73.74 -49.70
C GLU UA 215 -10.34 72.85 -50.32
N PHE UA 216 -11.33 72.50 -49.51
CA PHE UA 216 -12.52 71.78 -49.96
C PHE UA 216 -13.71 72.50 -49.37
N VAL UA 217 -14.53 73.09 -50.22
CA VAL UA 217 -15.66 73.89 -49.78
C VAL UA 217 -16.92 73.05 -49.76
N HIS UA 218 -17.85 73.39 -48.86
CA HIS UA 218 -19.11 72.70 -48.70
C HIS UA 218 -20.17 73.72 -48.32
N ILE UA 219 -21.31 73.67 -48.99
CA ILE UA 219 -22.38 74.65 -48.78
C ILE UA 219 -23.68 73.93 -48.49
N SER UA 220 -24.43 74.42 -47.51
CA SER UA 220 -25.76 73.91 -47.18
C SER UA 220 -26.59 75.06 -46.62
N CYS UA 221 -27.90 74.82 -46.49
CA CYS UA 221 -28.77 75.86 -45.94
C CYS UA 221 -29.63 75.26 -44.84
N TYR UA 222 -30.22 76.14 -44.05
CA TYR UA 222 -31.23 75.76 -43.07
C TYR UA 222 -32.35 76.79 -43.09
N ASP UA 223 -33.58 76.33 -42.94
CA ASP UA 223 -34.76 77.18 -43.00
C ASP UA 223 -35.27 77.39 -41.58
N ILE UA 224 -35.04 78.58 -41.05
CA ILE UA 224 -35.44 78.91 -39.69
C ILE UA 224 -36.84 79.50 -39.74
N SER UA 225 -37.81 78.78 -39.18
CA SER UA 225 -39.21 79.17 -39.22
C SER UA 225 -39.60 79.68 -37.84
N ILE UA 226 -39.80 80.99 -37.73
CA ILE UA 226 -40.11 81.61 -36.44
C ILE UA 226 -41.50 81.16 -36.02
N GLY UA 227 -41.56 80.25 -35.06
CA GLY UA 227 -42.80 79.86 -34.44
C GLY UA 227 -42.97 80.56 -33.10
N SER UA 228 -44.22 80.63 -32.66
CA SER UA 228 -44.54 81.07 -31.32
C SER UA 228 -44.98 79.85 -30.54
N CYS UA 229 -44.67 79.85 -29.25
CA CYS UA 229 -44.90 78.70 -28.39
C CYS UA 229 -44.14 77.48 -28.87
N GLY UA 230 -42.82 77.57 -28.82
CA GLY UA 230 -41.96 76.46 -29.17
C GLY UA 230 -41.76 76.35 -30.66
N MET VA 1 -17.05 63.10 -51.10
CA MET VA 1 -16.04 62.57 -52.01
C MET VA 1 -16.64 61.48 -52.90
N TYR VA 2 -16.52 61.68 -54.20
CA TYR VA 2 -16.98 60.69 -55.18
C TYR VA 2 -15.95 59.60 -55.32
N PHE VA 3 -16.43 58.38 -55.52
CA PHE VA 3 -15.53 57.25 -55.74
C PHE VA 3 -16.06 56.43 -56.89
N PHE VA 4 -15.26 56.33 -57.96
CA PHE VA 4 -15.65 55.58 -59.14
C PHE VA 4 -14.67 54.43 -59.36
N SER VA 5 -15.20 53.32 -59.83
CA SER VA 5 -14.39 52.19 -60.27
C SER VA 5 -14.48 52.11 -61.79
N VAL VA 6 -13.35 51.94 -62.43
CA VAL VA 6 -13.27 52.02 -63.89
C VAL VA 6 -13.61 50.67 -64.49
N ASP VA 7 -14.06 50.68 -65.73
CA ASP VA 7 -14.41 49.42 -66.38
C ASP VA 7 -13.16 48.74 -66.92
N PRO VA 8 -13.01 47.43 -66.71
CA PRO VA 8 -11.68 46.84 -66.80
C PRO VA 8 -11.24 46.39 -68.19
N ARG VA 9 -12.04 46.62 -69.23
CA ARG VA 9 -11.67 46.28 -70.60
C ARG VA 9 -11.35 44.79 -70.75
N ASN VA 10 -12.31 43.95 -70.34
CA ASN VA 10 -12.22 42.51 -70.49
C ASN VA 10 -13.08 41.97 -71.62
N GLY VA 11 -14.00 42.76 -72.15
CA GLY VA 11 -15.09 42.21 -72.92
C GLY VA 11 -16.26 41.80 -72.05
N ALA VA 12 -16.34 42.35 -70.84
CA ALA VA 12 -17.38 41.97 -69.88
C ALA VA 12 -17.78 43.18 -69.05
N SER VA 13 -18.43 42.93 -67.90
CA SER VA 13 -18.90 44.00 -67.04
C SER VA 13 -17.77 44.79 -66.38
N SER VA 21 -27.92 55.49 -68.05
CA SER VA 21 -28.41 55.29 -69.41
C SER VA 21 -27.37 55.72 -70.44
N CYS VA 22 -26.64 56.78 -70.14
CA CYS VA 22 -25.60 57.26 -71.03
C CYS VA 22 -24.33 56.46 -70.95
N CYS VA 23 -23.38 56.89 -71.77
CA CYS VA 23 -22.04 56.35 -71.77
C CYS VA 23 -21.26 56.76 -70.53
N CYS VA 24 -21.11 58.05 -70.28
CA CYS VA 24 -20.24 58.55 -69.23
C CYS VA 24 -21.05 58.71 -67.94
N GLU VA 25 -20.47 58.26 -66.84
CA GLU VA 25 -21.15 58.27 -65.55
C GLU VA 25 -21.32 59.71 -65.05
N SER VA 26 -22.04 59.84 -63.93
CA SER VA 26 -22.61 61.10 -63.51
C SER VA 26 -21.98 61.63 -62.23
N ILE VA 27 -21.88 62.95 -62.16
CA ILE VA 27 -21.37 63.66 -61.00
C ILE VA 27 -22.25 64.86 -60.76
N SER VA 28 -22.93 64.92 -59.62
CA SER VA 28 -23.75 66.08 -59.32
C SER VA 28 -22.91 67.13 -58.60
N ALA VA 29 -23.20 68.40 -58.90
CA ALA VA 29 -22.37 69.48 -58.41
C ALA VA 29 -23.24 70.67 -58.06
N ARG VA 30 -22.80 71.44 -57.07
CA ARG VA 30 -23.53 72.60 -56.57
C ARG VA 30 -22.67 73.85 -56.71
N PRO VA 31 -23.23 74.96 -57.19
CA PRO VA 31 -22.41 76.14 -57.45
C PRO VA 31 -21.72 76.68 -56.20
N GLY VA 32 -20.39 76.80 -56.27
CA GLY VA 32 -19.60 77.28 -55.17
C GLY VA 32 -18.79 76.22 -54.48
N GLU VA 33 -19.19 74.95 -54.59
CA GLU VA 33 -18.50 73.86 -53.94
C GLU VA 33 -17.12 73.64 -54.53
N VAL VA 34 -16.31 72.87 -53.79
CA VAL VA 34 -15.06 72.31 -54.29
C VAL VA 34 -14.98 70.92 -53.68
N ASN VA 35 -15.22 69.90 -54.47
CA ASN VA 35 -15.34 68.54 -53.97
C ASN VA 35 -14.10 67.74 -54.33
N GLY VA 36 -14.08 66.46 -54.00
CA GLY VA 36 -12.96 65.60 -54.34
C GLY VA 36 -13.41 64.30 -54.97
N VAL VA 37 -12.69 63.84 -56.00
CA VAL VA 37 -13.08 62.67 -56.76
C VAL VA 37 -11.95 61.65 -56.72
N MET VA 38 -12.30 60.38 -56.51
CA MET VA 38 -11.34 59.29 -56.50
C MET VA 38 -11.75 58.25 -57.52
N VAL VA 39 -10.80 57.83 -58.34
CA VAL VA 39 -11.04 56.83 -59.39
C VAL VA 39 -10.08 55.68 -59.16
N SER VA 40 -10.62 54.46 -59.12
CA SER VA 40 -9.84 53.27 -58.78
C SER VA 40 -9.57 52.48 -60.04
N TYR VA 41 -8.36 52.63 -60.58
CA TYR VA 41 -7.97 51.90 -61.78
C TYR VA 41 -7.53 50.48 -61.50
N ALA VA 42 -7.78 49.95 -60.30
CA ALA VA 42 -7.28 48.63 -59.95
C ALA VA 42 -7.79 47.55 -60.88
N ALA VA 43 -9.05 47.64 -61.29
CA ALA VA 43 -9.62 46.58 -62.12
C ALA VA 43 -8.96 46.49 -63.48
N TRP VA 44 -8.37 47.58 -63.97
CA TRP VA 44 -7.77 47.61 -65.30
C TRP VA 44 -6.26 47.46 -65.27
N SER VA 45 -5.59 48.11 -64.32
CA SER VA 45 -4.14 48.19 -64.32
C SER VA 45 -3.49 47.13 -63.46
N ALA VA 46 -4.24 46.36 -62.68
CA ALA VA 46 -3.63 45.32 -61.87
C ALA VA 46 -3.23 44.10 -62.72
N PRO VA 47 -4.11 43.56 -63.57
CA PRO VA 47 -3.66 42.47 -64.45
C PRO VA 47 -2.46 42.83 -65.30
N LEU VA 48 -2.36 44.07 -65.76
CA LEU VA 48 -1.18 44.52 -66.48
C LEU VA 48 -0.01 44.64 -65.49
N ARG VA 49 0.48 43.50 -65.03
CA ARG VA 49 1.48 43.51 -63.97
C ARG VA 49 2.68 44.33 -64.39
N GLY VA 50 2.85 45.49 -63.79
CA GLY VA 50 3.90 46.41 -64.17
C GLY VA 50 4.22 47.38 -63.06
N HIS VA 51 4.44 48.64 -63.41
CA HIS VA 51 4.73 49.67 -62.42
C HIS VA 51 3.55 50.59 -62.17
N GLY VA 52 2.33 50.10 -62.39
CA GLY VA 52 1.16 50.84 -61.99
C GLY VA 52 0.94 52.12 -62.79
N LEU VA 53 0.26 53.08 -62.16
CA LEU VA 53 -0.09 54.32 -62.82
C LEU VA 53 1.09 55.27 -62.85
N THR VA 54 0.99 56.30 -63.67
CA THR VA 54 1.96 57.38 -63.67
C THR VA 54 1.24 58.72 -63.63
N ASN VA 55 1.97 59.78 -63.31
CA ASN VA 55 1.40 61.11 -63.21
C ASN VA 55 1.38 61.80 -64.57
N LYS VA 56 0.73 61.15 -65.52
CA LYS VA 56 0.52 61.75 -66.83
C LYS VA 56 -0.95 61.70 -67.19
N THR VA 57 -1.80 62.15 -66.28
CA THR VA 57 -3.22 62.27 -66.54
C THR VA 57 -3.50 63.58 -67.27
N THR VA 58 -4.50 63.55 -68.14
CA THR VA 58 -4.91 64.72 -68.89
C THR VA 58 -6.42 64.84 -68.80
N PHE VA 59 -6.90 66.05 -68.55
CA PHE VA 59 -8.32 66.32 -68.39
C PHE VA 59 -8.80 67.25 -69.48
N GLU VA 60 -10.10 67.20 -69.77
CA GLU VA 60 -10.70 68.13 -70.71
C GLU VA 60 -12.15 68.36 -70.33
N ILE VA 61 -12.56 69.62 -70.30
CA ILE VA 61 -13.93 69.99 -69.98
C ILE VA 61 -14.59 70.52 -71.23
N ASP VA 62 -15.79 70.01 -71.51
CA ASP VA 62 -16.61 70.49 -72.61
C ASP VA 62 -18.06 70.52 -72.17
N GLY VA 63 -18.78 71.53 -72.63
CA GLY VA 63 -20.17 71.70 -72.23
C GLY VA 63 -21.11 70.97 -73.18
N VAL VA 64 -22.08 70.27 -72.60
CA VAL VA 64 -23.16 69.66 -73.36
C VAL VA 64 -24.45 70.47 -73.22
N SER VA 65 -24.46 71.48 -72.38
CA SER VA 65 -25.57 72.40 -72.16
C SER VA 65 -25.06 73.54 -71.31
N VAL VA 66 -25.15 74.79 -71.78
CA VAL VA 66 -24.42 75.89 -71.16
C VAL VA 66 -25.32 76.98 -70.63
N THR VA 67 -26.37 77.36 -71.37
CA THR VA 67 -27.23 78.48 -70.95
C THR VA 67 -26.41 79.75 -70.80
N PRO VA 68 -26.07 80.41 -71.90
CA PRO VA 68 -25.11 81.53 -71.87
C PRO VA 68 -25.43 82.52 -70.76
N PRO VA 69 -24.41 83.10 -70.14
CA PRO VA 69 -24.65 83.98 -69.00
C PRO VA 69 -25.25 85.30 -69.43
N LYS VA 70 -25.94 85.93 -68.48
CA LYS VA 70 -26.57 87.22 -68.75
C LYS VA 70 -25.62 88.38 -68.50
N VAL VA 71 -24.96 88.39 -67.35
CA VAL VA 71 -24.14 89.50 -66.92
C VAL VA 71 -22.70 89.20 -67.30
N SER VA 72 -22.01 90.20 -67.86
CA SER VA 72 -20.63 90.00 -68.24
C SER VA 72 -19.71 90.09 -67.02
N ASN VA 73 -18.53 89.51 -67.14
CA ASN VA 73 -17.51 89.68 -66.14
C ASN VA 73 -16.67 90.91 -66.46
N ALA VA 74 -15.73 91.25 -65.59
CA ALA VA 74 -14.98 92.48 -65.77
C ALA VA 74 -13.62 92.35 -65.13
N PHE VA 75 -12.70 93.23 -65.55
CA PHE VA 75 -11.35 93.24 -65.03
C PHE VA 75 -10.94 94.66 -64.71
N GLY VA 76 -10.34 94.86 -63.54
CA GLY VA 76 -9.81 96.15 -63.15
C GLY VA 76 -8.37 96.02 -62.70
N ARG VA 77 -7.76 97.18 -62.44
CA ARG VA 77 -6.35 97.21 -62.06
C ARG VA 77 -6.08 98.39 -61.16
N THR VA 78 -5.19 98.18 -60.19
CA THR VA 78 -4.84 99.21 -59.23
C THR VA 78 -3.44 98.92 -58.70
N LYS VA 79 -2.76 99.96 -58.24
CA LYS VA 79 -1.47 99.77 -57.60
C LYS VA 79 -1.66 99.41 -56.13
N VAL VA 80 -0.56 99.08 -55.46
CA VAL VA 80 -0.67 98.73 -54.05
C VAL VA 80 -1.12 99.94 -53.24
N GLY VA 81 -1.98 99.68 -52.26
CA GLY VA 81 -2.41 100.67 -51.30
C GLY VA 81 -3.41 101.68 -51.77
N VAL VA 82 -3.51 101.94 -53.07
CA VAL VA 82 -4.42 102.95 -53.57
C VAL VA 82 -5.81 102.34 -53.74
N VAL VA 83 -6.82 103.06 -53.27
CA VAL VA 83 -8.20 102.59 -53.30
C VAL VA 83 -8.68 102.56 -54.74
N PHE VA 84 -9.48 101.56 -55.07
CA PHE VA 84 -9.95 101.35 -56.43
C PHE VA 84 -11.46 101.53 -56.49
N GLU VA 85 -11.91 102.25 -57.52
CA GLU VA 85 -13.33 102.42 -57.81
C GLU VA 85 -13.66 101.72 -59.12
N GLY VA 86 -14.95 101.51 -59.33
CA GLY VA 86 -15.42 100.90 -60.55
C GLY VA 86 -16.94 100.92 -60.57
N THR VA 87 -17.49 100.58 -61.71
CA THR VA 87 -18.93 100.57 -61.88
C THR VA 87 -19.42 99.14 -62.03
N LEU VA 88 -20.73 98.97 -61.81
CA LEU VA 88 -21.32 97.63 -61.87
C LEU VA 88 -22.61 97.68 -62.66
N SER VA 89 -22.70 98.57 -63.65
CA SER VA 89 -23.93 98.73 -64.42
C SER VA 89 -23.77 98.49 -65.91
N ASP VA 90 -22.57 98.63 -66.45
CA ASP VA 90 -22.31 98.31 -67.85
C ASP VA 90 -22.03 96.83 -68.05
N LEU VA 91 -22.21 96.04 -66.99
CA LEU VA 91 -21.95 94.61 -67.02
C LEU VA 91 -23.24 93.81 -67.13
N PHE VA 92 -24.36 94.49 -67.31
CA PHE VA 92 -25.67 93.84 -67.40
C PHE VA 92 -26.45 94.43 -68.58
N PRO VA 93 -26.06 94.10 -69.80
CA PRO VA 93 -26.87 94.53 -70.93
C PRO VA 93 -28.22 93.83 -70.86
N ASN VA 94 -29.26 94.58 -70.56
CA ASN VA 94 -30.57 93.96 -70.41
C ASN VA 94 -31.37 94.05 -71.71
N PRO VA 95 -32.06 92.98 -72.10
CA PRO VA 95 -32.95 93.07 -73.26
C PRO VA 95 -34.17 93.91 -72.96
N GLU VA 96 -34.81 93.61 -71.83
CA GLU VA 96 -36.11 94.16 -71.46
C GLU VA 96 -36.00 95.34 -70.51
N GLY VA 97 -37.14 95.80 -70.01
CA GLY VA 97 -37.18 96.83 -68.99
C GLY VA 97 -37.35 96.31 -67.57
N GLU VA 98 -36.38 96.60 -66.71
CA GLU VA 98 -36.44 96.19 -65.32
C GLU VA 98 -35.38 96.95 -64.55
N GLN VA 99 -35.42 96.80 -63.24
CA GLN VA 99 -34.48 97.42 -62.32
C GLN VA 99 -33.39 96.45 -61.89
N VAL VA 100 -32.31 97.02 -61.36
CA VAL VA 100 -31.06 96.31 -61.16
C VAL VA 100 -30.67 96.27 -59.69
N GLU VA 101 -31.06 95.19 -59.01
CA GLU VA 101 -30.73 95.02 -57.60
C GLU VA 101 -29.31 94.50 -57.41
N TYR VA 102 -28.33 95.38 -57.58
CA TYR VA 102 -26.94 95.02 -57.39
C TYR VA 102 -26.72 94.42 -56.00
N GLU VA 103 -25.96 93.32 -55.95
CA GLU VA 103 -25.76 92.61 -54.69
C GLU VA 103 -24.38 91.96 -54.66
N ILE VA 104 -23.72 92.04 -53.51
CA ILE VA 104 -22.44 91.39 -53.28
C ILE VA 104 -22.66 90.36 -52.17
N SER VA 105 -22.69 89.09 -52.54
CA SER VA 105 -22.91 88.02 -51.57
C SER VA 105 -21.74 87.93 -50.60
N GLU VA 106 -22.05 87.81 -49.31
CA GLU VA 106 -20.99 87.68 -48.31
C GLU VA 106 -20.29 86.34 -48.34
N LEU VA 107 -20.90 85.32 -48.96
CA LEU VA 107 -20.24 84.03 -49.05
C LEU VA 107 -19.09 84.07 -50.05
N ASN VA 108 -19.21 84.90 -51.08
CA ASN VA 108 -18.23 84.98 -52.14
C ASN VA 108 -17.68 86.39 -52.27
N GLY VA 109 -17.41 87.04 -51.15
CA GLY VA 109 -16.83 88.36 -51.17
C GLY VA 109 -15.37 88.31 -51.54
N PRO VA 110 -14.68 89.43 -51.41
CA PRO VA 110 -13.25 89.45 -51.73
C PRO VA 110 -12.43 88.70 -50.69
N SER VA 111 -11.13 88.60 -50.91
CA SER VA 111 -10.27 87.81 -50.04
C SER VA 111 -9.22 88.63 -49.31
N ASN VA 112 -8.73 89.71 -49.93
CA ASN VA 112 -7.71 90.56 -49.31
C ASN VA 112 -8.10 92.02 -49.40
N GLY VA 113 -9.38 92.32 -49.39
CA GLY VA 113 -9.86 93.69 -49.46
C GLY VA 113 -11.22 93.82 -48.80
N VAL VA 114 -11.93 94.91 -49.13
CA VAL VA 114 -13.30 95.14 -48.68
C VAL VA 114 -14.00 95.90 -49.79
N VAL VA 115 -15.29 95.65 -49.97
CA VAL VA 115 -16.09 96.35 -50.97
C VAL VA 115 -17.34 96.94 -50.31
N GLU VA 116 -17.59 98.23 -50.52
CA GLU VA 116 -18.77 98.91 -50.01
C GLU VA 116 -19.67 99.13 -51.22
N LEU VA 117 -20.68 98.29 -51.41
CA LEU VA 117 -21.57 98.52 -52.54
C LEU VA 117 -22.37 99.80 -52.33
N GLY VA 118 -22.36 100.66 -53.34
CA GLY VA 118 -23.05 101.93 -53.29
C GLY VA 118 -24.53 101.75 -53.50
N ALA VA 119 -25.20 102.89 -53.71
CA ALA VA 119 -26.64 102.85 -53.97
C ALA VA 119 -26.95 102.45 -55.40
N ASN VA 120 -26.12 102.90 -56.35
CA ASN VA 120 -26.35 102.65 -57.77
C ASN VA 120 -25.08 102.06 -58.38
N GLY VA 121 -25.03 100.73 -58.48
CA GLY VA 121 -24.01 100.02 -59.24
C GLY VA 121 -22.59 100.49 -59.07
N ALA VA 122 -22.27 101.09 -57.93
CA ALA VA 122 -20.94 101.58 -57.64
C ALA VA 122 -20.39 100.87 -56.42
N PHE VA 123 -19.07 100.77 -56.36
CA PHE VA 123 -18.44 100.01 -55.30
C PHE VA 123 -17.00 100.44 -55.17
N THR VA 124 -16.49 100.39 -53.94
CA THR VA 124 -15.12 100.78 -53.63
C THR VA 124 -14.39 99.57 -53.06
N TYR VA 125 -13.31 99.17 -53.71
CA TYR VA 125 -12.49 98.05 -53.26
C TYR VA 125 -11.21 98.64 -52.68
N THR VA 126 -11.16 98.73 -51.36
CA THR VA 126 -9.95 99.18 -50.68
C THR VA 126 -9.06 97.97 -50.44
N PRO VA 127 -7.96 97.82 -51.18
CA PRO VA 127 -7.13 96.62 -51.02
C PRO VA 127 -6.51 96.58 -49.63
N GLY VA 128 -6.36 95.36 -49.11
CA GLY VA 128 -5.73 95.20 -47.82
C GLY VA 128 -4.31 95.73 -47.83
N ALA VA 129 -3.98 96.48 -46.78
CA ALA VA 129 -2.67 97.14 -46.68
C ALA VA 129 -1.56 96.10 -46.71
N LEU VA 130 -0.47 96.45 -47.38
CA LEU VA 130 0.68 95.57 -47.56
C LEU VA 130 0.27 94.26 -48.21
N PHE VA 131 -0.24 94.38 -49.44
CA PHE VA 131 -0.65 93.21 -50.21
C PHE VA 131 -0.63 93.56 -51.68
N THR VA 132 -0.09 92.66 -52.49
CA THR VA 132 -0.06 92.87 -53.95
C THR VA 132 -0.28 91.52 -54.61
N GLY VA 133 -1.41 91.36 -55.26
CA GLY VA 133 -1.71 90.13 -55.98
C GLY VA 133 -2.94 90.32 -56.83
N VAL VA 134 -3.75 89.26 -56.90
CA VAL VA 134 -5.02 89.31 -57.61
C VAL VA 134 -6.13 89.01 -56.61
N ASP VA 135 -7.29 89.61 -56.83
CA ASP VA 135 -8.41 89.44 -55.92
C ASP VA 135 -9.71 89.45 -56.71
N ARG VA 136 -10.64 88.61 -56.30
CA ARG VA 136 -11.92 88.45 -56.97
C ARG VA 136 -13.06 88.66 -55.99
N PHE VA 137 -14.23 88.95 -56.54
CA PHE VA 137 -15.48 88.87 -55.79
C PHE VA 137 -16.61 88.69 -56.78
N TRP VA 138 -17.69 88.06 -56.32
CA TRP VA 138 -18.78 87.65 -57.19
C TRP VA 138 -20.01 88.46 -56.86
N PHE VA 139 -20.42 89.31 -57.79
CA PHE VA 139 -21.62 90.11 -57.67
C PHE VA 139 -22.80 89.38 -58.30
N SER VA 140 -24.00 89.85 -57.97
CA SER VA 140 -25.23 89.25 -58.50
C SER VA 140 -26.18 90.37 -58.91
N ILE VA 141 -26.11 90.78 -60.17
CA ILE VA 141 -26.98 91.81 -60.70
C ILE VA 141 -28.31 91.16 -61.04
N ASN VA 142 -29.27 91.25 -60.11
CA ASN VA 142 -30.63 90.79 -60.35
C ASN VA 142 -30.66 89.28 -60.59
N GLY VA 143 -30.14 88.54 -59.63
CA GLY VA 143 -30.17 87.09 -59.69
C GLY VA 143 -29.03 86.48 -60.49
N ASN VA 144 -28.62 87.14 -61.56
CA ASN VA 144 -27.58 86.62 -62.42
C ASN VA 144 -26.21 86.99 -61.86
N ILE VA 145 -25.31 85.99 -61.79
CA ILE VA 145 -24.04 86.13 -61.10
C ILE VA 145 -22.90 86.21 -62.11
N GLY VA 146 -21.93 87.07 -61.81
CA GLY VA 146 -20.70 87.17 -62.56
C GLY VA 146 -19.60 87.48 -61.58
N GLU VA 147 -18.38 87.61 -62.08
CA GLU VA 147 -17.25 87.90 -61.21
C GLU VA 147 -16.51 89.14 -61.69
N TYR VA 148 -15.94 89.86 -60.73
CA TYR VA 148 -15.10 91.02 -60.98
C TYR VA 148 -13.71 90.70 -60.48
N VAL VA 149 -12.70 90.85 -61.35
CA VAL VA 149 -11.33 90.49 -61.02
C VAL VA 149 -10.51 91.77 -60.95
N ILE VA 150 -9.83 91.96 -59.83
CA ILE VA 150 -8.95 93.11 -59.63
C ILE VA 150 -7.55 92.59 -59.32
N SER VA 151 -6.56 93.23 -59.91
CA SER VA 151 -5.15 92.89 -59.71
C SER VA 151 -4.44 94.10 -59.13
N VAL VA 152 -3.82 93.93 -57.97
CA VAL VA 152 -3.13 95.01 -57.28
C VAL VA 152 -1.63 94.84 -57.50
N ASP VA 153 -0.99 95.90 -57.99
CA ASP VA 153 0.39 95.89 -58.44
C ASP VA 153 1.32 96.35 -57.32
N PRO VA 154 2.59 95.91 -57.33
CA PRO VA 154 3.49 96.29 -56.23
C PRO VA 154 4.20 97.60 -56.50
N THR VA 155 3.42 98.55 -57.05
CA THR VA 155 3.77 99.95 -57.29
C THR VA 155 4.80 100.13 -58.40
N THR VA 156 5.46 99.06 -58.86
CA THR VA 156 6.47 99.33 -59.87
C THR VA 156 5.90 99.38 -61.28
N SER VA 157 5.64 98.22 -61.88
CA SER VA 157 5.25 98.26 -63.29
C SER VA 157 3.76 98.16 -63.57
N GLU VA 158 3.26 96.91 -63.61
CA GLU VA 158 1.90 96.54 -63.99
C GLU VA 158 1.76 95.03 -63.86
N LEU VA 159 0.66 94.51 -63.31
CA LEU VA 159 0.50 93.07 -63.26
C LEU VA 159 -0.18 92.54 -64.53
N PRO VA 160 0.07 91.28 -64.89
CA PRO VA 160 -0.65 90.65 -66.01
C PRO VA 160 -2.09 90.31 -65.66
N GLN VA 161 -2.78 89.58 -66.54
CA GLN VA 161 -4.23 89.49 -66.50
C GLN VA 161 -4.68 88.04 -66.41
N PRO VA 162 -5.33 87.65 -65.31
CA PRO VA 162 -5.67 86.25 -65.07
C PRO VA 162 -6.86 85.79 -65.88
N PRO VA 163 -7.03 84.48 -66.08
CA PRO VA 163 -7.92 83.98 -67.13
C PRO VA 163 -9.41 83.80 -66.80
N PHE VA 164 -9.97 84.48 -65.80
CA PHE VA 164 -11.42 84.49 -65.65
C PHE VA 164 -12.06 83.12 -65.44
N THR VA 165 -11.89 82.55 -64.24
CA THR VA 165 -12.31 81.20 -63.91
C THR VA 165 -13.61 80.77 -64.59
N THR VA 166 -13.61 79.54 -65.10
CA THR VA 166 -14.71 78.96 -65.83
C THR VA 166 -15.74 78.36 -64.88
N PRO VA 167 -16.94 78.00 -65.37
CA PRO VA 167 -17.95 77.42 -64.48
C PRO VA 167 -17.50 76.17 -63.76
N VAL VA 168 -17.03 75.17 -64.49
CA VAL VA 168 -16.49 73.96 -63.91
C VAL VA 168 -15.02 73.84 -64.31
N TYR VA 169 -14.17 73.52 -63.35
CA TYR VA 169 -12.74 73.45 -63.61
C TYR VA 169 -12.14 72.33 -62.79
N VAL VA 170 -10.92 71.96 -63.16
CA VAL VA 170 -10.13 70.97 -62.43
C VAL VA 170 -8.81 71.63 -62.06
N PRO VA 171 -8.60 71.97 -60.78
CA PRO VA 171 -7.41 72.72 -60.38
C PRO VA 171 -6.11 72.26 -61.00
N ALA VA 172 -5.29 73.23 -61.39
CA ALA VA 172 -4.06 73.02 -62.15
C ALA VA 172 -3.22 71.86 -61.62
N ALA VA 173 -2.84 71.91 -60.35
CA ALA VA 173 -2.02 70.82 -59.83
C ALA VA 173 -2.44 70.45 -58.42
N ARG VA 174 -3.42 69.58 -58.32
CA ARG VA 174 -3.87 68.99 -57.07
C ARG VA 174 -4.21 67.53 -57.27
N ARG VA 175 -3.67 66.95 -58.33
CA ARG VA 175 -3.98 65.61 -58.79
C ARG VA 175 -2.87 64.69 -58.33
N SER VA 176 -3.20 63.43 -58.07
CA SER VA 176 -2.13 62.51 -57.73
C SER VA 176 -2.62 61.09 -57.91
N VAL VA 177 -1.64 60.19 -57.92
CA VAL VA 177 -1.88 58.77 -58.17
C VAL VA 177 -0.96 57.99 -57.24
N ASP VA 178 -1.52 57.00 -56.55
CA ASP VA 178 -0.72 56.12 -55.71
C ASP VA 178 -0.50 54.82 -56.48
N PRO VA 179 0.68 54.58 -57.05
CA PRO VA 179 0.87 53.37 -57.85
C PRO VA 179 0.76 52.09 -57.05
N ARG VA 180 0.67 52.21 -55.73
CA ARG VA 180 0.61 51.12 -54.79
C ARG VA 180 -0.77 50.50 -54.68
N THR VA 181 -1.82 51.26 -55.03
CA THR VA 181 -3.18 50.75 -54.99
C THR VA 181 -4.00 51.18 -56.20
N HIS VA 182 -3.38 51.83 -57.18
CA HIS VA 182 -4.02 52.19 -58.44
C HIS VA 182 -5.25 53.07 -58.22
N VAL VA 183 -5.01 54.24 -57.63
CA VAL VA 183 -6.08 55.17 -57.32
C VAL VA 183 -5.66 56.56 -57.74
N LEU VA 184 -6.50 57.23 -58.52
CA LEU VA 184 -6.25 58.59 -58.98
C LEU VA 184 -7.14 59.54 -58.17
N LYS VA 185 -6.54 60.60 -57.65
CA LYS VA 185 -7.24 61.62 -56.91
C LYS VA 185 -7.18 62.94 -57.66
N PHE VA 186 -8.30 63.63 -57.76
CA PHE VA 186 -8.29 64.96 -58.32
C PHE VA 186 -9.44 65.76 -57.72
N VAL VA 187 -9.35 67.05 -57.83
CA VAL VA 187 -10.32 67.96 -57.24
C VAL VA 187 -11.21 68.51 -58.34
N LEU VA 188 -12.48 68.73 -58.03
CA LEU VA 188 -13.43 69.26 -59.01
C LEU VA 188 -14.14 70.44 -58.38
N GLY VA 189 -13.90 71.62 -58.91
CA GLY VA 189 -14.45 72.85 -58.35
C GLY VA 189 -15.48 73.45 -59.28
N VAL VA 190 -16.54 74.01 -58.70
CA VAL VA 190 -17.64 74.62 -59.44
C VAL VA 190 -17.69 76.10 -59.07
N SER VA 191 -17.65 76.96 -60.08
CA SER VA 191 -17.68 78.38 -59.83
C SER VA 191 -19.05 78.78 -59.30
N PRO VA 192 -19.15 79.90 -58.59
CA PRO VA 192 -20.47 80.35 -58.12
C PRO VA 192 -21.36 80.84 -59.24
N ALA VA 193 -20.85 81.00 -60.46
CA ALA VA 193 -21.63 81.50 -61.56
C ALA VA 193 -22.19 80.38 -62.44
N ALA VA 194 -21.95 79.12 -62.09
CA ALA VA 194 -22.52 78.02 -62.84
C ALA VA 194 -24.02 78.03 -62.71
N ILE VA 195 -24.72 77.88 -63.83
CA ILE VA 195 -26.18 77.99 -63.83
C ILE VA 195 -26.78 76.61 -63.60
N PRO VA 196 -27.70 76.46 -62.66
CA PRO VA 196 -28.27 75.14 -62.37
C PRO VA 196 -28.98 74.57 -63.59
N GLY VA 197 -28.85 73.27 -63.77
CA GLY VA 197 -29.43 72.59 -64.90
C GLY VA 197 -28.47 72.29 -66.04
N ASP VA 198 -27.33 72.96 -66.07
CA ASP VA 198 -26.36 72.72 -67.12
C ASP VA 198 -25.70 71.36 -66.95
N VAL VA 199 -25.04 70.91 -68.01
CA VAL VA 199 -24.30 69.65 -68.02
C VAL VA 199 -22.97 69.89 -68.69
N TYR VA 200 -21.89 69.45 -68.05
CA TYR VA 200 -20.56 69.48 -68.63
C TYR VA 200 -20.02 68.06 -68.69
N ARG VA 201 -18.98 67.87 -69.50
CA ARG VA 201 -18.40 66.55 -69.69
C ARG VA 201 -16.90 66.62 -69.45
N LEU VA 202 -16.41 65.76 -68.56
CA LEU VA 202 -15.00 65.67 -68.23
C LEU VA 202 -14.44 64.38 -68.79
N THR VA 203 -13.39 64.47 -69.57
CA THR VA 203 -12.71 63.31 -70.13
C THR VA 203 -11.34 63.17 -69.49
N VAL VA 204 -11.04 61.96 -69.01
CA VAL VA 204 -9.80 61.66 -68.29
C VAL VA 204 -9.02 60.64 -69.10
N ARG VA 205 -7.77 60.97 -69.40
CA ARG VA 205 -6.87 60.07 -70.13
C ARG VA 205 -5.71 59.70 -69.21
N GLN VA 206 -5.72 58.47 -68.73
CA GLN VA 206 -4.76 58.00 -67.74
C GLN VA 206 -3.88 56.93 -68.35
N VAL VA 207 -2.58 57.01 -68.09
CA VAL VA 207 -1.60 56.08 -68.64
C VAL VA 207 -1.10 55.18 -67.51
N ALA VA 208 -1.14 53.89 -67.73
CA ALA VA 208 -0.40 52.95 -66.92
C ALA VA 208 0.97 52.80 -67.56
N ILE VA 209 1.76 51.86 -67.06
CA ILE VA 209 3.12 51.70 -67.58
C ILE VA 209 3.52 50.25 -67.39
N ASP VA 210 4.20 49.70 -68.38
CA ASP VA 210 4.67 48.33 -68.26
C ASP VA 210 6.09 48.33 -67.73
N CYS VA 211 6.57 47.15 -67.40
CA CYS VA 211 7.68 47.05 -66.46
C CYS VA 211 8.98 47.49 -67.13
N ASP VA 212 8.98 47.62 -68.46
CA ASP VA 212 10.04 48.30 -69.22
C ASP VA 212 9.78 49.76 -69.48
N GLY VA 213 8.65 50.30 -69.04
CA GLY VA 213 8.39 51.72 -69.22
C GLY VA 213 7.57 52.12 -70.42
N ASN VA 214 6.95 51.17 -71.12
CA ASN VA 214 6.06 51.52 -72.22
C ASN VA 214 4.70 51.90 -71.66
N GLU VA 215 3.70 52.10 -72.52
CA GLU VA 215 2.53 52.84 -72.08
C GLU VA 215 1.26 52.06 -72.36
N PHE VA 216 0.28 52.23 -71.48
CA PHE VA 216 -1.06 51.69 -71.64
C PHE VA 216 -2.03 52.81 -71.33
N VAL VA 217 -2.77 53.26 -72.33
CA VAL VA 217 -3.66 54.40 -72.19
C VAL VA 217 -5.07 53.91 -71.87
N HIS VA 218 -5.82 54.74 -71.16
CA HIS VA 218 -7.19 54.45 -70.76
C HIS VA 218 -7.98 55.75 -70.75
N ILE VA 219 -9.15 55.73 -71.36
CA ILE VA 219 -9.97 56.93 -71.50
C ILE VA 219 -11.37 56.66 -70.97
N SER VA 220 -11.91 57.62 -70.22
CA SER VA 220 -13.29 57.56 -69.72
C SER VA 220 -13.81 58.98 -69.61
N CYS VA 221 -15.13 59.11 -69.39
CA CYS VA 221 -15.72 60.43 -69.23
C CYS VA 221 -16.59 60.46 -67.99
N TYR VA 222 -16.92 61.66 -67.55
CA TYR VA 222 -17.90 61.87 -66.50
C TYR VA 222 -18.77 63.06 -66.88
N ASP VA 223 -20.05 62.97 -66.56
CA ASP VA 223 -21.03 63.98 -66.91
C ASP VA 223 -21.38 64.77 -65.65
N ILE VA 224 -20.85 65.99 -65.56
CA ILE VA 224 -21.06 66.84 -64.40
C ILE VA 224 -22.31 67.68 -64.64
N SER VA 225 -23.35 67.42 -63.87
CA SER VA 225 -24.65 68.08 -64.04
C SER VA 225 -24.81 69.10 -62.92
N ILE VA 226 -24.72 70.38 -63.27
CA ILE VA 226 -24.78 71.45 -62.28
C ILE VA 226 -26.20 71.49 -61.71
N GLY VA 227 -26.37 71.00 -60.49
CA GLY VA 227 -27.61 71.14 -59.78
C GLY VA 227 -27.52 72.26 -58.76
N SER VA 228 -28.69 72.75 -58.38
CA SER VA 228 -28.80 73.67 -57.27
C SER VA 228 -29.43 72.92 -56.10
N CYS VA 229 -29.01 73.29 -54.90
CA CYS VA 229 -29.41 72.57 -53.71
C CYS VA 229 -28.97 71.11 -53.73
N GLY VA 230 -27.66 70.92 -53.72
CA GLY VA 230 -27.09 69.60 -53.66
C GLY VA 230 -27.04 68.95 -55.03
N MET WA 1 -7.40 44.39 -69.70
CA MET WA 1 -6.61 43.37 -70.37
C MET WA 1 -7.49 42.22 -70.84
N TYR WA 2 -7.44 41.93 -72.12
CA TYR WA 2 -8.17 40.81 -72.70
C TYR WA 2 -7.41 39.52 -72.46
N PHE WA 3 -8.15 38.44 -72.21
CA PHE WA 3 -7.53 37.14 -72.03
C PHE WA 3 -8.31 36.12 -72.84
N PHE WA 4 -7.65 35.50 -73.81
CA PHE WA 4 -8.27 34.49 -74.65
C PHE WA 4 -7.58 33.16 -74.46
N SER WA 5 -8.37 32.10 -74.51
CA SER WA 5 -7.85 30.74 -74.55
C SER WA 5 -8.08 30.18 -75.94
N VAL WA 6 -7.07 29.55 -76.49
CA VAL WA 6 -7.08 29.12 -77.89
C VAL WA 6 -7.75 27.75 -77.98
N ASP WA 7 -8.29 27.45 -79.15
CA ASP WA 7 -8.95 26.16 -79.32
C ASP WA 7 -7.92 25.07 -79.60
N PRO WA 8 -8.03 23.91 -78.95
CA PRO WA 8 -6.86 23.04 -78.83
C PRO WA 8 -6.65 22.06 -79.98
N ARG WA 9 -7.46 22.10 -81.04
CA ARG WA 9 -7.28 21.24 -82.21
C ARG WA 9 -7.29 19.76 -81.84
N ASN WA 10 -8.37 19.35 -81.17
CA ASN WA 10 -8.61 17.96 -80.80
C ASN WA 10 -9.66 17.27 -81.66
N GLY WA 11 -10.42 18.04 -82.44
CA GLY WA 11 -11.66 17.51 -82.96
C GLY WA 11 -12.81 17.71 -82.01
N ALA WA 12 -12.68 18.63 -81.06
CA ALA WA 12 -13.69 18.84 -80.03
C ALA WA 12 -13.77 20.32 -79.66
N SER WA 13 -14.35 20.61 -78.50
CA SER WA 13 -14.52 21.99 -78.06
C SER WA 13 -13.20 22.67 -77.72
N SER WA 21 -20.96 34.20 -82.95
CA SER WA 21 -21.59 33.66 -84.15
C SER WA 21 -20.58 33.47 -85.27
N CYS WA 22 -19.61 34.39 -85.36
CA CYS WA 22 -18.57 34.30 -86.36
C CYS WA 22 -17.50 33.30 -86.01
N CYS WA 23 -16.54 33.20 -86.94
CA CYS WA 23 -15.34 32.41 -86.76
C CYS WA 23 -14.41 33.02 -85.73
N CYS WA 24 -13.97 34.25 -85.95
CA CYS WA 24 -12.94 34.87 -85.13
C CYS WA 24 -13.58 35.62 -83.99
N GLU WA 25 -13.02 35.45 -82.79
CA GLU WA 25 -13.58 36.05 -81.58
C GLU WA 25 -13.40 37.56 -81.61
N SER WA 26 -13.98 38.23 -80.61
CA SER WA 26 -14.24 39.65 -80.65
C SER WA 26 -13.42 40.42 -79.62
N ILE WA 27 -13.03 41.63 -80.01
CA ILE WA 27 -12.29 42.55 -79.17
C ILE WA 27 -12.88 43.93 -79.37
N SER WA 28 -13.43 44.51 -78.31
CA SER WA 28 -13.96 45.87 -78.42
C SER WA 28 -12.87 46.88 -78.12
N ALA WA 29 -12.90 48.00 -78.83
CA ALA WA 29 -11.83 48.97 -78.74
C ALA WA 29 -12.40 50.37 -78.84
N ARG WA 30 -11.73 51.31 -78.17
CA ARG WA 30 -12.15 52.70 -78.10
C ARG WA 30 -11.06 53.60 -78.66
N PRO WA 31 -11.41 54.58 -79.49
CA PRO WA 31 -10.38 55.40 -80.15
C PRO WA 31 -9.49 56.14 -79.17
N GLY WA 32 -8.19 55.94 -79.27
CA GLY WA 32 -7.22 56.57 -78.41
C GLY WA 32 -6.60 55.64 -77.39
N GLU WA 33 -7.27 54.54 -77.06
CA GLU WA 33 -6.78 53.60 -76.07
C GLU WA 33 -5.52 52.89 -76.56
N VAL WA 34 -4.84 52.26 -75.61
CA VAL WA 34 -3.78 51.30 -75.87
C VAL WA 34 -3.94 50.21 -74.83
N ASN WA 35 -4.46 49.07 -75.21
CA ASN WA 35 -4.83 48.02 -74.27
C ASN WA 35 -3.81 46.89 -74.34
N GLY WA 36 -4.04 45.81 -73.59
CA GLY WA 36 -3.16 44.67 -73.62
C GLY WA 36 -3.92 43.37 -73.76
N VAL WA 37 -3.40 42.44 -74.57
CA VAL WA 37 -4.08 41.20 -74.87
C VAL WA 37 -3.19 40.03 -74.48
N MET WA 38 -3.78 39.02 -73.85
CA MET WA 38 -3.08 37.81 -73.47
C MET WA 38 -3.78 36.60 -74.07
N VAL WA 39 -3.01 35.73 -74.70
CA VAL WA 39 -3.53 34.52 -75.34
C VAL WA 39 -2.83 33.32 -74.72
N SER WA 40 -3.61 32.35 -74.26
CA SER WA 40 -3.07 31.20 -73.53
C SER WA 40 -3.07 29.99 -74.44
N TYR WA 41 -1.91 29.66 -75.01
CA TYR WA 41 -1.78 28.52 -75.88
C TYR WA 41 -1.63 27.21 -75.13
N ALA WA 42 -1.89 27.19 -73.82
CA ALA WA 42 -1.65 25.99 -73.03
C ALA WA 42 -2.45 24.80 -73.54
N ALA WA 43 -3.70 25.02 -73.95
CA ALA WA 43 -4.54 23.91 -74.36
C ALA WA 43 -4.02 23.22 -75.61
N TRP WA 44 -3.26 23.91 -76.45
CA TRP WA 44 -2.77 23.36 -77.70
C TRP WA 44 -1.33 22.89 -77.63
N SER WA 45 -0.47 23.66 -76.97
CA SER WA 45 0.96 23.40 -76.99
C SER WA 45 1.44 22.58 -75.82
N ALA WA 46 0.60 22.30 -74.82
CA ALA WA 46 1.05 21.48 -73.71
C ALA WA 46 1.11 19.99 -74.08
N PRO WA 47 0.07 19.41 -74.70
CA PRO WA 47 0.21 18.02 -75.14
C PRO WA 47 1.39 17.79 -76.07
N LEU WA 48 1.71 18.75 -76.93
CA LEU WA 48 2.90 18.66 -77.76
C LEU WA 48 4.14 18.84 -76.87
N ARG WA 49 4.42 17.83 -76.05
CA ARG WA 49 5.47 17.98 -75.06
C ARG WA 49 6.79 18.30 -75.75
N GLY WA 50 7.25 19.53 -75.58
CA GLY WA 50 8.43 20.01 -76.26
C GLY WA 50 9.03 21.20 -75.55
N HIS WA 51 9.49 22.19 -76.32
CA HIS WA 51 10.07 23.38 -75.74
C HIS WA 51 9.13 24.59 -75.82
N GLY WA 52 7.82 24.34 -75.86
CA GLY WA 52 6.87 25.42 -75.74
C GLY WA 52 6.87 26.36 -76.93
N LEU WA 53 6.46 27.60 -76.67
CA LEU WA 53 6.32 28.59 -77.71
C LEU WA 53 7.67 29.19 -78.07
N THR WA 54 7.72 29.88 -79.19
CA THR WA 54 8.90 30.65 -79.58
C THR WA 54 8.48 32.05 -79.99
N ASN WA 55 9.44 32.95 -80.06
CA ASN WA 55 9.18 34.35 -80.42
C ASN WA 55 9.20 34.52 -81.95
N LYS WA 56 8.35 33.75 -82.62
CA LYS WA 56 8.16 33.91 -84.04
C LYS WA 56 6.69 34.08 -84.36
N THR WA 57 6.03 34.99 -83.66
CA THR WA 57 4.65 35.33 -83.94
C THR WA 57 4.60 36.34 -85.08
N THR WA 58 3.55 36.24 -85.88
CA THR WA 58 3.33 37.16 -86.99
C THR WA 58 1.89 37.64 -86.94
N PHE WA 59 1.70 38.95 -87.12
CA PHE WA 59 0.38 39.56 -87.06
C PHE WA 59 0.03 40.15 -88.40
N GLU WA 60 -1.27 40.30 -88.65
CA GLU WA 60 -1.73 40.96 -89.87
C GLU WA 60 -3.06 41.63 -89.58
N ILE WA 61 -3.20 42.89 -89.98
CA ILE WA 61 -4.43 43.64 -89.80
C ILE WA 61 -5.06 43.86 -91.15
N ASP WA 62 -6.36 43.58 -91.24
CA ASP WA 62 -7.14 43.82 -92.44
C ASP WA 62 -8.51 44.32 -92.04
N GLY WA 63 -9.05 45.26 -92.80
CA GLY WA 63 -10.33 45.86 -92.49
C GLY WA 63 -11.47 45.10 -93.13
N VAL WA 64 -12.51 44.86 -92.34
CA VAL WA 64 -13.76 44.30 -92.84
C VAL WA 64 -14.83 45.36 -92.99
N SER WA 65 -14.56 46.58 -92.55
CA SER WA 65 -15.44 47.74 -92.65
C SER WA 65 -14.63 48.96 -92.25
N VAL WA 66 -14.48 49.97 -93.12
CA VAL WA 66 -13.50 51.00 -92.92
C VAL WA 66 -14.10 52.40 -92.81
N THR WA 67 -15.10 52.73 -93.62
CA THR WA 67 -15.68 54.08 -93.61
C THR WA 67 -14.60 55.11 -93.91
N PRO WA 68 -14.22 55.28 -95.17
CA PRO WA 68 -13.04 56.10 -95.53
C PRO WA 68 -13.05 57.44 -94.84
N PRO WA 69 -11.88 57.95 -94.45
CA PRO WA 69 -11.84 59.20 -93.68
C PRO WA 69 -12.18 60.40 -94.54
N LYS WA 70 -12.65 61.43 -93.87
CA LYS WA 70 -13.01 62.67 -94.57
C LYS WA 70 -11.82 63.59 -94.74
N VAL WA 71 -11.08 63.85 -93.66
CA VAL WA 71 -10.01 64.82 -93.64
C VAL WA 71 -8.70 64.10 -93.91
N SER WA 72 -7.87 64.67 -94.77
CA SER WA 72 -6.59 64.05 -95.06
C SER WA 72 -5.58 64.33 -93.95
N ASN WA 73 -4.57 63.49 -93.87
CA ASN WA 73 -3.45 63.75 -92.99
C ASN WA 73 -2.40 64.59 -93.72
N ALA WA 74 -1.35 64.97 -93.02
CA ALA WA 74 -0.37 65.86 -93.62
C ALA WA 74 0.99 65.65 -92.97
N PHE WA 75 2.03 66.10 -93.67
CA PHE WA 75 3.39 65.98 -93.20
C PHE WA 75 4.12 67.31 -93.39
N GLY WA 76 4.84 67.74 -92.36
CA GLY WA 76 5.65 68.94 -92.43
C GLY WA 76 7.07 68.64 -91.99
N ARG WA 77 7.92 69.65 -92.14
CA ARG WA 77 9.34 69.48 -91.80
C ARG WA 77 9.92 70.81 -91.36
N THR WA 78 10.82 70.74 -90.38
CA THR WA 78 11.47 71.93 -89.83
C THR WA 78 12.80 71.52 -89.24
N LYS WA 79 13.72 72.47 -89.17
CA LYS WA 79 15.00 72.22 -88.50
C LYS WA 79 14.85 72.43 -87.00
N VAL WA 80 15.90 72.10 -86.25
CA VAL WA 80 15.84 72.28 -84.82
C VAL WA 80 15.72 73.76 -84.48
N GLY WA 81 14.90 74.05 -83.46
CA GLY WA 81 14.77 75.37 -82.89
C GLY WA 81 13.97 76.36 -83.69
N VAL WA 82 13.83 76.19 -85.00
CA VAL WA 82 13.11 77.15 -85.81
C VAL WA 82 11.61 76.85 -85.76
N VAL WA 83 10.82 77.89 -85.56
CA VAL WA 83 9.37 77.76 -85.42
C VAL WA 83 8.79 77.36 -86.77
N PHE WA 84 7.77 76.52 -86.73
CA PHE WA 84 7.16 75.98 -87.93
C PHE WA 84 5.72 76.46 -88.05
N GLU WA 85 5.35 76.87 -89.26
CA GLU WA 85 3.98 77.25 -89.59
C GLU WA 85 3.40 76.25 -90.57
N GLY WA 86 2.08 76.28 -90.69
CA GLY WA 86 1.40 75.41 -91.63
C GLY WA 86 -0.08 75.77 -91.64
N THR WA 87 -0.77 75.20 -92.61
CA THR WA 87 -2.20 75.46 -92.75
C THR WA 87 -2.99 74.21 -92.39
N LEU WA 88 -4.28 74.42 -92.13
CA LEU WA 88 -5.14 73.32 -91.72
C LEU WA 88 -6.45 73.39 -92.47
N SER WA 89 -6.43 73.89 -93.71
CA SER WA 89 -7.66 74.06 -94.48
C SER WA 89 -7.67 73.30 -95.80
N ASP WA 90 -6.52 72.97 -96.36
CA ASP WA 90 -6.44 72.15 -97.57
C ASP WA 90 -6.50 70.67 -97.24
N LEU WA 91 -6.76 70.34 -95.98
CA LEU WA 91 -6.81 68.96 -95.51
C LEU WA 91 -8.24 68.48 -95.33
N PHE WA 92 -9.21 69.30 -95.73
CA PHE WA 92 -10.63 68.98 -95.59
C PHE WA 92 -11.36 69.30 -96.89
N PRO WA 93 -11.14 68.50 -97.93
CA PRO WA 93 -11.94 68.69 -99.13
C PRO WA 93 -13.39 68.38 -98.83
N ASN WA 94 -14.23 69.40 -98.80
CA ASN WA 94 -15.62 69.17 -98.44
C ASN WA 94 -16.48 69.00 -99.69
N PRO WA 95 -17.41 68.06 -99.68
CA PRO WA 95 -18.35 67.94 -100.80
C PRO WA 95 -19.34 69.09 -100.81
N GLU WA 96 -19.94 69.35 -99.64
CA GLU WA 96 -21.06 70.25 -99.48
C GLU WA 96 -20.62 71.63 -99.00
N GLY WA 97 -21.60 72.48 -98.67
CA GLY WA 97 -21.33 73.77 -98.08
C GLY WA 97 -21.50 73.81 -96.57
N GLU WA 98 -20.43 74.15 -95.86
CA GLU WA 98 -20.46 74.25 -94.42
C GLU WA 98 -19.20 74.96 -93.96
N GLN WA 99 -19.17 75.28 -92.67
CA GLN WA 99 -18.04 75.95 -92.03
C GLN WA 99 -17.15 74.95 -91.30
N VAL WA 100 -15.94 75.41 -91.01
CA VAL WA 100 -14.85 74.54 -90.58
C VAL WA 100 -14.36 74.91 -89.18
N GLU WA 101 -14.91 74.25 -88.17
CA GLU WA 101 -14.52 74.49 -86.78
C GLU WA 101 -13.23 73.76 -86.44
N TYR WA 102 -12.10 74.28 -86.90
CA TYR WA 102 -10.81 73.71 -86.59
C TYR WA 102 -10.61 73.56 -85.09
N GLU WA 103 -10.10 72.41 -84.66
CA GLU WA 103 -9.95 72.14 -83.23
C GLU WA 103 -8.74 71.25 -82.99
N ILE WA 104 -7.99 71.55 -81.93
CA ILE WA 104 -6.86 70.74 -81.50
C ILE WA 104 -7.20 70.22 -80.10
N SER WA 105 -7.53 68.94 -80.01
CA SER WA 105 -7.89 68.34 -78.73
C SER WA 105 -6.69 68.33 -77.79
N GLU WA 106 -6.91 68.72 -76.55
CA GLU WA 106 -5.83 68.70 -75.56
C GLU WA 106 -5.43 67.30 -75.13
N LEU WA 107 -6.29 66.30 -75.36
CA LEU WA 107 -5.93 64.94 -74.99
C LEU WA 107 -4.88 64.39 -75.95
N ASN WA 108 -4.91 64.83 -77.20
CA ASN WA 108 -4.02 64.32 -78.23
C ASN WA 108 -3.20 65.44 -78.84
N GLY WA 109 -2.71 66.35 -78.02
CA GLY WA 109 -1.87 67.42 -78.49
C GLY WA 109 -0.48 66.91 -78.82
N PRO WA 110 0.44 67.83 -79.09
CA PRO WA 110 1.81 67.42 -79.41
C PRO WA 110 2.53 66.90 -78.17
N SER WA 111 3.76 66.44 -78.34
CA SER WA 111 4.50 65.82 -77.25
C SER WA 111 5.75 66.57 -76.86
N ASN WA 112 6.41 67.24 -77.81
CA ASN WA 112 7.62 67.99 -77.52
C ASN WA 112 7.56 69.39 -78.11
N GLY WA 113 6.37 69.96 -78.20
CA GLY WA 113 6.18 71.30 -78.74
C GLY WA 113 4.94 71.94 -78.17
N VAL WA 114 4.46 72.98 -78.85
CA VAL WA 114 3.20 73.65 -78.51
C VAL WA 114 2.60 74.14 -79.81
N VAL WA 115 1.27 74.15 -79.88
CA VAL WA 115 0.56 74.63 -81.06
C VAL WA 115 -0.48 75.66 -80.64
N GLU WA 116 -0.46 76.83 -81.28
CA GLU WA 116 -1.44 77.89 -81.03
C GLU WA 116 -2.36 77.90 -82.25
N LEU WA 117 -3.53 77.29 -82.13
CA LEU WA 117 -4.45 77.32 -83.26
C LEU WA 117 -4.94 78.74 -83.51
N GLY WA 118 -4.83 79.18 -84.76
CA GLY WA 118 -5.23 80.52 -85.14
C GLY WA 118 -6.73 80.62 -85.29
N ALA WA 119 -7.16 81.75 -85.87
CA ALA WA 119 -8.60 81.95 -86.09
C ALA WA 119 -9.08 81.17 -87.30
N ASN WA 120 -8.26 81.07 -88.34
CA ASN WA 120 -8.65 80.42 -89.59
C ASN WA 120 -7.59 79.39 -89.96
N GLY WA 121 -7.83 78.13 -89.61
CA GLY WA 121 -7.05 77.00 -90.08
C GLY WA 121 -5.55 77.16 -90.08
N ALA WA 122 -5.03 78.02 -89.21
CA ALA WA 122 -3.60 78.26 -89.12
C ALA WA 122 -3.12 77.89 -87.73
N PHE WA 123 -1.84 77.53 -87.65
CA PHE WA 123 -1.30 77.04 -86.38
C PHE WA 123 0.20 77.16 -86.41
N THR WA 124 0.78 77.41 -85.25
CA THR WA 124 2.23 77.56 -85.10
C THR WA 124 2.72 76.49 -84.14
N TYR WA 125 3.64 75.66 -84.61
CA TYR WA 125 4.24 74.61 -83.81
C TYR WA 125 5.66 75.03 -83.47
N THR WA 126 5.84 75.55 -82.27
CA THR WA 126 7.16 75.92 -81.79
C THR WA 126 7.79 74.70 -81.14
N PRO WA 127 8.77 74.06 -81.78
CA PRO WA 127 9.34 72.84 -81.22
C PRO WA 127 10.05 73.12 -79.91
N GLY WA 128 9.98 72.15 -79.00
CA GLY WA 128 10.66 72.29 -77.73
C GLY WA 128 12.16 72.46 -77.93
N ALA WA 129 12.72 73.43 -77.20
CA ALA WA 129 14.14 73.75 -77.34
C ALA WA 129 15.00 72.54 -77.02
N LEU WA 130 16.09 72.39 -77.77
CA LEU WA 130 17.01 71.27 -77.63
C LEU WA 130 16.28 69.94 -77.80
N PHE WA 131 15.71 69.76 -78.99
CA PHE WA 131 15.00 68.53 -79.30
C PHE WA 131 14.97 68.34 -80.81
N THR WA 132 15.25 67.12 -81.26
CA THR WA 132 15.20 66.82 -82.69
C THR WA 132 14.65 65.41 -82.85
N GLY WA 133 13.46 65.30 -83.41
CA GLY WA 133 12.86 64.01 -83.66
C GLY WA 133 11.62 64.17 -84.51
N VAL WA 134 10.61 63.37 -84.22
CA VAL WA 134 9.32 63.45 -84.89
C VAL WA 134 8.26 63.77 -83.85
N ASP WA 135 7.24 64.50 -84.26
CA ASP WA 135 6.18 64.91 -83.35
C ASP WA 135 4.86 64.95 -84.08
N ARG WA 136 3.80 64.52 -83.41
CA ARG WA 136 2.47 64.45 -83.98
C ARG WA 136 1.48 65.22 -83.13
N PHE WA 137 0.36 65.56 -83.74
CA PHE WA 137 -0.81 66.03 -83.00
C PHE WA 137 -2.03 65.79 -83.87
N TRP WA 138 -3.17 65.60 -83.23
CA TRP WA 138 -4.40 65.19 -83.88
C TRP WA 138 -5.40 66.32 -83.86
N PHE WA 139 -5.69 66.87 -85.03
CA PHE WA 139 -6.68 67.91 -85.18
C PHE WA 139 -8.04 67.30 -85.51
N SER WA 140 -9.08 68.11 -85.37
CA SER WA 140 -10.45 67.67 -85.65
C SER WA 140 -11.17 68.78 -86.42
N ILE WA 141 -11.12 68.70 -87.74
CA ILE WA 141 -11.79 69.67 -88.60
C ILE WA 141 -13.26 69.25 -88.68
N ASN WA 142 -14.09 69.87 -87.85
CA ASN WA 142 -15.53 69.67 -87.90
C ASN WA 142 -15.90 68.21 -87.61
N GLY WA 143 -15.47 67.75 -86.45
CA GLY WA 143 -15.81 66.40 -86.01
C GLY WA 143 -14.90 65.32 -86.56
N ASN WA 144 -14.45 65.48 -87.79
CA ASN WA 144 -13.60 64.48 -88.42
C ASN WA 144 -12.15 64.69 -88.03
N ILE WA 145 -11.48 63.61 -87.61
CA ILE WA 145 -10.16 63.66 -87.01
C ILE WA 145 -9.12 63.15 -87.99
N GLY WA 146 -7.96 63.81 -88.01
CA GLY WA 146 -6.81 63.37 -88.75
C GLY WA 146 -5.59 63.75 -87.95
N GLU WA 147 -4.41 63.42 -88.46
CA GLU WA 147 -3.18 63.72 -87.75
C GLU WA 147 -2.23 64.53 -88.63
N TYR WA 148 -1.45 65.38 -87.98
CA TYR WA 148 -0.41 66.16 -88.62
C TYR WA 148 0.92 65.73 -88.04
N VAL WA 149 1.86 65.34 -88.90
CA VAL WA 149 3.15 64.82 -88.48
C VAL WA 149 4.22 65.82 -88.87
N ILE WA 150 5.02 66.23 -87.88
CA ILE WA 150 6.13 67.15 -88.09
C ILE WA 150 7.41 66.45 -87.62
N SER WA 151 8.47 66.61 -88.41
CA SER WA 151 9.78 66.05 -88.10
C SER WA 151 10.77 67.19 -87.98
N VAL WA 152 11.43 67.29 -86.83
CA VAL WA 152 12.39 68.36 -86.56
C VAL WA 152 13.80 67.79 -86.71
N ASP WA 153 14.60 68.45 -87.53
CA ASP WA 153 15.92 67.97 -87.96
C ASP WA 153 17.01 68.56 -87.06
N PRO WA 154 18.15 67.87 -86.93
CA PRO WA 154 19.20 68.37 -86.04
C PRO WA 154 20.14 69.33 -86.74
N THR WA 155 19.54 70.18 -87.58
CA THR WA 155 20.16 71.30 -88.29
C THR WA 155 21.11 70.87 -89.39
N THR WA 156 21.49 69.59 -89.46
CA THR WA 156 22.45 69.27 -90.51
C THR WA 156 21.79 68.97 -91.84
N SER WA 157 21.25 67.75 -92.01
CA SER WA 157 20.76 67.41 -93.34
C SER WA 157 19.26 67.56 -93.57
N GLU WA 158 18.51 66.52 -93.17
CA GLU WA 158 17.07 66.37 -93.40
C GLU WA 158 16.63 65.06 -92.75
N LEU WA 159 15.50 65.02 -92.05
CA LEU WA 159 15.04 63.74 -91.51
C LEU WA 159 14.16 63.00 -92.51
N PRO WA 160 14.12 61.65 -92.42
CA PRO WA 160 13.19 60.87 -93.25
C PRO WA 160 11.74 61.01 -92.81
N GLN WA 161 10.85 60.20 -93.37
CA GLN WA 161 9.41 60.47 -93.30
C GLN WA 161 8.67 59.26 -92.71
N PRO WA 162 8.05 59.44 -91.55
CA PRO WA 162 7.44 58.30 -90.83
C PRO WA 162 6.12 57.88 -91.44
N PRO WA 163 5.67 56.65 -91.17
CA PRO WA 163 4.60 56.04 -91.97
C PRO WA 163 3.15 56.32 -91.60
N PHE WA 164 2.83 57.41 -90.89
CA PHE WA 164 1.42 57.80 -90.75
C PHE WA 164 0.53 56.76 -90.08
N THR WA 165 0.67 56.61 -88.77
CA THR WA 165 0.00 55.56 -87.98
C THR WA 165 -1.41 55.24 -88.46
N THR WA 166 -1.71 53.95 -88.53
CA THR WA 166 -2.97 53.41 -89.01
C THR WA 166 -4.02 53.43 -87.91
N PRO WA 167 -5.30 53.21 -88.24
CA PRO WA 167 -6.34 53.20 -87.21
C PRO WA 167 -6.11 52.20 -86.09
N VAL WA 168 -5.91 50.93 -86.43
CA VAL WA 168 -5.59 49.89 -85.47
C VAL WA 168 -4.22 49.33 -85.82
N TYR WA 169 -3.39 49.15 -84.80
CA TYR WA 169 -2.03 48.68 -85.02
C TYR WA 169 -1.61 47.80 -83.87
N VAL WA 170 -0.53 47.06 -84.09
CA VAL WA 170 0.08 46.23 -83.06
C VAL WA 170 1.54 46.65 -82.95
N PRO WA 171 1.92 47.34 -81.86
CA PRO WA 171 3.27 47.90 -81.75
C PRO WA 171 4.39 46.97 -82.19
N ALA WA 172 5.36 47.54 -82.89
CA ALA WA 172 6.46 46.82 -83.53
C ALA WA 172 7.07 45.75 -82.64
N ALA WA 173 7.56 46.13 -81.47
CA ALA WA 173 8.17 45.12 -80.60
C ALA WA 173 7.80 45.35 -79.15
N ARG WA 174 6.66 44.81 -78.75
CA ARG WA 174 6.20 44.80 -77.37
C ARG WA 174 5.54 43.47 -77.06
N ARG WA 175 5.86 42.46 -77.86
CA ARG WA 175 5.24 41.15 -77.81
C ARG WA 175 6.17 40.21 -77.08
N SER WA 176 5.60 39.23 -76.39
CA SER WA 176 6.47 38.26 -75.76
C SER WA 176 5.68 37.01 -75.44
N VAL WA 177 6.44 35.95 -75.14
CA VAL WA 177 5.90 34.64 -74.88
C VAL WA 177 6.69 34.02 -73.75
N ASP WA 178 6.01 33.48 -72.76
CA ASP WA 178 6.66 32.77 -71.66
C ASP WA 178 6.54 31.28 -71.94
N PRO WA 179 7.59 30.60 -72.39
CA PRO WA 179 7.46 29.17 -72.73
C PRO WA 179 7.14 28.32 -71.52
N ARG WA 180 7.19 28.87 -70.34
CA ARG WA 180 6.97 28.20 -69.06
C ARG WA 180 5.50 27.99 -68.76
N THR WA 181 4.62 28.80 -69.34
CA THR WA 181 3.18 28.66 -69.12
C THR WA 181 2.38 28.83 -70.41
N HIS WA 182 3.05 28.96 -71.56
CA HIS WA 182 2.40 29.01 -72.86
C HIS WA 182 1.40 30.17 -72.94
N VAL WA 183 1.94 31.37 -72.81
CA VAL WA 183 1.11 32.57 -72.83
C VAL WA 183 1.78 33.62 -73.70
N LEU WA 184 1.04 34.14 -74.67
CA LEU WA 184 1.52 35.18 -75.56
C LEU WA 184 0.93 36.52 -75.13
N LYS WA 185 1.78 37.53 -75.02
CA LYS WA 185 1.36 38.88 -74.66
C LYS WA 185 1.65 39.80 -75.83
N PHE WA 186 0.69 40.66 -76.15
CA PHE WA 186 0.94 41.70 -77.14
C PHE WA 186 0.03 42.88 -76.85
N VAL WA 187 0.39 44.00 -77.39
CA VAL WA 187 -0.31 45.26 -77.16
C VAL WA 187 -1.15 45.59 -78.38
N LEU WA 188 -2.32 46.18 -78.16
CA LEU WA 188 -3.22 46.55 -79.25
C LEU WA 188 -3.60 48.00 -79.07
N GLY WA 189 -3.17 48.86 -79.97
CA GLY WA 189 -3.40 50.29 -79.88
C GLY WA 189 -4.35 50.76 -80.96
N VAL WA 190 -5.21 51.70 -80.60
CA VAL WA 190 -6.21 52.26 -81.50
C VAL WA 190 -5.93 53.74 -81.67
N SER WA 191 -5.78 54.19 -82.92
CA SER WA 191 -5.50 55.58 -83.17
C SER WA 191 -6.70 56.42 -82.80
N PRO WA 192 -6.51 57.71 -82.52
CA PRO WA 192 -7.66 58.58 -82.24
C PRO WA 192 -8.52 58.85 -83.45
N ALA WA 193 -8.08 58.49 -84.65
CA ALA WA 193 -8.83 58.73 -85.86
C ALA WA 193 -9.67 57.54 -86.30
N ALA WA 194 -9.68 56.46 -85.52
CA ALA WA 194 -10.52 55.33 -85.86
C ALA WA 194 -11.98 55.72 -85.73
N ILE WA 195 -12.78 55.37 -86.73
CA ILE WA 195 -14.18 55.80 -86.76
C ILE WA 195 -15.03 54.74 -86.07
N PRO WA 196 -15.89 55.14 -85.13
CA PRO WA 196 -16.70 54.14 -84.41
C PRO WA 196 -17.61 53.39 -85.35
N GLY WA 197 -17.77 52.10 -85.08
CA GLY WA 197 -18.58 51.23 -85.89
C GLY WA 197 -17.80 50.36 -86.86
N ASP WA 198 -16.54 50.70 -87.13
CA ASP WA 198 -15.73 49.91 -88.04
C ASP WA 198 -15.36 48.57 -87.41
N VAL WA 199 -14.90 47.66 -88.24
CA VAL WA 199 -14.45 46.35 -87.82
C VAL WA 199 -13.15 46.02 -88.54
N TYR WA 200 -12.14 45.60 -87.79
CA TYR WA 200 -10.89 45.13 -88.35
C TYR WA 200 -10.66 43.69 -87.92
N ARG WA 201 -9.76 43.01 -88.61
CA ARG WA 201 -9.48 41.61 -88.35
C ARG WA 201 -7.99 41.42 -88.14
N LEU WA 202 -7.63 40.81 -87.01
CA LEU WA 202 -6.24 40.53 -86.67
C LEU WA 202 -6.02 39.03 -86.74
N THR WA 203 -5.04 38.62 -87.52
CA THR WA 203 -4.66 37.21 -87.64
C THR WA 203 -3.30 36.98 -86.99
N VAL WA 204 -3.23 35.97 -86.14
CA VAL WA 204 -2.03 35.67 -85.36
C VAL WA 204 -1.55 34.28 -85.76
N ARG WA 205 -0.28 34.20 -86.16
CA ARG WA 205 0.34 32.93 -86.53
C ARG WA 205 1.46 32.64 -85.55
N GLN WA 206 1.23 31.67 -84.67
CA GLN WA 206 2.15 31.37 -83.59
C GLN WA 206 2.73 29.98 -83.79
N VAL WA 207 4.04 29.85 -83.58
CA VAL WA 207 4.74 28.59 -83.77
C VAL WA 207 5.14 28.05 -82.41
N ALA WA 208 4.81 26.80 -82.16
CA ALA WA 208 5.40 26.05 -81.08
C ALA WA 208 6.65 25.38 -81.63
N ILE WA 209 7.26 24.50 -80.85
CA ILE WA 209 8.51 23.88 -81.28
C ILE WA 209 8.62 22.53 -80.61
N ASP WA 210 9.08 21.54 -81.34
CA ASP WA 210 9.25 20.21 -80.76
C ASP WA 210 10.68 20.07 -80.27
N CYS WA 211 10.92 18.99 -79.55
CA CYS WA 211 12.06 18.97 -78.64
C CYS WA 211 13.37 18.86 -79.42
N ASP WA 212 13.29 18.53 -80.72
CA ASP WA 212 14.40 18.65 -81.66
C ASP WA 212 14.44 19.96 -82.42
N GLY WA 213 13.49 20.86 -82.19
CA GLY WA 213 13.51 22.15 -82.84
C GLY WA 213 12.71 22.30 -84.10
N ASN WA 214 11.84 21.35 -84.43
CA ASN WA 214 10.97 21.49 -85.58
C ASN WA 214 9.77 22.34 -85.19
N GLU WA 215 8.76 22.46 -86.06
CA GLU WA 215 7.82 23.54 -85.91
C GLU WA 215 6.39 23.01 -85.89
N PHE WA 216 5.55 23.69 -85.12
CA PHE WA 216 4.11 23.45 -85.08
C PHE WA 216 3.43 24.79 -85.17
N VAL WA 217 2.72 25.03 -86.26
CA VAL WA 217 2.10 26.33 -86.52
C VAL WA 217 0.65 26.31 -86.05
N HIS WA 218 0.16 27.48 -85.67
CA HIS WA 218 -1.21 27.65 -85.19
C HIS WA 218 -1.70 29.02 -85.63
N ILE WA 219 -2.90 29.07 -86.19
CA ILE WA 219 -3.45 30.31 -86.74
C ILE WA 219 -4.83 30.55 -86.14
N SER WA 220 -5.10 31.79 -85.76
CA SER WA 220 -6.41 32.23 -85.28
C SER WA 220 -6.61 33.68 -85.65
N CYS WA 221 -7.85 34.16 -85.50
CA CYS WA 221 -8.13 35.57 -85.80
C CYS WA 221 -8.87 36.20 -84.64
N TYR WA 222 -8.90 37.53 -84.64
CA TYR WA 222 -9.73 38.28 -83.72
C TYR WA 222 -10.36 39.45 -84.48
N ASP WA 223 -11.61 39.75 -84.16
CA ASP WA 223 -12.37 40.79 -84.83
C ASP WA 223 -12.43 42.01 -83.93
N ILE WA 224 -11.66 43.04 -84.26
CA ILE WA 224 -11.60 44.25 -83.46
C ILE WA 224 -12.65 45.22 -83.98
N SER WA 225 -13.66 45.47 -83.16
CA SER WA 225 -14.79 46.32 -83.54
C SER WA 225 -14.64 47.67 -82.85
N ILE WA 226 -14.31 48.69 -83.61
CA ILE WA 226 -14.07 50.02 -83.05
C ILE WA 226 -15.40 50.57 -82.53
N GLY WA 227 -15.58 50.56 -81.22
CA GLY WA 227 -16.70 51.21 -80.59
C GLY WA 227 -16.29 52.55 -80.02
N SER WA 228 -17.29 53.41 -79.83
CA SER WA 228 -17.11 54.64 -79.10
C SER WA 228 -17.79 54.48 -77.76
N CYS WA 229 -17.21 55.14 -76.75
CA CYS WA 229 -17.66 54.98 -75.38
C CYS WA 229 -17.54 53.53 -74.91
N GLY WA 230 -16.30 53.06 -74.83
CA GLY WA 230 -16.02 51.74 -74.32
C GLY WA 230 -16.21 50.69 -75.38
N MET XA 1 -3.45 18.86 -80.72
CA MET XA 1 -2.95 17.52 -80.99
C MET XA 1 -4.08 16.51 -81.04
N TYR XA 2 -4.20 15.80 -82.14
CA TYR XA 2 -5.20 14.75 -82.29
C TYR XA 2 -4.71 13.48 -81.63
N PHE XA 3 -5.64 12.74 -81.02
CA PHE XA 3 -5.29 11.47 -80.41
C PHE XA 3 -6.33 10.45 -80.81
N PHE XA 4 -5.90 9.40 -81.50
CA PHE XA 4 -6.79 8.34 -81.95
C PHE XA 4 -6.38 7.03 -81.31
N SER XA 5 -7.38 6.22 -80.98
CA SER XA 5 -7.16 4.85 -80.55
C SER XA 5 -7.61 3.92 -81.67
N VAL XA 6 -6.80 2.93 -81.98
CA VAL XA 6 -7.02 2.07 -83.13
C VAL XA 6 -7.97 0.94 -82.75
N ASP XA 7 -8.66 0.39 -83.73
CA ASP XA 7 -9.58 -0.70 -83.45
C ASP XA 7 -8.82 -2.02 -83.33
N PRO XA 8 -9.13 -2.84 -82.33
CA PRO XA 8 -8.17 -3.86 -81.92
C PRO XA 8 -8.25 -5.18 -82.67
N ARG XA 9 -9.12 -5.31 -83.67
CA ARG XA 9 -9.22 -6.54 -84.47
C ARG XA 9 -9.52 -7.76 -83.60
N ASN XA 10 -10.61 -7.68 -82.83
CA ASN XA 10 -11.10 -8.77 -82.00
C ASN XA 10 -12.33 -9.45 -82.58
N GLY XA 11 -12.97 -8.84 -83.57
CA GLY XA 11 -14.33 -9.21 -83.88
C GLY XA 11 -15.34 -8.45 -83.04
N ALA XA 12 -14.94 -7.33 -82.47
CA ALA XA 12 -15.80 -6.55 -81.58
C ALA XA 12 -15.54 -5.06 -81.74
N SER XA 13 -15.95 -4.27 -80.75
CA SER XA 13 -15.79 -2.82 -80.81
C SER XA 13 -14.33 -2.39 -80.73
N SER XA 21 -19.88 8.15 -89.60
CA SER XA 21 -20.71 7.40 -90.54
C SER XA 21 -19.84 6.62 -91.53
N CYS XA 22 -18.71 7.21 -91.93
CA CYS XA 22 -17.80 6.56 -92.85
C CYS XA 22 -16.94 5.52 -92.17
N CYS XA 23 -16.10 4.91 -93.01
CA CYS XA 23 -15.09 3.97 -92.57
C CYS XA 23 -13.96 4.66 -91.81
N CYS XA 24 -13.30 5.62 -92.45
CA CYS XA 24 -12.09 6.21 -91.90
C CYS XA 24 -12.47 7.44 -91.08
N GLU XA 25 -11.87 7.55 -89.90
CA GLU XA 25 -12.19 8.64 -88.97
C GLU XA 25 -11.70 9.97 -89.52
N SER XA 26 -12.04 11.05 -88.81
CA SER XA 26 -11.99 12.40 -89.34
C SER XA 26 -10.95 13.25 -88.64
N ILE XA 27 -10.35 14.14 -89.43
CA ILE XA 27 -9.36 15.10 -88.96
C ILE XA 27 -9.66 16.43 -89.62
N SER XA 28 -9.99 17.44 -88.83
CA SER XA 28 -10.23 18.76 -89.40
C SER XA 28 -8.92 19.54 -89.47
N ALA XA 29 -8.78 20.34 -90.53
CA ALA XA 29 -7.52 21.01 -90.78
C ALA XA 29 -7.79 22.39 -91.34
N ARG XA 30 -6.89 23.33 -91.05
CA ARG XA 30 -7.00 24.70 -91.47
C ARG XA 30 -5.79 25.10 -92.30
N PRO XA 31 -6.00 25.80 -93.42
CA PRO XA 31 -4.87 26.09 -94.32
C PRO XA 31 -3.77 26.90 -93.66
N GLY XA 32 -2.55 26.38 -93.69
CA GLY XA 32 -1.40 27.03 -93.10
C GLY XA 32 -0.91 26.38 -91.83
N GLU XA 33 -1.77 25.64 -91.14
CA GLU XA 33 -1.41 25.00 -89.89
C GLU XA 33 -0.38 23.90 -90.10
N VAL XA 34 0.23 23.48 -88.99
CA VAL XA 34 1.04 22.28 -88.91
C VAL XA 34 0.74 21.68 -87.55
N ASN XA 35 -0.04 20.62 -87.52
CA ASN XA 35 -0.54 20.06 -86.27
C ASN XA 35 0.21 18.77 -85.96
N GLY XA 36 -0.18 18.09 -84.88
CA GLY XA 36 0.43 16.84 -84.52
C GLY XA 36 -0.60 15.78 -84.19
N VAL XA 37 -0.35 14.54 -84.62
CA VAL XA 37 -1.30 13.45 -84.48
C VAL XA 37 -0.66 12.31 -83.72
N MET XA 38 -1.39 11.74 -82.78
CA MET XA 38 -0.93 10.60 -81.99
C MET XA 38 -1.92 9.45 -82.14
N VAL XA 39 -1.40 8.26 -82.43
CA VAL XA 39 -2.22 7.07 -82.61
C VAL XA 39 -1.74 6.02 -81.63
N SER XA 40 -2.66 5.46 -80.85
CA SER XA 40 -2.32 4.52 -79.77
C SER XA 40 -2.65 3.12 -80.21
N TYR XA 41 -1.64 2.38 -80.63
CA TYR XA 41 -1.82 0.99 -81.06
C TYR XA 41 -1.90 0.01 -79.90
N ALA XA 42 -2.04 0.50 -78.67
CA ALA XA 42 -2.00 -0.39 -77.51
C ALA XA 42 -3.06 -1.47 -77.57
N ALA XA 43 -4.27 -1.11 -78.03
CA ALA XA 43 -5.36 -2.09 -78.03
C ALA XA 43 -5.10 -3.25 -78.97
N TRP XA 44 -4.28 -3.07 -79.99
CA TRP XA 44 -4.02 -4.10 -80.98
C TRP XA 44 -2.71 -4.83 -80.75
N SER XA 45 -1.66 -4.11 -80.40
CA SER XA 45 -0.32 -4.67 -80.34
C SER XA 45 0.07 -5.14 -78.95
N ALA XA 46 -0.72 -4.87 -77.92
CA ALA XA 46 -0.37 -5.35 -76.59
C ALA XA 46 -0.66 -6.85 -76.43
N PRO XA 47 -1.85 -7.35 -76.80
CA PRO XA 47 -2.03 -8.81 -76.74
C PRO XA 47 -1.01 -9.58 -77.53
N LEU XA 48 -0.57 -9.08 -78.67
CA LEU XA 48 0.51 -9.71 -79.42
C LEU XA 48 1.82 -9.53 -78.66
N ARG XA 49 1.95 -10.23 -77.54
CA ARG XA 49 3.09 -10.00 -76.67
C ARG XA 49 4.38 -10.23 -77.43
N GLY XA 50 5.11 -9.15 -77.70
CA GLY XA 50 6.30 -9.22 -78.50
C GLY XA 50 7.19 -8.03 -78.25
N HIS XA 51 7.78 -7.48 -79.31
CA HIS XA 51 8.65 -6.33 -79.19
C HIS XA 51 7.98 -5.05 -79.67
N GLY XA 52 6.65 -4.99 -79.62
CA GLY XA 52 5.97 -3.75 -79.87
C GLY XA 52 6.06 -3.29 -81.32
N LEU XA 53 5.95 -1.97 -81.50
CA LEU XA 53 5.94 -1.37 -82.82
C LEU XA 53 7.35 -1.27 -83.36
N THR XA 54 7.46 -1.01 -84.67
CA THR XA 54 8.74 -0.70 -85.28
C THR XA 54 8.58 0.53 -86.16
N ASN XA 55 9.72 1.12 -86.55
CA ASN XA 55 9.72 2.32 -87.36
C ASN XA 55 9.65 1.97 -88.85
N LYS XA 56 8.61 1.23 -89.21
CA LYS XA 56 8.34 0.93 -90.61
C LYS XA 56 6.92 1.32 -90.95
N THR XA 57 6.52 2.53 -90.61
CA THR XA 57 5.24 3.07 -91.00
C THR XA 57 5.30 3.62 -92.41
N THR XA 58 4.20 3.50 -93.13
CA THR XA 58 4.09 4.02 -94.48
C THR XA 58 2.79 4.79 -94.60
N PHE XA 59 2.86 5.96 -95.21
CA PHE XA 59 1.72 6.85 -95.37
C PHE XA 59 1.39 7.03 -96.83
N GLU XA 60 0.13 7.37 -97.11
CA GLU XA 60 -0.27 7.67 -98.48
C GLU XA 60 -1.40 8.68 -98.44
N ILE XA 61 -1.30 9.72 -99.25
CA ILE XA 61 -2.33 10.75 -99.34
C ILE XA 61 -3.01 10.63 -100.68
N ASP XA 62 -4.33 10.64 -100.66
CA ASP XA 62 -5.15 10.64 -101.87
C ASP XA 62 -6.34 11.55 -101.66
N GLY XA 63 -6.73 12.27 -102.71
CA GLY XA 63 -7.82 13.21 -102.61
C GLY XA 63 -9.15 12.56 -102.94
N VAL XA 64 -10.16 12.84 -102.11
CA VAL XA 64 -11.53 12.43 -102.38
C VAL XA 64 -12.36 13.60 -102.89
N SER XA 65 -11.80 14.81 -102.90
CA SER XA 65 -12.42 16.03 -103.40
C SER XA 65 -11.34 17.10 -103.45
N VAL XA 66 -11.06 17.69 -104.61
CA VAL XA 66 -9.86 18.49 -104.78
C VAL XA 66 -10.15 19.93 -105.15
N THR XA 67 -11.11 20.19 -106.04
CA THR XA 67 -11.39 21.56 -106.48
C THR XA 67 -10.14 22.16 -107.12
N PRO XA 68 -9.84 21.79 -108.37
CA PRO XA 68 -8.55 22.16 -108.99
C PRO XA 68 -8.22 23.62 -108.80
N PRO XA 69 -6.94 23.96 -108.62
CA PRO XA 69 -6.58 25.35 -108.33
C PRO XA 69 -6.73 26.23 -109.54
N LYS XA 70 -6.91 27.52 -109.28
CA LYS XA 70 -7.05 28.49 -110.36
C LYS XA 70 -5.71 29.01 -110.84
N VAL XA 71 -4.86 29.44 -109.92
CA VAL XA 71 -3.60 30.09 -110.24
C VAL XA 71 -2.50 29.04 -110.24
N SER XA 72 -1.64 29.08 -111.25
CA SER XA 72 -0.55 28.13 -111.31
C SER XA 72 0.58 28.54 -110.37
N ASN XA 73 1.40 27.56 -110.01
CA ASN XA 73 2.61 27.85 -109.27
C ASN XA 73 3.75 28.13 -110.25
N ALA XA 74 4.92 28.48 -109.74
CA ALA XA 74 6.01 28.88 -110.60
C ALA XA 74 7.34 28.59 -109.93
N PHE XA 75 8.39 28.53 -110.74
CA PHE XA 75 9.73 28.28 -110.26
C PHE XA 75 10.70 29.25 -110.89
N GLY XA 76 11.58 29.84 -110.08
CA GLY XA 76 12.61 30.72 -110.56
C GLY XA 76 13.97 30.28 -110.05
N ARG XA 77 15.01 30.96 -110.55
CA ARG XA 77 16.37 30.60 -110.17
C ARG XA 77 17.25 31.83 -110.21
N THR XA 78 18.20 31.90 -109.27
CA THR XA 78 19.12 33.01 -109.17
C THR XA 78 20.38 32.54 -108.48
N LYS XA 79 21.49 33.24 -108.75
CA LYS XA 79 22.73 32.94 -108.04
C LYS XA 79 22.75 33.67 -106.71
N VAL XA 80 23.77 33.38 -105.89
CA VAL XA 80 23.86 34.04 -104.60
C VAL XA 80 24.08 35.53 -104.79
N GLY XA 81 23.43 36.32 -103.94
CA GLY XA 81 23.62 37.75 -103.86
C GLY XA 81 22.99 38.58 -104.95
N VAL XA 82 22.71 38.01 -106.11
CA VAL XA 82 22.15 38.77 -107.21
C VAL XA 82 20.63 38.86 -107.05
N VAL XA 83 20.09 40.06 -107.23
CA VAL XA 83 18.67 40.30 -107.05
C VAL XA 83 17.91 39.62 -108.17
N PHE XA 84 16.74 39.09 -107.84
CA PHE XA 84 15.93 38.33 -108.78
C PHE XA 84 14.62 39.06 -109.05
N GLU XA 85 14.25 39.12 -110.33
CA GLU XA 85 12.97 39.66 -110.76
C GLU XA 85 12.12 38.54 -111.34
N GLY XA 86 10.84 38.82 -111.46
CA GLY XA 86 9.91 37.88 -112.04
C GLY XA 86 8.55 38.53 -112.17
N THR XA 87 7.66 37.85 -112.87
CA THR XA 87 6.32 38.35 -113.10
C THR XA 87 5.32 37.51 -112.32
N LEU XA 88 4.13 38.08 -112.15
CA LEU XA 88 3.09 37.40 -111.39
C LEU XA 88 1.76 37.51 -112.11
N SER XA 89 1.79 37.55 -113.45
CA SER XA 89 0.57 37.72 -114.23
C SER XA 89 0.29 36.59 -115.20
N ASP XA 90 1.30 35.83 -115.61
CA ASP XA 90 1.10 34.66 -116.46
C ASP XA 90 0.76 33.44 -115.64
N LEU XA 91 0.54 33.62 -114.34
CA LEU XA 91 0.24 32.53 -113.43
C LEU XA 91 -1.24 32.47 -113.09
N PHE XA 92 -2.05 33.30 -113.75
CA PHE XA 92 -3.49 33.37 -113.50
C PHE XA 92 -4.23 33.40 -114.83
N PRO XA 93 -4.28 32.27 -115.52
CA PRO XA 93 -5.11 32.21 -116.73
C PRO XA 93 -6.56 32.36 -116.33
N ASN XA 94 -7.16 33.50 -116.65
CA ASN XA 94 -8.53 33.72 -116.24
C ASN XA 94 -9.51 33.35 -117.34
N PRO XA 95 -10.61 32.69 -117.01
CA PRO XA 95 -11.65 32.43 -118.01
C PRO XA 95 -12.37 33.69 -118.41
N GLU XA 96 -12.81 34.45 -117.41
CA GLU XA 96 -13.68 35.60 -117.57
C GLU XA 96 -12.94 36.91 -117.59
N GLY XA 97 -13.68 38.02 -117.58
CA GLY XA 97 -13.10 39.35 -117.47
C GLY XA 97 -13.13 39.91 -116.06
N GLU XA 98 -11.96 40.22 -115.52
CA GLU XA 98 -11.85 40.81 -114.20
C GLU XA 98 -10.44 41.34 -114.01
N GLN XA 99 -10.24 42.05 -112.92
CA GLN XA 99 -8.95 42.62 -112.55
C GLN XA 99 -8.24 41.75 -111.52
N VAL XA 100 -6.93 41.99 -111.41
CA VAL XA 100 -6.02 41.10 -110.70
C VAL XA 100 -5.36 41.80 -109.52
N GLU XA 101 -5.95 41.66 -108.34
CA GLU XA 101 -5.40 42.25 -107.13
C GLU XA 101 -4.28 41.41 -106.55
N TYR XA 102 -3.11 41.48 -107.17
CA TYR XA 102 -1.94 40.75 -106.69
C TYR XA 102 -1.65 41.08 -105.23
N GLU XA 103 -1.37 40.06 -104.43
CA GLU XA 103 -1.16 40.26 -103.01
C GLU XA 103 -0.15 39.26 -102.46
N ILE XA 104 0.72 39.72 -101.58
CA ILE XA 104 1.69 38.87 -100.90
C ILE XA 104 1.36 38.94 -99.41
N SER XA 105 0.78 37.88 -98.87
CA SER XA 105 0.40 37.84 -97.46
C SER XA 105 1.64 37.86 -96.59
N GLU XA 106 1.61 38.70 -95.55
CA GLU XA 106 2.74 38.76 -94.62
C GLU XA 106 2.86 37.54 -93.73
N LEU XA 107 1.80 36.75 -93.59
CA LEU XA 107 1.90 35.54 -92.79
C LEU XA 107 2.72 34.48 -93.50
N ASN XA 108 2.69 34.46 -94.82
CA ASN XA 108 3.36 33.45 -95.61
C ASN XA 108 4.35 34.08 -96.58
N GLY XA 109 5.09 35.08 -96.12
CA GLY XA 109 6.10 35.71 -96.94
C GLY XA 109 7.31 34.83 -97.08
N PRO XA 110 8.38 35.37 -97.65
CA PRO XA 110 9.60 34.57 -97.80
C PRO XA 110 10.30 34.36 -96.47
N SER XA 111 11.38 33.60 -96.47
CA SER XA 111 12.06 33.23 -95.24
C SER XA 111 13.47 33.77 -95.14
N ASN XA 112 14.17 33.91 -96.26
CA ASN XA 112 15.54 34.42 -96.25
C ASN XA 112 15.72 35.51 -97.29
N GLY XA 113 14.68 36.28 -97.57
CA GLY XA 113 14.74 37.35 -98.54
C GLY XA 113 13.71 38.43 -98.22
N VAL XA 114 13.40 39.25 -99.22
CA VAL XA 114 12.35 40.26 -99.12
C VAL XA 114 11.76 40.41 -100.51
N VAL XA 115 10.46 40.68 -100.57
CA VAL XA 115 9.77 40.90 -101.85
C VAL XA 115 9.01 42.22 -101.81
N GLU XA 116 9.22 43.07 -102.82
CA GLU XA 116 8.51 44.34 -102.94
C GLU XA 116 7.53 44.15 -104.08
N LEU XA 117 6.27 43.90 -103.76
CA LEU XA 117 5.28 43.75 -104.82
C LEU XA 117 5.08 45.07 -105.55
N GLY XA 118 5.19 45.04 -106.88
CA GLY XA 118 5.04 46.22 -107.69
C GLY XA 118 3.60 46.60 -107.86
N ALA XA 119 3.37 47.53 -108.79
CA ALA XA 119 2.00 47.96 -109.07
C ALA XA 119 1.26 46.96 -109.93
N ASN XA 120 1.95 46.33 -110.88
CA ASN XA 120 1.33 45.41 -111.82
C ASN XA 120 2.12 44.10 -111.83
N GLY XA 121 1.65 43.13 -111.05
CA GLY XA 121 2.13 41.76 -111.10
C GLY XA 121 3.63 41.56 -111.16
N ALA XA 122 4.39 42.52 -110.66
CA ALA XA 122 5.84 42.45 -110.66
C ALA XA 122 6.34 42.47 -109.22
N PHE XA 123 7.51 41.88 -109.02
CA PHE XA 123 8.04 41.74 -107.67
C PHE XA 123 9.53 41.50 -107.75
N THR XA 124 10.24 41.98 -106.73
CA THR XA 124 11.69 41.84 -106.65
C THR XA 124 12.03 41.07 -105.39
N TYR XA 125 12.71 39.94 -105.55
CA TYR XA 125 13.13 39.12 -104.43
C TYR XA 125 14.63 39.30 -104.26
N THR XA 126 15.01 40.15 -103.31
CA THR XA 126 16.42 40.34 -102.99
C THR XA 126 16.83 39.30 -101.97
N PRO XA 127 17.59 38.28 -102.35
CA PRO XA 127 17.93 37.22 -101.40
C PRO XA 127 18.79 37.76 -100.27
N GLY XA 128 18.59 37.19 -99.08
CA GLY XA 128 19.39 37.59 -97.94
C GLY XA 128 20.87 37.34 -98.19
N ALA XA 129 21.67 38.34 -97.84
CA ALA XA 129 23.11 38.27 -98.09
C ALA XA 129 23.73 37.09 -97.37
N LEU XA 130 24.70 36.45 -98.03
CA LEU XA 130 25.37 35.26 -97.52
C LEU XA 130 24.36 34.16 -97.21
N PHE XA 131 23.67 33.72 -98.26
CA PHE XA 131 22.69 32.65 -98.13
C PHE XA 131 22.51 31.98 -99.48
N THR XA 132 22.48 30.64 -99.48
CA THR XA 132 22.25 29.90 -100.72
C THR XA 132 21.41 28.68 -100.38
N GLY XA 133 20.19 28.66 -100.87
CA GLY XA 133 19.30 27.53 -100.65
C GLY XA 133 18.06 27.67 -101.51
N VAL XA 134 16.93 27.27 -100.94
CA VAL XA 134 15.64 27.41 -101.61
C VAL XA 134 14.76 28.29 -100.74
N ASP XA 135 13.88 29.05 -101.37
CA ASP XA 135 13.02 29.97 -100.65
C ASP XA 135 11.68 30.06 -101.35
N ARG XA 136 10.61 30.14 -100.56
CA ARG XA 136 9.25 30.17 -101.07
C ARG XA 136 8.52 31.39 -100.54
N PHE XA 137 7.44 31.75 -101.23
CA PHE XA 137 6.47 32.69 -100.70
C PHE XA 137 5.16 32.45 -101.42
N TRP XA 138 4.06 32.76 -100.75
CA TRP XA 138 2.72 32.44 -101.22
C TRP XA 138 1.99 33.70 -101.58
N PHE XA 139 1.73 33.88 -102.88
CA PHE XA 139 0.97 35.01 -103.38
C PHE XA 139 -0.51 34.64 -103.48
N SER XA 140 -1.34 35.66 -103.62
CA SER XA 140 -2.79 35.48 -103.72
C SER XA 140 -3.32 36.39 -104.82
N ILE XA 141 -3.39 35.87 -106.04
CA ILE XA 141 -3.92 36.61 -107.17
C ILE XA 141 -5.44 36.54 -107.10
N ASN XA 142 -6.05 37.57 -106.53
CA ASN XA 142 -7.50 37.70 -106.51
C ASN XA 142 -8.14 36.55 -105.74
N GLY XA 143 -7.73 36.41 -104.48
CA GLY XA 143 -8.30 35.41 -103.61
C GLY XA 143 -7.70 34.03 -103.74
N ASN XA 144 -7.32 33.65 -104.96
CA ASN XA 144 -6.76 32.34 -105.21
C ASN XA 144 -5.26 32.34 -104.91
N ILE XA 145 -4.81 31.33 -104.16
CA ILE XA 145 -3.46 31.30 -103.62
C ILE XA 145 -2.63 30.26 -104.36
N GLY XA 146 -1.37 30.60 -104.61
CA GLY XA 146 -0.40 29.68 -105.16
C GLY XA 146 0.93 30.02 -104.53
N GLU XA 147 1.97 29.29 -104.91
CA GLU XA 147 3.30 29.51 -104.35
C GLU XA 147 4.31 29.75 -105.46
N TYR XA 148 5.31 30.56 -105.14
CA TYR XA 148 6.43 30.83 -106.01
C TYR XA 148 7.69 30.34 -105.33
N VAL XA 149 8.45 29.48 -106.00
CA VAL XA 149 9.63 28.85 -105.43
C VAL XA 149 10.85 29.40 -106.14
N ILE XA 150 11.79 29.91 -105.36
CA ILE XA 150 13.05 30.43 -105.87
C ILE XA 150 14.19 29.67 -105.20
N SER XA 151 15.19 29.31 -105.99
CA SER XA 151 16.38 28.60 -105.52
C SER XA 151 17.60 29.46 -105.80
N VAL XA 152 18.35 29.79 -104.75
CA VAL XA 152 19.54 30.64 -104.88
C VAL XA 152 20.78 29.76 -104.82
N ASP XA 153 21.63 29.88 -105.82
CA ASP XA 153 22.77 29.03 -106.06
C ASP XA 153 24.03 29.61 -105.43
N PRO XA 154 25.01 28.77 -105.07
CA PRO XA 154 26.21 29.29 -104.40
C PRO XA 154 27.27 29.73 -105.40
N THR XA 155 26.80 30.35 -106.48
CA THR XA 155 27.58 31.00 -107.53
C THR XA 155 28.33 30.01 -108.43
N THR XA 156 28.42 28.74 -108.04
CA THR XA 156 29.21 27.87 -108.92
C THR XA 156 28.39 27.30 -110.06
N SER XA 157 27.60 26.27 -109.81
CA SER XA 157 26.94 25.61 -110.93
C SER XA 157 25.49 26.01 -111.19
N GLU XA 158 24.58 25.35 -110.46
CA GLU XA 158 23.12 25.47 -110.61
C GLU XA 158 22.47 24.59 -109.55
N LEU XA 159 21.41 25.05 -108.88
CA LEU XA 159 20.74 24.16 -107.93
C LEU XA 159 19.64 23.34 -108.61
N PRO XA 160 19.33 22.15 -108.07
CA PRO XA 160 18.19 21.37 -108.57
C PRO XA 160 16.85 21.98 -108.20
N GLN XA 161 15.76 21.24 -108.45
CA GLN XA 161 14.42 21.83 -108.46
C GLN XA 161 13.49 21.09 -107.49
N PRO XA 162 13.02 21.78 -106.46
CA PRO XA 162 12.24 21.13 -105.39
C PRO XA 162 10.82 20.84 -105.82
N PRO XA 163 10.14 19.91 -105.14
CA PRO XA 163 8.91 19.32 -105.68
C PRO XA 163 7.58 20.04 -105.43
N PHE XA 164 7.55 21.33 -105.13
CA PHE XA 164 6.28 22.06 -105.14
C PHE XA 164 5.25 21.53 -104.15
N THR XA 165 5.46 21.80 -102.86
CA THR XA 165 4.65 21.25 -101.76
C THR XA 165 3.17 21.12 -102.09
N THR XA 166 2.60 19.98 -101.70
CA THR XA 166 1.22 19.62 -101.97
C THR XA 166 0.29 20.24 -100.94
N PRO XA 167 -1.04 20.21 -101.17
CA PRO XA 167 -1.97 20.79 -100.19
C PRO XA 167 -1.86 20.20 -98.81
N VAL XA 168 -1.97 18.88 -98.69
CA VAL XA 168 -1.79 18.18 -97.43
C VAL XA 168 -0.61 17.25 -97.56
N TYR XA 169 0.25 17.24 -96.55
CA TYR XA 169 1.46 16.43 -96.60
C TYR XA 169 1.77 15.91 -95.21
N VAL XA 170 2.65 14.92 -95.17
CA VAL XA 170 3.15 14.36 -93.91
C VAL XA 170 4.68 14.46 -93.97
N PRO XA 171 5.27 15.36 -93.18
CA PRO XA 171 6.71 15.61 -93.28
C PRO XA 171 7.57 14.36 -93.36
N ALA XA 172 8.59 14.43 -94.22
CA ALA XA 172 9.45 13.30 -94.57
C ALA XA 172 9.90 12.49 -93.38
N ALA XA 173 10.54 13.11 -92.40
CA ALA XA 173 11.00 12.36 -91.24
C ALA XA 173 10.79 13.13 -89.96
N ARG XA 174 9.60 13.03 -89.39
CA ARG XA 174 9.27 13.58 -88.09
C ARG XA 174 8.37 12.62 -87.35
N ARG XA 175 8.41 11.36 -87.75
CA ARG XA 175 7.53 10.32 -87.26
C ARG XA 175 8.29 9.49 -86.23
N SER XA 176 7.59 8.95 -85.25
CA SER XA 176 8.28 8.09 -84.32
C SER XA 176 7.28 7.22 -83.59
N VAL XA 177 7.81 6.19 -82.95
CA VAL XA 177 7.03 5.20 -82.25
C VAL XA 177 7.77 4.83 -80.98
N ASP XA 178 7.06 4.82 -79.85
CA ASP XA 178 7.64 4.39 -78.59
C ASP XA 178 7.18 2.97 -78.33
N PRO XA 179 8.03 1.96 -78.53
CA PRO XA 179 7.57 0.57 -78.34
C PRO XA 179 7.18 0.26 -76.92
N ARG XA 180 7.44 1.16 -76.00
CA ARG XA 180 7.19 1.02 -74.58
C ARG XA 180 5.74 1.27 -74.21
N THR XA 181 4.99 2.01 -75.03
CA THR XA 181 3.59 2.27 -74.78
C THR XA 181 2.74 2.19 -76.04
N HIS XA 182 3.32 1.76 -77.16
CA HIS XA 182 2.59 1.52 -78.39
C HIS XA 182 1.86 2.78 -78.88
N VAL XA 183 2.65 3.81 -79.17
CA VAL XA 183 2.09 5.08 -79.60
C VAL XA 183 2.90 5.59 -80.78
N LEU XA 184 2.21 5.92 -81.86
CA LEU XA 184 2.84 6.45 -83.07
C LEU XA 184 2.57 7.96 -83.13
N LYS XA 185 3.62 8.73 -83.37
CA LYS XA 185 3.53 10.17 -83.50
C LYS XA 185 3.91 10.57 -84.92
N PHE XA 186 3.13 11.45 -85.52
CA PHE XA 186 3.51 12.01 -86.80
C PHE XA 186 2.90 13.39 -86.93
N VAL XA 187 3.44 14.16 -87.83
CA VAL XA 187 3.04 15.54 -88.04
C VAL XA 187 2.19 15.62 -89.29
N LEU XA 188 1.20 16.50 -89.29
CA LEU XA 188 0.31 16.68 -90.44
C LEU XA 188 0.26 18.16 -90.77
N GLY XA 189 0.79 18.53 -91.92
CA GLY XA 189 0.87 19.93 -92.32
C GLY XA 189 -0.04 20.21 -93.49
N VAL XA 190 -0.65 21.39 -93.48
CA VAL XA 190 -1.58 21.82 -94.52
C VAL XA 190 -1.00 23.05 -95.19
N SER XA 191 -0.87 23.01 -96.50
CA SER XA 191 -0.32 24.13 -97.23
C SER XA 191 -1.28 25.30 -97.17
N PRO XA 192 -0.80 26.53 -97.36
CA PRO XA 192 -1.71 27.68 -97.39
C PRO XA 192 -2.59 27.72 -98.61
N ALA XA 193 -2.34 26.88 -99.61
CA ALA XA 193 -3.11 26.86 -100.84
C ALA XA 193 -4.22 25.83 -100.83
N ALA XA 194 -4.39 25.09 -99.73
CA ALA XA 194 -5.48 24.14 -99.65
C ALA XA 194 -6.81 24.87 -99.67
N ILE XA 195 -7.74 24.39 -100.48
CA ILE XA 195 -9.01 25.09 -100.65
C ILE XA 195 -10.02 24.55 -99.64
N PRO XA 196 -10.69 25.42 -98.88
CA PRO XA 196 -11.63 24.94 -97.87
C PRO XA 196 -12.75 24.14 -98.49
N GLY XA 197 -13.16 23.09 -97.78
CA GLY XA 197 -14.20 22.20 -98.24
C GLY XA 197 -13.70 20.90 -98.86
N ASP XA 198 -12.42 20.84 -99.24
CA ASP XA 198 -11.88 19.63 -99.81
C ASP XA 198 -11.74 18.54 -98.76
N VAL XA 199 -11.55 17.30 -99.24
CA VAL XA 199 -11.36 16.15 -98.38
C VAL XA 199 -10.22 15.32 -98.95
N TYR XA 200 -9.27 14.97 -98.10
CA TYR XA 200 -8.19 14.06 -98.47
C TYR XA 200 -8.24 12.83 -97.57
N ARG XA 201 -7.56 11.78 -97.98
CA ARG XA 201 -7.57 10.53 -97.25
C ARG XA 201 -6.13 10.08 -97.00
N LEU XA 202 -5.82 9.82 -95.73
CA LEU XA 202 -4.50 9.37 -95.32
C LEU XA 202 -4.61 7.92 -94.86
N THR XA 203 -3.80 7.06 -95.46
CA THR XA 203 -3.74 5.65 -95.09
C THR XA 203 -2.41 5.36 -94.40
N VAL XA 204 -2.48 4.70 -93.25
CA VAL XA 204 -1.32 4.41 -92.42
C VAL XA 204 -1.17 2.90 -92.32
N ARG XA 205 0.01 2.39 -92.67
CA ARG XA 205 0.32 0.97 -92.59
C ARG XA 205 1.43 0.78 -91.56
N GLN XA 206 1.07 0.26 -90.40
CA GLN XA 206 1.99 0.13 -89.29
C GLN XA 206 2.25 -1.34 -89.01
N VAL XA 207 3.51 -1.69 -88.76
CA VAL XA 207 3.92 -3.06 -88.51
C VAL XA 207 4.30 -3.19 -87.04
N ALA XA 208 3.73 -4.18 -86.38
CA ALA XA 208 4.23 -4.63 -85.10
C ALA XA 208 5.27 -5.71 -85.40
N ILE XA 209 5.74 -6.39 -84.36
CA ILE XA 209 6.79 -7.38 -84.55
C ILE XA 209 6.66 -8.41 -83.45
N ASP XA 210 6.84 -9.68 -83.80
CA ASP XA 210 6.78 -10.72 -82.80
C ASP XA 210 8.18 -11.01 -82.30
N CYS XA 211 8.25 -11.81 -81.24
CA CYS XA 211 9.42 -11.79 -80.39
C CYS XA 211 10.61 -12.45 -81.08
N ASP XA 212 10.36 -13.16 -82.19
CA ASP XA 212 11.39 -13.62 -83.12
C ASP XA 212 11.65 -12.68 -84.29
N GLY XA 213 10.93 -11.57 -84.38
CA GLY XA 213 11.18 -10.61 -85.43
C GLY XA 213 10.32 -10.72 -86.67
N ASN XA 214 9.25 -11.51 -86.64
CA ASN XA 214 8.33 -11.56 -87.77
C ASN XA 214 7.37 -10.38 -87.69
N GLU XA 215 6.35 -10.35 -88.55
CA GLU XA 215 5.67 -9.09 -88.77
C GLU XA 215 4.17 -9.24 -88.57
N PHE XA 216 3.55 -8.16 -88.07
CA PHE XA 216 2.11 -8.05 -87.95
C PHE XA 216 1.72 -6.70 -88.50
N VAL XA 217 0.99 -6.69 -89.61
CA VAL XA 217 0.64 -5.45 -90.29
C VAL XA 217 -0.73 -4.99 -89.85
N HIS XA 218 -0.95 -3.68 -89.88
CA HIS XA 218 -2.19 -3.05 -89.49
C HIS XA 218 -2.42 -1.84 -90.37
N ILE XA 219 -3.62 -1.72 -90.92
CA ILE XA 219 -3.94 -0.63 -91.85
C ILE XA 219 -5.19 0.10 -91.37
N SER XA 220 -5.15 1.43 -91.46
CA SER XA 220 -6.30 2.28 -91.14
C SER XA 220 -6.22 3.53 -92.00
N CYS XA 221 -7.31 4.31 -92.02
CA CYS XA 221 -7.32 5.54 -92.78
C CYS XA 221 -7.82 6.68 -91.91
N TYR XA 222 -7.56 7.90 -92.37
CA TYR XA 222 -8.14 9.09 -91.77
C TYR XA 222 -8.56 10.04 -92.88
N ASP XA 223 -9.69 10.71 -92.68
CA ASP XA 223 -10.27 11.61 -93.67
C ASP XA 223 -10.00 13.04 -93.23
N ILE XA 224 -9.06 13.69 -93.90
CA ILE XA 224 -8.67 15.05 -93.58
C ILE XA 224 -9.54 16.00 -94.39
N SER XA 225 -10.40 16.74 -93.71
CA SER XA 225 -11.36 17.64 -94.35
C SER XA 225 -10.87 19.07 -94.17
N ILE XA 226 -10.39 19.69 -95.25
CA ILE XA 226 -9.84 21.03 -95.17
C ILE XA 226 -10.97 22.00 -94.87
N GLY XA 227 -11.03 22.48 -93.64
CA GLY XA 227 -11.94 23.53 -93.27
C GLY XA 227 -11.22 24.86 -93.20
N SER XA 228 -11.99 25.93 -93.32
CA SER XA 228 -11.50 27.27 -93.06
C SER XA 228 -12.09 27.73 -91.74
N CYS XA 229 -11.30 28.53 -91.03
CA CYS XA 229 -11.66 28.94 -89.68
C CYS XA 229 -11.82 27.76 -88.73
N GLY XA 230 -10.70 27.07 -88.50
CA GLY XA 230 -10.66 25.98 -87.58
C GLY XA 230 -11.16 24.70 -88.20
N MET YA 1 -5.88 -9.09 -82.26
CA MET YA 1 -5.69 -10.51 -82.05
C MET YA 1 -7.02 -11.19 -81.74
N TYR YA 2 -7.36 -12.19 -82.54
CA TYR YA 2 -8.57 -12.97 -82.32
C TYR YA 2 -8.31 -14.02 -81.24
N PHE YA 3 -9.32 -14.28 -80.42
CA PHE YA 3 -9.21 -15.31 -79.41
C PHE YA 3 -10.46 -16.16 -79.43
N PHE YA 4 -10.32 -17.44 -79.72
CA PHE YA 4 -11.45 -18.36 -79.77
C PHE YA 4 -11.27 -19.44 -78.72
N SER YA 5 -12.39 -19.85 -78.13
CA SER YA 5 -12.43 -21.01 -77.25
C SER YA 5 -13.16 -22.13 -77.98
N VAL YA 6 -12.60 -23.31 -77.93
CA VAL YA 6 -13.09 -24.44 -78.71
C VAL YA 6 -14.22 -25.13 -77.97
N ASP YA 7 -15.09 -25.81 -78.69
CA ASP YA 7 -16.19 -26.50 -78.05
C ASP YA 7 -15.72 -27.84 -77.49
N PRO YA 8 -16.11 -28.18 -76.26
CA PRO YA 8 -15.36 -29.20 -75.53
C PRO YA 8 -15.79 -30.63 -75.77
N ARG YA 9 -16.74 -30.90 -76.66
CA ARG YA 9 -17.16 -32.27 -76.99
C ARG YA 9 -17.64 -33.02 -75.75
N ASN YA 10 -18.62 -32.43 -75.05
CA ASN YA 10 -19.26 -33.04 -73.90
C ASN YA 10 -20.65 -33.58 -74.21
N GLY YA 11 -21.23 -33.22 -75.34
CA GLY YA 11 -22.66 -33.35 -75.50
C GLY YA 11 -23.41 -32.16 -74.97
N ALA YA 12 -22.74 -31.02 -74.82
CA ALA YA 12 -23.34 -29.82 -74.25
C ALA YA 12 -22.78 -28.57 -74.92
N SER YA 13 -22.94 -27.42 -74.27
CA SER YA 13 -22.47 -26.15 -74.83
C SER YA 13 -20.95 -26.05 -74.90
N SER YA 21 -24.85 -18.15 -86.85
CA SER YA 21 -25.89 -18.96 -87.47
C SER YA 21 -25.30 -20.20 -88.13
N CYS YA 22 -24.11 -20.05 -88.71
CA CYS YA 22 -23.43 -21.16 -89.35
C CYS YA 22 -22.75 -22.09 -88.36
N CYS YA 23 -22.14 -23.11 -88.94
CA CYS YA 23 -21.31 -24.05 -88.20
C CYS YA 23 -20.00 -23.42 -87.74
N CYS YA 24 -19.20 -22.90 -88.67
CA CYS YA 24 -17.86 -22.45 -88.37
C CYS YA 24 -17.91 -20.97 -88.01
N GLU YA 25 -17.20 -20.60 -86.95
CA GLU YA 25 -17.21 -19.22 -86.45
C GLU YA 25 -16.49 -18.31 -87.42
N SER YA 26 -16.55 -17.01 -87.13
CA SER YA 26 -16.26 -15.96 -88.09
C SER YA 26 -15.00 -15.18 -87.73
N ILE YA 27 -14.29 -14.76 -88.78
CA ILE YA 27 -13.09 -13.95 -88.68
C ILE YA 27 -13.15 -12.89 -89.76
N SER YA 28 -13.20 -11.62 -89.37
CA SER YA 28 -13.20 -10.55 -90.35
C SER YA 28 -11.77 -10.16 -90.68
N ALA YA 29 -11.55 -9.82 -91.95
CA ALA YA 29 -10.20 -9.58 -92.43
C ALA YA 29 -10.21 -8.44 -93.43
N ARG YA 30 -9.11 -7.69 -93.48
CA ARG YA 30 -8.96 -6.55 -94.35
C ARG YA 30 -7.77 -6.73 -95.28
N PRO YA 31 -7.91 -6.44 -96.56
CA PRO YA 31 -6.83 -6.71 -97.51
C PRO YA 31 -5.53 -6.00 -97.18
N GLY YA 32 -4.46 -6.77 -97.03
CA GLY YA 32 -3.15 -6.23 -96.71
C GLY YA 32 -2.71 -6.50 -95.29
N GLU YA 33 -3.64 -6.76 -94.38
CA GLU YA 33 -3.33 -7.00 -92.98
C GLU YA 33 -2.57 -8.31 -92.81
N VAL YA 34 -1.98 -8.46 -91.62
CA VAL YA 34 -1.44 -9.72 -91.14
C VAL YA 34 -1.75 -9.74 -89.65
N ASN YA 35 -2.74 -10.52 -89.25
CA ASN YA 35 -3.23 -10.50 -87.90
C ASN YA 35 -2.75 -11.74 -87.15
N GLY YA 36 -3.19 -11.92 -85.90
CA GLY YA 36 -2.83 -13.08 -85.13
C GLY YA 36 -4.03 -13.72 -84.46
N VAL YA 37 -4.08 -15.05 -84.44
CA VAL YA 37 -5.23 -15.77 -83.92
C VAL YA 37 -4.78 -16.71 -82.81
N MET YA 38 -5.54 -16.75 -81.73
CA MET YA 38 -5.27 -17.64 -80.61
C MET YA 38 -6.48 -18.51 -80.35
N VAL YA 39 -6.26 -19.81 -80.20
CA VAL YA 39 -7.32 -20.78 -79.96
C VAL YA 39 -6.99 -21.51 -78.68
N SER YA 40 -7.95 -21.56 -77.75
CA SER YA 40 -7.72 -22.12 -76.42
C SER YA 40 -8.38 -23.49 -76.34
N TYR YA 41 -7.58 -24.53 -76.49
CA TYR YA 41 -8.09 -25.90 -76.41
C TYR YA 41 -8.27 -26.39 -74.98
N ALA YA 42 -8.21 -25.50 -73.99
CA ALA YA 42 -8.27 -25.94 -72.60
C ALA YA 42 -9.54 -26.70 -72.28
N ALA YA 43 -10.68 -26.26 -72.83
CA ALA YA 43 -11.94 -26.90 -72.49
C ALA YA 43 -12.01 -28.34 -72.98
N TRP YA 44 -11.25 -28.70 -74.00
CA TRP YA 44 -11.30 -30.04 -74.57
C TRP YA 44 -10.16 -30.92 -74.11
N SER YA 45 -8.95 -30.37 -74.03
CA SER YA 45 -7.76 -31.18 -73.79
C SER YA 45 -7.37 -31.24 -72.32
N ALA YA 46 -8.00 -30.46 -71.45
CA ALA YA 46 -7.65 -30.54 -70.03
C ALA YA 46 -8.23 -31.78 -69.37
N PRO YA 47 -9.53 -32.10 -69.53
CA PRO YA 47 -10.02 -33.36 -68.97
C PRO YA 47 -9.25 -34.58 -69.45
N LEU YA 48 -8.80 -34.59 -70.70
CA LEU YA 48 -7.95 -35.66 -71.19
C LEU YA 48 -6.56 -35.54 -70.54
N ARG YA 49 -6.50 -35.84 -69.24
CA ARG YA 49 -5.28 -35.59 -68.50
C ARG YA 49 -4.12 -36.35 -69.14
N GLY YA 50 -3.21 -35.61 -69.77
CA GLY YA 50 -2.12 -36.21 -70.50
C GLY YA 50 -0.98 -35.24 -70.69
N HIS YA 51 -0.37 -35.23 -71.87
CA HIS YA 51 0.72 -34.33 -72.16
C HIS YA 51 0.30 -33.16 -73.04
N GLY YA 52 -0.97 -32.80 -73.02
CA GLY YA 52 -1.40 -31.59 -73.68
C GLY YA 52 -1.33 -31.68 -75.20
N LEU YA 53 -1.18 -30.51 -75.82
CA LEU YA 53 -1.17 -30.41 -77.27
C LEU YA 53 0.19 -30.81 -77.82
N THR YA 54 0.24 -31.04 -79.12
CA THR YA 54 1.51 -31.26 -79.82
C THR YA 54 1.54 -30.39 -81.07
N ASN YA 55 2.73 -30.24 -81.63
CA ASN YA 55 2.93 -29.40 -82.82
C ASN YA 55 2.67 -30.21 -84.09
N LYS YA 56 1.47 -30.78 -84.18
CA LYS YA 56 1.04 -31.46 -85.38
C LYS YA 56 -0.30 -30.90 -85.83
N THR YA 57 -0.40 -29.58 -85.93
CA THR YA 57 -1.57 -28.93 -86.47
C THR YA 57 -1.51 -28.92 -87.99
N THR YA 58 -2.66 -29.02 -88.62
CA THR YA 58 -2.78 -28.98 -90.06
C THR YA 58 -3.88 -28.01 -90.44
N PHE YA 59 -3.61 -27.17 -91.43
CA PHE YA 59 -4.55 -26.14 -91.87
C PHE YA 59 -4.95 -26.41 -93.31
N GLU YA 60 -6.13 -25.91 -93.69
CA GLU YA 60 -6.57 -25.99 -95.06
C GLU YA 60 -7.46 -24.80 -95.37
N ILE YA 61 -7.21 -24.15 -96.50
CA ILE YA 61 -7.99 -23.00 -96.94
C ILE YA 61 -8.78 -23.41 -98.16
N ASP YA 62 -10.08 -23.10 -98.13
CA ASP YA 62 -10.97 -23.32 -99.26
C ASP YA 62 -11.92 -22.15 -99.37
N GLY YA 63 -12.23 -21.75 -100.60
CA GLY YA 63 -13.09 -20.62 -100.84
C GLY YA 63 -14.54 -21.02 -100.92
N VAL YA 64 -15.40 -20.26 -100.24
CA VAL YA 64 -16.84 -20.40 -100.35
C VAL YA 64 -17.45 -19.33 -101.23
N SER YA 65 -16.65 -18.34 -101.65
CA SER YA 65 -17.03 -17.25 -102.54
C SER YA 65 -15.76 -16.54 -102.96
N VAL YA 66 -15.46 -16.46 -104.25
CA VAL YA 66 -14.13 -16.06 -104.69
C VAL YA 66 -14.14 -14.79 -105.54
N THR YA 67 -15.10 -14.63 -106.45
CA THR YA 67 -15.11 -13.47 -107.35
C THR YA 67 -13.82 -13.42 -108.16
N PRO YA 68 -13.71 -14.24 -109.20
CA PRO YA 68 -12.43 -14.40 -109.91
C PRO YA 68 -11.77 -13.08 -110.24
N PRO YA 69 -10.45 -13.00 -110.19
CA PRO YA 69 -9.78 -11.72 -110.40
C PRO YA 69 -9.84 -11.28 -111.84
N LYS YA 70 -9.71 -9.98 -112.05
CA LYS YA 70 -9.74 -9.42 -113.39
C LYS YA 70 -8.36 -9.40 -114.03
N VAL YA 71 -7.37 -8.90 -113.30
CA VAL YA 71 -6.03 -8.69 -113.84
C VAL YA 71 -5.18 -9.90 -113.48
N SER YA 72 -4.42 -10.39 -114.44
CA SER YA 72 -3.56 -11.53 -114.18
C SER YA 72 -2.29 -11.10 -113.44
N ASN YA 73 -1.67 -12.05 -112.77
CA ASN YA 73 -0.37 -11.82 -112.18
C ASN YA 73 0.72 -12.15 -113.19
N ALA YA 74 1.97 -11.92 -112.82
CA ALA YA 74 3.05 -12.09 -113.79
C ALA YA 74 4.33 -12.43 -113.05
N PHE YA 75 5.28 -13.00 -113.80
CA PHE YA 75 6.58 -13.37 -113.27
C PHE YA 75 7.68 -12.90 -114.21
N GLY YA 76 8.72 -12.29 -113.64
CA GLY YA 76 9.88 -11.89 -114.41
C GLY YA 76 11.15 -12.42 -113.77
N ARG YA 77 12.26 -12.20 -114.48
CA ARG YA 77 13.54 -12.71 -114.00
C ARG YA 77 14.66 -11.80 -114.47
N THR YA 78 15.66 -11.64 -113.61
CA THR YA 78 16.81 -10.78 -113.91
C THR YA 78 18.00 -11.28 -113.11
N LYS YA 79 19.20 -10.98 -113.59
CA LYS YA 79 20.40 -11.30 -112.83
C LYS YA 79 20.68 -10.18 -111.83
N VAL YA 80 21.68 -10.41 -110.96
CA VAL YA 80 22.01 -9.39 -109.98
C VAL YA 80 22.52 -8.14 -110.68
N GLY YA 81 22.12 -6.98 -110.15
CA GLY YA 81 22.62 -5.70 -110.57
C GLY YA 81 22.09 -5.16 -111.87
N VAL YA 82 21.61 -6.02 -112.77
CA VAL YA 82 21.13 -5.55 -114.06
C VAL YA 82 19.69 -5.09 -113.94
N VAL YA 83 19.40 -3.92 -114.52
CA VAL YA 83 18.08 -3.30 -114.43
C VAL YA 83 17.11 -4.14 -115.25
N PHE YA 84 15.88 -4.24 -114.75
CA PHE YA 84 14.86 -5.07 -115.36
C PHE YA 84 13.71 -4.20 -115.87
N GLU YA 85 13.27 -4.49 -117.09
CA GLU YA 85 12.10 -3.86 -117.68
C GLU YA 85 10.98 -4.88 -117.83
N GLY YA 86 9.78 -4.38 -118.04
CA GLY YA 86 8.63 -5.23 -118.25
C GLY YA 86 7.43 -4.37 -118.61
N THR YA 87 6.37 -5.02 -119.02
CA THR YA 87 5.16 -4.34 -119.41
C THR YA 87 4.06 -4.62 -118.38
N LEU YA 88 3.03 -3.77 -118.41
CA LEU YA 88 1.94 -3.89 -117.46
C LEU YA 88 0.61 -3.74 -118.17
N SER YA 89 0.54 -4.17 -119.44
CA SER YA 89 -0.68 -3.99 -120.23
C SER YA 89 -1.26 -5.29 -120.75
N ASP YA 90 -0.48 -6.35 -120.88
CA ASP YA 90 -0.98 -7.66 -121.27
C ASP YA 90 -1.51 -8.43 -120.08
N LEU YA 91 -1.58 -7.78 -118.92
CA LEU YA 91 -2.03 -8.40 -117.69
C LEU YA 91 -3.45 -8.00 -117.35
N PHE YA 92 -4.12 -7.28 -118.25
CA PHE YA 92 -5.49 -6.81 -118.04
C PHE YA 92 -6.31 -7.07 -119.29
N PRO YA 93 -6.66 -8.32 -119.55
CA PRO YA 93 -7.57 -8.59 -120.66
C PRO YA 93 -8.92 -7.99 -120.33
N ASN YA 94 -9.29 -6.93 -121.02
CA ASN YA 94 -10.55 -6.27 -120.71
C ASN YA 94 -11.66 -6.77 -121.61
N PRO YA 95 -12.85 -7.00 -121.07
CA PRO YA 95 -14.00 -7.35 -121.92
C PRO YA 95 -14.47 -6.16 -122.73
N GLU YA 96 -14.65 -5.03 -122.04
CA GLU YA 96 -15.28 -3.84 -122.58
C GLU YA 96 -14.27 -2.81 -123.06
N GLY YA 97 -14.76 -1.63 -123.44
CA GLY YA 97 -13.91 -0.51 -123.79
C GLY YA 97 -13.71 0.49 -122.67
N GLU YA 98 -12.45 0.69 -122.28
CA GLU YA 98 -12.12 1.64 -121.23
C GLU YA 98 -10.62 1.87 -121.24
N GLN YA 99 -10.19 2.84 -120.46
CA GLN YA 99 -8.78 3.21 -120.32
C GLN YA 99 -8.19 2.59 -119.05
N VAL YA 100 -6.86 2.55 -119.03
CA VAL YA 100 -6.10 1.77 -118.07
C VAL YA 100 -5.21 2.65 -117.20
N GLU YA 101 -5.72 3.06 -116.05
CA GLU YA 101 -4.97 3.88 -115.12
C GLU YA 101 -4.00 3.05 -114.28
N TYR YA 102 -2.89 2.64 -114.89
CA TYR YA 102 -1.87 1.88 -114.20
C TYR YA 102 -1.40 2.61 -112.95
N GLU YA 103 -1.28 1.87 -111.84
CA GLU YA 103 -0.93 2.48 -110.56
C GLU YA 103 -0.11 1.52 -109.71
N ILE YA 104 0.92 2.04 -109.05
CA ILE YA 104 1.73 1.28 -108.11
C ILE YA 104 1.55 1.91 -106.75
N SER YA 105 0.80 1.26 -105.87
CA SER YA 105 0.53 1.78 -104.54
C SER YA 105 1.82 1.82 -103.72
N GLU YA 106 2.05 2.93 -103.04
CA GLU YA 106 3.23 3.05 -102.19
C GLU YA 106 3.17 2.20 -100.94
N LEU YA 107 1.98 1.76 -100.53
CA LEU YA 107 1.88 0.91 -99.36
C LEU YA 107 2.41 -0.49 -99.66
N ASN YA 108 2.26 -0.94 -100.90
CA ASN YA 108 2.64 -2.28 -101.29
C ASN YA 108 3.66 -2.25 -102.42
N GLY YA 109 4.63 -1.34 -102.33
CA GLY YA 109 5.67 -1.27 -103.32
C GLY YA 109 6.66 -2.40 -103.16
N PRO YA 110 7.77 -2.34 -103.88
CA PRO YA 110 8.78 -3.39 -103.75
C PRO YA 110 9.52 -3.31 -102.42
N SER YA 111 10.41 -4.25 -102.17
CA SER YA 111 11.09 -4.32 -100.88
C SER YA 111 12.59 -4.11 -100.98
N ASN YA 112 13.22 -4.52 -102.09
CA ASN YA 112 14.66 -4.35 -102.25
C ASN YA 112 14.98 -3.74 -103.61
N GLY YA 113 14.10 -2.91 -104.13
CA GLY YA 113 14.31 -2.26 -105.41
C GLY YA 113 13.56 -0.94 -105.48
N VAL YA 114 13.35 -0.46 -106.70
CA VAL YA 114 12.56 0.75 -106.96
C VAL YA 114 11.89 0.54 -108.31
N VAL YA 115 10.68 1.07 -108.46
CA VAL YA 115 9.95 0.98 -109.73
C VAL YA 115 9.50 2.38 -110.15
N GLU YA 116 9.80 2.78 -111.39
CA GLU YA 116 9.37 4.05 -111.94
C GLU YA 116 8.28 3.71 -112.95
N LEU YA 117 7.01 3.88 -112.55
CA LEU YA 117 5.94 3.61 -113.50
C LEU YA 117 5.97 4.62 -114.64
N GLY YA 118 5.96 4.11 -115.87
CA GLY YA 118 6.00 4.96 -117.04
C GLY YA 118 4.67 5.58 -117.33
N ALA YA 119 4.56 6.17 -118.52
CA ALA YA 119 3.29 6.79 -118.93
C ALA YA 119 2.29 5.74 -119.39
N ASN YA 120 2.76 4.69 -120.06
CA ASN YA 120 1.88 3.67 -120.62
C ASN YA 120 2.37 2.30 -120.18
N GLY YA 121 1.77 1.77 -119.11
CA GLY YA 121 1.95 0.39 -118.69
C GLY YA 121 3.37 -0.15 -118.69
N ALA YA 122 4.35 0.73 -118.54
CA ALA YA 122 5.74 0.34 -118.52
C ALA YA 122 6.36 0.72 -117.19
N PHE YA 123 7.38 -0.01 -116.79
CA PHE YA 123 7.98 0.20 -115.48
C PHE YA 123 9.37 -0.39 -115.47
N THR YA 124 10.25 0.23 -114.70
CA THR YA 124 11.63 -0.19 -114.57
C THR YA 124 11.91 -0.54 -113.12
N TYR YA 125 12.31 -1.79 -112.88
CA TYR YA 125 12.65 -2.26 -111.55
C TYR YA 125 14.17 -2.37 -111.46
N THR YA 126 14.78 -1.37 -110.86
CA THR YA 126 16.22 -1.41 -110.63
C THR YA 126 16.48 -2.11 -109.31
N PRO YA 127 16.99 -3.34 -109.32
CA PRO YA 127 17.16 -4.06 -108.06
C PRO YA 127 18.20 -3.39 -107.19
N GLY YA 128 17.98 -3.46 -105.88
CA GLY YA 128 18.94 -2.90 -104.95
C GLY YA 128 20.31 -3.53 -105.10
N ALA YA 129 21.33 -2.70 -105.12
CA ALA YA 129 22.70 -3.17 -105.33
C ALA YA 129 23.10 -4.15 -104.25
N LEU YA 130 23.86 -5.17 -104.65
CA LEU YA 130 24.30 -6.23 -103.76
C LEU YA 130 23.12 -6.91 -103.09
N PHE YA 131 22.27 -7.51 -103.92
CA PHE YA 131 21.10 -8.23 -103.43
C PHE YA 131 20.67 -9.25 -104.46
N THR YA 132 20.36 -10.47 -104.00
CA THR YA 132 19.89 -11.50 -104.91
C THR YA 132 18.83 -12.32 -104.17
N GLY YA 133 17.60 -12.23 -104.61
CA GLY YA 133 16.51 -12.98 -104.01
C GLY YA 133 15.27 -12.86 -104.86
N VAL YA 134 14.12 -12.79 -104.20
CA VAL YA 134 12.84 -12.59 -104.87
C VAL YA 134 12.24 -11.30 -104.35
N ASP YA 135 11.50 -10.60 -105.21
CA ASP YA 135 10.91 -9.33 -104.84
C ASP YA 135 9.56 -9.18 -105.53
N ARG YA 136 8.60 -8.61 -104.82
CA ARG YA 136 7.25 -8.44 -105.30
C ARG YA 136 6.83 -6.98 -105.21
N PHE YA 137 5.81 -6.64 -105.99
CA PHE YA 137 5.09 -5.39 -105.81
C PHE YA 137 3.72 -5.55 -106.41
N TRP YA 138 2.76 -4.79 -105.87
CA TRP YA 138 1.35 -4.95 -106.20
C TRP YA 138 0.87 -3.74 -106.98
N PHE YA 139 0.56 -3.95 -108.25
CA PHE YA 139 0.02 -2.92 -109.11
C PHE YA 139 -1.51 -2.95 -109.07
N SER YA 140 -2.12 -1.88 -109.55
CA SER YA 140 -3.58 -1.76 -109.59
C SER YA 140 -3.99 -1.17 -110.93
N ILE YA 141 -4.27 -2.05 -111.89
CA ILE YA 141 -4.71 -1.62 -113.21
C ILE YA 141 -6.20 -1.33 -113.12
N ASN YA 142 -6.53 -0.05 -112.94
CA ASN YA 142 -7.92 0.40 -112.95
C ASN YA 142 -8.73 -0.25 -111.82
N GLY YA 143 -8.25 -0.05 -110.61
CA GLY YA 143 -8.95 -0.54 -109.44
C GLY YA 143 -8.66 -1.99 -109.09
N ASN YA 144 -8.47 -2.82 -110.11
CA ASN YA 144 -8.22 -4.23 -109.88
C ASN YA 144 -6.75 -4.48 -109.61
N ILE YA 145 -6.45 -5.24 -108.55
CA ILE YA 145 -5.10 -5.40 -108.05
C ILE YA 145 -4.57 -6.78 -108.39
N GLY YA 146 -3.30 -6.84 -108.74
CA GLY YA 146 -2.59 -8.09 -108.94
C GLY YA 146 -1.17 -7.87 -108.47
N GLU YA 147 -0.34 -8.90 -108.57
CA GLU YA 147 1.04 -8.80 -108.13
C GLU YA 147 1.99 -9.18 -109.25
N TYR YA 148 3.16 -8.55 -109.24
CA TYR YA 148 4.24 -8.86 -110.15
C TYR YA 148 5.42 -9.37 -109.34
N VAL YA 149 5.92 -10.56 -109.69
CA VAL YA 149 6.98 -11.20 -108.93
C VAL YA 149 8.24 -11.22 -109.79
N ILE YA 150 9.33 -10.69 -109.25
CA ILE YA 150 10.62 -10.68 -109.90
C ILE YA 150 11.62 -11.40 -109.01
N SER YA 151 12.46 -12.22 -109.64
CA SER YA 151 13.50 -12.98 -108.95
C SER YA 151 14.85 -12.56 -109.52
N VAL YA 152 15.74 -12.09 -108.65
CA VAL YA 152 17.06 -11.61 -109.06
C VAL YA 152 18.09 -12.68 -108.70
N ASP YA 153 18.86 -13.09 -109.69
CA ASP YA 153 19.78 -14.22 -109.62
C ASP YA 153 21.17 -13.75 -109.23
N PRO YA 154 21.98 -14.62 -108.61
CA PRO YA 154 23.32 -14.20 -108.17
C PRO YA 154 24.36 -14.37 -109.25
N THR YA 155 23.95 -14.05 -110.49
CA THR YA 155 24.75 -13.99 -111.69
C THR YA 155 25.21 -15.37 -112.20
N THR YA 156 25.06 -16.42 -111.40
CA THR YA 156 25.58 -17.68 -111.92
C THR YA 156 24.56 -18.41 -112.80
N SER YA 157 23.59 -19.08 -112.19
CA SER YA 157 22.72 -19.92 -113.02
C SER YA 157 21.38 -19.31 -113.40
N GLU YA 158 20.41 -19.46 -112.49
CA GLU YA 158 19.00 -19.08 -112.67
C GLU YA 158 18.26 -19.39 -111.37
N LEU YA 159 17.38 -18.50 -110.89
CA LEU YA 159 16.62 -18.84 -109.69
C LEU YA 159 15.32 -19.57 -110.05
N PRO YA 160 14.81 -20.40 -109.13
CA PRO YA 160 13.50 -21.02 -109.31
C PRO YA 160 12.35 -20.04 -109.18
N GLN YA 161 11.11 -20.55 -109.15
CA GLN YA 161 9.93 -19.72 -109.37
C GLN YA 161 8.95 -19.86 -108.21
N PRO YA 162 8.71 -18.78 -107.46
CA PRO YA 162 7.91 -18.85 -106.24
C PRO YA 162 6.43 -18.92 -106.53
N PRO YA 163 5.62 -19.40 -105.58
CA PRO YA 163 4.26 -19.84 -105.87
C PRO YA 163 3.13 -18.80 -105.88
N PHE YA 164 3.40 -17.50 -106.05
CA PHE YA 164 2.31 -16.56 -106.30
C PHE YA 164 1.28 -16.47 -105.19
N THR YA 165 1.64 -15.83 -104.07
CA THR YA 165 0.83 -15.79 -102.85
C THR YA 165 -0.67 -15.68 -103.11
N THR YA 166 -1.43 -16.46 -102.36
CA THR YA 166 -2.88 -16.58 -102.47
C THR YA 166 -3.57 -15.45 -101.72
N PRO YA 167 -4.88 -15.26 -101.92
CA PRO YA 167 -5.59 -14.19 -101.20
C PRO YA 167 -5.50 -14.29 -99.70
N VAL YA 168 -5.87 -15.43 -99.13
CA VAL YA 168 -5.75 -15.69 -97.71
C VAL YA 168 -4.80 -16.86 -97.51
N TYR YA 169 -3.89 -16.72 -96.57
CA TYR YA 169 -2.89 -17.75 -96.33
C TYR YA 169 -2.58 -17.83 -94.85
N VAL YA 170 -1.93 -18.92 -94.47
CA VAL YA 170 -1.45 -19.12 -93.11
C VAL YA 170 0.04 -19.39 -93.19
N PRO YA 171 0.88 -18.44 -92.77
CA PRO YA 171 2.33 -18.57 -92.95
C PRO YA 171 2.90 -19.93 -92.60
N ALA YA 172 3.83 -20.39 -93.43
CA ALA YA 172 4.40 -21.73 -93.37
C ALA YA 172 4.76 -22.18 -91.96
N ALA YA 173 5.60 -21.42 -91.27
CA ALA YA 173 5.98 -21.83 -89.93
C ALA YA 173 6.05 -20.64 -88.99
N ARG YA 174 4.92 -20.27 -88.42
CA ARG YA 174 4.81 -19.25 -87.40
C ARG YA 174 3.80 -19.68 -86.36
N ARG YA 175 3.53 -20.98 -86.30
CA ARG YA 175 2.50 -21.57 -85.47
C ARG YA 175 3.14 -22.15 -84.23
N SER YA 176 2.43 -22.15 -83.13
CA SER YA 176 2.99 -22.79 -81.95
C SER YA 176 1.89 -23.11 -80.96
N VAL YA 177 2.25 -23.95 -80.01
CA VAL YA 177 1.32 -24.46 -79.00
C VAL YA 177 2.07 -24.54 -77.68
N ASP YA 178 1.47 -24.00 -76.62
CA ASP YA 178 2.05 -24.10 -75.29
C ASP YA 178 1.32 -25.21 -74.56
N PRO YA 179 1.92 -26.40 -74.39
CA PRO YA 179 1.19 -27.50 -73.74
C PRO YA 179 0.86 -27.21 -72.30
N ARG YA 180 1.38 -26.13 -71.75
CA ARG YA 180 1.22 -25.73 -70.36
C ARG YA 180 -0.12 -25.06 -70.09
N THR YA 181 -0.75 -24.49 -71.12
CA THR YA 181 -2.04 -23.85 -70.97
C THR YA 181 -2.98 -24.16 -72.13
N HIS YA 182 -2.60 -25.05 -73.03
CA HIS YA 182 -3.47 -25.53 -74.10
C HIS YA 182 -3.95 -24.37 -74.99
N VAL YA 183 -2.98 -23.71 -75.62
CA VAL YA 183 -3.30 -22.57 -76.47
C VAL YA 183 -2.50 -22.68 -77.75
N LEU YA 184 -3.18 -22.58 -78.88
CA LEU YA 184 -2.56 -22.63 -80.19
C LEU YA 184 -2.51 -21.22 -80.77
N LYS YA 185 -1.34 -20.83 -81.27
CA LYS YA 185 -1.13 -19.54 -81.89
C LYS YA 185 -0.79 -19.73 -83.35
N PHE YA 186 -1.42 -18.95 -84.22
CA PHE YA 186 -1.03 -18.96 -85.62
C PHE YA 186 -1.34 -17.60 -86.21
N VAL YA 187 -0.73 -17.32 -87.33
CA VAL YA 187 -0.84 -16.04 -88.00
C VAL YA 187 -1.75 -16.20 -89.20
N LEU YA 188 -2.53 -15.17 -89.50
CA LEU YA 188 -3.46 -15.19 -90.64
C LEU YA 188 -3.22 -13.94 -91.45
N GLY YA 189 -2.71 -14.10 -92.67
CA GLY YA 189 -2.38 -12.98 -93.52
C GLY YA 189 -3.29 -12.91 -94.72
N VAL YA 190 -3.64 -11.69 -95.11
CA VAL YA 190 -4.54 -11.43 -96.24
C VAL YA 190 -3.77 -10.66 -97.29
N SER YA 191 -3.75 -11.18 -98.51
CA SER YA 191 -3.03 -10.51 -99.58
C SER YA 191 -3.73 -9.21 -99.93
N PRO YA 192 -3.02 -8.25 -100.52
CA PRO YA 192 -3.66 -7.01 -100.95
C PRO YA 192 -4.62 -7.19 -102.11
N ALA YA 193 -4.62 -8.35 -102.76
CA ALA YA 193 -5.48 -8.59 -103.90
C ALA YA 193 -6.77 -9.29 -103.54
N ALA YA 194 -7.01 -9.55 -102.25
CA ALA YA 194 -8.27 -10.15 -101.84
C ALA YA 194 -9.40 -9.19 -102.10
N ILE YA 195 -10.48 -9.69 -102.70
CA ILE YA 195 -11.59 -8.82 -103.10
C ILE YA 195 -12.59 -8.74 -101.96
N PRO YA 196 -13.00 -7.55 -101.55
CA PRO YA 196 -13.94 -7.44 -100.43
C PRO YA 196 -15.26 -8.12 -100.72
N GLY YA 197 -15.82 -8.76 -99.70
CA GLY YA 197 -17.04 -9.49 -99.83
C GLY YA 197 -16.88 -10.99 -99.96
N ASP YA 198 -15.69 -11.46 -100.29
CA ASP YA 198 -15.46 -12.89 -100.42
C ASP YA 198 -15.47 -13.57 -99.06
N VAL YA 199 -15.58 -14.89 -99.08
CA VAL YA 199 -15.57 -15.70 -97.87
C VAL YA 199 -14.69 -16.91 -98.13
N TYR YA 200 -13.77 -17.17 -97.21
CA TYR YA 200 -12.94 -18.36 -97.24
C TYR YA 200 -13.16 -19.16 -95.98
N ARG YA 201 -12.76 -20.42 -96.01
CA ARG YA 201 -12.97 -21.32 -94.88
C ARG YA 201 -11.65 -21.97 -94.49
N LEU YA 202 -11.30 -21.85 -93.21
CA LEU YA 202 -10.08 -22.42 -92.68
C LEU YA 202 -10.45 -23.57 -91.76
N THR YA 203 -9.89 -24.75 -92.01
CA THR YA 203 -10.10 -25.93 -91.18
C THR YA 203 -8.81 -26.27 -90.44
N VAL YA 204 -8.93 -26.46 -89.13
CA VAL YA 204 -7.79 -26.71 -88.25
C VAL YA 204 -7.96 -28.09 -87.64
N ARG YA 205 -6.94 -28.93 -87.81
CA ARG YA 205 -6.94 -30.27 -87.23
C ARG YA 205 -5.81 -30.35 -86.20
N GLN YA 206 -6.17 -30.38 -84.93
CA GLN YA 206 -5.22 -30.31 -83.84
C GLN YA 206 -5.26 -31.63 -83.07
N VAL YA 207 -4.08 -32.14 -82.72
CA VAL YA 207 -3.95 -33.40 -82.02
C VAL YA 207 -3.49 -33.12 -80.59
N ALA YA 208 -4.20 -33.67 -79.63
CA ALA YA 208 -3.70 -33.77 -78.28
C ALA YA 208 -2.94 -35.08 -78.19
N ILE YA 209 -2.54 -35.47 -76.98
CA ILE YA 209 -1.75 -36.68 -76.82
C ILE YA 209 -2.00 -37.22 -75.43
N ASP YA 210 -2.12 -38.54 -75.32
CA ASP YA 210 -2.32 -39.14 -74.02
C ASP YA 210 -0.97 -39.55 -73.45
N CYS YA 211 -0.99 -39.94 -72.19
CA CYS YA 211 0.22 -39.90 -71.40
C CYS YA 211 1.18 -41.01 -71.82
N ASP YA 212 0.70 -41.97 -72.62
CA ASP YA 212 1.53 -42.95 -73.33
C ASP YA 212 1.89 -42.53 -74.75
N GLY YA 213 1.42 -41.39 -75.22
CA GLY YA 213 1.77 -40.91 -76.54
C GLY YA 213 0.82 -41.25 -77.66
N ASN YA 214 -0.39 -41.71 -77.36
CA ASN YA 214 -1.39 -41.93 -78.40
C ASN YA 214 -2.07 -40.62 -78.73
N GLU YA 215 -3.12 -40.64 -79.54
CA GLU YA 215 -3.54 -39.40 -80.19
C GLU YA 215 -5.01 -39.13 -79.94
N PHE YA 216 -5.35 -37.85 -79.84
CA PHE YA 216 -6.72 -37.38 -79.77
C PHE YA 216 -6.86 -36.23 -80.75
N VAL YA 217 -7.65 -36.43 -81.79
CA VAL YA 217 -7.79 -35.45 -82.86
C VAL YA 217 -9.00 -34.57 -82.60
N HIS YA 218 -8.93 -33.34 -83.08
CA HIS YA 218 -9.98 -32.35 -82.93
C HIS YA 218 -10.02 -31.48 -84.17
N ILE YA 219 -11.21 -31.28 -84.73
CA ILE YA 219 -11.36 -30.54 -85.98
C ILE YA 219 -12.39 -29.43 -85.77
N SER YA 220 -12.08 -28.24 -86.30
CA SER YA 220 -13.00 -27.11 -86.30
C SER YA 220 -12.72 -26.26 -87.53
N CYS YA 221 -13.62 -25.32 -87.82
CA CYS YA 221 -13.42 -24.43 -88.97
C CYS YA 221 -13.60 -22.99 -88.54
N TYR YA 222 -13.13 -22.08 -89.39
CA TYR YA 222 -13.39 -20.66 -89.24
C TYR YA 222 -13.69 -20.07 -90.61
N ASP YA 223 -14.63 -19.14 -90.65
CA ASP YA 223 -15.09 -18.51 -91.88
C ASP YA 223 -14.49 -17.12 -91.98
N ILE YA 224 -13.49 -16.96 -92.83
CA ILE YA 224 -12.80 -15.70 -93.00
C ILE YA 224 -13.51 -14.91 -94.08
N SER YA 225 -14.14 -13.81 -93.70
CA SER YA 225 -14.93 -12.99 -94.61
C SER YA 225 -14.14 -11.73 -94.93
N ILE YA 226 -13.63 -11.64 -96.16
CA ILE YA 226 -12.80 -10.51 -96.55
C ILE YA 226 -13.67 -9.26 -96.61
N GLY YA 227 -13.54 -8.40 -95.61
CA GLY YA 227 -14.17 -7.11 -95.63
C GLY YA 227 -13.18 -6.03 -96.02
N SER YA 228 -13.72 -4.92 -96.49
CA SER YA 228 -12.94 -3.72 -96.72
C SER YA 228 -13.31 -2.72 -95.64
N CYS YA 229 -12.31 -1.93 -95.25
CA CYS YA 229 -12.47 -1.01 -94.12
C CYS YA 229 -12.79 -1.75 -92.83
N GLY YA 230 -11.83 -2.54 -92.38
CA GLY YA 230 -11.96 -3.25 -91.13
C GLY YA 230 -12.76 -4.52 -91.27
N MET ZA 1 -14.26 -34.61 -74.05
CA MET ZA 1 -14.36 -35.89 -73.37
C MET ZA 1 -15.77 -36.11 -72.83
N TYR ZA 2 -16.39 -37.20 -73.23
CA TYR ZA 2 -17.71 -37.57 -72.74
C TYR ZA 2 -17.59 -38.23 -71.38
N PHE ZA 3 -18.56 -37.96 -70.52
CA PHE ZA 3 -18.59 -38.59 -69.21
C PHE ZA 3 -19.99 -39.08 -68.94
N PHE ZA 4 -20.15 -40.39 -68.76
CA PHE ZA 4 -21.44 -40.99 -68.50
C PHE ZA 4 -21.42 -41.66 -67.13
N SER ZA 5 -22.54 -41.59 -66.44
CA SER ZA 5 -22.76 -42.35 -65.21
C SER ZA 5 -23.76 -43.44 -65.51
N VAL ZA 6 -23.47 -44.64 -65.05
CA VAL ZA 6 -24.25 -45.82 -65.39
C VAL ZA 6 -25.43 -45.95 -64.45
N ASP ZA 7 -26.48 -46.62 -64.90
CA ASP ZA 7 -27.65 -46.79 -64.05
C ASP ZA 7 -27.43 -47.93 -63.07
N PRO ZA 8 -27.78 -47.74 -61.79
CA PRO ZA 8 -27.20 -48.59 -60.76
C PRO ZA 8 -27.94 -49.89 -60.49
N ARG ZA 9 -29.00 -50.22 -61.23
CA ARG ZA 9 -29.72 -51.49 -61.07
C ARG ZA 9 -30.25 -51.65 -59.64
N ASN ZA 10 -31.02 -50.66 -59.19
CA ASN ZA 10 -31.69 -50.69 -57.89
C ASN ZA 10 -33.17 -50.97 -57.99
N GLY ZA 11 -33.75 -50.89 -59.18
CA GLY ZA 11 -35.18 -50.74 -59.28
C GLY ZA 11 -35.63 -49.29 -59.19
N ALA ZA 12 -34.72 -48.36 -59.45
CA ALA ZA 12 -35.00 -46.93 -59.32
C ALA ZA 12 -34.25 -46.14 -60.38
N SER ZA 13 -34.11 -44.84 -60.17
CA SER ZA 13 -33.43 -43.97 -61.13
C SER ZA 13 -31.93 -44.24 -61.25
N SER ZA 21 -35.03 -40.15 -75.18
CA SER ZA 21 -36.27 -40.87 -75.47
C SER ZA 21 -36.00 -42.36 -75.66
N CYS ZA 22 -34.85 -42.67 -76.27
CA CYS ZA 22 -34.48 -44.06 -76.48
C CYS ZA 22 -33.93 -44.73 -75.24
N CYS ZA 23 -33.60 -46.00 -75.43
CA CYS ZA 23 -32.94 -46.81 -74.42
C CYS ZA 23 -31.49 -46.36 -74.20
N CYS ZA 24 -30.68 -46.39 -75.25
CA CYS ZA 24 -29.25 -46.17 -75.13
C CYS ZA 24 -28.95 -44.69 -75.31
N GLU ZA 25 -28.10 -44.15 -74.44
CA GLU ZA 25 -27.77 -42.73 -74.44
C GLU ZA 25 -26.96 -42.37 -75.68
N SER ZA 26 -26.72 -41.08 -75.85
CA SER ZA 26 -26.29 -40.50 -77.12
C SER ZA 26 -24.88 -39.95 -77.05
N ILE ZA 27 -24.18 -40.09 -78.18
CA ILE ZA 27 -22.83 -39.59 -78.37
C ILE ZA 27 -22.75 -38.96 -79.75
N SER ZA 28 -22.50 -37.67 -79.82
CA SER ZA 28 -22.36 -37.01 -81.11
C SER ZA 28 -20.90 -37.09 -81.57
N ALA ZA 29 -20.72 -37.25 -82.87
CA ALA ZA 29 -19.39 -37.49 -83.41
C ALA ZA 29 -19.25 -36.79 -84.74
N ARG ZA 30 -18.02 -36.37 -85.05
CA ARG ZA 30 -17.71 -35.65 -86.26
C ARG ZA 30 -16.66 -36.40 -87.07
N PRO ZA 31 -16.83 -36.52 -88.38
CA PRO ZA 31 -15.92 -37.35 -89.17
C PRO ZA 31 -14.48 -36.88 -89.11
N GLY ZA 32 -13.58 -37.77 -88.71
CA GLY ZA 32 -12.17 -37.46 -88.59
C GLY ZA 32 -11.68 -37.34 -87.17
N GLU ZA 33 -12.58 -37.06 -86.22
CA GLU ZA 33 -12.20 -36.88 -84.83
C GLU ZA 33 -11.73 -38.19 -84.22
N VAL ZA 34 -11.08 -38.06 -83.07
CA VAL ZA 34 -10.79 -39.17 -82.17
C VAL ZA 34 -10.98 -38.62 -80.76
N ASN ZA 35 -12.07 -38.98 -80.12
CA ASN ZA 35 -12.44 -38.40 -78.85
C ASN ZA 35 -12.18 -39.39 -77.72
N GLY ZA 36 -12.54 -39.02 -76.49
CA GLY ZA 36 -12.37 -39.92 -75.36
C GLY ZA 36 -13.61 -40.00 -74.51
N VAL ZA 37 -13.94 -41.18 -74.04
CA VAL ZA 37 -15.18 -41.42 -73.30
C VAL ZA 37 -14.84 -42.01 -71.94
N MET ZA 38 -15.50 -41.51 -70.91
CA MET ZA 38 -15.34 -42.01 -69.55
C MET ZA 38 -16.69 -42.45 -69.00
N VAL ZA 39 -16.73 -43.64 -68.41
CA VAL ZA 39 -17.95 -44.20 -67.85
C VAL ZA 39 -17.68 -44.51 -66.39
N SER ZA 40 -18.55 -44.04 -65.50
CA SER ZA 40 -18.34 -44.16 -64.06
C SER ZA 40 -19.27 -45.23 -63.51
N TYR ZA 41 -18.72 -46.42 -63.29
CA TYR ZA 41 -19.49 -47.52 -62.74
C TYR ZA 41 -19.66 -47.45 -61.24
N ALA ZA 42 -19.34 -46.31 -60.61
CA ALA ZA 42 -19.37 -46.23 -59.15
C ALA ZA 42 -20.74 -46.53 -58.60
N ALA ZA 43 -21.80 -46.06 -59.26
CA ALA ZA 43 -23.14 -46.25 -58.71
C ALA ZA 43 -23.55 -47.71 -58.67
N TRP ZA 44 -22.97 -48.56 -59.51
CA TRP ZA 44 -23.35 -49.96 -59.58
C TRP ZA 44 -22.38 -50.88 -58.86
N SER ZA 45 -21.09 -50.62 -58.96
CA SER ZA 45 -20.08 -51.53 -58.46
C SER ZA 45 -19.59 -51.19 -57.06
N ALA ZA 46 -19.97 -50.04 -56.51
CA ALA ZA 46 -19.54 -49.71 -55.16
C ALA ZA 46 -20.31 -50.50 -54.11
N PRO ZA 47 -21.65 -50.55 -54.14
CA PRO ZA 47 -22.35 -51.40 -53.18
C PRO ZA 47 -21.90 -52.85 -53.21
N LEU ZA 48 -21.56 -53.38 -54.38
CA LEU ZA 48 -20.99 -54.73 -54.47
C LEU ZA 48 -19.57 -54.71 -53.91
N ARG ZA 49 -19.47 -54.56 -52.59
CA ARG ZA 49 -18.16 -54.36 -51.99
C ARG ZA 49 -17.24 -55.53 -52.33
N GLY ZA 50 -16.26 -55.28 -53.17
CA GLY ZA 50 -15.38 -56.31 -53.65
C GLY ZA 50 -14.08 -55.74 -54.16
N HIS ZA 51 -13.58 -56.27 -55.28
CA HIS ZA 51 -12.35 -55.79 -55.87
C HIS ZA 51 -12.59 -54.93 -57.10
N GLY ZA 52 -13.75 -54.29 -57.20
CA GLY ZA 52 -13.96 -53.32 -58.24
C GLY ZA 52 -14.03 -53.92 -59.63
N LEU ZA 53 -13.69 -53.10 -60.62
CA LEU ZA 53 -13.78 -53.49 -62.00
C LEU ZA 53 -12.58 -54.35 -62.40
N THR ZA 54 -12.68 -55.02 -63.54
CA THR ZA 54 -11.55 -55.73 -64.11
C THR ZA 54 -11.43 -55.37 -65.59
N ASN ZA 55 -10.28 -55.68 -66.18
CA ASN ZA 55 -10.01 -55.36 -67.58
C ASN ZA 55 -10.54 -56.47 -68.49
N LYS ZA 56 -11.84 -56.74 -68.37
CA LYS ZA 56 -12.50 -57.67 -69.27
C LYS ZA 56 -13.72 -57.02 -69.88
N THR ZA 57 -13.55 -55.81 -70.42
CA THR ZA 57 -14.59 -55.14 -71.16
C THR ZA 57 -14.65 -55.66 -72.58
N THR ZA 58 -15.85 -55.69 -73.14
CA THR ZA 58 -16.06 -56.12 -74.51
C THR ZA 58 -16.97 -55.11 -75.20
N PHE ZA 59 -16.61 -54.73 -76.41
CA PHE ZA 59 -17.34 -53.74 -77.18
C PHE ZA 59 -17.91 -54.37 -78.43
N GLU ZA 60 -18.97 -53.77 -78.96
CA GLU ZA 60 -19.53 -54.21 -80.22
C GLU ZA 60 -20.17 -53.03 -80.92
N ILE ZA 61 -19.88 -52.86 -82.20
CA ILE ZA 61 -20.43 -51.78 -83.01
C ILE ZA 61 -21.40 -52.38 -84.01
N ASP ZA 62 -22.58 -51.79 -84.10
CA ASP ZA 62 -23.59 -52.18 -85.08
C ASP ZA 62 -24.28 -50.93 -85.58
N GLY ZA 63 -24.60 -50.92 -86.87
CA GLY ZA 63 -25.21 -49.76 -87.48
C GLY ZA 63 -26.72 -49.83 -87.42
N VAL ZA 64 -27.34 -48.71 -87.03
CA VAL ZA 64 -28.79 -48.56 -87.08
C VAL ZA 64 -29.22 -47.72 -88.28
N SER ZA 65 -28.27 -47.15 -89.01
CA SER ZA 65 -28.48 -46.36 -90.23
C SER ZA 65 -27.13 -46.15 -90.87
N VAL ZA 66 -26.92 -46.57 -92.11
CA VAL ZA 66 -25.58 -46.65 -92.67
C VAL ZA 66 -25.39 -45.77 -93.90
N THR ZA 67 -26.36 -45.72 -94.81
CA THR ZA 67 -26.20 -44.96 -96.05
C THR ZA 67 -25.00 -45.47 -96.84
N PRO ZA 68 -25.15 -46.60 -97.53
CA PRO ZA 68 -23.99 -47.28 -98.14
C PRO ZA 68 -23.10 -46.32 -98.91
N PRO ZA 69 -21.79 -46.53 -98.89
CA PRO ZA 69 -20.88 -45.58 -99.53
C PRO ZA 69 -20.96 -45.66 -101.04
N LYS ZA 70 -20.58 -44.55 -101.68
CA LYS ZA 70 -20.60 -44.49 -103.13
C LYS ZA 70 -19.30 -45.00 -103.74
N VAL ZA 71 -18.17 -44.53 -103.24
CA VAL ZA 71 -16.87 -44.81 -103.82
C VAL ZA 71 -16.26 -46.00 -103.07
N SER ZA 72 -15.70 -46.94 -103.80
CA SER ZA 72 -15.09 -48.08 -103.16
C SER ZA 72 -13.70 -47.73 -102.62
N ASN ZA 73 -13.24 -48.51 -101.66
CA ASN ZA 73 -11.88 -48.39 -101.20
C ASN ZA 73 -10.97 -49.28 -102.04
N ALA ZA 74 -9.68 -49.23 -101.78
CA ALA ZA 74 -8.73 -49.96 -102.62
C ALA ZA 74 -7.50 -50.31 -101.82
N PHE ZA 75 -6.75 -51.29 -102.33
CA PHE ZA 75 -5.53 -51.74 -101.70
C PHE ZA 75 -4.44 -51.89 -102.74
N GLY ZA 76 -3.25 -51.38 -102.43
CA GLY ZA 76 -2.09 -51.52 -103.29
C GLY ZA 76 -0.92 -52.09 -102.51
N ARG ZA 77 0.16 -52.37 -103.25
CA ARG ZA 77 1.34 -52.97 -102.64
C ARG ZA 77 2.58 -52.55 -103.39
N THR ZA 78 3.67 -52.34 -102.65
CA THR ZA 78 4.93 -51.91 -103.22
C THR ZA 78 6.05 -52.36 -102.30
N LYS ZA 79 7.24 -52.53 -102.86
CA LYS ZA 79 8.41 -52.83 -102.05
C LYS ZA 79 9.00 -51.55 -101.48
N VAL ZA 80 9.99 -51.68 -100.60
CA VAL ZA 80 10.61 -50.49 -100.03
C VAL ZA 80 11.32 -49.69 -101.12
N GLY ZA 81 11.21 -48.38 -101.02
CA GLY ZA 81 11.94 -47.44 -101.87
C GLY ZA 81 11.43 -47.28 -103.27
N VAL ZA 82 10.71 -48.24 -103.81
CA VAL ZA 82 10.24 -48.15 -105.19
C VAL ZA 82 8.94 -47.35 -105.23
N VAL ZA 83 8.86 -46.42 -106.17
CA VAL ZA 83 7.71 -45.54 -106.30
C VAL ZA 83 6.51 -46.34 -106.77
N PHE ZA 84 5.34 -46.00 -106.27
CA PHE ZA 84 4.12 -46.73 -106.55
C PHE ZA 84 3.15 -45.86 -107.33
N GLU ZA 85 2.55 -46.43 -108.37
CA GLU ZA 85 1.50 -45.78 -109.14
C GLU ZA 85 0.19 -46.51 -108.93
N GLY ZA 86 -0.90 -45.85 -109.29
CA GLY ZA 86 -2.21 -46.43 -109.19
C GLY ZA 86 -3.23 -45.50 -109.82
N THR ZA 87 -4.43 -46.01 -109.97
CA THR ZA 87 -5.50 -45.23 -110.57
C THR ZA 87 -6.54 -44.89 -109.52
N LEU ZA 88 -7.37 -43.90 -109.83
CA LEU ZA 88 -8.38 -43.44 -108.89
C LEU ZA 88 -9.70 -43.24 -109.61
N SER ZA 89 -9.97 -44.04 -110.65
CA SER ZA 89 -11.17 -43.87 -111.45
C SER ZA 89 -12.06 -45.10 -111.49
N ASP ZA 90 -11.53 -46.30 -111.25
CA ASP ZA 90 -12.33 -47.51 -111.16
C ASP ZA 90 -12.91 -47.69 -109.78
N LEU ZA 91 -12.76 -46.69 -108.91
CA LEU ZA 91 -13.22 -46.74 -107.54
C LEU ZA 91 -14.49 -45.95 -107.36
N PHE ZA 92 -15.06 -45.45 -108.45
CA PHE ZA 92 -16.28 -44.63 -108.41
C PHE ZA 92 -17.24 -45.09 -109.49
N PRO ZA 93 -17.86 -46.25 -109.30
CA PRO ZA 93 -18.89 -46.66 -110.25
C PRO ZA 93 -20.06 -45.70 -110.14
N ASN ZA 94 -20.25 -44.87 -111.16
CA ASN ZA 94 -21.31 -43.88 -111.09
C ASN ZA 94 -22.57 -44.39 -111.76
N PRO ZA 95 -23.74 -44.16 -111.17
CA PRO ZA 95 -25.00 -44.50 -111.84
C PRO ZA 95 -25.27 -43.58 -113.01
N GLU ZA 96 -25.15 -42.28 -112.76
CA GLU ZA 96 -25.56 -41.23 -113.68
C GLU ZA 96 -24.40 -40.68 -114.49
N GLY ZA 97 -24.66 -39.60 -115.24
CA GLY ZA 97 -23.62 -38.90 -115.97
C GLY ZA 97 -23.12 -37.65 -115.25
N GLU ZA 98 -21.83 -37.62 -114.96
CA GLU ZA 98 -21.22 -36.47 -114.31
C GLU ZA 98 -19.71 -36.62 -114.40
N GLN ZA 99 -19.02 -35.55 -114.00
CA GLN ZA 99 -17.56 -35.49 -114.00
C GLN ZA 99 -17.01 -35.76 -112.60
N VAL ZA 100 -15.72 -36.09 -112.57
CA VAL ZA 100 -15.07 -36.66 -111.40
C VAL ZA 100 -13.94 -35.76 -110.90
N GLU ZA 101 -14.26 -34.88 -109.95
CA GLU ZA 101 -13.28 -33.98 -109.35
C GLU ZA 101 -12.45 -34.69 -108.30
N TYR ZA 102 -11.51 -35.51 -108.73
CA TYR ZA 102 -10.62 -36.21 -107.81
C TYR ZA 102 -9.90 -35.23 -106.89
N GLU ZA 103 -9.85 -35.55 -105.60
CA GLU ZA 103 -9.27 -34.65 -104.62
C GLU ZA 103 -8.61 -35.43 -103.49
N ILE ZA 104 -7.45 -34.95 -103.04
CA ILE ZA 104 -6.75 -35.53 -101.91
C ILE ZA 104 -6.68 -34.44 -100.84
N SER ZA 105 -7.48 -34.59 -99.79
CA SER ZA 105 -7.52 -33.59 -98.72
C SER ZA 105 -6.19 -33.58 -97.98
N GLU ZA 106 -5.67 -32.38 -97.72
CA GLU ZA 106 -4.43 -32.26 -96.97
C GLU ZA 106 -4.57 -32.60 -95.50
N LEU ZA 107 -5.79 -32.59 -94.96
CA LEU ZA 107 -5.97 -32.96 -93.56
C LEU ZA 107 -5.78 -34.46 -93.37
N ASN ZA 108 -6.11 -35.24 -94.38
CA ASN ZA 108 -6.06 -36.70 -94.29
C ASN ZA 108 -5.15 -37.28 -95.35
N GLY ZA 109 -4.01 -36.64 -95.58
CA GLY ZA 109 -3.05 -37.14 -96.54
C GLY ZA 109 -2.32 -38.34 -95.99
N PRO ZA 110 -1.28 -38.78 -96.71
CA PRO ZA 110 -0.50 -39.92 -96.22
C PRO ZA 110 0.34 -39.57 -95.01
N SER ZA 111 1.03 -40.55 -94.45
CA SER ZA 111 1.78 -40.34 -93.21
C SER ZA 111 3.27 -40.52 -93.38
N ASN ZA 112 3.70 -41.40 -94.28
CA ASN ZA 112 5.14 -41.64 -94.51
C ASN ZA 112 5.47 -41.60 -95.99
N GLY ZA 113 4.75 -40.81 -96.76
CA GLY ZA 113 4.99 -40.70 -98.19
C GLY ZA 113 4.53 -39.35 -98.71
N VAL ZA 114 4.33 -39.27 -100.02
CA VAL ZA 114 3.78 -38.07 -100.67
C VAL ZA 114 2.99 -38.56 -101.87
N VAL ZA 115 1.90 -37.85 -102.19
CA VAL ZA 115 1.07 -38.19 -103.35
C VAL ZA 115 0.89 -36.95 -104.22
N GLU ZA 116 1.17 -37.09 -105.52
CA GLU ZA 116 0.98 -36.00 -106.48
C GLU ZA 116 -0.24 -36.40 -107.30
N LEU ZA 117 -1.40 -35.84 -106.99
CA LEU ZA 117 -2.58 -36.16 -107.78
C LEU ZA 117 -2.43 -35.62 -109.20
N GLY ZA 118 -2.65 -36.49 -110.18
CA GLY ZA 118 -2.52 -36.13 -111.57
C GLY ZA 118 -3.72 -35.35 -112.05
N ALA ZA 119 -3.80 -35.19 -113.37
CA ALA ZA 119 -4.93 -34.48 -113.96
C ALA ZA 119 -6.16 -35.36 -114.03
N ASN ZA 120 -5.98 -36.65 -114.31
CA ASN ZA 120 -7.09 -37.58 -114.48
C ASN ZA 120 -6.87 -38.80 -113.58
N GLY ZA 121 -7.49 -38.79 -112.40
CA GLY ZA 121 -7.57 -39.94 -111.53
C GLY ZA 121 -6.30 -40.75 -111.34
N ALA ZA 122 -5.15 -40.12 -111.51
CA ALA ZA 122 -3.87 -40.79 -111.37
C ALA ZA 122 -3.08 -40.12 -110.25
N PHE ZA 123 -2.20 -40.90 -109.62
CA PHE ZA 123 -1.48 -40.40 -108.47
C PHE ZA 123 -0.24 -41.25 -108.26
N THR ZA 124 0.81 -40.62 -107.75
CA THR ZA 124 2.08 -41.28 -107.49
C THR ZA 124 2.38 -41.18 -106.00
N TYR ZA 125 2.54 -42.32 -105.35
CA TYR ZA 125 2.86 -42.38 -103.94
C TYR ZA 125 4.33 -42.80 -103.82
N THR ZA 126 5.19 -41.82 -103.61
CA THR ZA 126 6.61 -42.10 -103.39
C THR ZA 126 6.81 -42.36 -101.90
N PRO ZA 127 7.04 -43.61 -101.49
CA PRO ZA 127 7.17 -43.89 -100.06
C PRO ZA 127 8.39 -43.21 -99.47
N GLY ZA 128 8.27 -42.78 -98.22
CA GLY ZA 128 9.40 -42.17 -97.55
C GLY ZA 128 10.58 -43.12 -97.47
N ALA ZA 129 11.76 -42.59 -97.78
CA ALA ZA 129 12.97 -43.39 -97.82
C ALA ZA 129 13.25 -44.02 -96.47
N LEU ZA 130 13.73 -45.26 -96.50
CA LEU ZA 130 14.01 -46.03 -95.29
C LEU ZA 130 12.77 -46.17 -94.42
N PHE ZA 131 11.74 -46.79 -94.99
CA PHE ZA 131 10.50 -47.02 -94.28
C PHE ZA 131 9.78 -48.21 -94.90
N THR ZA 132 9.26 -49.09 -94.05
CA THR ZA 132 8.50 -50.24 -94.54
C THR ZA 132 7.37 -50.50 -93.57
N GLY ZA 133 6.15 -50.29 -94.00
CA GLY ZA 133 4.98 -50.53 -93.18
C GLY ZA 133 3.72 -50.42 -94.01
N VAL ZA 134 2.67 -49.88 -93.41
CA VAL ZA 134 1.42 -49.63 -94.10
C VAL ZA 134 1.14 -48.13 -94.06
N ASP ZA 135 0.50 -47.63 -95.10
CA ASP ZA 135 0.22 -46.20 -95.19
C ASP ZA 135 -1.11 -45.99 -95.89
N ARG ZA 136 -1.87 -45.01 -95.42
CA ARG ZA 136 -3.19 -44.71 -95.93
C ARG ZA 136 -3.28 -43.27 -96.34
N PHE ZA 137 -4.27 -42.98 -97.19
CA PHE ZA 137 -4.69 -41.61 -97.45
C PHE ZA 137 -6.12 -41.65 -97.95
N TRP ZA 138 -6.84 -40.56 -97.72
CA TRP ZA 138 -8.27 -40.49 -97.97
C TRP ZA 138 -8.54 -39.55 -99.11
N PHE ZA 139 -9.00 -40.09 -100.23
CA PHE ZA 139 -9.38 -39.31 -101.39
C PHE ZA 139 -10.87 -38.99 -101.34
N SER ZA 140 -11.27 -38.03 -102.16
CA SER ZA 140 -12.67 -37.59 -102.23
C SER ZA 140 -13.06 -37.42 -103.69
N ILE ZA 141 -13.59 -38.49 -104.29
CA ILE ZA 141 -14.04 -38.43 -105.68
C ILE ZA 141 -15.42 -37.80 -105.69
N ASN ZA 142 -15.47 -36.50 -105.95
CA ASN ZA 142 -16.72 -35.78 -106.13
C ASN ZA 142 -17.55 -35.81 -104.84
N GLY ZA 143 -16.95 -35.32 -103.77
CA GLY ZA 143 -17.64 -35.22 -102.50
C GLY ZA 143 -17.63 -36.49 -101.68
N ASN ZA 144 -17.70 -37.64 -102.34
CA ASN ZA 144 -17.74 -38.92 -101.64
C ASN ZA 144 -16.34 -39.38 -101.30
N ILE ZA 145 -16.12 -39.79 -100.06
CA ILE ZA 145 -14.80 -40.07 -99.52
C ILE ZA 145 -14.61 -41.57 -99.36
N GLY ZA 146 -13.40 -42.03 -99.68
CA GLY ZA 146 -12.99 -43.39 -99.45
C GLY ZA 146 -11.52 -43.36 -99.09
N GLU ZA 147 -10.95 -44.53 -98.83
CA GLU ZA 147 -9.54 -44.59 -98.44
C GLU ZA 147 -8.79 -45.53 -99.37
N TYR ZA 148 -7.52 -45.22 -99.57
CA TYR ZA 148 -6.59 -46.05 -100.33
C TYR ZA 148 -5.50 -46.51 -99.39
N VAL ZA 149 -5.28 -47.82 -99.31
CA VAL ZA 149 -4.32 -48.41 -98.38
C VAL ZA 149 -3.17 -48.98 -99.19
N ILE ZA 150 -1.96 -48.56 -98.86
CA ILE ZA 150 -0.75 -49.06 -99.49
C ILE ZA 150 0.14 -49.66 -98.40
N SER ZA 151 0.74 -50.81 -98.71
CA SER ZA 151 1.65 -51.50 -97.80
C SER ZA 151 3.00 -51.62 -98.48
N VAL ZA 152 4.04 -51.09 -97.84
CA VAL ZA 152 5.39 -51.10 -98.38
C VAL ZA 152 6.20 -52.19 -97.68
N ASP ZA 153 6.79 -53.07 -98.48
CA ASP ZA 153 7.45 -54.28 -98.03
C ASP ZA 153 8.94 -54.04 -97.83
N PRO ZA 154 9.59 -54.81 -96.93
CA PRO ZA 154 11.02 -54.57 -96.68
C PRO ZA 154 11.91 -55.34 -97.64
N THR ZA 155 11.47 -55.37 -98.90
CA THR ZA 155 12.18 -55.90 -100.06
C THR ZA 155 12.29 -57.42 -100.06
N THR ZA 156 11.98 -58.09 -98.94
CA THR ZA 156 12.18 -59.52 -99.00
C THR ZA 156 10.97 -60.27 -99.57
N SER ZA 157 9.93 -60.46 -98.76
CA SER ZA 157 8.84 -61.31 -99.26
C SER ZA 157 7.62 -60.57 -99.81
N GLU ZA 158 6.72 -60.18 -98.90
CA GLU ZA 158 5.42 -59.57 -99.19
C GLU ZA 158 4.74 -59.24 -97.87
N LEU ZA 159 4.11 -58.08 -97.73
CA LEU ZA 159 3.39 -57.82 -96.49
C LEU ZA 159 1.94 -58.32 -96.56
N PRO ZA 160 1.34 -58.64 -95.40
CA PRO ZA 160 -0.09 -58.99 -95.36
C PRO ZA 160 -0.99 -57.78 -95.57
N GLN ZA 161 -2.30 -57.96 -95.37
CA GLN ZA 161 -3.29 -57.00 -95.86
C GLN ZA 161 -4.18 -56.51 -94.72
N PRO ZA 162 -4.12 -55.23 -94.39
CA PRO ZA 162 -4.82 -54.69 -93.21
C PRO ZA 162 -6.30 -54.53 -93.46
N PRO ZA 163 -7.11 -54.46 -92.39
CA PRO ZA 163 -8.56 -54.66 -92.52
C PRO ZA 163 -9.44 -53.45 -92.88
N PHE ZA 164 -8.91 -52.39 -93.49
CA PHE ZA 164 -9.79 -51.36 -94.05
C PHE ZA 164 -10.70 -50.68 -93.03
N THR ZA 165 -10.12 -49.80 -92.20
CA THR ZA 165 -10.80 -49.16 -91.08
C THR ZA 165 -12.26 -48.82 -91.36
N THR ZA 166 -13.11 -49.11 -90.37
CA THR ZA 166 -14.55 -48.92 -90.44
C THR ZA 166 -14.92 -47.48 -90.12
N PRO ZA 167 -16.18 -47.07 -90.37
CA PRO ZA 167 -16.58 -45.69 -90.06
C PRO ZA 167 -16.40 -45.31 -88.61
N VAL ZA 168 -16.95 -46.08 -87.69
CA VAL ZA 168 -16.78 -45.85 -86.26
C VAL ZA 168 -16.09 -47.07 -85.67
N TYR ZA 169 -15.09 -46.84 -84.84
CA TYR ZA 169 -14.31 -47.93 -84.27
C TYR ZA 169 -13.90 -47.57 -82.86
N VAL ZA 170 -13.47 -48.58 -82.12
CA VAL ZA 170 -12.95 -48.42 -80.77
C VAL ZA 170 -11.55 -49.03 -80.76
N PRO ZA 171 -10.50 -48.21 -80.70
CA PRO ZA 171 -9.13 -48.72 -80.83
C PRO ZA 171 -8.83 -49.98 -80.03
N ALA ZA 172 -8.09 -50.88 -80.65
CA ALA ZA 172 -7.81 -52.22 -80.14
C ALA ZA 172 -7.44 -52.24 -78.66
N ALA ZA 173 -6.40 -51.50 -78.28
CA ALA ZA 173 -6.02 -51.51 -76.88
C ALA ZA 173 -5.62 -50.13 -76.41
N ARG ZA 174 -6.61 -49.34 -75.99
CA ARG ZA 174 -6.41 -48.04 -75.38
C ARG ZA 174 -7.41 -47.85 -74.25
N ARG ZA 175 -7.93 -48.96 -73.75
CA ARG ZA 175 -9.00 -48.99 -72.77
C ARG ZA 175 -8.39 -49.25 -71.41
N SER ZA 176 -9.00 -48.71 -70.37
CA SER ZA 176 -8.49 -49.04 -69.05
C SER ZA 176 -9.55 -48.75 -68.01
N VAL ZA 177 -9.31 -49.28 -66.81
CA VAL ZA 177 -10.23 -49.19 -65.70
C VAL ZA 177 -9.41 -49.00 -64.44
N ASP ZA 178 -9.79 -48.01 -63.63
CA ASP ZA 178 -9.15 -47.78 -62.35
C ASP ZA 178 -10.04 -48.39 -61.26
N PRO ZA 179 -9.68 -49.55 -60.71
CA PRO ZA 179 -10.58 -50.18 -59.71
C PRO ZA 179 -10.73 -49.36 -58.45
N ARG ZA 180 -9.95 -48.31 -58.31
CA ARG ZA 180 -9.90 -47.44 -57.15
C ARG ZA 180 -11.04 -46.43 -57.13
N THR ZA 181 -11.62 -46.11 -58.29
CA THR ZA 181 -12.73 -45.18 -58.37
C THR ZA 181 -13.81 -45.63 -59.34
N HIS ZA 182 -13.70 -46.85 -59.88
CA HIS ZA 182 -14.73 -47.44 -60.72
C HIS ZA 182 -15.03 -46.58 -61.95
N VAL ZA 183 -14.00 -46.40 -62.77
CA VAL ZA 183 -14.13 -45.57 -63.96
C VAL ZA 183 -13.47 -46.28 -65.13
N LEU ZA 184 -14.21 -46.42 -66.22
CA LEU ZA 184 -13.72 -47.05 -67.44
C LEU ZA 184 -13.42 -45.97 -68.46
N LYS ZA 185 -12.24 -46.04 -69.07
CA LYS ZA 185 -11.82 -45.11 -70.09
C LYS ZA 185 -11.64 -45.86 -71.41
N PHE ZA 186 -12.15 -45.29 -72.49
CA PHE ZA 186 -11.89 -45.86 -73.81
C PHE ZA 186 -11.96 -44.74 -74.83
N VAL ZA 187 -11.39 -45.01 -75.97
CA VAL ZA 187 -11.29 -44.03 -77.04
C VAL ZA 187 -12.30 -44.37 -78.12
N LEU ZA 188 -12.87 -43.35 -78.75
CA LEU ZA 188 -13.87 -43.55 -79.81
C LEU ZA 188 -13.43 -42.73 -81.01
N GLY ZA 189 -13.08 -43.40 -82.09
CA GLY ZA 189 -12.57 -42.74 -83.28
C GLY ZA 189 -13.55 -42.87 -84.43
N VAL ZA 190 -13.67 -41.80 -85.22
CA VAL ZA 190 -14.58 -41.74 -86.36
C VAL ZA 190 -13.75 -41.57 -87.62
N SER ZA 191 -13.94 -42.45 -88.58
CA SER ZA 191 -13.19 -42.37 -89.81
C SER ZA 191 -13.61 -41.14 -90.60
N PRO ZA 192 -12.76 -40.62 -91.49
CA PRO ZA 192 -13.17 -39.48 -92.31
C PRO ZA 192 -14.23 -39.82 -93.33
N ALA ZA 193 -14.54 -41.10 -93.54
CA ALA ZA 193 -15.51 -41.52 -94.53
C ALA ZA 193 -16.89 -41.73 -93.94
N ALA ZA 194 -17.07 -41.50 -92.64
CA ALA ZA 194 -18.39 -41.62 -92.05
C ALA ZA 194 -19.31 -40.57 -92.62
N ILE ZA 195 -20.52 -40.98 -93.00
CA ILE ZA 195 -21.44 -40.08 -93.68
C ILE ZA 195 -22.32 -39.39 -92.63
N PRO ZA 196 -22.43 -38.08 -92.66
CA PRO ZA 196 -23.23 -37.38 -91.65
C PRO ZA 196 -24.68 -37.81 -91.68
N GLY ZA 197 -25.28 -37.92 -90.51
CA GLY ZA 197 -26.64 -38.36 -90.37
C GLY ZA 197 -26.81 -39.80 -89.97
N ASP ZA 198 -25.77 -40.62 -90.12
CA ASP ZA 198 -25.86 -42.02 -89.75
C ASP ZA 198 -25.91 -42.18 -88.23
N VAL ZA 199 -26.30 -43.37 -87.80
CA VAL ZA 199 -26.36 -43.71 -86.38
C VAL ZA 199 -25.77 -45.09 -86.21
N TYR ZA 200 -24.85 -45.24 -85.27
CA TYR ZA 200 -24.30 -46.53 -84.89
C TYR ZA 200 -24.59 -46.78 -83.42
N ARG ZA 201 -24.47 -48.04 -83.01
CA ARG ZA 201 -24.77 -48.43 -81.64
C ARG ZA 201 -23.59 -49.20 -81.06
N LEU ZA 202 -23.12 -48.74 -79.91
CA LEU ZA 202 -22.01 -49.36 -79.21
C LEU ZA 202 -22.54 -50.01 -77.94
N THR ZA 203 -22.26 -51.30 -77.78
CA THR ZA 203 -22.65 -52.04 -76.59
C THR ZA 203 -21.41 -52.40 -75.78
N VAL ZA 204 -21.45 -52.11 -74.48
CA VAL ZA 204 -20.32 -52.30 -73.58
C VAL ZA 204 -20.73 -53.31 -72.53
N ARG ZA 205 -19.93 -54.37 -72.39
CA ARG ZA 205 -20.16 -55.40 -71.39
C ARG ZA 205 -19.00 -55.40 -70.40
N GLN ZA 206 -19.25 -54.90 -69.21
CA GLN ZA 206 -18.23 -54.71 -68.20
C GLN ZA 206 -18.47 -55.63 -67.03
N VAL ZA 207 -17.41 -56.26 -66.53
CA VAL ZA 207 -17.50 -57.19 -65.42
C VAL ZA 207 -16.87 -56.56 -64.19
N ALA ZA 208 -17.60 -56.59 -63.09
CA ALA ZA 208 -17.03 -56.34 -61.79
C ALA ZA 208 -16.56 -57.67 -61.25
N ILE ZA 209 -16.16 -57.71 -59.99
CA ILE ZA 209 -15.62 -58.95 -59.42
C ILE ZA 209 -15.87 -58.91 -57.93
N ASP ZA 210 -16.26 -60.06 -57.38
CA ASP ZA 210 -16.47 -60.13 -55.94
C ASP ZA 210 -15.20 -60.62 -55.27
N CYS ZA 211 -15.21 -60.55 -53.95
CA CYS ZA 211 -13.95 -60.51 -53.22
C CYS ZA 211 -13.28 -61.89 -53.25
N ASP ZA 212 -14.02 -62.93 -53.66
CA ASP ZA 212 -13.47 -64.24 -54.00
C ASP ZA 212 -13.16 -64.42 -55.47
N GLY ZA 213 -13.40 -63.43 -56.31
CA GLY ZA 213 -13.07 -63.52 -57.70
C GLY ZA 213 -14.15 -63.98 -58.65
N ASN ZA 214 -15.41 -64.03 -58.19
CA ASN ZA 214 -16.51 -64.36 -59.09
C ASN ZA 214 -16.91 -63.11 -59.86
N GLU ZA 215 -18.02 -63.17 -60.61
CA GLU ZA 215 -18.21 -62.16 -61.64
C GLU ZA 215 -19.57 -61.50 -61.50
N PHE ZA 216 -19.62 -60.22 -61.84
CA PHE ZA 216 -20.86 -59.44 -61.93
C PHE ZA 216 -20.83 -58.70 -63.25
N VAL ZA 217 -21.72 -59.05 -64.16
CA VAL ZA 217 -21.74 -58.48 -65.50
C VAL ZA 217 -22.71 -57.32 -65.55
N HIS ZA 218 -22.42 -56.37 -66.44
CA HIS ZA 218 -23.23 -55.17 -66.62
C HIS ZA 218 -23.18 -54.79 -68.10
N ILE ZA 219 -24.33 -54.52 -68.69
CA ILE ZA 219 -24.44 -54.23 -70.11
C ILE ZA 219 -25.17 -52.92 -70.31
N SER ZA 220 -24.67 -52.08 -71.21
CA SER ZA 220 -25.32 -50.83 -71.60
C SER ZA 220 -24.98 -50.54 -73.05
N CYS ZA 221 -25.67 -49.56 -73.64
CA CYS ZA 221 -25.39 -49.19 -75.02
C CYS ZA 221 -25.23 -47.69 -75.12
N TYR ZA 222 -24.65 -47.25 -76.23
CA TYR ZA 222 -24.59 -45.84 -76.58
C TYR ZA 222 -24.87 -45.69 -78.07
N ASP ZA 223 -25.59 -44.64 -78.42
CA ASP ZA 223 -26.00 -44.39 -79.80
C ASP ZA 223 -25.13 -43.27 -80.36
N ILE ZA 224 -24.19 -43.64 -81.23
CA ILE ZA 224 -23.26 -42.70 -81.82
C ILE ZA 224 -23.88 -42.18 -83.11
N SER ZA 225 -24.23 -40.90 -83.13
CA SER ZA 225 -24.90 -40.28 -84.27
C SER ZA 225 -23.89 -39.41 -85.00
N ILE ZA 226 -23.47 -39.86 -86.19
CA ILE ZA 226 -22.46 -39.14 -86.94
C ILE ZA 226 -23.05 -37.83 -87.43
N GLY ZA 227 -22.66 -36.73 -86.79
CA GLY ZA 227 -23.00 -35.41 -87.25
C GLY ZA 227 -21.84 -34.79 -88.00
N SER ZA 228 -22.17 -33.81 -88.82
CA SER ZA 228 -21.17 -32.96 -89.45
C SER ZA 228 -21.23 -31.61 -88.78
N CYS ZA 229 -20.06 -30.97 -88.69
CA CYS ZA 229 -19.93 -29.72 -87.95
C CYS ZA 229 -20.30 -29.88 -86.48
N GLY ZA 230 -19.49 -30.68 -85.79
CA GLY ZA 230 -19.66 -30.87 -84.37
C GLY ZA 230 -20.72 -31.89 -84.06
N MET AB 1 -27.15 -53.29 -57.50
CA MET AB 1 -27.47 -54.21 -56.42
C MET AB 1 -28.84 -53.91 -55.84
N TYR AB 2 -29.71 -54.91 -55.84
CA TYR AB 2 -31.04 -54.79 -55.25
C TYR AB 2 -30.95 -54.96 -53.74
N PHE AB 3 -31.77 -54.21 -53.02
CA PHE AB 3 -31.82 -54.33 -51.57
C PHE AB 3 -33.27 -54.37 -51.14
N PHE AB 4 -33.68 -55.48 -50.53
CA PHE AB 4 -35.05 -55.65 -50.07
C PHE AB 4 -35.06 -55.80 -48.55
N SER AB 5 -36.09 -55.25 -47.93
CA SER AB 5 -36.35 -55.48 -46.52
C SER AB 5 -37.59 -56.36 -46.41
N VAL AB 6 -37.51 -57.37 -45.57
CA VAL AB 6 -38.55 -58.39 -45.48
C VAL AB 6 -39.65 -57.92 -44.55
N ASP AB 7 -40.86 -58.45 -44.73
CA ASP AB 7 -41.96 -58.05 -43.89
C ASP AB 7 -41.91 -58.81 -42.56
N PRO AB 8 -42.11 -58.14 -41.44
CA PRO AB 8 -41.64 -58.70 -40.17
C PRO AB 8 -42.62 -59.62 -39.46
N ARG AB 9 -43.77 -59.94 -40.04
CA ARG AB 9 -44.73 -60.88 -39.46
C ARG AB 9 -45.17 -60.43 -38.06
N ASN AB 10 -45.67 -59.20 -37.97
CA ASN AB 10 -46.22 -58.64 -36.74
C ASN AB 10 -47.74 -58.59 -36.73
N GLY AB 11 -48.38 -58.78 -37.87
CA GLY AB 11 -49.75 -58.36 -38.02
C GLY AB 11 -49.87 -56.92 -38.43
N ALA AB 12 -48.82 -56.34 -39.00
CA ALA AB 12 -48.77 -54.94 -39.37
C ALA AB 12 -47.96 -54.74 -40.64
N SER AB 13 -47.53 -53.51 -40.89
CA SER AB 13 -46.76 -53.19 -42.10
C SER AB 13 -45.38 -53.82 -42.11
N SER AB 21 -48.65 -54.05 -56.59
CA SER AB 21 -50.03 -54.53 -56.62
C SER AB 21 -50.10 -56.01 -56.28
N CYS AB 22 -49.09 -56.77 -56.74
CA CYS AB 22 -49.04 -58.19 -56.46
C CYS AB 22 -48.55 -58.50 -55.07
N CYS AB 23 -48.51 -59.81 -54.81
CA CYS AB 23 -47.95 -60.36 -53.59
C CYS AB 23 -46.43 -60.21 -53.54
N CYS AB 24 -45.73 -60.76 -54.52
CA CYS AB 24 -44.28 -60.84 -54.48
C CYS AB 24 -43.69 -59.62 -55.17
N GLU AB 25 -42.67 -59.02 -54.54
CA GLU AB 25 -42.06 -57.80 -55.04
C GLU AB 25 -41.29 -58.07 -56.33
N SER AB 26 -40.80 -57.00 -56.93
CA SER AB 26 -40.36 -57.00 -58.32
C SER AB 26 -38.86 -56.79 -58.45
N ILE AB 27 -38.31 -57.45 -59.46
CA ILE AB 27 -36.90 -57.36 -59.82
C ILE AB 27 -36.80 -57.27 -61.33
N SER AB 28 -36.29 -56.16 -61.84
CA SER AB 28 -36.12 -56.04 -63.28
C SER AB 28 -34.75 -56.59 -63.69
N ALA AB 29 -34.71 -57.22 -64.86
CA ALA AB 29 -33.51 -57.91 -65.28
C ALA AB 29 -33.33 -57.75 -66.78
N ARG AB 30 -32.07 -57.75 -67.21
CA ARG AB 30 -31.71 -57.56 -68.60
C ARG AB 30 -30.92 -58.77 -69.10
N PRO AB 31 -31.22 -59.27 -70.29
CA PRO AB 31 -30.56 -60.50 -70.75
C PRO AB 31 -29.05 -60.38 -70.86
N GLY AB 32 -28.33 -61.26 -70.18
CA GLY AB 32 -26.89 -61.26 -70.17
C GLY AB 32 -26.27 -60.78 -68.88
N GLU AB 33 -27.01 -60.01 -68.09
CA GLU AB 33 -26.49 -59.46 -66.85
C GLU AB 33 -26.26 -60.55 -65.82
N VAL AB 34 -25.51 -60.20 -64.78
CA VAL AB 34 -25.38 -60.98 -63.56
C VAL AB 34 -25.34 -59.96 -62.43
N ASN AB 35 -26.43 -59.83 -61.69
CA ASN AB 35 -26.56 -58.78 -60.71
C ASN AB 35 -26.43 -59.36 -59.31
N GLY AB 36 -26.60 -58.54 -58.28
CA GLY AB 36 -26.53 -59.01 -56.92
C GLY AB 36 -27.70 -58.52 -56.08
N VAL AB 37 -28.24 -59.38 -55.22
CA VAL AB 37 -29.42 -59.07 -54.45
C VAL AB 37 -29.11 -59.22 -52.97
N MET AB 38 -29.57 -58.26 -52.17
CA MET AB 38 -29.40 -58.30 -50.72
C MET AB 38 -30.76 -58.21 -50.05
N VAL AB 39 -31.01 -59.11 -49.09
CA VAL AB 39 -32.27 -59.15 -48.36
C VAL AB 39 -31.96 -59.01 -46.88
N SER AB 40 -32.63 -58.07 -46.22
CA SER AB 40 -32.34 -57.74 -44.82
C SER AB 40 -33.42 -58.33 -43.93
N TYR AB 41 -33.12 -59.47 -43.32
CA TYR AB 41 -34.06 -60.12 -42.42
C TYR AB 41 -34.09 -59.51 -41.04
N ALA AB 42 -33.49 -58.34 -40.84
CA ALA AB 42 -33.38 -57.77 -39.50
C ALA AB 42 -34.74 -57.54 -38.86
N ALA AB 43 -35.73 -57.10 -39.64
CA ALA AB 43 -37.03 -56.79 -39.07
C ALA AB 43 -37.73 -58.01 -38.52
N TRP AB 44 -37.41 -59.20 -39.01
CA TRP AB 44 -38.08 -60.42 -38.60
C TRP AB 44 -37.28 -61.23 -37.61
N SER AB 45 -35.97 -61.32 -37.80
CA SER AB 45 -35.14 -62.23 -37.01
C SER AB 45 -34.48 -61.55 -35.83
N ALA AB 46 -34.56 -60.22 -35.70
CA ALA AB 46 -33.96 -59.57 -34.54
C ALA AB 46 -34.79 -59.75 -33.28
N PRO AB 47 -36.11 -59.52 -33.30
CA PRO AB 47 -36.90 -59.83 -32.10
C PRO AB 47 -36.77 -61.26 -31.63
N LEU AB 48 -36.64 -62.21 -32.54
CA LEU AB 48 -36.39 -63.59 -32.16
C LEU AB 48 -34.95 -63.72 -31.65
N ARG AB 49 -34.71 -63.15 -30.47
CA ARG AB 49 -33.34 -63.07 -29.97
C ARG AB 49 -32.73 -64.45 -29.89
N GLY AB 50 -31.78 -64.73 -30.77
CA GLY AB 50 -31.19 -66.04 -30.86
C GLY AB 50 -29.84 -65.99 -31.55
N HIS AB 51 -29.56 -66.95 -32.41
CA HIS AB 51 -28.30 -66.99 -33.13
C HIS AB 51 -28.44 -66.56 -34.59
N GLY AB 52 -29.45 -65.76 -34.89
CA GLY AB 52 -29.54 -65.15 -36.20
C GLY AB 52 -29.84 -66.16 -37.31
N LEU AB 53 -29.42 -65.83 -38.51
CA LEU AB 53 -29.70 -66.63 -39.68
C LEU AB 53 -28.75 -67.82 -39.75
N THR AB 54 -29.08 -68.79 -40.60
CA THR AB 54 -28.18 -69.89 -40.90
C THR AB 54 -28.10 -70.06 -42.41
N ASN AB 55 -27.09 -70.82 -42.86
CA ASN AB 55 -26.88 -71.06 -44.28
C ASN AB 55 -27.70 -72.26 -44.75
N LYS AB 56 -29.00 -72.17 -44.54
CA LYS AB 56 -29.92 -73.18 -45.06
C LYS AB 56 -31.02 -72.50 -45.85
N THR AB 57 -30.64 -71.63 -46.78
CA THR AB 57 -31.58 -71.03 -47.70
C THR AB 57 -31.86 -71.96 -48.86
N THR AB 58 -33.08 -71.91 -49.36
CA THR AB 58 -33.49 -72.71 -50.50
C THR AB 58 -34.21 -71.81 -51.49
N PHE AB 59 -33.87 -71.96 -52.77
CA PHE AB 59 -34.45 -71.14 -53.82
C PHE AB 59 -35.23 -72.01 -54.79
N GLU AB 60 -36.19 -71.39 -55.48
CA GLU AB 60 -36.92 -72.10 -56.52
C GLU AB 60 -37.35 -71.11 -57.58
N ILE AB 61 -37.13 -71.45 -58.84
CA ILE AB 61 -37.52 -70.62 -59.97
C ILE AB 61 -38.66 -71.28 -60.69
N ASP AB 62 -39.70 -70.50 -60.98
CA ASP AB 62 -40.84 -70.95 -61.76
C ASP AB 62 -41.29 -69.83 -62.66
N GLY AB 63 -41.70 -70.18 -63.87
CA GLY AB 63 -42.10 -69.19 -64.85
C GLY AB 63 -43.58 -68.88 -64.76
N VAL AB 64 -43.92 -67.59 -64.78
CA VAL AB 64 -45.30 -67.14 -64.88
C VAL AB 64 -45.64 -66.69 -66.29
N SER AB 65 -44.65 -66.63 -67.18
CA SER AB 65 -44.80 -66.27 -68.59
C SER AB 65 -43.48 -66.59 -69.27
N VAL AB 66 -43.46 -67.44 -70.29
CA VAL AB 66 -42.22 -68.00 -70.79
C VAL AB 66 -41.94 -67.66 -72.25
N THR AB 67 -42.96 -67.70 -73.12
CA THR AB 67 -42.74 -67.45 -74.55
C THR AB 67 -41.74 -68.46 -75.10
N PRO AB 68 -42.17 -69.69 -75.37
CA PRO AB 68 -41.24 -70.77 -75.71
C PRO AB 68 -40.24 -70.36 -76.77
N PRO AB 69 -39.01 -70.84 -76.68
CA PRO AB 69 -37.97 -70.39 -77.61
C PRO AB 69 -38.18 -70.95 -79.00
N LYS AB 70 -37.64 -70.25 -79.98
CA LYS AB 70 -37.75 -70.67 -81.37
C LYS AB 70 -36.65 -71.64 -81.77
N VAL AB 71 -35.40 -71.29 -81.46
CA VAL AB 71 -34.24 -72.04 -81.91
C VAL AB 71 -33.84 -73.00 -80.80
N SER AB 72 -33.55 -74.24 -81.17
CA SER AB 72 -33.14 -75.21 -80.17
C SER AB 72 -31.68 -75.01 -79.79
N ASN AB 73 -31.32 -75.51 -78.62
CA ASN AB 73 -29.93 -75.55 -78.23
C ASN AB 73 -29.30 -76.85 -78.71
N ALA AB 74 -28.01 -77.01 -78.49
CA ALA AB 74 -27.31 -78.18 -79.03
C ALA AB 74 -26.12 -78.51 -78.16
N PHE AB 75 -25.64 -79.75 -78.30
CA PHE AB 75 -24.49 -80.22 -77.56
C PHE AB 75 -23.53 -80.95 -78.50
N GLY AB 76 -22.25 -80.65 -78.38
CA GLY AB 76 -21.22 -81.33 -79.14
C GLY AB 76 -20.13 -81.85 -78.22
N ARG AB 77 -19.21 -82.60 -78.82
CA ARG AB 77 -18.14 -83.20 -78.03
C ARG AB 77 -16.90 -83.36 -78.89
N THR AB 78 -15.74 -83.15 -78.27
CA THR AB 78 -14.45 -83.26 -78.96
C THR AB 78 -13.38 -83.60 -77.94
N LYS AB 79 -12.31 -84.21 -78.41
CA LYS AB 79 -11.17 -84.48 -77.54
C LYS AB 79 -10.27 -83.24 -77.47
N VAL AB 80 -9.26 -83.30 -76.60
CA VAL AB 80 -8.37 -82.16 -76.48
C VAL AB 80 -7.60 -81.96 -77.77
N GLY AB 81 -7.41 -80.69 -78.13
CA GLY AB 81 -6.58 -80.30 -79.24
C GLY AB 81 -7.15 -80.50 -80.62
N VAL AB 82 -8.11 -81.40 -80.79
CA VAL AB 82 -8.65 -81.67 -82.12
C VAL AB 82 -9.75 -80.66 -82.43
N VAL AB 83 -9.71 -80.10 -83.64
CA VAL AB 83 -10.65 -79.08 -84.05
C VAL AB 83 -12.03 -79.71 -84.21
N PHE AB 84 -13.06 -78.95 -83.86
CA PHE AB 84 -14.42 -79.45 -83.87
C PHE AB 84 -15.25 -78.69 -84.90
N GLU AB 85 -16.03 -79.42 -85.67
CA GLU AB 85 -16.98 -78.86 -86.62
C GLU AB 85 -18.40 -79.16 -86.16
N GLY AB 86 -19.35 -78.43 -86.73
CA GLY AB 86 -20.74 -78.64 -86.44
C GLY AB 86 -21.58 -77.76 -87.34
N THR AB 87 -22.87 -78.00 -87.31
CA THR AB 87 -23.80 -77.25 -88.14
C THR AB 87 -24.66 -76.35 -87.26
N LEU AB 88 -25.28 -75.37 -87.90
CA LEU AB 88 -26.09 -74.41 -87.17
C LEU AB 88 -27.40 -74.16 -87.91
N SER AB 89 -27.91 -75.18 -88.61
CA SER AB 89 -29.11 -75.02 -89.42
C SER AB 89 -30.24 -75.96 -89.03
N ASP AB 90 -29.95 -77.09 -88.39
CA ASP AB 90 -30.98 -77.98 -87.89
C ASP AB 90 -31.47 -77.56 -86.52
N LEU AB 91 -31.04 -76.39 -86.06
CA LEU AB 91 -31.40 -75.87 -84.75
C LEU AB 91 -32.46 -74.79 -84.84
N PHE AB 92 -32.98 -74.57 -86.05
CA PHE AB 92 -34.00 -73.54 -86.29
C PHE AB 92 -35.12 -74.11 -87.14
N PRO AB 93 -35.96 -74.98 -86.56
CA PRO AB 93 -37.12 -75.42 -87.30
C PRO AB 93 -38.05 -74.25 -87.53
N ASN AB 94 -38.14 -73.80 -88.77
CA ASN AB 94 -38.96 -72.63 -89.04
C ASN AB 94 -40.35 -73.02 -89.50
N PRO AB 95 -41.39 -72.35 -89.02
CA PRO AB 95 -42.74 -72.61 -89.53
C PRO AB 95 -42.91 -72.10 -90.94
N GLU AB 96 -42.50 -70.85 -91.16
CA GLU AB 96 -42.75 -70.11 -92.37
C GLU AB 96 -41.56 -70.13 -93.34
N GLY AB 97 -41.65 -69.35 -94.41
CA GLY AB 97 -40.55 -69.18 -95.33
C GLY AB 97 -39.74 -67.92 -95.10
N GLU AB 98 -38.45 -68.07 -94.84
CA GLU AB 98 -37.56 -66.94 -94.63
C GLU AB 98 -36.13 -67.45 -94.67
N GLN AB 99 -35.20 -66.50 -94.66
CA GLN AB 99 -33.77 -66.77 -94.68
C GLN AB 99 -33.17 -66.68 -93.28
N VAL AB 100 -31.98 -67.26 -93.14
CA VAL AB 100 -31.38 -67.53 -91.85
C VAL AB 100 -30.05 -66.79 -91.69
N GLU AB 101 -30.10 -65.60 -91.10
CA GLU AB 101 -28.91 -64.80 -90.86
C GLU AB 101 -28.16 -65.27 -89.62
N TYR AB 102 -27.46 -66.39 -89.74
CA TYR AB 102 -26.66 -66.92 -88.65
C TYR AB 102 -25.68 -65.87 -88.12
N GLU AB 103 -25.59 -65.75 -86.80
CA GLU AB 103 -24.76 -64.73 -86.19
C GLU AB 103 -24.19 -65.21 -84.86
N ILE AB 104 -22.93 -64.89 -84.62
CA ILE AB 104 -22.27 -65.19 -83.36
C ILE AB 104 -21.88 -63.86 -82.73
N SER AB 105 -22.61 -63.45 -81.69
CA SER AB 105 -22.36 -62.18 -81.02
C SER AB 105 -21.00 -62.22 -80.33
N GLU AB 106 -20.22 -61.15 -80.51
CA GLU AB 106 -18.92 -61.06 -79.85
C GLU AB 106 -19.01 -60.85 -78.35
N LEU AB 107 -20.16 -60.39 -77.85
CA LEU AB 107 -20.30 -60.22 -76.41
C LEU AB 107 -20.41 -61.56 -75.71
N ASN AB 108 -20.99 -62.55 -76.38
CA ASN AB 108 -21.23 -63.85 -75.80
C ASN AB 108 -20.56 -64.95 -76.60
N GLY AB 109 -19.33 -64.70 -77.04
CA GLY AB 109 -18.58 -65.69 -77.77
C GLY AB 109 -18.08 -66.78 -76.85
N PRO AB 110 -17.22 -67.65 -77.36
CA PRO AB 110 -16.66 -68.71 -76.51
C PRO AB 110 -15.67 -68.16 -75.50
N SER AB 111 -15.16 -69.03 -74.64
CA SER AB 111 -14.28 -68.59 -73.55
C SER AB 111 -12.87 -69.15 -73.66
N ASN AB 112 -12.71 -70.36 -74.19
CA ASN AB 112 -11.39 -70.97 -74.32
C ASN AB 112 -11.18 -71.52 -75.73
N GLY AB 113 -11.78 -70.88 -76.72
CA GLY AB 113 -11.63 -71.31 -78.10
C GLY AB 113 -11.84 -70.15 -79.06
N VAL AB 114 -12.12 -70.47 -80.32
CA VAL AB 114 -12.45 -69.48 -81.34
C VAL AB 114 -13.42 -70.15 -82.30
N VAL AB 115 -14.35 -69.37 -82.84
CA VAL AB 115 -15.33 -69.88 -83.81
C VAL AB 115 -15.32 -68.99 -85.05
N GLU AB 116 -15.18 -69.62 -86.22
CA GLU AB 116 -15.21 -68.91 -87.50
C GLU AB 116 -16.55 -69.27 -88.13
N LEU AB 117 -17.53 -68.38 -88.03
CA LEU AB 117 -18.82 -68.68 -88.65
C LEU AB 117 -18.67 -68.70 -90.18
N GLY AB 118 -19.14 -69.77 -90.79
CA GLY AB 118 -19.06 -69.94 -92.22
C GLY AB 118 -20.10 -69.11 -92.94
N ALA AB 119 -20.25 -69.40 -94.23
CA ALA AB 119 -21.25 -68.68 -95.03
C ALA AB 119 -22.65 -69.24 -94.79
N ASN AB 120 -22.76 -70.56 -94.60
CA ASN AB 120 -24.05 -71.21 -94.44
C ASN AB 120 -24.02 -72.07 -93.18
N GLY AB 121 -24.52 -71.52 -92.08
CA GLY AB 121 -24.77 -72.27 -90.85
C GLY AB 121 -23.70 -73.24 -90.40
N ALA AB 122 -22.46 -72.97 -90.78
CA ALA AB 122 -21.33 -73.83 -90.42
C ALA AB 122 -20.34 -73.02 -89.61
N PHE AB 123 -19.60 -73.72 -88.75
CA PHE AB 123 -18.69 -73.04 -87.83
C PHE AB 123 -17.66 -74.02 -87.35
N THR AB 124 -16.46 -73.51 -87.09
CA THR AB 124 -15.34 -74.32 -86.63
C THR AB 124 -14.90 -73.79 -85.27
N TYR AB 125 -14.93 -74.66 -84.27
CA TYR AB 125 -14.52 -74.31 -82.92
C TYR AB 125 -13.17 -74.98 -82.66
N THR AB 126 -12.10 -74.21 -82.81
CA THR AB 126 -10.77 -74.72 -82.50
C THR AB 126 -10.50 -74.49 -81.02
N PRO AB 127 -10.51 -75.55 -80.20
CA PRO AB 127 -10.33 -75.35 -78.77
C PRO AB 127 -8.94 -74.81 -78.46
N GLY AB 128 -8.87 -73.98 -77.43
CA GLY AB 128 -7.60 -73.44 -77.01
C GLY AB 128 -6.64 -74.55 -76.60
N ALA AB 129 -5.40 -74.43 -77.09
CA ALA AB 129 -4.39 -75.46 -76.86
C ALA AB 129 -4.15 -75.64 -75.37
N LEU AB 130 -3.94 -76.89 -74.97
CA LEU AB 130 -3.73 -77.26 -73.58
C LEU AB 130 -4.90 -76.80 -72.71
N PHE AB 131 -6.08 -77.35 -73.02
CA PHE AB 131 -7.28 -77.03 -72.27
C PHE AB 131 -8.28 -78.16 -72.44
N THR AB 132 -8.91 -78.56 -71.34
CA THR AB 132 -9.93 -79.61 -71.39
C THR AB 132 -11.01 -79.26 -70.38
N GLY AB 133 -12.19 -78.93 -70.87
CA GLY AB 133 -13.31 -78.62 -70.01
C GLY AB 133 -14.58 -78.52 -70.82
N VAL AB 134 -15.44 -77.59 -70.45
CA VAL AB 134 -16.67 -77.30 -71.18
C VAL AB 134 -16.61 -75.86 -71.66
N ASP AB 135 -17.22 -75.60 -72.81
CA ASP AB 135 -17.20 -74.28 -73.39
C ASP AB 135 -18.51 -74.02 -74.11
N ARG AB 136 -19.00 -72.79 -73.99
CA ARG AB 136 -20.27 -72.38 -74.57
C ARG AB 136 -20.08 -71.17 -75.47
N PHE AB 137 -21.05 -70.97 -76.36
CA PHE AB 137 -21.19 -69.72 -77.08
C PHE AB 137 -22.63 -69.60 -77.52
N TRP AB 138 -23.08 -68.36 -77.68
CA TRP AB 138 -24.49 -68.06 -77.93
C TRP AB 138 -24.64 -67.52 -79.33
N PHE AB 139 -25.30 -68.28 -80.19
CA PHE AB 139 -25.59 -67.88 -81.55
C PHE AB 139 -26.97 -67.23 -81.61
N SER AB 140 -27.23 -66.54 -82.72
CA SER AB 140 -28.50 -65.85 -82.92
C SER AB 140 -28.97 -66.10 -84.35
N ILE AB 141 -29.75 -67.15 -84.55
CA ILE AB 141 -30.29 -67.47 -85.86
C ILE AB 141 -31.50 -66.57 -86.09
N ASN AB 142 -31.29 -65.47 -86.79
CA ASN AB 142 -32.38 -64.59 -87.19
C ASN AB 142 -33.09 -63.99 -85.98
N GLY AB 143 -32.31 -63.32 -85.14
CA GLY AB 143 -32.87 -62.65 -83.98
C GLY AB 143 -33.06 -63.53 -82.77
N ASN AB 144 -33.42 -64.79 -83.00
CA ASN AB 144 -33.68 -65.71 -81.90
C ASN AB 144 -32.38 -66.34 -81.43
N ILE AB 145 -32.16 -66.35 -80.12
CA ILE AB 145 -30.88 -66.72 -79.52
C ILE AB 145 -31.00 -68.08 -78.86
N GLY AB 146 -29.95 -68.88 -79.00
CA GLY AB 146 -29.82 -70.14 -78.30
C GLY AB 146 -28.35 -70.31 -77.98
N GLU AB 147 -28.01 -71.43 -77.34
CA GLU AB 147 -26.63 -71.68 -76.96
C GLU AB 147 -26.17 -73.02 -77.50
N TYR AB 148 -24.88 -73.09 -77.81
CA TYR AB 148 -24.22 -74.32 -78.23
C TYR AB 148 -23.17 -74.67 -77.20
N VAL AB 149 -23.23 -75.89 -76.67
CA VAL AB 149 -22.34 -76.32 -75.61
C VAL AB 149 -21.41 -77.39 -76.16
N ILE AB 150 -20.11 -77.16 -76.00
CA ILE AB 150 -19.09 -78.11 -76.41
C ILE AB 150 -18.26 -78.49 -75.20
N SER AB 151 -17.94 -79.78 -75.09
CA SER AB 151 -17.13 -80.31 -74.00
C SER AB 151 -15.89 -80.95 -74.60
N VAL AB 152 -14.72 -80.49 -74.18
CA VAL AB 152 -13.44 -80.98 -74.70
C VAL AB 152 -12.84 -81.93 -73.67
N ASP AB 153 -12.51 -83.13 -74.11
CA ASP AB 153 -12.08 -84.24 -73.27
C ASP AB 153 -10.57 -84.29 -73.17
N PRO AB 154 -10.03 -84.84 -72.07
CA PRO AB 154 -8.56 -84.85 -71.91
C PRO AB 154 -7.93 -86.07 -72.55
N THR AB 155 -8.47 -86.43 -73.72
CA THR AB 155 -7.98 -87.46 -74.64
C THR AB 155 -8.20 -88.88 -74.10
N THR AB 156 -8.55 -89.05 -72.83
CA THR AB 156 -8.67 -90.43 -72.39
C THR AB 156 -10.04 -91.03 -72.66
N SER AB 157 -11.04 -90.70 -71.83
CA SER AB 157 -12.31 -91.38 -72.00
C SER AB 157 -13.39 -90.63 -72.77
N GLU AB 158 -14.11 -89.76 -72.06
CA GLU AB 158 -15.28 -89.02 -72.54
C GLU AB 158 -15.76 -88.12 -71.40
N LEU AB 159 -16.12 -86.86 -71.67
CA LEU AB 159 -16.66 -86.03 -70.59
C LEU AB 159 -18.18 -86.19 -70.49
N PRO AB 160 -18.74 -85.97 -69.29
CA PRO AB 160 -20.20 -85.95 -69.13
C PRO AB 160 -20.85 -84.71 -69.74
N GLN AB 161 -22.14 -84.51 -69.49
CA GLN AB 161 -22.95 -83.58 -70.27
C GLN AB 161 -23.62 -82.55 -69.37
N PRO AB 162 -23.26 -81.27 -69.51
CA PRO AB 162 -23.74 -80.23 -68.58
C PRO AB 162 -25.17 -79.83 -68.86
N PRO AB 163 -25.86 -79.23 -67.89
CA PRO AB 163 -27.32 -79.12 -67.93
C PRO AB 163 -27.95 -77.94 -68.68
N PHE AB 164 -27.26 -77.30 -69.63
CA PHE AB 164 -27.95 -76.34 -70.50
C PHE AB 164 -28.60 -75.17 -69.77
N THR AB 165 -27.79 -74.22 -69.31
CA THR AB 165 -28.22 -73.11 -68.47
C THR AB 165 -29.60 -72.55 -68.84
N THR AB 166 -30.40 -72.29 -67.82
CA THR AB 166 -31.77 -71.82 -67.95
C THR AB 166 -31.81 -70.32 -68.14
N PRO AB 167 -32.97 -69.74 -68.51
CA PRO AB 167 -33.04 -68.29 -68.70
C PRO AB 167 -32.66 -67.49 -67.47
N VAL AB 168 -33.29 -67.76 -66.34
CA VAL AB 168 -32.96 -67.11 -65.08
C VAL AB 168 -32.50 -68.18 -64.11
N TYR AB 169 -31.41 -67.92 -63.41
CA TYR AB 169 -30.83 -68.89 -62.49
C TYR AB 169 -30.25 -68.19 -61.29
N VAL AB 170 -29.99 -68.97 -60.26
CA VAL AB 170 -29.33 -68.48 -59.04
C VAL AB 170 -28.09 -69.35 -58.83
N PRO AB 171 -26.89 -68.82 -59.06
CA PRO AB 171 -25.67 -69.64 -59.01
C PRO AB 171 -25.59 -70.58 -57.82
N ALA AB 172 -25.11 -71.79 -58.10
CA ALA AB 172 -25.07 -72.91 -57.16
C ALA AB 172 -24.60 -72.50 -55.77
N ALA AB 173 -23.41 -71.93 -55.66
CA ALA AB 173 -22.92 -71.56 -54.34
C ALA AB 173 -22.21 -70.23 -54.38
N ARG AB 174 -22.96 -69.15 -54.26
CA ARG AB 174 -22.45 -67.80 -54.14
C ARG AB 174 -23.29 -67.02 -53.14
N ARG AB 175 -24.00 -67.75 -52.29
CA ARG AB 175 -24.96 -67.20 -51.35
C ARG AB 175 -24.31 -67.13 -49.98
N SER AB 176 -24.71 -66.14 -49.19
CA SER AB 176 -24.18 -66.11 -47.84
C SER AB 176 -25.06 -65.26 -46.97
N VAL AB 177 -24.84 -65.41 -45.66
CA VAL AB 177 -25.63 -64.74 -44.64
C VAL AB 177 -24.69 -64.31 -43.54
N ASP AB 178 -24.80 -63.06 -43.11
CA ASP AB 178 -24.01 -62.57 -41.99
C ASP AB 178 -24.92 -62.56 -40.76
N PRO AB 179 -24.78 -63.51 -39.83
CA PRO AB 179 -25.70 -63.55 -38.69
C PRO AB 179 -25.57 -62.34 -37.78
N ARG AB 180 -24.58 -61.51 -38.02
CA ARG AB 180 -24.26 -60.33 -37.23
C ARG AB 180 -25.15 -59.15 -37.55
N THR AB 181 -25.74 -59.12 -38.75
CA THR AB 181 -26.64 -58.04 -39.14
C THR AB 181 -27.86 -58.55 -39.89
N HIS AB 182 -28.05 -59.85 -39.98
CA HIS AB 182 -29.24 -60.46 -40.56
C HIS AB 182 -29.45 -60.01 -42.01
N VAL AB 183 -28.48 -60.35 -42.85
CA VAL AB 183 -28.52 -59.95 -44.25
C VAL AB 183 -28.13 -61.15 -45.11
N LEU AB 184 -28.97 -61.48 -46.08
CA LEU AB 184 -28.72 -62.57 -47.01
C LEU AB 184 -28.29 -61.99 -48.34
N LYS AB 185 -27.20 -62.53 -48.88
CA LYS AB 185 -26.67 -62.12 -50.17
C LYS AB 185 -26.76 -63.28 -51.15
N PHE AB 186 -27.23 -63.02 -52.36
CA PHE AB 186 -27.21 -64.03 -53.39
C PHE AB 186 -27.11 -63.34 -54.74
N VAL AB 187 -26.71 -64.09 -55.73
CA VAL AB 187 -26.49 -63.58 -57.07
C VAL AB 187 -27.63 -64.03 -57.96
N LEU AB 188 -28.02 -63.18 -58.90
CA LEU AB 188 -29.12 -63.49 -59.82
C LEU AB 188 -28.63 -63.24 -61.23
N GLY AB 189 -28.50 -64.30 -62.02
CA GLY AB 189 -27.97 -64.22 -63.37
C GLY AB 189 -29.04 -64.49 -64.39
N VAL AB 190 -29.00 -63.76 -65.50
CA VAL AB 190 -29.96 -63.88 -66.59
C VAL AB 190 -29.22 -64.33 -67.83
N SER AB 191 -29.67 -65.42 -68.44
CA SER AB 191 -29.01 -65.93 -69.63
C SER AB 191 -29.24 -64.96 -70.77
N PRO AB 192 -28.37 -64.98 -71.80
CA PRO AB 192 -28.59 -64.13 -72.96
C PRO AB 192 -29.77 -64.54 -73.80
N ALA AB 193 -30.36 -65.71 -73.56
CA ALA AB 193 -31.47 -66.21 -74.34
C ALA AB 193 -32.82 -65.90 -73.70
N ALA AB 194 -32.84 -65.20 -72.57
CA ALA AB 194 -34.11 -64.82 -71.96
C ALA AB 194 -34.83 -63.84 -72.86
N ILE AB 195 -36.12 -64.08 -73.08
CA ILE AB 195 -36.88 -63.26 -74.02
C ILE AB 195 -37.51 -62.10 -73.27
N PRO AB 196 -37.34 -60.87 -73.76
CA PRO AB 196 -37.89 -59.71 -73.04
C PRO AB 196 -39.40 -59.80 -72.92
N GLY AB 197 -39.91 -59.35 -71.78
CA GLY AB 197 -41.32 -59.40 -71.49
C GLY AB 197 -41.76 -60.56 -70.62
N ASP AB 198 -40.93 -61.59 -70.48
CA ASP AB 198 -41.28 -62.72 -69.65
C ASP AB 198 -41.24 -62.34 -68.18
N VAL AB 199 -41.83 -63.20 -67.35
CA VAL AB 199 -41.86 -63.03 -65.91
C VAL AB 199 -41.56 -64.37 -65.27
N TYR AB 200 -40.62 -64.39 -64.33
CA TYR AB 200 -40.32 -65.57 -63.54
C TYR AB 200 -40.54 -65.24 -62.06
N ARG AB 201 -40.65 -66.28 -61.25
CA ARG AB 201 -40.93 -66.12 -59.83
C ARG AB 201 -39.88 -66.87 -59.02
N LEU AB 202 -39.24 -66.18 -58.09
CA LEU AB 202 -38.23 -66.76 -57.23
C LEU AB 202 -38.78 -66.82 -55.82
N THR AB 203 -38.77 -68.01 -55.22
CA THR AB 203 -39.21 -68.19 -53.85
C THR AB 203 -38.01 -68.53 -52.97
N VAL AB 204 -37.89 -67.82 -51.85
CA VAL AB 204 -36.76 -67.94 -50.93
C VAL AB 204 -37.28 -68.43 -49.60
N ARG AB 205 -36.71 -69.53 -49.11
CA ARG AB 205 -37.08 -70.09 -47.81
C ARG AB 205 -35.86 -70.01 -46.89
N GLN AB 206 -35.91 -69.10 -45.94
CA GLN AB 206 -34.79 -68.81 -45.07
C GLN AB 206 -35.13 -69.20 -43.65
N VAL AB 207 -34.18 -69.85 -42.97
CA VAL AB 207 -34.38 -70.32 -41.60
C VAL AB 207 -33.54 -69.47 -40.66
N ALA AB 208 -34.17 -68.96 -39.62
CA ALA AB 208 -33.46 -68.42 -38.49
C ALA AB 208 -33.24 -69.57 -37.52
N ILE AB 209 -32.75 -69.27 -36.33
CA ILE AB 209 -32.44 -70.33 -35.37
C ILE AB 209 -32.56 -69.74 -33.98
N ASP AB 210 -33.13 -70.52 -33.06
CA ASP AB 210 -33.24 -70.05 -31.69
C ASP AB 210 -32.05 -70.55 -30.90
N CYS AB 211 -31.93 -70.05 -29.69
CA CYS AB 211 -30.64 -70.06 -29.02
C CYS AB 211 -30.28 -71.48 -28.57
N ASP AB 212 -31.25 -72.40 -28.59
CA ASP AB 212 -31.03 -73.84 -28.45
C ASP AB 212 -30.87 -74.57 -29.78
N GLY AB 213 -30.98 -73.89 -30.90
CA GLY AB 213 -30.78 -74.52 -32.19
C GLY AB 213 -32.01 -75.00 -32.91
N ASN AB 214 -33.21 -74.62 -32.46
CA ASN AB 214 -34.42 -74.97 -33.19
C ASN AB 214 -34.61 -73.99 -34.33
N GLU AB 215 -35.75 -74.05 -35.02
CA GLU AB 215 -35.82 -73.42 -36.34
C GLU AB 215 -36.99 -72.47 -36.42
N PHE AB 216 -36.80 -71.40 -37.20
CA PHE AB 216 -37.84 -70.45 -37.54
C PHE AB 216 -37.77 -70.22 -39.03
N VAL AB 217 -38.79 -70.64 -39.76
CA VAL AB 217 -38.79 -70.57 -41.21
C VAL AB 217 -39.49 -69.30 -41.66
N HIS AB 218 -39.08 -68.80 -42.82
CA HIS AB 218 -39.63 -67.58 -43.41
C HIS AB 218 -39.62 -67.74 -44.92
N ILE AB 219 -40.74 -67.43 -45.57
CA ILE AB 219 -40.89 -67.61 -47.00
C ILE AB 219 -41.35 -66.31 -47.64
N SER AB 220 -40.75 -65.97 -48.78
CA SER AB 220 -41.16 -64.81 -49.57
C SER AB 220 -40.87 -65.10 -51.04
N CYS AB 221 -41.40 -64.26 -51.92
CA CYS AB 221 -41.15 -64.44 -53.35
C CYS AB 221 -40.68 -63.14 -53.97
N TYR AB 222 -40.11 -63.24 -55.16
CA TYR AB 222 -39.79 -62.09 -55.97
C TYR AB 222 -40.15 -62.39 -57.42
N ASP AB 223 -40.66 -61.38 -58.12
CA ASP AB 223 -41.11 -61.51 -59.50
C ASP AB 223 -40.08 -60.88 -60.41
N ILE AB 224 -39.32 -61.72 -61.09
CA ILE AB 224 -38.26 -61.27 -61.98
C ILE AB 224 -38.85 -61.09 -63.37
N SER AB 225 -38.92 -59.84 -63.82
CA SER AB 225 -39.54 -59.51 -65.11
C SER AB 225 -38.43 -59.19 -66.10
N ILE AB 226 -38.21 -60.08 -67.06
CA ILE AB 226 -37.13 -59.92 -68.02
C ILE AB 226 -37.47 -58.74 -68.92
N GLY AB 227 -36.80 -57.62 -68.71
CA GLY AB 227 -36.90 -56.49 -69.59
C GLY AB 227 -35.70 -56.43 -70.51
N SER AB 228 -35.88 -55.74 -71.62
CA SER AB 228 -34.78 -55.40 -72.51
C SER AB 228 -34.49 -53.92 -72.35
N CYS AB 229 -33.22 -53.57 -72.49
CA CYS AB 229 -32.77 -52.21 -72.22
C CYS AB 229 -33.04 -51.79 -70.79
N GLY AB 230 -32.37 -52.46 -69.86
CA GLY AB 230 -32.46 -52.12 -68.46
C GLY AB 230 -33.68 -52.72 -67.82
N MET BB 1 -42.32 -61.91 -35.49
CA MET BB 1 -42.74 -62.31 -34.16
C MET BB 1 -43.97 -61.53 -33.71
N TYR BB 2 -45.02 -62.25 -33.36
CA TYR BB 2 -46.24 -61.65 -32.85
C TYR BB 2 -46.07 -61.32 -31.37
N PHE BB 3 -46.66 -60.20 -30.96
CA PHE BB 3 -46.62 -59.82 -29.55
C PHE BB 3 -48.00 -59.38 -29.13
N PHE BB 4 -48.58 -60.10 -28.18
CA PHE BB 4 -49.92 -59.78 -27.68
C PHE BB 4 -49.84 -59.42 -26.20
N SER BB 5 -50.67 -58.47 -25.80
CA SER BB 5 -50.87 -58.14 -24.40
C SER BB 5 -52.25 -58.63 -23.99
N VAL BB 6 -52.32 -59.29 -22.85
CA VAL BB 6 -53.54 -59.97 -22.42
C VAL BB 6 -54.44 -58.96 -21.70
N ASP BB 7 -55.73 -59.25 -21.69
CA ASP BB 7 -56.66 -58.35 -21.03
C ASP BB 7 -56.66 -58.61 -19.53
N PRO BB 8 -56.63 -57.57 -18.69
CA PRO BB 8 -56.19 -57.76 -17.31
C PRO BB 8 -57.27 -58.15 -16.33
N ARG BB 9 -58.52 -58.38 -16.76
CA ARG BB 9 -59.60 -58.81 -15.88
C ARG BB 9 -59.82 -57.84 -14.72
N ASN BB 10 -60.04 -56.57 -15.07
CA ASN BB 10 -60.36 -55.52 -14.11
C ASN BB 10 -61.83 -55.13 -14.10
N GLY BB 11 -62.58 -55.54 -15.11
CA GLY BB 11 -63.84 -54.89 -15.39
C GLY BB 11 -63.68 -53.69 -16.28
N ALA BB 12 -62.59 -53.60 -17.01
CA ALA BB 12 -62.28 -52.44 -17.85
C ALA BB 12 -61.54 -52.87 -19.11
N SER BB 13 -60.88 -51.92 -19.77
CA SER BB 13 -60.17 -52.21 -21.01
C SER BB 13 -58.95 -53.11 -20.81
N SER BB 21 -63.35 -57.44 -34.31
CA SER BB 21 -64.79 -57.58 -34.17
C SER BB 21 -65.15 -58.81 -33.34
N CYS BB 22 -64.37 -59.88 -33.52
CA CYS BB 22 -64.60 -61.10 -32.77
C CYS BB 22 -64.07 -61.03 -31.35
N CYS BB 23 -64.29 -62.15 -30.66
CA CYS BB 23 -63.76 -62.36 -29.33
C CYS BB 23 -62.24 -62.55 -29.34
N CYS BB 24 -61.76 -63.54 -30.06
CA CYS BB 24 -60.36 -63.93 -30.00
C CYS BB 24 -59.58 -63.18 -31.07
N GLU BB 25 -58.42 -62.66 -30.68
CA GLU BB 25 -57.60 -61.84 -31.58
C GLU BB 25 -57.01 -62.69 -32.69
N SER BB 26 -56.35 -62.02 -33.64
CA SER BB 26 -56.04 -62.59 -34.93
C SER BB 26 -54.55 -62.79 -35.14
N ILE BB 27 -54.23 -63.86 -35.87
CA ILE BB 27 -52.86 -64.21 -36.24
C ILE BB 27 -52.87 -64.65 -37.68
N SER BB 28 -52.18 -63.93 -38.55
CA SER BB 28 -52.10 -64.34 -39.94
C SER BB 28 -50.92 -65.28 -40.14
N ALA BB 29 -51.11 -66.26 -41.02
CA ALA BB 29 -50.12 -67.32 -41.17
C ALA BB 29 -50.03 -67.71 -42.64
N ARG BB 30 -48.84 -68.13 -43.05
CA ARG BB 30 -48.56 -68.52 -44.42
C ARG BB 30 -48.08 -69.95 -44.47
N PRO BB 31 -48.58 -70.75 -45.41
CA PRO BB 31 -48.23 -72.18 -45.42
C PRO BB 31 -46.75 -72.45 -45.57
N GLY BB 32 -46.17 -73.19 -44.63
CA GLY BB 32 -44.77 -73.51 -44.63
C GLY BB 32 -43.96 -72.78 -43.59
N GLU BB 33 -44.45 -71.64 -43.11
CA GLU BB 33 -43.74 -70.84 -42.13
C GLU BB 33 -43.66 -71.55 -40.79
N VAL BB 34 -42.77 -71.04 -39.94
CA VAL BB 34 -42.71 -71.37 -38.53
C VAL BB 34 -42.36 -70.07 -37.82
N ASN BB 35 -43.34 -69.46 -37.17
CA ASN BB 35 -43.17 -68.14 -36.61
C ASN BB 35 -43.05 -68.24 -35.08
N GLY BB 36 -42.96 -67.09 -34.41
CA GLY BB 36 -42.88 -67.08 -32.96
C GLY BB 36 -43.84 -66.10 -32.35
N VAL BB 37 -44.48 -66.47 -31.24
CA VAL BB 37 -45.51 -65.66 -30.61
C VAL BB 37 -45.12 -65.37 -29.18
N MET BB 38 -45.30 -64.12 -28.75
CA MET BB 38 -45.03 -63.71 -27.38
C MET BB 38 -46.28 -63.10 -26.78
N VAL BB 39 -46.63 -63.53 -25.58
CA VAL BB 39 -47.81 -63.04 -24.88
C VAL BB 39 -47.36 -62.49 -23.54
N SER BB 40 -47.76 -61.26 -23.24
CA SER BB 40 -47.30 -60.55 -22.04
C SER BB 40 -48.41 -60.54 -21.00
N TYR BB 41 -48.30 -61.45 -20.03
CA TYR BB 41 -49.29 -61.53 -18.96
C TYR BB 41 -49.07 -60.50 -17.87
N ALA BB 42 -48.22 -59.50 -18.09
CA ALA BB 42 -47.89 -58.56 -17.03
C ALA BB 42 -49.12 -57.83 -16.51
N ALA BB 43 -50.04 -57.46 -17.39
CA ALA BB 43 -51.19 -56.68 -16.96
C ALA BB 43 -52.10 -57.46 -16.01
N TRP BB 44 -52.08 -58.79 -16.07
CA TRP BB 44 -52.96 -59.62 -15.25
C TRP BB 44 -52.26 -60.20 -14.05
N SER BB 45 -51.02 -60.65 -14.20
CA SER BB 45 -50.34 -61.39 -13.15
C SER BB 45 -49.46 -60.53 -12.28
N ALA BB 46 -49.25 -59.25 -12.62
CA ALA BB 46 -48.43 -58.40 -11.76
C ALA BB 46 -49.18 -57.96 -10.51
N PRO BB 47 -50.42 -57.46 -10.61
CA PRO BB 47 -51.15 -57.15 -9.37
C PRO BB 47 -51.29 -58.33 -8.43
N LEU BB 48 -51.44 -59.54 -8.96
CA LEU BB 48 -51.45 -60.73 -8.13
C LEU BB 48 -50.04 -60.99 -7.61
N ARG BB 49 -49.59 -60.15 -6.69
CA ARG BB 49 -48.21 -60.20 -6.26
C ARG BB 49 -47.89 -61.59 -5.70
N GLY BB 50 -47.09 -62.34 -6.44
CA GLY BB 50 -46.80 -63.71 -6.08
C GLY BB 50 -45.53 -64.20 -6.74
N HIS BB 51 -45.53 -65.44 -7.22
CA HIS BB 51 -44.37 -65.99 -7.88
C HIS BB 51 -44.54 -66.05 -9.39
N GLY BB 52 -45.38 -65.19 -9.96
CA GLY BB 52 -45.44 -65.07 -11.40
C GLY BB 52 -46.04 -66.29 -12.08
N LEU BB 53 -45.65 -66.48 -13.33
CA LEU BB 53 -46.19 -67.55 -14.15
C LEU BB 53 -45.51 -68.87 -13.82
N THR BB 54 -46.11 -69.97 -14.28
CA THR BB 54 -45.49 -71.28 -14.18
C THR BB 54 -45.57 -71.97 -15.53
N ASN BB 55 -44.78 -73.03 -15.69
CA ASN BB 55 -44.74 -73.79 -16.94
C ASN BB 55 -45.83 -74.85 -16.97
N LYS BB 56 -47.07 -74.40 -16.79
CA LYS BB 56 -48.21 -75.29 -16.94
C LYS BB 56 -49.21 -74.69 -17.91
N THR BB 57 -48.73 -74.30 -19.08
CA THR BB 57 -49.59 -73.84 -20.15
C THR BB 57 -50.15 -75.02 -20.92
N THR BB 58 -51.38 -74.87 -21.40
CA THR BB 58 -52.03 -75.89 -22.19
C THR BB 58 -52.63 -75.23 -23.43
N PHE BB 59 -52.43 -75.87 -24.58
CA PHE BB 59 -52.90 -75.35 -25.86
C PHE BB 59 -53.92 -76.30 -26.45
N GLU BB 60 -54.78 -75.75 -27.32
CA GLU BB 60 -55.73 -76.58 -28.04
C GLU BB 60 -56.02 -75.92 -29.38
N ILE BB 61 -55.99 -76.72 -30.44
CA ILE BB 61 -56.27 -76.24 -31.79
C ILE BB 61 -57.59 -76.83 -32.24
N ASP BB 62 -58.46 -75.98 -32.77
CA ASP BB 62 -59.73 -76.40 -33.35
C ASP BB 62 -60.00 -75.57 -34.58
N GLY BB 63 -60.57 -76.20 -35.60
CA GLY BB 63 -60.84 -75.54 -36.85
C GLY BB 63 -62.20 -74.89 -36.87
N VAL BB 64 -62.26 -73.65 -37.34
CA VAL BB 64 -63.52 -72.96 -37.58
C VAL BB 64 -63.87 -72.94 -39.06
N SER BB 65 -62.97 -73.40 -39.92
CA SER BB 65 -63.14 -73.51 -41.36
C SER BB 65 -61.98 -74.33 -41.90
N VAL BB 66 -62.23 -75.45 -42.56
CA VAL BB 66 -61.17 -76.42 -42.84
C VAL BB 66 -60.95 -76.66 -44.33
N THR BB 67 -62.02 -76.76 -45.12
CA THR BB 67 -61.87 -77.06 -46.55
C THR BB 67 -61.15 -78.39 -46.73
N PRO BB 68 -61.86 -79.51 -46.56
CA PRO BB 68 -61.20 -80.83 -46.51
C PRO BB 68 -60.22 -81.04 -47.64
N PRO BB 69 -59.11 -81.72 -47.40
CA PRO BB 69 -58.09 -81.86 -48.43
C PRO BB 69 -58.53 -82.79 -49.54
N LYS BB 70 -57.93 -82.59 -50.70
CA LYS BB 70 -58.24 -83.42 -51.86
C LYS BB 70 -57.40 -84.68 -51.90
N VAL BB 71 -56.09 -84.55 -51.75
CA VAL BB 71 -55.15 -85.65 -51.90
C VAL BB 71 -54.87 -86.24 -50.53
N SER BB 72 -54.89 -87.57 -50.44
CA SER BB 72 -54.61 -88.21 -49.17
C SER BB 72 -53.11 -88.23 -48.89
N ASN BB 73 -52.77 -88.38 -47.62
CA ASN BB 73 -51.39 -88.59 -47.24
C ASN BB 73 -51.09 -90.09 -47.25
N ALA BB 74 -49.85 -90.46 -46.99
CA ALA BB 74 -49.46 -91.86 -47.10
C ALA BB 74 -48.30 -92.14 -46.18
N PHE BB 75 -48.11 -93.43 -45.88
CA PHE BB 75 -47.03 -93.88 -45.02
C PHE BB 75 -46.33 -95.06 -45.65
N GLY BB 76 -45.00 -95.05 -45.65
CA GLY BB 76 -44.20 -96.15 -46.13
C GLY BB 76 -43.18 -96.57 -45.09
N ARG BB 77 -42.49 -97.66 -45.39
CA ARG BB 77 -41.51 -98.19 -44.45
C ARG BB 77 -40.40 -98.90 -45.21
N THR BB 78 -39.17 -98.78 -44.70
CA THR BB 78 -38.01 -99.38 -45.31
C THR BB 78 -36.95 -99.60 -44.24
N LYS BB 79 -36.07 -100.57 -44.48
CA LYS BB 79 -34.94 -100.78 -43.57
C LYS BB 79 -33.81 -99.82 -43.93
N VAL BB 80 -32.77 -99.80 -43.09
CA VAL BB 80 -31.65 -98.92 -43.37
C VAL BB 80 -30.95 -99.35 -44.66
N GLY BB 81 -30.54 -98.36 -45.44
CA GLY BB 81 -29.73 -98.55 -46.62
C GLY BB 81 -30.44 -99.06 -47.85
N VAL BB 82 -31.58 -99.74 -47.70
CA VAL BB 82 -32.28 -100.30 -48.84
C VAL BB 82 -33.16 -99.24 -49.47
N VAL BB 83 -33.09 -99.14 -50.80
CA VAL BB 83 -33.83 -98.13 -51.55
C VAL BB 83 -35.31 -98.45 -51.48
N PHE BB 84 -36.13 -97.42 -51.40
CA PHE BB 84 -37.57 -97.56 -51.24
C PHE BB 84 -38.29 -97.02 -52.46
N GLU BB 85 -39.27 -97.78 -52.94
CA GLU BB 85 -40.15 -97.37 -54.02
C GLU BB 85 -41.56 -97.17 -53.48
N GLY BB 86 -42.37 -96.48 -54.26
CA GLY BB 86 -43.76 -96.26 -53.91
C GLY BB 86 -44.46 -95.57 -55.06
N THR BB 87 -45.77 -95.48 -54.94
CA THR BB 87 -46.59 -94.86 -55.97
C THR BB 87 -47.16 -93.55 -55.46
N LEU BB 88 -47.61 -92.72 -56.39
CA LEU BB 88 -48.14 -91.41 -56.04
C LEU BB 88 -49.41 -91.15 -56.82
N SER BB 89 -50.18 -92.20 -57.13
CA SER BB 89 -51.39 -92.05 -57.93
C SER BB 89 -52.65 -92.53 -57.24
N ASP BB 90 -52.56 -93.41 -56.25
CA ASP BB 90 -53.71 -93.84 -55.47
C ASP BB 90 -53.99 -92.88 -54.33
N LEU BB 91 -53.28 -91.74 -54.30
CA LEU BB 91 -53.42 -90.75 -53.25
C LEU BB 91 -54.23 -89.56 -53.71
N PHE BB 92 -54.80 -89.63 -54.91
CA PHE BB 92 -55.58 -88.54 -55.48
C PHE BB 92 -56.87 -89.11 -56.08
N PRO BB 93 -57.81 -89.51 -55.25
CA PRO BB 93 -59.10 -89.91 -55.79
C PRO BB 93 -59.78 -88.70 -56.41
N ASN BB 94 -59.88 -88.68 -57.72
CA ASN BB 94 -60.44 -87.51 -58.38
C ASN BB 94 -61.92 -87.72 -58.66
N PRO BB 95 -62.75 -86.70 -58.44
CA PRO BB 95 -64.17 -86.80 -58.83
C PRO BB 95 -64.33 -86.78 -60.34
N GLU BB 96 -63.69 -85.80 -60.97
CA GLU BB 96 -63.87 -85.48 -62.37
C GLU BB 96 -62.80 -86.09 -63.26
N GLY BB 97 -62.81 -85.71 -64.54
CA GLY BB 97 -61.77 -86.12 -65.47
C GLY BB 97 -60.70 -85.06 -65.69
N GLU BB 98 -59.46 -85.42 -65.39
CA GLU BB 98 -58.33 -84.50 -65.59
C GLU BB 98 -57.05 -85.31 -65.45
N GLN BB 99 -55.94 -84.65 -65.79
CA GLN BB 99 -54.61 -85.23 -65.71
C GLN BB 99 -53.90 -84.80 -64.43
N VAL BB 100 -52.85 -85.56 -64.10
CA VAL BB 100 -52.21 -85.51 -62.79
C VAL BB 100 -50.75 -85.08 -62.91
N GLU BB 101 -50.50 -83.78 -62.76
CA GLU BB 101 -49.15 -83.24 -62.81
C GLU BB 101 -48.42 -83.43 -61.49
N TYR BB 102 -47.98 -84.64 -61.22
CA TYR BB 102 -47.22 -84.95 -60.01
C TYR BB 102 -46.01 -84.03 -59.89
N GLU BB 103 -45.80 -83.49 -58.69
CA GLU BB 103 -44.71 -82.53 -58.48
C GLU BB 103 -44.15 -82.66 -57.07
N ILE BB 104 -42.84 -82.58 -56.94
CA ILE BB 104 -42.16 -82.57 -55.65
C ILE BB 104 -41.46 -81.23 -55.52
N SER BB 105 -41.99 -80.36 -54.69
CA SER BB 105 -41.42 -79.02 -54.51
C SER BB 105 -40.05 -79.12 -53.85
N GLU BB 106 -39.08 -78.38 -54.39
CA GLU BB 106 -37.74 -78.38 -53.81
C GLU BB 106 -37.67 -77.66 -52.46
N LEU BB 107 -38.65 -76.81 -52.15
CA LEU BB 107 -38.63 -76.14 -50.86
C LEU BB 107 -38.97 -77.11 -49.74
N ASN BB 108 -39.79 -78.11 -50.03
CA ASN BB 108 -40.26 -79.05 -49.03
C ASN BB 108 -39.89 -80.47 -49.40
N GLY BB 109 -38.69 -80.68 -49.91
CA GLY BB 109 -38.22 -82.00 -50.25
C GLY BB 109 -37.88 -82.79 -49.01
N PRO BB 110 -37.28 -83.95 -49.19
CA PRO BB 110 -36.89 -84.76 -48.04
C PRO BB 110 -35.73 -84.15 -47.27
N SER BB 111 -35.34 -84.76 -46.16
CA SER BB 111 -34.31 -84.20 -45.30
C SER BB 111 -33.06 -85.07 -45.21
N ASN BB 112 -33.20 -86.39 -45.30
CA ASN BB 112 -32.05 -87.29 -45.21
C ASN BB 112 -32.08 -88.30 -46.34
N GLY BB 113 -32.60 -87.93 -47.50
CA GLY BB 113 -32.67 -88.82 -48.64
C GLY BB 113 -32.70 -88.03 -49.94
N VAL BB 114 -33.14 -88.68 -51.01
CA VAL BB 114 -33.34 -88.03 -52.31
C VAL BB 114 -34.50 -88.75 -52.98
N VAL BB 115 -35.29 -88.01 -53.75
CA VAL BB 115 -36.42 -88.58 -54.48
C VAL BB 115 -36.32 -88.19 -55.95
N GLU BB 116 -36.41 -89.19 -56.84
CA GLU BB 116 -36.40 -88.95 -58.28
C GLU BB 116 -37.83 -89.20 -58.75
N LEU BB 117 -38.60 -88.14 -58.95
CA LEU BB 117 -39.95 -88.33 -59.44
C LEU BB 117 -39.94 -88.88 -60.86
N GLY BB 118 -40.68 -89.98 -61.06
CA GLY BB 118 -40.74 -90.62 -62.35
C GLY BB 118 -41.64 -89.87 -63.31
N ALA BB 119 -41.95 -90.53 -64.42
CA ALA BB 119 -42.84 -89.93 -65.41
C ALA BB 119 -44.29 -90.04 -64.99
N ASN BB 120 -44.67 -91.14 -64.36
CA ASN BB 120 -46.06 -91.39 -63.97
C ASN BB 120 -46.11 -91.77 -62.49
N GLY BB 121 -46.39 -90.79 -61.65
CA GLY BB 121 -46.69 -91.00 -60.25
C GLY BB 121 -45.82 -91.98 -59.49
N ALA BB 122 -44.58 -92.15 -59.94
CA ALA BB 122 -43.64 -93.06 -59.31
C ALA BB 122 -42.44 -92.27 -58.82
N PHE BB 123 -41.79 -92.79 -57.79
CA PHE BB 123 -40.69 -92.06 -57.16
C PHE BB 123 -39.85 -93.04 -56.37
N THR BB 124 -38.55 -92.76 -56.31
CA THR BB 124 -37.59 -93.58 -55.60
C THR BB 124 -36.95 -92.74 -54.50
N TYR BB 125 -37.08 -93.20 -53.26
CA TYR BB 125 -36.50 -92.52 -52.11
C TYR BB 125 -35.30 -93.35 -51.66
N THR BB 126 -34.12 -92.93 -52.05
CA THR BB 126 -32.89 -93.60 -51.60
C THR BB 126 -32.47 -92.96 -50.29
N PRO BB 127 -32.63 -93.65 -49.16
CA PRO BB 127 -32.30 -93.02 -47.88
C PRO BB 127 -30.82 -92.74 -47.77
N GLY BB 128 -30.49 -91.65 -47.09
CA GLY BB 128 -29.10 -91.31 -46.89
C GLY BB 128 -28.36 -92.40 -46.13
N ALA BB 129 -27.17 -92.74 -46.64
CA ALA BB 129 -26.38 -93.83 -46.07
C ALA BB 129 -26.07 -93.54 -44.60
N LEU BB 130 -26.09 -94.60 -43.80
CA LEU BB 130 -25.86 -94.51 -42.35
C LEU BB 130 -26.83 -93.54 -41.69
N PHE BB 131 -28.12 -93.87 -41.80
CA PHE BB 131 -29.17 -93.06 -41.20
C PHE BB 131 -30.39 -93.93 -40.97
N THR BB 132 -31.00 -93.79 -39.79
CA THR BB 132 -32.22 -94.53 -39.48
C THR BB 132 -33.12 -93.63 -38.66
N GLY BB 133 -34.24 -93.23 -39.22
CA GLY BB 133 -35.20 -92.41 -38.52
C GLY BB 133 -36.47 -92.30 -39.31
N VAL BB 134 -37.08 -91.11 -39.28
CA VAL BB 134 -38.27 -90.82 -40.06
C VAL BB 134 -37.96 -89.69 -41.01
N ASP BB 135 -38.58 -89.70 -42.18
CA ASP BB 135 -38.33 -88.68 -43.18
C ASP BB 135 -39.61 -88.39 -43.94
N ARG BB 136 -39.83 -87.12 -44.25
CA ARG BB 136 -41.02 -86.66 -44.94
C ARG BB 136 -40.66 -85.90 -46.19
N PHE BB 137 -41.63 -85.79 -47.09
CA PHE BB 137 -41.55 -84.85 -48.21
C PHE BB 137 -42.97 -84.57 -48.66
N TRP BB 138 -43.17 -83.39 -49.23
CA TRP BB 138 -44.49 -82.88 -49.56
C TRP BB 138 -44.64 -82.82 -51.07
N PHE BB 139 -45.51 -83.66 -51.61
CA PHE BB 139 -45.82 -83.68 -53.02
C PHE BB 139 -47.03 -82.79 -53.30
N SER BB 140 -47.22 -82.48 -54.58
CA SER BB 140 -48.34 -81.62 -55.00
C SER BB 140 -48.95 -82.22 -56.26
N ILE BB 141 -49.96 -83.08 -56.08
CA ILE BB 141 -50.65 -83.69 -57.20
C ILE BB 141 -51.67 -82.67 -57.72
N ASN BB 142 -51.28 -81.94 -58.75
CA ASN BB 142 -52.19 -81.03 -59.44
C ASN BB 142 -52.66 -79.92 -58.50
N GLY BB 143 -51.69 -79.20 -57.95
CA GLY BB 143 -51.99 -78.06 -57.10
C GLY BB 143 -52.27 -78.42 -55.65
N ASN BB 144 -52.91 -79.57 -55.42
CA ASN BB 144 -53.27 -79.98 -54.08
C ASN BB 144 -52.09 -80.69 -53.42
N ILE BB 145 -51.78 -80.31 -52.18
CA ILE BB 145 -50.57 -80.74 -51.51
C ILE BB 145 -50.91 -81.74 -50.42
N GLY BB 146 -50.07 -82.75 -50.26
CA GLY BB 146 -50.15 -83.70 -49.19
C GLY BB 146 -48.73 -84.09 -48.83
N GLU BB 147 -48.59 -84.96 -47.84
CA GLU BB 147 -47.26 -85.38 -47.40
C GLU BB 147 -47.14 -86.89 -47.45
N TYR BB 148 -45.92 -87.35 -47.72
CA TYR BB 148 -45.57 -88.76 -47.69
C TYR BB 148 -44.54 -88.98 -46.60
N VAL BB 149 -44.81 -89.90 -45.69
CA VAL BB 149 -43.95 -90.14 -44.54
C VAL BB 149 -43.32 -91.50 -44.69
N ILE BB 150 -41.99 -91.54 -44.63
CA ILE BB 150 -41.23 -92.78 -44.69
C ILE BB 150 -40.40 -92.90 -43.42
N SER BB 151 -40.36 -94.12 -42.88
CA SER BB 151 -39.59 -94.42 -41.67
C SER BB 151 -38.57 -95.49 -42.02
N VAL BB 152 -37.29 -95.20 -41.79
CA VAL BB 152 -36.20 -96.10 -42.11
C VAL BB 152 -35.72 -96.76 -40.82
N ASP BB 153 -35.69 -98.08 -40.81
CA ASP BB 153 -35.45 -98.91 -39.64
C ASP BB 153 -33.97 -99.26 -39.53
N PRO BB 154 -33.47 -99.52 -38.32
CA PRO BB 154 -32.04 -99.81 -38.16
C PRO BB 154 -31.73 -101.28 -38.35
N THR BB 155 -32.42 -101.89 -39.32
CA THR BB 155 -32.24 -103.24 -39.82
C THR BB 155 -32.71 -104.32 -38.83
N THR BB 156 -32.98 -103.96 -37.58
CA THR BB 156 -33.35 -105.05 -36.68
C THR BB 156 -34.84 -105.37 -36.73
N SER BB 157 -35.67 -104.57 -36.07
CA SER BB 157 -37.07 -104.97 -35.99
C SER BB 157 -38.02 -104.29 -36.97
N GLU BB 158 -38.49 -103.10 -36.59
CA GLU BB 158 -39.50 -102.31 -37.30
C GLU BB 158 -39.69 -101.00 -36.54
N LEU BB 159 -39.80 -99.85 -37.22
CA LEU BB 159 -40.07 -98.62 -36.50
C LEU BB 159 -41.57 -98.38 -36.34
N PRO BB 160 -41.97 -97.65 -35.30
CA PRO BB 160 -43.38 -97.25 -35.14
C PRO BB 160 -43.80 -96.17 -36.13
N GLN BB 161 -44.99 -95.61 -35.97
CA GLN BB 161 -45.65 -94.84 -37.02
C GLN BB 161 -46.01 -93.45 -36.53
N PRO BB 162 -45.40 -92.40 -37.11
CA PRO BB 162 -45.58 -91.03 -36.59
C PRO BB 162 -46.91 -90.44 -36.99
N PRO BB 163 -47.37 -89.40 -36.28
CA PRO BB 163 -48.77 -89.00 -36.36
C PRO BB 163 -49.20 -88.03 -37.47
N PHE BB 164 -48.47 -87.91 -38.58
CA PHE BB 164 -49.01 -87.17 -39.73
C PHE BB 164 -49.34 -85.71 -39.45
N THR BB 165 -48.31 -84.87 -39.34
CA THR BB 165 -48.43 -83.47 -38.94
C THR BB 165 -49.68 -82.78 -39.47
N THR BB 166 -50.33 -82.02 -38.60
CA THR BB 166 -51.57 -81.32 -38.88
C THR BB 166 -51.30 -80.00 -39.59
N PRO BB 167 -52.34 -79.34 -40.13
CA PRO BB 167 -52.12 -78.05 -40.80
C PRO BB 167 -51.49 -77.00 -39.93
N VAL BB 168 -52.07 -76.72 -38.77
CA VAL BB 168 -51.51 -75.79 -37.81
C VAL BB 168 -51.21 -76.55 -36.53
N TYR BB 169 -50.03 -76.31 -35.97
CA TYR BB 169 -49.61 -77.02 -34.78
C TYR BB 169 -48.79 -76.10 -33.90
N VAL BB 170 -48.62 -76.53 -32.65
CA VAL BB 170 -47.78 -75.83 -31.69
C VAL BB 170 -46.74 -76.83 -31.18
N PRO BB 171 -45.47 -76.69 -31.59
CA PRO BB 171 -44.45 -77.69 -31.26
C PRO BB 171 -44.48 -78.18 -29.83
N ALA BB 172 -44.29 -79.49 -29.67
CA ALA BB 172 -44.41 -80.20 -28.39
C ALA BB 172 -43.76 -79.47 -27.23
N ALA BB 173 -42.46 -79.19 -27.33
CA ALA BB 173 -41.80 -78.51 -26.23
C ALA BB 173 -40.83 -77.47 -26.72
N ARG BB 174 -41.33 -76.27 -26.98
CA ARG BB 174 -40.53 -75.11 -27.34
C ARG BB 174 -41.11 -73.88 -26.67
N ARG BB 175 -41.88 -74.10 -25.61
CA ARG BB 175 -42.63 -73.06 -24.92
C ARG BB 175 -41.87 -72.68 -23.67
N SER BB 176 -41.99 -71.43 -23.26
CA SER BB 176 -41.36 -71.07 -22.00
C SER BB 176 -41.97 -69.79 -21.47
N VAL BB 177 -41.68 -69.53 -20.20
CA VAL BB 177 -42.22 -68.40 -19.47
C VAL BB 177 -41.13 -67.85 -18.58
N ASP BB 178 -40.93 -66.54 -18.61
CA ASP BB 178 -39.97 -65.89 -17.73
C ASP BB 178 -40.76 -65.27 -16.58
N PRO BB 179 -40.75 -65.86 -15.38
CA PRO BB 179 -41.56 -65.30 -14.29
C PRO BB 179 -41.11 -63.93 -13.86
N ARG BB 180 -39.98 -63.46 -14.37
CA ARG BB 180 -39.36 -62.19 -14.03
C ARG BB 180 -40.01 -61.02 -14.75
N THR BB 181 -40.67 -61.26 -15.88
CA THR BB 181 -41.35 -60.20 -16.62
C THR BB 181 -42.71 -60.64 -17.15
N HIS BB 182 -43.17 -61.83 -16.78
CA HIS BB 182 -44.51 -62.30 -17.12
C HIS BB 182 -44.73 -62.33 -18.63
N VAL BB 183 -43.92 -63.15 -19.30
CA VAL BB 183 -44.00 -63.25 -20.75
C VAL BB 183 -43.94 -64.71 -21.14
N LEU BB 184 -44.90 -65.14 -21.93
CA LEU BB 184 -44.97 -66.51 -22.43
C LEU BB 184 -44.53 -66.54 -23.89
N LYS BB 185 -43.63 -67.45 -24.22
CA LYS BB 185 -43.13 -67.63 -25.57
C LYS BB 185 -43.55 -69.00 -26.07
N PHE BB 186 -44.04 -69.06 -27.30
CA PHE BB 186 -44.31 -70.34 -27.93
C PHE BB 186 -44.19 -70.18 -29.43
N VAL BB 187 -44.03 -71.29 -30.10
CA VAL BB 187 -43.81 -71.33 -31.53
C VAL BB 187 -45.10 -71.78 -32.20
N LEU BB 188 -45.37 -71.23 -33.39
CA LEU BB 188 -46.58 -71.58 -34.14
C LEU BB 188 -46.16 -71.93 -35.55
N GLY BB 189 -46.33 -73.19 -35.92
CA GLY BB 189 -45.90 -73.68 -37.22
C GLY BB 189 -47.08 -74.04 -38.08
N VAL BB 190 -46.97 -73.76 -39.38
CA VAL BB 190 -48.03 -74.01 -40.35
C VAL BB 190 -47.50 -75.01 -41.36
N SER BB 191 -48.22 -76.11 -41.55
CA SER BB 191 -47.78 -77.12 -42.50
C SER BB 191 -47.88 -76.57 -43.91
N PRO BB 192 -47.13 -77.13 -44.86
CA PRO BB 192 -47.25 -76.69 -46.26
C PRO BB 192 -48.56 -77.09 -46.90
N ALA BB 193 -49.36 -77.94 -46.26
CA ALA BB 193 -50.61 -78.40 -46.82
C ALA BB 193 -51.81 -77.60 -46.32
N ALA BB 194 -51.59 -76.58 -45.50
CA ALA BB 194 -52.69 -75.74 -45.06
C ALA BB 194 -53.26 -74.98 -46.24
N ILE BB 195 -54.59 -74.98 -46.36
CA ILE BB 195 -55.24 -74.38 -47.52
C ILE BB 195 -55.54 -72.92 -47.22
N PRO BB 196 -55.16 -72.00 -48.10
CA PRO BB 196 -55.39 -70.58 -47.82
C PRO BB 196 -56.87 -70.27 -47.68
N GLY BB 197 -57.18 -69.36 -46.76
CA GLY BB 197 -58.54 -69.00 -46.47
C GLY BB 197 -59.14 -69.66 -45.25
N ASP BB 198 -58.54 -70.74 -44.76
CA ASP BB 198 -59.06 -71.42 -43.59
C ASP BB 198 -58.81 -70.59 -42.34
N VAL BB 199 -59.51 -70.96 -41.27
CA VAL BB 199 -59.38 -70.32 -39.97
C VAL BB 199 -59.32 -71.40 -38.91
N TYR BB 200 -58.34 -71.31 -38.03
CA TYR BB 200 -58.23 -72.18 -36.87
C TYR BB 200 -58.26 -71.34 -35.60
N ARG BB 201 -58.52 -72.00 -34.48
CA ARG BB 201 -58.63 -71.31 -33.21
C ARG BB 201 -57.72 -71.96 -32.19
N LEU BB 202 -56.86 -71.17 -31.57
CA LEU BB 202 -55.94 -71.64 -30.55
C LEU BB 202 -56.37 -71.09 -29.20
N THR BB 203 -56.57 -71.97 -28.23
CA THR BB 203 -56.92 -71.59 -26.88
C THR BB 203 -55.75 -71.87 -25.95
N VAL BB 204 -55.40 -70.88 -25.14
CA VAL BB 204 -54.25 -70.93 -24.24
C VAL BB 204 -54.75 -70.81 -22.81
N ARG BB 205 -54.39 -71.78 -21.97
CA ARG BB 205 -54.76 -71.77 -20.57
C ARG BB 205 -53.49 -71.66 -19.74
N GLN BB 206 -53.26 -70.50 -19.16
CA GLN BB 206 -52.04 -70.20 -18.44
C GLN BB 206 -52.34 -70.01 -16.97
N VAL BB 207 -51.50 -70.58 -16.11
CA VAL BB 207 -51.68 -70.51 -14.67
C VAL BB 207 -50.60 -69.60 -14.08
N ALA BB 208 -51.02 -68.65 -13.28
CA ALA BB 208 -50.12 -67.94 -12.41
C ALA BB 208 -50.07 -68.72 -11.11
N ILE BB 209 -49.44 -68.15 -10.09
CA ILE BB 209 -49.29 -68.86 -8.82
C ILE BB 209 -49.17 -67.84 -7.72
N ASP BB 210 -49.81 -68.10 -6.59
CA ASP BB 210 -49.71 -67.19 -5.46
C ASP BB 210 -48.60 -67.66 -4.55
N CYS BB 211 -48.28 -66.81 -3.58
CA CYS BB 211 -46.97 -66.89 -2.96
C CYS BB 211 -46.88 -68.11 -2.04
N ASP BB 212 -48.02 -68.75 -1.75
CA ASP BB 212 -48.10 -70.08 -1.12
C ASP BB 212 -48.21 -71.22 -2.12
N GLY BB 213 -48.25 -70.95 -3.41
CA GLY BB 213 -48.30 -72.00 -4.39
C GLY BB 213 -49.66 -72.40 -4.90
N ASN BB 214 -50.71 -71.64 -4.61
CA ASN BB 214 -52.02 -71.93 -5.17
C ASN BB 214 -52.10 -71.38 -6.58
N GLU BB 215 -53.28 -71.40 -7.20
CA GLU BB 215 -53.31 -71.26 -8.65
C GLU BB 215 -54.26 -70.14 -9.06
N PHE BB 216 -53.91 -69.47 -10.15
CA PHE BB 216 -54.76 -68.48 -10.80
C PHE BB 216 -54.75 -68.79 -12.28
N VAL BB 217 -55.90 -69.19 -12.81
CA VAL BB 217 -56.00 -69.62 -14.20
C VAL BB 217 -56.45 -68.45 -15.07
N HIS BB 218 -56.03 -68.46 -16.33
CA HIS BB 218 -56.36 -67.43 -17.30
C HIS BB 218 -56.51 -68.08 -18.67
N ILE BB 219 -57.58 -67.76 -19.36
CA ILE BB 219 -57.89 -68.38 -20.65
C ILE BB 219 -58.11 -67.30 -21.70
N SER BB 220 -57.55 -67.50 -22.89
CA SER BB 220 -57.76 -66.62 -24.03
C SER BB 220 -57.67 -67.44 -25.30
N CYS BB 221 -58.06 -66.85 -26.43
CA CYS BB 221 -57.98 -67.55 -27.70
C CYS BB 221 -57.29 -66.67 -28.73
N TYR BB 222 -56.86 -67.29 -29.82
CA TYR BB 222 -56.37 -66.59 -30.98
C TYR BB 222 -56.90 -67.27 -32.23
N ASP BB 223 -57.24 -66.47 -33.23
CA ASP BB 223 -57.82 -66.94 -34.48
C ASP BB 223 -56.75 -66.90 -35.56
N ILE BB 224 -56.24 -68.08 -35.91
CA ILE BB 224 -55.19 -68.21 -36.91
C ILE BB 224 -55.84 -68.36 -38.27
N SER BB 225 -55.68 -67.37 -39.13
CA SER BB 225 -56.32 -67.36 -40.44
C SER BB 225 -55.25 -67.64 -41.49
N ILE BB 226 -55.30 -68.84 -42.08
CA ILE BB 226 -54.29 -69.25 -43.04
C ILE BB 226 -54.45 -68.40 -44.30
N GLY BB 227 -53.54 -67.45 -44.48
CA GLY BB 227 -53.47 -66.70 -45.71
C GLY BB 227 -52.35 -67.23 -46.59
N SER BB 228 -52.47 -66.92 -47.88
CA SER BB 228 -51.41 -67.16 -48.82
C SER BB 228 -50.81 -65.81 -49.19
N CYS BB 229 -49.50 -65.83 -49.44
CA CYS BB 229 -48.75 -64.60 -49.66
C CYS BB 229 -48.81 -63.66 -48.46
N GLY BB 230 -48.22 -64.13 -47.36
CA GLY BB 230 -48.13 -63.32 -46.17
C GLY BB 230 -49.39 -63.38 -45.36
N MET CB 1 -57.12 -58.98 -11.78
CA MET CB 1 -57.50 -58.81 -10.39
C MET CB 1 -58.50 -57.67 -10.24
N TYR CB 2 -59.66 -57.97 -9.67
CA TYR CB 2 -60.67 -56.97 -9.39
C TYR CB 2 -60.32 -56.21 -8.13
N PHE CB 3 -60.62 -54.92 -8.12
CA PHE CB 3 -60.39 -54.11 -6.93
C PHE CB 3 -61.62 -53.25 -6.69
N PHE CB 4 -62.26 -53.45 -5.55
CA PHE CB 4 -63.45 -52.69 -5.19
C PHE CB 4 -63.18 -51.88 -3.93
N SER CB 5 -63.76 -50.69 -3.88
CA SER CB 5 -63.77 -49.88 -2.68
C SER CB 5 -65.19 -49.88 -2.13
N VAL CB 6 -65.32 -50.07 -0.83
CA VAL CB 6 -66.62 -50.26 -0.20
C VAL CB 6 -67.22 -48.91 0.14
N ASP CB 7 -68.54 -48.87 0.24
CA ASP CB 7 -69.20 -47.61 0.55
C ASP CB 7 -69.15 -47.35 2.05
N PRO CB 8 -68.82 -46.13 2.46
CA PRO CB 8 -68.33 -45.93 3.83
C PRO CB 8 -69.39 -45.72 4.89
N ARG CB 9 -70.68 -45.78 4.56
CA ARG CB 9 -71.76 -45.64 5.54
C ARG CB 9 -71.68 -44.32 6.29
N ASN CB 10 -71.65 -43.22 5.53
CA ASN CB 10 -71.67 -41.87 6.07
C ASN CB 10 -73.01 -41.18 5.93
N GLY CB 11 -73.91 -41.72 5.13
CA GLY CB 11 -75.03 -40.93 4.63
C GLY CB 11 -74.68 -40.16 3.39
N ALA CB 12 -73.64 -40.58 2.67
CA ALA CB 12 -73.16 -39.87 1.50
C ALA CB 12 -72.64 -40.86 0.46
N SER CB 13 -71.84 -40.36 -0.49
CA SER CB 13 -71.31 -41.20 -1.56
C SER CB 13 -70.29 -42.23 -1.06
N SER CB 21 -76.55 -49.73 -12.25
CA SER CB 21 -77.97 -49.47 -12.07
C SER CB 21 -78.52 -50.25 -10.86
N CYS CB 22 -78.00 -51.46 -10.66
CA CYS CB 22 -78.43 -52.27 -9.53
C CYS CB 22 -77.79 -51.85 -8.23
N CYS CB 23 -78.18 -52.58 -7.19
CA CYS CB 23 -77.61 -52.45 -5.87
C CYS CB 23 -76.18 -52.98 -5.81
N CYS CB 24 -75.97 -54.24 -6.14
CA CYS CB 24 -74.69 -54.90 -5.96
C CYS CB 24 -73.85 -54.74 -7.22
N GLU CB 25 -72.57 -54.40 -7.03
CA GLU CB 25 -71.68 -54.14 -8.16
C GLU CB 25 -71.37 -55.43 -8.91
N SER CB 26 -70.66 -55.29 -10.02
CA SER CB 26 -70.58 -56.31 -11.05
C SER CB 26 -69.18 -56.90 -11.17
N ILE CB 27 -69.15 -58.19 -11.48
CA ILE CB 27 -67.92 -58.95 -11.70
C ILE CB 27 -68.15 -59.84 -12.91
N SER CB 28 -67.38 -59.62 -13.97
CA SER CB 28 -67.49 -60.48 -15.13
C SER CB 28 -66.57 -61.68 -14.99
N ALA CB 29 -67.03 -62.83 -15.47
CA ALA CB 29 -66.30 -64.06 -15.26
C ALA CB 29 -66.41 -64.93 -16.49
N ARG CB 30 -65.38 -65.74 -16.73
CA ARG CB 30 -65.28 -66.61 -17.89
C ARG CB 30 -65.13 -68.05 -17.45
N PRO CB 31 -65.86 -68.99 -18.05
CA PRO CB 31 -65.84 -70.37 -17.57
C PRO CB 31 -64.45 -71.00 -17.62
N GLY CB 32 -63.98 -71.49 -16.48
CA GLY CB 32 -62.68 -72.11 -16.37
C GLY CB 32 -61.66 -71.26 -15.63
N GLU CB 33 -61.85 -69.95 -15.58
CA GLU CB 33 -60.92 -69.06 -14.94
C GLU CB 33 -60.88 -69.27 -13.43
N VAL CB 34 -59.84 -68.73 -12.81
CA VAL CB 34 -59.74 -68.56 -11.37
C VAL CB 34 -59.07 -67.23 -11.15
N ASN CB 35 -59.85 -66.23 -10.76
CA ASN CB 35 -59.36 -64.86 -10.69
C ASN CB 35 -59.14 -64.47 -9.22
N GLY CB 36 -58.76 -63.21 -8.98
CA GLY CB 36 -58.57 -62.75 -7.62
C GLY CB 36 -59.24 -61.42 -7.39
N VAL CB 37 -59.86 -61.24 -6.23
CA VAL CB 37 -60.65 -60.05 -5.92
C VAL CB 37 -60.09 -59.39 -4.67
N MET CB 38 -59.97 -58.07 -4.70
CA MET CB 38 -59.52 -57.29 -3.56
C MET CB 38 -60.56 -56.24 -3.21
N VAL CB 39 -60.89 -56.16 -1.93
CA VAL CB 39 -61.88 -55.21 -1.43
C VAL CB 39 -61.22 -54.36 -0.36
N SER CB 40 -61.33 -53.04 -0.50
CA SER CB 40 -60.63 -52.10 0.37
C SER CB 40 -61.63 -51.49 1.34
N TYR CB 41 -61.65 -52.01 2.56
CA TYR CB 41 -62.54 -51.51 3.60
C TYR CB 41 -62.02 -50.24 4.27
N ALA CB 42 -61.01 -49.59 3.71
CA ALA CB 42 -60.39 -48.45 4.39
C ALA CB 42 -61.40 -47.34 4.62
N ALA CB 43 -62.28 -47.09 3.66
CA ALA CB 43 -63.20 -45.97 3.80
C ALA CB 43 -64.18 -46.16 4.96
N TRP CB 44 -64.45 -47.39 5.36
CA TRP CB 44 -65.42 -47.68 6.41
C TRP CB 44 -64.77 -47.96 7.75
N SER CB 45 -63.67 -48.70 7.76
CA SER CB 45 -63.09 -49.19 8.99
C SER CB 45 -61.97 -48.31 9.52
N ALA CB 46 -61.54 -47.30 8.77
CA ALA CB 46 -60.49 -46.43 9.27
C ALA CB 46 -61.03 -45.43 10.29
N PRO CB 47 -62.13 -44.71 10.04
CA PRO CB 47 -62.69 -43.86 11.09
C PRO CB 47 -63.00 -44.59 12.37
N LEU CB 48 -63.45 -45.83 12.30
CA LEU CB 48 -63.64 -46.65 13.49
C LEU CB 48 -62.28 -47.03 14.06
N ARG CB 49 -61.60 -46.04 14.64
CA ARG CB 49 -60.23 -46.27 15.06
C ARG CB 49 -60.18 -47.42 16.05
N GLY CB 50 -59.62 -48.54 15.64
CA GLY CB 50 -59.59 -49.73 16.45
C GLY CB 50 -58.52 -50.68 15.99
N HIS CB 51 -58.81 -51.98 15.98
CA HIS CB 51 -57.85 -52.98 15.54
C HIS CB 51 -58.14 -53.51 14.14
N GLY CB 52 -58.82 -52.71 13.31
CA GLY CB 52 -58.97 -53.07 11.92
C GLY CB 52 -59.86 -54.28 11.70
N LEU CB 53 -59.62 -54.97 10.58
CA LEU CB 53 -60.44 -56.10 10.19
C LEU CB 53 -60.04 -57.34 10.96
N THR CB 54 -60.88 -58.36 10.92
CA THR CB 54 -60.55 -59.67 11.45
C THR CB 54 -60.89 -60.73 10.42
N ASN CB 55 -60.36 -61.94 10.63
CA ASN CB 55 -60.58 -63.06 9.72
C ASN CB 55 -61.87 -63.79 10.06
N LYS CB 56 -62.96 -63.05 10.07
CA LYS CB 56 -64.28 -63.64 10.24
C LYS CB 56 -65.20 -63.20 9.12
N THR CB 57 -64.74 -63.34 7.88
CA THR CB 57 -65.56 -63.08 6.72
C THR CB 57 -66.42 -64.30 6.41
N THR CB 58 -67.61 -64.04 5.89
CA THR CB 58 -68.53 -65.09 5.51
C THR CB 58 -69.07 -64.78 4.11
N PHE CB 59 -69.10 -65.79 3.25
CA PHE CB 59 -69.54 -65.63 1.88
C PHE CB 59 -70.79 -66.46 1.64
N GLU CB 60 -71.58 -66.06 0.65
CA GLU CB 60 -72.73 -66.85 0.25
C GLU CB 60 -72.98 -66.63 -1.23
N ILE CB 61 -73.20 -67.72 -1.96
CA ILE CB 61 -73.47 -67.67 -3.38
C ILE CB 61 -74.92 -68.07 -3.61
N ASP CB 62 -75.63 -67.27 -4.40
CA ASP CB 62 -77.00 -67.56 -4.79
C ASP CB 62 -77.18 -67.15 -6.25
N GLY CB 63 -77.95 -67.95 -6.98
CA GLY CB 63 -78.17 -67.70 -8.39
C GLY CB 63 -79.36 -66.80 -8.62
N VAL CB 64 -79.19 -65.81 -9.50
CA VAL CB 64 -80.28 -64.97 -9.96
C VAL CB 64 -80.74 -65.37 -11.36
N SER CB 65 -80.02 -66.30 -12.01
CA SER CB 65 -80.33 -66.83 -13.32
C SER CB 65 -79.41 -68.03 -13.54
N VAL CB 66 -79.94 -69.23 -13.77
CA VAL CB 66 -79.15 -70.44 -13.71
C VAL CB 66 -79.09 -71.20 -15.02
N THR CB 67 -80.22 -71.32 -15.74
CA THR CB 67 -80.24 -72.11 -16.97
C THR CB 67 -79.84 -73.55 -16.68
N PRO CB 68 -80.75 -74.35 -16.12
CA PRO CB 68 -80.40 -75.70 -15.62
C PRO CB 68 -79.57 -76.48 -16.62
N PRO CB 69 -78.62 -77.28 -16.15
CA PRO CB 69 -77.73 -77.99 -17.07
C PRO CB 69 -78.44 -79.11 -17.79
N LYS CB 70 -77.90 -79.46 -18.96
CA LYS CB 70 -78.47 -80.54 -19.75
C LYS CB 70 -77.93 -81.89 -19.36
N VAL CB 71 -76.62 -82.01 -19.25
CA VAL CB 71 -75.95 -83.29 -19.03
C VAL CB 71 -75.70 -83.44 -17.53
N SER CB 72 -75.98 -84.61 -17.00
CA SER CB 72 -75.76 -84.83 -15.58
C SER CB 72 -74.28 -85.10 -15.31
N ASN CB 73 -73.89 -84.88 -14.06
CA ASN CB 73 -72.55 -85.27 -13.63
C ASN CB 73 -72.60 -86.71 -13.12
N ALA CB 74 -71.43 -87.24 -12.74
CA ALA CB 74 -71.37 -88.64 -12.37
C ALA CB 74 -70.23 -88.86 -11.40
N PHE CB 75 -70.29 -89.98 -10.68
CA PHE CB 75 -69.25 -90.34 -9.71
C PHE CB 75 -68.89 -91.81 -9.89
N GLY CB 76 -67.58 -92.08 -9.90
CA GLY CB 76 -67.08 -93.44 -9.97
C GLY CB 76 -66.10 -93.69 -8.85
N ARG CB 77 -65.68 -94.96 -8.75
CA ARG CB 77 -64.77 -95.35 -7.69
C ARG CB 77 -63.89 -96.50 -8.15
N THR CB 78 -62.64 -96.48 -7.71
CA THR CB 78 -61.68 -97.51 -8.09
C THR CB 78 -60.62 -97.60 -7.00
N LYS CB 79 -59.97 -98.76 -6.89
CA LYS CB 79 -58.86 -98.90 -5.97
C LYS CB 79 -57.58 -98.40 -6.63
N VAL CB 80 -56.50 -98.35 -5.84
CA VAL CB 80 -55.23 -97.90 -6.41
C VAL CB 80 -54.75 -98.88 -7.47
N GLY CB 81 -54.20 -98.32 -8.55
CA GLY CB 81 -53.54 -99.08 -9.58
C GLY CB 81 -54.44 -99.80 -10.55
N VAL CB 82 -55.68 -100.10 -10.19
CA VAL CB 82 -56.57 -100.85 -11.07
C VAL CB 82 -57.24 -99.89 -12.03
N VAL CB 83 -57.27 -100.26 -13.31
CA VAL CB 83 -57.82 -99.43 -14.37
C VAL CB 83 -59.33 -99.36 -14.18
N PHE CB 84 -59.90 -98.19 -14.47
CA PHE CB 84 -61.32 -97.95 -14.27
C PHE CB 84 -62.00 -97.70 -15.61
N GLU CB 85 -63.16 -98.33 -15.79
CA GLU CB 85 -64.01 -98.11 -16.95
C GLU CB 85 -65.30 -97.44 -16.51
N GLY CB 86 -66.00 -96.88 -17.49
CA GLY CB 86 -67.28 -96.24 -17.24
C GLY CB 86 -67.90 -95.83 -18.55
N THR CB 87 -69.15 -95.43 -18.48
CA THR CB 87 -69.89 -95.03 -19.65
C THR CB 87 -70.13 -93.52 -19.62
N LEU CB 88 -70.46 -92.98 -20.80
CA LEU CB 88 -70.67 -91.55 -20.91
C LEU CB 88 -71.92 -91.27 -21.73
N SER CB 89 -72.91 -92.16 -21.66
CA SER CB 89 -74.11 -92.02 -22.46
C SER CB 89 -75.39 -91.93 -21.65
N ASP CB 90 -75.42 -92.43 -20.42
CA ASP CB 90 -76.56 -92.29 -19.55
C ASP CB 90 -76.54 -90.97 -18.80
N LEU CB 91 -75.62 -90.08 -19.16
CA LEU CB 91 -75.45 -88.79 -18.52
C LEU CB 91 -76.03 -87.68 -19.37
N PHE CB 92 -76.69 -88.03 -20.47
CA PHE CB 92 -77.26 -87.04 -21.40
C PHE CB 92 -78.67 -87.46 -21.76
N PRO CB 93 -79.62 -87.33 -20.83
CA PRO CB 93 -81.01 -87.58 -21.21
C PRO CB 93 -81.45 -86.54 -22.20
N ASN CB 94 -81.65 -86.94 -23.45
CA ASN CB 94 -81.99 -85.96 -24.47
C ASN CB 94 -83.51 -85.91 -24.66
N PRO CB 95 -84.08 -84.72 -24.81
CA PRO CB 95 -85.51 -84.63 -25.14
C PRO CB 95 -85.78 -85.06 -26.57
N GLU CB 96 -84.98 -84.53 -27.49
CA GLU CB 96 -85.21 -84.66 -28.93
C GLU CB 96 -84.36 -85.77 -29.54
N GLY CB 97 -84.38 -85.85 -30.87
CA GLY CB 97 -83.54 -86.77 -31.60
C GLY CB 97 -82.29 -86.12 -32.17
N GLU CB 98 -81.13 -86.63 -31.77
CA GLU CB 98 -79.86 -86.11 -32.26
C GLU CB 98 -78.77 -87.10 -31.87
N GLN CB 99 -77.57 -86.86 -32.39
CA GLN CB 99 -76.40 -87.67 -32.12
C GLN CB 99 -75.51 -87.00 -31.07
N VAL CB 100 -74.63 -87.82 -30.50
CA VAL CB 100 -73.89 -87.49 -29.30
C VAL CB 100 -72.39 -87.47 -29.54
N GLU CB 101 -71.86 -86.29 -29.85
CA GLU CB 101 -70.43 -86.11 -30.09
C GLU CB 101 -69.66 -86.01 -28.78
N TYR CB 102 -69.46 -87.13 -28.11
CA TYR CB 102 -68.70 -87.17 -26.87
C TYR CB 102 -67.31 -86.56 -27.06
N GLU CB 103 -66.89 -85.72 -26.13
CA GLU CB 103 -65.63 -85.02 -26.25
C GLU CB 103 -65.00 -84.79 -24.89
N ILE CB 104 -63.69 -84.97 -24.80
CA ILE CB 104 -62.92 -84.69 -23.59
C ILE CB 104 -61.95 -83.58 -23.93
N SER CB 105 -62.21 -82.37 -23.46
CA SER CB 105 -61.37 -81.22 -23.74
C SER CB 105 -59.99 -81.41 -23.08
N GLU CB 106 -58.93 -81.12 -23.83
CA GLU CB 106 -57.58 -81.24 -23.29
C GLU CB 106 -57.26 -80.15 -22.28
N LEU CB 107 -58.01 -79.05 -22.28
CA LEU CB 107 -57.75 -78.00 -21.30
C LEU CB 107 -58.19 -78.43 -19.91
N ASN CB 108 -59.23 -79.25 -19.85
CA ASN CB 108 -59.82 -79.68 -18.58
C ASN CB 108 -59.79 -81.18 -18.44
N GLY CB 109 -58.69 -81.81 -18.84
CA GLY CB 109 -58.56 -83.23 -18.70
C GLY CB 109 -58.30 -83.63 -17.27
N PRO CB 110 -57.97 -84.88 -17.04
CA PRO CB 110 -57.68 -85.33 -15.67
C PRO CB 110 -56.35 -84.77 -15.17
N SER CB 111 -56.02 -85.05 -13.92
CA SER CB 111 -54.83 -84.48 -13.30
C SER CB 111 -53.80 -85.52 -12.92
N ASN CB 112 -54.22 -86.72 -12.54
CA ASN CB 112 -53.28 -87.78 -12.15
C ASN CB 112 -53.61 -89.09 -12.86
N GLY CB 113 -54.14 -89.01 -14.07
CA GLY CB 113 -54.48 -90.19 -14.85
C GLY CB 113 -54.43 -89.90 -16.33
N VAL CB 114 -55.09 -90.76 -17.11
CA VAL CB 114 -55.24 -90.56 -18.55
C VAL CB 114 -56.58 -91.17 -18.94
N VAL CB 115 -57.25 -90.57 -19.92
CA VAL CB 115 -58.53 -91.08 -20.41
C VAL CB 115 -58.46 -91.25 -21.92
N GLU CB 116 -58.84 -92.43 -22.41
CA GLU CB 116 -58.89 -92.72 -23.85
C GLU CB 116 -60.36 -92.77 -24.20
N LEU CB 117 -60.90 -91.68 -24.76
CA LEU CB 117 -62.30 -91.71 -25.15
C LEU CB 117 -62.52 -92.70 -26.29
N GLY CB 118 -63.48 -93.60 -26.11
CA GLY CB 118 -63.78 -94.61 -27.10
C GLY CB 118 -64.58 -94.04 -28.25
N ALA CB 119 -65.10 -94.95 -29.07
CA ALA CB 119 -65.91 -94.53 -30.21
C ALA CB 119 -67.33 -94.16 -29.78
N ASN CB 120 -67.88 -94.87 -28.81
CA ASN CB 120 -69.25 -94.66 -28.36
C ASN CB 120 -69.27 -94.49 -26.85
N GLY CB 121 -69.26 -93.25 -26.38
CA GLY CB 121 -69.50 -92.91 -24.99
C GLY CB 121 -68.79 -93.74 -23.95
N ALA CB 122 -67.66 -94.32 -24.32
CA ALA CB 122 -66.89 -95.16 -23.40
C ALA CB 122 -65.51 -94.55 -23.22
N PHE CB 123 -64.92 -94.82 -22.06
CA PHE CB 123 -63.64 -94.20 -21.73
C PHE CB 123 -62.97 -95.02 -20.65
N THR CB 124 -61.64 -95.03 -20.69
CA THR CB 124 -60.83 -95.76 -19.73
C THR CB 124 -59.94 -94.78 -18.99
N TYR CB 125 -60.07 -94.74 -17.68
CA TYR CB 125 -59.27 -93.87 -16.83
C TYR CB 125 -58.25 -94.75 -16.11
N THR CB 126 -57.03 -94.78 -16.62
CA THR CB 126 -55.95 -95.50 -15.97
C THR CB 126 -55.30 -94.57 -14.96
N PRO CB 127 -55.51 -94.79 -13.66
CA PRO CB 127 -54.96 -93.87 -12.67
C PRO CB 127 -53.44 -93.90 -12.66
N GLY CB 128 -52.83 -92.75 -12.40
CA GLY CB 128 -51.39 -92.70 -12.33
C GLY CB 128 -50.85 -93.61 -11.24
N ALA CB 129 -49.81 -94.35 -11.60
CA ALA CB 129 -49.24 -95.33 -10.68
C ALA CB 129 -48.75 -94.66 -9.41
N LEU CB 130 -48.94 -95.35 -8.28
CA LEU CB 130 -48.58 -94.84 -6.96
C LEU CB 130 -49.27 -93.50 -6.69
N PHE CB 131 -50.60 -93.55 -6.67
CA PHE CB 131 -51.40 -92.38 -6.39
C PHE CB 131 -52.76 -92.81 -5.87
N THR CB 132 -53.23 -92.15 -4.82
CA THR CB 132 -54.56 -92.45 -4.28
C THR CB 132 -55.18 -91.14 -3.81
N GLY CB 133 -56.22 -90.71 -4.48
CA GLY CB 133 -56.92 -89.50 -4.11
C GLY CB 133 -58.20 -89.38 -4.88
N VAL CB 134 -58.54 -88.15 -5.27
CA VAL CB 134 -59.70 -87.87 -6.09
C VAL CB 134 -59.22 -87.22 -7.39
N ASP CB 135 -59.93 -87.48 -8.47
CA ASP CB 135 -59.54 -86.94 -9.76
C ASP CB 135 -60.78 -86.65 -10.58
N ARG CB 136 -60.75 -85.54 -11.32
CA ARG CB 136 -61.86 -85.08 -12.12
C ARG CB 136 -61.44 -84.89 -13.56
N PHE CB 137 -62.43 -84.87 -14.44
CA PHE CB 137 -62.24 -84.41 -15.81
C PHE CB 137 -63.61 -83.97 -16.34
N TRP CB 138 -63.58 -83.05 -17.28
CA TRP CB 138 -64.79 -82.40 -17.76
C TRP CB 138 -65.04 -82.81 -19.21
N PHE CB 139 -66.11 -83.56 -19.42
CA PHE CB 139 -66.53 -83.98 -20.74
C PHE CB 139 -67.54 -82.99 -21.31
N SER CB 140 -67.76 -83.09 -22.62
CA SER CB 140 -68.69 -82.20 -23.31
C SER CB 140 -69.51 -83.03 -24.28
N ILE CB 141 -70.67 -83.52 -23.83
CA ILE CB 141 -71.56 -84.29 -24.67
C ILE CB 141 -72.37 -83.31 -25.51
N ASN CB 142 -71.92 -83.08 -26.73
CA ASN CB 142 -72.66 -82.26 -27.69
C ASN CB 142 -72.81 -80.84 -27.19
N GLY CB 143 -71.66 -80.21 -26.91
CA GLY CB 143 -71.65 -78.81 -26.51
C GLY CB 143 -71.89 -78.60 -25.03
N ASN CB 144 -72.74 -79.42 -24.43
CA ASN CB 144 -73.06 -79.27 -23.01
C ASN CB 144 -72.02 -79.96 -22.15
N ILE CB 145 -71.54 -79.27 -21.13
CA ILE CB 145 -70.40 -79.71 -20.34
C ILE CB 145 -70.87 -80.17 -18.97
N GLY CB 146 -70.25 -81.24 -18.47
CA GLY CB 146 -70.44 -81.74 -17.13
C GLY CB 146 -69.12 -82.29 -16.67
N GLU CB 147 -69.09 -82.78 -15.43
CA GLU CB 147 -67.85 -83.32 -14.88
C GLU CB 147 -68.06 -84.75 -14.40
N TYR CB 148 -67.00 -85.54 -14.49
CA TYR CB 148 -66.96 -86.90 -13.99
C TYR CB 148 -65.91 -86.96 -12.89
N VAL CB 149 -66.31 -87.43 -11.72
CA VAL CB 149 -65.44 -87.46 -10.55
C VAL CB 149 -65.11 -88.91 -10.22
N ILE CB 150 -63.83 -89.22 -10.13
CA ILE CB 150 -63.35 -90.54 -9.78
C ILE CB 150 -62.48 -90.42 -8.54
N SER CB 151 -62.65 -91.35 -7.61
CA SER CB 151 -61.88 -91.41 -6.38
C SER CB 151 -61.13 -92.73 -6.33
N VAL CB 152 -59.81 -92.67 -6.22
CA VAL CB 152 -58.97 -93.86 -6.20
C VAL CB 152 -58.55 -94.13 -4.76
N ASP CB 153 -58.80 -95.35 -4.31
CA ASP CB 153 -58.65 -95.76 -2.92
C ASP CB 153 -57.29 -96.38 -2.69
N PRO CB 154 -56.75 -96.32 -1.46
CA PRO CB 154 -55.41 -96.86 -1.22
C PRO CB 154 -55.44 -98.34 -0.88
N THR CB 155 -56.31 -99.06 -1.58
CA THR CB 155 -56.46 -100.52 -1.58
C THR CB 155 -57.07 -101.05 -0.28
N THR CB 156 -57.16 -100.25 0.77
CA THR CB 156 -57.69 -100.86 1.98
C THR CB 156 -59.21 -100.83 2.04
N SER CB 157 -59.80 -99.69 2.39
CA SER CB 157 -61.25 -99.70 2.61
C SER CB 157 -62.10 -99.20 1.45
N GLU CB 158 -62.27 -97.87 1.38
CA GLU CB 158 -63.15 -97.16 0.46
C GLU CB 158 -63.00 -95.66 0.71
N LEU CB 159 -62.90 -94.83 -0.32
CA LEU CB 159 -62.85 -93.39 -0.06
C LEU CB 159 -64.24 -92.78 0.00
N PRO CB 160 -64.41 -91.67 0.72
CA PRO CB 160 -65.68 -90.94 0.72
C PRO CB 160 -65.92 -90.19 -0.58
N GLN CB 161 -66.96 -89.34 -0.61
CA GLN CB 161 -67.51 -88.85 -1.88
C GLN CB 161 -67.52 -87.32 -1.88
N PRO CB 162 -66.76 -86.70 -2.79
CA PRO CB 162 -66.59 -85.24 -2.78
C PRO CB 162 -67.80 -84.52 -3.37
N PRO CB 163 -67.97 -83.24 -3.05
CA PRO CB 163 -69.26 -82.57 -3.27
C PRO CB 163 -69.55 -81.96 -4.64
N PHE CB 164 -68.90 -82.39 -5.72
CA PHE CB 164 -69.35 -81.99 -7.06
C PHE CB 164 -69.34 -80.48 -7.31
N THR CB 165 -68.14 -79.91 -7.49
CA THR CB 165 -67.94 -78.47 -7.60
C THR CB 165 -69.05 -77.74 -8.34
N THR CB 166 -69.45 -76.60 -7.78
CA THR CB 166 -70.54 -75.76 -8.29
C THR CB 166 -70.04 -74.85 -9.39
N PRO CB 167 -70.95 -74.20 -10.13
CA PRO CB 167 -70.52 -73.30 -11.22
C PRO CB 167 -69.60 -72.19 -10.76
N VAL CB 168 -70.02 -71.41 -9.77
CA VAL CB 168 -69.21 -70.36 -9.19
C VAL CB 168 -68.98 -70.69 -7.72
N TYR CB 169 -67.73 -70.56 -7.28
CA TYR CB 169 -67.39 -70.91 -5.91
C TYR CB 169 -66.32 -69.96 -5.39
N VAL CB 170 -66.15 -69.97 -4.09
CA VAL CB 170 -65.10 -69.20 -3.41
C VAL CB 170 -64.27 -70.17 -2.60
N PRO CB 171 -63.04 -70.48 -3.03
CA PRO CB 171 -62.23 -71.51 -2.37
C PRO CB 171 -62.26 -71.47 -0.86
N ALA CB 172 -62.33 -72.65 -0.26
CA ALA CB 172 -62.52 -72.85 1.17
C ALA CB 172 -61.62 -71.94 2.02
N ALA CB 173 -60.32 -72.00 1.83
CA ALA CB 173 -59.45 -71.17 2.64
C ALA CB 173 -58.31 -70.60 1.81
N ARG CB 174 -58.56 -69.48 1.15
CA ARG CB 174 -57.56 -68.72 0.43
C ARG CB 174 -57.80 -67.24 0.62
N ARG CB 175 -58.53 -66.90 1.69
CA ARG CB 175 -58.98 -65.56 1.99
C ARG CB 175 -58.06 -64.96 3.03
N SER CB 176 -57.89 -63.66 2.98
CA SER CB 176 -57.09 -63.05 4.04
C SER CB 176 -57.38 -61.56 4.09
N VAL CB 177 -56.93 -60.96 5.20
CA VAL CB 177 -57.17 -59.57 5.50
C VAL CB 177 -55.92 -59.01 6.15
N ASP CB 178 -55.45 -57.87 5.65
CA ASP CB 178 -54.32 -57.19 6.26
C ASP CB 178 -54.85 -56.06 7.12
N PRO CB 179 -54.87 -56.20 8.45
CA PRO CB 179 -55.46 -55.14 9.29
C PRO CB 179 -54.69 -53.84 9.22
N ARG CB 180 -53.53 -53.85 8.59
CA ARG CB 180 -52.63 -52.71 8.46
C ARG CB 180 -53.06 -51.73 7.38
N THR CB 181 -53.85 -52.18 6.41
CA THR CB 181 -54.34 -51.30 5.34
C THR CB 181 -55.81 -51.58 5.00
N HIS CB 182 -56.48 -52.43 5.76
CA HIS CB 182 -57.91 -52.68 5.60
C HIS CB 182 -58.25 -53.16 4.19
N VAL CB 183 -57.69 -54.32 3.84
CA VAL CB 183 -57.90 -54.88 2.51
C VAL CB 183 -58.18 -56.35 2.66
N LEU CB 184 -59.27 -56.81 2.06
CA LEU CB 184 -59.67 -58.20 2.06
C LEU CB 184 -59.36 -58.82 0.71
N LYS CB 185 -58.71 -59.97 0.72
CA LYS CB 185 -58.36 -60.70 -0.49
C LYS CB 185 -59.10 -62.03 -0.50
N PHE CB 186 -59.68 -62.38 -1.64
CA PHE CB 186 -60.27 -63.70 -1.78
C PHE CB 186 -60.23 -64.09 -3.24
N VAL CB 187 -60.36 -65.37 -3.48
CA VAL CB 187 -60.27 -65.92 -4.82
C VAL CB 187 -61.67 -66.27 -5.30
N LEU CB 188 -61.92 -66.11 -6.60
CA LEU CB 188 -63.21 -66.40 -7.19
C LEU CB 188 -63.00 -67.30 -8.39
N GLY CB 189 -63.46 -68.53 -8.30
CA GLY CB 189 -63.24 -69.52 -9.35
C GLY CB 189 -64.55 -69.86 -10.04
N VAL CB 190 -64.47 -70.07 -11.35
CA VAL CB 190 -65.63 -70.39 -12.18
C VAL CB 190 -65.40 -71.75 -12.79
N SER CB 191 -66.36 -72.66 -12.60
CA SER CB 191 -66.22 -74.01 -13.13
C SER CB 191 -66.31 -73.95 -14.64
N PRO CB 192 -65.76 -74.96 -15.33
CA PRO CB 192 -65.91 -74.99 -16.80
C PRO CB 192 -67.31 -75.27 -17.26
N ALA CB 193 -68.22 -75.66 -16.38
CA ALA CB 193 -69.60 -75.98 -16.74
C ALA CB 193 -70.54 -74.81 -16.55
N ALA CB 194 -70.04 -73.65 -16.14
CA ALA CB 194 -70.91 -72.48 -16.01
C ALA CB 194 -71.39 -72.06 -17.39
N ILE CB 195 -72.69 -71.80 -17.49
CA ILE CB 195 -73.28 -71.49 -18.80
C ILE CB 195 -73.24 -69.98 -19.01
N PRO CB 196 -72.73 -69.53 -20.15
CA PRO CB 196 -72.63 -68.08 -20.39
C PRO CB 196 -74.01 -67.42 -20.36
N GLY CB 197 -74.05 -66.21 -19.81
CA GLY CB 197 -75.27 -65.47 -19.67
C GLY CB 197 -75.90 -65.53 -18.30
N ASP CB 198 -75.51 -66.50 -17.47
CA ASP CB 198 -76.07 -66.60 -16.13
C ASP CB 198 -75.56 -65.48 -15.24
N VAL CB 199 -76.23 -65.30 -14.11
CA VAL CB 199 -75.86 -64.30 -13.12
C VAL CB 199 -75.96 -64.94 -11.74
N TYR CB 200 -74.91 -64.79 -10.94
CA TYR CB 200 -74.90 -65.23 -9.56
C TYR CB 200 -74.66 -64.03 -8.66
N ARG CB 201 -74.96 -64.19 -7.38
CA ARG CB 201 -74.83 -63.11 -6.43
C ARG CB 201 -74.00 -63.57 -5.24
N LEU CB 202 -72.95 -62.82 -4.93
CA LEU CB 202 -72.07 -63.13 -3.82
C LEU CB 202 -72.27 -62.07 -2.74
N THR CB 203 -72.57 -62.51 -1.52
CA THR CB 203 -72.74 -61.62 -0.38
C THR CB 203 -71.59 -61.83 0.60
N VAL CB 204 -70.96 -60.74 1.01
CA VAL CB 204 -69.79 -60.74 1.88
C VAL CB 204 -70.14 -60.05 3.17
N ARG CB 205 -69.94 -60.73 4.29
CA ARG CB 205 -70.18 -60.17 5.61
C ARG CB 205 -68.86 -60.07 6.36
N GLN CB 206 -68.34 -58.87 6.50
CA GLN CB 206 -67.03 -58.63 7.07
C GLN CB 206 -67.17 -57.89 8.39
N VAL CB 207 -66.40 -58.32 9.39
CA VAL CB 207 -66.46 -57.73 10.71
C VAL CB 207 -65.18 -56.95 10.96
N ALA CB 208 -65.31 -55.71 11.37
CA ALA CB 208 -64.22 -54.97 11.96
C ALA CB 208 -64.24 -55.26 13.45
N ILE CB 209 -63.42 -54.54 14.21
CA ILE CB 209 -63.33 -54.80 15.64
C ILE CB 209 -62.90 -53.52 16.33
N ASP CB 210 -63.51 -53.24 17.47
CA ASP CB 210 -63.13 -52.05 18.22
C ASP CB 210 -62.07 -52.42 19.24
N CYS CB 211 -61.50 -51.40 19.85
CA CYS CB 211 -60.20 -51.56 20.47
C CYS CB 211 -60.30 -52.39 21.75
N ASP CB 212 -61.53 -52.61 22.25
CA ASP CB 212 -61.82 -53.59 23.29
C ASP CB 212 -62.26 -54.95 22.76
N GLY CB 213 -62.35 -55.12 21.45
CA GLY CB 213 -62.69 -56.40 20.88
C GLY CB 213 -64.15 -56.63 20.54
N ASN CB 214 -64.98 -55.60 20.55
CA ASN CB 214 -66.37 -55.76 20.13
C ASN CB 214 -66.43 -55.71 18.61
N GLU CB 215 -67.62 -55.66 18.03
CA GLU CB 215 -67.75 -56.02 16.63
C GLU CB 215 -68.47 -54.92 15.85
N PHE CB 216 -68.06 -54.75 14.60
CA PHE CB 216 -68.73 -53.88 13.65
C PHE CB 216 -68.90 -54.65 12.36
N VAL CB 217 -70.14 -54.94 11.99
CA VAL CB 217 -70.44 -55.78 10.84
C VAL CB 217 -70.69 -54.89 9.63
N HIS CB 218 -70.38 -55.43 8.45
CA HIS CB 218 -70.56 -54.74 7.18
C HIS CB 218 -70.95 -55.75 6.12
N ILE CB 219 -71.99 -55.46 5.35
CA ILE CB 219 -72.51 -56.38 4.36
C ILE CB 219 -72.58 -55.70 3.00
N SER CB 220 -72.17 -56.40 1.96
CA SER CB 220 -72.26 -55.94 0.58
C SER CB 220 -72.46 -57.14 -0.34
N CYS CB 221 -72.80 -56.88 -1.59
CA CYS CB 221 -72.96 -57.97 -2.54
C CYS CB 221 -72.20 -57.67 -3.82
N TYR CB 222 -71.99 -58.70 -4.62
CA TYR CB 222 -71.45 -58.56 -5.96
C TYR CB 222 -72.20 -59.48 -6.90
N ASP CB 223 -72.43 -59.00 -8.12
CA ASP CB 223 -73.20 -59.73 -9.12
C ASP CB 223 -72.24 -60.30 -10.13
N ILE CB 224 -72.02 -61.60 -10.07
CA ILE CB 224 -71.10 -62.29 -10.96
C ILE CB 224 -71.87 -62.75 -12.19
N SER CB 225 -71.57 -62.17 -13.33
CA SER CB 225 -72.29 -62.45 -14.57
C SER CB 225 -71.39 -63.31 -15.46
N ILE CB 226 -71.75 -64.58 -15.60
CA ILE CB 226 -70.93 -65.51 -16.36
C ILE CB 226 -70.99 -65.12 -17.83
N GLY CB 227 -69.92 -64.52 -18.33
CA GLY CB 227 -69.78 -64.26 -19.74
C GLY CB 227 -68.88 -65.29 -20.39
N SER CB 228 -69.02 -65.42 -21.70
CA SER CB 228 -68.11 -66.20 -22.50
C SER CB 228 -67.26 -65.23 -23.30
N CYS CB 229 -66.02 -65.62 -23.53
CA CYS CB 229 -65.04 -64.75 -24.16
C CYS CB 229 -64.81 -63.48 -23.36
N GLY CB 230 -64.25 -63.66 -22.17
CA GLY CB 230 -63.89 -62.55 -21.32
C GLY CB 230 -65.08 -62.03 -20.54
N MET DB 1 -69.07 -44.99 9.43
CA MET DB 1 -69.30 -44.28 10.68
C MET DB 1 -70.01 -42.95 10.43
N TYR DB 2 -71.15 -42.77 11.09
CA TYR DB 2 -71.91 -41.54 11.00
C TYR DB 2 -71.30 -40.50 11.92
N PHE DB 3 -71.32 -39.25 11.48
CA PHE DB 3 -70.83 -38.16 12.32
C PHE DB 3 -71.82 -37.02 12.26
N PHE DB 4 -72.40 -36.67 13.41
CA PHE DB 4 -73.37 -35.59 13.49
C PHE DB 4 -72.83 -34.49 14.39
N SER DB 5 -73.14 -33.26 14.03
CA SER DB 5 -72.88 -32.10 14.88
C SER DB 5 -74.22 -31.59 15.41
N VAL DB 6 -74.27 -31.32 16.70
CA VAL DB 6 -75.52 -30.99 17.37
C VAL DB 6 -75.80 -29.50 17.20
N ASP DB 7 -77.07 -29.13 17.30
CA ASP DB 7 -77.41 -27.72 17.16
C ASP DB 7 -77.18 -27.00 18.48
N PRO DB 8 -76.57 -25.81 18.45
CA PRO DB 8 -75.93 -25.29 19.66
C PRO DB 8 -76.84 -24.49 20.59
N ARG DB 9 -78.14 -24.37 20.30
CA ARG DB 9 -79.08 -23.68 21.18
C ARG DB 9 -78.66 -22.23 21.43
N ASN DB 10 -78.46 -21.49 20.34
CA ASN DB 10 -78.15 -20.07 20.38
C ASN DB 10 -79.32 -19.18 20.02
N GLY DB 11 -80.38 -19.74 19.46
CA GLY DB 11 -81.34 -18.93 18.74
C GLY DB 11 -80.95 -18.72 17.30
N ALA DB 12 -80.09 -19.57 16.76
CA ALA DB 12 -79.58 -19.43 15.41
C ALA DB 12 -79.36 -20.80 14.77
N SER DB 13 -78.56 -20.84 13.71
CA SER DB 13 -78.30 -22.09 12.98
C SER DB 13 -77.49 -23.09 13.80
N SER DB 21 -86.09 -32.28 5.94
CA SER DB 21 -87.41 -31.67 6.03
C SER DB 21 -88.01 -31.85 7.42
N CYS DB 22 -87.74 -33.01 8.03
CA CYS DB 22 -88.23 -33.28 9.37
C CYS DB 22 -87.41 -32.60 10.45
N CYS DB 23 -87.86 -32.84 11.68
CA CYS DB 23 -87.16 -32.40 12.87
C CYS DB 23 -85.87 -33.18 13.09
N CYS DB 24 -85.97 -34.50 13.22
CA CYS DB 24 -84.85 -35.33 13.61
C CYS DB 24 -84.10 -35.79 12.37
N GLU DB 25 -82.77 -35.70 12.41
CA GLU DB 25 -81.93 -36.05 11.26
C GLU DB 25 -81.97 -37.54 11.01
N SER DB 26 -81.34 -37.95 9.90
CA SER DB 26 -81.56 -39.24 9.30
C SER DB 26 -80.33 -40.14 9.37
N ILE DB 27 -80.60 -41.44 9.53
CA ILE DB 27 -79.59 -42.48 9.56
C ILE DB 27 -80.09 -43.65 8.74
N SER DB 28 -79.39 -43.98 7.67
CA SER DB 28 -79.78 -45.13 6.87
C SER DB 28 -79.11 -46.39 7.41
N ALA DB 29 -79.84 -47.50 7.36
CA ALA DB 29 -79.38 -48.72 7.98
C ALA DB 29 -79.78 -49.91 7.12
N ARG DB 30 -78.95 -50.95 7.17
CA ARG DB 30 -79.14 -52.16 6.38
C ARG DB 30 -79.26 -53.37 7.30
N PRO DB 31 -80.22 -54.25 7.06
CA PRO DB 31 -80.44 -55.38 7.99
C PRO DB 31 -79.23 -56.27 8.15
N GLY DB 32 -78.77 -56.45 9.38
CA GLY DB 32 -77.63 -57.27 9.70
C GLY DB 32 -76.40 -56.49 10.08
N GLU DB 33 -76.31 -55.23 9.69
CA GLU DB 33 -75.15 -54.40 9.97
C GLU DB 33 -75.04 -54.10 11.45
N VAL DB 34 -73.86 -53.63 11.84
CA VAL DB 34 -73.61 -53.02 13.14
C VAL DB 34 -72.66 -51.86 12.88
N ASN DB 35 -73.16 -50.65 12.91
CA ASN DB 35 -72.39 -49.49 12.51
C ASN DB 35 -71.98 -48.70 13.74
N GLY DB 36 -71.32 -47.56 13.54
CA GLY DB 36 -70.92 -46.70 14.64
C GLY DB 36 -71.29 -45.25 14.40
N VAL DB 37 -71.75 -44.56 15.44
CA VAL DB 37 -72.24 -43.20 15.33
C VAL DB 37 -71.46 -42.30 16.27
N MET DB 38 -71.06 -41.14 15.78
CA MET DB 38 -70.35 -40.15 16.58
C MET DB 38 -71.12 -38.83 16.55
N VAL DB 39 -71.33 -38.25 17.73
CA VAL DB 39 -72.05 -36.99 17.87
C VAL DB 39 -71.14 -36.00 18.58
N SER DB 40 -70.98 -34.82 17.99
CA SER DB 40 -70.03 -33.82 18.49
C SER DB 40 -70.79 -32.72 19.19
N TYR DB 41 -70.81 -32.78 20.52
CA TYR DB 41 -71.49 -31.78 21.32
C TYR DB 41 -70.67 -30.51 21.51
N ALA DB 42 -69.58 -30.33 20.75
CA ALA DB 42 -68.69 -29.20 20.99
C ALA DB 42 -69.41 -27.87 20.84
N ALA DB 43 -70.31 -27.77 19.85
CA ALA DB 43 -70.96 -26.49 19.61
C ALA DB 43 -71.85 -26.05 20.76
N TRP DB 44 -72.34 -26.99 21.57
CA TRP DB 44 -73.25 -26.68 22.66
C TRP DB 44 -72.57 -26.64 24.01
N SER DB 45 -71.66 -27.56 24.27
CA SER DB 45 -71.08 -27.72 25.60
C SER DB 45 -69.77 -26.98 25.77
N ALA DB 46 -69.19 -26.42 24.72
CA ALA DB 46 -67.94 -25.68 24.89
C ALA DB 46 -68.17 -24.31 25.51
N PRO DB 47 -69.12 -23.49 25.02
CA PRO DB 47 -69.39 -22.23 25.71
C PRO DB 47 -69.74 -22.40 27.18
N LEU DB 48 -70.45 -23.47 27.53
CA LEU DB 48 -70.71 -23.77 28.93
C LEU DB 48 -69.42 -24.23 29.60
N ARG DB 49 -68.49 -23.30 29.79
CA ARG DB 49 -67.17 -23.66 30.26
C ARG DB 49 -67.27 -24.39 31.59
N GLY DB 50 -67.00 -25.69 31.58
CA GLY DB 50 -67.16 -26.52 32.75
C GLY DB 50 -66.35 -27.79 32.65
N HIS DB 51 -66.91 -28.90 33.07
CA HIS DB 51 -66.22 -30.19 33.00
C HIS DB 51 -66.74 -31.06 31.87
N GLY DB 52 -67.30 -30.47 30.84
CA GLY DB 52 -67.64 -31.23 29.65
C GLY DB 52 -68.78 -32.20 29.86
N LEU DB 53 -68.78 -33.26 29.05
CA LEU DB 53 -69.85 -34.24 29.07
C LEU DB 53 -69.65 -35.21 30.22
N THR DB 54 -70.70 -35.97 30.54
CA THR DB 54 -70.61 -37.05 31.50
C THR DB 54 -71.24 -38.31 30.90
N ASN DB 55 -70.96 -39.45 31.51
CA ASN DB 55 -71.48 -40.73 31.04
C ASN DB 55 -72.87 -41.00 31.62
N LYS DB 56 -73.78 -40.07 31.38
CA LYS DB 56 -75.17 -40.26 31.76
C LYS DB 56 -76.07 -40.02 30.56
N THR DB 57 -75.75 -40.66 29.44
CA THR DB 57 -76.59 -40.64 28.26
C THR DB 57 -77.71 -41.66 28.39
N THR DB 58 -78.86 -41.33 27.84
CA THR DB 58 -80.01 -42.21 27.84
C THR DB 58 -80.59 -42.27 26.44
N PHE DB 59 -80.91 -43.47 25.98
CA PHE DB 59 -81.42 -43.68 24.63
C PHE DB 59 -82.83 -44.25 24.71
N GLU DB 60 -83.60 -44.03 23.64
CA GLU DB 60 -84.92 -44.62 23.54
C GLU DB 60 -85.24 -44.87 22.08
N ILE DB 61 -85.74 -46.05 21.77
CA ILE DB 61 -86.12 -46.42 20.42
C ILE DB 61 -87.63 -46.53 20.36
N ASP DB 62 -88.22 -45.92 19.35
CA ASP DB 62 -89.65 -46.00 19.09
C ASP DB 62 -89.86 -46.08 17.58
N GLY DB 63 -90.85 -46.87 17.18
CA GLY DB 63 -91.11 -47.07 15.77
C GLY DB 63 -92.11 -46.05 15.25
N VAL DB 64 -91.81 -45.48 14.08
CA VAL DB 64 -92.73 -44.62 13.37
C VAL DB 64 -93.38 -45.35 12.20
N SER DB 65 -92.93 -46.57 11.90
CA SER DB 65 -93.45 -47.44 10.86
C SER DB 65 -92.83 -48.82 11.06
N VAL DB 66 -93.62 -49.87 11.25
CA VAL DB 66 -93.09 -51.13 11.73
C VAL DB 66 -93.31 -52.28 10.76
N THR DB 67 -94.49 -52.38 10.14
CA THR DB 67 -94.78 -53.50 9.25
C THR DB 67 -94.68 -54.82 10.02
N PRO DB 68 -95.69 -55.16 10.82
CA PRO DB 68 -95.58 -56.30 11.76
C PRO DB 68 -95.02 -57.54 11.08
N PRO DB 69 -94.22 -58.33 11.79
CA PRO DB 69 -93.58 -59.48 11.17
C PRO DB 69 -94.57 -60.60 10.88
N LYS DB 70 -94.22 -61.42 9.91
CA LYS DB 70 -95.07 -62.54 9.53
C LYS DB 70 -94.79 -63.78 10.37
N VAL DB 71 -93.52 -64.14 10.50
CA VAL DB 71 -93.12 -65.38 11.15
C VAL DB 71 -92.78 -65.08 12.60
N SER DB 72 -93.26 -65.91 13.51
CA SER DB 72 -92.97 -65.69 14.91
C SER DB 72 -91.56 -66.18 15.26
N ASN DB 73 -91.03 -65.65 16.35
CA ASN DB 73 -89.78 -66.16 16.88
C ASN DB 73 -90.07 -67.30 17.85
N ALA DB 74 -89.02 -67.92 18.38
CA ALA DB 74 -89.22 -69.09 19.22
C ALA DB 74 -88.07 -69.23 20.19
N PHE DB 75 -88.30 -69.99 21.25
CA PHE DB 75 -87.31 -70.23 22.28
C PHE DB 75 -87.26 -71.71 22.61
N GLY DB 76 -86.06 -72.27 22.70
CA GLY DB 76 -85.86 -73.65 23.09
C GLY DB 76 -84.85 -73.73 24.22
N ARG DB 77 -84.70 -74.95 24.75
CA ARG DB 77 -83.80 -75.16 25.88
C ARG DB 77 -83.24 -76.56 25.83
N THR DB 78 -81.97 -76.69 26.23
CA THR DB 78 -81.28 -77.97 26.23
C THR DB 78 -80.17 -77.92 27.27
N LYS DB 79 -79.79 -79.09 27.77
CA LYS DB 79 -78.65 -79.16 28.67
C LYS DB 79 -77.35 -79.22 27.88
N VAL DB 80 -76.22 -79.15 28.59
CA VAL DB 80 -74.94 -79.20 27.88
C VAL DB 80 -74.77 -80.57 27.22
N GLY DB 81 -74.20 -80.54 26.02
CA GLY DB 81 -73.81 -81.74 25.30
C GLY DB 81 -74.92 -82.52 24.65
N VAL DB 82 -76.16 -82.40 25.11
CA VAL DB 82 -77.25 -83.18 24.55
C VAL DB 82 -77.79 -82.47 23.31
N VAL DB 83 -78.00 -83.22 22.24
CA VAL DB 83 -78.46 -82.69 20.97
C VAL DB 83 -79.90 -82.22 21.13
N PHE DB 84 -80.23 -81.13 20.46
CA PHE DB 84 -81.54 -80.52 20.57
C PHE DB 84 -82.27 -80.58 19.24
N GLU DB 85 -83.54 -80.95 19.29
CA GLU DB 85 -84.43 -80.96 18.13
C GLU DB 85 -85.50 -79.89 18.32
N GLY DB 86 -86.15 -79.56 17.22
CA GLY DB 86 -87.24 -78.60 17.24
C GLY DB 86 -87.87 -78.53 15.87
N THR DB 87 -89.00 -77.85 15.81
CA THR DB 87 -89.73 -77.71 14.56
C THR DB 87 -89.65 -76.27 14.08
N LEU DB 88 -89.95 -76.09 12.80
CA LEU DB 88 -89.87 -74.76 12.19
C LEU DB 88 -91.10 -74.51 11.34
N SER DB 89 -92.25 -75.08 11.72
CA SER DB 89 -93.46 -74.94 10.92
C SER DB 89 -94.62 -74.31 11.66
N ASP DB 90 -94.64 -74.34 12.99
CA ASP DB 90 -95.66 -73.66 13.78
C ASP DB 90 -95.30 -72.21 14.01
N LEU DB 91 -94.24 -71.73 13.36
CA LEU DB 91 -93.76 -70.37 13.52
C LEU DB 91 -94.15 -69.51 12.34
N PHE DB 92 -94.96 -70.04 11.43
CA PHE DB 92 -95.39 -69.31 10.23
C PHE DB 92 -96.89 -69.50 10.04
N PRO DB 93 -97.70 -68.87 10.87
CA PRO DB 93 -99.13 -68.90 10.62
C PRO DB 93 -99.43 -68.19 9.32
N ASN DB 94 -99.81 -68.92 8.29
CA ASN DB 94 -100.04 -68.29 7.00
C ASN DB 94 -101.51 -67.97 6.82
N PRO DB 95 -101.83 -66.80 6.27
CA PRO DB 95 -103.23 -66.49 5.94
C PRO DB 95 -103.71 -67.32 4.76
N GLU DB 96 -102.91 -67.32 3.70
CA GLU DB 96 -103.27 -67.87 2.41
C GLU DB 96 -102.73 -69.27 2.20
N GLY DB 97 -102.89 -69.79 0.98
CA GLY DB 97 -102.31 -71.07 0.59
C GLY DB 97 -101.01 -70.96 -0.16
N GLU DB 98 -99.94 -71.54 0.38
CA GLU DB 98 -98.64 -71.53 -0.27
C GLU DB 98 -97.75 -72.54 0.44
N GLN DB 99 -96.59 -72.76 -0.16
CA GLN DB 99 -95.58 -73.68 0.37
C GLN DB 99 -94.49 -72.93 1.12
N VAL DB 100 -93.76 -73.68 1.94
CA VAL DB 100 -92.86 -73.13 2.94
C VAL DB 100 -91.41 -73.53 2.69
N GLU DB 101 -90.68 -72.68 1.99
CA GLU DB 101 -89.27 -72.92 1.71
C GLU DB 101 -88.39 -72.56 2.89
N TYR DB 102 -88.38 -73.42 3.91
CA TYR DB 102 -87.54 -73.20 5.08
C TYR DB 102 -86.08 -73.03 4.68
N GLU DB 103 -85.42 -72.04 5.26
CA GLU DB 103 -84.04 -71.72 4.90
C GLU DB 103 -83.27 -71.20 6.09
N ILE DB 104 -82.02 -71.63 6.22
CA ILE DB 104 -81.12 -71.14 7.26
C ILE DB 104 -79.96 -70.46 6.55
N SER DB 105 -79.93 -69.14 6.58
CA SER DB 105 -78.88 -68.37 5.92
C SER DB 105 -77.53 -68.64 6.58
N GLU DB 106 -76.50 -68.87 5.77
CA GLU DB 106 -75.17 -69.09 6.31
C GLU DB 106 -74.53 -67.83 6.88
N LEU DB 107 -75.03 -66.65 6.50
CA LEU DB 107 -74.48 -65.42 7.06
C LEU DB 107 -74.88 -65.25 8.51
N ASN DB 108 -76.06 -65.75 8.87
CA ASN DB 108 -76.61 -65.58 10.21
C ASN DB 108 -76.89 -66.92 10.86
N GLY DB 109 -75.99 -67.87 10.69
CA GLY DB 109 -76.14 -69.16 11.31
C GLY DB 109 -75.85 -69.09 12.79
N PRO DB 110 -75.78 -70.25 13.44
CA PRO DB 110 -75.47 -70.26 14.88
C PRO DB 110 -74.02 -69.88 15.15
N SER DB 111 -73.65 -69.80 16.41
CA SER DB 111 -72.32 -69.34 16.79
C SER DB 111 -71.50 -70.39 17.50
N ASN DB 112 -72.13 -71.28 18.27
CA ASN DB 112 -71.41 -72.32 18.99
C ASN DB 112 -72.06 -73.68 18.78
N GLY DB 113 -72.66 -73.90 17.62
CA GLY DB 113 -73.30 -75.16 17.31
C GLY DB 113 -73.33 -75.40 15.82
N VAL DB 114 -74.21 -76.29 15.38
CA VAL DB 114 -74.44 -76.56 13.96
C VAL DB 114 -75.91 -76.95 13.82
N VAL DB 115 -76.52 -76.58 12.70
CA VAL DB 115 -77.91 -76.92 12.42
C VAL DB 115 -78.01 -77.59 11.06
N GLU DB 116 -78.66 -78.76 11.01
CA GLU DB 116 -78.89 -79.48 9.76
C GLU DB 116 -80.37 -79.31 9.46
N LEU DB 117 -80.71 -78.39 8.56
CA LEU DB 117 -82.11 -78.23 8.21
C LEU DB 117 -82.63 -79.47 7.49
N GLY DB 118 -83.74 -80.01 7.97
CA GLY DB 118 -84.33 -81.20 7.40
C GLY DB 118 -85.08 -80.89 6.12
N ALA DB 119 -85.85 -81.87 5.68
CA ALA DB 119 -86.65 -81.68 4.46
C ALA DB 119 -87.91 -80.88 4.75
N ASN DB 120 -88.51 -81.09 5.91
CA ASN DB 120 -89.77 -80.43 6.27
C ASN DB 120 -89.62 -79.77 7.63
N GLY DB 121 -89.32 -78.47 7.63
CA GLY DB 121 -89.36 -77.64 8.82
C GLY DB 121 -88.76 -78.22 10.08
N ALA DB 122 -87.81 -79.12 9.94
CA ALA DB 122 -87.16 -79.76 11.08
C ALA DB 122 -85.67 -79.45 11.03
N PHE DB 123 -85.05 -79.45 12.20
CA PHE DB 123 -83.65 -79.06 12.29
C PHE DB 123 -83.07 -79.60 13.58
N THR DB 124 -81.79 -79.92 13.55
CA THR DB 124 -81.07 -80.45 14.69
C THR DB 124 -79.93 -79.51 15.03
N TYR DB 125 -79.95 -79.00 16.26
CA TYR DB 125 -78.90 -78.11 16.75
C TYR DB 125 -78.04 -78.90 17.72
N THR DB 126 -76.90 -79.37 17.24
CA THR DB 126 -75.94 -80.06 18.09
C THR DB 126 -75.03 -79.02 18.72
N PRO DB 127 -75.17 -78.73 20.01
CA PRO DB 127 -74.36 -77.68 20.62
C PRO DB 127 -72.90 -78.06 20.63
N GLY DB 128 -72.04 -77.05 20.47
CA GLY DB 128 -70.61 -77.31 20.51
C GLY DB 128 -70.19 -77.90 21.84
N ALA DB 129 -69.36 -78.93 21.76
CA ALA DB 129 -68.92 -79.65 22.95
C ALA DB 129 -68.21 -78.72 23.91
N LEU DB 130 -68.44 -78.93 25.20
CA LEU DB 130 -67.87 -78.10 26.26
C LEU DB 130 -68.24 -76.64 26.07
N PHE DB 131 -69.55 -76.38 26.11
CA PHE DB 131 -70.05 -75.02 25.97
C PHE DB 131 -71.42 -74.93 26.62
N THR DB 132 -71.65 -73.88 27.38
CA THR DB 132 -72.96 -73.67 28.00
C THR DB 132 -73.25 -72.18 28.00
N GLY DB 133 -74.23 -71.77 27.22
CA GLY DB 133 -74.63 -70.37 27.16
C GLY DB 133 -75.93 -70.23 26.39
N VAL DB 134 -76.03 -69.17 25.62
CA VAL DB 134 -77.17 -68.93 24.75
C VAL DB 134 -76.67 -68.86 23.31
N ASP DB 135 -77.51 -69.32 22.39
CA ASP DB 135 -77.13 -69.35 20.98
C ASP DB 135 -78.34 -69.06 20.12
N ARG DB 136 -78.14 -68.31 19.05
CA ARG DB 136 -79.20 -67.90 18.16
C ARG DB 136 -78.87 -68.30 16.73
N PHE DB 137 -79.91 -68.36 15.91
CA PHE DB 137 -79.74 -68.43 14.46
C PHE DB 137 -81.02 -67.91 13.82
N TRP DB 138 -80.88 -67.37 12.61
CA TRP DB 138 -81.96 -66.67 11.94
C TRP DB 138 -82.41 -67.47 10.74
N PHE DB 139 -83.63 -68.00 10.81
CA PHE DB 139 -84.23 -68.73 9.71
C PHE DB 139 -85.06 -67.78 8.85
N SER DB 140 -85.40 -68.26 7.65
CA SER DB 140 -86.19 -67.47 6.70
C SER DB 140 -87.25 -68.37 6.08
N ILE DB 141 -88.43 -68.40 6.69
CA ILE DB 141 -89.53 -69.19 6.17
C ILE DB 141 -90.19 -68.39 5.05
N ASN DB 142 -89.80 -68.69 3.82
CA ASN DB 142 -90.43 -68.09 2.64
C ASN DB 142 -90.23 -66.58 2.62
N GLY DB 143 -88.97 -66.18 2.65
CA GLY DB 143 -88.63 -64.77 2.55
C GLY DB 143 -88.69 -64.02 3.87
N ASN DB 144 -89.64 -64.38 4.72
CA ASN DB 144 -89.81 -63.70 6.00
C ASN DB 144 -88.87 -64.29 7.04
N ILE DB 145 -88.16 -63.42 7.76
CA ILE DB 145 -87.08 -63.81 8.65
C ILE DB 145 -87.51 -63.67 10.09
N GLY DB 146 -87.10 -64.62 10.92
CA GLY DB 146 -87.28 -64.57 12.35
C GLY DB 146 -86.07 -65.23 12.97
N GLU DB 147 -86.03 -65.28 14.29
CA GLU DB 147 -84.90 -65.86 15.00
C GLU DB 147 -85.36 -66.96 15.94
N TYR DB 148 -84.50 -67.95 16.12
CA TYR DB 148 -84.70 -69.03 17.06
C TYR DB 148 -83.60 -68.96 18.10
N VAL DB 149 -83.98 -68.91 19.38
CA VAL DB 149 -83.04 -68.74 20.48
C VAL DB 149 -83.01 -70.02 21.28
N ILE DB 150 -81.81 -70.57 21.45
CA ILE DB 150 -81.60 -71.77 22.24
C ILE DB 150 -80.61 -71.45 23.36
N SER DB 151 -80.90 -71.95 24.55
CA SER DB 151 -80.05 -71.76 25.72
C SER DB 151 -79.60 -73.13 26.21
N VAL DB 152 -78.30 -73.33 26.30
CA VAL DB 152 -77.72 -74.60 26.72
C VAL DB 152 -77.24 -74.46 28.16
N ASP DB 153 -77.70 -75.37 29.01
CA ASP DB 153 -77.53 -75.31 30.45
C ASP DB 153 -76.30 -76.12 30.87
N PRO DB 154 -75.68 -75.77 32.01
CA PRO DB 154 -74.46 -76.49 32.41
C PRO DB 154 -74.77 -77.73 33.24
N THR DB 155 -75.83 -78.42 32.82
CA THR DB 155 -76.29 -79.71 33.32
C THR DB 155 -76.88 -79.64 34.73
N THR DB 156 -76.71 -78.53 35.44
CA THR DB 156 -77.25 -78.56 36.79
C THR DB 156 -78.72 -78.16 36.86
N SER DB 157 -79.03 -76.87 36.80
CA SER DB 157 -80.42 -76.49 37.01
C SER DB 157 -81.24 -76.23 35.76
N GLU DB 158 -81.13 -74.99 35.24
CA GLU DB 158 -81.92 -74.45 34.13
C GLU DB 158 -81.43 -73.04 33.85
N LEU DB 159 -81.26 -72.64 32.59
CA LEU DB 159 -80.88 -71.25 32.33
C LEU DB 159 -82.11 -70.36 32.19
N PRO DB 160 -81.97 -69.06 32.50
CA PRO DB 160 -83.05 -68.10 32.25
C PRO DB 160 -83.25 -67.79 30.77
N GLN DB 161 -84.08 -66.80 30.45
CA GLN DB 161 -84.62 -66.65 29.11
C GLN DB 161 -84.32 -65.25 28.56
N PRO DB 162 -83.52 -65.16 27.50
CA PRO DB 162 -83.05 -63.85 27.00
C PRO DB 162 -84.12 -63.13 26.22
N PRO DB 163 -83.99 -61.80 26.06
CA PRO DB 163 -85.12 -60.98 25.65
C PRO DB 163 -85.40 -60.81 24.15
N PHE DB 164 -84.94 -61.71 23.27
CA PHE DB 164 -85.41 -61.69 21.88
C PHE DB 164 -85.11 -60.39 21.14
N THR DB 165 -83.84 -60.20 20.75
CA THR DB 165 -83.34 -58.96 20.15
C THR DB 165 -84.34 -58.29 19.22
N THR DB 166 -84.44 -56.97 19.34
CA THR DB 166 -85.37 -56.13 18.60
C THR DB 166 -84.79 -55.79 17.23
N PRO DB 167 -85.60 -55.23 16.32
CA PRO DB 167 -85.09 -54.87 15.00
C PRO DB 167 -83.93 -53.90 15.03
N VAL DB 168 -84.08 -52.76 15.70
CA VAL DB 168 -83.01 -51.79 15.87
C VAL DB 168 -82.73 -51.66 17.36
N TYR DB 169 -81.46 -51.67 17.73
CA TYR DB 169 -81.08 -51.62 19.13
C TYR DB 169 -79.80 -50.81 19.27
N VAL DB 170 -79.52 -50.41 20.51
CA VAL DB 170 -78.29 -49.72 20.86
C VAL DB 170 -77.61 -50.53 21.95
N PRO DB 171 -76.51 -51.22 21.65
CA PRO DB 171 -75.89 -52.14 22.62
C PRO DB 171 -75.78 -51.59 24.03
N ALA DB 172 -76.05 -52.46 25.00
CA ALA DB 172 -76.14 -52.11 26.42
C ALA DB 172 -75.02 -51.20 26.89
N ALA DB 173 -73.77 -51.63 26.73
CA ALA DB 173 -72.68 -50.78 27.19
C ALA DB 173 -71.52 -50.80 26.21
N ARG DB 174 -71.59 -49.93 25.21
CA ARG DB 174 -70.52 -49.71 24.26
C ARG DB 174 -70.43 -48.22 23.93
N ARG DB 175 -70.97 -47.40 24.81
CA ARG DB 175 -71.11 -45.97 24.63
C ARG DB 175 -70.00 -45.28 25.40
N SER DB 176 -69.55 -44.14 24.90
CA SER DB 176 -68.56 -43.42 25.67
C SER DB 176 -68.52 -41.97 25.22
N VAL DB 177 -67.88 -41.15 26.05
CA VAL DB 177 -67.79 -39.72 25.85
C VAL DB 177 -66.40 -39.28 26.26
N ASP DB 178 -65.74 -38.50 25.40
CA ASP DB 178 -64.44 -37.94 25.73
C ASP DB 178 -64.66 -36.50 26.15
N PRO DB 179 -64.60 -36.17 27.44
CA PRO DB 179 -64.87 -34.79 27.86
C PRO DB 179 -63.86 -33.80 27.34
N ARG DB 180 -62.79 -34.27 26.74
CA ARG DB 180 -61.69 -33.49 26.23
C ARG DB 180 -61.99 -32.85 24.89
N THR DB 181 -62.93 -33.42 24.13
CA THR DB 181 -63.31 -32.85 22.84
C THR DB 181 -64.82 -32.88 22.61
N HIS DB 182 -65.60 -33.26 23.62
CA HIS DB 182 -67.05 -33.21 23.58
C HIS DB 182 -67.61 -34.05 22.42
N VAL DB 183 -67.33 -35.35 22.49
CA VAL DB 183 -67.77 -36.26 21.44
C VAL DB 183 -68.34 -37.52 22.08
N LEU DB 184 -69.55 -37.88 21.68
CA LEU DB 184 -70.22 -39.07 22.17
C LEU DB 184 -70.16 -40.14 21.11
N LYS DB 185 -69.77 -41.35 21.51
CA LYS DB 185 -69.69 -42.49 20.63
C LYS DB 185 -70.68 -43.54 21.08
N PHE DB 186 -71.43 -44.12 20.14
CA PHE DB 186 -72.29 -45.23 20.47
C PHE DB 186 -72.46 -46.10 19.23
N VAL DB 187 -72.87 -47.31 19.44
CA VAL DB 187 -73.02 -48.30 18.38
C VAL DB 187 -74.49 -48.46 18.06
N LEU DB 188 -74.80 -48.68 16.78
CA LEU DB 188 -76.19 -48.85 16.35
C LEU DB 188 -76.26 -50.12 15.53
N GLY DB 189 -76.96 -51.13 16.04
CA GLY DB 189 -77.05 -52.43 15.39
C GLY DB 189 -78.44 -52.68 14.87
N VAL DB 190 -78.53 -53.32 13.71
CA VAL DB 190 -79.79 -53.63 13.04
C VAL DB 190 -79.91 -55.13 12.95
N SER DB 191 -81.01 -55.68 13.46
CA SER DB 191 -81.21 -57.12 13.42
C SER DB 191 -81.41 -57.56 11.98
N PRO DB 192 -81.15 -58.84 11.66
CA PRO DB 192 -81.42 -59.32 10.31
C PRO DB 192 -82.88 -59.42 9.98
N ALA DB 193 -83.78 -59.27 10.95
CA ALA DB 193 -85.20 -59.37 10.73
C ALA DB 193 -85.87 -58.03 10.50
N ALA DB 194 -85.11 -56.94 10.49
CA ALA DB 194 -85.69 -55.64 10.21
C ALA DB 194 -86.20 -55.60 8.79
N ILE DB 195 -87.41 -55.10 8.60
CA ILE DB 195 -88.04 -55.12 7.29
C ILE DB 195 -87.70 -53.83 6.55
N PRO DB 196 -87.21 -53.90 5.31
CA PRO DB 196 -86.83 -52.68 4.60
C PRO DB 196 -88.02 -51.76 4.41
N GLY DB 197 -87.76 -50.46 4.51
CA GLY DB 197 -88.78 -49.46 4.39
C GLY DB 197 -89.29 -48.92 5.70
N ASP DB 198 -89.05 -49.61 6.82
CA ASP DB 198 -89.50 -49.13 8.11
C ASP DB 198 -88.69 -47.91 8.55
N VAL DB 199 -89.21 -47.22 9.56
CA VAL DB 199 -88.56 -46.06 10.14
C VAL DB 199 -88.67 -46.17 11.65
N TYR DB 200 -87.55 -46.00 12.34
CA TYR DB 200 -87.52 -45.94 13.79
C TYR DB 200 -86.95 -44.59 14.22
N ARG DB 201 -87.18 -44.24 15.48
CA ARG DB 201 -86.74 -42.96 16.01
C ARG DB 201 -85.93 -43.18 17.28
N LEU DB 202 -84.72 -42.63 17.31
CA LEU DB 202 -83.83 -42.73 18.44
C LEU DB 202 -83.72 -41.36 19.09
N THR DB 203 -84.00 -41.29 20.38
CA THR DB 203 -83.88 -40.06 21.15
C THR DB 203 -82.72 -40.18 22.13
N VAL DB 204 -81.85 -39.17 22.14
CA VAL DB 204 -80.63 -39.16 22.94
C VAL DB 204 -80.72 -38.01 23.92
N ARG DB 205 -80.57 -38.31 25.21
CA ARG DB 205 -80.58 -37.29 26.25
C ARG DB 205 -79.21 -37.27 26.91
N GLN DB 206 -78.44 -36.22 26.63
CA GLN DB 206 -77.07 -36.11 27.07
C GLN DB 206 -76.93 -34.96 28.05
N VAL DB 207 -76.20 -35.19 29.13
CA VAL DB 207 -76.01 -34.20 30.18
C VAL DB 207 -74.58 -33.69 30.13
N ALA DB 208 -74.42 -32.39 30.09
CA ALA DB 208 -73.15 -31.77 30.37
C ALA DB 208 -73.10 -31.52 31.87
N ILE DB 209 -72.09 -30.80 32.34
CA ILE DB 209 -71.93 -30.58 33.77
C ILE DB 209 -71.19 -29.27 33.96
N ASP DB 210 -71.62 -28.49 34.95
CA ASP DB 210 -70.94 -27.25 35.24
C ASP DB 210 -69.90 -27.48 36.31
N CYS DB 211 -69.08 -26.47 36.53
CA CYS DB 211 -67.79 -26.70 37.16
C CYS DB 211 -67.96 -27.01 38.65
N ASP DB 212 -69.16 -26.76 39.19
CA ASP DB 212 -69.57 -27.25 40.52
C ASP DB 212 -70.33 -28.57 40.49
N GLY DB 213 -70.55 -29.15 39.32
CA GLY DB 213 -71.20 -30.44 39.23
C GLY DB 213 -72.70 -30.43 39.01
N ASN DB 214 -73.29 -29.29 38.66
CA ASN DB 214 -74.71 -29.26 38.33
C ASN DB 214 -74.89 -29.71 36.88
N GLU DB 215 -76.10 -29.60 36.33
CA GLU DB 215 -76.40 -30.36 35.14
C GLU DB 215 -76.94 -29.46 34.04
N PHE DB 216 -76.62 -29.82 32.81
CA PHE DB 216 -77.16 -29.18 31.61
C PHE DB 216 -77.61 -30.28 30.68
N VAL DB 217 -78.90 -30.39 30.44
CA VAL DB 217 -79.46 -31.46 29.64
C VAL DB 217 -79.63 -31.01 28.21
N HIS DB 218 -79.55 -31.96 27.28
CA HIS DB 218 -79.68 -31.72 25.85
C HIS DB 218 -80.36 -32.91 25.21
N ILE DB 219 -81.37 -32.66 24.39
CA ILE DB 219 -82.16 -33.73 23.79
C ILE DB 219 -82.19 -33.53 22.28
N SER DB 220 -82.03 -34.63 21.54
CA SER DB 220 -82.15 -34.64 20.09
C SER DB 220 -82.66 -36.00 19.64
N CYS DB 221 -83.05 -36.11 18.38
CA CYS DB 221 -83.52 -37.38 17.86
C CYS DB 221 -82.81 -37.71 16.56
N TYR DB 222 -82.90 -38.97 16.16
CA TYR DB 222 -82.44 -39.41 14.85
C TYR DB 222 -83.46 -40.39 14.29
N ASP DB 223 -83.69 -40.31 12.98
CA ASP DB 223 -84.68 -41.14 12.30
C ASP DB 223 -83.94 -42.22 11.53
N ILE DB 224 -84.00 -43.44 12.05
CA ILE DB 224 -83.32 -44.58 11.44
C ILE DB 224 -84.27 -45.23 10.46
N SER DB 225 -83.95 -45.15 9.18
CA SER DB 225 -84.81 -45.67 8.11
C SER DB 225 -84.19 -46.94 7.57
N ILE DB 226 -84.82 -48.08 7.89
CA ILE DB 226 -84.28 -49.37 7.49
C ILE DB 226 -84.38 -49.49 5.97
N GLY DB 227 -83.26 -49.35 5.28
CA GLY DB 227 -83.18 -49.61 3.87
C GLY DB 227 -82.58 -50.99 3.61
N SER DB 228 -82.86 -51.50 2.43
CA SER DB 228 -82.20 -52.69 1.93
C SER DB 228 -81.24 -52.26 0.84
N CYS DB 229 -80.12 -52.98 0.75
CA CYS DB 229 -79.04 -52.61 -0.15
C CYS DB 229 -78.48 -51.23 0.17
N GLY DB 230 -77.88 -51.12 1.35
CA GLY DB 230 -77.22 -49.90 1.75
C GLY DB 230 -78.20 -48.91 2.31
N MET EB 1 -76.02 -22.37 24.58
CA MET EB 1 -75.99 -21.25 25.50
C MET EB 1 -76.43 -19.97 24.81
N TYR EB 2 -77.45 -19.32 25.37
CA TYR EB 2 -77.93 -18.05 24.86
C TYR EB 2 -77.05 -16.92 25.37
N PHE EB 3 -76.84 -15.92 24.53
CA PHE EB 3 -76.06 -14.76 24.93
C PHE EB 3 -76.79 -13.51 24.48
N PHE EB 4 -77.19 -12.68 25.44
CA PHE EB 4 -77.90 -11.45 25.15
C PHE EB 4 -77.07 -10.26 25.61
N SER EB 5 -77.14 -9.18 24.85
CA SER EB 5 -76.57 -7.90 25.25
C SER EB 5 -77.72 -6.96 25.56
N VAL EB 6 -77.61 -6.26 26.68
CA VAL EB 6 -78.71 -5.45 27.20
C VAL EB 6 -78.68 -4.08 26.54
N ASP EB 7 -79.83 -3.42 26.50
CA ASP EB 7 -79.88 -2.11 25.89
C ASP EB 7 -79.40 -1.05 26.88
N PRO EB 8 -78.56 -0.12 26.43
CA PRO EB 8 -77.73 0.63 27.39
C PRO EB 8 -78.37 1.87 27.99
N ARG EB 9 -79.63 2.18 27.68
CA ARG EB 9 -80.33 3.32 28.26
C ARG EB 9 -79.59 4.64 28.00
N ASN EB 10 -79.33 4.90 26.72
CA ASN EB 10 -78.73 6.15 26.27
C ASN EB 10 -79.71 7.10 25.63
N GLY EB 11 -80.91 6.64 25.30
CA GLY EB 11 -81.73 7.36 24.34
C GLY EB 11 -81.42 6.97 22.91
N ALA EB 12 -80.80 5.82 22.70
CA ALA EB 12 -80.38 5.37 21.38
C ALA EB 12 -80.51 3.86 21.25
N SER EB 13 -79.83 3.28 20.27
CA SER EB 13 -79.89 1.84 20.02
C SER EB 13 -79.25 1.02 21.14
N SER EB 21 -90.21 -8.08 16.95
CA SER EB 21 -91.36 -7.20 16.83
C SER EB 21 -91.86 -6.76 18.21
N CYS EB 22 -91.80 -7.67 19.18
CA CYS EB 22 -92.22 -7.36 20.53
C CYS EB 22 -91.20 -6.56 21.30
N CYS EB 23 -91.58 -6.25 22.54
CA CYS EB 23 -90.72 -5.62 23.51
C CYS EB 23 -89.60 -6.55 23.98
N CYS EB 24 -89.96 -7.70 24.55
CA CYS EB 24 -89.01 -8.57 25.20
C CYS EB 24 -88.49 -9.59 24.19
N GLU EB 25 -87.17 -9.79 24.20
CA GLU EB 25 -86.52 -10.67 23.24
C GLU EB 25 -86.89 -12.12 23.51
N SER EB 26 -86.45 -13.01 22.62
CA SER EB 26 -86.99 -14.35 22.50
C SER EB 26 -85.98 -15.42 22.87
N ILE EB 27 -86.50 -16.49 23.46
CA ILE EB 27 -85.72 -17.66 23.86
C ILE EB 27 -86.53 -18.89 23.50
N SER EB 28 -86.00 -19.71 22.60
CA SER EB 28 -86.69 -20.94 22.25
C SER EB 28 -86.26 -22.06 23.19
N ALA EB 29 -87.22 -22.93 23.53
CA ALA EB 29 -86.97 -23.95 24.53
C ALA EB 29 -87.67 -25.23 24.13
N ARG EB 30 -87.09 -26.36 24.54
CA ARG EB 30 -87.59 -27.68 24.22
C ARG EB 30 -87.89 -28.45 25.49
N PRO EB 31 -89.03 -29.13 25.58
CA PRO EB 31 -89.40 -29.79 26.84
C PRO EB 31 -88.40 -30.83 27.29
N GLY EB 32 -87.90 -30.67 28.51
CA GLY EB 32 -86.93 -31.58 29.09
C GLY EB 32 -85.53 -31.02 29.17
N GLU EB 33 -85.21 -30.02 28.37
CA GLU EB 33 -83.89 -29.43 28.34
C GLU EB 33 -83.60 -28.68 29.64
N VAL EB 34 -82.31 -28.38 29.83
CA VAL EB 34 -81.84 -27.45 30.84
C VAL EB 34 -80.69 -26.69 30.19
N ASN EB 35 -80.92 -25.46 29.80
CA ASN EB 35 -79.96 -24.71 29.02
C ASN EB 35 -79.28 -23.66 29.90
N GLY EB 36 -78.43 -22.83 29.32
CA GLY EB 36 -77.77 -21.78 30.06
C GLY EB 36 -77.84 -20.44 29.34
N VAL EB 37 -78.06 -19.37 30.08
CA VAL EB 37 -78.25 -18.04 29.49
C VAL EB 37 -77.23 -17.09 30.07
N MET EB 38 -76.64 -16.27 29.21
CA MET EB 38 -75.67 -15.25 29.61
C MET EB 38 -76.15 -13.89 29.14
N VAL EB 39 -76.13 -12.92 30.04
CA VAL EB 39 -76.56 -11.55 29.75
C VAL EB 39 -75.41 -10.62 30.06
N SER EB 40 -75.05 -9.78 29.10
CA SER EB 40 -73.87 -8.91 29.22
C SER EB 40 -74.32 -7.48 29.50
N TYR EB 41 -74.25 -7.09 30.78
CA TYR EB 41 -74.63 -5.75 31.17
C TYR EB 41 -73.55 -4.71 30.91
N ALA EB 42 -72.51 -5.06 30.14
CA ALA EB 42 -71.39 -4.14 29.97
C ALA EB 42 -71.82 -2.81 29.37
N ALA EB 43 -72.75 -2.84 28.40
CA ALA EB 43 -73.14 -1.61 27.74
C ALA EB 43 -73.82 -0.62 28.68
N TRP EB 44 -74.43 -1.10 29.76
CA TRP EB 44 -75.16 -0.24 30.67
C TRP EB 44 -74.39 0.10 31.93
N SER EB 45 -73.67 -0.86 32.49
CA SER EB 45 -73.04 -0.70 33.79
C SER EB 45 -71.59 -0.27 33.69
N ALA EB 46 -70.99 -0.23 32.50
CA ALA EB 46 -69.61 0.21 32.41
C ALA EB 46 -69.49 1.73 32.52
N PRO EB 47 -70.28 2.53 31.78
CA PRO EB 47 -70.22 3.98 32.00
C PRO EB 47 -70.48 4.39 33.43
N LEU EB 48 -71.36 3.69 34.14
CA LEU EB 48 -71.57 3.96 35.55
C LEU EB 48 -70.36 3.45 36.34
N ARG EB 49 -69.24 4.18 36.19
CA ARG EB 49 -67.99 3.69 36.75
C ARG EB 49 -68.14 3.49 38.25
N GLY EB 50 -68.15 2.24 38.68
CA GLY EB 50 -68.39 1.92 40.07
C GLY EB 50 -67.87 0.53 40.41
N HIS EB 51 -68.62 -0.22 41.20
CA HIS EB 51 -68.22 -1.57 41.57
C HIS EB 51 -69.01 -2.63 40.82
N GLY EB 52 -69.51 -2.31 39.64
CA GLY EB 52 -70.09 -3.33 38.79
C GLY EB 52 -71.40 -3.89 39.33
N LEU EB 53 -71.69 -5.12 38.94
CA LEU EB 53 -72.93 -5.77 39.30
C LEU EB 53 -72.85 -6.32 40.71
N THR EB 54 -74.01 -6.67 41.27
CA THR EB 54 -74.06 -7.36 42.55
C THR EB 54 -75.00 -8.56 42.42
N ASN EB 55 -74.92 -9.47 43.39
CA ASN EB 55 -75.73 -10.68 43.39
C ASN EB 55 -77.09 -10.42 44.03
N LYS EB 56 -77.81 -9.44 43.48
CA LYS EB 56 -79.17 -9.17 43.91
C LYS EB 56 -80.09 -9.16 42.71
N THR EB 57 -80.01 -10.19 41.88
CA THR EB 57 -80.91 -10.37 40.76
C THR EB 57 -82.21 -11.01 41.25
N THR EB 58 -83.31 -10.63 40.61
CA THR EB 58 -84.61 -11.18 40.92
C THR EB 58 -85.30 -11.57 39.62
N PHE EB 59 -85.90 -12.76 39.61
CA PHE EB 59 -86.55 -13.28 38.42
C PHE EB 59 -88.04 -13.46 38.69
N GLU EB 60 -88.83 -13.45 37.61
CA GLU EB 60 -90.24 -13.72 37.73
C GLU EB 60 -90.73 -14.36 36.45
N ILE EB 61 -91.50 -15.44 36.58
CA ILE EB 61 -92.05 -16.15 35.43
C ILE EB 61 -93.55 -15.93 35.42
N ASP EB 62 -94.07 -15.57 34.25
CA ASP EB 62 -95.50 -15.41 34.04
C ASP EB 62 -95.85 -15.93 32.66
N GLY EB 63 -97.01 -16.58 32.55
CA GLY EB 63 -97.42 -17.17 31.29
C GLY EB 63 -98.22 -16.19 30.46
N VAL EB 64 -97.90 -16.13 29.17
CA VAL EB 64 -98.68 -15.38 28.21
C VAL EB 64 -99.55 -16.29 27.36
N SER EB 65 -99.40 -17.60 27.50
CA SER EB 65 -100.18 -18.63 26.83
C SER EB 65 -99.84 -19.95 27.48
N VAL EB 66 -100.82 -20.68 28.03
CA VAL EB 66 -100.53 -21.79 28.92
C VAL EB 66 -101.07 -23.12 28.40
N THR EB 67 -102.29 -23.15 27.86
CA THR EB 67 -102.89 -24.42 27.42
C THR EB 67 -102.99 -25.38 28.59
N PRO EB 68 -103.99 -25.19 29.47
CA PRO EB 68 -104.04 -25.95 30.73
C PRO EB 68 -103.82 -27.43 30.53
N PRO EB 69 -103.15 -28.10 31.46
CA PRO EB 69 -102.81 -29.51 31.27
C PRO EB 69 -104.04 -30.39 31.39
N LYS EB 70 -103.95 -31.56 30.76
CA LYS EB 70 -105.04 -32.52 30.80
C LYS EB 70 -104.97 -33.43 32.02
N VAL EB 71 -103.80 -34.01 32.26
CA VAL EB 71 -103.62 -35.02 33.30
C VAL EB 71 -103.10 -34.32 34.55
N SER EB 72 -103.68 -34.67 35.69
CA SER EB 72 -103.23 -34.07 36.93
C SER EB 72 -101.94 -34.72 37.42
N ASN EB 73 -101.22 -33.99 38.26
CA ASN EB 73 -100.07 -34.55 38.93
C ASN EB 73 -100.51 -35.21 40.24
N ALA EB 74 -99.58 -35.83 40.94
CA ALA EB 74 -99.95 -36.58 42.13
C ALA EB 74 -98.78 -36.64 43.09
N PHE EB 75 -99.09 -36.93 44.35
CA PHE EB 75 -98.08 -37.02 45.39
C PHE EB 75 -98.32 -38.28 46.22
N GLY EB 76 -97.25 -39.03 46.48
CA GLY EB 76 -97.32 -40.20 47.34
C GLY EB 76 -96.27 -40.12 48.43
N ARG EB 77 -96.34 -41.10 49.33
CA ARG EB 77 -95.42 -41.11 50.46
C ARG EB 77 -95.17 -42.54 50.90
N THR EB 78 -93.93 -42.80 51.32
CA THR EB 78 -93.52 -44.13 51.76
C THR EB 78 -92.36 -43.99 52.72
N LYS EB 79 -92.18 -44.98 53.58
CA LYS EB 79 -91.02 -45.00 54.47
C LYS EB 79 -89.83 -45.61 53.72
N VAL EB 80 -88.65 -45.57 54.36
CA VAL EB 80 -87.48 -46.14 53.72
C VAL EB 80 -87.65 -47.64 53.57
N GLY EB 81 -87.19 -48.16 52.43
CA GLY EB 81 -87.12 -49.58 52.18
C GLY EB 81 -88.42 -50.26 51.83
N VAL EB 82 -89.56 -49.72 52.23
CA VAL EB 82 -90.84 -50.37 51.97
C VAL EB 82 -91.31 -50.01 50.56
N VAL EB 83 -91.76 -51.02 49.83
CA VAL EB 83 -92.20 -50.85 48.45
C VAL EB 83 -93.49 -50.05 48.44
N PHE EB 84 -93.63 -49.19 47.43
CA PHE EB 84 -94.77 -48.30 47.33
C PHE EB 84 -95.60 -48.64 46.10
N GLU EB 85 -96.92 -48.69 46.28
CA GLU EB 85 -97.88 -48.87 45.20
C GLU EB 85 -98.68 -47.60 45.00
N GLY EB 86 -99.33 -47.51 43.86
CA GLY EB 86 -100.18 -46.39 43.56
C GLY EB 86 -100.90 -46.64 42.25
N THR EB 87 -101.85 -45.78 41.96
CA THR EB 87 -102.65 -45.90 40.75
C THR EB 87 -102.30 -44.76 39.79
N LEU EB 88 -102.65 -44.97 38.52
CA LEU EB 88 -102.35 -43.98 37.50
C LEU EB 88 -103.55 -43.76 36.61
N SER EB 89 -104.76 -43.88 37.17
CA SER EB 89 -105.98 -43.76 36.38
C SER EB 89 -106.92 -42.66 36.86
N ASP EB 90 -106.84 -42.25 38.12
CA ASP EB 90 -107.63 -41.13 38.62
C ASP EB 90 -106.94 -39.81 38.34
N LEU EB 91 -105.87 -39.83 37.56
CA LEU EB 91 -105.09 -38.64 37.24
C LEU EB 91 -105.39 -38.15 35.84
N PHE EB 92 -106.36 -38.76 35.17
CA PHE EB 92 -106.73 -38.40 33.80
C PHE EB 92 -108.25 -38.30 33.69
N PRO EB 93 -108.83 -37.26 34.24
CA PRO EB 93 -110.26 -37.05 34.03
C PRO EB 93 -110.50 -36.76 32.56
N ASN EB 94 -111.11 -37.70 31.85
CA ASN EB 94 -111.30 -37.51 30.43
C ASN EB 94 -112.68 -36.94 30.14
N PRO EB 95 -112.79 -35.98 29.22
CA PRO EB 95 -114.12 -35.50 28.82
C PRO EB 95 -114.86 -36.54 28.00
N GLU EB 96 -114.16 -37.07 26.99
CA GLU EB 96 -114.73 -37.93 25.97
C GLU EB 96 -114.52 -39.41 26.26
N GLY EB 97 -114.88 -40.25 25.29
CA GLY EB 97 -114.62 -41.68 25.38
C GLY EB 97 -113.38 -42.12 24.62
N GLU EB 98 -112.43 -42.72 25.33
CA GLU EB 98 -111.21 -43.22 24.71
C GLU EB 98 -110.50 -44.10 25.72
N GLN EB 99 -109.46 -44.78 25.24
CA GLN EB 99 -108.63 -45.67 26.04
C GLN EB 99 -107.35 -44.97 26.49
N VAL EB 100 -106.73 -45.55 27.52
CA VAL EB 100 -105.66 -44.92 28.27
C VAL EB 100 -104.36 -45.69 28.17
N GLU EB 101 -103.52 -45.31 27.21
CA GLU EB 101 -102.22 -45.95 27.02
C GLU EB 101 -101.19 -45.42 28.01
N TYR EB 102 -101.27 -45.86 29.26
CA TYR EB 102 -100.32 -45.47 30.28
C TYR EB 102 -98.89 -45.77 29.84
N GLU EB 103 -97.99 -44.81 30.05
CA GLU EB 103 -96.61 -44.96 29.59
C GLU EB 103 -95.65 -44.25 30.53
N ILE EB 104 -94.52 -44.89 30.80
CA ILE EB 104 -93.45 -44.30 31.59
C ILE EB 104 -92.23 -44.17 30.69
N SER EB 105 -91.92 -42.96 30.27
CA SER EB 105 -90.79 -42.73 29.37
C SER EB 105 -89.48 -43.04 30.08
N GLU EB 106 -88.59 -43.76 29.40
CA GLU EB 106 -87.30 -44.08 29.98
C GLU EB 106 -86.37 -42.88 30.08
N LEU EB 107 -86.64 -41.82 29.32
CA LEU EB 107 -85.79 -40.63 29.41
C LEU EB 107 -86.03 -39.90 30.72
N ASN EB 108 -87.25 -39.97 31.24
CA ASN EB 108 -87.65 -39.24 32.43
C ASN EB 108 -88.15 -40.18 33.51
N GLY EB 109 -87.49 -41.31 33.67
CA GLY EB 109 -87.86 -42.25 34.70
C GLY EB 109 -87.45 -41.76 36.07
N PRO EB 110 -87.56 -42.61 37.07
CA PRO EB 110 -87.15 -42.21 38.43
C PRO EB 110 -85.64 -42.10 38.55
N SER EB 111 -85.16 -41.68 39.70
CA SER EB 111 -83.73 -41.44 39.89
C SER EB 111 -83.10 -42.35 40.93
N ASN EB 112 -83.84 -42.76 41.95
CA ASN EB 112 -83.30 -43.62 42.99
C ASN EB 112 -84.24 -44.79 43.26
N GLY EB 113 -84.96 -45.25 42.25
CA GLY EB 113 -85.88 -46.36 42.39
C GLY EB 113 -86.07 -47.07 41.07
N VAL EB 114 -87.16 -47.84 40.98
CA VAL EB 114 -87.56 -48.51 39.74
C VAL EB 114 -89.07 -48.59 39.75
N VAL EB 115 -89.68 -48.49 38.57
CA VAL EB 115 -91.13 -48.57 38.43
C VAL EB 115 -91.48 -49.62 37.38
N GLU EB 116 -92.36 -50.56 37.74
CA GLU EB 116 -92.84 -51.58 36.82
C GLU EB 116 -94.27 -51.20 36.48
N LEU EB 117 -94.48 -50.58 35.32
CA LEU EB 117 -95.84 -50.24 34.94
C LEU EB 117 -96.66 -51.50 34.69
N GLY EB 118 -97.83 -51.58 35.34
CA GLY EB 118 -98.69 -52.72 35.21
C GLY EB 118 -99.46 -52.70 33.91
N ALA EB 119 -100.45 -53.58 33.82
CA ALA EB 119 -101.29 -53.63 32.63
C ALA EB 119 -102.32 -52.51 32.62
N ASN EB 120 -102.86 -52.17 33.79
CA ASN EB 120 -103.92 -51.17 33.90
C ASN EB 120 -103.52 -50.14 34.95
N GLY EB 121 -102.96 -49.02 34.50
CA GLY EB 121 -102.73 -47.85 35.33
C GLY EB 121 -102.16 -48.10 36.71
N ALA EB 122 -101.44 -49.19 36.89
CA ALA EB 122 -100.85 -49.54 38.17
C ALA EB 122 -99.34 -49.61 38.01
N PHE EB 123 -98.64 -49.34 39.12
CA PHE EB 123 -97.19 -49.28 39.06
C PHE EB 123 -96.64 -49.47 40.46
N THR EB 124 -95.45 -50.07 40.53
CA THR EB 124 -94.77 -50.33 41.78
C THR EB 124 -93.44 -49.60 41.78
N TYR EB 125 -93.24 -48.73 42.76
CA TYR EB 125 -92.00 -47.98 42.90
C TYR EB 125 -91.24 -48.57 44.08
N THR EB 126 -90.27 -49.43 43.79
CA THR EB 126 -89.42 -49.99 44.83
C THR EB 126 -88.26 -49.02 45.06
N PRO EB 127 -88.24 -48.29 46.17
CA PRO EB 127 -87.17 -47.32 46.38
C PRO EB 127 -85.82 -47.99 46.50
N GLY EB 128 -84.79 -47.32 46.01
CA GLY EB 128 -83.45 -47.85 46.13
C GLY EB 128 -83.06 -48.05 47.58
N ALA EB 129 -82.47 -49.21 47.86
CA ALA EB 129 -82.10 -49.57 49.23
C ALA EB 129 -81.13 -48.55 49.80
N LEU EB 130 -81.29 -48.26 51.09
CA LEU EB 130 -80.49 -47.27 51.80
C LEU EB 130 -80.55 -45.91 51.11
N PHE EB 131 -81.76 -45.37 51.07
CA PHE EB 131 -81.98 -44.06 50.47
C PHE EB 131 -83.25 -43.46 51.05
N THR EB 132 -83.19 -42.17 51.40
CA THR EB 132 -84.37 -41.48 51.92
C THR EB 132 -84.34 -40.05 51.40
N GLY EB 133 -85.27 -39.72 50.54
CA GLY EB 133 -85.37 -38.38 49.99
C GLY EB 133 -86.66 -38.22 49.23
N VAL EB 134 -86.60 -37.48 48.13
CA VAL EB 134 -87.73 -37.29 47.24
C VAL EB 134 -87.35 -37.83 45.87
N ASP EB 135 -88.33 -38.36 45.16
CA ASP EB 135 -88.08 -38.94 43.85
C ASP EB 135 -89.28 -38.71 42.95
N ARG EB 136 -89.00 -38.42 41.67
CA ARG EB 136 -90.02 -38.11 40.70
C ARG EB 136 -89.90 -39.03 39.50
N PHE EB 137 -90.99 -39.12 38.75
CA PHE EB 137 -90.96 -39.71 37.41
C PHE EB 137 -92.14 -39.16 36.64
N TRP EB 138 -91.99 -39.10 35.32
CA TRP EB 138 -92.95 -38.44 34.45
C TRP EB 138 -93.65 -39.48 33.60
N PHE EB 139 -94.95 -39.66 33.85
CA PHE EB 139 -95.78 -40.56 33.08
C PHE EB 139 -96.45 -39.81 31.94
N SER EB 140 -96.98 -40.56 30.98
CA SER EB 140 -97.66 -39.98 29.82
C SER EB 140 -98.93 -40.77 29.55
N ILE EB 141 -100.04 -40.34 30.13
CA ILE EB 141 -101.33 -40.98 29.93
C ILE EB 141 -101.88 -40.47 28.60
N ASN EB 142 -101.67 -41.25 27.55
CA ASN EB 142 -102.25 -40.96 26.24
C ASN EB 142 -101.74 -39.63 25.70
N GLY EB 143 -100.42 -39.54 25.58
CA GLY EB 143 -99.81 -38.36 25.01
C GLY EB 143 -99.60 -37.21 25.98
N ASN EB 144 -100.53 -37.04 26.91
CA ASN EB 144 -100.45 -35.95 27.87
C ASN EB 144 -99.57 -36.35 29.05
N ILE EB 145 -98.64 -35.47 29.42
CA ILE EB 145 -97.60 -35.78 30.38
C ILE EB 145 -97.88 -35.07 31.70
N GLY EB 146 -97.61 -35.76 32.80
CA GLY EB 146 -97.66 -35.19 34.12
C GLY EB 146 -96.56 -35.85 34.93
N GLU EB 147 -96.44 -35.46 36.19
CA GLU EB 147 -95.40 -36.02 37.05
C GLU EB 147 -96.01 -36.60 38.31
N TYR EB 148 -95.36 -37.64 38.82
CA TYR EB 148 -95.70 -38.27 40.08
C TYR EB 148 -94.54 -38.10 41.03
N VAL EB 149 -94.80 -37.54 42.21
CA VAL EB 149 -93.75 -37.23 43.17
C VAL EB 149 -93.93 -38.14 44.37
N ILE EB 150 -92.87 -38.86 44.72
CA ILE EB 150 -92.85 -39.74 45.88
C ILE EB 150 -91.73 -39.29 46.81
N SER EB 151 -92.02 -39.28 48.11
CA SER EB 151 -91.06 -38.90 49.14
C SER EB 151 -90.87 -40.09 50.07
N VAL EB 152 -89.63 -40.55 50.21
CA VAL EB 152 -89.30 -41.70 51.04
C VAL EB 152 -88.70 -41.19 52.35
N ASP EB 153 -89.27 -41.63 53.46
CA ASP EB 153 -88.97 -41.14 54.80
C ASP EB 153 -87.91 -42.01 55.47
N PRO EB 154 -87.14 -41.45 56.41
CA PRO EB 154 -86.07 -42.25 57.03
C PRO EB 154 -86.56 -43.03 58.23
N THR EB 155 -87.78 -43.57 58.09
CA THR EB 155 -88.46 -44.47 59.01
C THR EB 155 -88.91 -43.80 60.31
N THR EB 156 -88.45 -42.58 60.59
CA THR EB 156 -88.87 -42.03 61.87
C THR EB 156 -90.22 -41.32 61.80
N SER EB 157 -90.24 -40.09 61.29
CA SER EB 157 -91.50 -39.35 61.36
C SER EB 157 -92.35 -39.34 60.10
N GLU EB 158 -92.03 -38.42 59.20
CA GLU EB 158 -92.77 -38.12 57.96
C GLU EB 158 -92.02 -37.03 57.21
N LEU EB 159 -91.86 -37.12 55.89
CA LEU EB 159 -91.22 -36.03 55.17
C LEU EB 159 -92.24 -34.98 54.73
N PRO EB 160 -91.80 -33.72 54.56
CA PRO EB 160 -92.68 -32.68 54.01
C PRO EB 160 -92.93 -32.86 52.51
N GLN EB 161 -93.56 -31.87 51.87
CA GLN EB 161 -94.16 -32.06 50.56
C GLN EB 161 -93.61 -31.03 49.56
N PRO EB 162 -92.90 -31.49 48.53
CA PRO EB 162 -92.21 -30.57 47.62
C PRO EB 162 -93.16 -29.92 46.63
N PRO EB 163 -92.77 -28.80 46.03
CA PRO EB 163 -93.73 -27.92 45.36
C PRO EB 163 -94.08 -28.21 43.89
N PHE EB 164 -93.90 -29.43 43.38
CA PHE EB 164 -94.47 -29.77 42.07
C PHE EB 164 -93.95 -28.90 40.92
N THR EB 165 -92.71 -29.14 40.50
CA THR EB 165 -92.01 -28.32 39.50
C THR EB 165 -92.91 -27.80 38.39
N THR EB 166 -92.72 -26.52 38.06
CA THR EB 166 -93.51 -25.80 37.07
C THR EB 166 -92.99 -26.08 35.66
N PRO EB 167 -93.74 -25.69 34.62
CA PRO EB 167 -93.26 -25.92 33.25
C PRO EB 167 -91.92 -25.29 32.94
N VAL EB 168 -91.78 -23.99 33.18
CA VAL EB 168 -90.52 -23.29 33.00
C VAL EB 168 -90.10 -22.73 34.35
N TYR EB 169 -88.84 -22.89 34.70
CA TYR EB 169 -88.34 -22.46 36.00
C TYR EB 169 -86.92 -21.97 35.85
N VAL EB 170 -86.46 -21.26 36.87
CA VAL EB 170 -85.08 -20.78 36.96
C VAL EB 170 -84.50 -21.31 38.26
N PRO EB 171 -83.60 -22.29 38.21
CA PRO EB 171 -83.11 -22.95 39.43
C PRO EB 171 -82.77 -22.00 40.57
N ALA EB 172 -83.14 -22.40 41.78
CA ALA EB 172 -83.04 -21.58 42.99
C ALA EB 172 -81.72 -20.85 43.11
N ALA EB 173 -80.61 -21.58 43.10
CA ALA EB 173 -79.33 -20.90 43.24
C ALA EB 173 -78.29 -21.50 42.33
N ARG EB 174 -78.25 -21.03 41.09
CA ARG EB 174 -77.23 -21.39 40.12
C ARG EB 174 -76.86 -20.16 39.30
N ARG EB 175 -77.14 -18.98 39.85
CA ARG EB 175 -76.99 -17.71 39.19
C ARG EB 175 -75.70 -17.06 39.67
N SER EB 176 -75.07 -16.30 38.80
CA SER EB 176 -73.89 -15.59 39.28
C SER EB 176 -73.58 -14.43 38.35
N VAL EB 177 -72.72 -13.56 38.84
CA VAL EB 177 -72.34 -12.34 38.16
C VAL EB 177 -70.86 -12.11 38.38
N ASP EB 178 -70.12 -11.83 37.31
CA ASP EB 178 -68.71 -11.51 37.42
C ASP EB 178 -68.58 -9.99 37.32
N PRO EB 179 -68.35 -9.27 38.42
CA PRO EB 179 -68.30 -7.80 38.34
C PRO EB 179 -67.14 -7.29 37.51
N ARG EB 180 -66.25 -8.18 37.10
CA ARG EB 180 -65.05 -7.89 36.35
C ARG EB 180 -65.32 -7.68 34.87
N THR EB 181 -66.41 -8.24 34.35
CA THR EB 181 -66.78 -8.08 32.95
C THR EB 181 -68.27 -7.85 32.75
N HIS EB 182 -69.02 -7.67 33.83
CA HIS EB 182 -70.43 -7.31 33.78
C HIS EB 182 -71.24 -8.35 32.98
N VAL EB 183 -71.24 -9.57 33.49
CA VAL EB 183 -71.94 -10.66 32.83
C VAL EB 183 -72.71 -11.46 33.86
N LEU EB 184 -74.00 -11.64 33.62
CA LEU EB 184 -74.87 -12.41 34.49
C LEU EB 184 -75.13 -13.78 33.86
N LYS EB 185 -74.96 -14.83 34.66
CA LYS EB 185 -75.20 -16.20 34.22
C LYS EB 185 -76.35 -16.78 35.02
N PHE EB 186 -77.27 -17.44 34.34
CA PHE EB 186 -78.32 -18.17 35.03
C PHE EB 186 -78.76 -19.33 34.16
N VAL EB 187 -79.41 -20.28 34.78
CA VAL EB 187 -79.84 -21.50 34.13
C VAL EB 187 -81.34 -21.42 33.88
N LEU EB 188 -81.79 -21.99 32.76
CA LEU EB 188 -83.21 -21.98 32.42
C LEU EB 188 -83.62 -23.40 32.09
N GLY EB 189 -84.47 -23.98 32.92
CA GLY EB 189 -84.88 -25.37 32.75
C GLY EB 189 -86.34 -25.46 32.36
N VAL EB 190 -86.65 -26.42 31.49
CA VAL EB 190 -87.99 -26.63 30.98
C VAL EB 190 -88.44 -28.03 31.41
N SER EB 191 -89.58 -28.11 32.08
CA SER EB 191 -90.08 -29.39 32.53
C SER EB 191 -90.49 -30.23 31.33
N PRO EB 192 -90.53 -31.56 31.48
CA PRO EB 192 -91.00 -32.39 30.38
C PRO EB 192 -92.48 -32.27 30.10
N ALA EB 193 -93.24 -31.60 30.97
CA ALA EB 193 -94.67 -31.45 30.80
C ALA EB 193 -95.06 -30.14 30.13
N ALA EB 194 -94.08 -29.32 29.74
CA ALA EB 194 -94.40 -28.09 29.03
C ALA EB 194 -94.99 -28.42 27.68
N ILE EB 195 -96.09 -27.76 27.34
CA ILE EB 195 -96.81 -28.08 26.11
C ILE EB 195 -96.26 -27.22 24.97
N PRO EB 196 -95.90 -27.81 23.83
CA PRO EB 196 -95.33 -27.02 22.74
C PRO EB 196 -96.31 -25.98 22.24
N GLY EB 197 -95.78 -24.81 21.90
CA GLY EB 197 -96.57 -23.69 21.44
C GLY EB 197 -96.85 -22.64 22.49
N ASP EB 198 -96.67 -22.96 23.77
CA ASP EB 198 -96.90 -21.99 24.82
C ASP EB 198 -95.82 -20.91 24.81
N VAL EB 199 -96.11 -19.83 25.52
CA VAL EB 199 -95.18 -18.72 25.67
C VAL EB 199 -95.19 -18.28 27.12
N TYR EB 200 -94.01 -18.15 27.71
CA TYR EB 200 -93.85 -17.61 29.05
C TYR EB 200 -92.97 -16.36 28.98
N ARG EB 201 -93.02 -15.57 30.05
CA ARG EB 201 -92.28 -14.32 30.10
C ARG EB 201 -91.43 -14.28 31.35
N LEU EB 202 -90.14 -14.03 31.19
CA LEU EB 202 -89.20 -13.95 32.30
C LEU EB 202 -88.75 -12.51 32.42
N THR EB 203 -88.91 -11.94 33.62
CA THR EB 203 -88.46 -10.58 33.91
C THR EB 203 -87.28 -10.63 34.87
N VAL EB 204 -86.22 -9.91 34.52
CA VAL EB 204 -84.97 -9.90 35.27
C VAL EB 204 -84.73 -8.49 35.79
N ARG EB 205 -84.54 -8.37 37.10
CA ARG EB 205 -84.26 -7.08 37.74
C ARG EB 205 -82.86 -7.15 38.34
N GLN EB 206 -81.92 -6.47 37.71
CA GLN EB 206 -80.52 -6.53 38.08
C GLN EB 206 -80.07 -5.18 38.60
N VAL EB 207 -79.31 -5.19 39.70
CA VAL EB 207 -78.83 -3.97 40.34
C VAL EB 207 -77.33 -3.85 40.10
N ALA EB 208 -76.91 -2.70 39.63
CA ALA EB 208 -75.51 -2.32 39.67
C ALA EB 208 -75.30 -1.61 40.99
N ILE EB 209 -74.13 -1.02 41.18
CA ILE EB 209 -73.81 -0.38 42.44
C ILE EB 209 -72.80 0.72 42.17
N ASP EB 210 -72.97 1.85 42.83
CA ASP EB 210 -72.02 2.94 42.67
C ASP EB 210 -70.98 2.85 43.76
N CYS EB 211 -69.94 3.67 43.61
CA CYS EB 211 -68.69 3.37 44.28
C CYS EB 211 -68.80 3.63 45.78
N ASP EB 212 -69.87 4.31 46.22
CA ASP EB 212 -70.26 4.41 47.62
C ASP EB 212 -71.28 3.35 48.05
N GLY EB 213 -71.72 2.49 47.15
CA GLY EB 213 -72.63 1.43 47.53
C GLY EB 213 -74.10 1.69 47.31
N ASN EB 214 -74.47 2.76 46.60
CA ASN EB 214 -75.87 2.99 46.27
C ASN EB 214 -76.26 2.13 45.08
N GLU EB 215 -77.46 2.32 44.53
CA GLU EB 215 -78.01 1.30 43.67
C GLU EB 215 -78.43 1.87 42.33
N PHE EB 216 -78.29 1.06 41.29
CA PHE EB 216 -78.78 1.37 39.95
C PHE EB 216 -79.52 0.13 39.46
N VAL EB 217 -80.82 0.26 39.27
CA VAL EB 217 -81.67 -0.88 38.90
C VAL EB 217 -81.85 -0.90 37.39
N HIS EB 218 -82.04 -2.10 36.85
CA HIS EB 218 -82.23 -2.33 35.43
C HIS EB 218 -83.20 -3.48 35.25
N ILE EB 219 -84.19 -3.29 34.39
CA ILE EB 219 -85.24 -4.30 34.19
C ILE EB 219 -85.36 -4.62 32.71
N SER EB 220 -85.49 -5.91 32.40
CA SER EB 220 -85.72 -6.38 31.03
C SER EB 220 -86.54 -7.65 31.10
N CYS EB 221 -87.05 -8.09 29.94
CA CYS EB 221 -87.82 -9.33 29.90
C CYS EB 221 -87.29 -10.22 28.78
N TYR EB 222 -87.68 -11.49 28.84
CA TYR EB 222 -87.44 -12.42 27.77
C TYR EB 222 -88.68 -13.29 27.59
N ASP EB 223 -88.99 -13.61 26.33
CA ASP EB 223 -90.18 -14.36 25.97
C ASP EB 223 -89.76 -15.78 25.63
N ILE EB 224 -90.02 -16.72 26.54
CA ILE EB 224 -89.65 -18.11 26.35
C ILE EB 224 -90.79 -18.82 25.66
N SER EB 225 -90.57 -19.24 24.43
CA SER EB 225 -91.60 -19.88 23.61
C SER EB 225 -91.31 -21.37 23.54
N ILE EB 226 -92.14 -22.17 24.23
CA ILE EB 226 -91.92 -23.60 24.30
C ILE EB 226 -92.17 -24.20 22.92
N GLY EB 227 -91.10 -24.55 22.23
CA GLY EB 227 -91.19 -25.29 20.99
C GLY EB 227 -90.91 -26.76 21.22
N SER EB 228 -91.39 -27.56 20.29
CA SER EB 228 -91.03 -28.97 20.23
C SER EB 228 -90.10 -29.17 19.06
N CYS EB 229 -89.17 -30.10 19.22
CA CYS EB 229 -88.12 -30.31 18.24
C CYS EB 229 -87.25 -29.07 18.06
N GLY EB 230 -86.55 -28.71 19.13
CA GLY EB 230 -85.62 -27.61 19.09
C GLY EB 230 -86.32 -26.28 19.28
N MET FB 1 -76.76 4.95 31.04
CA MET FB 1 -76.42 6.28 31.51
C MET FB 1 -76.64 7.32 30.43
N TYR FB 2 -77.46 8.32 30.72
CA TYR FB 2 -77.70 9.42 29.80
C TYR FB 2 -76.57 10.42 29.88
N PHE FB 3 -76.22 11.00 28.74
CA PHE FB 3 -75.18 12.02 28.71
C PHE FB 3 -75.67 13.18 27.86
N PHE FB 4 -75.80 14.35 28.47
CA PHE FB 4 -76.26 15.53 27.77
C PHE FB 4 -75.17 16.60 27.78
N SER FB 5 -75.07 17.34 26.69
CA SER FB 5 -74.23 18.52 26.62
C SER FB 5 -75.12 19.74 26.59
N VAL FB 6 -74.78 20.74 27.39
CA VAL FB 6 -75.64 21.90 27.59
C VAL FB 6 -75.37 22.92 26.50
N ASP FB 7 -76.36 23.76 26.23
CA ASP FB 7 -76.19 24.77 25.20
C ASP FB 7 -75.42 25.96 25.75
N PRO FB 8 -74.43 26.48 25.01
CA PRO FB 8 -73.40 27.29 25.66
C PRO FB 8 -73.71 28.78 25.77
N ARG FB 9 -74.90 29.24 25.39
CA ARG FB 9 -75.30 30.64 25.54
C ARG FB 9 -74.33 31.58 24.82
N ASN FB 10 -74.12 31.33 23.53
CA ASN FB 10 -73.30 32.17 22.67
C ASN FB 10 -74.11 33.05 21.74
N GLY FB 11 -75.41 32.79 21.58
CA GLY FB 11 -76.13 33.30 20.44
C GLY FB 11 -76.02 32.39 19.24
N ALA FB 12 -75.67 31.13 19.45
CA ALA FB 12 -75.45 30.18 18.36
C ALA FB 12 -75.90 28.78 18.76
N SER FB 13 -75.44 27.77 18.06
CA SER FB 13 -75.82 26.38 18.32
C SER FB 13 -75.28 25.87 19.66
N SER FB 21 -88.19 18.57 18.90
CA SER FB 21 -89.13 19.59 18.48
C SER FB 21 -89.43 20.57 19.61
N CYS FB 22 -89.48 20.06 20.83
CA CYS FB 22 -89.72 20.90 22.00
C CYS FB 22 -88.49 21.66 22.44
N CYS FB 23 -88.72 22.44 23.50
CA CYS FB 23 -87.66 23.16 24.18
C CYS FB 23 -86.74 22.23 24.96
N CYS FB 24 -87.29 21.45 25.88
CA CYS FB 24 -86.49 20.66 26.80
C CYS FB 24 -86.26 19.27 26.21
N GLU FB 25 -85.02 18.80 26.29
CA GLU FB 25 -84.65 17.52 25.70
C GLU FB 25 -85.29 16.36 26.46
N SER FB 26 -85.12 15.16 25.94
CA SER FB 26 -85.94 14.01 26.28
C SER FB 26 -85.15 12.94 27.01
N ILE FB 27 -85.83 12.28 27.95
CA ILE FB 27 -85.29 11.18 28.72
C ILE FB 27 -86.36 10.11 28.81
N SER FB 28 -86.09 8.93 28.26
CA SER FB 28 -87.03 7.84 28.35
C SER FB 28 -86.79 7.04 29.63
N ALA FB 29 -87.87 6.58 30.23
CA ALA FB 29 -87.77 5.93 31.54
C ALA FB 29 -88.75 4.78 31.62
N ARG FB 30 -88.39 3.76 32.38
CA ARG FB 30 -89.18 2.55 32.55
C ARG FB 30 -89.53 2.35 34.02
N PRO FB 31 -90.78 2.02 34.33
CA PRO FB 31 -91.19 1.92 35.74
C PRO FB 31 -90.39 0.91 36.53
N GLY FB 32 -89.78 1.35 37.62
CA GLY FB 32 -88.97 0.50 38.47
C GLY FB 32 -87.49 0.73 38.36
N GLU FB 33 -87.03 1.30 37.25
CA GLU FB 33 -85.62 1.54 37.03
C GLU FB 33 -85.07 2.59 37.98
N VAL FB 34 -83.75 2.65 38.06
CA VAL FB 34 -83.01 3.74 38.68
C VAL FB 34 -81.78 3.95 37.81
N ASN FB 35 -81.79 5.00 37.01
CA ASN FB 35 -80.74 5.21 36.01
C ASN FB 35 -79.80 6.31 36.48
N GLY FB 36 -78.83 6.67 35.64
CA GLY FB 36 -77.92 7.74 35.97
C GLY FB 36 -77.76 8.73 34.83
N VAL FB 37 -77.69 10.02 35.15
CA VAL FB 37 -77.66 11.07 34.14
C VAL FB 37 -76.41 11.92 34.35
N MET FB 38 -75.73 12.24 33.25
CA MET FB 38 -74.55 13.08 33.27
C MET FB 38 -74.76 14.28 32.36
N VAL FB 39 -74.47 15.47 32.86
CA VAL FB 39 -74.62 16.71 32.10
C VAL FB 39 -73.28 17.42 32.08
N SER FB 40 -72.82 17.78 30.88
CA SER FB 40 -71.49 18.35 30.69
C SER FB 40 -71.61 19.84 30.47
N TYR FB 41 -71.37 20.61 31.51
CA TYR FB 41 -71.42 22.06 31.42
C TYR FB 41 -70.17 22.68 30.82
N ALA FB 42 -69.29 21.88 30.21
CA ALA FB 42 -68.02 22.41 29.74
C ALA FB 42 -68.21 23.51 28.71
N ALA FB 43 -69.19 23.36 27.82
CA ALA FB 43 -69.37 24.35 26.76
C ALA FB 43 -69.76 25.72 27.29
N TRP FB 44 -70.36 25.79 28.47
CA TRP FB 44 -70.83 27.05 29.04
C TRP FB 44 -69.90 27.61 30.09
N SER FB 45 -69.36 26.76 30.95
CA SER FB 45 -68.61 27.22 32.10
C SER FB 45 -67.11 27.26 31.88
N ALA FB 46 -66.62 26.75 30.75
CA ALA FB 46 -65.18 26.81 30.50
C ALA FB 46 -64.75 28.21 30.07
N PRO FB 47 -65.40 28.86 29.10
CA PRO FB 47 -65.02 30.25 28.81
C PRO FB 47 -65.09 31.17 30.00
N LEU FB 48 -66.03 30.98 30.90
CA LEU FB 48 -66.07 31.74 32.14
C LEU FB 48 -64.93 31.28 33.06
N ARG FB 49 -63.71 31.64 32.66
CA ARG FB 49 -62.54 31.11 33.36
C ARG FB 49 -62.62 31.47 34.84
N GLY FB 50 -62.86 30.48 35.68
CA GLY FB 50 -63.05 30.71 37.09
C GLY FB 50 -62.80 29.45 37.89
N HIS FB 51 -63.63 29.19 38.90
CA HIS FB 51 -63.51 28.00 39.71
C HIS FB 51 -64.55 26.94 39.38
N GLY FB 52 -65.06 26.95 38.16
CA GLY FB 52 -65.91 25.86 37.71
C GLY FB 52 -67.25 25.83 38.43
N LEU FB 53 -67.82 24.62 38.48
CA LEU FB 53 -69.14 24.43 39.05
C LEU FB 53 -69.07 24.40 40.57
N THR FB 54 -70.23 24.52 41.21
CA THR FB 54 -70.33 24.34 42.65
C THR FB 54 -71.50 23.41 42.94
N ASN FB 55 -71.54 22.89 44.17
CA ASN FB 55 -72.59 21.96 44.59
C ASN FB 55 -73.81 22.73 45.10
N LYS FB 56 -74.34 23.59 44.25
CA LYS FB 56 -75.58 24.29 44.55
C LYS FB 56 -76.57 24.10 43.41
N THR FB 57 -76.77 22.85 43.00
CA THR FB 57 -77.77 22.51 42.01
C THR FB 57 -79.13 22.38 42.69
N THR FB 58 -80.17 22.75 41.96
CA THR FB 58 -81.53 22.65 42.44
C THR FB 58 -82.38 22.00 41.36
N PHE FB 59 -83.22 21.05 41.77
CA PHE FB 59 -84.06 20.31 40.84
C PHE FB 59 -85.53 20.57 41.14
N GLU FB 60 -86.36 20.39 40.14
CA GLU FB 60 -87.81 20.50 40.35
C GLU FB 60 -88.51 19.58 39.36
N ILE FB 61 -89.47 18.81 39.86
CA ILE FB 61 -90.24 17.90 39.03
C ILE FB 61 -91.67 18.43 38.94
N ASP FB 62 -92.18 18.48 37.72
CA ASP FB 62 -93.56 18.87 37.47
C ASP FB 62 -94.13 18.00 36.35
N GLY FB 63 -95.38 17.63 36.47
CA GLY FB 63 -96.02 16.76 35.51
C GLY FB 63 -96.66 17.54 34.39
N VAL FB 64 -96.42 17.10 33.15
CA VAL FB 64 -97.11 17.62 31.98
C VAL FB 64 -98.22 16.70 31.51
N SER FB 65 -98.33 15.51 32.10
CA SER FB 65 -99.35 14.51 31.83
C SER FB 65 -99.26 13.45 32.91
N VAL FB 66 -100.31 13.20 33.67
CA VAL FB 66 -100.20 12.42 34.89
C VAL FB 66 -101.04 11.15 34.88
N THR FB 67 -102.28 11.20 34.37
CA THR FB 67 -103.15 10.03 34.39
C THR FB 67 -103.37 9.58 35.84
N PRO FB 68 -104.23 10.26 36.59
CA PRO FB 68 -104.35 10.02 38.03
C PRO FB 68 -104.46 8.54 38.37
N PRO FB 69 -103.87 8.11 39.48
CA PRO FB 69 -103.85 6.68 39.79
C PRO FB 69 -105.22 6.18 40.21
N LYS FB 70 -105.44 4.89 40.03
CA LYS FB 70 -106.70 4.26 40.40
C LYS FB 70 -106.72 3.83 41.84
N VAL FB 71 -105.68 3.12 42.28
CA VAL FB 71 -105.64 2.51 43.61
C VAL FB 71 -104.90 3.46 44.53
N SER FB 72 -105.44 3.66 45.73
CA SER FB 72 -104.78 4.53 46.68
C SER FB 72 -103.62 3.82 47.36
N ASN FB 73 -102.70 4.61 47.90
CA ASN FB 73 -101.64 4.05 48.73
C ASN FB 73 -102.11 4.01 50.18
N ALA FB 74 -101.28 3.47 51.06
CA ALA FB 74 -101.71 3.28 52.43
C ALA FB 74 -100.50 3.29 53.35
N PHE FB 75 -100.77 3.52 54.64
CA PHE FB 75 -99.72 3.56 55.65
C PHE FB 75 -100.16 2.74 56.86
N GLY FB 76 -99.25 1.91 57.37
CA GLY FB 76 -99.49 1.15 58.57
C GLY FB 76 -98.37 1.36 59.57
N ARG FB 77 -98.58 0.80 60.76
CA ARG FB 77 -97.59 0.97 61.83
C ARG FB 77 -97.61 -0.25 62.74
N THR FB 78 -96.43 -0.63 63.21
CA THR FB 78 -96.28 -1.78 64.10
C THR FB 78 -95.03 -1.59 64.95
N LYS FB 79 -95.00 -2.23 66.10
CA LYS FB 79 -93.80 -2.21 66.93
C LYS FB 79 -92.83 -3.29 66.46
N VAL FB 80 -91.64 -3.29 67.04
CA VAL FB 80 -90.65 -4.29 66.64
C VAL FB 80 -91.14 -5.68 67.02
N GLY FB 81 -90.90 -6.64 66.14
CA GLY FB 81 -91.14 -8.04 66.39
C GLY FB 81 -92.58 -8.50 66.31
N VAL FB 82 -93.54 -7.61 66.49
CA VAL FB 82 -94.95 -8.01 66.46
C VAL FB 82 -95.44 -8.04 65.03
N VAL FB 83 -96.16 -9.12 64.69
CA VAL FB 83 -96.64 -9.34 63.34
C VAL FB 83 -97.74 -8.33 63.05
N PHE FB 84 -97.78 -7.85 61.80
CA PHE FB 84 -98.71 -6.82 61.40
C PHE FB 84 -99.69 -7.37 60.37
N GLU FB 85 -100.96 -7.05 60.55
CA GLU FB 85 -102.02 -7.37 59.61
C GLU FB 85 -102.55 -6.10 58.97
N GLY FB 86 -103.25 -6.26 57.87
CA GLY FB 86 -103.88 -5.15 57.18
C GLY FB 86 -104.73 -5.66 56.05
N THR FB 87 -105.51 -4.76 55.48
CA THR FB 87 -106.38 -5.10 54.38
C THR FB 87 -105.89 -4.47 53.10
N LEU FB 88 -106.37 -5.01 51.98
CA LEU FB 88 -105.94 -4.53 50.68
C LEU FB 88 -107.15 -4.35 49.76
N SER FB 89 -108.30 -4.01 50.34
CA SER FB 89 -109.52 -3.89 49.55
C SER FB 89 -110.17 -2.53 49.61
N ASP FB 90 -109.91 -1.73 50.64
CA ASP FB 90 -110.41 -0.37 50.73
C ASP FB 90 -109.48 0.60 50.00
N LEU FB 91 -108.50 0.07 49.28
CA LEU FB 91 -107.53 0.87 48.57
C LEU FB 91 -107.83 0.91 47.07
N PHE FB 92 -108.95 0.34 46.66
CA PHE FB 92 -109.34 0.28 45.25
C PHE FB 92 -110.80 0.68 45.11
N PRO FB 93 -111.11 1.95 45.28
CA PRO FB 93 -112.48 2.38 44.99
C PRO FB 93 -112.76 2.21 43.53
N ASN FB 94 -113.61 1.25 43.19
CA ASN FB 94 -113.86 0.97 41.78
C ASN FB 94 -115.12 1.71 41.32
N PRO FB 95 -115.09 2.30 40.12
CA PRO FB 95 -116.32 2.89 39.57
C PRO FB 95 -117.32 1.82 39.16
N GLU FB 96 -116.82 0.84 38.41
CA GLU FB 96 -117.64 -0.16 37.74
C GLU FB 96 -117.72 -1.47 38.53
N GLY FB 97 -118.32 -2.49 37.92
CA GLY FB 97 -118.36 -3.82 38.50
C GLY FB 97 -117.31 -4.76 37.95
N GLU FB 98 -116.45 -5.27 38.81
CA GLU FB 98 -115.41 -6.21 38.42
C GLU FB 98 -114.82 -6.84 39.67
N GLN FB 99 -113.99 -7.85 39.46
CA GLN FB 99 -113.31 -8.57 40.52
C GLN FB 99 -111.88 -8.06 40.70
N VAL FB 100 -111.32 -8.38 41.86
CA VAL FB 100 -110.09 -7.78 42.35
C VAL FB 100 -108.98 -8.82 42.52
N GLU FB 101 -108.16 -8.99 41.49
CA GLU FB 101 -107.04 -9.93 41.54
C GLU FB 101 -105.85 -9.33 42.28
N TYR FB 102 -105.93 -9.29 43.60
CA TYR FB 102 -104.83 -8.79 44.43
C TYR FB 102 -103.55 -9.54 44.13
N GLU FB 103 -102.45 -8.79 43.98
CA GLU FB 103 -101.17 -9.40 43.61
C GLU FB 103 -100.01 -8.65 44.24
N ILE FB 104 -99.01 -9.38 44.72
CA ILE FB 104 -97.80 -8.80 45.26
C ILE FB 104 -96.65 -9.28 44.37
N SER FB 105 -96.13 -8.38 43.55
CA SER FB 105 -95.05 -8.72 42.63
C SER FB 105 -93.79 -9.06 43.41
N GLU FB 106 -93.12 -10.14 43.02
CA GLU FB 106 -91.88 -10.53 43.67
C GLU FB 106 -90.72 -9.61 43.34
N LEU FB 107 -90.80 -8.84 42.27
CA LEU FB 107 -89.73 -7.91 41.94
C LEU FB 107 -89.71 -6.74 42.91
N ASN FB 108 -90.88 -6.35 43.41
CA ASN FB 108 -91.02 -5.20 44.28
C ASN FB 108 -91.63 -5.57 45.62
N GLY FB 109 -91.21 -6.70 46.17
CA GLY FB 109 -91.68 -7.13 47.46
C GLY FB 109 -91.06 -6.31 48.57
N PRO FB 110 -91.28 -6.72 49.81
CA PRO FB 110 -90.69 -5.98 50.93
C PRO FB 110 -89.18 -6.18 51.00
N SER FB 111 -88.53 -5.50 51.95
CA SER FB 111 -87.08 -5.54 52.04
C SER FB 111 -86.57 -6.15 53.32
N ASN FB 112 -87.30 -6.01 54.43
CA ASN FB 112 -86.89 -6.58 55.71
C ASN FB 112 -88.03 -7.34 56.37
N GLY FB 113 -88.89 -7.93 55.58
CA GLY FB 113 -90.01 -8.70 56.10
C GLY FB 113 -90.45 -9.76 55.11
N VAL FB 114 -91.68 -10.26 55.29
CA VAL FB 114 -92.30 -11.21 54.37
C VAL FB 114 -93.79 -10.92 54.40
N VAL FB 115 -94.46 -11.10 53.25
CA VAL FB 115 -95.90 -10.90 53.16
C VAL FB 115 -96.54 -12.14 52.54
N GLU FB 116 -97.57 -12.68 53.20
CA GLU FB 116 -98.32 -13.83 52.69
C GLU FB 116 -99.67 -13.27 52.24
N LEU FB 117 -99.83 -13.05 50.94
CA LEU FB 117 -101.11 -12.56 50.46
C LEU FB 117 -102.19 -13.61 50.67
N GLY FB 118 -103.29 -13.21 51.30
CA GLY FB 118 -104.39 -14.10 51.58
C GLY FB 118 -105.23 -14.36 50.35
N ALA FB 119 -106.39 -14.96 50.58
CA ALA FB 119 -107.31 -15.24 49.48
C ALA FB 119 -108.08 -13.98 49.08
N ASN FB 120 -108.45 -13.16 50.05
CA ASN FB 120 -109.26 -11.97 49.81
C ASN FB 120 -108.59 -10.76 50.43
N GLY FB 121 -107.83 -10.03 49.63
CA GLY FB 121 -107.29 -8.72 49.99
C GLY FB 121 -106.68 -8.59 51.37
N ALA FB 122 -106.20 -9.70 51.92
CA ALA FB 122 -105.60 -9.71 53.24
C ALA FB 122 -104.15 -10.16 53.12
N PHE FB 123 -103.33 -9.70 54.07
CA PHE FB 123 -101.90 -9.98 53.99
C PHE FB 123 -101.29 -9.81 55.36
N THR FB 124 -100.26 -10.59 55.64
CA THR FB 124 -99.56 -10.55 56.91
C THR FB 124 -98.11 -10.19 56.66
N TYR FB 125 -97.66 -9.11 57.26
CA TYR FB 125 -96.28 -8.65 57.14
C TYR FB 125 -95.58 -8.96 58.45
N THR FB 126 -94.83 -10.05 58.48
CA THR FB 126 -94.03 -10.39 59.65
C THR FB 126 -92.69 -9.70 59.53
N PRO FB 127 -92.43 -8.67 60.31
CA PRO FB 127 -91.17 -7.94 60.17
C PRO FB 127 -89.99 -8.81 60.53
N GLY FB 128 -88.88 -8.60 59.82
CA GLY FB 128 -87.67 -9.34 60.13
C GLY FB 128 -87.21 -9.11 61.55
N ALA FB 129 -86.86 -10.20 62.22
CA ALA FB 129 -86.48 -10.14 63.63
C ALA FB 129 -85.27 -9.24 63.82
N LEU FB 130 -85.27 -8.50 64.92
CA LEU FB 130 -84.22 -7.55 65.24
C LEU FB 130 -84.05 -6.51 64.13
N PHE FB 131 -85.12 -5.77 63.89
CA PHE FB 131 -85.11 -4.72 62.87
C PHE FB 131 -86.18 -3.69 63.20
N THR FB 132 -85.82 -2.41 63.08
CA THR FB 132 -86.79 -1.34 63.33
C THR FB 132 -86.49 -0.22 62.34
N GLY FB 133 -87.41 -0.01 61.41
CA GLY FB 133 -87.26 1.07 60.44
C GLY FB 133 -88.54 1.23 59.67
N VAL FB 134 -88.41 1.53 58.38
CA VAL FB 134 -89.55 1.64 57.48
C VAL FB 134 -89.39 0.60 56.39
N ASP FB 135 -90.52 0.09 55.90
CA ASP FB 135 -90.49 -0.95 54.88
C ASP FB 135 -91.67 -0.76 53.95
N ARG FB 136 -91.45 -1.00 52.66
CA ARG FB 136 -92.45 -0.82 51.63
C ARG FB 136 -92.62 -2.09 50.83
N PHE FB 137 -93.76 -2.20 50.15
CA PHE FB 137 -93.96 -3.19 49.11
C PHE FB 137 -95.05 -2.69 48.19
N TRP FB 138 -95.00 -3.12 46.94
CA TRP FB 138 -95.86 -2.60 45.90
C TRP FB 138 -96.84 -3.68 45.46
N PHE FB 139 -98.11 -3.47 45.75
CA PHE FB 139 -99.17 -4.37 45.35
C PHE FB 139 -99.75 -3.92 44.01
N SER FB 140 -100.50 -4.81 43.37
CA SER FB 140 -101.14 -4.53 42.08
C SER FB 140 -102.55 -5.07 42.10
N ILE FB 141 -103.50 -4.22 42.50
CA ILE FB 141 -104.91 -4.59 42.53
C ILE FB 141 -105.45 -4.46 41.11
N ASN FB 142 -105.48 -5.57 40.40
CA ASN FB 142 -106.10 -5.63 39.07
C ASN FB 142 -105.36 -4.71 38.09
N GLY FB 143 -104.06 -4.95 37.95
CA GLY FB 143 -103.26 -4.20 37.00
C GLY FB 143 -102.74 -2.88 37.52
N ASN FB 144 -103.54 -2.20 38.33
CA ASN FB 144 -103.16 -0.89 38.86
C ASN FB 144 -102.30 -1.05 40.09
N ILE FB 145 -101.18 -0.33 40.14
CA ILE FB 145 -100.15 -0.52 41.14
C ILE FB 145 -100.18 0.64 42.13
N GLY FB 146 -99.97 0.33 43.40
CA GLY FB 146 -99.79 1.31 44.45
C GLY FB 146 -98.80 0.74 45.43
N GLU FB 147 -98.50 1.49 46.48
CA GLU FB 147 -97.55 1.05 47.47
C GLU FB 147 -98.15 1.08 48.87
N TYR FB 148 -97.70 0.16 49.70
CA TYR FB 148 -98.08 0.08 51.10
C TYR FB 148 -96.83 0.31 51.94
N VAL FB 149 -96.88 1.28 52.84
CA VAL FB 149 -95.72 1.66 53.64
C VAL FB 149 -95.99 1.27 55.08
N ILE FB 150 -95.08 0.50 55.66
CA ILE FB 150 -95.15 0.09 57.05
C ILE FB 150 -93.90 0.57 57.77
N SER FB 151 -94.08 1.08 58.98
CA SER FB 151 -92.98 1.56 59.82
C SER FB 151 -92.98 0.75 61.11
N VAL FB 152 -91.85 0.11 61.40
CA VAL FB 152 -91.71 -0.74 62.58
C VAL FB 152 -90.91 0.03 63.62
N ASP FB 153 -91.48 0.14 64.82
CA ASP FB 153 -90.98 0.98 65.90
C ASP FB 153 -90.08 0.17 66.83
N PRO FB 154 -89.14 0.83 67.52
CA PRO FB 154 -88.21 0.08 68.38
C PRO FB 154 -88.77 -0.11 69.78
N THR FB 155 -90.07 -0.38 69.84
CA THR FB 155 -90.85 -0.75 71.02
C THR FB 155 -91.05 0.41 72.00
N THR FB 156 -90.33 1.51 71.83
CA THR FB 156 -90.52 2.55 72.84
C THR FB 156 -91.69 3.47 72.53
N SER FB 157 -91.51 4.43 71.62
CA SER FB 157 -92.57 5.40 71.43
C SER FB 157 -93.49 5.18 70.24
N GLU FB 158 -93.05 5.64 69.06
CA GLU FB 158 -93.81 5.65 67.81
C GLU FB 158 -92.90 6.23 66.72
N LEU FB 159 -92.87 5.65 65.53
CA LEU FB 159 -92.08 6.27 64.47
C LEU FB 159 -92.89 7.31 63.69
N PRO FB 160 -92.21 8.30 63.09
CA PRO FB 160 -92.89 9.26 62.21
C PRO FB 160 -93.28 8.64 60.87
N GLN FB 161 -93.73 9.47 59.93
CA GLN FB 161 -94.46 8.98 58.76
C GLN FB 161 -93.79 9.46 57.48
N PRO FB 162 -93.27 8.54 56.66
CA PRO FB 162 -92.48 8.91 55.48
C PRO FB 162 -93.35 9.37 54.33
N PRO FB 163 -92.77 10.12 53.37
CA PRO FB 163 -93.58 10.89 52.44
C PRO FB 163 -94.09 10.21 51.17
N PHE FB 164 -94.22 8.88 51.11
CA PHE FB 164 -94.94 8.25 50.00
C PHE FB 164 -94.35 8.54 48.62
N THR FB 165 -93.22 7.90 48.30
CA THR FB 165 -92.45 8.15 47.10
C THR FB 165 -93.30 8.45 45.87
N THR FB 166 -92.87 9.46 45.11
CA THR FB 166 -93.57 9.96 43.94
C THR FB 166 -93.21 9.12 42.71
N PRO FB 167 -93.95 9.28 41.60
CA PRO FB 167 -93.64 8.50 40.39
C PRO FB 167 -92.22 8.68 39.90
N VAL FB 168 -91.80 9.91 39.66
CA VAL FB 168 -90.44 10.21 39.25
C VAL FB 168 -89.81 11.09 40.31
N TYR FB 169 -88.58 10.77 40.70
CA TYR FB 169 -87.91 11.50 41.75
C TYR FB 169 -86.43 11.58 41.45
N VAL FB 170 -85.75 12.47 42.16
CA VAL FB 170 -84.30 12.63 42.08
C VAL FB 170 -83.76 12.47 43.49
N PRO FB 171 -83.08 11.35 43.79
CA PRO FB 171 -82.65 11.07 45.16
C PRO FB 171 -82.03 12.25 45.89
N ALA FB 172 -82.38 12.37 47.17
CA ALA FB 172 -82.02 13.50 48.01
C ALA FB 172 -80.57 13.91 47.88
N ALA FB 173 -79.64 13.00 48.12
CA ALA FB 173 -78.24 13.39 48.02
C ALA FB 173 -77.41 12.29 47.38
N ARG FB 174 -77.38 12.29 46.05
CA ARG FB 174 -76.53 11.41 45.26
C ARG FB 174 -75.98 12.16 44.06
N ARG FB 175 -75.97 13.49 44.17
CA ARG FB 175 -75.61 14.39 43.10
C ARG FB 175 -74.18 14.85 43.33
N SER FB 176 -73.47 15.13 42.25
CA SER FB 176 -72.13 15.67 42.45
C SER FB 176 -71.66 16.35 41.18
N VAL FB 177 -70.60 17.12 41.34
CA VAL FB 177 -70.02 17.92 40.27
C VAL FB 177 -68.52 17.87 40.40
N ASP FB 178 -67.83 17.59 39.30
CA ASP FB 178 -66.37 17.62 39.29
C ASP FB 178 -65.94 18.94 38.67
N PRO FB 179 -65.48 19.92 39.45
CA PRO FB 179 -65.12 21.22 38.86
C PRO FB 179 -63.96 21.14 37.90
N ARG FB 180 -63.30 19.99 37.83
CA ARG FB 180 -62.12 19.74 37.03
C ARG FB 180 -62.46 19.48 35.56
N THR FB 181 -63.69 19.04 35.28
CA THR FB 181 -64.11 18.79 33.91
C THR FB 181 -65.53 19.27 33.65
N HIS FB 182 -66.15 19.97 34.59
CA HIS FB 182 -67.46 20.59 34.41
C HIS FB 182 -68.52 19.55 34.03
N VAL FB 183 -68.74 18.61 34.93
CA VAL FB 183 -69.70 17.54 34.68
C VAL FB 183 -70.54 17.34 35.93
N LEU FB 184 -71.85 17.37 35.77
CA LEU FB 184 -72.80 17.16 36.86
C LEU FB 184 -73.37 15.76 36.74
N LYS FB 185 -73.37 15.03 37.86
CA LYS FB 185 -73.92 13.69 37.92
C LYS FB 185 -75.10 13.68 38.87
N PHE FB 186 -76.20 13.05 38.46
CA PHE FB 186 -77.32 12.85 39.37
C PHE FB 186 -78.06 11.60 38.95
N VAL FB 187 -78.84 11.09 39.88
CA VAL FB 187 -79.57 9.84 39.68
C VAL FB 187 -81.02 10.16 39.42
N LEU FB 188 -81.67 9.37 38.57
CA LEU FB 188 -83.08 9.58 38.25
C LEU FB 188 -83.81 8.26 38.43
N GLY FB 189 -84.69 8.19 39.41
CA GLY FB 189 -85.40 6.96 39.75
C GLY FB 189 -86.86 7.08 39.41
N VAL FB 190 -87.43 5.97 38.93
CA VAL FB 190 -88.83 5.89 38.52
C VAL FB 190 -89.52 4.88 39.41
N SER FB 191 -90.60 5.29 40.06
CA SER FB 191 -91.32 4.39 40.93
C SER FB 191 -91.99 3.29 40.11
N PRO FB 192 -92.29 2.14 40.71
CA PRO FB 192 -93.01 1.10 39.97
C PRO FB 192 -94.44 1.46 39.66
N ALA FB 193 -94.98 2.53 40.24
CA ALA FB 193 -96.36 2.93 40.03
C ALA FB 193 -96.51 3.98 38.95
N ALA FB 194 -95.43 4.38 38.29
CA ALA FB 194 -95.53 5.33 37.21
C ALA FB 194 -96.28 4.70 36.05
N ILE FB 195 -97.23 5.44 35.49
CA ILE FB 195 -98.10 4.89 34.45
C ILE FB 195 -97.48 5.16 33.09
N PRO FB 196 -97.34 4.16 32.24
CA PRO FB 196 -96.70 4.38 30.93
C PRO FB 196 -97.47 5.38 30.10
N GLY FB 197 -96.73 6.21 29.37
CA GLY FB 197 -97.31 7.25 28.55
C GLY FB 197 -97.28 8.63 29.16
N ASP FB 198 -97.07 8.74 30.47
CA ASP FB 198 -97.02 10.03 31.12
C ASP FB 198 -95.74 10.78 30.74
N VAL FB 199 -95.73 12.07 31.03
CA VAL FB 199 -94.58 12.93 30.77
C VAL FB 199 -94.39 13.82 31.98
N TYR FB 200 -93.16 13.88 32.49
CA TYR FB 200 -92.79 14.80 33.55
C TYR FB 200 -91.70 15.71 33.06
N ARG FB 201 -91.48 16.81 33.78
CA ARG FB 201 -90.51 17.81 33.39
C ARG FB 201 -89.57 18.08 34.55
N LEU FB 202 -88.28 17.96 34.32
CA LEU FB 202 -87.25 18.21 35.32
C LEU FB 202 -86.50 19.47 34.94
N THR FB 203 -86.44 20.42 35.86
CA THR FB 203 -85.70 21.66 35.67
C THR FB 203 -84.49 21.69 36.58
N VAL FB 204 -83.33 21.99 36.00
CA VAL FB 204 -82.05 21.97 36.70
C VAL FB 204 -81.48 23.38 36.70
N ARG FB 205 -81.18 23.90 37.89
CA ARG FB 205 -80.57 25.23 38.03
C ARG FB 205 -79.18 25.06 38.62
N GLN FB 206 -78.17 25.26 37.79
CA GLN FB 206 -76.79 25.02 38.17
C GLN FB 206 -76.02 26.33 38.19
N VAL FB 207 -75.20 26.53 39.22
CA VAL FB 207 -74.44 27.75 39.39
C VAL FB 207 -72.97 27.44 39.13
N ALA FB 208 -72.35 28.23 38.28
CA ALA FB 208 -70.91 28.28 38.20
C ALA FB 208 -70.44 29.34 39.19
N ILE FB 209 -69.16 29.68 39.15
CA ILE FB 209 -68.63 30.62 40.10
C ILE FB 209 -67.43 31.31 39.48
N ASP FB 210 -67.31 32.61 39.69
CA ASP FB 210 -66.17 33.34 39.16
C ASP FB 210 -65.09 33.40 40.22
N CYS FB 211 -63.92 33.86 39.80
CA CYS FB 211 -62.70 33.54 40.52
C CYS FB 211 -62.65 34.31 41.85
N ASP FB 212 -63.51 35.31 42.02
CA ASP FB 212 -63.77 35.97 43.30
C ASP FB 212 -64.94 35.37 44.06
N GLY FB 213 -65.62 34.37 43.53
CA GLY FB 213 -66.71 33.73 44.25
C GLY FB 213 -68.11 34.24 43.96
N ASN FB 214 -68.29 35.05 42.91
CA ASN FB 214 -69.63 35.47 42.53
C ASN FB 214 -70.29 34.37 41.70
N GLU FB 215 -71.45 34.62 41.12
CA GLU FB 215 -72.29 33.51 40.67
C GLU FB 215 -72.67 33.67 39.22
N PHE FB 216 -72.79 32.54 38.53
CA PHE FB 216 -73.30 32.48 37.17
C PHE FB 216 -74.32 31.36 37.12
N VAL FB 217 -75.58 31.69 36.92
CA VAL FB 217 -76.66 30.72 36.96
C VAL FB 217 -76.96 30.22 35.55
N HIS FB 218 -77.44 28.98 35.47
CA HIS FB 218 -77.78 28.33 34.21
C HIS FB 218 -78.98 27.43 34.44
N ILE FB 219 -79.99 27.53 33.57
CA ILE FB 219 -81.23 26.79 33.74
C ILE FB 219 -81.52 26.01 32.46
N SER FB 220 -81.95 24.76 32.62
CA SER FB 220 -82.37 23.92 31.50
C SER FB 220 -83.44 22.95 32.01
N CYS FB 221 -84.11 22.27 31.07
CA CYS FB 221 -85.12 21.30 31.47
C CYS FB 221 -84.89 20.00 30.73
N TYR FB 222 -85.52 18.94 31.24
CA TYR FB 222 -85.57 17.66 30.55
C TYR FB 222 -86.97 17.09 30.68
N ASP FB 223 -87.44 16.44 29.61
CA ASP FB 223 -88.79 15.89 29.55
C ASP FB 223 -88.70 14.39 29.72
N ILE FB 224 -89.08 13.91 30.89
CA ILE FB 224 -89.02 12.48 31.21
C ILE FB 224 -90.34 11.86 30.81
N SER FB 225 -90.30 11.00 29.80
CA SER FB 225 -91.50 10.37 29.26
C SER FB 225 -91.55 8.92 29.71
N ILE FB 226 -92.46 8.62 30.63
CA ILE FB 226 -92.54 7.27 31.20
C ILE FB 226 -93.01 6.32 30.11
N GLY FB 227 -92.10 5.52 29.59
CA GLY FB 227 -92.44 4.45 28.68
C GLY FB 227 -92.45 3.12 29.41
N SER FB 228 -93.16 2.17 28.82
CA SER FB 228 -93.12 0.79 29.26
C SER FB 228 -92.33 0.00 28.23
N CYS FB 229 -91.61 -1.01 28.71
CA CYS FB 229 -90.70 -1.76 27.87
C CYS FB 229 -89.61 -0.88 27.27
N GLY FB 230 -88.77 -0.35 28.14
CA GLY FB 230 -87.64 0.43 27.72
C GLY FB 230 -88.02 1.86 27.44
N MET GB 1 -71.27 32.29 27.58
CA MET GB 1 -70.62 33.59 27.57
C MET GB 1 -70.70 34.23 26.19
N TYR GB 2 -71.25 35.43 26.13
CA TYR GB 2 -71.33 36.19 24.89
C TYR GB 2 -70.00 36.88 24.63
N PHE GB 3 -69.63 36.95 23.35
CA PHE GB 3 -68.41 37.64 22.98
C PHE GB 3 -68.71 38.52 21.78
N PHE GB 4 -68.54 39.83 21.95
CA PHE GB 4 -68.79 40.78 20.89
C PHE GB 4 -67.50 41.51 20.54
N SER GB 5 -67.33 41.81 19.26
CA SER GB 5 -66.26 42.66 18.79
C SER GB 5 -66.87 43.98 18.35
N VAL GB 6 -66.26 45.09 18.76
CA VAL GB 6 -66.83 46.41 18.55
C VAL GB 6 -66.45 46.92 17.18
N ASP GB 7 -67.24 47.83 16.64
CA ASP GB 7 -66.94 48.37 15.32
C ASP GB 7 -65.90 49.47 15.44
N PRO GB 8 -64.89 49.47 14.56
CA PRO GB 8 -63.65 50.19 14.88
C PRO GB 8 -63.63 51.66 14.49
N ARG GB 9 -64.72 52.22 13.97
CA ARG GB 9 -64.80 53.64 13.64
C ARG GB 9 -63.71 54.05 12.65
N ASN GB 10 -63.66 53.35 11.51
CA ASN GB 10 -62.75 53.65 10.41
C ASN GB 10 -63.44 54.32 9.24
N GLY GB 11 -64.76 54.32 9.20
CA GLY GB 11 -65.45 54.59 7.95
C GLY GB 11 -65.63 53.34 7.13
N ALA GB 12 -65.55 52.16 7.75
CA ALA GB 12 -65.63 50.89 7.05
C ALA GB 12 -66.34 49.85 7.92
N SER GB 13 -66.16 48.57 7.59
CA SER GB 13 -66.81 47.49 8.32
C SER GB 13 -66.28 47.33 9.74
N SER GB 21 -80.47 43.37 11.57
CA SER GB 21 -81.20 44.37 10.82
C SER GB 21 -81.19 45.71 11.55
N CYS GB 22 -81.25 45.66 12.89
CA CYS GB 22 -81.21 46.88 13.70
C CYS GB 22 -79.82 47.44 13.84
N CYS GB 23 -79.78 48.55 14.57
CA CYS GB 23 -78.54 49.19 14.96
C CYS GB 23 -77.78 48.38 16.00
N CYS GB 24 -78.40 48.10 17.14
CA CYS GB 24 -77.72 47.51 18.28
C CYS GB 24 -77.85 45.99 18.19
N GLU GB 25 -76.74 45.29 18.43
CA GLU GB 25 -76.69 43.84 18.30
C GLU GB 25 -77.51 43.19 19.41
N SER GB 26 -77.64 41.87 19.33
CA SER GB 26 -78.65 41.12 20.05
C SER GB 26 -78.05 40.20 21.10
N ILE GB 27 -78.79 40.06 22.21
CA ILE GB 27 -78.43 39.18 23.31
C ILE GB 27 -79.69 38.48 23.76
N SER GB 28 -79.73 37.15 23.64
CA SER GB 28 -80.88 36.41 24.11
C SER GB 28 -80.70 36.04 25.58
N ALA GB 29 -81.81 36.06 26.32
CA ALA GB 29 -81.74 35.88 27.76
C ALA GB 29 -82.93 35.08 28.23
N ARG GB 30 -82.73 34.32 29.29
CA ARG GB 30 -83.75 33.45 29.86
C ARG GB 30 -84.01 33.83 31.31
N PRO GB 31 -85.28 33.91 31.73
CA PRO GB 31 -85.58 34.39 33.09
C PRO GB 31 -84.96 33.54 34.17
N GLY GB 32 -84.17 34.17 35.04
CA GLY GB 32 -83.51 33.48 36.14
C GLY GB 32 -82.02 33.33 35.94
N GLU GB 33 -81.54 33.37 34.70
CA GLU GB 33 -80.13 33.19 34.41
C GLU GB 33 -79.31 34.34 34.94
N VAL GB 34 -78.00 34.12 35.00
CA VAL GB 34 -76.99 35.15 35.20
C VAL GB 34 -75.82 34.78 34.30
N ASN GB 35 -75.66 35.46 33.19
CA ASN GB 35 -74.69 35.09 32.19
C ASN GB 35 -73.50 36.05 32.24
N GLY GB 36 -72.55 35.87 31.32
CA GLY GB 36 -71.40 36.76 31.26
C GLY GB 36 -71.13 37.24 29.86
N VAL GB 37 -70.76 38.51 29.71
CA VAL GB 37 -70.58 39.13 28.41
C VAL GB 37 -69.17 39.68 28.31
N MET GB 38 -68.52 39.46 27.17
CA MET GB 38 -67.19 39.97 26.90
C MET GB 38 -67.22 40.81 25.63
N VAL GB 39 -66.64 42.00 25.70
CA VAL GB 39 -66.59 42.92 24.56
C VAL GB 39 -65.13 43.25 24.29
N SER GB 40 -64.70 43.09 23.04
CA SER GB 40 -63.30 43.23 22.67
C SER GB 40 -63.11 44.56 21.94
N TYR GB 41 -62.62 45.55 22.67
CA TYR GB 41 -62.38 46.87 22.08
C TYR GB 41 -61.07 46.94 21.30
N ALA GB 42 -60.44 45.81 21.00
CA ALA GB 42 -59.13 45.83 20.37
C ALA GB 42 -59.16 46.55 19.03
N ALA GB 43 -60.23 46.35 18.24
CA ALA GB 43 -60.27 46.94 16.91
C ALA GB 43 -60.31 48.45 16.95
N TRP GB 44 -60.79 49.06 18.03
CA TRP GB 44 -60.93 50.49 18.13
C TRP GB 44 -59.82 51.15 18.93
N SER GB 45 -59.40 50.54 20.03
CA SER GB 45 -58.48 51.15 20.96
C SER GB 45 -57.03 50.78 20.71
N ALA GB 46 -56.75 49.82 19.83
CA ALA GB 46 -55.36 49.47 19.57
C ALA GB 46 -54.67 50.51 18.69
N PRO GB 47 -55.25 50.94 17.56
CA PRO GB 47 -54.61 52.01 16.80
C PRO GB 47 -54.37 53.27 17.62
N LEU GB 48 -55.26 53.61 18.54
CA LEU GB 48 -55.04 54.73 19.44
C LEU GB 48 -53.95 54.35 20.44
N ARG GB 49 -52.71 54.26 19.96
CA ARG GB 49 -51.64 53.74 20.78
C ARG GB 49 -51.51 54.58 22.05
N GLY GB 50 -51.89 54.01 23.18
CA GLY GB 50 -51.91 54.73 24.43
C GLY GB 50 -51.87 53.78 25.61
N HIS GB 51 -52.65 54.07 26.63
CA HIS GB 51 -52.72 53.23 27.82
C HIS GB 51 -53.99 52.38 27.87
N GLY GB 52 -54.59 52.10 26.73
CA GLY GB 52 -55.68 51.16 26.69
C GLY GB 52 -56.94 51.66 27.37
N LEU GB 53 -57.74 50.72 27.83
CA LEU GB 53 -59.02 51.03 28.43
C LEU GB 53 -58.84 51.49 29.87
N THR GB 54 -59.89 52.08 30.44
CA THR GB 54 -59.91 52.41 31.86
C THR GB 54 -61.22 51.92 32.45
N ASN GB 55 -61.26 51.87 33.78
CA ASN GB 55 -62.45 51.40 34.50
C ASN GB 55 -63.43 52.54 34.72
N LYS GB 56 -63.84 53.17 33.63
CA LYS GB 56 -64.87 54.19 33.68
C LYS GB 56 -65.97 53.87 32.69
N THR GB 57 -66.46 52.65 32.72
CA THR GB 57 -67.59 52.24 31.91
C THR GB 57 -68.89 52.66 32.59
N THR GB 58 -69.88 52.99 31.79
CA THR GB 58 -71.19 53.37 32.28
C THR GB 58 -72.25 52.61 31.49
N PHE GB 59 -73.23 52.06 32.20
CA PHE GB 59 -74.29 51.27 31.59
C PHE GB 59 -75.63 51.95 31.79
N GLU GB 60 -76.58 51.64 30.91
CA GLU GB 60 -77.93 52.14 31.06
C GLU GB 60 -78.89 51.13 30.45
N ILE GB 61 -79.95 50.82 31.19
CA ILE GB 61 -80.98 49.89 30.73
C ILE GB 61 -82.24 50.66 30.46
N ASP GB 62 -82.84 50.43 29.31
CA ASP GB 62 -84.12 51.02 28.94
C ASP GB 62 -84.94 49.99 28.19
N GLY GB 63 -86.24 49.97 28.44
CA GLY GB 63 -87.12 49.00 27.83
C GLY GB 63 -87.67 49.49 26.51
N VAL GB 64 -87.64 48.62 25.50
CA VAL GB 64 -88.28 48.87 24.22
C VAL GB 64 -89.60 48.12 24.10
N SER GB 65 -89.91 47.26 25.06
CA SER GB 65 -91.15 46.50 25.15
C SER GB 65 -91.19 45.86 26.53
N VAL GB 66 -92.21 46.13 27.33
CA VAL GB 66 -92.17 45.78 28.74
C VAL GB 66 -93.26 44.81 29.16
N THR GB 67 -94.50 44.98 28.68
CA THR GB 67 -95.60 44.11 29.10
C THR GB 67 -95.79 44.23 30.62
N PRO GB 68 -96.42 45.30 31.09
CA PRO GB 68 -96.47 45.59 32.54
C PRO GB 68 -96.86 44.36 33.35
N PRO GB 69 -96.29 44.20 34.54
CA PRO GB 69 -96.56 42.99 35.32
C PRO GB 69 -97.97 42.99 35.89
N LYS GB 70 -98.45 41.79 36.16
CA LYS GB 70 -99.79 41.63 36.72
C LYS GB 70 -99.79 41.72 38.24
N VAL GB 71 -98.89 40.98 38.89
CA VAL GB 71 -98.87 40.85 40.34
C VAL GB 71 -97.87 41.86 40.89
N SER GB 72 -98.26 42.56 41.94
CA SER GB 72 -97.35 43.53 42.54
C SER GB 72 -96.32 42.82 43.42
N ASN GB 73 -95.21 43.52 43.64
CA ASN GB 73 -94.24 43.04 44.61
C ASN GB 73 -94.58 43.59 45.99
N ALA GB 74 -93.82 43.20 47.00
CA ALA GB 74 -94.16 43.58 48.36
C ALA GB 74 -92.90 43.62 49.21
N PHE GB 75 -93.01 44.31 50.34
CA PHE GB 75 -91.91 44.44 51.28
C PHE GB 75 -92.40 44.20 52.69
N GLY GB 76 -91.66 43.40 53.46
CA GLY GB 76 -91.96 43.16 54.84
C GLY GB 76 -90.74 43.41 55.71
N ARG GB 77 -90.96 43.34 57.02
CA ARG GB 77 -89.88 43.62 57.96
C ARG GB 77 -90.09 42.81 59.23
N THR GB 78 -88.98 42.36 59.81
CA THR GB 78 -89.01 41.56 61.03
C THR GB 78 -87.68 41.74 61.76
N LYS GB 79 -87.70 41.52 63.06
CA LYS GB 79 -86.46 41.54 63.83
C LYS GB 79 -85.78 40.18 63.74
N VAL GB 80 -84.57 40.08 64.29
CA VAL GB 80 -83.87 38.81 64.26
C VAL GB 80 -84.61 37.79 65.09
N GLY GB 81 -84.64 36.55 64.59
CA GLY GB 81 -85.16 35.41 65.30
C GLY GB 81 -86.66 35.30 65.38
N VAL GB 82 -87.40 36.39 65.25
CA VAL GB 82 -88.85 36.34 65.37
C VAL GB 82 -89.46 35.94 64.04
N VAL GB 83 -90.41 35.01 64.09
CA VAL GB 83 -91.05 34.47 62.90
C VAL GB 83 -91.91 35.56 62.28
N PHE GB 84 -91.96 35.58 60.95
CA PHE GB 84 -92.67 36.61 60.22
C PHE GB 84 -93.83 35.99 59.44
N GLU GB 85 -94.98 36.64 59.50
CA GLU GB 85 -96.16 36.27 58.73
C GLU GB 85 -96.45 37.36 57.70
N GLY GB 86 -97.26 36.99 56.72
CA GLY GB 86 -97.68 37.94 55.71
C GLY GB 86 -98.72 37.29 54.82
N THR GB 87 -99.33 38.09 53.98
CA THR GB 87 -100.35 37.62 53.07
C THR GB 87 -99.84 37.66 51.64
N LEU GB 88 -100.52 36.91 50.78
CA LEU GB 88 -100.10 36.83 49.39
C LEU GB 88 -101.31 36.95 48.47
N SER GB 89 -102.32 37.72 48.89
CA SER GB 89 -103.55 37.85 48.12
C SER GB 89 -103.88 39.28 47.72
N ASP GB 90 -103.37 40.28 48.41
CA ASP GB 90 -103.55 41.67 48.03
C ASP GB 90 -102.51 42.10 47.01
N LEU GB 91 -101.72 41.15 46.51
CA LEU GB 91 -100.66 41.43 45.56
C LEU GB 91 -101.06 41.04 44.15
N PHE GB 92 -102.31 40.64 43.96
CA PHE GB 92 -102.82 40.20 42.67
C PHE GB 92 -104.17 40.86 42.40
N PRO GB 93 -104.19 42.15 42.12
CA PRO GB 93 -105.45 42.77 41.72
C PRO GB 93 -105.89 42.18 40.40
N ASN GB 94 -106.94 41.38 40.41
CA ASN GB 94 -107.36 40.73 39.18
C ASN GB 94 -108.47 41.52 38.50
N PRO GB 95 -108.41 41.67 37.18
CA PRO GB 95 -109.52 42.31 36.45
C PRO GB 95 -110.75 41.43 36.44
N GLU GB 96 -110.55 40.17 36.07
CA GLU GB 96 -111.61 39.21 35.79
C GLU GB 96 -111.91 38.30 36.97
N GLY GB 97 -112.76 37.30 36.75
CA GLY GB 97 -113.03 36.29 37.75
C GLY GB 97 -112.26 35.00 37.54
N GLU GB 98 -111.46 34.62 38.53
CA GLU GB 98 -110.68 33.40 38.47
C GLU GB 98 -110.14 33.10 39.86
N GLN GB 99 -109.56 31.92 40.00
CA GLN GB 99 -108.97 31.46 41.26
C GLN GB 99 -107.45 31.65 41.23
N VAL GB 100 -106.88 31.60 42.44
CA VAL GB 100 -105.52 32.04 42.69
C VAL GB 100 -104.64 30.89 43.20
N GLU GB 101 -103.96 30.21 42.29
CA GLU GB 101 -103.08 29.11 42.65
C GLU GB 101 -101.73 29.62 43.14
N TYR GB 102 -101.69 30.12 44.36
CA TYR GB 102 -100.45 30.59 44.96
C TYR GB 102 -99.37 29.52 44.92
N GLU GB 103 -98.16 29.89 44.54
CA GLU GB 103 -97.08 28.93 44.38
C GLU GB 103 -95.74 29.56 44.72
N ILE GB 104 -94.89 28.82 45.41
CA ILE GB 104 -93.53 29.25 45.72
C ILE GB 104 -92.60 28.25 45.04
N SER GB 105 -91.96 28.68 43.96
CA SER GB 105 -91.05 27.81 43.20
C SER GB 105 -89.83 27.47 44.05
N GLU GB 106 -89.45 26.20 44.05
CA GLU GB 106 -88.27 25.78 44.80
C GLU GB 106 -86.97 26.24 44.17
N LEU GB 107 -86.98 26.62 42.89
CA LEU GB 107 -85.76 27.11 42.27
C LEU GB 107 -85.41 28.50 42.78
N ASN GB 108 -86.42 29.29 43.12
CA ASN GB 108 -86.24 30.66 43.54
C ASN GB 108 -86.80 30.91 44.93
N GLY GB 109 -86.59 29.96 45.83
CA GLY GB 109 -87.04 30.10 47.20
C GLY GB 109 -86.18 31.08 47.95
N PRO GB 110 -86.37 31.17 49.26
CA PRO GB 110 -85.55 32.07 50.07
C PRO GB 110 -84.11 31.57 50.20
N SER GB 111 -83.26 32.35 50.84
CA SER GB 111 -81.85 32.02 50.94
C SER GB 111 -81.38 31.76 52.36
N ASN GB 112 -81.97 32.42 53.35
CA ASN GB 112 -81.57 32.24 54.74
C ASN GB 112 -82.79 32.02 55.63
N GLY GB 113 -83.84 31.41 55.09
CA GLY GB 113 -85.05 31.14 55.85
C GLY GB 113 -85.78 29.94 55.28
N VAL GB 114 -87.07 29.83 55.62
CA VAL GB 114 -87.95 28.80 55.08
C VAL GB 114 -89.35 29.41 55.02
N VAL GB 115 -90.12 29.02 54.01
CA VAL GB 115 -91.49 29.50 53.85
C VAL GB 115 -92.43 28.31 53.69
N GLU GB 116 -93.49 28.27 54.51
CA GLU GB 116 -94.51 27.23 54.43
C GLU GB 116 -95.73 27.89 53.82
N LEU GB 117 -95.96 27.70 52.52
CA LEU GB 117 -97.14 28.29 51.91
C LEU GB 117 -98.40 27.64 52.47
N GLY GB 118 -99.33 28.47 52.92
CA GLY GB 118 -100.57 27.99 53.49
C GLY GB 118 -101.54 27.55 52.43
N ALA GB 119 -102.79 27.34 52.86
CA ALA GB 119 -103.83 26.94 51.91
C ALA GB 119 -104.34 28.12 51.12
N ASN GB 120 -104.44 29.29 51.76
CA ASN GB 120 -105.00 30.48 51.12
C ASN GB 120 -104.03 31.64 51.29
N GLY GB 121 -103.20 31.88 50.27
CA GLY GB 121 -102.37 33.06 50.18
C GLY GB 121 -101.64 33.50 51.43
N ALA GB 122 -101.36 32.56 52.32
CA ALA GB 122 -100.66 32.84 53.56
C ALA GB 122 -99.36 32.07 53.60
N PHE GB 123 -98.39 32.60 54.33
CA PHE GB 123 -97.06 32.00 54.34
C PHE GB 123 -96.32 32.48 55.57
N THR GB 124 -95.47 31.61 56.10
CA THR GB 124 -94.67 31.90 57.28
C THR GB 124 -93.21 31.82 56.91
N TYR GB 125 -92.48 32.91 57.10
CA TYR GB 125 -91.05 32.97 56.83
C TYR GB 125 -90.32 32.97 58.17
N THR GB 126 -89.83 31.79 58.56
CA THR GB 126 -89.04 31.68 59.77
C THR GB 126 -87.58 31.97 59.42
N PRO GB 127 -87.04 33.12 59.80
CA PRO GB 127 -85.67 33.45 59.41
C PRO GB 127 -84.68 32.50 60.05
N GLY GB 128 -83.61 32.21 59.30
CA GLY GB 128 -82.57 31.35 59.84
C GLY GB 128 -81.96 31.93 61.10
N ALA GB 129 -81.80 31.06 62.10
CA ALA GB 129 -81.29 31.50 63.40
C ALA GB 129 -79.91 32.11 63.26
N LEU GB 130 -79.67 33.15 64.05
CA LEU GB 130 -78.41 33.90 64.02
C LEU GB 130 -78.12 34.42 62.62
N PHE GB 131 -79.02 35.29 62.15
CA PHE GB 131 -78.87 35.90 60.83
C PHE GB 131 -79.66 37.19 60.80
N THR GB 132 -79.05 38.24 60.25
CA THR GB 132 -79.74 39.53 60.12
C THR GB 132 -79.30 40.16 58.81
N GLY GB 133 -80.21 40.26 57.86
CA GLY GB 133 -79.92 40.88 56.59
C GLY GB 133 -81.20 41.08 55.80
N VAL GB 134 -81.11 40.89 54.49
CA VAL GB 134 -82.27 40.95 53.61
C VAL GB 134 -82.43 39.61 52.94
N ASP GB 135 -83.67 39.24 52.65
CA ASP GB 135 -83.95 37.95 52.05
C ASP GB 135 -85.14 38.07 51.12
N ARG GB 136 -85.07 37.38 49.99
CA ARG GB 136 -86.10 37.43 48.97
C ARG GB 136 -86.60 36.03 48.65
N PHE GB 137 -87.79 35.98 48.05
CA PHE GB 137 -88.28 34.78 47.41
C PHE GB 137 -89.31 35.18 46.38
N TRP GB 138 -89.46 34.36 45.35
CA TRP GB 138 -90.27 34.69 44.19
C TRP GB 138 -91.48 33.78 44.15
N PHE GB 139 -92.66 34.35 44.36
CA PHE GB 139 -93.91 33.64 44.29
C PHE GB 139 -94.49 33.75 42.88
N SER GB 140 -95.46 32.89 42.60
CA SER GB 140 -96.12 32.87 41.29
C SER GB 140 -97.63 32.71 41.50
N ILE GB 141 -98.33 33.84 41.58
CA ILE GB 141 -99.77 33.82 41.75
C ILE GB 141 -100.38 33.61 40.37
N ASN GB 142 -100.72 32.36 40.07
CA ASN GB 142 -101.43 32.00 38.85
C ASN GB 142 -100.60 32.36 37.62
N GLY GB 143 -99.40 31.78 37.56
CA GLY GB 143 -98.53 31.97 36.41
C GLY GB 143 -97.71 33.24 36.44
N ASN GB 144 -98.28 34.32 36.98
CA ASN GB 144 -97.58 35.59 37.01
C ASN GB 144 -96.67 35.66 38.23
N ILE GB 145 -95.43 36.08 38.02
CA ILE GB 145 -94.39 36.01 39.03
C ILE GB 145 -94.08 37.39 39.56
N GLY GB 146 -93.84 37.49 40.87
CA GLY GB 146 -93.38 38.69 41.52
C GLY GB 146 -92.45 38.26 42.63
N GLU GB 147 -91.91 39.24 43.35
CA GLU GB 147 -90.99 38.93 44.45
C GLU GB 147 -91.47 39.56 45.74
N TYR GB 148 -91.16 38.90 46.84
CA TYR GB 148 -91.42 39.38 48.18
C TYR GB 148 -90.09 39.57 48.88
N VAL GB 149 -89.86 40.77 49.42
CA VAL GB 149 -88.59 41.12 50.03
C VAL GB 149 -88.81 41.30 51.51
N ILE GB 150 -88.04 40.58 52.32
CA ILE GB 150 -88.09 40.68 53.76
C ILE GB 150 -86.70 41.07 54.27
N SER GB 151 -86.67 41.98 55.23
CA SER GB 151 -85.44 42.45 55.86
C SER GB 151 -85.49 42.13 57.34
N VAL GB 152 -84.51 41.38 57.82
CA VAL GB 152 -84.46 40.97 59.22
C VAL GB 152 -83.43 41.83 59.94
N ASP GB 153 -83.86 42.45 61.03
CA ASP GB 153 -83.11 43.46 61.77
C ASP GB 153 -82.33 42.82 62.91
N PRO GB 154 -81.21 43.44 63.33
CA PRO GB 154 -80.40 42.83 64.39
C PRO GB 154 -80.87 43.24 65.77
N THR GB 155 -82.19 43.32 65.92
CA THR GB 155 -82.94 43.55 67.16
C THR GB 155 -82.80 44.98 67.68
N THR GB 156 -81.88 45.77 67.15
CA THR GB 156 -81.76 47.09 67.75
C THR GB 156 -82.73 48.10 67.15
N SER GB 157 -82.41 48.63 65.96
CA SER GB 157 -83.26 49.71 65.46
C SER GB 157 -84.30 49.32 64.42
N GLU GB 158 -83.87 49.25 63.15
CA GLU GB 158 -84.71 49.03 61.98
C GLU GB 158 -83.79 48.99 60.75
N LEU GB 159 -83.98 48.06 59.82
CA LEU GB 159 -83.16 48.09 58.61
C LEU GB 159 -83.79 48.96 57.53
N PRO GB 160 -82.97 49.52 56.63
CA PRO GB 160 -83.49 50.26 55.47
C PRO GB 160 -84.12 49.35 54.43
N GLN GB 161 -84.46 49.90 53.26
CA GLN GB 161 -85.37 49.23 52.32
C GLN GB 161 -84.72 49.09 50.95
N PRO GB 162 -84.48 47.85 50.51
CA PRO GB 162 -83.72 47.62 49.27
C PRO GB 162 -84.56 47.86 48.03
N PRO GB 163 -83.92 48.09 46.88
CA PRO GB 163 -84.62 48.68 45.73
C PRO GB 163 -85.37 47.75 44.77
N PHE GB 164 -85.78 46.54 45.18
CA PHE GB 164 -86.71 45.77 44.35
C PHE GB 164 -86.18 45.44 42.95
N THR GB 165 -85.25 44.49 42.88
CA THR GB 165 -84.53 44.14 41.64
C THR GB 165 -85.40 44.21 40.39
N THR GB 166 -84.84 44.78 39.33
CA THR GB 166 -85.50 45.00 38.06
C THR GB 166 -85.44 43.75 37.20
N PRO GB 167 -86.21 43.70 36.10
CA PRO GB 167 -86.17 42.52 35.23
C PRO GB 167 -84.80 42.19 34.69
N VAL GB 168 -84.14 43.14 34.05
CA VAL GB 168 -82.79 42.97 33.56
C VAL GB 168 -81.89 43.98 34.26
N TYR GB 169 -80.74 43.54 34.72
CA TYR GB 169 -79.84 44.40 35.47
C TYR GB 169 -78.41 44.04 35.14
N VAL GB 170 -77.50 44.93 35.50
CA VAL GB 170 -76.07 44.72 35.37
C VAL GB 170 -75.45 44.91 36.75
N PRO GB 171 -75.01 43.83 37.41
CA PRO GB 171 -74.54 43.92 38.79
C PRO GB 171 -73.62 45.09 39.08
N ALA GB 172 -73.84 45.71 40.24
CA ALA GB 172 -73.17 46.95 40.65
C ALA GB 172 -71.68 46.95 40.36
N ALA GB 173 -70.95 45.98 40.90
CA ALA GB 173 -69.51 45.97 40.67
C ALA GB 173 -69.00 44.57 40.42
N ARG GB 174 -69.07 44.13 39.19
CA ARG GB 174 -68.51 42.86 38.74
C ARG GB 174 -67.90 43.04 37.36
N ARG GB 175 -67.60 44.28 37.01
CA ARG GB 175 -67.13 44.67 35.69
C ARG GB 175 -65.63 44.84 35.74
N SER GB 176 -64.96 44.57 34.63
CA SER GB 176 -63.53 44.82 34.63
C SER GB 176 -63.04 44.91 33.20
N VAL GB 177 -61.82 45.43 33.08
CA VAL GB 177 -61.18 45.68 31.80
C VAL GB 177 -59.71 45.33 31.94
N ASP GB 178 -59.19 44.56 31.00
CA ASP GB 178 -57.77 44.24 30.98
C ASP GB 178 -57.12 45.14 29.94
N PRO GB 179 -56.40 46.19 30.34
CA PRO GB 179 -55.82 47.11 29.33
C PRO GB 179 -54.78 46.45 28.47
N ARG GB 180 -54.39 45.23 28.78
CA ARG GB 180 -53.37 44.46 28.11
C ARG GB 180 -53.87 43.82 26.83
N THR GB 181 -55.18 43.59 26.71
CA THR GB 181 -55.76 43.01 25.50
C THR GB 181 -57.06 43.69 25.10
N HIS GB 182 -57.43 44.78 25.75
CA HIS GB 182 -58.59 45.59 25.38
C HIS GB 182 -59.88 44.76 25.37
N VAL GB 183 -60.22 44.25 26.55
CA VAL GB 183 -61.40 43.42 26.68
C VAL GB 183 -62.16 43.83 27.93
N LEU GB 184 -63.45 44.10 27.77
CA LEU GB 184 -64.32 44.48 28.87
C LEU GB 184 -65.20 43.30 29.25
N LYS GB 185 -65.26 43.00 30.53
CA LYS GB 185 -66.08 41.92 31.06
C LYS GB 185 -67.15 42.50 31.95
N PHE GB 186 -68.38 42.04 31.79
CA PHE GB 186 -69.44 42.41 32.71
C PHE GB 186 -70.47 41.30 32.77
N VAL GB 187 -71.26 41.31 33.79
CA VAL GB 187 -72.25 40.28 34.05
C VAL GB 187 -73.62 40.83 33.70
N LEU GB 188 -74.49 39.96 33.18
CA LEU GB 188 -75.85 40.37 32.80
C LEU GB 188 -76.81 39.39 33.43
N GLY GB 189 -77.61 39.86 34.37
CA GLY GB 189 -78.53 39.00 35.10
C GLY GB 189 -79.97 39.33 34.76
N VAL GB 190 -80.79 38.29 34.68
CA VAL GB 190 -82.21 38.41 34.34
C VAL GB 190 -83.02 37.93 35.52
N SER GB 191 -83.94 38.76 36.01
CA SER GB 191 -84.75 38.39 37.13
C SER GB 191 -85.71 37.28 36.73
N PRO GB 192 -86.20 36.49 37.69
CA PRO GB 192 -87.19 35.46 37.35
C PRO GB 192 -88.53 36.01 36.95
N ALA GB 193 -88.77 37.31 37.12
CA ALA GB 193 -90.04 37.91 36.80
C ALA GB 193 -90.06 38.55 35.42
N ALA GB 194 -88.97 38.46 34.67
CA ALA GB 194 -88.96 38.99 33.32
C ALA GB 194 -89.92 38.20 32.44
N ILE GB 195 -90.73 38.92 31.68
CA ILE GB 195 -91.78 38.27 30.89
C ILE GB 195 -91.22 37.92 29.51
N PRO GB 196 -91.38 36.69 29.05
CA PRO GB 196 -90.81 36.31 27.75
C PRO GB 196 -91.41 37.14 26.63
N GLY GB 197 -90.58 37.48 25.65
CA GLY GB 197 -90.98 38.29 24.54
C GLY GB 197 -90.61 39.75 24.64
N ASP GB 198 -90.28 40.24 25.83
CA ASP GB 198 -89.89 41.62 26.00
C ASP GB 198 -88.52 41.88 25.39
N VAL GB 199 -88.22 43.16 25.21
CA VAL GB 199 -86.93 43.61 24.67
C VAL GB 199 -86.45 44.77 25.51
N TYR GB 200 -85.21 44.71 25.96
CA TYR GB 200 -84.56 45.82 26.65
C TYR GB 200 -83.33 46.24 25.87
N ARG GB 201 -82.84 47.43 26.17
CA ARG GB 201 -81.70 47.99 25.46
C ARG GB 201 -80.63 48.42 26.45
N LEU GB 202 -79.42 47.93 26.27
CA LEU GB 202 -78.29 48.25 27.13
C LEU GB 202 -77.32 49.11 26.34
N THR GB 203 -76.98 50.28 26.87
CA THR GB 203 -76.02 51.18 26.26
C THR GB 203 -74.76 51.22 27.11
N VAL GB 204 -73.61 51.05 26.46
CA VAL GB 204 -72.31 50.97 27.12
C VAL GB 204 -71.46 52.13 26.64
N ARG GB 205 -70.95 52.92 27.57
CA ARG GB 205 -70.07 54.04 27.25
C ARG GB 205 -68.70 53.77 27.86
N GLN GB 206 -67.74 53.44 27.00
CA GLN GB 206 -66.42 53.04 27.43
C GLN GB 206 -65.39 54.06 27.00
N VAL GB 207 -64.47 54.39 27.90
CA VAL GB 207 -63.45 55.39 27.65
C VAL GB 207 -62.10 54.69 27.50
N ALA GB 208 -61.40 54.99 26.43
CA ALA GB 208 -59.99 54.69 26.32
C ALA GB 208 -59.23 55.86 26.89
N ILE GB 209 -57.92 55.87 26.73
CA ILE GB 209 -57.11 56.93 27.32
C ILE GB 209 -55.86 57.08 26.49
N ASP GB 210 -55.44 58.31 26.24
CA ASP GB 210 -54.22 58.54 25.50
C ASP GB 210 -53.06 58.70 26.46
N CYS GB 211 -51.86 58.71 25.90
CA CYS GB 211 -50.69 58.38 26.69
C CYS GB 211 -50.36 59.50 27.67
N ASP GB 212 -50.97 60.68 27.49
CA ASP GB 212 -50.98 61.76 28.47
C ASP GB 212 -52.19 61.75 29.40
N GLY GB 213 -53.11 60.81 29.24
CA GLY GB 213 -54.24 60.71 30.13
C GLY GB 213 -55.51 61.40 29.70
N ASN GB 214 -55.61 61.83 28.44
CA ASN GB 214 -56.86 62.39 27.95
C ASN GB 214 -57.80 61.26 27.55
N GLU GB 215 -58.93 61.57 26.92
CA GLU GB 215 -60.00 60.60 26.88
C GLU GB 215 -60.47 60.35 25.46
N PHE GB 216 -60.88 59.12 25.19
CA PHE GB 216 -61.51 58.72 23.94
C PHE GB 216 -62.74 57.92 24.29
N VAL GB 217 -63.91 58.45 23.98
CA VAL GB 217 -65.17 57.82 24.35
C VAL GB 217 -65.68 56.97 23.21
N HIS GB 218 -66.43 55.92 23.55
CA HIS GB 218 -67.00 54.98 22.59
C HIS GB 218 -68.34 54.51 23.12
N ILE GB 219 -69.36 54.55 22.28
CA ILE GB 219 -70.72 54.20 22.69
C ILE GB 219 -71.28 53.13 21.75
N SER GB 220 -71.94 52.14 22.32
CA SER GB 220 -72.63 51.10 21.57
C SER GB 220 -73.83 50.62 22.37
N CYS GB 221 -74.71 49.85 21.74
CA CYS GB 221 -75.87 49.32 22.43
C CYS GB 221 -75.98 47.83 22.20
N TYR GB 222 -76.78 47.18 23.03
CA TYR GB 222 -77.16 45.79 22.82
C TYR GB 222 -78.64 45.62 23.14
N ASP GB 223 -79.31 44.80 22.36
CA ASP GB 223 -80.75 44.57 22.49
C ASP GB 223 -80.97 43.23 23.17
N ILE GB 224 -81.36 43.27 24.44
CA ILE GB 224 -81.57 42.07 25.21
C ILE GB 224 -83.03 41.65 25.06
N SER GB 225 -83.26 40.52 24.41
CA SER GB 225 -84.61 40.04 24.11
C SER GB 225 -84.92 38.88 25.04
N ILE GB 226 -85.80 39.11 26.01
CA ILE GB 226 -86.11 38.10 27.00
C ILE GB 226 -86.87 36.97 26.31
N GLY GB 227 -86.20 35.86 26.09
CA GLY GB 227 -86.83 34.65 25.60
C GLY GB 227 -87.07 33.68 26.74
N SER GB 228 -88.01 32.79 26.51
CA SER GB 228 -88.23 31.65 27.39
C SER GB 228 -87.72 30.41 26.68
N CYS GB 229 -87.20 29.48 27.48
CA CYS GB 229 -86.55 28.30 26.94
C CYS GB 229 -85.35 28.66 26.07
N GLY GB 230 -84.33 29.24 26.71
CA GLY GB 230 -83.10 29.56 26.04
C GLY GB 230 -83.20 30.86 25.28
N MET HB 1 -60.40 54.89 14.92
CA MET HB 1 -59.49 55.92 14.47
C MET HB 1 -59.54 56.07 12.96
N TYR HB 2 -59.83 57.26 12.48
CA TYR HB 2 -59.85 57.56 11.06
C TYR HB 2 -58.43 57.80 10.57
N PHE HB 3 -58.16 57.36 9.35
CA PHE HB 3 -56.85 57.59 8.75
C PHE HB 3 -57.05 58.06 7.32
N PHE HB 4 -56.59 59.28 7.04
CA PHE HB 4 -56.72 59.85 5.70
C PHE HB 4 -55.34 60.11 5.12
N SER HB 5 -55.22 59.91 3.82
CA SER HB 5 -54.03 60.28 3.08
C SER HB 5 -54.39 61.49 2.21
N VAL HB 6 -53.53 62.49 2.22
CA VAL HB 6 -53.82 63.76 1.57
C VAL HB 6 -53.45 63.68 0.10
N ASP HB 7 -54.08 64.51 -0.72
CA ASP HB 7 -53.77 64.50 -2.14
C ASP HB 7 -52.51 65.31 -2.42
N PRO HB 8 -51.60 64.78 -3.24
CA PRO HB 8 -50.22 65.27 -3.19
C PRO HB 8 -49.92 66.48 -4.07
N ARG HB 9 -50.91 67.07 -4.74
CA ARG HB 9 -50.71 68.27 -5.55
C ARG HB 9 -49.64 68.06 -6.62
N ASN HB 10 -49.83 67.03 -7.45
CA ASN HB 10 -48.97 66.73 -8.58
C ASN HB 10 -49.59 67.11 -9.92
N GLY HB 11 -50.88 67.40 -9.96
CA GLY HB 11 -51.60 67.36 -11.21
C GLY HB 11 -52.10 65.99 -11.55
N ALA HB 12 -52.23 65.11 -10.56
CA ALA HB 12 -52.63 63.73 -10.77
C ALA HB 12 -53.46 63.23 -9.61
N SER HB 13 -53.59 61.90 -9.48
CA SER HB 13 -54.39 61.30 -8.41
C SER HB 13 -53.80 61.52 -7.02
N SER HB 21 -68.31 61.72 -3.90
CA SER HB 21 -68.87 62.56 -4.95
C SER HB 21 -68.51 64.02 -4.72
N CYS HB 22 -68.48 64.43 -3.45
CA CYS HB 22 -68.12 65.81 -3.12
C CYS HB 22 -66.63 66.06 -3.17
N CYS HB 23 -66.30 67.31 -2.87
CA CYS HB 23 -64.93 67.75 -2.73
C CYS HB 23 -64.27 67.18 -1.48
N CYS HB 24 -64.84 67.45 -0.31
CA CYS HB 24 -64.22 67.13 0.96
C CYS HB 24 -64.67 65.74 1.40
N GLU HB 25 -63.71 64.94 1.86
CA GLU HB 25 -63.99 63.56 2.25
C GLU HB 25 -64.83 63.52 3.51
N SER HB 26 -65.24 62.32 3.89
CA SER HB 26 -66.32 62.10 4.83
C SER HB 26 -65.85 61.48 6.13
N ILE HB 27 -66.51 61.88 7.22
CA ILE HB 27 -66.26 61.37 8.56
C ILE HB 27 -67.60 61.16 9.23
N SER HB 28 -67.93 59.92 9.57
CA SER HB 28 -69.17 59.66 10.27
C SER HB 28 -68.95 59.78 11.77
N ALA HB 29 -69.96 60.30 12.46
CA ALA HB 29 -69.81 60.59 13.88
C ALA HB 29 -71.11 60.29 14.60
N ARG HB 30 -71.00 59.91 15.87
CA ARG HB 30 -72.12 59.53 16.70
C ARG HB 30 -72.18 60.42 17.92
N PRO HB 31 -73.36 60.93 18.30
CA PRO HB 31 -73.44 61.89 19.41
C PRO HB 31 -72.93 61.34 20.72
N GLY HB 32 -71.96 62.02 21.32
CA GLY HB 32 -71.37 61.61 22.57
C GLY HB 32 -69.97 61.07 22.44
N GLU HB 33 -69.60 60.59 21.26
CA GLU HB 33 -68.29 60.00 21.05
C GLU HB 33 -67.20 61.05 21.15
N VAL HB 34 -65.96 60.56 21.27
CA VAL HB 34 -64.75 61.35 21.10
C VAL HB 34 -63.76 60.44 20.39
N ASN HB 35 -63.55 60.67 19.11
CA ASN HB 35 -62.76 59.76 18.29
C ASN HB 35 -61.40 60.38 18.01
N GLY HB 36 -60.58 59.71 17.21
CA GLY HB 36 -59.28 60.23 16.84
C GLY HB 36 -59.03 60.14 15.35
N VAL HB 37 -58.41 61.18 14.77
CA VAL HB 37 -58.21 61.26 13.34
C VAL HB 37 -56.73 61.42 13.05
N MET HB 38 -56.24 60.69 12.06
CA MET HB 38 -54.85 60.76 11.62
C MET HB 38 -54.80 61.11 10.14
N VAL HB 39 -53.98 62.09 9.79
CA VAL HB 39 -53.83 62.54 8.41
C VAL HB 39 -52.36 62.41 8.04
N SER HB 40 -52.09 61.75 6.92
CA SER HB 40 -50.71 61.44 6.51
C SER HB 40 -50.32 62.36 5.38
N TYR HB 41 -49.57 63.41 5.71
CA TYR HB 41 -49.09 64.36 4.71
C TYR HB 41 -47.88 63.87 3.95
N ALA HB 42 -47.52 62.59 4.05
CA ALA HB 42 -46.29 62.10 3.44
C ALA HB 42 -46.28 62.32 1.94
N ALA HB 43 -47.42 62.11 1.28
CA ALA HB 43 -47.44 62.21 -0.18
C ALA HB 43 -47.16 63.63 -0.67
N TRP HB 44 -47.42 64.64 0.15
CA TRP HB 44 -47.24 66.02 -0.25
C TRP HB 44 -45.95 66.64 0.26
N SER HB 45 -45.59 66.35 1.51
CA SER HB 45 -44.49 67.02 2.16
C SER HB 45 -43.17 66.28 2.06
N ALA HB 46 -43.17 65.04 1.56
CA ALA HB 46 -41.91 64.31 1.43
C ALA HB 46 -41.09 64.81 0.24
N PRO HB 47 -41.66 64.95 -0.96
CA PRO HB 47 -40.87 65.54 -2.05
C PRO HB 47 -40.30 66.92 -1.72
N LEU HB 48 -41.03 67.73 -0.97
CA LEU HB 48 -40.50 69.01 -0.50
C LEU HB 48 -39.44 68.75 0.57
N ARG HB 49 -38.29 68.23 0.13
CA ARG HB 49 -37.29 67.79 1.09
C ARG HB 49 -36.89 68.95 1.98
N GLY HB 50 -37.29 68.89 3.24
CA GLY HB 50 -37.05 69.97 4.17
C GLY HB 50 -37.12 69.50 5.61
N HIS HB 51 -37.74 70.29 6.47
CA HIS HB 51 -37.88 69.92 7.88
C HIS HB 51 -39.29 69.46 8.21
N GLY HB 52 -40.02 68.95 7.23
CA GLY HB 52 -41.29 68.32 7.52
C GLY HB 52 -42.36 69.29 7.99
N LEU HB 53 -43.31 68.77 8.77
CA LEU HB 53 -44.44 69.54 9.22
C LEU HB 53 -44.05 70.41 10.41
N THR HB 54 -44.90 71.36 10.74
CA THR HB 54 -44.74 72.15 11.97
C THR HB 54 -46.07 72.21 12.69
N ASN HB 55 -46.02 72.61 13.96
CA ASN HB 55 -47.21 72.69 14.79
C ASN HB 55 -47.91 74.04 14.61
N LYS HB 56 -48.26 74.34 13.37
CA LYS HB 56 -49.05 75.52 13.07
C LYS HB 56 -50.26 75.14 12.25
N THR HB 57 -51.00 74.14 12.71
CA THR HB 57 -52.26 73.76 12.10
C THR HB 57 -53.38 74.66 12.60
N THR HB 58 -54.34 74.91 11.72
CA THR HB 58 -55.49 75.72 12.06
C THR HB 58 -56.74 75.00 11.58
N PHE HB 59 -57.76 74.96 12.43
CA PHE HB 59 -59.00 74.27 12.14
C PHE HB 59 -60.15 75.26 12.10
N GLU HB 60 -61.21 74.90 11.38
CA GLU HB 60 -62.41 75.71 11.35
C GLU HB 60 -63.61 74.80 11.13
N ILE HB 61 -64.65 75.00 11.93
CA ILE HB 61 -65.88 74.23 11.83
C ILE HB 61 -66.97 75.14 11.32
N ASP HB 62 -67.70 74.66 10.31
CA ASP HB 62 -68.85 75.38 9.77
C ASP HB 62 -69.93 74.36 9.43
N GLY HB 63 -71.18 74.73 9.66
CA GLY HB 63 -72.29 73.83 9.43
C GLY HB 63 -72.82 73.96 8.02
N VAL HB 64 -73.07 72.82 7.38
CA VAL HB 64 -73.74 72.77 6.10
C VAL HB 64 -75.19 72.34 6.25
N SER HB 65 -75.60 71.94 7.45
CA SER HB 65 -76.96 71.55 7.79
C SER HB 65 -77.02 71.44 9.30
N VAL HB 66 -77.90 72.18 9.97
CA VAL HB 66 -77.81 72.33 11.42
C VAL HB 66 -79.05 71.83 12.15
N THR HB 67 -80.26 72.10 11.64
CA THR HB 67 -81.48 71.71 12.34
C THR HB 67 -81.52 72.36 13.72
N PRO HB 68 -81.87 73.64 13.80
CA PRO HB 68 -81.73 74.39 15.05
C PRO HB 68 -82.31 73.65 16.24
N PRO HB 69 -81.70 73.76 17.41
CA PRO HB 69 -82.15 72.98 18.56
C PRO HB 69 -83.47 73.49 19.10
N LYS HB 70 -84.18 72.59 19.77
CA LYS HB 70 -85.47 72.94 20.36
C LYS HB 70 -85.33 73.53 21.75
N VAL HB 71 -84.56 72.87 22.61
CA VAL HB 71 -84.45 73.23 24.02
C VAL HB 71 -83.22 74.11 24.18
N SER HB 72 -83.36 75.20 24.93
CA SER HB 72 -82.23 76.08 25.16
C SER HB 72 -81.30 75.50 26.22
N ASN HB 73 -80.06 75.96 26.20
CA ASN HB 73 -79.13 75.63 27.25
C ASN HB 73 -79.24 76.66 28.37
N ALA HB 74 -78.50 76.47 29.45
CA ALA HB 74 -78.64 77.35 30.59
C ALA HB 74 -77.34 77.39 31.37
N PHE HB 75 -77.20 78.43 32.19
CA PHE HB 75 -76.03 78.61 33.02
C PHE HB 75 -76.45 78.98 34.44
N GLY HB 76 -75.83 78.34 35.43
CA GLY HB 76 -76.07 78.66 36.82
C GLY HB 76 -74.75 78.90 37.54
N ARG HB 77 -74.87 79.32 38.79
CA ARG HB 77 -73.69 79.65 39.58
C ARG HB 77 -73.96 79.39 41.04
N THR HB 78 -72.92 78.91 41.74
CA THR HB 78 -73.02 78.61 43.16
C THR HB 78 -71.64 78.70 43.78
N LYS HB 79 -71.60 78.95 45.08
CA LYS HB 79 -70.32 78.95 45.79
C LYS HB 79 -69.96 77.52 46.18
N VAL HB 80 -68.75 77.34 46.72
CA VAL HB 80 -68.34 76.01 47.13
C VAL HB 80 -69.21 75.51 48.27
N GLY HB 81 -69.54 74.23 48.22
CA GLY HB 81 -70.23 73.54 49.28
C GLY HB 81 -71.72 73.81 49.41
N VAL HB 82 -72.21 74.93 48.90
CA VAL HB 82 -73.62 75.25 49.05
C VAL HB 82 -74.41 74.58 47.93
N VAL HB 83 -75.53 73.95 48.30
CA VAL HB 83 -76.36 73.20 47.37
C VAL HB 83 -77.02 74.19 46.41
N PHE HB 84 -77.17 73.78 45.16
CA PHE HB 84 -77.71 74.63 44.12
C PHE HB 84 -79.02 74.07 43.61
N GLU HB 85 -80.01 74.94 43.45
CA GLU HB 85 -81.29 74.60 42.85
C GLU HB 85 -81.43 75.32 41.52
N GLY HB 86 -82.38 74.85 40.72
CA GLY HB 86 -82.67 75.46 39.45
C GLY HB 86 -83.89 74.80 38.84
N THR HB 87 -84.38 75.39 37.78
CA THR HB 87 -85.55 74.89 37.09
C THR HB 87 -85.16 74.32 35.73
N LEU HB 88 -86.05 73.51 35.18
CA LEU HB 88 -85.77 72.87 33.90
C LEU HB 88 -86.99 72.95 33.01
N SER HB 89 -87.78 74.02 33.14
CA SER HB 89 -89.01 74.16 32.37
C SER HB 89 -89.07 75.40 31.50
N ASP HB 90 -88.30 76.44 31.81
CA ASP HB 90 -88.22 77.62 30.97
C ASP HB 90 -87.20 77.44 29.86
N LEU HB 91 -86.67 76.23 29.72
CA LEU HB 91 -85.65 75.92 28.73
C LEU HB 91 -86.23 75.18 27.54
N PHE HB 92 -87.55 75.04 27.50
CA PHE HB 92 -88.24 74.31 26.43
C PHE HB 92 -89.45 75.13 25.97
N PRO HB 93 -89.21 76.22 25.25
CA PRO HB 93 -90.34 76.93 24.67
C PRO HB 93 -91.00 76.05 23.63
N ASN HB 94 -92.19 75.56 23.93
CA ASN HB 94 -92.84 74.65 22.99
C ASN HB 94 -93.80 75.40 22.09
N PRO HB 95 -93.83 75.07 20.79
CA PRO HB 95 -94.83 75.67 19.90
C PRO HB 95 -96.21 75.13 20.19
N GLU HB 96 -96.31 73.80 20.28
CA GLU HB 96 -97.57 73.09 20.35
C GLU HB 96 -97.95 72.72 21.77
N GLY HB 97 -99.01 71.92 21.91
CA GLY HB 97 -99.41 71.39 23.20
C GLY HB 97 -98.94 69.97 23.45
N GLU HB 98 -98.17 69.78 24.51
CA GLU HB 98 -97.68 68.45 24.87
C GLU HB 98 -97.10 68.54 26.28
N GLN HB 99 -96.78 67.36 26.82
CA GLN HB 99 -96.19 67.23 28.15
C GLN HB 99 -94.68 67.05 28.06
N VAL HB 100 -94.03 67.29 29.20
CA VAL HB 100 -92.59 67.46 29.28
C VAL HB 100 -91.95 66.39 30.16
N GLU HB 101 -91.50 65.30 29.53
CA GLU HB 101 -90.84 64.22 30.25
C GLU HB 101 -89.37 64.55 30.53
N TYR HB 102 -89.14 65.40 31.51
CA TYR HB 102 -87.78 65.76 31.90
C TYR HB 102 -86.97 64.52 32.24
N GLU HB 103 -85.73 64.46 31.74
CA GLU HB 103 -84.89 63.28 31.92
C GLU HB 103 -83.43 63.68 32.02
N ILE HB 104 -82.70 63.03 32.92
CA ILE HB 104 -81.26 63.21 33.06
C ILE HB 104 -80.61 61.88 32.76
N SER HB 105 -79.99 61.76 31.60
CA SER HB 105 -79.35 60.51 31.19
C SER HB 105 -78.17 60.21 32.09
N GLU HB 106 -78.07 58.95 32.54
CA GLU HB 106 -76.95 58.55 33.38
C GLU HB 106 -75.62 58.47 32.62
N LEU HB 107 -75.67 58.39 31.29
CA LEU HB 107 -74.42 58.36 30.54
C LEU HB 107 -73.75 59.72 30.54
N ASN HB 108 -74.54 60.78 30.59
CA ASN HB 108 -74.03 62.14 30.51
C ASN HB 108 -74.42 62.95 31.73
N GLY HB 109 -74.34 62.33 32.91
CA GLY HB 109 -74.64 63.03 34.13
C GLY HB 109 -73.53 63.99 34.51
N PRO HB 110 -73.60 64.55 35.71
CA PRO HB 110 -72.53 65.46 36.14
C PRO HB 110 -71.24 64.73 36.44
N SER HB 111 -70.20 65.46 36.78
CA SER HB 111 -68.88 64.87 36.97
C SER HB 111 -68.36 65.01 38.39
N ASN HB 112 -68.72 66.08 39.09
CA ASN HB 112 -68.26 66.29 40.46
C ASN HB 112 -69.42 66.66 41.38
N GLY HB 113 -70.61 66.15 41.08
CA GLY HB 113 -71.78 66.44 41.89
C GLY HB 113 -72.80 65.32 41.77
N VAL HB 114 -74.04 65.62 42.13
CA VAL HB 114 -75.17 64.70 41.98
C VAL HB 114 -76.40 65.55 41.72
N VAL HB 115 -77.32 65.02 40.90
CA VAL HB 115 -78.57 65.72 40.60
C VAL HB 115 -79.75 64.80 40.87
N GLU HB 116 -80.72 65.28 41.64
CA GLU HB 116 -81.94 64.52 41.93
C GLU HB 116 -83.04 65.20 41.13
N LEU HB 117 -83.41 64.64 39.99
CA LEU HB 117 -84.48 65.23 39.21
C LEU HB 117 -85.80 65.12 39.96
N GLY HB 118 -86.50 66.24 40.10
CA GLY HB 118 -87.76 66.28 40.81
C GLY HB 118 -88.88 65.73 39.97
N ALA HB 119 -90.10 65.97 40.44
CA ALA HB 119 -91.28 65.51 39.70
C ALA HB 119 -91.60 66.45 38.54
N ASN HB 120 -91.40 67.76 38.74
CA ASN HB 120 -91.74 68.75 37.74
C ASN HB 120 -90.53 69.65 37.49
N GLY HB 121 -89.76 69.34 36.46
CA GLY HB 121 -88.71 70.20 35.94
C GLY HB 121 -87.80 70.86 36.97
N ALA HB 122 -87.66 70.23 38.13
CA ALA HB 122 -86.82 70.76 39.19
C ALA HB 122 -85.72 69.76 39.50
N PHE HB 123 -84.59 70.27 39.99
CA PHE HB 123 -83.43 69.43 40.21
C PHE HB 123 -82.51 70.12 41.20
N THR HB 124 -81.81 69.30 41.99
CA THR HB 124 -80.88 69.79 42.99
C THR HB 124 -79.50 69.25 42.68
N TYR HB 125 -78.55 70.15 42.47
CA TYR HB 125 -77.17 69.80 42.20
C TYR HB 125 -76.35 70.08 43.45
N THR HB 126 -76.09 69.03 44.22
CA THR HB 126 -75.24 69.16 45.40
C THR HB 126 -73.79 68.97 44.96
N PRO HB 127 -72.99 70.03 44.92
CA PRO HB 127 -71.62 69.89 44.43
C PRO HB 127 -70.80 69.01 45.35
N GLY HB 128 -69.88 68.25 44.76
CA GLY HB 128 -69.01 67.41 45.56
C GLY HB 128 -68.19 68.23 46.54
N ALA HB 129 -68.14 67.74 47.77
CA ALA HB 129 -67.45 68.45 48.85
C ALA HB 129 -65.98 68.65 48.50
N LEU HB 130 -65.46 69.82 48.88
CA LEU HB 130 -64.08 70.20 48.59
C LEU HB 130 -63.79 70.16 47.09
N PHE HB 131 -64.54 70.98 46.35
CA PHE HB 131 -64.36 71.07 44.90
C PHE HB 131 -64.86 72.42 44.43
N THR HB 132 -64.09 73.06 43.55
CA THR HB 132 -64.50 74.34 42.98
C THR HB 132 -64.04 74.38 41.54
N GLY HB 133 -64.98 74.37 40.62
CA GLY HB 133 -64.67 74.43 39.20
C GLY HB 133 -65.94 74.65 38.41
N VAL HB 134 -66.00 74.01 37.24
CA VAL HB 134 -67.18 74.04 36.39
C VAL HB 134 -67.68 72.61 36.22
N ASP HB 135 -68.99 72.46 36.10
CA ASP HB 135 -69.59 71.14 35.98
C ASP HB 135 -70.79 71.21 35.06
N ARG HB 136 -70.97 70.19 34.24
CA ARG HB 136 -72.03 70.13 33.26
C ARG HB 136 -72.84 68.85 33.45
N PHE HB 137 -74.06 68.88 32.91
CA PHE HB 137 -74.84 67.66 32.73
C PHE HB 137 -75.85 67.92 31.63
N TRP HB 138 -76.24 66.85 30.94
CA TRP HB 138 -77.06 66.95 29.74
C TRP HB 138 -78.44 66.37 30.02
N PHE HB 139 -79.45 67.24 30.03
CA PHE HB 139 -80.82 66.85 30.20
C PHE HB 139 -81.48 66.61 28.85
N SER HB 140 -82.63 65.95 28.88
CA SER HB 140 -83.38 65.63 27.66
C SER HB 140 -84.86 65.91 27.91
N ILE HB 141 -85.30 67.11 27.61
CA ILE HB 141 -86.70 67.49 27.77
C ILE HB 141 -87.45 66.96 26.55
N ASN HB 142 -88.06 65.80 26.71
CA ASN HB 142 -88.93 65.22 25.68
C ASN HB 142 -88.14 64.94 24.40
N GLY HB 143 -87.10 64.13 24.54
CA GLY HB 143 -86.32 63.72 23.40
C GLY HB 143 -85.23 64.70 22.98
N ASN HB 144 -85.52 65.99 23.12
CA ASN HB 144 -84.58 67.01 22.71
C ASN HB 144 -83.58 67.28 23.83
N ILE HB 145 -82.29 67.31 23.49
CA ILE HB 145 -81.21 67.35 24.46
C ILE HB 145 -80.57 68.73 24.47
N GLY HB 146 -80.22 69.19 25.67
CA GLY HB 146 -79.46 70.41 25.85
C GLY HB 146 -78.56 70.18 27.05
N GLU HB 147 -77.77 71.20 27.39
CA GLU HB 147 -76.85 71.08 28.51
C GLU HB 147 -77.08 72.20 29.51
N TYR HB 148 -76.83 71.88 30.77
CA TYR HB 148 -76.87 72.84 31.87
C TYR HB 148 -75.48 72.95 32.46
N VAL HB 149 -74.95 74.17 32.53
CA VAL HB 149 -73.59 74.41 32.99
C VAL HB 149 -73.65 75.13 34.32
N ILE HB 150 -72.99 74.56 35.32
CA ILE HB 150 -72.90 75.15 36.65
C ILE HB 150 -71.43 75.36 36.98
N SER HB 151 -71.13 76.51 37.58
CA SER HB 151 -69.78 76.87 37.99
C SER HB 151 -69.78 77.09 39.49
N VAL HB 152 -68.94 76.35 40.21
CA VAL HB 152 -68.87 76.42 41.67
C VAL HB 152 -67.63 77.22 42.04
N ASP HB 153 -67.82 78.26 42.84
CA ASP HB 153 -66.82 79.26 43.18
C ASP HB 153 -66.10 78.89 44.47
N PRO HB 154 -64.85 79.34 44.65
CA PRO HB 154 -64.11 78.94 45.86
C PRO HB 154 -64.36 79.90 47.02
N THR HB 155 -65.63 80.31 47.13
CA THR HB 155 -66.20 81.10 48.21
C THR HB 155 -65.72 82.56 48.21
N THR HB 156 -64.70 82.90 47.44
CA THR HB 156 -64.26 84.28 47.54
C THR HB 156 -65.04 85.22 46.62
N SER HB 157 -64.71 85.24 45.34
CA SER HB 157 -65.35 86.25 44.49
C SER HB 157 -66.53 85.77 43.66
N GLU HB 158 -66.23 85.19 42.49
CA GLU HB 158 -67.18 84.78 41.46
C GLU HB 158 -66.40 84.12 40.33
N LEU HB 159 -66.86 83.00 39.77
CA LEU HB 159 -66.15 82.44 38.63
C LEU HB 159 -66.66 83.02 37.31
N PRO HB 160 -65.81 83.04 36.27
CA PRO HB 160 -66.27 83.44 34.93
C PRO HB 160 -67.15 82.40 34.27
N GLN HB 161 -67.46 82.59 32.98
CA GLN HB 161 -68.56 81.87 32.34
C GLN HB 161 -68.07 81.13 31.10
N PRO HB 162 -68.13 79.80 31.10
CA PRO HB 162 -67.54 79.00 30.01
C PRO HB 162 -68.41 79.00 28.77
N PRO HB 163 -67.84 78.67 27.62
CA PRO HB 163 -68.48 78.99 26.34
C PRO HB 163 -69.48 77.99 25.76
N PHE HB 164 -70.11 77.11 26.56
CA PHE HB 164 -71.23 76.34 26.05
C PHE HB 164 -70.91 75.44 24.86
N THR HB 165 -70.20 74.34 25.11
CA THR HB 165 -69.68 73.44 24.07
C THR HB 165 -70.62 73.27 22.87
N THR HB 166 -70.03 73.32 21.68
CA THR HB 166 -70.73 73.24 20.41
C THR HB 166 -71.01 71.80 20.03
N PRO HB 167 -71.86 71.55 19.02
CA PRO HB 167 -72.14 70.17 18.62
C PRO HB 167 -70.92 69.38 18.22
N VAL HB 168 -70.13 69.88 17.28
CA VAL HB 168 -68.88 69.26 16.88
C VAL HB 168 -67.74 70.22 17.19
N TYR HB 169 -66.67 69.70 17.77
CA TYR HB 169 -65.55 70.55 18.17
C TYR HB 169 -64.26 69.77 17.99
N VAL HB 170 -63.16 70.52 18.02
CA VAL HB 170 -61.82 69.95 17.96
C VAL HB 170 -61.07 70.44 19.19
N PRO HB 171 -60.81 69.58 20.17
CA PRO HB 171 -60.22 70.02 21.44
C PRO HB 171 -59.06 70.99 21.30
N ALA HB 172 -59.04 71.98 22.17
CA ALA HB 172 -58.11 73.11 22.13
C ALA HB 172 -56.67 72.68 21.86
N ALA HB 173 -56.12 71.81 22.70
CA ALA HB 173 -54.74 71.40 22.48
C ALA HB 173 -54.56 69.92 22.73
N ARG HB 174 -54.82 69.10 21.73
CA ARG HB 174 -54.57 67.68 21.74
C ARG HB 174 -54.06 67.24 20.38
N ARG HB 175 -53.53 68.19 19.63
CA ARG HB 175 -53.10 68.00 18.25
C ARG HB 175 -51.59 67.83 18.24
N SER HB 176 -51.09 67.06 17.29
CA SER HB 176 -49.65 66.96 17.20
C SER HB 176 -49.26 66.46 15.82
N VAL HB 177 -47.98 66.61 15.53
CA VAL HB 177 -47.40 66.27 14.24
C VAL HB 177 -46.03 65.66 14.48
N ASP HB 178 -45.77 64.52 13.87
CA ASP HB 178 -44.45 63.90 13.94
C ASP HB 178 -43.71 64.23 12.67
N PRO HB 179 -42.75 65.17 12.67
CA PRO HB 179 -42.08 65.53 11.42
C PRO HB 179 -41.27 64.40 10.82
N ARG HB 180 -41.13 63.31 11.54
CA ARG HB 180 -40.35 62.15 11.17
C ARG HB 180 -41.07 61.24 10.19
N THR HB 181 -42.41 61.29 10.16
CA THR HB 181 -43.19 60.49 9.23
C THR HB 181 -44.35 61.27 8.62
N HIS HB 182 -44.43 62.58 8.86
CA HIS HB 182 -45.41 63.45 8.23
C HIS HB 182 -46.85 62.98 8.52
N VAL HB 183 -47.19 62.98 9.79
CA VAL HB 183 -48.51 62.52 10.22
C VAL HB 183 -49.06 63.50 11.25
N LEU HB 184 -50.26 63.99 11.00
CA LEU HB 184 -50.95 64.90 11.91
C LEU HB 184 -52.02 64.13 12.67
N LYS HB 185 -52.04 64.31 13.99
CA LYS HB 185 -53.02 63.69 14.85
C LYS HB 185 -53.87 64.77 15.49
N PHE HB 186 -55.19 64.56 15.51
CA PHE HB 186 -56.06 65.46 16.25
C PHE HB 186 -57.29 64.68 16.67
N VAL HB 187 -57.98 65.22 17.64
CA VAL HB 187 -59.14 64.58 18.24
C VAL HB 187 -60.39 65.28 17.73
N LEU HB 188 -61.46 64.51 17.53
CA LEU HB 188 -62.73 65.06 17.04
C LEU HB 188 -63.83 64.59 17.98
N GLY HB 189 -64.43 65.52 18.70
CA GLY HB 189 -65.45 65.19 19.69
C GLY HB 189 -66.80 65.69 19.25
N VAL HB 190 -67.84 64.91 19.55
CA VAL HB 190 -69.22 65.22 19.19
C VAL HB 190 -70.02 65.36 20.46
N SER HB 191 -70.69 66.49 20.63
CA SER HB 191 -71.47 66.72 21.82
C SER HB 191 -72.67 65.78 21.82
N PRO HB 192 -73.24 65.50 23.00
CA PRO HB 192 -74.45 64.66 23.04
C PRO HB 192 -75.67 65.33 22.48
N ALA HB 193 -75.62 66.64 22.20
CA ALA HB 193 -76.76 67.36 21.69
C ALA HB 193 -76.75 67.49 20.17
N ALA HB 194 -75.76 66.90 19.49
CA ALA HB 194 -75.75 66.94 18.04
C ALA HB 194 -76.92 66.14 17.50
N ILE HB 195 -77.63 66.71 16.54
CA ILE HB 195 -78.84 66.10 16.02
C ILE HB 195 -78.49 65.19 14.85
N PRO HB 196 -78.93 63.94 14.84
CA PRO HB 196 -78.57 63.04 13.74
C PRO HB 196 -79.07 63.54 12.41
N GLY HB 197 -78.27 63.34 11.38
CA GLY HB 197 -78.58 63.81 10.05
C GLY HB 197 -77.90 65.09 9.65
N ASP HB 198 -77.38 65.86 10.60
CA ASP HB 198 -76.69 67.10 10.27
C ASP HB 198 -75.35 66.81 9.60
N VAL HB 199 -74.80 67.86 9.00
CA VAL HB 199 -73.50 67.79 8.34
C VAL HB 199 -72.72 69.04 8.71
N TYR HB 200 -71.48 68.85 9.15
CA TYR HB 200 -70.57 69.95 9.42
C TYR HB 200 -69.34 69.79 8.53
N ARG HB 201 -68.58 70.87 8.40
CA ARG HB 201 -67.41 70.88 7.54
C ARG HB 201 -66.20 71.37 8.32
N LEU HB 202 -65.14 70.59 8.32
CA LEU HB 202 -63.90 70.91 9.00
C LEU HB 202 -62.84 71.22 7.96
N THR HB 203 -62.22 72.38 8.06
CA THR HB 203 -61.14 72.78 7.18
C THR HB 203 -59.83 72.83 7.96
N VAL HB 204 -58.80 72.19 7.40
CA VAL HB 204 -57.50 72.04 8.05
C VAL HB 204 -56.47 72.75 7.19
N ARG HB 205 -55.73 73.68 7.79
CA ARG HB 205 -54.66 74.39 7.10
C ARG HB 205 -53.34 74.03 7.76
N GLN HB 206 -52.53 73.24 7.07
CA GLN HB 206 -51.30 72.71 7.61
C GLN HB 206 -50.12 73.27 6.85
N VAL HB 207 -49.08 73.67 7.58
CA VAL HB 207 -47.89 74.26 6.98
C VAL HB 207 -46.74 73.28 7.09
N ALA HB 208 -46.08 73.03 5.97
CA ALA HB 208 -44.79 72.39 5.98
C ALA HB 208 -43.75 73.49 6.10
N ILE HB 209 -42.48 73.15 5.95
CA ILE HB 209 -41.42 74.13 6.13
C ILE HB 209 -40.23 73.71 5.30
N ASP HB 210 -39.59 74.66 4.64
CA ASP HB 210 -38.41 74.34 3.86
C ASP HB 210 -37.18 74.54 4.71
N CYS HB 211 -36.05 74.09 4.17
CA CYS HB 211 -34.92 73.79 5.03
C CYS HB 211 -34.27 75.08 5.55
N ASP HB 212 -34.64 76.23 4.98
CA ASP HB 212 -34.34 77.55 5.53
C ASP HB 212 -35.44 78.12 6.41
N GLY HB 213 -36.55 77.42 6.59
CA GLY HB 213 -37.60 77.88 7.46
C GLY HB 213 -38.73 78.65 6.82
N ASN HB 214 -38.84 78.65 5.50
CA ASN HB 214 -39.97 79.29 4.83
C ASN HB 214 -41.15 78.33 4.86
N GLU HB 215 -42.24 78.65 4.16
CA GLU HB 215 -43.50 77.99 4.46
C GLU HB 215 -44.12 77.39 3.21
N PHE HB 216 -44.80 76.27 3.39
CA PHE HB 216 -45.60 75.63 2.36
C PHE HB 216 -46.94 75.29 2.96
N VAL HB 217 -48.00 75.93 2.50
CA VAL HB 217 -49.32 75.77 3.07
C VAL HB 217 -50.10 74.72 2.28
N HIS HB 218 -51.01 74.05 2.97
CA HIS HB 218 -51.84 73.00 2.39
C HIS HB 218 -53.21 73.04 3.06
N ILE HB 219 -54.26 73.03 2.26
CA ILE HB 219 -55.63 73.15 2.77
C ILE HB 219 -56.47 71.99 2.26
N SER HB 220 -57.29 71.42 3.15
CA SER HB 220 -58.24 70.37 2.79
C SER HB 220 -59.44 70.48 3.71
N CYS HB 221 -60.51 69.75 3.38
CA CYS HB 221 -61.69 69.77 4.23
C CYS HB 221 -62.14 68.35 4.52
N TYR HB 222 -62.99 68.21 5.53
CA TYR HB 222 -63.66 66.96 5.82
C TYR HB 222 -65.11 67.26 6.18
N ASP HB 223 -66.01 66.39 5.74
CA ASP HB 223 -67.44 66.55 5.93
C ASP HB 223 -67.89 65.61 7.03
N ILE HB 224 -68.16 66.15 8.21
CA ILE HB 224 -68.56 65.36 9.36
C ILE HB 224 -70.07 65.26 9.36
N SER HB 225 -70.59 64.06 9.13
CA SER HB 225 -72.03 63.82 9.03
C SER HB 225 -72.50 63.14 10.30
N ILE HB 226 -73.23 63.88 11.13
CA ILE HB 226 -73.68 63.35 12.42
C ILE HB 226 -74.71 62.26 12.16
N GLY HB 227 -74.30 61.01 12.33
CA GLY HB 227 -75.21 59.90 12.29
C GLY HB 227 -75.56 59.44 13.70
N SER HB 228 -76.69 58.75 13.80
CA SER HB 228 -77.07 58.07 15.02
C SER HB 228 -76.89 56.58 14.78
N CYS HB 229 -76.51 55.88 15.84
CA CYS HB 229 -76.17 54.47 15.74
C CYS HB 229 -74.99 54.23 14.80
N GLY HB 230 -73.84 54.75 15.20
CA GLY HB 230 -72.62 54.54 14.45
C GLY HB 230 -72.50 55.51 13.30
#